data_7FIK
#
_entry.id   7FIK
#
_cell.length_a   1.00
_cell.length_b   1.00
_cell.length_c   1.00
_cell.angle_alpha   90.00
_cell.angle_beta   90.00
_cell.angle_gamma   90.00
#
_symmetry.space_group_name_H-M   'P 1'
#
loop_
_entity.id
_entity.type
_entity.pdbx_description
1 polymer 'MGC83295 protein'
2 polymer 'Nuclear pore complex protein Nup85'
3 polymer 'MGC154553 protein'
4 polymer 'Nucleoporin SEH1-B'
5 polymer 'outer Nup160'
6 polymer 'MGC83926 protein'
7 polymer 'Nuclear pore complex protein Nup98-Nup96'
8 polymer 'Protein SEC13 homolog'
9 polymer 'Nuclear pore complex protein'
10 polymer 'nuclear pore complex protein Nup133'
11 polymer 'Nup358 complex, clamps'
12 polymer 'Nuclear pore complex protein Nup93'
13 polymer 'Nup155-prov protein'
14 polymer Nup98
15 polymer 'Nucleoporin Nup88A'
16 polymer 'outer Nup133'
#
loop_
_entity_poly.entity_id
_entity_poly.type
_entity_poly.pdbx_seq_one_letter_code
_entity_poly.pdbx_strand_id
1 'polypeptide(L)'
;MAAQLALNSEASLWGPYREIWQTVLSALIKRQPEAVHSLDIVLKKYKPDFISLFKNPPKSAQQHERVQKASTEGIPIKGT
QRTRILEEQLIKEAFILSDLYNIGEIAAVELLLIGEQQQPTFHGLTRGLVAILLYWDGKSCMAESLLHLIQARKGKTFTL
DHSPEVVSMVTRFTDDLMEQGLTNKILTLISQIDVNNEFDKLKKERGLGNKKHRKEVSDLIKECQQSLAHSLYSWSCQTP
LNREDTLLLIGYLEKVTVEGDGSLDKVNLTLLMSLLYCLDVGFLEQGTDDREELMKQASMFMDRQYIAAIHNRLQNTQPW
KSPGMQATVRLAWALALRGISQFSEVLEFSEADEPMAEIAIGGNVFLFLTEAVVGSESFCTDEFFIRRIHKLVTDFPTLM
PMKVKQLRNRAEEDARLIQMSMQMGNEPPASLRRDLEHLLLLIGELYRKDPFHLELALEYWCPTEPLQSTSLMGSFLGVA
HQRPPQRQVLLSKFVRQMSDLLPATLYLPYLKMLRGLASGPQCAHYCFSLLKANGGSSAENLQAAGGSPVSWDHFFHSLM
LYHEHLRRDLPNTDNIHQRHPPLRGITQRELDGLIACLQLTCTIIDWSESARLALCEHAQWMPVVVILGLLQCSIPPLLK
AELLKTLAAFGKSPEIAASLWQSLEYTQILQTVRATGLRQGVGIEVELNEIESRCEEYPLTRAFCQLISTLVESSFPTNL
GAGLRAPGFEPYLQFLRDTVFLRYRTRAYRRAAEKWEVAEAVLDVFYKLLKDYEPQPEDFVDQYVELQGEERVAFKPPGF
SLMHHLLNESPMLELCLSLMEEGVTQLDTYAPFPGKKHLEKAVAYCFMLLNLTLQKENRFMDLLRESHLSMIVTPLEQLL
QGINPRSKKADNVVNIARYLCHGNSNAELAFESAKILCSISCNSKIQEKIVGDFTQDQNVSQKLMVGFVSCLDSEEAEEL
LDSEKEAEDQVKQTNIRYMTKIHILNLLITSLEMKAPNLAMFLLGYELKKPVSTTNLQDSGVLGCPRTCLHSILDILRKG
TDVRAGPVAVWDTPHLAELCYQVIYQLCACADTSGPTMRYLRTSQDFLFSQLQHLPFSVEESEISAMNQMSWLMKTATIE
LRITSLNRQRSHTQRLLHLLLDDMPTRPYSADGEGGMEDESRSLSGFLHFDTTSKVRRKILRILDSIQFSNEIPEPLQLD
FFDRSQIEQVIANCEHKNRRGQTVCNVKLLHRVLVAEVNALQGMAAIGQRPLLMEEINTILQYVVERNKLLQCLHAKRHA
LESWRQLVEIILTACPQDLIPTEHRQLIIRDLLQDLHVKILDDDAAQELMPIVAGAVFTLTAHLSQSVRTELKQPMTASG
LGQSQYVQMLDGSFAAPPGTENISAGFASIGDSSLHMILRNLLEFILKTGGGFQRVRAHLYGSLLYYLQIAQRPDEPDTL
ESAHKSMWERLTAPEDVFSKLQRDNLSIFESYGTALMEVVCRDACDGHDIGRMLALALLDRIVSVDRQQQWLLYLSNSGY
LKVLVDSLAEDDVVLRNLLTPQPPLLKALYIYESKMAFLTRVAKSSQGAIELLRSGVIVRLAQCQVYDMRPETDPHGVFG
MRETPVFIPAPVERYRQILLPALQICQLILTSSTAQHLQAAGQVLQFLVAHSDTIQAILRSQEGSLGSLQELALLTGIIS
KAALPGVLNELDIGLNDGSMMELQGHIGRFQRQCLALLNRFGGSDRLRQLSLQDDSSRLDGVSKKDDMELAMQQICSNVM
EYCQALMIQNSPSFQQTVCLFTPSLKESASRDGTRQDSQVSILPSWRLPSLGVVIHLLKQSANNFFTYYDIHRQSVGKLQ
NVEQLPPDEIKELCQSEMPVGADKISTTQKYGLARRRLVKLINSRAKLLSLCSYIIETCLYILWRHLEYYLLHCTTSDSQ
DPVFSNMTFGNRRFQDTFNTDPNMDPRNLRQNKVSQQDVDTLLREGANSFGESLQKRLLDIESLYCKVRSRHSFIQALVR
RIRGLLRVSRV
;
A,a
2 'polypeptide(L)'
;MEELDVDPAETPIPGLGQQNRHIGFSWGPGDLLLYETLYQKQGNSETAARCPFMYLVRSDEDIYSPVLRKLFNESHSIFV
GLQKSAEEASGKSRKAQLVQVSRNYRSVLRACMEEMHTLSESTRETAQKYISQISILSAMELSWNLCEILFIESAPAGPL
LILLLEWVRLHVCEVDNIVQDVLRSEKPTEHEKFWDGVTGYVLQGRMNEARQLLAKEASTSASARSMCRVLDDLLKKMPM
LHTGGTQTLTEFELKWQHWREECERHLQNGTFSSNVHMEAVCRVLLGDEEVLLEKRDLMTTWYHFLVSRLLFKHPTVKPT
ELHFYAQSSLDMFLAGDSCPEPLDNILLAAFEFDIHQVIKEFSIVSSNWWFVAHLTDLLDHCQLFQAHNLYFGANMREFL
LLDYASGLFSHHSLWQLGVDYFDYCPNLGREYLKLHMERIPLSTEKKALKALRICEQRQMTEQVRSICKTMAMQSLCNRR
LGSALSWSIRAKDAAFATLISDRFLKEYCERGNFTDLDLIDNLGSAMLLSDRLTFLGKYREFHRMYSQEQFSEAASLLLS
LMTARIAPCSFWLTLLLDALPLLEQKQVIFSAEQTYELMRCLEDRMAAKLESTSPDEIQKQDSSIDNTKVEMLRLALARN
LARAIVTEGALQE
;
B,b
3 'polypeptide(L)'
;MADKFAAKFVSHKISRTRWRPVSASSLQQPDVFATGSWDNEENKVCVWATSDFGATSLDEEYQGDPKQLCDIKHPGDVMD
MQFLDKERIVTGSSTGTVTIFRHHENNQTLSVNQRWEQAHYHVGSNMRAPCTAIVCSSPEIVSVGEDGRINCFRAESRDV
LRTIDDADSSTMHGVTFLRTTEILTVNSVGQLKLWDLRKQGNDPTQIFSVTGERVPLHCVDRHPNQQHVVATGGQDGMLC
IWDVRHGKMPMSLLNAHEAEMWEVHFHPSNPDHLFTCSEDGSLWHWDASADSEKPTFLLGGRSTFNISRSSIAPPNANQS
LACAWLSTDPTKGQLEITNLLPSSTLSVNSLDVLGQNLVCGTDAEAIYVTRRLFS
;
C,c
4 'polypeptide(L)'
;MFVARSIAADHKDLIHDVSFDFHGRRMATCSSDQSVKVWDKSENVNWHCTASWKTHSGSVWRVTWAHPEFGQVLASCSFD
RTAAVWEEIVGESNDKLRGQSHWVKRTTLVDSRTSVTDVKFAPKHMGLMLATCSADGVVRIYEAPDVMNLSQWSLQHEIS
CKLSCSCISWNPSSSRAHSPMIAVGSDDSSPNIMGKVQIYEYNENTRKYAKAETLMSVSDPVHDIAFAPNLGRSFHILAV
ATKDVRIFTMKPLRKELSSSGGVTKFENHTVAQFDNHNSQVWRVSWNITGTVLASSGDDGTVRLWKANYMDNWKCIGVLK
GDGNPVGNSFQGIFGSSIGSASHGLQNSVNGTSTSGRKHS
;
D,d
5 'polypeptide(L)'
;MAAAERHMTPFQAIDWAGSITLPMVQRVGGFTRAIMAASVNLERSYMELIGAERETSRRNFRDLSLRPDVNLVIGGPKYA
DCAGGYCYSESSSLLSATRNRFLHWTSYADTLELVEISLDINLVNNAVRLRILNCSILPGGVHICETPNNIVVLILTNQT
VHRLILPHPSRMYRSEIISDSHIQSIFTDIGKTNFHDPSNTYVIPAIPGRAPNTTASTAWLSSDGEALFALPSISGGILV
IKMPPHDMEGLVTIAELKQSSVMQRLLTGWMPSSIRGDQGPAHLPVSLAVHTLDHDSYLFALCQDHKLRMWSYKDQMCLM
VADMLEYVPVSKDIRQTAGTGHKLRLAFSETLGILYLGVYLHTPKQGQFCVFQLMCAESNRYSLDHISSIFTNQETLIDF
TFTLTSMDIWALWLDDDNQTVVKHINFEENQAGQWNPVFVNPLPEDDLAISDEQEPQEAYLECLFAPGRFTIAAVQKAIQ
ILRKGSGRVLDLSWEELRKDVTLTVENEIQNAVIDYDVSQEEFRQINIENWCKFYTCCLQYQETLSRPLALLVHPDTNMV
CLLRKGFLSFLAPCSLVEHLYLVPAEHLLTVDESVISDDIDAASDIVNLIQCLRMIADYISEDMAYLMESACCHLQSPER
VAEQILEDLIANDIDNIMENIQNKLQDTRNPIRAIGFLLQNMDYETNADMEQPQPNTRLNLSTLYGSITASSVVCQAICK
ISATRFLICRDLLILQHLLLRLGDMALIGAGQLLHSQQELIPRAAQLLLSYYMIRWGSQCLACAVPVDILESNLQHLSVL
ELSDSQVEKRRYTSGIQTIVELFFEDVARKHFPHVFIQSGASQLQEPLNWSDLIKRITNYLLQLLWPSNPNFQFAECLMR
NCQYTQLQEYVRLLLPWCQVNVGSCHFMLAQCYLVAGEGHKALDCFSQAASEVEREDFLEKLIRVEEGESVSPRLQYYNR
VLRLLEDVGLPELVIQLATIAIGEASDDWRSQAALRTRIFKHHLDMGHNNQAYDALTQIPDPSRQLDCLRQLVVVLCERS
QLQDLVEFPYVNLHNEVVGIIESRARAVDLMTHNYYELLYAFHIYRHNYRKAGSVMFEYGMRLGREVRTLRGLQKQVNSY
LACLNCLRLIRPEYAWIVQPVSGAVYERPGASPKRNYDGESSAVPSSSQIEILELRDLEKEYVLAQTRLTLAKHNPSTAA
IAGSSAAEEMVALLVQAGLFDTAISLCQTFKLALTSVFEGLACKCIRLQQGGEAAQAEAWEWLAANQLATVITTKESSAT
DEAWRLMISYLDKYEAKNTLYHHCIINKLLSHGVPLPNWLINRYKAMDAAELLRLYLKYDLLEEAAELVLEYVDALLGKG
HQYFGIQAPLSATSQLVWFPYSAIDHLRQALGENESNQHNQAILSKLQRKMDEYFQKLKKATDDYKKLVQKPLRA
;
E,e
6 'polypeptide(L)'
;MKQDSASNATYTVDCEDYVHVVEFNPFDSGEAGSLLAYGGISYVVIASCRFQEEDSTVEGIEFKTLKTFHHGERVVAIAW
SPETRCDALLPLLRFATAAGDKKIRIFTSDFQDKNEYKVIEGHSGYINDLVFCSPEGTDIASVGDDHTCRIWDLDGKQIA
MFILRSPGMSVAWHPEGAFKLMVAEKTGTIRFYDLTTHQAILSLESVQVPLMSADWCVRNTLRIGAVAGNDWIIWEMPRS
SYPQDNKPAHADRARMFRWSKCNENVFATTGYPGKMKSQIAIHHLAHPQPILIGTAPVGSGLSWHRRLPLCVVGGYRKLF
FWLTEM
;
F,f
7 'polypeptide(L)'
;MFNKTFGSPFGTGNGAFGATSTFGQTTGFGTTPATAFGSAGFGTNTSTGGLFGNAQTKPGSLFGTNTFNQPATSSASSGF
GFGTSTGTTNSLFGSTNTSNSLFSAQNNAFGQTKPTTFGNFGTNASTGGLFGTTNTANPFGGASASLFGASTFTSAPTGT
TIKFNPPSGTDTMAKGGVTTNISTKHQCITAMKEYESKSLEELRLEDYQANRKGPQNPVGAPTGTGLFGTPAATSSTATG
MFGSTAANSFSFAGNKTTFGTAATGAFGTNTGALFGQPANQPAASLFNKPFGNATTTQTTGFSFGNTSTLGQPQTSTMGL
FGSNQATQPGGLFGTTTNTNAANAFGTGASLFGQPNATTFGGSSVWFGSNTAGTGLFGNKPATGTIGPSLGTSFGTALNP
GQTSLFGGNQPKLTGTLGTGAFGGTGFNSTSTGLFGAPQAAATTLTDFNASAAQQMFLQQQYNALRYSPFPDSPLFMNPI
SDPKKKEELLKPTNPAAQKAVLTPTHYKLTPRPAARVRPKALQYSGAAKNQLFDALDDDVPVLSSGVFMPKKSIKQLDLK
YLKNSSLFSQKSKDLDEVVPPTPETQDRSVENHHADEENDEEAATTYPSPFSRPLPQSQEKKQFNNMDDTIVALNMRKSG
RIGLENSSNDVSFNEDSLRDTEILDASPHPAGITLMRDSYYTIPSMEELARSVDENGECIVDGFTIGREGFGSIYFDGII
NLTNLDLDSIVHIRRKEVIVYVDDQNKPPLGEGLNRSAQVTLDEVWPVDKTTRCTITSPERLNEMNYKAKLENASRKQGA
QFVDYRPESGSWVFKVNHFSKYGLQDSDEEDDQLNNAEAKKLKAAPVPPQGKPPPLQQATLPGKVTPPPQSPAVDQLDRV
LELDSDMADITQDQDLDSVAEEQDITEEQEPLSASSHIASSLGINPHALQVMKASLLLEEEDGEMINRFSSFPSSMDPYP
DVRSPRLFPSSHAKRTSSMGLLQSKFASPSISRISETAQGSHSPRILPVTPWSVPAPLAPTFVIPRPAPETHLRTVGTRR
QQELVPLEKSVTHGRGSLLIDMGLFMGRSFRVGWGPNWTLVHNGDKLTERLNAEEDQNMDTIDYGFLPKPTSAKSLTESP
FKVHMEKLSLEQKSRELQSYLMPLEIELKNSSVDRSAQCPHFKPNAGVAAIHDYAGWVRNLSNEAGELEAVVKQWGLTWT
LCESLWGQLKELEASLDEPNEYVRNLERRKAFSHWLAHTAEERIEEEVSLYGPERHVEAVFSFLTGGRISDACRLAQKSG
DHRLSLLLSQMVGSQEMRELISLQLVDWNKLQVDHYIQEERLRVFCLLSGTPVWRSSDNRSINVCSQLDWKRTLAVHLWY
MLPPTATIAQALRLYERAFQEHEEGEPYACYPLPPYLEDCSISLGDEPSAKFSSLQRDVCVHLLKLYSERQYDLCQLLDP
SSVTPDPLDYRLSWHLWMVLQALNYTHLSEHRQGTLHASYAAQLENVGLWEWAIFVLLHIPHPHIREAGVRELLNRQCVV
RESPESLAKENFLIHRLCVPAQWVHEAKAIRSRRDGDRHKEALYLLKGHQWNPCHKLVTRHLAADAVINENYRYLQSFLG
ELSNPEHCKHIQDWETAGKVYLDYIRVIDMLNLIQQDESSGCELEKLHTKVMSLCKWVELIHCYTAKDRLAQSEMAKRVA
NILRVVLSLQQPPESMSDSSEPRVPLRLLAPHIGRLPMPEDYALEELRGLTQSYLRELICDS
;
G,g
8 'polypeptide(L)'
;MVSVINTVDTSHEDMIHDAQMDYYGIRLATCSSDRSVKIFDVKNGGQILIADLRGHEGPVWQVAWAHPMYGNILASCSYD
RKVIIWKEENGTWEKTYEYTGHDSSVNSVCWAPHDFGLLLACGSSDGAISILTYTGDGPWEVKKISNAHTIGCNAVSWAP
SVVPGSLVDQPSSQKPNYIKRFVSGGCDNLVKIWREEDGQWKEDQKLEAHSDWVRDVAWAPSIGLPTSTIASCSQDGRVY
IWTSDDAATNCWTPKLLHKFNDVVWHVSWSITANILAVSGGDNKVTLWKESVDGQWACISDVNKGQGSVSTVTDGQLNEQ
;
H,h
9 'polypeptide(L)'
;MDMLSPVVREAEVSRAARRQSSNRKNPADESWSNATPTRGPSSRTTGQTLFRQHMTPQTWNSSRPPDVSAILGTVGRSPR
LLQTPGRLANLSMMSNPDDSVWTTTFSPGRTGMYTTLDSPSFTEDITLSAVMLQEEDPGEAATMSMYPDFLKSFLEHPSS
AVFELIEQYEATCNTQITLLKKIVKRVTPGQQKFSKTASILWLLQQEMVTWRLIAALYRDRIQSALEEENMFEIAAPNAS
EKTIVDKLFQRDTLVRQSQLVVDWLESIAKDEVGDFSDNIEYYAKSVYWENTLHTLKQRSMLSLGSSRPLVSELDPDAPI
RQKLPLDDLDREDDIRLLKYLFTLIRAGMTDEAQRLCKRCGQAWRAATLEGWKLYHDANINGGTELQAVEGNPYRCVWKT
CCWRMAEDEQFNKYERAIYATLSGNLKQLLPVCESWEDTVWAHFKVMVDSLVEQEIRASIISFNEANELPREYLEANWTL
DSVFEELQATDKKRVLEENREHYHIIQKFVILADVDGLMDEFSEWLSNGKNLLLGHLLRFMTHLLLFFRTLGLQAKEEVS
VEVLKTYIQRLINEKQIELIAFYVSHLPQELAISQYAVFLENITDPDQRQRCLELAKEAGLDVASITKTVVENTRKKDAG
EFAHHDFAPALDSGTSEEDRAKIDVIDWLVFDPAQRAEALKQSNAIMRKFLASKKHEAAKEVFAKIPQDSIAEIYSQWEE
QAMDSALPAEDDNAIREHLCIRAYLESHEAFNEWFKHINSPPQKPTLVGQASFTEKVAHEHKEKKYEMDFGIWKGHLDAL
TSDVKEKIYNVLLFVDGGWMVDVREDTEEDPERSHQMVLLRRLCLPMMCFLLHTVLHNTKQYKDCLRLADIVSSENQKLY
TVFSKTEMRNLLQKLRESSLMLLDLQLDPLGYEIQS
;
I,i
10 'polypeptide(L)'
;(UNK)(UNK)(UNK)(UNK)(UNK)(UNK)(UNK)(UNK)(UNK)(UNK)(UNK)(UNK)(UNK)(UNK)(UNK)(UNK)
(UNK)(UNK)(UNK)(UNK)(UNK)(UNK)(UNK)(UNK)(UNK)(UNK)(UNK)(UNK)(UNK)(UNK)(UNK)(UNK)
(UNK)(UNK)(UNK)(UNK)(UNK)(UNK)(UNK)(UNK)(UNK)(UNK)(UNK)(UNK)(UNK)(UNK)(UNK)(UNK)
(UNK)(UNK)(UNK)(UNK)(UNK)(UNK)(UNK)(UNK)(UNK)(UNK)(UNK)(UNK)(UNK)(UNK)(UNK)(UNK)
(UNK)(UNK)(UNK)(UNK)(UNK)(UNK)(UNK)(UNK)(UNK)(UNK)(UNK)(UNK)(UNK)(UNK)(UNK)(UNK)
(UNK)(UNK)(UNK)(UNK)(UNK)(UNK)(UNK)(UNK)(UNK)(UNK)(UNK)(UNK)(UNK)(UNK)(UNK)(UNK)
(UNK)(UNK)(UNK)(UNK)(UNK)(UNK)(UNK)(UNK)(UNK)(UNK)(UNK)(UNK)(UNK)(UNK)(UNK)(UNK)
(UNK)(UNK)(UNK)(UNK)(UNK)(UNK)(UNK)(UNK)(UNK)(UNK)(UNK)(UNK)(UNK)(UNK)(UNK)(UNK)
(UNK)(UNK)(UNK)(UNK)(UNK)(UNK)(UNK)(UNK)(UNK)(UNK)(UNK)(UNK)(UNK)(UNK)(UNK)(UNK)
(UNK)(UNK)(UNK)(UNK)(UNK)(UNK)(UNK)(UNK)(UNK)(UNK)(UNK)(UNK)(UNK)(UNK)(UNK)(UNK)
(UNK)(UNK)(UNK)(UNK)(UNK)(UNK)(UNK)(UNK)(UNK)(UNK)(UNK)(UNK)(UNK)(UNK)(UNK)(UNK)
(UNK)(UNK)(UNK)(UNK)(UNK)(UNK)(UNK)(UNK)(UNK)(UNK)(UNK)(UNK)(UNK)(UNK)(UNK)(UNK)
(UNK)(UNK)(UNK)(UNK)(UNK)(UNK)(UNK)(UNK)(UNK)(UNK)(UNK)(UNK)(UNK)(UNK)(UNK)(UNK)
(UNK)(UNK)(UNK)(UNK)(UNK)(UNK)(UNK)(UNK)(UNK)(UNK)(UNK)(UNK)(UNK)(UNK)(UNK)(UNK)
(UNK)(UNK)(UNK)(UNK)(UNK)(UNK)(UNK)(UNK)(UNK)(UNK)(UNK)(UNK)(UNK)(UNK)(UNK)(UNK)
(UNK)(UNK)(UNK)(UNK)(UNK)(UNK)(UNK)(UNK)(UNK)(UNK)(UNK)(UNK)(UNK)(UNK)(UNK)(UNK)
(UNK)(UNK)(UNK)(UNK)(UNK)(UNK)(UNK)(UNK)(UNK)(UNK)(UNK)(UNK)(UNK)(UNK)(UNK)(UNK)
(UNK)(UNK)(UNK)(UNK)(UNK)(UNK)(UNK)(UNK)(UNK)(UNK)(UNK)(UNK)(UNK)(UNK)(UNK)(UNK)
(UNK)(UNK)(UNK)(UNK)(UNK)(UNK)(UNK)(UNK)(UNK)(UNK)(UNK)(UNK)(UNK)(UNK)(UNK)(UNK)
(UNK)(UNK)(UNK)(UNK)(UNK)(UNK)(UNK)(UNK)(UNK)(UNK)(UNK)(UNK)(UNK)(UNK)(UNK)(UNK)
(UNK)(UNK)(UNK)(UNK)(UNK)(UNK)(UNK)(UNK)(UNK)(UNK)(UNK)(UNK)(UNK)(UNK)(UNK)(UNK)
(UNK)(UNK)(UNK)(UNK)(UNK)(UNK)(UNK)(UNK)(UNK)(UNK)(UNK)(UNK)(UNK)(UNK)(UNK)(UNK)
(UNK)(UNK)(UNK)(UNK)(UNK)(UNK)(UNK)(UNK)(UNK)(UNK)(UNK)(UNK)(UNK)(UNK)(UNK)(UNK)
(UNK)(UNK)(UNK)(UNK)(UNK)(UNK)(UNK)(UNK)(UNK)(UNK)(UNK)(UNK)(UNK)(UNK)(UNK)(UNK)
(UNK)(UNK)(UNK)(UNK)(UNK)(UNK)(UNK)(UNK)(UNK)(UNK)(UNK)(UNK)(UNK)(UNK)(UNK)(UNK)
(UNK)(UNK)(UNK)(UNK)(UNK)(UNK)(UNK)(UNK)(UNK)(UNK)(UNK)(UNK)(UNK)(UNK)(UNK)(UNK)
(UNK)(UNK)(UNK)(UNK)(UNK)(UNK)(UNK)(UNK)(UNK)(UNK)(UNK)(UNK)(UNK)(UNK)(UNK)(UNK)
(UNK)(UNK)(UNK)(UNK)(UNK)(UNK)(UNK)(UNK)(UNK)(UNK)(UNK)(UNK)(UNK)(UNK)(UNK)(UNK)
(UNK)(UNK)(UNK)(UNK)(UNK)(UNK)(UNK)(UNK)(UNK)(UNK)(UNK)(UNK)(UNK)(UNK)(UNK)(UNK)
(UNK)(UNK)(UNK)(UNK)(UNK)(UNK)(UNK)(UNK)(UNK)(UNK)(UNK)(UNK)(UNK)(UNK)(UNK)(UNK)
(UNK)(UNK)(UNK)(UNK)(UNK)(UNK)(UNK)(UNK)(UNK)(UNK)(UNK)(UNK)(UNK)(UNK)(UNK)(UNK)
(UNK)(UNK)(UNK)(UNK)(UNK)(UNK)(UNK)(UNK)(UNK)(UNK)(UNK)(UNK)(UNK)(UNK)(UNK)(UNK)
(UNK)(UNK)(UNK)(UNK)(UNK)(UNK)(UNK)(UNK)(UNK)(UNK)(UNK)(UNK)(UNK)(UNK)(UNK)(UNK)
(UNK)(UNK)(UNK)(UNK)(UNK)(UNK)(UNK)(UNK)(UNK)(UNK)(UNK)(UNK)(UNK)(UNK)(UNK)(UNK)
(UNK)(UNK)(UNK)(UNK)(UNK)(UNK)(UNK)(UNK)(UNK)(UNK)(UNK)(UNK)(UNK)(UNK)(UNK)(UNK)
(UNK)(UNK)(UNK)(UNK)(UNK)(UNK)(UNK)(UNK)(UNK)(UNK)(UNK)(UNK)(UNK)(UNK)(UNK)(UNK)
(UNK)(UNK)(UNK)(UNK)(UNK)(UNK)(UNK)(UNK)(UNK)(UNK)(UNK)(UNK)(UNK)(UNK)(UNK)(UNK)
(UNK)(UNK)(UNK)(UNK)(UNK)(UNK)(UNK)(UNK)(UNK)(UNK)(UNK)(UNK)(UNK)(UNK)(UNK)(UNK)
(UNK)(UNK)(UNK)(UNK)(UNK)(UNK)(UNK)(UNK)(UNK)(UNK)(UNK)(UNK)(UNK)(UNK)(UNK)(UNK)
(UNK)(UNK)(UNK)(UNK)(UNK)(UNK)(UNK)(UNK)(UNK)(UNK)(UNK)(UNK)(UNK)(UNK)(UNK)(UNK)
(UNK)(UNK)(UNK)(UNK)(UNK)(UNK)(UNK)(UNK)(UNK)(UNK)(UNK)(UNK)(UNK)(UNK)(UNK)(UNK)
(UNK)(UNK)(UNK)(UNK)(UNK)(UNK)(UNK)(UNK)(UNK)(UNK)(UNK)(UNK)(UNK)(UNK)(UNK)(UNK)
(UNK)(UNK)YFREVSQMEIIFECLVDKEEADLESTSIDSVEWANIVVNVNTILKDMLHVACQYRQSKNSLYKNESGIQE
PEHVPWTASSGTAGIRSVVTRQHGIILKVYPQADSGLRTILIEQLAALLNYLLDDYVTQLKSIDKLANEERYNILEMEYA
QKRSELLSPLLILGQYAWASNLAEKYCDFDILVQICEMTDNQSRLQRYMTLFAEQNFSDFLFRWYLEKGKRGKLLSQPAS
QHGQLAAFLQAHDHLSWLHELNSQEFEKAHRTLQTLANMETRYFCKKKTLLGLSKLAALASDFQEDVLQEKVEEIAEQEH
FLLHQETLPKKLLEEKQLDLNAMPVLAPFQLIQLYVCEENKRANENDFMKALDLLEYIGDDSEVDVEELKLEILCKAIKR
DEWSATDGKDDPIEATKDSIFVKVLQNLLNKGIELKGYLPKAETLLQSEELNSLKTNSYFEFSLKANYECYMKMQS
;
J
11 'polypeptide(L)'
;MRRSKAEIQRYVENAQNSASSPREKSMKGFLFARLYYEAKEYELAKRSVSSYISVQERDPKAHRFLGQLFEIEGNVEKAV
GCYKRSLELNPTQKDLTLRIAELICTLNIKDGRAEYWVERASKLFPGSPEIYRLKEQLLSSQGEAGWNQLFDLIQAELFA
RPNDVYVNLKLVDLFLSNQRLEEAVLHCLKPERRALRTDIEWCSCVVRVFKEYLASKQGQKNTNMRMITKELLLAQCDVV
FLTLSKKDVQKSKEALERFDQALLSVKQSVSGTDASDLSVTFYEMRGHYYMHAGTLLLKMAQSCEVQWKALIEPAALCYL
LAYQVPKPKSKPVKGDDNGQGFLEELAFDRQSKSGHLLLTLSHGKQNFISEIIETFANQCGQSILLKFLFEDNLSMQDSF
MGSDDISYVENRVPDLSELSQHDNGSLRIHNGDLQHLTWLGLQWHFLSTLPPLRKWLKQIFPRVPQETSRLESNIPESIC
LLDLEVFLLAVVQTSYLQLQDNNTTADPNRPRCLPLPICKQLFTDRQRSWWDAVYSLITKKALPGTSAKLRSVIQHDLTT
LRAQEKHGLQPAVLVNWARGLHKTGYSLNSFYDQKEYMGRCVHYWKKLLPLLDLVKQKKSIPEPVDPLFKHFHNKDIKVS
EVKDLEDEACIAFATLDLVDGKTEDAIIAFESVKNVVAYWNLALIYQRKAEEIENDCLPAEEQEEFQECLLKCKGFLKMI
CDEYSAYPSIATSLPVPVETVFEMLDSVKQSLGEAMDDHSPAFMENHSVLTTSAIKHSTPSPTKLTISPSKSARFSPKTP
PRWAEDQKSLLEVLCNKVEALKKEVQELKHNNSNANVSPHRWPNEGFESDTVADSYQGTQNFYTVPLTVSTSGPAAYYGQ
SPAYNSQHLLRPAANITPTKTSVYAMNRLPPQQHMYTYPQQMHTPPTQQSSAGCVFPQEIYGPPLRFESPAAAILSPHNE
EFYNYNVPPASTNPPLPEPGYFTKPSTAMQHSKQEVPKVSDFGKGCLGQSTSEGQKPSPFTVPMQSTPASSTFKFNSNFK
SNDGDFTFSSSHAGASSAYTGSESLLGLLTSDRPTQEQGKKSDFENIASDEKNMFRFGEKSFSPGFTVTGTQSQDKNPLV
FGQSENIFTFKTPGKSTFKPPTFGTQTKDAHNHSVESDAGSEHVADDDGPHFEPIIPLPEKVEVKTGEEDEEEMFCNRAK
LFRFDAETKEWKERGIGNVKILRHRLSGKIRLLMRREQVLKICANHYINADMKLKPNATSDKSYVWHAYDYADEMPKPEQ
LAIRFKTVDEAAHFKAKFEEAQRLLAMAEAPAISAQHKNAKDNLKLDASKVKEAPLPFGSQFILKRGEWQCDCCLATNAP
TSTSCVCCQTPNKNKSSSISSVCISAPSFTFVKESATNKLAFGQQLLKDKDQWTCSKCSQKNDAGVSHCSSCQTQSQAKA
GISQPNIASSGFTNNTSAQGDNLAAVFGKKAGQWDCDVCYVRNEPSANKCISCQNTKPLSKVSGTQAASFSFAAGADNSQ
KNFGAQFAKKEGQWDCDACYVRNEPLATKCISCQNTKLLSKTTGTQAASFSFAAAADNSQKNFGGQFAKKEGQWDCSSCL
VRNEASAPNCVACHSANPQITNKDVVPPALTPSGFKFGHNAEVGKTQQSLSAMFSCKQGQWECSTCLVINDAAKDTCAAC
QAAKPGSSASQSKEVPSTFGIKANSSQNFGQPAAGFNCGFSAKGFKFGISDEKASASNFTFKAPATNEETKMVKDGFNFP
VSAGSLSFKFGISEPDKTKEMSTGFMKGTSTNNKGSETAETTAQAEKIQQSPDKVLGQSVQSFSFADIAKSTEGIEFGKA
DPNFKGFSGAGQKLFTSSNQVNASNAQEAADDLYKTEERDDIHFEPIVQLPDKVDLITGEEDEKTLYSQRVKLYRFDATS
GQWKERGVGNLKILKNEVNGKLRVLMRREQVLKVCANHWITTTMNLKPLTGSDRAWMWLANDFSEGDAKLEQLAVKFKTP
EQAEEFKIKFDQCQCLLLDIPLQTPHKLVDTGRTAHLIQKAEEMKTGLKDLKTFLTDKAKPLDDSNAINTTDLEKQALAD
GTEPTYEWDTYDMRGDAHEETLDDSVYASPLASSPEKKNLFRFGDLSTSGFNFSFQPEPSPSKSPTKLNHSRVSVGTDEE
SDVTQEEERDGQYFEPVVPLPDLVEVTSGEENEQAIFCHRAKLYRFDKDSNQWKERGIGDLKILQRLDNKSARVVMRRDQ
VLKLCANHRITTDINLQPMKGAERAWVWTAHDFSEGEGKVECFAVRFKLQEAADLFKEVFEEAKEAQAKDCLLTPVSSRG
TTPRAASCGKAAIAILEETTKERTDQQPEEDTSLTEASTPSPTDQPAKALVSPANFTFGSDVVKNIFGSEKQVPFAFGNT
SSTGSLFGFSFNASQSQGQQVQKQPPKVTLDFNATFKDAETTNALQKPSQSSGQSPIVSSLSSSSSSSSSTLMQPMPARD
KAADVPDADSSSDVLIVYVATPTPEQKALAETLLLPLTFFCYKNKPGYVSDESDIDDEDFETAVKNLNGILYTEDKKDKA
SSRLSGCSKEPTAESDQDCIIVWEKKPTPEEKAKADSLKLPPTFFCGLGSDTDEDKDNLEDFDTEVRKVKEAKGVPEADV
TSSPEAAIVSAAETSVSLPPKQEPDSTTSISQEPVDLSSKQELPKTDSKGFSTPSFSFGLGEVSGVSFADLASTNSGDFA
FGSKDTNFQWANTGAAVFGTLSQNKKGEDADGSDEEVVHSDDVHFEPIVSLPEVEVKSGEEDEEILFKERAKLYRWDRAV
GQWKERGVGDIKILFHKEKGYYRVLMRRDQVLKVCANHVISTEIKISTLSTSNNSLVWTATDYSDGEGKVEQLAVRFKTK
ELTDSFQNKFEECQHNLQEESNPQH
;
K,L,M,N,O
12 'polypeptide(L)'
;MDGEGFGELLQQAEQLAAETEGVTELPHVERNLQEIQQAGERLRSKTMTRTSQESANVKASVLLGSRGLDISHISQRLES
LSAATTFEPLEPVKDTDIQGFLKNEKDNALLSAIEESRKRTFVMAEEYHRESMLVEWEQVKQRVLHTLLASGEDALDFTQ
ESETSYISESGAPGRSSLDNVEMAYARQMYMYNEKVVSGHLQPSLVDLCTEAAERLDDKNVSDLWVMVKQMTDVPLIPAS
DTLKSRCSGQMQMAFVRQALNYLEQSYKNYTLISVFANLQQAQLGGVPGTYNLVRSFLNIRLPTPIPGLQDGEIEGYPVW
ALIYYCMRCGDLMAAQQVVNRAQHQLGDFKNCFQEYIHNKDRRLSPTTENKLRLHYRRAVRASTDPYKRAVYCIIGRCDV
SDNHSEVADKTEDYLWLKLSQVCFEDEANSSPQDRLTLPQFQKQLFEDYGESHFAVNQQPYLYFQVLFLTAQFEAAIAFL
FRLERTRCHAVHVALALFELKLLLKSTGQSAQLLSQEPGEPQGVRRLNFIRLLMLYTRKFEPTDPREALQYFYFLRNEKD
NQGESMFLRCVSELVIESREFDMLLGKLEKDGSRKPGAIDKFTRDTKTIINKVASVAENKGLFEEAAKLYDLAKNPDKVL
ELTNKLLSPVVSQISAPQSNRERLKNMALAIAERYKSQGVSAEKSINSTFYLLLDLITFFDEYHAGHIDLSFDVIERLKL
VPLSQDSVEERVAAFRNFSDEIRHNLSEILLATMNILFTQYKRLKGSGPTTLGRPQRVQEDKDSVLRSQARALITFAGMI
PYRMSGDTNARLVQMEVLMN
;
P,S,s,p
13 'polypeptide(L)'
;MPSATPGAPAASAAMQEALEGAGRIIDRLLQEDRAYPDLSELLNVPVHTCPTISGVSEMDYPLQSPGLLTIPSLPEISAI
RRVPLPPELIEQFGHMQCNCMMGVFPEISRAWLTIDSDIFMWNYEDGGDLAYYDGLSETILSVGLVKPKTGIFQPHIRFL
LVLSTPVDIVILGLSFANLQPGNLNDSISGGMQLLPDPLYSLPTDNTYLLSITSTDNGRIFLSGKDGCLYEVEYQAEAGW
FSQRCRKINHSKSSLSFLVPSVLQFAFSEDDPIVQIAIDNSRNILYTRSEKGVIQVYDLGVDGHGMSRVASVSQNSLVSA
AGNIARTIDRNVFKPIIHISVIEMSESVNCHLLAVTHTGVRFYFSTVPFKQPTARPCMLALVHVRLPPGFSASSNVEKPS
KVHKALYNNGVLLMAASENEDNDMLWCINRDSFPFQKPMMETQVTTQVDGHSWALSAVDEQKADKIVTPLNKDLIPLTDS
PVIIQQHMIPPKRFVLLSAQGSHIFYKLRPVDQLRHLLVSNSGGDGEEIERFFKLHQENQACATCLILACSSAASDREVS
SWAARAFFRYGGEAQLRVQSALHAPSNVGPIFGSPLPVASPIPVGSPMPNPSFLGTPTQGACPPNVSTPAYGVATPAPQP
PAVPGMMGTEIVFSGKHNGICIYFCRIIGNIWDGSVAVENTFQSGNREVTAIDSSVTPQHLESVLKELKGLLEFLDRYSQ
FTAGSLGNPGFGTPANRQQRLVSLGRPDIGSSQQAQQELQRKYHTEAQLAEQFSLQGIHQLVRKMCQALALWKLLCEHQF
SLVVSDLQKELQEQLKITTFKDLVIRDKELTGALTASLISCYIRDNASVDGISYRLQEVCPLLYSTDDAVCSKANELLQR
SRHVPNKQEKERMLRESLKEYQKISQQVDLPNVCAQYRQVRFYEGVVELCLSAAEKKDPQGLGLHFHKNGEPEEDMAGLQ
AFQERLNSYKCITDTLQELVNQSKAAPQSPSVPKKPGPPVLSSDPNMLSNEEAGIHFEQMLKLAQRSADELFNIALFNWL
IQADLTDKLLELNSPFLEPHLVRMAKLDQNKVRYMDLLWRYYEKNRNFSNAARVVAKLADMHSPEISLKQRLEYISRAIL
SAKSSTTMSTLAADGEFLHELEEKLEVARIQLQIQETLTRQYSHHSTVGDAVSQLDSQLMDITKMFGQYADPFRLSECKL
AIIHCAGHSDPILVQTLWQDIIDKELSDSMGNSSVDRMQSLHLKITSLGKIYASTPRYFPLEFLVKYLEQQVCNFSWDAG
FVTYTMQEINVPVPKLLEVYDHLFKARDPWWSRMKKPLHLLESIYILLSGYVQEPSKVPSYERRRFTTLCLDAISCYLVE
LQSMDPAPALLNTVSNFKSLQAKLERLS
;
W
14 'polypeptide(L)'
;(UNK)(UNK)(UNK)(UNK)(UNK)(UNK)(UNK)(UNK)(UNK)(UNK)(UNK)(UNK)(UNK)(UNK)(UNK)(UNK)
(UNK)(UNK)(UNK)(UNK)(UNK)(UNK)(UNK)(UNK)(UNK)(UNK)(UNK)(UNK)(UNK)(UNK)(UNK)(UNK)
(UNK)(UNK)(UNK)(UNK)(UNK)(UNK)(UNK)(UNK)(UNK)(UNK)(UNK)(UNK)(UNK)(UNK)(UNK)(UNK)
(UNK)(UNK)(UNK)(UNK)(UNK)(UNK)(UNK)(UNK)(UNK)(UNK)(UNK)(UNK)(UNK)(UNK)(UNK)(UNK)
(UNK)(UNK)(UNK)(UNK)(UNK)(UNK)(UNK)(UNK)(UNK)(UNK)(UNK)(UNK)(UNK)(UNK)(UNK)(UNK)
(UNK)(UNK)(UNK)(UNK)(UNK)(UNK)(UNK)(UNK)(UNK)(UNK)(UNK)(UNK)(UNK)(UNK)(UNK)(UNK)
(UNK)(UNK)(UNK)(UNK)(UNK)(UNK)(UNK)(UNK)(UNK)(UNK)(UNK)(UNK)(UNK)(UNK)(UNK)(UNK)
(UNK)(UNK)(UNK)(UNK)(UNK)(UNK)(UNK)(UNK)(UNK)(UNK)(UNK)(UNK)(UNK)(UNK)(UNK)(UNK)
(UNK)(UNK)(UNK)(UNK)(UNK)(UNK)(UNK)(UNK)(UNK)(UNK)(UNK)(UNK)(UNK)(UNK)(UNK)(UNK)
(UNK)(UNK)(UNK)(UNK)(UNK)(UNK)(UNK)(UNK)(UNK)(UNK)(UNK)(UNK)(UNK)(UNK)(UNK)(UNK)
(UNK)
;
X
15 'polypeptide(L)'
;MAAGEHWQSALSEHALFSSLKERLRDVEELREEGERRASKDKQLRNLLCVLDGDLLVWDAEECAFHTVTLRSLSVESTGN
SSSGEQKLLCTNPPLFDVNEVLLSPTQHHVALVGSKGVMVLEIPKRWGKKSEFEGGEKTVNCRTIPIAERIFTSSTSLLL
KQAIWYPSETQEPHLILLTSDNILRLYNLQDLFTPVKVISLSSAEEDTTLPHNGRSYKASLGETAVACDFGPLAVLPKGF
GQHSKEDTVAYPLYILYETGETYLMYIDLQKSNITVGKLLGPLPMYPAAEDNYGYDACALLCLPCVPNIIVIATESGLLY
HCVVLEGEEDDEQTSNKSWNASCDLIPSLYVFECVELELALKFATEEEESLELDFACPIKLHRDPICPSRYHCTHVAGVH
SVGLTWFNKLEKFLSSGEEDKDSLQELAAEQKCLVEHILCTKPLRCRLPSPIQGFWIISDLFLGTSMICITCDFECIVRP
LLTTIRPPSPPLLCSQSDKSSTEILPHVLADVKGPFEEHIRGILRRNSANPLLLNSSSKDSSPPPEECLQLLSRATQVFR
EEYLLKQDLANEEIQRRVKLLIAQKEKQLEDLRYCREERKSLTETAERLAEKFEEAKEKQEDLINRLKRILRSFHTQLPV
LSESERDMKKELQATNQQLQQLGNSINQVNRKMSYQEKQMEKGKSPRKSSLTLSDYQKKNIKAVLKEHGEHIQEMVKQIN
NIRNHVNF
;
Y
16 'polypeptide(L)'
;MFPSPRAQGMGSARRPFNSRLTGGRKALGPGVTASSSPSALYSPVGRRVSASGARSTPSRVYLHPAASETVNYNVQLFGS
SLPVKVMEALSNASADEPMAACIHEGGWAWLACNDRLIIWKISHSSSAKLMVCKELPLPLSDSEWSADLVDICAQTGDPA
AAQSVALMAATPEGSSRYWPNILHEGTYIESYTEFGSSLCAFVTAVKGNSFILSSEKNQLVRLTPDASGKMNQRVLPQGQ
GMLSGIGRRVSTLFGILSPAVESTLCSVLWDKGDCFYTLTDSSINKWDLDDTSESQVLNWDMSRVLREYISDAIWGSESD
YDDIKAGININYLSLNQNCDGLVILSAAWHPGDNPCQIYYTLVTVKDEGYNISDEITVEVTQFNPVFQARGMQLCQLVVP
NFSSQACYLYTQEMIFACSTGTGRSTLPQEKIPFEAQGDNIVGAGSCEGWPVFFIRKSGMLTVVARETASVLPEHMEESL
SSVSKSSRQAVVKDSRPDQIAHDDKTKHLKAAFLRYCRKDILGAQSMVDSLFSDSDMEPDDELDLAVNQISVDLIDDYPA
SDPRWAESVPEEAAGFSNTSLILLHQLEDKMKAHSFFVDFLHQVGLFSRLSTCQTKGMLVATRLLLSEHAEKLSAAIVLK
NHHAKLPVLVNSAIQLALDKRMCTVPQNLTAADVYFREVSQMEIIFECLVDKEEADLESTSIDSVEWANIVVNVNTILKD
MLHVACQYRQSKNSLYKNESGIQEPEHVPWTASSGTAGIRSVVTRQHGIILKVYPQADSGLRTILIEQLAALLNYLLDDY
VTQLKSIDKLANEERYNILEMEYAQKRSELLSPLLILGQYAWASNLAEKYCDFDILVQICEMTDNQSRLQRYMTLFAEQN
FSDFLFRWYLEKGKRGKLLSQPASQHGQLAAFLQAHDHLSWLHELNSQEFEKAHRTLQTLANMETRYFCKKKTLLGLSKL
AALASDFQEDVLQEKVEEIAEQEHFLLHQETLPKKLLEEKQLDLNAMPVLAPFQLIQLYVCEENKRANENDFMKALDLLE
YIGDDSEVDVEELKLEILCKAIKRDEWSATDGKDDPIEATKDSIFVKVLQNLLNKGIELKGYLPKAETLLQSEELNSLKT
NSYFEFSLKANYECYMKMQS
;
j
#
# COMPACT_ATOMS: atom_id res chain seq x y z
N PRO A 16 -28.68 31.97 122.62
CA PRO A 16 -28.68 33.42 122.81
C PRO A 16 -27.73 34.11 121.85
N TYR A 17 -27.56 33.57 120.66
CA TYR A 17 -26.60 34.13 119.70
C TYR A 17 -26.94 35.55 119.29
N ARG A 18 -28.21 35.83 119.01
CA ARG A 18 -28.62 37.19 118.65
C ARG A 18 -28.30 38.14 119.79
N GLU A 19 -28.58 37.72 121.02
CA GLU A 19 -28.27 38.54 122.18
C GLU A 19 -26.78 38.83 122.28
N ILE A 20 -25.95 37.80 122.09
CA ILE A 20 -24.49 37.99 122.12
C ILE A 20 -24.08 39.00 121.06
N TRP A 21 -24.66 38.87 119.86
CA TRP A 21 -24.34 39.79 118.78
C TRP A 21 -24.68 41.21 119.19
N GLN A 22 -25.87 41.43 119.73
CA GLN A 22 -26.28 42.76 120.16
C GLN A 22 -25.32 43.29 121.20
N THR A 23 -24.92 42.44 122.15
CA THR A 23 -23.98 42.85 123.19
C THR A 23 -22.65 43.31 122.58
N VAL A 24 -22.08 42.52 121.66
CA VAL A 24 -20.78 42.89 121.10
C VAL A 24 -20.93 44.15 120.23
N LEU A 25 -22.11 44.37 119.66
CA LEU A 25 -22.35 45.57 118.87
C LEU A 25 -22.36 46.78 119.78
N SER A 26 -23.04 46.66 120.91
CA SER A 26 -23.15 47.79 121.83
C SER A 26 -21.85 48.05 122.58
N ALA A 27 -21.07 47.00 122.80
CA ALA A 27 -19.85 47.16 123.59
C ALA A 27 -18.68 47.66 122.76
N LEU A 28 -18.56 47.20 121.51
CA LEU A 28 -17.41 47.54 120.68
C LEU A 28 -17.72 48.53 119.57
N ILE A 29 -18.91 48.47 118.99
CA ILE A 29 -19.25 49.37 117.89
C ILE A 29 -19.98 50.61 118.39
N LYS A 30 -20.98 50.45 119.25
CA LYS A 30 -21.68 51.59 119.82
C LYS A 30 -20.97 52.16 121.03
N ARG A 31 -19.90 51.51 121.49
CA ARG A 31 -19.10 52.01 122.61
C ARG A 31 -19.92 52.38 123.84
N GLN A 32 -20.60 51.40 124.42
CA GLN A 32 -21.37 51.65 125.64
C GLN A 32 -20.61 51.05 126.82
N PRO A 33 -20.25 51.89 127.80
CA PRO A 33 -19.49 51.41 128.97
C PRO A 33 -20.24 50.38 129.80
N GLU A 34 -21.56 50.50 129.90
CA GLU A 34 -22.35 49.55 130.66
C GLU A 34 -22.32 48.17 130.02
N ALA A 35 -22.28 48.11 128.69
CA ALA A 35 -22.24 46.83 127.98
C ALA A 35 -20.89 46.13 128.07
N VAL A 36 -19.85 46.85 128.48
CA VAL A 36 -18.51 46.26 128.62
C VAL A 36 -18.47 45.19 129.71
N HIS A 37 -19.09 45.43 130.85
CA HIS A 37 -19.14 44.41 131.90
C HIS A 37 -19.92 43.22 131.40
N SER A 38 -21.10 43.46 130.84
CA SER A 38 -21.89 42.40 130.26
C SER A 38 -21.11 41.66 129.19
N LEU A 39 -20.26 42.38 128.48
CA LEU A 39 -19.44 41.74 127.47
C LEU A 39 -18.72 40.57 128.09
N ASP A 40 -18.01 40.75 129.21
CA ASP A 40 -17.21 39.66 129.78
C ASP A 40 -17.86 38.26 129.81
N ILE A 41 -18.95 38.09 130.53
CA ILE A 41 -19.60 36.76 130.65
C ILE A 41 -20.12 36.23 129.32
N VAL A 42 -20.72 37.13 128.55
CA VAL A 42 -21.24 36.73 127.26
C VAL A 42 -20.10 36.21 126.41
N LEU A 43 -18.95 36.88 126.43
CA LEU A 43 -17.78 36.49 125.63
C LEU A 43 -17.19 35.21 126.12
N LYS A 44 -17.29 34.92 127.43
CA LYS A 44 -16.80 33.65 127.96
C LYS A 44 -17.63 32.47 127.43
N LYS A 45 -18.94 32.56 127.56
CA LYS A 45 -19.80 31.51 127.02
C LYS A 45 -19.68 31.49 125.51
N TYR A 46 -19.58 32.67 124.89
CA TYR A 46 -19.40 32.74 123.45
C TYR A 46 -18.09 32.10 123.05
N LYS A 47 -17.04 32.30 123.85
CA LYS A 47 -15.75 31.66 123.56
C LYS A 47 -15.90 30.16 123.64
N PRO A 48 -16.59 29.66 124.68
CA PRO A 48 -16.81 28.21 124.68
C PRO A 48 -17.54 27.74 123.42
N ASP A 49 -18.58 28.46 123.01
CA ASP A 49 -19.35 28.07 121.82
C ASP A 49 -18.47 28.06 120.60
N PHE A 50 -17.63 29.09 120.43
CA PHE A 50 -16.73 29.15 119.28
C PHE A 50 -15.83 27.92 119.22
N ILE A 51 -15.27 27.54 120.36
CA ILE A 51 -14.40 26.36 120.41
C ILE A 51 -15.16 25.08 120.11
N SER A 52 -16.38 24.96 120.62
CA SER A 52 -17.18 23.75 120.44
C SER A 52 -18.21 23.91 119.32
N LEU A 53 -17.88 24.67 118.29
CA LEU A 53 -18.80 24.87 117.17
C LEU A 53 -19.11 23.57 116.45
N PHE A 54 -18.11 22.72 116.26
CA PHE A 54 -18.30 21.45 115.57
C PHE A 54 -19.26 20.53 116.32
N LYS A 55 -19.08 20.42 117.63
CA LYS A 55 -19.94 19.55 118.44
C LYS A 55 -20.26 20.17 119.79
N PRO A 57 -20.72 16.82 121.73
CA PRO A 57 -20.24 15.79 122.67
C PRO A 57 -20.51 14.37 122.18
N PRO A 58 -20.16 13.37 123.00
CA PRO A 58 -20.38 11.97 122.60
C PRO A 58 -21.63 11.38 123.24
N LYS A 59 -22.46 12.19 123.89
CA LYS A 59 -23.68 11.72 124.55
C LYS A 59 -23.39 10.63 125.59
N SER A 60 -24.35 9.72 125.80
CA SER A 60 -24.17 8.65 126.78
C SER A 60 -25.09 7.46 126.52
N ALA A 61 -24.72 6.30 127.04
CA ALA A 61 -25.56 5.11 126.89
C ALA A 61 -26.83 5.29 127.71
N GLN A 62 -26.72 5.90 128.89
CA GLN A 62 -27.88 6.17 129.72
C GLN A 62 -28.87 7.09 129.03
N GLN A 63 -28.38 8.04 128.26
CA GLN A 63 -29.24 8.96 127.53
C GLN A 63 -30.13 8.20 126.54
N HIS A 64 -29.57 7.22 125.85
CA HIS A 64 -30.36 6.40 124.93
C HIS A 64 -31.47 5.69 125.68
N GLU A 65 -31.14 5.07 126.81
CA GLU A 65 -32.15 4.39 127.62
C GLU A 65 -33.25 5.34 128.08
N ARG A 66 -32.87 6.53 128.53
CA ARG A 66 -33.86 7.50 129.00
C ARG A 66 -34.83 7.84 127.88
N VAL A 67 -34.29 8.11 126.69
CA VAL A 67 -35.15 8.45 125.57
C VAL A 67 -36.07 7.29 125.23
N GLN A 68 -35.54 6.07 125.25
CA GLN A 68 -36.35 4.89 124.96
C GLN A 68 -37.50 4.76 125.95
N LYS A 69 -37.24 5.03 127.23
CA LYS A 69 -38.28 4.88 128.24
C LYS A 69 -39.28 6.03 128.21
N GLY A 74 -42.22 10.87 130.11
CA GLY A 74 -41.76 12.18 129.65
C GLY A 74 -40.33 12.49 130.02
N ILE A 75 -39.66 13.30 129.20
CA ILE A 75 -38.27 13.68 129.42
C ILE A 75 -38.26 15.08 130.02
N PRO A 76 -37.48 15.33 131.07
CA PRO A 76 -37.35 16.71 131.56
C PRO A 76 -36.55 17.56 130.59
N ILE A 77 -37.22 18.48 129.91
CA ILE A 77 -36.59 19.38 128.97
C ILE A 77 -36.23 20.67 129.70
N LYS A 78 -35.03 21.19 129.45
CA LYS A 78 -34.57 22.41 130.11
C LYS A 78 -35.43 23.60 129.70
N GLY A 79 -36.09 24.21 130.68
CA GLY A 79 -36.99 25.32 130.46
C GLY A 79 -38.42 25.08 130.91
N THR A 80 -38.86 23.83 130.86
CA THR A 80 -40.21 23.49 131.29
C THR A 80 -40.16 22.60 132.53
N GLN A 81 -40.86 22.99 133.58
CA GLN A 81 -40.82 22.23 134.82
C GLN A 81 -41.30 20.79 134.65
N ARG A 82 -42.37 20.60 133.89
CA ARG A 82 -42.94 19.26 133.71
C ARG A 82 -42.25 18.44 132.63
N THR A 83 -42.30 17.12 132.77
CA THR A 83 -41.72 16.23 131.78
C THR A 83 -42.63 16.13 130.57
N ARG A 84 -42.06 16.18 129.37
CA ARG A 84 -42.89 16.17 128.16
C ARG A 84 -42.83 14.84 127.40
N ILE A 85 -44.00 14.25 127.16
CA ILE A 85 -44.06 13.00 126.39
C ILE A 85 -43.85 13.31 124.92
N LEU A 86 -42.96 12.59 124.27
CA LEU A 86 -42.63 12.92 122.87
C LEU A 86 -43.36 12.07 121.86
N GLU A 87 -43.40 12.54 120.61
CA GLU A 87 -44.05 11.79 119.54
C GLU A 87 -43.11 10.74 118.97
N GLU A 88 -43.61 9.73 118.28
CA GLU A 88 -42.72 8.64 117.81
C GLU A 88 -41.56 9.08 116.91
N GLN A 89 -41.88 9.89 115.90
CA GLN A 89 -40.86 10.37 114.99
C GLN A 89 -39.82 11.15 115.75
N LEU A 90 -40.27 11.96 116.71
CA LEU A 90 -39.34 12.74 117.52
C LEU A 90 -38.37 11.86 118.28
N ILE A 91 -38.84 10.81 118.94
CA ILE A 91 -37.97 9.86 119.63
C ILE A 91 -36.97 9.19 118.66
N LYS A 92 -37.44 8.83 117.47
CA LYS A 92 -36.50 8.27 116.48
C LYS A 92 -35.40 9.27 116.16
N GLU A 93 -35.79 10.53 115.92
CA GLU A 93 -34.82 11.58 115.61
C GLU A 93 -33.85 11.67 116.75
N ALA A 94 -34.35 11.65 117.98
CA ALA A 94 -33.50 11.68 119.16
C ALA A 94 -32.42 10.64 119.06
N PHE A 95 -32.83 9.37 118.96
CA PHE A 95 -31.85 8.30 118.81
C PHE A 95 -30.83 8.65 117.77
N ILE A 96 -31.28 8.89 116.53
CA ILE A 96 -30.33 9.14 115.45
C ILE A 96 -29.33 10.27 115.72
N LEU A 97 -29.79 11.41 116.23
CA LEU A 97 -28.92 12.56 116.47
C LEU A 97 -27.97 12.36 117.64
N SER A 98 -28.42 11.65 118.67
CA SER A 98 -27.51 11.31 119.77
C SER A 98 -26.42 10.42 119.22
N ASP A 99 -26.77 9.51 118.32
CA ASP A 99 -25.75 8.66 117.71
C ASP A 99 -24.90 9.45 116.72
N LEU A 100 -25.16 10.74 116.59
CA LEU A 100 -24.42 11.57 115.64
C LEU A 100 -23.89 12.81 116.33
N TYR A 101 -22.79 12.68 117.07
CA TYR A 101 -22.18 13.82 117.79
C TYR A 101 -23.16 14.79 118.46
N ASN A 102 -24.08 14.29 119.28
CA ASN A 102 -25.01 15.14 120.05
C ASN A 102 -25.69 16.28 119.27
N ILE A 106 -35.09 16.93 122.16
CA ILE A 106 -35.11 18.18 122.91
C ILE A 106 -34.72 19.35 122.03
N ALA A 107 -33.44 19.39 121.63
CA ALA A 107 -32.97 20.47 120.75
C ALA A 107 -33.72 20.46 119.43
N ALA A 108 -33.94 19.28 118.88
CA ALA A 108 -34.69 19.16 117.63
C ALA A 108 -36.09 19.74 117.79
N VAL A 109 -36.76 19.39 118.89
CA VAL A 109 -38.10 19.92 119.14
C VAL A 109 -38.08 21.43 119.28
N GLU A 110 -37.07 21.96 119.96
CA GLU A 110 -36.94 23.41 120.11
C GLU A 110 -36.78 24.09 118.76
N LEU A 111 -35.98 23.49 117.87
CA LEU A 111 -35.80 24.05 116.54
C LEU A 111 -37.10 23.98 115.75
N LEU A 112 -37.85 22.90 115.91
CA LEU A 112 -39.10 22.73 115.18
C LEU A 112 -40.14 23.78 115.59
N LEU A 113 -40.08 24.27 116.83
CA LEU A 113 -41.00 25.31 117.26
C LEU A 113 -40.76 26.56 116.45
N ILE A 114 -39.50 26.98 116.38
CA ILE A 114 -39.14 28.16 115.59
C ILE A 114 -39.47 27.91 114.13
N GLY A 115 -39.30 26.66 113.69
CA GLY A 115 -39.61 26.31 112.32
C GLY A 115 -41.06 26.60 112.02
N GLU A 116 -41.98 26.12 112.86
CA GLU A 116 -43.41 26.36 112.68
C GLU A 116 -43.74 27.84 112.80
N GLN A 117 -43.04 28.53 113.69
CA GLN A 117 -43.25 29.97 113.81
C GLN A 117 -42.98 30.65 112.48
N GLN A 118 -41.85 30.32 111.85
CA GLN A 118 -41.49 30.94 110.57
C GLN A 118 -42.41 30.44 109.46
N GLN A 119 -42.92 29.22 109.62
CA GLN A 119 -43.80 28.64 108.61
C GLN A 119 -45.07 29.47 108.40
N PRO A 120 -45.84 29.69 109.47
CA PRO A 120 -47.08 30.46 109.36
C PRO A 120 -46.79 31.91 108.98
N THR A 121 -45.83 32.54 109.64
CA THR A 121 -45.53 33.95 109.38
C THR A 121 -45.05 34.22 107.95
N PHE A 122 -44.14 33.39 107.45
CA PHE A 122 -43.59 33.61 106.11
C PHE A 122 -44.04 32.55 105.12
N HIS A 123 -44.67 32.98 104.02
CA HIS A 123 -45.15 32.04 103.01
C HIS A 123 -44.02 31.25 102.36
N GLY A 124 -44.26 29.98 102.08
CA GLY A 124 -43.25 29.14 101.46
C GLY A 124 -42.59 28.23 102.47
N LEU A 125 -42.04 28.80 103.54
CA LEU A 125 -41.39 28.01 104.58
C LEU A 125 -42.36 27.12 105.34
N THR A 126 -42.00 25.85 105.51
CA THR A 126 -42.84 24.93 106.26
C THR A 126 -42.16 24.55 107.58
N ARG A 127 -42.59 23.54 108.32
CA ARG A 127 -41.89 23.25 109.59
C ARG A 127 -40.38 22.98 109.44
N GLY A 128 -40.04 21.79 108.98
CA GLY A 128 -38.64 21.42 108.85
C GLY A 128 -37.77 22.39 108.10
N LEU A 129 -38.25 22.95 107.00
CA LEU A 129 -37.43 23.85 106.19
C LEU A 129 -36.91 25.01 107.00
N VAL A 130 -37.84 25.76 107.60
CA VAL A 130 -37.44 26.92 108.38
C VAL A 130 -36.61 26.50 109.59
N ALA A 131 -36.83 25.32 110.16
CA ALA A 131 -35.98 24.87 111.27
C ALA A 131 -34.53 24.77 110.84
N ILE A 132 -34.24 24.05 109.76
CA ILE A 132 -32.87 23.95 109.25
C ILE A 132 -32.30 25.32 108.97
N LEU A 133 -33.10 26.19 108.36
CA LEU A 133 -32.65 27.53 108.04
C LEU A 133 -32.25 28.27 109.31
N LEU A 134 -33.06 28.17 110.36
CA LEU A 134 -32.75 28.82 111.63
C LEU A 134 -31.48 28.26 112.27
N TYR A 135 -31.27 26.95 112.18
CA TYR A 135 -30.04 26.36 112.70
C TYR A 135 -28.85 26.96 111.97
N TRP A 136 -28.95 27.06 110.65
CA TRP A 136 -27.87 27.67 109.88
C TRP A 136 -27.66 29.12 110.30
N ASP A 137 -28.74 29.87 110.54
CA ASP A 137 -28.64 31.25 110.98
C ASP A 137 -27.89 31.33 112.29
N GLY A 138 -28.22 30.44 113.22
CA GLY A 138 -27.52 30.40 114.50
C GLY A 138 -26.05 30.13 114.32
N LYS A 139 -25.65 29.20 113.47
CA LYS A 139 -24.22 29.01 113.22
C LYS A 139 -23.58 30.29 112.68
N SER A 140 -24.18 30.86 111.64
CA SER A 140 -23.63 32.08 111.05
C SER A 140 -23.50 33.19 112.06
N CYS A 141 -24.53 33.40 112.88
CA CYS A 141 -24.48 34.45 113.90
C CYS A 141 -23.28 34.29 114.80
N MET A 142 -23.05 33.10 115.33
CA MET A 142 -21.93 32.90 116.26
C MET A 142 -20.60 33.04 115.53
N ALA A 143 -20.50 32.55 114.31
CA ALA A 143 -19.27 32.75 113.54
C ALA A 143 -18.99 34.23 113.44
N GLU A 144 -20.00 35.03 113.13
CA GLU A 144 -19.85 36.47 113.00
C GLU A 144 -19.46 37.16 114.31
N SER A 145 -20.00 36.71 115.43
CA SER A 145 -19.60 37.29 116.72
C SER A 145 -18.12 37.02 116.97
N LEU A 146 -17.68 35.80 116.64
CA LEU A 146 -16.27 35.47 116.80
C LEU A 146 -15.46 36.37 115.90
N LEU A 147 -15.94 36.60 114.69
CA LEU A 147 -15.24 37.48 113.75
C LEU A 147 -15.13 38.90 114.27
N HIS A 148 -16.16 39.42 114.92
CA HIS A 148 -16.10 40.75 115.53
C HIS A 148 -15.13 40.80 116.71
N LEU A 149 -15.08 39.74 117.51
CA LEU A 149 -14.08 39.70 118.58
C LEU A 149 -12.68 39.65 117.99
N ILE A 150 -12.54 39.04 116.81
CA ILE A 150 -11.26 39.01 116.13
C ILE A 150 -10.93 40.41 115.65
N GLN A 151 -11.90 41.12 115.09
CA GLN A 151 -11.66 42.50 114.70
C GLN A 151 -11.16 43.25 115.92
N ALA A 152 -11.74 42.95 117.09
CA ALA A 152 -11.29 43.57 118.33
C ALA A 152 -9.83 43.26 118.77
N ARG A 153 -9.37 42.00 118.75
CA ARG A 153 -7.97 41.73 119.28
C ARG A 153 -6.82 42.52 118.59
N LYS A 154 -6.43 43.71 119.08
CA LYS A 154 -5.52 44.54 118.29
C LYS A 154 -4.32 43.72 117.83
N GLY A 155 -3.82 44.06 116.64
CA GLY A 155 -2.78 43.28 116.02
C GLY A 155 -1.73 44.08 115.27
N LYS A 156 -1.48 43.70 114.02
CA LYS A 156 -0.37 44.29 113.27
C LYS A 156 -0.76 44.97 111.96
N THR A 157 -1.90 44.63 111.35
CA THR A 157 -2.21 45.13 110.01
C THR A 157 -3.39 46.10 109.99
N PHE A 158 -4.53 45.73 110.55
CA PHE A 158 -5.66 46.65 110.65
C PHE A 158 -6.22 46.62 112.05
N THR A 159 -6.54 47.81 112.57
CA THR A 159 -7.07 47.98 113.91
C THR A 159 -8.30 48.89 113.84
N LEU A 160 -9.46 48.34 114.14
CA LEU A 160 -10.69 49.13 114.11
C LEU A 160 -10.69 50.17 115.23
N ASP A 161 -11.62 51.12 115.13
CA ASP A 161 -11.80 52.13 116.16
C ASP A 161 -12.73 51.59 117.23
N HIS A 162 -12.21 51.32 118.42
CA HIS A 162 -12.99 50.68 119.48
C HIS A 162 -12.65 51.32 120.83
N SER A 163 -13.11 50.68 121.90
CA SER A 163 -12.91 51.10 123.28
C SER A 163 -11.88 50.18 123.94
N PRO A 164 -11.12 50.68 124.91
CA PRO A 164 -9.89 50.01 125.35
C PRO A 164 -9.99 49.11 126.56
N GLU A 165 -11.12 49.04 127.26
CA GLU A 165 -11.18 48.25 128.48
C GLU A 165 -11.16 46.76 128.19
N VAL A 166 -12.04 46.30 127.32
CA VAL A 166 -12.11 44.87 127.00
C VAL A 166 -10.91 44.39 126.20
N VAL A 167 -9.96 45.27 125.88
CA VAL A 167 -8.74 44.81 125.24
C VAL A 167 -8.05 43.79 126.14
N SER A 168 -8.04 44.04 127.44
CA SER A 168 -7.43 43.09 128.38
C SER A 168 -8.15 41.76 128.34
N MET A 169 -9.49 41.78 128.34
CA MET A 169 -10.25 40.54 128.37
C MET A 169 -10.06 39.74 127.08
N VAL A 170 -10.13 40.42 125.94
CA VAL A 170 -9.96 39.72 124.67
C VAL A 170 -8.53 39.22 124.51
N THR A 171 -7.55 39.96 125.02
CA THR A 171 -6.18 39.48 124.99
C THR A 171 -6.00 38.23 125.83
N ARG A 172 -6.56 38.23 127.05
CA ARG A 172 -6.48 37.04 127.88
C ARG A 172 -7.15 35.84 127.23
N PHE A 173 -8.34 36.05 126.66
CA PHE A 173 -9.05 34.95 126.03
C PHE A 173 -8.30 34.41 124.82
N THR A 174 -7.77 35.30 123.98
CA THR A 174 -7.07 34.83 122.79
C THR A 174 -5.75 34.18 123.14
N ASP A 175 -5.09 34.61 124.21
CA ASP A 175 -3.89 33.92 124.65
C ASP A 175 -4.23 32.51 125.14
N ASP A 176 -5.27 32.38 125.96
CA ASP A 176 -5.67 31.06 126.41
C ASP A 176 -6.07 30.17 125.24
N LEU A 177 -6.61 30.76 124.18
CA LEU A 177 -6.90 29.99 122.99
C LEU A 177 -5.62 29.56 122.28
N MET A 178 -4.65 30.48 122.18
CA MET A 178 -3.43 30.19 121.43
C MET A 178 -2.58 29.13 122.12
N GLU A 179 -2.70 29.01 123.44
CA GLU A 179 -1.87 28.03 124.15
C GLU A 179 -2.30 26.60 123.89
N GLN A 180 -3.23 26.37 122.95
CA GLN A 180 -3.78 25.04 122.70
C GLN A 180 -3.68 24.59 121.24
N GLY A 181 -2.78 25.19 120.46
CA GLY A 181 -2.62 24.77 119.07
C GLY A 181 -3.56 25.51 118.15
N LEU A 182 -4.69 24.88 117.83
CA LEU A 182 -5.91 25.58 117.45
C LEU A 182 -5.99 26.03 115.99
N THR A 183 -4.95 25.82 115.19
CA THR A 183 -5.14 26.17 113.78
C THR A 183 -5.59 24.95 112.99
N ASN A 184 -5.14 23.79 113.44
CA ASN A 184 -5.56 22.52 112.85
C ASN A 184 -7.08 22.43 112.85
N LYS A 185 -7.69 22.56 114.03
CA LYS A 185 -9.13 22.44 114.12
C LYS A 185 -9.83 23.51 113.30
N ILE A 186 -9.38 24.75 113.40
CA ILE A 186 -10.02 25.85 112.68
C ILE A 186 -10.07 25.55 111.19
N LEU A 187 -8.89 25.39 110.59
CA LEU A 187 -8.82 25.23 109.14
C LEU A 187 -9.53 23.95 108.69
N THR A 188 -9.32 22.85 109.43
CA THR A 188 -10.00 21.60 109.11
C THR A 188 -11.51 21.81 109.05
N LEU A 189 -12.08 22.30 110.16
CA LEU A 189 -13.49 22.58 110.24
C LEU A 189 -13.95 23.33 109.00
N ILE A 190 -13.38 24.51 108.77
CA ILE A 190 -13.89 25.36 107.70
C ILE A 190 -13.91 24.56 106.41
N SER A 191 -12.73 24.15 105.95
CA SER A 191 -12.63 23.57 104.63
C SER A 191 -13.52 22.34 104.50
N GLN A 192 -13.25 21.32 105.32
CA GLN A 192 -13.92 20.04 105.11
C GLN A 192 -15.42 20.17 105.32
N ILE A 193 -15.85 20.71 106.47
CA ILE A 193 -17.27 20.78 106.76
C ILE A 193 -17.96 21.50 105.62
N ASP A 194 -17.56 22.74 105.36
CA ASP A 194 -18.27 23.53 104.36
C ASP A 194 -18.34 22.82 103.01
N VAL A 195 -17.18 22.52 102.41
CA VAL A 195 -17.19 22.02 101.04
C VAL A 195 -17.87 20.67 100.96
N ASN A 196 -17.42 19.71 101.78
CA ASN A 196 -17.98 18.37 101.72
C ASN A 196 -19.49 18.39 101.92
N ASN A 197 -19.95 18.97 103.03
CA ASN A 197 -21.37 18.95 103.34
C ASN A 197 -22.19 19.60 102.23
N GLU A 198 -21.86 20.84 101.85
CA GLU A 198 -22.62 21.51 100.80
C GLU A 198 -22.66 20.65 99.54
N PHE A 199 -21.49 20.37 98.97
CA PHE A 199 -21.42 19.70 97.67
C PHE A 199 -22.15 18.37 97.65
N ASP A 200 -22.01 17.57 98.70
CA ASP A 200 -22.50 16.20 98.65
C ASP A 200 -23.90 16.01 99.20
N LYS A 201 -24.38 16.87 100.10
CA LYS A 201 -25.69 16.70 100.69
C LYS A 201 -26.71 17.71 100.18
N LEU A 202 -26.30 18.97 99.96
CA LEU A 202 -27.30 19.96 99.59
C LEU A 202 -27.32 20.22 98.10
N LYS A 203 -26.26 19.84 97.38
CA LYS A 203 -26.29 19.89 95.93
C LYS A 203 -26.88 18.64 95.31
N LYS A 204 -27.02 17.57 96.08
CA LYS A 204 -27.59 16.30 95.63
C LYS A 204 -29.03 16.13 96.08
N GLU A 205 -29.28 16.19 97.39
CA GLU A 205 -30.64 16.05 97.88
C GLU A 205 -31.48 17.28 97.58
N ARG A 206 -30.83 18.45 97.53
CA ARG A 206 -31.55 19.71 97.29
C ARG A 206 -32.73 19.82 98.23
N GLY A 207 -32.49 19.63 99.53
CA GLY A 207 -33.55 19.79 100.51
C GLY A 207 -34.05 21.21 100.39
N LEU A 208 -33.13 22.14 100.14
CA LEU A 208 -33.53 23.52 99.91
C LEU A 208 -34.33 23.47 98.63
N GLY A 209 -35.61 23.79 98.69
CA GLY A 209 -36.45 23.66 97.51
C GLY A 209 -36.66 24.95 96.77
N ASN A 210 -37.18 25.96 97.45
CA ASN A 210 -37.46 27.23 96.82
C ASN A 210 -36.18 27.80 96.23
N LYS A 211 -36.28 28.43 95.07
CA LYS A 211 -35.09 29.02 94.43
C LYS A 211 -34.46 30.03 95.38
N LYS A 212 -35.29 30.76 96.13
CA LYS A 212 -34.75 31.68 97.13
C LYS A 212 -34.11 30.92 98.30
N HIS A 213 -34.74 29.84 98.75
CA HIS A 213 -34.21 29.04 99.85
C HIS A 213 -32.86 28.43 99.47
N ARG A 214 -32.78 27.86 98.28
CA ARG A 214 -31.49 27.34 97.80
C ARG A 214 -30.41 28.39 97.91
N LYS A 215 -30.65 29.57 97.33
CA LYS A 215 -29.65 30.63 97.42
C LYS A 215 -29.48 31.10 98.86
N GLU A 216 -30.53 31.04 99.67
CA GLU A 216 -30.39 31.51 101.04
C GLU A 216 -29.39 30.68 101.82
N VAL A 217 -29.55 29.35 101.77
CA VAL A 217 -28.62 28.50 102.50
C VAL A 217 -27.27 28.43 101.79
N SER A 218 -27.26 28.55 100.46
CA SER A 218 -25.97 28.62 99.78
C SER A 218 -25.19 29.84 100.21
N ASP A 219 -25.86 30.98 100.39
CA ASP A 219 -25.20 32.18 100.86
C ASP A 219 -24.83 32.06 102.33
N LEU A 220 -25.66 31.39 103.13
CA LEU A 220 -25.29 31.14 104.52
C LEU A 220 -24.01 30.31 104.61
N ILE A 221 -23.90 29.27 103.78
CA ILE A 221 -22.73 28.41 103.81
C ILE A 221 -21.50 29.13 103.30
N LYS A 222 -21.64 29.83 102.17
CA LYS A 222 -20.52 30.62 101.66
C LYS A 222 -20.11 31.69 102.65
N GLU A 223 -21.07 32.24 103.39
CA GLU A 223 -20.74 33.22 104.41
C GLU A 223 -20.00 32.58 105.57
N CYS A 224 -20.36 31.35 105.91
CA CYS A 224 -19.61 30.64 106.95
C CYS A 224 -18.16 30.42 106.53
N GLN A 225 -17.96 29.91 105.31
CA GLN A 225 -16.60 29.74 104.81
C GLN A 225 -15.86 31.07 104.80
N GLN A 226 -16.48 32.10 104.25
CA GLN A 226 -15.80 33.39 104.10
C GLN A 226 -15.51 34.01 105.45
N SER A 227 -16.40 33.83 106.43
CA SER A 227 -16.19 34.43 107.73
C SER A 227 -15.11 33.71 108.50
N LEU A 228 -15.06 32.39 108.38
CA LEU A 228 -13.98 31.67 109.01
C LEU A 228 -12.64 31.99 108.34
N ALA A 229 -12.65 32.19 107.02
CA ALA A 229 -11.42 32.55 106.34
C ALA A 229 -10.97 33.95 106.71
N HIS A 230 -11.91 34.88 106.88
CA HIS A 230 -11.54 36.22 107.33
C HIS A 230 -11.07 36.18 108.77
N SER A 231 -11.57 35.23 109.55
CA SER A 231 -11.03 35.04 110.89
C SER A 231 -9.57 34.64 110.84
N LEU A 232 -9.24 33.67 109.98
CA LEU A 232 -7.85 33.26 109.85
C LEU A 232 -6.99 34.40 109.30
N TYR A 233 -7.52 35.16 108.35
CA TYR A 233 -6.75 36.25 107.74
C TYR A 233 -6.54 37.39 108.73
N SER A 234 -7.52 37.65 109.59
CA SER A 234 -7.35 38.68 110.61
C SER A 234 -6.38 38.22 111.70
N TRP A 235 -6.42 36.94 112.06
CA TRP A 235 -5.44 36.45 113.01
C TRP A 235 -4.03 36.48 112.42
N SER A 236 -3.92 36.27 111.11
CA SER A 236 -2.63 36.38 110.46
C SER A 236 -2.16 37.82 110.39
N CYS A 237 -3.07 38.73 110.06
CA CYS A 237 -2.78 40.16 110.09
C CYS A 237 -2.37 40.65 111.47
N GLN A 238 -2.86 39.99 112.53
CA GLN A 238 -2.54 40.36 113.90
C GLN A 238 -1.40 39.53 114.45
N THR A 239 -1.60 38.23 114.51
CA THR A 239 -0.63 37.35 115.15
C THR A 239 0.22 36.66 114.10
N PRO A 240 1.54 36.71 114.21
CA PRO A 240 2.37 35.84 113.39
C PRO A 240 2.17 34.39 113.80
N LEU A 241 2.19 33.50 112.80
CA LEU A 241 1.89 32.11 113.02
C LEU A 241 3.10 31.37 113.55
N ASN A 242 2.86 30.47 114.52
CA ASN A 242 3.92 29.66 115.09
C ASN A 242 4.34 28.57 114.10
N ARG A 243 5.27 27.73 114.53
CA ARG A 243 5.87 26.76 113.62
C ARG A 243 4.82 25.78 113.12
N GLU A 244 4.12 25.12 114.03
CA GLU A 244 3.16 24.09 113.63
C GLU A 244 2.02 24.68 112.82
N ASP A 245 1.52 25.85 113.23
CA ASP A 245 0.41 26.47 112.49
C ASP A 245 0.84 26.87 111.09
N THR A 246 2.07 27.34 110.93
CA THR A 246 2.57 27.67 109.60
C THR A 246 2.75 26.42 108.76
N LEU A 247 3.25 25.34 109.36
CA LEU A 247 3.38 24.10 108.60
C LEU A 247 2.01 23.58 108.18
N LEU A 248 0.99 23.78 109.02
CA LEU A 248 -0.36 23.37 108.64
C LEU A 248 -0.89 24.24 107.50
N LEU A 249 -0.70 25.55 107.59
CA LEU A 249 -1.14 26.44 106.52
C LEU A 249 -0.43 26.12 105.22
N ILE A 250 0.81 25.64 105.30
CA ILE A 250 1.50 25.19 104.10
C ILE A 250 0.90 23.88 103.60
N GLY A 251 0.64 22.94 104.50
CA GLY A 251 0.12 21.66 104.09
C GLY A 251 -1.25 21.78 103.43
N TYR A 252 -2.01 22.81 103.82
CA TYR A 252 -3.31 23.01 103.18
C TYR A 252 -3.16 23.62 101.79
N LEU A 253 -2.21 24.53 101.62
CA LEU A 253 -2.03 25.16 100.33
C LEU A 253 -1.33 24.26 99.33
N GLU A 254 -0.66 23.21 99.80
CA GLU A 254 -0.06 22.25 98.88
C GLU A 254 -1.11 21.48 98.09
N LYS A 255 -2.37 21.51 98.53
CA LYS A 255 -3.44 20.83 97.85
C LYS A 255 -4.46 21.79 97.24
N VAL A 256 -4.32 23.08 97.49
CA VAL A 256 -5.28 24.05 96.99
C VAL A 256 -5.33 24.02 95.48
N THR A 257 -6.52 23.85 94.93
CA THR A 257 -6.75 23.90 93.50
C THR A 257 -7.47 25.19 93.17
N VAL A 258 -6.76 26.13 92.55
CA VAL A 258 -7.43 27.28 91.97
C VAL A 258 -8.51 26.77 91.06
N GLU A 259 -9.72 27.27 91.24
CA GLU A 259 -10.86 26.84 90.43
C GLU A 259 -10.47 26.78 88.97
N GLY A 260 -10.78 25.66 88.33
CA GLY A 260 -10.46 25.47 86.93
C GLY A 260 -10.82 26.67 86.07
N ASP A 261 -11.81 27.45 86.50
CA ASP A 261 -12.09 28.72 85.85
C ASP A 261 -10.97 29.73 86.05
N GLY A 262 -9.91 29.35 86.75
CA GLY A 262 -8.74 30.19 86.85
C GLY A 262 -8.98 31.45 87.65
N SER A 263 -9.54 31.29 88.85
CA SER A 263 -9.82 32.43 89.72
C SER A 263 -10.07 31.91 91.12
N LEU A 264 -9.26 32.36 92.08
CA LEU A 264 -9.47 31.95 93.45
C LEU A 264 -10.73 32.63 93.98
N ASP A 265 -11.75 31.83 94.28
CA ASP A 265 -12.95 32.37 94.90
C ASP A 265 -12.61 33.04 96.22
N LYS A 266 -13.49 33.94 96.64
CA LYS A 266 -13.24 34.82 97.78
C LYS A 266 -12.56 34.10 98.93
N VAL A 267 -12.97 32.85 99.18
CA VAL A 267 -12.35 32.08 100.25
C VAL A 267 -10.89 31.81 99.95
N ASN A 268 -10.61 31.23 98.78
CA ASN A 268 -9.23 30.85 98.46
C ASN A 268 -8.33 32.07 98.37
N LEU A 269 -8.85 33.16 97.81
CA LEU A 269 -8.05 34.39 97.72
C LEU A 269 -7.76 34.96 99.09
N THR A 270 -8.76 34.97 99.98
CA THR A 270 -8.52 35.48 101.31
C THR A 270 -7.50 34.63 102.04
N LEU A 271 -7.57 33.30 101.87
CA LEU A 271 -6.56 32.43 102.47
C LEU A 271 -5.18 32.74 101.94
N LEU A 272 -5.07 32.98 100.63
CA LEU A 272 -3.77 33.24 100.03
C LEU A 272 -3.18 34.54 100.54
N MET A 273 -3.99 35.58 100.64
CA MET A 273 -3.47 36.84 101.17
C MET A 273 -3.18 36.73 102.66
N SER A 274 -3.90 35.86 103.36
CA SER A 274 -3.58 35.59 104.75
C SER A 274 -2.19 34.99 104.86
N LEU A 275 -1.89 34.03 104.00
CA LEU A 275 -0.53 33.48 103.97
C LEU A 275 0.50 34.56 103.63
N LEU A 276 0.17 35.43 102.67
CA LEU A 276 1.06 36.53 102.33
C LEU A 276 1.37 37.37 103.56
N TYR A 277 0.35 37.72 104.33
CA TYR A 277 0.54 38.53 105.53
C TYR A 277 1.23 37.74 106.63
N CYS A 278 1.15 36.40 106.58
CA CYS A 278 1.94 35.57 107.49
C CYS A 278 3.43 35.69 107.18
N LEU A 279 3.77 35.53 105.91
CA LEU A 279 5.16 35.67 105.50
C LEU A 279 5.60 37.12 105.49
N ASP A 280 4.65 38.06 105.37
CA ASP A 280 4.96 39.46 105.13
C ASP A 280 5.96 39.99 106.13
N VAL A 281 7.14 40.35 105.64
CA VAL A 281 8.18 40.96 106.45
C VAL A 281 8.36 42.44 106.12
N GLY A 282 7.34 43.07 105.55
CA GLY A 282 7.39 44.49 105.30
C GLY A 282 7.46 45.32 106.57
N PHE A 283 7.11 44.74 107.71
CA PHE A 283 7.27 45.43 108.99
C PHE A 283 8.71 45.44 109.47
N LEU A 284 9.64 44.95 108.65
CA LEU A 284 11.06 45.11 108.92
C LEU A 284 11.67 46.30 108.19
N GLU A 285 11.05 46.73 107.09
CA GLU A 285 11.51 47.90 106.35
C GLU A 285 11.00 49.20 106.93
N GLN A 286 10.01 49.15 107.83
CA GLN A 286 9.42 50.34 108.44
C GLN A 286 10.29 50.73 109.63
N GLY A 287 10.96 51.87 109.51
CA GLY A 287 12.00 52.24 110.44
C GLY A 287 11.53 52.68 111.81
N THR A 288 10.34 52.25 112.21
CA THR A 288 9.81 52.58 113.53
C THR A 288 10.77 52.09 114.60
N ASP A 289 10.88 52.85 115.69
CA ASP A 289 11.80 52.53 116.78
C ASP A 289 11.39 51.24 117.48
N ASP A 290 10.23 50.69 117.13
CA ASP A 290 9.73 49.44 117.69
C ASP A 290 10.24 48.23 116.93
N ARG A 291 11.34 48.37 116.19
CA ARG A 291 11.78 47.27 115.33
C ARG A 291 12.26 46.08 116.14
N GLU A 292 12.95 46.33 117.26
CA GLU A 292 13.42 45.22 118.08
C GLU A 292 12.27 44.48 118.75
N GLU A 293 11.27 45.22 119.25
CA GLU A 293 10.12 44.56 119.85
C GLU A 293 9.26 43.85 118.82
N LEU A 294 9.05 44.45 117.65
CA LEU A 294 8.30 43.78 116.59
C LEU A 294 9.04 42.56 116.05
N MET A 295 10.37 42.55 116.15
CA MET A 295 11.11 41.34 115.84
C MET A 295 10.92 40.28 116.93
N LYS A 296 10.95 40.70 118.20
CA LYS A 296 10.70 39.79 119.30
C LYS A 296 9.28 39.21 119.27
N GLN A 297 8.35 39.88 118.58
CA GLN A 297 6.97 39.44 118.54
C GLN A 297 6.64 38.56 117.34
N ALA A 298 7.46 38.58 116.29
CA ALA A 298 7.19 37.79 115.09
C ALA A 298 7.73 36.39 115.32
N SER A 299 6.90 35.39 115.05
CA SER A 299 7.27 33.99 115.25
C SER A 299 8.22 33.48 114.19
N MET A 300 8.32 34.20 113.06
CA MET A 300 9.17 33.77 111.96
C MET A 300 10.65 33.85 112.29
N PHE A 301 11.10 34.91 112.96
CA PHE A 301 12.49 35.09 113.33
C PHE A 301 12.82 34.25 114.55
N MET A 302 14.09 34.27 114.94
CA MET A 302 14.59 33.67 116.18
C MET A 302 14.57 32.14 116.18
N ASP A 303 14.29 31.52 115.03
CA ASP A 303 14.18 30.07 114.93
C ASP A 303 14.78 29.62 113.60
N ARG A 304 15.96 29.00 113.66
CA ARG A 304 16.67 28.53 112.48
C ARG A 304 15.91 27.41 111.79
N GLN A 305 15.23 26.58 112.59
CA GLN A 305 14.47 25.47 112.03
C GLN A 305 13.31 25.95 111.18
N TYR A 306 12.72 27.11 111.50
CA TYR A 306 11.63 27.64 110.69
C TYR A 306 12.11 27.96 109.28
N ILE A 307 13.18 28.74 109.16
CA ILE A 307 13.72 29.08 107.86
C ILE A 307 14.14 27.81 107.12
N ALA A 308 14.83 26.91 107.80
CA ALA A 308 15.31 25.70 107.12
C ALA A 308 14.14 24.87 106.59
N ALA A 309 13.08 24.70 107.39
CA ALA A 309 11.96 23.87 106.98
C ALA A 309 11.17 24.51 105.85
N ILE A 310 10.95 25.83 105.93
CA ILE A 310 10.25 26.49 104.83
C ILE A 310 11.05 26.40 103.55
N HIS A 311 12.36 26.60 103.64
CA HIS A 311 13.20 26.53 102.45
C HIS A 311 13.19 25.14 101.87
N ASN A 312 13.22 24.10 102.72
CA ASN A 312 13.19 22.74 102.21
C ASN A 312 11.84 22.40 101.61
N ARG A 313 10.76 22.96 102.15
CA ARG A 313 9.43 22.68 101.63
C ARG A 313 9.22 23.34 100.28
N LEU A 314 9.73 24.56 100.11
CA LEU A 314 9.56 25.28 98.86
C LEU A 314 10.57 24.85 97.80
N GLN A 315 11.75 24.38 98.21
CA GLN A 315 12.79 23.96 97.29
C GLN A 315 12.55 22.55 96.78
N ASN A 316 11.78 21.75 97.50
CA ASN A 316 11.45 20.39 97.05
C ASN A 316 10.66 20.45 95.76
N THR A 317 11.03 19.59 94.81
CA THR A 317 10.39 19.58 93.51
C THR A 317 9.05 18.84 93.55
N GLN A 318 8.51 18.62 94.75
CA GLN A 318 7.10 18.28 94.86
C GLN A 318 6.32 19.58 94.89
N PRO A 319 5.77 20.01 93.78
CA PRO A 319 5.07 21.29 93.73
C PRO A 319 3.72 21.15 94.42
N TRP A 320 3.07 22.28 94.60
CA TRP A 320 1.74 22.28 95.17
C TRP A 320 0.76 21.84 94.08
N LYS A 321 -0.54 21.83 94.38
CA LYS A 321 -1.53 21.46 93.38
C LYS A 321 -1.65 22.56 92.33
N SER A 322 -0.75 23.52 92.46
CA SER A 322 -0.51 24.58 91.49
C SER A 322 0.98 24.86 91.53
N PRO A 323 1.74 24.41 90.53
CA PRO A 323 3.20 24.59 90.61
C PRO A 323 3.63 26.02 90.84
N GLY A 324 2.82 26.99 90.39
CA GLY A 324 3.15 28.38 90.64
C GLY A 324 3.03 28.77 92.10
N MET A 325 2.36 27.94 92.89
CA MET A 325 2.23 28.24 94.32
C MET A 325 3.51 27.88 95.07
N GLN A 326 4.30 26.96 94.54
CA GLN A 326 5.63 26.73 95.09
C GLN A 326 6.56 27.85 94.67
N ALA A 327 6.48 28.27 93.41
CA ALA A 327 7.38 29.29 92.89
C ALA A 327 7.16 30.63 93.56
N THR A 328 5.90 31.02 93.75
CA THR A 328 5.60 32.34 94.32
C THR A 328 6.10 32.44 95.75
N VAL A 329 5.83 31.42 96.57
CA VAL A 329 6.25 31.48 97.97
C VAL A 329 7.75 31.33 98.07
N ARG A 330 8.35 30.51 97.20
CA ARG A 330 9.80 30.45 97.12
C ARG A 330 10.38 31.83 96.88
N LEU A 331 9.80 32.56 95.92
CA LEU A 331 10.30 33.89 95.57
C LEU A 331 10.15 34.86 96.73
N ALA A 332 9.01 34.82 97.43
CA ALA A 332 8.82 35.71 98.57
C ALA A 332 9.80 35.41 99.69
N TRP A 333 9.98 34.14 100.03
CA TRP A 333 10.97 33.78 101.04
C TRP A 333 12.36 34.21 100.60
N ALA A 334 12.63 34.17 99.30
CA ALA A 334 13.93 34.61 98.81
C ALA A 334 14.12 36.11 98.99
N LEU A 335 13.09 36.90 98.68
CA LEU A 335 13.18 38.35 98.93
C LEU A 335 13.40 38.63 100.41
N ALA A 336 12.79 37.82 101.28
CA ALA A 336 13.03 37.97 102.72
C ALA A 336 14.46 37.59 103.08
N LEU A 337 15.01 36.59 102.39
CA LEU A 337 16.37 36.15 102.68
C LEU A 337 17.40 37.16 102.19
N ARG A 338 17.08 37.92 101.15
CA ARG A 338 17.99 38.92 100.65
C ARG A 338 18.10 40.10 101.62
N GLY A 339 17.02 40.37 102.35
CA GLY A 339 16.99 41.55 103.21
C GLY A 339 17.68 41.33 104.54
N ILE A 340 17.67 40.09 105.04
CA ILE A 340 18.20 39.80 106.37
C ILE A 340 19.72 39.99 106.40
N SER A 341 20.30 40.29 105.24
CA SER A 341 21.74 40.56 105.19
C SER A 341 22.05 41.82 105.96
N GLN A 342 21.28 42.88 105.71
CA GLN A 342 21.50 44.15 106.40
C GLN A 342 21.26 44.04 107.89
N PHE A 343 20.19 43.35 108.29
CA PHE A 343 19.91 43.15 109.71
C PHE A 343 20.92 42.18 110.28
N SER A 344 21.72 42.63 111.25
CA SER A 344 22.78 41.78 111.80
C SER A 344 23.69 41.26 110.69
N GLU A 345 23.95 39.95 110.67
CA GLU A 345 24.86 39.38 109.66
C GLU A 345 24.36 38.07 109.07
N VAL A 346 23.04 37.93 108.94
CA VAL A 346 22.47 36.70 108.38
C VAL A 346 22.42 36.77 106.86
N LEU A 347 23.53 36.45 106.20
CA LEU A 347 23.58 36.55 104.74
C LEU A 347 24.03 35.25 104.07
N GLU A 348 23.78 34.12 104.72
CA GLU A 348 24.13 32.84 104.13
C GLU A 348 23.14 32.41 103.05
N PHE A 349 21.85 32.66 103.28
CA PHE A 349 20.80 32.32 102.33
C PHE A 349 20.69 33.31 101.18
N SER A 350 21.61 34.26 101.06
CA SER A 350 21.55 35.19 99.94
C SER A 350 21.92 34.51 98.63
N GLU A 351 22.68 33.42 98.70
CA GLU A 351 23.08 32.71 97.50
C GLU A 351 21.91 31.96 96.89
N ALA A 352 21.06 31.37 97.74
CA ALA A 352 19.90 30.61 97.29
C ALA A 352 18.76 31.49 96.82
N ASP A 353 19.00 32.77 96.58
CA ASP A 353 17.93 33.65 96.11
C ASP A 353 17.94 33.79 94.59
N GLU A 354 19.05 33.50 93.94
CA GLU A 354 19.09 33.56 92.49
C GLU A 354 18.47 32.31 91.87
N PRO A 355 18.83 31.09 92.29
CA PRO A 355 18.15 29.92 91.72
C PRO A 355 16.69 29.84 92.11
N MET A 356 16.35 30.29 93.31
CA MET A 356 14.94 30.30 93.69
C MET A 356 14.14 31.22 92.79
N ALA A 357 14.60 32.46 92.61
CA ALA A 357 13.90 33.38 91.72
C ALA A 357 13.93 32.90 90.29
N GLU A 358 14.97 32.17 89.90
CA GLU A 358 15.04 31.63 88.55
C GLU A 358 14.01 30.52 88.35
N ILE A 359 13.78 29.71 89.36
CA ILE A 359 12.70 28.73 89.32
C ILE A 359 11.36 29.45 89.28
N ALA A 360 11.22 30.51 90.08
CA ALA A 360 9.96 31.25 90.11
C ALA A 360 9.63 31.86 88.75
N ILE A 361 10.64 32.41 88.07
CA ILE A 361 10.44 32.91 86.72
C ILE A 361 10.17 31.77 85.77
N GLY A 362 10.88 30.64 85.93
CA GLY A 362 10.64 29.47 85.11
C GLY A 362 9.25 28.91 85.25
N GLY A 363 8.62 29.11 86.41
CA GLY A 363 7.22 28.82 86.55
C GLY A 363 6.33 29.90 86.00
N ASN A 364 6.90 30.99 85.51
CA ASN A 364 6.15 32.15 85.02
C ASN A 364 5.19 32.64 86.09
N VAL A 365 5.74 32.89 87.27
CA VAL A 365 4.93 33.43 88.36
C VAL A 365 4.27 34.72 87.91
N PHE A 366 4.94 35.49 87.06
CA PHE A 366 4.34 36.70 86.51
C PHE A 366 3.07 36.40 85.76
N LEU A 367 2.83 35.14 85.43
CA LEU A 367 1.59 34.74 84.78
C LEU A 367 0.56 34.21 85.79
N PHE A 368 1.00 33.43 86.76
CA PHE A 368 0.07 32.96 87.78
C PHE A 368 -0.55 34.12 88.53
N LEU A 369 0.27 35.06 89.00
CA LEU A 369 -0.28 36.21 89.69
C LEU A 369 -1.29 36.92 88.81
N THR A 370 -0.87 37.32 87.61
CA THR A 370 -1.71 38.10 86.70
C THR A 370 -3.05 37.44 86.44
N GLU A 371 -3.06 36.14 86.18
CA GLU A 371 -4.31 35.52 85.75
C GLU A 371 -5.14 34.97 86.91
N ALA A 372 -4.52 34.38 87.92
CA ALA A 372 -5.26 33.71 88.97
C ALA A 372 -5.48 34.58 90.20
N VAL A 373 -4.55 35.45 90.56
CA VAL A 373 -4.79 36.24 91.76
C VAL A 373 -5.64 37.44 91.41
N VAL A 374 -5.15 38.30 90.52
CA VAL A 374 -5.92 39.47 90.14
C VAL A 374 -7.15 39.08 89.33
N GLY A 375 -7.16 37.90 88.73
CA GLY A 375 -8.33 37.48 87.97
C GLY A 375 -9.57 37.39 88.84
N SER A 376 -9.39 37.21 90.14
CA SER A 376 -10.53 37.19 91.04
C SER A 376 -11.09 38.59 91.21
N GLU A 377 -12.37 38.75 90.90
CA GLU A 377 -13.02 40.04 91.08
C GLU A 377 -13.16 40.43 92.54
N SER A 378 -12.94 39.49 93.47
CA SER A 378 -12.96 39.84 94.88
C SER A 378 -11.63 40.42 95.36
N PHE A 379 -10.59 40.37 94.52
CA PHE A 379 -9.34 41.04 94.85
C PHE A 379 -9.52 42.54 94.85
N CYS A 380 -10.51 43.05 94.12
CA CYS A 380 -10.77 44.48 94.09
C CYS A 380 -11.27 44.99 95.44
N THR A 381 -11.56 44.08 96.38
CA THR A 381 -12.16 44.50 97.64
C THR A 381 -11.12 44.94 98.66
N ASP A 382 -10.28 44.02 99.11
CA ASP A 382 -9.49 44.26 100.31
C ASP A 382 -8.32 45.17 99.99
N GLU A 383 -8.15 46.22 100.79
CA GLU A 383 -7.07 47.17 100.55
C GLU A 383 -5.73 46.55 100.88
N PHE A 384 -5.68 45.70 101.92
CA PHE A 384 -4.42 45.11 102.34
C PHE A 384 -3.91 44.06 101.37
N PHE A 385 -4.79 43.42 100.59
CA PHE A 385 -4.31 42.56 99.51
C PHE A 385 -3.46 43.37 98.54
N ILE A 386 -4.00 44.50 98.08
CA ILE A 386 -3.28 45.33 97.14
C ILE A 386 -2.02 45.90 97.77
N ARG A 387 -2.07 46.27 99.04
CA ARG A 387 -0.88 46.82 99.67
C ARG A 387 0.22 45.77 99.80
N ARG A 388 -0.13 44.54 100.19
CA ARG A 388 0.89 43.50 100.31
C ARG A 388 1.45 43.13 98.95
N ILE A 389 0.61 43.08 97.93
CA ILE A 389 1.10 42.76 96.59
C ILE A 389 2.04 43.84 96.09
N HIS A 390 1.66 45.11 96.26
CA HIS A 390 2.53 46.19 95.86
C HIS A 390 3.83 46.17 96.66
N LYS A 391 3.76 45.75 97.93
CA LYS A 391 4.97 45.64 98.71
C LYS A 391 5.91 44.59 98.14
N LEU A 392 5.38 43.45 97.74
CA LEU A 392 6.24 42.45 97.11
C LEU A 392 6.81 42.97 95.79
N VAL A 393 5.96 43.59 94.97
CA VAL A 393 6.36 44.05 93.64
C VAL A 393 7.43 45.14 93.73
N THR A 394 7.42 45.95 94.77
CA THR A 394 8.44 46.98 94.90
C THR A 394 9.61 46.53 95.77
N ASP A 395 9.46 45.45 96.52
CA ASP A 395 10.61 44.86 97.20
C ASP A 395 11.48 44.09 96.22
N PHE A 396 10.89 43.63 95.11
CA PHE A 396 11.70 42.91 94.13
C PHE A 396 12.79 43.76 93.50
N PRO A 397 12.53 44.94 92.94
CA PRO A 397 13.63 45.73 92.39
C PRO A 397 14.32 46.63 93.39
N THR A 398 13.99 46.51 94.68
CA THR A 398 14.68 47.29 95.70
C THR A 398 15.71 46.46 96.45
N LEU A 399 15.38 45.20 96.75
CA LEU A 399 16.27 44.35 97.51
C LEU A 399 17.20 43.53 96.64
N MET A 400 16.78 43.17 95.44
CA MET A 400 17.67 42.44 94.54
C MET A 400 17.54 43.00 93.13
N PRO A 401 17.99 44.22 92.88
CA PRO A 401 17.89 44.77 91.53
C PRO A 401 19.01 44.31 90.62
N MET A 402 20.13 43.87 91.17
CA MET A 402 21.22 43.39 90.32
C MET A 402 20.76 42.24 89.45
N LYS A 403 20.13 41.23 90.08
CA LYS A 403 19.60 40.11 89.32
C LYS A 403 18.55 40.56 88.32
N VAL A 404 17.70 41.51 88.70
CA VAL A 404 16.67 41.98 87.79
C VAL A 404 17.29 42.59 86.55
N LYS A 405 18.33 43.41 86.73
CA LYS A 405 18.96 44.02 85.58
C LYS A 405 19.67 42.99 84.73
N GLN A 406 20.35 42.03 85.36
CA GLN A 406 20.97 40.94 84.61
C GLN A 406 19.95 40.26 83.72
N LEU A 407 18.78 39.96 84.28
CA LEU A 407 17.78 39.21 83.53
C LEU A 407 17.14 40.07 82.45
N ARG A 408 16.94 41.36 82.71
CA ARG A 408 16.40 42.25 81.70
C ARG A 408 17.32 42.32 80.49
N ASN A 409 18.61 42.55 80.74
CA ASN A 409 19.56 42.61 79.65
C ASN A 409 19.63 41.29 78.91
N ARG A 410 19.65 40.17 79.64
CA ARG A 410 19.73 38.86 79.01
C ARG A 410 18.54 38.63 78.09
N ALA A 411 17.33 38.92 78.57
CA ALA A 411 16.15 38.68 77.76
C ALA A 411 16.12 39.59 76.53
N GLU A 412 16.44 40.87 76.70
CA GLU A 412 16.47 41.77 75.56
C GLU A 412 17.43 41.25 74.49
N GLU A 413 18.64 40.84 74.92
CA GLU A 413 19.65 40.41 73.96
C GLU A 413 19.25 39.12 73.27
N ASP A 414 18.74 38.15 74.03
CA ASP A 414 18.31 36.89 73.42
C ASP A 414 17.23 37.14 72.38
N ALA A 415 16.22 37.94 72.73
CA ALA A 415 15.15 38.25 71.80
C ALA A 415 15.70 38.87 70.54
N ARG A 416 16.55 39.89 70.69
CA ARG A 416 17.10 40.58 69.53
C ARG A 416 17.84 39.61 68.61
N LEU A 417 18.77 38.84 69.18
CA LEU A 417 19.58 37.94 68.37
C LEU A 417 18.70 36.95 67.62
N ILE A 418 17.84 36.24 68.34
CA ILE A 418 17.10 35.15 67.73
C ILE A 418 16.08 35.67 66.73
N GLN A 419 15.49 36.84 67.00
CA GLN A 419 14.53 37.41 66.06
C GLN A 419 15.24 37.88 64.79
N MET A 420 16.37 38.57 64.94
CA MET A 420 17.06 39.10 63.77
C MET A 420 17.59 37.98 62.89
N SER A 421 18.09 36.90 63.50
CA SER A 421 18.57 35.77 62.71
C SER A 421 17.43 35.07 61.99
N MET A 422 16.25 35.03 62.62
CA MET A 422 15.12 34.37 62.00
C MET A 422 14.53 35.22 60.88
N GLN A 423 14.65 36.55 60.98
CA GLN A 423 14.10 37.41 59.95
C GLN A 423 14.74 37.16 58.59
N MET A 424 15.92 36.52 58.57
CA MET A 424 16.56 36.20 57.30
C MET A 424 15.71 35.26 56.47
N GLY A 425 15.49 34.04 56.95
CA GLY A 425 14.56 33.16 56.28
C GLY A 425 13.79 32.22 57.18
N ASN A 426 14.05 32.29 58.48
CA ASN A 426 13.59 31.25 59.40
C ASN A 426 12.39 31.73 60.21
N GLU A 427 11.90 30.85 61.07
CA GLU A 427 10.80 31.11 61.99
C GLU A 427 11.31 31.13 63.42
N PRO A 428 10.68 31.88 64.31
CA PRO A 428 11.17 31.98 65.69
C PRO A 428 11.08 30.63 66.39
N PRO A 429 12.13 30.23 67.10
CA PRO A 429 12.11 28.93 67.79
C PRO A 429 11.00 28.86 68.82
N ALA A 430 10.62 27.63 69.17
CA ALA A 430 9.56 27.44 70.16
C ALA A 430 10.03 27.65 71.59
N SER A 431 11.33 27.76 71.82
CA SER A 431 11.89 27.81 73.17
C SER A 431 11.99 29.23 73.72
N LEU A 432 11.15 30.14 73.25
CA LEU A 432 11.24 31.52 73.72
C LEU A 432 10.36 31.75 74.93
N ARG A 433 10.87 32.54 75.88
CA ARG A 433 10.16 32.88 77.10
C ARG A 433 10.26 34.39 77.31
N ARG A 434 9.20 35.12 76.96
CA ARG A 434 9.20 36.58 77.08
C ARG A 434 8.68 36.98 78.46
N ASP A 435 9.46 36.62 79.48
CA ASP A 435 9.09 36.92 80.85
C ASP A 435 8.97 38.41 81.09
N LEU A 436 9.71 39.21 80.32
CA LEU A 436 9.60 40.66 80.46
C LEU A 436 8.24 41.14 80.00
N GLU A 437 7.73 40.57 78.91
CA GLU A 437 6.40 40.95 78.45
C GLU A 437 5.34 40.59 79.48
N HIS A 438 5.44 39.39 80.05
CA HIS A 438 4.53 39.00 81.11
C HIS A 438 4.65 39.94 82.31
N LEU A 439 5.86 40.38 82.63
CA LEU A 439 6.05 41.25 83.78
C LEU A 439 5.43 42.62 83.53
N LEU A 440 5.62 43.17 82.34
CA LEU A 440 5.01 44.47 82.05
C LEU A 440 3.50 44.37 82.02
N LEU A 441 2.97 43.27 81.47
CA LEU A 441 1.53 43.06 81.55
C LEU A 441 1.08 42.96 83.00
N LEU A 442 1.88 42.33 83.85
CA LEU A 442 1.53 42.22 85.26
C LEU A 442 1.45 43.58 85.91
N ILE A 443 2.40 44.47 85.60
CA ILE A 443 2.34 45.81 86.16
C ILE A 443 1.09 46.53 85.70
N GLY A 444 0.82 46.49 84.40
CA GLY A 444 -0.38 47.13 83.88
C GLY A 444 -1.64 46.61 84.56
N GLU A 445 -1.72 45.31 84.77
CA GLU A 445 -2.91 44.72 85.36
C GLU A 445 -3.01 44.98 86.85
N LEU A 446 -1.88 45.05 87.56
CA LEU A 446 -1.93 45.31 88.97
C LEU A 446 -2.42 46.71 89.25
N TYR A 447 -1.88 47.69 88.54
CA TYR A 447 -2.26 49.07 88.81
C TYR A 447 -3.41 49.56 87.94
N ARG A 448 -4.03 48.69 87.15
CA ARG A 448 -5.10 49.14 86.26
C ARG A 448 -6.32 49.62 87.04
N LYS A 449 -6.71 48.91 88.09
CA LYS A 449 -7.99 49.13 88.76
C LYS A 449 -7.78 49.93 90.03
N ASP A 450 -8.72 50.84 90.32
CA ASP A 450 -8.57 51.78 91.43
C ASP A 450 -9.87 51.88 92.22
N PRO A 451 -10.12 51.03 93.21
CA PRO A 451 -11.32 51.18 94.04
C PRO A 451 -11.04 51.88 95.36
N PHE A 452 -9.78 52.04 95.73
CA PHE A 452 -9.42 52.56 97.04
C PHE A 452 -8.88 53.97 96.98
N HIS A 453 -8.83 54.58 95.79
CA HIS A 453 -8.34 55.94 95.62
C HIS A 453 -6.95 56.11 96.23
N LEU A 454 -6.14 55.06 96.15
CA LEU A 454 -4.80 55.12 96.73
C LEU A 454 -3.82 55.89 95.86
N GLU A 455 -4.06 55.96 94.55
CA GLU A 455 -3.08 56.49 93.61
C GLU A 455 -1.74 55.82 93.85
N LEU A 456 -1.78 54.51 94.13
CA LEU A 456 -0.61 53.70 94.47
C LEU A 456 0.47 53.79 93.41
N ALA A 457 0.11 54.29 92.22
CA ALA A 457 1.09 54.46 91.16
C ALA A 457 2.13 55.52 91.47
N LEU A 458 1.93 56.32 92.52
CA LEU A 458 2.87 57.37 92.85
C LEU A 458 4.28 56.84 93.04
N GLU A 459 4.42 55.57 93.41
CA GLU A 459 5.74 54.98 93.52
C GLU A 459 6.46 54.90 92.19
N TYR A 460 5.73 55.05 91.08
CA TYR A 460 6.35 55.04 89.77
C TYR A 460 6.83 56.40 89.34
N TRP A 461 6.43 57.46 90.02
CA TRP A 461 6.80 58.82 89.67
C TRP A 461 7.76 59.38 90.70
N CYS A 462 8.92 59.79 90.24
CA CYS A 462 9.83 60.60 91.04
C CYS A 462 9.39 62.04 90.89
N PRO A 463 9.08 62.75 91.97
CA PRO A 463 8.66 64.15 91.82
C PRO A 463 9.74 64.98 91.19
N VAL A 479 4.24 69.08 104.13
CA VAL A 479 5.23 69.10 105.20
C VAL A 479 6.03 67.81 105.17
N ALA A 480 5.47 66.79 104.53
CA ALA A 480 6.02 65.44 104.64
C ALA A 480 6.73 64.95 103.39
N HIS A 481 6.38 65.49 102.23
CA HIS A 481 6.91 65.03 100.95
C HIS A 481 8.42 64.85 101.00
N GLN A 482 8.91 63.74 100.47
CA GLN A 482 10.30 63.34 100.60
C GLN A 482 11.12 63.91 99.46
N ARG A 483 12.34 64.34 99.78
CA ARG A 483 13.38 64.48 98.75
C ARG A 483 13.49 63.11 98.11
N PRO A 484 13.45 63.04 96.77
CA PRO A 484 13.13 61.78 96.08
C PRO A 484 13.82 60.58 96.71
N PRO A 485 13.05 59.64 97.25
CA PRO A 485 13.65 58.47 97.90
C PRO A 485 14.34 57.58 96.89
N GLN A 486 15.48 57.00 97.30
CA GLN A 486 16.33 56.24 96.41
C GLN A 486 15.54 55.16 95.67
N ARG A 487 14.57 54.55 96.35
CA ARG A 487 13.71 53.57 95.69
C ARG A 487 12.92 54.23 94.57
N GLN A 488 12.35 55.40 94.84
CA GLN A 488 11.59 56.10 93.81
C GLN A 488 12.46 56.43 92.61
N VAL A 489 13.69 56.86 92.86
CA VAL A 489 14.57 57.21 91.76
C VAL A 489 14.94 55.97 90.95
N LEU A 490 15.25 54.87 91.63
CA LEU A 490 15.57 53.64 90.91
C LEU A 490 14.40 53.20 90.05
N LEU A 491 13.18 53.34 90.57
CA LEU A 491 12.01 52.92 89.80
C LEU A 491 11.78 53.84 88.60
N SER A 492 11.95 55.14 88.77
CA SER A 492 11.79 56.04 87.64
C SER A 492 12.84 55.76 86.58
N LYS A 493 14.07 55.45 87.00
CA LYS A 493 15.09 55.08 86.03
C LYS A 493 14.74 53.79 85.32
N PHE A 494 14.18 52.83 86.05
CA PHE A 494 13.75 51.59 85.41
C PHE A 494 12.66 51.85 84.39
N VAL A 495 11.79 52.82 84.66
CA VAL A 495 10.78 53.19 83.67
C VAL A 495 11.44 53.84 82.45
N ARG A 496 12.46 54.67 82.68
CA ARG A 496 13.10 55.36 81.57
C ARG A 496 14.08 54.45 80.84
N GLN A 497 14.84 53.64 81.58
CA GLN A 497 15.82 52.77 80.95
C GLN A 497 15.18 51.78 80.00
N MET A 498 13.94 51.39 80.26
CA MET A 498 13.27 50.45 79.38
C MET A 498 12.87 51.07 78.06
N SER A 499 12.84 52.40 77.97
CA SER A 499 12.39 53.06 76.75
C SER A 499 13.52 53.29 75.76
N ASP A 500 14.77 53.21 76.20
CA ASP A 500 15.91 53.45 75.32
C ASP A 500 16.19 52.20 74.50
N LEU A 501 16.14 52.34 73.17
CA LEU A 501 16.39 51.26 72.23
C LEU A 501 15.45 50.09 72.49
N LEU A 502 14.17 50.39 72.51
CA LEU A 502 13.09 49.44 72.75
C LEU A 502 12.95 48.49 71.57
N PRO A 503 13.23 47.20 71.75
CA PRO A 503 13.06 46.26 70.63
C PRO A 503 11.62 46.22 70.17
N ALA A 504 11.41 45.64 68.99
CA ALA A 504 10.05 45.56 68.46
C ALA A 504 9.17 44.63 69.28
N THR A 505 9.75 43.61 69.90
CA THR A 505 8.96 42.63 70.62
C THR A 505 8.49 43.14 71.98
N LEU A 506 9.14 44.16 72.53
CA LEU A 506 8.70 44.75 73.77
C LEU A 506 7.93 46.04 73.58
N TYR A 507 7.55 46.37 72.34
CA TYR A 507 6.86 47.62 72.11
C TYR A 507 5.44 47.58 72.67
N LEU A 508 4.82 46.39 72.66
CA LEU A 508 3.48 46.28 73.21
C LEU A 508 3.48 46.18 74.73
N PRO A 509 4.24 45.30 75.37
CA PRO A 509 4.19 45.22 76.83
C PRO A 509 4.65 46.49 77.52
N TYR A 510 5.57 47.25 76.92
CA TYR A 510 5.90 48.55 77.49
C TYR A 510 4.70 49.48 77.43
N LEU A 511 3.98 49.49 76.31
CA LEU A 511 2.80 50.33 76.21
C LEU A 511 1.77 49.95 77.27
N LYS A 512 1.58 48.66 77.49
CA LYS A 512 0.56 48.25 78.45
C LYS A 512 1.02 48.50 79.89
N MET A 513 2.32 48.39 80.15
CA MET A 513 2.84 48.81 81.44
C MET A 513 2.54 50.27 81.70
N LEU A 514 2.82 51.12 80.72
CA LEU A 514 2.49 52.54 80.87
C LEU A 514 1.00 52.73 81.11
N ARG A 515 0.16 52.15 80.27
CA ARG A 515 -1.29 52.26 80.45
C ARG A 515 -1.69 51.85 81.86
N GLY A 516 -0.95 50.91 82.45
CA GLY A 516 -1.22 50.54 83.82
C GLY A 516 -0.68 51.54 84.83
N LEU A 517 0.31 52.33 84.45
CA LEU A 517 0.86 53.30 85.39
C LEU A 517 0.13 54.63 85.42
N ALA A 518 -0.65 54.96 84.39
CA ALA A 518 -1.27 56.28 84.29
C ALA A 518 -2.67 56.30 84.89
N SER A 519 -2.81 55.84 86.13
CA SER A 519 -4.01 56.05 86.92
C SER A 519 -3.63 56.87 88.15
N GLY A 520 -4.61 57.38 88.87
CA GLY A 520 -4.27 58.21 90.00
C GLY A 520 -3.78 59.58 89.58
N PRO A 521 -4.71 60.48 89.24
CA PRO A 521 -4.41 61.67 88.44
C PRO A 521 -3.04 62.32 88.63
N GLN A 522 -2.53 62.38 89.85
CA GLN A 522 -1.14 62.81 90.02
C GLN A 522 -0.22 61.95 89.18
N CYS A 523 -0.35 60.63 89.33
CA CYS A 523 0.49 59.72 88.57
C CYS A 523 0.27 59.90 87.08
N ALA A 524 -0.97 60.16 86.69
CA ALA A 524 -1.30 60.31 85.29
C ALA A 524 -0.56 61.50 84.72
N HIS A 525 -0.66 62.65 85.37
CA HIS A 525 0.02 63.83 84.86
C HIS A 525 1.53 63.61 84.80
N TYR A 526 2.10 63.02 85.85
CA TYR A 526 3.55 62.87 85.89
C TYR A 526 4.04 61.96 84.78
N CYS A 527 3.37 60.82 84.56
CA CYS A 527 3.78 59.98 83.46
C CYS A 527 3.51 60.63 82.10
N PHE A 528 2.46 61.44 82.00
CA PHE A 528 2.22 62.13 80.75
C PHE A 528 3.40 63.02 80.39
N SER A 529 3.79 63.88 81.33
CA SER A 529 4.94 64.76 81.06
C SER A 529 6.20 63.95 80.80
N LEU A 530 6.43 62.89 81.57
CA LEU A 530 7.64 62.10 81.41
C LEU A 530 7.74 61.53 80.00
N LEU A 531 6.67 60.88 79.54
CA LEU A 531 6.76 60.21 78.26
C LEU A 531 6.61 61.19 77.11
N LYS A 532 6.10 62.39 77.39
CA LYS A 532 6.10 63.42 76.36
C LYS A 532 7.51 63.97 76.17
N ALA A 533 8.28 64.05 77.25
CA ALA A 533 9.63 64.57 77.15
C ALA A 533 10.58 63.53 76.58
N ASN A 534 10.41 62.26 76.95
CA ASN A 534 11.32 61.22 76.47
C ASN A 534 11.29 61.08 74.95
N GLY A 535 10.20 61.51 74.33
CA GLY A 535 10.10 61.47 72.89
C GLY A 535 10.44 62.81 72.27
N GLY A 536 11.14 63.64 73.04
CA GLY A 536 11.54 64.95 72.54
C GLY A 536 12.70 64.89 71.57
N GLY A 547 15.41 57.00 66.37
CA GLY A 547 14.52 57.63 67.32
C GLY A 547 13.61 56.63 67.99
N SER A 548 13.37 56.84 69.29
CA SER A 548 12.57 55.92 70.09
C SER A 548 11.20 55.73 69.45
N PRO A 549 10.71 54.50 69.37
CA PRO A 549 9.42 54.27 68.71
C PRO A 549 8.22 54.67 69.56
N VAL A 550 8.46 55.28 70.73
CA VAL A 550 7.37 55.69 71.61
C VAL A 550 7.38 57.20 71.80
N SER A 551 6.62 57.90 70.96
CA SER A 551 6.63 59.36 70.97
C SER A 551 5.44 59.88 70.20
N TRP A 552 5.02 61.10 70.53
CA TRP A 552 3.85 61.70 69.89
C TRP A 552 4.05 61.82 68.38
N ASP A 553 5.22 62.24 67.95
CA ASP A 553 5.48 62.35 66.53
C ASP A 553 5.31 61.01 65.82
N HIS A 554 5.83 59.94 66.42
CA HIS A 554 5.69 58.62 65.79
C HIS A 554 4.22 58.21 65.69
N PHE A 555 3.46 58.38 66.77
CA PHE A 555 2.06 57.99 66.74
C PHE A 555 1.31 58.74 65.65
N PHE A 556 1.33 60.06 65.71
CA PHE A 556 0.51 60.83 64.77
C PHE A 556 1.03 60.75 63.35
N HIS A 557 2.34 60.57 63.17
CA HIS A 557 2.85 60.33 61.83
C HIS A 557 2.39 59.00 61.29
N SER A 558 2.35 57.96 62.13
CA SER A 558 1.85 56.67 61.67
C SER A 558 0.39 56.75 61.29
N LEU A 559 -0.39 57.48 62.09
CA LEU A 559 -1.80 57.67 61.73
C LEU A 559 -1.92 58.40 60.40
N MET A 560 -1.13 59.44 60.18
CA MET A 560 -1.23 60.17 58.93
C MET A 560 -0.82 59.30 57.75
N LEU A 561 0.18 58.44 57.94
CA LEU A 561 0.59 57.53 56.88
C LEU A 561 -0.50 56.53 56.55
N TYR A 562 -1.13 55.95 57.58
CA TYR A 562 -2.20 55.00 57.31
C TYR A 562 -3.38 55.68 56.66
N HIS A 563 -3.65 56.93 57.02
CA HIS A 563 -4.72 57.67 56.36
C HIS A 563 -4.41 57.90 54.89
N GLU A 564 -3.20 58.37 54.58
CA GLU A 564 -2.84 58.59 53.19
C GLU A 564 -2.90 57.31 52.39
N HIS A 565 -2.44 56.19 52.97
CA HIS A 565 -2.39 54.94 52.23
C HIS A 565 -3.79 54.36 52.03
N LEU A 566 -4.69 54.56 53.00
CA LEU A 566 -6.05 54.07 52.84
C LEU A 566 -6.87 54.97 51.94
N ARG A 567 -6.47 56.22 51.79
CA ARG A 567 -7.16 57.11 50.86
C ARG A 567 -6.59 56.98 49.45
N ARG A 568 -5.36 56.49 49.33
CA ARG A 568 -4.73 56.30 48.03
C ARG A 568 -5.20 55.04 47.33
N ASP A 569 -5.86 54.14 48.05
CA ASP A 569 -6.39 52.91 47.47
C ASP A 569 -7.91 52.94 47.35
N LEU A 570 -8.52 54.11 47.51
CA LEU A 570 -9.97 54.23 47.39
C LEU A 570 -10.36 54.34 45.91
N PRO A 571 -11.48 53.75 45.53
CA PRO A 571 -11.84 53.69 44.11
C PRO A 571 -12.41 55.00 43.58
N ARG A 579 -8.48 47.24 40.86
CA ARG A 579 -7.77 46.60 41.96
C ARG A 579 -6.60 47.49 42.33
N HIS A 580 -6.82 48.40 43.27
CA HIS A 580 -5.75 49.21 43.81
C HIS A 580 -4.64 48.30 44.35
N PRO A 581 -3.40 48.78 44.43
CA PRO A 581 -2.31 47.95 44.97
C PRO A 581 -2.77 47.17 46.19
N PRO A 582 -2.56 45.83 46.19
CA PRO A 582 -3.24 44.95 47.16
C PRO A 582 -3.23 45.50 48.56
N LEU A 583 -4.41 45.83 49.07
CA LEU A 583 -4.53 46.65 50.25
C LEU A 583 -3.77 46.06 51.42
N ARG A 584 -2.79 46.80 51.92
CA ARG A 584 -2.03 46.40 53.10
C ARG A 584 -2.98 46.56 54.28
N GLY A 585 -4.00 45.70 54.30
CA GLY A 585 -4.87 45.61 55.45
C GLY A 585 -4.01 45.43 56.67
N ILE A 586 -4.09 46.39 57.59
CA ILE A 586 -3.12 46.52 58.67
C ILE A 586 -2.85 45.15 59.26
N THR A 587 -1.58 44.75 59.26
CA THR A 587 -1.24 43.45 59.79
C THR A 587 -1.67 43.35 61.25
N GLN A 588 -2.07 42.14 61.66
CA GLN A 588 -2.62 41.95 63.00
C GLN A 588 -1.73 42.56 64.07
N ARG A 589 -0.41 42.49 63.88
CA ARG A 589 0.50 43.06 64.85
C ARG A 589 0.40 44.59 64.87
N GLU A 590 0.41 45.22 63.70
CA GLU A 590 0.25 46.66 63.66
C GLU A 590 -1.10 47.09 64.19
N LEU A 591 -2.14 46.28 63.95
CA LEU A 591 -3.45 46.58 64.49
C LEU A 591 -3.41 46.58 66.02
N ASP A 592 -2.82 45.55 66.62
CA ASP A 592 -2.76 45.48 68.07
C ASP A 592 -1.90 46.60 68.63
N GLY A 593 -0.86 47.00 67.91
CA GLY A 593 -0.08 48.14 68.34
C GLY A 593 -0.88 49.42 68.38
N LEU A 594 -1.60 49.72 67.30
CA LEU A 594 -2.43 50.91 67.29
C LEU A 594 -3.47 50.86 68.40
N ILE A 595 -4.02 49.67 68.66
CA ILE A 595 -5.04 49.54 69.70
C ILE A 595 -4.46 49.83 71.07
N ALA A 596 -3.29 49.27 71.37
CA ALA A 596 -2.68 49.54 72.66
C ALA A 596 -2.37 51.03 72.81
N CYS A 597 -1.90 51.65 71.73
CA CYS A 597 -1.62 53.08 71.79
C CYS A 597 -2.88 53.88 72.11
N LEU A 598 -3.99 53.57 71.42
CA LEU A 598 -5.19 54.35 71.64
C LEU A 598 -5.77 54.10 73.03
N GLN A 599 -5.59 52.89 73.57
CA GLN A 599 -6.03 52.66 74.94
C GLN A 599 -5.21 53.47 75.94
N LEU A 600 -3.90 53.52 75.73
CA LEU A 600 -3.06 54.36 76.60
C LEU A 600 -3.48 55.82 76.52
N THR A 601 -3.76 56.30 75.32
CA THR A 601 -4.17 57.68 75.15
C THR A 601 -5.48 57.95 75.86
N CYS A 602 -6.46 57.05 75.70
CA CYS A 602 -7.73 57.19 76.42
C CYS A 602 -7.50 57.29 77.92
N THR A 603 -6.67 56.40 78.48
CA THR A 603 -6.44 56.44 79.93
C THR A 603 -5.86 57.77 80.35
N ILE A 604 -4.78 58.20 79.69
CA ILE A 604 -4.10 59.41 80.11
C ILE A 604 -5.02 60.61 80.01
N ILE A 605 -5.77 60.74 78.92
CA ILE A 605 -6.59 61.95 78.82
C ILE A 605 -7.86 61.80 79.63
N ASP A 606 -8.14 60.62 80.16
CA ASP A 606 -9.24 60.53 81.10
C ASP A 606 -8.84 61.06 82.47
N TRP A 607 -7.67 60.67 82.95
CA TRP A 607 -7.34 61.01 84.33
C TRP A 607 -6.68 62.38 84.51
N SER A 608 -6.16 63.00 83.46
CA SER A 608 -5.49 64.30 83.55
C SER A 608 -6.10 65.27 82.55
N GLU A 609 -6.92 66.19 83.04
CA GLU A 609 -7.56 67.16 82.14
C GLU A 609 -6.52 68.01 81.42
N SER A 610 -5.44 68.36 82.11
CA SER A 610 -4.39 69.15 81.47
C SER A 610 -3.78 68.38 80.31
N ALA A 611 -3.59 67.08 80.47
CA ALA A 611 -3.09 66.28 79.36
C ALA A 611 -4.06 66.29 78.20
N ARG A 612 -5.36 66.27 78.50
CA ARG A 612 -6.38 66.36 77.46
C ARG A 612 -6.26 67.65 76.67
N LEU A 613 -6.27 68.78 77.38
CA LEU A 613 -6.18 70.06 76.69
C LEU A 613 -4.85 70.22 75.98
N ALA A 614 -3.80 69.54 76.46
CA ALA A 614 -2.49 69.67 75.84
C ALA A 614 -2.41 68.86 74.56
N LEU A 615 -3.00 67.66 74.53
CA LEU A 615 -2.92 66.83 73.35
C LEU A 615 -3.92 67.27 72.28
N CYS A 616 -5.01 67.91 72.69
CA CYS A 616 -6.01 68.28 71.70
C CYS A 616 -5.57 69.46 70.85
N GLU A 617 -4.70 70.30 71.37
CA GLU A 617 -4.43 71.59 70.73
C GLU A 617 -3.10 71.66 70.01
N HIS A 618 -2.27 70.62 70.10
CA HIS A 618 -0.96 70.64 69.46
C HIS A 618 -1.12 70.87 67.96
N ALA A 619 -0.57 71.98 67.47
CA ALA A 619 -0.84 72.38 66.10
C ALA A 619 -0.29 71.39 65.09
N GLN A 620 0.79 70.69 65.43
CA GLN A 620 1.37 69.76 64.49
C GLN A 620 0.62 68.44 64.41
N TRP A 621 0.19 67.90 65.54
CA TRP A 621 -0.44 66.59 65.55
C TRP A 621 -1.89 66.63 65.07
N MET A 622 -2.67 67.61 65.52
CA MET A 622 -4.09 67.73 65.20
C MET A 622 -4.79 66.38 65.34
N PRO A 623 -4.95 65.88 66.56
CA PRO A 623 -5.46 64.51 66.70
C PRO A 623 -6.93 64.39 66.38
N VAL A 624 -7.72 65.44 66.60
CA VAL A 624 -9.16 65.32 66.39
C VAL A 624 -9.47 65.19 64.90
N VAL A 625 -8.82 65.98 64.06
CA VAL A 625 -9.09 65.91 62.63
C VAL A 625 -8.56 64.61 62.05
N VAL A 626 -7.43 64.13 62.56
CA VAL A 626 -6.88 62.88 62.06
C VAL A 626 -7.78 61.72 62.44
N ILE A 627 -8.30 61.74 63.67
CA ILE A 627 -9.13 60.62 64.11
C ILE A 627 -10.49 60.67 63.43
N LEU A 628 -10.99 61.86 63.13
CA LEU A 628 -12.25 61.95 62.42
C LEU A 628 -12.10 61.68 60.93
N GLY A 629 -10.90 61.81 60.39
CA GLY A 629 -10.68 61.45 59.00
C GLY A 629 -10.50 59.95 58.82
N LEU A 630 -10.01 59.27 59.85
CA LEU A 630 -9.74 57.84 59.74
C LEU A 630 -11.00 57.01 59.90
N LEU A 631 -11.99 57.49 60.65
CA LEU A 631 -13.23 56.75 60.79
C LEU A 631 -13.96 56.59 59.47
N GLN A 632 -13.83 57.57 58.57
CA GLN A 632 -14.47 57.48 57.27
C GLN A 632 -13.85 56.42 56.38
N CYS A 633 -12.66 55.93 56.72
CA CYS A 633 -12.04 54.88 55.92
C CYS A 633 -12.48 53.51 56.40
N SER A 634 -12.30 52.53 55.53
CA SER A 634 -12.67 51.16 55.84
C SER A 634 -11.59 50.53 56.70
N ILE A 635 -11.95 50.13 57.91
CA ILE A 635 -11.01 49.46 58.81
C ILE A 635 -11.76 48.35 59.53
N PRO A 636 -11.08 47.43 60.22
CA PRO A 636 -11.78 46.41 60.99
C PRO A 636 -12.58 47.04 62.11
N PRO A 637 -13.64 46.40 62.57
CA PRO A 637 -14.50 47.05 63.57
C PRO A 637 -13.81 47.35 64.88
N LEU A 638 -13.03 46.42 65.43
CA LEU A 638 -12.34 46.68 66.69
C LEU A 638 -11.63 48.02 66.66
N LEU A 639 -11.03 48.35 65.53
CA LEU A 639 -10.31 49.60 65.44
C LEU A 639 -11.26 50.79 65.48
N LYS A 640 -12.43 50.65 64.84
CA LYS A 640 -13.41 51.72 64.93
C LYS A 640 -13.89 51.89 66.37
N ALA A 641 -13.98 50.80 67.12
CA ALA A 641 -14.37 50.89 68.52
C ALA A 641 -13.33 51.61 69.35
N GLU A 642 -12.06 51.30 69.14
CA GLU A 642 -11.02 52.00 69.90
C GLU A 642 -10.97 53.47 69.52
N LEU A 643 -11.16 53.77 68.24
CA LEU A 643 -11.21 55.16 67.83
C LEU A 643 -12.35 55.89 68.51
N LEU A 644 -13.50 55.23 68.68
CA LEU A 644 -14.63 55.90 69.31
C LEU A 644 -14.43 56.06 70.81
N LYS A 645 -13.77 55.11 71.45
CA LYS A 645 -13.47 55.29 72.87
C LYS A 645 -12.52 56.46 73.07
N THR A 646 -11.51 56.58 72.21
CA THR A 646 -10.62 57.73 72.32
C THR A 646 -11.36 59.03 72.08
N LEU A 647 -12.19 59.08 71.03
CA LEU A 647 -13.01 60.25 70.80
C LEU A 647 -13.85 60.60 72.01
N ALA A 648 -14.36 59.59 72.70
CA ALA A 648 -15.16 59.87 73.89
C ALA A 648 -14.31 60.48 74.99
N ALA A 649 -13.15 59.90 75.26
CA ALA A 649 -12.30 60.45 76.31
C ALA A 649 -11.93 61.90 76.01
N PHE A 650 -11.71 62.23 74.73
CA PHE A 650 -11.45 63.62 74.40
C PHE A 650 -12.69 64.48 74.52
N GLY A 651 -13.82 63.91 74.91
CA GLY A 651 -15.04 64.67 74.97
C GLY A 651 -15.45 65.19 76.32
N LYS A 652 -14.75 64.80 77.38
CA LYS A 652 -15.10 65.25 78.72
C LYS A 652 -14.56 66.66 78.97
N SER A 653 -14.91 67.59 78.09
CA SER A 653 -14.52 68.99 78.22
C SER A 653 -15.47 69.80 77.35
N PRO A 654 -16.13 70.80 77.92
CA PRO A 654 -17.34 71.34 77.27
C PRO A 654 -17.14 71.93 75.88
N GLU A 655 -16.25 72.89 75.68
CA GLU A 655 -16.20 73.55 74.37
C GLU A 655 -15.75 72.59 73.27
N ILE A 656 -14.88 71.65 73.61
CA ILE A 656 -14.53 70.61 72.65
C ILE A 656 -15.77 69.88 72.21
N ALA A 657 -16.78 69.80 73.06
CA ALA A 657 -18.01 69.09 72.69
C ALA A 657 -18.77 69.85 71.62
N ALA A 658 -18.88 71.17 71.73
CA ALA A 658 -19.59 71.94 70.70
C ALA A 658 -18.87 71.83 69.37
N SER A 659 -17.54 72.02 69.38
CA SER A 659 -16.81 71.86 68.14
C SER A 659 -16.95 70.44 67.60
N LEU A 660 -17.03 69.45 68.48
CA LEU A 660 -17.09 68.05 68.04
C LEU A 660 -18.41 67.74 67.39
N TRP A 661 -19.51 68.24 67.96
CA TRP A 661 -20.80 68.09 67.31
C TRP A 661 -20.79 68.74 65.93
N GLN A 662 -20.16 69.93 65.83
CA GLN A 662 -20.05 70.56 64.52
C GLN A 662 -19.39 69.65 63.51
N SER A 663 -18.23 69.10 63.87
CA SER A 663 -17.51 68.27 62.91
C SER A 663 -18.25 66.97 62.63
N LEU A 664 -18.90 66.38 63.64
CA LEU A 664 -19.59 65.12 63.44
C LEU A 664 -20.71 65.26 62.44
N GLU A 665 -21.39 66.40 62.44
CA GLU A 665 -22.49 66.49 61.48
C GLU A 665 -22.08 67.20 60.20
N TYR A 666 -20.87 67.72 60.12
CA TYR A 666 -20.38 68.10 58.80
C TYR A 666 -19.73 66.91 58.10
N THR A 667 -19.34 65.90 58.86
CA THR A 667 -18.71 64.70 58.30
C THR A 667 -19.70 63.72 57.70
N GLN A 668 -20.94 63.73 58.16
CA GLN A 668 -21.93 62.73 57.80
C GLN A 668 -21.46 61.33 58.14
N ILE A 669 -20.91 61.15 59.34
CA ILE A 669 -20.55 59.81 59.77
C ILE A 669 -21.80 58.97 59.91
N LEU A 670 -22.85 59.54 60.47
CA LEU A 670 -24.16 58.91 60.47
C LEU A 670 -25.04 59.62 59.47
N GLN A 671 -25.50 58.91 58.45
CA GLN A 671 -26.14 59.58 57.33
C GLN A 671 -27.42 60.25 57.79
N THR A 672 -27.36 61.55 58.02
CA THR A 672 -28.52 62.28 58.48
C THR A 672 -29.27 62.96 57.36
N VAL A 673 -28.58 63.59 56.43
CA VAL A 673 -29.19 64.15 55.24
C VAL A 673 -29.34 63.02 54.25
N ARG A 674 -30.45 62.99 53.53
CA ARG A 674 -30.59 62.01 52.48
C ARG A 674 -29.47 62.25 51.47
N ALA A 675 -28.46 61.39 51.46
CA ALA A 675 -27.28 61.67 50.66
C ALA A 675 -27.60 61.48 49.17
N THR A 676 -28.32 62.44 48.59
CA THR A 676 -28.75 62.37 47.20
C THR A 676 -29.48 61.06 46.91
N GLY A 677 -30.41 60.70 47.79
CA GLY A 677 -31.07 59.40 47.66
C GLY A 677 -30.27 58.41 48.49
N LEU A 678 -30.24 58.59 49.81
CA LEU A 678 -29.41 57.75 50.68
C LEU A 678 -29.89 56.32 50.91
N ARG A 679 -31.18 56.05 50.69
CA ARG A 679 -31.75 54.73 50.97
C ARG A 679 -31.58 54.36 52.45
N GLN A 680 -30.57 53.56 52.79
CA GLN A 680 -30.41 53.11 54.17
C GLN A 680 -29.01 53.34 54.74
N GLY A 681 -28.67 54.59 55.05
CA GLY A 681 -27.40 54.87 55.70
C GLY A 681 -26.12 54.79 54.89
N VAL A 682 -25.05 55.34 55.45
CA VAL A 682 -23.75 55.29 54.78
C VAL A 682 -22.78 54.59 55.71
N GLY A 683 -22.69 55.07 56.95
CA GLY A 683 -21.83 54.44 57.90
C GLY A 683 -22.41 53.53 58.92
N ILE A 684 -22.72 54.11 60.09
CA ILE A 684 -23.19 53.30 61.19
C ILE A 684 -24.27 52.36 60.70
N GLU A 685 -25.36 52.85 60.12
CA GLU A 685 -26.46 51.97 59.72
C GLU A 685 -25.99 50.78 58.90
N VAL A 686 -25.34 51.04 57.76
CA VAL A 686 -24.92 49.96 56.89
C VAL A 686 -23.95 48.99 57.59
N GLU A 687 -22.96 49.50 58.31
CA GLU A 687 -21.99 48.63 58.94
C GLU A 687 -22.67 47.75 59.95
N LEU A 688 -23.62 48.31 60.67
CA LEU A 688 -24.34 47.57 61.68
C LEU A 688 -25.17 46.50 61.02
N ASN A 689 -25.87 46.86 59.95
CA ASN A 689 -26.75 45.85 59.37
C ASN A 689 -25.99 44.73 58.69
N GLU A 690 -24.88 45.03 58.02
CA GLU A 690 -24.23 44.07 57.14
C GLU A 690 -22.98 43.44 57.72
N ILE A 691 -22.07 44.23 58.28
CA ILE A 691 -20.83 43.68 58.78
C ILE A 691 -20.99 43.20 60.21
N GLU A 692 -21.50 44.08 61.08
CA GLU A 692 -21.64 43.70 62.48
C GLU A 692 -22.63 42.57 62.66
N SER A 693 -23.80 42.66 62.05
CA SER A 693 -24.77 41.59 62.15
C SER A 693 -24.21 40.27 61.64
N ARG A 694 -23.31 40.32 60.66
CA ARG A 694 -22.73 39.09 60.15
C ARG A 694 -21.67 38.53 61.09
N CYS A 695 -20.86 39.40 61.66
CA CYS A 695 -19.83 38.94 62.59
C CYS A 695 -20.42 38.45 63.90
N GLU A 696 -21.67 38.78 64.19
CA GLU A 696 -22.35 38.40 65.42
C GLU A 696 -21.69 39.01 66.65
N GLU A 697 -21.08 40.17 66.49
CA GLU A 697 -20.61 40.98 67.62
C GLU A 697 -20.83 42.44 67.26
N TYR A 698 -21.27 43.24 68.24
CA TYR A 698 -21.66 44.63 68.00
C TYR A 698 -20.87 45.58 68.88
N PRO A 699 -19.57 45.74 68.62
CA PRO A 699 -18.83 46.77 69.36
C PRO A 699 -19.03 48.16 68.79
N LEU A 700 -19.19 48.28 67.48
CA LEU A 700 -19.35 49.60 66.88
C LEU A 700 -20.59 50.31 67.42
N THR A 701 -21.69 49.58 67.56
CA THR A 701 -22.91 50.22 68.04
C THR A 701 -22.78 50.65 69.50
N ARG A 702 -22.23 49.79 70.35
CA ARG A 702 -22.01 50.19 71.74
C ARG A 702 -21.17 51.44 71.81
N ALA A 703 -20.12 51.52 70.99
CA ALA A 703 -19.26 52.69 71.02
C ALA A 703 -20.01 53.94 70.57
N PHE A 704 -20.83 53.83 69.51
CA PHE A 704 -21.51 55.03 69.04
C PHE A 704 -22.53 55.51 70.05
N CYS A 705 -23.22 54.59 70.72
CA CYS A 705 -24.14 55.02 71.77
C CYS A 705 -23.40 55.67 72.94
N GLN A 706 -22.26 55.12 73.34
CA GLN A 706 -21.51 55.74 74.41
C GLN A 706 -21.08 57.15 74.04
N LEU A 707 -20.65 57.35 72.80
CA LEU A 707 -20.27 58.69 72.38
C LEU A 707 -21.45 59.63 72.39
N ILE A 708 -22.61 59.15 71.95
CA ILE A 708 -23.78 60.04 71.98
C ILE A 708 -24.13 60.39 73.42
N SER A 709 -23.97 59.44 74.33
CA SER A 709 -24.27 59.71 75.74
C SER A 709 -23.37 60.79 76.30
N THR A 710 -22.06 60.63 76.12
CA THR A 710 -21.14 61.66 76.60
C THR A 710 -21.43 63.00 75.96
N LEU A 711 -21.74 63.03 74.67
CA LEU A 711 -21.99 64.31 74.03
C LEU A 711 -23.23 64.97 74.60
N VAL A 712 -24.29 64.20 74.86
CA VAL A 712 -25.51 64.85 75.32
C VAL A 712 -25.39 65.25 76.77
N GLU A 713 -24.54 64.57 77.54
CA GLU A 713 -24.31 64.97 78.92
C GLU A 713 -23.83 66.42 79.01
N SER A 714 -22.70 66.73 78.38
CA SER A 714 -22.16 68.08 78.38
C SER A 714 -23.13 69.08 77.78
N SER A 715 -23.94 68.66 76.82
CA SER A 715 -25.02 69.49 76.31
C SER A 715 -25.93 68.67 75.42
N PHE A 716 -27.22 68.80 75.61
CA PHE A 716 -28.03 68.49 74.46
C PHE A 716 -27.77 69.66 73.52
N PRO A 717 -27.08 69.40 72.42
CA PRO A 717 -26.72 70.48 71.48
C PRO A 717 -27.91 71.12 70.80
N THR A 718 -27.75 72.36 70.35
CA THR A 718 -28.82 73.06 69.67
C THR A 718 -28.44 73.38 68.24
N ASN A 719 -29.43 73.44 67.35
CA ASN A 719 -29.18 73.75 65.94
C ASN A 719 -28.02 72.95 65.36
N LEU A 720 -28.13 71.63 65.37
CA LEU A 720 -27.04 70.77 64.89
C LEU A 720 -26.79 70.91 63.39
N GLY A 721 -27.77 71.35 62.62
CA GLY A 721 -27.59 71.54 61.20
C GLY A 721 -28.41 72.67 60.61
N ALA A 722 -27.85 73.40 59.66
CA ALA A 722 -28.58 74.46 58.99
C ALA A 722 -28.17 74.47 57.53
N GLY A 723 -29.10 74.77 56.63
CA GLY A 723 -28.79 74.68 55.21
C GLY A 723 -28.96 73.22 54.81
N LEU A 724 -28.28 72.33 55.51
CA LEU A 724 -28.46 70.91 55.26
C LEU A 724 -29.42 70.39 56.30
N ARG A 725 -30.45 69.65 55.88
CA ARG A 725 -31.46 69.10 56.80
C ARG A 725 -32.26 70.17 57.53
N ALA A 726 -32.80 69.81 58.68
CA ALA A 726 -33.56 70.76 59.48
C ALA A 726 -33.04 70.75 60.90
N PRO A 727 -32.88 71.93 61.50
CA PRO A 727 -32.29 71.97 62.83
C PRO A 727 -32.99 71.10 63.86
N GLY A 728 -32.26 70.20 64.50
CA GLY A 728 -32.85 69.39 65.56
C GLY A 728 -32.08 68.13 65.81
N PHE A 729 -32.28 67.53 66.97
CA PHE A 729 -31.67 66.26 67.32
C PHE A 729 -32.60 65.09 67.07
N GLU A 730 -33.37 65.12 66.00
CA GLU A 730 -34.30 64.03 65.72
C GLU A 730 -33.64 62.82 65.07
N PRO A 731 -32.81 62.96 64.03
CA PRO A 731 -32.31 61.76 63.36
C PRO A 731 -31.51 60.83 64.25
N TYR A 732 -30.62 61.36 65.10
CA TYR A 732 -29.86 60.47 65.95
C TYR A 732 -30.79 59.68 66.86
N LEU A 733 -31.83 60.34 67.36
CA LEU A 733 -32.79 59.65 68.21
C LEU A 733 -33.50 58.54 67.44
N GLN A 734 -34.01 58.87 66.26
CA GLN A 734 -34.75 57.90 65.48
C GLN A 734 -33.91 56.67 65.22
N PHE A 735 -32.67 56.89 64.76
CA PHE A 735 -31.75 55.79 64.52
C PHE A 735 -31.58 54.95 65.76
N LEU A 736 -31.17 55.57 66.87
CA LEU A 736 -30.92 54.81 68.08
C LEU A 736 -32.12 53.96 68.40
N ARG A 737 -33.25 54.61 68.64
CA ARG A 737 -34.44 53.92 69.10
C ARG A 737 -34.77 52.74 68.20
N ASP A 738 -35.09 53.02 66.94
CA ASP A 738 -35.54 51.97 66.05
C ASP A 738 -34.53 50.83 66.00
N THR A 739 -33.33 51.12 65.49
CA THR A 739 -32.41 50.05 65.15
C THR A 739 -31.98 49.28 66.37
N VAL A 740 -31.58 49.99 67.42
CA VAL A 740 -31.00 49.30 68.56
C VAL A 740 -32.06 48.52 69.33
N PHE A 741 -33.32 48.99 69.37
CA PHE A 741 -34.32 48.20 70.07
C PHE A 741 -34.71 46.96 69.27
N LEU A 742 -34.87 47.09 67.96
CA LEU A 742 -35.01 45.89 67.13
C LEU A 742 -33.94 44.88 67.51
N ARG A 743 -32.67 45.25 67.32
CA ARG A 743 -31.58 44.31 67.57
C ARG A 743 -31.63 43.78 68.99
N TYR A 744 -32.11 44.60 69.92
CA TYR A 744 -32.31 44.11 71.26
C TYR A 744 -33.13 42.85 71.15
N ARG A 745 -34.18 42.88 70.36
CA ARG A 745 -35.03 41.69 70.36
C ARG A 745 -34.42 40.48 69.65
N THR A 746 -34.20 40.57 68.33
CA THR A 746 -33.92 39.41 67.49
C THR A 746 -32.73 39.69 66.59
N ARG A 747 -31.56 39.20 67.00
CA ARG A 747 -30.33 39.33 66.21
C ARG A 747 -29.25 38.47 66.83
N ALA A 748 -28.59 37.64 66.04
CA ALA A 748 -27.69 36.64 66.58
C ALA A 748 -26.49 37.30 67.27
N TYR A 749 -26.20 36.82 68.46
CA TYR A 749 -25.04 37.28 69.22
C TYR A 749 -24.17 36.06 69.52
N ARG A 750 -22.93 36.08 69.07
CA ARG A 750 -22.04 34.97 69.38
C ARG A 750 -21.92 34.80 70.89
N ARG A 751 -21.71 35.89 71.60
CA ARG A 751 -21.68 35.88 73.06
C ARG A 751 -23.09 36.16 73.56
N ALA A 752 -23.54 35.38 74.54
CA ALA A 752 -24.88 35.61 75.07
C ALA A 752 -24.96 36.93 75.83
N ALA A 753 -23.89 37.32 76.51
CA ALA A 753 -23.94 38.51 77.32
C ALA A 753 -24.16 39.75 76.48
N GLU A 754 -23.67 39.75 75.24
CA GLU A 754 -23.72 40.96 74.42
C GLU A 754 -25.14 41.37 74.10
N LYS A 755 -26.11 40.47 74.32
CA LYS A 755 -27.49 40.81 74.04
C LYS A 755 -27.99 41.88 74.99
N TRP A 756 -27.49 41.88 76.22
CA TRP A 756 -27.98 42.83 77.21
C TRP A 756 -27.23 44.15 77.15
N GLU A 757 -25.94 44.11 76.81
CA GLU A 757 -25.16 45.34 76.78
C GLU A 757 -25.74 46.36 75.82
N VAL A 758 -26.15 45.90 74.64
CA VAL A 758 -26.74 46.81 73.65
C VAL A 758 -27.97 47.49 74.21
N ALA A 759 -28.84 46.71 74.83
CA ALA A 759 -30.04 47.27 75.45
C ALA A 759 -29.68 48.33 76.47
N GLU A 760 -28.83 47.98 77.43
CA GLU A 760 -28.47 48.92 78.48
C GLU A 760 -27.89 50.20 77.88
N ALA A 761 -27.07 50.05 76.84
CA ALA A 761 -26.41 51.22 76.28
C ALA A 761 -27.40 52.17 75.66
N VAL A 762 -28.37 51.67 74.89
CA VAL A 762 -29.31 52.59 74.27
C VAL A 762 -30.32 53.11 75.29
N LEU A 763 -30.59 52.30 76.30
CA LEU A 763 -31.56 52.71 77.30
C LEU A 763 -31.03 53.85 78.14
N ASP A 764 -29.71 53.88 78.36
CA ASP A 764 -29.12 54.98 79.10
C ASP A 764 -29.39 56.32 78.41
N VAL A 765 -29.19 56.37 77.10
CA VAL A 765 -29.41 57.60 76.38
C VAL A 765 -30.89 57.96 76.37
N PHE A 766 -31.75 56.97 76.26
CA PHE A 766 -33.18 57.26 76.39
C PHE A 766 -33.47 57.93 77.73
N TYR A 767 -32.86 57.42 78.80
CA TYR A 767 -33.08 58.00 80.13
C TYR A 767 -32.61 59.44 80.18
N LYS A 768 -31.38 59.71 79.74
CA LYS A 768 -30.86 61.06 79.85
C LYS A 768 -31.58 62.02 78.91
N LEU A 769 -32.20 61.49 77.86
CA LEU A 769 -33.01 62.34 77.01
C LEU A 769 -34.32 62.70 77.68
N LEU A 770 -34.89 61.79 78.45
CA LEU A 770 -36.17 62.07 79.09
C LEU A 770 -36.00 62.83 80.40
N LYS A 771 -34.83 62.78 81.01
CA LYS A 771 -34.67 63.39 82.34
C LYS A 771 -34.74 64.91 82.27
N ASP A 772 -34.15 65.51 81.25
CA ASP A 772 -34.08 66.96 81.18
C ASP A 772 -35.26 67.58 80.47
N TYR A 773 -36.17 66.80 79.91
CA TYR A 773 -37.29 67.36 79.16
C TYR A 773 -38.28 67.94 80.15
N GLU A 774 -38.24 69.24 80.33
CA GLU A 774 -39.22 69.92 81.15
C GLU A 774 -40.33 70.47 80.28
N PRO A 775 -41.57 70.03 80.46
CA PRO A 775 -42.64 70.39 79.52
C PRO A 775 -42.87 71.89 79.49
N GLN A 776 -42.76 72.45 78.32
CA GLN A 776 -42.99 73.86 78.16
C GLN A 776 -44.23 74.10 77.32
N PRO A 777 -44.83 75.28 77.41
CA PRO A 777 -46.03 75.53 76.62
C PRO A 777 -45.76 75.69 75.14
N GLU A 778 -44.50 75.79 74.73
CA GLU A 778 -44.19 75.90 73.32
C GLU A 778 -43.87 74.55 72.68
N ASP A 779 -43.61 73.53 73.48
CA ASP A 779 -43.38 72.19 72.92
C ASP A 779 -44.64 71.67 72.25
N PHE A 780 -45.81 72.00 72.78
CA PHE A 780 -47.07 71.48 72.26
C PHE A 780 -47.61 72.31 71.10
N VAL A 781 -46.90 73.33 70.67
CA VAL A 781 -47.16 73.98 69.39
C VAL A 781 -46.13 73.46 68.41
N ASP A 782 -46.57 73.06 67.21
CA ASP A 782 -45.67 72.51 66.21
C ASP A 782 -45.71 73.33 64.93
N GLN A 783 -44.56 73.41 64.27
CA GLN A 783 -44.41 74.14 63.02
C GLN A 783 -44.04 73.17 61.90
N TYR A 784 -44.28 73.61 60.67
CA TYR A 784 -44.06 72.79 59.49
C TYR A 784 -43.03 73.48 58.60
N VAL A 785 -41.88 72.86 58.44
CA VAL A 785 -40.79 73.43 57.65
C VAL A 785 -40.86 72.84 56.24
N GLU A 786 -40.54 73.65 55.24
CA GLU A 786 -40.68 73.27 53.84
C GLU A 786 -39.38 72.69 53.33
N LEU A 787 -39.18 71.40 53.51
CA LEU A 787 -37.96 70.71 53.07
C LEU A 787 -38.20 70.09 51.71
N GLN A 788 -37.54 70.64 50.69
CA GLN A 788 -37.62 70.13 49.32
C GLN A 788 -39.05 70.21 48.78
N GLY A 789 -39.78 71.23 49.21
CA GLY A 789 -41.13 71.45 48.74
C GLY A 789 -42.18 70.54 49.32
N GLU A 790 -41.84 69.79 50.36
CA GLU A 790 -42.77 68.88 51.02
C GLU A 790 -42.96 69.33 52.46
N GLU A 791 -44.13 69.87 52.76
CA GLU A 791 -44.38 70.36 54.10
C GLU A 791 -44.34 69.21 55.09
N ARG A 792 -43.24 69.11 55.84
CA ARG A 792 -43.05 68.05 56.80
C ARG A 792 -43.04 68.64 58.20
N VAL A 793 -43.74 67.97 59.12
CA VAL A 793 -43.76 68.45 60.50
C VAL A 793 -42.34 68.57 61.00
N ALA A 794 -42.07 69.63 61.75
CA ALA A 794 -40.73 69.83 62.25
C ALA A 794 -40.42 68.78 63.31
N PHE A 795 -39.22 68.84 63.87
CA PHE A 795 -38.79 67.88 64.88
C PHE A 795 -38.90 68.55 66.25
N LYS A 796 -39.90 68.14 67.02
CA LYS A 796 -40.06 68.59 68.39
C LYS A 796 -38.86 68.14 69.21
N PRO A 797 -38.65 68.71 70.39
CA PRO A 797 -37.53 68.29 71.23
C PRO A 797 -37.55 66.79 71.46
N PRO A 798 -36.42 66.21 71.83
CA PRO A 798 -36.38 64.76 72.01
C PRO A 798 -37.33 64.30 73.08
N GLY A 799 -37.58 65.15 74.07
CA GLY A 799 -38.47 64.76 75.15
C GLY A 799 -39.93 64.67 74.76
N PHE A 800 -40.43 65.60 73.96
CA PHE A 800 -41.81 65.51 73.51
C PHE A 800 -42.07 64.15 72.86
N SER A 801 -41.25 63.79 71.88
CA SER A 801 -41.47 62.53 71.20
C SER A 801 -41.07 61.35 72.07
N LEU A 802 -40.25 61.58 73.09
CA LEU A 802 -39.90 60.46 73.96
C LEU A 802 -41.02 60.22 74.96
N MET A 803 -41.92 61.19 75.10
CA MET A 803 -43.06 60.97 75.99
C MET A 803 -44.28 60.48 75.22
N HIS A 804 -44.62 61.14 74.13
CA HIS A 804 -45.86 60.81 73.43
C HIS A 804 -45.87 59.37 72.99
N HIS A 805 -44.71 58.75 72.86
CA HIS A 805 -44.69 57.32 72.55
C HIS A 805 -44.74 56.49 73.81
N LEU A 806 -44.66 57.11 74.98
CA LEU A 806 -44.73 56.33 76.22
C LEU A 806 -46.13 56.24 76.78
N LEU A 807 -46.94 57.29 76.64
CA LEU A 807 -48.29 57.32 77.16
C LEU A 807 -49.29 56.60 76.26
N ASN A 808 -48.83 55.91 75.24
CA ASN A 808 -49.65 54.97 74.51
C ASN A 808 -48.96 53.62 74.60
N GLU A 809 -49.49 52.61 73.92
CA GLU A 809 -48.98 51.25 74.05
C GLU A 809 -47.95 50.91 72.98
N SER A 810 -47.21 51.90 72.51
CA SER A 810 -46.19 51.71 71.49
C SER A 810 -45.22 50.62 71.93
N PRO A 811 -44.59 49.93 71.00
CA PRO A 811 -43.69 48.85 71.38
C PRO A 811 -42.55 49.29 72.28
N MET A 812 -42.36 50.60 72.46
CA MET A 812 -41.41 51.05 73.46
C MET A 812 -41.87 50.62 74.84
N LEU A 813 -43.11 50.96 75.18
CA LEU A 813 -43.63 50.58 76.48
C LEU A 813 -43.76 49.07 76.60
N GLU A 814 -44.22 48.42 75.55
CA GLU A 814 -44.36 46.97 75.60
C GLU A 814 -43.02 46.31 75.79
N LEU A 815 -42.01 46.82 75.12
CA LEU A 815 -40.68 46.23 75.26
C LEU A 815 -40.09 46.55 76.61
N CYS A 816 -40.43 47.70 77.18
CA CYS A 816 -39.95 48.03 78.51
C CYS A 816 -40.56 47.09 79.54
N LEU A 817 -41.86 46.88 79.47
CA LEU A 817 -42.51 45.96 80.39
C LEU A 817 -41.99 44.55 80.17
N SER A 818 -41.79 44.17 78.92
CA SER A 818 -41.24 42.84 78.66
C SER A 818 -39.84 42.72 79.21
N LEU A 819 -39.06 43.78 79.16
CA LEU A 819 -37.73 43.75 79.69
C LEU A 819 -37.76 43.60 81.21
N MET A 820 -38.64 44.33 81.88
CA MET A 820 -38.80 44.13 83.31
C MET A 820 -39.21 42.71 83.62
N GLU A 821 -40.12 42.16 82.82
CA GLU A 821 -40.59 40.81 83.07
C GLU A 821 -39.45 39.81 82.93
N GLU A 822 -38.65 39.96 81.88
CA GLU A 822 -37.52 39.07 81.68
C GLU A 822 -36.53 39.20 82.81
N GLY A 823 -36.25 40.43 83.24
CA GLY A 823 -35.33 40.61 84.34
C GLY A 823 -35.81 39.94 85.60
N VAL A 824 -37.09 40.08 85.90
CA VAL A 824 -37.64 39.42 87.08
C VAL A 824 -37.49 37.91 86.94
N THR A 825 -37.80 37.36 85.77
CA THR A 825 -37.71 35.92 85.60
C THR A 825 -36.29 35.44 85.78
N GLN A 826 -35.35 36.07 85.09
CA GLN A 826 -33.97 35.61 85.18
C GLN A 826 -33.40 35.80 86.57
N LEU A 827 -33.76 36.90 87.23
CA LEU A 827 -33.28 37.13 88.59
C LEU A 827 -33.92 36.16 89.58
N ASP A 828 -35.11 35.67 89.27
CA ASP A 828 -35.78 34.70 90.13
C ASP A 828 -35.03 33.38 90.13
N THR A 829 -34.37 33.07 89.02
CA THR A 829 -33.58 31.84 88.94
C THR A 829 -32.43 31.85 89.94
N TYR A 830 -32.02 33.04 90.39
CA TYR A 830 -30.95 33.16 91.38
C TYR A 830 -29.71 32.39 90.97
N ALA A 831 -29.27 32.59 89.72
CA ALA A 831 -28.09 31.90 89.22
C ALA A 831 -27.08 32.90 88.68
N PRO A 832 -25.81 32.46 88.56
CA PRO A 832 -24.76 33.35 88.07
C PRO A 832 -24.83 33.48 86.56
N PHE A 833 -25.74 34.32 86.09
CA PHE A 833 -25.96 34.51 84.67
C PHE A 833 -24.88 35.37 84.02
N PRO A 834 -24.76 35.29 82.69
CA PRO A 834 -23.94 36.24 81.96
C PRO A 834 -24.63 37.60 81.88
N GLY A 835 -23.95 38.66 82.30
CA GLY A 835 -24.53 39.99 82.24
C GLY A 835 -25.60 40.29 83.27
N LYS A 836 -25.46 39.73 84.47
CA LYS A 836 -26.42 39.97 85.53
C LYS A 836 -26.40 41.43 85.97
N LYS A 837 -25.23 41.99 86.18
CA LYS A 837 -25.11 43.39 86.62
C LYS A 837 -25.62 44.32 85.55
N HIS A 838 -25.35 44.01 84.29
CA HIS A 838 -25.84 44.82 83.19
C HIS A 838 -27.36 44.88 83.19
N LEU A 839 -28.01 43.75 83.48
CA LEU A 839 -29.47 43.76 83.53
C LEU A 839 -29.96 44.56 84.71
N GLU A 840 -29.25 44.49 85.83
CA GLU A 840 -29.62 45.33 86.97
C GLU A 840 -29.62 46.79 86.57
N LYS A 841 -28.55 47.25 85.94
CA LYS A 841 -28.47 48.65 85.58
C LYS A 841 -29.54 49.02 84.56
N ALA A 842 -29.79 48.13 83.59
CA ALA A 842 -30.78 48.45 82.58
C ALA A 842 -32.17 48.53 83.17
N VAL A 843 -32.54 47.58 84.00
CA VAL A 843 -33.88 47.63 84.57
C VAL A 843 -34.00 48.77 85.55
N ALA A 844 -32.90 49.17 86.18
CA ALA A 844 -32.95 50.37 87.00
C ALA A 844 -33.24 51.58 86.15
N TYR A 845 -32.59 51.67 84.98
CA TYR A 845 -32.89 52.76 84.07
C TYR A 845 -34.35 52.71 83.65
N CYS A 846 -34.89 51.51 83.48
CA CYS A 846 -36.29 51.39 83.08
C CYS A 846 -37.22 51.89 84.18
N PHE A 847 -36.99 51.43 85.41
CA PHE A 847 -37.85 51.85 86.52
C PHE A 847 -37.75 53.35 86.73
N MET A 848 -36.56 53.93 86.56
CA MET A 848 -36.44 55.38 86.70
C MET A 848 -37.16 56.10 85.56
N LEU A 849 -37.11 55.53 84.35
CA LEU A 849 -37.91 56.07 83.26
C LEU A 849 -39.37 56.11 83.64
N LEU A 850 -39.86 55.04 84.26
CA LEU A 850 -41.25 55.02 84.66
C LEU A 850 -41.53 56.08 85.71
N ASN A 851 -40.75 56.07 86.79
CA ASN A 851 -41.05 56.92 87.93
C ASN A 851 -41.02 58.39 87.54
N LEU A 852 -40.11 58.76 86.66
CA LEU A 852 -40.08 60.15 86.21
C LEU A 852 -41.31 60.49 85.39
N THR A 853 -41.87 59.50 84.71
CA THR A 853 -42.93 59.80 83.76
C THR A 853 -44.16 60.34 84.49
N LEU A 854 -44.48 59.75 85.63
CA LEU A 854 -45.78 60.00 86.26
C LEU A 854 -45.97 61.48 86.57
N GLN A 855 -44.92 62.16 87.02
CA GLN A 855 -45.06 63.59 87.33
C GLN A 855 -45.26 64.40 86.07
N LYS A 856 -44.26 64.36 85.19
CA LYS A 856 -44.44 65.00 83.91
C LYS A 856 -45.64 64.44 83.17
N GLU A 857 -46.18 63.30 83.59
CA GLU A 857 -47.45 62.85 83.00
C GLU A 857 -48.56 63.82 83.32
N ASN A 858 -48.76 64.13 84.60
CA ASN A 858 -49.76 65.11 84.97
C ASN A 858 -49.50 66.42 84.25
N ARG A 859 -48.23 66.85 84.23
CA ARG A 859 -47.96 68.15 83.65
C ARG A 859 -48.28 68.18 82.16
N PHE A 860 -47.80 67.18 81.42
CA PHE A 860 -48.05 67.16 79.98
C PHE A 860 -49.53 67.03 79.69
N MET A 861 -50.21 66.08 80.31
CA MET A 861 -51.63 65.92 80.08
C MET A 861 -52.37 67.24 80.30
N ASP A 862 -52.05 67.93 81.40
CA ASP A 862 -52.67 69.22 81.66
C ASP A 862 -52.40 70.18 80.52
N LEU A 863 -51.13 70.37 80.18
CA LEU A 863 -50.81 71.26 79.06
C LEU A 863 -51.47 70.78 77.78
N LEU A 864 -51.44 69.47 77.55
CA LEU A 864 -51.95 68.93 76.31
C LEU A 864 -53.40 69.32 76.07
N ARG A 865 -54.20 69.26 77.13
CA ARG A 865 -55.62 69.58 77.01
C ARG A 865 -55.82 71.04 76.63
N GLU A 866 -54.81 71.87 76.86
CA GLU A 866 -54.97 73.30 76.65
C GLU A 866 -54.47 73.74 75.28
N SER A 867 -53.61 72.95 74.65
CA SER A 867 -53.01 73.34 73.39
C SER A 867 -53.86 72.98 72.19
N HIS A 868 -54.94 72.24 72.37
CA HIS A 868 -55.81 71.81 71.29
C HIS A 868 -55.05 71.02 70.23
N LEU A 869 -54.16 70.14 70.67
CA LEU A 869 -53.52 69.20 69.76
C LEU A 869 -54.42 68.00 69.52
N SER A 870 -54.14 67.24 68.47
CA SER A 870 -54.95 66.09 68.15
C SER A 870 -54.40 64.81 68.76
N MET A 871 -53.20 64.88 69.32
CA MET A 871 -52.55 63.72 69.88
C MET A 871 -53.36 63.21 71.07
N ILE A 872 -53.48 61.90 71.20
CA ILE A 872 -54.28 61.30 72.26
C ILE A 872 -53.32 60.61 73.23
N VAL A 873 -53.68 60.62 74.51
CA VAL A 873 -52.81 60.12 75.57
C VAL A 873 -53.66 59.48 76.66
N THR A 874 -53.25 58.31 77.10
CA THR A 874 -53.88 57.63 78.22
C THR A 874 -52.92 57.55 79.38
N PRO A 875 -53.31 57.96 80.58
CA PRO A 875 -52.36 58.02 81.70
C PRO A 875 -51.73 56.66 81.94
N LEU A 876 -50.57 56.67 82.57
CA LEU A 876 -49.85 55.43 82.78
C LEU A 876 -50.59 54.51 83.72
N GLU A 877 -51.39 55.07 84.63
CA GLU A 877 -52.03 54.24 85.65
C GLU A 877 -53.09 53.33 85.04
N GLN A 878 -53.68 53.73 83.92
CA GLN A 878 -54.60 52.83 83.24
C GLN A 878 -53.86 51.90 82.29
N LEU A 879 -52.64 52.25 81.91
CA LEU A 879 -51.92 51.43 80.96
C LEU A 879 -51.21 50.29 81.63
N LEU A 880 -50.73 50.49 82.85
CA LEU A 880 -50.13 49.41 83.58
C LEU A 880 -51.09 48.25 83.77
N GLN A 881 -52.39 48.51 83.85
CA GLN A 881 -53.37 47.46 83.98
C GLN A 881 -53.86 46.93 82.64
N GLY A 882 -53.26 47.35 81.53
CA GLY A 882 -53.70 46.91 80.22
C GLY A 882 -53.52 45.42 80.01
N ILE A 883 -54.09 44.88 78.94
CA ILE A 883 -54.01 43.46 78.68
C ILE A 883 -52.68 43.14 78.02
N ASN A 884 -51.85 42.37 78.71
CA ASN A 884 -50.55 41.99 78.19
C ASN A 884 -50.72 40.99 77.05
N PRO A 885 -50.17 41.24 75.87
CA PRO A 885 -50.42 40.34 74.75
C PRO A 885 -49.79 38.97 74.90
N ARG A 886 -48.85 38.80 75.83
CA ARG A 886 -48.25 37.49 76.06
C ARG A 886 -49.04 36.67 77.05
N SER A 887 -49.30 37.22 78.23
CA SER A 887 -50.03 36.48 79.26
C SER A 887 -51.54 36.62 79.13
N LYS A 888 -52.03 37.43 78.21
CA LYS A 888 -53.45 37.71 78.03
C LYS A 888 -54.13 38.15 79.31
N LYS A 889 -53.38 38.74 80.24
CA LYS A 889 -53.93 39.25 81.47
C LYS A 889 -53.38 40.64 81.73
N ALA A 890 -53.78 41.22 82.86
CA ALA A 890 -53.32 42.55 83.24
C ALA A 890 -52.12 42.43 84.17
N ASP A 891 -51.29 41.42 83.95
CA ASP A 891 -50.32 40.98 84.92
C ASP A 891 -49.07 41.85 84.98
N ASN A 892 -49.09 43.07 84.45
CA ASN A 892 -47.94 43.95 84.61
C ASN A 892 -47.66 44.20 86.09
N VAL A 893 -48.73 44.43 86.85
CA VAL A 893 -48.57 44.79 88.25
C VAL A 893 -47.93 43.64 89.03
N VAL A 894 -48.35 42.41 88.74
CA VAL A 894 -47.78 41.27 89.44
C VAL A 894 -46.29 41.17 89.17
N ASN A 895 -45.90 41.34 87.91
CA ASN A 895 -44.49 41.31 87.57
C ASN A 895 -43.73 42.38 88.36
N ILE A 896 -44.29 43.58 88.46
CA ILE A 896 -43.61 44.67 89.16
C ILE A 896 -43.32 44.28 90.58
N ALA A 897 -44.30 43.70 91.26
CA ALA A 897 -44.18 43.40 92.67
C ALA A 897 -43.01 42.48 92.93
N ARG A 898 -42.87 41.46 92.10
CA ARG A 898 -41.94 40.38 92.38
C ARG A 898 -40.53 40.91 92.62
N TYR A 899 -40.22 42.10 92.13
CA TYR A 899 -38.91 42.67 92.42
C TYR A 899 -38.71 42.87 93.90
N LEU A 900 -39.80 42.96 94.67
CA LEU A 900 -39.68 43.11 96.12
C LEU A 900 -39.11 41.87 96.76
N CYS A 901 -39.45 40.68 96.24
CA CYS A 901 -38.88 39.45 96.78
C CYS A 901 -37.36 39.48 96.77
N HIS A 902 -36.75 40.12 95.78
CA HIS A 902 -35.31 40.20 95.68
C HIS A 902 -34.73 41.41 96.40
N GLY A 903 -35.38 41.85 97.47
CA GLY A 903 -34.92 43.02 98.18
C GLY A 903 -33.54 42.86 98.80
N ASN A 904 -33.21 41.66 99.24
CA ASN A 904 -31.91 41.45 99.88
C ASN A 904 -30.77 41.52 98.87
N SER A 905 -31.06 41.27 97.61
CA SER A 905 -30.01 41.24 96.60
C SER A 905 -29.89 42.57 95.87
N ASN A 906 -31.00 43.06 95.34
CA ASN A 906 -31.03 44.29 94.56
C ASN A 906 -31.93 45.27 95.30
N ALA A 907 -31.36 46.00 96.24
CA ALA A 907 -32.17 46.90 97.05
C ALA A 907 -32.64 48.10 96.26
N GLU A 908 -31.84 48.56 95.30
CA GLU A 908 -32.23 49.72 94.51
C GLU A 908 -33.53 49.47 93.76
N LEU A 909 -33.61 48.35 93.05
CA LEU A 909 -34.85 47.99 92.40
C LEU A 909 -35.97 47.86 93.40
N ALA A 910 -35.67 47.38 94.60
CA ALA A 910 -36.71 47.26 95.61
C ALA A 910 -37.29 48.62 95.93
N PHE A 911 -36.43 49.62 96.15
CA PHE A 911 -36.92 50.95 96.46
C PHE A 911 -37.73 51.52 95.31
N GLU A 912 -37.24 51.34 94.08
CA GLU A 912 -37.97 51.91 92.96
C GLU A 912 -39.34 51.24 92.81
N SER A 913 -39.41 49.94 93.01
CA SER A 913 -40.67 49.24 92.90
C SER A 913 -41.65 49.71 93.97
N ALA A 914 -41.16 49.85 95.20
CA ALA A 914 -42.03 50.36 96.24
C ALA A 914 -42.54 51.75 95.91
N LYS A 915 -41.67 52.59 95.36
CA LYS A 915 -42.09 53.94 95.02
C LYS A 915 -43.18 53.92 93.97
N ILE A 916 -43.04 53.06 92.96
CA ILE A 916 -44.05 53.03 91.93
C ILE A 916 -45.36 52.50 92.49
N LEU A 917 -45.31 51.49 93.34
CA LEU A 917 -46.54 50.98 93.93
C LEU A 917 -47.24 52.07 94.72
N CYS A 918 -46.47 52.86 95.47
CA CYS A 918 -47.05 53.95 96.24
C CYS A 918 -47.68 54.98 95.32
N SER A 919 -47.01 55.31 94.21
CA SER A 919 -47.59 56.29 93.29
C SER A 919 -48.87 55.74 92.69
N ILE A 920 -48.95 54.44 92.49
CA ILE A 920 -50.16 53.85 91.94
C ILE A 920 -51.30 53.95 92.95
N SER A 921 -51.01 53.62 94.20
CA SER A 921 -52.04 53.51 95.23
C SER A 921 -52.90 54.75 95.36
N CYS A 922 -52.33 55.92 95.08
CA CYS A 922 -52.99 57.19 95.39
C CYS A 922 -54.22 57.45 94.53
N ASN A 923 -54.64 56.48 93.73
CA ASN A 923 -55.88 56.57 92.97
C ASN A 923 -56.87 55.58 93.58
N SER A 924 -58.13 56.00 93.71
CA SER A 924 -59.08 55.22 94.50
C SER A 924 -59.78 54.17 93.65
N LYS A 925 -60.01 54.48 92.38
CA LYS A 925 -60.77 53.57 91.53
C LYS A 925 -60.03 52.25 91.35
N ILE A 926 -58.70 52.31 91.35
CA ILE A 926 -57.87 51.18 90.97
C ILE A 926 -57.68 50.17 92.09
N GLN A 927 -57.90 50.57 93.34
CA GLN A 927 -57.61 49.68 94.46
C GLN A 927 -58.31 48.34 94.33
N GLU A 928 -59.43 48.31 93.61
CA GLU A 928 -60.16 47.07 93.45
C GLU A 928 -59.45 46.13 92.48
N LYS A 929 -59.16 46.62 91.28
CA LYS A 929 -58.51 45.76 90.29
C LYS A 929 -57.20 45.21 90.81
N ILE A 930 -56.47 46.01 91.57
CA ILE A 930 -55.16 45.58 92.04
C ILE A 930 -55.32 44.46 93.05
N VAL A 931 -56.27 44.59 93.97
CA VAL A 931 -56.46 43.54 94.98
C VAL A 931 -56.94 42.26 94.30
N GLY A 932 -57.81 42.40 93.32
CA GLY A 932 -58.20 41.23 92.55
C GLY A 932 -57.00 40.56 91.90
N ASP A 933 -56.10 41.37 91.35
CA ASP A 933 -54.93 40.82 90.66
C ASP A 933 -54.00 40.14 91.66
N PHE A 934 -53.85 40.71 92.84
CA PHE A 934 -53.00 40.10 93.87
C PHE A 934 -53.57 38.80 94.37
N THR A 935 -54.89 38.71 94.51
CA THR A 935 -55.51 37.57 95.16
C THR A 935 -56.00 36.51 94.19
N GLN A 936 -55.88 36.74 92.88
CA GLN A 936 -56.33 35.75 91.91
C GLN A 936 -55.76 34.37 92.21
N ASP A 937 -54.45 34.29 92.38
CA ASP A 937 -53.76 33.03 92.62
C ASP A 937 -53.25 32.98 94.05
N GLN A 938 -53.48 31.86 94.72
CA GLN A 938 -53.12 31.75 96.13
C GLN A 938 -51.63 31.98 96.33
N ASN A 939 -50.79 31.31 95.54
CA ASN A 939 -49.36 31.53 95.65
C ASN A 939 -49.00 32.99 95.40
N VAL A 940 -49.68 33.61 94.43
CA VAL A 940 -49.38 35.01 94.09
C VAL A 940 -49.68 35.92 95.29
N SER A 941 -50.88 35.80 95.84
CA SER A 941 -51.23 36.60 96.99
C SER A 941 -50.25 36.40 98.13
N GLN A 942 -50.00 35.14 98.48
CA GLN A 942 -49.15 34.83 99.63
C GLN A 942 -47.75 35.40 99.45
N LYS A 943 -47.14 35.13 98.29
CA LYS A 943 -45.79 35.60 98.05
C LYS A 943 -45.71 37.12 98.04
N LEU A 944 -46.65 37.78 97.34
CA LEU A 944 -46.58 39.24 97.27
C LEU A 944 -46.72 39.85 98.66
N MET A 945 -47.77 39.47 99.38
CA MET A 945 -48.01 40.08 100.69
C MET A 945 -46.83 39.84 101.61
N VAL A 946 -46.37 38.59 101.74
CA VAL A 946 -45.34 38.35 102.73
C VAL A 946 -43.98 38.85 102.25
N GLY A 947 -43.82 39.08 100.95
CA GLY A 947 -42.63 39.77 100.49
C GLY A 947 -42.62 41.23 100.92
N PHE A 948 -43.76 41.92 100.75
CA PHE A 948 -43.88 43.26 101.29
C PHE A 948 -43.50 43.26 102.76
N VAL A 949 -44.06 42.30 103.49
CA VAL A 949 -43.90 42.30 104.94
C VAL A 949 -42.44 42.08 105.33
N SER A 950 -41.78 41.08 104.74
CA SER A 950 -40.38 40.85 105.06
C SER A 950 -39.50 41.95 104.51
N CYS A 951 -40.02 42.76 103.59
CA CYS A 951 -39.25 43.90 103.09
C CYS A 951 -39.28 45.05 104.08
N LEU A 952 -40.43 45.29 104.71
CA LEU A 952 -40.48 46.31 105.75
C LEU A 952 -39.61 45.98 106.94
N ASP A 953 -39.38 44.70 107.23
CA ASP A 953 -38.54 44.30 108.35
C ASP A 953 -37.09 44.55 107.95
N SER A 954 -36.66 45.78 108.16
CA SER A 954 -35.30 46.19 107.81
C SER A 954 -34.35 45.64 108.86
N GLU A 955 -33.94 44.39 108.66
CA GLU A 955 -32.94 43.75 109.49
C GLU A 955 -31.56 44.01 108.90
N GLU A 956 -31.14 45.28 108.97
CA GLU A 956 -29.82 45.66 108.50
C GLU A 956 -28.77 44.82 109.21
N ALA A 957 -27.70 44.50 108.48
CA ALA A 957 -26.68 43.55 108.92
C ALA A 957 -26.33 43.75 110.39
N GLU A 968 -19.74 54.73 102.22
CA GLU A 968 -21.04 55.29 101.85
C GLU A 968 -22.01 54.24 101.34
N ASP A 969 -21.52 53.11 100.84
CA ASP A 969 -22.37 52.03 100.35
C ASP A 969 -23.46 51.64 101.34
N GLN A 970 -23.06 51.21 102.54
CA GLN A 970 -24.06 50.78 103.51
C GLN A 970 -24.83 51.95 104.11
N VAL A 971 -24.27 53.15 104.12
CA VAL A 971 -25.02 54.32 104.60
C VAL A 971 -26.18 54.61 103.66
N LYS A 972 -25.91 54.63 102.35
CA LYS A 972 -26.98 54.73 101.38
C LYS A 972 -27.91 53.52 101.42
N GLN A 973 -27.40 52.35 101.83
CA GLN A 973 -28.29 51.21 102.00
C GLN A 973 -29.29 51.47 103.12
N THR A 974 -28.83 52.01 104.23
CA THR A 974 -29.74 52.40 105.30
C THR A 974 -30.70 53.48 104.83
N ASN A 975 -30.19 54.45 104.07
CA ASN A 975 -31.06 55.52 103.57
C ASN A 975 -32.12 54.97 102.63
N ILE A 976 -31.78 53.95 101.85
CA ILE A 976 -32.75 53.35 100.94
C ILE A 976 -33.77 52.54 101.72
N ARG A 977 -33.33 51.80 102.73
CA ARG A 977 -34.29 51.12 103.59
C ARG A 977 -35.22 52.13 104.24
N TYR A 978 -34.69 53.30 104.58
CA TYR A 978 -35.50 54.34 105.20
C TYR A 978 -36.56 54.85 104.24
N MET A 979 -36.15 55.27 103.04
CA MET A 979 -37.10 55.78 102.07
C MET A 979 -38.11 54.71 101.68
N THR A 980 -37.69 53.45 101.68
CA THR A 980 -38.62 52.37 101.37
C THR A 980 -39.68 52.26 102.45
N LYS A 981 -39.26 52.23 103.71
CA LYS A 981 -40.24 52.17 104.79
C LYS A 981 -41.20 53.33 104.70
N ILE A 982 -40.68 54.52 104.39
CA ILE A 982 -41.54 55.68 104.24
C ILE A 982 -42.60 55.46 103.18
N HIS A 983 -42.17 55.03 101.99
CA HIS A 983 -43.11 54.90 100.89
C HIS A 983 -44.15 53.83 101.18
N ILE A 984 -43.73 52.72 101.78
CA ILE A 984 -44.67 51.67 102.14
C ILE A 984 -45.72 52.19 103.10
N LEU A 985 -45.29 52.93 104.13
CA LEU A 985 -46.26 53.35 105.13
C LEU A 985 -47.19 54.43 104.61
N ASN A 986 -46.68 55.32 103.77
CA ASN A 986 -47.58 56.29 103.15
C ASN A 986 -48.62 55.59 102.30
N LEU A 987 -48.19 54.56 101.56
CA LEU A 987 -49.15 53.75 100.84
C LEU A 987 -50.20 53.19 101.77
N LEU A 988 -49.79 52.71 102.93
CA LEU A 988 -50.75 52.13 103.85
C LEU A 988 -51.77 53.17 104.28
N ILE A 989 -51.31 54.39 104.58
CA ILE A 989 -52.25 55.43 104.99
C ILE A 989 -53.26 55.71 103.89
N THR A 990 -52.79 56.22 102.75
CA THR A 990 -53.71 56.77 101.76
C THR A 990 -54.74 55.75 101.34
N SER A 991 -54.40 54.47 101.38
CA SER A 991 -55.33 53.42 100.98
C SER A 991 -56.40 53.20 102.03
N LEU A 992 -56.03 53.30 103.30
CA LEU A 992 -56.95 52.96 104.37
C LEU A 992 -58.16 53.88 104.36
N GLU A 993 -57.93 55.18 104.25
CA GLU A 993 -59.02 56.13 104.32
C GLU A 993 -59.87 56.16 103.06
N MET A 994 -59.45 55.48 102.00
CA MET A 994 -60.24 55.50 100.77
C MET A 994 -61.58 54.84 100.97
N LYS A 995 -61.59 53.52 101.13
CA LYS A 995 -62.85 52.79 101.27
C LYS A 995 -62.71 51.53 102.12
N ALA A 996 -63.50 50.50 101.80
CA ALA A 996 -63.49 49.27 102.61
C ALA A 996 -62.52 48.21 102.10
N PRO A 997 -62.74 47.74 100.86
CA PRO A 997 -61.88 46.67 100.32
C PRO A 997 -60.59 47.24 99.75
N ASN A 998 -59.78 47.87 100.58
CA ASN A 998 -58.56 48.51 100.11
C ASN A 998 -57.34 47.61 100.25
N LEU A 999 -56.23 48.05 99.69
CA LEU A 999 -54.99 47.29 99.81
C LEU A 999 -54.61 47.18 101.27
N ALA A 1000 -54.97 48.19 102.06
CA ALA A 1000 -54.67 48.15 103.48
C ALA A 1000 -55.40 47.00 104.16
N MET A 1001 -56.66 46.76 103.77
CA MET A 1001 -57.40 45.69 104.41
C MET A 1001 -56.77 44.34 104.12
N PHE A 1002 -56.09 44.21 102.99
CA PHE A 1002 -55.41 42.96 102.70
C PHE A 1002 -54.08 42.89 103.45
N LEU A 1003 -53.26 43.93 103.33
CA LEU A 1003 -51.93 43.89 103.92
C LEU A 1003 -52.01 43.86 105.44
N LEU A 1004 -53.11 44.28 106.02
CA LEU A 1004 -53.24 44.25 107.47
C LEU A 1004 -53.89 42.96 107.96
N GLY A 1005 -54.29 42.08 107.07
CA GLY A 1005 -54.78 40.78 107.46
C GLY A 1005 -56.26 40.68 107.74
N TYR A 1006 -57.04 41.69 107.42
CA TYR A 1006 -58.48 41.55 107.50
C TYR A 1006 -58.93 40.51 106.50
N GLU A 1007 -60.01 39.80 106.81
CA GLU A 1007 -60.54 38.78 105.93
C GLU A 1007 -61.48 39.45 104.94
N LEU A 1008 -61.11 39.46 103.66
CA LEU A 1008 -61.90 40.14 102.65
C LEU A 1008 -63.11 39.34 102.19
N LYS A 1009 -63.15 38.04 102.46
CA LYS A 1009 -64.29 37.25 102.01
C LYS A 1009 -65.51 37.45 102.90
N LYS A 1010 -65.30 37.53 104.20
CA LYS A 1010 -66.33 37.73 105.20
C LYS A 1010 -66.43 39.21 105.56
N PRO A 1011 -67.49 39.64 106.23
CA PRO A 1011 -67.53 41.00 106.73
C PRO A 1011 -66.34 41.29 107.63
N VAL A 1012 -65.81 42.51 107.54
CA VAL A 1012 -64.59 42.84 108.26
C VAL A 1012 -64.83 42.80 109.76
N SER A 1013 -66.07 42.99 110.19
CA SER A 1013 -66.37 43.09 111.61
C SER A 1013 -66.22 41.76 112.34
N THR A 1014 -66.08 40.66 111.60
CA THR A 1014 -66.01 39.33 112.19
C THR A 1014 -64.62 38.72 112.14
N THR A 1015 -63.62 39.48 111.71
CA THR A 1015 -62.27 38.94 111.63
C THR A 1015 -61.76 38.55 113.01
N ASN A 1016 -61.10 37.40 113.08
CA ASN A 1016 -60.48 36.92 114.31
C ASN A 1016 -58.97 37.05 114.15
N LEU A 1017 -58.44 38.21 114.51
CA LEU A 1017 -57.02 38.46 114.39
C LEU A 1017 -56.27 37.67 115.46
N GLN A 1018 -55.26 36.93 115.06
CA GLN A 1018 -54.47 36.12 115.96
C GLN A 1018 -52.98 36.48 115.82
N ASP A 1019 -52.21 36.12 116.84
CA ASP A 1019 -50.79 36.39 116.82
C ASP A 1019 -50.13 35.70 115.63
N SER A 1020 -49.04 36.28 115.14
CA SER A 1020 -48.29 35.67 114.05
C SER A 1020 -47.74 34.33 114.48
N GLY A 1021 -48.16 33.27 113.78
CA GLY A 1021 -47.75 31.92 114.08
C GLY A 1021 -48.86 31.00 114.49
N VAL A 1022 -49.88 31.48 115.19
CA VAL A 1022 -50.94 30.64 115.72
C VAL A 1022 -51.95 30.37 114.61
N LEU A 1023 -52.35 29.11 114.47
CA LEU A 1023 -53.38 28.67 113.53
C LEU A 1023 -53.04 28.99 112.08
N GLY A 1024 -51.80 29.31 111.77
CA GLY A 1024 -51.40 29.54 110.40
C GLY A 1024 -51.57 30.95 109.89
N CYS A 1025 -51.85 31.91 110.76
CA CYS A 1025 -52.05 33.29 110.32
C CYS A 1025 -50.73 33.90 109.85
N PRO A 1026 -50.68 34.45 108.61
CA PRO A 1026 -49.36 35.02 108.24
C PRO A 1026 -49.01 36.32 108.98
N ARG A 1027 -47.75 36.72 108.90
CA ARG A 1027 -47.35 37.99 109.50
C ARG A 1027 -47.87 39.10 108.63
N THR A 1028 -48.80 39.87 109.17
CA THR A 1028 -49.35 40.99 108.42
C THR A 1028 -48.68 42.27 108.86
N CYS A 1029 -49.01 43.36 108.20
CA CYS A 1029 -48.43 44.65 108.58
C CYS A 1029 -48.74 44.95 110.03
N LEU A 1030 -49.74 44.29 110.60
CA LEU A 1030 -49.99 44.46 112.02
C LEU A 1030 -48.85 43.90 112.86
N HIS A 1031 -48.53 42.62 112.65
CA HIS A 1031 -47.44 42.02 113.41
C HIS A 1031 -46.15 42.78 113.20
N SER A 1032 -45.92 43.23 111.97
CA SER A 1032 -44.67 43.92 111.68
C SER A 1032 -44.58 45.25 112.41
N ILE A 1033 -45.60 46.09 112.30
CA ILE A 1033 -45.58 47.36 113.00
C ILE A 1033 -45.46 47.14 114.49
N LEU A 1034 -46.22 46.20 115.04
CA LEU A 1034 -46.12 45.94 116.47
C LEU A 1034 -44.70 45.56 116.84
N ASP A 1035 -44.03 44.79 115.98
CA ASP A 1035 -42.66 44.41 116.28
C ASP A 1035 -41.74 45.62 116.23
N ILE A 1036 -42.06 46.59 115.38
CA ILE A 1036 -41.18 47.75 115.24
C ILE A 1036 -41.16 48.57 116.52
N LEU A 1037 -42.31 49.09 116.92
CA LEU A 1037 -42.34 50.01 118.05
C LEU A 1037 -42.04 49.28 119.36
N ARG A 1038 -42.26 47.97 119.41
CA ARG A 1038 -42.01 47.22 120.64
C ARG A 1038 -40.52 47.24 120.98
N LYS A 1039 -39.66 47.37 119.98
CA LYS A 1039 -38.23 47.38 120.26
C LYS A 1039 -37.84 48.55 121.14
N GLY A 1040 -38.40 49.72 120.87
CA GLY A 1040 -38.04 50.92 121.59
C GLY A 1040 -37.12 51.78 120.75
N THR A 1041 -37.67 52.79 120.09
CA THR A 1041 -36.94 53.54 119.06
C THR A 1041 -36.06 54.62 119.68
N ASP A 1042 -35.07 54.18 120.45
CA ASP A 1042 -33.95 55.02 120.84
C ASP A 1042 -32.94 55.16 119.71
N VAL A 1043 -33.24 54.58 118.54
CA VAL A 1043 -32.30 54.59 117.43
C VAL A 1043 -32.03 56.02 116.99
N ARG A 1044 -30.81 56.25 116.50
CA ARG A 1044 -30.46 57.57 115.99
C ARG A 1044 -31.33 57.96 114.82
N ALA A 1045 -31.81 56.99 114.05
CA ALA A 1045 -32.72 57.30 112.94
C ALA A 1045 -34.00 57.93 113.45
N GLY A 1046 -34.52 57.42 114.55
CA GLY A 1046 -35.76 57.90 115.11
C GLY A 1046 -36.89 57.77 114.13
N PRO A 1047 -38.01 58.40 114.43
CA PRO A 1047 -39.13 58.38 113.50
C PRO A 1047 -38.90 59.36 112.36
N VAL A 1048 -39.02 58.90 111.12
CA VAL A 1048 -38.51 59.66 110.00
C VAL A 1048 -39.38 60.88 109.74
N ALA A 1049 -40.42 61.08 110.54
CA ALA A 1049 -41.22 62.28 110.37
C ALA A 1049 -40.48 63.54 110.80
N VAL A 1050 -39.17 63.47 111.02
CA VAL A 1050 -38.37 64.62 111.43
C VAL A 1050 -38.50 65.78 110.45
N TRP A 1051 -38.45 65.49 109.15
CA TRP A 1051 -38.69 66.48 108.10
C TRP A 1051 -39.92 66.18 107.27
N ASP A 1052 -40.69 65.17 107.66
CA ASP A 1052 -41.71 64.55 106.84
C ASP A 1052 -42.80 63.97 107.74
N THR A 1053 -43.45 62.90 107.29
CA THR A 1053 -44.71 62.40 107.84
C THR A 1053 -44.48 60.99 108.44
N PRO A 1054 -45.52 60.24 108.78
CA PRO A 1054 -45.71 59.74 110.16
C PRO A 1054 -44.50 59.08 110.81
N HIS A 1055 -44.54 59.13 112.15
CA HIS A 1055 -43.62 58.44 113.04
C HIS A 1055 -43.87 56.97 113.09
N LEU A 1056 -44.73 56.46 112.20
CA LEU A 1056 -44.97 55.04 111.97
C LEU A 1056 -45.63 54.36 113.17
N ALA A 1057 -45.86 55.10 114.25
CA ALA A 1057 -46.75 54.63 115.29
C ALA A 1057 -48.09 55.30 115.06
N GLU A 1058 -48.04 56.50 114.52
CA GLU A 1058 -49.25 57.26 114.23
C GLU A 1058 -50.16 56.48 113.31
N LEU A 1059 -49.59 55.79 112.32
CA LEU A 1059 -50.44 54.99 111.45
C LEU A 1059 -51.13 53.86 112.22
N CYS A 1060 -50.38 53.13 113.04
CA CYS A 1060 -50.96 52.00 113.75
C CYS A 1060 -52.09 52.45 114.66
N TYR A 1061 -51.86 53.52 115.39
CA TYR A 1061 -52.90 54.03 116.26
C TYR A 1061 -54.04 54.64 115.47
N GLN A 1062 -53.77 55.16 114.28
CA GLN A 1062 -54.83 55.62 113.41
C GLN A 1062 -55.70 54.47 112.98
N VAL A 1063 -55.09 53.31 112.73
CA VAL A 1063 -55.86 52.12 112.40
C VAL A 1063 -56.72 51.71 113.57
N ILE A 1064 -56.12 51.64 114.77
CA ILE A 1064 -56.87 51.23 115.95
C ILE A 1064 -58.05 52.15 116.17
N TYR A 1065 -57.90 53.43 115.86
CA TYR A 1065 -59.02 54.35 115.98
C TYR A 1065 -60.02 54.14 114.84
N GLN A 1066 -59.52 53.98 113.62
CA GLN A 1066 -60.38 53.78 112.46
C GLN A 1066 -61.08 52.44 112.49
N LEU A 1067 -60.78 51.62 113.49
CA LEU A 1067 -61.65 50.50 113.82
C LEU A 1067 -63.10 50.93 113.83
N CYS A 1068 -63.42 51.88 114.71
CA CYS A 1068 -64.78 52.39 114.77
C CYS A 1068 -64.92 53.75 114.13
N ALA A 1069 -63.82 54.49 113.92
CA ALA A 1069 -63.90 55.75 113.22
C ALA A 1069 -64.27 55.53 111.76
N CYS A 1070 -63.48 54.74 111.04
CA CYS A 1070 -63.89 54.24 109.73
C CYS A 1070 -64.73 53.00 109.99
N ALA A 1071 -66.05 53.20 109.95
CA ALA A 1071 -67.02 52.43 110.71
C ALA A 1071 -66.73 50.96 110.91
N ASP A 1072 -66.51 50.22 109.82
CA ASP A 1072 -66.71 48.77 109.83
C ASP A 1072 -65.67 47.97 110.61
N THR A 1073 -64.50 48.54 110.88
CA THR A 1073 -63.43 47.70 111.43
C THR A 1073 -63.51 47.53 112.93
N SER A 1074 -64.70 47.62 113.50
CA SER A 1074 -64.96 48.05 114.88
C SER A 1074 -63.98 47.65 115.96
N GLY A 1075 -63.81 46.36 116.22
CA GLY A 1075 -63.22 45.96 117.47
C GLY A 1075 -62.06 44.98 117.50
N PRO A 1076 -61.78 44.25 116.42
CA PRO A 1076 -60.80 43.16 116.55
C PRO A 1076 -59.45 43.65 117.01
N THR A 1077 -59.05 44.85 116.61
CA THR A 1077 -57.70 45.30 116.91
C THR A 1077 -57.55 45.68 118.37
N MET A 1078 -58.55 46.33 118.94
CA MET A 1078 -58.48 46.64 120.36
C MET A 1078 -58.44 45.37 121.20
N ARG A 1079 -59.25 44.38 120.83
CA ARG A 1079 -59.21 43.10 121.51
C ARG A 1079 -57.86 42.45 121.36
N TYR A 1080 -57.27 42.55 120.18
CA TYR A 1080 -55.98 41.92 119.95
C TYR A 1080 -54.88 42.59 120.75
N LEU A 1081 -54.92 43.91 120.85
CA LEU A 1081 -53.91 44.62 121.63
C LEU A 1081 -54.10 44.40 123.12
N ARG A 1082 -55.33 44.19 123.56
CA ARG A 1082 -55.58 44.02 124.98
C ARG A 1082 -55.21 42.61 125.42
N THR A 1083 -55.50 41.60 124.59
CA THR A 1083 -55.30 40.23 125.00
C THR A 1083 -53.93 39.68 124.59
N SER A 1084 -53.54 39.89 123.34
CA SER A 1084 -52.36 39.20 122.82
C SER A 1084 -51.05 39.88 123.18
N GLN A 1085 -51.00 41.21 123.19
CA GLN A 1085 -49.74 41.91 123.30
C GLN A 1085 -49.61 42.81 124.52
N ASP A 1086 -50.72 43.28 125.09
CA ASP A 1086 -50.67 44.28 126.14
C ASP A 1086 -49.86 45.48 125.68
N PHE A 1087 -50.37 46.14 124.65
CA PHE A 1087 -49.63 47.20 123.99
C PHE A 1087 -49.71 48.51 124.75
N LEU A 1088 -50.91 48.91 125.15
CA LEU A 1088 -51.06 50.22 125.76
C LEU A 1088 -50.36 50.29 127.11
N PHE A 1089 -50.54 49.29 127.95
CA PHE A 1089 -49.92 49.32 129.28
C PHE A 1089 -48.40 49.37 129.17
N SER A 1090 -47.83 48.73 128.15
CA SER A 1090 -46.38 48.68 128.05
C SER A 1090 -45.81 49.92 127.39
N GLN A 1091 -46.59 50.55 126.49
CA GLN A 1091 -46.08 51.75 125.84
C GLN A 1091 -46.28 52.99 126.71
N LEU A 1092 -47.44 53.12 127.34
CA LEU A 1092 -47.74 54.30 128.13
C LEU A 1092 -46.89 54.41 129.39
N GLN A 1093 -46.17 53.35 129.77
CA GLN A 1093 -45.33 53.43 130.96
C GLN A 1093 -44.03 54.16 130.70
N HIS A 1094 -43.79 54.60 129.46
CA HIS A 1094 -42.59 55.35 129.13
C HIS A 1094 -42.86 56.82 128.91
N LEU A 1095 -44.09 57.27 129.07
CA LEU A 1095 -44.41 58.66 128.78
C LEU A 1095 -43.89 59.56 129.90
N PRO A 1096 -43.37 60.75 129.56
CA PRO A 1096 -43.28 61.33 128.22
C PRO A 1096 -42.06 60.89 127.43
N PHE A 1097 -42.20 60.79 126.11
CA PHE A 1097 -41.08 60.45 125.26
C PHE A 1097 -40.10 61.62 125.19
N SER A 1098 -38.90 61.43 125.72
CA SER A 1098 -37.94 62.51 125.86
C SER A 1098 -37.08 62.64 124.60
N VAL A 1099 -37.71 63.06 123.51
CA VAL A 1099 -36.99 63.28 122.26
C VAL A 1099 -36.71 64.77 122.12
N GLU A 1100 -35.56 65.22 122.62
CA GLU A 1100 -35.19 66.61 122.49
C GLU A 1100 -34.75 66.93 121.08
N GLU A 1101 -34.25 65.92 120.36
CA GLU A 1101 -33.76 66.09 119.00
C GLU A 1101 -34.80 66.83 118.18
N SER A 1102 -36.04 66.38 118.26
CA SER A 1102 -37.14 67.04 117.58
C SER A 1102 -38.34 66.99 118.51
N GLU A 1103 -38.47 68.01 119.36
CA GLU A 1103 -39.64 68.11 120.22
C GLU A 1103 -40.91 68.02 119.42
N ILE A 1104 -40.85 68.36 118.13
CA ILE A 1104 -41.97 68.14 117.23
C ILE A 1104 -42.38 66.68 117.24
N SER A 1105 -41.42 65.77 117.10
CA SER A 1105 -41.76 64.36 117.01
C SER A 1105 -42.22 63.81 118.34
N ALA A 1106 -41.57 64.19 119.43
CA ALA A 1106 -42.03 63.75 120.73
C ALA A 1106 -43.45 64.20 120.99
N MET A 1107 -43.76 65.45 120.63
CA MET A 1107 -45.11 65.97 120.83
C MET A 1107 -46.12 65.23 119.96
N ASN A 1108 -45.73 64.89 118.73
CA ASN A 1108 -46.68 64.17 117.87
C ASN A 1108 -46.90 62.76 118.39
N GLN A 1109 -45.86 62.10 118.87
CA GLN A 1109 -46.04 60.79 119.49
C GLN A 1109 -47.03 60.88 120.64
N MET A 1110 -46.81 61.83 121.54
CA MET A 1110 -47.72 61.97 122.67
C MET A 1110 -49.14 62.24 122.20
N SER A 1111 -49.30 63.04 121.14
CA SER A 1111 -50.64 63.40 120.67
C SER A 1111 -51.41 62.18 120.17
N TRP A 1112 -50.79 61.44 119.25
CA TRP A 1112 -51.49 60.28 118.72
C TRP A 1112 -51.75 59.25 119.83
N LEU A 1113 -50.79 59.07 120.72
CA LEU A 1113 -50.98 58.12 121.80
C LEU A 1113 -52.14 58.54 122.69
N MET A 1114 -52.29 59.84 122.92
CA MET A 1114 -53.37 60.33 123.77
C MET A 1114 -54.73 60.05 123.13
N LYS A 1115 -54.90 60.41 121.85
CA LYS A 1115 -56.19 60.16 121.22
C LYS A 1115 -56.54 58.67 121.27
N THR A 1116 -55.55 57.81 121.01
CA THR A 1116 -55.81 56.38 120.98
C THR A 1116 -56.23 55.86 122.34
N ALA A 1117 -55.44 56.13 123.37
CA ALA A 1117 -55.82 55.66 124.70
C ALA A 1117 -57.16 56.24 125.13
N THR A 1118 -57.48 57.45 124.69
CA THR A 1118 -58.79 58.02 124.99
C THR A 1118 -59.91 57.11 124.50
N ILE A 1119 -59.94 56.86 123.19
CA ILE A 1119 -61.08 56.08 122.71
C ILE A 1119 -61.05 54.68 123.29
N GLU A 1120 -59.85 54.15 123.56
CA GLU A 1120 -59.76 52.79 124.08
C GLU A 1120 -60.39 52.69 125.47
N LEU A 1121 -59.97 53.56 126.38
CA LEU A 1121 -60.57 53.56 127.71
C LEU A 1121 -62.06 53.81 127.63
N ARG A 1122 -62.50 54.71 126.73
CA ARG A 1122 -63.92 55.01 126.67
C ARG A 1122 -64.72 53.76 126.34
N ILE A 1123 -64.33 53.04 125.29
CA ILE A 1123 -65.13 51.89 124.91
C ILE A 1123 -65.00 50.76 125.92
N THR A 1124 -63.80 50.56 126.47
CA THR A 1124 -63.61 49.47 127.43
C THR A 1124 -64.43 49.71 128.69
N SER A 1125 -64.56 50.97 129.11
CA SER A 1125 -65.43 51.25 130.25
C SER A 1125 -66.90 51.20 129.84
N LEU A 1126 -67.31 51.53 128.64
CA LEU A 1126 -68.75 51.35 128.29
C LEU A 1126 -69.07 49.89 128.10
N ASN A 1127 -68.16 49.01 128.46
CA ASN A 1127 -68.37 47.57 128.32
C ASN A 1127 -68.07 46.86 129.62
N ARG A 1128 -68.00 47.57 130.73
CA ARG A 1128 -67.82 46.98 132.04
C ARG A 1128 -66.58 46.18 132.36
N GLN A 1129 -65.47 46.35 131.66
CA GLN A 1129 -64.25 45.63 132.07
C GLN A 1129 -63.65 46.52 133.08
N ARG A 1130 -64.06 46.26 134.31
CA ARG A 1130 -63.59 47.07 135.38
C ARG A 1130 -62.11 46.82 135.61
N SER A 1131 -61.60 45.60 135.73
CA SER A 1131 -60.18 45.43 136.00
C SER A 1131 -59.32 46.33 135.15
N HIS A 1132 -59.48 46.33 133.84
CA HIS A 1132 -58.71 47.18 132.92
C HIS A 1132 -58.86 48.68 133.13
N THR A 1133 -60.07 49.22 133.11
CA THR A 1133 -60.24 50.63 133.38
C THR A 1133 -59.51 50.93 134.66
N GLN A 1134 -59.64 50.07 135.67
CA GLN A 1134 -59.01 50.29 136.98
C GLN A 1134 -57.51 50.35 136.93
N ARG A 1135 -56.86 49.36 136.36
CA ARG A 1135 -55.43 49.35 136.31
C ARG A 1135 -55.00 50.60 135.63
N LEU A 1136 -55.67 50.93 134.53
CA LEU A 1136 -55.20 52.07 133.79
C LEU A 1136 -55.28 53.32 134.64
N LEU A 1137 -56.42 53.60 135.24
CA LEU A 1137 -56.55 54.86 135.97
C LEU A 1137 -55.87 54.85 137.36
N HIS A 1138 -55.34 53.73 137.80
CA HIS A 1138 -54.66 53.69 139.05
C HIS A 1138 -53.20 53.80 138.80
N LEU A 1139 -52.82 53.55 137.57
CA LEU A 1139 -51.42 53.72 137.25
C LEU A 1139 -51.19 55.06 136.68
N LEU A 1140 -52.25 55.61 136.15
CA LEU A 1140 -52.11 56.96 135.62
C LEU A 1140 -52.13 58.03 136.70
N LEU A 1141 -52.91 57.83 137.76
CA LEU A 1141 -53.14 58.89 138.73
C LEU A 1141 -52.45 58.67 140.07
N ASP A 1142 -52.21 57.42 140.47
CA ASP A 1142 -51.73 57.17 141.82
C ASP A 1142 -50.29 57.65 141.95
N ASP A 1143 -50.13 58.97 141.90
CA ASP A 1143 -48.83 59.58 142.11
C ASP A 1143 -48.21 59.17 143.44
N MET A 1144 -49.04 58.83 144.42
CA MET A 1144 -48.54 58.45 145.73
C MET A 1144 -47.42 57.43 145.56
N PRO A 1145 -46.29 57.60 146.26
CA PRO A 1145 -45.21 56.61 146.17
C PRO A 1145 -45.68 55.25 146.66
N THR A 1146 -45.56 54.25 145.79
CA THR A 1146 -45.92 52.88 146.11
C THR A 1146 -44.77 51.97 145.68
N ARG A 1147 -45.00 50.66 145.76
CA ARG A 1147 -44.00 49.68 145.36
C ARG A 1147 -44.56 48.72 144.33
N LYS A 1175 -42.11 64.41 146.97
CA LYS A 1175 -43.37 63.94 146.39
C LYS A 1175 -43.22 63.63 144.91
N VAL A 1176 -43.45 62.36 144.56
CA VAL A 1176 -43.53 61.97 143.16
C VAL A 1176 -44.68 62.75 142.56
N ARG A 1177 -44.69 62.91 141.25
CA ARG A 1177 -45.75 63.67 140.59
C ARG A 1177 -46.61 62.71 139.78
N ARG A 1178 -47.89 63.03 139.67
CA ARG A 1178 -48.75 62.26 138.79
C ARG A 1178 -48.13 62.20 137.40
N LYS A 1179 -48.20 61.04 136.76
CA LYS A 1179 -47.65 60.93 135.41
C LYS A 1179 -48.32 61.94 134.49
N ILE A 1180 -49.59 62.23 134.74
CA ILE A 1180 -50.28 63.26 133.98
C ILE A 1180 -49.63 64.62 134.22
N LEU A 1181 -49.19 64.88 135.45
CA LEU A 1181 -48.55 66.15 135.74
C LEU A 1181 -47.12 66.18 135.20
N ARG A 1182 -46.43 65.05 135.15
CA ARG A 1182 -45.12 65.04 134.52
C ARG A 1182 -45.23 65.29 133.03
N ILE A 1183 -46.27 64.73 132.41
CA ILE A 1183 -46.54 65.06 131.01
C ILE A 1183 -46.76 66.56 130.86
N LEU A 1184 -47.62 67.12 131.71
CA LEU A 1184 -47.90 68.55 131.61
C LEU A 1184 -46.66 69.40 131.87
N ASP A 1185 -45.73 68.91 132.68
CA ASP A 1185 -44.52 69.67 132.95
C ASP A 1185 -43.49 69.52 131.85
N SER A 1186 -43.60 68.48 131.04
CA SER A 1186 -42.70 68.36 129.91
C SER A 1186 -42.93 69.43 128.86
N ILE A 1187 -44.14 69.97 128.78
CA ILE A 1187 -44.51 70.95 127.76
C ILE A 1187 -44.18 72.34 128.31
N GLN A 1188 -43.15 72.96 127.76
CA GLN A 1188 -42.82 74.34 128.12
C GLN A 1188 -43.78 75.27 127.41
N PHE A 1189 -44.40 76.16 128.18
CA PHE A 1189 -45.39 77.11 127.66
C PHE A 1189 -44.75 78.41 127.21
N SER A 1190 -43.45 78.41 126.94
CA SER A 1190 -42.75 79.64 126.64
C SER A 1190 -41.52 79.31 125.83
N ASN A 1191 -41.40 79.92 124.66
CA ASN A 1191 -40.28 79.65 123.78
C ASN A 1191 -39.46 80.92 123.60
N GLU A 1192 -38.17 80.74 123.38
CA GLU A 1192 -37.25 81.86 123.22
C GLU A 1192 -37.50 82.58 121.89
N ILE A 1193 -36.93 83.77 121.78
CA ILE A 1193 -37.11 84.63 120.61
C ILE A 1193 -35.73 85.06 120.11
N PRO A 1194 -35.44 84.95 118.81
CA PRO A 1194 -34.08 85.22 118.33
C PRO A 1194 -33.79 86.72 118.28
N GLU A 1195 -32.53 87.00 117.94
CA GLU A 1195 -32.03 88.37 117.90
C GLU A 1195 -32.53 89.09 116.65
N PRO A 1196 -32.45 90.42 116.62
CA PRO A 1196 -32.94 91.15 115.44
C PRO A 1196 -31.98 91.10 114.27
N LEU A 1197 -32.32 91.81 113.20
CA LEU A 1197 -31.52 91.83 111.98
C LEU A 1197 -30.53 92.97 112.06
N GLN A 1198 -29.24 92.65 112.21
CA GLN A 1198 -28.17 93.65 112.19
C GLN A 1198 -27.67 93.77 110.76
N LEU A 1199 -28.19 94.75 110.04
CA LEU A 1199 -27.97 94.88 108.61
C LEU A 1199 -27.02 96.03 108.34
N ASP A 1200 -25.82 95.69 107.84
CA ASP A 1200 -24.79 96.70 107.62
C ASP A 1200 -25.17 97.64 106.49
N PHE A 1201 -25.70 97.11 105.39
CA PHE A 1201 -26.07 97.90 104.23
C PHE A 1201 -27.54 97.71 103.90
N PHE A 1202 -28.36 97.47 104.90
CA PHE A 1202 -29.78 97.30 104.66
C PHE A 1202 -30.63 97.85 105.80
N ASP A 1203 -31.95 97.90 105.59
CA ASP A 1203 -32.84 98.36 106.64
C ASP A 1203 -33.49 97.18 107.33
N ARG A 1204 -33.24 97.04 108.62
CA ARG A 1204 -33.77 95.89 109.36
C ARG A 1204 -35.29 95.83 109.28
N SER A 1205 -35.96 96.97 109.39
CA SER A 1205 -37.41 97.00 109.34
C SER A 1205 -37.90 96.43 108.02
N GLN A 1206 -37.34 96.91 106.92
CA GLN A 1206 -37.72 96.42 105.61
C GLN A 1206 -37.42 94.94 105.45
N ILE A 1207 -36.28 94.48 105.95
CA ILE A 1207 -35.96 93.06 105.91
C ILE A 1207 -37.04 92.26 106.61
N GLU A 1208 -37.42 92.67 107.81
CA GLU A 1208 -38.46 91.96 108.55
C GLU A 1208 -39.78 91.96 107.80
N GLN A 1209 -40.14 93.10 107.21
CA GLN A 1209 -41.36 93.17 106.42
C GLN A 1209 -41.33 92.13 105.32
N VAL A 1210 -40.24 92.11 104.56
CA VAL A 1210 -40.09 91.14 103.47
C VAL A 1210 -40.24 89.72 104.01
N ILE A 1211 -39.57 89.39 105.11
CA ILE A 1211 -39.66 88.06 105.69
C ILE A 1211 -41.12 87.70 105.98
N ALA A 1212 -41.81 88.55 106.74
CA ALA A 1212 -43.23 88.29 107.04
C ALA A 1212 -44.09 88.18 105.78
N ASN A 1213 -43.82 89.01 104.78
CA ASN A 1213 -44.60 88.99 103.54
C ASN A 1213 -44.40 87.72 102.73
N CYS A 1214 -43.16 87.24 102.65
CA CYS A 1214 -42.87 86.04 101.86
C CYS A 1214 -43.16 84.77 102.61
N GLU A 1215 -43.80 84.90 103.77
CA GLU A 1215 -44.17 83.74 104.55
C GLU A 1215 -45.53 83.20 104.14
N HIS A 1216 -45.53 82.07 103.44
CA HIS A 1216 -46.80 81.46 103.04
C HIS A 1216 -47.33 80.54 104.13
N LYS A 1217 -48.64 80.51 104.30
CA LYS A 1217 -49.24 79.66 105.32
C LYS A 1217 -49.10 78.19 104.97
N ASN A 1218 -48.59 77.39 105.91
CA ASN A 1218 -48.41 75.96 105.67
C ASN A 1218 -49.68 75.18 105.96
N VAL A 1227 -38.53 77.21 102.11
CA VAL A 1227 -37.26 76.94 101.44
C VAL A 1227 -37.21 77.62 100.07
N LYS A 1228 -38.18 77.34 99.21
CA LYS A 1228 -38.22 77.95 97.89
C LYS A 1228 -38.31 79.45 98.02
N LEU A 1229 -39.24 79.90 98.84
CA LEU A 1229 -39.42 81.33 99.05
C LEU A 1229 -38.13 81.93 99.55
N LEU A 1230 -37.48 81.29 100.51
CA LEU A 1230 -36.23 81.80 101.07
C LEU A 1230 -35.22 82.01 99.96
N HIS A 1231 -34.98 80.95 99.18
CA HIS A 1231 -34.01 81.04 98.10
C HIS A 1231 -34.34 82.23 97.23
N ARG A 1232 -35.59 82.30 96.77
CA ARG A 1232 -35.97 83.38 95.87
C ARG A 1232 -35.67 84.75 96.48
N VAL A 1233 -36.14 85.00 97.68
CA VAL A 1233 -35.95 86.29 98.32
C VAL A 1233 -34.47 86.64 98.41
N LEU A 1234 -33.66 85.69 98.83
CA LEU A 1234 -32.24 86.00 99.03
C LEU A 1234 -31.51 86.25 97.70
N VAL A 1235 -31.87 85.52 96.65
CA VAL A 1235 -31.23 85.82 95.38
C VAL A 1235 -31.73 87.17 94.81
N ALA A 1236 -32.97 87.53 95.15
CA ALA A 1236 -33.50 88.82 94.73
C ALA A 1236 -32.75 89.90 95.48
N GLU A 1237 -32.31 89.60 96.70
CA GLU A 1237 -31.51 90.58 97.44
C GLU A 1237 -30.15 90.77 96.77
N VAL A 1238 -29.59 89.71 96.21
CA VAL A 1238 -28.33 89.85 95.48
C VAL A 1238 -28.56 90.81 94.32
N ASN A 1239 -29.67 90.64 93.61
CA ASN A 1239 -29.99 91.53 92.51
C ASN A 1239 -30.16 92.95 93.00
N ALA A 1240 -30.80 93.12 94.15
CA ALA A 1240 -30.99 94.45 94.72
C ALA A 1240 -29.65 95.14 94.97
N LEU A 1241 -28.67 94.40 95.47
CA LEU A 1241 -27.35 94.96 95.75
C LEU A 1241 -26.73 95.53 94.49
N GLN A 1242 -26.67 94.73 93.43
CA GLN A 1242 -26.07 95.18 92.16
C GLN A 1242 -24.79 95.98 92.36
N GLY A 1243 -23.78 95.37 92.97
CA GLY A 1243 -22.53 96.07 93.21
C GLY A 1243 -21.65 96.08 91.99
N MET A 1244 -21.69 97.18 91.24
CA MET A 1244 -20.89 97.29 90.03
C MET A 1244 -19.48 97.79 90.30
N ALA A 1245 -19.37 99.04 90.74
CA ALA A 1245 -18.06 99.64 91.01
C ALA A 1245 -17.33 98.95 92.16
N ALA A 1246 -18.01 98.77 93.26
CA ALA A 1246 -17.41 98.12 94.43
C ALA A 1246 -17.54 96.62 94.33
N ILE A 1247 -16.64 95.99 93.59
CA ILE A 1247 -16.67 94.54 93.44
C ILE A 1247 -15.82 93.87 94.51
N GLY A 1248 -15.17 94.67 95.35
CA GLY A 1248 -14.35 94.13 96.41
C GLY A 1248 -15.12 93.96 97.71
N GLN A 1249 -16.40 94.29 97.70
CA GLN A 1249 -17.22 94.12 98.89
C GLN A 1249 -18.05 92.86 98.83
N ARG A 1250 -17.85 92.02 97.82
CA ARG A 1250 -18.60 90.78 97.69
C ARG A 1250 -18.63 89.86 98.95
N PRO A 1251 -17.46 89.58 99.59
CA PRO A 1251 -17.52 88.66 100.73
C PRO A 1251 -18.42 89.12 101.89
N LEU A 1252 -18.42 90.41 102.21
CA LEU A 1252 -19.29 90.92 103.27
C LEU A 1252 -20.75 90.60 102.97
N LEU A 1253 -21.17 90.88 101.74
CA LEU A 1253 -22.54 90.63 101.34
C LEU A 1253 -22.89 89.17 101.50
N MET A 1254 -21.97 88.27 101.12
CA MET A 1254 -22.21 86.85 101.26
C MET A 1254 -22.51 86.48 102.70
N GLU A 1255 -21.67 86.93 103.62
CA GLU A 1255 -21.88 86.65 105.03
C GLU A 1255 -23.22 87.22 105.51
N GLU A 1256 -23.55 88.44 105.11
CA GLU A 1256 -24.85 89.00 105.49
C GLU A 1256 -26.00 88.10 105.05
N ILE A 1257 -25.96 87.68 103.79
CA ILE A 1257 -27.00 86.81 103.25
C ILE A 1257 -27.08 85.51 104.05
N ASN A 1258 -25.93 84.92 104.34
CA ASN A 1258 -25.92 83.69 105.13
C ASN A 1258 -26.61 83.91 106.48
N THR A 1259 -26.26 84.98 107.18
CA THR A 1259 -26.89 85.29 108.46
C THR A 1259 -28.40 85.43 108.32
N ILE A 1260 -28.85 86.18 107.31
CA ILE A 1260 -30.29 86.33 107.09
C ILE A 1260 -30.96 84.97 106.91
N LEU A 1261 -30.38 84.12 106.08
CA LEU A 1261 -30.94 82.79 105.85
C LEU A 1261 -31.05 82.01 107.15
N GLN A 1262 -29.99 81.95 107.95
CA GLN A 1262 -30.09 81.28 109.25
C GLN A 1262 -31.30 81.71 110.06
N TYR A 1263 -31.50 83.02 110.19
CA TYR A 1263 -32.61 83.55 110.99
C TYR A 1263 -33.99 83.06 110.55
N VAL A 1264 -34.26 83.08 109.25
CA VAL A 1264 -35.55 82.63 108.75
C VAL A 1264 -35.76 81.16 109.09
N VAL A 1265 -34.73 80.33 108.91
CA VAL A 1265 -34.83 78.91 109.26
C VAL A 1265 -35.15 78.76 110.74
N GLU A 1266 -34.44 79.50 111.59
CA GLU A 1266 -34.72 79.45 113.02
C GLU A 1266 -36.19 79.76 113.31
N ARG A 1267 -36.69 80.86 112.75
CA ARG A 1267 -38.09 81.24 112.97
C ARG A 1267 -39.06 80.16 112.51
N ASN A 1268 -38.80 79.57 111.34
CA ASN A 1268 -39.66 78.50 110.86
C ASN A 1268 -39.68 77.32 111.82
N LYS A 1269 -38.53 76.85 112.27
CA LYS A 1269 -38.52 75.77 113.25
C LYS A 1269 -39.43 76.11 114.43
N LEU A 1270 -39.29 77.33 114.93
CA LEU A 1270 -40.08 77.76 116.08
C LEU A 1270 -41.58 77.62 115.84
N LEU A 1271 -42.06 78.07 114.69
CA LEU A 1271 -43.49 78.00 114.40
C LEU A 1271 -43.98 76.56 114.41
N GLN A 1272 -43.23 75.67 113.78
CA GLN A 1272 -43.60 74.27 113.75
C GLN A 1272 -43.68 73.74 115.16
N CYS A 1273 -42.66 74.03 115.96
CA CYS A 1273 -42.66 73.55 117.34
C CYS A 1273 -43.89 74.04 118.07
N LEU A 1274 -44.24 75.31 117.90
CA LEU A 1274 -45.41 75.88 118.57
C LEU A 1274 -46.71 75.21 118.14
N HIS A 1275 -46.91 74.99 116.85
CA HIS A 1275 -48.12 74.27 116.42
C HIS A 1275 -48.17 72.87 117.02
N ALA A 1276 -47.02 72.19 117.04
CA ALA A 1276 -46.98 70.86 117.64
C ALA A 1276 -47.44 70.94 119.08
N LYS A 1277 -46.89 71.89 119.84
CA LYS A 1277 -47.26 72.03 121.25
C LYS A 1277 -48.74 72.31 121.39
N ARG A 1278 -49.29 73.16 120.54
CA ARG A 1278 -50.71 73.48 120.59
C ARG A 1278 -51.55 72.22 120.42
N HIS A 1279 -51.24 71.43 119.40
CA HIS A 1279 -52.00 70.21 119.18
C HIS A 1279 -51.86 69.26 120.36
N ALA A 1280 -50.66 69.17 120.91
CA ALA A 1280 -50.44 68.28 122.05
C ALA A 1280 -51.30 68.70 123.23
N LEU A 1281 -51.36 70.00 123.51
CA LEU A 1281 -52.18 70.50 124.61
C LEU A 1281 -53.65 70.24 124.34
N GLU A 1282 -54.10 70.43 123.10
CA GLU A 1282 -55.48 70.11 122.77
C GLU A 1282 -55.74 68.69 123.16
N SER A 1283 -54.97 67.77 122.60
CA SER A 1283 -55.20 66.35 122.86
C SER A 1283 -55.21 66.08 124.35
N TRP A 1284 -54.18 66.49 125.07
CA TRP A 1284 -54.11 66.21 126.49
C TRP A 1284 -55.38 66.66 127.19
N ARG A 1285 -55.72 67.93 127.03
CA ARG A 1285 -56.89 68.46 127.70
C ARG A 1285 -58.08 67.61 127.39
N GLN A 1286 -58.38 67.45 126.10
CA GLN A 1286 -59.58 66.72 125.73
C GLN A 1286 -59.58 65.40 126.43
N LEU A 1287 -58.56 64.59 126.23
CA LEU A 1287 -58.49 63.27 126.84
C LEU A 1287 -58.83 63.34 128.31
N VAL A 1288 -58.03 64.05 129.09
CA VAL A 1288 -58.25 64.05 130.53
C VAL A 1288 -59.67 64.43 130.88
N GLU A 1289 -60.13 65.57 130.36
CA GLU A 1289 -61.45 66.02 130.78
C GLU A 1289 -62.51 65.00 130.44
N ILE A 1290 -62.53 64.56 129.19
CA ILE A 1290 -63.57 63.64 128.77
C ILE A 1290 -63.54 62.45 129.70
N ILE A 1291 -62.38 61.83 129.87
CA ILE A 1291 -62.31 60.63 130.70
C ILE A 1291 -62.92 60.92 132.07
N LEU A 1292 -62.34 61.87 132.79
CA LEU A 1292 -62.81 62.13 134.15
C LEU A 1292 -64.31 62.33 134.22
N THR A 1293 -64.87 63.14 133.33
CA THR A 1293 -66.30 63.46 133.40
C THR A 1293 -67.21 62.30 133.01
N ALA A 1294 -66.86 61.58 131.96
CA ALA A 1294 -67.75 60.53 131.46
C ALA A 1294 -67.58 59.23 132.19
N CYS A 1295 -66.35 58.94 132.61
CA CYS A 1295 -66.12 57.65 133.24
C CYS A 1295 -67.16 57.41 134.33
N PRO A 1296 -67.75 56.23 134.41
CA PRO A 1296 -68.65 55.91 135.52
C PRO A 1296 -68.02 56.25 136.85
N GLN A 1297 -68.74 56.96 137.70
CA GLN A 1297 -68.12 57.46 138.92
C GLN A 1297 -67.89 56.32 139.89
N ASP A 1298 -66.82 55.55 139.65
CA ASP A 1298 -66.34 54.57 140.60
C ASP A 1298 -65.24 55.15 141.47
N LEU A 1299 -65.13 56.48 141.53
CA LEU A 1299 -64.08 57.14 142.28
C LEU A 1299 -64.37 56.97 143.76
N ILE A 1300 -63.77 55.94 144.36
CA ILE A 1300 -63.98 55.69 145.78
C ILE A 1300 -63.54 56.85 146.65
N PRO A 1301 -62.31 57.36 146.55
CA PRO A 1301 -61.95 58.50 147.38
C PRO A 1301 -62.28 59.80 146.68
N THR A 1302 -63.54 60.22 146.75
CA THR A 1302 -63.92 61.49 146.16
C THR A 1302 -63.08 62.62 146.74
N GLU A 1303 -62.56 62.42 147.96
CA GLU A 1303 -61.70 63.41 148.56
C GLU A 1303 -60.44 63.53 147.74
N HIS A 1304 -59.87 62.40 147.37
CA HIS A 1304 -58.67 62.40 146.54
C HIS A 1304 -59.01 62.94 145.17
N ARG A 1305 -60.21 62.68 144.66
CA ARG A 1305 -60.62 63.26 143.38
C ARG A 1305 -60.51 64.75 143.46
N GLN A 1306 -61.10 65.33 144.50
CA GLN A 1306 -61.05 66.78 144.67
C GLN A 1306 -59.61 67.28 144.75
N LEU A 1307 -58.77 66.58 145.50
CA LEU A 1307 -57.37 66.98 145.62
C LEU A 1307 -56.68 66.99 144.27
N ILE A 1308 -56.89 65.94 143.48
CA ILE A 1308 -56.30 65.88 142.14
C ILE A 1308 -56.77 67.07 141.30
N ILE A 1309 -58.06 67.36 141.32
CA ILE A 1309 -58.60 68.48 140.55
C ILE A 1309 -57.90 69.76 140.97
N ARG A 1310 -57.80 69.98 142.28
CA ARG A 1310 -57.15 71.17 142.80
C ARG A 1310 -55.73 71.28 142.29
N ASP A 1311 -54.97 70.21 142.40
CA ASP A 1311 -53.58 70.22 141.94
C ASP A 1311 -53.51 70.58 140.47
N LEU A 1312 -54.33 69.94 139.66
CA LEU A 1312 -54.30 70.21 138.22
C LEU A 1312 -54.57 71.69 137.98
N LEU A 1313 -55.61 72.22 138.59
CA LEU A 1313 -55.97 73.62 138.40
C LEU A 1313 -54.78 74.50 138.76
N GLN A 1314 -54.19 74.27 139.92
CA GLN A 1314 -53.07 75.09 140.36
C GLN A 1314 -51.95 75.05 139.33
N ASP A 1315 -51.56 73.86 138.91
CA ASP A 1315 -50.47 73.74 137.95
C ASP A 1315 -50.79 74.55 136.70
N LEU A 1316 -51.99 74.35 136.16
CA LEU A 1316 -52.36 75.05 134.93
C LEU A 1316 -52.25 76.54 135.11
N HIS A 1317 -52.84 77.06 136.19
CA HIS A 1317 -52.83 78.50 136.43
C HIS A 1317 -51.40 79.01 136.54
N VAL A 1318 -50.54 78.33 137.28
CA VAL A 1318 -49.15 78.75 137.43
C VAL A 1318 -48.46 78.81 136.08
N LYS A 1319 -48.66 77.79 135.25
CA LYS A 1319 -48.06 77.78 133.92
C LYS A 1319 -48.54 78.92 133.01
N ILE A 1320 -49.84 79.18 132.98
CA ILE A 1320 -50.38 80.19 132.05
C ILE A 1320 -50.11 81.64 132.50
N LEU A 1321 -49.98 81.87 133.81
CA LEU A 1321 -49.81 83.25 134.31
C LEU A 1321 -48.46 83.87 133.93
N ASP A 1322 -47.55 83.06 133.39
CA ASP A 1322 -46.24 83.56 132.98
C ASP A 1322 -46.35 84.67 131.94
N ASP A 1323 -45.48 85.68 132.03
CA ASP A 1323 -45.50 86.76 131.07
C ASP A 1323 -45.16 86.28 129.66
N ASP A 1324 -44.23 85.33 129.57
CA ASP A 1324 -43.81 84.81 128.27
C ASP A 1324 -44.69 83.68 127.74
N ALA A 1325 -45.77 83.35 128.47
CA ALA A 1325 -46.64 82.25 128.07
C ALA A 1325 -47.31 82.47 126.71
N ALA A 1326 -47.43 81.41 125.92
CA ALA A 1326 -48.04 81.52 124.59
C ALA A 1326 -49.54 81.71 124.63
N GLN A 1327 -50.07 82.48 123.68
CA GLN A 1327 -51.52 82.71 123.60
C GLN A 1327 -52.26 81.43 123.22
N GLU A 1328 -51.66 80.53 122.46
CA GLU A 1328 -52.33 79.26 122.17
C GLU A 1328 -52.67 78.54 123.47
N LEU A 1329 -51.75 78.50 124.42
CA LEU A 1329 -52.06 77.86 125.69
C LEU A 1329 -53.34 78.40 126.34
N MET A 1330 -53.51 79.72 126.32
CA MET A 1330 -54.67 80.35 126.97
C MET A 1330 -56.01 79.67 126.71
N PRO A 1331 -56.44 79.58 125.45
CA PRO A 1331 -57.78 79.03 125.17
C PRO A 1331 -57.97 77.61 125.72
N ILE A 1332 -57.02 76.73 125.45
CA ILE A 1332 -57.12 75.35 125.93
C ILE A 1332 -57.21 75.32 127.46
N VAL A 1333 -56.28 76.03 128.09
CA VAL A 1333 -56.24 76.06 129.54
C VAL A 1333 -57.53 76.61 130.10
N ALA A 1334 -58.05 77.69 129.52
CA ALA A 1334 -59.27 78.31 130.04
C ALA A 1334 -60.42 77.31 130.05
N GLY A 1335 -60.64 76.63 128.92
CA GLY A 1335 -61.71 75.65 128.84
C GLY A 1335 -61.52 74.54 129.85
N ALA A 1336 -60.29 74.05 129.98
CA ALA A 1336 -60.02 72.97 130.92
C ALA A 1336 -60.36 73.42 132.33
N VAL A 1337 -59.96 74.63 132.69
CA VAL A 1337 -60.23 75.16 134.02
C VAL A 1337 -61.72 75.28 134.25
N PHE A 1338 -62.45 75.76 133.24
CA PHE A 1338 -63.90 75.87 133.36
C PHE A 1338 -64.51 74.50 133.64
N THR A 1339 -64.08 73.50 132.88
CA THR A 1339 -64.61 72.15 133.06
C THR A 1339 -64.31 71.66 134.47
N LEU A 1340 -63.09 71.88 134.94
CA LEU A 1340 -62.69 71.42 136.26
C LEU A 1340 -63.52 72.10 137.34
N THR A 1341 -63.80 73.39 137.17
CA THR A 1341 -64.59 74.13 138.15
C THR A 1341 -66.02 73.62 138.15
N ALA A 1342 -66.56 73.29 136.98
CA ALA A 1342 -67.90 72.72 136.94
C ALA A 1342 -67.90 71.40 137.69
N HIS A 1343 -66.85 70.60 137.48
CA HIS A 1343 -66.75 69.33 138.17
C HIS A 1343 -66.72 69.55 139.67
N LEU A 1344 -65.96 70.55 140.13
CA LEU A 1344 -65.85 70.84 141.54
C LEU A 1344 -67.18 71.28 142.12
N SER A 1345 -67.94 72.07 141.37
CA SER A 1345 -69.26 72.50 141.80
C SER A 1345 -70.17 71.29 141.96
N GLN A 1346 -70.13 70.38 140.99
CA GLN A 1346 -70.94 69.16 141.11
C GLN A 1346 -70.43 68.28 142.24
N SER A 1347 -69.11 68.23 142.40
CA SER A 1347 -68.50 67.38 143.42
C SER A 1347 -68.66 67.95 144.81
N VAL A 1348 -68.43 69.25 144.97
CA VAL A 1348 -68.57 69.86 146.29
C VAL A 1348 -70.01 69.75 146.78
N ARG A 1349 -70.96 70.01 145.89
CA ARG A 1349 -72.36 69.89 146.31
C ARG A 1349 -72.71 68.45 146.65
N THR A 1350 -72.17 67.48 145.91
CA THR A 1350 -72.38 66.08 146.26
C THR A 1350 -71.77 65.75 147.61
N GLU A 1351 -70.68 66.40 147.97
CA GLU A 1351 -70.05 66.18 149.27
C GLU A 1351 -70.81 66.86 150.40
N LEU A 1352 -71.52 67.95 150.10
CA LEU A 1352 -72.32 68.64 151.10
C LEU A 1352 -73.69 68.03 151.31
N ASN A 1382 -65.85 63.41 165.40
CA ASN A 1382 -65.91 62.46 164.30
C ASN A 1382 -66.80 62.94 163.16
N ILE A 1383 -66.96 64.26 163.04
CA ILE A 1383 -67.82 64.85 162.02
C ILE A 1383 -66.98 65.83 161.20
N SER A 1384 -65.66 65.64 161.21
CA SER A 1384 -64.72 66.53 160.55
C SER A 1384 -64.00 65.86 159.38
N ALA A 1385 -64.71 65.05 158.61
CA ALA A 1385 -64.12 64.32 157.49
C ALA A 1385 -64.71 64.71 156.15
N GLY A 1386 -65.70 65.60 156.14
CA GLY A 1386 -66.35 65.97 154.90
C GLY A 1386 -65.70 67.17 154.24
N PHE A 1387 -65.44 68.22 155.02
CA PHE A 1387 -64.81 69.43 154.50
C PHE A 1387 -63.32 69.47 154.76
N ALA A 1388 -62.76 68.43 155.37
CA ALA A 1388 -61.37 68.49 155.84
C ALA A 1388 -60.41 68.73 154.68
N SER A 1389 -60.56 67.97 153.61
CA SER A 1389 -59.70 68.11 152.44
C SER A 1389 -60.24 69.09 151.41
N ILE A 1390 -61.35 69.76 151.71
CA ILE A 1390 -61.93 70.71 150.77
C ILE A 1390 -61.12 72.00 150.73
N GLY A 1391 -61.10 72.71 151.85
CA GLY A 1391 -60.27 73.89 151.98
C GLY A 1391 -60.99 75.16 151.58
N ASP A 1392 -61.32 76.00 152.56
CA ASP A 1392 -61.90 77.29 152.21
C ASP A 1392 -60.83 78.24 151.72
N SER A 1393 -59.69 78.31 152.40
CA SER A 1393 -58.57 79.08 151.88
C SER A 1393 -58.13 78.55 150.54
N SER A 1394 -58.38 77.26 150.28
CA SER A 1394 -58.10 76.73 148.96
C SER A 1394 -59.09 77.23 147.94
N LEU A 1395 -60.37 77.32 148.31
CA LEU A 1395 -61.33 77.95 147.43
C LEU A 1395 -60.91 79.38 147.15
N HIS A 1396 -60.37 80.06 148.15
CA HIS A 1396 -59.95 81.45 147.96
C HIS A 1396 -58.74 81.53 147.05
N MET A 1397 -57.78 80.61 147.19
CA MET A 1397 -56.63 80.66 146.31
C MET A 1397 -57.00 80.33 144.88
N ILE A 1398 -57.87 79.33 144.69
CA ILE A 1398 -58.35 79.04 143.35
C ILE A 1398 -59.12 80.24 142.80
N LEU A 1399 -59.86 80.93 143.65
CA LEU A 1399 -60.60 82.09 143.21
C LEU A 1399 -59.67 83.23 142.84
N ARG A 1400 -58.61 83.42 143.60
CA ARG A 1400 -57.67 84.49 143.29
C ARG A 1400 -56.94 84.20 141.98
N ASN A 1401 -56.52 82.95 141.78
CA ASN A 1401 -55.89 82.61 140.50
C ASN A 1401 -56.88 82.77 139.36
N LEU A 1402 -58.13 82.38 139.58
CA LEU A 1402 -59.15 82.54 138.54
C LEU A 1402 -59.32 84.00 138.18
N LEU A 1403 -59.41 84.86 139.18
CA LEU A 1403 -59.61 86.28 138.90
C LEU A 1403 -58.41 86.89 138.20
N GLU A 1404 -57.20 86.54 138.65
CA GLU A 1404 -56.02 87.05 138.00
C GLU A 1404 -55.99 86.62 136.54
N PHE A 1405 -56.33 85.36 136.29
CA PHE A 1405 -56.32 84.86 134.93
C PHE A 1405 -57.44 85.49 134.11
N ILE A 1406 -58.48 86.00 134.77
CA ILE A 1406 -59.50 86.75 134.06
C ILE A 1406 -58.97 88.12 133.67
N LEU A 1407 -58.24 88.77 134.59
CA LEU A 1407 -57.69 90.09 134.27
C LEU A 1407 -56.67 90.00 133.14
N LYS A 1408 -55.76 89.03 133.21
CA LYS A 1408 -54.71 88.95 132.19
C LYS A 1408 -55.26 88.72 130.79
N THR A 1409 -56.56 88.54 130.64
CA THR A 1409 -57.15 88.25 129.35
C THR A 1409 -57.54 89.56 128.67
N GLY A 1410 -56.89 89.86 127.55
CA GLY A 1410 -57.29 90.99 126.75
C GLY A 1410 -58.66 90.78 126.17
N GLY A 1411 -59.13 91.79 125.44
CA GLY A 1411 -60.44 91.71 124.85
C GLY A 1411 -60.53 90.71 123.71
N GLY A 1412 -59.38 90.33 123.15
CA GLY A 1412 -59.40 89.44 122.00
C GLY A 1412 -59.98 88.08 122.31
N PHE A 1413 -59.62 87.54 123.47
CA PHE A 1413 -60.09 86.21 123.88
C PHE A 1413 -61.42 86.29 124.62
N GLN A 1414 -62.48 86.68 123.90
CA GLN A 1414 -63.79 86.75 124.53
C GLN A 1414 -64.23 85.39 125.01
N ARG A 1415 -63.96 84.34 124.25
CA ARG A 1415 -64.45 83.02 124.63
C ARG A 1415 -63.81 82.55 125.92
N VAL A 1416 -62.54 82.91 126.13
CA VAL A 1416 -61.88 82.56 127.38
C VAL A 1416 -62.58 83.22 128.55
N ARG A 1417 -62.90 84.50 128.43
CA ARG A 1417 -63.62 85.18 129.50
C ARG A 1417 -65.02 84.61 129.68
N ALA A 1418 -65.64 84.12 128.60
CA ALA A 1418 -66.95 83.49 128.75
C ALA A 1418 -66.84 82.21 129.57
N HIS A 1419 -65.86 81.37 129.26
CA HIS A 1419 -65.68 80.15 130.01
C HIS A 1419 -65.31 80.43 131.47
N LEU A 1420 -64.52 81.47 131.69
CA LEU A 1420 -64.17 81.81 133.07
C LEU A 1420 -65.36 82.39 133.83
N TYR A 1421 -66.24 83.13 133.16
CA TYR A 1421 -67.45 83.60 133.83
C TYR A 1421 -68.36 82.44 134.18
N GLY A 1422 -68.42 81.42 133.32
CA GLY A 1422 -69.14 80.21 133.70
C GLY A 1422 -68.53 79.56 134.94
N SER A 1423 -67.21 79.42 134.96
CA SER A 1423 -66.54 78.85 136.12
C SER A 1423 -66.85 79.64 137.37
N LEU A 1424 -66.87 80.96 137.27
CA LEU A 1424 -67.12 81.79 138.45
C LEU A 1424 -68.56 81.66 138.92
N LEU A 1425 -69.51 81.56 137.99
CA LEU A 1425 -70.89 81.29 138.38
C LEU A 1425 -70.97 80.00 139.18
N TYR A 1426 -70.27 78.96 138.75
CA TYR A 1426 -70.35 77.71 139.49
C TYR A 1426 -69.67 77.81 140.85
N TYR A 1427 -68.49 78.43 140.90
CA TYR A 1427 -67.82 78.58 142.19
C TYR A 1427 -68.65 79.41 143.15
N LEU A 1428 -69.49 80.30 142.63
CA LEU A 1428 -70.38 81.04 143.51
C LEU A 1428 -71.53 80.17 143.99
N GLN A 1429 -72.12 79.37 143.11
CA GLN A 1429 -73.25 78.55 143.56
C GLN A 1429 -72.82 77.44 144.48
N ILE A 1430 -71.53 77.13 144.53
CA ILE A 1430 -71.04 76.20 145.55
C ILE A 1430 -71.40 76.71 146.94
N ALA A 1431 -71.21 78.00 147.17
CA ALA A 1431 -71.38 78.59 148.49
C ALA A 1431 -72.80 79.08 148.76
N GLN A 1432 -73.70 79.02 147.78
CA GLN A 1432 -75.07 79.43 148.03
C GLN A 1432 -75.78 78.47 148.97
N ARG A 1433 -76.27 78.99 150.07
CA ARG A 1433 -77.04 78.19 151.01
C ARG A 1433 -78.24 77.60 150.28
N PRO A 1434 -78.54 76.32 150.46
CA PRO A 1434 -79.76 75.77 149.86
C PRO A 1434 -80.98 76.54 150.33
N ASP A 1435 -81.77 77.05 149.41
CA ASP A 1435 -82.94 77.85 149.79
C ASP A 1435 -83.86 77.03 150.67
N GLU A 1436 -83.95 77.40 151.94
CA GLU A 1436 -84.85 76.72 152.86
C GLU A 1436 -86.17 77.48 152.91
N PRO A 1437 -87.31 76.81 152.77
CA PRO A 1437 -88.60 77.52 152.82
C PRO A 1437 -88.81 78.18 154.18
N ASP A 1438 -89.15 79.47 154.17
CA ASP A 1438 -89.40 80.18 155.42
C ASP A 1438 -90.72 79.73 156.01
N THR A 1439 -90.77 78.47 156.45
CA THR A 1439 -91.99 77.88 156.98
C THR A 1439 -92.50 78.69 158.16
N LEU A 1440 -93.79 78.53 158.48
CA LEU A 1440 -94.39 79.23 159.62
C LEU A 1440 -93.65 78.92 160.91
N GLU A 1441 -93.01 77.75 160.97
CA GLU A 1441 -92.27 77.32 162.15
C GLU A 1441 -90.93 78.01 162.31
N SER A 1442 -90.36 78.54 161.22
CA SER A 1442 -89.09 79.27 161.29
C SER A 1442 -89.24 80.64 161.92
N ALA A 1443 -90.46 81.09 162.18
CA ALA A 1443 -90.66 82.32 162.94
C ALA A 1443 -90.58 82.10 164.44
N HIS A 1444 -90.29 80.87 164.87
CA HIS A 1444 -90.13 80.56 166.28
C HIS A 1444 -88.71 80.76 166.78
N LYS A 1445 -87.75 80.94 165.89
CA LYS A 1445 -86.37 81.26 166.27
C LYS A 1445 -86.33 82.75 166.56
N SER A 1446 -86.54 83.10 167.82
CA SER A 1446 -86.48 84.50 168.24
C SER A 1446 -85.16 85.11 167.80
N MET A 1447 -85.15 86.42 167.54
CA MET A 1447 -83.99 87.13 167.02
C MET A 1447 -82.73 86.82 167.83
N TRP A 1448 -82.90 86.57 169.13
CA TRP A 1448 -81.78 86.23 169.98
C TRP A 1448 -81.10 84.94 169.54
N GLU A 1449 -81.88 83.92 169.15
CA GLU A 1449 -81.28 82.70 168.65
C GLU A 1449 -80.73 82.85 167.24
N ARG A 1450 -81.05 83.94 166.55
CA ARG A 1450 -80.40 84.21 165.27
C ARG A 1450 -79.14 85.06 165.45
N LEU A 1451 -78.98 85.69 166.60
CA LEU A 1451 -77.80 86.48 166.87
C LEU A 1451 -76.74 85.72 167.67
N THR A 1452 -77.13 84.78 168.54
CA THR A 1452 -76.19 84.06 169.38
C THR A 1452 -75.86 82.65 168.90
N ALA A 1453 -76.15 82.33 167.65
CA ALA A 1453 -75.84 81.01 167.12
C ALA A 1453 -74.47 81.02 166.46
N PRO A 1454 -73.76 79.86 166.41
CA PRO A 1454 -72.44 79.84 165.76
C PRO A 1454 -72.51 80.23 164.30
N GLU A 1455 -71.52 81.00 163.83
CA GLU A 1455 -71.55 81.63 162.51
C GLU A 1455 -71.81 80.66 161.37
N ASP A 1456 -72.41 81.16 160.31
CA ASP A 1456 -72.59 80.39 159.07
C ASP A 1456 -71.41 80.65 158.14
N VAL A 1457 -70.62 79.59 157.94
CA VAL A 1457 -69.37 79.66 157.18
C VAL A 1457 -69.63 80.18 155.78
N PHE A 1458 -70.81 79.87 155.23
CA PHE A 1458 -71.15 80.37 153.90
C PHE A 1458 -71.13 81.89 153.87
N SER A 1459 -71.61 82.54 154.93
CA SER A 1459 -71.64 84.00 154.94
C SER A 1459 -70.25 84.58 155.06
N LYS A 1460 -69.39 83.96 155.86
CA LYS A 1460 -68.00 84.43 155.95
C LYS A 1460 -67.29 84.27 154.62
N LEU A 1461 -67.56 83.17 153.92
CA LEU A 1461 -66.98 83.01 152.60
C LEU A 1461 -67.50 84.06 151.63
N GLN A 1462 -68.79 84.40 151.74
CA GLN A 1462 -69.34 85.45 150.88
C GLN A 1462 -68.70 86.80 151.18
N ARG A 1463 -68.48 87.10 152.46
CA ARG A 1463 -67.79 88.32 152.84
C ARG A 1463 -66.38 88.36 152.26
N ASP A 1464 -65.64 87.27 152.40
CA ASP A 1464 -64.29 87.23 151.85
C ASP A 1464 -64.30 87.36 150.34
N ASN A 1465 -65.31 86.77 149.69
CA ASN A 1465 -65.39 86.88 148.24
C ASN A 1465 -65.69 88.30 147.81
N LEU A 1466 -66.52 89.02 148.56
CA LEU A 1466 -66.74 90.41 148.21
C LEU A 1466 -65.49 91.24 148.45
N SER A 1467 -64.76 90.97 149.53
CA SER A 1467 -63.52 91.71 149.75
C SER A 1467 -62.52 91.45 148.65
N ILE A 1468 -62.47 90.22 148.14
CA ILE A 1468 -61.61 89.94 147.01
C ILE A 1468 -62.09 90.67 145.76
N PHE A 1469 -63.41 90.63 145.49
CA PHE A 1469 -63.94 91.33 144.33
C PHE A 1469 -63.59 92.81 144.39
N GLU A 1470 -63.56 93.38 145.59
CA GLU A 1470 -63.17 94.77 145.75
C GLU A 1470 -61.66 94.94 145.63
N SER A 1471 -60.88 93.90 145.91
CA SER A 1471 -59.44 94.04 145.82
C SER A 1471 -59.02 94.44 144.42
N TYR A 1472 -59.51 93.74 143.40
CA TYR A 1472 -59.28 94.17 142.03
C TYR A 1472 -59.99 95.47 141.72
N GLY A 1473 -60.74 96.02 142.67
CA GLY A 1473 -61.26 97.36 142.52
C GLY A 1473 -62.31 97.43 141.45
N THR A 1474 -62.50 98.64 140.92
CA THR A 1474 -63.51 98.87 139.90
C THR A 1474 -63.06 98.42 138.53
N ALA A 1475 -61.81 98.02 138.36
CA ALA A 1475 -61.33 97.60 137.05
C ALA A 1475 -61.98 96.30 136.62
N LEU A 1476 -61.91 95.29 137.48
CA LEU A 1476 -62.49 93.99 137.13
C LEU A 1476 -63.99 94.10 136.95
N MET A 1477 -64.66 94.80 137.86
CA MET A 1477 -66.10 94.97 137.75
C MET A 1477 -66.47 95.72 136.48
N GLU A 1478 -65.74 96.79 136.16
CA GLU A 1478 -66.04 97.56 134.96
C GLU A 1478 -65.88 96.71 133.71
N VAL A 1479 -64.80 95.94 133.63
CA VAL A 1479 -64.55 95.12 132.45
C VAL A 1479 -65.66 94.07 132.29
N VAL A 1480 -65.96 93.34 133.35
CA VAL A 1480 -66.98 92.30 133.21
C VAL A 1480 -68.34 92.92 132.93
N CYS A 1481 -68.59 94.11 133.46
CA CYS A 1481 -69.89 94.75 133.24
C CYS A 1481 -70.03 95.19 131.79
N ARG A 1482 -68.98 95.78 131.22
CA ARG A 1482 -69.05 96.19 129.82
C ARG A 1482 -69.19 94.98 128.92
N ASP A 1483 -68.49 93.89 129.23
CA ASP A 1483 -68.62 92.68 128.42
C ASP A 1483 -69.98 92.02 128.58
N ALA A 1484 -70.63 92.21 129.72
CA ALA A 1484 -71.99 91.72 129.87
C ALA A 1484 -72.97 92.58 129.08
N CYS A 1485 -72.75 93.89 129.07
CA CYS A 1485 -73.63 94.79 128.36
C CYS A 1485 -73.56 94.50 126.87
N ASP A 1486 -72.38 94.61 126.28
CA ASP A 1486 -72.31 94.63 124.83
C ASP A 1486 -71.32 93.62 124.25
N GLY A 1487 -71.42 92.37 124.67
CA GLY A 1487 -70.56 91.33 124.10
C GLY A 1487 -71.21 90.61 122.94
N HIS A 1488 -71.24 89.28 123.00
CA HIS A 1488 -71.84 88.48 121.94
C HIS A 1488 -72.87 87.55 122.58
N ASP A 1489 -73.53 86.74 121.77
CA ASP A 1489 -74.67 85.95 122.22
C ASP A 1489 -74.41 85.20 123.51
N ILE A 1490 -73.44 84.29 123.50
CA ILE A 1490 -73.21 83.42 124.65
C ILE A 1490 -72.60 84.22 125.78
N GLY A 1491 -71.58 85.01 125.47
CA GLY A 1491 -70.89 85.78 126.50
C GLY A 1491 -71.82 86.74 127.23
N ARG A 1492 -72.74 87.38 126.51
CA ARG A 1492 -73.66 88.30 127.15
C ARG A 1492 -74.57 87.57 128.13
N MET A 1493 -75.07 86.40 127.74
CA MET A 1493 -75.94 85.64 128.64
C MET A 1493 -75.20 85.24 129.90
N LEU A 1494 -74.03 84.61 129.75
CA LEU A 1494 -73.28 84.13 130.89
C LEU A 1494 -72.84 85.28 131.79
N ALA A 1495 -72.40 86.38 131.19
CA ALA A 1495 -71.94 87.51 132.00
C ALA A 1495 -73.10 88.22 132.68
N LEU A 1496 -74.26 88.27 132.03
CA LEU A 1496 -75.44 88.83 132.69
C LEU A 1496 -75.86 87.98 133.86
N ALA A 1497 -75.83 86.66 133.71
CA ALA A 1497 -76.15 85.79 134.83
C ALA A 1497 -75.11 85.93 135.95
N LEU A 1498 -73.86 86.15 135.58
CA LEU A 1498 -72.84 86.36 136.60
C LEU A 1498 -73.10 87.64 137.37
N LEU A 1499 -73.47 88.71 136.66
CA LEU A 1499 -73.87 89.94 137.35
C LEU A 1499 -75.05 89.68 138.28
N ASP A 1500 -76.02 88.89 137.82
CA ASP A 1500 -77.15 88.53 138.66
C ASP A 1500 -76.68 87.90 139.97
N ARG A 1501 -75.87 86.86 139.88
CA ARG A 1501 -75.41 86.15 141.07
C ARG A 1501 -74.60 87.06 141.99
N ILE A 1502 -73.71 87.85 141.40
CA ILE A 1502 -72.83 88.70 142.22
C ILE A 1502 -73.64 89.74 142.97
N VAL A 1503 -74.60 90.39 142.30
CA VAL A 1503 -75.41 91.38 142.99
C VAL A 1503 -76.39 90.70 143.93
N SER A 1504 -76.65 89.41 143.74
CA SER A 1504 -77.43 88.68 144.73
C SER A 1504 -76.66 88.50 146.03
N VAL A 1505 -75.37 88.18 145.93
CA VAL A 1505 -74.57 88.01 147.13
C VAL A 1505 -74.11 89.33 147.73
N ASP A 1506 -74.04 90.39 146.94
CA ASP A 1506 -73.43 91.66 147.36
C ASP A 1506 -74.33 92.34 148.37
N ARG A 1507 -73.89 92.33 149.64
CA ARG A 1507 -74.69 92.94 150.70
C ARG A 1507 -74.33 94.41 150.90
N GLN A 1508 -73.06 94.77 150.74
CA GLN A 1508 -72.64 96.15 150.88
C GLN A 1508 -73.00 96.93 149.62
N GLN A 1509 -73.41 96.21 148.58
CA GLN A 1509 -73.93 96.79 147.35
C GLN A 1509 -72.88 97.61 146.61
N GLN A 1510 -71.61 97.24 146.76
CA GLN A 1510 -70.56 97.94 146.01
C GLN A 1510 -70.73 97.73 144.51
N TRP A 1511 -71.02 96.50 144.10
CA TRP A 1511 -71.16 96.22 142.68
C TRP A 1511 -72.30 97.00 142.07
N LEU A 1512 -73.41 97.14 142.80
CA LEU A 1512 -74.55 97.89 142.28
C LEU A 1512 -74.24 99.38 142.17
N LEU A 1513 -73.56 99.93 143.17
CA LEU A 1513 -73.18 101.34 143.08
C LEU A 1513 -72.26 101.58 141.90
N TYR A 1514 -71.36 100.63 141.62
CA TYR A 1514 -70.51 100.79 140.45
C TYR A 1514 -71.32 100.68 139.16
N LEU A 1515 -72.32 99.80 139.14
CA LEU A 1515 -73.19 99.69 137.98
C LEU A 1515 -73.95 100.97 137.71
N SER A 1516 -74.43 101.61 138.77
CA SER A 1516 -75.20 102.82 138.57
C SER A 1516 -74.31 103.99 138.19
N ASN A 1517 -73.20 104.18 138.90
CA ASN A 1517 -72.38 105.37 138.66
C ASN A 1517 -71.66 105.32 137.33
N SER A 1518 -71.27 104.14 136.86
CA SER A 1518 -70.61 104.03 135.58
C SER A 1518 -71.58 104.02 134.41
N GLY A 1519 -72.88 104.07 134.66
CA GLY A 1519 -73.83 104.10 133.58
C GLY A 1519 -74.04 102.80 132.86
N TYR A 1520 -73.68 101.67 133.46
CA TYR A 1520 -73.93 100.38 132.83
C TYR A 1520 -75.38 99.95 133.01
N LEU A 1521 -75.97 100.28 134.16
CA LEU A 1521 -77.38 99.99 134.39
C LEU A 1521 -78.25 100.68 133.35
N LYS A 1522 -77.97 101.96 133.09
CA LYS A 1522 -78.75 102.71 132.12
C LYS A 1522 -78.62 102.10 130.73
N VAL A 1523 -77.48 101.48 130.44
CA VAL A 1523 -77.33 100.81 129.16
C VAL A 1523 -78.16 99.55 129.11
N LEU A 1524 -78.12 98.75 130.17
CA LEU A 1524 -78.92 97.52 130.19
C LEU A 1524 -80.40 97.82 130.04
N VAL A 1525 -80.87 98.89 130.69
CA VAL A 1525 -82.29 99.25 130.58
C VAL A 1525 -82.62 99.76 129.18
N ASP A 1526 -81.73 100.57 128.61
CA ASP A 1526 -81.98 101.11 127.28
C ASP A 1526 -81.95 100.02 126.22
N SER A 1527 -81.20 98.95 126.44
CA SER A 1527 -81.13 97.87 125.47
C SER A 1527 -82.45 97.12 125.35
N LEU A 1528 -83.33 97.24 126.34
CA LEU A 1528 -84.64 96.61 126.24
C LEU A 1528 -85.47 97.24 125.13
N ALA A 1529 -85.16 98.49 124.77
CA ALA A 1529 -85.91 99.15 123.70
C ALA A 1529 -85.57 98.56 122.35
N GLU A 1530 -84.37 98.03 122.19
CA GLU A 1530 -83.97 97.41 120.93
C GLU A 1530 -84.51 95.99 120.85
N ASP A 1531 -85.79 95.83 121.10
CA ASP A 1531 -86.38 94.51 121.13
C ASP A 1531 -87.69 94.48 120.38
N ASP A 1532 -88.29 95.65 120.16
CA ASP A 1532 -89.58 95.69 119.48
C ASP A 1532 -89.49 95.07 118.09
N VAL A 1533 -88.35 95.22 117.43
CA VAL A 1533 -88.23 94.72 116.06
C VAL A 1533 -87.95 93.23 116.06
N VAL A 1534 -87.18 92.75 117.04
CA VAL A 1534 -86.85 91.33 117.05
C VAL A 1534 -88.03 90.50 117.54
N LEU A 1535 -88.66 90.91 118.64
CA LEU A 1535 -89.71 90.09 119.23
C LEU A 1535 -90.92 89.98 118.32
N ARG A 1536 -91.19 91.01 117.52
CA ARG A 1536 -92.27 90.91 116.55
C ARG A 1536 -91.99 89.85 115.50
N ASN A 1537 -90.72 89.50 115.31
CA ASN A 1537 -90.37 88.43 114.38
C ASN A 1537 -90.49 87.06 115.03
N LEU A 1538 -90.45 86.98 116.35
CA LEU A 1538 -90.58 85.69 117.03
C LEU A 1538 -92.02 85.22 117.08
N LEU A 1539 -92.99 86.11 116.91
CA LEU A 1539 -94.40 85.75 116.88
C LEU A 1539 -94.81 85.16 115.53
N THR A 1540 -93.85 84.91 114.66
CA THR A 1540 -94.06 84.12 113.45
C THR A 1540 -93.74 82.69 113.82
N PRO A 1541 -94.63 81.73 113.55
CA PRO A 1541 -94.48 80.37 114.06
C PRO A 1541 -93.08 79.77 114.03
N GLN A 1542 -92.24 80.17 113.07
CA GLN A 1542 -90.89 79.62 112.96
C GLN A 1542 -89.84 80.69 113.20
N PRO A 1543 -89.40 80.84 114.45
CA PRO A 1543 -88.36 81.83 114.75
C PRO A 1543 -87.00 81.35 114.31
N PRO A 1544 -86.13 82.25 113.88
CA PRO A 1544 -84.81 81.82 113.39
C PRO A 1544 -83.87 81.35 114.50
N LEU A 1545 -83.84 82.04 115.63
CA LEU A 1545 -82.91 81.69 116.70
C LEU A 1545 -83.51 81.96 118.07
N LEU A 1546 -83.24 81.06 119.03
CA LEU A 1546 -83.74 81.20 120.39
C LEU A 1546 -82.73 81.82 121.35
N LYS A 1547 -81.56 82.22 120.86
CA LYS A 1547 -80.54 82.79 121.73
C LYS A 1547 -80.98 84.15 122.28
N ALA A 1548 -81.63 84.96 121.45
CA ALA A 1548 -82.11 86.26 121.91
C ALA A 1548 -83.07 86.11 123.08
N LEU A 1549 -83.89 85.06 123.05
CA LEU A 1549 -84.80 84.81 124.15
C LEU A 1549 -84.04 84.54 125.44
N TYR A 1550 -82.97 83.75 125.35
CA TYR A 1550 -82.22 83.40 126.55
C TYR A 1550 -81.44 84.60 127.09
N ILE A 1551 -80.92 85.44 126.20
CA ILE A 1551 -80.29 86.67 126.66
C ILE A 1551 -81.31 87.58 127.34
N TYR A 1552 -82.52 87.67 126.78
CA TYR A 1552 -83.55 88.47 127.39
C TYR A 1552 -83.94 87.91 128.75
N GLU A 1553 -83.97 86.58 128.88
CA GLU A 1553 -84.31 85.97 130.17
C GLU A 1553 -83.23 86.26 131.21
N SER A 1554 -81.96 86.14 130.81
CA SER A 1554 -80.88 86.47 131.75
C SER A 1554 -80.93 87.94 132.13
N LYS A 1555 -81.22 88.82 131.17
CA LYS A 1555 -81.34 90.24 131.45
C LYS A 1555 -82.46 90.53 132.44
N MET A 1556 -83.62 89.94 132.21
CA MET A 1556 -84.74 90.16 133.11
C MET A 1556 -84.47 89.55 134.48
N ALA A 1557 -83.71 88.46 134.53
CA ALA A 1557 -83.31 87.91 135.82
C ALA A 1557 -82.42 88.89 136.56
N PHE A 1558 -81.41 89.44 135.89
CA PHE A 1558 -80.55 90.42 136.53
C PHE A 1558 -81.36 91.60 137.02
N LEU A 1559 -82.29 92.09 136.20
CA LEU A 1559 -83.10 93.24 136.60
C LEU A 1559 -83.99 92.90 137.79
N THR A 1560 -84.45 91.65 137.86
CA THR A 1560 -85.29 91.26 138.99
C THR A 1560 -84.46 91.14 140.26
N ARG A 1561 -83.19 90.78 140.14
CA ARG A 1561 -82.39 90.63 141.35
C ARG A 1561 -82.11 91.97 142.01
N VAL A 1562 -81.81 92.99 141.20
CA VAL A 1562 -81.53 94.30 141.79
C VAL A 1562 -82.80 94.95 142.28
N ALA A 1563 -83.96 94.50 141.80
CA ALA A 1563 -85.22 95.09 142.23
C ALA A 1563 -85.61 94.66 143.63
N LYS A 1564 -85.05 93.55 144.12
CA LYS A 1564 -85.40 93.07 145.46
C LYS A 1564 -84.89 94.00 146.53
N SER A 1565 -83.78 94.70 146.27
CA SER A 1565 -83.23 95.65 147.21
C SER A 1565 -83.92 96.98 147.02
N SER A 1566 -84.29 97.63 148.12
CA SER A 1566 -85.00 98.90 148.06
C SER A 1566 -84.22 99.95 147.28
N GLN A 1567 -82.93 100.09 147.58
CA GLN A 1567 -82.12 101.05 146.85
C GLN A 1567 -82.08 100.71 145.37
N GLY A 1568 -82.07 99.42 145.04
CA GLY A 1568 -82.07 99.04 143.64
C GLY A 1568 -83.36 99.44 142.94
N ALA A 1569 -84.49 99.29 143.62
CA ALA A 1569 -85.76 99.70 143.02
C ALA A 1569 -85.81 101.20 142.85
N ILE A 1570 -85.28 101.95 143.82
CA ILE A 1570 -85.23 103.40 143.68
C ILE A 1570 -84.39 103.79 142.47
N GLU A 1571 -83.22 103.18 142.33
CA GLU A 1571 -82.36 103.53 141.21
C GLU A 1571 -82.95 103.05 139.88
N LEU A 1572 -83.83 102.05 139.94
CA LEU A 1572 -84.50 101.62 138.72
C LEU A 1572 -85.61 102.57 138.34
N LEU A 1573 -86.25 103.20 139.33
CA LEU A 1573 -87.27 104.20 139.03
C LEU A 1573 -86.64 105.49 138.53
N ARG A 1574 -85.54 105.91 139.14
CA ARG A 1574 -84.82 107.09 138.66
C ARG A 1574 -84.34 106.91 137.23
N SER A 1575 -84.03 105.67 136.84
CA SER A 1575 -83.66 105.38 135.47
C SER A 1575 -84.87 105.30 134.54
N GLY A 1576 -86.07 105.43 135.07
CA GLY A 1576 -87.27 105.35 134.27
C GLY A 1576 -87.44 104.02 133.57
N VAL A 1577 -87.40 102.91 134.29
CA VAL A 1577 -87.62 101.62 133.65
C VAL A 1577 -89.08 101.47 133.27
N ILE A 1578 -89.98 101.99 134.11
CA ILE A 1578 -91.41 101.94 133.78
C ILE A 1578 -91.69 102.80 132.56
N VAL A 1579 -90.99 103.93 132.44
CA VAL A 1579 -91.16 104.80 131.28
C VAL A 1579 -90.85 104.04 130.00
N ARG A 1580 -89.70 103.38 129.94
CA ARG A 1580 -89.33 102.65 128.75
C ARG A 1580 -90.23 101.44 128.53
N LEU A 1581 -90.69 100.82 129.61
CA LEU A 1581 -91.57 99.67 129.46
C LEU A 1581 -92.92 100.07 128.89
N ALA A 1582 -93.42 101.25 129.24
CA ALA A 1582 -94.71 101.70 128.72
C ALA A 1582 -94.65 101.95 127.22
N GLN A 1583 -93.55 102.50 126.72
CA GLN A 1583 -93.44 102.82 125.31
C GLN A 1583 -93.33 101.58 124.44
N CYS A 1584 -93.20 100.40 125.04
CA CYS A 1584 -93.10 99.17 124.28
C CYS A 1584 -94.46 98.80 123.71
N GLN A 1585 -94.49 98.52 122.42
CA GLN A 1585 -95.72 98.10 121.74
C GLN A 1585 -95.88 96.60 121.69
N VAL A 1586 -94.87 95.84 122.10
CA VAL A 1586 -94.93 94.38 121.98
C VAL A 1586 -95.90 93.80 123.00
N TYR A 1587 -96.23 94.55 124.05
CA TYR A 1587 -97.22 94.06 125.01
C TYR A 1587 -98.63 94.12 124.45
N ASP A 1588 -98.85 94.87 123.38
CA ASP A 1588 -100.18 95.04 122.80
C ASP A 1588 -100.48 94.04 121.69
N MET A 1589 -99.50 93.26 121.26
CA MET A 1589 -99.68 92.33 120.15
C MET A 1589 -100.12 90.95 120.64
N ARG A 1590 -101.26 90.89 121.31
CA ARG A 1590 -101.75 89.62 121.87
C ARG A 1590 -102.22 88.72 120.74
N PRO A 1591 -101.60 87.56 120.52
CA PRO A 1591 -102.01 86.70 119.41
C PRO A 1591 -103.41 86.13 119.63
N GLU A 1592 -104.15 86.00 118.53
CA GLU A 1592 -105.53 85.51 118.60
C GLU A 1592 -105.57 84.01 118.81
N THR A 1593 -106.24 83.58 119.88
CA THR A 1593 -106.37 82.16 120.20
C THR A 1593 -107.55 81.60 119.40
N ILE A 1608 -89.55 75.16 119.71
CA ILE A 1608 -90.13 76.50 119.61
C ILE A 1608 -91.40 76.53 120.46
N PRO A 1609 -91.54 77.48 121.40
CA PRO A 1609 -92.83 77.64 122.08
C PRO A 1609 -93.87 78.28 121.17
N ALA A 1610 -95.14 78.16 121.56
CA ALA A 1610 -96.23 78.67 120.75
C ALA A 1610 -96.27 80.20 120.81
N PRO A 1611 -96.81 80.84 119.76
CA PRO A 1611 -96.84 82.32 119.74
C PRO A 1611 -97.61 82.95 120.89
N VAL A 1612 -98.78 82.42 121.24
CA VAL A 1612 -99.49 82.93 122.40
C VAL A 1612 -98.68 82.68 123.66
N GLU A 1613 -98.02 81.52 123.75
CA GLU A 1613 -97.11 81.27 124.86
C GLU A 1613 -95.96 82.26 124.84
N ARG A 1614 -95.50 82.64 123.65
CA ARG A 1614 -94.42 83.61 123.55
C ARG A 1614 -94.86 84.97 124.07
N TYR A 1615 -96.08 85.38 123.76
CA TYR A 1615 -96.55 86.66 124.27
C TYR A 1615 -96.79 86.60 125.78
N ARG A 1616 -97.25 85.46 126.27
CA ARG A 1616 -97.36 85.29 127.72
C ARG A 1616 -96.00 85.44 128.38
N GLN A 1617 -94.98 84.81 127.80
CA GLN A 1617 -93.63 84.97 128.32
C GLN A 1617 -93.19 86.42 128.28
N ILE A 1618 -93.32 87.09 127.14
CA ILE A 1618 -92.94 88.50 127.06
C ILE A 1618 -93.66 89.32 128.12
N LEU A 1619 -94.90 88.94 128.44
CA LEU A 1619 -95.63 89.64 129.49
C LEU A 1619 -95.04 89.34 130.86
N LEU A 1620 -94.50 88.14 131.04
CA LEU A 1620 -94.11 87.74 132.39
C LEU A 1620 -92.95 88.59 132.93
N PRO A 1621 -91.77 88.68 132.26
CA PRO A 1621 -90.80 89.71 132.66
C PRO A 1621 -91.33 91.11 132.90
N ALA A 1622 -92.11 91.66 131.98
CA ALA A 1622 -92.53 93.05 132.10
C ALA A 1622 -93.27 93.30 133.41
N LEU A 1623 -94.42 92.64 133.57
CA LEU A 1623 -95.20 92.85 134.79
C LEU A 1623 -94.46 92.34 136.00
N GLN A 1624 -93.64 91.30 135.84
CA GLN A 1624 -92.90 90.74 136.96
C GLN A 1624 -91.97 91.78 137.56
N ILE A 1625 -91.17 92.43 136.73
CA ILE A 1625 -90.28 93.48 137.24
C ILE A 1625 -91.10 94.67 137.73
N CYS A 1626 -92.14 95.06 136.98
CA CYS A 1626 -92.93 96.22 137.36
C CYS A 1626 -93.51 96.08 138.76
N GLN A 1627 -93.77 94.85 139.18
CA GLN A 1627 -94.18 94.61 140.55
C GLN A 1627 -93.02 94.61 141.54
N LEU A 1628 -91.88 95.20 141.17
CA LEU A 1628 -90.83 95.45 142.15
C LEU A 1628 -91.36 96.34 143.28
N ILE A 1629 -92.17 97.34 142.93
CA ILE A 1629 -92.68 98.32 143.88
C ILE A 1629 -93.27 97.64 145.10
N LEU A 1630 -93.70 96.40 144.95
CA LEU A 1630 -94.31 95.67 146.04
C LEU A 1630 -93.26 95.31 147.08
N THR A 1631 -91.98 95.42 146.71
CA THR A 1631 -90.90 95.05 147.63
C THR A 1631 -90.70 96.15 148.65
N SER A 1632 -89.55 96.13 149.33
CA SER A 1632 -89.19 97.11 150.33
C SER A 1632 -89.24 98.53 149.77
N SER A 1633 -89.71 98.67 148.53
CA SER A 1633 -90.13 99.97 148.02
C SER A 1633 -91.36 100.39 148.80
N THR A 1634 -91.15 101.13 149.87
CA THR A 1634 -92.22 101.48 150.80
C THR A 1634 -93.06 102.61 150.23
N ALA A 1635 -93.88 103.23 151.08
CA ALA A 1635 -94.68 104.38 150.67
C ALA A 1635 -93.85 105.48 150.04
N GLN A 1636 -92.55 105.55 150.33
CA GLN A 1636 -91.68 106.46 149.58
C GLN A 1636 -91.82 106.21 148.10
N HIS A 1637 -91.84 104.94 147.70
CA HIS A 1637 -92.10 104.57 146.32
C HIS A 1637 -93.61 104.54 146.09
N LEU A 1638 -94.22 105.71 146.25
CA LEU A 1638 -95.63 105.86 145.90
C LEU A 1638 -95.82 106.40 144.50
N GLN A 1639 -94.88 107.19 143.99
CA GLN A 1639 -94.95 107.61 142.60
C GLN A 1639 -94.87 106.39 141.68
N ALA A 1640 -94.17 105.35 142.12
CA ALA A 1640 -94.13 104.09 141.39
C ALA A 1640 -95.53 103.58 141.14
N ALA A 1641 -96.44 103.84 142.08
CA ALA A 1641 -97.83 103.48 141.86
C ALA A 1641 -98.38 104.20 140.64
N GLY A 1642 -98.12 105.49 140.51
CA GLY A 1642 -98.60 106.22 139.34
C GLY A 1642 -97.95 105.73 138.06
N GLN A 1643 -96.68 105.40 138.12
CA GLN A 1643 -96.00 104.90 136.92
C GLN A 1643 -96.57 103.57 136.47
N VAL A 1644 -96.79 102.64 137.39
CA VAL A 1644 -97.33 101.34 136.98
C VAL A 1644 -98.78 101.49 136.56
N LEU A 1645 -99.51 102.43 137.16
CA LEU A 1645 -100.85 102.72 136.66
C LEU A 1645 -100.81 103.17 135.21
N GLN A 1646 -99.88 104.06 134.89
CA GLN A 1646 -99.76 104.49 133.51
C GLN A 1646 -99.38 103.33 132.61
N PHE A 1647 -98.56 102.40 133.11
CA PHE A 1647 -98.19 101.24 132.30
C PHE A 1647 -99.40 100.35 132.04
N LEU A 1648 -100.29 100.23 133.01
CA LEU A 1648 -101.51 99.45 132.79
C LEU A 1648 -102.45 100.17 131.83
N VAL A 1649 -102.50 101.49 131.91
CA VAL A 1649 -103.46 102.26 131.13
C VAL A 1649 -103.04 102.33 129.66
N ALA A 1650 -101.76 102.51 129.41
CA ALA A 1650 -101.29 102.61 128.02
C ALA A 1650 -101.59 101.34 127.23
N HIS A 1651 -101.93 100.26 127.91
CA HIS A 1651 -102.29 99.00 127.26
C HIS A 1651 -103.62 98.49 127.80
N SER A 1652 -104.62 99.37 127.89
CA SER A 1652 -105.89 99.00 128.48
C SER A 1652 -106.57 97.89 127.69
N ASP A 1653 -106.32 97.83 126.38
CA ASP A 1653 -106.95 96.81 125.55
C ASP A 1653 -106.49 95.41 125.95
N THR A 1654 -105.17 95.21 126.02
CA THR A 1654 -104.64 93.92 126.42
C THR A 1654 -105.02 93.58 127.85
N ILE A 1655 -105.00 94.57 128.75
CA ILE A 1655 -105.35 94.32 130.13
C ILE A 1655 -106.77 93.81 130.25
N GLN A 1656 -107.71 94.46 129.53
CA GLN A 1656 -109.09 94.01 129.58
C GLN A 1656 -109.25 92.64 128.91
N ALA A 1657 -108.52 92.40 127.81
CA ALA A 1657 -108.60 91.10 127.15
C ALA A 1657 -108.10 90.00 128.05
N ILE A 1658 -107.15 90.31 128.93
CA ILE A 1658 -106.65 89.33 129.88
C ILE A 1658 -107.65 89.11 131.00
N LEU A 1659 -108.15 90.18 131.61
CA LEU A 1659 -109.08 90.06 132.71
C LEU A 1659 -110.42 89.48 132.28
N ARG A 1660 -110.71 89.44 130.98
CA ARG A 1660 -111.95 88.88 130.48
C ARG A 1660 -111.80 87.49 129.88
N SER A 1661 -110.58 86.97 129.77
CA SER A 1661 -110.36 85.70 129.09
C SER A 1661 -111.20 84.61 129.74
N GLY A 1664 -108.56 80.18 132.41
CA GLY A 1664 -108.48 79.41 133.63
C GLY A 1664 -107.16 78.69 133.78
N SER A 1665 -106.07 79.44 133.90
CA SER A 1665 -104.75 78.84 134.04
C SER A 1665 -103.99 79.41 135.23
N LEU A 1666 -102.99 78.70 135.72
CA LEU A 1666 -102.19 79.17 136.84
C LEU A 1666 -101.47 80.46 136.48
N GLY A 1667 -100.91 80.53 135.28
CA GLY A 1667 -100.24 81.73 134.83
C GLY A 1667 -101.18 82.91 134.78
N SER A 1668 -102.36 82.72 134.21
CA SER A 1668 -103.36 83.78 134.15
C SER A 1668 -103.75 84.24 135.55
N LEU A 1669 -103.87 83.30 136.48
CA LEU A 1669 -104.29 83.67 137.84
C LEU A 1669 -103.21 84.47 138.55
N GLN A 1670 -101.94 84.08 138.37
CA GLN A 1670 -100.87 84.87 138.96
C GLN A 1670 -100.80 86.26 138.34
N GLU A 1671 -101.01 86.35 137.03
CA GLU A 1671 -101.08 87.66 136.38
C GLU A 1671 -102.17 88.52 136.99
N LEU A 1672 -103.36 87.95 137.16
CA LEU A 1672 -104.46 88.68 137.74
C LEU A 1672 -104.15 89.11 139.17
N ALA A 1673 -103.44 88.26 139.91
CA ALA A 1673 -103.10 88.58 141.30
C ALA A 1673 -102.16 89.77 141.37
N LEU A 1674 -101.07 89.72 140.61
CA LEU A 1674 -100.14 90.84 140.61
C LEU A 1674 -100.81 92.10 140.07
N LEU A 1675 -101.69 91.95 139.07
CA LEU A 1675 -102.37 93.11 138.50
C LEU A 1675 -103.29 93.76 139.51
N THR A 1676 -104.08 92.97 140.23
CA THR A 1676 -104.96 93.54 141.23
C THR A 1676 -104.19 94.11 142.40
N GLY A 1677 -103.05 93.51 142.74
CA GLY A 1677 -102.21 94.13 143.76
C GLY A 1677 -101.75 95.50 143.34
N ILE A 1678 -101.30 95.63 142.10
CA ILE A 1678 -100.90 96.93 141.56
C ILE A 1678 -102.06 97.90 141.58
N ILE A 1679 -103.21 97.47 141.08
CA ILE A 1679 -104.38 98.33 141.00
C ILE A 1679 -104.78 98.81 142.38
N SER A 1680 -104.76 97.91 143.36
CA SER A 1680 -105.12 98.29 144.72
C SER A 1680 -104.15 99.30 145.30
N LYS A 1681 -102.85 99.04 145.19
CA LYS A 1681 -101.85 99.94 145.76
C LYS A 1681 -101.67 101.22 144.97
N ALA A 1682 -102.21 101.30 143.75
CA ALA A 1682 -101.86 102.39 142.86
C ALA A 1682 -103.04 103.29 142.50
N ALA A 1683 -104.25 102.77 142.46
CA ALA A 1683 -105.42 103.48 141.93
C ALA A 1683 -106.13 104.28 142.99
N LEU A 1684 -105.43 104.79 143.98
CA LEU A 1684 -106.05 105.68 144.95
C LEU A 1684 -106.51 106.96 144.29
N PRO A 1685 -107.71 107.43 144.58
CA PRO A 1685 -108.16 108.73 144.04
C PRO A 1685 -107.30 109.89 144.53
N GLY A 1686 -106.49 109.68 145.57
CA GLY A 1686 -105.55 110.69 145.98
C GLY A 1686 -104.48 110.98 144.96
N VAL A 1687 -104.20 110.03 144.07
CA VAL A 1687 -103.29 110.30 142.98
C VAL A 1687 -103.91 111.27 141.98
N LEU A 1688 -105.22 111.22 141.81
CA LEU A 1688 -105.94 111.97 140.78
C LEU A 1688 -105.75 113.47 140.87
N ASN A 1689 -106.24 114.10 141.94
CA ASN A 1689 -106.30 115.55 142.02
C ASN A 1689 -104.93 116.21 141.91
N GLU A 1690 -103.86 115.48 142.22
CA GLU A 1690 -102.52 116.04 142.10
C GLU A 1690 -101.92 115.85 140.72
N LEU A 1691 -102.48 114.95 139.90
CA LEU A 1691 -102.08 114.85 138.50
C LEU A 1691 -102.67 115.95 137.64
N ASP A 1692 -103.38 116.89 138.23
CA ASP A 1692 -104.03 118.00 137.55
C ASP A 1692 -103.11 119.20 137.37
N ILE A 1693 -101.79 119.00 137.40
CA ILE A 1693 -100.82 120.09 137.30
C ILE A 1693 -100.31 120.04 135.86
N ASP A 1697 -108.97 118.01 134.14
CA ASP A 1697 -110.09 117.08 134.18
C ASP A 1697 -109.86 115.91 133.23
N GLY A 1698 -108.94 116.06 132.27
CA GLY A 1698 -108.64 114.99 131.35
C GLY A 1698 -108.12 113.74 132.04
N SER A 1699 -107.04 113.89 132.80
CA SER A 1699 -106.50 112.76 133.54
C SER A 1699 -107.42 112.28 134.65
N MET A 1700 -108.14 113.19 135.31
CA MET A 1700 -109.11 112.76 136.31
C MET A 1700 -110.16 111.84 135.70
N MET A 1701 -110.75 112.25 134.58
CA MET A 1701 -111.76 111.41 133.93
C MET A 1701 -111.15 110.13 133.41
N GLU A 1702 -109.94 110.18 132.87
CA GLU A 1702 -109.30 108.96 132.41
C GLU A 1702 -109.13 107.96 133.53
N LEU A 1703 -108.54 108.39 134.65
CA LEU A 1703 -108.25 107.44 135.72
C LEU A 1703 -109.52 107.07 136.47
N GLN A 1704 -110.57 107.90 136.40
CA GLN A 1704 -111.85 107.50 136.97
C GLN A 1704 -112.51 106.43 136.12
N GLY A 1705 -112.46 106.56 134.79
CA GLY A 1705 -112.93 105.49 133.94
C GLY A 1705 -112.14 104.21 134.16
N HIS A 1706 -110.85 104.34 134.43
CA HIS A 1706 -110.04 103.16 134.70
C HIS A 1706 -110.43 102.50 136.02
N ILE A 1707 -110.60 103.29 137.08
CA ILE A 1707 -111.04 102.74 138.35
C ILE A 1707 -112.40 102.07 138.19
N GLY A 1708 -113.26 102.65 137.36
CA GLY A 1708 -114.56 102.04 137.13
C GLY A 1708 -114.44 100.70 136.43
N ARG A 1709 -113.58 100.62 135.42
CA ARG A 1709 -113.34 99.33 134.78
C ARG A 1709 -112.82 98.30 135.78
N PHE A 1710 -111.94 98.74 136.68
CA PHE A 1710 -111.41 97.81 137.68
C PHE A 1710 -112.48 97.35 138.65
N GLN A 1711 -113.34 98.27 139.07
CA GLN A 1711 -114.39 97.90 140.02
C GLN A 1711 -115.41 96.98 139.36
N ARG A 1712 -115.57 97.11 138.04
CA ARG A 1712 -116.52 96.23 137.36
C ARG A 1712 -115.91 94.87 137.07
N GLN A 1713 -114.61 94.81 136.85
CA GLN A 1713 -113.98 93.51 136.59
C GLN A 1713 -113.75 92.73 137.88
N CYS A 1714 -113.37 93.41 138.96
CA CYS A 1714 -113.17 92.71 140.22
C CYS A 1714 -114.49 92.30 140.86
N LEU A 1715 -115.60 92.91 140.43
CA LEU A 1715 -116.89 92.43 140.87
C LEU A 1715 -117.35 91.23 140.03
N ALA A 1716 -116.92 91.16 138.77
CA ALA A 1716 -117.26 90.01 137.93
C ALA A 1716 -116.45 88.77 138.32
N LEU A 1717 -115.51 88.90 139.25
CA LEU A 1717 -114.75 87.74 139.70
C LEU A 1717 -115.47 86.96 140.78
N LEU A 1718 -116.59 87.47 141.29
CA LEU A 1718 -117.31 86.72 142.31
C LEU A 1718 -118.23 85.68 141.70
N ASN A 1719 -118.67 85.89 140.47
CA ASN A 1719 -119.54 84.92 139.81
C ASN A 1719 -118.75 83.81 139.13
N ARG A 1720 -117.43 83.98 139.03
CA ARG A 1720 -116.57 82.94 138.49
C ARG A 1720 -115.93 82.11 139.60
N PHE A 1721 -115.55 82.76 140.69
CA PHE A 1721 -114.89 82.10 141.80
C PHE A 1721 -115.78 81.88 143.00
N GLY A 1722 -116.99 82.44 143.01
CA GLY A 1722 -117.88 82.29 144.13
C GLY A 1722 -119.18 81.57 143.86
N GLY A 1723 -119.37 81.04 142.66
CA GLY A 1723 -120.58 80.34 142.30
C GLY A 1723 -120.32 78.89 141.95
N SER A 1724 -121.30 78.30 141.26
CA SER A 1724 -121.22 76.88 140.88
C SER A 1724 -120.14 76.63 139.84
N ASP A 1725 -119.52 77.69 139.33
CA ASP A 1725 -118.37 77.54 138.45
C ASP A 1725 -117.10 77.14 139.19
N ARG A 1726 -117.14 77.10 140.52
CA ARG A 1726 -115.97 76.70 141.28
C ARG A 1726 -115.65 75.22 141.08
N LEU A 1727 -116.67 74.36 141.13
CA LEU A 1727 -116.45 72.94 140.93
C LEU A 1727 -116.02 72.61 139.52
N ARG A 1728 -116.41 73.43 138.54
CA ARG A 1728 -116.01 73.19 137.16
C ARG A 1728 -114.57 73.63 136.88
N GLN A 1729 -114.08 74.61 137.64
CA GLN A 1729 -112.67 74.98 137.54
C GLN A 1729 -111.78 74.05 138.34
N LEU A 1730 -112.35 73.33 139.32
CA LEU A 1730 -111.58 72.41 140.14
C LEU A 1730 -111.63 70.98 139.63
N SER A 1731 -112.63 70.65 138.81
CA SER A 1731 -112.76 69.29 138.30
C SER A 1731 -112.17 69.11 136.92
N LEU A 1732 -112.11 70.19 136.12
CA LEU A 1732 -111.52 70.10 134.79
C LEU A 1732 -110.01 69.85 134.84
N GLN A 1733 -109.35 70.20 135.92
CA GLN A 1733 -107.96 69.84 136.15
C GLN A 1733 -107.81 68.53 136.92
N ASP A 1734 -108.92 67.87 137.26
CA ASP A 1734 -108.86 66.54 137.85
C ASP A 1734 -108.65 65.45 136.81
N ASP A 1735 -108.66 65.80 135.53
CA ASP A 1735 -108.30 64.82 134.51
C ASP A 1735 -106.85 64.39 134.66
N SER A 1736 -106.02 65.26 135.24
CA SER A 1736 -104.60 64.96 135.50
C SER A 1736 -104.21 65.77 136.73
N SER A 1737 -104.23 65.11 137.88
CA SER A 1737 -103.94 65.75 139.17
C SER A 1737 -102.75 65.04 139.81
N ARG A 1738 -101.54 65.44 139.42
CA ARG A 1738 -100.33 64.99 140.08
C ARG A 1738 -100.01 65.95 141.22
N LEU A 1739 -98.80 65.86 141.76
CA LEU A 1739 -98.33 66.89 142.68
C LEU A 1739 -98.36 68.26 142.02
N ASP A 1740 -98.02 68.32 140.73
CA ASP A 1740 -98.14 69.55 139.98
C ASP A 1740 -99.56 70.08 140.04
N GLY A 1741 -100.55 69.21 139.83
CA GLY A 1741 -101.94 69.66 139.86
C GLY A 1741 -102.38 70.10 141.23
N VAL A 1742 -101.89 69.44 142.28
CA VAL A 1742 -102.26 69.82 143.64
C VAL A 1742 -101.70 71.20 143.98
N SER A 1743 -100.42 71.42 143.67
CA SER A 1743 -99.86 72.75 143.87
C SER A 1743 -100.54 73.78 142.97
N LYS A 1744 -101.01 73.37 141.79
CA LYS A 1744 -101.70 74.30 140.91
C LYS A 1744 -103.04 74.72 141.48
N LYS A 1745 -103.75 73.79 142.10
CA LYS A 1745 -104.99 74.16 142.78
C LYS A 1745 -104.72 75.03 144.00
N ASP A 1746 -103.65 74.74 144.73
CA ASP A 1746 -103.26 75.63 145.83
C ASP A 1746 -103.00 77.03 145.32
N ASP A 1747 -102.36 77.15 144.16
CA ASP A 1747 -102.13 78.45 143.55
C ASP A 1747 -103.40 79.10 143.04
N MET A 1748 -104.35 78.34 142.50
CA MET A 1748 -105.63 78.92 142.15
C MET A 1748 -106.29 79.51 143.38
N GLU A 1749 -106.21 78.81 144.51
CA GLU A 1749 -106.78 79.35 145.73
C GLU A 1749 -106.05 80.60 146.18
N LEU A 1750 -104.72 80.62 146.06
CA LEU A 1750 -104.01 81.81 146.49
C LEU A 1750 -104.28 82.97 145.57
N ALA A 1751 -104.57 82.69 144.31
CA ALA A 1751 -104.95 83.76 143.40
C ALA A 1751 -106.30 84.33 143.77
N MET A 1752 -107.29 83.47 143.98
CA MET A 1752 -108.58 83.92 144.50
C MET A 1752 -108.37 84.82 145.70
N GLN A 1753 -107.62 84.34 146.68
CA GLN A 1753 -107.34 85.14 147.87
C GLN A 1753 -106.68 86.44 147.49
N GLN A 1754 -105.47 86.38 146.96
CA GLN A 1754 -104.69 87.57 146.63
C GLN A 1754 -105.55 88.63 145.96
N ILE A 1755 -106.23 88.29 144.86
CA ILE A 1755 -107.00 89.29 144.14
C ILE A 1755 -108.12 89.84 145.02
N CYS A 1756 -108.87 88.96 145.68
CA CYS A 1756 -109.96 89.49 146.48
C CYS A 1756 -109.45 90.29 147.67
N SER A 1757 -108.57 89.74 148.49
CA SER A 1757 -107.98 90.46 149.62
C SER A 1757 -107.39 91.80 149.22
N ASN A 1758 -106.74 91.87 148.06
CA ASN A 1758 -106.18 93.14 147.64
C ASN A 1758 -107.29 94.13 147.30
N VAL A 1759 -108.29 93.70 146.54
CA VAL A 1759 -109.39 94.60 146.21
C VAL A 1759 -110.20 94.93 147.46
N MET A 1760 -110.20 94.06 148.46
CA MET A 1760 -110.95 94.31 149.67
C MET A 1760 -110.22 95.30 150.55
N GLU A 1761 -108.91 95.23 150.58
CA GLU A 1761 -108.13 96.27 151.22
C GLU A 1761 -108.30 97.60 150.48
N TYR A 1762 -108.46 97.54 149.16
CA TYR A 1762 -108.69 98.76 148.38
C TYR A 1762 -110.04 99.38 148.73
N CYS A 1763 -111.07 98.55 148.87
CA CYS A 1763 -112.37 99.06 149.27
C CYS A 1763 -112.35 99.57 150.71
N GLN A 1764 -111.60 98.90 151.59
CA GLN A 1764 -111.52 99.38 152.97
C GLN A 1764 -110.77 100.69 153.05
N ALA A 1765 -109.74 100.87 152.20
CA ALA A 1765 -109.04 102.15 152.16
C ALA A 1765 -109.91 103.24 151.56
N LEU A 1766 -110.65 102.92 150.51
CA LEU A 1766 -111.58 103.89 149.92
C LEU A 1766 -112.71 104.23 150.89
N MET A 1767 -113.00 103.35 151.84
CA MET A 1767 -114.01 103.66 152.84
C MET A 1767 -113.43 104.43 154.02
N ILE A 1768 -112.15 104.21 154.33
CA ILE A 1768 -111.56 104.90 155.48
C ILE A 1768 -111.13 106.31 155.09
N GLN A 1769 -110.38 106.44 154.00
CA GLN A 1769 -109.90 107.75 153.55
C GLN A 1769 -111.04 108.69 153.21
N ASN A 1770 -112.10 108.18 152.58
CA ASN A 1770 -113.28 108.98 152.30
C ASN A 1770 -114.20 109.09 153.51
N SER A 1771 -114.02 108.25 154.54
CA SER A 1771 -114.96 108.19 155.65
C SER A 1771 -116.34 107.98 155.07
N PRO A 1772 -116.74 106.72 154.81
CA PRO A 1772 -117.24 106.34 153.48
C PRO A 1772 -118.42 107.16 153.01
N SER A 1773 -118.13 108.40 152.63
CA SER A 1773 -119.12 109.34 152.14
C SER A 1773 -120.22 109.51 153.18
N PHE A 1774 -119.86 110.09 154.33
CA PHE A 1774 -120.85 110.43 155.34
C PHE A 1774 -122.00 111.22 154.73
N GLN A 1775 -121.74 111.91 153.63
CA GLN A 1775 -122.80 112.62 152.92
C GLN A 1775 -123.68 111.66 152.14
N GLN A 1776 -123.48 110.35 152.31
CA GLN A 1776 -124.35 109.37 151.65
C GLN A 1776 -125.62 109.19 152.47
N THR A 1777 -125.95 110.19 153.28
CA THR A 1777 -127.30 110.27 153.84
C THR A 1777 -128.31 110.33 152.70
N VAL A 1778 -127.85 110.68 151.51
CA VAL A 1778 -128.58 110.45 150.26
C VAL A 1778 -128.82 108.96 150.15
N CYS A 1779 -130.10 108.56 150.03
CA CYS A 1779 -130.50 107.17 150.15
C CYS A 1779 -129.58 106.24 149.38
N LEU A 1780 -128.86 105.40 150.10
CA LEU A 1780 -127.96 104.45 149.46
C LEU A 1780 -128.72 103.31 148.81
N PHE A 1781 -129.89 102.96 149.34
CA PHE A 1781 -130.71 101.89 148.80
C PHE A 1781 -132.07 102.46 148.41
N THR A 1782 -132.59 101.98 147.30
CA THR A 1782 -133.89 102.38 146.82
C THR A 1782 -134.98 101.90 147.77
N PRO A 1783 -136.08 102.64 147.91
CA PRO A 1783 -137.13 102.23 148.85
C PRO A 1783 -137.99 101.08 148.35
N SER A 1784 -137.38 99.92 148.14
CA SER A 1784 -138.11 98.74 147.69
C SER A 1784 -137.47 97.47 148.25
N SER A 1801 -120.86 90.04 127.99
CA SER A 1801 -120.95 91.48 127.95
C SER A 1801 -119.57 92.12 127.93
N ILE A 1802 -119.31 92.95 126.92
CA ILE A 1802 -118.05 93.68 126.78
C ILE A 1802 -118.18 95.00 127.50
N LEU A 1803 -117.07 95.49 128.04
CA LEU A 1803 -117.07 96.69 128.86
C LEU A 1803 -117.65 97.87 128.07
N PRO A 1804 -118.84 98.33 128.41
CA PRO A 1804 -119.47 99.39 127.62
C PRO A 1804 -119.05 100.77 128.10
N SER A 1805 -119.69 101.80 127.54
CA SER A 1805 -119.40 103.17 127.96
C SER A 1805 -119.72 103.37 129.43
N TRP A 1806 -120.82 102.79 129.91
CA TRP A 1806 -121.19 102.87 131.31
C TRP A 1806 -121.97 101.63 131.71
N ARG A 1807 -121.77 101.19 132.96
CA ARG A 1807 -122.42 99.99 133.47
C ARG A 1807 -122.50 100.11 134.98
N LEU A 1808 -123.64 99.74 135.56
CA LEU A 1808 -123.86 99.95 136.97
C LEU A 1808 -123.68 98.67 137.76
N PRO A 1809 -123.15 98.76 138.98
CA PRO A 1809 -122.93 97.55 139.78
C PRO A 1809 -124.11 97.21 140.67
N SER A 1810 -123.95 96.17 141.49
CA SER A 1810 -124.97 95.73 142.43
C SER A 1810 -124.36 95.69 143.83
N LEU A 1811 -125.24 95.57 144.84
CA LEU A 1811 -124.80 95.43 146.22
C LEU A 1811 -125.28 94.16 146.90
N GLY A 1812 -126.22 93.43 146.31
CA GLY A 1812 -126.45 92.07 146.77
C GLY A 1812 -125.26 91.18 146.52
N VAL A 1813 -124.33 91.64 145.68
CA VAL A 1813 -123.05 90.99 145.44
C VAL A 1813 -122.29 90.90 146.75
N VAL A 1814 -122.45 91.90 147.62
CA VAL A 1814 -121.79 91.85 148.92
C VAL A 1814 -122.34 90.72 149.77
N ILE A 1815 -123.66 90.51 149.77
CA ILE A 1815 -124.23 89.41 150.55
C ILE A 1815 -123.84 88.06 149.95
N HIS A 1816 -123.82 87.96 148.62
CA HIS A 1816 -123.40 86.71 147.99
C HIS A 1816 -121.95 86.40 148.32
N LEU A 1817 -121.10 87.43 148.29
CA LEU A 1817 -119.72 87.27 148.72
C LEU A 1817 -119.64 86.85 150.17
N LEU A 1818 -120.51 87.39 151.01
CA LEU A 1818 -120.52 87.02 152.42
C LEU A 1818 -120.80 85.54 152.60
N LYS A 1819 -121.86 85.05 151.94
CA LYS A 1819 -122.20 83.63 152.07
C LYS A 1819 -121.11 82.75 151.46
N GLN A 1820 -120.61 83.12 150.29
CA GLN A 1820 -119.60 82.31 149.62
C GLN A 1820 -118.33 82.24 150.44
N SER A 1821 -117.94 83.35 151.07
CA SER A 1821 -116.75 83.35 151.90
C SER A 1821 -116.97 82.61 153.20
N ALA A 1822 -118.18 82.65 153.74
CA ALA A 1822 -118.46 81.85 154.93
C ALA A 1822 -118.36 80.36 154.63
N ASN A 1823 -118.77 79.94 153.42
CA ASN A 1823 -118.64 78.52 153.08
C ASN A 1823 -117.20 78.16 152.75
N ASN A 1824 -116.50 79.01 152.01
CA ASN A 1824 -115.12 78.72 151.68
C ASN A 1824 -114.24 78.78 152.92
N PHE A 1825 -114.67 79.50 153.95
CA PHE A 1825 -113.95 79.48 155.22
C PHE A 1825 -113.93 78.08 155.81
N PHE A 1826 -115.11 77.46 155.91
CA PHE A 1826 -115.19 76.07 156.36
C PHE A 1826 -114.36 75.15 155.49
N THR A 1827 -114.53 75.22 154.17
CA THR A 1827 -113.84 74.28 153.30
C THR A 1827 -112.33 74.44 153.42
N TYR A 1828 -111.84 75.68 153.42
CA TYR A 1828 -110.41 75.90 153.50
C TYR A 1828 -109.86 75.53 154.87
N TYR A 1829 -110.63 75.71 155.92
CA TYR A 1829 -110.17 75.31 157.24
C TYR A 1829 -110.07 73.79 157.35
N ASP A 1830 -111.07 73.06 156.85
CA ASP A 1830 -110.99 71.61 156.89
C ASP A 1830 -109.82 71.10 156.06
N ILE A 1831 -109.61 71.68 154.88
CA ILE A 1831 -108.47 71.27 154.06
C ILE A 1831 -107.17 71.59 154.78
N HIS A 1832 -107.13 72.67 155.55
CA HIS A 1832 -105.92 73.02 156.30
C HIS A 1832 -105.58 71.98 157.35
N ARG A 1833 -106.58 71.55 158.12
CA ARG A 1833 -106.34 70.56 159.15
C ARG A 1833 -105.80 69.26 158.57
N GLN A 1834 -106.37 68.82 157.45
CA GLN A 1834 -105.90 67.60 156.80
C GLN A 1834 -104.44 67.75 156.36
N SER A 1835 -104.09 68.90 155.80
CA SER A 1835 -102.73 69.15 155.38
C SER A 1835 -101.78 69.13 156.58
N VAL A 1836 -102.21 69.71 157.70
CA VAL A 1836 -101.40 69.70 158.91
C VAL A 1836 -101.19 68.27 159.39
N GLY A 1837 -102.24 67.45 159.33
CA GLY A 1837 -102.11 66.06 159.71
C GLY A 1837 -101.11 65.35 158.81
N LYS A 1838 -101.16 65.63 157.51
CA LYS A 1838 -100.23 65.01 156.57
C LYS A 1838 -98.80 65.44 156.88
N LEU A 1839 -98.61 66.69 157.27
CA LEU A 1839 -97.28 67.18 157.63
C LEU A 1839 -96.78 66.51 158.91
N GLN A 1840 -97.66 66.28 159.87
CA GLN A 1840 -97.28 65.60 161.11
C GLN A 1840 -96.86 64.17 160.81
N ASN A 1841 -97.54 63.50 159.89
CA ASN A 1841 -97.16 62.14 159.50
C ASN A 1841 -95.79 62.15 158.83
N VAL A 1842 -95.54 63.13 157.97
CA VAL A 1842 -94.23 63.23 157.31
C VAL A 1842 -93.14 63.44 158.34
N GLU A 1843 -93.43 64.23 159.37
CA GLU A 1843 -92.46 64.45 160.44
C GLU A 1843 -92.18 63.18 161.22
N GLN A 1844 -93.22 62.39 161.50
CA GLN A 1844 -93.04 61.14 162.26
C GLN A 1844 -92.07 60.15 161.62
N LEU A 1845 -91.56 60.44 160.43
CA LEU A 1845 -90.61 59.57 159.74
C LEU A 1845 -89.17 59.89 160.15
N PRO A 1846 -88.55 59.09 161.01
CA PRO A 1846 -87.22 59.39 161.51
C PRO A 1846 -86.17 58.78 160.60
N PRO A 1847 -84.88 58.90 160.94
CA PRO A 1847 -83.87 58.12 160.19
C PRO A 1847 -84.12 56.63 160.26
N ASP A 1848 -84.83 56.16 161.29
CA ASP A 1848 -85.29 54.78 161.30
C ASP A 1848 -86.09 54.48 160.04
N GLU A 1849 -86.83 55.46 159.53
CA GLU A 1849 -87.52 55.27 158.27
C GLU A 1849 -86.56 55.28 157.10
N ILE A 1850 -85.41 55.95 157.23
CA ILE A 1850 -84.40 55.82 156.19
C ILE A 1850 -83.90 54.38 156.13
N LYS A 1851 -83.68 53.78 157.29
CA LYS A 1851 -83.27 52.38 157.33
C LYS A 1851 -84.39 51.46 156.85
N GLU A 1852 -85.64 51.82 157.11
CA GLU A 1852 -86.76 50.97 156.70
C GLU A 1852 -87.06 51.09 155.21
N LEU A 1853 -86.69 52.21 154.59
CA LEU A 1853 -86.82 52.36 153.15
C LEU A 1853 -85.61 51.85 152.40
N CYS A 1854 -84.45 51.76 153.05
CA CYS A 1854 -83.27 51.14 152.47
C CYS A 1854 -83.16 49.65 152.75
N GLN A 1855 -83.97 49.12 153.68
CA GLN A 1855 -83.91 47.71 154.01
C GLN A 1855 -84.50 46.81 152.93
N SER A 1856 -85.29 47.37 152.01
CA SER A 1856 -85.91 46.56 150.98
C SER A 1856 -85.04 46.38 149.75
N GLU A 1857 -84.13 47.32 149.47
CA GLU A 1857 -83.26 47.24 148.30
C GLU A 1857 -81.81 46.94 148.63
N MET A 1858 -81.46 46.75 149.91
CA MET A 1858 -80.09 46.43 150.30
C MET A 1858 -79.93 44.92 150.37
N PRO A 1859 -79.01 44.32 149.59
CA PRO A 1859 -78.81 42.87 149.61
C PRO A 1859 -78.17 42.37 150.90
N ILE A 1865 -81.61 53.79 141.42
CA ILE A 1865 -81.10 54.78 142.37
C ILE A 1865 -80.67 54.11 143.66
N SER A 1866 -79.48 54.47 144.14
CA SER A 1866 -78.99 53.96 145.41
C SER A 1866 -80.00 54.28 146.51
N THR A 1867 -80.08 53.39 147.49
CA THR A 1867 -81.03 53.58 148.58
C THR A 1867 -80.70 54.84 149.38
N THR A 1868 -79.42 55.16 149.51
CA THR A 1868 -79.02 56.40 150.16
C THR A 1868 -79.45 57.60 149.34
N GLN A 1869 -79.17 57.59 148.04
CA GLN A 1869 -79.69 58.63 147.16
C GLN A 1869 -81.18 58.50 146.92
N LYS A 1870 -81.75 57.30 147.06
CA LYS A 1870 -83.20 57.19 147.07
C LYS A 1870 -83.80 57.99 148.20
N TYR A 1871 -83.20 57.92 149.39
CA TYR A 1871 -83.67 58.76 150.49
C TYR A 1871 -83.28 60.21 150.32
N GLY A 1872 -82.20 60.50 149.58
CA GLY A 1872 -81.95 61.89 149.20
C GLY A 1872 -83.08 62.46 148.37
N LEU A 1873 -83.47 61.75 147.31
CA LEU A 1873 -84.60 62.19 146.49
C LEU A 1873 -85.91 62.17 147.27
N ALA A 1874 -86.09 61.23 148.18
CA ALA A 1874 -87.31 61.21 148.98
C ALA A 1874 -87.33 62.38 149.95
N ARG A 1875 -86.17 62.81 150.42
CA ARG A 1875 -86.13 64.01 151.24
C ARG A 1875 -86.42 65.23 150.39
N ARG A 1876 -85.97 65.24 149.13
CA ARG A 1876 -86.36 66.30 148.19
C ARG A 1876 -87.87 66.36 148.04
N ARG A 1877 -88.49 65.21 147.78
CA ARG A 1877 -89.94 65.19 147.57
C ARG A 1877 -90.70 65.57 148.84
N LEU A 1878 -90.26 65.06 150.00
CA LEU A 1878 -90.96 65.39 151.23
C LEU A 1878 -90.70 66.82 151.67
N VAL A 1879 -89.58 67.41 151.28
CA VAL A 1879 -89.37 68.81 151.60
C VAL A 1879 -90.15 69.70 150.66
N LYS A 1880 -90.31 69.31 149.39
CA LYS A 1880 -91.27 69.99 148.53
C LYS A 1880 -92.67 69.87 149.12
N LEU A 1881 -92.98 68.73 149.73
CA LEU A 1881 -94.25 68.58 150.41
C LEU A 1881 -94.37 69.52 151.60
N ILE A 1882 -93.31 69.66 152.38
CA ILE A 1882 -93.32 70.61 153.50
C ILE A 1882 -93.54 72.02 152.98
N ASN A 1883 -92.90 72.36 151.86
CA ASN A 1883 -93.09 73.67 151.26
C ASN A 1883 -94.55 73.88 150.89
N SER A 1884 -95.13 72.94 150.15
CA SER A 1884 -96.52 73.08 149.74
C SER A 1884 -97.44 73.15 150.95
N ARG A 1885 -97.19 72.35 151.97
CA ARG A 1885 -98.09 72.30 153.11
C ARG A 1885 -97.98 73.54 153.98
N ALA A 1886 -96.77 74.07 154.15
CA ALA A 1886 -96.65 75.29 154.93
C ALA A 1886 -97.18 76.50 154.16
N LYS A 1887 -97.03 76.51 152.84
CA LYS A 1887 -97.69 77.54 152.04
C LYS A 1887 -99.19 77.46 152.21
N LEU A 1888 -99.74 76.26 152.19
CA LEU A 1888 -101.18 76.10 152.39
C LEU A 1888 -101.59 76.54 153.79
N LEU A 1889 -100.75 76.28 154.80
CA LEU A 1889 -101.06 76.75 156.15
C LEU A 1889 -101.13 78.26 156.20
N SER A 1890 -100.12 78.94 155.68
CA SER A 1890 -100.16 80.40 155.67
C SER A 1890 -101.36 80.91 154.91
N LEU A 1891 -101.64 80.29 153.76
CA LEU A 1891 -102.81 80.68 152.96
C LEU A 1891 -104.07 80.59 153.78
N CYS A 1892 -104.32 79.44 154.41
CA CYS A 1892 -105.60 79.25 155.10
C CYS A 1892 -105.69 80.10 156.35
N SER A 1893 -104.57 80.39 157.00
CA SER A 1893 -104.62 81.31 158.13
C SER A 1893 -105.00 82.70 157.67
N TYR A 1894 -104.38 83.17 156.59
CA TYR A 1894 -104.75 84.48 156.05
C TYR A 1894 -106.19 84.46 155.57
N ILE A 1895 -106.64 83.34 155.01
CA ILE A 1895 -108.01 83.21 154.55
C ILE A 1895 -108.97 83.43 155.70
N ILE A 1896 -108.73 82.75 156.80
CA ILE A 1896 -109.61 82.88 157.95
C ILE A 1896 -109.57 84.29 158.47
N GLU A 1897 -108.38 84.89 158.56
CA GLU A 1897 -108.29 86.24 159.08
C GLU A 1897 -109.08 87.23 158.23
N THR A 1898 -108.94 87.12 156.91
CA THR A 1898 -109.61 88.05 156.01
C THR A 1898 -111.11 87.86 156.03
N CYS A 1899 -111.58 86.62 155.88
CA CYS A 1899 -113.01 86.37 155.97
C CYS A 1899 -113.57 86.91 157.27
N LEU A 1900 -112.85 86.68 158.37
CA LEU A 1900 -113.29 87.11 159.68
C LEU A 1900 -113.43 88.62 159.75
N TYR A 1901 -112.38 89.36 159.42
CA TYR A 1901 -112.46 90.81 159.56
C TYR A 1901 -113.47 91.42 158.61
N ILE A 1902 -113.49 90.95 157.36
CA ILE A 1902 -114.45 91.47 156.40
C ILE A 1902 -115.87 91.27 156.91
N LEU A 1903 -116.22 90.04 157.27
CA LEU A 1903 -117.60 89.82 157.68
C LEU A 1903 -117.89 90.46 159.02
N TRP A 1904 -116.88 90.63 159.87
CA TRP A 1904 -117.11 91.32 161.14
C TRP A 1904 -117.55 92.74 160.89
N ARG A 1905 -116.78 93.48 160.09
CA ARG A 1905 -117.17 94.84 159.79
C ARG A 1905 -118.48 94.89 159.01
N HIS A 1906 -118.69 93.93 158.10
CA HIS A 1906 -119.92 93.91 157.33
C HIS A 1906 -121.14 93.76 158.22
N LEU A 1907 -121.09 92.84 159.17
CA LEU A 1907 -122.23 92.66 160.05
C LEU A 1907 -122.33 93.79 161.06
N GLU A 1908 -121.20 94.38 161.44
CA GLU A 1908 -121.25 95.57 162.28
C GLU A 1908 -122.04 96.68 161.59
N TYR A 1909 -121.82 96.84 160.30
CA TYR A 1909 -122.57 97.84 159.54
C TYR A 1909 -124.01 97.38 159.32
N TYR A 1910 -124.23 96.09 159.12
CA TYR A 1910 -125.55 95.60 158.77
C TYR A 1910 -126.48 95.64 159.97
N LEU A 1911 -125.93 95.66 161.18
CA LEU A 1911 -126.75 95.66 162.38
C LEU A 1911 -127.83 96.74 162.32
N LEU A 1912 -127.39 97.99 162.25
CA LEU A 1912 -128.27 99.14 162.31
C LEU A 1912 -129.30 99.10 161.21
N HIS A 1913 -128.85 98.96 159.96
CA HIS A 1913 -129.78 98.81 158.85
C HIS A 1913 -130.64 97.57 159.08
N CYS A 1914 -131.92 97.77 159.37
CA CYS A 1914 -132.81 96.66 159.65
C CYS A 1914 -132.72 95.63 158.54
N THR A 1915 -132.21 94.44 158.86
CA THR A 1915 -132.02 93.41 157.85
C THR A 1915 -133.34 92.99 157.19
N THR A 1916 -134.47 93.35 157.79
CA THR A 1916 -135.77 93.04 157.23
C THR A 1916 -136.51 94.32 156.86
N GLN A 1956 -121.94 74.51 163.70
CA GLN A 1956 -120.84 74.48 162.75
C GLN A 1956 -120.01 75.74 162.83
N GLN A 1957 -120.59 76.77 163.45
CA GLN A 1957 -119.81 77.97 163.76
C GLN A 1957 -118.94 77.72 164.97
N ASP A 1958 -119.47 77.05 165.99
CA ASP A 1958 -118.70 76.77 167.18
C ASP A 1958 -117.50 75.88 166.88
N VAL A 1959 -117.64 74.97 165.91
CA VAL A 1959 -116.54 74.09 165.55
C VAL A 1959 -115.50 74.83 164.73
N ASP A 1960 -115.94 75.70 163.82
CA ASP A 1960 -115.00 76.47 163.03
C ASP A 1960 -114.28 77.52 163.86
N THR A 1961 -115.01 78.21 164.74
CA THR A 1961 -114.35 79.11 165.68
C THR A 1961 -113.37 78.35 166.56
N LEU A 1962 -113.74 77.14 166.98
CA LEU A 1962 -112.85 76.33 167.82
C LEU A 1962 -111.56 75.99 167.09
N LEU A 1963 -111.63 75.79 165.78
CA LEU A 1963 -110.45 75.38 165.05
C LEU A 1963 -109.57 76.57 164.68
N ARG A 1964 -110.13 77.78 164.69
CA ARG A 1964 -109.37 78.95 164.27
C ARG A 1964 -108.82 79.78 165.43
N GLU A 1965 -109.67 80.32 166.28
CA GLU A 1965 -109.18 81.29 167.24
C GLU A 1965 -108.36 80.62 168.33
N GLY A 1966 -108.94 79.65 169.02
CA GLY A 1966 -108.23 78.96 170.07
C GLY A 1966 -107.11 78.10 169.55
N ALA A 1967 -107.43 77.17 168.65
CA ALA A 1967 -106.47 76.20 168.16
C ALA A 1967 -105.23 76.84 167.57
N ASN A 1968 -105.40 77.64 166.51
CA ASN A 1968 -104.25 78.15 165.76
C ASN A 1968 -103.44 79.15 166.58
N SER A 1969 -104.10 79.95 167.42
CA SER A 1969 -103.37 80.91 168.24
C SER A 1969 -102.47 80.19 169.22
N PHE A 1970 -103.06 79.46 170.16
CA PHE A 1970 -102.28 78.77 171.18
C PHE A 1970 -101.29 77.79 170.55
N GLY A 1971 -101.69 77.14 169.45
CA GLY A 1971 -100.75 76.28 168.74
C GLY A 1971 -99.60 77.07 168.16
N GLU A 1972 -99.91 78.09 167.36
CA GLU A 1972 -98.90 78.98 166.81
C GLU A 1972 -98.68 80.17 167.74
N SER A 1973 -98.36 79.87 169.00
CA SER A 1973 -98.24 80.90 170.03
C SER A 1973 -96.78 81.02 170.46
N LEU A 1974 -96.02 81.78 169.70
CA LEU A 1974 -94.86 82.45 170.26
C LEU A 1974 -95.32 83.86 170.57
N GLN A 1975 -96.63 84.07 170.53
CA GLN A 1975 -97.25 85.36 170.82
C GLN A 1975 -96.67 85.95 172.10
N LYS A 1976 -96.37 87.25 172.05
CA LYS A 1976 -95.56 87.90 173.07
C LYS A 1976 -94.18 87.24 173.12
N ARG A 1977 -93.43 87.35 172.02
CA ARG A 1977 -92.17 86.67 171.76
C ARG A 1977 -91.01 87.44 172.38
N LEU A 1978 -89.80 87.19 171.88
CA LEU A 1978 -88.51 87.57 172.45
C LEU A 1978 -88.47 88.88 173.22
N LEU A 1979 -87.90 88.83 174.43
CA LEU A 1979 -87.72 90.00 175.27
C LEU A 1979 -86.32 90.00 175.85
N ASP A 1980 -85.32 89.74 175.01
CA ASP A 1980 -83.92 89.81 175.41
C ASP A 1980 -83.20 90.97 174.73
N ILE A 1981 -83.30 91.10 173.41
CA ILE A 1981 -82.79 92.30 172.74
C ILE A 1981 -83.58 93.49 173.26
N GLU A 1982 -84.90 93.32 173.35
CA GLU A 1982 -85.75 94.39 173.86
C GLU A 1982 -85.47 94.68 175.32
N SER A 1983 -84.91 93.71 176.06
CA SER A 1983 -84.54 93.97 177.44
C SER A 1983 -83.32 94.89 177.53
N LEU A 1984 -82.38 94.75 176.59
CA LEU A 1984 -81.24 95.65 176.46
C LEU A 1984 -81.63 97.01 175.90
N TYR A 1985 -82.92 97.26 175.72
CA TYR A 1985 -83.40 98.47 175.07
C TYR A 1985 -84.76 98.88 175.62
N PHE A 1994 -83.96 109.72 169.13
CA PHE A 1994 -83.53 108.38 169.51
C PHE A 1994 -84.71 107.47 169.87
N ILE A 1995 -85.84 108.05 170.27
CA ILE A 1995 -86.99 107.24 170.66
C ILE A 1995 -87.85 106.93 169.44
N GLN A 1996 -88.37 107.97 168.78
CA GLN A 1996 -89.34 107.80 167.71
C GLN A 1996 -88.76 107.06 166.50
N ALA A 1997 -87.53 107.38 166.13
CA ALA A 1997 -86.92 106.75 164.96
C ALA A 1997 -86.48 105.32 165.26
N LEU A 1998 -86.09 105.06 166.51
CA LEU A 1998 -85.65 103.72 166.87
C LEU A 1998 -86.82 102.81 167.21
N VAL A 1999 -87.88 103.35 167.81
CA VAL A 1999 -89.04 102.52 168.11
C VAL A 1999 -89.72 102.07 166.83
N ARG A 2000 -89.74 102.92 165.80
CA ARG A 2000 -90.24 102.49 164.51
C ARG A 2000 -89.29 101.49 163.87
N ARG A 2001 -88.05 101.42 164.36
CA ARG A 2001 -87.10 100.47 163.82
C ARG A 2001 -87.24 99.10 164.48
N ILE A 2002 -87.38 99.06 165.80
CA ILE A 2002 -87.58 97.78 166.47
C ILE A 2002 -88.94 97.20 166.12
N ARG A 2003 -89.90 98.04 165.75
CA ARG A 2003 -91.14 97.53 165.18
C ARG A 2003 -90.89 96.95 163.80
N GLY A 2004 -89.92 97.50 163.06
CA GLY A 2004 -89.48 96.87 161.83
C GLY A 2004 -88.71 95.60 162.09
N LEU A 2005 -88.04 95.52 163.24
CA LEU A 2005 -87.41 94.26 163.65
C LEU A 2005 -88.47 93.28 164.12
N LEU A 2006 -89.54 93.77 164.74
CA LEU A 2006 -90.61 92.88 165.18
C LEU A 2006 -91.34 92.27 163.99
N ARG A 2007 -91.39 92.98 162.87
CA ARG A 2007 -92.02 92.41 161.67
C ARG A 2007 -91.14 91.34 161.06
N VAL A 2008 -89.81 91.54 161.07
CA VAL A 2008 -88.91 90.54 160.51
C VAL A 2008 -89.00 89.26 161.31
N SER A 2009 -89.14 89.38 162.64
CA SER A 2009 -89.29 88.19 163.48
C SER A 2009 -90.59 87.45 163.14
N ARG A 2010 -91.60 88.18 162.68
CA ARG A 2010 -92.84 87.53 162.24
C ARG A 2010 -92.62 86.80 160.92
N VAL A 2011 -92.05 87.50 159.95
CA VAL A 2011 -91.75 86.91 158.64
C VAL A 2011 -90.77 85.76 158.78
N GLN B 18 -58.97 131.74 68.93
CA GLN B 18 -59.61 132.47 67.84
C GLN B 18 -58.99 132.13 66.50
N GLN B 19 -59.64 132.52 65.40
CA GLN B 19 -59.11 132.28 64.05
C GLN B 19 -58.75 130.83 63.80
N ASN B 20 -59.52 129.90 64.38
CA ASN B 20 -59.24 128.46 64.23
C ASN B 20 -57.79 128.09 64.54
N ARG B 21 -57.21 128.72 65.55
CA ARG B 21 -55.83 128.43 65.92
C ARG B 21 -55.83 127.28 66.91
N HIS B 22 -55.22 126.17 66.53
CA HIS B 22 -55.18 125.01 67.41
C HIS B 22 -54.50 125.36 68.71
N ILE B 23 -55.23 125.25 69.82
CA ILE B 23 -54.66 125.60 71.13
C ILE B 23 -54.03 124.39 71.79
N GLY B 24 -52.69 124.35 71.81
CA GLY B 24 -51.99 123.25 72.46
C GLY B 24 -51.90 123.43 73.96
N PHE B 25 -51.50 122.37 74.66
CA PHE B 25 -51.44 122.44 76.12
C PHE B 25 -50.22 121.73 76.70
N SER B 26 -49.78 122.17 77.88
CA SER B 26 -48.62 121.55 78.51
C SER B 26 -48.86 121.38 79.99
N TRP B 27 -49.05 120.15 80.43
CA TRP B 27 -49.30 119.87 81.83
C TRP B 27 -48.06 120.04 82.70
N GLY B 28 -48.26 120.19 84.00
CA GLY B 28 -47.14 120.35 84.91
C GLY B 28 -47.48 119.76 86.27
N PRO B 29 -46.61 119.98 87.26
CA PRO B 29 -46.84 119.44 88.61
C PRO B 29 -48.19 119.88 89.18
N GLY B 30 -48.56 121.15 89.02
CA GLY B 30 -49.86 121.62 89.49
C GLY B 30 -50.46 122.70 88.62
N ASP B 31 -50.25 122.62 87.31
CA ASP B 31 -50.75 123.65 86.41
C ASP B 31 -50.89 123.19 84.99
N LEU B 32 -51.68 123.89 84.20
CA LEU B 32 -51.82 123.56 82.78
C LEU B 32 -51.56 124.82 81.99
N LEU B 33 -50.48 124.83 81.22
CA LEU B 33 -50.18 125.98 80.39
C LEU B 33 -50.86 125.82 79.05
N LEU B 34 -51.70 126.77 78.69
CA LEU B 34 -52.42 126.68 77.44
C LEU B 34 -51.85 127.68 76.46
N TYR B 35 -51.25 127.18 75.40
CA TYR B 35 -50.64 128.03 74.40
C TYR B 35 -51.28 127.80 73.04
N GLU B 36 -51.60 128.88 72.33
CA GLU B 36 -52.13 128.71 70.98
C GLU B 36 -50.97 128.41 70.06
N THR B 37 -51.02 127.27 69.39
CA THR B 37 -49.97 126.91 68.43
C THR B 37 -50.24 127.59 67.10
N LEU B 38 -49.70 127.02 66.03
CA LEU B 38 -49.97 127.56 64.70
C LEU B 38 -51.31 127.02 64.20
N TYR B 39 -51.59 127.21 62.92
CA TYR B 39 -52.85 126.73 62.34
C TYR B 39 -52.75 125.25 61.94
N GLN B 40 -51.68 124.56 62.35
CA GLN B 40 -51.46 123.14 62.01
C GLN B 40 -51.18 122.97 60.52
N LYS B 41 -51.01 124.06 59.80
CA LYS B 41 -50.72 124.00 58.37
C LYS B 41 -49.37 124.65 58.13
N GLN B 42 -49.33 125.66 57.28
CA GLN B 42 -48.10 126.39 57.03
C GLN B 42 -48.33 127.87 57.27
N THR B 47 -56.00 136.69 58.63
CA THR B 47 -56.12 137.22 59.99
C THR B 47 -54.75 137.35 60.64
N ALA B 48 -54.29 138.59 60.80
CA ALA B 48 -52.95 138.81 61.35
C ALA B 48 -52.99 139.37 62.77
N ALA B 49 -52.41 138.63 63.71
CA ALA B 49 -52.35 139.10 65.10
C ALA B 49 -51.20 138.44 65.83
N ARG B 50 -50.70 139.07 66.89
CA ARG B 50 -49.62 138.49 67.67
C ARG B 50 -50.11 137.40 68.61
N CYS B 51 -49.19 136.66 69.22
CA CYS B 51 -49.56 135.60 70.17
C CYS B 51 -48.87 135.76 71.52
N PRO B 52 -49.25 136.80 72.29
CA PRO B 52 -48.56 137.04 73.56
C PRO B 52 -49.36 136.50 74.75
N PHE B 53 -49.79 135.24 74.70
CA PHE B 53 -50.64 134.72 75.77
C PHE B 53 -50.12 133.43 76.38
N MET B 54 -50.11 133.35 77.70
CA MET B 54 -49.69 132.14 78.39
C MET B 54 -50.57 131.95 79.61
N TYR B 55 -51.70 131.29 79.44
CA TYR B 55 -52.64 131.13 80.53
C TYR B 55 -52.30 129.98 81.45
N LEU B 56 -52.28 130.23 82.75
CA LEU B 56 -52.03 129.18 83.73
C LEU B 56 -53.33 128.81 84.39
N VAL B 57 -53.91 127.68 83.99
CA VAL B 57 -55.17 127.24 84.56
C VAL B 57 -54.92 126.46 85.85
N ARG B 58 -55.56 126.89 86.93
CA ARG B 58 -55.35 126.23 88.21
C ARG B 58 -56.64 126.11 89.00
N SER B 59 -56.88 124.93 89.58
CA SER B 59 -58.09 124.72 90.38
C SER B 59 -57.89 125.14 91.84
N ASP B 60 -58.78 124.69 92.72
CA ASP B 60 -58.69 125.03 94.16
C ASP B 60 -58.49 126.51 94.41
N GLU B 61 -59.44 127.33 93.97
CA GLU B 61 -59.35 128.76 94.16
C GLU B 61 -59.54 129.16 95.61
N ASP B 62 -60.25 128.34 96.38
CA ASP B 62 -60.55 128.67 97.78
C ASP B 62 -59.39 128.55 98.76
N ILE B 63 -58.50 127.57 98.55
CA ILE B 63 -57.41 127.33 99.51
C ILE B 63 -56.48 128.52 99.72
N TYR B 64 -56.46 129.46 98.79
CA TYR B 64 -55.56 130.63 98.89
C TYR B 64 -55.96 131.61 99.99
N SER B 65 -57.20 131.55 100.45
CA SER B 65 -57.65 132.43 101.53
C SER B 65 -56.90 132.14 102.81
N PRO B 66 -56.42 133.18 103.55
CA PRO B 66 -55.64 132.81 104.74
C PRO B 66 -56.42 132.16 105.89
N VAL B 67 -57.62 132.66 106.14
CA VAL B 67 -58.43 132.12 107.24
C VAL B 67 -58.81 130.67 106.97
N LEU B 68 -59.12 130.34 105.72
CA LEU B 68 -59.45 128.95 105.39
C LEU B 68 -58.25 128.06 105.61
N ARG B 69 -57.06 128.55 105.29
CA ARG B 69 -55.84 127.79 105.55
C ARG B 69 -55.67 127.55 107.03
N LYS B 70 -55.96 128.52 107.89
CA LYS B 70 -55.90 128.25 109.34
C LYS B 70 -56.87 127.15 109.75
N LEU B 71 -58.08 127.23 109.21
CA LEU B 71 -59.08 126.22 109.50
C LEU B 71 -58.55 124.87 109.13
N PHE B 72 -57.84 124.78 108.01
CA PHE B 72 -57.34 123.49 107.57
C PHE B 72 -56.42 122.89 108.63
N ASN B 73 -55.45 123.65 109.12
CA ASN B 73 -54.48 123.11 110.09
C ASN B 73 -55.16 122.56 111.34
N GLU B 74 -56.07 123.34 111.91
CA GLU B 74 -56.76 122.91 113.11
C GLU B 74 -57.59 121.66 112.87
N SER B 75 -58.27 121.61 111.73
CA SER B 75 -59.10 120.46 111.42
C SER B 75 -58.21 119.24 111.27
N HIS B 76 -57.02 119.43 110.72
CA HIS B 76 -56.07 118.33 110.58
C HIS B 76 -55.65 117.79 111.93
N SER B 77 -55.36 118.69 112.88
CA SER B 77 -54.97 118.26 114.22
C SER B 77 -56.09 117.46 114.85
N ILE B 78 -57.32 117.96 114.74
CA ILE B 78 -58.47 117.26 115.29
C ILE B 78 -58.58 115.89 114.65
N PHE B 79 -58.42 115.81 113.33
CA PHE B 79 -58.47 114.54 112.63
C PHE B 79 -57.46 113.56 113.19
N VAL B 80 -56.21 114.00 113.32
CA VAL B 80 -55.16 113.13 113.85
C VAL B 80 -55.52 112.65 115.24
N GLY B 81 -55.98 113.55 116.09
CA GLY B 81 -56.37 113.16 117.44
C GLY B 81 -57.44 112.10 117.42
N LEU B 82 -58.48 112.31 116.64
CA LEU B 82 -59.57 111.34 116.54
C LEU B 82 -59.05 110.00 116.09
N GLN B 83 -58.18 109.98 115.09
CA GLN B 83 -57.64 108.73 114.58
C GLN B 83 -56.83 107.99 115.65
N LYS B 84 -55.99 108.71 116.39
CA LYS B 84 -55.23 108.08 117.46
C LYS B 84 -56.16 107.60 118.55
N SER B 85 -57.21 108.38 118.82
CA SER B 85 -58.15 108.04 119.87
C SER B 85 -59.31 107.18 119.38
N ALA B 86 -59.24 106.66 118.16
CA ALA B 86 -60.31 105.84 117.62
C ALA B 86 -60.24 104.37 118.03
N SER B 90 -65.96 101.76 124.42
CA SER B 90 -67.17 102.10 125.16
C SER B 90 -68.12 102.90 124.28
N GLY B 91 -69.24 102.30 123.92
CA GLY B 91 -70.18 102.95 123.02
C GLY B 91 -70.55 104.37 123.38
N LYS B 92 -71.06 104.59 124.59
CA LYS B 92 -71.49 105.93 124.99
C LYS B 92 -70.34 106.92 124.96
N SER B 93 -69.18 106.51 125.47
CA SER B 93 -68.02 107.39 125.50
C SER B 93 -67.62 107.80 124.09
N ARG B 94 -67.63 106.85 123.17
CA ARG B 94 -67.28 107.16 121.79
C ARG B 94 -68.30 108.11 121.18
N LYS B 95 -69.58 107.84 121.42
CA LYS B 95 -70.65 108.68 120.88
C LYS B 95 -70.48 110.11 121.36
N ALA B 96 -70.32 110.29 122.66
CA ALA B 96 -70.13 111.63 123.22
C ALA B 96 -68.87 112.26 122.67
N GLN B 97 -67.80 111.49 122.54
CA GLN B 97 -66.56 112.01 121.99
C GLN B 97 -66.76 112.48 120.56
N LEU B 98 -67.48 111.70 119.75
CA LEU B 98 -67.77 112.11 118.38
C LEU B 98 -68.57 113.40 118.35
N VAL B 99 -69.57 113.50 119.21
CA VAL B 99 -70.38 114.72 119.28
C VAL B 99 -69.48 115.89 119.62
N GLN B 100 -68.58 115.72 120.58
CA GLN B 100 -67.68 116.80 120.96
C GLN B 100 -66.75 117.19 119.83
N VAL B 101 -66.24 116.21 119.07
CA VAL B 101 -65.40 116.51 117.91
C VAL B 101 -66.18 117.33 116.89
N SER B 102 -67.43 116.95 116.64
CA SER B 102 -68.26 117.72 115.71
C SER B 102 -68.44 119.14 116.21
N ARG B 103 -68.67 119.29 117.51
CA ARG B 103 -68.83 120.62 118.07
C ARG B 103 -67.58 121.44 117.83
N ASN B 104 -66.41 120.84 118.00
CA ASN B 104 -65.15 121.56 117.82
C ASN B 104 -65.01 122.07 116.39
N TYR B 105 -65.33 121.23 115.41
CA TYR B 105 -65.29 121.64 114.02
C TYR B 105 -66.19 122.83 113.78
N ARG B 106 -67.41 122.78 114.32
CA ARG B 106 -68.36 123.85 114.11
C ARG B 106 -67.88 125.13 114.77
N SER B 107 -67.21 125.01 115.91
CA SER B 107 -66.65 126.19 116.58
C SER B 107 -65.58 126.84 115.71
N VAL B 108 -64.72 126.03 115.11
CA VAL B 108 -63.69 126.57 114.23
C VAL B 108 -64.34 127.31 113.07
N LEU B 109 -65.36 126.71 112.47
CA LEU B 109 -66.06 127.36 111.37
C LEU B 109 -66.63 128.68 111.82
N ARG B 110 -67.26 128.71 112.99
CA ARG B 110 -67.83 129.94 113.51
C ARG B 110 -66.76 131.01 113.64
N ALA B 111 -65.63 130.66 114.25
CA ALA B 111 -64.55 131.64 114.43
C ALA B 111 -64.08 132.17 113.10
N CYS B 112 -63.90 131.29 112.12
CA CYS B 112 -63.45 131.71 110.79
C CYS B 112 -64.45 132.69 110.18
N MET B 113 -65.73 132.36 110.24
CA MET B 113 -66.75 133.25 109.70
C MET B 113 -66.68 134.59 110.37
N GLU B 114 -66.55 134.62 111.68
CA GLU B 114 -66.47 135.89 112.41
C GLU B 114 -65.28 136.72 111.97
N GLU B 115 -64.11 136.09 111.83
CA GLU B 115 -62.93 136.81 111.37
C GLU B 115 -63.19 137.40 109.99
N MET B 116 -63.75 136.59 109.09
CA MET B 116 -63.99 137.07 107.74
C MET B 116 -64.97 138.23 107.74
N HIS B 117 -65.96 138.20 108.62
CA HIS B 117 -66.93 139.27 108.71
C HIS B 117 -66.28 140.55 109.22
N THR B 118 -65.44 140.45 110.23
CA THR B 118 -64.74 141.65 110.67
C THR B 118 -63.87 142.19 109.52
N LEU B 119 -63.27 141.30 108.73
CA LEU B 119 -62.45 141.74 107.61
C LEU B 119 -63.30 142.50 106.58
N SER B 120 -64.48 141.97 106.26
CA SER B 120 -65.36 142.64 105.30
C SER B 120 -65.80 143.98 105.85
N GLU B 121 -65.98 144.08 107.16
CA GLU B 121 -66.35 145.36 107.75
C GLU B 121 -65.21 146.37 107.64
N SER B 122 -63.98 145.89 107.49
CA SER B 122 -62.83 146.79 107.39
C SER B 122 -62.49 147.10 105.94
N THR B 123 -62.00 146.11 105.20
CA THR B 123 -61.65 146.32 103.80
C THR B 123 -62.90 146.27 102.92
N ARG B 124 -63.29 147.42 102.38
CA ARG B 124 -64.47 147.49 101.54
C ARG B 124 -64.28 146.84 100.17
N GLU B 125 -63.08 146.93 99.62
CA GLU B 125 -62.81 146.39 98.29
C GLU B 125 -63.09 144.89 98.22
N THR B 126 -62.61 144.14 99.19
CA THR B 126 -62.81 142.69 99.17
C THR B 126 -63.98 142.31 100.04
N ALA B 127 -64.75 143.31 100.49
CA ALA B 127 -65.91 143.03 101.32
C ALA B 127 -66.87 142.10 100.63
N GLN B 128 -67.15 142.32 99.36
CA GLN B 128 -68.05 141.46 98.60
C GLN B 128 -67.57 140.02 98.58
N LYS B 129 -66.31 139.82 98.21
CA LYS B 129 -65.75 138.48 98.19
C LYS B 129 -65.84 137.87 99.58
N TYR B 130 -65.45 138.65 100.57
CA TYR B 130 -65.50 138.16 101.95
C TYR B 130 -66.92 137.78 102.33
N ILE B 131 -67.91 138.60 102.02
CA ILE B 131 -69.31 138.29 102.32
C ILE B 131 -69.76 137.00 101.64
N SER B 132 -69.40 136.81 100.38
CA SER B 132 -69.74 135.59 99.67
C SER B 132 -69.15 134.38 100.37
N GLN B 133 -67.88 134.48 100.74
CA GLN B 133 -67.22 133.38 101.44
C GLN B 133 -67.89 133.10 102.79
N ILE B 134 -68.29 134.15 103.50
CA ILE B 134 -68.96 133.98 104.78
C ILE B 134 -70.24 133.21 104.54
N SER B 135 -70.99 133.57 103.51
CA SER B 135 -72.23 132.86 103.18
C SER B 135 -71.97 131.38 102.92
N ILE B 136 -70.94 131.07 102.15
CA ILE B 136 -70.61 129.67 101.86
C ILE B 136 -70.27 128.92 103.13
N LEU B 137 -69.43 129.50 103.96
CA LEU B 137 -69.08 128.87 105.23
C LEU B 137 -70.31 128.74 106.12
N SER B 138 -71.19 129.73 106.10
CA SER B 138 -72.41 129.66 106.88
C SER B 138 -73.19 128.44 106.47
N ALA B 139 -73.39 128.29 105.17
CA ALA B 139 -74.11 127.14 104.65
C ALA B 139 -73.44 125.86 105.13
N MET B 140 -72.12 125.79 105.00
CA MET B 140 -71.41 124.58 105.42
C MET B 140 -71.71 124.25 106.87
N GLU B 141 -71.53 125.22 107.77
CA GLU B 141 -71.75 124.96 109.20
C GLU B 141 -73.18 124.56 109.48
N LEU B 142 -74.14 125.22 108.83
CA LEU B 142 -75.54 124.90 109.04
C LEU B 142 -75.78 123.45 108.69
N SER B 143 -75.30 123.06 107.51
CA SER B 143 -75.52 121.69 107.08
C SER B 143 -74.87 120.73 108.04
N TRP B 144 -73.65 121.02 108.48
CA TRP B 144 -72.95 120.14 109.41
C TRP B 144 -73.81 119.96 110.64
N ASN B 145 -74.29 121.05 111.23
CA ASN B 145 -75.08 120.94 112.45
C ASN B 145 -76.30 120.08 112.20
N LEU B 146 -77.04 120.35 111.13
CA LEU B 146 -78.25 119.59 110.91
C LEU B 146 -77.91 118.11 110.83
N CYS B 147 -76.91 117.77 110.03
CA CYS B 147 -76.49 116.37 109.91
C CYS B 147 -76.10 115.75 111.24
N GLU B 148 -75.33 116.46 112.06
CA GLU B 148 -74.89 115.88 113.31
C GLU B 148 -76.11 115.53 114.15
N ILE B 149 -77.04 116.46 114.30
CA ILE B 149 -78.21 116.22 115.14
C ILE B 149 -78.97 114.99 114.64
N LEU B 150 -79.15 114.87 113.34
CA LEU B 150 -79.92 113.76 112.80
C LEU B 150 -79.20 112.42 112.85
N PHE B 151 -77.88 112.39 112.76
CA PHE B 151 -77.18 111.10 112.70
C PHE B 151 -76.37 110.77 113.95
N ILE B 152 -75.38 111.59 114.28
CA ILE B 152 -74.52 111.31 115.44
C ILE B 152 -75.29 111.36 116.75
N GLU B 153 -75.96 112.48 117.01
CA GLU B 153 -76.73 112.61 118.23
C GLU B 153 -77.91 111.65 118.22
N SER B 154 -78.60 111.55 117.08
CA SER B 154 -79.72 110.61 116.95
C SER B 154 -80.67 110.63 118.14
N ALA B 155 -81.25 111.80 118.42
CA ALA B 155 -82.16 111.92 119.56
C ALA B 155 -83.53 111.28 119.28
N PRO B 156 -84.12 110.65 120.30
CA PRO B 156 -85.46 110.05 120.15
C PRO B 156 -86.58 111.09 120.06
N ALA B 157 -87.80 110.66 119.73
CA ALA B 157 -88.92 111.59 119.53
C ALA B 157 -88.95 112.83 120.44
N GLY B 158 -88.89 112.63 121.76
CA GLY B 158 -88.95 113.76 122.68
C GLY B 158 -87.82 114.76 122.55
N PRO B 159 -86.56 114.38 122.89
CA PRO B 159 -85.54 115.43 122.76
C PRO B 159 -85.34 115.91 121.34
N LEU B 160 -85.87 115.20 120.35
CA LEU B 160 -85.73 115.60 118.96
C LEU B 160 -86.34 116.99 118.76
N LEU B 161 -87.56 117.19 119.25
CA LEU B 161 -88.21 118.50 119.14
C LEU B 161 -87.37 119.56 119.81
N ILE B 162 -86.84 119.27 120.99
CA ILE B 162 -86.04 120.23 121.73
C ILE B 162 -84.83 120.64 120.90
N LEU B 163 -84.14 119.66 120.32
CA LEU B 163 -82.97 119.96 119.50
C LEU B 163 -83.35 120.77 118.27
N LEU B 164 -84.47 120.46 117.61
CA LEU B 164 -84.91 121.29 116.49
C LEU B 164 -85.12 122.73 116.94
N LEU B 165 -85.81 122.92 118.06
CA LEU B 165 -86.02 124.26 118.59
C LEU B 165 -84.68 124.97 118.76
N GLU B 166 -83.73 124.30 119.43
CA GLU B 166 -82.44 124.92 119.67
C GLU B 166 -81.76 125.32 118.36
N TRP B 167 -81.76 124.42 117.40
CA TRP B 167 -81.14 124.66 116.10
C TRP B 167 -81.76 125.86 115.38
N VAL B 168 -83.08 125.96 115.37
CA VAL B 168 -83.71 127.14 114.76
C VAL B 168 -83.31 128.40 115.52
N ARG B 169 -83.39 128.37 116.84
CA ARG B 169 -83.06 129.53 117.65
C ARG B 169 -81.64 130.03 117.38
N LEU B 170 -80.68 129.12 117.28
CA LEU B 170 -79.30 129.50 117.02
C LEU B 170 -79.09 130.19 115.67
N HIS B 171 -79.64 129.62 114.61
CA HIS B 171 -79.45 130.19 113.27
C HIS B 171 -80.37 131.37 112.96
N VAL B 172 -81.66 131.22 113.26
CA VAL B 172 -82.61 132.30 113.02
C VAL B 172 -82.78 133.14 114.29
N CYS B 173 -82.27 134.37 114.26
CA CYS B 173 -82.38 135.26 115.42
C CYS B 173 -83.19 136.50 115.09
N GLU B 174 -84.15 136.38 114.17
CA GLU B 174 -84.98 137.53 113.79
C GLU B 174 -85.76 138.07 114.97
N VAL B 175 -86.38 137.18 115.74
CA VAL B 175 -87.16 137.61 116.91
C VAL B 175 -86.30 138.35 117.92
N ASP B 176 -85.08 137.87 118.14
CA ASP B 176 -84.17 138.51 119.10
C ASP B 176 -83.83 139.95 118.72
N ASN B 177 -83.47 140.17 117.46
CA ASN B 177 -83.13 141.52 117.00
C ASN B 177 -84.34 142.43 117.11
N ILE B 178 -85.49 141.96 116.64
CA ILE B 178 -86.73 142.74 116.73
C ILE B 178 -87.04 143.12 118.17
N VAL B 179 -86.95 142.17 119.10
CA VAL B 179 -87.25 142.45 120.50
C VAL B 179 -86.24 143.42 121.07
N GLN B 180 -84.97 143.29 120.69
CA GLN B 180 -83.98 144.26 121.14
C GLN B 180 -84.39 145.65 120.71
N ASP B 181 -84.77 145.83 119.45
CA ASP B 181 -85.26 147.14 119.00
C ASP B 181 -86.48 147.63 119.79
N VAL B 182 -87.45 146.75 120.01
CA VAL B 182 -88.62 147.13 120.81
C VAL B 182 -88.21 147.65 122.17
N LEU B 183 -87.35 146.92 122.87
CA LEU B 183 -86.99 147.32 124.24
C LEU B 183 -86.20 148.62 124.30
N ARG B 184 -85.54 148.98 123.20
CA ARG B 184 -84.76 150.21 123.15
C ARG B 184 -85.64 151.46 123.08
N SER B 185 -86.87 151.31 122.58
CA SER B 185 -87.78 152.44 122.48
C SER B 185 -88.25 152.92 123.85
N GLU B 186 -88.59 154.20 123.95
CA GLU B 186 -89.06 154.76 125.21
C GLU B 186 -90.26 153.99 125.74
N LYS B 187 -91.29 153.86 124.90
CA LYS B 187 -92.47 153.08 125.29
C LYS B 187 -92.60 151.88 124.35
N PRO B 188 -92.13 150.72 124.80
CA PRO B 188 -92.18 149.51 123.95
C PRO B 188 -93.59 149.10 123.59
N THR B 189 -94.55 149.34 124.48
CA THR B 189 -95.93 148.94 124.24
C THR B 189 -96.52 149.60 122.98
N GLU B 190 -96.17 150.85 122.74
CA GLU B 190 -96.69 151.59 121.58
C GLU B 190 -95.85 151.40 120.32
N HIS B 191 -94.73 150.70 120.43
CA HIS B 191 -93.86 150.45 119.28
C HIS B 191 -94.54 149.55 118.27
N GLU B 192 -94.27 149.75 116.99
CA GLU B 192 -94.92 148.96 115.94
C GLU B 192 -94.59 147.48 115.98
N LYS B 193 -93.34 147.13 116.28
CA LYS B 193 -92.93 145.72 116.24
C LYS B 193 -92.99 144.98 117.58
N PHE B 194 -93.59 145.57 118.61
CA PHE B 194 -93.70 144.92 119.90
C PHE B 194 -94.42 143.59 119.78
N TRP B 195 -95.60 143.62 119.19
CA TRP B 195 -96.38 142.39 119.07
C TRP B 195 -95.64 141.36 118.25
N ASP B 196 -94.93 141.82 117.22
CA ASP B 196 -94.16 140.91 116.39
C ASP B 196 -93.14 140.14 117.24
N GLY B 197 -92.40 140.84 118.10
CA GLY B 197 -91.43 140.17 118.96
C GLY B 197 -92.09 139.13 119.85
N VAL B 198 -93.21 139.48 120.46
CA VAL B 198 -93.93 138.54 121.32
C VAL B 198 -94.28 137.29 120.54
N THR B 199 -94.85 137.48 119.35
CA THR B 199 -95.26 136.34 118.54
C THR B 199 -94.06 135.48 118.17
N GLY B 200 -92.94 136.09 117.80
CA GLY B 200 -91.73 135.35 117.47
C GLY B 200 -91.29 134.51 118.64
N TYR B 201 -91.27 135.10 119.83
CA TYR B 201 -90.90 134.35 121.02
C TYR B 201 -91.83 133.16 121.22
N VAL B 202 -93.14 133.39 121.09
CA VAL B 202 -94.11 132.31 121.25
C VAL B 202 -93.82 131.17 120.26
N LEU B 203 -93.57 131.53 119.00
CA LEU B 203 -93.32 130.52 117.96
C LEU B 203 -92.10 129.68 118.25
N GLN B 204 -91.06 130.28 118.82
CA GLN B 204 -89.81 129.56 119.08
C GLN B 204 -89.86 128.78 120.39
N GLY B 205 -91.00 128.82 121.08
CA GLY B 205 -91.13 128.13 122.35
C GLY B 205 -90.50 128.90 123.48
N ARG B 206 -90.26 130.19 123.27
CA ARG B 206 -89.69 131.02 124.31
C ARG B 206 -90.81 131.77 125.02
N MET B 207 -91.65 131.01 125.70
CA MET B 207 -92.80 131.60 126.38
C MET B 207 -92.41 132.60 127.46
N ASN B 208 -91.33 132.35 128.19
CA ASN B 208 -90.98 133.24 129.31
C ASN B 208 -90.71 134.67 128.86
N GLU B 209 -89.95 134.84 127.79
CA GLU B 209 -89.66 136.17 127.28
C GLU B 209 -90.93 136.86 126.79
N ALA B 210 -91.79 136.10 126.12
CA ALA B 210 -93.06 136.65 125.65
C ALA B 210 -93.88 137.11 126.84
N ARG B 211 -93.89 136.36 127.93
CA ARG B 211 -94.63 136.73 129.14
C ARG B 211 -94.05 137.98 129.77
N GLN B 212 -92.73 138.10 129.75
CA GLN B 212 -92.11 139.32 130.25
C GLN B 212 -92.58 140.50 129.43
N LEU B 213 -92.66 140.39 128.11
CA LEU B 213 -93.22 141.50 127.31
C LEU B 213 -94.70 141.77 127.66
N LEU B 214 -95.40 140.72 128.05
CA LEU B 214 -96.82 140.87 128.40
C LEU B 214 -97.05 141.73 129.64
N ALA B 215 -96.13 141.76 130.60
CA ALA B 215 -96.30 142.66 131.74
C ALA B 215 -96.31 144.10 131.27
N LYS B 216 -95.38 144.44 130.38
CA LYS B 216 -95.35 145.77 129.80
C LYS B 216 -96.64 146.03 129.08
N GLU B 217 -97.12 145.07 128.29
CA GLU B 217 -98.42 145.24 127.62
C GLU B 217 -99.56 145.47 128.62
N ALA B 218 -99.57 144.73 129.73
CA ALA B 218 -100.66 144.84 130.71
C ALA B 218 -100.75 146.20 131.40
N SER B 219 -99.62 146.86 131.61
CA SER B 219 -99.61 148.14 132.31
C SER B 219 -100.48 149.21 131.67
N THR B 220 -100.66 149.15 130.36
CA THR B 220 -101.44 150.17 129.65
C THR B 220 -102.86 150.35 130.17
N SER B 221 -103.67 149.29 130.24
CA SER B 221 -105.08 149.47 130.65
C SER B 221 -105.66 148.25 131.34
N ALA B 222 -106.66 148.43 132.19
CA ALA B 222 -107.21 147.31 132.99
C ALA B 222 -107.75 146.09 132.21
N SER B 223 -108.51 146.32 131.14
CA SER B 223 -109.03 145.21 130.33
C SER B 223 -107.89 144.48 129.66
N ALA B 224 -106.94 145.27 129.14
CA ALA B 224 -105.80 144.67 128.49
C ALA B 224 -105.09 143.82 129.52
N ARG B 225 -105.01 144.32 130.75
CA ARG B 225 -104.39 143.59 131.83
C ARG B 225 -105.08 142.27 132.10
N SER B 226 -106.40 142.22 132.14
CA SER B 226 -107.10 140.97 132.46
C SER B 226 -106.83 139.90 131.42
N MET B 227 -107.01 140.27 130.15
CA MET B 227 -106.73 139.34 129.07
C MET B 227 -105.26 138.98 129.05
N CYS B 228 -104.41 139.95 129.38
CA CYS B 228 -102.98 139.70 129.37
C CYS B 228 -102.68 138.64 130.38
N ARG B 229 -103.31 138.74 131.55
CA ARG B 229 -103.12 137.77 132.60
C ARG B 229 -103.62 136.39 132.18
N VAL B 230 -104.77 136.29 131.52
CA VAL B 230 -105.23 134.99 131.04
C VAL B 230 -104.20 134.36 130.11
N LEU B 231 -103.74 135.12 129.13
CA LEU B 231 -102.74 134.60 128.20
C LEU B 231 -101.44 134.27 128.93
N ASP B 232 -101.05 135.10 129.90
CA ASP B 232 -99.83 134.85 130.65
C ASP B 232 -99.95 133.52 131.35
N ASP B 233 -101.09 133.27 131.98
CA ASP B 233 -101.31 132.03 132.69
C ASP B 233 -101.27 130.86 131.74
N LEU B 234 -101.89 130.99 130.57
CA LEU B 234 -101.82 129.93 129.58
C LEU B 234 -100.37 129.61 129.23
N LEU B 235 -99.57 130.63 128.95
CA LEU B 235 -98.17 130.43 128.59
C LEU B 235 -97.36 129.81 129.72
N LYS B 236 -97.68 130.16 130.95
CA LYS B 236 -96.99 129.59 132.11
C LYS B 236 -97.34 128.12 132.26
N LYS B 237 -98.60 127.78 132.03
CA LYS B 237 -99.06 126.39 132.15
C LYS B 237 -98.64 125.50 131.00
N MET B 238 -98.10 126.09 129.93
CA MET B 238 -97.74 125.30 128.75
C MET B 238 -96.82 124.14 129.08
N PRO B 239 -97.24 122.91 128.71
CA PRO B 239 -96.36 121.76 128.94
C PRO B 239 -95.21 121.79 127.97
N MET B 240 -93.98 121.78 128.48
CA MET B 240 -92.81 121.76 127.61
C MET B 240 -91.94 120.55 127.92
N LEU B 241 -91.37 119.95 126.88
CA LEU B 241 -90.53 118.78 127.06
C LEU B 241 -89.20 119.12 127.74
N HIS B 242 -88.76 118.26 128.65
CA HIS B 242 -87.51 118.48 129.35
C HIS B 242 -86.54 117.32 129.18
N GLN B 247 -91.62 111.76 133.20
CA GLN B 247 -92.81 111.99 132.41
C GLN B 247 -92.75 111.21 131.11
N THR B 248 -93.69 110.28 130.93
CA THR B 248 -93.72 109.49 129.72
C THR B 248 -94.33 110.25 128.57
N LEU B 249 -94.06 109.79 127.36
CA LEU B 249 -94.59 110.46 126.18
C LEU B 249 -96.10 110.57 126.22
N THR B 250 -96.78 109.48 126.58
CA THR B 250 -98.25 109.50 126.64
C THR B 250 -98.74 110.56 127.61
N GLU B 251 -98.18 110.59 128.81
CA GLU B 251 -98.58 111.57 129.80
C GLU B 251 -98.39 112.97 129.26
N PHE B 252 -97.21 113.22 128.68
CA PHE B 252 -96.95 114.56 128.17
C PHE B 252 -98.00 114.93 127.15
N GLU B 253 -98.25 114.04 126.20
CA GLU B 253 -99.21 114.33 125.14
C GLU B 253 -100.59 114.64 125.72
N LEU B 254 -101.05 113.85 126.67
CA LEU B 254 -102.39 114.08 127.20
C LEU B 254 -102.45 115.42 127.97
N LYS B 255 -101.40 115.76 128.72
CA LYS B 255 -101.39 117.05 129.39
C LYS B 255 -101.43 118.18 128.37
N TRP B 256 -100.65 118.05 127.31
CA TRP B 256 -100.62 119.07 126.27
C TRP B 256 -102.00 119.23 125.65
N GLN B 257 -102.66 118.11 125.38
CA GLN B 257 -103.98 118.16 124.77
C GLN B 257 -104.99 118.90 125.64
N HIS B 258 -104.94 118.69 126.96
CA HIS B 258 -105.84 119.39 127.87
C HIS B 258 -105.61 120.90 127.82
N TRP B 259 -104.35 121.33 127.79
CA TRP B 259 -104.04 122.75 127.71
C TRP B 259 -104.54 123.31 126.38
N ARG B 260 -104.41 122.51 125.32
CA ARG B 260 -104.90 122.92 124.02
C ARG B 260 -106.39 123.14 124.09
N GLU B 261 -107.11 122.22 124.73
CA GLU B 261 -108.55 122.36 124.89
C GLU B 261 -108.89 123.59 125.68
N GLU B 262 -108.13 123.89 126.73
CA GLU B 262 -108.35 125.10 127.51
C GLU B 262 -108.23 126.33 126.63
N CYS B 263 -107.15 126.41 125.85
CA CYS B 263 -106.98 127.53 124.94
C CYS B 263 -108.14 127.65 123.97
N GLU B 264 -108.58 126.53 123.40
CA GLU B 264 -109.68 126.54 122.44
C GLU B 264 -110.93 127.07 123.08
N ARG B 265 -111.20 126.64 124.30
CA ARG B 265 -112.38 127.09 125.01
C ARG B 265 -112.29 128.58 125.22
N HIS B 266 -111.14 129.07 125.67
CA HIS B 266 -110.98 130.52 125.84
C HIS B 266 -111.30 131.25 124.54
N LEU B 267 -110.73 130.79 123.43
CA LEU B 267 -110.98 131.44 122.14
C LEU B 267 -112.45 131.43 121.73
N GLN B 268 -113.13 130.32 121.93
CA GLN B 268 -114.55 130.23 121.57
C GLN B 268 -115.43 131.14 122.43
N ASN B 269 -114.89 131.61 123.55
CA ASN B 269 -115.66 132.48 124.43
C ASN B 269 -115.46 133.96 124.10
N GLY B 270 -114.65 134.24 123.08
CA GLY B 270 -114.37 135.61 122.72
C GLY B 270 -113.62 136.35 123.81
N THR B 271 -112.72 135.65 124.50
CA THR B 271 -111.94 136.27 125.56
C THR B 271 -111.06 137.37 125.01
N PHE B 272 -110.46 137.13 123.85
CA PHE B 272 -109.55 138.12 123.26
C PHE B 272 -110.16 138.82 122.05
N SER B 273 -111.48 138.94 122.00
CA SER B 273 -112.15 139.60 120.89
C SER B 273 -111.74 141.06 120.75
N SER B 274 -111.55 141.74 121.88
CA SER B 274 -111.18 143.16 121.86
C SER B 274 -109.85 143.42 121.16
N ASN B 275 -108.83 142.61 121.47
CA ASN B 275 -107.52 142.81 120.88
C ASN B 275 -107.20 141.72 119.87
N VAL B 276 -107.12 142.09 118.60
CA VAL B 276 -106.86 141.10 117.56
C VAL B 276 -105.55 140.38 117.80
N HIS B 277 -104.55 141.07 118.30
CA HIS B 277 -103.23 140.47 118.49
C HIS B 277 -103.22 139.26 119.42
N MET B 278 -103.87 139.37 120.58
CA MET B 278 -103.93 138.25 121.52
C MET B 278 -104.71 137.10 120.92
N GLU B 279 -105.76 137.40 120.17
CA GLU B 279 -106.53 136.35 119.51
C GLU B 279 -105.62 135.60 118.56
N ALA B 280 -104.83 136.34 117.79
CA ALA B 280 -103.90 135.71 116.85
C ALA B 280 -102.88 134.86 117.59
N VAL B 281 -102.38 135.34 118.73
CA VAL B 281 -101.42 134.57 119.52
C VAL B 281 -102.04 133.26 120.01
N CYS B 282 -103.29 133.32 120.44
CA CYS B 282 -103.97 132.12 120.92
C CYS B 282 -104.25 131.17 119.76
N ARG B 283 -104.50 131.70 118.57
CA ARG B 283 -104.69 130.84 117.39
C ARG B 283 -103.38 130.15 117.08
N VAL B 284 -102.27 130.85 117.27
CA VAL B 284 -100.95 130.26 117.07
C VAL B 284 -100.75 129.14 118.09
N LEU B 285 -101.15 129.38 119.34
CA LEU B 285 -101.04 128.36 120.37
C LEU B 285 -101.82 127.11 119.97
N LEU B 286 -103.00 127.30 119.39
CA LEU B 286 -103.79 126.16 118.92
C LEU B 286 -103.07 125.43 117.81
N GLY B 287 -102.39 126.17 116.94
CA GLY B 287 -101.66 125.56 115.84
C GLY B 287 -102.26 125.84 114.48
N ASP B 288 -103.23 126.77 114.42
CA ASP B 288 -103.83 127.15 113.15
C ASP B 288 -102.76 127.60 112.17
N GLU B 289 -102.55 126.83 111.10
CA GLU B 289 -101.51 127.15 110.13
C GLU B 289 -101.78 128.41 109.33
N GLU B 290 -103.02 128.88 109.31
CA GLU B 290 -103.36 130.10 108.60
C GLU B 290 -102.64 131.31 109.16
N VAL B 291 -102.77 131.53 110.47
CA VAL B 291 -102.09 132.67 111.11
C VAL B 291 -100.59 132.46 111.15
N LEU B 292 -100.13 131.22 111.18
CA LEU B 292 -98.70 130.97 111.13
C LEU B 292 -98.15 131.45 109.80
N LEU B 293 -98.85 131.16 108.71
CA LEU B 293 -98.42 131.59 107.38
C LEU B 293 -98.58 133.10 107.19
N GLU B 294 -99.56 133.71 107.84
CA GLU B 294 -99.74 135.15 107.75
C GLU B 294 -98.51 135.87 108.30
N LYS B 295 -97.95 135.34 109.38
CA LYS B 295 -96.78 135.95 109.99
C LYS B 295 -95.51 135.17 109.66
N ARG B 296 -95.29 134.92 108.37
CA ARG B 296 -94.07 134.22 107.96
C ARG B 296 -92.89 135.18 107.88
N ASP B 297 -93.17 136.47 108.06
CA ASP B 297 -92.09 137.45 108.07
C ASP B 297 -91.22 137.17 109.27
N LEU B 298 -91.84 136.76 110.38
CA LEU B 298 -91.09 136.42 111.58
C LEU B 298 -90.31 135.12 111.38
N MET B 299 -90.98 134.10 110.86
CA MET B 299 -90.32 132.84 110.57
C MET B 299 -89.77 132.94 109.16
N THR B 300 -88.66 133.66 109.00
CA THR B 300 -88.13 133.90 107.65
C THR B 300 -87.96 132.65 106.79
N THR B 301 -87.63 131.52 107.39
CA THR B 301 -87.37 130.32 106.60
C THR B 301 -88.43 129.24 106.69
N TRP B 302 -88.36 128.26 105.80
CA TRP B 302 -89.34 127.19 105.78
C TRP B 302 -89.15 126.27 106.98
N TYR B 303 -87.89 126.05 107.38
CA TYR B 303 -87.63 125.14 108.49
C TYR B 303 -88.12 125.73 109.81
N HIS B 304 -88.04 127.04 109.97
CA HIS B 304 -88.58 127.67 111.17
C HIS B 304 -90.07 127.38 111.21
N PHE B 305 -90.75 127.56 110.08
CA PHE B 305 -92.18 127.28 110.00
C PHE B 305 -92.44 125.85 110.41
N LEU B 306 -91.69 124.91 109.85
CA LEU B 306 -91.86 123.50 110.17
C LEU B 306 -91.74 123.25 111.67
N VAL B 307 -90.69 123.78 112.28
CA VAL B 307 -90.46 123.56 113.71
C VAL B 307 -91.60 124.16 114.55
N SER B 308 -92.06 125.36 114.18
CA SER B 308 -93.19 125.97 114.90
C SER B 308 -94.42 125.08 114.80
N ARG B 309 -94.69 124.58 113.60
CA ARG B 309 -95.84 123.69 113.42
C ARG B 309 -95.71 122.46 114.29
N LEU B 310 -94.52 121.87 114.32
CA LEU B 310 -94.31 120.69 115.14
C LEU B 310 -94.57 121.02 116.60
N LEU B 311 -94.07 122.14 117.08
CA LEU B 311 -94.30 122.55 118.45
C LEU B 311 -95.79 122.69 118.76
N PHE B 312 -96.56 123.29 117.87
CA PHE B 312 -97.97 123.54 118.17
C PHE B 312 -98.98 122.51 117.63
N LYS B 313 -98.48 121.44 117.00
CA LYS B 313 -99.38 120.41 116.46
C LYS B 313 -98.99 119.02 116.93
N HIS B 314 -97.74 118.62 116.69
CA HIS B 314 -97.28 117.30 117.08
C HIS B 314 -96.00 117.44 117.89
N PRO B 315 -96.13 117.75 119.22
CA PRO B 315 -94.84 117.86 119.92
C PRO B 315 -94.10 116.52 119.95
N THR B 316 -94.83 115.41 120.08
CA THR B 316 -94.18 114.10 120.06
C THR B 316 -94.08 113.64 118.62
N VAL B 317 -92.99 114.01 117.95
CA VAL B 317 -92.84 113.65 116.54
C VAL B 317 -91.76 112.61 116.33
N LYS B 318 -92.11 111.52 115.65
CA LYS B 318 -91.14 110.46 115.38
C LYS B 318 -90.14 110.87 114.32
N PRO B 319 -88.91 110.37 114.41
CA PRO B 319 -87.89 110.68 113.41
C PRO B 319 -88.34 110.33 111.99
N THR B 320 -89.04 109.22 111.82
CA THR B 320 -89.49 108.80 110.50
C THR B 320 -90.47 109.79 109.87
N GLU B 321 -91.39 110.38 110.63
CA GLU B 321 -92.40 111.31 110.06
C GLU B 321 -91.85 112.69 109.63
N LEU B 322 -90.63 112.95 110.07
CA LEU B 322 -90.03 114.25 109.76
C LEU B 322 -90.05 114.58 108.29
N HIS B 323 -89.79 113.63 107.40
CA HIS B 323 -89.74 113.97 105.99
C HIS B 323 -91.07 114.51 105.45
N PHE B 324 -92.17 113.83 105.76
CA PHE B 324 -93.48 114.25 105.27
C PHE B 324 -93.84 115.65 105.74
N TYR B 325 -93.71 115.88 107.05
CA TYR B 325 -94.01 117.20 107.59
C TYR B 325 -93.14 118.23 106.92
N ALA B 326 -91.86 117.93 106.73
CA ALA B 326 -90.95 118.86 106.09
C ALA B 326 -91.43 119.23 104.70
N GLN B 327 -91.76 118.24 103.88
CA GLN B 327 -92.26 118.49 102.54
C GLN B 327 -93.48 119.39 102.60
N SER B 328 -94.43 119.04 103.49
CA SER B 328 -95.65 119.82 103.59
C SER B 328 -95.34 121.28 103.91
N SER B 329 -94.48 121.52 104.89
CA SER B 329 -94.13 122.87 105.29
C SER B 329 -93.48 123.61 104.13
N LEU B 330 -92.55 122.97 103.43
CA LEU B 330 -91.93 123.60 102.28
C LEU B 330 -92.98 124.05 101.29
N ASP B 331 -93.88 123.14 100.93
CA ASP B 331 -94.91 123.47 99.94
C ASP B 331 -95.77 124.62 100.40
N MET B 332 -96.14 124.64 101.68
CA MET B 332 -97.01 125.70 102.18
C MET B 332 -96.31 127.05 102.23
N PHE B 333 -95.02 127.04 102.55
CA PHE B 333 -94.27 128.27 102.64
C PHE B 333 -94.05 128.85 101.25
N LEU B 334 -93.51 128.04 100.35
CA LEU B 334 -93.27 128.54 99.01
C LEU B 334 -94.42 128.24 98.08
N PRO B 340 -87.36 126.16 94.93
CA PRO B 340 -86.71 125.72 96.17
C PRO B 340 -85.21 125.97 96.14
N GLU B 341 -84.71 126.78 97.08
CA GLU B 341 -83.28 127.06 97.15
C GLU B 341 -82.50 125.76 97.31
N PRO B 342 -81.39 125.62 96.57
CA PRO B 342 -80.55 124.43 96.70
C PRO B 342 -80.37 123.98 98.15
N LEU B 343 -80.06 124.91 99.05
CA LEU B 343 -79.87 124.60 100.46
C LEU B 343 -81.10 123.97 101.06
N ASP B 344 -82.26 124.55 100.79
CA ASP B 344 -83.52 123.98 101.27
C ASP B 344 -83.73 122.59 100.71
N ASN B 345 -83.39 122.38 99.44
CA ASN B 345 -83.49 121.03 98.87
C ASN B 345 -82.60 120.05 99.63
N ILE B 346 -81.35 120.42 99.89
CA ILE B 346 -80.43 119.58 100.64
C ILE B 346 -81.00 119.18 101.99
N LEU B 347 -81.60 120.12 102.71
CA LEU B 347 -82.21 119.84 104.01
C LEU B 347 -83.26 118.74 103.94
N LEU B 348 -84.09 118.73 102.90
CA LEU B 348 -85.07 117.66 102.73
C LEU B 348 -84.40 116.31 102.58
N ALA B 349 -83.29 116.26 101.84
CA ALA B 349 -82.58 114.99 101.75
C ALA B 349 -82.15 114.52 103.13
N ALA B 350 -81.66 115.44 103.96
CA ALA B 350 -81.21 115.08 105.30
C ALA B 350 -82.35 114.61 106.21
N PHE B 351 -83.52 115.26 106.12
CA PHE B 351 -84.67 114.85 106.93
C PHE B 351 -85.11 113.44 106.57
N GLU B 352 -85.01 113.07 105.30
CA GLU B 352 -85.36 111.72 104.88
C GLU B 352 -84.24 110.76 105.27
N PHE B 353 -83.25 111.24 106.00
CA PHE B 353 -82.10 110.43 106.40
C PHE B 353 -81.44 109.81 105.17
N ASP B 354 -81.34 110.58 104.09
CA ASP B 354 -80.69 110.10 102.89
C ASP B 354 -79.33 110.74 102.82
N ILE B 355 -78.32 110.10 103.40
CA ILE B 355 -76.98 110.65 103.43
C ILE B 355 -76.43 110.85 102.04
N HIS B 356 -76.60 109.85 101.18
CA HIS B 356 -76.03 109.92 99.84
C HIS B 356 -76.52 111.13 99.05
N GLN B 357 -77.81 111.44 99.16
CA GLN B 357 -78.35 112.58 98.44
C GLN B 357 -77.72 113.87 98.93
N VAL B 358 -77.53 114.01 100.24
CA VAL B 358 -76.88 115.20 100.79
C VAL B 358 -75.48 115.34 100.21
N ILE B 359 -74.73 114.24 100.18
CA ILE B 359 -73.38 114.28 99.63
C ILE B 359 -73.38 114.74 98.17
N LYS B 360 -74.17 114.07 97.32
CA LYS B 360 -74.18 114.43 95.91
C LYS B 360 -74.68 115.86 95.70
N GLU B 361 -75.64 116.29 96.50
CA GLU B 361 -76.11 117.66 96.40
C GLU B 361 -74.98 118.65 96.65
N PHE B 362 -74.20 118.43 97.70
CA PHE B 362 -73.11 119.36 97.94
C PHE B 362 -72.04 119.23 96.87
N SER B 363 -71.67 118.01 96.51
CA SER B 363 -70.70 117.83 95.44
C SER B 363 -71.08 118.63 94.21
N ILE B 364 -72.36 118.84 93.98
CA ILE B 364 -72.79 119.68 92.86
C ILE B 364 -72.75 121.15 93.26
N VAL B 365 -73.35 121.50 94.40
CA VAL B 365 -73.43 122.89 94.83
C VAL B 365 -72.11 123.57 95.19
N SER B 366 -71.31 122.92 96.02
CA SER B 366 -70.05 123.54 96.49
C SER B 366 -68.80 122.99 95.83
N SER B 367 -67.71 123.74 95.90
CA SER B 367 -66.45 123.29 95.29
C SER B 367 -65.51 122.68 96.32
N ASN B 368 -65.36 123.33 97.47
CA ASN B 368 -64.46 122.83 98.50
C ASN B 368 -64.92 121.47 98.99
N TRP B 369 -64.00 120.52 99.02
CA TRP B 369 -64.37 119.18 99.43
C TRP B 369 -64.39 119.08 100.94
N TRP B 370 -63.76 120.02 101.64
CA TRP B 370 -63.65 119.95 103.10
C TRP B 370 -64.88 119.42 103.77
N PHE B 371 -65.97 120.19 103.75
CA PHE B 371 -67.19 119.78 104.45
C PHE B 371 -67.55 118.33 104.19
N VAL B 372 -67.84 118.01 102.93
CA VAL B 372 -68.27 116.66 102.58
C VAL B 372 -67.33 115.62 103.15
N ALA B 373 -66.04 115.75 102.88
CA ALA B 373 -65.09 114.74 103.32
C ALA B 373 -65.15 114.50 104.82
N HIS B 374 -65.06 115.56 105.61
CA HIS B 374 -65.03 115.38 107.06
C HIS B 374 -66.36 114.82 107.58
N LEU B 375 -67.46 115.27 106.99
CA LEU B 375 -68.76 114.74 107.41
C LEU B 375 -68.82 113.23 107.15
N THR B 376 -68.36 112.81 105.97
CA THR B 376 -68.38 111.38 105.65
C THR B 376 -67.46 110.62 106.57
N ASP B 377 -66.31 111.20 106.92
CA ASP B 377 -65.41 110.57 107.88
C ASP B 377 -66.16 110.30 109.17
N LEU B 378 -66.81 111.33 109.70
CA LEU B 378 -67.56 111.16 110.94
C LEU B 378 -68.64 110.10 110.81
N LEU B 379 -69.42 110.13 109.74
CA LEU B 379 -70.54 109.19 109.66
C LEU B 379 -70.06 107.74 109.52
N ASP B 380 -68.85 107.56 109.02
CA ASP B 380 -68.27 106.22 108.93
C ASP B 380 -68.00 105.69 110.32
N HIS B 381 -67.54 106.55 111.22
CA HIS B 381 -67.30 106.15 112.61
C HIS B 381 -68.60 105.75 113.29
N CYS B 382 -69.73 106.33 112.87
CA CYS B 382 -71.03 105.98 113.43
C CYS B 382 -71.61 104.72 112.79
N GLN B 383 -70.86 104.11 111.87
CA GLN B 383 -71.29 102.87 111.22
C GLN B 383 -72.67 102.99 110.59
N LEU B 384 -72.79 103.86 109.59
CA LEU B 384 -74.07 104.07 108.93
C LEU B 384 -74.12 103.52 107.51
N PHE B 385 -72.97 103.38 106.87
CA PHE B 385 -72.95 102.94 105.47
C PHE B 385 -72.06 101.74 105.21
N GLN B 386 -72.45 100.89 104.25
CA GLN B 386 -71.63 99.74 103.88
C GLN B 386 -70.31 100.21 103.29
N ASN B 395 -64.67 102.78 101.83
CA ASN B 395 -63.78 103.10 100.70
C ASN B 395 -64.06 104.47 100.13
N MET B 396 -65.30 104.94 100.27
CA MET B 396 -65.65 106.27 99.78
C MET B 396 -64.90 107.32 100.57
N ARG B 397 -64.74 107.11 101.87
CA ARG B 397 -63.99 108.06 102.69
C ARG B 397 -62.57 108.18 102.15
N GLU B 398 -61.94 107.03 101.90
CA GLU B 398 -60.58 107.03 101.38
C GLU B 398 -60.51 107.86 100.10
N PHE B 399 -61.43 107.62 99.16
CA PHE B 399 -61.42 108.35 97.90
C PHE B 399 -61.42 109.86 98.14
N LEU B 400 -62.35 110.35 98.94
CA LEU B 400 -62.44 111.78 99.19
C LEU B 400 -61.17 112.33 99.85
N LEU B 401 -60.64 111.61 100.85
CA LEU B 401 -59.41 112.06 101.48
C LEU B 401 -58.28 112.16 100.48
N LEU B 402 -58.17 111.22 99.55
CA LEU B 402 -57.15 111.34 98.51
C LEU B 402 -57.17 112.69 97.77
N ASP B 403 -58.28 113.09 97.17
CA ASP B 403 -58.34 114.33 96.37
C ASP B 403 -57.96 115.63 97.11
N TYR B 404 -58.44 115.76 98.32
CA TYR B 404 -58.14 116.93 99.12
C TYR B 404 -56.63 117.03 99.36
N ALA B 405 -56.02 115.90 99.74
CA ALA B 405 -54.59 115.89 99.98
C ALA B 405 -53.83 116.15 98.69
N SER B 406 -54.35 115.67 97.57
CA SER B 406 -53.74 115.94 96.28
C SER B 406 -53.71 117.43 96.00
N GLY B 407 -54.81 118.16 96.22
CA GLY B 407 -54.76 119.62 96.07
C GLY B 407 -53.79 120.30 97.03
N LEU B 408 -53.78 119.81 98.27
CA LEU B 408 -52.86 120.38 99.25
C LEU B 408 -51.43 120.28 98.71
N PHE B 409 -51.12 119.21 98.00
CA PHE B 409 -49.78 119.04 97.45
C PHE B 409 -49.45 120.05 96.37
N SER B 410 -50.47 120.50 95.64
CA SER B 410 -50.25 121.53 94.62
C SER B 410 -49.78 122.83 95.26
N HIS B 411 -50.27 123.13 96.46
CA HIS B 411 -49.89 124.37 97.15
C HIS B 411 -48.45 124.33 97.63
N HIS B 412 -47.76 125.45 97.58
CA HIS B 412 -46.35 125.51 97.97
C HIS B 412 -46.08 125.26 99.45
N SER B 413 -47.08 125.45 100.31
CA SER B 413 -46.87 125.29 101.75
C SER B 413 -47.76 124.22 102.36
N LEU B 414 -48.91 123.86 101.78
CA LEU B 414 -49.80 122.84 102.45
C LEU B 414 -49.48 121.36 102.14
N TRP B 415 -48.35 121.16 101.46
CA TRP B 415 -47.96 119.81 101.08
C TRP B 415 -47.74 118.87 102.28
N GLN B 416 -47.34 119.40 103.44
CA GLN B 416 -47.14 118.57 104.63
C GLN B 416 -48.45 117.97 105.14
N LEU B 417 -49.50 118.77 105.18
CA LEU B 417 -50.80 118.26 105.57
C LEU B 417 -51.23 117.25 104.51
N GLY B 418 -50.95 117.57 103.25
CA GLY B 418 -51.25 116.58 102.23
C GLY B 418 -50.63 115.24 102.60
N VAL B 419 -49.32 115.24 102.90
CA VAL B 419 -48.61 114.03 103.29
C VAL B 419 -49.31 113.32 104.42
N ASP B 420 -49.60 114.04 105.49
CA ASP B 420 -50.27 113.43 106.64
C ASP B 420 -51.60 112.72 106.26
N TYR B 421 -52.49 113.38 105.54
CA TYR B 421 -53.74 112.71 105.16
C TYR B 421 -53.50 111.39 104.42
N PHE B 422 -52.51 111.36 103.52
CA PHE B 422 -52.22 110.14 102.76
C PHE B 422 -51.84 108.96 103.64
N ASP B 423 -51.15 109.22 104.75
CA ASP B 423 -50.73 108.14 105.66
C ASP B 423 -51.91 107.38 106.21
N TYR B 424 -52.98 108.10 106.57
CA TYR B 424 -54.16 107.45 107.13
C TYR B 424 -54.95 106.64 106.12
N CYS B 425 -54.85 106.98 104.84
CA CYS B 425 -55.50 106.17 103.81
C CYS B 425 -54.88 104.78 103.85
N PRO B 426 -55.69 103.72 103.91
CA PRO B 426 -55.15 102.35 104.09
C PRO B 426 -54.22 101.82 103.00
N ASN B 427 -54.53 101.99 101.72
CA ASN B 427 -53.70 101.37 100.67
C ASN B 427 -53.15 102.30 99.58
N LEU B 428 -53.98 103.03 98.83
CA LEU B 428 -53.44 103.85 97.71
C LEU B 428 -52.60 105.03 98.20
N GLY B 429 -52.82 105.40 99.46
CA GLY B 429 -52.11 106.54 100.01
C GLY B 429 -50.62 106.50 99.85
N ARG B 430 -49.97 105.40 100.19
CA ARG B 430 -48.50 105.34 100.12
C ARG B 430 -48.00 105.61 98.71
N GLU B 431 -48.63 105.06 97.67
CA GLU B 431 -48.18 105.39 96.30
C GLU B 431 -48.18 106.87 95.90
N TYR B 432 -49.33 107.52 96.09
CA TYR B 432 -49.44 108.94 95.74
C TYR B 432 -48.39 109.73 96.46
N LEU B 433 -48.21 109.42 97.74
CA LEU B 433 -47.23 110.13 98.55
C LEU B 433 -45.87 110.03 97.91
N LYS B 434 -45.40 108.81 97.68
CA LYS B 434 -44.11 108.61 97.01
C LYS B 434 -44.02 109.50 95.80
N LEU B 435 -44.97 109.36 94.89
CA LEU B 435 -44.86 110.13 93.65
C LEU B 435 -44.71 111.64 93.89
N HIS B 436 -45.62 112.23 94.65
CA HIS B 436 -45.58 113.68 94.86
C HIS B 436 -44.30 114.16 95.57
N MET B 437 -43.82 113.35 96.51
CA MET B 437 -42.59 113.71 97.19
C MET B 437 -41.43 113.70 96.22
N GLU B 438 -41.27 112.64 95.45
CA GLU B 438 -40.20 112.59 94.46
C GLU B 438 -40.25 113.77 93.49
N ARG B 439 -41.35 114.52 93.47
CA ARG B 439 -41.49 115.66 92.54
C ARG B 439 -41.38 117.05 93.17
N ILE B 440 -41.34 117.14 94.50
CA ILE B 440 -41.32 118.47 95.14
C ILE B 440 -40.08 119.29 94.80
N PRO B 441 -40.27 120.56 94.43
CA PRO B 441 -39.14 121.43 94.09
C PRO B 441 -38.31 121.79 95.31
N LEU B 442 -37.02 121.50 95.29
CA LEU B 442 -36.16 121.74 96.44
C LEU B 442 -35.08 122.77 96.18
N SER B 443 -35.13 123.90 96.89
CA SER B 443 -34.12 124.96 96.71
C SER B 443 -33.14 125.03 97.86
N THR B 444 -33.64 124.93 99.10
CA THR B 444 -32.78 125.05 100.26
C THR B 444 -32.46 123.70 100.88
N GLU B 445 -31.35 123.64 101.62
CA GLU B 445 -30.96 122.41 102.28
C GLU B 445 -31.99 121.97 103.31
N LYS B 446 -32.47 122.90 104.12
CA LYS B 446 -33.43 122.57 105.17
C LYS B 446 -34.66 121.82 104.67
N LYS B 447 -35.34 122.33 103.64
CA LYS B 447 -36.54 121.67 103.15
C LYS B 447 -36.21 120.25 102.79
N ALA B 448 -35.11 120.07 102.09
CA ALA B 448 -34.69 118.74 101.68
C ALA B 448 -34.50 117.84 102.89
N LEU B 449 -33.89 118.33 103.95
CA LEU B 449 -33.65 117.51 105.14
C LEU B 449 -34.96 117.03 105.76
N LYS B 450 -35.95 117.91 105.87
CA LYS B 450 -37.25 117.51 106.40
C LYS B 450 -37.91 116.47 105.50
N ALA B 451 -37.82 116.67 104.20
CA ALA B 451 -38.40 115.70 103.29
C ALA B 451 -37.74 114.34 103.51
N LEU B 452 -36.42 114.35 103.68
CA LEU B 452 -35.69 113.10 103.87
C LEU B 452 -36.10 112.44 105.17
N ARG B 453 -36.37 113.21 106.21
CA ARG B 453 -36.86 112.64 107.46
C ARG B 453 -38.23 111.97 107.28
N ILE B 454 -39.15 112.64 106.59
CA ILE B 454 -40.49 112.08 106.37
C ILE B 454 -40.42 110.74 105.66
N CYS B 455 -39.68 110.67 104.56
CA CYS B 455 -39.56 109.43 103.79
C CYS B 455 -38.91 108.34 104.61
N GLU B 456 -37.92 108.70 105.42
CA GLU B 456 -37.23 107.74 106.26
C GLU B 456 -38.20 107.05 107.20
N GLN B 457 -39.09 107.83 107.81
CA GLN B 457 -40.08 107.27 108.74
C GLN B 457 -41.01 106.30 108.02
N ARG B 458 -41.41 106.62 106.80
CA ARG B 458 -42.33 105.76 106.05
C ARG B 458 -41.61 104.72 105.21
N GLN B 459 -40.32 104.50 105.46
CA GLN B 459 -39.54 103.48 104.73
C GLN B 459 -39.64 103.58 103.21
N MET B 460 -39.18 104.71 102.65
CA MET B 460 -39.16 104.95 101.19
C MET B 460 -37.75 105.17 100.60
N THR B 461 -36.95 104.10 100.61
CA THR B 461 -35.57 104.19 100.15
C THR B 461 -35.38 104.78 98.76
N GLU B 462 -36.22 104.43 97.81
CA GLU B 462 -36.04 104.91 96.44
C GLU B 462 -36.09 106.43 96.36
N GLN B 463 -37.14 107.02 96.92
CA GLN B 463 -37.28 108.46 96.88
C GLN B 463 -36.11 109.15 97.56
N VAL B 464 -35.69 108.62 98.71
CA VAL B 464 -34.56 109.19 99.41
C VAL B 464 -33.34 109.22 98.51
N ARG B 465 -33.02 108.07 97.91
CA ARG B 465 -31.87 107.99 97.03
C ARG B 465 -31.98 109.04 95.94
N SER B 466 -33.14 109.09 95.28
CA SER B 466 -33.32 110.06 94.20
C SER B 466 -33.00 111.47 94.66
N ILE B 467 -33.64 111.90 95.74
CA ILE B 467 -33.43 113.26 96.23
C ILE B 467 -31.96 113.51 96.54
N CYS B 468 -31.32 112.58 97.25
CA CYS B 468 -29.92 112.77 97.61
C CYS B 468 -29.04 112.93 96.38
N LYS B 469 -29.26 112.07 95.38
CA LYS B 469 -28.46 112.14 94.16
C LYS B 469 -28.68 113.47 93.43
N THR B 470 -29.92 113.92 93.35
CA THR B 470 -30.20 115.20 92.73
C THR B 470 -29.42 116.30 93.45
N MET B 471 -29.48 116.29 94.77
CA MET B 471 -28.78 117.30 95.55
C MET B 471 -27.29 117.25 95.25
N ALA B 472 -26.71 116.06 95.24
CA ALA B 472 -25.29 115.92 94.96
C ALA B 472 -24.93 116.49 93.60
N MET B 473 -25.72 116.19 92.57
CA MET B 473 -25.47 116.74 91.24
C MET B 473 -25.50 118.27 91.26
N GLN B 474 -26.53 118.82 91.87
CA GLN B 474 -26.63 120.28 91.95
C GLN B 474 -25.37 120.82 92.57
N SER B 475 -24.95 120.21 93.66
CA SER B 475 -23.76 120.67 94.36
C SER B 475 -22.52 120.61 93.50
N LEU B 476 -22.26 119.47 92.86
CA LEU B 476 -21.10 119.33 91.99
C LEU B 476 -21.11 120.48 91.02
N CYS B 477 -22.24 120.76 90.38
CA CYS B 477 -22.35 121.87 89.43
C CYS B 477 -22.06 123.23 90.06
N ASN B 478 -22.42 123.39 91.33
CA ASN B 478 -22.20 124.67 92.01
C ASN B 478 -20.85 124.72 92.69
N ARG B 479 -19.89 123.92 92.24
CA ARG B 479 -18.53 123.94 92.78
C ARG B 479 -18.41 123.76 94.29
N ARG B 480 -19.14 122.80 94.87
CA ARG B 480 -19.00 122.51 96.29
C ARG B 480 -18.71 121.04 96.47
N LEU B 481 -17.46 120.65 96.20
CA LEU B 481 -17.09 119.24 96.28
C LEU B 481 -17.39 118.57 97.61
N GLY B 482 -17.23 119.29 98.72
CA GLY B 482 -17.46 118.67 100.01
C GLY B 482 -18.89 118.23 100.20
N SER B 483 -19.82 119.14 99.94
CA SER B 483 -21.23 118.81 100.09
C SER B 483 -21.63 117.75 99.08
N ALA B 484 -21.09 117.83 97.85
CA ALA B 484 -21.40 116.78 96.88
C ALA B 484 -21.04 115.42 97.45
N LEU B 485 -19.83 115.29 97.96
CA LEU B 485 -19.38 114.02 98.50
C LEU B 485 -20.25 113.57 99.64
N SER B 486 -20.58 114.49 100.55
CA SER B 486 -21.45 114.13 101.67
C SER B 486 -22.78 113.55 101.17
N TRP B 487 -23.45 114.23 100.26
CA TRP B 487 -24.75 113.74 99.80
C TRP B 487 -24.67 112.35 99.21
N SER B 488 -23.63 112.08 98.42
CA SER B 488 -23.47 110.77 97.80
C SER B 488 -23.25 109.67 98.83
N ILE B 489 -22.49 109.95 99.89
CA ILE B 489 -22.26 108.97 100.93
C ILE B 489 -23.58 108.57 101.58
N ARG B 490 -24.44 109.54 101.85
CA ARG B 490 -25.74 109.26 102.45
C ARG B 490 -26.60 108.40 101.53
N ALA B 491 -26.56 108.66 100.22
CA ALA B 491 -27.33 107.88 99.26
C ALA B 491 -26.70 106.52 98.98
N LYS B 492 -25.54 106.25 99.58
CA LYS B 492 -24.83 104.98 99.35
C LYS B 492 -24.61 104.75 97.86
N ASP B 493 -24.23 105.80 97.14
CA ASP B 493 -24.02 105.69 95.68
C ASP B 493 -22.56 105.59 95.27
N ALA B 494 -22.11 104.36 95.05
CA ALA B 494 -20.73 104.13 94.66
C ALA B 494 -20.34 104.92 93.42
N ALA B 495 -21.23 105.02 92.45
CA ALA B 495 -20.92 105.73 91.20
C ALA B 495 -20.59 107.20 91.43
N PHE B 496 -21.45 107.87 92.18
CA PHE B 496 -21.21 109.27 92.46
C PHE B 496 -19.96 109.40 93.32
N ALA B 497 -19.74 108.46 94.24
CA ALA B 497 -18.51 108.52 95.01
C ALA B 497 -17.31 108.51 94.08
N THR B 498 -17.28 107.58 93.13
CA THR B 498 -16.19 107.47 92.18
C THR B 498 -16.02 108.78 91.42
N LEU B 499 -17.12 109.34 90.93
CA LEU B 499 -17.05 110.62 90.21
C LEU B 499 -16.40 111.72 91.04
N ILE B 500 -16.84 111.87 92.29
CA ILE B 500 -16.29 112.92 93.13
C ILE B 500 -14.81 112.66 93.42
N SER B 501 -14.44 111.40 93.62
CA SER B 501 -13.04 111.08 93.87
C SER B 501 -12.21 111.44 92.66
N ASP B 502 -12.71 111.18 91.47
CA ASP B 502 -12.02 111.57 90.24
C ASP B 502 -11.83 113.07 90.18
N ARG B 503 -12.89 113.82 90.47
CA ARG B 503 -12.74 115.28 90.51
C ARG B 503 -11.62 115.69 91.46
N PHE B 504 -11.62 115.13 92.66
CA PHE B 504 -10.58 115.46 93.64
C PHE B 504 -9.18 115.13 93.14
N LEU B 505 -9.01 113.96 92.51
CA LEU B 505 -7.71 113.57 91.97
C LEU B 505 -7.26 114.54 90.89
N LYS B 506 -8.17 114.96 90.02
CA LYS B 506 -7.83 115.94 89.00
C LYS B 506 -7.35 117.23 89.67
N GLU B 507 -8.09 117.67 90.68
CA GLU B 507 -7.69 118.88 91.40
C GLU B 507 -6.28 118.73 91.98
N TYR B 508 -6.00 117.58 92.58
CA TYR B 508 -4.69 117.34 93.17
C TYR B 508 -3.59 117.40 92.12
N CYS B 509 -3.83 116.76 90.98
CA CYS B 509 -2.83 116.72 89.91
C CYS B 509 -2.36 118.11 89.55
N GLU B 510 -3.29 119.03 89.30
CA GLU B 510 -2.93 120.38 88.89
C GLU B 510 -2.35 121.23 90.01
N ARG B 511 -3.05 121.31 91.14
CA ARG B 511 -2.61 122.16 92.24
C ARG B 511 -1.36 121.65 92.95
N GLY B 512 -1.30 120.35 93.21
CA GLY B 512 -0.17 119.79 93.93
C GLY B 512 -0.52 119.45 95.36
N ASN B 513 -1.61 120.01 95.88
CA ASN B 513 -2.05 119.73 97.24
C ASN B 513 -3.54 119.39 97.28
N PHE B 514 -3.92 118.51 98.19
CA PHE B 514 -5.34 118.18 98.34
C PHE B 514 -6.13 119.30 98.98
N THR B 515 -7.44 119.33 98.73
CA THR B 515 -8.29 120.32 99.38
C THR B 515 -9.21 119.60 100.36
N ASP B 516 -9.68 120.27 101.41
CA ASP B 516 -10.51 119.59 102.43
C ASP B 516 -9.79 118.36 102.99
N LEU B 517 -8.59 118.59 103.53
CA LEU B 517 -7.81 117.50 104.09
C LEU B 517 -8.54 116.78 105.20
N ASP B 518 -9.22 117.52 106.07
CA ASP B 518 -9.95 116.92 107.18
C ASP B 518 -11.05 116.00 106.67
N LEU B 519 -11.78 116.46 105.67
CA LEU B 519 -12.83 115.63 105.07
C LEU B 519 -12.23 114.38 104.48
N ILE B 520 -11.10 114.47 103.79
CA ILE B 520 -10.48 113.26 103.27
C ILE B 520 -9.96 112.36 104.40
N ASP B 521 -9.34 112.95 105.41
CA ASP B 521 -8.76 112.17 106.53
C ASP B 521 -9.77 111.44 107.40
N ASN B 522 -10.91 112.06 107.69
CA ASN B 522 -11.86 111.46 108.62
C ASN B 522 -13.01 110.69 107.95
N LEU B 523 -12.76 110.10 106.79
CA LEU B 523 -13.77 109.29 106.13
C LEU B 523 -14.08 108.05 106.96
N GLY B 524 -13.05 107.42 107.52
CA GLY B 524 -13.25 106.24 108.33
C GLY B 524 -13.72 105.04 107.55
N SER B 525 -14.87 104.49 107.92
CA SER B 525 -15.40 103.32 107.25
C SER B 525 -16.18 103.68 105.99
N ALA B 526 -16.44 104.97 105.79
CA ALA B 526 -17.20 105.42 104.61
C ALA B 526 -16.37 105.33 103.33
N MET B 527 -15.06 105.20 103.46
CA MET B 527 -14.18 105.09 102.30
C MET B 527 -14.43 103.80 101.53
N LEU B 528 -15.05 102.81 102.17
CA LEU B 528 -15.29 101.53 101.52
C LEU B 528 -16.47 101.54 100.55
N LEU B 529 -17.15 102.67 100.41
CA LEU B 529 -18.27 102.79 99.49
C LEU B 529 -17.83 102.50 98.07
N SER B 530 -16.73 103.10 97.64
CA SER B 530 -16.21 102.88 96.29
C SER B 530 -14.72 102.60 96.32
N ASP B 531 -14.21 101.93 95.30
CA ASP B 531 -12.79 101.63 95.24
C ASP B 531 -11.93 102.89 95.12
N ARG B 532 -12.36 103.82 94.27
CA ARG B 532 -11.61 105.05 94.10
C ARG B 532 -11.57 105.86 95.38
N LEU B 533 -12.69 105.89 96.11
CA LEU B 533 -12.72 106.59 97.38
C LEU B 533 -11.71 105.98 98.34
N THR B 534 -11.68 104.64 98.40
CA THR B 534 -10.72 103.95 99.26
C THR B 534 -9.31 104.34 98.87
N PHE B 535 -8.97 104.35 97.59
CA PHE B 535 -7.63 104.81 97.19
C PHE B 535 -7.26 106.17 97.78
N LEU B 536 -8.14 107.16 97.63
CA LEU B 536 -7.85 108.50 98.11
C LEU B 536 -7.50 108.51 99.59
N GLY B 537 -8.30 107.81 100.39
CA GLY B 537 -8.06 107.78 101.82
C GLY B 537 -6.70 107.23 102.16
N LYS B 538 -6.33 106.12 101.54
CA LYS B 538 -5.03 105.52 101.80
C LYS B 538 -3.88 106.44 101.35
N TYR B 539 -4.06 107.13 100.22
CA TYR B 539 -3.03 108.09 99.79
C TYR B 539 -2.87 109.20 100.83
N ARG B 540 -3.98 109.72 101.35
CA ARG B 540 -3.91 110.76 102.38
C ARG B 540 -3.26 110.24 103.67
N GLU B 541 -3.49 108.97 104.00
CA GLU B 541 -2.85 108.38 105.17
C GLU B 541 -1.35 108.34 104.95
N PHE B 542 -0.92 107.91 103.76
CA PHE B 542 0.50 107.92 103.43
C PHE B 542 1.05 109.33 103.61
N HIS B 543 0.29 110.30 103.14
CA HIS B 543 0.73 111.68 103.26
C HIS B 543 0.90 112.11 104.72
N ARG B 544 -0.05 111.83 105.62
CA ARG B 544 0.13 112.15 107.05
C ARG B 544 1.34 111.45 107.66
N MET B 545 1.53 110.21 107.24
CA MET B 545 2.68 109.47 107.73
C MET B 545 3.93 110.24 107.36
N TYR B 546 4.16 110.48 106.08
CA TYR B 546 5.38 111.17 105.65
C TYR B 546 5.62 112.44 106.46
N SER B 547 4.54 113.14 106.80
CA SER B 547 4.65 114.36 107.60
C SER B 547 5.13 114.07 109.01
N GLN B 548 4.68 112.95 109.58
CA GLN B 548 5.09 112.56 110.93
C GLN B 548 6.37 111.74 110.91
N GLU B 549 7.08 111.74 109.78
CA GLU B 549 8.34 111.01 109.65
C GLU B 549 8.24 109.49 109.85
N GLN B 550 7.07 108.93 109.57
CA GLN B 550 6.91 107.48 109.65
C GLN B 550 7.15 106.96 108.24
N PHE B 551 8.37 107.11 107.75
CA PHE B 551 8.66 106.76 106.36
C PHE B 551 8.42 105.30 105.96
N SER B 552 8.87 104.36 106.78
CA SER B 552 8.72 102.95 106.43
C SER B 552 7.26 102.58 106.23
N GLU B 553 6.41 102.99 107.18
CA GLU B 553 4.99 102.71 107.08
C GLU B 553 4.42 103.28 105.81
N ALA B 554 4.76 104.53 105.52
CA ALA B 554 4.26 105.19 104.32
C ALA B 554 4.65 104.43 103.07
N ALA B 555 5.91 104.04 102.96
CA ALA B 555 6.38 103.27 101.83
C ALA B 555 5.64 101.97 101.67
N SER B 556 5.45 101.26 102.78
CA SER B 556 4.73 100.00 102.75
C SER B 556 3.33 100.23 102.22
N LEU B 557 2.65 101.25 102.72
CA LEU B 557 1.30 101.55 102.27
C LEU B 557 1.29 101.82 100.78
N LEU B 558 2.24 102.59 100.30
CA LEU B 558 2.32 102.90 98.88
C LEU B 558 2.45 101.61 98.05
N LEU B 559 3.38 100.74 98.44
CA LEU B 559 3.59 99.53 97.65
C LEU B 559 2.31 98.69 97.70
N SER B 560 1.65 98.65 98.85
CA SER B 560 0.44 97.87 98.98
C SER B 560 -0.60 98.38 98.02
N LEU B 561 -0.82 99.69 97.99
CA LEU B 561 -1.78 100.27 97.06
C LEU B 561 -1.44 99.91 95.64
N MET B 562 -0.17 100.05 95.27
CA MET B 562 0.24 99.75 93.90
C MET B 562 -0.05 98.30 93.51
N THR B 563 0.22 97.36 94.41
CA THR B 563 0.04 95.94 94.09
C THR B 563 -1.42 95.52 93.99
N ALA B 564 -2.27 96.07 94.85
CA ALA B 564 -3.69 95.73 94.84
C ALA B 564 -4.42 96.36 93.67
N ARG B 565 -3.74 97.25 92.92
CA ARG B 565 -4.33 97.88 91.72
C ARG B 565 -5.57 98.71 92.02
N ILE B 566 -5.73 99.13 93.28
CA ILE B 566 -6.85 100.01 93.61
C ILE B 566 -6.60 101.31 92.89
N ALA B 567 -5.33 101.68 92.77
CA ALA B 567 -4.97 102.92 92.11
C ALA B 567 -5.22 102.86 90.62
N PRO B 568 -5.65 103.98 90.03
CA PRO B 568 -5.79 104.00 88.57
C PRO B 568 -4.41 103.93 87.93
N CYS B 569 -4.33 103.47 86.69
CA CYS B 569 -3.03 103.32 86.05
C CYS B 569 -2.20 104.59 86.03
N SER B 570 -2.86 105.75 85.94
CA SER B 570 -2.15 107.03 85.96
C SER B 570 -1.45 107.26 87.29
N PHE B 571 -2.06 106.88 88.40
CA PHE B 571 -1.40 107.17 89.66
C PHE B 571 -0.27 106.19 89.90
N TRP B 572 -0.20 105.13 89.11
CA TRP B 572 0.91 104.19 89.23
C TRP B 572 2.23 104.92 89.06
N LEU B 573 2.34 105.73 88.01
CA LEU B 573 3.55 106.50 87.78
C LEU B 573 3.88 107.36 88.98
N THR B 574 2.92 108.15 89.45
CA THR B 574 3.21 109.05 90.56
C THR B 574 3.73 108.27 91.77
N LEU B 575 3.04 107.19 92.10
CA LEU B 575 3.42 106.40 93.27
C LEU B 575 4.81 105.78 93.10
N LEU B 576 5.16 105.34 91.89
CA LEU B 576 6.49 104.79 91.64
C LEU B 576 7.58 105.83 91.93
N LEU B 577 7.38 107.06 91.48
CA LEU B 577 8.33 108.13 91.76
C LEU B 577 8.41 108.39 93.26
N ASP B 578 7.25 108.40 93.92
CA ASP B 578 7.31 108.58 95.37
C ASP B 578 8.23 107.49 95.94
N ALA B 579 8.01 106.23 95.59
CA ALA B 579 8.90 105.17 96.08
C ALA B 579 10.40 105.42 95.86
N LEU B 580 10.78 106.25 94.88
CA LEU B 580 12.21 106.44 94.58
C LEU B 580 13.05 107.16 95.66
N PRO B 581 12.65 108.36 96.12
CA PRO B 581 13.45 108.95 97.21
C PRO B 581 13.48 108.06 98.44
N LEU B 582 12.41 107.30 98.68
CA LEU B 582 12.38 106.40 99.82
C LEU B 582 13.49 105.36 99.70
N LEU B 583 13.73 104.88 98.49
CA LEU B 583 14.80 103.90 98.27
C LEU B 583 16.19 104.52 98.37
N GLU B 584 16.31 105.81 98.10
CA GLU B 584 17.62 106.48 98.11
C GLU B 584 18.26 106.59 99.50
N GLN B 585 17.46 106.47 100.56
CA GLN B 585 17.99 106.62 101.92
C GLN B 585 19.11 105.63 102.23
N LYS B 586 20.12 106.07 102.97
CA LYS B 586 21.25 105.21 103.30
C LYS B 586 20.78 103.94 103.98
N GLN B 587 19.99 104.08 105.04
CA GLN B 587 19.43 102.91 105.68
C GLN B 587 18.27 102.53 104.78
N VAL B 588 18.41 101.41 104.06
CA VAL B 588 17.38 101.06 103.09
C VAL B 588 15.99 100.88 103.70
N ILE B 589 15.01 101.58 103.16
CA ILE B 589 13.65 101.50 103.68
C ILE B 589 12.98 100.19 103.25
N PHE B 590 13.07 99.87 101.97
CA PHE B 590 12.40 98.68 101.45
C PHE B 590 13.16 97.40 101.71
N SER B 591 12.57 96.26 101.32
CA SER B 591 13.25 94.97 101.41
C SER B 591 13.31 94.39 100.00
N ALA B 592 14.16 93.39 99.77
CA ALA B 592 14.35 92.84 98.41
C ALA B 592 13.08 92.38 97.67
N GLU B 593 12.22 91.61 98.33
CA GLU B 593 11.01 91.13 97.68
C GLU B 593 10.13 92.29 97.26
N GLN B 594 9.96 93.26 98.16
CA GLN B 594 9.15 94.43 97.85
C GLN B 594 9.75 95.20 96.69
N THR B 595 11.07 95.28 96.65
CA THR B 595 11.72 95.99 95.55
C THR B 595 11.54 95.27 94.22
N TYR B 596 11.52 93.94 94.21
CA TYR B 596 11.25 93.22 92.95
C TYR B 596 9.87 93.62 92.44
N GLU B 597 8.92 93.75 93.36
CA GLU B 597 7.57 94.12 92.96
C GLU B 597 7.53 95.50 92.34
N LEU B 598 8.34 96.43 92.84
CA LEU B 598 8.39 97.75 92.23
C LEU B 598 8.81 97.63 90.77
N MET B 599 9.88 96.90 90.50
CA MET B 599 10.33 96.68 89.13
C MET B 599 9.21 96.09 88.31
N ARG B 600 8.53 95.08 88.86
CA ARG B 600 7.48 94.41 88.12
C ARG B 600 6.40 95.40 87.73
N CYS B 601 5.95 96.21 88.68
CA CYS B 601 4.90 97.18 88.40
C CYS B 601 5.36 98.18 87.35
N LEU B 602 6.60 98.63 87.44
CA LEU B 602 7.15 99.54 86.45
C LEU B 602 7.11 98.95 85.06
N GLU B 603 7.53 97.69 84.94
CA GLU B 603 7.53 97.04 83.64
C GLU B 603 6.11 96.88 83.12
N ASP B 604 5.17 96.57 84.01
CA ASP B 604 3.78 96.44 83.60
C ASP B 604 3.26 97.76 83.08
N ARG B 605 3.63 98.85 83.75
CA ARG B 605 3.22 100.18 83.31
C ARG B 605 3.82 100.52 81.96
N MET B 606 5.07 100.14 81.72
CA MET B 606 5.69 100.38 80.41
C MET B 606 4.98 99.57 79.34
N ALA B 607 4.55 98.35 79.69
CA ALA B 607 3.84 97.51 78.74
C ALA B 607 2.49 98.15 78.42
N ALA B 608 1.87 98.78 79.41
CA ALA B 608 0.61 99.48 79.17
C ALA B 608 0.85 100.71 78.33
N LYS B 609 1.97 101.37 78.51
CA LYS B 609 2.30 102.51 77.66
C LYS B 609 2.44 102.01 76.23
N LEU B 610 3.01 100.83 76.05
CA LEU B 610 3.11 100.26 74.71
C LEU B 610 1.76 99.85 74.12
N GLU B 611 0.85 99.33 74.95
CA GLU B 611 -0.44 98.83 74.42
C GLU B 611 -1.68 99.70 74.69
N SER B 612 -1.82 100.19 75.94
CA SER B 612 -3.00 100.99 76.26
C SER B 612 -2.93 102.36 75.61
N ASP B 622 10.06 113.21 79.94
CA ASP B 622 9.48 112.26 80.86
C ASP B 622 10.23 110.94 80.80
N SER B 623 10.39 110.37 79.61
CA SER B 623 11.02 109.07 79.46
C SER B 623 12.40 109.02 80.11
N SER B 624 13.25 110.00 79.84
CA SER B 624 14.61 109.99 80.38
C SER B 624 14.60 110.03 81.90
N ILE B 625 13.76 110.89 82.48
CA ILE B 625 13.66 110.96 83.93
C ILE B 625 13.23 109.62 84.49
N ASP B 626 12.24 109.02 83.86
CA ASP B 626 11.74 107.74 84.32
C ASP B 626 12.86 106.71 84.29
N ASN B 627 13.63 106.68 83.21
CA ASN B 627 14.73 105.73 83.09
C ASN B 627 15.81 105.95 84.14
N THR B 628 16.14 107.19 84.45
CA THR B 628 17.10 107.49 85.50
C THR B 628 16.58 106.96 86.82
N LYS B 629 15.30 107.21 87.08
CA LYS B 629 14.70 106.70 88.30
C LYS B 629 14.82 105.19 88.35
N VAL B 630 14.55 104.51 87.24
CA VAL B 630 14.65 103.06 87.17
C VAL B 630 16.06 102.58 87.47
N GLU B 631 17.06 103.23 86.92
CA GLU B 631 18.45 102.87 87.19
C GLU B 631 18.78 102.93 88.67
N MET B 632 18.48 104.07 89.28
CA MET B 632 18.74 104.23 90.70
C MET B 632 17.99 103.16 91.43
N LEU B 633 16.72 102.97 91.06
CA LEU B 633 15.91 101.93 91.69
C LEU B 633 16.68 100.64 91.69
N ARG B 634 17.03 100.12 90.52
CA ARG B 634 17.72 98.84 90.45
C ARG B 634 19.02 98.78 91.26
N LEU B 635 19.85 99.82 91.19
CA LEU B 635 21.08 99.83 91.99
C LEU B 635 20.78 99.68 93.47
N ALA B 636 19.89 100.52 93.97
CA ALA B 636 19.51 100.44 95.38
C ALA B 636 18.98 99.06 95.72
N LEU B 637 18.14 98.47 94.86
CA LEU B 637 17.55 97.17 95.18
C LEU B 637 18.62 96.11 95.25
N ALA B 638 19.59 96.16 94.36
CA ALA B 638 20.70 95.22 94.40
C ALA B 638 21.53 95.36 95.67
N ARG B 639 21.82 96.60 96.07
CA ARG B 639 22.54 96.79 97.32
C ARG B 639 21.75 96.23 98.48
N ASN B 640 20.43 96.41 98.44
CA ASN B 640 19.56 95.91 99.49
C ASN B 640 19.65 94.42 99.54
N LEU B 641 19.60 93.76 98.39
CA LEU B 641 19.72 92.31 98.33
C LEU B 641 21.03 91.87 98.96
N ALA B 642 22.12 92.54 98.60
CA ALA B 642 23.40 92.21 99.21
C ALA B 642 23.34 92.31 100.73
N ARG B 643 22.82 93.41 101.26
CA ARG B 643 22.78 93.58 102.72
C ARG B 643 21.83 92.60 103.39
N ALA B 644 20.80 92.16 102.70
CA ALA B 644 19.86 91.18 103.23
C ALA B 644 20.56 89.86 103.34
N ILE B 645 21.33 89.49 102.32
CA ILE B 645 22.12 88.27 102.45
C ILE B 645 23.08 88.44 103.62
N VAL B 646 23.64 89.64 103.78
CA VAL B 646 24.53 89.92 104.91
C VAL B 646 23.84 89.58 106.22
N THR B 647 22.65 90.12 106.44
CA THR B 647 21.93 89.89 107.69
C THR B 647 21.51 88.44 107.87
N GLU B 648 21.21 87.74 106.77
CA GLU B 648 20.76 86.34 106.87
C GLU B 648 21.92 85.38 107.09
N ASP C 3 -51.68 124.90 128.71
CA ASP C 3 -52.30 125.95 129.50
C ASP C 3 -51.42 127.18 129.55
N LYS C 4 -50.12 126.99 129.73
CA LYS C 4 -49.18 128.11 129.76
C LYS C 4 -49.07 128.81 128.41
N PHE C 5 -49.17 128.06 127.32
CA PHE C 5 -48.97 128.64 125.98
C PHE C 5 -50.23 129.20 125.32
N ALA C 6 -50.06 130.31 124.59
CA ALA C 6 -51.18 130.90 123.87
C ALA C 6 -50.96 130.70 122.39
N ALA C 7 -51.86 129.97 121.73
CA ALA C 7 -51.69 129.67 120.30
C ALA C 7 -52.30 130.71 119.39
N LYS C 8 -51.46 131.32 118.56
CA LYS C 8 -51.96 132.29 117.59
C LYS C 8 -51.61 131.80 116.20
N PHE C 9 -52.62 131.53 115.39
CA PHE C 9 -52.36 130.99 114.06
C PHE C 9 -52.24 132.08 113.00
N VAL C 10 -51.16 132.05 112.22
CA VAL C 10 -51.00 132.99 111.12
C VAL C 10 -50.72 132.21 109.86
N SER C 11 -51.15 132.68 108.70
CA SER C 11 -51.01 131.88 107.47
C SER C 11 -49.62 131.82 106.83
N HIS C 12 -48.56 131.99 107.62
CA HIS C 12 -47.21 131.89 107.12
C HIS C 12 -46.39 131.03 108.07
N LYS C 13 -45.76 129.98 107.56
CA LYS C 13 -44.92 129.13 108.41
C LYS C 13 -43.85 129.97 109.06
N ILE C 14 -43.70 129.85 110.38
CA ILE C 14 -42.73 130.70 111.08
C ILE C 14 -41.38 130.03 111.23
N SER C 15 -40.36 130.60 110.60
CA SER C 15 -39.01 130.04 110.68
C SER C 15 -38.25 130.53 111.90
N ARG C 16 -38.26 131.83 112.17
CA ARG C 16 -37.49 132.38 113.29
C ARG C 16 -38.32 133.19 114.26
N THR C 17 -38.11 132.99 115.56
CA THR C 17 -38.83 133.76 116.58
C THR C 17 -37.84 134.39 117.53
N ARG C 18 -37.84 135.71 117.64
CA ARG C 18 -36.86 136.41 118.49
C ARG C 18 -37.47 137.50 119.37
N TRP C 19 -37.22 137.45 120.67
CA TRP C 19 -37.69 138.50 121.58
C TRP C 19 -36.88 139.77 121.40
N ARG C 20 -37.47 140.90 121.78
CA ARG C 20 -36.74 142.17 121.69
C ARG C 20 -35.95 142.39 122.96
N PRO C 21 -34.65 142.67 122.82
CA PRO C 21 -33.79 142.90 123.99
C PRO C 21 -34.32 144.03 124.86
N VAL C 22 -34.38 143.81 126.16
CA VAL C 22 -34.84 144.85 127.09
C VAL C 22 -33.66 145.26 127.97
N LEU C 27 -36.19 146.96 132.91
CA LEU C 27 -36.96 146.62 134.11
C LEU C 27 -38.27 145.93 133.77
N GLN C 28 -38.91 146.36 132.68
CA GLN C 28 -40.17 145.77 132.26
C GLN C 28 -40.00 144.39 131.64
N GLN C 29 -40.96 143.51 131.85
CA GLN C 29 -40.90 142.17 131.28
C GLN C 29 -40.98 142.21 129.76
N PRO C 30 -40.20 141.35 129.07
CA PRO C 30 -40.21 141.31 127.61
C PRO C 30 -41.62 141.22 127.06
N ASP C 31 -41.97 142.13 126.16
CA ASP C 31 -43.32 142.16 125.61
C ASP C 31 -43.38 142.17 124.08
N VAL C 32 -42.27 142.51 123.44
CA VAL C 32 -42.26 142.59 121.98
C VAL C 32 -41.39 141.51 121.38
N PHE C 33 -41.94 140.76 120.42
CA PHE C 33 -41.14 139.75 119.73
C PHE C 33 -41.34 139.86 118.23
N ALA C 34 -40.41 139.34 117.46
CA ALA C 34 -40.50 139.41 116.02
C ALA C 34 -40.48 138.02 115.39
N THR C 35 -41.20 137.85 114.28
CA THR C 35 -41.20 136.56 113.60
C THR C 35 -40.84 136.69 112.13
N GLY C 36 -40.16 135.68 111.60
CA GLY C 36 -39.83 135.68 110.18
C GLY C 36 -40.46 134.47 109.53
N SER C 37 -41.02 134.62 108.33
CA SER C 37 -41.73 133.51 107.69
C SER C 37 -40.99 132.86 106.54
N TRP C 38 -41.27 131.59 106.27
CA TRP C 38 -40.57 130.86 105.21
C TRP C 38 -41.50 129.96 104.39
N ASP C 39 -40.98 129.34 103.34
CA ASP C 39 -41.77 128.42 102.50
C ASP C 39 -43.04 129.02 101.91
N ASN C 40 -43.01 130.30 101.54
CA ASN C 40 -44.16 130.94 100.92
C ASN C 40 -43.71 131.80 99.76
N GLU C 41 -44.64 132.15 98.88
CA GLU C 41 -44.31 133.01 97.74
C GLU C 41 -43.86 134.39 98.20
N GLU C 42 -44.58 134.96 99.16
CA GLU C 42 -44.21 136.27 99.67
C GLU C 42 -43.92 136.17 101.16
N ASN C 43 -42.68 135.86 101.49
CA ASN C 43 -42.29 135.73 102.89
C ASN C 43 -42.17 137.11 103.53
N LYS C 44 -42.27 137.17 104.85
CA LYS C 44 -42.28 138.47 105.52
C LYS C 44 -41.75 138.46 106.94
N VAL C 45 -41.24 139.59 107.40
CA VAL C 45 -40.77 139.71 108.77
C VAL C 45 -41.76 140.57 109.52
N CYS C 46 -42.38 140.03 110.57
CA CYS C 46 -43.40 140.77 111.30
C CYS C 46 -43.03 141.04 112.74
N VAL C 47 -43.32 142.24 113.24
CA VAL C 47 -43.05 142.56 114.64
C VAL C 47 -44.35 142.43 115.41
N TRP C 48 -44.32 141.78 116.57
CA TRP C 48 -45.53 141.54 117.34
C TRP C 48 -45.49 142.12 118.74
N ALA C 49 -46.64 142.24 119.39
CA ALA C 49 -46.67 142.71 120.78
C ALA C 49 -47.59 141.81 121.59
N THR C 50 -47.08 141.22 122.66
CA THR C 50 -47.88 140.33 123.49
C THR C 50 -49.07 141.06 124.12
N GLU C 61 -55.46 136.95 134.38
CA GLU C 61 -54.77 135.85 133.70
C GLU C 61 -54.43 136.25 132.27
N PRO C 66 -51.20 137.20 120.99
CA PRO C 66 -50.35 138.33 120.59
C PRO C 66 -50.91 139.10 119.41
N LYS C 67 -50.56 140.39 119.29
CA LYS C 67 -51.07 141.21 118.21
C LYS C 67 -49.96 141.79 117.37
N GLN C 68 -50.00 141.57 116.07
CA GLN C 68 -48.97 142.09 115.17
C GLN C 68 -49.02 143.60 115.08
N LEU C 69 -47.87 144.24 115.19
CA LEU C 69 -47.80 145.70 115.08
C LEU C 69 -47.46 146.14 113.67
N CYS C 70 -46.42 145.55 113.10
CA CYS C 70 -46.00 145.92 111.75
C CYS C 70 -45.42 144.75 110.98
N ASP C 71 -45.31 144.90 109.66
CA ASP C 71 -44.74 143.85 108.83
C ASP C 71 -44.06 144.42 107.60
N ILE C 72 -43.09 143.70 107.07
CA ILE C 72 -42.42 144.13 105.84
C ILE C 72 -42.13 142.91 104.97
N LYS C 73 -42.37 143.04 103.67
CA LYS C 73 -42.15 141.91 102.78
C LYS C 73 -40.67 141.61 102.64
N HIS C 74 -40.29 140.39 102.98
CA HIS C 74 -38.89 140.01 102.93
C HIS C 74 -38.58 139.37 101.58
N PRO C 75 -37.56 139.89 100.89
CA PRO C 75 -37.16 139.26 99.63
C PRO C 75 -36.65 137.85 99.87
N GLY C 76 -37.37 136.84 99.39
CA GLY C 76 -36.98 135.47 99.63
C GLY C 76 -37.33 135.00 101.02
N ASP C 77 -36.79 133.85 101.42
CA ASP C 77 -37.06 133.31 102.75
C ASP C 77 -36.12 133.88 103.77
N VAL C 78 -36.62 134.24 104.95
CA VAL C 78 -35.71 134.69 106.01
C VAL C 78 -35.20 133.44 106.72
N MET C 79 -33.97 133.05 106.41
CA MET C 79 -33.41 131.85 107.00
C MET C 79 -33.12 132.03 108.48
N ASP C 80 -32.30 133.02 108.82
CA ASP C 80 -32.02 133.29 110.22
C ASP C 80 -32.21 134.76 110.56
N MET C 81 -32.91 135.03 111.64
CA MET C 81 -33.16 136.41 112.06
C MET C 81 -32.61 136.66 113.45
N GLN C 82 -31.87 137.74 113.62
CA GLN C 82 -31.31 138.08 114.92
C GLN C 82 -31.44 139.55 115.23
N PHE C 83 -31.83 139.88 116.45
CA PHE C 83 -31.94 141.27 116.86
C PHE C 83 -30.58 141.91 117.12
N LEU C 84 -30.32 143.06 116.53
CA LEU C 84 -29.07 143.76 116.81
C LEU C 84 -29.26 144.61 118.05
N ASP C 85 -30.31 145.42 118.08
CA ASP C 85 -30.62 146.24 119.25
C ASP C 85 -32.13 146.33 119.41
N LYS C 86 -32.60 147.25 120.25
CA LYS C 86 -34.03 147.42 120.47
C LYS C 86 -34.76 147.80 119.17
N GLU C 87 -34.14 148.63 118.36
CA GLU C 87 -34.77 149.07 117.13
C GLU C 87 -34.42 148.22 115.92
N ARG C 88 -33.14 148.05 115.63
CA ARG C 88 -32.75 147.34 114.42
C ARG C 88 -32.74 145.82 114.51
N ILE C 89 -33.31 145.16 113.49
CA ILE C 89 -33.33 143.70 113.44
C ILE C 89 -32.65 143.24 112.17
N VAL C 90 -31.73 142.30 112.29
CA VAL C 90 -30.97 141.83 111.14
C VAL C 90 -31.48 140.49 110.65
N THR C 91 -31.68 140.36 109.33
CA THR C 91 -32.18 139.11 108.76
C THR C 91 -31.22 138.53 107.75
N GLY C 92 -31.39 137.25 107.42
CA GLY C 92 -30.55 136.61 106.43
C GLY C 92 -31.41 135.99 105.36
N SER C 93 -31.39 136.56 104.16
CA SER C 93 -32.26 136.07 103.08
C SER C 93 -31.81 134.78 102.45
N SER C 94 -32.68 134.17 101.67
CA SER C 94 -32.32 132.95 100.95
C SER C 94 -31.57 133.31 99.68
N THR C 95 -31.40 134.61 99.44
CA THR C 95 -30.66 135.07 98.28
C THR C 95 -29.31 135.58 98.74
N GLY C 96 -28.84 135.13 99.91
CA GLY C 96 -27.56 135.58 100.43
C GLY C 96 -27.53 137.08 100.61
N THR C 97 -28.62 137.66 101.10
CA THR C 97 -28.69 139.11 101.26
C THR C 97 -28.93 139.47 102.72
N VAL C 98 -27.90 139.96 103.39
CA VAL C 98 -28.05 140.36 104.79
C VAL C 98 -28.72 141.72 104.83
N THR C 99 -29.87 141.81 105.48
CA THR C 99 -30.63 143.07 105.49
C THR C 99 -30.94 143.56 106.89
N ILE C 100 -30.71 144.84 107.16
CA ILE C 100 -31.01 145.41 108.46
C ILE C 100 -32.31 146.21 108.40
N PHE C 101 -33.23 145.95 109.32
CA PHE C 101 -34.50 146.66 109.35
C PHE C 101 -34.64 147.49 110.61
N ARG C 102 -34.96 148.76 110.47
CA ARG C 102 -35.17 149.61 111.64
C ARG C 102 -36.64 149.70 111.97
N HIS C 103 -36.98 149.48 113.24
CA HIS C 103 -38.38 149.53 113.66
C HIS C 103 -38.71 150.87 114.28
N HIS C 104 -39.67 151.56 113.67
CA HIS C 104 -40.10 152.84 114.22
C HIS C 104 -41.29 152.56 115.12
N GLU C 105 -41.07 152.56 116.43
CA GLU C 105 -42.15 152.23 117.37
C GLU C 105 -43.28 153.23 117.34
N ASN C 106 -42.96 154.51 117.22
CA ASN C 106 -43.98 155.55 117.22
C ASN C 106 -45.01 155.34 116.11
N ASN C 107 -44.53 155.06 114.90
CA ASN C 107 -45.43 154.87 113.76
C ASN C 107 -45.73 153.41 113.49
N GLN C 108 -45.18 152.50 114.31
CA GLN C 108 -45.35 151.06 114.10
C GLN C 108 -45.05 150.70 112.65
N THR C 109 -43.85 151.03 112.18
CA THR C 109 -43.47 150.76 110.79
C THR C 109 -42.10 150.11 110.69
N LEU C 110 -41.87 149.39 109.60
CA LEU C 110 -40.56 148.76 109.39
C LEU C 110 -39.91 149.31 108.13
N SER C 111 -38.63 149.67 108.23
CA SER C 111 -37.94 150.25 107.08
C SER C 111 -36.57 149.64 106.87
N VAL C 112 -36.21 149.39 105.61
CA VAL C 112 -34.87 148.86 105.32
C VAL C 112 -33.83 149.93 105.59
N ASN C 113 -32.84 149.61 106.42
CA ASN C 113 -31.79 150.55 106.74
C ASN C 113 -30.58 150.30 105.87
N GLN C 114 -30.14 149.05 105.79
CA GLN C 114 -28.95 148.73 105.01
C GLN C 114 -29.06 147.33 104.45
N ARG C 115 -28.50 147.11 103.26
CA ARG C 115 -28.55 145.78 102.65
C ARG C 115 -27.24 145.38 102.00
N TRP C 116 -27.01 144.07 101.89
CA TRP C 116 -25.82 143.58 101.22
C TRP C 116 -26.30 142.55 100.24
N GLU C 117 -26.66 142.97 99.03
CA GLU C 117 -27.24 142.05 98.04
C GLU C 117 -26.37 140.84 97.72
N GLN C 118 -25.08 141.06 97.51
CA GLN C 118 -24.18 139.95 97.24
C GLN C 118 -23.26 139.68 98.41
N ALA C 119 -23.85 139.44 99.58
CA ALA C 119 -23.04 139.08 100.73
C ALA C 119 -22.62 137.64 100.58
N HIS C 120 -23.56 136.79 100.19
CA HIS C 120 -23.24 135.39 100.00
C HIS C 120 -23.55 134.94 98.58
N TYR C 121 -22.51 134.72 97.79
CA TYR C 121 -22.71 134.21 96.44
C TYR C 121 -21.71 133.10 96.13
N HIS C 122 -22.12 132.14 95.30
CA HIS C 122 -21.22 131.06 94.91
C HIS C 122 -19.97 131.63 94.28
N VAL C 123 -18.81 131.15 94.71
CA VAL C 123 -17.56 131.61 94.13
C VAL C 123 -17.45 131.03 92.73
N GLY C 124 -16.96 131.82 91.77
CA GLY C 124 -16.88 131.37 90.40
C GLY C 124 -18.25 131.36 89.79
N SER C 125 -19.17 132.14 90.35
CA SER C 125 -20.55 132.18 89.86
C SER C 125 -21.21 133.50 90.23
N ASN C 126 -22.25 133.86 89.50
CA ASN C 126 -23.00 135.07 89.82
C ASN C 126 -24.20 134.73 90.69
N MET C 127 -24.59 133.45 90.70
CA MET C 127 -25.72 132.99 91.52
C MET C 127 -25.44 133.17 92.99
N ARG C 128 -26.49 133.26 93.79
CA ARG C 128 -26.32 133.51 95.22
C ARG C 128 -26.67 132.31 96.11
N ALA C 129 -25.83 132.06 97.11
CA ALA C 129 -26.09 130.95 98.02
C ALA C 129 -26.76 131.47 99.27
N PRO C 130 -27.81 130.78 99.73
CA PRO C 130 -28.57 131.25 100.89
C PRO C 130 -27.74 131.54 102.15
N CYS C 131 -28.03 132.65 102.83
CA CYS C 131 -27.34 132.96 104.07
C CYS C 131 -28.00 132.19 105.17
N THR C 132 -27.40 131.08 105.58
CA THR C 132 -28.02 130.21 106.58
C THR C 132 -28.14 130.76 108.00
N ALA C 133 -27.05 131.31 108.55
CA ALA C 133 -27.09 131.76 109.95
C ALA C 133 -26.33 133.05 110.22
N ILE C 134 -26.81 133.83 111.18
CA ILE C 134 -26.16 135.08 111.55
C ILE C 134 -26.05 135.25 113.06
N VAL C 135 -25.05 135.98 113.51
CA VAL C 135 -24.94 136.28 114.95
C VAL C 135 -24.65 137.76 115.09
N CYS C 136 -25.34 138.44 116.00
CA CYS C 136 -25.18 139.89 116.12
C CYS C 136 -24.75 140.37 117.49
N SER C 137 -23.63 141.08 117.55
CA SER C 137 -23.17 141.65 118.81
C SER C 137 -22.85 143.10 118.50
N SER C 138 -23.72 144.02 118.89
CA SER C 138 -23.55 145.43 118.54
C SER C 138 -22.11 145.95 118.61
N PRO C 139 -21.64 146.56 117.51
CA PRO C 139 -22.36 146.70 116.23
C PRO C 139 -21.88 145.71 115.17
N GLU C 140 -21.18 144.65 115.56
CA GLU C 140 -20.64 143.70 114.59
C GLU C 140 -21.63 142.60 114.24
N ILE C 141 -21.75 142.29 112.96
CA ILE C 141 -22.68 141.26 112.51
C ILE C 141 -21.93 140.25 111.66
N VAL C 142 -21.81 139.02 112.15
CA VAL C 142 -21.10 137.99 111.41
C VAL C 142 -22.07 136.99 110.80
N SER C 143 -21.94 136.75 109.50
CA SER C 143 -22.85 135.84 108.81
C SER C 143 -22.13 134.69 108.12
N VAL C 144 -22.58 133.46 108.36
CA VAL C 144 -22.00 132.32 107.65
C VAL C 144 -23.02 131.76 106.68
N GLY C 145 -22.55 131.09 105.62
CA GLY C 145 -23.49 130.63 104.61
C GLY C 145 -23.14 129.37 103.85
N GLU C 146 -23.99 129.01 102.90
CA GLU C 146 -23.77 127.80 102.12
C GLU C 146 -22.51 127.84 101.28
N ASP C 147 -22.18 129.00 100.72
CA ASP C 147 -21.00 129.13 99.87
C ASP C 147 -19.69 128.89 100.61
N GLY C 148 -19.73 128.86 101.94
CA GLY C 148 -18.55 128.62 102.73
C GLY C 148 -17.76 129.86 102.99
N ARG C 149 -18.44 130.91 103.44
CA ARG C 149 -17.77 132.18 103.71
C ARG C 149 -18.13 132.74 105.06
N ILE C 150 -17.23 133.52 105.64
CA ILE C 150 -17.53 134.18 106.89
C ILE C 150 -17.44 135.66 106.61
N ASN C 151 -18.59 136.32 106.55
CA ASN C 151 -18.59 137.75 106.22
C ASN C 151 -18.92 138.58 107.45
N CYS C 152 -18.01 139.47 107.82
CA CYS C 152 -18.22 140.32 108.98
C CYS C 152 -18.65 141.71 108.56
N PHE C 153 -19.72 142.21 109.15
CA PHE C 153 -20.22 143.52 108.81
C PHE C 153 -20.33 144.41 110.01
N ARG C 154 -20.46 145.72 109.79
CA ARG C 154 -20.71 146.64 110.88
C ARG C 154 -21.99 147.34 110.48
N ALA C 155 -22.88 147.56 111.44
CA ALA C 155 -24.17 148.16 111.12
C ALA C 155 -24.02 149.46 110.34
N GLU C 156 -23.00 150.25 110.67
CA GLU C 156 -22.81 151.53 110.00
C GLU C 156 -21.99 151.43 108.72
N SER C 157 -21.09 150.46 108.63
CA SER C 157 -20.22 150.34 107.46
C SER C 157 -20.90 149.70 106.27
N ARG C 158 -21.00 150.44 105.17
CA ARG C 158 -21.64 149.92 103.95
C ARG C 158 -20.86 148.79 103.30
N ASP C 159 -19.55 148.78 103.48
CA ASP C 159 -18.72 147.72 102.91
C ASP C 159 -18.46 146.59 103.91
N VAL C 160 -18.21 145.39 103.40
CA VAL C 160 -17.92 144.26 104.26
C VAL C 160 -16.58 144.44 104.93
N LEU C 161 -16.55 144.40 106.25
CA LEU C 161 -15.30 144.61 106.98
C LEU C 161 -14.27 143.52 106.70
N ARG C 162 -14.68 142.26 106.80
CA ARG C 162 -13.77 141.16 106.50
C ARG C 162 -14.49 139.95 105.90
N THR C 163 -13.92 139.40 104.83
CA THR C 163 -14.51 138.23 104.20
C THR C 163 -13.53 137.07 104.21
N ILE C 164 -13.88 135.99 104.92
CA ILE C 164 -13.04 134.82 104.94
C ILE C 164 -13.52 133.89 103.83
N ASP C 165 -12.90 133.99 102.67
CA ASP C 165 -13.30 133.16 101.53
C ASP C 165 -12.89 131.71 101.72
N ASP C 166 -13.71 130.78 101.21
CA ASP C 166 -13.41 129.35 101.30
C ASP C 166 -13.09 128.91 102.72
N ALA C 167 -13.87 129.39 103.68
CA ALA C 167 -13.68 128.96 105.06
C ALA C 167 -14.14 127.52 105.23
N ASP C 168 -15.18 127.14 104.49
CA ASP C 168 -15.71 125.79 104.60
C ASP C 168 -16.26 125.29 103.27
N SER C 169 -15.76 124.15 102.80
CA SER C 169 -16.28 123.56 101.58
C SER C 169 -17.72 123.13 101.81
N SER C 170 -18.00 122.59 102.99
CA SER C 170 -19.36 122.16 103.33
C SER C 170 -20.22 123.36 103.73
N THR C 171 -21.52 123.16 103.75
CA THR C 171 -22.44 124.24 104.08
C THR C 171 -22.51 124.51 105.57
N MET C 172 -22.13 125.71 106.00
CA MET C 172 -22.24 126.06 107.40
C MET C 172 -23.69 126.33 107.76
N HIS C 173 -24.11 125.89 108.94
CA HIS C 173 -25.52 126.04 109.32
C HIS C 173 -25.77 126.92 110.54
N GLY C 174 -24.73 127.22 111.32
CA GLY C 174 -24.91 128.01 112.52
C GLY C 174 -23.68 128.78 112.95
N VAL C 175 -23.87 129.87 113.69
CA VAL C 175 -22.75 130.69 114.17
C VAL C 175 -23.07 131.38 115.49
N THR C 176 -22.09 131.46 116.40
CA THR C 176 -22.28 132.15 117.67
C THR C 176 -20.99 132.89 118.07
N PHE C 177 -21.11 133.87 118.96
CA PHE C 177 -19.94 134.62 119.39
C PHE C 177 -19.33 134.03 120.66
N LEU C 178 -18.23 133.30 120.53
CA LEU C 178 -17.55 132.75 121.71
C LEU C 178 -17.05 133.89 122.57
N ARG C 179 -16.33 134.82 121.98
CA ARG C 179 -15.86 135.98 122.71
C ARG C 179 -16.12 137.22 121.86
N THR C 180 -15.51 138.33 122.22
CA THR C 180 -15.68 139.55 121.42
C THR C 180 -15.09 139.39 120.01
N THR C 181 -13.99 138.65 119.88
CA THR C 181 -13.34 138.51 118.58
C THR C 181 -13.25 137.06 118.10
N GLU C 182 -14.04 136.16 118.68
CA GLU C 182 -14.00 134.76 118.28
C GLU C 182 -15.38 134.18 118.01
N ILE C 183 -15.49 133.36 116.97
CA ILE C 183 -16.78 132.76 116.61
C ILE C 183 -16.71 131.26 116.43
N LEU C 184 -17.85 130.60 116.56
CA LEU C 184 -17.90 129.15 116.35
C LEU C 184 -18.88 128.80 115.26
N THR C 185 -18.41 128.10 114.24
CA THR C 185 -19.28 127.72 113.12
C THR C 185 -19.46 126.21 113.01
N VAL C 186 -20.71 125.78 112.87
CA VAL C 186 -20.99 124.36 112.70
C VAL C 186 -21.28 124.06 111.23
N ASN C 187 -20.73 122.98 110.70
CA ASN C 187 -20.90 122.70 109.27
C ASN C 187 -21.76 121.48 108.97
N SER C 188 -21.67 120.98 107.75
CA SER C 188 -22.51 119.84 107.34
C SER C 188 -21.83 118.49 107.53
N VAL C 189 -20.59 118.48 107.99
CA VAL C 189 -19.90 117.22 108.26
C VAL C 189 -19.66 117.04 109.76
N GLY C 190 -20.44 117.76 110.57
CA GLY C 190 -20.32 117.63 112.01
C GLY C 190 -19.02 118.14 112.60
N GLN C 191 -18.61 119.34 112.23
CA GLN C 191 -17.38 119.91 112.75
C GLN C 191 -17.57 121.30 113.33
N LEU C 192 -17.30 121.47 114.62
CA LEU C 192 -17.40 122.77 115.25
C LEU C 192 -16.06 123.46 115.12
N LYS C 193 -16.01 124.57 114.39
CA LYS C 193 -14.72 125.21 114.14
C LYS C 193 -14.61 126.56 114.84
N LEU C 194 -13.46 126.81 115.46
CA LEU C 194 -13.23 128.09 116.13
C LEU C 194 -12.47 129.01 115.20
N TRP C 195 -12.93 130.25 115.07
CA TRP C 195 -12.27 131.19 114.18
C TRP C 195 -11.89 132.46 114.91
N ASP C 196 -10.76 133.04 114.57
CA ASP C 196 -10.36 134.31 115.17
C ASP C 196 -10.52 135.41 114.14
N LEU C 197 -11.36 136.38 114.46
CA LEU C 197 -11.61 137.48 113.52
C LEU C 197 -10.38 138.36 113.32
N ARG C 198 -9.57 138.52 114.36
CA ARG C 198 -8.33 139.28 114.24
C ARG C 198 -7.31 138.58 113.35
N LYS C 199 -7.18 137.26 113.49
CA LYS C 199 -6.21 136.49 112.72
C LYS C 199 -6.39 136.74 111.24
N GLN C 200 -5.32 137.13 110.55
CA GLN C 200 -5.42 137.43 109.11
C GLN C 200 -5.63 136.20 108.25
N GLY C 201 -5.12 135.06 108.68
CA GLY C 201 -5.27 133.83 107.91
C GLY C 201 -6.68 133.30 107.83
N ASN C 202 -6.96 132.50 106.82
CA ASN C 202 -8.30 131.93 106.65
C ASN C 202 -8.41 130.50 107.19
N ASP C 203 -7.56 130.16 108.16
CA ASP C 203 -7.58 128.81 108.73
C ASP C 203 -8.24 128.79 110.10
N PRO C 204 -9.03 127.72 110.40
CA PRO C 204 -9.61 127.79 111.75
C PRO C 204 -8.58 127.51 112.84
N THR C 205 -8.75 128.16 113.99
CA THR C 205 -7.83 127.95 115.09
C THR C 205 -7.98 126.52 115.62
N GLN C 206 -9.22 126.09 115.88
CA GLN C 206 -9.46 124.75 116.42
C GLN C 206 -10.64 124.08 115.74
N ILE C 207 -10.56 122.77 115.53
CA ILE C 207 -11.66 122.01 114.94
C ILE C 207 -12.12 120.91 115.87
N PHE C 208 -13.41 120.87 116.18
CA PHE C 208 -13.94 119.87 117.09
C PHE C 208 -14.96 118.97 116.40
N SER C 209 -14.69 117.67 116.35
CA SER C 209 -15.60 116.75 115.68
C SER C 209 -15.81 115.46 116.45
N VAL C 210 -16.99 114.87 116.32
CA VAL C 210 -17.25 113.59 116.97
C VAL C 210 -16.59 112.50 116.14
N THR C 211 -15.78 111.66 116.77
CA THR C 211 -15.05 110.63 116.04
C THR C 211 -15.96 109.71 115.23
N GLY C 212 -15.75 109.66 113.92
CA GLY C 212 -16.55 108.79 113.07
C GLY C 212 -17.81 109.41 112.52
N GLU C 213 -18.71 109.83 113.41
CA GLU C 213 -19.99 110.40 112.98
C GLU C 213 -19.81 111.72 112.26
N ARG C 214 -20.43 111.84 111.08
CA ARG C 214 -20.35 113.08 110.34
C ARG C 214 -21.71 113.75 110.26
N VAL C 215 -22.58 113.47 111.22
CA VAL C 215 -23.92 114.06 111.21
C VAL C 215 -23.87 115.58 111.20
N PRO C 216 -24.52 116.20 110.22
CA PRO C 216 -24.50 117.66 110.11
C PRO C 216 -24.97 118.37 111.36
N LEU C 217 -24.14 119.24 111.92
CA LEU C 217 -24.56 120.01 113.07
C LEU C 217 -25.36 121.21 112.58
N HIS C 218 -26.58 121.38 113.10
CA HIS C 218 -27.45 122.45 112.64
C HIS C 218 -27.39 123.73 113.45
N CYS C 219 -27.15 123.63 114.76
CA CYS C 219 -27.16 124.83 115.61
C CYS C 219 -26.00 124.93 116.57
N VAL C 220 -25.82 126.09 117.18
CA VAL C 220 -24.74 126.29 118.15
C VAL C 220 -25.06 127.45 119.11
N ASP C 221 -24.77 127.26 120.39
CA ASP C 221 -25.02 128.32 121.38
C ASP C 221 -24.01 128.27 122.51
N ARG C 222 -23.60 129.44 122.99
CA ARG C 222 -22.61 129.50 124.05
C ARG C 222 -23.20 129.81 125.41
N HIS C 223 -22.72 129.15 126.45
CA HIS C 223 -23.16 129.43 127.81
C HIS C 223 -22.89 130.89 128.11
N PRO C 224 -23.91 131.63 128.56
CA PRO C 224 -23.70 133.08 128.75
C PRO C 224 -22.57 133.39 129.73
N ASN C 225 -22.56 132.77 130.90
CA ASN C 225 -21.55 133.06 131.92
C ASN C 225 -20.18 132.45 131.60
N GLN C 226 -20.16 131.19 131.21
CA GLN C 226 -18.90 130.50 130.94
C GLN C 226 -18.64 130.47 129.45
N GLN C 227 -17.55 131.09 129.01
CA GLN C 227 -17.24 131.17 127.58
C GLN C 227 -16.54 129.94 127.03
N HIS C 228 -16.60 128.82 127.74
CA HIS C 228 -16.00 127.58 127.27
C HIS C 228 -17.01 126.46 127.07
N VAL C 229 -18.20 126.61 127.64
CA VAL C 229 -19.24 125.60 127.48
C VAL C 229 -20.08 125.93 126.27
N VAL C 230 -20.09 125.04 125.27
CA VAL C 230 -20.83 125.29 124.05
C VAL C 230 -21.81 124.16 123.78
N ALA C 231 -23.04 124.50 123.39
CA ALA C 231 -24.04 123.49 123.09
C ALA C 231 -24.37 123.47 121.61
N THR C 232 -24.29 122.29 120.98
CA THR C 232 -24.64 122.17 119.57
C THR C 232 -25.67 121.07 119.37
N GLY C 233 -26.40 121.12 118.26
CA GLY C 233 -27.38 120.10 117.97
C GLY C 233 -27.25 119.64 116.54
N GLY C 234 -27.37 118.34 116.30
CA GLY C 234 -27.20 117.81 114.96
C GLY C 234 -28.45 117.27 114.32
N GLN C 235 -28.32 116.69 113.14
CA GLN C 235 -29.46 116.09 112.46
C GLN C 235 -29.92 114.84 113.18
N ASP C 236 -29.03 114.21 113.94
CA ASP C 236 -29.38 113.02 114.70
C ASP C 236 -30.35 113.32 115.85
N GLY C 237 -30.47 114.59 116.22
CA GLY C 237 -31.35 114.95 117.33
C GLY C 237 -30.65 114.76 118.66
N MET C 238 -29.36 115.07 118.70
CA MET C 238 -28.59 114.87 119.92
C MET C 238 -27.99 116.16 120.44
N LEU C 239 -28.20 116.44 121.72
CA LEU C 239 -27.60 117.63 122.32
C LEU C 239 -26.18 117.31 122.75
N CYS C 240 -25.22 118.05 122.22
CA CYS C 240 -23.83 117.80 122.56
C CYS C 240 -23.25 118.97 123.35
N ILE C 241 -22.77 118.70 124.57
CA ILE C 241 -22.16 119.74 125.38
C ILE C 241 -20.66 119.67 125.21
N TRP C 242 -20.03 120.80 124.89
CA TRP C 242 -18.59 120.77 124.62
C TRP C 242 -17.77 121.59 125.58
N ASP C 243 -16.46 121.58 125.40
CA ASP C 243 -15.58 122.39 126.21
C ASP C 243 -14.46 122.77 125.25
N VAL C 244 -14.39 124.04 124.87
CA VAL C 244 -13.40 124.45 123.87
C VAL C 244 -11.96 124.29 124.36
N ARG C 245 -11.76 124.25 125.67
CA ARG C 245 -10.42 124.09 126.23
C ARG C 245 -10.01 122.64 126.39
N HIS C 246 -10.97 121.73 126.45
CA HIS C 246 -10.63 120.33 126.72
C HIS C 246 -10.92 119.36 125.57
N GLY C 247 -9.90 119.07 124.77
CA GLY C 247 -10.06 118.09 123.70
C GLY C 247 -10.90 118.45 122.49
N LYS C 248 -11.00 117.51 121.55
CA LYS C 248 -11.83 117.74 120.36
C LYS C 248 -13.09 116.88 120.41
N MET C 249 -13.39 116.32 121.57
CA MET C 249 -14.57 115.48 121.72
C MET C 249 -15.57 116.10 122.70
N PRO C 250 -16.88 115.91 122.44
CA PRO C 250 -17.90 116.49 123.30
C PRO C 250 -17.89 115.92 124.71
N MET C 251 -18.00 116.79 125.71
CA MET C 251 -18.02 116.34 127.09
C MET C 251 -19.24 115.49 127.41
N SER C 252 -20.41 115.93 126.95
CA SER C 252 -21.64 115.18 127.22
C SER C 252 -22.50 114.97 125.98
N LEU C 253 -22.69 113.73 125.57
CA LEU C 253 -23.56 113.43 124.43
C LEU C 253 -24.91 113.01 124.96
N LEU C 254 -25.91 113.89 124.85
CA LEU C 254 -27.25 113.59 125.36
C LEU C 254 -28.21 113.12 124.28
N ASN C 255 -29.12 112.20 124.62
CA ASN C 255 -30.04 111.63 123.64
C ASN C 255 -31.00 112.63 123.01
N ALA C 256 -31.60 113.50 123.82
CA ALA C 256 -32.52 114.53 123.31
C ALA C 256 -33.67 114.00 122.44
N HIS C 257 -33.84 114.53 121.24
CA HIS C 257 -34.97 114.15 120.40
C HIS C 257 -34.74 113.00 119.45
N GLU C 258 -35.71 112.77 118.57
CA GLU C 258 -35.59 111.72 117.58
C GLU C 258 -35.17 112.31 116.24
N ALA C 259 -35.83 113.39 115.83
CA ALA C 259 -35.52 114.03 114.54
C ALA C 259 -34.57 115.21 114.69
N GLU C 260 -34.24 115.87 113.59
CA GLU C 260 -33.26 116.97 113.62
C GLU C 260 -33.57 118.07 114.62
N MET C 261 -32.55 118.53 115.34
CA MET C 261 -32.73 119.60 116.30
C MET C 261 -32.37 120.92 115.66
N TRP C 262 -33.36 121.77 115.43
CA TRP C 262 -33.11 123.04 114.74
C TRP C 262 -32.36 124.08 115.56
N GLU C 263 -32.74 124.28 116.82
CA GLU C 263 -32.10 125.32 117.64
C GLU C 263 -31.83 124.92 119.08
N VAL C 264 -30.77 125.47 119.67
CA VAL C 264 -30.47 125.21 121.08
C VAL C 264 -30.22 126.56 121.77
N HIS C 265 -30.79 126.76 122.96
CA HIS C 265 -30.66 128.05 123.64
C HIS C 265 -30.46 127.96 125.13
N PHE C 266 -29.37 128.54 125.64
CA PHE C 266 -29.17 128.60 127.08
C PHE C 266 -30.00 129.74 127.61
N HIS C 267 -30.68 129.54 128.73
CA HIS C 267 -31.43 130.63 129.34
C HIS C 267 -30.44 131.71 129.74
N PRO C 268 -30.69 132.96 129.34
CA PRO C 268 -29.71 134.03 129.62
C PRO C 268 -29.42 134.32 131.10
N SER C 269 -30.45 134.58 131.90
CA SER C 269 -30.21 134.94 133.31
C SER C 269 -29.85 133.74 134.17
N ASN C 270 -30.61 132.65 134.06
CA ASN C 270 -30.29 131.44 134.81
C ASN C 270 -29.86 130.40 133.81
N PRO C 271 -28.55 130.24 133.63
CA PRO C 271 -28.05 129.31 132.60
C PRO C 271 -28.21 127.83 132.96
N ASP C 272 -28.79 127.52 134.12
CA ASP C 272 -29.03 126.14 134.48
C ASP C 272 -30.19 125.58 133.68
N HIS C 273 -30.82 126.41 132.87
CA HIS C 273 -31.92 125.97 132.03
C HIS C 273 -31.55 126.07 130.56
N LEU C 274 -31.93 125.09 129.76
CA LEU C 274 -31.62 125.08 128.35
C LEU C 274 -32.86 124.65 127.58
N PHE C 275 -33.06 125.18 126.37
CA PHE C 275 -34.27 124.88 125.63
C PHE C 275 -33.98 124.42 124.20
N THR C 276 -34.62 123.35 123.77
CA THR C 276 -34.37 122.81 122.42
C THR C 276 -35.63 122.59 121.61
N CYS C 277 -35.62 123.00 120.35
CA CYS C 277 -36.77 122.77 119.47
C CYS C 277 -36.40 121.80 118.37
N SER C 278 -37.33 120.96 117.95
CA SER C 278 -36.99 119.93 116.97
C SER C 278 -38.05 119.67 115.91
N GLU C 279 -37.66 119.01 114.83
CA GLU C 279 -38.59 118.72 113.75
C GLU C 279 -39.73 117.78 114.15
N ASP C 280 -39.49 116.92 115.15
CA ASP C 280 -40.54 116.02 115.62
C ASP C 280 -41.71 116.81 116.20
N GLY C 281 -41.45 118.02 116.66
CA GLY C 281 -42.51 118.85 117.22
C GLY C 281 -42.53 118.83 118.73
N SER C 282 -41.39 119.09 119.35
CA SER C 282 -41.31 119.11 120.80
C SER C 282 -40.37 120.16 121.32
N LEU C 283 -40.81 120.93 122.30
CA LEU C 283 -39.96 121.96 122.89
C LEU C 283 -39.55 121.45 124.24
N TRP C 284 -38.26 121.27 124.46
CA TRP C 284 -37.82 120.66 125.71
C TRP C 284 -37.14 121.62 126.69
N HIS C 285 -37.35 121.41 127.97
CA HIS C 285 -36.73 122.24 128.99
C HIS C 285 -35.77 121.39 129.79
N TRP C 286 -34.51 121.80 129.85
CA TRP C 286 -33.50 121.00 130.54
C TRP C 286 -33.04 121.66 131.83
N ASP C 287 -33.54 121.17 132.96
CA ASP C 287 -33.17 121.75 134.25
C ASP C 287 -31.97 121.04 134.86
N ALA C 288 -30.88 121.77 135.04
CA ALA C 288 -29.68 121.19 135.64
C ALA C 288 -29.60 121.50 137.13
N SER C 289 -30.47 122.39 137.59
CA SER C 289 -30.45 122.79 138.99
C SER C 289 -31.29 121.86 139.87
N LEU C 321 -17.01 126.66 140.70
CA LEU C 321 -18.35 126.60 140.12
C LEU C 321 -18.36 125.68 138.91
N ALA C 322 -18.42 124.37 139.16
CA ALA C 322 -18.45 123.40 138.08
C ALA C 322 -19.72 123.50 137.28
N CYS C 323 -19.61 123.54 135.96
CA CYS C 323 -20.79 123.59 135.12
C CYS C 323 -21.48 122.25 135.15
N ALA C 324 -22.76 122.24 135.52
CA ALA C 324 -23.52 120.99 135.60
C ALA C 324 -23.58 120.27 134.27
N TRP C 325 -23.62 121.03 133.19
CA TRP C 325 -23.66 120.45 131.85
C TRP C 325 -22.39 119.66 131.52
N LEU C 326 -21.25 120.13 132.00
CA LEU C 326 -19.97 119.46 131.73
C LEU C 326 -19.77 118.17 132.53
N SER C 327 -20.57 117.97 133.58
CA SER C 327 -20.40 116.79 134.42
C SER C 327 -20.49 115.50 133.62
N THR C 328 -19.44 114.68 133.71
CA THR C 328 -19.45 113.38 133.01
C THR C 328 -19.86 112.27 133.97
N ASP C 329 -20.16 112.61 135.22
CA ASP C 329 -20.59 111.61 136.19
C ASP C 329 -22.11 111.50 136.16
N PRO C 330 -22.62 110.32 135.79
CA PRO C 330 -24.08 110.12 135.70
C PRO C 330 -24.81 110.34 137.04
N THR C 331 -24.20 109.94 138.15
CA THR C 331 -24.83 110.06 139.46
C THR C 331 -25.03 111.52 139.89
N LYS C 332 -24.12 112.41 139.51
CA LYS C 332 -24.21 113.81 139.92
C LYS C 332 -24.72 114.73 138.81
N GLY C 333 -25.80 115.45 139.08
CA GLY C 333 -26.35 116.36 138.09
C GLY C 333 -27.48 115.74 137.29
N GLN C 334 -28.64 115.55 137.94
CA GLN C 334 -29.78 114.95 137.26
C GLN C 334 -30.51 115.98 136.42
N LEU C 335 -30.60 115.73 135.12
CA LEU C 335 -31.29 116.66 134.22
C LEU C 335 -32.78 116.34 134.16
N GLU C 336 -33.60 117.35 134.42
CA GLU C 336 -35.04 117.14 134.37
C GLU C 336 -35.57 117.67 133.05
N ILE C 337 -36.17 116.78 132.26
CA ILE C 337 -36.67 117.17 130.94
C ILE C 337 -38.19 117.34 130.92
N THR C 338 -38.65 118.46 130.38
CA THR C 338 -40.08 118.72 130.30
C THR C 338 -40.49 119.16 128.91
N ASN C 339 -41.43 118.44 128.28
CA ASN C 339 -41.92 118.86 126.97
C ASN C 339 -42.94 119.97 127.17
N LEU C 340 -42.53 121.20 126.92
CA LEU C 340 -43.40 122.35 127.14
C LEU C 340 -44.58 122.43 126.16
N LEU C 341 -44.34 122.17 124.89
CA LEU C 341 -45.40 122.23 123.88
C LEU C 341 -46.31 121.03 123.90
N PRO C 342 -47.54 121.18 123.37
CA PRO C 342 -48.44 120.03 123.27
C PRO C 342 -47.97 119.02 122.24
N SER C 343 -48.55 117.82 122.25
CA SER C 343 -48.13 116.78 121.32
C SER C 343 -48.69 116.95 119.91
N SER C 344 -48.30 116.07 118.99
CA SER C 344 -48.79 116.11 117.60
C SER C 344 -48.66 117.49 116.94
N THR C 345 -47.49 118.10 117.05
CA THR C 345 -47.25 119.39 116.41
C THR C 345 -46.23 119.28 115.29
N LEU C 346 -46.28 120.18 114.33
CA LEU C 346 -45.33 120.15 113.22
C LEU C 346 -43.97 120.70 113.62
N SER C 347 -43.02 120.70 112.69
CA SER C 347 -41.66 121.13 113.01
C SER C 347 -41.58 122.45 113.75
N VAL C 348 -41.04 122.43 114.96
CA VAL C 348 -40.84 123.67 115.69
C VAL C 348 -39.52 124.22 115.21
N ASN C 349 -39.56 125.22 114.34
CA ASN C 349 -38.34 125.75 113.74
C ASN C 349 -37.46 126.61 114.64
N SER C 350 -38.05 127.40 115.52
CA SER C 350 -37.25 128.31 116.34
C SER C 350 -37.80 128.57 117.72
N LEU C 351 -36.99 129.21 118.56
CA LEU C 351 -37.42 129.54 119.91
C LEU C 351 -36.58 130.67 120.47
N ASP C 352 -37.09 131.36 121.49
CA ASP C 352 -36.30 132.38 122.16
C ASP C 352 -36.79 132.53 123.57
N VAL C 353 -35.87 132.59 124.53
CA VAL C 353 -36.26 132.70 125.93
C VAL C 353 -35.62 133.91 126.59
N LEU C 354 -36.41 134.68 127.33
CA LEU C 354 -35.90 135.86 128.01
C LEU C 354 -36.68 136.05 129.29
N GLY C 355 -36.04 135.89 130.43
CA GLY C 355 -36.73 135.98 131.70
C GLY C 355 -37.75 134.87 131.85
N GLN C 356 -38.98 135.22 132.17
CA GLN C 356 -40.04 134.22 132.28
C GLN C 356 -40.78 134.06 130.96
N ASN C 357 -40.37 134.82 129.95
CA ASN C 357 -41.07 134.79 128.66
C ASN C 357 -40.43 133.85 127.65
N LEU C 358 -41.25 133.18 126.84
CA LEU C 358 -40.73 132.30 125.80
C LEU C 358 -41.64 132.28 124.56
N VAL C 359 -41.05 132.38 123.38
CA VAL C 359 -41.83 132.31 122.14
C VAL C 359 -41.24 131.28 121.17
N CYS C 360 -42.09 130.50 120.53
CA CYS C 360 -41.60 129.52 119.54
C CYS C 360 -42.46 129.52 118.28
N GLY C 361 -41.88 129.08 117.17
CA GLY C 361 -42.60 129.08 115.90
C GLY C 361 -42.67 127.71 115.26
N THR C 362 -43.87 127.27 114.89
CA THR C 362 -44.01 125.95 114.29
C THR C 362 -44.32 126.02 112.80
N ASP C 363 -44.22 124.88 112.12
CA ASP C 363 -44.57 124.83 110.69
C ASP C 363 -46.06 124.70 110.51
N ALA C 364 -46.80 124.58 111.61
CA ALA C 364 -48.24 124.48 111.54
C ALA C 364 -48.85 125.87 111.48
N GLU C 365 -48.09 126.81 110.90
CA GLU C 365 -48.58 128.17 110.75
C GLU C 365 -49.08 128.70 112.09
N ALA C 366 -48.29 128.55 113.14
CA ALA C 366 -48.72 128.96 114.48
C ALA C 366 -47.63 129.58 115.33
N ILE C 367 -48.00 130.43 116.29
CA ILE C 367 -47.03 131.04 117.19
C ILE C 367 -47.44 130.76 118.63
N TYR C 368 -46.55 130.16 119.41
CA TYR C 368 -46.86 129.82 120.79
C TYR C 368 -46.08 130.71 121.75
N VAL C 369 -46.78 131.41 122.64
CA VAL C 369 -46.13 132.34 123.57
C VAL C 369 -46.50 132.10 125.02
N THR C 370 -45.51 131.98 125.91
CA THR C 370 -45.79 131.84 127.34
C THR C 370 -45.06 132.93 128.12
N ARG C 371 -45.72 133.45 129.15
CA ARG C 371 -45.10 134.48 129.97
C ARG C 371 -44.90 134.00 131.40
N ARG C 372 -45.27 132.74 131.67
CA ARG C 372 -45.08 132.16 132.99
C ARG C 372 -44.38 130.83 132.83
N LEU C 373 -43.15 130.86 132.35
CA LEU C 373 -42.41 129.62 132.08
C LEU C 373 -42.06 128.81 133.31
N PHE C 374 -41.54 129.47 134.35
CA PHE C 374 -41.11 128.74 135.54
C PHE C 374 -42.13 128.81 136.67
N SER C 375 -43.37 129.19 136.34
CA SER C 375 -44.42 129.27 137.34
C SER C 375 -45.72 128.68 136.81
N PHE D 2 -59.15 129.94 88.48
CA PHE D 2 -58.61 129.83 87.13
C PHE D 2 -58.14 131.18 86.62
N VAL D 3 -56.93 131.56 86.98
CA VAL D 3 -56.40 132.87 86.57
C VAL D 3 -55.91 132.83 85.12
N ALA D 4 -55.83 134.00 84.49
CA ALA D 4 -55.37 134.07 83.10
C ALA D 4 -54.22 135.05 83.00
N ARG D 5 -53.10 134.62 82.45
CA ARG D 5 -51.93 135.48 82.35
C ARG D 5 -51.57 135.76 80.89
N SER D 6 -51.13 136.99 80.61
CA SER D 6 -50.71 137.34 79.26
C SER D 6 -49.30 137.91 79.31
N ILE D 7 -48.32 137.14 78.83
CA ILE D 7 -46.94 137.60 78.85
C ILE D 7 -46.42 137.91 77.46
N ALA D 8 -45.58 138.93 77.34
CA ALA D 8 -45.00 139.26 76.05
C ALA D 8 -43.91 138.25 75.70
N ALA D 9 -44.21 137.36 74.76
CA ALA D 9 -43.26 136.30 74.41
C ALA D 9 -42.09 136.82 73.59
N ASP D 10 -42.22 138.03 73.03
CA ASP D 10 -41.16 138.61 72.20
C ASP D 10 -40.74 137.70 71.04
N HIS D 11 -41.71 137.00 70.45
CA HIS D 11 -41.41 136.11 69.33
C HIS D 11 -41.90 136.74 68.04
N LYS D 12 -41.02 136.86 67.06
CA LYS D 12 -41.41 137.41 65.76
C LYS D 12 -42.38 136.48 65.05
N ASP D 13 -42.10 135.18 65.07
CA ASP D 13 -42.96 134.22 64.38
C ASP D 13 -43.83 133.40 65.31
N LEU D 14 -44.65 132.53 64.75
CA LEU D 14 -45.57 131.73 65.55
C LEU D 14 -44.88 130.72 66.46
N ILE D 15 -45.32 130.65 67.71
CA ILE D 15 -44.77 129.67 68.63
C ILE D 15 -45.43 128.34 68.34
N HIS D 16 -44.66 127.30 68.11
CA HIS D 16 -45.23 126.00 67.76
C HIS D 16 -45.43 125.07 68.94
N ASP D 17 -44.40 124.88 69.77
CA ASP D 17 -44.49 123.94 70.87
C ASP D 17 -43.73 124.37 72.11
N VAL D 18 -44.33 124.19 73.29
CA VAL D 18 -43.62 124.52 74.53
C VAL D 18 -43.58 123.29 75.44
N SER D 19 -42.58 123.20 76.31
CA SER D 19 -42.46 122.06 77.20
C SER D 19 -41.87 122.46 78.54
N PHE D 20 -42.50 122.02 79.62
CA PHE D 20 -41.99 122.32 80.96
C PHE D 20 -40.91 121.35 81.38
N ASP D 21 -40.15 121.71 82.40
CA ASP D 21 -39.16 120.78 82.94
C ASP D 21 -39.81 119.83 83.92
N PHE D 22 -39.00 119.01 84.59
CA PHE D 22 -39.53 118.04 85.55
C PHE D 22 -40.14 118.71 86.78
N HIS D 23 -39.47 119.71 87.34
CA HIS D 23 -39.96 120.34 88.59
C HIS D 23 -40.89 121.52 88.40
N GLY D 24 -41.09 121.97 87.17
CA GLY D 24 -42.03 123.05 86.91
C GLY D 24 -41.50 124.46 86.96
N ARG D 25 -40.19 124.63 87.03
CA ARG D 25 -39.60 125.97 87.15
C ARG D 25 -39.12 126.53 85.81
N ARG D 26 -38.87 125.66 84.84
CA ARG D 26 -38.35 126.12 83.55
C ARG D 26 -39.22 125.67 82.39
N MET D 27 -39.26 126.46 81.33
CA MET D 27 -40.02 126.07 80.15
C MET D 27 -39.27 126.47 78.87
N ALA D 28 -39.36 125.64 77.84
CA ALA D 28 -38.66 125.91 76.59
C ALA D 28 -39.63 126.15 75.44
N THR D 29 -39.43 127.23 74.70
CA THR D 29 -40.33 127.57 73.59
C THR D 29 -39.64 127.51 72.24
N CYS D 30 -40.20 126.74 71.31
CA CYS D 30 -39.65 126.72 69.96
C CYS D 30 -40.58 127.47 69.03
N SER D 31 -40.03 128.17 68.04
CA SER D 31 -40.86 128.99 67.17
C SER D 31 -40.54 128.83 65.69
N SER D 32 -41.32 129.47 64.83
CA SER D 32 -41.09 129.37 63.38
C SER D 32 -39.90 130.22 62.92
N ASP D 33 -39.36 131.05 63.79
CA ASP D 33 -38.18 131.86 63.45
C ASP D 33 -36.90 131.09 63.73
N GLN D 34 -37.00 129.76 63.86
CA GLN D 34 -35.85 128.91 64.12
C GLN D 34 -35.06 129.35 65.36
N SER D 35 -35.77 129.82 66.38
CA SER D 35 -35.11 130.23 67.62
C SER D 35 -35.75 129.57 68.83
N VAL D 36 -34.93 128.99 69.69
CA VAL D 36 -35.44 128.36 70.89
C VAL D 36 -35.10 129.22 72.10
N LYS D 37 -36.11 129.64 72.85
CA LYS D 37 -35.88 130.45 74.04
C LYS D 37 -36.21 129.66 75.29
N VAL D 38 -35.36 129.73 76.31
CA VAL D 38 -35.63 129.04 77.57
C VAL D 38 -36.05 130.05 78.63
N TRP D 39 -37.26 129.89 79.16
CA TRP D 39 -37.79 130.83 80.13
C TRP D 39 -37.72 130.29 81.54
N ASP D 40 -37.28 131.12 82.48
CA ASP D 40 -37.17 130.69 83.88
C ASP D 40 -38.06 131.51 84.79
N LYS D 41 -38.67 130.86 85.77
CA LYS D 41 -39.57 131.56 86.69
C LYS D 41 -38.81 132.15 87.85
N SER D 42 -39.11 133.40 88.18
CA SER D 42 -38.47 134.04 89.33
C SER D 42 -39.15 133.66 90.63
N GLU D 43 -38.91 134.41 91.70
CA GLU D 43 -39.63 134.15 92.95
C GLU D 43 -41.10 134.39 92.70
N ASN D 44 -41.41 135.46 91.95
CA ASN D 44 -42.79 135.71 91.58
C ASN D 44 -43.11 134.90 90.33
N VAL D 45 -44.37 134.92 89.91
CA VAL D 45 -44.78 134.16 88.73
C VAL D 45 -44.05 134.64 87.48
N ASN D 46 -43.55 135.87 87.50
CA ASN D 46 -42.89 136.45 86.32
C ASN D 46 -41.89 135.53 85.62
N TRP D 47 -42.03 135.40 84.31
CA TRP D 47 -41.12 134.56 83.53
C TRP D 47 -40.11 135.43 82.80
N HIS D 48 -38.84 135.06 82.89
CA HIS D 48 -37.78 135.85 82.25
C HIS D 48 -36.96 135.00 81.31
N CYS D 49 -36.67 135.51 80.12
CA CYS D 49 -35.89 134.77 79.15
C CYS D 49 -34.43 134.73 79.57
N THR D 50 -33.93 133.54 79.84
CA THR D 50 -32.54 133.40 80.28
C THR D 50 -31.60 133.15 79.10
N ALA D 51 -32.06 132.40 78.10
CA ALA D 51 -31.24 132.11 76.94
C ALA D 51 -32.03 132.06 75.64
N SER D 52 -31.42 132.51 74.55
CA SER D 52 -32.08 132.47 73.25
C SER D 52 -31.04 132.18 72.18
N TRP D 53 -31.34 131.24 71.28
CA TRP D 53 -30.38 130.85 70.26
C TRP D 53 -31.05 130.24 69.04
N LYS D 54 -30.31 130.12 67.95
CA LYS D 54 -30.86 129.46 66.76
C LYS D 54 -30.47 128.00 66.79
N THR D 55 -31.43 127.11 66.57
CA THR D 55 -31.14 125.68 66.70
C THR D 55 -31.01 124.87 65.39
N HIS D 56 -31.98 124.99 64.49
CA HIS D 56 -31.97 124.18 63.27
C HIS D 56 -32.45 124.93 62.05
N SER D 57 -32.46 124.26 60.91
CA SER D 57 -33.01 124.87 59.70
C SER D 57 -34.32 124.19 59.38
N GLY D 58 -34.47 122.93 59.82
CA GLY D 58 -35.72 122.21 59.60
C GLY D 58 -36.77 122.59 60.62
N SER D 59 -38.02 122.29 60.33
CA SER D 59 -39.10 122.68 61.24
C SER D 59 -39.09 121.87 62.52
N VAL D 60 -38.83 122.53 63.64
CA VAL D 60 -38.77 121.85 64.92
C VAL D 60 -40.16 121.42 65.37
N TRP D 61 -40.35 120.13 65.55
CA TRP D 61 -41.65 119.62 65.97
C TRP D 61 -41.75 119.59 67.48
N ARG D 62 -40.88 118.80 68.11
CA ARG D 62 -40.96 118.63 69.56
C ARG D 62 -39.71 118.97 70.32
N VAL D 63 -39.86 119.59 71.48
CA VAL D 63 -38.70 119.87 72.33
C VAL D 63 -38.94 119.13 73.64
N THR D 64 -38.06 118.21 73.99
CA THR D 64 -38.27 117.41 75.20
C THR D 64 -37.14 117.52 76.21
N TRP D 65 -37.49 117.71 77.47
CA TRP D 65 -36.49 117.78 78.53
C TRP D 65 -36.09 116.40 79.03
N ALA D 66 -35.12 116.35 79.94
CA ALA D 66 -34.70 115.07 80.50
C ALA D 66 -34.64 115.15 82.01
N HIS D 67 -34.53 114.00 82.66
CA HIS D 67 -34.50 113.98 84.12
C HIS D 67 -33.32 114.76 84.65
N PRO D 68 -33.54 115.55 85.71
CA PRO D 68 -32.47 116.39 86.26
C PRO D 68 -31.26 115.60 86.76
N GLU D 69 -31.43 114.32 87.02
CA GLU D 69 -30.33 113.47 87.47
C GLU D 69 -29.19 113.45 86.45
N PHE D 70 -29.54 113.56 85.16
CA PHE D 70 -28.53 113.53 84.10
C PHE D 70 -28.09 114.92 83.65
N GLY D 71 -28.52 115.96 84.35
CA GLY D 71 -28.15 117.32 83.98
C GLY D 71 -29.23 118.01 83.16
N GLN D 72 -28.94 119.19 82.65
CA GLN D 72 -29.91 119.93 81.85
C GLN D 72 -29.83 119.52 80.39
N VAL D 73 -30.38 118.37 80.06
CA VAL D 73 -30.32 117.87 78.68
C VAL D 73 -31.60 118.16 77.92
N LEU D 74 -31.48 118.68 76.71
CA LEU D 74 -32.65 118.93 75.87
C LEU D 74 -32.56 118.14 74.57
N ALA D 75 -33.66 118.09 73.82
CA ALA D 75 -33.66 117.41 72.52
C ALA D 75 -34.53 118.16 71.53
N SER D 76 -34.16 118.11 70.25
CA SER D 76 -34.92 118.85 69.24
C SER D 76 -35.06 118.11 67.91
N CYS D 77 -36.13 117.32 67.75
CA CYS D 77 -36.36 116.68 66.45
C CYS D 77 -36.73 117.79 65.49
N SER D 78 -36.12 117.82 64.31
CA SER D 78 -36.35 118.97 63.45
C SER D 78 -36.44 118.77 61.95
N PHE D 79 -37.25 117.83 61.47
CA PHE D 79 -37.49 117.69 60.00
C PHE D 79 -36.31 117.25 59.14
N ASP D 80 -35.14 117.85 59.31
CA ASP D 80 -33.98 117.54 58.48
C ASP D 80 -33.27 116.26 58.91
N ARG D 81 -34.02 115.25 59.36
CA ARG D 81 -33.44 113.96 59.76
C ARG D 81 -32.44 114.06 60.91
N THR D 82 -32.44 115.19 61.62
CA THR D 82 -31.45 115.37 62.68
C THR D 82 -32.06 115.74 64.02
N ALA D 83 -31.64 115.06 65.07
CA ALA D 83 -32.11 115.38 66.40
C ALA D 83 -30.90 115.76 67.22
N ALA D 84 -30.74 117.05 67.52
CA ALA D 84 -29.55 117.50 68.23
C ALA D 84 -29.75 117.53 69.74
N VAL D 85 -28.74 117.11 70.48
CA VAL D 85 -28.81 117.13 71.94
C VAL D 85 -28.18 118.41 72.46
N TRP D 86 -28.96 119.22 73.16
CA TRP D 86 -28.46 120.49 73.67
C TRP D 86 -28.28 120.46 75.17
N GLU D 87 -27.07 120.73 75.65
CA GLU D 87 -26.84 120.79 77.08
C GLU D 87 -26.67 122.23 77.51
N GLU D 88 -27.33 122.61 78.61
CA GLU D 88 -27.16 123.97 79.12
C GLU D 88 -25.79 124.15 79.71
N ILE D 89 -24.95 124.91 79.04
CA ILE D 89 -23.64 125.20 79.61
C ILE D 89 -23.69 126.56 80.24
N VAL D 90 -23.41 126.64 81.53
CA VAL D 90 -23.39 127.91 82.24
C VAL D 90 -22.14 127.99 83.12
N GLY D 91 -21.38 129.07 82.98
CA GLY D 91 -20.18 129.22 83.77
C GLY D 91 -20.49 129.32 85.26
N GLY D 99 -23.46 133.35 85.33
CA GLY D 99 -24.51 133.98 84.57
C GLY D 99 -24.25 133.97 83.08
N GLN D 100 -23.75 132.85 82.57
CA GLN D 100 -23.44 132.73 81.15
C GLN D 100 -24.13 131.50 80.59
N SER D 101 -25.45 131.54 80.47
CA SER D 101 -26.20 130.38 80.00
C SER D 101 -26.22 130.32 78.49
N HIS D 102 -25.37 129.47 77.91
CA HIS D 102 -25.36 129.28 76.47
C HIS D 102 -25.49 127.81 76.16
N TRP D 103 -26.54 127.42 75.46
CA TRP D 103 -26.76 126.00 75.20
C TRP D 103 -25.84 125.50 74.11
N VAL D 104 -25.17 124.37 74.35
CA VAL D 104 -24.19 123.84 73.39
C VAL D 104 -24.61 122.52 72.78
N LYS D 105 -24.57 122.43 71.45
CA LYS D 105 -24.93 121.20 70.77
C LYS D 105 -23.84 120.18 70.95
N ARG D 106 -24.17 119.07 71.59
CA ARG D 106 -23.18 118.03 71.84
C ARG D 106 -23.12 117.05 70.68
N THR D 107 -24.26 116.57 70.23
CA THR D 107 -24.30 115.62 69.12
C THR D 107 -25.38 115.94 68.10
N THR D 108 -25.34 115.30 66.94
CA THR D 108 -26.39 115.48 65.94
C THR D 108 -26.70 114.11 65.38
N LEU D 109 -27.88 113.58 65.69
CA LEU D 109 -28.24 112.23 65.26
C LEU D 109 -28.81 112.25 63.85
N VAL D 110 -28.01 111.88 62.86
CA VAL D 110 -28.44 111.95 61.47
C VAL D 110 -28.73 110.58 60.85
N ASP D 111 -28.81 109.55 61.68
CA ASP D 111 -29.02 108.19 61.16
C ASP D 111 -30.32 108.06 60.36
N SER D 112 -31.33 108.86 60.71
CA SER D 112 -32.62 108.80 60.01
C SER D 112 -32.52 109.25 58.56
N ARG D 113 -33.34 108.66 57.70
CA ARG D 113 -33.34 109.01 56.28
C ARG D 113 -34.57 109.83 55.90
N THR D 114 -35.50 109.98 56.83
CA THR D 114 -36.71 110.78 56.59
C THR D 114 -37.00 111.64 57.82
N SER D 115 -37.95 112.55 57.72
CA SER D 115 -38.23 113.48 58.83
C SER D 115 -38.43 112.80 60.18
N VAL D 116 -37.66 113.23 61.17
CA VAL D 116 -37.83 112.71 62.52
C VAL D 116 -38.99 113.45 63.13
N THR D 117 -40.08 112.75 63.44
CA THR D 117 -41.29 113.43 63.92
C THR D 117 -41.39 113.57 65.45
N ASP D 118 -40.88 112.59 66.20
CA ASP D 118 -41.01 112.63 67.65
C ASP D 118 -39.77 112.14 68.38
N VAL D 119 -39.37 112.86 69.42
CA VAL D 119 -38.21 112.47 70.20
C VAL D 119 -38.59 112.34 71.67
N LYS D 120 -38.39 111.16 72.26
CA LYS D 120 -38.80 110.93 73.64
C LYS D 120 -37.72 110.27 74.48
N PHE D 121 -37.35 110.91 75.58
CA PHE D 121 -36.37 110.32 76.48
C PHE D 121 -36.96 109.13 77.22
N ALA D 122 -36.13 108.14 77.50
CA ALA D 122 -36.59 106.96 78.23
C ALA D 122 -36.69 107.25 79.72
N PRO D 123 -37.47 106.44 80.45
CA PRO D 123 -37.52 106.63 81.90
C PRO D 123 -36.14 106.59 82.53
N LYS D 124 -35.91 107.35 83.59
CA LYS D 124 -34.58 107.44 84.20
C LYS D 124 -33.97 106.11 84.64
N HIS D 125 -34.79 105.12 84.96
CA HIS D 125 -34.27 103.84 85.45
C HIS D 125 -33.61 103.03 84.33
N MET D 126 -33.86 103.41 83.07
CA MET D 126 -33.25 102.71 81.95
C MET D 126 -31.94 103.35 81.51
N GLY D 127 -31.56 104.46 82.15
CA GLY D 127 -30.35 105.17 81.77
C GLY D 127 -30.68 106.32 80.84
N LEU D 128 -29.65 106.97 80.31
CA LEU D 128 -29.87 108.07 79.38
C LEU D 128 -30.09 107.53 77.98
N MET D 129 -31.33 107.20 77.65
CA MET D 129 -31.64 106.69 76.32
C MET D 129 -32.55 107.65 75.59
N LEU D 130 -32.41 107.71 74.27
CA LEU D 130 -33.21 108.63 73.49
C LEU D 130 -33.87 107.88 72.35
N ALA D 131 -35.14 108.12 72.13
CA ALA D 131 -35.87 107.42 71.07
C ALA D 131 -36.38 108.35 70.00
N THR D 132 -36.11 108.04 68.75
CA THR D 132 -36.60 108.85 67.64
C THR D 132 -37.39 108.01 66.66
N CYS D 133 -38.55 108.51 66.23
CA CYS D 133 -39.34 107.78 65.23
C CYS D 133 -39.26 108.46 63.88
N SER D 134 -38.84 107.73 62.85
CA SER D 134 -38.65 108.32 61.54
C SER D 134 -38.37 107.29 60.46
N ALA D 135 -37.67 107.71 59.40
CA ALA D 135 -37.31 106.81 58.30
C ALA D 135 -38.46 105.94 57.81
N ASP D 136 -39.65 106.53 57.70
CA ASP D 136 -40.82 105.80 57.20
C ASP D 136 -40.96 104.42 57.85
N GLY D 137 -40.99 104.39 59.18
CA GLY D 137 -41.18 103.13 59.86
C GLY D 137 -40.00 102.56 60.60
N VAL D 138 -39.01 103.40 60.95
CA VAL D 138 -37.88 102.93 61.73
C VAL D 138 -37.71 103.74 63.00
N VAL D 139 -37.94 103.10 64.15
CA VAL D 139 -37.75 103.78 65.42
C VAL D 139 -36.37 103.45 65.96
N ARG D 140 -35.55 104.46 66.18
CA ARG D 140 -34.18 104.22 66.63
C ARG D 140 -33.98 104.60 68.07
N ILE D 141 -33.28 103.76 68.82
CA ILE D 141 -33.02 104.05 70.22
C ILE D 141 -31.52 104.22 70.48
N TYR D 142 -31.07 105.46 70.57
CA TYR D 142 -29.67 105.74 70.84
C TYR D 142 -29.41 105.71 72.34
N GLU D 143 -28.16 105.48 72.73
CA GLU D 143 -27.81 105.47 74.14
C GLU D 143 -26.48 106.13 74.40
N ALA D 144 -26.43 107.01 75.39
CA ALA D 144 -25.17 107.66 75.74
C ALA D 144 -24.46 106.87 76.83
N PRO D 145 -23.25 106.38 76.54
CA PRO D 145 -22.49 105.61 77.52
C PRO D 145 -22.11 106.40 78.76
N ASP D 146 -21.75 107.67 78.60
CA ASP D 146 -21.38 108.52 79.74
C ASP D 146 -22.26 109.75 79.80
N VAL D 147 -22.72 110.11 80.99
CA VAL D 147 -23.55 111.31 81.14
C VAL D 147 -22.73 112.59 81.16
N MET D 148 -21.45 112.51 81.50
CA MET D 148 -20.58 113.69 81.48
C MET D 148 -20.26 114.11 80.04
N ASN D 149 -19.98 113.14 79.18
CA ASN D 149 -19.72 113.45 77.78
C ASN D 149 -20.94 113.11 76.97
N LEU D 150 -21.66 114.13 76.53
CA LEU D 150 -22.89 113.90 75.77
C LEU D 150 -22.67 113.94 74.26
N SER D 151 -21.42 113.97 73.83
CA SER D 151 -21.12 113.97 72.40
C SER D 151 -21.18 112.58 71.79
N GLN D 152 -20.99 111.55 72.62
CA GLN D 152 -20.97 110.17 72.12
C GLN D 152 -22.32 109.49 72.22
N TRP D 153 -22.88 109.08 71.08
CA TRP D 153 -24.18 108.41 71.09
C TRP D 153 -24.15 107.21 70.18
N SER D 154 -24.45 106.04 70.72
CA SER D 154 -24.41 104.82 69.94
C SER D 154 -25.79 104.24 69.70
N LEU D 155 -26.13 104.00 68.45
CA LEU D 155 -27.41 103.39 68.11
C LEU D 155 -27.43 101.95 68.60
N GLN D 156 -28.40 101.62 69.43
CA GLN D 156 -28.47 100.27 69.98
C GLN D 156 -29.55 99.42 69.32
N HIS D 157 -30.75 99.97 69.15
CA HIS D 157 -31.84 99.19 68.59
C HIS D 157 -32.58 99.90 67.48
N GLU D 158 -32.84 99.20 66.38
CA GLU D 158 -33.62 99.77 65.29
C GLU D 158 -34.91 98.96 65.15
N ILE D 159 -36.05 99.64 65.18
CA ILE D 159 -37.32 98.92 65.14
C ILE D 159 -38.13 99.24 63.90
N SER D 160 -38.44 98.22 63.11
CA SER D 160 -39.25 98.43 61.91
C SER D 160 -40.73 98.30 62.21
N CYS D 161 -41.51 99.32 61.83
CA CYS D 161 -42.95 99.30 62.11
C CYS D 161 -43.79 99.09 60.86
N LYS D 162 -43.18 99.16 59.68
CA LYS D 162 -43.88 98.96 58.40
C LYS D 162 -44.92 100.04 58.06
N LEU D 163 -44.99 101.10 58.87
CA LEU D 163 -45.93 102.19 58.62
C LEU D 163 -45.30 103.50 59.07
N SER D 164 -45.64 104.60 58.40
CA SER D 164 -45.05 105.90 58.73
C SER D 164 -45.33 106.28 60.17
N CYS D 165 -44.28 106.30 60.99
CA CYS D 165 -44.45 106.62 62.41
C CYS D 165 -44.77 108.08 62.64
N SER D 166 -45.73 108.36 63.52
CA SER D 166 -46.09 109.73 63.82
C SER D 166 -45.71 110.10 65.24
N CYS D 167 -45.80 109.15 66.17
CA CYS D 167 -45.53 109.45 67.57
C CYS D 167 -45.03 108.26 68.36
N ILE D 168 -44.34 108.52 69.47
CA ILE D 168 -43.85 107.45 70.34
C ILE D 168 -44.10 107.77 71.81
N SER D 169 -44.32 106.74 72.62
CA SER D 169 -44.54 106.93 74.04
C SER D 169 -44.01 105.77 74.85
N TRP D 170 -43.16 106.04 75.83
CA TRP D 170 -42.62 104.99 76.68
C TRP D 170 -43.59 104.61 77.77
N ASN D 171 -43.37 103.45 78.40
CA ASN D 171 -44.21 103.04 79.50
C ASN D 171 -43.53 103.51 80.77
N PRO D 172 -44.14 104.46 81.49
CA PRO D 172 -43.51 105.03 82.69
C PRO D 172 -43.29 104.03 83.83
N SER D 173 -43.91 102.86 83.76
CA SER D 173 -43.78 101.87 84.84
C SER D 173 -42.35 101.46 85.07
N SER D 174 -41.95 101.41 86.34
CA SER D 174 -40.59 101.00 86.69
C SER D 174 -40.57 99.62 87.33
N SER D 175 -41.72 98.95 87.35
CA SER D 175 -41.79 97.61 87.91
C SER D 175 -40.84 96.67 87.18
N ARG D 176 -40.08 95.88 87.93
CA ARG D 176 -39.15 94.93 87.32
C ARG D 176 -39.90 93.85 86.54
N ALA D 177 -41.13 93.55 86.94
CA ALA D 177 -41.93 92.57 86.23
C ALA D 177 -42.21 92.99 84.80
N HIS D 178 -42.46 94.28 84.60
CA HIS D 178 -42.77 94.78 83.25
C HIS D 178 -41.54 95.18 82.47
N SER D 179 -41.32 94.52 81.33
CA SER D 179 -40.18 94.86 80.47
C SER D 179 -40.44 96.17 79.74
N PRO D 180 -39.36 96.89 79.34
CA PRO D 180 -39.68 98.16 78.67
C PRO D 180 -40.62 98.04 77.51
N MET D 181 -41.61 98.93 77.43
CA MET D 181 -42.56 98.91 76.33
C MET D 181 -42.61 100.25 75.65
N ILE D 182 -42.71 100.25 74.33
CA ILE D 182 -42.83 101.50 73.60
C ILE D 182 -43.97 101.43 72.60
N ALA D 183 -44.83 102.44 72.61
CA ALA D 183 -45.96 102.47 71.69
C ALA D 183 -45.64 103.34 70.49
N VAL D 184 -45.87 102.81 69.30
CA VAL D 184 -45.58 103.56 68.09
C VAL D 184 -46.81 103.66 67.21
N GLY D 185 -47.28 104.89 66.99
CA GLY D 185 -48.46 105.09 66.17
C GLY D 185 -48.13 105.27 64.71
N SER D 186 -49.15 105.27 63.86
CA SER D 186 -48.95 105.48 62.43
C SER D 186 -49.92 106.50 61.88
N ASP D 187 -49.39 107.56 61.29
CA ASP D 187 -50.25 108.62 60.75
C ASP D 187 -50.71 108.34 59.34
N ASP D 188 -50.12 107.31 58.71
CA ASP D 188 -50.47 107.00 57.33
C ASP D 188 -51.97 106.86 57.20
N SER D 189 -52.57 107.67 56.33
CA SER D 189 -54.01 107.61 56.12
C SER D 189 -54.30 106.44 55.21
N SER D 190 -54.39 105.25 55.79
CA SER D 190 -54.62 104.06 54.99
C SER D 190 -56.10 103.80 54.86
N PRO D 191 -56.59 103.71 53.62
CA PRO D 191 -58.01 103.45 53.38
C PRO D 191 -58.45 102.11 53.96
N ASN D 192 -57.59 101.09 53.90
CA ASN D 192 -57.96 99.77 54.37
C ASN D 192 -57.16 99.32 55.57
N ILE D 193 -55.84 99.50 55.54
CA ILE D 193 -54.98 99.02 56.63
C ILE D 193 -55.38 99.60 57.98
N MET D 194 -55.60 98.73 58.96
CA MET D 194 -55.96 99.18 60.31
C MET D 194 -54.77 98.99 61.24
N GLY D 195 -55.04 98.78 62.52
CA GLY D 195 -53.97 98.51 63.48
C GLY D 195 -52.80 99.45 63.38
N LYS D 196 -53.07 100.74 63.46
CA LYS D 196 -52.00 101.72 63.33
C LYS D 196 -51.26 101.93 64.64
N VAL D 197 -51.82 101.43 65.75
CA VAL D 197 -51.13 101.53 67.03
C VAL D 197 -50.47 100.20 67.33
N GLN D 198 -49.14 100.19 67.32
CA GLN D 198 -48.41 98.95 67.55
C GLN D 198 -47.56 99.04 68.80
N ILE D 199 -47.63 98.01 69.63
CA ILE D 199 -46.88 98.03 70.89
C ILE D 199 -45.68 97.11 70.81
N TYR D 200 -44.53 97.59 71.25
CA TYR D 200 -43.30 96.79 71.20
C TYR D 200 -42.75 96.51 72.58
N GLU D 201 -42.18 95.32 72.76
CA GLU D 201 -41.66 94.94 74.07
C GLU D 201 -40.25 94.39 73.97
N TYR D 202 -39.40 94.77 74.91
CA TYR D 202 -38.02 94.30 74.91
C TYR D 202 -37.95 92.89 75.48
N ASN D 203 -37.69 91.92 74.62
CA ASN D 203 -37.61 90.54 75.06
C ASN D 203 -36.19 90.28 75.52
N GLU D 204 -36.03 89.69 76.71
CA GLU D 204 -34.70 89.45 77.25
C GLU D 204 -33.90 88.39 76.47
N ASN D 205 -34.58 87.41 75.90
CA ASN D 205 -33.90 86.34 75.17
C ASN D 205 -33.23 86.83 73.89
N THR D 206 -33.97 87.54 73.05
CA THR D 206 -33.42 88.03 71.79
C THR D 206 -32.85 89.44 71.94
N ARG D 207 -33.15 90.10 73.05
CA ARG D 207 -32.68 91.48 73.29
C ARG D 207 -33.09 92.43 72.16
N LYS D 208 -34.30 92.27 71.65
CA LYS D 208 -34.82 93.15 70.60
C LYS D 208 -36.28 93.49 70.88
N TYR D 209 -36.80 94.51 70.22
CA TYR D 209 -38.20 94.91 70.43
C TYR D 209 -39.19 94.19 69.52
N ALA D 210 -39.72 93.07 70.00
CA ALA D 210 -40.73 92.32 69.26
C ALA D 210 -42.09 92.97 69.39
N LYS D 211 -42.93 92.83 68.36
CA LYS D 211 -44.28 93.36 68.43
C LYS D 211 -45.12 92.51 69.37
N ALA D 212 -45.77 93.14 70.34
CA ALA D 212 -46.56 92.40 71.33
C ALA D 212 -48.04 92.45 71.04
N GLU D 213 -48.56 93.63 70.74
CA GLU D 213 -49.99 93.78 70.52
C GLU D 213 -50.28 94.85 69.49
N THR D 214 -51.23 94.61 68.61
CA THR D 214 -51.60 95.61 67.63
C THR D 214 -53.05 96.02 67.86
N LEU D 215 -53.30 97.32 67.99
CA LEU D 215 -54.65 97.82 68.22
C LEU D 215 -55.38 97.94 66.90
N MET D 216 -55.95 96.85 66.42
CA MET D 216 -56.65 96.85 65.14
C MET D 216 -57.85 97.77 65.13
N SER D 217 -58.40 98.08 66.30
CA SER D 217 -59.55 98.96 66.39
C SER D 217 -59.29 100.33 65.76
N VAL D 218 -58.08 100.85 65.95
CA VAL D 218 -57.74 102.15 65.40
C VAL D 218 -57.42 102.04 63.92
N SER D 219 -58.37 102.42 63.08
CA SER D 219 -58.15 102.34 61.64
C SER D 219 -58.06 103.73 61.03
N ASP D 220 -57.98 104.76 61.86
CA ASP D 220 -57.91 106.13 61.38
C ASP D 220 -56.58 106.75 61.78
N PRO D 221 -56.10 107.76 61.03
CA PRO D 221 -54.78 108.34 61.32
C PRO D 221 -54.56 108.68 62.78
N VAL D 222 -53.50 108.12 63.38
CA VAL D 222 -53.20 108.38 64.78
C VAL D 222 -52.34 109.62 64.89
N HIS D 223 -52.76 110.58 65.70
CA HIS D 223 -52.03 111.84 65.82
C HIS D 223 -51.14 111.87 67.05
N ASP D 224 -51.60 111.29 68.15
CA ASP D 224 -50.82 111.30 69.40
C ASP D 224 -51.20 110.17 70.35
N ILE D 225 -50.22 109.43 70.84
CA ILE D 225 -50.49 108.39 71.83
C ILE D 225 -49.79 108.71 73.15
N ALA D 226 -50.42 108.38 74.27
CA ALA D 226 -49.84 108.70 75.57
C ALA D 226 -50.13 107.65 76.64
N PHE D 227 -49.09 107.00 77.14
CA PHE D 227 -49.27 106.05 78.22
C PHE D 227 -49.58 106.77 79.52
N ALA D 228 -50.41 106.18 80.37
CA ALA D 228 -50.73 106.78 81.66
C ALA D 228 -49.95 106.11 82.77
N PRO D 229 -49.56 106.87 83.83
CA PRO D 229 -48.82 106.13 84.87
C PRO D 229 -49.62 105.00 85.47
N ASN D 230 -48.99 103.84 85.66
CA ASN D 230 -49.70 102.67 86.18
C ASN D 230 -50.23 102.84 87.60
N LEU D 231 -49.52 103.58 88.45
CA LEU D 231 -49.96 103.83 89.85
C LEU D 231 -50.23 102.55 90.64
N GLY D 232 -49.49 101.47 90.33
CA GLY D 232 -49.67 100.22 91.04
C GLY D 232 -50.68 99.27 90.43
N ARG D 233 -51.43 99.74 89.44
CA ARG D 233 -52.43 98.89 88.78
C ARG D 233 -51.78 97.97 87.75
N SER D 234 -52.25 96.73 87.67
CA SER D 234 -51.69 95.77 86.73
C SER D 234 -51.88 96.18 85.28
N PHE D 235 -53.07 96.67 84.94
CA PHE D 235 -53.35 97.07 83.56
C PHE D 235 -52.73 98.42 83.21
N HIS D 236 -52.40 98.59 81.94
CA HIS D 236 -51.79 99.83 81.49
C HIS D 236 -52.78 100.63 80.67
N ILE D 237 -52.74 101.95 80.78
CA ILE D 237 -53.71 102.78 80.07
C ILE D 237 -53.07 103.50 78.90
N LEU D 238 -53.71 103.45 77.73
CA LEU D 238 -53.19 104.16 76.58
C LEU D 238 -54.26 105.05 75.96
N ALA D 239 -53.91 106.32 75.71
CA ALA D 239 -54.86 107.25 75.11
C ALA D 239 -54.51 107.50 73.65
N VAL D 240 -55.39 107.10 72.75
CA VAL D 240 -55.11 107.25 71.32
C VAL D 240 -55.90 108.40 70.73
N ALA D 241 -55.20 109.38 70.17
CA ALA D 241 -55.87 110.53 69.57
C ALA D 241 -56.02 110.35 68.08
N THR D 242 -57.25 110.18 67.61
CA THR D 242 -57.50 110.05 66.18
C THR D 242 -58.60 111.02 65.80
N LYS D 243 -59.65 110.53 65.16
CA LYS D 243 -60.80 111.39 64.88
C LYS D 243 -61.56 111.57 66.17
N ASP D 244 -61.34 110.68 67.14
CA ASP D 244 -61.99 110.77 68.43
C ASP D 244 -61.10 110.23 69.54
N VAL D 245 -61.27 110.72 70.75
CA VAL D 245 -60.44 110.27 71.87
C VAL D 245 -60.87 108.89 72.34
N ARG D 246 -59.96 107.93 72.31
CA ARG D 246 -60.26 106.58 72.77
C ARG D 246 -59.30 106.15 73.84
N ILE D 247 -59.82 105.60 74.94
CA ILE D 247 -58.97 105.14 76.02
C ILE D 247 -58.98 103.62 76.09
N PHE D 248 -57.81 103.00 76.11
CA PHE D 248 -57.74 101.55 76.11
C PHE D 248 -57.12 101.00 77.38
N THR D 249 -57.53 99.80 77.77
CA THR D 249 -56.95 99.16 78.94
C THR D 249 -56.33 97.84 78.52
N MET D 250 -55.03 97.70 78.72
CA MET D 250 -54.34 96.49 78.32
C MET D 250 -53.96 95.69 79.55
N LYS D 251 -54.54 94.50 79.68
CA LYS D 251 -54.28 93.67 80.84
C LYS D 251 -53.37 92.52 80.48
N PRO D 252 -52.14 92.47 81.05
CA PRO D 252 -51.34 91.29 80.66
C PRO D 252 -51.94 89.98 81.14
N LEU D 253 -51.77 88.92 80.35
CA LEU D 253 -52.35 87.62 80.71
C LEU D 253 -51.49 86.83 81.68
N ARG D 254 -51.99 85.68 82.13
CA ARG D 254 -51.26 84.86 83.11
C ARG D 254 -49.99 84.22 82.58
N LYS D 255 -49.04 83.98 83.48
CA LYS D 255 -47.77 83.38 83.08
C LYS D 255 -47.26 82.42 84.14
N GLU D 256 -46.76 81.25 83.74
CA GLU D 256 -46.20 80.30 84.70
C GLU D 256 -44.68 80.45 84.78
N SER D 260 -41.56 81.34 79.60
CA SER D 260 -40.20 81.80 79.85
C SER D 260 -39.84 82.98 78.96
N GLY D 261 -39.88 82.77 77.65
CA GLY D 261 -39.56 83.84 76.72
C GLY D 261 -40.67 84.16 75.75
N GLY D 262 -41.12 85.41 75.74
CA GLY D 262 -42.15 85.82 74.82
C GLY D 262 -42.72 87.19 75.10
N VAL D 263 -43.65 87.64 74.25
CA VAL D 263 -44.28 88.94 74.46
C VAL D 263 -45.62 88.77 75.17
N THR D 264 -45.90 87.57 75.67
CA THR D 264 -47.17 87.28 76.35
C THR D 264 -48.35 87.64 75.45
N LYS D 265 -49.41 88.18 76.02
CA LYS D 265 -50.57 88.58 75.23
C LYS D 265 -51.36 89.60 76.02
N PHE D 266 -51.98 90.55 75.34
CA PHE D 266 -52.69 91.60 76.06
C PHE D 266 -54.18 91.64 75.76
N GLU D 267 -54.99 91.58 76.81
CA GLU D 267 -56.43 91.66 76.63
C GLU D 267 -56.83 93.11 76.62
N ASN D 268 -57.33 93.59 75.49
CA ASN D 268 -57.65 95.01 75.37
C ASN D 268 -59.14 95.31 75.47
N HIS D 269 -59.49 96.39 76.15
CA HIS D 269 -60.88 96.80 76.27
C HIS D 269 -60.99 98.29 76.08
N THR D 270 -61.81 98.73 75.13
CA THR D 270 -62.02 100.16 74.96
C THR D 270 -62.98 100.62 76.03
N VAL D 271 -62.48 101.37 77.01
CA VAL D 271 -63.34 101.81 78.11
C VAL D 271 -64.01 103.16 77.87
N ALA D 272 -63.53 103.92 76.89
CA ALA D 272 -64.11 105.23 76.62
C ALA D 272 -63.89 105.68 75.19
N GLN D 273 -64.90 106.34 74.61
CA GLN D 273 -64.75 106.89 73.27
C GLN D 273 -65.49 108.22 73.19
N PHE D 274 -64.76 109.31 72.98
CA PHE D 274 -65.37 110.62 72.97
C PHE D 274 -65.22 111.37 71.66
N ASP D 275 -66.33 111.75 71.05
CA ASP D 275 -66.29 112.52 69.81
C ASP D 275 -66.87 113.90 70.01
N ASN D 276 -66.83 114.41 71.25
CA ASN D 276 -67.41 115.72 71.55
C ASN D 276 -66.75 116.85 70.77
N HIS D 277 -65.47 116.67 70.42
CA HIS D 277 -64.79 117.66 69.61
C HIS D 277 -65.46 117.81 68.24
N ASN D 278 -66.07 116.73 67.75
CA ASN D 278 -66.73 116.73 66.42
C ASN D 278 -65.72 117.04 65.32
N SER D 279 -64.45 116.83 65.59
CA SER D 279 -63.40 117.11 64.62
C SER D 279 -62.17 116.28 64.99
N GLN D 280 -61.12 116.39 64.20
CA GLN D 280 -59.90 115.64 64.47
C GLN D 280 -59.29 116.04 65.81
N VAL D 281 -59.01 115.07 66.65
CA VAL D 281 -58.37 115.35 67.93
C VAL D 281 -56.88 115.28 67.70
N TRP D 282 -56.16 116.35 68.01
CA TRP D 282 -54.73 116.39 67.69
C TRP D 282 -53.79 115.94 68.82
N ARG D 283 -54.01 116.44 70.04
CA ARG D 283 -53.09 116.14 71.13
C ARG D 283 -53.74 115.53 72.36
N VAL D 284 -53.06 114.60 73.02
CA VAL D 284 -53.57 114.03 74.28
C VAL D 284 -52.46 114.00 75.32
N SER D 285 -52.70 114.57 76.50
CA SER D 285 -51.71 114.52 77.56
C SER D 285 -52.32 114.34 78.93
N TRP D 286 -51.76 113.42 79.71
CA TRP D 286 -52.27 113.18 81.06
C TRP D 286 -51.67 114.15 82.07
N ASN D 287 -52.32 114.31 83.21
CA ASN D 287 -51.78 115.19 84.26
C ASN D 287 -50.71 114.46 85.05
N ILE D 288 -50.14 115.12 86.04
CA ILE D 288 -49.04 114.54 86.80
C ILE D 288 -49.42 113.23 87.53
N THR D 289 -50.69 113.04 87.86
CA THR D 289 -51.10 111.87 88.63
C THR D 289 -51.93 110.87 87.82
N GLY D 290 -51.96 111.04 86.50
CA GLY D 290 -52.69 110.10 85.65
C GLY D 290 -54.17 109.94 85.95
N THR D 291 -54.86 111.04 86.22
CA THR D 291 -56.30 110.99 86.47
C THR D 291 -57.06 111.80 85.45
N VAL D 292 -56.54 112.97 85.09
CA VAL D 292 -57.24 113.84 84.15
C VAL D 292 -56.56 113.90 82.79
N LEU D 293 -57.31 113.67 81.73
CA LEU D 293 -56.77 113.73 80.38
C LEU D 293 -57.27 114.98 79.67
N ALA D 294 -56.38 115.70 79.01
CA ALA D 294 -56.80 116.86 78.24
C ALA D 294 -56.70 116.56 76.75
N SER D 295 -57.54 117.20 75.95
CA SER D 295 -57.53 116.97 74.51
C SER D 295 -57.72 118.26 73.74
N SER D 296 -57.08 118.39 72.58
CA SER D 296 -57.24 119.58 71.76
C SER D 296 -57.79 119.24 70.38
N GLY D 297 -58.54 120.16 69.79
CA GLY D 297 -59.13 119.90 68.48
C GLY D 297 -59.13 121.07 67.54
N ASP D 298 -59.70 120.89 66.35
CA ASP D 298 -59.79 121.99 65.38
C ASP D 298 -60.62 123.12 65.92
N ASP D 299 -61.61 122.80 66.74
CA ASP D 299 -62.47 123.82 67.33
C ASP D 299 -61.73 124.85 68.18
N GLY D 300 -60.55 124.50 68.67
CA GLY D 300 -59.80 125.40 69.53
C GLY D 300 -60.17 125.22 70.98
N THR D 301 -61.05 124.26 71.27
CA THR D 301 -61.48 124.03 72.64
C THR D 301 -60.70 122.90 73.28
N VAL D 302 -60.28 123.09 74.52
CA VAL D 302 -59.57 122.04 75.24
C VAL D 302 -60.51 121.41 76.24
N ARG D 303 -60.83 120.14 76.04
CA ARG D 303 -61.79 119.48 76.92
C ARG D 303 -61.10 118.57 77.92
N LEU D 304 -61.37 118.78 79.20
CA LEU D 304 -60.75 117.97 80.24
C LEU D 304 -61.62 116.79 80.58
N TRP D 305 -61.07 115.58 80.50
CA TRP D 305 -61.83 114.37 80.79
C TRP D 305 -61.42 113.76 82.11
N LYS D 306 -62.37 113.59 83.02
CA LYS D 306 -62.06 113.03 84.33
C LYS D 306 -63.10 112.01 84.77
N ALA D 307 -62.64 110.83 85.18
CA ALA D 307 -63.55 109.79 85.64
C ALA D 307 -64.00 110.02 87.06
N ASN D 308 -65.24 109.69 87.37
CA ASN D 308 -65.75 109.84 88.74
C ASN D 308 -65.54 108.57 89.56
N TYR D 309 -66.22 108.48 90.70
CA TYR D 309 -66.10 107.29 91.55
C TYR D 309 -66.73 106.06 90.91
N MET D 310 -67.52 106.25 89.86
CA MET D 310 -68.13 105.13 89.15
C MET D 310 -67.39 104.80 87.87
N ASP D 311 -66.16 105.31 87.71
CA ASP D 311 -65.36 105.07 86.51
C ASP D 311 -66.05 105.56 85.23
N ASN D 312 -66.81 106.64 85.33
CA ASN D 312 -67.48 107.21 84.17
C ASN D 312 -66.82 108.51 83.80
N TRP D 313 -66.08 108.51 82.70
CA TRP D 313 -65.38 109.71 82.29
C TRP D 313 -66.33 110.80 81.84
N LYS D 314 -66.14 112.01 82.36
CA LYS D 314 -67.00 113.13 81.99
C LYS D 314 -66.19 114.39 81.74
N CYS D 315 -66.63 115.20 80.78
CA CYS D 315 -65.95 116.46 80.51
C CYS D 315 -66.15 117.44 81.67
N ILE D 316 -65.06 118.02 82.16
CA ILE D 316 -65.16 118.94 83.29
C ILE D 316 -64.75 120.37 82.96
N GLY D 317 -64.36 120.64 81.72
CA GLY D 317 -63.99 121.99 81.33
C GLY D 317 -63.87 122.25 79.83
N VAL D 318 -64.37 123.39 79.37
CA VAL D 318 -64.26 123.76 77.95
C VAL D 318 -63.76 125.20 77.84
N LEU D 319 -63.11 125.54 76.73
CA LEU D 319 -62.52 126.88 76.59
C LEU D 319 -62.94 127.62 75.33
N LYS D 320 -62.73 128.94 75.32
CA LYS D 320 -63.06 129.73 74.13
C LYS D 320 -61.81 130.17 73.40
N GLY D 321 -61.97 130.98 72.37
CA GLY D 321 -60.84 131.45 71.58
C GLY D 321 -60.22 132.75 72.06
N ASP D 322 -61.01 133.60 72.72
CA ASP D 322 -60.48 134.86 73.25
C ASP D 322 -59.76 134.68 74.58
N GLY D 323 -59.68 133.44 75.07
CA GLY D 323 -59.02 133.17 76.33
C GLY D 323 -59.98 132.96 77.48
N ASN D 324 -61.22 133.37 77.31
CA ASN D 324 -62.23 133.21 78.36
C ASN D 324 -62.69 131.76 78.48
N PRO D 325 -62.97 131.29 79.73
CA PRO D 325 -63.49 129.92 79.74
C PRO D 325 -64.99 129.90 79.42
N VAL D 326 -65.50 128.77 78.94
CA VAL D 326 -66.91 128.69 78.58
C VAL D 326 -67.78 128.84 79.81
N GLY D 327 -68.68 129.82 79.78
CA GLY D 327 -69.58 130.05 80.89
C GLY D 327 -71.04 129.88 80.51
N VAL E 40 111.06 55.05 142.17
CA VAL E 40 110.21 54.87 143.32
C VAL E 40 109.70 56.22 143.82
N ASN E 41 108.38 56.40 143.78
CA ASN E 41 107.78 57.61 144.30
C ASN E 41 107.74 57.56 145.82
N LEU E 42 108.70 58.20 146.47
CA LEU E 42 108.77 58.10 147.92
C LEU E 42 107.63 58.86 148.55
N GLU E 43 106.45 58.23 148.63
CA GLU E 43 105.28 58.87 149.20
C GLU E 43 105.49 58.97 150.70
N ARG E 44 106.31 59.96 151.08
CA ARG E 44 106.76 60.07 152.46
C ARG E 44 105.60 60.40 153.39
N SER E 45 104.86 61.47 153.10
CA SER E 45 103.83 61.94 154.00
C SER E 45 102.45 61.47 153.55
N TYR E 46 101.65 61.05 154.52
CA TYR E 46 100.29 60.61 154.30
C TYR E 46 99.33 61.60 154.96
N MET E 47 98.09 61.63 154.47
CA MET E 47 97.07 62.49 155.04
C MET E 47 95.86 61.66 155.41
N GLU E 48 95.21 62.02 156.52
CA GLU E 48 94.06 61.26 157.01
C GLU E 48 92.78 61.75 156.34
N LEU E 49 92.01 60.80 155.82
CA LEU E 49 90.70 61.08 155.21
C LEU E 49 89.63 60.40 156.06
N ILE E 50 88.74 61.18 156.63
CA ILE E 50 87.73 60.62 157.53
C ILE E 50 86.68 59.91 156.69
N GLY E 51 86.51 58.61 156.93
CA GLY E 51 85.49 57.83 156.28
C GLY E 51 84.16 58.03 156.97
N ALA E 52 83.54 59.18 156.72
CA ALA E 52 82.38 59.62 157.48
C ALA E 52 81.27 58.57 157.49
N GLU E 53 80.91 58.11 158.68
CA GLU E 53 79.73 57.26 158.86
C GLU E 53 78.51 58.18 158.91
N ARG E 54 78.19 58.75 157.75
CA ARG E 54 77.13 59.74 157.65
C ARG E 54 75.75 59.13 157.50
N GLU E 55 75.61 57.80 157.57
CA GLU E 55 74.29 57.21 157.54
C GLU E 55 73.59 57.47 158.86
N THR E 56 72.42 58.13 158.79
CA THR E 56 71.66 58.47 159.98
C THR E 56 71.32 57.24 160.80
N SER E 57 70.88 56.18 160.13
CA SER E 57 70.63 54.91 160.81
C SER E 57 71.95 54.27 161.18
N ARG E 58 72.23 54.16 162.49
CA ARG E 58 73.34 53.35 162.97
C ARG E 58 73.33 52.05 162.18
N ARG E 59 74.48 51.59 161.71
CA ARG E 59 74.55 50.27 161.11
C ARG E 59 73.78 49.34 162.03
N ASN E 60 72.75 48.67 161.52
CA ASN E 60 71.78 48.08 162.45
C ASN E 60 72.47 46.97 163.22
N PHE E 61 73.03 47.35 164.36
CA PHE E 61 73.90 46.45 165.11
C PHE E 61 73.07 45.31 165.69
N ARG E 62 73.20 44.13 165.10
CA ARG E 62 72.44 42.96 165.51
C ARG E 62 72.93 42.57 166.90
N ASP E 63 72.19 43.00 167.92
CA ASP E 63 72.60 42.78 169.31
C ASP E 63 72.48 41.30 169.65
N LEU E 64 73.59 40.69 170.03
CA LEU E 64 73.63 39.29 170.45
C LEU E 64 74.24 39.23 171.85
N SER E 65 73.50 38.64 172.79
CA SER E 65 73.94 38.53 174.17
C SER E 65 74.30 37.08 174.47
N LEU E 66 75.57 36.83 174.76
CA LEU E 66 76.07 35.50 175.07
C LEU E 66 76.24 35.37 176.57
N ARG E 67 75.60 34.37 177.16
CA ARG E 67 75.58 34.21 178.62
C ARG E 67 76.33 32.95 179.03
N PRO E 68 77.65 33.01 179.21
CA PRO E 68 78.36 31.84 179.73
C PRO E 68 78.04 31.62 181.20
N ASP E 69 78.22 30.38 181.64
CA ASP E 69 77.93 30.02 183.02
C ASP E 69 79.06 30.47 183.95
N VAL E 70 79.27 31.77 184.05
CA VAL E 70 80.31 32.35 184.90
C VAL E 70 79.74 33.52 185.67
N ASN E 71 80.05 33.59 186.95
CA ASN E 71 79.48 34.61 187.82
C ASN E 71 80.18 35.96 187.61
N LEU E 72 79.45 37.04 187.86
CA LEU E 72 80.00 38.38 187.73
C LEU E 72 80.99 38.64 188.85
N VAL E 73 82.22 38.99 188.48
CA VAL E 73 83.26 39.31 189.46
C VAL E 73 83.21 40.81 189.71
N ILE E 74 82.71 41.21 190.87
CA ILE E 74 82.67 42.61 191.24
C ILE E 74 84.07 43.04 191.66
N GLY E 75 84.60 44.06 190.98
CA GLY E 75 85.96 44.50 191.22
C GLY E 75 86.98 43.99 190.24
N GLY E 76 86.54 43.47 189.10
CA GLY E 76 87.45 42.96 188.09
C GLY E 76 88.25 44.07 187.45
N PRO E 77 89.37 43.71 186.81
CA PRO E 77 90.21 44.73 186.18
C PRO E 77 89.52 45.36 185.00
N LYS E 78 89.71 46.68 184.84
CA LYS E 78 89.10 47.41 183.73
C LYS E 78 90.12 47.49 182.59
N TYR E 79 89.78 46.88 181.47
CA TYR E 79 90.66 46.90 180.31
C TYR E 79 90.35 48.11 179.44
N ALA E 80 91.42 48.76 178.97
CA ALA E 80 91.26 49.89 178.07
C ALA E 80 90.69 49.41 176.74
N ASP E 81 89.91 50.28 176.09
CA ASP E 81 89.31 49.92 174.82
C ASP E 81 90.40 49.59 173.81
N CYS E 82 90.11 48.61 172.95
CA CYS E 82 91.05 48.19 171.91
C CYS E 82 90.31 48.05 170.60
N ALA E 83 91.07 47.93 169.52
CA ALA E 83 90.50 47.70 168.19
C ALA E 83 91.53 47.03 167.31
N GLY E 84 91.10 46.66 166.11
CA GLY E 84 91.95 45.99 165.15
C GLY E 84 91.18 45.75 163.88
N GLY E 85 91.89 45.24 162.87
CA GLY E 85 91.25 44.95 161.60
C GLY E 85 91.80 43.69 160.98
N TYR E 86 91.02 43.12 160.07
CA TYR E 86 91.46 41.95 159.32
C TYR E 86 91.09 42.14 157.87
N CYS E 87 92.03 41.80 156.98
CA CYS E 87 91.87 41.97 155.54
C CYS E 87 91.95 40.61 154.88
N TYR E 88 90.93 40.26 154.10
CA TYR E 88 90.85 38.94 153.49
C TYR E 88 92.02 38.70 152.55
N SER E 89 92.25 37.43 152.24
CA SER E 89 93.21 37.09 151.18
C SER E 89 92.55 37.29 149.82
N GLU E 90 93.39 37.43 148.80
CA GLU E 90 92.96 37.75 147.43
C GLU E 90 92.16 39.04 147.35
N SER E 91 92.26 39.91 148.35
CA SER E 91 91.59 41.20 148.30
C SER E 91 92.20 42.12 147.25
N SER E 92 93.45 41.88 146.86
CA SER E 92 94.10 42.66 145.83
C SER E 92 93.72 42.23 144.42
N SER E 93 93.14 41.04 144.27
CA SER E 93 92.76 40.54 142.96
C SER E 93 91.55 41.30 142.44
N LEU E 94 91.52 41.57 141.14
CA LEU E 94 90.41 42.32 140.55
C LEU E 94 89.17 41.46 140.35
N LEU E 95 89.31 40.14 140.29
CA LEU E 95 88.20 39.25 140.00
C LEU E 95 87.68 38.50 141.22
N SER E 96 88.38 38.57 142.36
CA SER E 96 87.99 37.83 143.54
C SER E 96 86.75 38.46 144.18
N ALA E 97 86.01 37.63 144.94
CA ALA E 97 84.80 38.12 145.59
C ALA E 97 85.11 38.84 146.90
N THR E 98 86.35 38.81 147.36
CA THR E 98 86.78 39.60 148.51
C THR E 98 87.53 40.85 148.10
N ARG E 99 87.25 41.41 146.93
CA ARG E 99 87.94 42.60 146.45
C ARG E 99 87.55 43.82 147.27
N ASN E 100 88.56 44.49 147.82
CA ASN E 100 88.38 45.73 148.59
C ASN E 100 87.51 45.51 149.83
N ARG E 101 87.60 44.33 150.43
CA ARG E 101 86.82 44.01 151.62
C ARG E 101 87.75 43.80 152.81
N PHE E 102 87.32 44.26 153.98
CA PHE E 102 88.10 44.10 155.20
C PHE E 102 87.17 44.20 156.40
N LEU E 103 87.56 43.53 157.47
CA LEU E 103 86.79 43.50 158.71
C LEU E 103 87.53 44.29 159.79
N HIS E 104 86.78 45.06 160.56
CA HIS E 104 87.34 45.79 161.70
C HIS E 104 86.40 45.65 162.88
N TRP E 105 86.94 45.82 164.08
CA TRP E 105 86.18 45.60 165.30
C TRP E 105 86.72 46.46 166.42
N THR E 106 85.81 46.96 167.25
CA THR E 106 86.15 47.67 168.47
C THR E 106 85.57 46.92 169.66
N SER E 107 86.34 46.84 170.74
CA SER E 107 85.96 46.03 171.89
C SER E 107 86.19 46.80 173.17
N TYR E 108 85.11 47.15 173.85
CA TYR E 108 85.19 47.75 175.18
C TYR E 108 84.65 46.75 176.19
N ALA E 109 84.49 47.18 177.44
CA ALA E 109 84.55 46.32 178.63
C ALA E 109 83.99 44.92 178.42
N ASP E 110 82.71 44.78 178.05
CA ASP E 110 82.13 43.46 177.83
C ASP E 110 81.41 43.35 176.49
N THR E 111 81.78 44.17 175.52
CA THR E 111 81.07 44.23 174.24
C THR E 111 82.09 44.18 173.10
N LEU E 112 81.66 43.63 171.97
CA LEU E 112 82.47 43.56 170.75
C LEU E 112 81.62 44.03 169.58
N GLU E 113 82.14 44.98 168.81
CA GLU E 113 81.40 45.54 167.68
C GLU E 113 82.14 45.24 166.38
N LEU E 114 81.71 44.18 165.71
CA LEU E 114 82.31 43.75 164.45
C LEU E 114 81.62 44.43 163.28
N VAL E 115 82.40 44.86 162.30
CA VAL E 115 81.88 45.55 161.12
C VAL E 115 82.66 45.06 159.91
N GLU E 116 81.95 44.74 158.83
CA GLU E 116 82.57 44.43 157.56
C GLU E 116 82.37 45.61 156.62
N ILE E 117 83.45 46.03 155.96
CA ILE E 117 83.43 47.19 155.08
C ILE E 117 83.90 46.74 153.71
N SER E 118 83.25 47.26 152.68
CA SER E 118 83.69 47.06 151.30
C SER E 118 83.67 48.40 150.59
N LEU E 119 84.84 48.84 150.12
CA LEU E 119 84.93 50.07 149.37
C LEU E 119 84.19 50.00 148.05
N ASP E 120 83.88 48.80 147.56
CA ASP E 120 83.28 48.63 146.26
C ASP E 120 81.76 48.66 146.29
N ILE E 121 81.13 47.85 147.13
CA ILE E 121 79.68 47.74 147.18
C ILE E 121 79.21 47.80 148.62
N ASN E 122 78.07 48.43 148.85
CA ASN E 122 77.48 48.51 150.18
C ASN E 122 76.99 47.14 150.61
N LEU E 123 77.39 46.71 151.80
CA LEU E 123 77.03 45.41 152.32
C LEU E 123 75.81 45.51 153.23
N VAL E 124 74.84 44.63 153.03
CA VAL E 124 73.64 44.61 153.85
C VAL E 124 73.92 43.80 155.11
N ASN E 125 73.46 44.33 156.25
CA ASN E 125 73.65 43.68 157.55
C ASN E 125 75.14 43.44 157.83
N ASN E 126 75.93 44.50 157.76
CA ASN E 126 77.38 44.40 157.93
C ASN E 126 77.86 44.88 159.30
N ALA E 127 77.07 44.65 160.35
CA ALA E 127 77.47 45.06 161.69
C ALA E 127 76.89 44.08 162.71
N VAL E 128 77.69 43.77 163.73
CA VAL E 128 77.28 42.89 164.82
C VAL E 128 77.84 43.45 166.11
N ARG E 129 77.03 43.42 167.17
CA ARG E 129 77.46 43.82 168.51
C ARG E 129 77.29 42.63 169.44
N LEU E 130 78.39 41.96 169.75
CA LEU E 130 78.38 40.77 170.58
C LEU E 130 78.67 41.15 172.03
N ARG E 131 77.74 40.88 172.93
CA ARG E 131 77.87 41.23 174.34
C ARG E 131 78.06 39.96 175.15
N ILE E 132 79.28 39.69 175.57
CA ILE E 132 79.60 38.54 176.42
C ILE E 132 79.39 39.03 177.85
N LEU E 133 78.25 38.71 178.42
CA LEU E 133 77.90 39.20 179.75
C LEU E 133 78.80 38.58 180.82
N ASN E 134 79.16 39.39 181.80
CA ASN E 134 80.00 39.04 182.95
C ASN E 134 81.46 38.80 182.59
N CYS E 135 81.84 38.92 181.32
CA CYS E 135 83.20 38.64 180.87
C CYS E 135 83.75 39.87 180.16
N SER E 136 84.99 40.24 180.48
CA SER E 136 85.61 41.42 179.89
C SER E 136 86.57 41.03 178.77
N ILE E 137 86.33 41.58 177.58
CA ILE E 137 87.12 41.23 176.40
C ILE E 137 88.53 41.79 176.54
N LEU E 138 89.52 40.98 176.19
CA LEU E 138 90.91 41.35 176.37
C LEU E 138 91.36 42.35 175.30
N PRO E 139 92.26 43.27 175.64
CA PRO E 139 92.94 44.05 174.59
C PRO E 139 93.81 43.16 173.73
N GLY E 140 93.43 43.05 172.46
CA GLY E 140 94.14 42.16 171.55
C GLY E 140 93.73 40.71 171.66
N GLY E 141 92.56 40.43 172.22
CA GLY E 141 92.05 39.09 172.39
C GLY E 141 91.10 38.62 171.33
N VAL E 142 90.95 39.35 170.23
CA VAL E 142 90.13 38.94 169.10
C VAL E 142 91.05 38.67 167.92
N HIS E 143 90.99 37.46 167.38
CA HIS E 143 91.80 37.07 166.23
C HIS E 143 90.91 36.43 165.18
N ILE E 144 91.04 36.89 163.94
CA ILE E 144 90.30 36.33 162.80
C ILE E 144 91.27 35.48 162.00
N CYS E 145 90.85 34.27 161.65
CA CYS E 145 91.65 33.35 160.85
C CYS E 145 90.82 32.87 159.67
N GLU E 146 91.47 32.64 158.54
CA GLU E 146 90.77 32.34 157.30
C GLU E 146 90.97 30.89 156.88
N THR E 147 89.94 30.30 156.30
CA THR E 147 89.95 28.98 155.69
C THR E 147 89.30 29.10 154.33
N PRO E 148 89.61 28.17 153.40
CA PRO E 148 89.06 28.28 152.05
C PRO E 148 87.54 28.25 151.97
N ASN E 149 86.85 27.92 153.05
CA ASN E 149 85.39 27.88 153.06
C ASN E 149 84.74 28.76 154.11
N ASN E 150 85.44 29.08 155.20
CA ASN E 150 84.86 29.79 156.33
C ASN E 150 85.76 30.95 156.73
N ILE E 151 85.20 31.86 157.52
CA ILE E 151 85.96 32.87 158.26
C ILE E 151 85.71 32.62 159.74
N VAL E 152 86.78 32.42 160.49
CA VAL E 152 86.70 32.00 161.89
C VAL E 152 87.17 33.15 162.78
N VAL E 153 86.31 33.58 163.70
CA VAL E 153 86.63 34.67 164.62
C VAL E 153 86.86 34.06 166.00
N LEU E 154 88.04 34.28 166.57
CA LEU E 154 88.40 33.73 167.86
C LEU E 154 88.46 34.86 168.89
N ILE E 155 87.61 34.78 169.90
CA ILE E 155 87.46 35.83 170.92
C ILE E 155 87.95 35.29 172.25
N LEU E 156 88.84 36.03 172.89
CA LEU E 156 89.32 35.68 174.23
C LEU E 156 88.78 36.68 175.24
N THR E 157 88.30 36.17 176.37
CA THR E 157 87.82 37.00 177.47
C THR E 157 88.60 36.66 178.73
N ASN E 158 88.26 37.34 179.83
CA ASN E 158 88.95 37.09 181.08
C ASN E 158 88.55 35.77 181.73
N GLN E 159 87.46 35.17 181.28
CA GLN E 159 87.03 33.87 181.82
C GLN E 159 86.65 32.84 180.76
N THR E 160 86.23 33.24 179.57
CA THR E 160 85.80 32.30 178.55
C THR E 160 86.59 32.54 177.27
N VAL E 161 86.61 31.52 176.42
CA VAL E 161 87.17 31.62 175.08
C VAL E 161 86.08 31.17 174.10
N HIS E 162 85.98 31.87 172.97
CA HIS E 162 84.90 31.63 172.03
C HIS E 162 85.45 31.36 170.65
N ARG E 163 84.60 30.79 169.80
CA ARG E 163 84.92 30.57 168.40
C ARG E 163 83.65 30.72 167.58
N LEU E 164 83.67 31.62 166.60
CA LEU E 164 82.56 31.82 165.68
C LEU E 164 82.96 31.34 164.30
N ILE E 165 81.98 30.97 163.50
CA ILE E 165 82.21 30.47 162.14
C ILE E 165 81.24 31.18 161.20
N LEU E 166 81.80 31.90 160.24
CA LEU E 166 81.02 32.63 159.26
C LEU E 166 81.42 32.24 157.85
N PRO E 167 80.49 32.28 156.89
CA PRO E 167 80.83 31.82 155.53
C PRO E 167 81.78 32.76 154.82
N HIS E 168 82.76 32.17 154.13
CA HIS E 168 83.67 32.97 153.33
C HIS E 168 82.91 33.65 152.21
N PRO E 169 83.28 34.88 151.85
CA PRO E 169 82.51 35.60 150.82
C PRO E 169 82.46 34.90 149.47
N SER E 170 83.49 34.11 149.12
CA SER E 170 83.49 33.45 147.83
C SER E 170 82.51 32.28 147.76
N ARG E 171 81.99 31.84 148.91
CA ARG E 171 81.07 30.71 148.97
C ARG E 171 79.61 31.13 149.10
N MET E 172 79.34 32.36 149.53
CA MET E 172 77.96 32.78 149.70
C MET E 172 77.26 33.00 148.35
N TYR E 173 78.02 33.35 147.32
CA TYR E 173 77.46 33.77 146.04
C TYR E 173 77.92 32.80 144.95
N ARG E 174 76.97 32.02 144.44
CA ARG E 174 77.25 31.03 143.40
C ARG E 174 76.92 31.54 142.00
N SER E 175 76.24 32.67 141.86
CA SER E 175 75.83 33.20 140.58
C SER E 175 76.40 34.60 140.41
N GLU E 176 76.98 34.86 139.23
CA GLU E 176 77.58 36.16 138.96
C GLU E 176 76.54 37.24 138.74
N ILE E 177 75.30 36.88 138.43
CA ILE E 177 74.24 37.85 138.21
C ILE E 177 73.55 38.18 139.52
N ILE E 178 74.14 39.08 140.30
CA ILE E 178 73.57 39.52 141.57
C ILE E 178 73.57 41.04 141.55
N SER E 179 72.38 41.63 141.73
CA SER E 179 72.28 43.08 141.85
C SER E 179 73.07 43.55 143.05
N ASP E 180 73.80 44.65 142.89
CA ASP E 180 74.69 45.17 143.92
C ASP E 180 73.92 45.55 145.19
N SER E 181 72.61 45.77 145.07
CA SER E 181 71.82 46.25 146.19
C SER E 181 71.63 45.21 147.28
N HIS E 182 71.82 43.92 146.98
CA HIS E 182 71.48 42.85 147.91
C HIS E 182 72.66 41.98 148.30
N ILE E 183 73.89 42.41 148.03
CA ILE E 183 75.06 41.62 148.40
C ILE E 183 75.20 41.65 149.92
N GLN E 184 74.94 40.51 150.55
CA GLN E 184 74.90 40.45 152.00
C GLN E 184 76.29 40.28 152.58
N SER E 185 76.49 40.86 153.76
CA SER E 185 77.72 40.66 154.50
C SER E 185 77.72 39.28 155.14
N ILE E 186 78.92 38.83 155.53
CA ILE E 186 79.04 37.51 156.12
C ILE E 186 78.40 37.45 157.50
N PHE E 187 78.03 38.60 158.06
CA PHE E 187 77.34 38.65 159.33
C PHE E 187 75.83 38.49 159.20
N THR E 188 75.32 38.19 158.02
CA THR E 188 73.88 38.10 157.84
C THR E 188 73.29 36.93 158.62
N ASP E 189 73.96 35.78 158.55
CA ASP E 189 73.51 34.55 159.20
C ASP E 189 74.30 34.22 160.46
N ILE E 190 74.68 35.22 161.25
CA ILE E 190 75.35 34.94 162.52
C ILE E 190 74.35 34.63 163.61
N GLY E 191 73.08 34.96 163.37
CA GLY E 191 72.05 34.63 164.36
C GLY E 191 71.69 33.17 164.42
N LYS E 192 72.04 32.40 163.39
CA LYS E 192 71.71 30.98 163.33
C LYS E 192 72.78 30.10 163.95
N THR E 193 74.00 30.59 164.16
CA THR E 193 75.02 29.80 164.80
C THR E 193 74.73 29.66 166.28
N ASN E 194 74.81 28.45 166.80
CA ASN E 194 74.55 28.19 168.22
C ASN E 194 75.78 28.61 169.01
N PHE E 195 75.67 29.70 169.76
CA PHE E 195 76.78 30.17 170.58
C PHE E 195 76.93 29.38 171.88
N HIS E 196 75.89 28.66 172.28
CA HIS E 196 75.92 27.86 173.50
C HIS E 196 76.48 26.46 173.27
N ASP E 197 76.81 26.12 172.04
CA ASP E 197 77.43 24.86 171.70
C ASP E 197 78.76 24.73 172.44
N PRO E 198 78.96 23.70 173.26
CA PRO E 198 80.25 23.58 173.99
C PRO E 198 81.45 23.43 173.08
N SER E 199 81.26 23.36 171.77
CA SER E 199 82.38 23.36 170.83
C SER E 199 82.73 24.77 170.40
N ASN E 200 81.85 25.75 170.65
CA ASN E 200 82.12 27.14 170.34
C ASN E 200 82.28 28.02 171.57
N THR E 201 82.35 27.44 172.77
CA THR E 201 82.47 28.20 174.00
C THR E 201 83.08 27.32 175.08
N TYR E 202 84.13 27.83 175.72
CA TYR E 202 84.78 27.11 176.81
C TYR E 202 85.14 28.10 177.91
N VAL E 203 85.02 27.66 179.16
CA VAL E 203 85.34 28.49 180.31
C VAL E 203 86.73 28.14 180.81
N ILE E 204 87.58 29.16 180.95
CA ILE E 204 88.96 28.96 181.40
C ILE E 204 88.96 28.54 182.86
N PRO E 205 89.59 27.42 183.20
CA PRO E 205 89.67 27.04 184.62
C PRO E 205 90.53 27.99 185.41
N ALA E 206 90.36 27.95 186.73
CA ALA E 206 91.13 28.83 187.60
C ALA E 206 92.54 28.33 187.86
N ILE E 207 92.77 27.02 187.76
CA ILE E 207 94.09 26.45 187.98
C ILE E 207 94.44 25.50 186.84
N PRO E 208 95.60 25.65 186.18
CA PRO E 208 96.64 26.68 186.44
C PRO E 208 96.20 28.09 186.06
N GLY E 209 95.17 28.20 185.24
CA GLY E 209 94.50 29.46 184.99
C GLY E 209 95.35 30.54 184.36
N ARG E 210 94.77 31.73 184.22
CA ARG E 210 95.48 32.86 183.63
C ARG E 210 95.96 33.81 184.72
N ALA E 211 97.05 34.51 184.44
CA ALA E 211 97.56 35.50 185.37
C ALA E 211 96.55 36.64 185.48
N PRO E 212 96.40 37.25 186.66
CA PRO E 212 95.47 38.38 186.78
C PRO E 212 96.09 39.66 186.26
N ASN E 213 95.26 40.52 185.68
CA ASN E 213 95.61 41.83 185.15
C ASN E 213 96.48 41.77 183.89
N THR E 214 96.56 40.62 183.23
CA THR E 214 97.40 40.51 182.05
C THR E 214 96.57 40.62 180.78
N THR E 215 97.14 41.31 179.78
CA THR E 215 96.45 41.57 178.52
C THR E 215 97.00 40.77 177.35
N ALA E 216 98.15 40.13 177.50
CA ALA E 216 98.73 39.35 176.41
C ALA E 216 97.84 38.17 176.06
N SER E 217 97.68 37.91 174.77
CA SER E 217 96.81 36.85 174.30
C SER E 217 97.01 36.64 172.82
N THR E 218 96.98 35.36 172.41
CA THR E 218 97.03 35.02 171.00
C THR E 218 96.21 33.76 170.75
N ALA E 219 95.71 33.63 169.53
CA ALA E 219 94.90 32.50 169.12
C ALA E 219 95.06 32.29 167.63
N TRP E 220 94.82 31.07 167.17
CA TRP E 220 95.03 30.74 165.77
C TRP E 220 94.31 29.43 165.45
N LEU E 221 94.32 29.08 164.17
CA LEU E 221 93.81 27.80 163.69
C LEU E 221 94.97 26.93 163.24
N SER E 222 95.02 25.71 163.77
CA SER E 222 96.09 24.79 163.40
C SER E 222 95.87 24.26 161.98
N SER E 223 96.78 23.37 161.58
CA SER E 223 96.67 22.77 160.24
C SER E 223 95.53 21.76 160.17
N ASP E 224 95.11 21.23 161.32
CA ASP E 224 94.00 20.29 161.38
C ASP E 224 92.66 20.96 161.62
N GLY E 225 92.62 22.29 161.64
CA GLY E 225 91.38 23.01 161.89
C GLY E 225 91.06 23.28 163.34
N GLU E 226 91.90 22.83 164.27
CA GLU E 226 91.63 23.00 165.69
C GLU E 226 91.88 24.43 166.11
N ALA E 227 91.01 24.95 166.97
CA ALA E 227 91.11 26.31 167.48
C ALA E 227 91.89 26.28 168.79
N LEU E 228 93.00 27.03 168.83
CA LEU E 228 93.87 27.07 170.00
C LEU E 228 93.89 28.48 170.57
N PHE E 229 93.93 28.58 171.90
CA PHE E 229 93.94 29.86 172.59
C PHE E 229 95.08 29.87 173.60
N ALA E 230 95.99 30.83 173.45
CA ALA E 230 97.15 30.94 174.33
C ALA E 230 97.03 32.21 175.16
N LEU E 231 97.60 32.18 176.36
CA LEU E 231 97.52 33.26 177.32
C LEU E 231 98.49 32.98 178.45
N PRO E 232 98.94 34.00 179.17
CA PRO E 232 99.93 33.78 180.23
C PRO E 232 99.32 33.09 181.44
N SER E 233 100.05 32.12 181.99
CA SER E 233 99.61 31.41 183.17
C SER E 233 100.02 32.14 184.44
N ILE E 234 99.42 31.74 185.56
CA ILE E 234 99.75 32.35 186.84
C ILE E 234 101.20 32.06 187.20
N SER E 235 101.71 30.89 186.82
CA SER E 235 103.07 30.49 187.16
C SER E 235 104.12 31.08 186.23
N GLY E 236 103.75 31.98 185.33
CA GLY E 236 104.69 32.64 184.46
C GLY E 236 104.81 32.06 183.07
N GLY E 237 104.35 30.84 182.84
CA GLY E 237 104.43 30.24 181.54
C GLY E 237 103.34 30.72 180.61
N ILE E 238 103.04 29.89 179.61
CA ILE E 238 101.94 30.13 178.68
C ILE E 238 100.92 29.03 178.89
N LEU E 239 99.64 29.39 178.96
CA LEU E 239 98.57 28.42 179.05
C LEU E 239 97.89 28.31 177.69
N VAL E 240 97.88 27.11 177.11
CA VAL E 240 97.35 26.89 175.78
C VAL E 240 96.10 26.03 175.90
N ILE E 241 94.96 26.58 175.55
CA ILE E 241 93.68 25.88 175.54
C ILE E 241 93.34 25.53 174.10
N LYS E 242 93.18 24.24 173.81
CA LYS E 242 92.97 23.76 172.45
C LYS E 242 91.56 23.19 172.34
N MET E 243 90.83 23.64 171.33
CA MET E 243 89.48 23.16 171.04
C MET E 243 89.54 22.10 169.94
N PRO E 244 88.53 21.26 169.79
CA PRO E 244 88.50 20.33 168.67
C PRO E 244 88.04 21.03 167.40
N PRO E 245 88.26 20.44 166.22
CA PRO E 245 87.74 21.02 164.99
C PRO E 245 86.22 21.16 165.05
N HIS E 246 85.71 22.11 164.27
CA HIS E 246 84.30 22.47 164.40
C HIS E 246 83.35 21.39 163.90
N ASP E 247 83.81 20.50 163.03
CA ASP E 247 82.95 19.45 162.47
C ASP E 247 83.20 18.09 163.09
N MET E 248 83.99 18.00 164.15
CA MET E 248 84.30 16.75 164.82
C MET E 248 84.04 16.85 166.31
N GLU E 249 83.58 15.76 166.91
CA GLU E 249 83.34 15.72 168.34
C GLU E 249 84.62 15.40 169.09
N GLY E 250 84.93 16.20 170.10
CA GLY E 250 86.13 16.00 170.88
C GLY E 250 86.14 16.84 172.14
N LEU E 251 87.06 16.50 173.03
CA LEU E 251 87.19 17.20 174.30
C LEU E 251 88.27 18.27 174.20
N VAL E 252 88.00 19.42 174.81
CA VAL E 252 88.98 20.50 174.82
C VAL E 252 90.18 20.06 175.65
N THR E 253 91.37 20.37 175.15
CA THR E 253 92.60 19.98 175.80
C THR E 253 93.36 21.21 176.27
N ILE E 254 93.94 21.13 177.47
CA ILE E 254 94.63 22.26 178.09
C ILE E 254 96.08 21.85 178.33
N ALA E 255 96.99 22.68 177.84
CA ALA E 255 98.42 22.46 177.99
C ALA E 255 99.08 23.73 178.50
N GLU E 256 100.13 23.57 179.29
CA GLU E 256 100.85 24.69 179.90
C GLU E 256 102.31 24.60 179.50
N LEU E 257 102.78 25.59 178.74
CA LEU E 257 104.17 25.64 178.32
C LEU E 257 104.98 26.33 179.40
N LYS E 258 106.00 25.66 179.92
CA LYS E 258 106.84 26.19 180.99
C LYS E 258 108.30 26.00 180.62
N GLN E 259 109.14 26.96 180.99
CA GLN E 259 110.57 26.84 180.80
C GLN E 259 111.19 25.95 181.88
N GLN E 279 109.06 30.16 188.51
CA GLN E 279 109.03 31.23 187.52
C GLN E 279 108.24 32.41 188.08
N GLY E 280 108.95 33.44 188.53
CA GLY E 280 108.32 34.56 189.18
C GLY E 280 107.46 35.39 188.24
N PRO E 281 106.92 36.49 188.73
CA PRO E 281 106.14 37.38 187.87
C PRO E 281 106.99 38.05 186.79
N ALA E 282 108.31 37.91 186.90
CA ALA E 282 109.20 38.47 185.89
C ALA E 282 109.07 37.79 184.54
N HIS E 283 108.73 36.50 184.52
CA HIS E 283 108.60 35.76 183.28
C HIS E 283 107.24 35.91 182.62
N LEU E 284 106.39 36.81 183.11
CA LEU E 284 105.03 36.90 182.63
C LEU E 284 104.99 37.55 181.25
N PRO E 285 104.44 36.88 180.23
CA PRO E 285 104.41 37.47 178.88
C PRO E 285 103.60 38.76 178.84
N VAL E 286 104.15 39.76 178.16
CA VAL E 286 103.50 41.06 178.00
C VAL E 286 102.82 41.10 176.64
N SER E 287 103.48 40.53 175.63
CA SER E 287 102.91 40.42 174.29
C SER E 287 103.21 39.05 173.72
N LEU E 288 102.20 38.45 173.11
CA LEU E 288 102.30 37.13 172.51
C LEU E 288 101.91 37.21 171.05
N ALA E 289 102.61 36.44 170.22
CA ALA E 289 102.28 36.31 168.81
C ALA E 289 102.67 34.91 168.36
N VAL E 290 102.00 34.43 167.31
CA VAL E 290 102.10 33.05 166.87
C VAL E 290 102.45 33.00 165.39
N HIS E 291 103.12 31.94 164.98
CA HIS E 291 103.42 31.69 163.58
C HIS E 291 103.37 30.18 163.33
N THR E 292 102.55 29.77 162.37
CA THR E 292 102.30 28.36 162.09
C THR E 292 103.20 27.90 160.94
N LEU E 293 104.00 26.86 161.17
CA LEU E 293 104.95 26.39 160.17
C LEU E 293 104.71 24.91 159.86
N ASP E 294 103.75 24.65 158.98
CA ASP E 294 103.56 23.42 158.23
C ASP E 294 103.04 22.23 159.03
N HIS E 295 103.26 22.19 160.34
CA HIS E 295 102.52 21.31 161.24
C HIS E 295 102.48 21.85 162.66
N ASP E 296 103.10 23.00 162.89
CA ASP E 296 103.45 23.45 164.23
C ASP E 296 103.15 24.94 164.35
N SER E 297 102.96 25.38 165.60
CA SER E 297 102.68 26.77 165.91
C SER E 297 103.78 27.31 166.80
N TYR E 298 104.60 28.19 166.26
CA TYR E 298 105.73 28.75 167.01
C TYR E 298 105.23 29.93 167.82
N LEU E 299 105.29 29.81 169.14
CA LEU E 299 104.80 30.85 170.04
C LEU E 299 105.95 31.74 170.48
N PHE E 300 105.81 33.04 170.27
CA PHE E 300 106.81 34.02 170.67
C PHE E 300 106.30 34.78 171.88
N ALA E 301 107.15 34.91 172.90
CA ALA E 301 106.75 35.54 174.17
C ALA E 301 107.73 36.66 174.49
N LEU E 302 107.26 37.90 174.41
CA LEU E 302 108.00 39.06 174.90
C LEU E 302 107.52 39.34 176.32
N CYS E 303 108.37 39.09 177.30
CA CYS E 303 107.96 39.05 178.69
C CYS E 303 108.38 40.31 179.45
N GLN E 304 108.02 40.36 180.73
CA GLN E 304 108.35 41.50 181.57
C GLN E 304 109.84 41.66 181.81
N ASP E 305 110.61 40.57 181.73
CA ASP E 305 112.03 40.60 182.05
C ASP E 305 112.91 40.94 180.86
N HIS E 306 112.36 41.61 179.84
CA HIS E 306 113.10 42.07 178.67
C HIS E 306 113.74 40.91 177.89
N LYS E 307 113.07 39.77 177.83
CA LYS E 307 113.59 38.63 177.06
C LYS E 307 112.50 38.08 176.15
N LEU E 308 112.88 37.82 174.90
CA LEU E 308 111.99 37.21 173.93
C LEU E 308 112.20 35.69 173.95
N ARG E 309 111.12 34.94 174.03
CA ARG E 309 111.17 33.48 174.08
C ARG E 309 110.34 32.90 172.95
N MET E 310 110.95 32.03 172.16
CA MET E 310 110.27 31.33 171.08
C MET E 310 109.88 29.94 171.56
N TRP E 311 108.61 29.60 171.42
CA TRP E 311 108.07 28.34 171.91
C TRP E 311 107.59 27.49 170.74
N SER E 312 107.76 26.18 170.87
CA SER E 312 107.18 25.21 169.96
C SER E 312 106.05 24.50 170.67
N TYR E 313 104.86 24.52 170.08
CA TYR E 313 103.70 23.92 170.74
C TYR E 313 103.69 22.41 170.56
N LYS E 314 104.16 21.92 169.41
CA LYS E 314 104.18 20.48 169.16
C LYS E 314 105.14 19.79 170.11
N ASP E 315 106.35 20.32 170.26
CA ASP E 315 107.35 19.76 171.14
C ASP E 315 107.22 20.24 172.58
N GLN E 316 106.48 21.32 172.81
CA GLN E 316 106.27 21.90 174.15
C GLN E 316 107.61 22.23 174.81
N MET E 317 108.50 22.86 174.05
CA MET E 317 109.82 23.23 174.53
C MET E 317 110.21 24.60 173.99
N CYS E 318 110.86 25.39 174.84
CA CYS E 318 111.38 26.69 174.44
C CYS E 318 112.66 26.50 173.64
N LEU E 319 112.70 27.05 172.44
CA LEU E 319 113.81 26.78 171.53
C LEU E 319 114.81 27.94 171.45
N MET E 320 114.39 29.16 171.79
CA MET E 320 115.30 30.31 171.72
C MET E 320 115.00 31.27 172.87
N VAL E 321 116.06 31.75 173.50
CA VAL E 321 115.97 32.77 174.54
C VAL E 321 116.87 33.92 174.13
N ALA E 322 116.30 35.11 173.96
CA ALA E 322 117.03 36.28 173.50
C ALA E 322 116.77 37.44 174.44
N ASP E 323 117.85 37.96 175.04
CA ASP E 323 117.78 39.15 175.88
C ASP E 323 117.56 40.35 174.98
N MET E 324 116.48 41.10 175.24
CA MET E 324 116.20 42.27 174.42
C MET E 324 117.08 43.46 174.79
N LEU E 325 117.84 43.37 175.88
CA LEU E 325 118.66 44.49 176.33
C LEU E 325 120.01 44.55 175.66
N GLU E 326 120.41 43.52 174.90
CA GLU E 326 121.71 43.57 174.23
C GLU E 326 121.70 44.51 173.04
N TYR E 327 120.54 45.01 172.63
CA TYR E 327 120.40 45.87 171.46
C TYR E 327 120.08 47.31 171.83
N VAL E 328 119.76 47.58 173.09
CA VAL E 328 119.37 48.92 173.54
C VAL E 328 120.61 49.59 174.14
N PRO E 329 120.74 50.92 174.06
CA PRO E 329 121.80 51.61 174.80
C PRO E 329 121.54 51.56 176.30
N VAL E 330 121.96 50.45 176.91
CA VAL E 330 121.51 50.08 178.26
C VAL E 330 121.82 51.18 179.26
N SER E 331 120.89 51.41 180.18
CA SER E 331 121.16 52.09 181.43
C SER E 331 120.98 51.08 182.56
N LYS E 332 121.69 51.29 183.66
CA LYS E 332 121.66 50.33 184.76
C LYS E 332 120.27 50.23 185.39
N ASP E 333 119.44 51.27 185.28
CA ASP E 333 118.16 51.29 185.95
C ASP E 333 117.12 50.39 185.27
N ILE E 334 117.28 50.11 183.98
CA ILE E 334 116.24 49.39 183.25
C ILE E 334 116.15 47.94 183.71
N ARG E 335 117.31 47.32 183.99
CA ARG E 335 117.33 45.90 184.31
C ARG E 335 116.57 45.58 185.60
N GLN E 336 116.27 46.57 186.42
CA GLN E 336 115.53 46.36 187.66
C GLN E 336 114.06 46.75 187.55
N THR E 337 113.62 47.29 186.41
CA THR E 337 112.23 47.69 186.21
C THR E 337 111.57 46.74 185.22
N ALA E 338 110.33 46.36 185.51
CA ALA E 338 109.61 45.43 184.66
C ALA E 338 109.10 46.13 183.39
N GLY E 339 109.24 45.46 182.26
CA GLY E 339 108.80 45.99 180.99
C GLY E 339 107.33 45.76 180.71
N THR E 340 106.45 46.54 181.32
CA THR E 340 105.02 46.39 181.11
C THR E 340 104.54 46.95 179.78
N GLY E 341 105.36 47.70 179.07
CA GLY E 341 104.95 48.38 177.86
C GLY E 341 105.45 47.81 176.56
N HIS E 342 106.09 46.65 176.58
CA HIS E 342 106.62 46.07 175.35
C HIS E 342 105.48 45.49 174.51
N LYS E 343 105.72 45.40 173.21
CA LYS E 343 104.79 44.81 172.26
C LYS E 343 105.57 43.98 171.25
N LEU E 344 104.87 43.11 170.52
CA LEU E 344 105.50 42.20 169.57
C LEU E 344 104.58 41.97 168.38
N ARG E 345 105.13 42.07 167.17
CA ARG E 345 104.39 41.80 165.95
C ARG E 345 105.25 40.99 165.00
N LEU E 346 104.61 40.04 164.31
CA LEU E 346 105.27 39.13 163.39
C LEU E 346 104.71 39.32 161.99
N ALA E 347 105.59 39.23 160.98
CA ALA E 347 105.18 39.31 159.58
C ALA E 347 105.99 38.33 158.77
N PHE E 348 105.33 37.64 157.85
CA PHE E 348 105.91 36.53 157.11
C PHE E 348 105.85 36.81 155.62
N SER E 349 106.99 36.69 154.95
CA SER E 349 107.10 36.91 153.51
C SER E 349 107.14 35.55 152.81
N GLU E 350 106.01 35.16 152.22
CA GLU E 350 105.91 33.84 151.59
C GLU E 350 106.86 33.71 150.41
N THR E 351 107.05 34.79 149.66
CA THR E 351 107.88 34.71 148.45
C THR E 351 109.34 34.50 148.81
N LEU E 352 109.77 34.98 149.97
CA LEU E 352 111.13 34.77 150.43
C LEU E 352 111.27 33.70 151.50
N GLY E 353 110.15 33.23 152.07
CA GLY E 353 110.23 32.32 153.19
C GLY E 353 110.88 32.92 154.41
N ILE E 354 110.72 34.22 154.64
CA ILE E 354 111.39 34.94 155.72
C ILE E 354 110.34 35.45 156.70
N LEU E 355 110.61 35.29 157.99
CA LEU E 355 109.74 35.78 159.05
C LEU E 355 110.42 36.96 159.75
N TYR E 356 109.76 38.10 159.75
CA TYR E 356 110.30 39.31 160.36
C TYR E 356 109.64 39.55 161.71
N LEU E 357 110.43 40.04 162.67
CA LEU E 357 109.95 40.30 164.02
C LEU E 357 110.13 41.78 164.33
N GLY E 358 109.01 42.50 164.47
CA GLY E 358 109.04 43.88 164.86
C GLY E 358 108.65 44.01 166.33
N VAL E 359 109.59 44.47 167.14
CA VAL E 359 109.44 44.51 168.59
C VAL E 359 109.63 45.95 169.05
N TYR E 360 108.81 46.37 170.01
CA TYR E 360 108.86 47.71 170.58
C TYR E 360 109.28 47.59 172.04
N LEU E 361 110.20 48.44 172.47
CA LEU E 361 110.75 48.41 173.82
C LEU E 361 110.36 49.70 174.53
N HIS E 362 109.38 49.63 175.40
CA HIS E 362 108.98 50.79 176.19
C HIS E 362 109.96 51.01 177.33
N THR E 363 110.67 52.13 177.28
CA THR E 363 111.56 52.57 178.33
C THR E 363 111.11 53.93 178.82
N PRO E 364 111.09 54.14 180.14
CA PRO E 364 110.59 55.44 180.66
C PRO E 364 111.32 56.66 180.13
N LYS E 365 112.46 56.51 179.46
CA LYS E 365 113.16 57.65 178.89
C LYS E 365 113.06 57.74 177.37
N GLN E 366 113.17 56.62 176.66
CA GLN E 366 113.07 56.64 175.20
C GLN E 366 112.71 55.26 174.69
N GLY E 367 111.66 55.20 173.88
CA GLY E 367 111.30 53.94 173.25
C GLY E 367 112.29 53.57 172.17
N GLN E 368 112.11 52.37 171.61
CA GLN E 368 112.97 51.89 170.54
C GLN E 368 112.26 50.83 169.73
N PHE E 369 112.28 50.99 168.41
CA PHE E 369 111.80 49.97 167.49
C PHE E 369 112.97 49.11 167.03
N CYS E 370 112.80 47.80 167.14
CA CYS E 370 113.82 46.84 166.71
C CYS E 370 113.18 45.80 165.82
N VAL E 371 113.67 45.69 164.59
CA VAL E 371 113.19 44.72 163.61
C VAL E 371 114.23 43.63 163.46
N PHE E 372 113.78 42.38 163.44
CA PHE E 372 114.69 41.24 163.39
C PHE E 372 114.27 40.25 162.30
N GLN E 373 115.25 39.50 161.81
CA GLN E 373 115.03 38.42 160.87
C GLN E 373 115.33 37.09 161.55
N LEU E 374 114.42 36.14 161.44
CA LEU E 374 114.60 34.83 162.07
C LEU E 374 115.50 33.97 161.18
N MET E 375 116.54 33.41 161.77
CA MET E 375 117.48 32.55 161.06
C MET E 375 117.49 31.17 161.69
N CYS E 376 117.37 30.14 160.87
CA CYS E 376 117.39 28.75 161.34
C CYS E 376 118.66 28.08 160.85
N ALA E 377 119.50 27.65 161.80
CA ALA E 377 120.69 26.89 161.48
C ALA E 377 120.33 25.46 161.11
N GLU E 378 121.32 24.72 160.60
CA GLU E 378 121.08 23.36 160.16
C GLU E 378 120.75 22.42 161.30
N SER E 379 121.18 22.73 162.53
CA SER E 379 120.91 21.89 163.69
C SER E 379 119.66 22.31 164.45
N ASN E 380 118.67 22.90 163.76
CA ASN E 380 117.42 23.35 164.37
C ASN E 380 117.68 24.32 165.52
N ARG E 381 118.76 25.09 165.42
CA ARG E 381 119.02 26.19 166.34
C ARG E 381 118.56 27.49 165.69
N TYR E 382 117.68 28.20 166.39
CA TYR E 382 117.13 29.45 165.87
C TYR E 382 117.82 30.63 166.51
N SER E 383 118.08 31.66 165.71
CA SER E 383 118.70 32.88 166.21
C SER E 383 118.09 34.08 165.51
N LEU E 384 118.18 35.23 166.16
CA LEU E 384 117.71 36.50 165.61
C LEU E 384 118.86 37.23 164.96
N ASP E 385 118.63 37.77 163.78
CA ASP E 385 119.57 38.64 163.09
C ASP E 385 119.09 40.08 163.19
N HIS E 386 120.00 40.98 163.53
CA HIS E 386 119.66 42.39 163.72
C HIS E 386 119.57 43.09 162.37
N ILE E 387 118.38 43.61 162.06
CA ILE E 387 118.17 44.33 160.81
C ILE E 387 118.23 45.84 161.03
N SER E 388 117.46 46.37 161.98
CA SER E 388 117.43 47.81 162.20
C SER E 388 116.98 48.10 163.62
N SER E 389 117.47 49.23 164.15
CA SER E 389 117.05 49.76 165.43
C SER E 389 116.68 51.23 165.26
N ILE E 390 115.42 51.55 165.53
CA ILE E 390 114.91 52.90 165.35
C ILE E 390 114.46 53.43 166.70
N PHE E 391 114.85 54.66 167.03
CA PHE E 391 114.41 55.31 168.25
C PHE E 391 113.21 56.20 167.97
N THR E 392 112.48 56.52 169.03
CA THR E 392 111.32 57.41 168.96
C THR E 392 111.42 58.46 170.06
N ASN E 393 110.48 59.40 170.03
CA ASN E 393 110.44 60.47 171.01
C ASN E 393 109.61 60.02 172.21
N GLN E 394 109.29 60.94 173.11
CA GLN E 394 108.63 60.60 174.37
C GLN E 394 107.13 60.34 174.22
N GLU E 395 106.65 60.13 173.00
CA GLU E 395 105.23 59.87 172.80
C GLU E 395 104.86 58.45 173.24
N THR E 396 103.65 58.32 173.78
CA THR E 396 103.15 57.03 174.28
C THR E 396 102.55 56.25 173.12
N LEU E 397 103.18 55.13 172.76
CA LEU E 397 102.71 54.32 171.65
C LEU E 397 101.39 53.66 172.00
N ILE E 398 100.51 53.53 171.02
CA ILE E 398 99.26 52.81 171.20
C ILE E 398 99.25 51.49 170.44
N ASP E 399 99.69 51.52 169.18
CA ASP E 399 99.74 50.31 168.36
C ASP E 399 100.77 50.54 167.26
N PHE E 400 101.23 49.44 166.66
CA PHE E 400 102.19 49.52 165.56
C PHE E 400 102.17 48.24 164.76
N THR E 401 102.17 48.39 163.44
CA THR E 401 102.27 47.27 162.51
C THR E 401 103.31 47.60 161.46
N PHE E 402 103.91 46.56 160.90
CA PHE E 402 104.91 46.75 159.85
C PHE E 402 104.63 45.83 158.68
N THR E 403 104.73 46.37 157.47
CA THR E 403 104.38 45.67 156.25
C THR E 403 105.65 45.16 155.58
N LEU E 404 105.53 44.04 154.86
CA LEU E 404 106.66 43.43 154.18
C LEU E 404 106.70 43.73 152.68
N THR E 405 105.66 44.35 152.12
CA THR E 405 105.72 44.75 150.72
C THR E 405 106.46 46.06 150.56
N SER E 406 106.23 47.00 151.48
CA SER E 406 106.90 48.30 151.46
C SER E 406 107.97 48.43 152.53
N MET E 407 108.12 47.42 153.39
CA MET E 407 109.18 47.40 154.41
C MET E 407 109.06 48.58 155.36
N ASP E 408 107.83 49.00 155.65
CA ASP E 408 107.58 50.17 156.47
C ASP E 408 107.06 49.79 157.84
N ILE E 409 107.41 50.59 158.84
CA ILE E 409 106.90 50.43 160.21
C ILE E 409 105.87 51.50 160.46
N TRP E 410 104.60 51.12 160.46
CA TRP E 410 103.52 52.05 160.77
C TRP E 410 103.27 52.03 162.26
N ALA E 411 103.23 53.21 162.88
CA ALA E 411 103.07 53.30 164.32
C ALA E 411 102.19 54.48 164.67
N LEU E 412 101.43 54.34 165.76
CA LEU E 412 100.47 55.33 166.20
C LEU E 412 100.76 55.68 167.65
N TRP E 413 100.87 56.98 167.94
CA TRP E 413 101.24 57.45 169.26
C TRP E 413 100.17 58.39 169.80
N LEU E 414 100.45 58.94 170.98
CA LEU E 414 99.77 60.09 171.54
C LEU E 414 100.82 61.03 172.12
N ASP E 415 100.78 62.30 171.71
CA ASP E 415 101.79 63.23 172.20
C ASP E 415 101.43 63.69 173.62
N ASP E 416 102.22 64.62 174.15
CA ASP E 416 102.00 65.08 175.52
C ASP E 416 100.73 65.91 175.67
N ASP E 417 100.14 66.34 174.58
CA ASP E 417 98.83 67.00 174.61
C ASP E 417 97.69 66.03 174.34
N ASN E 418 97.95 64.72 174.39
CA ASN E 418 96.97 63.67 174.10
C ASN E 418 96.46 63.74 172.66
N GLN E 419 97.25 64.26 171.74
CA GLN E 419 96.83 64.34 170.35
C GLN E 419 97.30 63.11 169.56
N THR E 420 96.57 62.79 168.51
CA THR E 420 96.87 61.61 167.70
C THR E 420 98.05 61.90 166.78
N VAL E 421 99.09 61.09 166.88
CA VAL E 421 100.30 61.23 166.07
C VAL E 421 100.58 59.89 165.40
N VAL E 422 100.61 59.91 164.07
CA VAL E 422 100.91 58.73 163.25
C VAL E 422 102.14 59.03 162.42
N LYS E 423 103.07 58.08 162.35
CA LYS E 423 104.25 58.21 161.52
C LYS E 423 104.56 56.86 160.89
N HIS E 424 105.36 56.88 159.83
CA HIS E 424 105.81 55.66 159.20
C HIS E 424 107.25 55.83 158.74
N ILE E 425 107.97 54.71 158.63
CA ILE E 425 109.41 54.75 158.37
C ILE E 425 109.81 53.50 157.61
N ASN E 426 110.77 53.63 156.71
CA ASN E 426 111.33 52.47 156.01
C ASN E 426 112.55 51.95 156.76
N PHE E 427 112.41 50.78 157.37
CA PHE E 427 113.46 50.27 158.24
C PHE E 427 114.57 49.53 157.51
N GLU E 428 114.58 49.56 156.18
CA GLU E 428 115.70 49.01 155.41
C GLU E 428 116.54 50.10 154.76
N GLU E 429 115.90 51.16 154.26
CA GLU E 429 116.58 52.30 153.63
C GLU E 429 116.59 53.52 154.54
N ASN E 430 116.83 53.32 155.82
CA ASN E 430 116.78 54.39 156.81
C ASN E 430 118.19 54.96 157.09
N GLN E 431 118.60 55.89 156.22
CA GLN E 431 119.91 56.51 156.36
C GLN E 431 119.91 57.64 157.38
N ALA E 432 118.75 58.24 157.66
CA ALA E 432 118.68 59.45 158.45
C ALA E 432 117.99 59.30 159.80
N GLY E 433 117.35 58.17 160.06
CA GLY E 433 116.62 58.00 161.32
C GLY E 433 115.41 58.89 161.46
N GLN E 434 114.72 59.20 160.37
CA GLN E 434 113.65 60.18 160.37
C GLN E 434 112.32 59.48 160.13
N TRP E 435 111.31 59.83 160.93
CA TRP E 435 109.97 59.29 160.74
C TRP E 435 109.17 60.18 159.81
N ASN E 436 108.65 59.61 158.75
CA ASN E 436 107.82 60.38 157.81
C ASN E 436 106.47 60.67 158.45
N PRO E 437 106.00 61.92 158.40
CA PRO E 437 104.78 62.26 159.14
C PRO E 437 103.52 61.88 158.39
N VAL E 438 102.44 61.74 159.16
CA VAL E 438 101.09 61.58 158.63
C VAL E 438 100.28 62.78 159.11
N PHE E 439 99.65 63.48 158.17
CA PHE E 439 98.92 64.71 158.47
C PHE E 439 97.54 64.34 158.98
N VAL E 440 97.42 64.28 160.30
CA VAL E 440 96.16 63.88 160.93
C VAL E 440 95.23 65.08 161.03
N ASN E 441 93.95 64.85 160.72
CA ASN E 441 92.96 65.92 160.83
C ASN E 441 92.86 66.40 162.27
N PRO E 442 92.96 67.70 162.53
CA PRO E 442 92.89 68.17 163.91
C PRO E 442 91.45 68.19 164.42
N LEU E 443 91.33 68.19 165.74
CA LEU E 443 90.02 68.31 166.37
C LEU E 443 89.45 69.71 166.11
N PRO E 444 88.13 69.82 166.02
CA PRO E 444 87.52 71.13 165.80
C PRO E 444 87.96 72.15 166.84
N GLU E 445 88.01 73.41 166.42
CA GLU E 445 88.50 74.48 167.29
C GLU E 445 87.57 74.69 168.47
N ASP E 446 88.16 75.10 169.60
CA ASP E 446 87.37 75.31 170.82
C ASP E 446 86.38 76.46 170.65
N ASP E 447 86.83 77.56 170.05
CA ASP E 447 86.01 78.75 169.88
C ASP E 447 85.69 78.95 168.40
N LEU E 448 84.46 79.36 168.12
CA LEU E 448 84.01 79.66 166.76
C LEU E 448 83.91 81.18 166.61
N ALA E 449 84.61 81.73 165.63
CA ALA E 449 84.58 83.17 165.40
C ALA E 449 83.35 83.54 164.58
N ILE E 450 82.55 84.47 165.11
CA ILE E 450 81.30 84.90 164.49
C ILE E 450 81.43 86.37 164.09
N SER E 451 81.22 86.65 162.81
CA SER E 451 81.22 88.03 162.34
C SER E 451 79.97 88.75 162.82
N ASP E 452 80.06 90.08 162.91
CA ASP E 452 78.94 90.87 163.39
C ASP E 452 77.79 90.92 162.38
N GLU E 453 78.05 90.59 161.12
CA GLU E 453 76.99 90.45 160.13
C GLU E 453 76.43 89.04 160.08
N GLN E 454 77.14 88.06 160.64
CA GLN E 454 76.71 86.67 160.63
C GLN E 454 75.89 86.36 161.86
N GLU E 455 74.75 85.73 161.65
CA GLU E 455 73.91 85.35 162.77
C GLU E 455 74.51 84.14 163.48
N PRO E 456 74.54 84.11 164.80
CA PRO E 456 75.19 82.98 165.49
C PRO E 456 74.52 81.64 165.22
N GLN E 457 73.19 81.64 165.05
CA GLN E 457 72.48 80.39 164.76
C GLN E 457 72.97 79.76 163.46
N GLU E 458 73.02 80.55 162.38
CA GLU E 458 73.42 80.00 161.09
C GLU E 458 74.87 79.55 161.10
N ALA E 459 75.75 80.34 161.72
CA ALA E 459 77.17 79.97 161.77
C ALA E 459 77.37 78.68 162.56
N TYR E 460 76.70 78.57 163.71
CA TYR E 460 76.90 77.39 164.54
C TYR E 460 76.29 76.15 163.90
N LEU E 461 75.13 76.27 163.27
CA LEU E 461 74.58 75.13 162.54
C LEU E 461 75.51 74.71 161.41
N GLU E 462 76.07 75.68 160.69
CA GLU E 462 76.94 75.37 159.55
C GLU E 462 78.24 74.73 160.01
N CYS E 463 78.72 75.09 161.20
CA CYS E 463 79.94 74.48 161.70
C CYS E 463 79.68 73.09 162.26
N LEU E 464 78.58 72.92 162.99
CA LEU E 464 78.28 71.61 163.58
C LEU E 464 77.93 70.59 162.51
N PHE E 465 77.21 71.01 161.48
CA PHE E 465 76.71 70.12 160.45
C PHE E 465 77.55 70.16 159.18
N ALA E 466 78.79 70.63 159.27
CA ALA E 466 79.66 70.64 158.11
C ALA E 466 80.23 69.25 157.87
N PRO E 467 80.40 68.82 156.63
CA PRO E 467 80.94 67.48 156.37
C PRO E 467 82.29 67.24 157.00
N GLY E 468 82.39 66.21 157.85
CA GLY E 468 83.64 65.78 158.40
C GLY E 468 84.01 66.35 159.75
N ARG E 469 83.28 67.34 160.25
CA ARG E 469 83.64 67.95 161.53
C ARG E 469 83.17 67.09 162.70
N PHE E 470 81.86 66.93 162.85
CA PHE E 470 81.27 66.24 163.99
C PHE E 470 80.55 64.99 163.51
N THR E 471 80.61 63.93 164.32
CA THR E 471 79.90 62.69 164.04
C THR E 471 78.48 62.76 164.58
N ILE E 472 77.62 61.88 164.07
CA ILE E 472 76.22 61.90 164.49
C ILE E 472 76.09 61.59 165.96
N ALA E 473 76.96 60.71 166.46
CA ALA E 473 76.85 60.27 167.85
C ALA E 473 77.14 61.41 168.81
N ALA E 474 78.06 62.31 168.47
CA ALA E 474 78.39 63.43 169.35
C ALA E 474 77.22 64.40 169.45
N VAL E 475 76.60 64.74 168.32
CA VAL E 475 75.44 65.63 168.33
C VAL E 475 74.29 64.98 169.09
N GLN E 476 74.06 63.69 168.84
CA GLN E 476 72.97 62.99 169.53
C GLN E 476 73.22 62.93 171.03
N LYS E 477 74.47 62.73 171.45
CA LYS E 477 74.77 62.66 172.87
C LYS E 477 74.60 64.03 173.54
N ALA E 478 75.06 65.09 172.87
CA ALA E 478 74.84 66.43 173.40
C ALA E 478 73.35 66.72 173.56
N ILE E 479 72.54 66.30 172.58
CA ILE E 479 71.09 66.46 172.69
C ILE E 479 70.55 65.68 173.88
N GLN E 480 70.92 64.41 173.99
CA GLN E 480 70.42 63.56 175.08
C GLN E 480 70.72 64.18 176.44
N ILE E 481 71.90 64.77 176.60
CA ILE E 481 72.24 65.32 177.92
C ILE E 481 71.64 66.70 178.11
N LEU E 482 71.41 67.45 177.02
CA LEU E 482 70.82 68.78 177.16
C LEU E 482 69.36 68.69 177.59
N ARG E 483 68.66 67.64 177.19
CA ARG E 483 67.25 67.49 177.52
C ARG E 483 67.01 66.86 178.88
N LYS E 484 68.06 66.32 179.51
CA LYS E 484 67.97 65.68 180.83
C LYS E 484 66.92 64.57 180.87
N GLY E 485 66.59 64.00 179.73
CA GLY E 485 65.52 63.02 179.62
C GLY E 485 66.04 61.68 179.13
N SER E 486 65.42 60.60 179.61
CA SER E 486 65.81 59.25 179.23
C SER E 486 64.99 58.77 178.05
N GLY E 487 64.52 59.69 177.23
CA GLY E 487 63.73 59.34 176.06
C GLY E 487 64.49 58.54 175.04
N ARG E 488 63.83 57.55 174.44
CA ARG E 488 64.45 56.71 173.43
C ARG E 488 64.79 57.52 172.19
N VAL E 489 66.07 57.72 171.92
CA VAL E 489 66.48 58.47 170.74
C VAL E 489 66.27 57.59 169.52
N LEU E 490 65.25 57.91 168.72
CA LEU E 490 65.04 57.23 167.46
C LEU E 490 66.23 57.46 166.54
N ASP E 491 66.24 56.73 165.42
CA ASP E 491 67.27 56.97 164.42
C ASP E 491 66.89 58.20 163.59
N LEU E 492 67.13 59.39 164.15
CA LEU E 492 66.68 60.63 163.52
C LEU E 492 67.53 60.96 162.30
N SER E 493 66.85 61.35 161.22
CA SER E 493 67.54 61.79 160.02
C SER E 493 68.36 63.05 160.31
N TRP E 494 69.25 63.38 159.37
CA TRP E 494 70.10 64.55 159.56
C TRP E 494 69.29 65.84 159.58
N GLU E 495 68.26 65.92 158.73
CA GLU E 495 67.41 67.11 158.75
C GLU E 495 66.59 67.19 160.03
N GLU E 496 66.01 66.05 160.45
CA GLU E 496 65.29 66.03 161.72
C GLU E 496 66.24 66.27 162.88
N LEU E 497 67.48 65.78 162.78
CA LEU E 497 68.47 66.07 163.82
C LEU E 497 68.79 67.56 163.89
N ARG E 498 68.89 68.20 162.72
CA ARG E 498 69.13 69.64 162.69
C ARG E 498 67.98 70.41 163.32
N LYS E 499 66.75 70.05 162.95
CA LYS E 499 65.59 70.71 163.53
C LYS E 499 65.50 70.45 165.03
N ASP E 500 65.90 69.26 165.47
CA ASP E 500 65.89 68.96 166.89
C ASP E 500 66.92 69.80 167.64
N VAL E 501 68.13 69.94 167.09
CA VAL E 501 69.15 70.79 167.71
C VAL E 501 68.65 72.22 167.78
N THR E 502 68.10 72.73 166.68
CA THR E 502 67.59 74.10 166.64
C THR E 502 66.50 74.30 167.70
N LEU E 503 65.54 73.37 167.77
CA LEU E 503 64.43 73.54 168.72
C LEU E 503 64.91 73.43 170.16
N THR E 504 65.85 72.53 170.44
CA THR E 504 66.34 72.38 171.80
C THR E 504 67.11 73.62 172.26
N VAL E 505 68.03 74.12 171.42
CA VAL E 505 68.80 75.29 171.84
C VAL E 505 67.93 76.53 171.83
N GLU E 506 66.90 76.58 170.98
CA GLU E 506 65.96 77.69 171.03
C GLU E 506 65.15 77.67 172.32
N ASN E 507 64.74 76.49 172.77
CA ASN E 507 64.06 76.40 174.05
C ASN E 507 64.98 76.81 175.19
N GLU E 508 66.25 76.44 175.11
CA GLU E 508 67.21 76.88 176.12
C GLU E 508 67.37 78.41 176.10
N ILE E 509 67.37 79.00 174.90
CA ILE E 509 67.48 80.45 174.79
C ILE E 509 66.26 81.13 175.42
N GLN E 510 65.07 80.68 175.03
CA GLN E 510 63.85 81.26 175.57
C GLN E 510 63.77 81.10 177.08
N ASN E 511 64.33 80.01 177.62
CA ASN E 511 64.35 79.84 179.07
C ASN E 511 65.45 80.67 179.72
N ALA E 512 66.48 81.07 178.95
CA ALA E 512 67.52 81.95 179.45
C ALA E 512 67.09 83.41 179.46
N VAL E 513 66.05 83.74 178.69
CA VAL E 513 65.52 85.10 178.62
C VAL E 513 64.44 85.27 179.68
N ILE E 514 64.79 85.92 180.79
CA ILE E 514 63.87 86.05 181.90
C ILE E 514 62.97 87.28 181.74
N ASP E 515 63.54 88.39 181.30
CA ASP E 515 62.79 89.63 181.13
C ASP E 515 62.17 89.70 179.74
N TYR E 516 61.11 90.50 179.62
CA TYR E 516 60.48 90.73 178.33
C TYR E 516 61.20 91.80 177.52
N ASP E 517 61.79 92.79 178.18
CA ASP E 517 62.50 93.87 177.51
C ASP E 517 64.00 93.59 177.45
N VAL E 518 64.42 92.66 176.61
CA VAL E 518 65.82 92.35 176.42
C VAL E 518 66.36 93.20 175.27
N SER E 519 67.54 93.78 175.46
CA SER E 519 68.18 94.52 174.39
C SER E 519 68.60 93.57 173.27
N GLN E 520 68.74 94.13 172.07
CA GLN E 520 69.10 93.33 170.91
C GLN E 520 70.54 92.81 171.03
N GLU E 521 71.44 93.64 171.56
CA GLU E 521 72.79 93.17 171.83
C GLU E 521 72.80 92.11 172.91
N GLU E 522 71.98 92.28 173.95
CA GLU E 522 71.90 91.28 175.00
C GLU E 522 71.33 89.97 174.47
N PHE E 523 70.32 90.04 173.60
CA PHE E 523 69.78 88.83 173.00
C PHE E 523 70.83 88.14 172.13
N ARG E 524 71.62 88.91 171.39
CA ARG E 524 72.69 88.32 170.59
C ARG E 524 73.71 87.62 171.47
N GLN E 525 74.06 88.23 172.60
CA GLN E 525 75.04 87.61 173.50
C GLN E 525 74.49 86.32 174.11
N ILE E 526 73.21 86.31 174.49
CA ILE E 526 72.62 85.10 175.04
C ILE E 526 72.58 84.00 173.98
N ASN E 527 72.27 84.37 172.74
CA ASN E 527 72.29 83.41 171.63
C ASN E 527 73.68 82.80 171.48
N ILE E 528 74.71 83.64 171.44
CA ILE E 528 76.08 83.15 171.28
C ILE E 528 76.45 82.23 172.44
N GLU E 529 76.09 82.62 173.66
CA GLU E 529 76.44 81.81 174.83
C GLU E 529 75.78 80.44 174.79
N ASN E 530 74.48 80.39 174.51
CA ASN E 530 73.79 79.10 174.48
C ASN E 530 74.36 78.19 173.39
N TRP E 531 74.55 78.74 172.18
CA TRP E 531 75.09 77.91 171.11
C TRP E 531 76.51 77.48 171.41
N CYS E 532 77.28 78.31 172.12
CA CYS E 532 78.66 77.95 172.44
C CYS E 532 78.69 76.83 173.48
N LYS E 533 77.77 76.86 174.44
CA LYS E 533 77.65 75.74 175.38
C LYS E 533 77.34 74.44 174.65
N PHE E 534 76.36 74.49 173.75
CA PHE E 534 76.04 73.29 172.96
C PHE E 534 77.25 72.83 172.16
N TYR E 535 77.98 73.76 171.55
CA TYR E 535 79.13 73.42 170.72
C TYR E 535 80.25 72.82 171.56
N THR E 536 80.44 73.33 172.77
CA THR E 536 81.48 72.79 173.65
C THR E 536 81.16 71.38 174.09
N CYS E 537 79.88 71.10 174.38
CA CYS E 537 79.50 69.72 174.71
C CYS E 537 79.70 68.80 173.50
N CYS E 538 79.26 69.24 172.32
CA CYS E 538 79.48 68.46 171.11
C CYS E 538 80.97 68.17 170.90
N LEU E 539 81.82 69.16 171.18
CA LEU E 539 83.25 69.00 170.96
C LEU E 539 83.86 68.05 171.99
N GLN E 540 83.38 68.12 173.24
CA GLN E 540 83.82 67.15 174.24
C GLN E 540 83.53 65.72 173.79
N TYR E 541 82.33 65.49 173.27
CA TYR E 541 81.98 64.11 172.91
C TYR E 541 82.65 63.69 171.61
N GLN E 542 82.91 64.62 170.71
CA GLN E 542 83.70 64.30 169.52
C GLN E 542 85.15 64.01 169.89
N GLU E 543 85.65 64.66 170.94
CA GLU E 543 87.00 64.37 171.43
C GLU E 543 87.06 62.98 172.03
N THR E 544 86.02 62.58 172.76
CA THR E 544 85.98 61.22 173.31
C THR E 544 85.84 60.18 172.19
N LEU E 545 85.02 60.49 171.17
CA LEU E 545 84.81 59.54 170.08
C LEU E 545 85.95 59.53 169.08
N SER E 546 86.88 60.49 169.16
CA SER E 546 87.99 60.52 168.23
C SER E 546 89.29 59.95 168.82
N ARG E 547 89.21 59.22 169.93
CA ARG E 547 90.39 58.63 170.52
C ARG E 547 90.95 57.53 169.61
N PRO E 548 92.27 57.48 169.39
CA PRO E 548 92.83 56.41 168.57
C PRO E 548 92.91 55.11 169.35
N LEU E 549 92.69 54.00 168.66
CA LEU E 549 92.73 52.68 169.27
C LEU E 549 93.78 51.76 168.69
N ALA E 550 93.88 51.65 167.37
CA ALA E 550 94.85 50.78 166.74
C ALA E 550 94.91 51.07 165.26
N LEU E 551 95.89 50.47 164.59
CA LEU E 551 96.13 50.66 163.17
C LEU E 551 95.85 49.38 162.41
N LEU E 552 95.28 49.50 161.22
CA LEU E 552 95.07 48.40 160.31
C LEU E 552 95.72 48.73 158.98
N VAL E 553 96.78 48.00 158.61
CA VAL E 553 97.44 48.16 157.33
C VAL E 553 97.20 46.91 156.51
N HIS E 554 96.99 47.09 155.21
CA HIS E 554 96.78 45.96 154.33
C HIS E 554 98.12 45.57 153.70
N PRO E 555 98.53 44.31 153.75
CA PRO E 555 99.83 43.96 153.16
C PRO E 555 99.85 44.02 151.64
N ASP E 556 98.76 43.63 150.98
CA ASP E 556 98.77 43.52 149.53
C ASP E 556 98.39 44.82 148.82
N THR E 557 97.39 45.54 149.32
CA THR E 557 96.94 46.77 148.67
C THR E 557 97.57 48.02 149.25
N ASN E 558 98.43 47.91 150.27
CA ASN E 558 99.02 49.03 150.96
C ASN E 558 97.99 49.96 151.57
N MET E 559 96.74 49.52 151.67
CA MET E 559 95.70 50.33 152.29
C MET E 559 95.93 50.41 153.79
N VAL E 560 96.16 51.63 154.28
CA VAL E 560 96.35 51.89 155.70
C VAL E 560 95.10 52.58 156.23
N CYS E 561 94.67 52.18 157.42
CA CYS E 561 93.49 52.76 158.06
C CYS E 561 93.81 53.03 159.53
N LEU E 562 93.24 54.11 160.06
CA LEU E 562 93.39 54.47 161.46
C LEU E 562 92.07 54.22 162.17
N LEU E 563 92.10 53.31 163.15
CA LEU E 563 90.89 52.87 163.84
C LEU E 563 90.67 53.74 165.06
N ARG E 564 89.63 54.56 165.02
CA ARG E 564 89.25 55.40 166.15
C ARG E 564 88.02 54.83 166.84
N LYS E 565 87.76 55.32 168.05
CA LYS E 565 86.70 54.75 168.88
C LYS E 565 85.32 54.97 168.27
N GLY E 566 85.15 56.01 167.47
CA GLY E 566 83.83 56.34 166.97
C GLY E 566 83.63 56.25 165.47
N PHE E 567 84.72 56.20 164.71
CA PHE E 567 84.62 56.18 163.26
C PHE E 567 85.90 55.60 162.68
N LEU E 568 85.89 55.41 161.37
CA LEU E 568 87.02 54.88 160.63
C LEU E 568 87.58 55.97 159.73
N SER E 569 88.91 56.07 159.68
CA SER E 569 89.58 57.07 158.86
C SER E 569 90.65 56.41 158.00
N PHE E 570 90.67 56.77 156.73
CA PHE E 570 91.59 56.22 155.75
C PHE E 570 92.81 57.12 155.63
N LEU E 571 93.97 56.53 155.35
CA LEU E 571 95.20 57.26 155.13
C LEU E 571 95.52 57.26 153.64
N ALA E 572 95.83 58.43 153.09
CA ALA E 572 96.12 58.56 151.67
C ALA E 572 97.45 59.26 151.45
N PRO E 573 98.13 58.98 150.35
CA PRO E 573 99.41 59.66 150.07
C PRO E 573 99.20 61.12 149.68
N CYS E 574 100.09 61.97 150.17
CA CYS E 574 100.01 63.41 149.96
C CYS E 574 100.87 63.82 148.77
N SER E 575 100.34 64.76 147.98
CA SER E 575 101.06 65.27 146.83
C SER E 575 102.24 66.14 147.27
N LEU E 576 103.15 66.40 146.33
CA LEU E 576 104.42 67.04 146.68
C LEU E 576 104.22 68.45 147.20
N VAL E 577 103.31 69.21 146.56
CA VAL E 577 103.10 70.60 146.98
C VAL E 577 102.60 70.64 148.42
N GLU E 578 101.53 69.89 148.72
CA GLU E 578 100.98 69.89 150.06
C GLU E 578 101.95 69.28 151.07
N HIS E 579 102.73 68.29 150.65
CA HIS E 579 103.73 67.70 151.55
C HIS E 579 104.75 68.75 151.96
N LEU E 580 105.30 69.49 151.00
CA LEU E 580 106.28 70.52 151.35
C LEU E 580 105.64 71.64 152.15
N TYR E 581 104.38 71.96 151.88
CA TYR E 581 103.74 73.09 152.56
C TYR E 581 103.39 72.74 154.01
N LEU E 582 102.99 71.50 154.27
CA LEU E 582 102.44 71.15 155.58
C LEU E 582 103.48 70.54 156.53
N VAL E 583 104.59 70.02 156.01
CA VAL E 583 105.62 69.43 156.86
C VAL E 583 106.17 70.49 157.81
N PRO E 584 106.41 70.18 159.09
CA PRO E 584 106.95 71.19 160.00
C PRO E 584 108.30 71.73 159.54
N ALA E 585 108.68 72.88 160.09
CA ALA E 585 109.88 73.58 159.63
C ALA E 585 111.15 72.78 159.90
N GLU E 586 111.15 71.99 160.96
CA GLU E 586 112.36 71.25 161.33
C GLU E 586 112.62 70.12 160.35
N HIS E 587 111.57 69.57 159.76
CA HIS E 587 111.70 68.47 158.80
C HIS E 587 111.75 68.95 157.35
N LEU E 588 111.67 70.26 157.11
CA LEU E 588 111.71 70.78 155.75
C LEU E 588 113.14 70.96 155.26
N LEU E 589 114.07 71.27 156.17
CA LEU E 589 115.47 71.46 155.80
C LEU E 589 116.17 70.15 155.46
N THR E 590 115.52 69.01 155.66
CA THR E 590 116.09 67.70 155.36
C THR E 590 115.39 67.00 154.21
N VAL E 591 114.57 67.72 153.43
CA VAL E 591 113.87 67.11 152.33
C VAL E 591 114.85 66.77 151.22
N ASP E 592 114.81 65.52 150.76
CA ASP E 592 115.67 65.08 149.67
C ASP E 592 115.38 65.92 148.43
N GLU E 593 116.36 66.75 148.05
CA GLU E 593 116.12 67.70 146.97
C GLU E 593 116.07 67.02 145.61
N SER E 594 116.46 65.75 145.54
CA SER E 594 116.35 65.01 144.28
C SER E 594 114.89 64.71 143.92
N VAL E 595 114.01 64.60 144.91
CA VAL E 595 112.63 64.24 144.64
C VAL E 595 111.86 65.40 144.02
N ILE E 596 112.19 66.64 144.39
CA ILE E 596 111.43 67.79 143.95
C ILE E 596 111.67 68.07 142.48
N SER E 597 112.92 68.06 142.04
CA SER E 597 113.26 68.30 140.64
C SER E 597 114.65 67.75 140.38
N ASP E 598 114.93 67.49 139.09
CA ASP E 598 116.27 67.06 138.71
C ASP E 598 117.28 68.20 138.83
N ASP E 599 116.81 69.44 138.83
CA ASP E 599 117.70 70.60 139.03
C ASP E 599 117.79 70.86 140.53
N ILE E 600 119.01 70.71 141.07
CA ILE E 600 119.24 70.96 142.50
C ILE E 600 118.93 72.41 142.84
N ASP E 601 119.26 73.34 141.94
CA ASP E 601 119.01 74.75 142.17
C ASP E 601 117.51 75.03 142.22
N ALA E 602 116.75 74.48 141.26
CA ALA E 602 115.30 74.66 141.29
C ALA E 602 114.69 74.06 142.55
N ALA E 603 115.21 72.93 142.99
CA ALA E 603 114.70 72.31 144.22
C ALA E 603 114.92 73.22 145.42
N SER E 604 116.14 73.78 145.55
CA SER E 604 116.41 74.68 146.65
C SER E 604 115.52 75.93 146.57
N ASP E 605 115.26 76.40 145.35
CA ASP E 605 114.37 77.56 145.18
C ASP E 605 112.97 77.24 145.69
N ILE E 606 112.41 76.10 145.29
CA ILE E 606 111.06 75.76 145.72
C ILE E 606 111.00 75.55 147.22
N VAL E 607 112.05 74.97 147.81
CA VAL E 607 112.05 74.77 149.27
C VAL E 607 112.07 76.11 149.99
N ASN E 608 112.95 77.02 149.59
CA ASN E 608 112.97 78.34 150.21
C ASN E 608 111.64 79.06 150.01
N LEU E 609 111.04 78.89 148.83
CA LEU E 609 109.76 79.52 148.56
C LEU E 609 108.67 78.99 149.50
N ILE E 610 108.66 77.67 149.72
CA ILE E 610 107.65 77.10 150.61
C ILE E 610 107.90 77.53 152.05
N GLN E 611 109.17 77.68 152.43
CA GLN E 611 109.47 78.23 153.74
C GLN E 611 108.86 79.61 153.91
N CYS E 612 109.07 80.50 152.94
CA CYS E 612 108.49 81.84 153.03
C CYS E 612 106.96 81.78 152.97
N LEU E 613 106.40 80.89 152.15
CA LEU E 613 104.96 80.70 152.09
C LEU E 613 104.40 80.35 153.46
N ARG E 614 105.14 79.57 154.24
CA ARG E 614 104.69 79.24 155.58
C ARG E 614 104.89 80.40 156.54
N MET E 615 105.99 81.14 156.40
CA MET E 615 106.21 82.29 157.27
C MET E 615 105.12 83.34 157.08
N ILE E 616 104.50 83.38 155.90
CA ILE E 616 103.36 84.29 155.70
C ILE E 616 102.11 83.70 156.35
N ALA E 617 101.95 82.38 156.28
CA ALA E 617 100.75 81.75 156.84
C ALA E 617 100.78 81.72 158.36
N ASP E 618 101.98 81.60 158.95
CA ASP E 618 102.08 81.58 160.42
C ASP E 618 101.70 82.91 161.04
N TYR E 619 101.55 83.98 160.26
CA TYR E 619 101.18 85.28 160.77
C TYR E 619 99.88 85.82 160.18
N ILE E 620 99.11 85.00 159.46
CA ILE E 620 97.79 85.42 159.03
C ILE E 620 96.80 85.09 160.13
N SER E 621 96.23 86.13 160.75
CA SER E 621 95.22 85.92 161.78
C SER E 621 93.94 85.39 161.16
N GLU E 622 92.96 85.12 162.02
CA GLU E 622 91.68 84.64 161.52
C GLU E 622 90.93 85.72 160.75
N ASP E 623 91.18 86.99 161.10
CA ASP E 623 90.49 88.09 160.43
C ASP E 623 90.93 88.22 158.97
N MET E 624 92.22 88.07 158.71
CA MET E 624 92.70 88.18 157.33
C MET E 624 92.25 86.98 156.49
N ALA E 625 92.26 85.79 157.08
CA ALA E 625 91.77 84.62 156.35
C ALA E 625 90.29 84.77 156.04
N TYR E 626 89.50 85.23 157.01
CA TYR E 626 88.07 85.44 156.76
C TYR E 626 87.85 86.55 155.74
N LEU E 627 88.71 87.57 155.73
CA LEU E 627 88.57 88.64 154.76
C LEU E 627 88.82 88.12 153.35
N MET E 628 89.84 87.27 153.19
CA MET E 628 90.09 86.67 151.88
C MET E 628 88.94 85.76 151.46
N GLU E 629 88.40 84.96 152.39
CA GLU E 629 87.29 84.09 152.06
C GLU E 629 86.04 84.88 151.68
N SER E 630 85.79 85.99 152.38
CA SER E 630 84.66 86.85 152.04
C SER E 630 84.85 87.49 150.68
N ALA E 631 86.05 88.00 150.41
CA ALA E 631 86.36 88.56 149.10
C ALA E 631 86.11 87.54 148.00
N CYS E 632 86.42 86.28 148.27
CA CYS E 632 86.13 85.22 147.30
C CYS E 632 84.63 85.02 147.17
N CYS E 633 83.89 85.17 148.27
CA CYS E 633 82.45 84.93 148.22
C CYS E 633 81.72 86.02 147.46
N HIS E 634 82.01 87.29 147.75
CA HIS E 634 81.34 88.43 147.14
C HIS E 634 81.98 88.88 145.83
N LEU E 635 82.80 88.03 145.21
CA LEU E 635 83.39 88.28 143.90
C LEU E 635 84.38 89.43 143.90
N GLN E 636 84.87 89.84 145.07
CA GLN E 636 85.90 90.86 145.10
C GLN E 636 87.17 90.34 144.44
N SER E 637 88.02 91.26 144.04
CA SER E 637 89.27 90.88 143.39
C SER E 637 90.26 90.37 144.42
N PRO E 638 90.70 89.11 144.35
CA PRO E 638 91.64 88.61 145.35
C PRO E 638 93.03 89.21 145.24
N GLU E 639 93.35 89.89 144.14
CA GLU E 639 94.65 90.53 144.03
C GLU E 639 94.76 91.75 144.95
N ARG E 640 93.80 92.67 144.83
CA ARG E 640 93.78 93.82 145.73
C ARG E 640 93.58 93.40 147.18
N VAL E 641 92.84 92.30 147.39
CA VAL E 641 92.63 91.81 148.75
C VAL E 641 93.92 91.25 149.34
N ALA E 642 94.68 90.50 148.53
CA ALA E 642 95.98 90.04 148.99
C ALA E 642 96.92 91.21 149.24
N GLU E 643 96.81 92.27 148.42
CA GLU E 643 97.63 93.46 148.65
C GLU E 643 97.25 94.15 149.96
N GLN E 644 95.96 94.23 150.25
CA GLN E 644 95.51 94.83 151.50
C GLN E 644 95.98 94.02 152.70
N ILE E 645 95.91 92.68 152.58
CA ILE E 645 96.40 91.81 153.65
C ILE E 645 97.91 92.01 153.83
N LEU E 646 98.63 92.19 152.72
CA LEU E 646 100.07 92.44 152.80
C LEU E 646 100.35 93.76 153.51
N GLU E 647 99.57 94.80 153.22
CA GLU E 647 99.75 96.08 153.88
C GLU E 647 99.46 96.00 155.37
N ASP E 648 98.42 95.24 155.75
CA ASP E 648 98.16 95.03 157.17
C ASP E 648 99.26 94.23 157.84
N LEU E 649 99.85 93.26 157.12
CA LEU E 649 100.94 92.47 157.67
C LEU E 649 102.18 93.34 157.90
N ILE E 650 102.55 94.15 156.91
CA ILE E 650 103.68 95.05 157.08
C ILE E 650 103.37 96.09 158.15
N ALA E 651 102.08 96.39 158.37
CA ALA E 651 101.70 97.30 159.43
C ALA E 651 101.91 96.68 160.81
N ASN E 652 101.90 95.36 160.90
CA ASN E 652 102.01 94.64 162.17
C ASN E 652 103.27 93.80 162.26
N ASP E 653 104.34 94.19 161.57
CA ASP E 653 105.57 93.41 161.54
C ASP E 653 106.39 93.61 162.81
N ILE E 654 105.83 93.22 163.96
CA ILE E 654 106.50 93.49 165.23
C ILE E 654 107.80 92.70 165.33
N ASP E 655 107.78 91.42 164.97
CA ASP E 655 108.94 90.54 165.15
C ASP E 655 109.86 90.51 163.94
N ASN E 656 109.79 91.53 163.07
CA ASN E 656 110.67 91.65 161.92
C ASN E 656 110.62 90.40 161.04
N ILE E 657 109.43 89.84 160.88
CA ILE E 657 109.25 88.68 160.00
C ILE E 657 109.48 89.09 158.55
N MET E 658 109.17 90.35 158.20
CA MET E 658 109.31 90.79 156.83
C MET E 658 110.78 90.83 156.40
N GLU E 659 111.65 91.31 157.29
CA GLU E 659 113.08 91.30 156.97
C GLU E 659 113.58 89.86 156.77
N ASN E 660 113.04 88.91 157.54
CA ASN E 660 113.45 87.52 157.37
C ASN E 660 112.95 86.96 156.04
N ILE E 661 111.72 87.31 155.65
CA ILE E 661 111.22 86.87 154.35
C ILE E 661 112.08 87.44 153.23
N GLN E 662 112.51 88.70 153.38
CA GLN E 662 113.41 89.29 152.39
C GLN E 662 114.76 88.55 152.36
N ASN E 663 115.33 88.28 153.53
CA ASN E 663 116.60 87.56 153.59
C ASN E 663 116.48 86.20 152.92
N LYS E 664 115.36 85.51 153.12
CA LYS E 664 115.22 84.16 152.58
C LYS E 664 114.93 84.19 151.08
N LEU E 665 114.24 85.22 150.60
CA LEU E 665 114.05 85.36 149.17
C LEU E 665 115.35 85.75 148.48
N GLN E 666 116.25 86.44 149.19
CA GLN E 666 117.55 86.76 148.63
C GLN E 666 118.35 85.50 148.31
N ASP E 667 118.26 84.48 149.15
CA ASP E 667 118.94 83.21 148.92
C ASP E 667 118.35 82.43 147.75
N THR E 668 117.17 82.83 147.27
CA THR E 668 116.54 82.18 146.13
C THR E 668 117.13 82.76 144.85
N ARG E 669 117.54 81.87 143.94
CA ARG E 669 118.10 82.34 142.68
C ARG E 669 117.01 82.71 141.69
N ASN E 670 116.06 81.80 141.44
CA ASN E 670 114.96 82.03 140.52
C ASN E 670 113.65 81.80 141.25
N PRO E 671 113.15 82.80 141.98
CA PRO E 671 111.86 82.63 142.66
C PRO E 671 110.69 82.52 141.70
N ILE E 672 110.76 83.17 140.54
CA ILE E 672 109.66 83.12 139.57
C ILE E 672 109.55 81.73 138.97
N ARG E 673 110.68 81.04 138.78
CA ARG E 673 110.63 79.65 138.36
C ARG E 673 109.91 78.79 139.39
N ALA E 674 110.14 79.05 140.67
CA ALA E 674 109.45 78.30 141.72
C ALA E 674 107.96 78.59 141.73
N ILE E 675 107.58 79.87 141.55
CA ILE E 675 106.17 80.20 141.42
C ILE E 675 105.54 79.43 140.27
N GLY E 676 106.23 79.41 139.13
CA GLY E 676 105.69 78.74 137.96
C GLY E 676 105.61 77.23 138.11
N PHE E 677 106.52 76.67 138.92
CA PHE E 677 106.44 75.24 139.22
C PHE E 677 105.26 74.94 140.13
N LEU E 678 105.06 75.77 141.16
CA LEU E 678 103.95 75.55 142.07
C LEU E 678 102.61 75.70 141.34
N LEU E 679 102.53 76.66 140.43
CA LEU E 679 101.27 76.92 139.75
C LEU E 679 101.02 75.93 138.62
N GLN E 680 102.04 75.13 138.28
CA GLN E 680 101.86 74.09 137.28
C GLN E 680 101.41 72.78 137.92
N ASN E 681 101.95 72.46 139.10
CA ASN E 681 101.56 71.24 139.80
C ASN E 681 100.17 71.36 140.41
N MET E 682 99.71 72.58 140.68
CA MET E 682 98.39 72.80 141.25
C MET E 682 97.33 73.08 140.20
N ASP E 683 97.63 72.82 138.93
CA ASP E 683 96.74 73.14 137.82
C ASP E 683 96.22 71.86 137.20
N TYR E 684 94.90 71.70 137.21
CA TYR E 684 94.23 70.56 136.57
C TYR E 684 93.45 71.00 135.34
N GLU E 685 93.80 72.12 134.74
CA GLU E 685 93.14 72.53 133.50
C GLU E 685 93.47 71.53 132.41
N THR E 686 92.48 70.74 132.02
CA THR E 686 92.68 69.68 131.05
C THR E 686 92.41 70.17 129.65
N ASN E 687 93.02 69.52 128.67
CA ASN E 687 92.66 69.74 127.28
C ASN E 687 91.45 68.88 126.93
N ALA E 688 90.83 69.17 125.79
CA ALA E 688 89.56 68.57 125.41
C ALA E 688 89.70 67.11 125.00
N ASP E 689 90.83 66.49 125.30
CA ASP E 689 91.10 65.13 124.81
C ASP E 689 90.60 64.08 125.78
N MET E 690 89.56 64.40 126.57
CA MET E 690 88.92 63.40 127.41
C MET E 690 88.01 62.55 126.51
N GLU E 691 88.58 61.45 126.03
CA GLU E 691 87.88 60.59 125.09
C GLU E 691 86.67 59.95 125.74
N GLN E 692 85.57 59.92 124.99
CA GLN E 692 84.30 59.45 125.55
C GLN E 692 84.34 57.93 125.74
N PRO E 693 83.57 57.40 126.68
CA PRO E 693 83.67 55.97 126.99
C PRO E 693 83.07 55.08 125.92
N GLN E 694 83.81 54.03 125.56
CA GLN E 694 83.26 52.97 124.72
C GLN E 694 82.42 52.03 125.58
N PRO E 695 81.22 51.65 125.14
CA PRO E 695 80.30 50.94 126.04
C PRO E 695 80.65 49.49 126.30
N ASN E 696 81.83 49.01 125.93
CA ASN E 696 82.21 47.62 126.12
C ASN E 696 83.07 47.41 127.36
N THR E 697 82.80 48.16 128.42
CA THR E 697 83.51 47.95 129.68
C THR E 697 83.00 46.68 130.34
N ARG E 698 83.93 45.88 130.86
CA ARG E 698 83.56 44.66 131.56
C ARG E 698 82.74 44.99 132.80
N LEU E 699 81.65 44.24 132.99
CA LEU E 699 80.68 44.52 134.04
C LEU E 699 81.30 44.44 135.43
N ASN E 700 82.44 43.75 135.56
CA ASN E 700 83.08 43.58 136.86
C ASN E 700 83.73 44.86 137.37
N LEU E 701 83.94 45.84 136.52
CA LEU E 701 84.59 47.09 136.92
C LEU E 701 83.61 48.18 137.28
N SER E 702 82.31 47.99 137.00
CA SER E 702 81.31 49.02 137.26
C SER E 702 81.08 49.25 138.75
N THR E 703 81.49 48.32 139.59
CA THR E 703 81.30 48.43 141.04
C THR E 703 82.56 48.87 141.78
N LEU E 704 83.59 49.31 141.06
CA LEU E 704 84.82 49.70 141.71
C LEU E 704 84.67 51.04 142.40
N TYR E 705 84.93 51.07 143.71
CA TYR E 705 84.80 52.26 144.54
C TYR E 705 83.39 52.86 144.47
N GLY E 706 82.37 52.02 144.63
CA GLY E 706 80.99 52.42 144.53
C GLY E 706 80.21 52.48 145.82
N SER E 707 80.87 52.32 146.96
CA SER E 707 80.17 52.37 148.23
C SER E 707 80.17 53.78 148.79
N ILE E 708 79.30 54.00 149.78
CA ILE E 708 79.22 55.31 150.41
C ILE E 708 80.53 55.66 151.10
N THR E 709 81.22 54.65 151.63
CA THR E 709 82.51 54.90 152.28
C THR E 709 83.54 55.39 151.26
N ALA E 710 83.61 54.74 150.10
CA ALA E 710 84.60 55.14 149.10
C ALA E 710 84.29 56.52 148.55
N SER E 711 83.02 56.81 148.28
CA SER E 711 82.64 58.15 147.86
C SER E 711 83.03 59.19 148.89
N SER E 712 82.74 58.92 150.16
CA SER E 712 83.05 59.87 151.22
C SER E 712 84.55 60.08 151.34
N VAL E 713 85.34 59.01 151.20
CA VAL E 713 86.79 59.14 151.35
C VAL E 713 87.38 59.91 150.18
N VAL E 714 86.99 59.57 148.95
CA VAL E 714 87.52 60.29 147.79
C VAL E 714 87.12 61.77 147.87
N CYS E 715 85.88 62.05 148.28
CA CYS E 715 85.44 63.43 148.29
C CYS E 715 86.04 64.21 149.45
N GLN E 716 86.39 63.53 150.55
CA GLN E 716 87.17 64.19 151.59
C GLN E 716 88.59 64.45 151.13
N ALA E 717 89.13 63.57 150.29
CA ALA E 717 90.42 63.85 149.68
C ALA E 717 90.35 65.13 148.85
N ILE E 718 89.30 65.25 148.04
CA ILE E 718 89.07 66.47 147.26
C ILE E 718 88.96 67.68 148.18
N CYS E 719 88.20 67.55 149.27
CA CYS E 719 88.02 68.66 150.20
C CYS E 719 89.34 69.11 150.80
N LYS E 720 90.12 68.17 151.33
CA LYS E 720 91.37 68.54 152.00
C LYS E 720 92.39 69.09 151.01
N ILE E 721 92.46 68.50 149.81
CA ILE E 721 93.38 69.01 148.80
C ILE E 721 93.01 70.43 148.40
N SER E 722 91.71 70.67 148.18
CA SER E 722 91.28 72.01 147.80
C SER E 722 91.53 73.02 148.92
N ALA E 723 91.31 72.62 150.17
CA ALA E 723 91.55 73.54 151.29
C ALA E 723 93.03 73.88 151.40
N THR E 724 93.90 72.87 151.34
CA THR E 724 95.33 73.13 151.45
C THR E 724 95.82 73.99 150.29
N ARG E 725 95.40 73.68 149.06
CA ARG E 725 95.90 74.45 147.92
C ARG E 725 95.28 75.84 147.88
N PHE E 726 94.08 76.03 148.44
CA PHE E 726 93.55 77.36 148.63
C PHE E 726 94.44 78.17 149.55
N LEU E 727 94.87 77.57 150.66
CA LEU E 727 95.80 78.25 151.55
C LEU E 727 97.11 78.57 150.84
N ILE E 728 97.60 77.64 150.02
CA ILE E 728 98.86 77.87 149.30
C ILE E 728 98.72 79.01 148.32
N CYS E 729 97.62 79.06 147.56
CA CYS E 729 97.43 80.14 146.60
C CYS E 729 97.23 81.48 147.29
N ARG E 730 96.60 81.49 148.46
CA ARG E 730 96.46 82.74 149.21
C ARG E 730 97.82 83.26 149.66
N ASP E 731 98.61 82.41 150.31
CA ASP E 731 99.96 82.82 150.71
C ASP E 731 100.82 83.16 149.50
N LEU E 732 100.57 82.52 148.36
CA LEU E 732 101.35 82.79 147.16
C LEU E 732 101.00 84.15 146.57
N LEU E 733 99.72 84.51 146.57
CA LEU E 733 99.33 85.84 146.11
C LEU E 733 99.94 86.91 147.02
N ILE E 734 99.92 86.68 148.33
CA ILE E 734 100.54 87.64 149.25
C ILE E 734 102.03 87.75 148.97
N LEU E 735 102.68 86.62 148.72
CA LEU E 735 104.11 86.63 148.44
C LEU E 735 104.41 87.29 147.11
N GLN E 736 103.49 87.19 146.15
CA GLN E 736 103.70 87.81 144.84
C GLN E 736 103.57 89.31 144.92
N HIS E 737 102.57 89.80 145.65
CA HIS E 737 102.50 91.24 145.91
C HIS E 737 103.71 91.72 146.70
N LEU E 738 104.22 90.88 147.59
CA LEU E 738 105.46 91.20 148.29
C LEU E 738 106.62 91.36 147.32
N LEU E 739 106.77 90.40 146.40
CA LEU E 739 107.85 90.48 145.41
C LEU E 739 107.69 91.70 144.52
N LEU E 740 106.44 92.07 144.21
CA LEU E 740 106.21 93.31 143.48
C LEU E 740 106.72 94.52 144.25
N ARG E 741 106.30 94.65 145.51
CA ARG E 741 106.73 95.78 146.32
C ARG E 741 108.25 95.78 146.53
N LEU E 742 108.87 94.60 146.50
CA LEU E 742 110.29 94.47 146.75
C LEU E 742 111.09 94.54 145.45
N GLY E 743 110.46 94.25 144.32
CA GLY E 743 111.16 94.31 143.05
C GLY E 743 111.73 95.68 142.74
N ASP E 744 111.13 96.73 143.32
CA ASP E 744 111.60 98.09 143.06
C ASP E 744 113.00 98.34 143.60
N MET E 745 113.44 97.60 144.61
CA MET E 745 114.78 97.73 145.16
C MET E 745 115.75 96.71 144.59
N ALA E 746 115.52 96.24 143.36
CA ALA E 746 116.46 95.44 142.59
C ALA E 746 116.76 94.07 143.21
N LEU E 747 115.72 93.30 143.50
CA LEU E 747 115.93 91.89 143.83
C LEU E 747 115.47 90.98 142.71
N ILE E 748 114.56 91.44 141.85
CA ILE E 748 114.16 90.74 140.64
C ILE E 748 114.30 91.69 139.47
N GLY E 749 114.63 91.15 138.29
CA GLY E 749 114.80 91.98 137.12
C GLY E 749 113.50 92.60 136.65
N ALA E 750 113.62 93.59 135.76
CA ALA E 750 112.45 94.29 135.26
C ALA E 750 111.55 93.37 134.44
N GLY E 751 112.13 92.64 133.48
CA GLY E 751 111.33 91.73 132.68
C GLY E 751 110.74 90.58 133.47
N GLN E 752 111.51 90.04 134.43
CA GLN E 752 110.96 89.01 135.30
C GLN E 752 109.76 89.53 136.08
N LEU E 753 109.88 90.75 136.62
CA LEU E 753 108.77 91.33 137.37
C LEU E 753 107.56 91.56 136.46
N LEU E 754 107.81 91.97 135.21
CA LEU E 754 106.73 92.14 134.25
C LEU E 754 106.02 90.82 134.02
N HIS E 755 106.77 89.73 133.87
CA HIS E 755 106.16 88.41 133.72
C HIS E 755 105.36 88.02 134.95
N SER E 756 105.90 88.30 136.14
CA SER E 756 105.21 87.95 137.38
C SER E 756 103.89 88.69 137.51
N GLN E 757 103.87 89.98 137.20
CA GLN E 757 102.65 90.76 137.40
C GLN E 757 101.68 90.60 136.23
N GLN E 758 102.16 90.17 135.06
CA GLN E 758 101.27 90.03 133.92
C GLN E 758 100.65 88.64 133.83
N GLU E 759 101.39 87.60 134.17
CA GLU E 759 100.89 86.24 133.97
C GLU E 759 100.75 85.44 135.25
N LEU E 760 101.63 85.66 136.24
CA LEU E 760 101.69 84.78 137.38
C LEU E 760 100.65 85.13 138.44
N ILE E 761 100.39 86.41 138.66
CA ILE E 761 99.43 86.83 139.68
C ILE E 761 98.00 86.58 139.23
N PRO E 762 97.60 86.90 137.99
CA PRO E 762 96.26 86.48 137.56
C PRO E 762 96.08 84.98 137.54
N ARG E 763 97.14 84.22 137.22
CA ARG E 763 97.04 82.76 137.26
C ARG E 763 96.87 82.26 138.70
N ALA E 764 97.60 82.84 139.64
CA ALA E 764 97.43 82.46 141.04
C ALA E 764 96.04 82.83 141.55
N ALA E 765 95.52 83.98 141.11
CA ALA E 765 94.18 84.38 141.53
C ALA E 765 93.12 83.47 140.94
N GLN E 766 93.30 83.03 139.68
CA GLN E 766 92.37 82.09 139.09
C GLN E 766 92.43 80.74 139.79
N LEU E 767 93.64 80.27 140.11
CA LEU E 767 93.75 79.02 140.86
C LEU E 767 93.10 79.13 142.23
N LEU E 768 93.22 80.29 142.87
CA LEU E 768 92.63 80.48 144.19
C LEU E 768 91.11 80.49 144.11
N LEU E 769 90.55 81.20 143.13
CA LEU E 769 89.11 81.16 142.94
C LEU E 769 88.64 79.75 142.60
N SER E 770 89.44 79.00 141.84
CA SER E 770 89.07 77.65 141.46
C SER E 770 89.06 76.72 142.67
N TYR E 771 90.05 76.83 143.53
CA TYR E 771 90.11 75.97 144.71
C TYR E 771 89.08 76.38 145.74
N TYR E 772 88.76 77.68 145.85
CA TYR E 772 87.61 78.06 146.67
C TYR E 772 86.33 77.47 146.11
N MET E 773 86.21 77.43 144.79
CA MET E 773 85.03 76.87 144.16
C MET E 773 84.89 75.39 144.49
N ILE E 774 85.96 74.63 144.33
CA ILE E 774 85.92 73.19 144.62
C ILE E 774 85.73 72.95 146.11
N ARG E 775 86.30 73.81 146.96
CA ARG E 775 86.10 73.68 148.40
C ARG E 775 84.64 73.91 148.78
N TRP E 776 84.05 74.99 148.29
CA TRP E 776 82.64 75.24 148.55
C TRP E 776 81.76 74.11 148.02
N GLY E 777 82.09 73.61 146.82
CA GLY E 777 81.32 72.49 146.27
C GLY E 777 81.44 71.24 147.10
N SER E 778 82.62 70.99 147.67
CA SER E 778 82.80 69.83 148.52
C SER E 778 82.24 70.02 149.93
N GLN E 779 81.90 71.24 150.31
CA GLN E 779 81.29 71.50 151.62
C GLN E 779 79.82 71.90 151.55
N CYS E 780 79.27 72.10 150.35
CA CYS E 780 77.86 72.45 150.22
C CYS E 780 77.02 71.19 150.17
N LEU E 781 76.02 71.09 151.04
CA LEU E 781 75.18 69.91 151.12
C LEU E 781 74.10 69.93 150.06
N ALA E 782 73.83 68.78 149.46
CA ALA E 782 72.74 68.67 148.51
C ALA E 782 71.41 68.61 149.26
N CYS E 783 70.34 68.98 148.57
CA CYS E 783 69.03 69.04 149.21
C CYS E 783 68.22 67.80 148.85
N ALA E 784 67.31 67.42 149.75
CA ALA E 784 66.44 66.27 149.50
C ALA E 784 65.35 66.65 148.50
N VAL E 785 65.29 65.92 147.39
CA VAL E 785 64.34 66.16 146.32
C VAL E 785 63.31 65.03 146.33
N PRO E 786 62.03 65.33 146.55
CA PRO E 786 61.01 64.27 146.47
C PRO E 786 60.95 63.65 145.08
N VAL E 787 60.28 62.50 145.00
CA VAL E 787 60.31 61.70 143.78
C VAL E 787 59.37 62.29 142.72
N ASP E 788 58.24 62.85 143.15
CA ASP E 788 57.30 63.43 142.19
C ASP E 788 57.94 64.57 141.42
N ILE E 789 58.71 65.42 142.11
CA ILE E 789 59.36 66.55 141.45
C ILE E 789 60.47 66.08 140.52
N LEU E 790 61.27 65.11 140.98
CA LEU E 790 62.34 64.56 140.13
C LEU E 790 61.77 63.92 138.87
N GLU E 791 60.63 63.23 138.98
CA GLU E 791 60.02 62.62 137.81
C GLU E 791 59.42 63.65 136.88
N SER E 792 58.74 64.67 137.43
CA SER E 792 58.24 65.74 136.58
C SER E 792 59.39 66.45 135.87
N ASN E 793 60.54 66.53 136.52
CA ASN E 793 61.71 67.15 135.90
C ASN E 793 62.27 66.30 134.78
N LEU E 794 62.51 65.01 135.03
CA LEU E 794 62.97 64.12 133.97
C LEU E 794 61.96 64.05 132.84
N GLN E 795 60.70 64.34 133.10
CA GLN E 795 59.73 64.50 132.01
C GLN E 795 60.00 65.78 131.25
N HIS E 796 60.22 66.89 131.97
CA HIS E 796 60.43 68.18 131.32
C HIS E 796 61.68 68.18 130.45
N LEU E 797 62.61 67.28 130.72
CA LEU E 797 63.85 67.30 129.95
C LEU E 797 63.84 66.27 128.83
N SER E 798 62.93 65.30 128.86
CA SER E 798 62.72 64.49 127.67
C SER E 798 62.26 65.34 126.50
N VAL E 799 61.61 66.47 126.80
CA VAL E 799 61.29 67.49 125.79
C VAL E 799 62.55 68.06 125.16
N LEU E 800 63.61 68.24 125.95
CA LEU E 800 64.88 68.77 125.49
C LEU E 800 65.89 67.67 125.19
N GLU E 801 65.54 66.41 125.44
CA GLU E 801 66.34 65.25 125.05
C GLU E 801 67.71 65.21 125.72
N LEU E 802 67.78 65.63 126.98
CA LEU E 802 68.99 65.44 127.79
C LEU E 802 68.94 64.17 128.61
N SER E 803 67.80 63.47 128.64
CA SER E 803 67.65 62.25 129.43
C SER E 803 67.84 61.05 128.51
N ASP E 804 69.10 60.66 128.30
CA ASP E 804 69.41 59.40 127.62
C ASP E 804 69.40 58.21 128.59
N SER E 805 69.91 58.39 129.80
CA SER E 805 70.05 57.31 130.76
C SER E 805 68.67 56.89 131.26
N GLN E 806 68.35 55.61 131.16
CA GLN E 806 67.09 55.09 131.65
C GLN E 806 66.98 55.32 133.15
N VAL E 807 65.74 55.40 133.64
CA VAL E 807 65.52 55.60 135.06
C VAL E 807 65.71 54.24 135.73
N GLU E 808 66.95 53.94 136.15
CA GLU E 808 67.25 52.66 136.75
C GLU E 808 67.17 52.73 138.27
N LYS E 809 65.97 52.95 138.80
CA LYS E 809 65.73 52.95 140.24
C LYS E 809 66.78 53.77 140.99
N ARG E 810 66.79 55.08 140.77
CA ARG E 810 67.71 55.95 141.50
C ARG E 810 67.60 55.69 142.98
N ARG E 811 68.67 55.20 143.58
CA ARG E 811 68.62 54.74 144.96
C ARG E 811 68.23 55.88 145.89
N TYR E 812 67.36 55.59 146.85
CA TYR E 812 67.03 56.57 147.87
C TYR E 812 68.29 56.96 148.60
N THR E 813 68.75 58.20 148.41
CA THR E 813 69.97 58.66 149.06
C THR E 813 69.61 59.19 150.45
N SER E 814 69.30 58.25 151.35
CA SER E 814 68.97 58.58 152.72
C SER E 814 70.17 59.09 153.51
N GLY E 815 71.34 59.16 152.89
CA GLY E 815 72.52 59.68 153.53
C GLY E 815 72.81 61.11 153.10
N ILE E 816 73.57 61.82 153.93
CA ILE E 816 73.98 63.18 153.61
C ILE E 816 75.10 63.14 152.59
N GLN E 817 74.94 63.87 151.50
CA GLN E 817 75.95 63.93 150.47
C GLN E 817 76.08 65.35 149.94
N THR E 818 77.33 65.79 149.82
CA THR E 818 77.61 67.08 149.18
C THR E 818 77.39 66.97 147.68
N ILE E 819 77.31 68.12 147.02
CA ILE E 819 77.08 68.10 145.58
C ILE E 819 78.25 67.44 144.86
N VAL E 820 79.44 67.52 145.44
CA VAL E 820 80.58 66.81 144.88
C VAL E 820 80.38 65.30 145.00
N GLU E 821 79.81 64.84 146.12
CA GLU E 821 79.55 63.41 146.30
C GLU E 821 78.45 62.92 145.37
N LEU E 822 77.40 63.73 145.19
CA LEU E 822 76.35 63.37 144.24
C LEU E 822 76.91 63.29 142.83
N PHE E 823 77.77 64.24 142.45
CA PHE E 823 78.41 64.19 141.15
C PHE E 823 79.31 62.97 141.02
N PHE E 824 80.07 62.64 142.07
CA PHE E 824 80.92 61.47 142.06
C PHE E 824 80.11 60.20 141.83
N GLU E 825 79.00 60.05 142.55
CA GLU E 825 78.24 58.82 142.49
C GLU E 825 77.46 58.71 141.18
N ASP E 826 76.94 59.83 140.67
CA ASP E 826 76.11 59.73 139.48
C ASP E 826 76.92 59.73 138.18
N VAL E 827 78.03 60.47 138.14
CA VAL E 827 78.70 60.77 136.87
C VAL E 827 80.17 60.35 136.88
N ALA E 828 80.91 60.77 137.89
CA ALA E 828 82.37 60.58 137.86
C ALA E 828 82.75 59.13 138.09
N ARG E 829 81.87 58.34 138.69
CA ARG E 829 82.22 56.95 139.00
C ARG E 829 82.07 56.05 137.79
N LYS E 830 81.19 56.43 136.85
CA LYS E 830 80.99 55.62 135.65
C LYS E 830 82.20 55.65 134.72
N HIS E 831 83.08 56.64 134.86
CA HIS E 831 84.23 56.78 133.97
C HIS E 831 85.52 56.23 134.58
N PHE E 832 85.46 55.65 135.78
CA PHE E 832 86.67 55.09 136.38
C PHE E 832 87.17 53.82 135.68
N PRO E 833 86.32 52.95 135.11
CA PRO E 833 86.86 51.83 134.33
C PRO E 833 87.80 52.27 133.22
N HIS E 834 87.50 53.36 132.52
CA HIS E 834 88.37 53.78 131.42
C HIS E 834 89.64 54.44 131.94
N VAL E 835 89.57 55.12 133.08
CA VAL E 835 90.78 55.64 133.70
C VAL E 835 91.69 54.48 134.11
N PHE E 836 91.09 53.37 134.55
CA PHE E 836 91.88 52.19 134.90
C PHE E 836 92.48 51.55 133.65
N ILE E 837 91.71 51.47 132.57
CA ILE E 837 92.17 50.79 131.36
C ILE E 837 93.24 51.59 130.63
N GLN E 838 93.12 52.92 130.63
CA GLN E 838 94.02 53.74 129.82
C GLN E 838 95.42 53.80 130.40
N SER E 839 95.61 53.41 131.66
CA SER E 839 96.89 53.56 132.34
C SER E 839 97.83 52.39 132.10
N GLY E 840 97.60 51.64 131.02
CA GLY E 840 98.37 50.45 130.76
C GLY E 840 97.99 49.25 131.58
N ALA E 841 96.76 49.19 132.08
CA ALA E 841 96.31 48.12 132.94
C ALA E 841 95.55 47.06 132.15
N SER E 842 95.99 46.79 130.91
CA SER E 842 95.40 45.71 130.13
C SER E 842 95.69 44.34 130.72
N GLN E 843 96.68 44.23 131.61
CA GLN E 843 97.02 42.97 132.26
C GLN E 843 96.22 42.86 133.55
N LEU E 844 95.24 41.97 133.58
CA LEU E 844 94.28 41.87 134.67
C LEU E 844 94.89 41.24 135.92
N GLN E 845 96.18 40.95 135.91
CA GLN E 845 96.84 40.27 137.03
C GLN E 845 97.47 41.23 138.02
N GLU E 846 97.57 42.52 137.71
CA GLU E 846 98.25 43.45 138.61
C GLU E 846 97.39 43.70 139.84
N PRO E 847 97.96 43.68 141.03
CA PRO E 847 97.17 43.88 142.25
C PRO E 847 96.77 45.34 142.43
N LEU E 848 95.60 45.54 143.03
CA LEU E 848 95.12 46.90 143.30
C LEU E 848 96.01 47.55 144.35
N ASN E 849 96.44 48.77 144.07
CA ASN E 849 97.26 49.55 144.99
C ASN E 849 96.43 50.72 145.48
N TRP E 850 96.29 50.85 146.80
CA TRP E 850 95.45 51.90 147.36
C TRP E 850 96.02 53.29 147.07
N SER E 851 97.35 53.44 147.21
CA SER E 851 97.96 54.75 147.01
C SER E 851 97.78 55.26 145.59
N ASP E 852 98.25 54.48 144.60
CA ASP E 852 98.15 54.90 143.21
C ASP E 852 96.70 55.08 142.78
N LEU E 853 95.82 54.17 143.21
CA LEU E 853 94.43 54.24 142.78
C LEU E 853 93.73 55.45 143.37
N ILE E 854 93.99 55.76 144.65
CA ILE E 854 93.36 56.93 145.25
C ILE E 854 93.93 58.21 144.65
N LYS E 855 95.22 58.21 144.29
CA LYS E 855 95.81 59.40 143.68
C LYS E 855 95.22 59.65 142.30
N ARG E 856 95.14 58.61 141.47
CA ARG E 856 94.56 58.77 140.15
C ARG E 856 93.09 59.15 140.24
N ILE E 857 92.35 58.56 141.18
CA ILE E 857 90.93 58.86 141.30
C ILE E 857 90.71 60.29 141.76
N THR E 858 91.53 60.75 142.72
CA THR E 858 91.41 62.13 143.18
C THR E 858 91.79 63.12 142.08
N ASN E 859 92.83 62.83 141.31
CA ASN E 859 93.22 63.74 140.25
C ASN E 859 92.18 63.77 139.13
N TYR E 860 91.57 62.63 138.81
CA TYR E 860 90.53 62.61 137.79
C TYR E 860 89.28 63.32 138.27
N LEU E 861 88.91 63.12 139.54
CA LEU E 861 87.76 63.83 140.08
C LEU E 861 88.03 65.32 140.21
N LEU E 862 89.29 65.70 140.35
CA LEU E 862 89.62 67.13 140.38
C LEU E 862 89.57 67.72 138.98
N GLN E 863 90.01 66.96 137.98
CA GLN E 863 89.91 67.43 136.60
C GLN E 863 88.45 67.59 136.18
N LEU E 864 87.58 66.66 136.59
CA LEU E 864 86.15 66.84 136.33
C LEU E 864 85.59 67.97 137.20
N LEU E 865 86.06 68.09 138.44
CA LEU E 865 85.60 69.13 139.35
C LEU E 865 86.31 70.45 139.10
N TRP E 866 87.45 70.43 138.44
CA TRP E 866 87.89 71.64 137.77
C TRP E 866 86.85 71.80 136.69
N PRO E 867 85.88 72.69 136.84
CA PRO E 867 84.67 72.56 136.01
C PRO E 867 84.97 72.85 134.55
N SER E 868 85.68 71.91 133.95
CA SER E 868 86.18 71.97 132.59
C SER E 868 85.77 70.71 131.87
N ASN E 869 84.94 69.91 132.50
CA ASN E 869 84.61 68.59 131.98
C ASN E 869 83.84 68.73 130.68
N PRO E 870 84.44 68.40 129.53
CA PRO E 870 83.72 68.59 128.25
C PRO E 870 82.40 67.85 128.19
N ASN E 871 82.23 66.74 128.90
CA ASN E 871 80.94 66.07 128.94
C ASN E 871 79.86 66.98 129.52
N PHE E 872 80.20 67.76 130.54
CA PHE E 872 79.29 68.73 131.15
C PHE E 872 78.04 68.10 131.73
N GLN E 873 78.17 67.27 132.75
CA GLN E 873 77.00 66.58 133.27
C GLN E 873 76.60 67.10 134.65
N PHE E 874 77.44 67.91 135.29
CA PHE E 874 77.06 68.48 136.57
C PHE E 874 75.92 69.46 136.41
N ALA E 875 76.07 70.42 135.50
CA ALA E 875 75.01 71.39 135.27
C ALA E 875 73.82 70.75 134.55
N GLU E 876 74.09 69.87 133.59
CA GLU E 876 73.02 69.10 132.98
C GLU E 876 72.20 68.37 134.04
N CYS E 877 72.85 67.88 135.10
CA CYS E 877 72.14 67.19 136.18
C CYS E 877 71.41 68.17 137.09
N LEU E 878 72.02 69.31 137.38
CA LEU E 878 71.36 70.25 138.30
C LEU E 878 70.20 70.95 137.62
N MET E 879 70.17 70.93 136.29
CA MET E 879 68.93 71.22 135.58
C MET E 879 68.02 69.99 135.55
N ARG E 880 68.63 68.80 135.52
CA ARG E 880 67.85 67.56 135.57
C ARG E 880 67.16 67.36 136.91
N ASN E 881 67.87 67.57 138.01
CA ASN E 881 67.26 67.61 139.34
C ASN E 881 66.51 68.93 139.48
N CYS E 882 66.15 69.36 140.67
CA CYS E 882 65.59 70.70 140.76
C CYS E 882 66.43 71.53 141.71
N GLN E 883 67.72 71.22 141.77
CA GLN E 883 68.70 72.07 142.45
C GLN E 883 69.27 73.07 141.43
N TYR E 884 68.37 73.85 140.83
CA TYR E 884 68.80 74.89 139.92
C TYR E 884 69.62 75.96 140.64
N THR E 885 69.66 75.87 141.96
CA THR E 885 70.24 76.92 142.79
C THR E 885 71.75 76.81 142.89
N GLN E 886 72.21 75.71 143.48
CA GLN E 886 73.62 75.40 143.44
C GLN E 886 74.11 75.41 141.99
N LEU E 887 73.21 75.20 141.04
CA LEU E 887 73.58 75.27 139.64
C LEU E 887 73.91 76.69 139.19
N GLN E 888 72.99 77.63 139.41
CA GLN E 888 73.27 79.02 139.02
C GLN E 888 74.50 79.53 139.75
N GLU E 889 74.65 79.16 141.02
CA GLU E 889 75.86 79.54 141.75
C GLU E 889 77.11 78.92 141.15
N TYR E 890 77.02 77.67 140.71
CA TYR E 890 78.16 76.98 140.14
C TYR E 890 78.59 77.63 138.84
N VAL E 891 77.65 77.83 137.92
CA VAL E 891 77.96 78.44 136.63
C VAL E 891 78.43 79.87 136.83
N ARG E 892 77.90 80.57 137.84
CA ARG E 892 78.29 81.94 138.08
C ARG E 892 79.72 82.03 138.59
N LEU E 893 80.04 81.29 139.66
CA LEU E 893 81.38 81.35 140.21
C LEU E 893 82.40 80.73 139.25
N LEU E 894 81.93 79.92 138.31
CA LEU E 894 82.75 79.19 137.36
C LEU E 894 83.09 79.99 136.10
N LEU E 895 82.06 80.53 135.44
CA LEU E 895 82.20 81.02 134.07
C LEU E 895 83.35 82.02 133.86
N PRO E 896 83.64 82.96 134.76
CA PRO E 896 84.70 83.94 134.44
C PRO E 896 86.07 83.34 134.15
N TRP E 897 86.42 82.20 134.71
CA TRP E 897 87.83 81.77 134.68
C TRP E 897 88.10 80.45 133.98
N CYS E 898 87.11 79.59 133.75
CA CYS E 898 87.35 78.32 133.09
C CYS E 898 86.76 78.36 131.68
N GLN E 899 87.54 77.96 130.68
CA GLN E 899 87.24 78.23 129.29
C GLN E 899 86.58 77.06 128.57
N VAL E 900 86.53 75.88 129.17
CA VAL E 900 85.91 74.73 128.53
C VAL E 900 84.48 74.58 129.04
N ASN E 901 83.58 74.21 128.12
CA ASN E 901 82.14 74.10 128.38
C ASN E 901 81.46 75.45 128.56
N VAL E 902 81.98 76.49 127.91
CA VAL E 902 81.30 77.78 127.99
C VAL E 902 79.92 77.68 127.35
N GLY E 903 79.84 77.03 126.18
CA GLY E 903 78.54 76.84 125.55
C GLY E 903 77.61 76.00 126.39
N SER E 904 78.15 74.98 127.04
CA SER E 904 77.32 74.11 127.87
C SER E 904 76.87 74.82 129.15
N CYS E 905 77.78 75.56 129.80
CA CYS E 905 77.41 76.38 130.94
C CYS E 905 76.29 77.35 130.57
N HIS E 906 76.36 77.94 129.38
CA HIS E 906 75.33 78.88 128.97
C HIS E 906 74.02 78.20 128.66
N PHE E 907 74.06 77.01 128.06
CA PHE E 907 72.84 76.23 127.84
C PHE E 907 72.15 75.94 129.15
N MET E 908 72.92 75.51 130.15
CA MET E 908 72.30 75.12 131.42
C MET E 908 71.82 76.33 132.20
N LEU E 909 72.55 77.44 132.13
CA LEU E 909 72.09 78.66 132.77
C LEU E 909 70.79 79.13 132.11
N ALA E 910 70.67 78.94 130.80
CA ALA E 910 69.43 79.24 130.10
C ALA E 910 68.30 78.37 130.60
N GLN E 911 68.57 77.09 130.86
CA GLN E 911 67.51 76.22 131.38
C GLN E 911 67.08 76.62 132.77
N CYS E 912 68.05 76.99 133.63
CA CYS E 912 67.72 77.49 134.95
C CYS E 912 66.83 78.73 134.86
N TYR E 913 67.14 79.64 133.94
CA TYR E 913 66.34 80.85 133.81
C TYR E 913 64.98 80.56 133.18
N LEU E 914 64.93 79.61 132.25
CA LEU E 914 63.65 79.16 131.74
C LEU E 914 62.77 78.68 132.88
N VAL E 915 63.34 77.90 133.80
CA VAL E 915 62.54 77.38 134.91
C VAL E 915 62.18 78.48 135.90
N ALA E 916 63.10 79.42 136.14
CA ALA E 916 62.78 80.53 137.03
C ALA E 916 61.79 81.51 136.43
N GLY E 917 61.32 81.27 135.20
CA GLY E 917 60.37 82.13 134.54
C GLY E 917 60.96 83.20 133.66
N GLU E 918 62.28 83.20 133.45
CA GLU E 918 62.96 84.26 132.70
C GLU E 918 63.40 83.75 131.32
N GLY E 919 62.47 83.89 130.37
CA GLY E 919 62.66 83.26 129.06
C GLY E 919 63.58 84.02 128.13
N HIS E 920 63.67 85.35 128.27
CA HIS E 920 64.52 86.13 127.37
C HIS E 920 65.99 85.93 127.69
N LYS E 921 66.31 85.78 128.97
CA LYS E 921 67.68 85.44 129.34
C LYS E 921 67.98 83.98 129.03
N ALA E 922 66.94 83.14 129.01
CA ALA E 922 67.08 81.81 128.43
C ALA E 922 67.46 81.90 126.96
N LEU E 923 66.82 82.81 126.21
CA LEU E 923 67.24 83.09 124.84
C LEU E 923 68.73 83.38 124.77
N ASP E 924 69.16 84.40 125.51
CA ASP E 924 70.53 84.86 125.38
C ASP E 924 71.51 83.75 125.75
N CYS E 925 71.18 82.95 126.77
CA CYS E 925 72.11 81.93 127.22
C CYS E 925 72.04 80.67 126.36
N PHE E 926 70.91 80.44 125.69
CA PHE E 926 70.83 79.37 124.69
C PHE E 926 71.63 79.75 123.45
N SER E 927 71.63 81.03 123.10
CA SER E 927 72.29 81.49 121.88
C SER E 927 73.80 81.59 122.07
N GLN E 928 74.25 82.03 123.25
CA GLN E 928 75.67 81.91 123.57
C GLN E 928 76.06 80.45 123.68
N ALA E 929 75.10 79.58 123.98
CA ALA E 929 75.38 78.16 124.19
C ALA E 929 75.75 77.46 122.90
N ALA E 930 75.41 78.04 121.76
CA ALA E 930 75.46 77.28 120.52
C ALA E 930 76.68 77.64 119.66
N SER E 952 70.16 79.23 112.02
CA SER E 952 70.90 79.77 113.16
C SER E 952 70.25 79.37 114.49
N PRO E 953 71.06 79.21 115.54
CA PRO E 953 70.55 78.83 116.86
C PRO E 953 69.60 79.87 117.46
N ARG E 954 69.92 81.14 117.25
CA ARG E 954 69.03 82.19 117.71
C ARG E 954 67.70 82.01 117.04
N LEU E 955 67.69 81.83 115.72
CA LEU E 955 66.45 81.61 114.99
C LEU E 955 65.70 80.40 115.51
N GLN E 956 66.42 79.32 115.82
CA GLN E 956 65.78 78.12 116.39
C GLN E 956 65.09 78.38 117.72
N TYR E 957 65.75 79.08 118.64
CA TYR E 957 65.05 79.41 119.89
C TYR E 957 63.90 80.38 119.64
N TYR E 958 64.04 81.27 118.67
CA TYR E 958 62.93 82.16 118.33
C TYR E 958 61.76 81.33 117.90
N ASN E 959 61.99 80.31 117.07
CA ASN E 959 60.93 79.41 116.61
C ASN E 959 60.30 78.71 117.79
N ARG E 960 61.11 78.25 118.74
CA ARG E 960 60.55 77.65 119.95
C ARG E 960 59.60 78.60 120.69
N VAL E 961 60.05 79.83 120.91
CA VAL E 961 59.22 80.81 121.62
C VAL E 961 57.95 81.13 120.81
N LEU E 962 58.06 81.12 119.49
CA LEU E 962 56.91 81.38 118.63
C LEU E 962 55.91 80.27 118.75
N ARG E 963 56.34 79.02 118.86
CA ARG E 963 55.40 77.93 119.08
C ARG E 963 54.55 78.16 120.33
N LEU E 964 55.18 78.60 121.41
CA LEU E 964 54.46 78.86 122.66
C LEU E 964 53.43 79.97 122.54
N LEU E 965 53.82 81.10 121.95
CA LEU E 965 52.89 82.21 121.78
C LEU E 965 51.73 81.81 120.89
N GLU E 966 51.98 80.96 119.90
CA GLU E 966 50.91 80.50 119.02
C GLU E 966 49.97 79.55 119.72
N ASP E 967 50.47 78.81 120.71
CA ASP E 967 49.61 77.91 121.49
C ASP E 967 48.51 78.73 122.16
N VAL E 968 48.84 79.95 122.56
CA VAL E 968 47.83 80.84 123.15
C VAL E 968 46.70 81.16 122.18
N GLY E 969 47.04 81.65 120.99
CA GLY E 969 46.02 81.99 120.01
C GLY E 969 45.97 83.45 119.63
N PRO E 971 47.34 87.44 117.76
CA PRO E 971 48.74 87.01 117.77
C PRO E 971 49.70 88.16 117.40
N GLU E 972 49.53 89.33 118.01
CA GLU E 972 50.43 90.46 117.76
C GLU E 972 51.85 90.08 118.17
N LEU E 973 51.95 89.40 119.31
CA LEU E 973 53.24 88.95 119.79
C LEU E 973 53.89 88.04 118.80
N VAL E 974 53.11 87.08 118.32
CA VAL E 974 53.63 86.14 117.35
C VAL E 974 54.15 86.94 116.16
N ILE E 975 53.36 87.87 115.62
CA ILE E 975 53.82 88.71 114.52
C ILE E 975 55.17 89.35 114.81
N GLN E 976 55.27 90.10 115.90
CA GLN E 976 56.51 90.81 116.22
C GLN E 976 57.73 89.93 116.35
N LEU E 977 57.60 88.81 117.07
CA LEU E 977 58.72 87.90 117.25
C LEU E 977 59.12 87.27 115.92
N ALA E 978 58.15 86.97 115.07
CA ALA E 978 58.45 86.44 113.74
C ALA E 978 59.21 87.47 112.92
N THR E 979 58.87 88.75 113.07
CA THR E 979 59.57 89.81 112.35
C THR E 979 61.04 89.87 112.76
N ILE E 980 61.31 89.77 114.06
CA ILE E 980 62.70 89.73 114.52
C ILE E 980 63.39 88.50 113.95
N ALA E 981 62.68 87.39 113.92
CA ALA E 981 63.23 86.15 113.36
C ALA E 981 63.57 86.29 111.86
N ILE E 982 62.81 87.07 111.10
CA ILE E 982 63.15 87.29 109.69
C ILE E 982 64.54 87.86 109.56
N GLY E 983 64.83 88.89 110.37
CA GLY E 983 66.15 89.48 110.36
C GLY E 983 67.23 88.47 110.70
N GLU E 984 66.95 87.59 111.65
CA GLU E 984 67.91 86.56 112.06
C GLU E 984 67.89 85.30 111.20
N ALA E 985 66.99 85.24 110.23
CA ALA E 985 66.84 84.02 109.43
C ALA E 985 67.96 83.85 108.41
N SER E 986 68.74 82.79 108.58
CA SER E 986 69.81 82.50 107.62
C SER E 986 69.67 81.08 107.12
N ASP E 987 68.93 80.26 107.84
CA ASP E 987 68.83 78.84 107.47
C ASP E 987 67.42 78.35 107.20
N ASP E 988 66.51 78.45 108.19
CA ASP E 988 65.13 77.86 108.06
C ASP E 988 63.92 78.63 107.47
N TRP E 989 63.91 78.76 106.15
CA TRP E 989 62.77 79.39 105.49
C TRP E 989 61.50 78.58 105.73
N ARG E 990 61.61 77.26 105.87
CA ARG E 990 60.45 76.40 106.12
C ARG E 990 59.80 76.76 107.43
N SER E 991 60.60 76.89 108.49
CA SER E 991 60.06 77.31 109.77
C SER E 991 59.42 78.68 109.61
N GLN E 992 60.07 79.64 108.96
CA GLN E 992 59.38 80.93 108.76
C GLN E 992 57.98 80.73 108.16
N ALA E 993 57.90 79.97 107.08
CA ALA E 993 56.61 79.76 106.40
C ALA E 993 55.52 79.19 107.31
N ALA E 994 55.84 78.16 108.09
CA ALA E 994 54.84 77.54 108.97
C ALA E 994 54.32 78.54 110.00
N LEU E 995 55.24 79.32 110.57
CA LEU E 995 54.85 80.31 111.56
C LEU E 995 53.95 81.35 110.92
N ARG E 996 54.28 81.78 109.71
CA ARG E 996 53.40 82.73 108.99
C ARG E 996 52.02 82.14 108.75
N THR E 997 51.95 80.87 108.34
CA THR E 997 50.67 80.20 108.15
C THR E 997 49.88 80.28 109.44
N ARG E 998 50.51 79.92 110.56
CA ARG E 998 49.80 79.94 111.84
C ARG E 998 49.29 81.33 112.16
N ILE E 999 50.12 82.36 111.96
CA ILE E 999 49.69 83.74 112.20
C ILE E 999 48.44 84.06 111.37
N PHE E 1000 48.51 83.79 110.07
CA PHE E 1000 47.37 84.07 109.20
C PHE E 1000 46.13 83.35 109.70
N LYS E 1001 46.26 82.08 110.06
CA LYS E 1001 45.11 81.30 110.50
C LYS E 1001 44.49 81.92 111.73
N HIS E 1002 45.32 82.24 112.72
CA HIS E 1002 44.80 82.87 113.92
C HIS E 1002 44.05 84.15 113.58
N HIS E 1003 44.68 85.03 112.80
CA HIS E 1003 44.05 86.30 112.47
C HIS E 1003 42.73 86.13 111.76
N LEU E 1004 42.66 85.19 110.82
CA LEU E 1004 41.41 84.96 110.10
C LEU E 1004 40.33 84.46 111.04
N ASP E 1005 40.68 83.54 111.93
CA ASP E 1005 39.72 83.02 112.90
C ASP E 1005 39.22 84.14 113.80
N MET E 1006 40.13 85.01 114.24
CA MET E 1006 39.74 86.13 115.08
C MET E 1006 38.88 87.15 114.32
N GLY E 1007 39.06 87.22 113.00
CA GLY E 1007 38.27 88.13 112.19
C GLY E 1007 39.04 89.25 111.55
N HIS E 1008 40.35 89.29 111.76
CA HIS E 1008 41.17 90.34 111.18
C HIS E 1008 41.50 90.03 109.74
N ASN E 1009 40.81 90.62 108.78
CA ASN E 1009 41.08 90.26 107.40
C ASN E 1009 42.43 90.81 106.88
N ASN E 1010 42.66 92.11 107.04
CA ASN E 1010 43.90 92.73 106.52
C ASN E 1010 45.21 92.19 107.10
N GLN E 1011 45.25 91.98 108.41
CA GLN E 1011 46.44 91.43 109.04
C GLN E 1011 46.70 90.03 108.51
N ALA E 1012 45.63 89.27 108.36
CA ALA E 1012 45.75 87.92 107.81
C ALA E 1012 46.37 88.03 106.44
N TYR E 1013 45.83 88.91 105.60
CA TYR E 1013 46.39 89.12 104.27
C TYR E 1013 47.88 89.49 104.26
N ASP E 1014 48.30 90.38 105.16
CA ASP E 1014 49.72 90.73 105.25
C ASP E 1014 50.57 89.51 105.60
N ALA E 1015 50.15 88.77 106.63
CA ALA E 1015 50.91 87.57 107.01
C ALA E 1015 51.00 86.65 105.81
N LEU E 1016 49.92 86.59 105.04
CA LEU E 1016 49.88 85.77 103.85
C LEU E 1016 50.92 86.16 102.79
N THR E 1017 50.94 87.42 102.38
CA THR E 1017 51.87 87.85 101.34
C THR E 1017 53.31 87.56 101.74
N GLN E 1018 53.61 87.69 103.02
CA GLN E 1018 54.96 87.42 103.52
C GLN E 1018 55.40 85.97 103.38
N ILE E 1019 54.45 85.02 103.37
CA ILE E 1019 54.79 83.59 103.28
C ILE E 1019 55.67 83.29 102.07
N PRO E 1020 56.83 82.67 102.29
CA PRO E 1020 57.75 82.36 101.19
C PRO E 1020 57.36 81.13 100.36
N ASP E 1021 56.31 80.42 100.76
CA ASP E 1021 55.86 79.26 99.96
C ASP E 1021 55.21 79.64 98.63
N PRO E 1022 55.26 78.71 97.65
CA PRO E 1022 54.79 79.04 96.30
C PRO E 1022 53.33 79.48 96.18
N SER E 1023 52.38 78.71 96.70
CA SER E 1023 50.96 79.06 96.49
C SER E 1023 50.10 78.94 97.74
N ARG E 1024 50.33 79.83 98.70
CA ARG E 1024 49.50 79.82 99.91
C ARG E 1024 48.48 80.95 99.86
N GLN E 1025 48.88 82.02 99.17
CA GLN E 1025 47.98 83.12 98.98
C GLN E 1025 46.75 82.51 98.41
N LEU E 1026 46.85 81.71 97.36
CA LEU E 1026 45.64 81.18 96.73
C LEU E 1026 44.76 80.41 97.71
N ASP E 1027 45.34 79.42 98.39
CA ASP E 1027 44.57 78.61 99.34
C ASP E 1027 44.04 79.44 100.49
N CYS E 1028 44.87 80.35 100.97
CA CYS E 1028 44.46 81.15 102.12
C CYS E 1028 43.31 82.01 101.71
N LEU E 1029 43.29 82.52 100.49
CA LEU E 1029 42.22 83.35 99.96
C LEU E 1029 40.97 82.56 99.76
N ARG E 1030 41.09 81.32 99.31
CA ARG E 1030 39.91 80.48 99.22
C ARG E 1030 39.32 80.43 100.62
N GLN E 1031 40.17 80.13 101.61
CA GLN E 1031 39.66 80.00 102.96
C GLN E 1031 38.97 81.28 103.33
N LEU E 1032 39.62 82.42 103.07
CA LEU E 1032 39.09 83.72 103.44
C LEU E 1032 37.73 83.92 102.86
N VAL E 1033 37.55 83.76 101.55
CA VAL E 1033 36.26 84.05 100.96
C VAL E 1033 35.21 83.08 101.47
N VAL E 1034 35.53 81.79 101.65
CA VAL E 1034 34.50 80.91 102.21
C VAL E 1034 34.07 81.39 103.59
N VAL E 1035 35.04 81.65 104.46
CA VAL E 1035 34.73 82.06 105.83
C VAL E 1035 33.95 83.35 105.82
N LEU E 1036 34.24 84.24 104.88
CA LEU E 1036 33.61 85.55 104.84
C LEU E 1036 32.19 85.43 104.38
N CYS E 1037 31.96 84.67 103.32
CA CYS E 1037 30.60 84.48 102.83
C CYS E 1037 29.74 83.84 103.91
N GLU E 1038 30.34 82.99 104.74
CA GLU E 1038 29.59 82.39 105.86
C GLU E 1038 29.35 83.42 106.95
N ARG E 1039 30.36 84.21 107.29
CA ARG E 1039 30.20 85.27 108.29
C ARG E 1039 29.29 86.33 107.75
N SER E 1040 29.04 86.31 106.44
CA SER E 1040 28.18 87.30 105.79
C SER E 1040 28.64 88.72 106.03
N GLN E 1041 29.89 89.03 105.68
CA GLN E 1041 30.40 90.40 105.76
C GLN E 1041 30.52 90.80 104.31
N LEU E 1042 29.43 90.63 103.58
CA LEU E 1042 29.46 90.84 102.14
C LEU E 1042 29.65 92.28 101.65
N GLN E 1043 29.25 93.28 102.42
CA GLN E 1043 29.53 94.67 102.01
C GLN E 1043 31.04 94.86 102.06
N ASP E 1044 31.67 94.35 103.10
CA ASP E 1044 33.12 94.44 103.21
C ASP E 1044 33.75 93.66 102.07
N LEU E 1045 33.14 92.53 101.71
CA LEU E 1045 33.66 91.76 100.58
C LEU E 1045 33.61 92.60 99.32
N VAL E 1046 32.48 93.23 99.03
CA VAL E 1046 32.37 94.12 97.88
C VAL E 1046 33.43 95.21 97.90
N GLU E 1047 33.68 95.81 99.06
CA GLU E 1047 34.63 96.92 99.16
C GLU E 1047 36.10 96.54 98.98
N PHE E 1048 36.48 95.34 99.38
CA PHE E 1048 37.89 94.93 99.32
C PHE E 1048 38.51 95.09 97.94
N PRO E 1049 39.64 95.81 97.86
CA PRO E 1049 40.32 96.01 96.59
C PRO E 1049 41.13 94.79 96.22
N TYR E 1050 40.60 93.97 95.32
CA TYR E 1050 41.30 92.76 94.91
C TYR E 1050 42.58 93.13 94.18
N VAL E 1051 43.61 92.29 94.31
CA VAL E 1051 44.91 92.61 93.71
C VAL E 1051 44.94 92.40 92.20
N ASN E 1052 46.13 92.33 91.61
CA ASN E 1052 46.25 92.08 90.17
C ASN E 1052 45.54 90.78 89.84
N LEU E 1053 45.40 89.89 90.81
CA LEU E 1053 44.69 88.64 90.61
C LEU E 1053 43.20 88.85 90.82
N HIS E 1054 42.67 90.00 90.42
CA HIS E 1054 41.24 90.25 90.52
C HIS E 1054 40.47 89.25 89.69
N ASN E 1055 40.87 89.10 88.43
CA ASN E 1055 40.21 88.16 87.53
C ASN E 1055 40.36 86.73 88.04
N GLU E 1056 41.44 86.44 88.76
CA GLU E 1056 41.63 85.12 89.33
C GLU E 1056 40.63 84.84 90.46
N VAL E 1057 40.51 85.77 91.41
CA VAL E 1057 39.54 85.60 92.49
C VAL E 1057 38.15 85.38 91.91
N VAL E 1058 37.74 86.27 91.00
CA VAL E 1058 36.39 86.15 90.45
C VAL E 1058 36.20 84.77 89.86
N GLY E 1059 37.15 84.31 89.05
CA GLY E 1059 37.06 83.01 88.42
C GLY E 1059 36.93 81.88 89.41
N ILE E 1060 37.79 81.84 90.43
CA ILE E 1060 37.67 80.80 91.47
C ILE E 1060 36.27 80.80 92.07
N ILE E 1061 35.80 81.97 92.48
CA ILE E 1061 34.46 82.03 93.08
C ILE E 1061 33.44 81.43 92.13
N GLU E 1062 33.44 81.89 90.89
CA GLU E 1062 32.45 81.42 89.93
C GLU E 1062 32.50 79.92 89.77
N SER E 1063 33.70 79.37 89.58
CA SER E 1063 33.84 77.95 89.41
C SER E 1063 33.22 77.23 90.57
N ARG E 1064 33.68 77.51 91.79
CA ARG E 1064 33.15 76.84 92.97
C ARG E 1064 31.64 76.94 93.06
N ALA E 1065 31.10 78.13 92.89
CA ALA E 1065 29.65 78.34 93.02
C ALA E 1065 28.81 77.58 92.00
N ARG E 1066 29.30 77.44 90.78
CA ARG E 1066 28.57 76.69 89.75
C ARG E 1066 28.74 75.19 89.93
N ALA E 1067 29.84 74.76 90.52
CA ALA E 1067 30.04 73.34 90.79
C ALA E 1067 29.10 72.86 91.89
N VAL E 1068 28.94 73.66 92.95
CA VAL E 1068 28.08 73.27 94.06
C VAL E 1068 26.60 73.51 93.78
N ASP E 1069 25.73 73.10 94.68
CA ASP E 1069 24.28 73.22 94.46
C ASP E 1069 23.73 74.65 94.63
N LEU E 1070 22.41 74.78 94.59
CA LEU E 1070 21.78 76.10 94.71
C LEU E 1070 20.98 76.23 95.99
N MET E 1071 20.44 75.13 96.49
CA MET E 1071 19.61 75.18 97.70
C MET E 1071 20.38 75.57 98.95
N THR E 1072 21.58 75.01 99.12
CA THR E 1072 22.37 75.28 100.33
C THR E 1072 23.40 76.38 100.16
N HIS E 1073 23.44 77.04 98.99
CA HIS E 1073 24.45 78.06 98.74
C HIS E 1073 23.83 79.34 98.20
N ASN E 1074 24.14 80.49 98.82
CA ASN E 1074 23.68 81.79 98.28
C ASN E 1074 24.81 82.51 97.55
N TYR E 1075 25.79 81.75 97.09
CA TYR E 1075 26.95 82.33 96.41
C TYR E 1075 26.61 82.97 95.07
N TYR E 1076 25.54 82.55 94.40
CA TYR E 1076 25.14 83.21 93.17
C TYR E 1076 24.72 84.63 93.46
N GLU E 1077 23.93 84.81 94.51
CA GLU E 1077 23.53 86.15 94.91
C GLU E 1077 24.76 86.92 95.37
N LEU E 1078 25.69 86.24 96.03
CA LEU E 1078 26.94 86.91 96.41
C LEU E 1078 27.62 87.49 95.18
N LEU E 1079 27.74 86.70 94.12
CA LEU E 1079 28.37 87.14 92.89
C LEU E 1079 27.62 88.30 92.27
N TYR E 1080 26.30 88.21 92.26
CA TYR E 1080 25.51 89.33 91.74
C TYR E 1080 25.86 90.61 92.47
N ALA E 1081 25.89 90.55 93.80
CA ALA E 1081 26.21 91.73 94.59
C ALA E 1081 27.59 92.25 94.28
N PHE E 1082 28.57 91.35 94.19
CA PHE E 1082 29.93 91.77 93.87
C PHE E 1082 29.98 92.49 92.53
N HIS E 1083 29.31 91.96 91.53
CA HIS E 1083 29.38 92.58 90.21
C HIS E 1083 28.81 93.98 90.27
N ILE E 1084 27.61 94.12 90.84
CA ILE E 1084 26.95 95.42 90.92
C ILE E 1084 27.79 96.48 91.62
N TYR E 1085 28.67 96.07 92.54
CA TYR E 1085 29.49 97.02 93.32
C TYR E 1085 29.84 98.32 92.59
N ARG E 1086 30.40 98.25 91.38
CA ARG E 1086 30.70 99.45 90.60
C ARG E 1086 30.70 99.24 89.09
N HIS E 1087 29.75 99.86 88.40
CA HIS E 1087 29.72 99.80 86.92
C HIS E 1087 29.91 98.43 86.27
N ASN E 1088 28.97 97.47 86.49
CA ASN E 1088 29.04 96.09 85.87
C ASN E 1088 27.67 95.42 85.54
N TYR E 1089 26.80 96.17 84.90
CA TYR E 1089 25.45 95.67 84.61
C TYR E 1089 25.33 94.41 83.74
N ARG E 1090 26.10 94.32 82.66
CA ARG E 1090 26.06 93.13 81.82
C ARG E 1090 26.38 91.89 82.63
N LYS E 1091 27.42 91.99 83.45
CA LYS E 1091 27.83 90.86 84.26
C LYS E 1091 26.73 90.49 85.22
N ALA E 1092 26.16 91.51 85.88
CA ALA E 1092 25.03 91.21 86.76
C ALA E 1092 23.94 90.42 86.03
N GLY E 1093 23.54 90.91 84.87
CA GLY E 1093 22.51 90.24 84.09
C GLY E 1093 22.84 88.80 83.76
N SER E 1094 24.05 88.56 83.26
CA SER E 1094 24.46 87.18 82.94
C SER E 1094 24.39 86.28 84.18
N VAL E 1095 24.89 86.76 85.30
CA VAL E 1095 24.81 85.96 86.53
C VAL E 1095 23.36 85.60 86.86
N MET E 1096 22.48 86.59 86.84
CA MET E 1096 21.06 86.30 87.11
C MET E 1096 20.52 85.25 86.14
N PHE E 1097 20.79 85.42 84.84
CA PHE E 1097 20.37 84.45 83.84
C PHE E 1097 20.76 83.07 84.29
N GLU E 1098 22.06 82.88 84.46
CA GLU E 1098 22.55 81.56 84.83
C GLU E 1098 21.79 81.01 86.01
N TYR E 1099 21.75 81.77 87.11
CA TYR E 1099 21.09 81.28 88.31
C TYR E 1099 19.71 80.75 87.98
N GLY E 1100 18.89 81.63 87.43
CA GLY E 1100 17.51 81.23 87.14
C GLY E 1100 17.41 80.00 86.29
N MET E 1101 18.11 79.98 85.17
CA MET E 1101 18.03 78.86 84.26
C MET E 1101 18.37 77.57 84.99
N ARG E 1102 19.51 77.56 85.67
CA ARG E 1102 19.95 76.33 86.34
C ARG E 1102 18.90 75.87 87.34
N LEU E 1103 18.42 76.79 88.15
CA LEU E 1103 17.42 76.42 89.16
C LEU E 1103 16.22 75.77 88.50
N GLY E 1104 15.65 76.43 87.50
CA GLY E 1104 14.46 75.90 86.86
C GLY E 1104 14.69 74.55 86.23
N ARG E 1105 15.88 74.33 85.69
CA ARG E 1105 16.18 73.07 85.03
C ARG E 1105 16.23 71.90 86.01
N GLU E 1106 16.82 72.11 87.19
CA GLU E 1106 17.01 71.01 88.13
C GLU E 1106 16.03 70.98 89.28
N VAL E 1107 16.19 71.87 90.26
CA VAL E 1107 15.25 71.93 91.37
C VAL E 1107 14.13 72.94 91.05
N ARG E 1108 13.00 72.46 90.54
CA ARG E 1108 11.94 73.37 90.10
C ARG E 1108 10.63 73.25 90.86
N THR E 1109 10.39 72.14 91.55
CA THR E 1109 9.10 71.94 92.22
C THR E 1109 8.86 72.93 93.35
N LEU E 1110 7.59 73.19 93.66
CA LEU E 1110 7.22 74.11 94.74
C LEU E 1110 7.73 75.55 94.54
N ARG E 1111 8.64 76.04 95.37
CA ARG E 1111 9.08 77.45 95.28
C ARG E 1111 10.17 77.76 94.26
N GLY E 1112 10.63 76.72 93.57
CA GLY E 1112 11.65 76.92 92.55
C GLY E 1112 11.12 77.91 91.52
N LEU E 1113 9.85 77.79 91.17
CA LEU E 1113 9.24 78.74 90.26
C LEU E 1113 9.45 80.17 90.72
N GLN E 1114 9.07 80.49 91.96
CA GLN E 1114 9.16 81.87 92.44
C GLN E 1114 10.55 82.47 92.34
N LYS E 1115 11.54 81.74 92.84
CA LYS E 1115 12.90 82.25 92.83
C LYS E 1115 13.38 82.45 91.40
N GLN E 1116 13.06 81.51 90.52
CA GLN E 1116 13.46 81.64 89.11
C GLN E 1116 12.84 82.88 88.53
N VAL E 1117 11.55 83.10 88.77
CA VAL E 1117 10.88 84.29 88.30
C VAL E 1117 11.65 85.51 88.76
N ASN E 1118 11.93 85.59 90.05
CA ASN E 1118 12.62 86.76 90.59
C ASN E 1118 13.94 86.98 89.87
N SER E 1119 14.75 85.93 89.76
CA SER E 1119 16.07 86.08 89.14
C SER E 1119 15.95 86.58 87.72
N TYR E 1120 15.04 85.99 86.94
CA TYR E 1120 14.92 86.39 85.56
C TYR E 1120 14.47 87.83 85.46
N LEU E 1121 13.54 88.24 86.31
CA LEU E 1121 13.08 89.62 86.31
C LEU E 1121 14.26 90.54 86.57
N ALA E 1122 15.04 90.24 87.60
CA ALA E 1122 16.19 91.08 87.92
C ALA E 1122 17.14 91.17 86.74
N CYS E 1123 17.42 90.05 86.10
CA CYS E 1123 18.30 90.05 84.95
C CYS E 1123 17.79 90.94 83.85
N LEU E 1124 16.53 90.77 83.49
CA LEU E 1124 15.94 91.56 82.42
C LEU E 1124 16.18 92.99 82.79
N ASN E 1125 15.84 93.36 84.01
CA ASN E 1125 15.98 94.74 84.43
C ASN E 1125 17.41 95.26 84.26
N CYS E 1126 18.40 94.60 84.87
CA CYS E 1126 19.78 95.07 84.80
C CYS E 1126 20.29 95.29 83.38
N LEU E 1127 19.92 94.40 82.47
CA LEU E 1127 20.35 94.53 81.08
C LEU E 1127 19.68 95.72 80.41
N ARG E 1128 18.42 95.95 80.71
CA ARG E 1128 17.72 97.10 80.16
C ARG E 1128 18.38 98.37 80.66
N LEU E 1129 18.84 98.36 81.92
CA LEU E 1129 19.45 99.54 82.51
C LEU E 1129 20.55 100.11 81.65
N ILE E 1130 21.60 99.33 81.44
CA ILE E 1130 22.72 99.81 80.65
C ILE E 1130 22.23 100.11 79.24
N ARG E 1131 22.55 101.30 78.74
CA ARG E 1131 22.06 101.72 77.42
C ARG E 1131 22.42 100.76 76.30
N PRO E 1132 21.54 100.66 75.29
CA PRO E 1132 21.77 99.73 74.18
C PRO E 1132 22.81 100.19 73.17
N GLU E 1133 23.63 101.18 73.51
CA GLU E 1133 24.71 101.59 72.62
C GLU E 1133 25.69 100.43 72.44
N TYR E 1134 25.85 99.59 73.47
CA TYR E 1134 26.72 98.42 73.34
C TYR E 1134 25.92 97.23 72.86
N ALA E 1135 24.77 96.98 73.48
CA ALA E 1135 23.92 95.84 73.11
C ALA E 1135 24.74 94.56 73.06
N TRP E 1136 25.27 94.14 74.19
CA TRP E 1136 26.16 92.97 74.19
C TRP E 1136 25.87 91.92 75.25
N ILE E 1137 25.07 90.91 74.94
CA ILE E 1137 24.86 89.80 75.89
C ILE E 1137 24.91 88.44 75.21
N VAL E 1138 26.10 87.91 74.99
CA VAL E 1138 26.22 86.56 74.45
C VAL E 1138 27.32 85.90 75.29
N ILE E 1170 26.60 79.09 76.30
CA ILE E 1170 25.66 80.20 76.35
C ILE E 1170 25.27 80.64 74.95
N GLU E 1171 23.98 80.54 74.63
CA GLU E 1171 23.51 80.92 73.29
C GLU E 1171 23.17 82.40 73.19
N ILE E 1172 23.26 82.96 71.99
CA ILE E 1172 22.96 84.36 71.77
C ILE E 1172 21.52 84.69 72.14
N LEU E 1173 21.32 85.68 73.00
CA LEU E 1173 19.97 86.11 73.34
C LEU E 1173 19.83 87.61 73.25
N GLU E 1174 18.85 88.05 72.47
CA GLU E 1174 18.56 89.46 72.44
C GLU E 1174 17.41 89.82 73.39
N LEU E 1175 17.05 91.11 73.38
CA LEU E 1175 15.98 91.58 74.23
C LEU E 1175 14.75 90.75 73.98
N ARG E 1176 14.40 90.54 72.71
CA ARG E 1176 13.20 89.81 72.38
C ARG E 1176 13.17 88.46 73.10
N ASP E 1177 14.21 87.66 72.91
CA ASP E 1177 14.26 86.34 73.54
C ASP E 1177 14.16 86.42 75.07
N LEU E 1178 14.94 87.28 75.70
CA LEU E 1178 14.84 87.28 77.18
C LEU E 1178 13.41 87.68 77.63
N GLU E 1179 12.83 88.65 76.93
CA GLU E 1179 11.49 89.10 77.27
C GLU E 1179 10.53 87.95 77.15
N LYS E 1180 10.59 87.22 76.05
CA LYS E 1180 9.72 86.07 75.86
C LYS E 1180 9.86 85.09 77.01
N GLU E 1181 11.05 84.72 77.47
CA GLU E 1181 11.09 83.81 78.63
C GLU E 1181 10.26 84.25 79.86
N TYR E 1182 10.53 85.47 80.34
CA TYR E 1182 9.84 85.95 81.53
C TYR E 1182 8.31 86.11 81.37
N VAL E 1183 7.83 86.50 80.20
CA VAL E 1183 6.38 86.59 80.00
C VAL E 1183 5.76 85.23 80.28
N LEU E 1184 6.32 84.20 79.69
CA LEU E 1184 5.81 82.86 79.90
C LEU E 1184 5.88 82.49 81.38
N ALA E 1185 7.03 82.75 82.00
CA ALA E 1185 7.13 82.46 83.44
C ALA E 1185 5.99 83.11 84.24
N GLN E 1186 5.73 84.39 84.01
CA GLN E 1186 4.68 85.12 84.72
C GLN E 1186 3.28 84.58 84.45
N THR E 1187 3.00 84.23 83.20
CA THR E 1187 1.69 83.62 82.93
C THR E 1187 1.56 82.31 83.71
N ARG E 1188 2.62 81.50 83.73
CA ARG E 1188 2.57 80.27 84.53
C ARG E 1188 2.24 80.61 85.97
N LEU E 1189 2.96 81.59 86.51
CA LEU E 1189 2.73 82.00 87.89
C LEU E 1189 1.27 82.36 88.14
N THR E 1190 0.67 83.19 87.30
CA THR E 1190 -0.73 83.60 87.52
C THR E 1190 -1.69 82.41 87.45
N LEU E 1191 -1.47 81.56 86.44
CA LEU E 1191 -2.31 80.37 86.32
C LEU E 1191 -2.27 79.57 87.60
N ALA E 1192 -1.08 79.30 88.13
CA ALA E 1192 -0.96 78.47 89.33
C ALA E 1192 -1.65 79.09 90.53
N LYS E 1193 -1.80 80.42 90.53
CA LYS E 1193 -2.46 81.09 91.64
C LYS E 1193 -3.93 80.71 91.70
N HIS E 1194 -4.58 80.60 90.55
CA HIS E 1194 -5.98 80.21 90.51
C HIS E 1194 -6.19 78.82 91.11
N ASN E 1195 -5.37 77.84 90.69
CA ASN E 1195 -5.47 76.48 91.23
C ASN E 1195 -4.12 75.79 91.35
N PRO E 1196 -3.87 75.04 92.45
CA PRO E 1196 -2.51 74.47 92.53
C PRO E 1196 -2.32 73.21 91.69
N SER E 1197 -3.39 72.68 91.09
CA SER E 1197 -3.27 71.48 90.28
C SER E 1197 -2.46 71.73 89.02
N THR E 1198 -2.72 72.82 88.32
CA THR E 1198 -2.01 73.11 87.07
C THR E 1198 -0.55 73.50 87.30
N ALA E 1199 -0.20 73.85 88.53
CA ALA E 1199 1.16 74.27 88.83
C ALA E 1199 2.21 73.22 88.46
N ALA E 1200 1.89 71.94 88.68
CA ALA E 1200 2.82 70.88 88.32
C ALA E 1200 3.04 70.83 86.82
N ILE E 1201 1.95 70.89 86.05
CA ILE E 1201 2.05 70.84 84.60
C ILE E 1201 2.72 72.09 84.06
N ALA E 1202 2.51 73.23 84.71
CA ALA E 1202 3.13 74.47 84.28
C ALA E 1202 4.63 74.30 84.11
N GLY E 1203 5.24 73.43 84.91
CA GLY E 1203 6.68 73.19 84.82
C GLY E 1203 7.14 72.81 83.44
N SER E 1204 6.32 72.05 82.72
CA SER E 1204 6.65 71.67 81.34
C SER E 1204 5.51 72.05 80.40
N SER E 1205 5.35 73.33 80.12
CA SER E 1205 4.23 73.79 79.28
C SER E 1205 4.67 74.65 78.11
N ALA E 1206 4.08 74.40 76.94
CA ALA E 1206 4.42 75.18 75.75
C ALA E 1206 3.53 76.42 75.63
N ALA E 1207 3.81 77.27 74.65
CA ALA E 1207 3.05 78.50 74.48
C ALA E 1207 1.56 78.26 74.23
N GLU E 1208 1.23 77.39 73.30
CA GLU E 1208 -0.18 77.13 72.96
C GLU E 1208 -0.98 76.61 74.15
N GLU E 1209 -0.45 75.61 74.83
CA GLU E 1209 -1.12 75.01 75.98
C GLU E 1209 -1.42 76.08 77.00
N MET E 1210 -0.41 76.89 77.31
CA MET E 1210 -0.61 77.96 78.28
C MET E 1210 -1.75 78.87 77.87
N VAL E 1211 -1.74 79.35 76.62
CA VAL E 1211 -2.78 80.24 76.14
C VAL E 1211 -4.15 79.60 76.35
N ALA E 1212 -4.30 78.36 75.91
CA ALA E 1212 -5.60 77.70 76.03
C ALA E 1212 -6.05 77.62 77.48
N LEU E 1213 -5.17 77.15 78.36
CA LEU E 1213 -5.54 77.01 79.77
C LEU E 1213 -5.96 78.36 80.36
N LEU E 1214 -5.23 79.42 80.02
CA LEU E 1214 -5.57 80.75 80.55
C LEU E 1214 -6.91 81.25 80.03
N VAL E 1215 -7.19 81.06 78.75
CA VAL E 1215 -8.45 81.56 78.18
C VAL E 1215 -9.63 80.82 78.78
N GLN E 1216 -9.38 79.65 79.35
CA GLN E 1216 -10.45 78.86 79.97
C GLN E 1216 -10.91 79.46 81.29
N ALA E 1217 -9.96 79.87 82.13
CA ALA E 1217 -10.29 80.41 83.45
C ALA E 1217 -11.04 81.74 83.39
N GLY E 1218 -11.00 82.42 82.24
CA GLY E 1218 -11.65 83.71 82.11
C GLY E 1218 -10.66 84.85 82.14
N LEU E 1219 -9.36 84.54 81.95
CA LEU E 1219 -8.27 85.55 82.00
C LEU E 1219 -7.84 86.12 80.65
N PHE E 1220 -8.80 86.76 79.99
CA PHE E 1220 -8.53 87.30 78.66
C PHE E 1220 -7.38 88.30 78.58
N ASP E 1221 -7.26 89.21 79.54
CA ASP E 1221 -6.11 90.13 79.54
C ASP E 1221 -4.77 89.42 79.46
N THR E 1222 -4.54 88.46 80.35
CA THR E 1222 -3.26 87.75 80.36
C THR E 1222 -3.08 86.97 79.07
N ALA E 1223 -4.16 86.32 78.61
CA ALA E 1223 -4.03 85.62 77.34
C ALA E 1223 -3.55 86.55 76.23
N ILE E 1224 -4.18 87.72 76.10
CA ILE E 1224 -3.80 88.69 75.07
C ILE E 1224 -2.35 89.10 75.23
N SER E 1225 -1.93 89.43 76.45
CA SER E 1225 -0.52 89.76 76.65
C SER E 1225 0.42 88.67 76.11
N LEU E 1226 0.20 87.43 76.53
CA LEU E 1226 1.07 86.34 76.09
C LEU E 1226 1.08 86.23 74.57
N CYS E 1227 -0.09 86.30 73.97
CA CYS E 1227 -0.18 86.19 72.51
C CYS E 1227 0.59 87.30 71.81
N GLN E 1228 0.45 88.54 72.27
CA GLN E 1228 1.13 89.66 71.63
C GLN E 1228 2.65 89.51 71.64
N THR E 1229 3.22 89.01 72.74
CA THR E 1229 4.67 88.86 72.85
C THR E 1229 5.21 87.80 71.90
N PHE E 1230 4.54 86.66 71.83
CA PHE E 1230 5.00 85.57 70.98
C PHE E 1230 4.45 85.68 69.56
N LYS E 1231 3.84 86.82 69.23
CA LYS E 1231 3.31 87.06 67.87
C LYS E 1231 2.38 85.96 67.37
N LEU E 1232 1.38 85.60 68.18
CA LEU E 1232 0.41 84.61 67.76
C LEU E 1232 -0.92 85.32 67.58
N ALA E 1233 -1.60 85.08 66.46
CA ALA E 1233 -2.90 85.71 66.23
C ALA E 1233 -3.87 85.31 67.33
N LEU E 1234 -4.62 86.27 67.93
CA LEU E 1234 -5.58 85.99 69.08
C LEU E 1234 -7.11 85.70 68.80
N THR E 1235 -7.36 85.09 67.65
CA THR E 1235 -8.74 84.75 67.31
C THR E 1235 -9.34 83.79 68.34
N SER E 1236 -8.52 82.89 68.88
CA SER E 1236 -8.99 81.94 69.90
C SER E 1236 -9.58 82.68 71.09
N VAL E 1237 -8.84 83.64 71.64
CA VAL E 1237 -9.33 84.43 72.75
C VAL E 1237 -10.61 85.14 72.36
N PHE E 1238 -10.62 85.79 71.19
CA PHE E 1238 -11.90 86.42 70.82
C PHE E 1238 -13.09 85.44 70.85
N GLU E 1239 -12.93 84.28 70.23
CA GLU E 1239 -14.00 83.29 70.17
C GLU E 1239 -14.42 82.80 71.54
N GLY E 1240 -13.46 82.56 72.42
CA GLY E 1240 -13.78 82.15 73.79
C GLY E 1240 -14.62 83.20 74.49
N LEU E 1241 -14.22 84.47 74.39
CA LEU E 1241 -15.05 85.51 74.99
C LEU E 1241 -16.47 85.47 74.41
N ALA E 1242 -16.57 85.38 73.08
CA ALA E 1242 -17.89 85.32 72.46
C ALA E 1242 -18.74 84.18 73.03
N CYS E 1243 -18.16 82.99 73.16
CA CYS E 1243 -18.90 81.84 73.67
C CYS E 1243 -19.34 82.06 75.11
N LYS E 1244 -18.45 82.58 75.95
CA LYS E 1244 -18.85 82.88 77.32
C LYS E 1244 -20.06 83.79 77.31
N CYS E 1245 -20.00 84.86 76.53
CA CYS E 1245 -21.12 85.79 76.47
C CYS E 1245 -22.42 85.11 76.03
N ILE E 1246 -22.36 84.29 74.99
CA ILE E 1246 -23.56 83.57 74.53
C ILE E 1246 -24.14 82.68 75.63
N ARG E 1247 -23.27 81.93 76.32
CA ARG E 1247 -23.73 81.07 77.41
C ARG E 1247 -24.40 81.88 78.51
N LEU E 1248 -23.89 83.07 78.80
CA LEU E 1248 -24.48 83.91 79.84
C LEU E 1248 -25.81 84.53 79.45
N GLN E 1249 -26.00 84.78 78.15
CA GLN E 1249 -27.23 85.41 77.67
C GLN E 1249 -28.45 84.55 77.96
N GLN E 1250 -28.31 83.24 77.82
CA GLN E 1250 -29.41 82.33 78.11
C GLN E 1250 -28.99 81.31 79.15
N GLY E 1251 -28.84 81.75 80.40
CA GLY E 1251 -28.38 80.85 81.45
C GLY E 1251 -29.00 81.09 82.80
N GLY E 1252 -28.51 80.34 83.81
CA GLY E 1252 -28.98 80.55 85.18
C GLY E 1252 -28.10 81.27 86.21
N GLU E 1253 -28.47 81.17 87.49
CA GLU E 1253 -27.75 81.90 88.56
C GLU E 1253 -26.29 81.50 88.83
N ALA E 1254 -25.96 80.22 88.72
CA ALA E 1254 -24.56 79.80 88.89
C ALA E 1254 -23.75 80.46 87.79
N ALA E 1255 -24.32 80.45 86.59
CA ALA E 1255 -23.65 81.09 85.47
C ALA E 1255 -23.43 82.54 85.81
N GLN E 1256 -24.47 83.23 86.27
CA GLN E 1256 -24.32 84.64 86.68
C GLN E 1256 -23.19 84.86 87.70
N ALA E 1257 -23.10 84.03 88.73
CA ALA E 1257 -22.03 84.14 89.73
C ALA E 1257 -20.61 83.94 89.14
N GLU E 1258 -20.45 82.91 88.32
CA GLU E 1258 -19.16 82.72 87.69
C GLU E 1258 -18.83 83.93 86.84
N ALA E 1259 -19.85 84.49 86.20
CA ALA E 1259 -19.66 85.66 85.36
C ALA E 1259 -19.11 86.76 86.19
N TRP E 1260 -19.79 87.10 87.29
CA TRP E 1260 -19.25 88.11 88.19
C TRP E 1260 -17.79 87.86 88.50
N GLU E 1261 -17.47 86.65 88.98
CA GLU E 1261 -16.07 86.33 89.28
C GLU E 1261 -15.08 86.66 88.15
N TRP E 1262 -15.30 86.11 86.95
CA TRP E 1262 -14.32 86.34 85.87
C TRP E 1262 -14.31 87.80 85.39
N LEU E 1263 -15.45 88.48 85.46
CA LEU E 1263 -15.49 89.89 85.07
C LEU E 1263 -14.60 90.67 86.00
N ALA E 1264 -14.71 90.39 87.30
CA ALA E 1264 -13.82 91.03 88.26
C ALA E 1264 -12.40 90.75 87.85
N ALA E 1265 -12.08 89.46 87.68
CA ALA E 1265 -10.70 89.10 87.36
C ALA E 1265 -10.15 89.89 86.19
N ASN E 1266 -10.95 90.06 85.14
CA ASN E 1266 -10.50 90.78 83.95
C ASN E 1266 -10.36 92.28 84.13
N GLN E 1267 -11.38 92.92 84.70
CA GLN E 1267 -11.32 94.39 84.78
C GLN E 1267 -10.29 94.87 85.79
N SER E 1277 -26.19 97.61 84.43
CA SER E 1277 -25.66 97.36 85.78
C SER E 1277 -25.71 95.87 86.12
N SER E 1278 -25.47 95.01 85.14
CA SER E 1278 -25.52 93.57 85.36
C SER E 1278 -24.26 92.87 84.87
N ALA E 1279 -24.05 91.63 85.31
CA ALA E 1279 -22.90 90.86 84.86
C ALA E 1279 -22.95 90.67 83.35
N THR E 1280 -24.11 90.52 82.70
CA THR E 1280 -24.05 90.46 81.20
C THR E 1280 -23.55 91.80 80.54
N ASP E 1281 -23.92 92.93 81.14
CA ASP E 1281 -23.52 94.24 80.59
C ASP E 1281 -22.01 94.45 80.65
N GLU E 1282 -21.39 94.10 81.77
CA GLU E 1282 -19.94 94.22 81.88
C GLU E 1282 -19.29 93.33 80.83
N ALA E 1283 -19.89 92.19 80.53
CA ALA E 1283 -19.36 91.35 79.45
C ALA E 1283 -19.30 92.06 78.09
N TRP E 1284 -20.42 92.60 77.61
CA TRP E 1284 -20.44 93.27 76.29
C TRP E 1284 -19.55 94.50 76.14
N ARG E 1285 -19.55 95.40 77.10
CA ARG E 1285 -18.63 96.54 77.01
C ARG E 1285 -17.19 96.03 77.01
N LEU E 1286 -16.90 94.98 77.77
CA LEU E 1286 -15.55 94.44 77.83
C LEU E 1286 -15.20 93.95 76.43
N MET E 1287 -16.12 93.20 75.81
CA MET E 1287 -15.94 92.77 74.42
C MET E 1287 -15.59 93.93 73.55
N ILE E 1288 -16.43 94.97 73.54
CA ILE E 1288 -16.20 96.10 72.63
C ILE E 1288 -14.81 96.65 72.86
N SER E 1289 -14.44 96.89 74.12
CA SER E 1289 -13.13 97.41 74.43
C SER E 1289 -12.04 96.55 73.80
N TYR E 1290 -11.95 95.28 74.20
CA TYR E 1290 -10.84 94.49 73.64
C TYR E 1290 -10.84 94.46 72.13
N LEU E 1291 -12.01 94.43 71.50
CA LEU E 1291 -12.04 94.32 70.06
C LEU E 1291 -11.47 95.60 69.46
N ASP E 1292 -12.02 96.76 69.83
CA ASP E 1292 -11.59 98.01 69.22
C ASP E 1292 -10.12 98.30 69.53
N LYS E 1293 -9.75 98.19 70.79
CA LYS E 1293 -8.37 98.49 71.20
C LYS E 1293 -7.32 97.62 70.53
N TYR E 1294 -7.42 96.31 70.72
CA TYR E 1294 -6.43 95.39 70.16
C TYR E 1294 -6.90 94.87 68.82
N GLU E 1295 -7.37 95.77 67.96
CA GLU E 1295 -7.89 95.37 66.66
C GLU E 1295 -6.86 94.78 65.74
N ALA E 1296 -7.24 93.74 65.00
CA ALA E 1296 -6.35 93.18 64.01
C ALA E 1296 -7.06 93.29 62.69
N LYS E 1297 -6.43 93.93 61.71
CA LYS E 1297 -7.04 94.03 60.39
C LYS E 1297 -7.03 92.69 59.67
N ASN E 1298 -6.87 91.60 60.42
CA ASN E 1298 -6.76 90.29 59.81
C ASN E 1298 -7.63 89.21 60.46
N THR E 1299 -8.89 89.09 60.06
CA THR E 1299 -9.82 88.04 60.56
C THR E 1299 -10.03 87.91 62.08
N LEU E 1300 -9.39 88.76 62.88
CA LEU E 1300 -9.65 88.73 64.32
C LEU E 1300 -10.74 89.75 64.59
N TYR E 1301 -11.26 90.36 63.53
CA TYR E 1301 -12.29 91.38 63.67
C TYR E 1301 -13.64 90.86 64.08
N HIS E 1302 -14.52 90.69 63.11
CA HIS E 1302 -15.88 90.29 63.41
C HIS E 1302 -16.22 88.92 62.88
N HIS E 1303 -15.49 88.45 61.88
CA HIS E 1303 -15.84 87.18 61.25
C HIS E 1303 -15.95 86.03 62.24
N CYS E 1304 -14.96 85.84 63.10
CA CYS E 1304 -14.97 84.72 64.04
C CYS E 1304 -16.12 84.81 65.02
N ILE E 1305 -16.44 86.02 65.46
CA ILE E 1305 -17.53 86.24 66.40
C ILE E 1305 -18.88 86.03 65.72
N ILE E 1306 -19.08 86.65 64.56
CA ILE E 1306 -20.35 86.50 63.85
C ILE E 1306 -20.59 85.03 63.59
N ASN E 1307 -19.55 84.33 63.13
CA ASN E 1307 -19.67 82.92 62.84
C ASN E 1307 -20.20 82.19 64.06
N LYS E 1308 -19.51 82.25 65.20
CA LYS E 1308 -19.99 81.46 66.36
C LYS E 1308 -21.42 81.84 66.75
N LEU E 1309 -21.69 83.15 66.71
CA LEU E 1309 -23.02 83.62 67.06
C LEU E 1309 -24.08 82.94 66.21
N LEU E 1310 -23.97 83.02 64.89
CA LEU E 1310 -25.01 82.44 64.01
C LEU E 1310 -24.98 80.93 64.10
N SER E 1311 -23.84 80.35 64.44
CA SER E 1311 -23.79 78.92 64.63
C SER E 1311 -24.73 78.50 65.73
N HIS E 1312 -24.73 79.23 66.86
CA HIS E 1312 -25.56 78.86 68.00
C HIS E 1312 -26.97 79.43 67.97
N GLY E 1313 -27.35 80.06 66.86
CA GLY E 1313 -28.71 80.57 66.72
C GLY E 1313 -29.10 81.77 67.55
N VAL E 1314 -28.18 82.72 67.72
CA VAL E 1314 -28.50 83.94 68.44
C VAL E 1314 -28.61 85.08 67.45
N PRO E 1315 -29.79 85.72 67.41
CA PRO E 1315 -29.99 86.84 66.49
C PRO E 1315 -28.89 87.86 66.67
N LEU E 1316 -28.22 88.25 65.59
CA LEU E 1316 -27.09 89.18 65.69
C LEU E 1316 -27.48 90.50 66.32
N PRO E 1317 -26.59 91.04 67.20
CA PRO E 1317 -26.88 92.40 67.67
C PRO E 1317 -26.53 93.51 66.65
N ASN E 1318 -27.29 94.59 66.73
CA ASN E 1318 -27.11 95.69 65.78
C ASN E 1318 -25.70 96.25 65.69
N TRP E 1319 -24.98 96.36 66.80
CA TRP E 1319 -23.65 96.98 66.72
C TRP E 1319 -22.75 96.16 65.79
N LEU E 1320 -22.69 94.85 66.03
CA LEU E 1320 -21.87 93.98 65.21
C LEU E 1320 -22.35 94.12 63.79
N ILE E 1321 -23.66 94.02 63.61
CA ILE E 1321 -24.16 94.07 62.24
C ILE E 1321 -23.61 95.30 61.51
N ASN E 1322 -23.82 96.48 62.08
CA ASN E 1322 -23.39 97.72 61.43
C ASN E 1322 -21.89 97.75 61.15
N ARG E 1323 -21.10 97.41 62.17
CA ARG E 1323 -19.66 97.41 61.97
C ARG E 1323 -19.27 96.55 60.77
N TYR E 1324 -19.70 95.30 60.70
CA TYR E 1324 -19.27 94.43 59.59
C TYR E 1324 -19.82 94.88 58.25
N LYS E 1325 -20.92 95.62 58.24
CA LYS E 1325 -21.55 96.06 57.00
C LYS E 1325 -20.70 97.03 56.20
N ALA E 1326 -20.23 98.09 56.85
CA ALA E 1326 -19.46 99.10 56.14
C ALA E 1326 -18.12 98.60 55.62
N MET E 1327 -17.39 97.83 56.43
CA MET E 1327 -16.08 97.32 56.02
C MET E 1327 -16.13 96.15 55.03
N ASP E 1328 -16.99 95.16 55.26
CA ASP E 1328 -17.06 94.00 54.38
C ASP E 1328 -18.50 93.60 54.14
N ALA E 1329 -19.26 94.15 53.20
CA ALA E 1329 -20.66 93.66 53.03
C ALA E 1329 -20.83 92.22 52.47
N ALA E 1330 -19.94 91.89 51.55
CA ALA E 1330 -20.01 90.59 50.88
C ALA E 1330 -20.04 89.41 51.83
N GLU E 1331 -19.12 89.33 52.79
CA GLU E 1331 -19.05 88.16 53.65
C GLU E 1331 -20.27 88.04 54.56
N LEU E 1332 -20.83 89.18 54.94
CA LEU E 1332 -22.04 89.14 55.75
C LEU E 1332 -23.13 88.52 54.90
N LEU E 1333 -23.30 89.00 53.67
CA LEU E 1333 -24.30 88.36 52.81
C LEU E 1333 -24.03 86.86 52.67
N ARG E 1334 -22.76 86.52 52.53
CA ARG E 1334 -22.39 85.13 52.36
C ARG E 1334 -22.83 84.28 53.54
N LEU E 1335 -22.56 84.67 54.79
CA LEU E 1335 -23.03 83.92 55.96
C LEU E 1335 -24.55 83.89 56.10
N TYR E 1336 -25.16 85.00 55.70
CA TYR E 1336 -26.61 85.01 55.71
C TYR E 1336 -27.09 83.86 54.84
N LEU E 1337 -26.62 83.77 53.60
CA LEU E 1337 -27.12 82.73 52.69
C LEU E 1337 -26.53 81.36 52.99
N LYS E 1338 -25.38 81.32 53.66
CA LYS E 1338 -24.78 80.05 54.04
C LYS E 1338 -25.74 79.38 54.98
N TYR E 1339 -26.14 80.09 56.03
CA TYR E 1339 -27.11 79.55 56.97
C TYR E 1339 -28.52 79.74 56.41
N ASP E 1340 -29.55 79.37 57.15
CA ASP E 1340 -30.90 79.45 56.62
C ASP E 1340 -31.56 80.79 56.83
N LEU E 1341 -30.77 81.84 56.97
CA LEU E 1341 -31.33 83.18 57.12
C LEU E 1341 -31.61 83.75 55.76
N LEU E 1342 -32.60 83.23 55.05
CA LEU E 1342 -32.94 83.73 53.72
C LEU E 1342 -33.52 85.16 53.72
N GLU E 1343 -34.44 85.43 54.64
CA GLU E 1343 -35.05 86.75 54.71
C GLU E 1343 -34.02 87.84 54.94
N GLU E 1344 -33.10 87.60 55.88
CA GLU E 1344 -32.08 88.58 56.19
C GLU E 1344 -31.20 88.82 54.98
N ALA E 1345 -30.86 87.76 54.26
CA ALA E 1345 -30.06 87.90 53.05
C ALA E 1345 -30.77 88.79 52.05
N ALA E 1346 -32.05 88.51 51.81
CA ALA E 1346 -32.83 89.35 50.89
C ALA E 1346 -32.79 90.81 51.32
N GLU E 1347 -33.01 91.05 52.61
CA GLU E 1347 -33.00 92.43 53.10
C GLU E 1347 -31.67 93.12 52.85
N LEU E 1348 -30.57 92.44 53.14
CA LEU E 1348 -29.25 93.02 52.93
C LEU E 1348 -29.04 93.32 51.45
N VAL E 1349 -29.46 92.41 50.58
CA VAL E 1349 -29.35 92.65 49.14
C VAL E 1349 -30.10 93.93 48.76
N LEU E 1350 -31.35 94.05 49.22
CA LEU E 1350 -32.12 95.25 48.93
C LEU E 1350 -31.38 96.49 49.40
N GLU E 1351 -30.87 96.45 50.63
CA GLU E 1351 -30.15 97.60 51.17
C GLU E 1351 -28.96 98.00 50.31
N TYR E 1352 -28.15 97.02 49.93
CA TYR E 1352 -26.98 97.30 49.09
C TYR E 1352 -27.40 97.91 47.76
N VAL E 1353 -28.43 97.38 47.13
CA VAL E 1353 -28.91 97.95 45.86
C VAL E 1353 -29.14 99.44 45.98
N ASP E 1354 -29.90 99.87 46.99
CA ASP E 1354 -30.22 101.29 47.15
C ASP E 1354 -28.99 102.14 47.36
N ALA E 1355 -28.01 101.63 48.12
CA ALA E 1355 -26.79 102.38 48.37
C ALA E 1355 -26.05 102.69 47.08
N LEU E 1356 -25.95 101.72 46.19
CA LEU E 1356 -25.31 101.94 44.90
C LEU E 1356 -26.02 103.03 44.12
N LEU E 1357 -27.35 103.01 44.15
CA LEU E 1357 -28.13 104.00 43.42
C LEU E 1357 -27.90 105.43 43.92
N GLY E 1358 -27.76 105.59 45.22
CA GLY E 1358 -27.53 106.92 45.77
C GLY E 1358 -27.89 107.04 47.24
N LYS E 1359 -29.16 106.79 47.56
CA LYS E 1359 -29.63 106.91 48.94
C LYS E 1359 -28.89 106.02 49.94
N GLY E 1360 -28.45 106.60 51.05
CA GLY E 1360 -27.77 105.83 52.09
C GLY E 1360 -26.55 105.06 51.65
N HIS E 1361 -25.64 105.73 50.95
CA HIS E 1361 -24.40 105.08 50.49
C HIS E 1361 -23.33 105.05 51.58
N GLN E 1362 -23.45 105.93 52.57
CA GLN E 1362 -22.45 106.01 53.64
C GLN E 1362 -22.39 104.73 54.45
N TYR E 1363 -23.55 104.13 54.71
CA TYR E 1363 -23.61 102.92 55.52
C TYR E 1363 -22.93 101.73 54.84
N PHE E 1364 -22.84 101.76 53.52
CA PHE E 1364 -22.24 100.64 52.78
C PHE E 1364 -20.86 100.96 52.20
N GLY E 1365 -20.26 102.06 52.63
CA GLY E 1365 -18.92 102.40 52.16
C GLY E 1365 -18.80 102.56 50.66
N ILE E 1366 -19.79 103.18 50.04
CA ILE E 1366 -19.76 103.42 48.59
C ILE E 1366 -19.68 104.90 48.34
N GLN E 1367 -18.78 105.31 47.44
CA GLN E 1367 -18.59 106.73 47.15
C GLN E 1367 -19.07 107.12 45.76
N ALA E 1368 -19.86 106.26 45.13
CA ALA E 1368 -20.33 106.54 43.76
C ALA E 1368 -21.84 106.43 43.62
N PRO E 1369 -22.56 107.53 43.87
CA PRO E 1369 -24.01 107.53 43.68
C PRO E 1369 -24.37 108.06 42.31
N LEU E 1370 -23.98 107.36 41.25
CA LEU E 1370 -24.22 107.81 39.87
C LEU E 1370 -23.73 109.24 39.63
N SER E 1371 -22.54 109.56 40.13
CA SER E 1371 -21.96 110.88 39.92
C SER E 1371 -20.58 110.74 39.31
N ALA E 1372 -19.99 111.86 38.88
CA ALA E 1372 -18.67 111.83 38.25
C ALA E 1372 -18.63 110.82 37.10
N THR E 1373 -17.67 109.92 37.12
CA THR E 1373 -17.58 108.89 36.09
C THR E 1373 -17.78 107.50 36.70
N SER E 1374 -18.13 106.53 35.87
CA SER E 1374 -18.32 105.17 36.35
C SER E 1374 -16.98 104.57 36.67
N GLN E 1375 -16.69 104.44 37.97
CA GLN E 1375 -15.40 103.91 38.38
C GLN E 1375 -15.56 102.82 39.42
N LEU E 1376 -16.43 103.04 40.39
CA LEU E 1376 -16.57 102.09 41.50
C LEU E 1376 -17.89 101.36 41.55
N VAL E 1377 -17.90 100.09 41.19
CA VAL E 1377 -19.12 99.28 41.28
C VAL E 1377 -18.78 97.83 41.53
N TRP E 1378 -19.69 97.10 42.17
CA TRP E 1378 -19.50 95.66 42.39
C TRP E 1378 -20.84 95.10 42.81
N PHE E 1379 -21.26 94.02 42.17
CA PHE E 1379 -22.56 93.45 42.48
C PHE E 1379 -22.38 91.96 42.72
N PRO E 1380 -23.02 91.40 43.81
CA PRO E 1380 -22.77 89.98 44.06
C PRO E 1380 -23.67 89.04 43.27
N TYR E 1381 -23.40 88.95 41.97
CA TYR E 1381 -24.23 88.13 41.11
C TYR E 1381 -24.38 86.71 41.63
N SER E 1382 -23.29 86.08 42.05
CA SER E 1382 -23.36 84.68 42.49
C SER E 1382 -24.34 84.49 43.63
N ALA E 1383 -24.22 85.30 44.66
CA ALA E 1383 -25.11 85.18 45.81
C ALA E 1383 -26.55 85.50 45.41
N ILE E 1384 -26.74 86.53 44.59
CA ILE E 1384 -28.11 86.81 44.16
C ILE E 1384 -28.73 85.60 43.44
N ASP E 1385 -27.96 84.95 42.57
CA ASP E 1385 -28.44 83.77 41.87
C ASP E 1385 -28.75 82.63 42.83
N HIS E 1386 -27.88 82.39 43.81
CA HIS E 1386 -28.18 81.36 44.80
C HIS E 1386 -29.51 81.66 45.49
N LEU E 1387 -29.72 82.92 45.88
CA LEU E 1387 -30.98 83.30 46.52
C LEU E 1387 -32.19 83.05 45.62
N ARG E 1388 -32.11 83.43 44.36
CA ARG E 1388 -33.26 83.27 43.49
C ARG E 1388 -33.62 81.79 43.37
N GLN E 1389 -32.61 80.93 43.36
CA GLN E 1389 -32.85 79.49 43.27
C GLN E 1389 -33.63 79.00 44.48
N ALA E 1390 -33.22 79.41 45.69
CA ALA E 1390 -33.89 78.99 46.90
C ALA E 1390 -35.33 79.51 46.99
N LEU E 1391 -35.56 80.75 46.55
CA LEU E 1391 -36.90 81.34 46.60
C LEU E 1391 -37.90 80.63 45.70
N GLY E 1392 -37.46 80.18 44.54
CA GLY E 1392 -38.34 79.47 43.63
C GLY E 1392 -38.10 77.97 43.59
N GLU E 1393 -37.76 77.37 44.73
CA GLU E 1393 -37.46 75.94 44.77
C GLU E 1393 -38.64 75.07 44.38
N ASN E 1394 -39.79 75.26 45.01
CA ASN E 1394 -40.98 74.48 44.67
C ASN E 1394 -42.20 75.33 44.39
N GLU E 1395 -42.04 76.66 44.37
CA GLU E 1395 -43.15 77.57 44.06
C GLU E 1395 -44.39 77.26 44.90
N SER E 1396 -44.22 77.05 46.20
CA SER E 1396 -45.34 76.72 47.07
C SER E 1396 -45.62 77.81 48.08
N ASN E 1397 -44.56 78.33 48.72
CA ASN E 1397 -44.72 79.43 49.68
C ASN E 1397 -44.96 80.79 49.01
N GLN E 1398 -46.17 81.30 49.17
CA GLN E 1398 -46.52 82.58 48.57
C GLN E 1398 -45.69 83.74 49.11
N HIS E 1399 -45.31 83.69 50.38
CA HIS E 1399 -44.46 84.74 50.94
C HIS E 1399 -43.14 84.79 50.19
N ASN E 1400 -42.51 83.63 50.04
CA ASN E 1400 -41.26 83.56 49.29
C ASN E 1400 -41.48 84.08 47.89
N GLN E 1401 -42.58 83.71 47.24
CA GLN E 1401 -42.83 84.17 45.89
C GLN E 1401 -42.85 85.70 45.81
N ALA E 1402 -43.55 86.35 46.73
CA ALA E 1402 -43.66 87.81 46.72
C ALA E 1402 -42.31 88.49 46.87
N ILE E 1403 -41.51 88.01 47.82
CA ILE E 1403 -40.18 88.57 48.01
C ILE E 1403 -39.45 88.49 46.69
N LEU E 1404 -39.44 87.30 46.08
CA LEU E 1404 -38.73 87.12 44.83
C LEU E 1404 -39.19 88.15 43.82
N SER E 1405 -40.50 88.26 43.62
CA SER E 1405 -41.01 89.21 42.61
C SER E 1405 -40.54 90.64 42.88
N LYS E 1406 -40.70 91.12 44.11
CA LYS E 1406 -40.32 92.52 44.36
C LYS E 1406 -38.82 92.71 44.18
N LEU E 1407 -38.01 91.75 44.62
CA LEU E 1407 -36.56 91.86 44.46
C LEU E 1407 -36.23 91.96 42.99
N GLN E 1408 -36.84 91.10 42.19
CA GLN E 1408 -36.56 91.11 40.76
C GLN E 1408 -36.94 92.46 40.15
N ARG E 1409 -38.10 92.98 40.52
CA ARG E 1409 -38.50 94.30 40.02
C ARG E 1409 -37.46 95.37 40.36
N LYS E 1410 -37.03 95.39 41.62
CA LYS E 1410 -36.05 96.37 42.04
C LYS E 1410 -34.75 96.23 41.25
N MET E 1411 -34.28 95.01 41.07
CA MET E 1411 -33.07 94.79 40.28
C MET E 1411 -33.20 95.33 38.87
N ASP E 1412 -34.37 95.15 38.26
CA ASP E 1412 -34.60 95.63 36.91
C ASP E 1412 -34.44 97.14 36.83
N GLU E 1413 -35.05 97.86 37.76
CA GLU E 1413 -34.92 99.32 37.78
C GLU E 1413 -33.46 99.69 37.93
N TYR E 1414 -32.76 99.02 38.83
CA TYR E 1414 -31.35 99.30 39.05
C TYR E 1414 -30.56 99.16 37.76
N PHE E 1415 -30.79 98.09 37.03
CA PHE E 1415 -30.02 97.87 35.80
C PHE E 1415 -30.43 98.78 34.65
N GLN E 1416 -31.68 99.23 34.62
CA GLN E 1416 -32.08 100.20 33.60
C GLN E 1416 -31.36 101.50 33.91
N LYS E 1417 -31.24 101.80 35.20
CA LYS E 1417 -30.51 102.99 35.58
C LYS E 1417 -29.06 102.83 35.15
N LEU E 1418 -28.51 101.63 35.32
CA LEU E 1418 -27.13 101.36 34.89
C LEU E 1418 -26.96 101.54 33.39
N LYS E 1419 -27.93 101.14 32.58
CA LYS E 1419 -27.88 101.37 31.14
C LYS E 1419 -27.95 102.86 30.79
N LYS E 1420 -28.81 103.61 31.47
CA LYS E 1420 -28.80 105.05 31.20
C LYS E 1420 -27.41 105.58 31.51
N ALA E 1421 -26.83 105.08 32.60
CA ALA E 1421 -25.52 105.54 33.01
C ALA E 1421 -24.46 105.18 31.98
N THR E 1422 -24.51 104.00 31.39
CA THR E 1422 -23.56 103.67 30.32
C THR E 1422 -23.73 104.58 29.15
N ASP E 1423 -24.95 104.83 28.72
CA ASP E 1423 -25.10 105.79 27.63
C ASP E 1423 -24.33 107.04 28.01
N ASP E 1424 -24.66 107.60 29.16
CA ASP E 1424 -24.03 108.87 29.54
C ASP E 1424 -22.51 108.80 29.54
N TYR E 1425 -21.93 107.77 30.16
CA TYR E 1425 -20.48 107.63 30.27
C TYR E 1425 -19.80 107.50 28.93
N LYS E 1426 -20.37 106.68 28.05
CA LYS E 1426 -19.79 106.54 26.73
C LYS E 1426 -19.81 107.89 26.02
N LYS E 1427 -20.94 108.58 26.10
CA LYS E 1427 -21.01 109.90 25.49
C LYS E 1427 -19.89 110.79 26.03
N LEU E 1428 -19.73 110.83 27.35
CA LEU E 1428 -18.71 111.65 27.97
C LEU E 1428 -17.31 111.33 27.46
N VAL E 1429 -16.97 110.04 27.42
CA VAL E 1429 -15.64 109.66 26.97
C VAL E 1429 -15.42 110.03 25.50
N GLN E 1430 -16.42 109.82 24.65
CA GLN E 1430 -16.29 110.12 23.24
C GLN E 1430 -16.17 111.62 22.98
N MET F 1 36.99 59.41 135.12
CA MET F 1 37.78 60.45 134.46
C MET F 1 36.94 61.72 134.30
N LYS F 2 36.84 62.49 135.38
CA LYS F 2 36.08 63.74 135.35
C LYS F 2 36.96 64.82 134.72
N GLN F 3 36.53 65.36 133.59
CA GLN F 3 37.29 66.42 132.94
C GLN F 3 37.07 67.74 133.67
N ASP F 4 38.14 68.29 134.26
CA ASP F 4 38.04 69.54 135.01
C ASP F 4 37.62 70.67 134.08
N SER F 5 36.43 71.22 134.30
CA SER F 5 35.88 72.25 133.42
C SER F 5 36.63 73.57 133.59
N ALA F 6 37.58 73.82 132.69
CA ALA F 6 38.37 75.04 132.73
C ALA F 6 37.46 76.26 132.78
N SER F 7 37.69 77.12 133.77
CA SER F 7 36.85 78.30 133.93
C SER F 7 37.28 79.41 132.98
N ASN F 8 36.32 79.92 132.21
CA ASN F 8 36.63 81.07 131.36
C ASN F 8 36.83 82.31 132.22
N ALA F 9 37.72 83.19 131.76
CA ALA F 9 37.99 84.42 132.48
C ALA F 9 36.74 85.27 132.55
N THR F 10 36.43 85.76 133.75
CA THR F 10 35.24 86.59 133.92
C THR F 10 35.33 87.84 133.08
N TYR F 11 36.50 88.50 133.10
CA TYR F 11 36.75 89.67 132.28
C TYR F 11 38.10 89.51 131.59
N THR F 12 38.16 89.95 130.34
CA THR F 12 39.39 89.89 129.55
C THR F 12 39.69 91.27 129.00
N VAL F 13 40.95 91.69 129.13
CA VAL F 13 41.39 93.01 128.69
C VAL F 13 42.52 92.82 127.71
N ASP F 14 42.40 93.44 126.54
CA ASP F 14 43.43 93.36 125.52
C ASP F 14 44.62 94.26 125.89
N CYS F 15 45.81 93.83 125.50
CA CYS F 15 47.02 94.59 125.72
C CYS F 15 47.72 94.84 124.40
N GLU F 16 48.92 95.42 124.48
CA GLU F 16 49.70 95.68 123.28
C GLU F 16 50.77 94.63 123.07
N ASP F 17 51.18 93.95 124.14
CA ASP F 17 52.29 93.01 124.09
C ASP F 17 52.12 91.97 125.18
N TYR F 18 53.05 91.03 125.24
CA TYR F 18 53.01 89.97 126.25
C TYR F 18 53.14 90.56 127.64
N VAL F 19 52.37 90.03 128.57
CA VAL F 19 52.41 90.49 129.96
C VAL F 19 53.26 89.52 130.75
N HIS F 20 54.48 89.92 131.11
CA HIS F 20 55.38 89.07 131.86
C HIS F 20 55.12 89.11 133.35
N VAL F 21 54.52 90.18 133.87
CA VAL F 21 54.18 90.29 135.28
C VAL F 21 53.03 91.28 135.41
N VAL F 22 52.18 91.05 136.41
CA VAL F 22 51.02 91.90 136.67
C VAL F 22 50.82 92.00 138.18
N GLU F 23 50.55 93.20 138.67
CA GLU F 23 50.48 93.45 140.11
C GLU F 23 49.47 94.56 140.39
N PHE F 24 48.41 94.24 141.13
CA PHE F 24 47.52 95.29 141.63
C PHE F 24 48.24 96.18 142.63
N ASN F 25 47.60 97.28 142.97
CA ASN F 25 48.08 98.14 144.04
C ASN F 25 47.51 97.66 145.36
N PRO F 26 48.32 97.17 146.30
CA PRO F 26 47.79 96.75 147.60
C PRO F 26 47.53 97.88 148.58
N PHE F 27 47.87 99.12 148.24
CA PHE F 27 47.68 100.25 149.13
C PHE F 27 46.58 101.18 148.62
N ASP F 28 46.19 102.12 149.46
CA ASP F 28 45.14 103.06 149.10
C ASP F 28 45.75 104.25 148.35
N SER F 29 45.21 104.52 147.17
CA SER F 29 45.70 105.58 146.30
C SER F 29 44.81 106.81 146.29
N GLY F 30 43.66 106.76 146.93
CA GLY F 30 42.75 107.90 146.97
C GLY F 30 41.75 107.96 145.85
N GLU F 31 41.81 107.04 144.89
CA GLU F 31 40.89 107.02 143.77
C GLU F 31 39.84 105.93 143.94
N ALA F 32 38.78 106.03 143.12
CA ALA F 32 37.71 105.05 143.18
C ALA F 32 38.11 103.73 142.53
N GLY F 33 39.11 103.76 141.64
CA GLY F 33 39.56 102.56 140.99
C GLY F 33 40.83 102.00 141.60
N SER F 34 41.04 100.70 141.42
CA SER F 34 42.19 100.03 141.99
C SER F 34 43.28 99.92 140.93
N LEU F 35 44.43 100.55 141.19
CA LEU F 35 45.49 100.66 140.21
C LEU F 35 46.06 99.29 139.86
N LEU F 36 46.72 99.21 138.72
CA LEU F 36 47.27 97.96 138.21
C LEU F 36 48.48 98.26 137.32
N ALA F 37 49.56 97.53 137.53
CA ALA F 37 50.76 97.65 136.73
C ALA F 37 51.14 96.30 136.14
N TYR F 38 51.36 96.27 134.84
CA TYR F 38 51.80 95.04 134.20
C TYR F 38 52.98 95.33 133.29
N GLY F 39 54.03 94.52 133.42
CA GLY F 39 55.26 94.71 132.68
C GLY F 39 55.31 93.82 131.45
N GLY F 40 55.52 94.44 130.31
CA GLY F 40 55.60 93.73 129.05
C GLY F 40 57.03 93.34 128.71
N ILE F 41 57.29 93.18 127.42
CA ILE F 41 58.61 92.82 126.96
C ILE F 41 59.58 93.98 127.16
N SER F 42 59.13 95.20 126.88
CA SER F 42 60.01 96.36 126.97
C SER F 42 59.35 97.59 127.60
N TYR F 43 58.20 97.44 128.25
CA TYR F 43 57.50 98.58 128.80
C TYR F 43 56.92 98.23 130.16
N VAL F 44 56.33 99.23 130.80
CA VAL F 44 55.59 99.08 132.05
C VAL F 44 54.39 100.00 131.99
N VAL F 45 53.19 99.43 132.02
CA VAL F 45 51.95 100.18 131.86
C VAL F 45 51.24 100.26 133.20
N ILE F 46 50.79 101.46 133.57
CA ILE F 46 49.99 101.70 134.76
C ILE F 46 48.56 101.94 134.32
N ALA F 47 47.62 101.23 134.94
CA ALA F 47 46.22 101.31 134.56
C ALA F 47 45.34 101.42 135.78
N SER F 48 44.10 101.84 135.56
CA SER F 48 43.09 101.95 136.60
C SER F 48 41.90 101.07 136.24
N CYS F 49 41.61 100.10 137.09
CA CYS F 49 40.57 99.11 136.84
C CYS F 49 39.38 99.37 137.75
N ARG F 50 38.19 99.48 137.15
CA ARG F 50 36.95 99.60 137.89
C ARG F 50 35.98 98.54 137.40
N PHE F 51 35.47 97.73 138.33
CA PHE F 51 34.68 96.55 138.01
C PHE F 51 33.22 96.78 138.37
N GLN F 52 32.36 95.88 137.89
CA GLN F 52 30.93 96.02 138.16
C GLN F 52 30.60 95.77 139.63
N GLU F 53 31.41 94.98 140.32
CA GLU F 53 31.14 94.65 141.72
C GLU F 53 31.37 95.84 142.64
N GLU F 54 32.06 96.88 142.17
CA GLU F 54 32.24 98.12 142.93
C GLU F 54 31.23 99.19 142.56
N ASP F 55 30.97 99.38 141.26
CA ASP F 55 30.05 100.40 140.78
C ASP F 55 29.09 99.78 139.79
N SER F 56 27.78 99.92 140.06
CA SER F 56 26.76 99.45 139.14
C SER F 56 26.72 100.23 137.84
N THR F 57 27.44 101.35 137.76
CA THR F 57 27.55 102.14 136.54
C THR F 57 28.54 101.56 135.55
N VAL F 58 29.39 100.63 135.97
CA VAL F 58 30.37 100.01 135.10
C VAL F 58 29.81 98.70 134.59
N GLU F 59 29.76 98.55 133.27
CA GLU F 59 29.26 97.33 132.65
C GLU F 59 30.43 96.42 132.33
N GLY F 60 30.63 95.40 133.15
CA GLY F 60 31.77 94.52 132.99
C GLY F 60 33.01 95.07 133.68
N ILE F 61 33.95 95.56 132.90
CA ILE F 61 35.21 96.09 133.42
C ILE F 61 35.52 97.38 132.67
N GLU F 62 36.02 98.38 133.38
CA GLU F 62 36.46 99.63 132.78
C GLU F 62 37.97 99.75 132.96
N PHE F 63 38.71 99.55 131.88
CA PHE F 63 40.17 99.51 131.90
C PHE F 63 40.70 100.74 131.19
N LYS F 64 41.41 101.58 131.93
CA LYS F 64 41.97 102.83 131.40
C LYS F 64 43.46 102.87 131.68
N THR F 65 44.26 102.91 130.62
CA THR F 65 45.70 103.04 130.76
C THR F 65 46.05 104.47 131.14
N LEU F 66 46.64 104.65 132.32
CA LEU F 66 46.96 105.99 132.78
C LEU F 66 48.31 106.48 132.25
N LYS F 67 49.32 105.62 132.24
CA LYS F 67 50.65 106.02 131.81
C LYS F 67 51.41 104.81 131.32
N THR F 68 52.26 105.02 130.32
CA THR F 68 53.08 103.96 129.74
C THR F 68 54.53 104.34 129.89
N PHE F 69 55.28 103.51 130.63
CA PHE F 69 56.69 103.76 130.91
C PHE F 69 57.54 102.88 130.00
N HIS F 70 58.52 103.49 129.35
CA HIS F 70 59.44 102.71 128.53
C HIS F 70 60.52 102.10 129.42
N HIS F 71 60.72 100.80 129.29
CA HIS F 71 61.67 100.07 130.12
C HIS F 71 62.93 99.68 129.36
N GLY F 72 62.79 99.05 128.19
CA GLY F 72 63.92 98.58 127.45
C GLY F 72 64.33 97.15 127.73
N GLU F 73 63.87 96.57 128.84
CA GLU F 73 64.19 95.20 129.21
C GLU F 73 62.94 94.49 129.68
N ARG F 74 63.00 93.16 129.65
CA ARG F 74 61.87 92.35 130.10
C ARG F 74 61.67 92.56 131.60
N VAL F 75 60.44 92.83 132.00
CA VAL F 75 60.12 93.04 133.41
C VAL F 75 59.77 91.71 134.05
N VAL F 76 60.43 91.39 135.16
CA VAL F 76 60.24 90.10 135.82
C VAL F 76 59.57 90.23 137.18
N ALA F 77 59.60 91.41 137.81
CA ALA F 77 58.95 91.59 139.10
C ALA F 77 58.71 93.08 139.34
N ILE F 78 57.52 93.39 139.84
CA ILE F 78 57.10 94.76 140.08
C ILE F 78 56.72 94.91 141.55
N ALA F 79 57.13 96.00 142.17
CA ALA F 79 56.81 96.28 143.57
C ALA F 79 56.21 97.67 143.67
N TRP F 80 55.10 97.79 144.39
CA TRP F 80 54.43 99.06 144.55
C TRP F 80 54.94 99.78 145.80
N SER F 81 54.93 101.10 145.75
CA SER F 81 55.40 101.87 146.88
C SER F 81 54.23 102.42 147.69
N PRO F 82 54.30 102.39 149.02
CA PRO F 82 53.19 102.89 149.83
C PRO F 82 52.88 104.36 149.63
N GLU F 83 53.82 105.15 149.09
CA GLU F 83 53.59 106.55 148.82
C GLU F 83 52.78 106.78 147.55
N THR F 84 52.36 105.73 146.86
CA THR F 84 51.60 105.88 145.63
C THR F 84 50.22 106.43 145.94
N ARG F 85 49.92 107.61 145.40
CA ARG F 85 48.61 108.22 145.56
C ARG F 85 48.21 108.87 144.25
N CYS F 86 46.90 108.91 144.00
CA CYS F 86 46.35 109.57 142.82
C CYS F 86 45.49 110.77 143.20
N ASP F 87 45.69 111.34 144.39
CA ASP F 87 44.93 112.51 144.80
C ASP F 87 45.20 113.69 143.89
N ALA F 88 44.19 114.55 143.71
CA ALA F 88 44.37 115.70 142.84
C ALA F 88 45.23 116.78 143.47
N LEU F 89 45.39 116.74 144.80
CA LEU F 89 46.25 117.72 145.46
C LEU F 89 47.70 117.57 145.01
N LEU F 90 48.26 116.37 145.17
CA LEU F 90 49.66 116.11 144.81
C LEU F 90 49.80 114.65 144.43
N PRO F 91 49.41 114.29 143.21
CA PRO F 91 49.55 112.90 142.78
C PRO F 91 51.02 112.51 142.72
N LEU F 92 51.31 111.28 143.14
CA LEU F 92 52.67 110.76 143.13
C LEU F 92 52.59 109.28 142.84
N LEU F 93 53.24 108.83 141.77
CA LEU F 93 53.24 107.44 141.37
C LEU F 93 54.66 106.91 141.45
N ARG F 94 54.91 106.00 142.39
CA ARG F 94 56.23 105.42 142.55
C ARG F 94 56.10 103.91 142.60
N PHE F 95 57.03 103.21 141.95
CA PHE F 95 57.09 101.76 142.01
C PHE F 95 58.47 101.30 141.59
N ALA F 96 58.83 100.10 142.00
CA ALA F 96 60.12 99.51 141.71
C ALA F 96 59.96 98.29 140.82
N THR F 97 60.84 98.17 139.84
CA THR F 97 60.83 97.02 138.93
C THR F 97 62.22 96.43 138.85
N ALA F 98 62.27 95.12 138.67
CA ALA F 98 63.49 94.41 138.34
C ALA F 98 63.40 93.94 136.89
N ALA F 99 64.55 93.84 136.23
CA ALA F 99 64.55 93.51 134.82
C ALA F 99 65.53 92.37 134.57
N GLY F 100 65.59 91.96 133.31
CA GLY F 100 66.52 90.93 132.90
C GLY F 100 67.97 91.37 132.87
N ASP F 101 68.23 92.64 133.14
CA ASP F 101 69.60 93.14 133.15
C ASP F 101 70.20 93.20 134.54
N LYS F 102 69.58 92.55 135.53
CA LYS F 102 70.01 92.48 136.92
C LYS F 102 69.95 93.83 137.64
N LYS F 103 69.18 94.80 137.14
CA LYS F 103 69.11 96.13 137.71
C LYS F 103 67.69 96.50 138.11
N ILE F 104 67.57 97.38 139.09
CA ILE F 104 66.29 97.85 139.61
C ILE F 104 66.04 99.26 139.12
N ARG F 105 64.82 99.55 138.70
CA ARG F 105 64.47 100.83 138.11
C ARG F 105 63.30 101.44 138.87
N ILE F 106 63.58 102.44 139.70
CA ILE F 106 62.57 103.11 140.51
C ILE F 106 61.95 104.22 139.67
N PHE F 107 60.72 104.01 139.22
CA PHE F 107 60.01 105.00 138.43
C PHE F 107 59.23 105.93 139.34
N THR F 108 59.34 107.23 139.10
CA THR F 108 58.59 108.24 139.85
C THR F 108 57.87 109.12 138.85
N SER F 109 56.66 109.53 139.19
CA SER F 109 55.86 110.36 138.29
C SER F 109 54.78 111.07 139.08
N ASP F 110 54.19 112.08 138.44
CA ASP F 110 53.01 112.75 138.97
C ASP F 110 51.82 112.63 138.02
N PHE F 111 51.88 111.70 137.07
CA PHE F 111 50.85 111.48 136.06
C PHE F 111 50.79 112.63 135.06
N GLN F 112 51.58 113.66 135.30
CA GLN F 112 51.78 114.77 134.36
C GLN F 112 53.08 114.51 133.60
N ASP F 113 53.65 115.49 132.91
CA ASP F 113 54.84 115.26 132.10
C ASP F 113 56.08 114.89 132.90
N LYS F 114 56.09 115.11 134.22
CA LYS F 114 57.25 114.78 135.04
C LYS F 114 57.33 113.26 135.19
N ASN F 115 58.40 112.67 134.68
CA ASN F 115 58.63 111.23 134.78
C ASN F 115 60.12 110.99 134.94
N GLU F 116 60.51 110.39 136.06
CA GLU F 116 61.90 110.08 136.34
C GLU F 116 62.05 108.60 136.68
N TYR F 117 63.18 108.03 136.33
CA TYR F 117 63.51 106.66 136.68
C TYR F 117 64.96 106.58 137.09
N LYS F 118 65.26 105.69 138.03
CA LYS F 118 66.58 105.54 138.59
C LYS F 118 67.01 104.08 138.53
N VAL F 119 68.22 103.83 138.04
CA VAL F 119 68.75 102.49 137.89
C VAL F 119 69.67 102.20 139.08
N ILE F 120 69.37 101.15 139.83
CA ILE F 120 70.20 100.71 140.95
C ILE F 120 70.95 99.46 140.54
N GLU F 121 72.26 99.45 140.77
CA GLU F 121 73.12 98.36 140.34
C GLU F 121 73.83 97.74 141.54
N GLY F 122 74.25 96.50 141.38
CA GLY F 122 74.95 95.80 142.44
C GLY F 122 74.66 94.31 142.49
N HIS F 123 73.56 93.90 141.87
CA HIS F 123 73.24 92.48 141.79
C HIS F 123 74.13 91.78 140.78
N SER F 124 74.85 90.75 141.22
CA SER F 124 75.68 89.94 140.36
C SER F 124 74.93 88.78 139.70
N GLY F 125 73.64 88.62 140.03
CA GLY F 125 72.81 87.62 139.41
C GLY F 125 71.41 88.18 139.20
N TYR F 126 70.62 87.45 138.40
CA TYR F 126 69.29 87.92 138.04
C TYR F 126 68.42 88.06 139.27
N ILE F 127 67.54 89.05 139.24
CA ILE F 127 66.62 89.30 140.35
C ILE F 127 65.32 88.55 140.10
N ASN F 128 64.86 87.83 141.11
CA ASN F 128 63.66 87.01 140.99
C ASN F 128 62.42 87.66 141.60
N ASP F 129 62.58 88.49 142.62
CA ASP F 129 61.45 89.20 143.20
C ASP F 129 61.98 90.37 144.02
N LEU F 130 61.18 91.42 144.11
CA LEU F 130 61.52 92.57 144.93
C LEU F 130 60.25 93.19 145.49
N VAL F 131 60.34 93.73 146.70
CA VAL F 131 59.21 94.36 147.37
C VAL F 131 59.73 95.56 148.14
N PHE F 132 58.84 96.52 148.39
CA PHE F 132 59.19 97.66 149.22
C PHE F 132 59.18 97.25 150.69
N CYS F 133 60.32 97.39 151.35
CA CYS F 133 60.52 96.83 152.68
C CYS F 133 60.53 97.88 153.77
N SER F 134 59.64 98.87 153.68
CA SER F 134 59.42 99.82 154.75
C SER F 134 58.00 100.38 154.67
N PRO F 135 57.37 100.64 155.81
CA PRO F 135 56.02 101.23 155.77
C PRO F 135 55.97 102.58 155.09
N GLU F 136 57.05 103.38 155.19
CA GLU F 136 57.16 104.65 154.50
C GLU F 136 57.59 104.50 153.05
N GLY F 137 57.88 103.29 152.59
CA GLY F 137 58.36 103.11 151.24
C GLY F 137 59.75 103.61 150.98
N THR F 138 60.58 103.71 152.01
CA THR F 138 61.91 104.27 151.86
C THR F 138 62.94 103.25 151.38
N ASP F 139 62.78 101.98 151.70
CA ASP F 139 63.76 100.96 151.35
C ASP F 139 63.16 99.98 150.36
N ILE F 140 64.02 99.25 149.64
CA ILE F 140 63.60 98.28 148.64
C ILE F 140 64.43 97.03 148.82
N ALA F 141 63.76 95.89 149.00
CA ALA F 141 64.44 94.63 149.19
C ALA F 141 64.24 93.73 147.98
N SER F 142 65.33 93.20 147.47
CA SER F 142 65.33 92.34 146.30
C SER F 142 66.17 91.10 146.56
N VAL F 143 65.70 89.96 146.04
CA VAL F 143 66.40 88.70 146.18
C VAL F 143 66.62 88.14 144.79
N GLY F 144 67.75 87.46 144.60
CA GLY F 144 68.06 86.95 143.29
C GLY F 144 69.00 85.78 143.34
N ASP F 145 69.50 85.42 142.16
CA ASP F 145 70.34 84.24 141.98
C ASP F 145 71.80 84.48 142.27
N ASP F 146 72.17 85.63 142.83
CA ASP F 146 73.51 85.80 143.34
C ASP F 146 73.62 85.40 144.80
N HIS F 147 72.58 84.77 145.33
CA HIS F 147 72.56 84.26 146.71
C HIS F 147 72.59 85.40 147.72
N THR F 148 71.92 86.50 147.44
CA THR F 148 71.93 87.65 148.34
C THR F 148 70.55 88.29 148.39
N CYS F 149 70.19 88.78 149.58
CA CYS F 149 69.04 89.64 149.77
C CYS F 149 69.56 91.01 150.18
N ARG F 150 69.34 92.01 149.33
CA ARG F 150 69.91 93.32 149.52
C ARG F 150 68.81 94.32 149.86
N ILE F 151 69.16 95.32 150.67
CA ILE F 151 68.25 96.40 151.06
C ILE F 151 68.76 97.69 150.44
N TRP F 152 68.03 98.21 149.46
CA TRP F 152 68.39 99.44 148.79
C TRP F 152 67.44 100.53 149.25
N ASP F 153 67.97 101.71 149.57
CA ASP F 153 67.08 102.83 149.80
C ASP F 153 66.69 103.45 148.46
N LEU F 154 66.05 104.62 148.52
CA LEU F 154 65.57 105.26 147.31
C LEU F 154 66.67 105.91 146.49
N ASP F 155 67.84 106.17 147.08
CA ASP F 155 68.92 106.82 146.35
C ASP F 155 69.89 105.85 145.71
N GLY F 156 69.60 104.55 145.73
CA GLY F 156 70.46 103.58 145.09
C GLY F 156 71.58 103.04 145.93
N LYS F 157 71.64 103.41 147.21
CA LYS F 157 72.69 102.92 148.09
C LYS F 157 72.23 101.64 148.76
N GLN F 158 73.18 100.76 149.08
CA GLN F 158 72.84 99.50 149.73
C GLN F 158 72.93 99.67 151.24
N ILE F 159 71.83 99.37 151.95
CA ILE F 159 71.83 99.51 153.39
C ILE F 159 72.35 98.26 154.07
N ALA F 160 71.87 97.09 153.65
CA ALA F 160 72.26 95.83 154.28
C ALA F 160 72.18 94.71 153.26
N MET F 161 72.99 93.69 153.47
CA MET F 161 73.00 92.53 152.60
C MET F 161 73.04 91.27 153.45
N PHE F 162 72.01 90.44 153.33
CA PHE F 162 71.93 89.16 154.01
C PHE F 162 72.26 88.06 153.02
N ILE F 163 73.29 87.29 153.33
CA ILE F 163 73.73 86.22 152.43
C ILE F 163 72.85 85.00 152.62
N LEU F 164 72.22 84.55 151.55
CA LEU F 164 71.42 83.34 151.58
C LEU F 164 72.26 82.14 151.17
N ARG F 165 71.72 80.95 151.42
CA ARG F 165 72.36 79.72 150.99
C ARG F 165 71.91 79.28 149.60
N SER F 166 70.89 79.93 149.04
CA SER F 166 70.40 79.59 147.71
C SER F 166 69.62 80.76 147.11
N PRO F 167 69.42 80.78 145.80
CA PRO F 167 68.67 81.87 145.16
C PRO F 167 67.35 82.16 145.85
N GLY F 168 67.21 83.38 146.37
CA GLY F 168 65.93 83.82 146.87
C GLY F 168 64.95 83.89 145.73
N MET F 169 63.79 83.28 145.92
CA MET F 169 62.77 83.24 144.87
C MET F 169 61.56 84.10 145.18
N SER F 170 61.41 84.56 146.41
CA SER F 170 60.33 85.46 146.78
C SER F 170 60.64 86.11 148.10
N VAL F 171 60.42 87.42 148.16
CA VAL F 171 60.64 88.21 149.36
C VAL F 171 59.37 88.99 149.66
N ALA F 172 58.98 89.01 150.92
CA ALA F 172 57.73 89.65 151.30
C ALA F 172 57.89 90.37 152.64
N TRP F 173 57.25 91.52 152.75
CA TRP F 173 57.28 92.30 153.98
C TRP F 173 56.14 91.88 154.91
N HIS F 174 56.44 91.82 156.20
CA HIS F 174 55.41 91.50 157.18
C HIS F 174 54.34 92.58 157.17
N PRO F 175 53.06 92.23 157.03
CA PRO F 175 52.04 93.28 156.89
C PRO F 175 51.90 94.18 158.10
N GLU F 176 51.98 93.64 159.32
CA GLU F 176 51.77 94.44 160.52
C GLU F 176 53.04 94.60 161.36
N GLY F 177 53.68 93.50 161.74
CA GLY F 177 54.90 93.57 162.52
C GLY F 177 56.04 94.21 161.75
N ALA F 178 56.60 95.27 162.31
CA ALA F 178 57.66 96.00 161.62
C ALA F 178 58.97 95.23 161.65
N PHE F 179 59.86 95.61 160.74
CA PHE F 179 61.25 95.16 160.66
C PHE F 179 61.41 93.65 160.48
N LYS F 180 60.38 92.94 160.04
CA LYS F 180 60.47 91.51 159.80
C LYS F 180 60.25 91.23 158.32
N LEU F 181 61.31 90.83 157.64
CA LEU F 181 61.27 90.55 156.20
C LEU F 181 61.39 89.05 155.98
N MET F 182 60.53 88.51 155.12
CA MET F 182 60.54 87.09 154.80
C MET F 182 61.23 86.86 153.47
N VAL F 183 62.18 85.95 153.44
CA VAL F 183 62.96 85.63 152.25
C VAL F 183 62.80 84.15 151.97
N ALA F 184 62.26 83.81 150.81
CA ALA F 184 61.99 82.43 150.45
C ALA F 184 63.10 81.92 149.53
N GLU F 185 64.01 81.13 150.09
CA GLU F 185 65.09 80.53 149.32
C GLU F 185 64.54 79.40 148.47
N LYS F 186 65.27 79.06 147.41
CA LYS F 186 64.72 78.10 146.44
C LYS F 186 64.77 76.67 146.96
N THR F 187 65.76 76.33 147.78
CA THR F 187 65.84 74.97 148.30
C THR F 187 64.86 74.71 149.43
N GLY F 188 63.85 75.56 149.62
CA GLY F 188 62.78 75.31 150.54
C GLY F 188 62.84 76.07 151.84
N THR F 189 63.97 76.69 152.16
CA THR F 189 64.13 77.38 153.44
C THR F 189 63.56 78.78 153.35
N ILE F 190 62.58 79.08 154.20
CA ILE F 190 62.01 80.42 154.33
C ILE F 190 62.66 81.07 155.54
N ARG F 191 63.23 82.26 155.35
CA ARG F 191 63.92 82.94 156.43
C ARG F 191 63.25 84.27 156.75
N PHE F 192 63.22 84.60 158.03
CA PHE F 192 62.70 85.87 158.50
C PHE F 192 63.84 86.70 159.06
N TYR F 193 64.17 87.80 158.41
CA TYR F 193 65.28 88.66 158.79
C TYR F 193 64.75 89.88 159.52
N ASP F 194 65.54 90.38 160.47
CA ASP F 194 65.20 91.57 161.22
C ASP F 194 66.01 92.75 160.67
N LEU F 195 65.31 93.72 160.06
CA LEU F 195 65.98 94.82 159.39
C LEU F 195 66.57 95.86 160.34
N THR F 196 66.46 95.66 161.65
CA THR F 196 67.10 96.58 162.59
C THR F 196 68.35 95.96 163.21
N THR F 197 68.34 94.65 163.42
CA THR F 197 69.52 93.93 163.88
C THR F 197 70.29 93.28 162.76
N HIS F 198 69.74 93.22 161.54
CA HIS F 198 70.36 92.53 160.42
C HIS F 198 70.67 91.08 160.79
N GLN F 199 69.76 90.45 161.53
CA GLN F 199 69.87 89.07 161.95
C GLN F 199 68.65 88.30 161.49
N ALA F 200 68.77 86.97 161.44
CA ALA F 200 67.65 86.12 161.06
C ALA F 200 66.95 85.64 162.32
N ILE F 201 65.63 85.84 162.37
CA ILE F 201 64.85 85.49 163.55
C ILE F 201 64.51 84.01 163.58
N LEU F 202 64.11 83.46 162.44
CA LEU F 202 63.51 82.13 162.42
C LEU F 202 63.48 81.66 160.97
N SER F 203 63.54 80.34 160.79
CA SER F 203 63.50 79.74 159.46
C SER F 203 62.45 78.65 159.40
N LEU F 204 61.74 78.59 158.28
CA LEU F 204 60.78 77.53 157.99
C LEU F 204 61.32 76.67 156.85
N GLU F 205 60.92 75.41 156.84
CA GLU F 205 61.41 74.45 155.86
C GLU F 205 60.24 73.79 155.15
N SER F 206 60.26 73.81 153.83
CA SER F 206 59.28 73.08 153.05
C SER F 206 59.74 71.65 152.84
N VAL F 207 58.79 70.72 152.82
CA VAL F 207 59.13 69.31 152.68
C VAL F 207 59.54 68.98 151.25
N GLN F 208 59.07 69.75 150.27
CA GLN F 208 59.41 69.55 148.88
C GLN F 208 60.31 70.68 148.38
N VAL F 209 61.09 70.37 147.35
CA VAL F 209 61.95 71.38 146.70
C VAL F 209 61.77 71.26 145.20
N PRO F 210 61.90 72.40 144.49
CA PRO F 210 62.29 73.75 144.85
C PRO F 210 61.15 74.66 145.29
N LEU F 211 61.45 75.64 146.12
CA LEU F 211 60.45 76.60 146.59
C LEU F 211 60.38 77.78 145.64
N MET F 212 59.28 77.90 144.90
CA MET F 212 59.18 78.88 143.83
C MET F 212 58.50 80.17 144.23
N SER F 213 57.82 80.22 145.37
CA SER F 213 57.12 81.43 145.76
C SER F 213 56.74 81.36 147.23
N ALA F 214 56.48 82.52 147.82
CA ALA F 214 56.00 82.60 149.19
C ALA F 214 55.32 83.94 149.41
N ASP F 215 54.23 83.93 150.16
CA ASP F 215 53.45 85.13 150.39
C ASP F 215 52.80 85.07 151.77
N TRP F 216 52.66 86.23 152.39
CA TRP F 216 52.01 86.33 153.69
C TRP F 216 50.50 86.42 153.52
N CYS F 217 49.76 86.04 154.55
CA CYS F 217 48.33 86.27 154.59
C CYS F 217 48.09 87.60 155.29
N VAL F 218 47.61 88.60 154.55
CA VAL F 218 47.41 89.92 155.11
C VAL F 218 46.34 89.89 156.20
N ARG F 219 45.34 89.04 156.05
CA ARG F 219 44.24 88.94 157.00
C ARG F 219 44.59 88.11 158.22
N ASN F 220 45.65 87.30 158.16
CA ASN F 220 46.09 86.49 159.29
C ASN F 220 47.62 86.41 159.20
N THR F 221 48.29 87.31 159.92
CA THR F 221 49.73 87.44 159.79
C THR F 221 50.49 86.24 160.35
N LEU F 222 49.80 85.19 160.78
CA LEU F 222 50.46 83.98 161.24
C LEU F 222 50.56 82.92 160.15
N ARG F 223 49.71 82.99 159.12
CA ARG F 223 49.69 82.01 158.06
C ARG F 223 50.60 82.44 156.92
N ILE F 224 51.48 81.54 156.50
CA ILE F 224 52.37 81.75 155.37
C ILE F 224 52.05 80.72 154.32
N GLY F 225 51.94 81.16 153.08
CA GLY F 225 51.65 80.28 151.97
C GLY F 225 52.80 80.25 150.99
N ALA F 226 52.96 79.10 150.33
CA ALA F 226 54.07 78.91 149.40
C ALA F 226 53.70 77.83 148.41
N VAL F 227 54.56 77.65 147.41
CA VAL F 227 54.47 76.55 146.47
C VAL F 227 55.86 75.98 146.29
N ALA F 228 55.97 74.66 146.44
CA ALA F 228 57.26 73.99 146.34
C ALA F 228 57.08 72.75 145.49
N GLY F 229 57.71 72.75 144.31
CA GLY F 229 57.49 71.66 143.38
C GLY F 229 56.09 71.70 142.81
N ASN F 230 55.28 70.68 143.11
CA ASN F 230 53.92 70.60 142.60
C ASN F 230 52.87 70.97 143.63
N ASP F 231 53.21 71.03 144.91
CA ASP F 231 52.23 71.14 145.98
C ASP F 231 52.32 72.49 146.68
N TRP F 232 51.17 73.03 147.04
CA TRP F 232 51.11 74.25 147.85
C TRP F 232 51.24 73.88 149.31
N ILE F 233 51.89 74.74 150.07
CA ILE F 233 52.25 74.48 151.46
C ILE F 233 51.80 75.65 152.31
N ILE F 234 51.33 75.37 153.53
CA ILE F 234 50.83 76.40 154.44
C ILE F 234 51.43 76.16 155.81
N TRP F 235 52.03 77.20 156.40
CA TRP F 235 52.54 77.17 157.76
C TRP F 235 51.66 78.05 158.64
N GLU F 236 51.69 77.78 159.94
CA GLU F 236 51.04 78.63 160.94
C GLU F 236 51.95 78.76 162.15
N MET F 237 52.47 79.97 162.38
CA MET F 237 53.40 80.33 163.42
C MET F 237 52.66 80.94 164.61
N PRO F 238 53.25 80.91 165.81
CA PRO F 238 54.54 80.32 166.20
C PRO F 238 54.46 78.86 166.59
N ARG F 239 53.47 78.13 166.06
CA ARG F 239 53.25 76.76 166.46
C ARG F 239 54.43 75.86 166.11
N SER F 240 54.74 75.74 164.82
CA SER F 240 55.77 74.81 164.41
C SER F 240 56.32 75.19 163.04
N SER F 241 57.58 74.83 162.80
CA SER F 241 58.22 75.05 161.52
C SER F 241 57.81 74.06 160.45
N TYR F 242 56.96 73.14 160.77
CA TYR F 242 56.52 72.15 159.81
C TYR F 242 55.26 72.63 159.08
N PRO F 243 55.04 72.17 157.85
CA PRO F 243 53.81 72.53 157.15
C PRO F 243 52.58 72.13 157.94
N GLN F 244 51.52 72.92 157.79
CA GLN F 244 50.23 72.57 158.36
C GLN F 244 49.36 71.83 157.36
N ASP F 245 49.40 72.26 156.10
CA ASP F 245 48.69 71.65 155.00
C ASP F 245 49.65 71.43 153.85
N ASN F 246 49.42 70.37 153.08
CA ASN F 246 50.28 70.04 151.95
C ASN F 246 49.49 69.21 150.97
N LYS F 247 48.98 69.84 149.92
CA LYS F 247 48.13 69.19 148.94
C LYS F 247 48.59 69.58 147.54
N PRO F 248 48.41 68.70 146.56
CA PRO F 248 48.87 69.02 145.21
C PRO F 248 48.14 70.22 144.64
N ALA F 249 48.91 71.15 144.09
CA ALA F 249 48.39 72.36 143.45
C ALA F 249 48.26 72.21 141.95
N HIS F 250 49.31 71.76 141.28
CA HIS F 250 49.29 71.54 139.84
C HIS F 250 49.98 70.23 139.52
N ALA F 251 49.60 69.65 138.38
CA ALA F 251 50.19 68.39 137.94
C ALA F 251 51.64 68.55 137.55
N ASP F 252 52.11 69.79 137.37
CA ASP F 252 53.49 70.04 136.94
C ASP F 252 53.93 71.41 137.44
N ARG F 253 54.68 71.43 138.54
CA ARG F 253 55.44 72.60 138.96
C ARG F 253 54.60 73.85 139.23
N ALA F 254 53.83 73.86 140.32
CA ALA F 254 53.28 75.10 140.81
C ALA F 254 54.38 76.14 140.97
N ARG F 255 54.09 77.36 140.54
CA ARG F 255 55.12 78.40 140.42
C ARG F 255 54.87 79.61 141.30
N MET F 256 53.68 80.21 141.23
CA MET F 256 53.39 81.45 141.94
C MET F 256 52.33 81.20 143.00
N PHE F 257 52.47 81.86 144.15
CA PHE F 257 51.51 81.77 145.24
C PHE F 257 51.14 83.17 145.70
N ARG F 258 49.85 83.43 145.81
CA ARG F 258 49.39 84.76 146.22
C ARG F 258 48.15 84.63 147.10
N TRP F 259 48.30 85.03 148.36
CA TRP F 259 47.19 84.96 149.31
C TRP F 259 46.16 86.03 148.98
N SER F 260 44.89 85.69 149.18
CA SER F 260 43.82 86.65 148.94
C SER F 260 43.90 87.77 149.95
N LYS F 261 43.60 88.99 149.49
CA LYS F 261 43.64 90.16 150.37
C LYS F 261 42.31 90.42 151.06
N CYS F 262 41.25 89.71 150.68
CA CYS F 262 39.94 89.88 151.29
C CYS F 262 39.50 88.68 152.13
N ASN F 263 39.95 87.47 151.78
CA ASN F 263 39.59 86.27 152.49
C ASN F 263 40.86 85.63 153.00
N GLU F 264 40.88 85.24 154.27
CA GLU F 264 42.06 84.60 154.83
C GLU F 264 42.15 83.12 154.48
N ASN F 265 41.22 82.60 153.69
CA ASN F 265 41.16 81.18 153.39
C ASN F 265 41.41 80.85 151.93
N VAL F 266 41.42 81.84 151.05
CA VAL F 266 41.52 81.63 149.61
C VAL F 266 42.93 82.02 149.16
N PHE F 267 43.50 81.24 148.26
CA PHE F 267 44.79 81.54 147.67
C PHE F 267 44.87 80.89 146.31
N ALA F 268 45.54 81.56 145.38
CA ALA F 268 45.63 81.09 144.00
C ALA F 268 47.08 80.75 143.67
N THR F 269 47.26 79.64 142.94
CA THR F 269 48.56 79.22 142.47
C THR F 269 48.50 78.96 140.97
N THR F 270 49.51 79.43 140.25
CA THR F 270 49.56 79.32 138.80
C THR F 270 50.53 78.23 138.38
N GLY F 271 50.07 77.33 137.54
CA GLY F 271 50.93 76.31 136.99
C GLY F 271 52.07 76.89 136.18
N TYR F 272 53.10 76.10 135.99
CA TYR F 272 54.29 76.58 135.32
C TYR F 272 54.05 76.70 133.81
N PRO F 273 54.53 77.77 133.16
CA PRO F 273 54.39 77.86 131.70
C PRO F 273 55.23 76.80 131.00
N GLY F 274 54.54 75.80 130.47
CA GLY F 274 55.22 74.67 129.87
C GLY F 274 54.34 73.88 128.94
N LYS F 275 54.48 72.56 128.95
CA LYS F 275 53.77 71.73 127.98
C LYS F 275 52.25 71.97 128.03
N MET F 276 51.70 72.25 129.19
CA MET F 276 50.28 72.53 129.30
C MET F 276 50.05 74.04 129.34
N LYS F 277 48.84 74.45 128.96
CA LYS F 277 48.43 75.83 129.17
C LYS F 277 48.62 76.19 130.63
N SER F 278 49.15 77.37 130.90
CA SER F 278 49.40 77.78 132.27
C SER F 278 48.10 77.86 133.03
N GLN F 279 47.89 76.91 133.95
CA GLN F 279 46.63 76.80 134.65
C GLN F 279 46.66 77.57 135.96
N ILE F 280 45.58 78.30 136.23
CA ILE F 280 45.35 78.89 137.54
C ILE F 280 44.39 77.99 138.30
N ALA F 281 44.77 77.64 139.52
CA ALA F 281 43.95 76.80 140.38
C ALA F 281 43.72 77.53 141.69
N ILE F 282 42.57 78.18 141.82
CA ILE F 282 42.22 78.92 143.02
C ILE F 282 41.71 77.93 144.06
N HIS F 283 42.27 77.98 145.25
CA HIS F 283 41.99 77.01 146.30
C HIS F 283 41.16 77.61 147.42
N HIS F 284 40.61 76.74 148.24
CA HIS F 284 39.97 77.11 149.49
C HIS F 284 40.53 76.18 150.57
N LEU F 285 40.80 76.72 151.75
CA LEU F 285 41.41 75.91 152.79
C LEU F 285 40.49 74.78 153.26
N ALA F 286 39.17 74.99 153.18
CA ALA F 286 38.22 73.98 153.65
C ALA F 286 37.96 72.89 152.62
N HIS F 287 38.34 73.08 151.35
CA HIS F 287 38.07 72.14 150.28
C HIS F 287 39.33 71.39 149.88
N PRO F 288 39.25 70.08 149.63
CA PRO F 288 40.43 69.33 149.19
C PRO F 288 40.83 69.59 147.75
N GLN F 289 39.93 70.10 146.92
CA GLN F 289 40.19 70.38 145.52
C GLN F 289 39.99 71.86 145.23
N PRO F 290 40.63 72.38 144.18
CA PRO F 290 40.46 73.79 143.85
C PRO F 290 39.01 74.12 143.56
N ILE F 291 38.56 75.28 144.03
CA ILE F 291 37.18 75.66 143.79
C ILE F 291 37.03 76.21 142.37
N LEU F 292 38.11 76.64 141.74
CA LEU F 292 38.06 77.17 140.38
C LEU F 292 39.38 76.89 139.68
N ILE F 293 39.28 76.36 138.46
CA ILE F 293 40.44 76.02 137.64
C ILE F 293 40.28 76.72 136.30
N GLY F 294 41.11 77.72 136.06
CA GLY F 294 41.12 78.41 134.79
C GLY F 294 42.42 78.17 134.04
N THR F 295 42.33 78.23 132.71
CA THR F 295 43.46 77.99 131.84
C THR F 295 43.88 79.29 131.16
N ALA F 296 44.96 79.88 131.63
CA ALA F 296 45.62 80.99 130.97
C ALA F 296 46.60 80.43 129.96
N PRO F 297 46.40 80.65 128.67
CA PRO F 297 47.16 79.89 127.67
C PRO F 297 48.67 80.04 127.79
N VAL F 298 49.17 81.24 128.10
CA VAL F 298 50.51 81.43 128.66
C VAL F 298 50.46 82.57 129.66
N GLY F 299 50.65 82.27 130.93
CA GLY F 299 50.49 83.28 131.96
C GLY F 299 51.63 83.37 132.94
N SER F 300 52.17 84.57 133.11
CA SER F 300 53.17 84.85 134.13
C SER F 300 52.74 86.07 134.91
N GLY F 301 52.79 85.97 136.23
CA GLY F 301 52.33 87.04 137.09
C GLY F 301 50.95 86.78 137.64
N LEU F 302 50.77 87.08 138.93
CA LEU F 302 49.52 86.79 139.63
C LEU F 302 49.36 87.80 140.74
N SER F 303 48.22 88.47 140.80
CA SER F 303 47.99 89.44 141.86
C SER F 303 46.51 89.48 142.20
N TRP F 304 46.22 89.73 143.47
CA TRP F 304 44.87 89.70 144.00
C TRP F 304 44.36 91.12 144.23
N HIS F 305 43.08 91.32 143.99
CA HIS F 305 42.48 92.62 144.23
C HIS F 305 42.46 92.93 145.72
N ARG F 306 42.56 94.22 146.05
CA ARG F 306 42.69 94.61 147.44
C ARG F 306 41.37 94.43 148.19
N ARG F 307 40.24 94.62 147.51
CA ARG F 307 38.93 94.54 148.16
C ARG F 307 38.04 93.45 147.60
N LEU F 308 37.95 93.33 146.27
CA LEU F 308 37.13 92.30 145.67
C LEU F 308 37.78 90.92 145.84
N PRO F 309 37.01 89.84 145.69
CA PRO F 309 37.62 88.50 145.59
C PRO F 309 38.01 88.16 144.16
N LEU F 310 38.92 88.96 143.60
CA LEU F 310 39.20 88.93 142.17
C LEU F 310 40.69 88.90 141.93
N CYS F 311 41.13 87.91 141.15
CA CYS F 311 42.54 87.68 140.87
C CYS F 311 42.81 87.91 139.40
N VAL F 312 44.05 88.29 139.09
CA VAL F 312 44.46 88.59 137.72
C VAL F 312 45.66 87.73 137.36
N VAL F 313 45.69 87.24 136.13
CA VAL F 313 46.86 86.57 135.57
C VAL F 313 47.13 87.16 134.21
N GLY F 314 48.23 87.89 134.09
CA GLY F 314 48.62 88.41 132.81
C GLY F 314 48.97 87.30 131.85
N GLY F 315 48.33 87.32 130.70
CA GLY F 315 48.56 86.27 129.74
C GLY F 315 49.27 86.78 128.52
N TYR F 316 48.94 86.23 127.36
CA TYR F 316 49.48 86.69 126.09
C TYR F 316 48.61 87.81 125.56
N ARG F 317 49.11 89.05 125.62
CA ARG F 317 48.38 90.23 125.18
C ARG F 317 47.01 90.33 125.82
N LYS F 318 46.85 89.76 127.00
CA LYS F 318 45.55 89.67 127.64
C LYS F 318 45.75 89.61 129.14
N LEU F 319 44.89 90.33 129.86
CA LEU F 319 44.79 90.21 131.30
C LEU F 319 43.51 89.45 131.64
N PHE F 320 43.67 88.23 132.14
CA PHE F 320 42.55 87.38 132.49
C PHE F 320 42.19 87.57 133.95
N PHE F 321 40.94 87.96 134.22
CA PHE F 321 40.44 88.20 135.56
C PHE F 321 39.47 87.11 135.94
N TRP F 322 39.61 86.58 137.15
CA TRP F 322 38.79 85.47 137.64
C TRP F 322 38.14 85.88 138.95
N LEU F 323 36.81 85.82 138.99
CA LEU F 323 36.07 86.13 140.20
C LEU F 323 35.74 84.86 140.95
N THR F 324 36.11 84.81 142.23
CA THR F 324 35.83 83.67 143.09
C THR F 324 34.62 84.02 143.95
N GLU F 325 33.48 83.39 143.66
CA GLU F 325 32.27 83.65 144.43
C GLU F 325 32.48 83.25 145.88
N MET F 326 32.34 84.21 146.80
CA MET F 326 32.57 83.95 148.21
C MET F 326 31.44 83.11 148.79
N GLU G 1043 -23.53 73.85 43.65
CA GLU G 1043 -23.06 73.98 42.27
C GLU G 1043 -23.38 75.34 41.67
N LEU G 1044 -22.53 75.80 40.76
CA LEU G 1044 -22.76 77.08 40.11
C LEU G 1044 -23.98 76.95 39.23
N VAL G 1045 -24.89 77.91 39.33
CA VAL G 1045 -26.15 77.84 38.58
C VAL G 1045 -25.91 77.97 37.07
N PRO G 1046 -26.12 76.89 36.33
CA PRO G 1046 -25.92 76.94 34.88
C PRO G 1046 -27.11 77.58 34.18
N LEU G 1047 -28.33 77.31 34.64
CA LEU G 1047 -29.53 77.85 34.02
C LEU G 1047 -29.55 79.37 34.01
N GLU G 1048 -28.87 80.05 34.95
CA GLU G 1048 -28.95 81.53 35.04
C GLU G 1048 -28.21 82.31 33.94
N LYS G 1049 -27.53 81.58 33.05
CA LYS G 1049 -26.75 82.22 32.01
C LYS G 1049 -27.53 83.28 31.25
N SER G 1050 -28.76 82.98 30.84
CA SER G 1050 -29.53 83.92 30.04
C SER G 1050 -29.72 85.27 30.75
N VAL G 1051 -30.18 85.26 31.99
CA VAL G 1051 -30.40 86.51 32.74
C VAL G 1051 -29.09 87.25 32.95
N THR G 1052 -28.07 86.52 33.38
CA THR G 1052 -26.80 87.16 33.66
C THR G 1052 -26.37 87.83 32.37
N HIS G 1053 -26.32 87.07 31.28
CA HIS G 1053 -25.90 87.62 30.00
C HIS G 1053 -26.91 88.59 29.41
N GLY G 1054 -28.08 88.72 30.03
CA GLY G 1054 -29.07 89.69 29.59
C GLY G 1054 -28.61 91.10 29.87
N ARG G 1055 -27.65 91.24 30.78
CA ARG G 1055 -27.12 92.55 31.11
C ARG G 1055 -25.95 92.91 30.19
N GLY G 1056 -25.81 92.17 29.09
CA GLY G 1056 -24.75 92.45 28.14
C GLY G 1056 -24.94 93.80 27.49
N SER G 1057 -26.20 94.20 27.31
CA SER G 1057 -26.50 95.49 26.70
C SER G 1057 -25.80 96.64 27.43
N LEU G 1058 -25.79 96.59 28.77
CA LEU G 1058 -25.09 97.62 29.53
C LEU G 1058 -23.61 97.29 29.60
N LEU G 1059 -22.79 98.09 28.93
CA LEU G 1059 -21.35 97.87 28.94
C LEU G 1059 -20.69 98.79 29.96
N ILE G 1060 -21.48 99.32 30.90
CA ILE G 1060 -20.96 100.24 31.89
C ILE G 1060 -19.79 99.61 32.65
N ASP G 1061 -19.92 98.34 33.05
CA ASP G 1061 -18.79 97.64 33.67
C ASP G 1061 -18.73 96.21 33.13
N MET G 1062 -18.05 96.02 32.00
CA MET G 1062 -17.98 94.70 31.37
C MET G 1062 -17.19 93.66 32.14
N GLY G 1063 -15.92 93.91 32.40
CA GLY G 1063 -15.09 92.94 33.09
C GLY G 1063 -15.63 92.46 34.41
N LEU G 1064 -16.14 93.39 35.22
CA LEU G 1064 -16.70 93.03 36.53
C LEU G 1064 -17.96 92.19 36.40
N PHE G 1065 -18.91 92.65 35.59
CA PHE G 1065 -20.17 91.92 35.43
C PHE G 1065 -19.88 90.56 34.81
N MET G 1066 -18.91 90.48 33.90
CA MET G 1066 -18.53 89.20 33.33
C MET G 1066 -17.27 88.71 34.01
N GLY G 1067 -17.32 88.58 35.33
CA GLY G 1067 -16.16 88.15 36.09
C GLY G 1067 -15.70 86.72 35.89
N ARG G 1068 -16.62 85.80 35.60
CA ARG G 1068 -16.26 84.37 35.46
C ARG G 1068 -15.05 84.17 34.54
N SER G 1069 -14.78 85.11 33.64
CA SER G 1069 -13.61 85.04 32.76
C SER G 1069 -12.38 84.42 33.40
N PHE G 1070 -12.03 83.21 32.98
CA PHE G 1070 -10.85 82.55 33.52
C PHE G 1070 -10.00 81.95 32.43
N ARG G 1071 -8.74 82.35 32.35
CA ARG G 1071 -7.82 81.72 31.40
C ARG G 1071 -6.49 81.56 32.06
N VAL G 1072 -5.93 80.36 31.98
CA VAL G 1072 -4.68 80.07 32.64
C VAL G 1072 -3.49 79.97 31.71
N GLY G 1073 -2.29 80.03 32.26
CA GLY G 1073 -1.09 79.90 31.46
C GLY G 1073 -0.51 78.51 31.55
N TRP G 1074 0.16 78.08 30.49
CA TRP G 1074 0.76 76.75 30.48
C TRP G 1074 1.88 76.63 31.49
N GLY G 1075 2.02 75.45 32.07
CA GLY G 1075 3.11 75.21 33.00
C GLY G 1075 4.21 74.38 32.36
N PRO G 1076 5.35 74.24 33.06
CA PRO G 1076 6.46 73.45 32.54
C PRO G 1076 6.14 71.96 32.47
N ASN G 1077 6.87 71.21 31.64
CA ASN G 1077 6.61 69.77 31.47
C ASN G 1077 5.17 69.51 31.03
N TRP G 1078 4.62 70.42 30.22
CA TRP G 1078 3.27 70.27 29.67
C TRP G 1078 2.10 70.23 30.66
N THR G 1079 2.36 70.39 31.96
CA THR G 1079 1.28 70.43 32.93
C THR G 1079 0.35 71.62 32.69
N LEU G 1080 -0.95 71.44 32.90
CA LEU G 1080 -1.91 72.53 32.69
C LEU G 1080 -2.86 72.70 33.86
N VAL G 1081 -3.34 73.92 34.11
CA VAL G 1081 -4.23 74.18 35.24
C VAL G 1081 -5.65 74.52 34.80
N HIS G 1082 -6.65 73.96 35.47
CA HIS G 1082 -8.03 74.33 35.15
C HIS G 1082 -8.88 74.52 36.41
N SER G 1119 -19.35 68.34 51.30
CA SER G 1119 -18.78 68.33 49.96
C SER G 1119 -18.52 69.75 49.47
N PRO G 1120 -17.24 70.12 49.33
CA PRO G 1120 -16.88 71.48 48.91
C PRO G 1120 -17.02 71.72 47.41
N PHE G 1121 -17.25 72.97 47.01
CA PHE G 1121 -17.36 73.30 45.60
C PHE G 1121 -16.32 74.33 45.20
N LYS G 1122 -15.31 73.92 44.42
CA LYS G 1122 -14.25 74.84 43.99
C LYS G 1122 -13.70 74.48 42.60
N VAL G 1123 -12.39 74.25 42.50
CA VAL G 1123 -11.77 73.94 41.20
C VAL G 1123 -10.99 72.63 41.18
N HIS G 1124 -10.24 72.39 40.11
CA HIS G 1124 -9.48 71.14 39.98
C HIS G 1124 -8.26 71.30 39.06
N MET G 1125 -7.46 70.25 38.94
CA MET G 1125 -6.27 70.30 38.09
C MET G 1125 -5.90 68.94 37.55
N GLU G 1126 -5.17 68.93 36.44
CA GLU G 1126 -4.75 67.67 35.82
C GLU G 1126 -3.46 67.85 35.04
N LYS G 1127 -3.28 67.06 33.99
CA LYS G 1127 -2.08 67.17 33.18
C LYS G 1127 -2.39 67.35 31.71
N LEU G 1128 -1.37 67.29 30.88
CA LEU G 1128 -1.56 67.35 29.43
C LEU G 1128 -0.43 66.49 28.90
N SER G 1129 -0.21 65.36 29.55
CA SER G 1129 0.88 64.47 29.15
C SER G 1129 0.56 63.57 27.94
N LEU G 1130 1.25 62.45 27.83
CA LEU G 1130 1.03 61.53 26.73
C LEU G 1130 0.06 60.44 27.11
N GLU G 1131 -1.14 60.47 26.54
CA GLU G 1131 -2.15 59.46 26.84
C GLU G 1131 -2.16 58.33 25.81
N GLN G 1132 -1.40 58.48 24.73
CA GLN G 1132 -1.38 57.47 23.68
C GLN G 1132 -0.02 56.84 23.54
N LYS G 1133 0.03 55.51 23.57
CA LYS G 1133 1.30 54.78 23.45
C LYS G 1133 2.40 55.38 24.33
N SER G 1134 2.15 55.47 25.63
CA SER G 1134 3.14 56.03 26.55
C SER G 1134 4.38 55.16 26.65
N ARG G 1135 4.20 53.84 26.70
CA ARG G 1135 5.33 52.93 26.84
C ARG G 1135 5.99 52.62 25.51
N GLU G 1136 7.04 53.37 25.16
CA GLU G 1136 7.75 53.14 23.91
C GLU G 1136 9.18 53.66 23.98
N LEU G 1137 9.86 53.52 25.10
CA LEU G 1137 11.21 54.12 25.23
C LEU G 1137 12.29 53.50 24.32
N GLN G 1138 12.27 52.19 24.17
CA GLN G 1138 13.29 51.51 23.38
C GLN G 1138 13.39 52.06 21.96
N SER G 1139 12.26 52.28 21.31
CA SER G 1139 12.26 52.83 19.95
C SER G 1139 13.00 54.15 19.91
N TYR G 1140 12.58 55.10 20.73
CA TYR G 1140 13.28 56.37 20.80
C TYR G 1140 14.77 56.07 20.91
N LEU G 1141 15.16 55.37 21.97
CA LEU G 1141 16.60 55.10 22.19
C LEU G 1141 17.31 54.65 20.92
N MET G 1142 16.89 53.56 20.28
CA MET G 1142 17.66 53.03 19.12
C MET G 1142 17.92 54.02 17.94
N PRO G 1143 16.87 54.49 17.21
CA PRO G 1143 17.16 55.51 16.19
C PRO G 1143 18.00 56.69 16.68
N LEU G 1144 17.70 57.25 17.83
CA LEU G 1144 18.43 58.41 18.30
C LEU G 1144 19.90 58.07 18.47
N GLU G 1145 20.18 56.94 19.11
CA GLU G 1145 21.56 56.50 19.28
C GLU G 1145 22.27 56.32 17.95
N ILE G 1146 21.59 55.69 16.99
CA ILE G 1146 22.18 55.54 15.67
C ILE G 1146 22.51 56.89 15.03
N GLU G 1147 21.57 57.84 15.08
CA GLU G 1147 21.78 59.14 14.48
C GLU G 1147 22.96 59.86 15.12
N LEU G 1148 23.02 59.87 16.45
CA LEU G 1148 24.11 60.55 17.13
C LEU G 1148 25.47 60.05 16.65
N LYS G 1149 25.60 58.74 16.48
CA LYS G 1149 26.87 58.16 16.04
C LYS G 1149 27.34 58.74 14.71
N ASN G 1150 26.42 58.95 13.79
CA ASN G 1150 26.78 59.55 12.51
C ASN G 1150 27.05 61.04 12.61
N SER G 1151 26.13 61.80 13.19
CA SER G 1151 26.26 63.27 13.21
C SER G 1151 27.63 63.84 13.59
N SER G 1152 28.10 64.83 12.83
CA SER G 1152 29.40 65.45 13.10
C SER G 1152 29.29 66.65 14.02
N VAL G 1153 30.37 66.99 14.71
CA VAL G 1153 30.35 68.12 15.64
C VAL G 1153 31.35 69.20 15.31
N ASP G 1154 30.88 70.43 15.10
CA ASP G 1154 31.78 71.54 14.84
C ASP G 1154 31.80 72.48 16.04
N ARG G 1155 32.98 72.81 16.54
CA ARG G 1155 33.09 73.66 17.72
C ARG G 1155 33.76 74.99 17.42
N SER G 1156 33.45 75.57 16.26
CA SER G 1156 34.06 76.84 15.85
C SER G 1156 33.71 78.00 16.77
N ALA G 1157 32.46 78.07 17.21
CA ALA G 1157 32.03 79.14 18.11
C ALA G 1157 31.75 78.61 19.50
N GLN G 1158 31.31 79.48 20.40
CA GLN G 1158 30.99 79.08 21.77
C GLN G 1158 29.95 77.97 21.78
N CYS G 1159 28.93 78.10 20.95
CA CYS G 1159 27.89 77.08 20.86
C CYS G 1159 28.20 76.09 19.76
N PRO G 1160 28.38 74.80 20.12
CA PRO G 1160 28.69 73.78 19.13
C PRO G 1160 27.54 73.55 18.15
N HIS G 1161 27.85 73.48 16.86
CA HIS G 1161 26.82 73.22 15.86
C HIS G 1161 26.92 71.82 15.31
N PHE G 1162 25.94 70.98 15.63
CA PHE G 1162 25.93 69.63 15.10
C PHE G 1162 25.41 69.67 13.69
N LYS G 1163 26.10 69.00 12.78
CA LYS G 1163 25.64 68.94 11.40
C LYS G 1163 25.67 67.50 10.93
N PRO G 1164 24.57 67.00 10.32
CA PRO G 1164 24.70 65.60 9.91
C PRO G 1164 25.69 65.40 8.76
N ASN G 1165 26.03 64.15 8.47
CA ASN G 1165 26.96 63.85 7.39
C ASN G 1165 26.34 64.07 6.01
N ALA G 1166 27.14 63.93 4.96
CA ALA G 1166 26.62 64.18 3.61
C ALA G 1166 25.84 63.02 3.00
N GLY G 1167 24.69 62.69 3.58
CA GLY G 1167 23.84 61.62 3.05
C GLY G 1167 24.55 60.31 2.73
N VAL G 1168 25.37 59.82 3.66
CA VAL G 1168 26.12 58.59 3.41
C VAL G 1168 25.68 57.44 4.31
N ALA G 1169 25.16 56.37 3.72
CA ALA G 1169 24.73 55.18 4.49
C ALA G 1169 23.65 55.45 5.54
N ALA G 1170 22.90 56.53 5.48
CA ALA G 1170 21.83 56.70 6.50
C ALA G 1170 20.66 55.74 6.30
N ILE G 1171 20.25 55.61 5.05
CA ILE G 1171 19.11 54.76 4.76
C ILE G 1171 19.41 53.32 5.14
N HIS G 1172 20.65 52.87 4.99
CA HIS G 1172 21.02 51.52 5.36
C HIS G 1172 20.73 51.30 6.83
N ASP G 1173 21.24 52.18 7.68
CA ASP G 1173 20.97 52.08 9.10
C ASP G 1173 19.47 52.07 9.41
N TYR G 1174 18.72 52.98 8.78
CA TYR G 1174 17.27 52.99 9.02
C TYR G 1174 16.63 51.64 8.70
N ALA G 1175 16.93 51.09 7.53
CA ALA G 1175 16.35 49.81 7.13
C ALA G 1175 16.77 48.71 8.10
N GLY G 1176 18.01 48.71 8.53
CA GLY G 1176 18.47 47.73 9.49
C GLY G 1176 17.65 47.77 10.77
N TRP G 1177 17.47 48.97 11.33
CA TRP G 1177 16.62 49.10 12.52
C TRP G 1177 15.18 48.60 12.29
N VAL G 1178 14.62 48.95 11.13
CA VAL G 1178 13.27 48.49 10.81
C VAL G 1178 13.22 46.96 10.83
N ARG G 1179 14.19 46.30 10.19
CA ARG G 1179 14.24 44.84 10.14
C ARG G 1179 14.42 44.23 11.51
N ASN G 1180 15.20 44.89 12.36
CA ASN G 1180 15.37 44.43 13.73
C ASN G 1180 14.04 44.47 14.50
N LEU G 1181 13.27 45.56 14.37
CA LEU G 1181 11.94 45.57 15.02
C LEU G 1181 11.04 44.47 14.47
N SER G 1182 11.10 44.16 13.19
CA SER G 1182 10.35 43.14 12.48
C SER G 1182 10.51 41.76 13.10
N ASN G 1183 11.50 41.59 13.98
CA ASN G 1183 11.59 40.34 14.75
C ASN G 1183 10.43 40.20 15.72
N VAL G 1191 1.38 52.55 12.73
CA VAL G 1191 2.44 53.56 12.68
C VAL G 1191 3.73 52.91 12.24
N VAL G 1192 4.15 51.85 12.93
CA VAL G 1192 5.38 51.15 12.58
C VAL G 1192 5.38 50.65 11.14
N LYS G 1193 4.28 50.07 10.70
CA LYS G 1193 4.17 49.57 9.34
C LYS G 1193 4.38 50.70 8.34
N GLN G 1194 3.71 51.82 8.55
CA GLN G 1194 3.84 52.96 7.66
C GLN G 1194 5.29 53.43 7.63
N TRP G 1195 5.92 53.51 8.80
CA TRP G 1195 7.32 53.92 8.87
C TRP G 1195 8.16 53.02 8.00
N GLY G 1196 8.02 51.72 8.18
CA GLY G 1196 8.79 50.77 7.39
C GLY G 1196 8.58 50.98 5.92
N LEU G 1197 7.32 51.10 5.49
CA LEU G 1197 7.02 51.31 4.08
C LEU G 1197 7.77 52.51 3.57
N THR G 1198 7.60 53.65 4.23
CA THR G 1198 8.27 54.88 3.81
C THR G 1198 9.77 54.65 3.67
N TRP G 1199 10.41 54.11 4.70
CA TRP G 1199 11.86 53.94 4.64
C TRP G 1199 12.30 53.04 3.49
N THR G 1200 11.60 51.92 3.26
CA THR G 1200 11.99 51.00 2.20
C THR G 1200 11.78 51.63 0.82
N LEU G 1201 10.71 52.40 0.68
CA LEU G 1201 10.48 53.08 -0.59
C LEU G 1201 11.60 54.05 -0.83
N CYS G 1202 12.02 54.77 0.21
CA CYS G 1202 13.14 55.69 0.08
C CYS G 1202 14.37 54.92 -0.37
N GLU G 1203 14.70 53.83 0.31
CA GLU G 1203 15.90 53.07 -0.02
C GLU G 1203 15.96 52.70 -1.50
N SER G 1204 14.83 52.29 -2.07
CA SER G 1204 14.82 51.81 -3.45
C SER G 1204 15.00 52.88 -4.52
N LEU G 1205 14.40 54.05 -4.36
CA LEU G 1205 14.48 55.07 -5.40
C LEU G 1205 15.55 56.10 -5.11
N TRP G 1206 15.25 57.00 -4.19
CA TRP G 1206 16.19 58.06 -3.84
C TRP G 1206 17.37 57.58 -3.01
N GLY G 1207 17.25 56.40 -2.41
CA GLY G 1207 18.29 55.90 -1.54
C GLY G 1207 19.63 55.77 -2.19
N GLN G 1208 19.63 55.35 -3.46
CA GLN G 1208 20.88 55.22 -4.20
C GLN G 1208 21.92 54.43 -3.40
N LEU G 1209 21.49 53.33 -2.80
CA LEU G 1209 22.41 52.51 -2.01
C LEU G 1209 23.15 51.49 -2.86
N LYS G 1210 24.08 50.77 -2.27
CA LYS G 1210 24.79 49.72 -2.98
C LYS G 1210 23.85 48.60 -3.41
N GLU G 1211 23.93 48.20 -4.67
CA GLU G 1211 23.05 47.16 -5.18
C GLU G 1211 23.89 46.07 -5.81
N LEU G 1212 24.63 45.32 -4.99
CA LEU G 1212 25.51 44.27 -5.50
C LEU G 1212 26.40 44.80 -6.62
N GLU G 1213 27.08 45.91 -6.35
CA GLU G 1213 27.95 46.54 -7.34
C GLU G 1213 27.22 46.83 -8.67
N ALA G 1214 26.05 47.44 -8.60
CA ALA G 1214 25.33 47.79 -9.83
C ALA G 1214 26.18 48.71 -10.66
N SER G 1215 26.78 49.71 -10.03
CA SER G 1215 27.67 50.61 -10.74
C SER G 1215 29.07 50.02 -10.72
N LEU G 1216 29.30 48.98 -11.51
CA LEU G 1216 30.60 48.34 -11.53
C LEU G 1216 31.55 49.04 -12.47
N ASP G 1217 31.28 48.96 -13.77
CA ASP G 1217 32.14 49.60 -14.77
C ASP G 1217 31.33 50.53 -15.65
N GLU G 1218 31.58 51.83 -15.57
CA GLU G 1218 30.87 52.81 -16.41
C GLU G 1218 29.36 52.58 -16.50
N PRO G 1219 28.63 52.86 -15.41
CA PRO G 1219 27.19 52.61 -15.42
C PRO G 1219 26.47 53.37 -16.52
N ASN G 1220 25.77 52.64 -17.40
CA ASN G 1220 25.01 53.31 -18.44
C ASN G 1220 23.72 53.78 -17.84
N GLU G 1221 23.21 54.90 -18.32
CA GLU G 1221 21.99 55.45 -17.77
C GLU G 1221 20.89 54.42 -17.86
N TYR G 1222 20.75 53.79 -19.03
CA TYR G 1222 19.69 52.80 -19.21
C TYR G 1222 19.82 51.67 -18.22
N VAL G 1223 21.02 51.10 -18.08
CA VAL G 1223 21.24 50.02 -17.13
C VAL G 1223 20.87 50.42 -15.71
N ARG G 1224 21.30 51.61 -15.28
CA ARG G 1224 20.97 52.08 -13.94
C ARG G 1224 19.46 52.18 -13.77
N ASN G 1225 18.77 52.76 -14.75
CA ASN G 1225 17.33 52.92 -14.65
C ASN G 1225 16.67 51.58 -14.54
N LEU G 1226 17.13 50.60 -15.33
CA LEU G 1226 16.56 49.26 -15.30
C LEU G 1226 16.76 48.61 -13.94
N GLU G 1227 17.94 48.73 -13.35
CA GLU G 1227 18.17 48.20 -12.01
C GLU G 1227 17.21 48.85 -11.01
N ARG G 1228 17.05 50.17 -11.12
CA ARG G 1228 16.15 50.87 -10.21
C ARG G 1228 14.75 50.32 -10.36
N ARG G 1229 14.31 50.14 -11.60
CA ARG G 1229 12.98 49.60 -11.86
C ARG G 1229 12.85 48.25 -11.20
N LYS G 1230 13.84 47.38 -11.36
CA LYS G 1230 13.78 46.04 -10.79
C LYS G 1230 13.56 46.08 -9.28
N ALA G 1231 14.37 46.84 -8.56
CA ALA G 1231 14.23 46.95 -7.11
C ALA G 1231 12.90 47.57 -6.68
N PHE G 1232 12.43 48.56 -7.43
CA PHE G 1232 11.15 49.19 -7.11
C PHE G 1232 10.02 48.18 -7.27
N SER G 1233 10.11 47.34 -8.30
CA SER G 1233 9.10 46.30 -8.51
C SER G 1233 9.18 45.26 -7.42
N HIS G 1234 10.39 44.96 -6.97
CA HIS G 1234 10.54 44.02 -5.86
C HIS G 1234 9.83 44.59 -4.65
N TRP G 1235 10.00 45.89 -4.38
CA TRP G 1235 9.30 46.51 -3.26
C TRP G 1235 7.79 46.34 -3.38
N LEU G 1236 7.23 46.60 -4.55
CA LEU G 1236 5.79 46.51 -4.75
C LEU G 1236 5.29 45.12 -4.40
N ALA G 1237 5.99 44.09 -4.86
CA ALA G 1237 5.60 42.72 -4.57
C ALA G 1237 5.69 42.42 -3.09
N HIS G 1238 6.75 42.90 -2.44
CA HIS G 1238 6.93 42.64 -1.02
C HIS G 1238 5.85 43.29 -0.16
N THR G 1239 5.41 44.49 -0.52
CA THR G 1239 4.41 45.19 0.32
C THR G 1239 2.99 44.68 0.14
N ALA G 1240 2.69 44.04 -0.99
CA ALA G 1240 1.35 43.52 -1.24
C ALA G 1240 1.23 42.05 -0.93
N GLU G 1241 2.31 41.42 -0.47
CA GLU G 1241 2.30 39.99 -0.22
C GLU G 1241 1.24 39.56 0.78
N GLU G 1242 1.18 40.24 1.92
CA GLU G 1242 0.24 39.85 2.98
C GLU G 1242 -1.21 39.88 2.51
N ARG G 1243 -1.61 40.98 1.88
CA ARG G 1243 -2.98 41.11 1.40
C ARG G 1243 -3.33 40.04 0.37
N ILE G 1244 -2.43 39.78 -0.57
CA ILE G 1244 -2.67 38.78 -1.60
C ILE G 1244 -2.84 37.41 -0.96
N GLU G 1245 -1.99 37.09 0.02
CA GLU G 1245 -2.07 35.80 0.68
C GLU G 1245 -3.45 35.57 1.31
N GLU G 1246 -4.05 36.62 1.86
CA GLU G 1246 -5.38 36.51 2.42
C GLU G 1246 -6.42 36.21 1.34
N GLU G 1247 -6.36 36.90 0.21
CA GLU G 1247 -7.31 36.67 -0.88
C GLU G 1247 -7.20 35.25 -1.43
N VAL G 1248 -6.01 34.66 -1.41
CA VAL G 1248 -5.88 33.28 -1.83
C VAL G 1248 -6.66 32.40 -0.87
N SER G 1249 -6.49 32.62 0.42
CA SER G 1249 -7.20 31.83 1.43
C SER G 1249 -8.71 32.04 1.39
N LEU G 1250 -9.16 33.27 1.23
CA LEU G 1250 -10.59 33.58 1.23
C LEU G 1250 -11.34 32.92 0.08
N TYR G 1251 -10.79 33.03 -1.13
CA TYR G 1251 -11.44 32.43 -2.29
C TYR G 1251 -11.36 30.92 -2.22
N GLY G 1252 -12.48 30.25 -2.48
CA GLY G 1252 -12.51 28.80 -2.43
C GLY G 1252 -12.16 28.22 -3.77
N PRO G 1253 -13.19 27.76 -4.54
CA PRO G 1253 -12.78 27.28 -5.87
C PRO G 1253 -12.22 28.42 -6.70
N GLU G 1254 -11.04 28.24 -7.27
CA GLU G 1254 -10.41 29.31 -8.06
C GLU G 1254 -11.33 29.80 -9.18
N ARG G 1255 -11.48 31.11 -9.29
CA ARG G 1255 -12.31 31.67 -10.33
C ARG G 1255 -11.47 32.53 -11.24
N HIS G 1256 -11.43 32.20 -12.52
CA HIS G 1256 -10.61 32.94 -13.47
C HIS G 1256 -10.96 34.44 -13.52
N VAL G 1257 -12.21 34.78 -13.23
CA VAL G 1257 -12.60 36.19 -13.19
C VAL G 1257 -11.88 36.93 -12.06
N GLU G 1258 -11.83 36.36 -10.87
CA GLU G 1258 -11.23 37.04 -9.72
C GLU G 1258 -9.84 36.57 -9.34
N ALA G 1259 -9.63 35.25 -9.30
CA ALA G 1259 -8.34 34.70 -8.85
C ALA G 1259 -7.22 35.22 -9.72
N VAL G 1260 -7.40 35.15 -11.03
CA VAL G 1260 -6.36 35.56 -11.95
C VAL G 1260 -6.08 37.02 -11.67
N PHE G 1261 -7.12 37.83 -11.57
CA PHE G 1261 -6.89 39.25 -11.38
C PHE G 1261 -6.01 39.44 -10.18
N SER G 1262 -6.39 38.88 -9.04
CA SER G 1262 -5.63 39.11 -7.83
C SER G 1262 -4.17 38.68 -8.02
N PHE G 1263 -3.95 37.45 -8.46
CA PHE G 1263 -2.57 36.98 -8.57
C PHE G 1263 -1.75 37.87 -9.50
N LEU G 1264 -2.30 38.23 -10.65
CA LEU G 1264 -1.55 39.02 -11.62
C LEU G 1264 -1.06 40.35 -11.05
N THR G 1265 -1.95 41.08 -10.40
CA THR G 1265 -1.57 42.40 -9.87
C THR G 1265 -0.62 42.27 -8.67
N GLY G 1266 -0.59 41.09 -8.04
CA GLY G 1266 0.31 40.86 -6.93
C GLY G 1266 1.61 40.18 -7.34
N GLY G 1267 1.72 39.78 -8.59
CA GLY G 1267 2.94 39.16 -9.09
C GLY G 1267 3.02 37.66 -8.94
N ARG G 1268 4.22 37.13 -8.76
CA ARG G 1268 4.41 35.68 -8.59
C ARG G 1268 3.74 34.86 -9.69
N ILE G 1269 4.12 35.03 -10.95
CA ILE G 1269 3.42 34.32 -12.04
C ILE G 1269 3.47 32.78 -11.91
N SER G 1270 4.48 32.24 -11.24
CA SER G 1270 4.60 30.78 -11.10
C SER G 1270 3.41 30.15 -10.37
N ASP G 1271 3.07 30.71 -9.21
CA ASP G 1271 1.92 30.19 -8.47
C ASP G 1271 0.65 30.44 -9.24
N ALA G 1272 0.58 31.53 -9.99
CA ALA G 1272 -0.58 31.79 -10.81
C ALA G 1272 -0.77 30.65 -11.79
N CYS G 1273 0.29 30.23 -12.47
CA CYS G 1273 0.23 29.08 -13.40
C CYS G 1273 -0.12 27.77 -12.69
N ARG G 1274 0.43 27.56 -11.50
CA ARG G 1274 0.06 26.35 -10.76
C ARG G 1274 -1.45 26.34 -10.52
N LEU G 1275 -2.00 27.46 -10.06
CA LEU G 1275 -3.42 27.53 -9.79
C LEU G 1275 -4.22 27.27 -11.05
N ALA G 1276 -3.64 27.57 -12.19
CA ALA G 1276 -4.35 27.39 -13.46
C ALA G 1276 -4.17 25.98 -14.01
N GLN G 1277 -4.09 25.00 -13.12
CA GLN G 1277 -4.02 23.63 -13.57
C GLN G 1277 -5.38 23.23 -14.11
N LYS G 1278 -6.43 23.74 -13.48
CA LYS G 1278 -7.80 23.38 -13.87
C LYS G 1278 -8.17 23.86 -15.27
N SER G 1279 -7.88 25.13 -15.58
CA SER G 1279 -8.15 25.63 -16.93
C SER G 1279 -6.90 25.50 -17.76
N GLY G 1280 -6.97 24.83 -18.90
CA GLY G 1280 -5.78 24.59 -19.70
C GLY G 1280 -5.27 25.77 -20.48
N ASP G 1281 -4.90 26.84 -19.78
CA ASP G 1281 -4.36 28.03 -20.45
C ASP G 1281 -2.96 28.40 -19.93
N HIS G 1282 -2.06 28.60 -20.88
CA HIS G 1282 -0.72 29.10 -20.63
C HIS G 1282 -0.41 30.19 -21.64
N ARG G 1283 -1.45 30.82 -22.19
CA ARG G 1283 -1.26 31.94 -23.11
C ARG G 1283 -0.82 33.09 -22.25
N LEU G 1284 0.07 32.81 -21.31
CA LEU G 1284 0.49 33.82 -20.35
C LEU G 1284 1.91 33.57 -19.86
N SER G 1285 2.24 32.31 -19.61
CA SER G 1285 3.64 31.96 -19.40
C SER G 1285 4.47 32.44 -20.57
N LEU G 1286 3.96 32.26 -21.78
CA LEU G 1286 4.64 32.77 -22.97
C LEU G 1286 4.77 34.29 -22.93
N LEU G 1287 3.75 34.96 -22.40
CA LEU G 1287 3.76 36.42 -22.40
C LEU G 1287 4.51 37.06 -21.23
N LEU G 1288 4.53 36.42 -20.06
CA LEU G 1288 5.15 37.07 -18.89
C LEU G 1288 6.45 36.43 -18.36
N SER G 1289 6.89 35.32 -18.94
CA SER G 1289 8.17 34.73 -18.54
C SER G 1289 9.22 34.95 -19.63
N GLN G 1290 8.78 35.24 -20.85
CA GLN G 1290 9.71 35.54 -21.93
C GLN G 1290 9.53 36.98 -22.35
N MET G 1291 8.31 37.35 -22.74
CA MET G 1291 8.01 38.74 -23.12
C MET G 1291 8.91 39.27 -24.23
N VAL G 1292 9.21 38.44 -25.22
CA VAL G 1292 10.13 38.85 -26.29
C VAL G 1292 9.50 39.84 -27.27
N GLY G 1293 8.34 39.50 -27.81
CA GLY G 1293 7.66 40.39 -28.73
C GLY G 1293 6.53 41.07 -28.01
N SER G 1294 6.66 41.29 -26.71
CA SER G 1294 5.57 41.86 -25.90
C SER G 1294 4.64 42.83 -26.60
N GLN G 1295 5.14 44.00 -27.01
CA GLN G 1295 4.27 45.01 -27.62
C GLN G 1295 3.44 44.47 -28.77
N GLU G 1296 4.09 43.96 -29.80
CA GLU G 1296 3.37 43.40 -30.95
C GLU G 1296 2.39 42.30 -30.55
N MET G 1297 2.82 41.38 -29.68
CA MET G 1297 1.93 40.31 -29.22
C MET G 1297 0.65 40.87 -28.64
N ARG G 1298 0.77 41.80 -27.70
CA ARG G 1298 -0.47 42.25 -27.06
C ARG G 1298 -1.27 43.16 -27.98
N GLU G 1299 -0.61 43.82 -28.92
CA GLU G 1299 -1.34 44.63 -29.90
C GLU G 1299 -2.22 43.69 -30.70
N LEU G 1300 -1.64 42.57 -31.13
CA LEU G 1300 -2.44 41.56 -31.84
C LEU G 1300 -3.56 40.99 -30.97
N ILE G 1301 -3.30 40.78 -29.68
CA ILE G 1301 -4.36 40.22 -28.88
C ILE G 1301 -5.49 41.23 -28.77
N SER G 1302 -5.15 42.52 -28.66
CA SER G 1302 -6.16 43.57 -28.60
C SER G 1302 -6.96 43.56 -29.87
N LEU G 1303 -6.28 43.44 -31.00
CA LEU G 1303 -6.96 43.38 -32.28
C LEU G 1303 -7.96 42.24 -32.25
N GLN G 1304 -7.53 41.05 -31.87
CA GLN G 1304 -8.42 39.90 -31.83
C GLN G 1304 -9.64 40.18 -30.94
N LEU G 1305 -9.41 40.74 -29.76
CA LEU G 1305 -10.51 41.03 -28.84
C LEU G 1305 -11.52 42.02 -29.43
N VAL G 1306 -11.04 43.09 -30.06
CA VAL G 1306 -11.96 44.10 -30.59
C VAL G 1306 -12.68 43.50 -31.80
N ASP G 1307 -12.02 42.59 -32.52
CA ASP G 1307 -12.68 41.92 -33.64
C ASP G 1307 -13.81 41.07 -33.09
N TRP G 1308 -13.58 40.36 -31.99
CA TRP G 1308 -14.74 39.64 -31.47
C TRP G 1308 -15.84 40.58 -31.02
N ASN G 1309 -15.46 41.70 -30.42
CA ASN G 1309 -16.46 42.68 -30.02
C ASN G 1309 -17.25 43.21 -31.21
N LYS G 1310 -16.58 43.36 -32.36
CA LYS G 1310 -17.28 43.82 -33.55
C LYS G 1310 -18.16 42.75 -34.19
N LEU G 1311 -18.37 41.63 -33.49
CA LEU G 1311 -19.22 40.57 -34.03
C LEU G 1311 -20.48 40.35 -33.21
N GLN G 1312 -20.76 41.24 -32.26
CA GLN G 1312 -21.98 41.15 -31.43
C GLN G 1312 -22.10 39.83 -30.67
N VAL G 1313 -20.97 39.25 -30.30
CA VAL G 1313 -20.99 38.01 -29.53
C VAL G 1313 -20.18 38.20 -28.25
N ASP G 1314 -19.71 37.10 -27.66
CA ASP G 1314 -18.88 37.17 -26.44
C ASP G 1314 -19.58 37.79 -25.24
N HIS G 1315 -20.89 37.85 -25.25
CA HIS G 1315 -21.61 38.34 -24.07
C HIS G 1315 -22.01 37.15 -23.22
N TYR G 1316 -22.02 35.97 -23.81
CA TYR G 1316 -22.30 34.75 -23.06
C TYR G 1316 -21.17 34.50 -22.08
N ILE G 1317 -19.96 34.85 -22.48
CA ILE G 1317 -18.79 34.68 -21.62
C ILE G 1317 -18.95 35.42 -20.31
N GLN G 1318 -18.40 34.87 -19.22
CA GLN G 1318 -18.51 35.51 -17.90
C GLN G 1318 -18.19 36.99 -18.00
N GLU G 1319 -19.01 37.82 -17.37
CA GLU G 1319 -18.85 39.27 -17.50
C GLU G 1319 -17.45 39.82 -17.25
N GLU G 1320 -16.80 39.42 -16.17
CA GLU G 1320 -15.49 40.01 -15.85
C GLU G 1320 -14.29 39.21 -16.35
N ARG G 1321 -14.51 38.15 -17.11
CA ARG G 1321 -13.38 37.44 -17.70
C ARG G 1321 -12.86 38.36 -18.77
N LEU G 1322 -13.74 39.16 -19.36
CA LEU G 1322 -13.33 40.15 -20.35
C LEU G 1322 -12.38 41.15 -19.74
N ARG G 1323 -12.61 41.52 -18.48
CA ARG G 1323 -11.72 42.45 -17.78
C ARG G 1323 -10.33 41.85 -17.60
N VAL G 1324 -10.25 40.55 -17.32
CA VAL G 1324 -8.95 39.89 -17.21
C VAL G 1324 -8.21 40.01 -18.53
N PHE G 1325 -8.91 39.81 -19.63
CA PHE G 1325 -8.29 39.97 -20.95
C PHE G 1325 -7.84 41.40 -21.22
N CYS G 1326 -8.67 42.38 -20.87
CA CYS G 1326 -8.30 43.78 -21.05
C CYS G 1326 -7.03 44.10 -20.28
N LEU G 1327 -6.92 43.56 -19.06
CA LEU G 1327 -5.70 43.76 -18.27
C LEU G 1327 -4.46 43.39 -19.08
N LEU G 1328 -4.47 42.22 -19.72
CA LEU G 1328 -3.35 41.79 -20.55
C LEU G 1328 -3.19 42.61 -21.81
N SER G 1329 -4.30 42.88 -22.50
CA SER G 1329 -4.25 43.62 -23.77
C SER G 1329 -3.71 45.04 -23.64
N GLY G 1330 -4.27 45.82 -22.73
CA GLY G 1330 -3.81 47.19 -22.54
C GLY G 1330 -4.83 48.29 -22.65
N THR G 1331 -6.10 47.98 -22.42
CA THR G 1331 -7.15 49.01 -22.42
C THR G 1331 -7.76 49.12 -21.04
N PRO G 1332 -7.38 50.15 -20.27
CA PRO G 1332 -7.88 50.29 -18.89
C PRO G 1332 -9.39 50.52 -18.81
N VAL G 1333 -10.00 51.11 -19.83
CA VAL G 1333 -11.44 51.27 -19.81
C VAL G 1333 -12.05 50.85 -21.14
N TRP G 1334 -12.99 49.92 -21.09
CA TRP G 1334 -13.66 49.48 -22.30
C TRP G 1334 -15.14 49.74 -22.25
N ARG G 1335 -15.62 50.70 -23.03
CA ARG G 1335 -17.04 50.96 -23.11
C ARG G 1335 -17.56 50.02 -24.17
N SER G 1336 -18.25 48.97 -23.75
CA SER G 1336 -18.72 47.96 -24.70
C SER G 1336 -19.91 48.41 -25.54
N SER G 1337 -20.34 47.55 -26.46
CA SER G 1337 -21.49 47.87 -27.30
C SER G 1337 -22.75 48.08 -26.47
N ASP G 1338 -22.83 47.42 -25.31
CA ASP G 1338 -23.98 47.56 -24.42
C ASP G 1338 -23.81 48.71 -23.46
N ASN G 1339 -22.88 49.62 -23.75
CA ASN G 1339 -22.61 50.78 -22.88
C ASN G 1339 -22.25 50.36 -21.46
N ARG G 1340 -21.53 49.25 -21.32
CA ARG G 1340 -21.09 48.82 -20.01
C ARG G 1340 -19.75 49.46 -19.74
N SER G 1341 -19.63 50.14 -18.61
CA SER G 1341 -18.37 50.78 -18.27
C SER G 1341 -17.43 49.78 -17.64
N ILE G 1342 -16.77 48.98 -18.47
CA ILE G 1342 -15.81 48.01 -17.96
C ILE G 1342 -14.59 48.76 -17.44
N ASN G 1343 -14.37 48.70 -16.12
CA ASN G 1343 -13.21 49.35 -15.53
C ASN G 1343 -12.29 48.33 -14.91
N VAL G 1344 -11.08 48.23 -15.43
CA VAL G 1344 -10.11 47.29 -14.91
C VAL G 1344 -9.42 47.80 -13.66
N CYS G 1345 -9.18 49.10 -13.58
CA CYS G 1345 -8.42 49.67 -12.45
C CYS G 1345 -9.19 49.88 -11.14
N SER G 1346 -10.48 49.58 -11.13
CA SER G 1346 -11.30 49.75 -9.92
C SER G 1346 -11.07 48.65 -8.90
N GLN G 1347 -11.57 48.83 -7.68
CA GLN G 1347 -11.43 47.83 -6.60
C GLN G 1347 -9.97 47.58 -6.20
N LEU G 1348 -9.07 48.50 -6.51
CA LEU G 1348 -7.67 48.35 -6.15
C LEU G 1348 -7.19 49.63 -5.47
N ASP G 1349 -6.24 49.51 -4.55
CA ASP G 1349 -5.67 50.71 -3.91
C ASP G 1349 -4.77 51.43 -4.89
N TRP G 1350 -4.50 52.71 -4.65
CA TRP G 1350 -3.73 53.50 -5.62
C TRP G 1350 -2.35 52.93 -5.99
N LYS G 1351 -1.62 52.35 -5.04
CA LYS G 1351 -0.31 51.79 -5.33
C LYS G 1351 -0.44 50.68 -6.36
N ARG G 1352 -1.31 49.72 -6.07
CA ARG G 1352 -1.51 48.62 -6.99
C ARG G 1352 -1.97 49.18 -8.31
N THR G 1353 -2.80 50.22 -8.34
CA THR G 1353 -3.19 50.83 -9.63
C THR G 1353 -1.99 51.34 -10.46
N LEU G 1354 -1.11 52.11 -9.83
CA LEU G 1354 0.08 52.62 -10.54
C LEU G 1354 0.96 51.48 -11.01
N ALA G 1355 1.08 50.43 -10.19
CA ALA G 1355 1.87 49.26 -10.58
C ALA G 1355 1.32 48.67 -11.86
N VAL G 1356 0.00 48.50 -11.94
CA VAL G 1356 -0.61 47.99 -13.15
C VAL G 1356 -0.29 48.91 -14.32
N HIS G 1357 -0.52 50.21 -14.17
CA HIS G 1357 -0.28 51.13 -15.27
C HIS G 1357 1.14 50.98 -15.79
N LEU G 1358 2.09 50.71 -14.90
CA LEU G 1358 3.49 50.61 -15.29
C LEU G 1358 3.83 49.40 -16.14
N TRP G 1359 3.35 48.21 -15.73
CA TRP G 1359 3.71 47.00 -16.45
C TRP G 1359 2.78 46.65 -17.59
N TYR G 1360 1.49 46.54 -17.30
CA TYR G 1360 0.54 46.10 -18.32
C TYR G 1360 0.14 47.13 -19.37
N MET G 1361 -0.30 48.32 -18.94
CA MET G 1361 -0.78 49.32 -19.89
C MET G 1361 0.34 50.09 -20.61
N LEU G 1362 1.57 49.97 -20.15
CA LEU G 1362 2.70 50.70 -20.77
C LEU G 1362 3.78 49.78 -21.31
N PRO G 1363 4.61 50.30 -22.24
CA PRO G 1363 5.71 49.50 -22.81
C PRO G 1363 6.64 48.90 -21.76
N PRO G 1364 7.26 47.75 -22.08
CA PRO G 1364 8.19 47.10 -21.14
C PRO G 1364 9.35 48.01 -20.74
N THR G 1365 9.78 48.92 -21.63
CA THR G 1365 10.84 49.86 -21.27
C THR G 1365 10.29 51.30 -21.19
N ALA G 1366 10.20 51.85 -19.98
CA ALA G 1366 9.65 53.20 -19.80
C ALA G 1366 10.21 53.86 -18.54
N THR G 1367 9.85 55.14 -18.36
CA THR G 1367 10.29 55.88 -17.17
C THR G 1367 9.24 56.06 -16.06
N ILE G 1368 9.71 55.91 -14.81
CA ILE G 1368 8.82 56.03 -13.68
C ILE G 1368 8.18 57.40 -13.63
N ALA G 1369 8.92 58.43 -14.00
CA ALA G 1369 8.35 59.79 -14.02
C ALA G 1369 7.11 59.86 -14.90
N GLN G 1370 7.23 59.41 -16.14
CA GLN G 1370 6.09 59.42 -17.04
C GLN G 1370 4.97 58.53 -16.52
N ALA G 1371 5.32 57.38 -15.94
CA ALA G 1371 4.26 56.54 -15.36
C ALA G 1371 3.46 57.29 -14.30
N LEU G 1372 4.15 57.99 -13.40
CA LEU G 1372 3.48 58.75 -12.36
C LEU G 1372 2.64 59.87 -12.96
N ARG G 1373 3.17 60.53 -13.98
CA ARG G 1373 2.41 61.59 -14.65
C ARG G 1373 1.11 61.02 -15.18
N LEU G 1374 1.18 59.86 -15.82
CA LEU G 1374 -0.03 59.23 -16.35
C LEU G 1374 -1.01 58.82 -15.25
N TYR G 1375 -0.52 58.29 -14.14
CA TYR G 1375 -1.42 57.97 -13.03
C TYR G 1375 -2.11 59.24 -12.49
N GLU G 1376 -1.37 60.35 -12.49
CA GLU G 1376 -1.96 61.61 -12.07
C GLU G 1376 -3.06 62.02 -13.03
N ARG G 1377 -2.79 61.95 -14.33
CA ARG G 1377 -3.82 62.25 -15.31
C ARG G 1377 -4.91 61.16 -15.35
N ALA G 1378 -4.79 60.14 -14.50
CA ALA G 1378 -5.79 59.09 -14.44
C ALA G 1378 -6.75 59.29 -13.28
N PHE G 1379 -6.24 59.52 -12.07
CA PHE G 1379 -7.12 59.82 -10.94
C PHE G 1379 -7.76 61.19 -11.15
N GLN G 1380 -7.04 62.11 -11.78
CA GLN G 1380 -7.63 63.40 -12.10
C GLN G 1380 -8.65 63.16 -13.20
N GLU G 1381 -9.81 63.79 -13.09
CA GLU G 1381 -10.88 63.55 -14.05
C GLU G 1381 -10.54 64.00 -15.46
N HIS G 1382 -10.76 63.12 -16.43
CA HIS G 1382 -10.55 63.50 -17.82
C HIS G 1382 -11.85 64.12 -18.33
N GLU G 1383 -11.75 64.96 -19.35
CA GLU G 1383 -12.94 65.65 -19.86
C GLU G 1383 -14.04 64.68 -20.28
N GLU G 1384 -13.69 63.61 -20.99
CA GLU G 1384 -14.66 62.63 -21.43
C GLU G 1384 -14.68 61.41 -20.52
N GLY G 1385 -13.50 60.84 -20.27
CA GLY G 1385 -13.41 59.66 -19.45
C GLY G 1385 -13.52 59.91 -17.96
N GLU G 1386 -14.22 59.03 -17.26
CA GLU G 1386 -14.36 59.18 -15.82
C GLU G 1386 -13.04 58.85 -15.13
N PRO G 1387 -12.82 59.44 -13.94
CA PRO G 1387 -11.61 59.06 -13.22
C PRO G 1387 -11.67 57.58 -12.90
N TYR G 1388 -10.78 56.79 -13.49
CA TYR G 1388 -10.83 55.34 -13.28
C TYR G 1388 -9.82 54.86 -12.26
N ALA G 1389 -9.02 55.77 -11.71
CA ALA G 1389 -8.04 55.40 -10.71
C ALA G 1389 -8.38 55.98 -9.34
N CYS G 1390 -8.00 55.29 -8.28
CA CYS G 1390 -8.33 55.75 -6.93
C CYS G 1390 -7.42 56.89 -6.48
N TYR G 1391 -7.99 57.85 -5.75
CA TYR G 1391 -7.23 59.00 -5.26
C TYR G 1391 -6.14 58.57 -4.30
N PRO G 1392 -4.92 59.09 -4.48
CA PRO G 1392 -3.83 58.76 -3.55
C PRO G 1392 -4.16 59.27 -2.16
N LEU G 1393 -4.34 58.36 -1.20
CA LEU G 1393 -4.74 58.77 0.14
C LEU G 1393 -3.85 58.18 1.22
N PRO G 1394 -3.82 58.83 2.39
CA PRO G 1394 -3.06 58.27 3.52
C PRO G 1394 -3.56 56.89 3.88
N PRO G 1395 -2.74 56.08 4.58
CA PRO G 1395 -3.15 54.69 4.84
C PRO G 1395 -4.27 54.52 5.86
N TYR G 1396 -4.86 55.61 6.36
CA TYR G 1396 -5.99 55.51 7.29
C TYR G 1396 -7.26 56.15 6.73
N LEU G 1397 -7.20 56.74 5.54
CA LEU G 1397 -8.37 57.45 4.98
C LEU G 1397 -9.05 56.79 3.79
N GLU G 1398 -9.11 55.46 3.76
CA GLU G 1398 -9.76 54.75 2.67
C GLU G 1398 -11.15 54.26 3.03
N LEU G 1415 -7.22 67.36 0.71
CA LEU G 1415 -6.85 65.99 1.05
C LEU G 1415 -5.37 65.75 0.80
N GLN G 1416 -4.66 65.34 1.84
CA GLN G 1416 -3.23 65.06 1.70
C GLN G 1416 -2.99 63.77 0.95
N ARG G 1417 -1.81 63.64 0.37
CA ARG G 1417 -1.45 62.42 -0.32
C ARG G 1417 -0.32 61.78 0.45
N ASP G 1418 -0.05 60.53 0.15
CA ASP G 1418 1.09 59.88 0.79
C ASP G 1418 2.50 60.45 0.55
N VAL G 1419 3.33 60.23 1.57
CA VAL G 1419 4.71 60.64 1.47
C VAL G 1419 5.31 59.94 0.28
N CYS G 1420 4.88 58.71 -0.03
CA CYS G 1420 5.38 57.98 -1.19
C CYS G 1420 5.21 58.75 -2.49
N VAL G 1421 3.97 59.14 -2.78
CA VAL G 1421 3.72 59.95 -3.97
C VAL G 1421 4.58 61.18 -3.95
N HIS G 1422 4.60 61.89 -2.82
CA HIS G 1422 5.37 63.14 -2.88
C HIS G 1422 6.87 62.91 -3.15
N LEU G 1423 7.44 61.84 -2.59
CA LEU G 1423 8.86 61.51 -2.82
C LEU G 1423 9.11 61.10 -4.24
N LEU G 1424 8.20 60.35 -4.87
CA LEU G 1424 8.37 60.05 -6.28
C LEU G 1424 8.36 61.35 -7.09
N LYS G 1425 7.47 62.26 -6.73
CA LYS G 1425 7.46 63.56 -7.41
C LYS G 1425 8.80 64.28 -7.26
N LEU G 1426 9.39 64.25 -6.08
CA LEU G 1426 10.65 64.95 -5.86
C LEU G 1426 11.80 64.28 -6.60
N TYR G 1427 11.64 62.99 -6.91
CA TYR G 1427 12.67 62.27 -7.65
C TYR G 1427 12.79 62.84 -9.05
N SER G 1428 11.64 63.14 -9.67
CA SER G 1428 11.63 63.65 -11.02
C SER G 1428 12.12 65.09 -11.15
N GLU G 1429 11.54 66.01 -10.37
CA GLU G 1429 11.91 67.43 -10.48
C GLU G 1429 12.28 68.03 -9.13
N ARG G 1430 12.96 69.18 -9.14
CA ARG G 1430 13.39 69.80 -7.89
C ARG G 1430 12.69 71.12 -7.59
N GLN G 1431 11.42 71.24 -7.98
CA GLN G 1431 10.66 72.46 -7.71
C GLN G 1431 9.45 72.20 -6.82
N TYR G 1432 9.11 70.94 -6.60
CA TYR G 1432 7.95 70.61 -5.79
C TYR G 1432 8.06 71.08 -4.35
N ASP G 1433 6.97 71.56 -3.77
CA ASP G 1433 6.97 72.04 -2.39
C ASP G 1433 7.24 70.95 -1.36
N LEU G 1434 8.04 71.26 -0.34
CA LEU G 1434 8.35 70.27 0.71
C LEU G 1434 7.40 70.22 1.94
N CYS G 1435 6.59 71.25 2.17
CA CYS G 1435 5.71 71.32 3.35
C CYS G 1435 4.65 70.21 3.48
N GLN G 1436 3.98 69.92 2.38
CA GLN G 1436 2.99 68.85 2.39
C GLN G 1436 3.72 67.59 2.72
N LEU G 1437 4.86 67.37 2.06
CA LEU G 1437 5.65 66.17 2.29
C LEU G 1437 5.96 66.01 3.77
N LEU G 1438 6.41 67.07 4.44
CA LEU G 1438 6.87 66.90 5.83
C LEU G 1438 5.82 67.14 6.91
N ASP G 1439 4.54 67.14 6.54
CA ASP G 1439 3.47 67.29 7.52
C ASP G 1439 3.35 65.99 8.31
N PRO G 1440 3.18 66.09 9.64
CA PRO G 1440 3.08 64.90 10.48
C PRO G 1440 1.86 64.04 10.19
N SER G 1441 0.75 64.66 9.78
CA SER G 1441 -0.49 63.92 9.53
C SER G 1441 -0.40 62.91 8.39
N SER G 1442 0.45 63.15 7.41
CA SER G 1442 0.55 62.28 6.25
C SER G 1442 0.74 60.82 6.64
N VAL G 1443 1.64 60.55 7.59
CA VAL G 1443 1.90 59.19 8.01
C VAL G 1443 1.12 58.78 9.26
N THR G 1444 0.97 59.69 10.22
CA THR G 1444 0.28 59.37 11.47
C THR G 1444 -0.77 60.43 11.77
N PRO G 1445 -2.02 60.01 12.04
CA PRO G 1445 -3.11 60.97 12.26
C PRO G 1445 -2.83 62.09 13.26
N ASP G 1446 -2.31 61.78 14.45
CA ASP G 1446 -2.13 62.81 15.48
C ASP G 1446 -1.10 63.88 15.10
N PRO G 1447 -1.46 65.16 15.30
CA PRO G 1447 -0.56 66.27 14.93
C PRO G 1447 0.68 66.33 15.80
N LEU G 1448 0.55 66.04 17.08
CA LEU G 1448 1.69 66.16 18.00
C LEU G 1448 2.92 65.32 17.65
N ASP G 1449 2.71 64.08 17.23
CA ASP G 1449 3.84 63.19 16.93
C ASP G 1449 4.66 63.64 15.73
N TYR G 1450 5.95 63.85 15.93
CA TYR G 1450 6.79 64.36 14.83
C TYR G 1450 8.03 63.53 14.52
N ARG G 1451 8.24 62.38 15.16
CA ARG G 1451 9.47 61.61 14.96
C ARG G 1451 9.85 61.34 13.51
N LEU G 1452 8.95 60.65 12.80
CA LEU G 1452 9.24 60.31 11.42
C LEU G 1452 9.49 61.56 10.61
N SER G 1453 8.64 62.58 10.77
CA SER G 1453 8.77 63.79 10.00
C SER G 1453 10.15 64.39 10.18
N TRP G 1454 10.58 64.50 11.44
CA TRP G 1454 11.90 65.07 11.73
C TRP G 1454 13.02 64.25 11.11
N HIS G 1455 13.02 62.93 11.27
CA HIS G 1455 14.11 62.19 10.64
C HIS G 1455 14.10 62.35 9.10
N LEU G 1456 12.91 62.42 8.52
CA LEU G 1456 12.82 62.59 7.07
C LEU G 1456 13.39 63.91 6.66
N TRP G 1457 13.07 64.98 7.40
CA TRP G 1457 13.65 66.27 7.08
C TRP G 1457 15.15 66.18 7.18
N MET G 1458 15.66 65.57 8.25
CA MET G 1458 17.10 65.37 8.36
C MET G 1458 17.64 64.79 7.06
N VAL G 1459 17.16 63.62 6.62
CA VAL G 1459 17.74 63.00 5.41
C VAL G 1459 17.62 63.89 4.16
N LEU G 1460 16.46 64.51 4.00
CA LEU G 1460 16.23 65.37 2.85
C LEU G 1460 17.24 66.51 2.80
N GLN G 1461 17.48 67.16 3.93
CA GLN G 1461 18.43 68.28 4.00
C GLN G 1461 19.83 67.76 3.79
N ALA G 1462 20.12 66.58 4.34
CA ALA G 1462 21.42 65.94 4.15
C ALA G 1462 21.72 65.81 2.68
N LEU G 1463 20.71 65.53 1.85
CA LEU G 1463 21.05 65.56 0.40
C LEU G 1463 21.28 67.00 -0.14
N ASN G 1464 20.86 67.27 -1.38
CA ASN G 1464 20.83 68.67 -1.80
C ASN G 1464 19.42 69.19 -2.06
N TYR G 1465 18.60 69.35 -1.01
CA TYR G 1465 17.24 69.86 -1.14
C TYR G 1465 16.90 70.81 -0.03
N THR G 1466 16.88 72.11 -0.31
CA THR G 1466 16.60 73.11 0.71
C THR G 1466 15.60 74.16 0.26
N HIS G 1467 14.31 73.88 0.40
CA HIS G 1467 13.28 74.86 0.05
C HIS G 1467 12.43 75.18 1.27
N LEU G 1468 12.55 74.37 2.32
CA LEU G 1468 11.79 74.61 3.54
C LEU G 1468 12.28 75.87 4.22
N SER G 1469 11.36 76.74 4.62
CA SER G 1469 11.75 78.00 5.24
C SER G 1469 12.37 77.82 6.62
N GLU G 1470 13.14 78.82 7.04
CA GLU G 1470 13.75 78.77 8.34
C GLU G 1470 12.69 78.72 9.42
N HIS G 1471 11.61 79.46 9.24
CA HIS G 1471 10.52 79.46 10.20
C HIS G 1471 10.05 78.03 10.40
N ARG G 1472 9.74 77.35 9.30
CA ARG G 1472 9.26 75.97 9.38
C ARG G 1472 10.29 75.03 10.00
N GLN G 1473 11.57 75.18 9.66
CA GLN G 1473 12.59 74.34 10.27
C GLN G 1473 12.56 74.50 11.78
N GLY G 1474 12.54 75.75 12.23
CA GLY G 1474 12.53 76.00 13.65
C GLY G 1474 11.32 75.40 14.28
N THR G 1475 10.16 75.56 13.64
CA THR G 1475 8.93 75.02 14.19
C THR G 1475 9.11 73.54 14.40
N LEU G 1476 9.54 72.84 13.37
CA LEU G 1476 9.74 71.40 13.48
C LEU G 1476 10.66 71.03 14.64
N HIS G 1477 11.82 71.66 14.70
CA HIS G 1477 12.77 71.28 15.75
C HIS G 1477 12.17 71.50 17.13
N ALA G 1478 11.52 72.65 17.33
CA ALA G 1478 10.95 72.96 18.64
C ALA G 1478 9.89 71.94 18.98
N SER G 1479 9.03 71.61 18.03
CA SER G 1479 7.97 70.66 18.26
C SER G 1479 8.55 69.33 18.70
N TYR G 1480 9.56 68.86 17.99
CA TYR G 1480 10.16 67.57 18.32
C TYR G 1480 10.75 67.61 19.75
N ALA G 1481 11.45 68.68 20.08
CA ALA G 1481 12.02 68.79 21.43
C ALA G 1481 10.92 68.78 22.49
N ALA G 1482 9.84 69.49 22.25
CA ALA G 1482 8.75 69.56 23.21
C ALA G 1482 8.11 68.20 23.37
N GLN G 1483 7.98 67.45 22.28
CA GLN G 1483 7.43 66.11 22.34
C GLN G 1483 8.31 65.23 23.19
N LEU G 1484 9.62 65.31 22.98
CA LEU G 1484 10.56 64.48 23.74
C LEU G 1484 10.48 64.77 25.22
N GLU G 1485 10.50 66.05 25.58
CA GLU G 1485 10.43 66.43 26.98
C GLU G 1485 9.12 65.99 27.63
N ASN G 1486 8.03 65.99 26.86
CA ASN G 1486 6.73 65.57 27.38
C ASN G 1486 6.82 64.13 27.86
N VAL G 1487 7.48 63.27 27.10
CA VAL G 1487 7.66 61.88 27.51
C VAL G 1487 8.70 61.77 28.63
N GLY G 1488 9.57 62.78 28.73
CA GLY G 1488 10.58 62.77 29.78
C GLY G 1488 12.00 62.48 29.30
N LEU G 1489 12.42 63.12 28.22
CA LEU G 1489 13.78 62.93 27.71
C LEU G 1489 14.70 64.09 28.12
N TRP G 1490 15.89 64.15 27.51
CA TRP G 1490 16.87 65.22 27.80
C TRP G 1490 17.85 65.68 26.68
N GLU G 1491 18.98 64.97 26.58
CA GLU G 1491 20.03 65.36 25.63
C GLU G 1491 19.69 65.22 24.15
N TRP G 1492 18.76 64.33 23.82
CA TRP G 1492 18.33 64.22 22.44
C TRP G 1492 17.62 65.50 22.04
N ALA G 1493 16.77 66.01 22.94
CA ALA G 1493 16.13 67.29 22.69
C ALA G 1493 17.19 68.37 22.63
N ILE G 1494 18.19 68.30 23.51
CA ILE G 1494 19.29 69.28 23.40
C ILE G 1494 19.91 69.27 22.00
N PHE G 1495 20.19 68.10 21.42
CA PHE G 1495 20.76 67.96 20.07
C PHE G 1495 19.83 68.45 18.96
N VAL G 1496 18.53 68.22 19.12
CA VAL G 1496 17.57 68.75 18.15
C VAL G 1496 17.64 70.27 18.19
N LEU G 1497 17.74 70.85 19.39
CA LEU G 1497 17.90 72.30 19.50
C LEU G 1497 19.20 72.76 18.84
N LEU G 1498 20.26 71.96 18.97
CA LEU G 1498 21.57 72.32 18.42
C LEU G 1498 21.72 72.21 16.90
N HIS G 1499 20.63 72.35 16.15
CA HIS G 1499 20.73 72.31 14.69
C HIS G 1499 20.26 73.60 14.03
N ILE G 1500 19.54 74.42 14.78
CA ILE G 1500 19.07 75.70 14.26
C ILE G 1500 20.27 76.54 13.87
N PRO G 1501 20.33 77.00 12.62
CA PRO G 1501 21.50 77.75 12.14
C PRO G 1501 21.82 79.00 12.95
N HIS G 1502 20.80 79.71 13.43
CA HIS G 1502 21.02 80.95 14.19
C HIS G 1502 21.88 80.71 15.42
N PRO G 1503 22.89 81.56 15.62
CA PRO G 1503 23.81 81.36 16.75
C PRO G 1503 23.23 81.68 18.12
N HIS G 1504 22.74 82.90 18.34
CA HIS G 1504 22.25 83.30 19.66
C HIS G 1504 20.99 82.56 20.06
N ILE G 1505 20.10 82.32 19.12
CA ILE G 1505 18.86 81.60 19.38
C ILE G 1505 19.16 80.24 19.97
N ARG G 1506 20.03 79.48 19.31
CA ARG G 1506 20.41 78.16 19.80
C ARG G 1506 20.95 78.27 21.23
N GLU G 1507 21.88 79.20 21.44
CA GLU G 1507 22.42 79.38 22.79
C GLU G 1507 21.32 79.54 23.83
N ALA G 1508 20.46 80.53 23.62
CA ALA G 1508 19.41 80.80 24.60
C ALA G 1508 18.58 79.57 24.84
N GLY G 1509 18.13 78.92 23.76
CA GLY G 1509 17.29 77.76 23.91
C GLY G 1509 17.94 76.72 24.80
N VAL G 1510 19.17 76.33 24.47
CA VAL G 1510 19.78 75.26 25.25
C VAL G 1510 19.96 75.70 26.73
N ARG G 1511 20.42 76.93 26.97
CA ARG G 1511 20.58 77.37 28.35
C ARG G 1511 19.26 77.27 29.12
N GLU G 1512 18.18 77.78 28.54
CA GLU G 1512 16.89 77.77 29.20
C GLU G 1512 16.45 76.35 29.51
N LEU G 1513 16.59 75.45 28.53
CA LEU G 1513 16.20 74.07 28.76
C LEU G 1513 16.96 73.51 29.95
N LEU G 1514 18.27 73.73 30.00
CA LEU G 1514 19.06 73.26 31.14
C LEU G 1514 18.53 73.79 32.47
N ASN G 1515 18.32 75.10 32.56
CA ASN G 1515 17.89 75.69 33.83
C ASN G 1515 16.61 75.08 34.37
N ARG G 1516 15.62 74.88 33.52
CA ARG G 1516 14.35 74.35 33.96
C ARG G 1516 14.42 72.91 34.41
N GLN G 1517 15.10 72.06 33.63
CA GLN G 1517 15.16 70.63 33.95
C GLN G 1517 16.18 70.25 35.01
N CYS G 1518 17.35 70.88 35.03
CA CYS G 1518 18.41 70.47 35.97
C CYS G 1518 17.99 70.52 37.42
N VAL G 1519 18.37 69.50 38.19
CA VAL G 1519 18.09 69.52 39.62
C VAL G 1519 19.41 69.65 40.39
N VAL G 1520 19.35 70.10 41.64
CA VAL G 1520 20.56 70.27 42.45
C VAL G 1520 21.18 68.93 42.89
N ARG G 1521 20.42 67.84 42.79
CA ARG G 1521 20.96 66.52 43.12
C ARG G 1521 22.25 66.23 42.35
N SER G 1523 22.68 63.01 41.45
CA SER G 1523 22.24 61.65 41.14
C SER G 1523 23.12 60.99 40.09
N PRO G 1524 23.13 59.66 40.07
CA PRO G 1524 23.90 58.93 39.06
C PRO G 1524 23.39 59.21 37.65
N GLU G 1525 22.07 59.28 37.49
CA GLU G 1525 21.48 59.58 36.19
C GLU G 1525 21.88 60.97 35.72
N SER G 1526 21.82 61.95 36.62
CA SER G 1526 22.23 63.31 36.26
C SER G 1526 23.68 63.33 35.85
N LEU G 1527 24.54 62.64 36.60
CA LEU G 1527 25.96 62.57 36.26
C LEU G 1527 26.19 61.98 34.88
N ALA G 1528 25.52 60.88 34.56
CA ALA G 1528 25.66 60.26 33.25
C ALA G 1528 25.24 61.23 32.16
N LYS G 1529 24.13 61.94 32.39
CA LYS G 1529 23.59 62.84 31.36
C LYS G 1529 24.45 64.09 31.22
N GLU G 1530 25.04 64.53 32.32
CA GLU G 1530 26.00 65.63 32.27
C GLU G 1530 27.23 65.22 31.48
N ASN G 1531 27.75 64.02 31.71
CA ASN G 1531 28.91 63.54 30.98
C ASN G 1531 28.58 63.37 29.51
N PHE G 1532 27.35 62.97 29.21
CA PHE G 1532 26.88 63.00 27.83
C PHE G 1532 26.95 64.41 27.26
N LEU G 1533 26.36 65.38 27.95
CA LEU G 1533 26.30 66.73 27.44
C LEU G 1533 27.69 67.29 27.18
N ILE G 1534 28.65 66.98 28.04
CA ILE G 1534 29.97 67.59 27.90
C ILE G 1534 30.82 66.82 26.90
N HIS G 1535 30.78 65.50 26.93
CA HIS G 1535 31.65 64.72 26.05
C HIS G 1535 31.10 64.71 24.63
N ARG G 1536 29.91 64.14 24.45
CA ARG G 1536 29.33 64.06 23.11
C ARG G 1536 28.86 65.41 22.56
N LEU G 1537 28.15 66.19 23.36
CA LEU G 1537 27.60 67.46 22.85
C LEU G 1537 28.42 68.71 23.17
N CYS G 1538 29.45 68.58 24.00
CA CYS G 1538 30.33 69.71 24.34
C CYS G 1538 29.61 70.97 24.84
N VAL G 1539 28.99 70.87 26.01
CA VAL G 1539 28.56 72.05 26.76
C VAL G 1539 29.44 72.26 28.01
N PRO G 1540 29.74 73.53 28.33
CA PRO G 1540 30.56 73.84 29.51
C PRO G 1540 29.92 73.46 30.83
N ALA G 1541 30.73 73.06 31.81
CA ALA G 1541 30.22 72.69 33.13
C ALA G 1541 29.89 73.90 33.97
N GLN G 1542 30.32 75.09 33.56
CA GLN G 1542 29.93 76.29 34.30
C GLN G 1542 28.42 76.49 34.22
N TRP G 1543 27.82 76.16 33.08
CA TRP G 1543 26.38 76.35 32.90
C TRP G 1543 25.56 75.53 33.89
N VAL G 1544 25.98 74.29 34.13
CA VAL G 1544 25.28 73.43 35.09
C VAL G 1544 25.32 74.07 36.48
N HIS G 1545 26.50 74.54 36.86
CA HIS G 1545 26.64 75.18 38.16
C HIS G 1545 25.72 76.40 38.23
N GLU G 1546 25.67 77.20 37.17
CA GLU G 1546 24.77 78.37 37.14
C GLU G 1546 23.31 77.96 37.34
N ALA G 1547 22.87 76.92 36.64
CA ALA G 1547 21.51 76.43 36.80
C ALA G 1547 21.24 76.06 38.25
N LYS G 1548 22.14 75.26 38.84
CA LYS G 1548 21.93 74.82 40.22
C LYS G 1548 21.85 76.03 41.14
N ALA G 1549 22.71 77.01 40.92
CA ALA G 1549 22.70 78.22 41.72
C ALA G 1549 21.36 78.94 41.63
N ILE G 1550 20.84 79.17 40.43
CA ILE G 1550 19.52 79.80 40.31
C ILE G 1550 18.45 79.00 41.06
N ARG G 1551 18.46 77.67 40.88
CA ARG G 1551 17.50 76.82 41.56
C ARG G 1551 17.61 76.97 43.08
N SER G 1552 18.84 76.95 43.60
CA SER G 1552 19.05 77.06 45.04
C SER G 1552 18.79 78.46 45.59
N ARG G 1553 18.76 79.46 44.70
CA ARG G 1553 18.50 80.83 45.13
C ARG G 1553 17.06 80.93 45.61
N ARG G 1554 16.17 80.17 44.97
CA ARG G 1554 14.76 80.21 45.30
C ARG G 1554 14.49 79.75 46.73
N ASP G 1555 14.95 78.54 47.07
CA ASP G 1555 14.70 78.00 48.41
C ASP G 1555 15.77 78.37 49.44
N GLY G 1556 16.82 79.07 49.00
CA GLY G 1556 17.89 79.47 49.92
C GLY G 1556 18.72 78.28 50.38
N HIS G 1559 25.01 76.22 52.10
CA HIS G 1559 26.10 75.25 51.93
C HIS G 1559 26.24 74.86 50.47
N LYS G 1560 25.24 74.14 49.94
CA LYS G 1560 25.29 73.72 48.55
C LYS G 1560 25.38 74.90 47.61
N GLU G 1561 24.58 75.93 47.84
CA GLU G 1561 24.58 77.10 46.97
C GLU G 1561 25.95 77.75 46.93
N ALA G 1562 26.58 77.92 48.09
CA ALA G 1562 27.92 78.50 48.14
C ALA G 1562 28.92 77.61 47.43
N LEU G 1563 28.83 76.30 47.64
CA LEU G 1563 29.72 75.36 46.98
C LEU G 1563 29.60 75.49 45.46
N TYR G 1564 28.37 75.55 44.96
CA TYR G 1564 28.16 75.67 43.53
C TYR G 1564 28.65 77.01 42.99
N LEU G 1565 28.44 78.08 43.75
CA LEU G 1565 28.91 79.40 43.33
C LEU G 1565 30.43 79.40 43.21
N LEU G 1566 31.12 78.62 44.03
CA LEU G 1566 32.56 78.48 43.89
C LEU G 1566 32.89 77.79 42.59
N LYS G 1567 32.23 76.65 42.33
CA LYS G 1567 32.50 75.88 41.12
C LYS G 1567 32.23 76.67 39.84
N GLY G 1568 31.14 77.44 39.82
CA GLY G 1568 30.79 78.23 38.65
C GLY G 1568 31.49 79.56 38.57
N HIS G 1569 32.21 79.94 39.62
CA HIS G 1569 32.94 81.21 39.65
C HIS G 1569 32.06 82.39 39.20
N ASN G 1572 32.78 88.16 42.88
CA ASN G 1572 32.10 89.28 43.52
C ASN G 1572 30.94 88.79 44.38
N PRO G 1573 29.87 88.29 43.75
CA PRO G 1573 28.73 87.78 44.50
C PRO G 1573 29.13 86.64 45.42
N CYS G 1574 29.93 85.70 44.93
CA CYS G 1574 30.39 84.59 45.75
C CYS G 1574 31.17 85.10 46.95
N HIS G 1575 32.08 86.03 46.69
CA HIS G 1575 32.93 86.59 47.74
C HIS G 1575 32.11 87.13 48.89
N LYS G 1576 31.30 88.16 48.67
CA LYS G 1576 30.55 88.77 49.76
C LYS G 1576 29.65 87.76 50.44
N LEU G 1577 28.92 86.99 49.64
CA LEU G 1577 28.02 85.98 50.19
C LEU G 1577 28.80 85.00 51.06
N VAL G 1578 29.91 84.49 50.55
CA VAL G 1578 30.69 83.49 51.29
C VAL G 1578 31.23 84.09 52.57
N THR G 1579 31.64 85.35 52.53
CA THR G 1579 32.16 86.02 53.70
C THR G 1579 31.08 86.11 54.76
N ARG G 1580 29.88 86.53 54.37
CA ARG G 1580 28.78 86.57 55.34
C ARG G 1580 28.51 85.18 55.90
N HIS G 1581 28.50 84.18 55.03
CA HIS G 1581 28.23 82.80 55.47
C HIS G 1581 29.30 82.30 56.42
N LEU G 1582 30.57 82.52 56.07
CA LEU G 1582 31.68 82.05 56.91
C LEU G 1582 31.62 82.67 58.30
N ALA G 1583 31.35 83.97 58.36
CA ALA G 1583 31.25 84.65 59.65
C ALA G 1583 30.14 84.04 60.49
N ALA G 1584 28.99 83.78 59.87
CA ALA G 1584 27.87 83.17 60.58
C ALA G 1584 28.25 81.79 61.11
N ASP G 1585 28.94 81.01 60.28
CA ASP G 1585 29.37 79.69 60.71
C ASP G 1585 30.30 79.78 61.91
N ASN G 1591 33.59 75.96 59.81
CA ASN G 1591 34.02 75.32 58.56
C ASN G 1591 34.77 76.33 57.70
N TYR G 1592 35.87 76.85 58.25
CA TYR G 1592 36.63 77.87 57.55
C TYR G 1592 37.19 77.35 56.23
N ARG G 1593 37.65 76.11 56.20
CA ARG G 1593 38.41 75.61 55.05
C ARG G 1593 37.53 75.35 53.84
N TYR G 1594 36.21 75.52 53.95
CA TYR G 1594 35.36 75.49 52.78
C TYR G 1594 35.23 76.87 52.16
N LEU G 1595 35.20 77.91 52.99
CA LEU G 1595 35.19 79.29 52.53
C LEU G 1595 36.56 79.75 52.05
N GLN G 1596 37.61 79.12 52.57
CA GLN G 1596 38.97 79.46 52.19
C GLN G 1596 39.18 79.27 50.70
N SER G 1597 38.56 78.27 50.11
CA SER G 1597 38.72 78.01 48.69
C SER G 1597 38.23 79.19 47.85
N PHE G 1598 37.00 79.63 48.11
CA PHE G 1598 36.47 80.80 47.43
C PHE G 1598 37.37 82.00 47.63
N LEU G 1599 37.61 82.36 48.89
CA LEU G 1599 38.33 83.60 49.16
C LEU G 1599 39.79 83.51 48.76
N GLY G 1600 40.28 82.32 48.42
CA GLY G 1600 41.64 82.20 47.94
C GLY G 1600 41.73 82.26 46.44
N GLU G 1601 40.76 81.63 45.76
CA GLU G 1601 40.70 81.75 44.31
C GLU G 1601 40.41 83.19 43.89
N LEU G 1602 39.58 83.89 44.65
CA LEU G 1602 39.32 85.30 44.34
C LEU G 1602 40.51 86.17 44.69
N SER G 1603 41.46 85.66 45.47
CA SER G 1603 42.55 86.47 45.98
C SER G 1603 43.77 86.46 45.09
N ASN G 1604 43.74 85.74 43.97
CA ASN G 1604 44.84 85.75 43.02
C ASN G 1604 45.09 87.18 42.60
N PRO G 1605 46.34 87.58 42.41
CA PRO G 1605 46.64 89.01 42.16
C PRO G 1605 45.99 89.57 40.91
N GLN G 1612 34.82 94.65 43.28
CA GLN G 1612 34.44 95.80 44.09
C GLN G 1612 34.42 95.40 45.55
N ASP G 1613 34.81 96.33 46.42
CA ASP G 1613 34.81 96.13 47.86
C ASP G 1613 35.61 94.89 48.27
N TRP G 1614 36.50 94.42 47.41
CA TRP G 1614 37.33 93.27 47.78
C TRP G 1614 38.17 93.60 48.98
N GLU G 1615 38.72 94.81 49.00
CA GLU G 1615 39.57 95.23 50.10
C GLU G 1615 38.94 94.88 51.43
N THR G 1616 37.80 95.50 51.74
CA THR G 1616 37.23 95.36 53.07
C THR G 1616 36.95 93.91 53.41
N ALA G 1617 36.01 93.27 52.71
CA ALA G 1617 35.56 91.94 53.12
C ALA G 1617 36.62 90.88 52.88
N GLY G 1618 37.26 90.88 51.72
CA GLY G 1618 38.29 89.91 51.44
C GLY G 1618 39.41 89.96 52.45
N LYS G 1619 39.99 91.14 52.66
CA LYS G 1619 41.03 91.25 53.66
C LYS G 1619 40.52 90.78 55.01
N VAL G 1620 39.32 91.21 55.40
CA VAL G 1620 38.79 90.84 56.71
C VAL G 1620 38.80 89.34 56.91
N TYR G 1621 38.12 88.60 56.05
CA TYR G 1621 37.96 87.17 56.30
C TYR G 1621 39.26 86.40 56.07
N LEU G 1622 39.94 86.66 54.97
CA LEU G 1622 41.21 85.99 54.73
C LEU G 1622 42.15 86.22 55.90
N ASP G 1623 42.24 87.47 56.37
CA ASP G 1623 43.15 87.76 57.46
C ASP G 1623 42.71 87.09 58.75
N TYR G 1624 41.40 86.98 58.98
CA TYR G 1624 40.93 86.30 60.17
C TYR G 1624 41.41 84.85 60.19
N ILE G 1625 41.14 84.12 59.11
CA ILE G 1625 41.59 82.73 59.02
C ILE G 1625 43.10 82.65 59.16
N ARG G 1626 43.81 83.66 58.63
CA ARG G 1626 45.26 83.64 58.74
C ARG G 1626 45.72 83.78 60.19
N VAL G 1627 45.21 84.78 60.93
CA VAL G 1627 45.60 84.86 62.34
C VAL G 1627 45.39 83.52 63.01
N ILE G 1628 44.22 82.92 62.81
CA ILE G 1628 43.94 81.62 63.39
C ILE G 1628 45.08 80.63 63.10
N ASP G 1629 45.32 80.37 61.82
CA ASP G 1629 46.17 79.25 61.45
C ASP G 1629 47.63 79.50 61.79
N MET G 1630 48.16 80.68 61.45
CA MET G 1630 49.58 80.91 61.74
C MET G 1630 49.84 81.12 63.23
N LEU G 1631 48.85 81.61 63.99
CA LEU G 1631 49.04 81.59 65.44
C LEU G 1631 49.22 80.17 65.93
N ASN G 1632 48.28 79.28 65.58
CA ASN G 1632 48.40 77.89 66.00
C ASN G 1632 49.75 77.30 65.61
N LEU G 1633 50.09 77.37 64.32
CA LEU G 1633 51.32 76.75 63.83
C LEU G 1633 52.58 77.36 64.42
N ILE G 1634 52.73 78.70 64.35
CA ILE G 1634 53.98 79.32 64.78
C ILE G 1634 54.19 79.14 66.28
N SER G 1640 59.27 81.05 65.58
CA SER G 1640 60.21 81.87 64.78
C SER G 1640 59.90 83.36 64.88
N GLY G 1641 60.91 84.19 64.61
CA GLY G 1641 60.76 85.62 64.84
C GLY G 1641 60.01 86.35 63.74
N CYS G 1642 60.40 86.15 62.47
CA CYS G 1642 59.83 86.93 61.38
C CYS G 1642 58.35 86.67 61.21
N GLU G 1643 57.89 85.45 61.48
CA GLU G 1643 56.46 85.19 61.42
C GLU G 1643 55.72 85.91 62.54
N LEU G 1644 56.34 86.09 63.70
CA LEU G 1644 55.74 86.93 64.72
C LEU G 1644 55.75 88.41 64.31
N GLU G 1645 56.84 88.87 63.68
CA GLU G 1645 56.87 90.20 63.07
C GLU G 1645 55.64 90.42 62.21
N LYS G 1646 55.43 89.54 61.23
CA LYS G 1646 54.40 89.77 60.22
C LYS G 1646 53.01 89.44 60.75
N LEU G 1647 52.87 88.53 61.70
CA LEU G 1647 51.59 88.34 62.37
C LEU G 1647 51.21 89.57 63.16
N HIS G 1648 52.21 90.19 63.81
CA HIS G 1648 51.98 91.43 64.56
C HIS G 1648 51.54 92.54 63.62
N THR G 1649 52.25 92.71 62.50
CA THR G 1649 51.84 93.70 61.50
C THR G 1649 50.40 93.47 61.05
N LYS G 1650 50.09 92.23 60.63
CA LYS G 1650 48.76 91.94 60.09
C LYS G 1650 47.67 92.19 61.12
N VAL G 1651 47.89 91.81 62.38
CA VAL G 1651 46.84 91.91 63.38
C VAL G 1651 46.79 93.32 63.96
N MET G 1652 47.84 94.12 63.73
CA MET G 1652 47.75 95.51 64.16
C MET G 1652 47.09 96.36 63.09
N SER G 1653 47.09 95.89 61.85
CA SER G 1653 46.33 96.60 60.82
C SER G 1653 44.89 96.10 60.74
N LEU G 1654 44.61 94.90 61.28
CA LEU G 1654 43.26 94.37 61.17
C LEU G 1654 42.33 95.03 62.17
N CYS G 1655 42.85 95.53 63.28
CA CYS G 1655 42.01 96.23 64.25
C CYS G 1655 41.51 97.54 63.67
N LYS G 1656 42.09 97.97 62.56
CA LYS G 1656 41.65 99.17 61.86
C LYS G 1656 40.62 98.88 60.78
N TRP G 1657 40.53 97.64 60.30
CA TRP G 1657 39.57 97.28 59.27
C TRP G 1657 38.28 96.72 59.83
N VAL G 1658 38.36 95.93 60.91
CA VAL G 1658 37.14 95.54 61.63
C VAL G 1658 36.35 96.78 62.02
N GLU G 1659 37.06 97.86 62.33
CA GLU G 1659 36.49 99.15 62.68
C GLU G 1659 35.49 99.63 61.63
N LEU G 1660 35.70 99.27 60.37
CA LEU G 1660 34.92 99.81 59.26
C LEU G 1660 33.92 98.83 58.68
N ILE G 1661 33.64 97.71 59.36
CA ILE G 1661 32.67 96.75 58.84
C ILE G 1661 31.31 97.41 58.76
N HIS G 1662 30.69 97.36 57.60
CA HIS G 1662 29.37 97.95 57.40
C HIS G 1662 28.30 96.98 57.84
N CYS G 1663 27.27 97.52 58.49
CA CYS G 1663 26.19 96.71 59.04
C CYS G 1663 24.90 97.02 58.31
N LYS G 1667 22.16 89.70 62.49
CA LYS G 1667 23.22 88.71 62.35
C LYS G 1667 24.53 89.38 61.96
N ASP G 1668 24.45 90.56 61.36
CA ASP G 1668 25.63 91.39 61.19
C ASP G 1668 26.29 91.67 62.54
N ARG G 1669 25.53 92.13 63.52
CA ARG G 1669 26.10 92.39 64.84
C ARG G 1669 26.60 91.10 65.49
N LEU G 1670 25.88 90.00 65.29
CA LEU G 1670 26.38 88.71 65.74
C LEU G 1670 27.79 88.48 65.24
N ALA G 1671 27.99 88.58 63.92
CA ALA G 1671 29.30 88.33 63.32
C ALA G 1671 30.33 89.35 63.79
N GLN G 1672 29.91 90.60 63.97
CA GLN G 1672 30.83 91.64 64.40
C GLN G 1672 31.38 91.36 65.79
N SER G 1673 30.48 91.04 66.72
CA SER G 1673 30.91 90.68 68.07
C SER G 1673 31.81 89.46 68.04
N GLU G 1674 31.45 88.46 67.23
CA GLU G 1674 32.29 87.29 67.10
C GLU G 1674 33.70 87.68 66.70
N MET G 1675 33.83 88.44 65.61
CA MET G 1675 35.15 88.80 65.08
C MET G 1675 35.94 89.61 66.10
N ALA G 1676 35.29 90.56 66.76
CA ALA G 1676 35.99 91.36 67.75
C ALA G 1676 36.55 90.48 68.86
N LYS G 1677 35.72 89.58 69.41
CA LYS G 1677 36.19 88.75 70.50
C LYS G 1677 37.37 87.90 70.05
N ARG G 1678 37.26 87.29 68.86
CA ARG G 1678 38.29 86.35 68.45
C ARG G 1678 39.60 87.06 68.15
N VAL G 1679 39.53 88.21 67.47
CA VAL G 1679 40.76 88.95 67.15
C VAL G 1679 41.38 89.52 68.41
N ALA G 1680 40.57 89.85 69.41
CA ALA G 1680 41.14 90.36 70.65
C ALA G 1680 41.83 89.24 71.42
N ASN G 1681 41.25 88.03 71.41
CA ASN G 1681 41.91 86.90 72.04
C ASN G 1681 43.24 86.60 71.38
N ILE G 1682 43.25 86.61 70.04
CA ILE G 1682 44.49 86.34 69.32
C ILE G 1682 45.51 87.45 69.58
N LEU G 1683 45.04 88.70 69.71
CA LEU G 1683 45.92 89.82 70.08
C LEU G 1683 46.53 89.62 71.46
N ARG G 1684 45.72 89.23 72.43
CA ARG G 1684 46.23 88.92 73.76
C ARG G 1684 47.34 87.89 73.69
N VAL G 1685 47.07 86.76 73.04
CA VAL G 1685 48.06 85.69 73.03
C VAL G 1685 49.30 86.11 72.24
N VAL G 1686 49.12 86.94 71.21
CA VAL G 1686 50.28 87.30 70.38
C VAL G 1686 51.19 88.28 71.10
N LEU G 1687 50.64 89.30 71.75
CA LEU G 1687 51.48 90.16 72.56
C LEU G 1687 52.04 89.43 73.78
N SER G 1688 51.36 88.39 74.24
CA SER G 1688 51.97 87.54 75.25
C SER G 1688 53.25 86.94 74.72
N LEU G 1689 53.17 86.25 73.58
CA LEU G 1689 54.29 85.46 73.10
C LEU G 1689 55.39 86.32 72.49
N GLN G 1690 55.06 87.53 72.03
CA GLN G 1690 56.08 88.42 71.46
C GLN G 1690 57.03 88.94 72.52
N GLN G 1691 56.53 89.27 73.71
CA GLN G 1691 57.37 89.81 74.76
C GLN G 1691 57.37 88.88 75.96
N PRO G 1692 58.05 87.73 75.89
CA PRO G 1692 58.04 86.77 77.00
C PRO G 1692 58.94 87.20 78.16
N ASN H 6 -4.16 65.86 39.35
CA ASN H 6 -4.50 65.85 40.77
C ASN H 6 -5.43 67.00 41.11
N THR H 7 -6.67 66.69 41.49
CA THR H 7 -7.63 67.72 41.84
C THR H 7 -7.18 68.56 43.02
N VAL H 8 -7.27 69.88 42.91
CA VAL H 8 -6.83 70.76 43.98
C VAL H 8 -8.00 71.48 44.62
N ASP H 9 -8.14 71.36 45.94
CA ASP H 9 -9.22 72.03 46.65
C ASP H 9 -8.84 73.47 46.95
N THR H 10 -9.48 74.41 46.28
CA THR H 10 -9.14 75.83 46.46
C THR H 10 -9.63 76.42 47.76
N SER H 11 -10.63 75.80 48.39
CA SER H 11 -11.19 76.31 49.65
C SER H 11 -11.53 77.79 49.55
N HIS H 12 -12.21 78.18 48.47
CA HIS H 12 -12.53 79.59 48.27
C HIS H 12 -14.02 79.85 48.40
N GLU H 13 -14.43 81.10 48.20
CA GLU H 13 -15.83 81.46 48.35
C GLU H 13 -16.43 82.10 47.10
N ASP H 14 -15.63 82.28 46.06
CA ASP H 14 -16.11 82.89 44.82
C ASP H 14 -15.38 82.37 43.59
N MET H 15 -15.67 82.97 42.44
CA MET H 15 -15.05 82.53 41.19
C MET H 15 -13.58 82.88 41.12
N ILE H 16 -12.73 81.90 40.79
CA ILE H 16 -11.32 82.16 40.63
C ILE H 16 -11.15 82.80 39.28
N HIS H 17 -10.72 84.05 39.26
CA HIS H 17 -10.63 84.76 37.99
C HIS H 17 -9.34 84.51 37.22
N ASP H 18 -8.28 84.08 37.89
CA ASP H 18 -7.03 83.79 37.22
C ASP H 18 -6.11 82.92 38.04
N ALA H 19 -5.24 82.17 37.35
CA ALA H 19 -4.25 81.35 38.05
C ALA H 19 -2.97 81.34 37.24
N GLN H 20 -1.83 81.10 37.90
CA GLN H 20 -0.56 81.05 37.20
C GLN H 20 0.47 80.29 38.02
N MET H 21 1.14 79.32 37.41
CA MET H 21 2.18 78.58 38.12
C MET H 21 3.53 79.31 38.08
N ASP H 22 4.55 78.68 38.66
CA ASP H 22 5.87 79.30 38.72
C ASP H 22 6.84 78.75 37.69
N TYR H 23 8.10 79.17 37.75
CA TYR H 23 9.10 78.72 36.80
C TYR H 23 9.30 77.23 36.85
N TYR H 24 9.47 76.68 38.04
CA TYR H 24 9.73 75.25 38.17
C TYR H 24 8.45 74.45 38.38
N GLY H 25 7.30 75.10 38.36
CA GLY H 25 6.02 74.40 38.48
C GLY H 25 5.75 73.66 39.78
N ILE H 26 6.09 74.26 40.90
CA ILE H 26 5.84 73.65 42.20
C ILE H 26 4.76 74.39 42.97
N ARG H 27 4.39 75.58 42.53
CA ARG H 27 3.40 76.39 43.23
C ARG H 27 2.34 76.97 42.32
N LEU H 28 1.17 77.30 42.88
CA LEU H 28 0.08 77.86 42.09
C LEU H 28 -0.57 79.01 42.83
N ALA H 29 -0.61 80.18 42.22
CA ALA H 29 -1.26 81.33 42.83
C ALA H 29 -2.66 81.50 42.30
N THR H 30 -3.63 81.68 43.18
CA THR H 30 -5.01 81.84 42.76
C THR H 30 -5.59 83.13 43.31
N CYS H 31 -6.26 83.88 42.44
CA CYS H 31 -6.88 85.12 42.88
C CYS H 31 -8.37 85.05 42.67
N SER H 32 -9.11 85.10 43.77
CA SER H 32 -10.56 85.01 43.69
C SER H 32 -11.19 86.39 43.72
N SER H 33 -12.50 86.45 43.87
CA SER H 33 -13.17 87.74 44.01
C SER H 33 -13.47 88.05 45.46
N ASP H 34 -12.89 87.27 46.37
CA ASP H 34 -13.07 87.53 47.79
C ASP H 34 -11.89 88.32 48.35
N ARG H 35 -11.32 89.22 47.53
CA ARG H 35 -10.20 90.05 47.98
C ARG H 35 -9.09 89.22 48.62
N SER H 36 -8.69 88.14 47.97
CA SER H 36 -7.67 87.26 48.54
C SER H 36 -6.81 86.56 47.50
N VAL H 37 -5.52 86.45 47.78
CA VAL H 37 -4.61 85.74 46.89
C VAL H 37 -4.06 84.57 47.67
N LYS H 38 -4.34 83.35 47.22
CA LYS H 38 -3.92 82.18 47.98
C LYS H 38 -2.84 81.38 47.27
N ILE H 39 -1.78 81.05 47.99
CA ILE H 39 -0.67 80.31 47.39
C ILE H 39 -0.80 78.84 47.69
N PHE H 40 -0.70 78.00 46.68
CA PHE H 40 -0.82 76.56 46.87
C PHE H 40 0.47 75.86 46.49
N ASP H 41 0.94 74.97 47.35
CA ASP H 41 2.16 74.23 47.07
C ASP H 41 1.80 72.87 46.52
N VAL H 42 1.33 72.83 45.28
CA VAL H 42 0.91 71.56 44.69
C VAL H 42 2.15 70.79 44.22
N LYS H 43 2.60 69.86 45.06
CA LYS H 43 3.77 69.06 44.73
C LYS H 43 3.47 67.60 44.90
N ASN H 44 3.83 66.79 43.91
CA ASN H 44 3.60 65.34 43.96
C ASN H 44 2.15 64.98 44.25
N GLY H 45 1.21 65.79 43.75
CA GLY H 45 -0.20 65.49 43.91
C GLY H 45 -0.91 66.04 45.15
N GLY H 46 -0.15 66.47 46.15
CA GLY H 46 -0.76 66.95 47.38
C GLY H 46 -0.92 68.46 47.40
N GLN H 47 -2.16 68.94 47.39
CA GLN H 47 -2.41 70.38 47.43
C GLN H 47 -2.29 70.92 48.85
N ILE H 48 -1.46 71.94 49.02
CA ILE H 48 -1.26 72.51 50.36
C ILE H 48 -1.43 74.01 50.33
N LEU H 49 -2.29 74.54 51.19
CA LEU H 49 -2.44 75.99 51.26
C LEU H 49 -1.35 76.53 52.18
N ILE H 50 -0.22 76.92 51.59
CA ILE H 50 0.89 77.42 52.40
C ILE H 50 0.63 78.80 53.01
N ALA H 51 0.02 79.70 52.24
CA ALA H 51 -0.23 81.05 52.74
C ALA H 51 -1.46 81.72 52.15
N ASP H 52 -2.06 82.62 52.90
CA ASP H 52 -3.21 83.36 52.41
C ASP H 52 -2.93 84.84 52.55
N LEU H 53 -2.97 85.57 51.46
CA LEU H 53 -2.63 86.98 51.49
C LEU H 53 -3.83 87.87 51.25
N ARG H 54 -4.23 88.63 52.27
CA ARG H 54 -5.41 89.49 52.14
C ARG H 54 -5.03 90.93 52.37
N GLY H 55 -4.75 91.65 51.29
CA GLY H 55 -4.39 93.05 51.40
C GLY H 55 -5.30 93.95 50.61
N HIS H 56 -5.93 93.42 49.58
CA HIS H 56 -6.78 94.23 48.73
C HIS H 56 -8.14 94.48 49.32
N GLU H 57 -8.86 95.46 48.77
CA GLU H 57 -10.21 95.78 49.25
C GLU H 57 -11.22 95.62 48.12
N GLY H 58 -10.86 94.84 47.11
CA GLY H 58 -11.76 94.62 45.99
C GLY H 58 -11.39 93.36 45.23
N PRO H 59 -12.13 93.05 44.18
CA PRO H 59 -11.85 91.85 43.38
C PRO H 59 -10.43 91.82 42.86
N VAL H 60 -9.70 90.73 43.12
CA VAL H 60 -8.34 90.59 42.62
C VAL H 60 -8.41 90.04 41.21
N TRP H 61 -7.79 90.72 40.26
CA TRP H 61 -7.90 90.31 38.85
C TRP H 61 -6.83 89.36 38.34
N GLN H 62 -5.54 89.66 38.55
CA GLN H 62 -4.49 88.82 37.97
C GLN H 62 -3.25 88.65 38.83
N VAL H 63 -2.73 87.42 38.89
CA VAL H 63 -1.49 87.16 39.63
C VAL H 63 -0.36 86.83 38.66
N ALA H 64 0.85 87.32 38.94
CA ALA H 64 1.99 87.05 38.08
C ALA H 64 3.24 86.75 38.88
N TRP H 65 3.79 85.56 38.72
CA TRP H 65 5.01 85.18 39.43
C TRP H 65 6.25 85.75 38.75
N ALA H 66 7.31 86.00 39.51
CA ALA H 66 8.56 86.53 38.96
C ALA H 66 9.67 85.48 38.82
N HIS H 67 10.72 85.83 38.10
CA HIS H 67 11.84 84.89 37.90
C HIS H 67 12.49 84.52 39.21
N PRO H 68 12.91 83.25 39.34
CA PRO H 68 13.50 82.76 40.59
C PRO H 68 14.70 83.53 41.15
N MET H 69 15.56 84.13 40.32
CA MET H 69 16.77 84.79 40.82
C MET H 69 16.50 85.96 41.74
N TYR H 70 15.32 86.56 41.61
CA TYR H 70 14.98 87.70 42.43
C TYR H 70 14.18 87.28 43.66
N GLY H 71 14.06 85.98 43.90
CA GLY H 71 13.27 85.49 45.02
C GLY H 71 11.85 85.12 44.62
N ASN H 72 11.02 84.76 45.58
CA ASN H 72 9.66 84.37 45.29
C ASN H 72 8.75 85.59 45.27
N ILE H 73 8.81 86.37 44.19
CA ILE H 73 8.03 87.59 44.11
C ILE H 73 6.71 87.36 43.41
N LEU H 74 5.61 87.87 43.97
CA LEU H 74 4.30 87.74 43.35
C LEU H 74 3.67 89.10 43.24
N ALA H 75 3.06 89.40 42.10
CA ALA H 75 2.42 90.68 41.90
C ALA H 75 0.93 90.50 41.66
N SER H 76 0.11 91.06 42.53
CA SER H 76 -1.34 90.96 42.37
C SER H 76 -1.96 92.31 42.16
N CYS H 77 -2.72 92.47 41.08
CA CYS H 77 -3.40 93.72 40.80
C CYS H 77 -4.84 93.60 41.22
N SER H 78 -5.56 94.72 41.31
CA SER H 78 -6.94 94.66 41.81
C SER H 78 -7.83 95.86 41.49
N TYR H 79 -9.10 95.78 41.88
CA TYR H 79 -10.07 96.85 41.63
C TYR H 79 -9.86 98.05 42.53
N ASP H 80 -9.21 97.87 43.67
CA ASP H 80 -9.03 98.95 44.63
C ASP H 80 -7.94 99.96 44.25
N ARG H 81 -7.63 100.05 42.96
CA ARG H 81 -6.59 100.98 42.47
C ARG H 81 -5.23 100.74 43.11
N LYS H 82 -4.96 99.50 43.51
CA LYS H 82 -3.68 99.17 44.17
C LYS H 82 -2.97 98.01 43.52
N VAL H 83 -1.64 98.04 43.52
CA VAL H 83 -0.87 96.91 43.01
C VAL H 83 0.09 96.48 44.11
N ILE H 84 -0.15 95.32 44.70
CA ILE H 84 0.67 94.88 45.82
C ILE H 84 1.73 93.87 45.41
N ILE H 85 2.98 94.13 45.79
CA ILE H 85 4.06 93.24 45.43
C ILE H 85 4.50 92.42 46.64
N TRP H 86 3.93 91.23 46.79
CA TRP H 86 4.28 90.37 47.92
C TRP H 86 5.65 89.75 47.76
N LYS H 87 6.18 89.18 48.84
CA LYS H 87 7.49 88.54 48.79
C LYS H 87 7.56 87.49 49.89
N GLU H 88 8.23 86.38 49.61
CA GLU H 88 8.38 85.34 50.63
C GLU H 88 9.73 85.42 51.29
N GLU H 89 9.74 85.50 52.61
CA GLU H 89 11.00 85.54 53.35
C GLU H 89 11.00 84.45 54.39
N ASN H 90 11.79 83.41 54.18
CA ASN H 90 11.88 82.29 55.13
C ASN H 90 10.53 81.67 55.47
N GLY H 91 9.68 81.48 54.46
CA GLY H 91 8.38 80.85 54.68
C GLY H 91 7.23 81.78 54.99
N THR H 92 7.50 83.06 55.23
CA THR H 92 6.46 83.99 55.59
C THR H 92 6.25 85.02 54.50
N TRP H 93 5.02 85.11 53.99
CA TRP H 93 4.72 86.06 52.92
C TRP H 93 4.38 87.42 53.49
N GLU H 94 5.20 88.42 53.18
CA GLU H 94 4.99 89.75 53.72
C GLU H 94 4.88 90.78 52.62
N LYS H 95 4.00 91.76 52.76
CA LYS H 95 3.92 92.83 51.76
C LYS H 95 5.16 93.72 51.83
N THR H 96 5.86 93.86 50.71
CA THR H 96 7.06 94.69 50.69
C THR H 96 6.86 96.01 49.96
N TYR H 97 5.80 96.11 49.15
CA TYR H 97 5.55 97.33 48.40
C TYR H 97 4.11 97.45 47.97
N GLU H 98 3.64 98.68 47.80
CA GLU H 98 2.28 98.90 47.35
C GLU H 98 2.20 100.18 46.56
N TYR H 99 2.01 100.07 45.26
CA TYR H 99 1.87 101.25 44.42
C TYR H 99 0.41 101.58 44.23
N THR H 100 0.00 102.75 44.71
CA THR H 100 -1.41 103.11 44.64
C THR H 100 -1.64 104.28 43.70
N GLY H 101 -0.72 104.52 42.78
CA GLY H 101 -0.84 105.67 41.89
C GLY H 101 -1.67 105.44 40.65
N HIS H 102 -2.94 105.09 40.81
CA HIS H 102 -3.83 104.91 39.67
C HIS H 102 -5.20 105.49 39.96
N ASP H 103 -5.78 106.16 38.97
CA ASP H 103 -7.09 106.78 39.16
C ASP H 103 -8.24 105.78 39.15
N SER H 104 -8.03 104.63 38.53
CA SER H 104 -9.07 103.60 38.47
C SER H 104 -8.51 102.19 38.71
N SER H 105 -9.34 101.18 38.48
CA SER H 105 -8.93 99.80 38.74
C SER H 105 -7.75 99.31 37.92
N VAL H 106 -6.79 98.65 38.57
CA VAL H 106 -5.65 98.09 37.85
C VAL H 106 -6.03 96.71 37.42
N ASN H 107 -5.91 96.40 36.14
CA ASN H 107 -6.39 95.11 35.64
C ASN H 107 -5.36 94.04 35.31
N SER H 108 -4.13 94.42 35.00
CA SER H 108 -3.13 93.42 34.59
C SER H 108 -1.71 93.71 35.01
N VAL H 109 -0.99 92.67 35.43
CA VAL H 109 0.40 92.81 35.80
C VAL H 109 1.27 91.78 35.09
N CYS H 110 2.38 92.21 34.49
CA CYS H 110 3.26 91.28 33.77
C CYS H 110 4.73 91.60 33.96
N TRP H 111 5.50 90.63 34.45
CA TRP H 111 6.92 90.85 34.71
C TRP H 111 7.76 90.84 33.43
N ALA H 112 8.92 91.46 33.48
CA ALA H 112 9.80 91.52 32.31
C ALA H 112 10.77 90.36 32.28
N PRO H 113 11.31 90.04 31.09
CA PRO H 113 12.32 88.97 31.01
C PRO H 113 13.48 89.19 31.97
N HIS H 114 14.03 88.13 32.54
CA HIS H 114 15.09 88.26 33.55
C HIS H 114 16.25 89.15 33.12
N ASP H 115 16.58 89.15 31.83
CA ASP H 115 17.69 89.95 31.34
C ASP H 115 17.52 91.43 31.62
N PHE H 116 16.33 91.97 31.34
CA PHE H 116 16.08 93.39 31.52
C PHE H 116 16.20 93.79 32.98
N GLY H 117 15.64 92.98 33.87
CA GLY H 117 15.65 93.29 35.29
C GLY H 117 14.31 92.98 35.93
N LEU H 118 14.07 93.51 37.11
CA LEU H 118 12.81 93.26 37.81
C LEU H 118 11.86 94.41 37.50
N LEU H 119 11.38 94.47 36.27
CA LEU H 119 10.45 95.51 35.89
C LEU H 119 9.04 94.97 35.80
N LEU H 120 8.06 95.71 36.32
CA LEU H 120 6.67 95.28 36.23
C LEU H 120 5.86 96.31 35.47
N ALA H 121 4.97 95.85 34.60
CA ALA H 121 4.11 96.76 33.88
C ALA H 121 2.68 96.60 34.37
N CYS H 122 2.04 97.71 34.70
CA CYS H 122 0.68 97.64 35.21
C CYS H 122 -0.29 98.39 34.30
N GLY H 123 -1.32 97.71 33.83
CA GLY H 123 -2.31 98.36 32.98
C GLY H 123 -3.57 98.65 33.74
N SER H 124 -4.07 99.88 33.66
CA SER H 124 -5.24 100.27 34.45
C SER H 124 -6.37 100.83 33.61
N SER H 125 -7.58 100.86 34.17
CA SER H 125 -8.75 101.36 33.44
C SER H 125 -8.74 102.86 33.23
N ASP H 126 -7.83 103.57 33.87
CA ASP H 126 -7.70 105.00 33.65
C ASP H 126 -7.05 105.31 32.31
N GLY H 127 -6.57 104.28 31.63
CA GLY H 127 -5.92 104.47 30.34
C GLY H 127 -4.45 104.78 30.48
N ALA H 128 -3.83 104.33 31.57
CA ALA H 128 -2.42 104.62 31.80
C ALA H 128 -1.63 103.38 32.17
N ILE H 129 -0.36 103.36 31.81
CA ILE H 129 0.49 102.21 32.12
C ILE H 129 1.67 102.65 32.98
N SER H 130 1.83 102.05 34.14
CA SER H 130 2.93 102.39 35.02
C SER H 130 3.99 101.30 35.06
N ILE H 131 5.25 101.67 34.86
CA ILE H 131 6.33 100.71 34.88
C ILE H 131 7.15 100.84 36.17
N LEU H 132 7.03 99.87 37.05
CA LEU H 132 7.78 99.89 38.31
C LEU H 132 9.15 99.24 38.14
N THR H 133 10.19 99.85 38.70
CA THR H 133 11.54 99.31 38.53
C THR H 133 12.28 99.22 39.85
N TYR H 134 12.82 98.04 40.16
CA TYR H 134 13.60 97.87 41.37
C TYR H 134 15.06 97.80 41.01
N THR H 135 15.86 98.74 41.51
CA THR H 135 17.27 98.80 41.14
C THR H 135 18.19 98.11 42.14
N GLY H 136 17.62 97.40 43.10
CA GLY H 136 18.43 96.75 44.14
C GLY H 136 18.52 97.65 45.35
N ASP H 137 18.85 98.92 45.12
CA ASP H 137 18.93 99.87 46.22
C ASP H 137 17.83 100.90 46.11
N GLY H 138 17.26 101.29 47.24
CA GLY H 138 16.23 102.30 47.24
C GLY H 138 14.84 101.79 46.98
N PRO H 139 13.94 102.68 46.52
CA PRO H 139 12.55 102.29 46.27
C PRO H 139 12.29 101.85 44.84
N TRP H 140 11.03 101.90 44.43
CA TRP H 140 10.68 101.53 43.08
C TRP H 140 10.47 102.76 42.24
N GLU H 141 11.29 102.95 41.22
CA GLU H 141 11.13 104.08 40.33
C GLU H 141 9.92 103.86 39.45
N VAL H 142 9.03 104.84 39.39
CA VAL H 142 7.80 104.69 38.62
C VAL H 142 7.80 105.50 37.34
N LYS H 143 7.60 104.86 36.20
CA LYS H 143 7.53 105.56 34.93
C LYS H 143 6.11 105.41 34.40
N LYS H 144 5.31 106.46 34.50
CA LYS H 144 3.92 106.35 34.09
C LYS H 144 3.64 106.85 32.69
N ILE H 145 3.15 105.96 31.83
CA ILE H 145 2.80 106.35 30.47
C ILE H 145 1.36 106.80 30.47
N SER H 146 1.13 108.10 30.53
CA SER H 146 -0.24 108.60 30.60
C SER H 146 -0.95 108.57 29.27
N ASN H 147 -2.29 108.50 29.29
CA ASN H 147 -3.09 108.49 28.06
C ASN H 147 -2.67 107.40 27.06
N ALA H 148 -2.33 106.22 27.57
CA ALA H 148 -1.96 105.11 26.69
C ALA H 148 -3.13 104.68 25.84
N HIS H 149 -4.27 104.46 26.47
CA HIS H 149 -5.48 104.09 25.72
C HIS H 149 -6.59 105.06 26.04
N THR H 150 -7.45 105.35 25.06
CA THR H 150 -8.49 106.35 25.26
C THR H 150 -9.46 106.00 26.39
N ILE H 151 -10.05 104.81 26.35
CA ILE H 151 -11.04 104.46 27.35
C ILE H 151 -10.41 103.73 28.53
N GLY H 152 -9.70 102.65 28.26
CA GLY H 152 -9.06 101.90 29.32
C GLY H 152 -8.13 100.83 28.81
N CYS H 153 -7.15 100.44 29.63
CA CYS H 153 -6.23 99.39 29.25
C CYS H 153 -6.62 98.09 29.93
N ASN H 154 -6.68 97.00 29.17
CA ASN H 154 -7.13 95.73 29.74
C ASN H 154 -6.01 94.76 30.09
N ALA H 155 -5.00 94.65 29.23
CA ALA H 155 -3.90 93.71 29.49
C ALA H 155 -2.54 94.13 28.94
N VAL H 156 -1.47 93.65 29.57
CA VAL H 156 -0.11 93.95 29.11
C VAL H 156 0.72 92.67 28.97
N SER H 157 1.72 92.69 28.11
CA SER H 157 2.60 91.53 27.93
C SER H 157 3.95 91.92 27.38
N TRP H 158 5.02 91.33 27.91
CA TRP H 158 6.36 91.72 27.49
C TRP H 158 6.93 90.88 26.36
N ALA H 159 7.74 91.51 25.52
CA ALA H 159 8.37 90.79 24.41
C ALA H 159 9.50 89.92 24.90
N PRO H 160 9.71 88.77 24.24
CA PRO H 160 10.84 87.92 24.61
C PRO H 160 12.17 88.65 24.40
N SER H 161 13.10 88.47 25.33
CA SER H 161 14.38 89.15 25.23
C SER H 161 15.13 88.78 23.97
N VAL H 162 15.54 89.77 23.20
CA VAL H 162 16.29 89.50 21.98
C VAL H 162 17.57 90.33 21.98
N VAL H 163 18.71 89.66 21.83
CA VAL H 163 19.99 90.36 21.76
C VAL H 163 20.23 90.79 20.33
N PRO H 164 20.26 92.10 20.08
CA PRO H 164 20.47 92.61 18.71
C PRO H 164 21.77 92.09 18.10
N PRO H 176 25.04 93.41 27.36
CA PRO H 176 24.51 93.75 26.04
C PRO H 176 23.23 94.58 26.15
N ASN H 177 23.06 95.54 25.26
CA ASN H 177 21.85 96.36 25.27
C ASN H 177 20.75 95.71 24.46
N TYR H 178 19.62 95.43 25.10
CA TYR H 178 18.51 94.80 24.41
C TYR H 178 17.42 95.81 24.16
N ILE H 179 16.59 95.55 23.15
CA ILE H 179 15.47 96.43 22.87
C ILE H 179 14.30 96.03 23.74
N LYS H 180 13.95 96.87 24.72
CA LYS H 180 12.87 96.52 25.64
C LYS H 180 11.53 96.92 25.08
N ARG H 181 10.70 95.94 24.75
CA ARG H 181 9.40 96.22 24.17
C ARG H 181 8.30 95.46 24.89
N PHE H 182 7.09 96.01 24.90
CA PHE H 182 5.95 95.29 25.47
C PHE H 182 4.67 95.65 24.75
N VAL H 183 3.72 94.73 24.72
CA VAL H 183 2.49 94.97 23.97
C VAL H 183 1.29 95.14 24.89
N SER H 184 0.47 96.15 24.64
CA SER H 184 -0.67 96.43 25.50
C SER H 184 -1.97 96.55 24.74
N GLY H 185 -3.05 96.00 25.30
CA GLY H 185 -4.33 96.03 24.63
C GLY H 185 -5.34 96.93 25.32
N GLY H 186 -6.12 97.67 24.55
CA GLY H 186 -7.06 98.59 25.13
C GLY H 186 -8.51 98.47 24.70
N CYS H 187 -9.38 99.24 25.32
CA CYS H 187 -10.79 99.22 24.97
C CYS H 187 -11.08 100.19 23.82
N ASP H 188 -10.03 100.81 23.28
CA ASP H 188 -10.20 101.71 22.15
C ASP H 188 -10.09 100.94 20.83
N ASN H 189 -10.20 99.61 20.88
CA ASN H 189 -10.15 98.76 19.68
C ASN H 189 -8.77 98.68 19.03
N LEU H 190 -7.73 99.17 19.70
CA LEU H 190 -6.40 99.18 19.11
C LEU H 190 -5.38 98.44 19.93
N VAL H 191 -4.62 97.54 19.31
CA VAL H 191 -3.56 96.83 20.01
C VAL H 191 -2.30 97.63 19.80
N LYS H 192 -1.59 97.98 20.88
CA LYS H 192 -0.42 98.85 20.74
C LYS H 192 0.87 98.24 21.27
N ILE H 193 1.97 98.52 20.60
CA ILE H 193 3.27 98.01 21.03
C ILE H 193 4.14 99.17 21.48
N TRP H 194 4.94 98.98 22.53
CA TRP H 194 5.74 100.08 23.05
C TRP H 194 7.22 99.75 23.00
N ARG H 195 8.05 100.79 23.03
CA ARG H 195 9.50 100.59 22.96
C ARG H 195 10.22 101.65 23.75
N GLU H 196 11.17 101.24 24.58
CA GLU H 196 11.90 102.21 25.42
C GLU H 196 13.01 102.86 24.64
N GLU H 197 12.86 104.15 24.36
CA GLU H 197 13.90 104.90 23.67
C GLU H 197 14.40 106.01 24.55
N ASP H 198 15.71 106.05 24.81
CA ASP H 198 16.31 107.08 25.65
C ASP H 198 15.65 107.21 27.02
N GLY H 199 15.31 106.08 27.63
CA GLY H 199 14.71 106.09 28.95
C GLY H 199 13.23 106.42 28.98
N GLN H 200 12.64 106.66 27.82
CA GLN H 200 11.23 107.00 27.74
C GLN H 200 10.47 105.95 26.97
N TRP H 201 9.35 105.51 27.51
CA TRP H 201 8.52 104.52 26.83
C TRP H 201 7.68 105.19 25.77
N LYS H 202 8.05 105.00 24.50
CA LYS H 202 7.33 105.64 23.41
C LYS H 202 6.55 104.64 22.57
N GLU H 203 5.35 105.02 22.16
CA GLU H 203 4.53 104.13 21.33
C GLU H 203 5.23 103.81 20.04
N ASP H 204 5.14 102.55 19.63
CA ASP H 204 5.83 102.13 18.42
C ASP H 204 4.87 101.91 17.26
N GLN H 205 3.80 101.15 17.48
CA GLN H 205 2.91 100.82 16.38
C GLN H 205 1.48 100.74 16.86
N LYS H 206 0.58 101.09 15.96
CA LYS H 206 -0.86 100.90 16.12
C LYS H 206 -1.29 99.77 15.19
N LEU H 207 -2.04 98.82 15.72
CA LEU H 207 -2.53 97.69 14.95
C LEU H 207 -4.04 97.65 15.05
N GLU H 208 -4.73 97.74 13.92
CA GLU H 208 -6.19 97.82 13.96
C GLU H 208 -6.88 96.75 13.13
N ALA H 209 -7.43 95.73 13.79
CA ALA H 209 -8.18 94.71 13.09
C ALA H 209 -9.43 94.32 13.85
N HIS H 210 -9.47 94.63 15.15
CA HIS H 210 -10.64 94.34 15.96
C HIS H 210 -11.72 95.38 15.76
N SER H 211 -12.98 94.98 15.94
CA SER H 211 -14.07 95.93 15.84
C SER H 211 -14.60 96.28 17.21
N ASP H 212 -14.03 95.71 18.26
CA ASP H 212 -14.51 95.96 19.62
C ASP H 212 -13.42 95.89 20.70
N TRP H 213 -13.83 95.75 21.95
CA TRP H 213 -12.89 95.71 23.06
C TRP H 213 -11.85 94.62 22.99
N VAL H 214 -10.57 94.98 23.04
CA VAL H 214 -9.53 93.97 23.07
C VAL H 214 -9.45 93.48 24.51
N ARG H 215 -9.62 92.18 24.71
CA ARG H 215 -9.65 91.65 26.07
C ARG H 215 -8.29 91.22 26.61
N ASP H 216 -7.43 90.69 25.75
CA ASP H 216 -6.11 90.25 26.20
C ASP H 216 -5.11 90.09 25.06
N VAL H 217 -3.90 90.61 25.23
CA VAL H 217 -2.86 90.44 24.23
C VAL H 217 -1.65 89.78 24.87
N ALA H 218 -1.10 88.74 24.25
CA ALA H 218 0.09 88.09 24.77
C ALA H 218 1.15 87.85 23.71
N TRP H 219 2.41 88.19 24.01
CA TRP H 219 3.50 88.01 23.05
C TRP H 219 4.07 86.61 23.15
N ALA H 220 4.20 85.93 22.02
CA ALA H 220 4.69 84.57 22.02
C ALA H 220 6.15 84.48 22.42
N PRO H 221 6.49 83.50 23.30
CA PRO H 221 7.93 83.38 23.58
C PRO H 221 8.68 82.79 22.39
N SER H 222 9.92 83.23 22.17
CA SER H 222 10.70 82.74 21.03
C SER H 222 11.11 81.29 21.22
N ILE H 223 10.83 80.47 20.21
CA ILE H 223 11.20 79.06 20.29
C ILE H 223 12.28 78.69 19.27
N GLY H 224 12.81 79.69 18.57
CA GLY H 224 13.80 79.42 17.54
C GLY H 224 13.48 80.07 16.21
N LEU H 225 12.27 80.58 16.06
CA LEU H 225 11.88 81.24 14.84
C LEU H 225 12.40 82.65 14.77
N PRO H 226 12.68 83.15 13.55
CA PRO H 226 13.10 84.55 13.43
C PRO H 226 11.89 85.50 13.42
N THR H 227 10.68 84.94 13.41
CA THR H 227 9.47 85.76 13.36
C THR H 227 8.86 85.92 14.74
N SER H 228 8.25 87.08 15.01
CA SER H 228 7.65 87.33 16.32
C SER H 228 6.14 87.38 16.21
N THR H 229 5.45 86.60 17.03
CA THR H 229 3.99 86.54 16.93
C THR H 229 3.24 86.97 18.18
N ILE H 230 2.06 87.55 18.01
CA ILE H 230 1.24 87.98 19.14
C ILE H 230 -0.19 87.50 18.92
N ALA H 231 -0.88 87.12 19.99
CA ALA H 231 -2.28 86.72 19.86
C ALA H 231 -3.19 87.72 20.54
N SER H 232 -4.29 88.09 19.89
CA SER H 232 -5.20 89.06 20.45
C SER H 232 -6.66 88.60 20.43
N CYS H 233 -7.21 88.27 21.58
CA CYS H 233 -8.62 87.91 21.65
C CYS H 233 -9.46 89.16 21.86
N SER H 234 -10.72 89.11 21.46
CA SER H 234 -11.55 90.32 21.55
C SER H 234 -13.01 90.09 21.94
N GLN H 235 -13.74 91.18 22.18
CA GLN H 235 -15.14 91.10 22.56
C GLN H 235 -16.00 90.51 21.46
N ASP H 236 -15.75 90.91 20.21
CA ASP H 236 -16.53 90.41 19.08
C ASP H 236 -16.38 88.90 18.86
N GLY H 237 -15.31 88.30 19.37
CA GLY H 237 -15.10 86.86 19.24
C GLY H 237 -14.01 86.45 18.28
N ARG H 238 -13.50 87.38 17.48
CA ARG H 238 -12.46 87.06 16.50
C ARG H 238 -11.08 87.06 17.13
N VAL H 239 -10.38 85.94 17.04
CA VAL H 239 -9.01 85.88 17.56
C VAL H 239 -8.04 86.07 16.40
N TYR H 240 -7.13 87.02 16.52
CA TYR H 240 -6.20 87.32 15.44
C TYR H 240 -4.76 86.99 15.81
N ILE H 241 -3.97 86.55 14.84
CA ILE H 241 -2.56 86.27 15.07
C ILE H 241 -1.71 87.28 14.33
N TRP H 242 -0.95 88.09 15.05
CA TRP H 242 -0.12 89.12 14.43
C TRP H 242 1.31 88.64 14.26
N THR H 243 1.79 88.57 13.02
CA THR H 243 3.13 88.07 12.77
C THR H 243 4.05 89.08 12.11
N SER H 244 5.30 89.17 12.59
CA SER H 244 6.26 90.07 11.96
C SER H 244 7.56 89.33 11.72
N ASP H 245 7.93 89.17 10.45
CA ASP H 245 9.16 88.45 10.10
C ASP H 245 10.41 89.25 10.41
N ASP H 246 10.39 90.55 10.12
CA ASP H 246 11.56 91.39 10.36
C ASP H 246 11.26 92.50 11.36
N ALA H 247 12.10 92.61 12.38
CA ALA H 247 11.92 93.67 13.38
C ALA H 247 12.20 95.05 12.79
N ALA H 248 13.15 95.12 11.86
CA ALA H 248 13.49 96.41 11.24
C ALA H 248 12.31 97.00 10.49
N THR H 249 11.64 96.21 9.66
CA THR H 249 10.46 96.69 8.94
C THR H 249 9.32 96.97 9.89
N ASN H 250 9.23 96.20 10.98
CA ASN H 250 8.15 96.36 11.95
C ASN H 250 6.78 96.30 11.27
N CYS H 251 6.65 95.42 10.28
CA CYS H 251 5.36 95.26 9.60
C CYS H 251 4.63 94.08 10.18
N TRP H 252 3.52 94.33 10.86
CA TRP H 252 2.77 93.26 11.51
C TRP H 252 1.57 92.86 10.67
N THR H 253 1.41 91.57 10.45
CA THR H 253 0.30 91.10 9.61
C THR H 253 -0.75 90.33 10.39
N PRO H 254 -2.00 90.80 10.35
CA PRO H 254 -3.09 90.12 11.06
C PRO H 254 -3.58 88.87 10.34
N LYS H 255 -3.95 87.83 11.09
CA LYS H 255 -4.49 86.62 10.49
C LYS H 255 -5.62 86.06 11.33
N LEU H 256 -6.81 85.93 10.76
CA LEU H 256 -7.95 85.42 11.50
C LEU H 256 -7.79 83.93 11.82
N LEU H 257 -7.90 83.58 13.09
CA LEU H 257 -7.77 82.19 13.49
C LEU H 257 -9.13 81.53 13.57
N HIS H 258 -10.06 82.15 14.29
CA HIS H 258 -11.42 81.62 14.40
C HIS H 258 -12.37 82.68 14.93
N LYS H 259 -13.64 82.64 14.49
CA LYS H 259 -14.61 83.57 15.03
C LYS H 259 -15.55 82.85 15.98
N PHE H 260 -15.31 83.02 17.27
CA PHE H 260 -16.13 82.36 18.27
C PHE H 260 -17.37 83.15 18.54
N ASN H 261 -18.38 82.52 19.13
CA ASN H 261 -19.55 83.27 19.54
C ASN H 261 -19.28 83.78 20.94
N ASP H 262 -20.14 84.67 21.44
CA ASP H 262 -19.94 85.26 22.77
C ASP H 262 -18.64 86.05 22.86
N VAL H 263 -17.96 86.00 24.01
CA VAL H 263 -16.76 86.81 24.19
C VAL H 263 -15.56 85.98 24.58
N VAL H 264 -14.45 86.16 23.87
CA VAL H 264 -13.22 85.47 24.23
C VAL H 264 -12.54 86.24 25.35
N TRP H 265 -12.03 85.54 26.35
CA TRP H 265 -11.45 86.21 27.52
C TRP H 265 -9.95 86.46 27.44
N HIS H 266 -9.15 85.41 27.55
CA HIS H 266 -7.70 85.57 27.48
C HIS H 266 -7.01 84.53 26.59
N VAL H 267 -5.77 84.81 26.18
CA VAL H 267 -5.01 83.87 25.37
C VAL H 267 -3.70 83.53 26.04
N SER H 268 -3.23 82.30 25.86
CA SER H 268 -2.00 81.87 26.54
C SER H 268 -1.08 81.04 25.65
N TRP H 269 0.13 81.54 25.40
CA TRP H 269 1.08 80.82 24.57
C TRP H 269 1.85 79.82 25.39
N SER H 270 2.04 78.63 24.86
CA SER H 270 2.83 77.62 25.55
C SER H 270 4.27 78.02 25.56
N ILE H 271 4.99 77.59 26.59
CA ILE H 271 6.40 77.97 26.72
C ILE H 271 7.29 77.46 25.59
N THR H 272 7.11 76.21 25.18
CA THR H 272 8.02 75.63 24.18
C THR H 272 7.44 75.22 22.82
N ALA H 273 6.13 75.09 22.70
CA ALA H 273 5.56 74.61 21.44
C ALA H 273 4.65 75.62 20.73
N ASN H 274 4.53 76.82 21.26
CA ASN H 274 3.66 77.85 20.67
C ASN H 274 2.24 77.36 20.37
N ILE H 275 1.59 76.76 21.36
CA ILE H 275 0.21 76.31 21.20
C ILE H 275 -0.69 77.29 21.90
N LEU H 276 -1.49 78.02 21.15
CA LEU H 276 -2.35 79.04 21.74
C LEU H 276 -3.54 78.44 22.44
N ALA H 277 -3.67 78.67 23.74
CA ALA H 277 -4.84 78.20 24.48
C ALA H 277 -5.88 79.30 24.54
N VAL H 278 -7.01 79.12 23.89
CA VAL H 278 -8.03 80.16 23.84
C VAL H 278 -9.22 79.86 24.75
N SER H 279 -9.66 80.82 25.54
CA SER H 279 -10.84 80.63 26.41
C SER H 279 -12.00 81.51 26.00
N GLY H 280 -13.14 80.92 25.69
CA GLY H 280 -14.30 81.67 25.26
C GLY H 280 -15.36 81.85 26.31
N GLY H 281 -16.42 82.59 25.98
CA GLY H 281 -17.51 82.82 26.91
C GLY H 281 -18.35 81.60 27.17
N ASP H 282 -18.21 80.59 26.32
CA ASP H 282 -18.95 79.34 26.49
C ASP H 282 -18.24 78.37 27.42
N ASN H 283 -17.35 78.87 28.28
CA ASN H 283 -16.64 78.03 29.25
C ASN H 283 -15.90 76.84 28.64
N LYS H 284 -15.07 77.10 27.64
CA LYS H 284 -14.29 76.03 27.02
C LYS H 284 -12.92 76.50 26.61
N VAL H 285 -11.94 75.60 26.67
CA VAL H 285 -10.59 75.93 26.27
C VAL H 285 -10.25 75.18 25.00
N THR H 286 -10.05 75.90 23.90
CA THR H 286 -9.70 75.27 22.64
C THR H 286 -8.24 75.50 22.33
N LEU H 287 -7.49 74.44 22.08
CA LEU H 287 -6.07 74.57 21.80
C LEU H 287 -5.83 74.70 20.31
N TRP H 288 -5.11 75.74 19.90
CA TRP H 288 -4.86 75.97 18.48
C TRP H 288 -3.38 75.95 18.15
N LYS H 289 -2.96 75.03 17.29
CA LYS H 289 -1.56 74.93 16.90
C LYS H 289 -1.38 75.14 15.40
N GLU H 290 -0.32 75.83 15.01
CA GLU H 290 -0.06 76.09 13.59
C GLU H 290 0.56 74.90 12.89
N SER H 291 0.08 74.59 11.68
CA SER H 291 0.61 73.47 10.92
C SER H 291 1.84 73.84 10.11
N VAL H 292 2.48 72.86 9.47
CA VAL H 292 3.70 73.13 8.70
C VAL H 292 3.46 74.11 7.57
N ASP H 293 2.35 73.93 6.85
CA ASP H 293 2.02 74.83 5.75
C ASP H 293 1.72 76.25 6.21
N GLY H 294 1.05 76.40 7.36
CA GLY H 294 0.76 77.72 7.88
C GLY H 294 -0.62 77.91 8.47
N GLN H 295 -1.55 77.04 8.12
CA GLN H 295 -2.92 77.16 8.62
C GLN H 295 -3.03 76.76 10.08
N TRP H 296 -3.93 77.38 10.81
CA TRP H 296 -4.13 77.07 12.22
C TRP H 296 -5.26 76.08 12.41
N ALA H 297 -5.05 75.05 13.22
CA ALA H 297 -6.07 74.03 13.42
C ALA H 297 -6.30 73.68 14.87
N CYS H 298 -7.54 73.40 15.24
CA CYS H 298 -7.86 73.03 16.62
C CYS H 298 -7.49 71.59 16.86
N ILE H 299 -6.76 71.33 17.94
CA ILE H 299 -6.29 69.97 18.19
C ILE H 299 -7.07 69.22 19.28
N SER H 300 -7.40 69.90 20.37
CA SER H 300 -8.15 69.29 21.45
C SER H 300 -9.04 70.28 22.17
N ASP H 301 -10.16 69.81 22.70
CA ASP H 301 -11.08 70.71 23.43
C ASP H 301 -11.11 70.40 24.92
N VAL H 302 -10.49 71.25 25.74
CA VAL H 302 -10.51 71.07 27.17
C VAL H 302 -11.75 71.77 27.73
N ASN H 303 -12.71 70.98 28.21
CA ASN H 303 -13.96 71.57 28.70
C ASN H 303 -14.09 71.57 30.22
N LYS H 304 -14.64 72.65 30.77
CA LYS H 304 -14.81 72.74 32.21
C LYS H 304 -15.83 71.72 32.71
N THR I 143 14.52 10.84 -72.96
CA THR I 143 14.28 10.38 -71.60
C THR I 143 15.24 9.26 -71.23
N MET I 144 15.46 8.33 -72.17
CA MET I 144 16.41 7.25 -71.97
C MET I 144 17.85 7.74 -71.84
N SER I 145 18.10 9.00 -72.16
CA SER I 145 19.44 9.57 -72.20
C SER I 145 19.87 10.20 -70.89
N MET I 146 19.38 9.70 -69.75
CA MET I 146 19.77 10.27 -68.47
C MET I 146 21.27 10.14 -68.23
N TYR I 147 21.96 9.34 -69.04
CA TYR I 147 23.43 9.36 -69.03
C TYR I 147 23.99 10.64 -69.62
N PRO I 148 23.44 11.20 -70.69
CA PRO I 148 24.05 12.36 -71.35
C PRO I 148 24.12 13.61 -70.47
N ASP I 149 23.06 13.90 -69.73
CA ASP I 149 23.06 15.10 -68.90
C ASP I 149 24.10 15.02 -67.80
N PHE I 150 24.17 13.87 -67.11
CA PHE I 150 25.16 13.69 -66.06
C PHE I 150 26.57 13.78 -66.63
N LEU I 151 26.80 13.17 -67.79
CA LEU I 151 28.10 13.27 -68.42
C LEU I 151 28.45 14.70 -68.82
N LYS I 152 27.52 15.44 -69.39
CA LYS I 152 27.80 16.81 -69.80
C LYS I 152 28.09 17.68 -68.59
N SER I 153 27.42 17.41 -67.47
CA SER I 153 27.65 18.20 -66.27
C SER I 153 29.03 17.90 -65.67
N PHE I 154 29.36 16.61 -65.51
CA PHE I 154 30.68 16.23 -65.02
C PHE I 154 31.78 16.68 -65.98
N LEU I 155 31.44 16.84 -67.27
CA LEU I 155 32.42 17.20 -68.27
C LEU I 155 32.69 18.70 -68.29
N GLU I 156 31.63 19.51 -68.32
CA GLU I 156 31.82 20.96 -68.25
C GLU I 156 32.34 21.35 -66.87
N HIS I 157 31.94 20.64 -65.84
CA HIS I 157 32.62 20.73 -64.55
C HIS I 157 34.04 20.17 -64.60
N PRO I 158 34.36 19.21 -65.47
CA PRO I 158 35.78 18.89 -65.67
C PRO I 158 36.54 20.05 -66.28
N SER I 159 35.83 21.01 -66.88
CA SER I 159 36.39 22.33 -67.14
C SER I 159 36.15 23.30 -65.98
N SER I 160 35.32 22.93 -65.01
CA SER I 160 34.85 23.87 -64.01
C SER I 160 34.98 23.37 -62.58
N ALA I 161 34.26 24.00 -61.65
CA ALA I 161 34.44 23.77 -60.23
C ALA I 161 33.52 22.65 -59.75
N VAL I 162 33.73 22.24 -58.51
CA VAL I 162 32.87 21.25 -57.87
C VAL I 162 31.50 21.84 -57.57
N PHE I 163 31.46 23.12 -57.20
CA PHE I 163 30.21 23.74 -56.79
C PHE I 163 29.16 23.67 -57.89
N GLU I 164 29.49 24.15 -59.09
CA GLU I 164 28.54 24.08 -60.20
C GLU I 164 28.26 22.64 -60.59
N LEU I 165 29.20 21.72 -60.33
CA LEU I 165 28.96 20.30 -60.59
C LEU I 165 27.75 19.80 -59.81
N ILE I 166 27.81 19.88 -58.48
CA ILE I 166 26.69 19.45 -57.64
C ILE I 166 25.43 20.25 -57.98
N GLU I 167 25.60 21.53 -58.31
CA GLU I 167 24.47 22.35 -58.71
C GLU I 167 23.74 21.75 -59.91
N GLN I 168 24.49 21.44 -60.97
CA GLN I 168 23.88 20.88 -62.17
C GLN I 168 23.31 19.49 -61.90
N TYR I 169 23.96 18.70 -61.04
CA TYR I 169 23.43 17.38 -60.73
C TYR I 169 22.04 17.48 -60.11
N GLU I 170 21.89 18.32 -59.09
CA GLU I 170 20.57 18.48 -58.47
C GLU I 170 19.57 19.05 -59.47
N ALA I 171 20.00 20.01 -60.29
CA ALA I 171 19.10 20.61 -61.27
C ALA I 171 18.62 19.57 -62.28
N THR I 172 19.52 18.67 -62.68
CA THR I 172 19.18 17.63 -63.64
C THR I 172 18.19 16.63 -63.04
N CYS I 173 18.46 16.15 -61.83
CA CYS I 173 17.51 15.25 -61.18
C CYS I 173 16.14 15.89 -61.07
N ASN I 174 16.10 17.17 -60.67
CA ASN I 174 14.82 17.87 -60.54
C ASN I 174 14.10 17.95 -61.88
N THR I 175 14.79 18.43 -62.91
CA THR I 175 14.16 18.54 -64.23
C THR I 175 13.70 17.19 -64.73
N GLN I 176 14.43 16.13 -64.38
CA GLN I 176 14.07 14.80 -64.83
C GLN I 176 12.77 14.33 -64.19
N ILE I 177 12.68 14.45 -62.87
CA ILE I 177 11.44 14.07 -62.19
C ILE I 177 10.28 14.94 -62.69
N THR I 178 10.53 16.23 -62.93
CA THR I 178 9.48 17.13 -63.37
C THR I 178 8.97 16.74 -64.76
N LEU I 179 9.88 16.42 -65.68
CA LEU I 179 9.47 15.95 -66.99
C LEU I 179 8.75 14.61 -66.89
N LEU I 180 9.17 13.76 -65.95
CA LEU I 180 8.45 12.52 -65.73
C LEU I 180 7.00 12.79 -65.35
N LYS I 181 6.78 13.72 -64.42
CA LYS I 181 5.43 14.01 -63.96
C LYS I 181 4.68 14.91 -64.95
N LYS I 182 5.37 15.40 -65.98
CA LYS I 182 4.70 16.13 -67.05
C LYS I 182 3.50 15.35 -67.59
N ILE I 183 3.74 14.14 -68.08
CA ILE I 183 2.69 13.29 -68.63
C ILE I 183 2.51 12.10 -67.70
N VAL I 184 1.58 12.23 -66.76
CA VAL I 184 1.10 11.10 -65.96
C VAL I 184 -0.40 11.23 -65.85
N LYS I 185 -1.12 10.58 -66.75
CA LYS I 185 -2.57 10.69 -66.85
C LYS I 185 -3.21 9.46 -66.24
N ARG I 186 -4.31 9.67 -65.51
CA ARG I 186 -4.93 8.63 -64.72
C ARG I 186 -6.38 8.40 -65.16
N VAL I 187 -6.82 7.15 -65.05
CA VAL I 187 -8.22 6.76 -65.09
C VAL I 187 -8.52 6.08 -63.76
N THR I 188 -9.80 5.98 -63.40
CA THR I 188 -10.19 5.34 -62.15
C THR I 188 -9.37 4.07 -61.93
N PRO I 189 -9.28 3.20 -62.93
CA PRO I 189 -8.24 2.17 -62.88
C PRO I 189 -6.87 2.68 -63.31
N GLY I 190 -6.80 3.58 -64.31
CA GLY I 190 -5.51 4.06 -64.79
C GLY I 190 -4.72 4.82 -63.73
N GLN I 191 -5.42 5.30 -62.71
CA GLN I 191 -4.78 5.93 -61.55
C GLN I 191 -3.77 4.99 -60.91
N GLN I 192 -4.03 3.68 -60.95
CA GLN I 192 -3.09 2.74 -60.35
C GLN I 192 -1.77 2.70 -61.12
N LYS I 193 -1.86 2.67 -62.45
CA LYS I 193 -0.65 2.72 -63.27
C LYS I 193 0.08 4.04 -63.11
N PHE I 194 -0.67 5.14 -63.00
CA PHE I 194 -0.02 6.44 -62.76
C PHE I 194 0.63 6.49 -61.39
N SER I 195 0.06 5.77 -60.41
CA SER I 195 0.70 5.64 -59.11
C SER I 195 2.01 4.86 -59.23
N LYS I 196 2.02 3.80 -60.03
CA LYS I 196 3.26 3.08 -60.27
C LYS I 196 4.30 3.97 -60.96
N THR I 197 3.84 4.84 -61.87
CA THR I 197 4.75 5.72 -62.61
C THR I 197 5.30 6.83 -61.72
N ALA I 198 4.45 7.38 -60.84
CA ALA I 198 4.91 8.39 -59.90
C ALA I 198 5.85 7.78 -58.85
N SER I 199 5.60 6.54 -58.45
CA SER I 199 6.56 5.85 -57.57
C SER I 199 7.87 5.58 -58.28
N ILE I 200 7.83 5.15 -59.54
CA ILE I 200 9.06 4.95 -60.30
C ILE I 200 9.85 6.25 -60.38
N LEU I 201 9.23 7.31 -60.92
CA LEU I 201 9.86 8.63 -60.96
C LEU I 201 10.21 9.14 -59.56
N TRP I 202 9.64 8.54 -58.51
CA TRP I 202 10.09 8.89 -57.17
C TRP I 202 11.52 8.43 -56.94
N LEU I 203 12.05 7.55 -57.78
CA LEU I 203 13.48 7.30 -57.74
C LEU I 203 14.26 8.52 -58.18
N LEU I 204 13.83 9.17 -59.26
CA LEU I 204 14.42 10.45 -59.65
C LEU I 204 14.18 11.49 -58.55
N GLN I 205 13.05 11.40 -57.88
CA GLN I 205 12.77 12.30 -56.75
C GLN I 205 13.78 12.09 -55.62
N GLN I 206 14.05 10.83 -55.28
CA GLN I 206 14.98 10.52 -54.20
C GLN I 206 16.40 10.85 -54.61
N GLU I 207 16.73 10.71 -55.89
CA GLU I 207 18.02 11.16 -56.36
C GLU I 207 18.16 12.67 -56.24
N MET I 208 17.09 13.41 -56.55
CA MET I 208 17.10 14.86 -56.36
C MET I 208 17.29 15.23 -54.90
N VAL I 209 16.57 14.54 -54.00
CA VAL I 209 16.68 14.83 -52.58
C VAL I 209 18.07 14.48 -52.06
N THR I 210 18.56 13.28 -52.38
CA THR I 210 19.92 12.91 -52.02
C THR I 210 20.92 13.91 -52.56
N TRP I 211 20.64 14.47 -53.75
CA TRP I 211 21.55 15.44 -54.33
C TRP I 211 21.59 16.73 -53.51
N ARG I 212 20.43 17.30 -53.19
CA ARG I 212 20.40 18.53 -52.41
C ARG I 212 21.02 18.31 -51.04
N LEU I 213 20.67 17.20 -50.39
CA LEU I 213 21.19 16.91 -49.06
C LEU I 213 22.70 16.74 -49.07
N ILE I 214 23.21 15.87 -49.94
CA ILE I 214 24.65 15.66 -50.05
C ILE I 214 25.35 16.97 -50.38
N ALA I 215 24.75 17.77 -51.26
CA ALA I 215 25.39 19.01 -51.70
C ALA I 215 25.56 19.98 -50.54
N ALA I 216 24.46 20.28 -49.84
CA ALA I 216 24.55 21.23 -48.74
C ALA I 216 25.41 20.68 -47.60
N LEU I 217 25.31 19.38 -47.32
CA LEU I 217 26.07 18.80 -46.21
C LEU I 217 27.56 18.78 -46.50
N TYR I 218 27.95 18.34 -47.70
CA TYR I 218 29.34 18.39 -48.10
C TYR I 218 29.87 19.81 -48.16
N ARG I 219 29.05 20.76 -48.63
CA ARG I 219 29.49 22.15 -48.68
C ARG I 219 29.73 22.70 -47.28
N ASP I 220 28.89 22.34 -46.32
CA ASP I 220 29.12 22.76 -44.95
C ASP I 220 30.32 22.03 -44.35
N ARG I 221 30.55 20.80 -44.80
CA ARG I 221 31.68 20.03 -44.27
C ARG I 221 33.01 20.59 -44.76
N ILE I 222 33.12 20.83 -46.06
CA ILE I 222 34.41 21.10 -46.70
C ILE I 222 34.54 22.56 -47.11
N GLN I 223 33.45 23.15 -47.64
CA GLN I 223 33.48 24.55 -48.08
C GLN I 223 33.73 25.47 -46.90
N SER I 224 34.49 26.53 -47.16
CA SER I 224 35.16 27.28 -46.10
C SER I 224 34.22 27.94 -45.11
N ALA I 225 32.91 27.74 -45.29
CA ALA I 225 31.90 28.43 -44.48
C ALA I 225 31.99 28.07 -43.00
N LEU I 226 32.96 27.26 -42.60
CA LEU I 226 33.17 26.92 -41.20
C LEU I 226 34.23 27.78 -40.52
N GLU I 227 34.71 28.83 -41.17
CA GLU I 227 35.87 29.59 -40.69
C GLU I 227 35.40 30.96 -40.21
N GLU I 228 35.53 31.20 -38.91
CA GLU I 228 35.21 32.50 -38.33
C GLU I 228 35.74 32.55 -36.90
N GLU I 229 35.78 33.76 -36.35
CA GLU I 229 36.32 33.97 -35.02
C GLU I 229 35.42 33.33 -33.96
N ASN I 230 35.89 33.38 -32.71
CA ASN I 230 35.11 33.02 -31.53
C ASN I 230 34.24 34.17 -31.04
N MET I 231 33.96 35.14 -31.91
CA MET I 231 33.17 36.31 -31.50
C MET I 231 31.74 35.92 -31.17
N PHE I 232 31.15 35.01 -31.95
CA PHE I 232 29.80 34.56 -31.63
C PHE I 232 29.80 33.71 -30.36
N GLU I 233 30.92 33.05 -30.07
CA GLU I 233 31.10 32.29 -28.84
C GLU I 233 31.77 33.10 -27.73
N ILE I 234 31.77 34.43 -27.84
CA ILE I 234 32.15 35.31 -26.73
C ILE I 234 30.88 35.65 -25.95
N ALA I 235 30.95 35.58 -24.63
CA ALA I 235 29.82 35.93 -23.78
C ALA I 235 30.32 36.44 -22.44
N ALA I 236 29.40 37.00 -21.66
CA ALA I 236 29.66 37.51 -20.33
C ALA I 236 28.50 37.19 -19.41
N PRO I 237 28.56 37.63 -18.15
CA PRO I 237 27.42 37.42 -17.25
C PRO I 237 26.18 38.21 -17.65
N ASN I 238 26.35 39.45 -18.09
CA ASN I 238 25.22 40.27 -18.51
C ASN I 238 24.81 40.00 -19.95
N ALA I 239 25.48 39.08 -20.65
CA ALA I 239 25.10 38.72 -21.99
C ALA I 239 23.82 37.90 -21.99
N SER I 240 22.84 38.34 -22.78
CA SER I 240 21.51 37.76 -22.77
C SER I 240 21.52 36.31 -23.26
N GLU I 241 20.37 35.67 -23.11
CA GLU I 241 20.20 34.33 -23.66
C GLU I 241 20.42 34.34 -25.16
N LYS I 242 20.14 35.46 -25.82
CA LYS I 242 20.45 35.57 -27.25
C LYS I 242 21.94 35.32 -27.50
N THR I 243 22.80 35.92 -26.69
CA THR I 243 24.23 35.76 -26.91
C THR I 243 24.70 34.39 -26.43
N ILE I 244 24.09 33.85 -25.37
CA ILE I 244 24.47 32.49 -24.95
C ILE I 244 24.10 31.48 -26.04
N VAL I 245 22.98 31.70 -26.71
CA VAL I 245 22.59 30.84 -27.82
C VAL I 245 23.51 31.07 -29.01
N ASP I 246 23.95 32.31 -29.22
CA ASP I 246 24.93 32.58 -30.28
C ASP I 246 26.22 31.82 -30.02
N LYS I 247 26.65 31.77 -28.76
CA LYS I 247 27.85 31.03 -28.39
C LYS I 247 27.66 29.54 -28.65
N LEU I 248 26.52 28.99 -28.25
CA LEU I 248 26.23 27.59 -28.55
C LEU I 248 26.22 27.34 -30.06
N PHE I 249 25.69 28.29 -30.83
CA PHE I 249 25.51 28.08 -32.26
C PHE I 249 26.83 28.13 -33.01
N GLN I 250 27.73 29.03 -32.61
CA GLN I 250 29.06 29.03 -33.20
C GLN I 250 29.91 27.89 -32.64
N ARG I 251 29.54 27.37 -31.47
CA ARG I 251 30.37 26.38 -30.79
C ARG I 251 30.13 24.96 -31.33
N ASP I 252 28.89 24.48 -31.25
CA ASP I 252 28.62 23.05 -31.41
C ASP I 252 28.60 22.70 -32.89
N THR I 253 29.58 21.90 -33.31
CA THR I 253 29.60 21.42 -34.69
C THR I 253 28.55 20.35 -34.92
N LEU I 254 28.51 19.32 -34.08
CA LEU I 254 27.54 18.25 -34.24
C LEU I 254 26.12 18.77 -34.14
N VAL I 255 25.86 19.61 -33.14
CA VAL I 255 24.52 20.14 -32.95
C VAL I 255 24.11 21.05 -34.11
N ARG I 256 25.03 21.91 -34.57
CA ARG I 256 24.70 22.77 -35.70
C ARG I 256 24.46 21.94 -36.95
N GLN I 257 25.18 20.84 -37.11
CA GLN I 257 24.92 19.94 -38.22
C GLN I 257 23.54 19.31 -38.12
N SER I 258 23.14 18.91 -36.90
CA SER I 258 21.79 18.39 -36.70
C SER I 258 20.75 19.47 -36.99
N GLN I 259 21.07 20.73 -36.66
CA GLN I 259 20.15 21.83 -36.96
C GLN I 259 20.00 22.03 -38.46
N LEU I 260 21.10 21.95 -39.20
CA LEU I 260 21.01 21.97 -40.65
C LEU I 260 20.23 20.76 -41.16
N VAL I 261 20.34 19.62 -40.47
CA VAL I 261 19.58 18.43 -40.86
C VAL I 261 18.08 18.70 -40.74
N VAL I 262 17.67 19.27 -39.62
CA VAL I 262 16.27 19.66 -39.46
C VAL I 262 15.89 20.69 -40.52
N ASP I 263 16.79 21.63 -40.82
CA ASP I 263 16.53 22.62 -41.86
C ASP I 263 16.24 21.94 -43.19
N TRP I 264 16.95 20.85 -43.47
CA TRP I 264 16.69 20.12 -44.70
C TRP I 264 15.35 19.41 -44.65
N LEU I 265 15.05 18.79 -43.49
CA LEU I 265 13.72 18.21 -43.30
C LEU I 265 12.63 19.21 -43.66
N GLU I 266 12.82 20.47 -43.24
CA GLU I 266 11.80 21.49 -43.50
C GLU I 266 11.89 22.02 -44.92
N SER I 267 13.09 22.00 -45.51
CA SER I 267 13.25 22.44 -46.89
C SER I 267 12.51 21.52 -47.84
N ILE I 268 12.53 20.22 -47.56
CA ILE I 268 11.73 19.26 -48.31
C ILE I 268 10.36 19.22 -47.66
N ALA I 269 9.46 20.06 -48.12
CA ALA I 269 8.18 20.28 -47.47
C ALA I 269 7.03 19.82 -48.34
N LYS I 270 6.12 19.08 -47.72
CA LYS I 270 4.87 18.66 -48.35
C LYS I 270 3.72 19.45 -47.74
N ASP I 271 3.05 20.26 -48.55
CA ASP I 271 2.12 21.27 -48.06
C ASP I 271 0.75 21.15 -48.73
N GLU I 272 -0.29 21.33 -47.92
CA GLU I 272 -1.64 21.54 -48.45
C GLU I 272 -1.84 23.01 -48.79
N VAL I 273 -2.50 23.25 -49.92
CA VAL I 273 -2.58 24.60 -50.48
C VAL I 273 -3.57 25.43 -49.67
N GLY I 274 -3.35 26.74 -49.66
CA GLY I 274 -4.26 27.64 -48.98
C GLY I 274 -5.62 27.74 -49.64
N ASP I 275 -5.64 28.27 -50.86
CA ASP I 275 -6.88 28.61 -51.55
C ASP I 275 -7.48 27.47 -52.34
N PHE I 276 -7.00 26.25 -52.17
CA PHE I 276 -7.51 25.10 -52.93
C PHE I 276 -7.77 23.89 -52.04
N SER I 277 -7.63 24.04 -50.72
CA SER I 277 -7.88 22.94 -49.79
C SER I 277 -8.77 23.43 -48.66
N ASP I 278 -9.67 22.55 -48.23
CA ASP I 278 -10.59 22.84 -47.13
C ASP I 278 -9.85 23.23 -45.86
N ASN I 279 -8.52 23.12 -45.86
CA ASN I 279 -7.70 23.56 -44.73
C ASN I 279 -8.21 24.86 -44.15
N ILE I 280 -8.21 25.92 -44.95
CA ILE I 280 -8.73 27.21 -44.50
C ILE I 280 -9.57 27.84 -45.61
N GLU I 281 -9.46 27.32 -46.83
CA GLU I 281 -10.27 27.85 -47.93
C GLU I 281 -11.76 27.72 -47.61
N TYR I 282 -12.13 26.64 -46.91
CA TYR I 282 -13.47 26.53 -46.35
C TYR I 282 -13.55 27.00 -44.91
N TYR I 283 -12.50 26.79 -44.12
CA TYR I 283 -12.43 27.31 -42.77
C TYR I 283 -11.87 28.74 -42.79
N ALA I 284 -12.48 29.58 -43.63
CA ALA I 284 -12.18 31.00 -43.71
C ALA I 284 -13.36 31.83 -43.20
N LYS I 285 -14.10 31.30 -42.22
CA LYS I 285 -15.25 31.98 -41.64
C LYS I 285 -14.85 33.36 -41.11
N SER I 286 -15.85 34.22 -40.93
CA SER I 286 -15.62 35.53 -40.33
C SER I 286 -14.79 35.42 -39.06
N VAL I 287 -15.10 34.43 -38.22
CA VAL I 287 -14.33 34.14 -37.02
C VAL I 287 -14.46 32.66 -36.68
N TYR I 288 -13.63 32.20 -35.76
CA TYR I 288 -13.72 30.82 -35.30
C TYR I 288 -15.01 30.61 -34.50
N TRP I 289 -15.54 29.38 -34.56
CA TRP I 289 -16.68 28.96 -33.76
C TRP I 289 -17.88 29.87 -33.93
N GLU I 290 -18.04 30.41 -35.15
CA GLU I 290 -19.23 31.19 -35.46
C GLU I 290 -20.48 30.32 -35.37
N ASN I 291 -20.37 29.03 -35.72
CA ASN I 291 -21.50 28.13 -35.57
C ASN I 291 -21.87 27.96 -34.11
N THR I 292 -20.88 27.73 -33.26
CA THR I 292 -21.12 27.60 -31.82
C THR I 292 -21.74 28.85 -31.23
N LEU I 293 -21.24 30.02 -31.64
CA LEU I 293 -21.76 31.28 -31.11
C LEU I 293 -23.24 31.45 -31.45
N HIS I 294 -23.62 31.12 -32.68
CA HIS I 294 -25.02 31.21 -33.08
C HIS I 294 -25.88 30.30 -32.22
N THR I 295 -25.41 29.08 -31.98
CA THR I 295 -26.16 28.14 -31.15
C THR I 295 -26.32 28.67 -29.74
N LEU I 296 -25.26 29.25 -29.19
CA LEU I 296 -25.33 29.83 -27.84
C LEU I 296 -26.34 30.96 -27.79
N LYS I 297 -26.37 31.79 -28.83
CA LYS I 297 -27.33 32.88 -28.89
C LYS I 297 -28.76 32.34 -28.96
N GLN I 298 -28.97 31.28 -29.74
CA GLN I 298 -30.30 30.70 -29.86
C GLN I 298 -30.76 30.06 -28.54
N ASP I 315 -11.26 31.73 -26.09
CA ASP I 315 -9.90 31.25 -26.23
C ASP I 315 -9.87 29.76 -25.92
N PRO I 316 -8.75 29.07 -26.12
CA PRO I 316 -8.67 27.67 -25.65
C PRO I 316 -8.95 27.51 -24.16
N ASP I 317 -8.90 28.61 -23.41
CA ASP I 317 -9.39 28.64 -22.05
C ASP I 317 -10.86 28.24 -21.99
N ALA I 318 -11.63 28.67 -22.98
CA ALA I 318 -13.09 28.50 -22.95
C ALA I 318 -13.55 27.07 -22.76
N PRO I 319 -13.33 26.15 -23.71
CA PRO I 319 -13.82 24.78 -23.49
C PRO I 319 -13.02 24.01 -22.46
N ILE I 320 -11.72 24.31 -22.32
CA ILE I 320 -10.93 23.66 -21.28
C ILE I 320 -11.58 23.87 -19.94
N ARG I 321 -12.04 25.09 -19.66
CA ARG I 321 -12.79 25.32 -18.44
C ARG I 321 -14.16 24.65 -18.51
N GLN I 322 -14.95 24.94 -19.54
CA GLN I 322 -16.31 24.42 -19.60
C GLN I 322 -16.37 23.31 -20.64
N LYS I 323 -16.62 22.09 -20.17
CA LYS I 323 -16.46 20.87 -20.96
C LYS I 323 -17.37 20.72 -22.19
N LEU I 324 -18.68 20.53 -21.97
CA LEU I 324 -19.59 20.00 -22.97
C LEU I 324 -19.95 20.96 -24.11
N PRO I 325 -19.94 22.28 -23.88
CA PRO I 325 -20.59 23.24 -24.79
C PRO I 325 -20.33 23.12 -26.30
N LEU I 326 -19.15 22.66 -26.71
CA LEU I 326 -18.65 22.87 -28.07
C LEU I 326 -19.61 22.39 -29.16
N ASP I 327 -19.54 23.02 -30.33
CA ASP I 327 -20.38 22.67 -31.47
C ASP I 327 -19.58 21.97 -32.57
N ASP I 328 -20.27 21.07 -33.28
CA ASP I 328 -19.58 20.12 -34.16
C ASP I 328 -19.11 20.78 -35.46
N LEU I 329 -19.88 21.74 -35.99
CA LEU I 329 -19.47 22.41 -37.22
C LEU I 329 -18.13 23.08 -37.03
N ASP I 330 -18.01 23.91 -36.00
CA ASP I 330 -16.75 24.54 -35.69
C ASP I 330 -15.70 23.52 -35.29
N ARG I 331 -16.11 22.44 -34.62
CA ARG I 331 -15.17 21.37 -34.27
C ARG I 331 -14.48 20.82 -35.51
N GLU I 332 -15.25 20.56 -36.57
CA GLU I 332 -14.69 20.02 -37.81
C GLU I 332 -13.85 21.07 -38.53
N ASP I 333 -14.35 22.32 -38.56
CA ASP I 333 -13.55 23.40 -39.12
C ASP I 333 -12.19 23.49 -38.44
N ASP I 334 -12.17 23.32 -37.11
CA ASP I 334 -10.92 23.39 -36.37
C ASP I 334 -10.06 22.17 -36.65
N ILE I 335 -10.67 21.01 -36.84
CA ILE I 335 -9.91 19.83 -37.22
C ILE I 335 -9.14 20.11 -38.50
N ARG I 336 -9.84 20.63 -39.52
CA ARG I 336 -9.19 20.89 -40.80
C ARG I 336 -8.14 22.00 -40.68
N LEU I 337 -8.45 23.05 -39.92
CA LEU I 337 -7.49 24.12 -39.71
C LEU I 337 -6.22 23.61 -39.03
N LEU I 338 -6.37 22.90 -37.91
CA LEU I 338 -5.21 22.37 -37.19
C LEU I 338 -4.43 21.38 -38.05
N LYS I 339 -5.12 20.60 -38.88
CA LYS I 339 -4.40 19.78 -39.86
C LYS I 339 -3.54 20.65 -40.75
N TYR I 340 -4.12 21.73 -41.28
CA TYR I 340 -3.36 22.67 -42.10
C TYR I 340 -2.16 23.21 -41.34
N LEU I 341 -2.35 23.49 -40.04
CA LEU I 341 -1.30 24.16 -39.28
C LEU I 341 -0.15 23.21 -38.98
N PHE I 342 -0.46 22.02 -38.49
CA PHE I 342 0.58 21.00 -38.36
C PHE I 342 1.31 20.80 -39.68
N THR I 343 0.58 20.77 -40.79
CA THR I 343 1.22 20.64 -42.09
C THR I 343 2.20 21.78 -42.34
N LEU I 344 1.71 23.02 -42.27
CA LEU I 344 2.53 24.16 -42.67
C LEU I 344 3.72 24.35 -41.74
N ILE I 345 3.53 24.14 -40.43
CA ILE I 345 4.60 24.41 -39.48
C ILE I 345 5.61 23.27 -39.46
N ARG I 346 5.13 22.01 -39.47
CA ARG I 346 6.05 20.88 -39.62
C ARG I 346 6.80 20.98 -40.94
N ALA I 347 6.24 21.71 -41.90
CA ALA I 347 7.01 22.13 -43.06
C ALA I 347 7.92 23.31 -42.75
N GLY I 348 7.62 24.08 -41.72
CA GLY I 348 8.46 25.20 -41.33
C GLY I 348 8.15 26.53 -41.96
N MET I 349 6.98 26.68 -42.57
CA MET I 349 6.54 27.96 -43.12
C MET I 349 5.88 28.81 -42.04
N THR I 350 6.66 29.21 -41.02
CA THR I 350 6.08 29.69 -39.77
C THR I 350 5.29 30.98 -39.94
N ASP I 351 5.86 31.96 -40.64
CA ASP I 351 5.14 33.22 -40.83
C ASP I 351 3.93 33.02 -41.73
N GLU I 352 3.96 32.02 -42.61
CA GLU I 352 2.78 31.70 -43.40
C GLU I 352 1.71 31.06 -42.54
N ALA I 353 2.11 30.18 -41.62
CA ALA I 353 1.15 29.60 -40.68
C ALA I 353 0.56 30.68 -39.81
N GLN I 354 1.37 31.66 -39.44
CA GLN I 354 0.85 32.80 -38.70
C GLN I 354 -0.11 33.62 -39.54
N ARG I 355 0.23 33.84 -40.82
CA ARG I 355 -0.69 34.52 -41.73
C ARG I 355 -2.03 33.81 -41.78
N LEU I 356 -2.01 32.49 -41.73
CA LEU I 356 -3.25 31.71 -41.65
C LEU I 356 -3.97 32.00 -40.33
N CYS I 357 -3.27 31.79 -39.21
CA CYS I 357 -3.86 32.00 -37.90
C CYS I 357 -4.43 33.40 -37.75
N LYS I 358 -3.95 34.33 -38.56
CA LYS I 358 -4.39 35.72 -38.46
C LYS I 358 -5.56 36.00 -39.39
N ARG I 359 -5.39 35.71 -40.69
CA ARG I 359 -6.45 35.94 -41.66
C ARG I 359 -7.71 35.17 -41.29
N CYS I 360 -7.55 34.05 -40.59
CA CYS I 360 -8.70 33.45 -39.93
C CYS I 360 -8.97 34.10 -38.58
N GLY I 361 -7.92 34.47 -37.84
CA GLY I 361 -8.06 35.03 -36.52
C GLY I 361 -8.41 34.03 -35.44
N GLN I 362 -7.51 33.10 -35.17
CA GLN I 362 -7.76 32.02 -34.21
C GLN I 362 -7.03 32.40 -32.93
N ALA I 363 -7.78 32.96 -31.97
CA ALA I 363 -7.20 33.50 -30.75
C ALA I 363 -6.16 32.56 -30.15
N TRP I 364 -6.53 31.29 -29.97
CA TRP I 364 -5.62 30.34 -29.34
C TRP I 364 -4.39 30.08 -30.21
N ARG I 365 -4.58 30.03 -31.52
CA ARG I 365 -3.44 29.88 -32.42
C ARG I 365 -2.47 31.04 -32.26
N ALA I 366 -2.95 32.26 -32.47
CA ALA I 366 -2.08 33.42 -32.35
C ALA I 366 -1.41 33.45 -30.99
N ALA I 367 -2.19 33.28 -29.92
CA ALA I 367 -1.64 33.40 -28.58
C ALA I 367 -0.56 32.36 -28.32
N THR I 368 -0.91 31.08 -28.42
CA THR I 368 0.06 30.01 -28.14
C THR I 368 1.33 30.11 -28.99
N LEU I 369 1.25 30.79 -30.13
CA LEU I 369 2.42 30.90 -31.01
C LEU I 369 2.69 32.35 -31.40
N GLU I 370 3.08 33.16 -30.42
CA GLU I 370 3.40 34.57 -30.70
C GLU I 370 4.75 34.98 -30.13
N GLY I 371 5.28 34.21 -29.19
CA GLY I 371 6.56 34.53 -28.57
C GLY I 371 7.71 34.51 -29.54
N TRP I 372 8.53 35.55 -29.52
CA TRP I 372 9.68 35.62 -30.43
C TRP I 372 10.68 34.51 -30.16
N LYS I 373 11.00 34.29 -28.89
CA LYS I 373 11.94 33.23 -28.53
C LYS I 373 11.34 32.30 -27.47
N TYR I 394 11.22 31.59 -16.26
CA TYR I 394 11.87 32.16 -17.42
C TYR I 394 11.42 31.55 -18.74
N ARG I 395 12.32 31.51 -19.72
CA ARG I 395 12.00 30.84 -20.99
C ARG I 395 11.86 29.37 -20.71
N CYS I 396 12.68 28.86 -19.80
CA CYS I 396 12.57 27.45 -19.41
C CYS I 396 11.20 27.23 -18.79
N VAL I 397 10.76 28.15 -17.94
CA VAL I 397 9.43 28.04 -17.35
C VAL I 397 8.38 27.98 -18.44
N TRP I 398 8.49 28.89 -19.42
CA TRP I 398 7.53 28.89 -20.53
C TRP I 398 7.50 27.56 -21.25
N LYS I 399 8.66 26.99 -21.54
CA LYS I 399 8.72 25.71 -22.25
C LYS I 399 8.12 24.58 -21.43
N THR I 400 8.38 24.57 -20.12
CA THR I 400 7.82 23.54 -19.25
C THR I 400 6.33 23.67 -19.25
N CYS I 401 5.84 24.91 -19.24
CA CYS I 401 4.42 25.16 -19.25
C CYS I 401 3.80 24.64 -20.53
N CYS I 402 4.48 24.87 -21.66
CA CYS I 402 3.99 24.36 -22.93
C CYS I 402 3.92 22.86 -22.90
N TRP I 403 4.95 22.22 -22.34
CA TRP I 403 4.96 20.78 -22.25
C TRP I 403 3.76 20.31 -21.45
N ARG I 404 3.51 20.95 -20.31
CA ARG I 404 2.38 20.57 -19.46
C ARG I 404 1.03 20.76 -20.16
N MET I 405 0.87 21.83 -20.93
CA MET I 405 -0.37 22.06 -21.66
C MET I 405 -0.57 21.03 -22.76
N ALA I 406 0.52 20.61 -23.40
CA ALA I 406 0.41 19.57 -24.41
C ALA I 406 0.01 18.29 -23.72
N GLU I 407 0.55 18.07 -22.52
CA GLU I 407 0.18 16.90 -21.76
C GLU I 407 -1.28 17.00 -21.42
N ASP I 408 -1.80 18.23 -21.23
CA ASP I 408 -3.20 18.27 -20.85
C ASP I 408 -4.11 17.70 -21.95
N GLU I 409 -5.30 17.26 -21.56
CA GLU I 409 -6.25 16.68 -22.50
C GLU I 409 -7.00 17.76 -23.26
N GLN I 410 -7.95 17.33 -24.10
CA GLN I 410 -9.02 18.12 -24.71
C GLN I 410 -8.58 19.05 -25.85
N PHE I 411 -7.30 19.12 -26.19
CA PHE I 411 -6.90 19.92 -27.36
C PHE I 411 -6.74 19.01 -28.57
N ASN I 412 -6.89 19.62 -29.76
CA ASN I 412 -7.01 18.85 -31.00
C ASN I 412 -5.75 18.04 -31.29
N LYS I 413 -5.83 17.21 -32.34
CA LYS I 413 -4.76 16.27 -32.63
C LYS I 413 -3.51 16.99 -33.12
N TYR I 414 -3.63 17.65 -34.28
CA TYR I 414 -2.48 18.31 -34.87
C TYR I 414 -1.99 19.46 -33.99
N GLU I 415 -2.91 20.16 -33.33
CA GLU I 415 -2.49 21.22 -32.41
C GLU I 415 -1.73 20.66 -31.22
N ARG I 416 -2.21 19.53 -30.68
CA ARG I 416 -1.51 18.88 -29.58
C ARG I 416 -0.09 18.51 -29.97
N ALA I 417 0.07 17.90 -31.14
CA ALA I 417 1.41 17.58 -31.61
C ALA I 417 2.24 18.83 -31.80
N ILE I 418 1.64 19.89 -32.36
CA ILE I 418 2.37 21.13 -32.60
C ILE I 418 2.91 21.69 -31.30
N TYR I 419 2.08 21.65 -30.25
CA TYR I 419 2.49 22.19 -28.96
C TYR I 419 3.57 21.33 -28.32
N ALA I 420 3.37 20.01 -28.30
CA ALA I 420 4.38 19.11 -27.76
C ALA I 420 5.72 19.34 -28.44
N THR I 421 5.70 19.46 -29.77
CA THR I 421 6.94 19.66 -30.51
C THR I 421 7.58 21.00 -30.18
N LEU I 422 6.82 22.10 -30.28
CA LEU I 422 7.38 23.40 -29.96
C LEU I 422 7.85 23.47 -28.51
N SER I 423 7.40 22.52 -27.69
CA SER I 423 7.83 22.44 -26.30
C SER I 423 9.08 21.58 -26.11
N GLY I 424 9.30 20.58 -26.95
CA GLY I 424 10.39 19.65 -26.74
C GLY I 424 9.94 18.31 -26.21
N ASN I 425 8.74 17.87 -26.56
CA ASN I 425 8.20 16.57 -26.20
C ASN I 425 7.40 16.04 -27.39
N LEU I 426 7.11 14.75 -27.40
CA LEU I 426 6.36 14.20 -28.52
C LEU I 426 4.99 13.71 -28.08
N LYS I 427 3.97 14.25 -28.73
CA LYS I 427 2.65 13.65 -28.78
C LYS I 427 2.68 12.62 -29.90
N GLN I 428 1.51 12.10 -30.27
CA GLN I 428 1.48 11.11 -31.34
C GLN I 428 0.43 11.45 -32.39
N LEU I 429 -0.56 12.27 -32.02
CA LEU I 429 -1.75 12.44 -32.87
C LEU I 429 -1.37 12.78 -34.31
N LEU I 430 -0.81 13.96 -34.53
CA LEU I 430 -0.18 14.22 -35.83
C LEU I 430 1.14 13.48 -35.97
N PRO I 431 1.95 13.33 -34.92
CA PRO I 431 3.17 12.50 -35.04
C PRO I 431 2.87 11.03 -35.28
N VAL I 432 1.61 10.65 -35.43
CA VAL I 432 1.29 9.37 -36.04
C VAL I 432 1.66 9.40 -37.52
N CYS I 433 1.79 10.59 -38.10
CA CYS I 433 2.03 10.76 -39.52
C CYS I 433 3.43 11.27 -39.84
N GLU I 434 4.46 10.77 -39.15
CA GLU I 434 5.82 11.23 -39.33
C GLU I 434 6.60 10.26 -40.21
N SER I 435 7.11 10.75 -41.32
CA SER I 435 7.94 9.97 -42.23
C SER I 435 9.27 9.66 -41.56
N TRP I 436 10.07 8.79 -42.19
CA TRP I 436 11.41 8.54 -41.69
C TRP I 436 12.17 9.85 -41.54
N GLU I 437 12.02 10.74 -42.52
CA GLU I 437 12.66 12.06 -42.44
C GLU I 437 11.92 12.99 -41.49
N ASP I 438 10.60 12.83 -41.37
CA ASP I 438 9.85 13.63 -40.42
C ASP I 438 10.16 13.22 -38.98
N THR I 439 10.11 11.91 -38.70
CA THR I 439 10.49 11.44 -37.37
C THR I 439 11.99 11.63 -37.13
N VAL I 440 12.77 11.71 -38.21
CA VAL I 440 14.17 12.08 -38.09
C VAL I 440 14.28 13.54 -37.62
N TRP I 441 13.50 14.43 -38.22
CA TRP I 441 13.43 15.80 -37.75
C TRP I 441 13.04 15.83 -36.28
N ALA I 442 12.08 14.97 -35.92
CA ALA I 442 11.64 14.90 -34.54
C ALA I 442 12.79 14.53 -33.61
N HIS I 443 13.46 13.41 -33.89
CA HIS I 443 14.46 12.89 -32.97
C HIS I 443 15.72 13.76 -32.96
N PHE I 444 16.09 14.31 -34.12
CA PHE I 444 17.22 15.24 -34.17
C PHE I 444 16.92 16.54 -33.42
N LYS I 445 15.71 17.09 -33.59
CA LYS I 445 15.32 18.26 -32.83
C LYS I 445 15.28 17.94 -31.35
N VAL I 446 14.95 16.69 -31.00
CA VAL I 446 14.95 16.30 -29.59
C VAL I 446 16.37 16.32 -29.03
N MET I 447 17.31 15.69 -29.74
CA MET I 447 18.71 15.73 -29.32
C MET I 447 19.19 17.16 -29.18
N VAL I 448 18.84 18.01 -30.15
CA VAL I 448 19.35 19.38 -30.16
C VAL I 448 18.74 20.19 -29.03
N ASP I 449 17.44 20.02 -28.78
CA ASP I 449 16.80 20.75 -27.69
C ASP I 449 17.32 20.29 -26.34
N SER I 450 17.57 18.98 -26.19
CA SER I 450 18.09 18.49 -24.92
C SER I 450 19.49 19.01 -24.66
N LEU I 451 20.35 18.98 -25.67
CA LEU I 451 21.67 19.56 -25.54
C LEU I 451 21.60 21.07 -25.34
N VAL I 452 20.56 21.71 -25.87
CA VAL I 452 20.38 23.15 -25.68
C VAL I 452 20.05 23.46 -24.23
N GLU I 453 19.15 22.67 -23.65
CA GLU I 453 18.78 22.88 -22.26
C GLU I 453 19.96 22.59 -21.33
N GLN I 454 20.67 21.48 -21.56
CA GLN I 454 21.87 21.21 -20.78
C GLN I 454 22.91 22.30 -21.00
N GLU I 455 22.92 22.90 -22.19
CA GLU I 455 23.84 23.98 -22.49
C GLU I 455 23.54 25.22 -21.65
N ILE I 456 22.26 25.60 -21.56
CA ILE I 456 21.89 26.75 -20.74
C ILE I 456 22.14 26.45 -19.26
N ARG I 457 21.80 25.24 -18.81
CA ARG I 457 22.05 24.85 -17.43
C ARG I 457 23.53 24.96 -17.09
N ALA I 458 24.40 24.54 -18.01
CA ALA I 458 25.83 24.76 -17.81
C ALA I 458 26.16 26.25 -17.85
N SER I 459 25.70 26.94 -18.88
CA SER I 459 25.63 28.39 -18.92
C SER I 459 24.48 28.91 -18.06
N ILE I 460 24.59 28.72 -16.75
CA ILE I 460 23.60 28.82 -15.68
C ILE I 460 22.67 30.02 -15.81
N ILE I 461 22.88 30.86 -16.81
CA ILE I 461 22.14 32.11 -17.00
C ILE I 461 20.65 31.94 -16.68
N SER I 462 20.08 30.75 -16.92
CA SER I 462 18.67 30.53 -16.65
C SER I 462 18.41 30.33 -15.16
N PHE I 463 17.18 30.64 -14.72
CA PHE I 463 16.84 30.67 -13.30
C PHE I 463 16.33 29.31 -12.82
N ASN I 464 16.43 29.10 -11.50
CA ASN I 464 16.04 27.82 -10.91
C ASN I 464 14.55 27.57 -11.02
N GLU I 465 13.73 28.53 -10.57
CA GLU I 465 12.28 28.38 -10.60
C GLU I 465 11.76 28.23 -12.02
N ALA I 466 12.63 28.39 -13.03
CA ALA I 466 12.21 28.20 -14.42
C ALA I 466 12.05 26.73 -14.78
N ASN I 467 12.93 25.86 -14.28
CA ASN I 467 12.78 24.42 -14.43
C ASN I 467 11.83 23.89 -13.34
N GLU I 468 10.59 24.35 -13.44
CA GLU I 468 9.61 24.07 -12.38
C GLU I 468 9.23 22.60 -12.33
N LEU I 469 9.27 21.92 -13.47
CA LEU I 469 8.98 20.49 -13.54
C LEU I 469 10.17 19.78 -14.16
N PRO I 470 11.24 19.57 -13.40
CA PRO I 470 12.50 19.11 -14.00
C PRO I 470 12.37 17.84 -14.84
N ARG I 471 11.77 16.79 -14.27
CA ARG I 471 11.76 15.51 -14.98
C ARG I 471 10.83 15.50 -16.18
N GLU I 472 9.71 16.22 -16.12
CA GLU I 472 8.70 16.18 -17.16
C GLU I 472 9.20 16.69 -18.50
N TYR I 473 10.36 17.34 -18.52
CA TYR I 473 11.08 17.65 -19.73
C TYR I 473 12.32 16.76 -19.79
N LEU I 474 12.63 16.24 -20.98
CA LEU I 474 13.79 15.38 -21.15
C LEU I 474 15.01 16.26 -21.39
N GLU I 475 15.79 16.50 -20.32
CA GLU I 475 16.98 17.34 -20.46
C GLU I 475 18.11 16.59 -21.15
N ALA I 476 18.19 15.28 -20.92
CA ALA I 476 19.27 14.49 -21.49
C ALA I 476 19.04 14.25 -22.97
N ASN I 477 20.13 14.13 -23.72
CA ASN I 477 20.08 14.09 -25.18
C ASN I 477 20.43 12.71 -25.68
N TRP I 478 19.88 12.36 -26.83
CA TRP I 478 20.28 11.17 -27.55
C TRP I 478 21.37 11.51 -28.56
N THR I 479 22.30 10.57 -28.74
CA THR I 479 23.40 10.77 -29.67
C THR I 479 22.99 10.31 -31.06
N LEU I 480 23.73 10.80 -32.07
CA LEU I 480 23.30 10.67 -33.47
C LEU I 480 23.00 9.22 -33.84
N ASP I 481 23.81 8.29 -33.32
CA ASP I 481 23.63 6.88 -33.66
C ASP I 481 22.33 6.34 -33.06
N SER I 482 21.98 6.78 -31.85
CA SER I 482 20.74 6.33 -31.24
C SER I 482 19.53 6.98 -31.90
N VAL I 483 19.66 8.25 -32.30
CA VAL I 483 18.61 8.90 -33.09
C VAL I 483 18.34 8.08 -34.35
N PHE I 484 19.40 7.68 -35.04
CA PHE I 484 19.24 6.90 -36.25
C PHE I 484 18.63 5.52 -35.96
N GLU I 485 19.09 4.86 -34.88
CA GLU I 485 18.56 3.55 -34.53
C GLU I 485 17.06 3.62 -34.21
N GLU I 486 16.66 4.64 -33.46
CA GLU I 486 15.25 4.80 -33.13
C GLU I 486 14.42 5.15 -34.36
N LEU I 487 14.93 6.05 -35.21
CA LEU I 487 14.20 6.44 -36.42
C LEU I 487 14.10 5.27 -37.40
N GLN I 488 15.06 4.35 -37.35
CA GLN I 488 15.02 3.19 -38.24
C GLN I 488 14.13 2.09 -37.67
N ALA I 489 14.16 1.90 -36.35
CA ALA I 489 13.36 0.84 -35.75
C ALA I 489 11.88 1.14 -35.90
N THR I 490 11.17 0.23 -36.56
CA THR I 490 9.77 0.41 -36.85
C THR I 490 8.92 0.00 -35.66
N ASP I 491 7.72 0.60 -35.58
CA ASP I 491 6.79 0.29 -34.51
C ASP I 491 6.41 -1.18 -34.48
N LYS I 492 6.64 -1.91 -35.57
CA LYS I 492 6.42 -3.35 -35.61
C LYS I 492 7.66 -4.13 -35.21
N LYS I 493 8.59 -3.49 -34.47
CA LYS I 493 9.85 -4.11 -34.07
C LYS I 493 10.60 -4.66 -35.27
N ARG I 494 10.65 -3.86 -36.34
CA ARG I 494 11.16 -4.29 -37.63
C ARG I 494 12.20 -3.31 -38.15
N VAL I 495 12.72 -3.61 -39.34
CA VAL I 495 13.54 -2.65 -40.07
C VAL I 495 12.64 -1.84 -40.99
N LEU I 496 12.89 -0.53 -41.04
CA LEU I 496 11.97 0.37 -41.74
C LEU I 496 12.11 0.21 -43.25
N GLU I 497 10.99 0.36 -43.96
CA GLU I 497 11.03 0.29 -45.42
C GLU I 497 11.78 1.48 -46.01
N GLU I 498 11.42 2.70 -45.60
CA GLU I 498 12.16 3.88 -46.02
C GLU I 498 13.62 3.76 -45.60
N ASN I 499 13.91 2.93 -44.59
CA ASN I 499 15.29 2.68 -44.20
C ASN I 499 15.99 1.74 -45.18
N ARG I 500 15.30 0.67 -45.58
CA ARG I 500 15.88 -0.27 -46.52
C ARG I 500 16.01 0.32 -47.93
N GLU I 501 15.28 1.40 -48.22
CA GLU I 501 15.48 2.11 -49.48
C GLU I 501 16.89 2.68 -49.52
N HIS I 502 17.48 2.68 -50.72
CA HIS I 502 18.91 2.92 -50.82
C HIS I 502 19.24 4.41 -50.94
N TYR I 503 18.54 5.12 -51.83
CA TYR I 503 18.83 6.53 -52.04
C TYR I 503 18.67 7.34 -50.76
N HIS I 504 17.62 7.06 -50.00
CA HIS I 504 17.51 7.60 -48.66
C HIS I 504 18.68 7.13 -47.78
N ILE I 505 19.00 5.84 -47.83
CA ILE I 505 20.12 5.32 -47.05
C ILE I 505 21.41 5.98 -47.50
N ILE I 506 21.53 6.27 -48.80
CA ILE I 506 22.76 6.88 -49.31
C ILE I 506 22.90 8.30 -48.76
N GLN I 507 21.89 9.14 -48.95
CA GLN I 507 21.94 10.49 -48.38
C GLN I 507 22.12 10.42 -46.86
N LYS I 508 21.59 9.36 -46.24
CA LYS I 508 21.69 9.21 -44.79
C LYS I 508 23.13 8.97 -44.37
N PHE I 509 23.84 8.09 -45.06
CA PHE I 509 25.24 7.87 -44.75
C PHE I 509 26.07 9.09 -45.10
N VAL I 510 25.65 9.83 -46.13
CA VAL I 510 26.37 11.04 -46.53
C VAL I 510 26.27 12.10 -45.45
N ILE I 511 25.08 12.23 -44.84
CA ILE I 511 24.91 13.18 -43.74
C ILE I 511 25.60 12.65 -42.49
N LEU I 512 25.34 11.39 -42.13
CA LEU I 512 25.88 10.79 -40.91
C LEU I 512 27.40 10.69 -40.94
N ALA I 513 28.01 10.89 -42.12
CA ALA I 513 29.45 10.94 -42.27
C ALA I 513 30.07 9.56 -42.12
N ASP I 514 29.23 8.52 -42.08
CA ASP I 514 29.69 7.13 -42.22
C ASP I 514 29.38 6.69 -43.64
N VAL I 515 30.13 7.26 -44.60
CA VAL I 515 29.74 7.14 -46.00
C VAL I 515 30.74 6.30 -46.79
N ASP I 516 32.02 6.33 -46.42
CA ASP I 516 32.99 5.50 -47.13
C ASP I 516 32.71 4.02 -46.90
N GLY I 517 32.31 3.67 -45.69
CA GLY I 517 31.85 2.33 -45.40
C GLY I 517 30.72 1.91 -46.32
N LEU I 518 29.75 2.79 -46.52
CA LEU I 518 28.62 2.45 -47.40
C LEU I 518 29.06 2.33 -48.85
N MET I 519 30.02 3.16 -49.27
CA MET I 519 30.57 3.01 -50.62
C MET I 519 31.19 1.64 -50.79
N ASP I 520 31.96 1.20 -49.80
CA ASP I 520 32.55 -0.14 -49.85
C ASP I 520 31.46 -1.20 -49.83
N GLU I 521 30.40 -0.95 -49.07
CA GLU I 521 29.29 -1.91 -49.00
C GLU I 521 28.62 -2.07 -50.36
N PHE I 522 28.44 -0.98 -51.09
CA PHE I 522 27.80 -1.07 -52.40
C PHE I 522 28.72 -1.70 -53.44
N SER I 523 30.01 -1.36 -53.39
CA SER I 523 30.97 -1.94 -54.33
C SER I 523 31.12 -3.44 -54.09
N GLU I 524 31.09 -3.87 -52.83
CA GLU I 524 31.11 -5.30 -52.52
C GLU I 524 29.73 -5.92 -52.74
N TRP I 525 28.68 -5.10 -52.76
CA TRP I 525 27.34 -5.59 -53.04
C TRP I 525 27.20 -6.00 -54.49
N LEU I 526 27.72 -5.19 -55.40
CA LEU I 526 27.79 -5.60 -56.80
C LEU I 526 28.51 -6.95 -56.94
N SER I 527 29.55 -7.15 -56.14
CA SER I 527 30.39 -8.35 -56.29
C SER I 527 29.77 -9.56 -55.64
N ASN I 528 28.99 -9.38 -54.58
CA ASN I 528 28.34 -10.50 -53.89
C ASN I 528 26.94 -10.78 -54.42
N GLY I 529 26.43 -9.94 -55.33
CA GLY I 529 25.12 -10.17 -55.89
C GLY I 529 24.05 -9.21 -55.41
N LYS I 530 24.41 -7.93 -55.22
CA LYS I 530 23.48 -6.90 -54.83
C LYS I 530 23.68 -5.65 -55.69
N ASN I 531 22.62 -4.86 -55.80
CA ASN I 531 22.61 -3.60 -56.56
C ASN I 531 22.76 -3.84 -58.06
N LEU I 532 22.79 -5.12 -58.47
CA LEU I 532 22.93 -5.43 -59.89
C LEU I 532 21.72 -4.98 -60.70
N LEU I 533 20.51 -5.32 -60.25
CA LEU I 533 19.32 -5.17 -61.08
C LEU I 533 18.99 -3.71 -61.35
N LEU I 534 19.29 -2.83 -60.40
CA LEU I 534 18.80 -1.45 -60.42
C LEU I 534 19.46 -0.69 -61.57
N GLY I 535 18.64 -0.11 -62.43
CA GLY I 535 19.18 0.57 -63.60
C GLY I 535 19.88 1.87 -63.27
N HIS I 536 19.61 2.42 -62.09
CA HIS I 536 20.17 3.71 -61.74
C HIS I 536 21.31 3.56 -60.73
N LEU I 537 21.11 2.74 -59.70
CA LEU I 537 21.97 2.78 -58.52
C LEU I 537 23.46 2.70 -58.89
N LEU I 538 23.79 2.00 -59.97
CA LEU I 538 25.17 1.95 -60.42
C LEU I 538 25.66 3.33 -60.87
N ARG I 539 24.98 3.95 -61.84
CA ARG I 539 25.35 5.28 -62.29
C ARG I 539 25.29 6.29 -61.15
N PHE I 540 24.35 6.10 -60.25
CA PHE I 540 24.25 6.95 -59.07
C PHE I 540 25.53 6.85 -58.23
N MET I 541 25.98 5.63 -57.94
CA MET I 541 27.22 5.46 -57.21
C MET I 541 28.37 6.10 -57.96
N THR I 542 28.37 5.97 -59.29
CA THR I 542 29.41 6.57 -60.10
C THR I 542 29.48 8.07 -59.89
N HIS I 543 28.37 8.77 -60.15
CA HIS I 543 28.35 10.23 -60.06
C HIS I 543 28.59 10.71 -58.64
N LEU I 544 28.11 9.96 -57.65
CA LEU I 544 28.31 10.34 -56.25
C LEU I 544 29.78 10.23 -55.87
N LEU I 545 30.42 9.09 -56.18
CA LEU I 545 31.85 8.97 -55.91
C LEU I 545 32.64 9.97 -56.73
N LEU I 546 32.15 10.33 -57.91
CA LEU I 546 32.80 11.36 -58.70
C LEU I 546 32.83 12.68 -57.94
N PHE I 547 31.68 13.13 -57.44
CA PHE I 547 31.67 14.36 -56.67
C PHE I 547 32.54 14.24 -55.42
N PHE I 548 32.38 13.14 -54.67
CA PHE I 548 33.11 12.96 -53.42
C PHE I 548 34.61 13.04 -53.63
N ARG I 549 35.14 12.18 -54.52
CA ARG I 549 36.57 12.18 -54.76
C ARG I 549 37.04 13.47 -55.41
N THR I 550 36.44 13.87 -56.54
CA THR I 550 36.92 15.04 -57.27
C THR I 550 36.93 16.29 -56.40
N LEU I 551 36.03 16.38 -55.43
CA LEU I 551 36.11 17.48 -54.47
C LEU I 551 37.19 17.21 -53.43
N GLY I 552 37.30 15.97 -52.97
CA GLY I 552 38.29 15.62 -51.96
C GLY I 552 38.65 14.15 -51.98
N LEU I 553 39.94 13.84 -51.90
CA LEU I 553 40.39 12.45 -52.01
C LEU I 553 40.08 11.66 -50.75
N GLN I 554 38.88 11.06 -50.70
CA GLN I 554 38.51 10.21 -49.58
C GLN I 554 38.29 8.77 -50.03
N ALA I 555 37.39 8.57 -50.98
CA ALA I 555 37.10 7.23 -51.49
C ALA I 555 38.24 6.75 -52.35
N LYS I 556 38.62 5.48 -52.17
CA LYS I 556 39.84 4.98 -52.78
C LYS I 556 39.64 4.63 -54.25
N GLU I 557 40.76 4.64 -55.00
CA GLU I 557 40.72 4.39 -56.43
C GLU I 557 40.33 2.95 -56.74
N GLU I 558 40.52 2.02 -55.80
CA GLU I 558 40.09 0.65 -56.04
C GLU I 558 38.57 0.56 -56.20
N VAL I 559 37.84 1.05 -55.20
CA VAL I 559 36.40 1.15 -55.29
C VAL I 559 36.02 1.98 -56.52
N SER I 560 36.73 3.08 -56.73
CA SER I 560 36.43 3.94 -57.88
C SER I 560 36.48 3.14 -59.19
N VAL I 561 37.51 2.34 -59.37
CA VAL I 561 37.70 1.64 -60.64
C VAL I 561 36.65 0.56 -60.82
N GLU I 562 36.37 -0.20 -59.74
CA GLU I 562 35.34 -1.25 -59.86
C GLU I 562 33.99 -0.65 -60.27
N VAL I 563 33.57 0.40 -59.56
CA VAL I 563 32.28 1.03 -59.86
C VAL I 563 32.28 1.60 -61.27
N LEU I 564 33.34 2.34 -61.63
CA LEU I 564 33.40 2.98 -62.93
C LEU I 564 33.39 1.95 -64.06
N LYS I 565 34.05 0.80 -63.85
CA LYS I 565 34.12 -0.20 -64.91
C LYS I 565 32.78 -0.91 -65.09
N THR I 566 32.11 -1.27 -63.98
CA THR I 566 30.79 -1.85 -64.13
C THR I 566 29.83 -0.89 -64.81
N TYR I 567 29.84 0.38 -64.39
CA TYR I 567 29.00 1.39 -65.02
C TYR I 567 29.39 1.58 -66.47
N ILE I 568 30.68 1.48 -66.79
CA ILE I 568 31.14 1.66 -68.16
C ILE I 568 30.60 0.55 -69.05
N GLN I 569 30.63 -0.69 -68.56
CA GLN I 569 30.10 -1.80 -69.35
C GLN I 569 28.60 -1.66 -69.55
N ARG I 570 27.88 -1.32 -68.48
CA ARG I 570 26.43 -1.14 -68.58
C ARG I 570 26.08 -0.03 -69.56
N LEU I 571 26.70 1.14 -69.43
CA LEU I 571 26.36 2.27 -70.29
C LEU I 571 26.84 2.05 -71.72
N ILE I 572 27.95 1.34 -71.91
CA ILE I 572 28.37 0.95 -73.24
C ILE I 572 27.29 0.11 -73.91
N ASN I 573 26.80 -0.90 -73.19
CA ASN I 573 25.60 -1.59 -73.66
C ASN I 573 24.48 -0.61 -73.94
N GLU I 574 24.39 0.46 -73.14
CA GLU I 574 23.34 1.45 -73.27
C GLU I 574 23.62 2.47 -74.37
N LYS I 575 24.69 2.28 -75.13
CA LYS I 575 25.00 3.13 -76.30
C LYS I 575 25.30 4.57 -75.92
N GLN I 576 25.67 4.80 -74.65
CA GLN I 576 26.27 6.07 -74.24
C GLN I 576 27.79 5.95 -74.38
N ILE I 577 28.19 5.48 -75.56
CA ILE I 577 29.54 4.97 -75.75
C ILE I 577 30.57 6.06 -75.52
N GLU I 578 30.30 7.28 -75.97
CA GLU I 578 31.28 8.36 -75.87
C GLU I 578 31.63 8.66 -74.42
N LEU I 579 30.77 8.26 -73.48
CA LEU I 579 31.04 8.57 -72.07
C LEU I 579 31.42 7.32 -71.28
N ILE I 580 30.75 6.20 -71.53
CA ILE I 580 31.16 4.95 -70.90
C ILE I 580 32.60 4.62 -71.28
N ALA I 581 32.98 4.90 -72.52
CA ALA I 581 34.38 4.69 -72.93
C ALA I 581 35.31 5.64 -72.19
N PHE I 582 34.85 6.87 -71.92
CA PHE I 582 35.67 7.79 -71.15
C PHE I 582 35.90 7.29 -69.72
N TYR I 583 34.84 6.82 -69.06
CA TYR I 583 35.00 6.27 -67.72
C TYR I 583 35.86 5.02 -67.74
N VAL I 584 35.70 4.20 -68.79
CA VAL I 584 36.62 3.10 -69.00
C VAL I 584 38.06 3.61 -68.99
N SER I 585 38.35 4.61 -69.83
CA SER I 585 39.71 5.16 -69.89
C SER I 585 40.14 5.71 -68.54
N HIS I 586 39.19 6.12 -67.71
CA HIS I 586 39.52 6.46 -66.33
C HIS I 586 39.91 5.21 -65.55
N LEU I 587 39.44 4.06 -65.98
CA LEU I 587 39.94 2.81 -65.42
C LEU I 587 41.12 2.30 -66.23
N PRO I 588 42.28 1.99 -65.63
CA PRO I 588 43.49 1.87 -66.44
C PRO I 588 43.57 0.64 -67.33
N GLN I 589 43.18 -0.54 -66.83
CA GLN I 589 43.51 -1.80 -67.53
C GLN I 589 42.62 -2.04 -68.75
N GLU I 590 41.41 -1.47 -68.77
CA GLU I 590 40.44 -1.75 -69.83
C GLU I 590 40.46 -0.71 -70.94
N LEU I 591 41.49 0.14 -70.99
CA LEU I 591 41.60 1.12 -72.05
C LEU I 591 41.70 0.44 -73.42
N ALA I 592 42.16 -0.80 -73.44
CA ALA I 592 42.21 -1.58 -74.67
C ALA I 592 40.84 -2.15 -75.03
N ILE I 593 40.15 -2.73 -74.05
CA ILE I 593 38.86 -3.36 -74.32
C ILE I 593 37.83 -2.31 -74.76
N SER I 594 37.95 -1.08 -74.24
CA SER I 594 37.01 -0.04 -74.64
C SER I 594 37.20 0.35 -76.11
N GLN I 595 38.45 0.57 -76.52
CA GLN I 595 38.72 0.86 -77.92
C GLN I 595 38.33 -0.32 -78.80
N TYR I 596 38.49 -1.54 -78.30
CA TYR I 596 38.07 -2.71 -79.04
C TYR I 596 36.57 -2.69 -79.28
N ALA I 597 35.78 -2.46 -78.24
CA ALA I 597 34.33 -2.35 -78.40
C ALA I 597 33.97 -1.30 -79.44
N VAL I 598 34.53 -0.09 -79.28
CA VAL I 598 34.17 1.01 -80.17
C VAL I 598 34.51 0.67 -81.61
N PHE I 599 35.72 0.17 -81.86
CA PHE I 599 36.16 -0.08 -83.23
C PHE I 599 35.41 -1.25 -83.85
N LEU I 600 35.25 -2.35 -83.11
CA LEU I 600 34.55 -3.52 -83.65
C LEU I 600 33.07 -3.23 -83.87
N GLU I 601 32.52 -2.25 -83.13
CA GLU I 601 31.15 -1.83 -83.37
C GLU I 601 31.05 -0.93 -84.59
N ASN I 602 32.00 0.01 -84.75
CA ASN I 602 31.91 0.98 -85.82
C ASN I 602 32.37 0.42 -87.16
N ILE I 603 33.64 0.04 -87.26
CA ILE I 603 34.33 -0.07 -88.55
C ILE I 603 33.56 -0.94 -89.53
N THR I 604 32.85 -1.96 -89.04
CA THR I 604 32.07 -2.81 -89.92
C THR I 604 31.09 -2.01 -90.75
N ASP I 605 30.39 -1.06 -90.11
CA ASP I 605 29.52 -0.11 -90.80
C ASP I 605 29.48 1.15 -89.96
N PRO I 606 30.56 1.93 -89.97
CA PRO I 606 30.63 3.10 -89.08
C PRO I 606 29.55 4.13 -89.35
N ASP I 607 28.72 3.91 -90.36
CA ASP I 607 27.87 4.95 -90.93
C ASP I 607 28.72 6.18 -91.22
N GLN I 608 29.94 5.92 -91.67
CA GLN I 608 30.89 6.99 -91.93
C GLN I 608 30.35 7.91 -93.01
N ARG I 609 29.72 8.99 -92.58
CA ARG I 609 29.24 10.03 -93.48
C ARG I 609 29.89 11.34 -93.04
N GLN I 610 29.92 12.30 -93.95
CA GLN I 610 30.73 13.50 -93.76
C GLN I 610 30.10 14.34 -92.65
N ARG I 611 30.24 13.85 -91.43
CA ARG I 611 29.70 14.52 -90.25
C ARG I 611 30.30 13.88 -89.00
N CYS I 612 29.98 14.48 -87.86
CA CYS I 612 30.35 13.97 -86.53
C CYS I 612 31.85 13.97 -86.30
N LEU I 613 32.56 14.86 -87.00
CA LEU I 613 33.95 15.25 -86.71
C LEU I 613 34.82 14.08 -86.24
N GLU I 614 34.73 12.95 -86.92
CA GLU I 614 35.61 11.81 -86.68
C GLU I 614 35.47 11.27 -85.25
N LEU I 615 34.23 11.19 -84.76
CA LEU I 615 33.88 10.56 -83.48
C LEU I 615 34.89 10.86 -82.39
N ALA I 616 35.39 12.08 -82.34
CA ALA I 616 36.34 12.55 -81.32
C ALA I 616 37.51 11.58 -81.13
N LYS I 617 37.96 10.95 -82.22
CA LYS I 617 39.19 10.16 -82.25
C LYS I 617 39.18 9.01 -81.25
N GLU I 618 38.07 8.24 -81.25
CA GLU I 618 37.89 7.09 -80.37
C GLU I 618 38.02 7.49 -78.90
N ALA I 619 37.20 8.45 -78.50
CA ALA I 619 37.22 9.03 -77.16
C ALA I 619 38.61 9.54 -76.79
N GLY I 620 39.27 10.16 -77.76
CA GLY I 620 40.58 10.75 -77.53
C GLY I 620 41.64 9.71 -77.24
N LEU I 621 41.75 8.71 -78.11
CA LEU I 621 42.64 7.57 -77.91
C LEU I 621 42.41 6.95 -76.54
N ASP I 622 41.15 6.55 -76.32
CA ASP I 622 40.69 6.04 -75.03
C ASP I 622 40.92 7.07 -73.94
N THR I 627 43.47 2.73 -76.37
CA THR I 627 43.43 2.75 -77.83
C THR I 627 44.83 2.82 -78.41
N LYS I 628 45.76 2.09 -77.82
CA LYS I 628 47.12 2.07 -78.33
C LYS I 628 47.40 0.77 -79.10
N THR I 629 48.21 0.90 -80.15
CA THR I 629 48.56 -0.17 -81.08
C THR I 629 49.08 -1.37 -80.28
N VAL I 630 49.89 -1.17 -79.23
CA VAL I 630 50.41 -2.30 -78.47
C VAL I 630 49.27 -3.16 -77.93
N VAL I 631 48.40 -2.57 -77.11
CA VAL I 631 47.34 -3.33 -76.48
C VAL I 631 46.27 -3.74 -77.51
N GLU I 632 46.04 -2.89 -78.52
CA GLU I 632 45.04 -3.23 -79.54
C GLU I 632 45.47 -4.46 -80.33
N ASN I 633 46.67 -4.44 -80.90
CA ASN I 633 47.22 -5.62 -81.56
C ASN I 633 47.33 -6.79 -80.60
N THR I 634 47.53 -6.51 -79.31
CA THR I 634 47.53 -7.58 -78.32
C THR I 634 46.19 -8.30 -78.28
N ARG I 635 45.10 -7.53 -78.22
CA ARG I 635 43.78 -8.13 -78.19
C ARG I 635 43.45 -8.81 -79.50
N LYS I 636 43.88 -8.23 -80.62
CA LYS I 636 43.64 -8.85 -81.92
C LYS I 636 44.36 -10.19 -82.05
N LYS I 637 45.61 -10.26 -81.57
CA LYS I 637 46.34 -11.51 -81.57
C LYS I 637 45.72 -12.51 -80.61
N ASP I 638 45.20 -12.03 -79.48
CA ASP I 638 44.54 -12.93 -78.53
C ASP I 638 43.27 -13.54 -79.14
N ALA I 639 42.51 -12.74 -79.89
CA ALA I 639 41.23 -13.23 -80.40
C ALA I 639 41.41 -14.08 -81.65
N GLY I 640 42.38 -13.74 -82.50
CA GLY I 640 42.45 -14.38 -83.81
C GLY I 640 42.83 -15.84 -83.76
N GLU I 641 43.58 -16.25 -82.74
CA GLU I 641 44.16 -17.59 -82.76
C GLU I 641 43.86 -18.39 -81.49
N PHE I 642 43.79 -17.73 -80.33
CA PHE I 642 43.60 -18.45 -79.08
C PHE I 642 42.31 -19.26 -79.08
N ALA I 643 41.17 -18.58 -79.17
CA ALA I 643 39.85 -19.21 -79.19
C ALA I 643 39.76 -20.37 -78.19
N HIS I 644 40.01 -20.06 -76.92
CA HIS I 644 40.28 -21.03 -75.84
C HIS I 644 39.29 -22.19 -75.93
N HIS I 645 37.99 -21.97 -75.73
CA HIS I 645 37.05 -23.09 -75.71
C HIS I 645 37.00 -23.79 -77.07
N ASP I 646 36.57 -23.08 -78.11
CA ASP I 646 36.38 -23.67 -79.43
C ASP I 646 37.14 -22.85 -80.47
N PHE I 647 38.11 -23.49 -81.12
CA PHE I 647 38.80 -22.92 -82.27
C PHE I 647 38.45 -23.76 -83.47
N ALA I 648 38.11 -23.11 -84.58
CA ALA I 648 37.59 -23.84 -85.72
C ALA I 648 38.71 -24.67 -86.36
N PRO I 649 38.43 -25.92 -86.74
CA PRO I 649 39.45 -26.69 -87.47
C PRO I 649 39.85 -26.05 -88.78
N ALA I 650 38.93 -25.35 -89.42
CA ALA I 650 39.22 -24.48 -90.56
C ALA I 650 39.15 -23.03 -90.09
N LEU I 651 40.26 -22.30 -90.21
CA LEU I 651 40.25 -20.90 -89.85
C LEU I 651 39.27 -20.17 -90.77
N ASP I 652 38.13 -19.78 -90.20
CA ASP I 652 36.96 -19.43 -91.00
C ASP I 652 36.98 -17.92 -91.27
N SER I 653 37.68 -17.54 -92.33
CA SER I 653 37.86 -16.13 -92.69
C SER I 653 38.56 -15.41 -91.54
N GLY I 654 39.10 -16.14 -90.58
CA GLY I 654 39.80 -15.52 -89.48
C GLY I 654 41.02 -14.73 -89.93
N THR I 655 41.86 -15.36 -90.74
CA THR I 655 43.02 -14.65 -91.28
C THR I 655 42.59 -13.55 -92.24
N SER I 656 41.49 -13.76 -92.97
CA SER I 656 40.97 -12.73 -93.86
C SER I 656 40.54 -11.49 -93.08
N GLU I 657 39.84 -11.69 -91.96
CA GLU I 657 39.37 -10.56 -91.15
C GLU I 657 40.53 -9.91 -90.40
N GLU I 658 41.49 -10.70 -89.93
CA GLU I 658 42.68 -10.11 -89.32
C GLU I 658 43.43 -9.25 -90.34
N ASP I 659 43.51 -9.73 -91.59
CA ASP I 659 44.17 -8.96 -92.64
C ASP I 659 43.38 -7.71 -92.99
N ARG I 660 42.05 -7.80 -93.01
CA ARG I 660 41.24 -6.62 -93.28
C ARG I 660 41.35 -5.61 -92.13
N ALA I 661 41.54 -6.10 -90.91
CA ALA I 661 41.79 -5.21 -89.78
C ALA I 661 43.13 -4.51 -89.93
N LYS I 662 44.17 -5.27 -90.29
CA LYS I 662 45.47 -4.68 -90.57
C LYS I 662 45.37 -3.61 -91.65
N ILE I 663 44.67 -3.92 -92.74
CA ILE I 663 44.58 -2.99 -93.86
C ILE I 663 43.78 -1.74 -93.49
N ASP I 664 42.70 -1.91 -92.73
CA ASP I 664 41.87 -0.77 -92.35
C ASP I 664 42.62 0.14 -91.37
N VAL I 665 43.24 -0.45 -90.36
CA VAL I 665 44.06 0.34 -89.46
C VAL I 665 45.24 0.96 -90.21
N ILE I 666 45.66 0.33 -91.32
CA ILE I 666 46.75 0.87 -92.12
C ILE I 666 46.30 2.12 -92.85
N ASP I 667 45.10 2.07 -93.45
CA ASP I 667 44.55 3.27 -94.07
C ASP I 667 44.37 4.37 -93.04
N TRP I 668 43.82 4.03 -91.88
CA TRP I 668 43.66 5.01 -90.81
C TRP I 668 45.01 5.62 -90.42
N LEU I 669 46.05 4.79 -90.35
CA LEU I 669 47.37 5.30 -90.00
C LEU I 669 47.92 6.21 -91.08
N VAL I 670 47.67 5.86 -92.35
CA VAL I 670 48.08 6.72 -93.45
C VAL I 670 47.42 8.09 -93.33
N PHE I 671 46.16 8.11 -92.91
CA PHE I 671 45.44 9.38 -92.71
C PHE I 671 46.07 10.20 -91.59
N GLN I 675 50.05 5.57 -86.45
CA GLN I 675 50.20 4.14 -86.29
C GLN I 675 50.70 3.49 -87.59
N ARG I 676 51.44 4.27 -88.37
CA ARG I 676 51.95 3.75 -89.64
C ARG I 676 52.89 2.57 -89.43
N ALA I 677 53.83 2.70 -88.48
CA ALA I 677 54.81 1.64 -88.26
C ALA I 677 54.15 0.38 -87.71
N GLU I 678 53.22 0.56 -86.75
CA GLU I 678 52.55 -0.60 -86.17
C GLU I 678 51.67 -1.30 -87.20
N ALA I 679 50.93 -0.52 -87.99
CA ALA I 679 50.13 -1.10 -89.08
C ALA I 679 51.02 -1.83 -90.06
N LEU I 680 52.17 -1.25 -90.41
CA LEU I 680 53.08 -1.88 -91.36
C LEU I 680 53.60 -3.21 -90.83
N LYS I 681 54.00 -3.24 -89.55
CA LYS I 681 54.57 -4.46 -88.98
C LYS I 681 53.51 -5.55 -88.83
N GLN I 682 52.33 -5.19 -88.34
CA GLN I 682 51.25 -6.17 -88.26
C GLN I 682 50.85 -6.65 -89.65
N SER I 683 50.92 -5.76 -90.65
CA SER I 683 50.63 -6.17 -92.02
C SER I 683 51.67 -7.14 -92.53
N ASN I 684 52.94 -6.91 -92.20
CA ASN I 684 53.99 -7.85 -92.60
C ASN I 684 53.77 -9.21 -91.95
N ALA I 685 53.42 -9.23 -90.67
CA ALA I 685 53.17 -10.50 -90.00
C ALA I 685 51.96 -11.22 -90.57
N ILE I 686 50.88 -10.49 -90.85
CA ILE I 686 49.66 -11.10 -91.38
C ILE I 686 49.89 -11.56 -92.82
N MET I 687 50.70 -10.82 -93.57
CA MET I 687 51.05 -11.23 -94.93
C MET I 687 51.93 -12.47 -94.90
N ARG I 688 52.80 -12.59 -93.90
CA ARG I 688 53.53 -13.84 -93.71
C ARG I 688 52.59 -14.99 -93.40
N LYS I 689 51.59 -14.74 -92.56
CA LYS I 689 50.58 -15.76 -92.26
C LYS I 689 49.82 -16.17 -93.52
N PHE I 690 49.51 -15.21 -94.39
CA PHE I 690 48.81 -15.52 -95.63
C PHE I 690 49.72 -16.26 -96.60
N LEU I 691 51.00 -15.91 -96.63
CA LEU I 691 51.95 -16.60 -97.49
C LEU I 691 52.15 -18.04 -97.05
N ALA I 692 52.04 -18.29 -95.74
CA ALA I 692 52.16 -19.65 -95.22
C ALA I 692 51.07 -20.57 -95.77
N SER I 693 50.00 -20.02 -96.33
CA SER I 693 48.98 -20.79 -97.01
C SER I 693 48.87 -20.46 -98.49
N LYS I 694 49.67 -19.49 -98.98
CA LYS I 694 49.70 -19.11 -100.39
C LYS I 694 48.35 -18.58 -100.85
N LYS I 695 47.81 -17.62 -100.11
CA LYS I 695 46.56 -16.95 -100.48
C LYS I 695 46.90 -15.67 -101.26
N HIS I 696 46.87 -15.80 -102.59
CA HIS I 696 47.32 -14.72 -103.45
C HIS I 696 46.51 -13.44 -103.24
N GLU I 697 45.18 -13.54 -103.32
CA GLU I 697 44.35 -12.35 -103.14
C GLU I 697 44.47 -11.79 -101.72
N ALA I 698 44.59 -12.66 -100.73
CA ALA I 698 44.70 -12.20 -99.35
C ALA I 698 45.98 -11.39 -99.13
N ALA I 699 47.12 -11.95 -99.52
CA ALA I 699 48.38 -11.23 -99.39
C ALA I 699 48.39 -9.97 -100.25
N LYS I 700 47.78 -10.05 -101.45
CA LYS I 700 47.68 -8.87 -102.30
C LYS I 700 46.92 -7.76 -101.61
N GLU I 701 45.79 -8.07 -100.98
CA GLU I 701 45.05 -7.07 -100.23
C GLU I 701 45.91 -6.52 -99.11
N VAL I 702 46.57 -7.40 -98.34
CA VAL I 702 47.37 -6.98 -97.19
C VAL I 702 48.46 -6.01 -97.62
N PHE I 703 49.02 -6.20 -98.81
CA PHE I 703 50.10 -5.34 -99.26
C PHE I 703 49.58 -4.09 -99.98
N ALA I 704 48.41 -4.20 -100.62
CA ALA I 704 47.95 -3.14 -101.51
C ALA I 704 47.12 -2.10 -100.80
N LYS I 705 46.22 -2.52 -99.92
CA LYS I 705 45.43 -1.55 -99.17
C LYS I 705 46.32 -0.68 -98.27
N ILE I 706 47.49 -1.18 -97.90
CA ILE I 706 48.51 -0.39 -97.21
C ILE I 706 48.87 0.81 -98.08
N PRO I 707 49.12 1.97 -97.48
CA PRO I 707 49.36 3.19 -98.29
C PRO I 707 50.60 3.09 -99.14
N GLN I 708 50.64 3.91 -100.19
CA GLN I 708 51.85 4.10 -100.98
C GLN I 708 52.84 5.03 -100.29
N ASP I 709 52.41 5.72 -99.24
CA ASP I 709 53.23 6.73 -98.57
C ASP I 709 53.77 6.26 -97.22
N SER I 710 53.61 4.98 -96.88
CA SER I 710 53.97 4.50 -95.55
C SER I 710 55.45 4.69 -95.25
N ILE I 711 56.32 4.18 -96.12
CA ILE I 711 57.76 4.23 -95.88
C ILE I 711 58.25 5.67 -95.86
N ALA I 712 57.78 6.49 -96.81
CA ALA I 712 58.24 7.87 -96.89
C ALA I 712 57.80 8.68 -95.69
N GLU I 713 56.55 8.50 -95.25
CA GLU I 713 56.07 9.23 -94.08
C GLU I 713 56.66 8.67 -92.79
N ILE I 714 57.16 7.44 -92.81
CA ILE I 714 57.77 6.87 -91.61
C ILE I 714 59.23 7.27 -91.49
N TYR I 715 59.90 7.53 -92.62
CA TYR I 715 61.30 7.93 -92.58
C TYR I 715 61.43 9.29 -91.91
N SER I 716 61.90 9.29 -90.67
CA SER I 716 62.03 10.52 -89.91
C SER I 716 63.26 11.30 -90.32
N GLN I 717 64.39 10.61 -90.53
CA GLN I 717 65.63 11.26 -90.91
C GLN I 717 66.14 10.64 -92.19
N TRP I 718 66.45 11.50 -93.17
CA TRP I 718 66.82 11.01 -94.49
C TRP I 718 68.31 10.76 -94.60
N GLU I 719 69.13 11.67 -94.05
CA GLU I 719 70.58 11.49 -94.11
C GLU I 719 70.96 10.22 -93.37
N GLU I 720 71.61 9.29 -94.07
CA GLU I 720 71.73 7.92 -93.57
C GLU I 720 72.44 7.88 -92.22
N GLN I 721 73.27 8.88 -91.93
CA GLN I 721 73.93 8.95 -90.62
C GLN I 721 72.89 8.97 -89.50
N ALA I 722 71.95 9.92 -89.56
CA ALA I 722 70.88 9.96 -88.56
C ALA I 722 69.81 8.91 -88.84
N MET I 723 69.78 8.39 -90.08
CA MET I 723 68.75 7.42 -90.45
C MET I 723 69.06 6.05 -89.87
N ASP I 724 70.34 5.78 -89.59
CA ASP I 724 70.67 4.56 -88.86
C ASP I 724 70.12 4.61 -87.43
N SER I 725 70.20 5.79 -86.79
CA SER I 725 69.67 5.95 -85.44
C SER I 725 68.15 5.93 -85.44
N ALA I 726 67.53 6.79 -86.25
CA ALA I 726 66.07 6.86 -86.29
C ALA I 726 65.47 5.56 -86.81
N LEU I 727 66.19 4.88 -87.70
CA LEU I 727 65.70 3.63 -88.25
C LEU I 727 65.74 2.54 -87.18
N PRO I 728 64.61 1.94 -86.86
CA PRO I 728 64.61 0.90 -85.82
C PRO I 728 64.94 -0.47 -86.40
N ALA I 729 65.52 -1.33 -85.59
CA ALA I 729 65.81 -2.71 -86.00
C ALA I 729 64.53 -3.46 -86.32
N GLU I 730 63.38 -2.89 -85.93
CA GLU I 730 62.07 -3.41 -86.28
C GLU I 730 61.41 -2.65 -87.42
N ASP I 731 61.57 -1.33 -87.47
CA ASP I 731 60.96 -0.54 -88.54
C ASP I 731 61.64 -0.79 -89.88
N ASP I 732 62.98 -0.73 -89.91
CA ASP I 732 63.71 -1.03 -91.14
C ASP I 732 63.48 -2.48 -91.56
N ASN I 733 63.40 -3.40 -90.58
CA ASN I 733 63.12 -4.79 -90.89
C ASN I 733 61.74 -4.94 -91.51
N ALA I 734 60.74 -4.22 -91.00
CA ALA I 734 59.40 -4.30 -91.58
C ALA I 734 59.36 -3.67 -92.96
N ILE I 735 60.13 -2.60 -93.18
CA ILE I 735 60.22 -2.00 -94.51
C ILE I 735 60.82 -3.00 -95.49
N ARG I 736 61.87 -3.69 -95.08
CA ARG I 736 62.44 -4.74 -95.92
C ARG I 736 61.46 -5.87 -96.15
N GLU I 737 60.63 -6.17 -95.14
CA GLU I 737 59.59 -7.18 -95.30
C GLU I 737 58.58 -6.77 -96.36
N HIS I 738 58.18 -5.50 -96.35
CA HIS I 738 57.26 -5.00 -97.37
C HIS I 738 57.90 -5.02 -98.75
N LEU I 739 59.20 -4.68 -98.83
CA LEU I 739 59.88 -4.71 -100.12
C LEU I 739 59.97 -6.13 -100.66
N CYS I 740 60.29 -7.10 -99.80
CA CYS I 740 60.33 -8.49 -100.23
C CYS I 740 58.95 -9.01 -100.61
N ILE I 741 57.92 -8.56 -99.89
CA ILE I 741 56.56 -8.91 -100.24
C ILE I 741 56.21 -8.41 -101.62
N ARG I 742 56.57 -7.16 -101.92
CA ARG I 742 56.29 -6.58 -103.23
C ARG I 742 57.08 -7.30 -104.33
N ALA I 743 58.34 -7.62 -104.05
CA ALA I 743 59.14 -8.36 -105.03
C ALA I 743 58.52 -9.72 -105.33
N TYR I 744 58.13 -10.47 -104.30
CA TYR I 744 57.53 -11.78 -104.50
C TYR I 744 56.19 -11.67 -105.22
N LEU I 745 55.39 -10.65 -104.86
CA LEU I 745 54.10 -10.45 -105.52
C LEU I 745 54.28 -10.17 -107.00
N GLU I 746 55.26 -9.33 -107.35
CA GLU I 746 55.56 -9.09 -108.75
C GLU I 746 56.06 -10.35 -109.44
N SER I 747 56.92 -11.12 -108.78
CA SER I 747 57.49 -12.33 -109.37
C SER I 747 56.46 -13.44 -109.55
N HIS I 748 55.35 -13.40 -108.81
CA HIS I 748 54.28 -14.37 -109.01
C HIS I 748 53.21 -13.87 -109.98
N GLU I 749 52.87 -12.59 -109.94
CA GLU I 749 51.87 -12.05 -110.87
C GLU I 749 52.40 -12.06 -112.31
N ALA I 750 53.67 -11.68 -112.48
CA ALA I 750 54.27 -11.74 -113.81
C ALA I 750 54.32 -13.17 -114.32
N PHE I 751 54.59 -14.12 -113.42
CA PHE I 751 54.62 -15.54 -113.82
C PHE I 751 53.23 -16.00 -114.22
N ASN I 752 52.20 -15.55 -113.53
CA ASN I 752 50.83 -15.92 -113.90
C ASN I 752 50.46 -15.37 -115.27
N GLU I 753 50.81 -14.10 -115.52
CA GLU I 753 50.53 -13.50 -116.82
C GLU I 753 51.29 -14.22 -117.93
N TRP I 754 52.56 -14.55 -117.69
CA TRP I 754 53.33 -15.30 -118.67
C TRP I 754 52.74 -16.69 -118.90
N PHE I 755 52.18 -17.29 -117.84
CA PHE I 755 51.57 -18.61 -117.97
C PHE I 755 50.29 -18.55 -118.80
N LYS I 756 49.52 -17.47 -118.64
CA LYS I 756 48.36 -17.27 -119.51
C LYS I 756 48.79 -17.09 -120.96
N HIS I 757 49.78 -16.23 -121.20
CA HIS I 757 50.25 -15.94 -122.55
C HIS I 757 50.95 -17.13 -123.20
N ILE I 758 51.48 -18.07 -122.42
CA ILE I 758 52.18 -19.21 -122.99
C ILE I 758 51.22 -20.14 -123.72
N ASN I 759 50.06 -20.40 -123.11
CA ASN I 759 49.05 -21.25 -123.73
C ASN I 759 47.98 -20.47 -124.49
N SER I 760 48.04 -19.14 -124.42
CA SER I 760 47.28 -18.27 -125.32
C SER I 760 47.65 -18.52 -126.78
N PRO I 761 48.81 -19.14 -127.05
CA PRO I 761 49.33 -19.22 -128.43
C PRO I 761 48.28 -19.70 -129.42
N PRO I 762 48.35 -19.23 -130.66
CA PRO I 762 47.26 -19.48 -131.61
C PRO I 762 47.29 -20.91 -132.16
N GLN I 763 46.14 -21.34 -132.68
CA GLN I 763 45.99 -22.67 -133.26
C GLN I 763 46.12 -22.61 -134.78
N LYS I 764 46.26 -23.78 -135.39
CA LYS I 764 46.46 -23.87 -136.83
C LYS I 764 45.14 -23.69 -137.57
N PRO I 765 45.19 -23.34 -138.86
CA PRO I 765 43.95 -23.26 -139.66
C PRO I 765 43.45 -24.64 -140.07
N THR I 766 42.14 -24.83 -139.94
CA THR I 766 41.53 -26.13 -140.21
C THR I 766 41.71 -26.54 -141.67
N LEU I 767 42.09 -27.80 -141.89
CA LEU I 767 42.22 -28.35 -143.23
C LEU I 767 41.04 -29.25 -143.54
N VAL I 768 40.23 -28.84 -144.52
CA VAL I 768 39.09 -29.63 -144.98
C VAL I 768 39.59 -30.41 -146.19
N GLY I 769 39.69 -31.73 -146.03
CA GLY I 769 40.20 -32.56 -147.11
C GLY I 769 39.39 -32.37 -148.38
N GLN I 770 40.11 -32.36 -149.52
CA GLN I 770 39.51 -32.17 -150.84
C GLN I 770 38.79 -30.82 -150.92
N ALA I 771 39.43 -29.77 -150.39
CA ALA I 771 38.83 -28.45 -150.36
C ALA I 771 38.60 -27.92 -151.78
N SER I 772 37.43 -27.31 -151.97
CA SER I 772 37.11 -26.64 -153.22
C SER I 772 37.93 -25.36 -153.37
N PHE I 773 37.69 -24.66 -154.48
CA PHE I 773 38.39 -23.39 -154.72
C PHE I 773 38.18 -22.40 -153.57
N THR I 774 36.94 -22.19 -153.16
CA THR I 774 36.64 -21.25 -152.09
C THR I 774 37.31 -21.67 -150.78
N GLU I 775 37.15 -22.93 -150.40
CA GLU I 775 37.75 -23.42 -149.15
C GLU I 775 39.27 -23.37 -149.23
N LYS I 776 39.84 -23.70 -150.38
CA LYS I 776 41.29 -23.60 -150.55
C LYS I 776 41.77 -22.18 -150.31
N VAL I 777 41.11 -21.19 -150.94
CA VAL I 777 41.55 -19.81 -150.79
C VAL I 777 41.36 -19.33 -149.35
N ALA I 778 40.25 -19.72 -148.72
CA ALA I 778 39.99 -19.28 -147.35
C ALA I 778 40.98 -19.89 -146.37
N HIS I 779 41.31 -21.17 -146.54
CA HIS I 779 42.31 -21.80 -145.68
C HIS I 779 43.70 -21.21 -145.93
N GLU I 780 43.99 -20.83 -147.18
CA GLU I 780 45.24 -20.15 -147.47
C GLU I 780 45.33 -18.81 -146.75
N HIS I 781 44.24 -18.03 -146.78
CA HIS I 781 44.21 -16.76 -146.08
C HIS I 781 44.31 -16.96 -144.57
N LYS I 782 43.67 -18.02 -144.05
CA LYS I 782 43.76 -18.32 -142.63
C LYS I 782 45.18 -18.71 -142.24
N GLU I 783 45.88 -19.44 -143.11
CA GLU I 783 47.27 -19.79 -142.85
C GLU I 783 48.16 -18.55 -142.87
N LYS I 784 47.93 -17.67 -143.85
CA LYS I 784 48.69 -16.42 -143.91
C LYS I 784 48.47 -15.58 -142.65
N LYS I 785 47.23 -15.51 -142.18
CA LYS I 785 46.93 -14.73 -140.98
C LYS I 785 47.51 -15.40 -139.73
N TYR I 786 47.48 -16.73 -139.68
CA TYR I 786 48.02 -17.45 -138.53
C TYR I 786 49.54 -17.32 -138.46
N GLU I 787 50.20 -17.23 -139.61
CA GLU I 787 51.65 -17.05 -139.62
C GLU I 787 52.09 -15.70 -139.09
N MET I 788 51.18 -14.72 -139.02
CA MET I 788 51.43 -13.43 -138.38
C MET I 788 50.92 -13.41 -136.94
N ASP I 789 49.84 -14.14 -136.67
CA ASP I 789 49.36 -14.31 -135.31
C ASP I 789 50.42 -14.99 -134.45
N PHE I 790 51.07 -16.03 -134.97
CA PHE I 790 52.12 -16.71 -134.23
C PHE I 790 53.33 -15.80 -134.01
N GLY I 791 53.65 -14.95 -134.99
CA GLY I 791 54.74 -14.01 -134.79
C GLY I 791 54.42 -12.97 -133.74
N ILE I 792 53.19 -12.45 -133.74
CA ILE I 792 52.78 -11.50 -132.72
C ILE I 792 52.78 -12.15 -131.35
N TRP I 793 52.32 -13.40 -131.26
CA TRP I 793 52.37 -14.14 -130.01
C TRP I 793 53.81 -14.44 -129.60
N LYS I 794 54.72 -14.59 -130.55
CA LYS I 794 56.13 -14.80 -130.22
C LYS I 794 56.74 -13.52 -129.65
N GLY I 795 56.46 -12.37 -130.27
CA GLY I 795 56.89 -11.11 -129.71
C GLY I 795 56.33 -10.87 -128.31
N HIS I 796 55.05 -11.17 -128.13
CA HIS I 796 54.43 -11.05 -126.81
C HIS I 796 55.12 -11.97 -125.81
N LEU I 797 55.42 -13.21 -126.22
CA LEU I 797 56.13 -14.14 -125.37
C LEU I 797 57.49 -13.60 -124.98
N ASP I 798 58.20 -13.01 -125.94
CA ASP I 798 59.52 -12.45 -125.65
C ASP I 798 59.43 -11.33 -124.62
N ALA I 799 58.52 -10.37 -124.83
CA ALA I 799 58.40 -9.26 -123.90
C ALA I 799 58.00 -9.74 -122.49
N LEU I 800 56.94 -10.54 -122.41
CA LEU I 800 56.45 -10.98 -121.10
C LEU I 800 57.47 -11.87 -120.39
N THR I 801 58.07 -12.82 -121.11
CA THR I 801 59.08 -13.69 -120.51
C THR I 801 60.28 -12.88 -120.02
N SER I 802 60.72 -11.90 -120.81
CA SER I 802 61.85 -11.07 -120.38
C SER I 802 61.52 -10.33 -119.10
N ASP I 803 60.35 -9.69 -119.04
CA ASP I 803 59.98 -8.92 -117.85
C ASP I 803 59.84 -9.82 -116.63
N VAL I 804 59.13 -10.95 -116.79
CA VAL I 804 58.89 -11.87 -115.68
C VAL I 804 60.20 -12.46 -115.19
N LYS I 805 61.09 -12.83 -116.11
CA LYS I 805 62.38 -13.40 -115.71
C LYS I 805 63.24 -12.36 -115.02
N GLU I 806 63.19 -11.10 -115.47
CA GLU I 806 63.91 -10.04 -114.77
C GLU I 806 63.42 -9.90 -113.34
N LYS I 807 62.10 -9.89 -113.15
CA LYS I 807 61.55 -9.78 -111.80
C LYS I 807 61.89 -11.01 -110.96
N ILE I 808 61.89 -12.19 -111.58
CA ILE I 808 62.17 -13.42 -110.85
C ILE I 808 63.63 -13.44 -110.40
N TYR I 809 64.54 -12.98 -111.27
CA TYR I 809 65.95 -12.93 -110.89
C TYR I 809 66.18 -11.85 -109.84
N ASN I 810 65.39 -10.77 -109.88
CA ASN I 810 65.44 -9.80 -108.80
C ASN I 810 65.03 -10.43 -107.46
N VAL I 811 63.99 -11.26 -107.47
CA VAL I 811 63.51 -11.88 -106.25
C VAL I 811 64.47 -12.96 -105.76
N LEU I 812 65.11 -13.66 -106.71
CA LEU I 812 66.04 -14.72 -106.35
C LEU I 812 67.31 -14.18 -105.71
N LEU I 813 67.68 -12.94 -106.07
CA LEU I 813 68.90 -12.32 -105.57
C LEU I 813 68.65 -10.91 -105.05
N PHE I 814 67.67 -10.74 -104.16
CA PHE I 814 67.39 -9.46 -103.53
C PHE I 814 68.65 -8.83 -102.95
N VAL I 815 68.81 -7.52 -103.17
CA VAL I 815 70.03 -6.84 -102.76
C VAL I 815 70.06 -6.67 -101.25
N ASP I 816 71.27 -6.46 -100.71
CA ASP I 816 71.50 -6.07 -99.32
C ASP I 816 71.14 -7.19 -98.33
N GLY I 817 71.51 -8.42 -98.66
CA GLY I 817 71.38 -9.51 -97.71
C GLY I 817 70.42 -10.60 -98.12
N GLY I 818 69.67 -10.38 -99.18
CA GLY I 818 68.70 -11.35 -99.64
C GLY I 818 67.30 -11.07 -99.13
N TRP I 819 66.32 -11.61 -99.85
CA TRP I 819 64.93 -11.43 -99.48
C TRP I 819 64.57 -12.30 -98.28
N MET I 820 63.54 -11.86 -97.54
CA MET I 820 63.06 -12.57 -96.35
C MET I 820 64.16 -12.67 -95.29
N VAL I 821 64.95 -11.61 -95.18
CA VAL I 821 66.03 -11.51 -94.21
C VAL I 821 66.04 -10.09 -93.66
N ASP I 822 66.15 -9.97 -92.34
CA ASP I 822 66.28 -8.65 -91.72
C ASP I 822 67.67 -8.08 -91.97
N VAL I 823 67.74 -6.75 -92.15
CA VAL I 823 69.01 -6.08 -92.38
C VAL I 823 69.65 -5.55 -91.11
N ARG I 824 68.86 -5.28 -90.07
CA ARG I 824 69.39 -4.82 -88.78
C ARG I 824 69.43 -6.00 -87.83
N GLU I 825 70.58 -6.20 -87.19
CA GLU I 825 70.76 -7.30 -86.23
C GLU I 825 70.57 -6.87 -84.79
N ASP I 826 70.25 -5.60 -84.55
CA ASP I 826 70.05 -5.07 -83.20
C ASP I 826 68.61 -5.20 -82.74
N THR I 827 67.86 -6.15 -83.31
CA THR I 827 66.49 -6.37 -82.89
C THR I 827 66.43 -7.40 -81.77
N GLU I 828 65.45 -7.22 -80.88
CA GLU I 828 65.24 -8.19 -79.80
C GLU I 828 64.77 -9.51 -80.37
N GLU I 829 64.73 -10.53 -79.51
CA GLU I 829 64.32 -11.86 -79.94
C GLU I 829 62.89 -11.85 -80.47
N ASP I 830 62.74 -12.18 -81.75
CA ASP I 830 61.44 -12.35 -82.39
C ASP I 830 61.49 -13.67 -83.13
N PRO I 831 61.51 -14.79 -82.40
CA PRO I 831 61.76 -16.08 -83.04
C PRO I 831 60.62 -16.53 -83.93
N GLU I 832 59.39 -16.16 -83.57
CA GLU I 832 58.24 -16.54 -84.39
C GLU I 832 58.32 -15.89 -85.77
N ARG I 833 58.54 -14.58 -85.82
CA ARG I 833 58.63 -13.89 -87.11
C ARG I 833 59.89 -14.29 -87.85
N SER I 834 60.98 -14.53 -87.12
CA SER I 834 62.20 -15.04 -87.74
C SER I 834 61.94 -16.37 -88.42
N HIS I 835 61.19 -17.27 -87.76
CA HIS I 835 60.84 -18.55 -88.37
C HIS I 835 59.87 -18.36 -89.52
N GLN I 836 59.02 -17.33 -89.46
CA GLN I 836 58.16 -17.03 -90.59
C GLN I 836 58.98 -16.67 -91.82
N MET I 837 59.99 -15.81 -91.64
CA MET I 837 60.87 -15.45 -92.76
C MET I 837 61.68 -16.65 -93.24
N VAL I 838 62.11 -17.50 -92.29
CA VAL I 838 62.85 -18.71 -92.65
C VAL I 838 62.00 -19.63 -93.50
N LEU I 839 60.74 -19.84 -93.09
CA LEU I 839 59.82 -20.66 -93.87
C LEU I 839 59.51 -20.04 -95.22
N LEU I 840 59.43 -18.70 -95.28
CA LEU I 840 59.21 -18.03 -96.55
C LEU I 840 60.36 -18.30 -97.52
N ARG I 841 61.60 -18.16 -97.03
CA ARG I 841 62.75 -18.50 -97.85
C ARG I 841 62.73 -19.95 -98.29
N ARG I 842 62.51 -20.87 -97.34
CA ARG I 842 62.55 -22.30 -97.63
C ARG I 842 61.40 -22.76 -98.51
N LEU I 843 60.32 -21.98 -98.60
CA LEU I 843 59.18 -22.33 -99.44
C LEU I 843 59.13 -21.55 -100.73
N CYS I 844 59.97 -20.52 -100.88
CA CYS I 844 59.96 -19.73 -102.10
C CYS I 844 61.22 -19.86 -102.95
N LEU I 845 62.36 -20.25 -102.35
CA LEU I 845 63.61 -20.34 -103.10
C LEU I 845 63.55 -21.44 -104.15
N PRO I 846 63.34 -22.70 -103.75
CA PRO I 846 63.18 -23.75 -104.77
C PRO I 846 61.94 -23.54 -105.62
N MET I 847 60.91 -22.89 -105.07
CA MET I 847 59.71 -22.61 -105.86
C MET I 847 60.00 -21.59 -106.96
N MET I 848 60.62 -20.47 -106.61
CA MET I 848 61.01 -19.50 -107.62
C MET I 848 62.00 -20.11 -108.61
N CYS I 849 62.85 -21.03 -108.13
CA CYS I 849 63.79 -21.70 -109.04
C CYS I 849 63.05 -22.60 -110.02
N PHE I 850 62.00 -23.29 -109.55
CA PHE I 850 61.20 -24.10 -110.46
C PHE I 850 60.46 -23.25 -111.46
N LEU I 851 59.96 -22.09 -111.03
CA LEU I 851 59.30 -21.17 -111.95
C LEU I 851 60.28 -20.67 -113.02
N LEU I 852 61.49 -20.29 -112.60
CA LEU I 852 62.51 -19.86 -113.55
C LEU I 852 62.88 -20.97 -114.52
N HIS I 853 63.01 -22.21 -114.02
CA HIS I 853 63.34 -23.33 -114.89
C HIS I 853 62.23 -23.59 -115.90
N THR I 854 60.97 -23.54 -115.45
CA THR I 854 59.85 -23.75 -116.36
C THR I 854 59.76 -22.65 -117.41
N VAL I 855 59.98 -21.40 -117.00
CA VAL I 855 59.91 -20.28 -117.95
C VAL I 855 61.06 -20.36 -118.95
N LEU I 856 62.25 -20.73 -118.46
CA LEU I 856 63.39 -20.90 -119.36
C LEU I 856 63.14 -22.02 -120.36
N HIS I 857 62.61 -23.16 -119.90
CA HIS I 857 62.27 -24.25 -120.81
C HIS I 857 61.24 -23.80 -121.84
N ASN I 858 60.24 -23.01 -121.41
CA ASN I 858 59.22 -22.54 -122.33
C ASN I 858 59.79 -21.61 -123.38
N THR I 859 60.66 -20.69 -122.99
CA THR I 859 61.27 -19.77 -123.94
C THR I 859 62.50 -20.35 -124.61
N LYS I 860 62.80 -21.63 -124.37
CA LYS I 860 63.93 -22.36 -124.95
C LYS I 860 65.26 -21.87 -124.42
N GLN I 861 65.27 -21.20 -123.27
CA GLN I 861 66.50 -20.75 -122.63
C GLN I 861 67.17 -21.90 -121.87
N TYR I 862 67.59 -22.92 -122.61
CA TYR I 862 68.22 -24.08 -121.97
C TYR I 862 69.53 -23.70 -121.27
N LYS I 863 70.34 -22.85 -121.89
CA LYS I 863 71.60 -22.46 -121.27
C LYS I 863 71.36 -21.63 -120.01
N ASP I 864 70.44 -20.67 -120.08
CA ASP I 864 70.11 -19.88 -118.90
C ASP I 864 69.45 -20.71 -117.82
N CYS I 865 68.79 -21.81 -118.19
CA CYS I 865 68.21 -22.70 -117.20
C CYS I 865 69.27 -23.57 -116.54
N LEU I 866 70.27 -24.00 -117.31
CA LEU I 866 71.37 -24.76 -116.74
C LEU I 866 72.29 -23.89 -115.88
N ARG I 867 72.33 -22.58 -116.16
CA ARG I 867 73.04 -21.65 -115.29
C ARG I 867 72.30 -21.40 -113.98
N LEU I 868 71.08 -21.90 -113.84
CA LEU I 868 70.43 -21.89 -112.54
C LEU I 868 71.23 -22.72 -111.53
N ALA I 869 71.98 -23.72 -112.02
CA ALA I 869 72.89 -24.44 -111.14
C ALA I 869 73.91 -23.50 -110.49
N ASP I 870 74.51 -22.63 -111.28
CA ASP I 870 75.45 -21.64 -110.74
C ASP I 870 74.73 -20.61 -109.89
N ILE I 871 73.50 -20.26 -110.28
CA ILE I 871 72.69 -19.35 -109.46
C ILE I 871 72.50 -19.92 -108.06
N VAL I 872 72.27 -21.23 -107.98
CA VAL I 872 72.07 -21.88 -106.69
C VAL I 872 73.39 -21.98 -105.93
N SER I 873 74.41 -22.55 -106.57
CA SER I 873 75.67 -22.83 -105.89
C SER I 873 76.47 -21.57 -105.57
N SER I 874 76.07 -20.43 -106.12
CA SER I 874 76.74 -19.16 -105.87
C SER I 874 77.02 -18.94 -104.39
N GLU I 875 78.30 -18.74 -104.04
CA GLU I 875 78.66 -18.54 -102.65
C GLU I 875 78.17 -17.21 -102.10
N ASN I 876 77.86 -16.25 -102.98
CA ASN I 876 77.35 -14.97 -102.50
C ASN I 876 75.93 -15.11 -101.97
N GLN I 877 75.11 -15.93 -102.61
CA GLN I 877 73.71 -16.09 -102.24
C GLN I 877 73.42 -17.32 -101.39
N LYS I 878 74.27 -18.34 -101.48
CA LYS I 878 74.12 -19.56 -100.68
C LYS I 878 72.73 -20.18 -100.86
N LEU I 879 72.23 -20.15 -102.10
CA LEU I 879 70.93 -20.70 -102.39
C LEU I 879 70.88 -22.22 -102.20
N TYR I 880 72.03 -22.86 -102.05
CA TYR I 880 72.05 -24.28 -101.69
C TYR I 880 71.59 -24.52 -100.26
N THR I 881 71.51 -23.46 -99.46
CA THR I 881 71.09 -23.58 -98.06
C THR I 881 69.58 -23.49 -97.87
N VAL I 882 68.84 -23.07 -98.90
CA VAL I 882 67.39 -22.99 -98.82
C VAL I 882 66.69 -24.14 -99.53
N PHE I 883 67.41 -24.91 -100.33
CA PHE I 883 66.87 -26.08 -101.00
C PHE I 883 67.60 -27.34 -100.51
N SER I 884 66.82 -28.36 -100.15
CA SER I 884 67.38 -29.59 -99.62
C SER I 884 67.91 -30.47 -100.74
N LYS I 885 68.21 -31.73 -100.38
CA LYS I 885 68.69 -32.68 -101.36
C LYS I 885 67.64 -33.00 -102.42
N THR I 886 66.37 -33.12 -102.01
CA THR I 886 65.32 -33.45 -102.96
C THR I 886 65.09 -32.33 -103.96
N GLU I 887 65.13 -31.08 -103.50
CA GLU I 887 64.93 -29.95 -104.39
C GLU I 887 66.07 -29.85 -105.39
N MET I 888 67.30 -30.01 -104.93
CA MET I 888 68.45 -29.97 -105.84
C MET I 888 68.45 -31.17 -106.77
N ARG I 889 67.86 -32.29 -106.33
CA ARG I 889 67.72 -33.45 -107.21
C ARG I 889 66.75 -33.17 -108.34
N ASN I 890 65.59 -32.60 -108.01
CA ASN I 890 64.63 -32.24 -109.05
C ASN I 890 65.21 -31.17 -109.98
N LEU I 891 65.96 -30.22 -109.44
CA LEU I 891 66.58 -29.19 -110.28
C LEU I 891 67.69 -29.79 -111.14
N LEU I 892 68.36 -30.84 -110.65
CA LEU I 892 69.37 -31.52 -111.46
C LEU I 892 68.72 -32.32 -112.58
N GLN I 893 67.56 -32.92 -112.33
CA GLN I 893 66.83 -33.56 -113.41
C GLN I 893 66.34 -32.53 -114.43
N LYS I 894 65.93 -31.35 -113.95
CA LYS I 894 65.56 -30.28 -114.87
C LYS I 894 66.77 -29.77 -115.65
N LEU I 895 67.96 -29.80 -115.03
CA LEU I 895 69.18 -29.43 -115.72
C LEU I 895 69.55 -30.46 -116.77
N ARG I 896 69.31 -31.74 -116.47
CA ARG I 896 69.47 -32.78 -117.48
C ARG I 896 68.50 -32.56 -118.64
N GLU I 897 67.26 -32.17 -118.33
CA GLU I 897 66.30 -31.84 -119.39
C GLU I 897 66.80 -30.69 -120.25
N SER I 898 67.25 -29.60 -119.61
CA SER I 898 67.75 -28.45 -120.35
C SER I 898 68.97 -28.80 -121.20
N SER I 899 69.88 -29.59 -120.64
CA SER I 899 71.04 -30.05 -121.40
C SER I 899 70.61 -30.91 -122.57
N LEU I 900 69.51 -31.65 -122.42
CA LEU I 900 68.97 -32.42 -123.54
C LEU I 900 68.56 -31.49 -124.68
N MET I 901 67.83 -30.42 -124.37
CA MET I 901 67.46 -29.45 -125.40
C MET I 901 68.69 -28.80 -126.03
N LEU I 902 69.70 -28.48 -125.23
CA LEU I 902 70.90 -27.85 -125.77
C LEU I 902 71.63 -28.79 -126.73
N LEU I 903 71.90 -30.03 -126.30
CA LEU I 903 72.59 -30.99 -127.15
C LEU I 903 71.76 -31.31 -128.40
N ASP I 904 70.43 -31.23 -128.30
CA ASP I 904 69.60 -31.39 -129.48
C ASP I 904 69.74 -30.21 -130.43
N LEU I 905 69.88 -29.01 -129.88
CA LEU I 905 70.10 -27.80 -130.67
C LEU I 905 71.56 -27.62 -131.08
N GLN I 906 72.40 -28.62 -130.80
CA GLN I 906 73.79 -28.74 -131.25
C GLN I 906 74.78 -27.94 -130.40
N LEU I 907 74.35 -27.34 -129.30
CA LEU I 907 75.28 -26.74 -128.35
C LEU I 907 75.73 -27.78 -127.32
N ASP I 908 76.85 -27.50 -126.67
CA ASP I 908 77.41 -28.44 -125.71
C ASP I 908 76.58 -28.50 -124.43
N PRO I 909 76.92 -29.37 -123.48
CA PRO I 909 76.17 -29.41 -122.22
C PRO I 909 76.21 -28.12 -121.44
N LEU I 910 77.19 -27.26 -121.69
CA LEU I 910 77.31 -25.96 -121.03
C LEU I 910 76.81 -24.82 -121.90
N GLY I 911 76.25 -25.10 -123.07
CA GLY I 911 75.83 -24.05 -123.98
C GLY I 911 76.94 -23.50 -124.83
N TYR I 912 78.10 -24.15 -124.84
CA TYR I 912 79.27 -23.71 -125.60
C TYR I 912 79.32 -24.46 -126.92
N GLU I 913 80.07 -23.90 -127.87
CA GLU I 913 80.17 -24.52 -129.19
C GLU I 913 81.00 -25.79 -129.13
N ILE I 914 80.43 -26.89 -129.62
CA ILE I 914 81.11 -28.18 -129.61
C ILE I 914 82.21 -28.19 -130.65
N UNK J 69 86.70 -156.15 -166.33
CA UNK J 69 86.68 -157.26 -165.38
C UNK J 69 86.41 -158.58 -166.09
N UNK J 70 86.17 -159.63 -165.31
CA UNK J 70 85.87 -160.94 -165.88
C UNK J 70 84.44 -160.99 -166.38
N UNK J 71 84.16 -162.01 -167.19
CA UNK J 71 82.85 -162.10 -167.84
C UNK J 71 81.82 -162.74 -166.91
N UNK J 72 82.06 -163.97 -166.48
CA UNK J 72 81.09 -164.73 -165.70
C UNK J 72 81.52 -164.98 -164.26
N UNK J 73 82.70 -164.50 -163.87
CA UNK J 73 83.20 -164.72 -162.52
C UNK J 73 83.59 -163.39 -161.89
N UNK J 74 83.44 -163.34 -160.57
CA UNK J 74 83.91 -162.23 -159.76
C UNK J 74 85.09 -162.69 -158.92
N UNK J 75 86.20 -161.97 -159.02
CA UNK J 75 87.42 -162.27 -158.27
C UNK J 75 87.59 -161.13 -157.28
N UNK J 76 87.28 -161.40 -156.01
CA UNK J 76 87.26 -160.34 -155.01
C UNK J 76 87.99 -160.81 -153.76
N UNK J 77 88.52 -159.84 -153.02
CA UNK J 77 89.29 -160.11 -151.81
C UNK J 77 88.54 -161.04 -150.86
N UNK J 78 89.21 -162.12 -150.46
CA UNK J 78 88.62 -163.13 -149.59
C UNK J 78 89.21 -162.99 -148.19
N UNK J 79 88.34 -162.98 -147.19
CA UNK J 79 88.77 -162.84 -145.81
C UNK J 79 89.01 -161.39 -145.42
N UNK J 80 89.47 -161.23 -144.19
CA UNK J 80 89.73 -159.91 -143.63
C UNK J 80 91.10 -159.40 -144.11
N UNK J 81 91.50 -158.24 -143.57
CA UNK J 81 92.79 -157.66 -143.90
C UNK J 81 93.92 -158.61 -143.54
N UNK J 82 94.92 -158.69 -144.41
CA UNK J 82 96.05 -159.58 -144.20
C UNK J 82 96.86 -159.11 -142.99
N UNK J 83 97.61 -160.03 -142.37
CA UNK J 83 98.44 -159.64 -141.22
C UNK J 83 99.48 -158.59 -141.59
N UNK J 84 99.94 -157.86 -140.58
CA UNK J 84 100.93 -156.81 -140.80
C UNK J 84 102.21 -157.39 -141.39
N UNK J 85 102.63 -158.55 -140.89
CA UNK J 85 103.85 -159.18 -141.40
C UNK J 85 103.70 -159.56 -142.87
N UNK J 86 102.57 -160.16 -143.23
CA UNK J 86 102.35 -160.56 -144.62
C UNK J 86 102.27 -159.33 -145.52
N UNK J 87 101.59 -158.27 -145.05
CA UNK J 87 101.51 -157.05 -145.83
C UNK J 87 102.88 -156.44 -146.05
N UNK J 88 103.71 -156.40 -145.01
CA UNK J 88 105.05 -155.85 -145.15
C UNK J 88 105.90 -156.69 -146.10
N UNK J 89 105.79 -158.03 -145.99
CA UNK J 89 106.52 -158.90 -146.89
C UNK J 89 106.11 -158.69 -148.35
N UNK J 90 104.80 -158.55 -148.58
CA UNK J 90 104.32 -158.35 -149.95
C UNK J 90 104.73 -156.98 -150.49
N UNK J 91 104.75 -155.96 -149.62
CA UNK J 91 105.15 -154.62 -150.07
C UNK J 91 106.64 -154.56 -150.37
N UNK J 92 107.47 -155.19 -149.52
CA UNK J 92 108.91 -155.11 -149.71
C UNK J 92 109.38 -156.04 -150.82
N UNK J 93 108.69 -157.16 -151.03
CA UNK J 93 109.09 -158.12 -152.04
C UNK J 93 109.01 -157.52 -153.43
N UNK J 94 110.10 -157.64 -154.19
CA UNK J 94 110.16 -157.18 -155.56
C UNK J 94 109.84 -158.32 -156.52
N UNK J 95 109.81 -157.99 -157.82
CA UNK J 95 109.53 -158.99 -158.84
C UNK J 95 110.65 -160.03 -158.96
N UNK J 96 111.87 -159.70 -158.54
CA UNK J 96 112.97 -160.66 -158.61
C UNK J 96 112.87 -161.69 -157.50
N UNK J 97 112.37 -161.29 -156.34
CA UNK J 97 112.28 -162.20 -155.20
C UNK J 97 111.23 -163.27 -155.48
N UNK J 98 111.58 -164.56 -155.36
CA UNK J 98 110.58 -165.61 -155.59
C UNK J 98 109.75 -165.91 -154.34
N UNK J 99 108.44 -165.72 -154.43
CA UNK J 99 107.53 -165.95 -153.31
C UNK J 99 106.69 -167.19 -153.56
N UNK J 100 106.31 -167.86 -152.47
CA UNK J 100 105.48 -169.06 -152.53
C UNK J 100 104.50 -169.02 -151.38
N UNK J 101 103.35 -169.68 -151.57
CA UNK J 101 102.30 -169.72 -150.57
C UNK J 101 101.63 -171.09 -150.57
N UNK J 102 101.41 -171.62 -149.38
CA UNK J 102 100.71 -172.89 -149.19
C UNK J 102 99.45 -172.63 -148.39
N UNK J 103 98.29 -172.79 -149.04
CA UNK J 103 97.00 -172.62 -148.40
C UNK J 103 96.43 -174.00 -148.11
N UNK J 104 96.35 -174.36 -146.84
CA UNK J 104 95.88 -175.69 -146.44
C UNK J 104 94.37 -175.71 -146.36
N UNK J 105 93.80 -176.91 -146.53
CA UNK J 105 92.35 -177.07 -146.43
C UNK J 105 91.83 -176.72 -145.05
N UNK J 106 92.69 -176.76 -144.03
CA UNK J 106 92.31 -176.41 -142.68
C UNK J 106 92.10 -174.94 -142.42
N UNK J 107 92.33 -174.08 -143.39
CA UNK J 107 92.11 -172.66 -143.23
C UNK J 107 93.32 -171.87 -142.81
N UNK J 108 94.53 -172.35 -143.11
CA UNK J 108 95.75 -171.65 -142.74
C UNK J 108 96.60 -171.41 -143.98
N UNK J 109 97.22 -170.25 -144.04
CA UNK J 109 98.10 -169.88 -145.14
C UNK J 109 99.52 -169.68 -144.62
N UNK J 110 100.47 -170.33 -145.27
CA UNK J 110 101.88 -170.22 -144.94
C UNK J 110 102.60 -169.62 -146.13
N UNK J 111 103.08 -168.39 -145.96
CA UNK J 111 103.84 -167.68 -147.00
C UNK J 111 105.32 -167.85 -146.72
N UNK J 112 106.07 -168.25 -147.75
CA UNK J 112 107.51 -168.46 -147.64
C UNK J 112 108.22 -167.17 -147.99
N UNK J 113 108.89 -166.59 -147.01
CA UNK J 113 109.74 -165.42 -147.20
C UNK J 113 111.17 -165.93 -147.33
N UNK J 114 112.05 -165.12 -147.93
CA UNK J 114 113.43 -165.49 -148.18
C UNK J 114 114.07 -166.23 -147.00
N UNK J 115 113.95 -165.67 -145.80
CA UNK J 115 114.60 -166.23 -144.62
C UNK J 115 113.62 -166.74 -143.57
N UNK J 116 112.32 -166.48 -143.73
CA UNK J 116 111.35 -166.81 -142.69
C UNK J 116 110.06 -167.32 -143.33
N UNK J 117 109.25 -167.98 -142.50
CA UNK J 117 107.94 -168.49 -142.92
C UNK J 117 106.88 -167.82 -142.06
N UNK J 118 105.86 -167.25 -142.70
CA UNK J 118 104.79 -166.54 -142.01
C UNK J 118 103.52 -167.38 -142.11
N UNK J 119 103.02 -167.86 -140.99
CA UNK J 119 101.86 -168.74 -140.94
C UNK J 119 100.73 -167.99 -140.25
N UNK J 120 99.58 -167.90 -140.92
CA UNK J 120 98.45 -167.17 -140.37
C UNK J 120 97.15 -167.87 -140.75
N UNK J 121 96.20 -167.87 -139.80
CA UNK J 121 94.90 -168.45 -140.05
C UNK J 121 94.09 -167.53 -140.96
N UNK J 122 93.40 -168.12 -141.94
CA UNK J 122 92.57 -167.36 -142.86
C UNK J 122 91.48 -166.65 -142.05
N UNK J 123 91.53 -165.33 -142.03
CA UNK J 123 90.64 -164.53 -141.18
C UNK J 123 89.32 -164.31 -141.91
N UNK J 124 88.42 -165.28 -141.78
CA UNK J 124 87.07 -165.10 -142.28
C UNK J 124 86.32 -164.03 -141.49
N UNK J 125 86.61 -163.91 -140.19
CA UNK J 125 86.06 -162.87 -139.34
C UNK J 125 87.14 -161.82 -139.07
N UNK J 126 86.73 -160.55 -139.05
CA UNK J 126 87.66 -159.45 -138.86
C UNK J 126 88.01 -159.21 -137.40
N UNK J 127 87.49 -160.03 -136.47
CA UNK J 127 87.77 -159.84 -135.06
C UNK J 127 89.26 -160.01 -134.76
N UNK J 128 89.83 -159.00 -134.10
CA UNK J 128 91.25 -159.05 -133.75
C UNK J 128 91.56 -160.09 -132.69
N UNK J 129 90.56 -160.49 -131.90
CA UNK J 129 90.78 -161.49 -130.86
C UNK J 129 90.99 -162.90 -131.43
N UNK J 130 90.60 -163.13 -132.68
CA UNK J 130 90.80 -164.42 -133.34
C UNK J 130 91.94 -164.38 -134.33
N UNK J 131 92.59 -163.24 -134.53
CA UNK J 131 93.70 -163.13 -135.48
C UNK J 131 94.92 -163.86 -134.93
N UNK J 132 95.47 -164.77 -135.71
CA UNK J 132 96.66 -165.54 -135.33
C UNK J 132 97.66 -165.44 -136.48
N UNK J 133 98.85 -164.92 -136.17
CA UNK J 133 99.92 -164.79 -137.16
C UNK J 133 101.25 -165.01 -136.47
N UNK J 134 102.03 -165.97 -136.95
CA UNK J 134 103.31 -166.31 -136.37
C UNK J 134 104.40 -166.32 -137.45
N UNK J 135 105.63 -166.06 -137.03
CA UNK J 135 106.79 -166.06 -137.90
C UNK J 135 107.81 -167.05 -137.37
N UNK J 136 108.26 -167.96 -138.24
CA UNK J 136 109.21 -168.99 -137.87
C UNK J 136 110.48 -168.88 -138.70
N UNK J 137 111.64 -169.11 -138.09
CA UNK J 137 112.89 -169.08 -138.85
C UNK J 137 113.17 -170.39 -139.56
N UNK J 138 113.25 -170.34 -140.89
CA UNK J 138 113.47 -171.55 -141.67
C UNK J 138 114.91 -172.04 -141.48
N UNK J 139 115.12 -173.36 -141.60
CA UNK J 139 116.49 -173.89 -141.47
C UNK J 139 117.38 -173.38 -142.60
N UNK J 140 118.59 -172.97 -142.23
CA UNK J 140 119.58 -172.47 -143.18
C UNK J 140 119.78 -173.44 -144.34
N UNK J 141 119.72 -172.91 -145.56
CA UNK J 141 119.90 -173.71 -146.76
C UNK J 141 120.44 -172.83 -147.87
N UNK J 142 121.11 -173.45 -148.83
CA UNK J 142 121.68 -172.72 -149.95
C UNK J 142 120.68 -172.49 -151.08
N UNK J 143 119.63 -173.28 -151.16
CA UNK J 143 118.59 -173.12 -152.15
C UNK J 143 117.40 -172.38 -151.56
N UNK J 144 116.62 -171.75 -152.44
CA UNK J 144 115.45 -171.00 -152.00
C UNK J 144 114.42 -171.93 -151.36
N UNK J 145 113.88 -171.52 -150.22
CA UNK J 145 112.85 -172.30 -149.57
C UNK J 145 111.55 -172.24 -150.35
N UNK J 146 110.80 -173.34 -150.31
CA UNK J 146 109.56 -173.46 -151.07
C UNK J 146 108.43 -173.86 -150.14
N UNK J 147 107.22 -173.37 -150.45
CA UNK J 147 106.05 -173.73 -149.67
C UNK J 147 105.58 -175.16 -149.92
N UNK J 148 106.01 -175.78 -151.02
CA UNK J 148 105.66 -177.17 -151.27
C UNK J 148 106.37 -178.10 -150.28
N UNK J 149 107.48 -177.65 -149.70
CA UNK J 149 108.21 -178.42 -148.69
C UNK J 149 107.85 -177.99 -147.28
N UNK J 150 106.61 -177.54 -147.08
CA UNK J 150 106.14 -177.10 -145.77
C UNK J 150 104.66 -177.47 -145.65
N UNK J 151 104.29 -178.09 -144.54
CA UNK J 151 102.92 -178.53 -144.33
C UNK J 151 102.57 -178.34 -142.86
N UNK J 152 101.29 -178.09 -142.61
CA UNK J 152 100.76 -177.86 -141.27
C UNK J 152 99.97 -179.08 -140.84
N UNK J 153 100.12 -179.47 -139.57
CA UNK J 153 99.40 -180.60 -139.00
C UNK J 153 98.55 -180.10 -137.84
N UNK J 154 97.30 -180.55 -137.80
CA UNK J 154 96.34 -180.12 -136.79
C UNK J 154 95.98 -181.28 -135.89
N UNK J 155 95.87 -181.00 -134.59
CA UNK J 155 95.45 -182.00 -133.61
C UNK J 155 94.06 -182.53 -133.95
N UNK J 156 93.98 -183.83 -134.25
CA UNK J 156 92.76 -184.54 -134.63
C UNK J 156 92.12 -183.99 -135.90
N UNK J 157 92.84 -183.17 -136.66
CA UNK J 157 92.35 -182.65 -137.92
C UNK J 157 91.41 -181.47 -137.83
N UNK J 158 91.04 -181.03 -136.63
CA UNK J 158 90.17 -179.87 -136.48
C UNK J 158 90.96 -178.73 -135.88
N UNK J 159 91.56 -177.85 -136.70
CA UNK J 159 92.36 -176.76 -136.13
C UNK J 159 91.55 -175.52 -135.79
N UNK J 160 91.39 -175.23 -134.49
CA UNK J 160 91.00 -173.88 -134.09
C UNK J 160 91.81 -173.56 -132.83
N UNK J 161 93.04 -173.11 -133.05
CA UNK J 161 93.99 -172.76 -131.98
C UNK J 161 95.30 -172.28 -132.59
N UNK J 162 96.22 -171.83 -131.75
CA UNK J 162 97.61 -171.67 -132.19
C UNK J 162 98.44 -172.88 -131.78
N UNK J 163 98.09 -173.52 -130.65
CA UNK J 163 98.83 -174.68 -130.19
C UNK J 163 98.42 -175.95 -130.92
N UNK J 164 97.18 -176.03 -131.39
CA UNK J 164 96.71 -177.24 -132.07
C UNK J 164 97.36 -177.44 -133.43
N UNK J 165 98.08 -176.45 -133.94
CA UNK J 165 98.70 -176.52 -135.27
C UNK J 165 100.17 -176.87 -135.07
N UNK J 166 100.59 -177.98 -135.68
CA UNK J 166 101.99 -178.37 -135.74
C UNK J 166 102.56 -178.00 -137.10
N UNK J 167 103.88 -177.82 -137.15
CA UNK J 167 104.53 -177.33 -138.36
C UNK J 167 105.72 -178.20 -138.69
N UNK J 168 105.87 -178.51 -139.99
CA UNK J 168 107.04 -179.22 -140.49
C UNK J 168 107.58 -178.51 -141.72
N UNK J 169 108.89 -178.38 -141.79
CA UNK J 169 109.55 -177.74 -142.92
C UNK J 169 110.73 -178.59 -143.37
N UNK J 170 110.94 -178.62 -144.68
CA UNK J 170 112.01 -179.40 -145.29
C UNK J 170 112.75 -178.56 -146.32
N UNK J 171 114.02 -178.90 -146.52
CA UNK J 171 114.87 -178.24 -147.49
C UNK J 171 115.09 -179.13 -148.70
N UNK J 172 115.66 -178.58 -149.78
CA UNK J 172 115.93 -179.42 -150.95
C UNK J 172 116.95 -180.52 -150.68
N UNK J 173 117.87 -180.31 -149.75
CA UNK J 173 118.85 -181.33 -149.42
C UNK J 173 118.32 -182.34 -148.41
N UNK J 174 117.28 -182.00 -147.68
CA UNK J 174 116.66 -182.91 -146.74
C UNK J 174 116.78 -182.55 -145.26
N UNK J 175 117.08 -181.29 -144.93
CA UNK J 175 117.10 -180.87 -143.54
C UNK J 175 115.67 -180.55 -143.10
N UNK J 176 115.18 -181.27 -142.10
CA UNK J 176 113.81 -181.16 -141.64
C UNK J 176 113.77 -180.51 -140.26
N UNK J 177 112.84 -179.59 -140.08
CA UNK J 177 112.63 -178.91 -138.81
C UNK J 177 111.16 -179.00 -138.46
N UNK J 178 110.87 -179.53 -137.27
CA UNK J 178 109.50 -179.79 -136.84
C UNK J 178 109.22 -179.04 -135.54
N UNK J 179 108.24 -178.15 -135.58
CA UNK J 179 107.75 -177.49 -134.38
C UNK J 179 106.45 -178.16 -133.95
N UNK J 180 106.39 -178.74 -132.75
CA UNK J 180 105.16 -179.44 -132.35
C UNK J 180 103.97 -178.52 -132.18
N UNK J 181 104.18 -177.24 -131.87
CA UNK J 181 103.11 -176.29 -131.67
C UNK J 181 103.53 -174.93 -132.22
N UNK J 182 102.62 -174.29 -132.97
CA UNK J 182 102.91 -172.98 -133.53
C UNK J 182 102.95 -171.89 -132.47
N UNK J 183 102.37 -172.13 -131.29
CA UNK J 183 102.43 -171.14 -130.22
C UNK J 183 103.85 -170.94 -129.75
N UNK J 184 104.65 -172.00 -129.70
CA UNK J 184 106.05 -171.92 -129.30
C UNK J 184 106.90 -171.91 -130.56
N UNK J 185 107.18 -170.70 -131.07
CA UNK J 185 107.97 -170.57 -132.29
C UNK J 185 109.44 -170.89 -132.07
N UNK J 186 109.93 -170.84 -130.84
CA UNK J 186 111.31 -171.12 -130.52
C UNK J 186 111.62 -172.53 -130.10
N UNK J 187 110.60 -173.40 -130.00
CA UNK J 187 110.77 -174.78 -129.57
C UNK J 187 110.53 -175.69 -130.78
N UNK J 188 111.59 -176.31 -131.28
CA UNK J 188 111.48 -177.20 -132.43
C UNK J 188 112.58 -178.25 -132.34
N UNK J 189 112.47 -179.27 -133.20
CA UNK J 189 113.45 -180.33 -133.30
C UNK J 189 113.91 -180.42 -134.75
N UNK J 190 115.07 -181.07 -134.95
CA UNK J 190 115.69 -181.15 -136.26
C UNK J 190 115.99 -182.61 -136.61
N UNK J 191 116.06 -182.87 -137.90
CA UNK J 191 116.37 -184.20 -138.42
C UNK J 191 116.91 -184.04 -139.84
N UNK J 192 117.42 -185.13 -140.41
CA UNK J 192 118.04 -185.07 -141.71
C UNK J 192 117.74 -186.34 -142.50
N UNK J 193 117.05 -186.16 -143.63
CA UNK J 193 116.96 -187.18 -144.68
C UNK J 193 118.09 -186.94 -145.67
N UNK J 194 118.03 -187.57 -146.84
CA UNK J 194 119.10 -187.40 -147.81
C UNK J 194 118.60 -187.59 -149.24
N UNK J 195 119.02 -186.70 -150.15
CA UNK J 195 118.64 -186.77 -151.55
C UNK J 195 119.71 -186.08 -152.38
N UNK J 196 119.54 -186.15 -153.71
CA UNK J 196 120.49 -185.53 -154.60
C UNK J 196 120.29 -184.04 -154.75
N UNK J 197 121.26 -183.41 -155.40
CA UNK J 197 121.19 -181.97 -155.64
C UNK J 197 120.11 -181.64 -156.65
N UNK J 198 119.47 -180.48 -156.49
CA UNK J 198 118.48 -179.95 -157.41
C UNK J 198 117.19 -180.77 -157.40
N UNK J 199 117.13 -181.77 -156.51
CA UNK J 199 115.94 -182.60 -156.40
C UNK J 199 114.78 -181.79 -155.84
N UNK J 200 113.75 -181.60 -156.66
CA UNK J 200 112.53 -180.91 -156.22
C UNK J 200 111.70 -181.85 -155.35
N UNK J 201 111.59 -181.53 -154.07
CA UNK J 201 110.89 -182.37 -153.12
C UNK J 201 109.62 -181.67 -152.63
N UNK J 202 108.70 -182.48 -152.10
CA UNK J 202 107.45 -182.00 -151.54
C UNK J 202 107.20 -182.66 -150.19
N UNK J 203 106.50 -181.94 -149.32
CA UNK J 203 106.14 -182.42 -147.99
C UNK J 203 104.63 -182.36 -147.86
N UNK J 204 104.03 -183.45 -147.39
CA UNK J 204 102.57 -183.54 -147.25
C UNK J 204 102.23 -184.15 -145.90
N UNK J 205 101.47 -183.42 -145.10
CA UNK J 205 101.03 -183.95 -143.81
C UNK J 205 99.98 -185.05 -144.04
N UNK J 206 100.15 -186.17 -143.34
CA UNK J 206 99.29 -187.33 -143.47
C UNK J 206 98.66 -187.64 -142.11
N UNK J 207 97.85 -188.70 -142.08
CA UNK J 207 97.19 -189.09 -140.85
C UNK J 207 98.20 -189.58 -139.82
N UNK J 208 97.84 -189.44 -138.55
CA UNK J 208 98.72 -189.85 -137.46
C UNK J 208 99.74 -188.82 -137.05
N UNK J 209 99.51 -187.54 -137.36
CA UNK J 209 100.42 -186.45 -137.00
C UNK J 209 101.81 -186.64 -137.60
N UNK J 210 101.89 -187.22 -138.79
CA UNK J 210 103.15 -187.50 -139.46
C UNK J 210 103.16 -186.80 -140.82
N UNK J 211 104.29 -186.91 -141.51
CA UNK J 211 104.47 -186.26 -142.79
C UNK J 211 105.09 -187.23 -143.77
N UNK J 212 104.93 -186.94 -145.07
CA UNK J 212 105.53 -187.72 -146.14
C UNK J 212 106.35 -186.78 -147.00
N UNK J 213 107.62 -187.10 -147.17
CA UNK J 213 108.52 -186.35 -148.03
C UNK J 213 108.77 -187.14 -149.30
N UNK J 214 108.55 -186.49 -150.44
CA UNK J 214 108.70 -187.11 -151.76
C UNK J 214 109.76 -186.34 -152.55
N UNK J 215 110.85 -187.01 -152.88
CA UNK J 215 111.92 -186.39 -153.64
C UNK J 215 111.58 -186.36 -155.13
N UNK J 216 112.43 -185.68 -155.89
CA UNK J 216 112.23 -185.60 -157.34
C UNK J 216 112.30 -186.98 -157.99
N UNK J 217 113.05 -187.91 -157.40
CA UNK J 217 113.15 -189.27 -157.89
C UNK J 217 112.03 -190.17 -157.38
N UNK J 218 110.96 -189.58 -156.84
CA UNK J 218 109.81 -190.33 -156.32
C UNK J 218 110.19 -191.17 -155.11
N UNK J 219 111.17 -190.73 -154.34
CA UNK J 219 111.54 -191.40 -153.09
C UNK J 219 110.62 -190.91 -151.98
N UNK J 220 109.85 -191.83 -151.39
CA UNK J 220 108.85 -191.50 -150.39
C UNK J 220 109.34 -191.93 -149.01
N UNK J 221 109.46 -190.96 -148.10
CA UNK J 221 109.92 -191.20 -146.74
C UNK J 221 108.86 -190.67 -145.78
N UNK J 222 108.32 -191.57 -144.95
CA UNK J 222 107.39 -191.17 -143.90
C UNK J 222 108.17 -190.79 -142.65
N UNK J 223 107.83 -189.65 -142.06
CA UNK J 223 108.50 -189.12 -140.88
C UNK J 223 107.47 -188.86 -139.80
N UNK J 224 107.68 -189.44 -138.63
CA UNK J 224 106.77 -189.30 -137.49
C UNK J 224 107.54 -188.74 -136.30
N UNK J 225 107.19 -187.58 -135.78
CA UNK J 225 107.83 -187.08 -134.56
C UNK J 225 107.33 -187.82 -133.33
N UNK J 226 108.26 -188.25 -132.49
CA UNK J 226 107.94 -188.93 -131.25
C UNK J 226 107.89 -187.94 -130.09
N UNK J 227 107.30 -188.38 -128.98
CA UNK J 227 107.16 -187.52 -127.81
C UNK J 227 108.52 -187.19 -127.19
N UNK J 228 109.53 -188.06 -127.36
CA UNK J 228 110.85 -187.77 -126.80
C UNK J 228 111.52 -186.62 -127.53
N UNK J 229 111.10 -186.33 -128.77
CA UNK J 229 111.68 -185.27 -129.57
C UNK J 229 112.34 -185.75 -130.85
N UNK J 230 112.63 -187.04 -130.97
CA UNK J 230 113.21 -187.56 -132.20
C UNK J 230 112.17 -187.61 -133.31
N UNK J 231 112.65 -187.80 -134.54
CA UNK J 231 111.79 -187.95 -135.71
C UNK J 231 112.14 -189.26 -136.39
N UNK J 232 111.27 -190.27 -136.23
CA UNK J 232 111.49 -191.54 -136.90
C UNK J 232 111.19 -191.42 -138.39
N UNK J 233 112.02 -192.08 -139.20
CA UNK J 233 111.88 -192.00 -140.64
C UNK J 233 111.95 -193.40 -141.24
N UNK J 234 111.10 -193.65 -142.22
CA UNK J 234 111.05 -194.96 -142.86
C UNK J 234 110.65 -194.81 -144.32
N UNK J 235 111.34 -195.56 -145.19
CA UNK J 235 111.02 -195.53 -146.61
C UNK J 235 109.72 -196.28 -146.86
N UNK J 236 108.89 -195.74 -147.74
CA UNK J 236 107.61 -196.37 -148.04
C UNK J 236 107.84 -197.69 -148.78
N UNK J 237 106.94 -198.66 -148.59
CA UNK J 237 107.09 -199.94 -149.31
C UNK J 237 107.07 -199.75 -150.82
N UNK J 238 108.10 -200.28 -151.50
CA UNK J 238 108.27 -200.12 -152.94
C UNK J 238 108.31 -198.65 -153.35
N UNK J 239 108.80 -197.79 -152.47
CA UNK J 239 108.87 -196.38 -152.74
C UNK J 239 110.25 -195.79 -152.50
N UNK J 240 111.29 -196.58 -152.79
CA UNK J 240 112.66 -196.11 -152.63
C UNK J 240 113.03 -195.06 -153.67
N UNK J 241 112.29 -194.99 -154.78
CA UNK J 241 112.58 -194.03 -155.83
C UNK J 241 113.33 -194.64 -156.98
N UNK J 242 114.34 -195.45 -156.67
CA UNK J 242 115.08 -196.20 -157.68
C UNK J 242 114.42 -197.56 -157.90
N UNK J 243 115.11 -198.46 -158.58
CA UNK J 243 114.60 -199.81 -158.82
C UNK J 243 114.60 -200.58 -157.50
N UNK J 244 113.41 -200.98 -157.06
CA UNK J 244 113.22 -201.68 -155.79
C UNK J 244 113.13 -203.18 -156.07
N UNK J 245 114.10 -203.93 -155.56
CA UNK J 245 114.14 -205.35 -155.80
C UNK J 245 114.59 -205.74 -157.19
N UNK J 246 115.16 -204.81 -157.95
CA UNK J 246 115.66 -205.08 -159.29
C UNK J 246 117.18 -204.90 -159.28
N UNK J 247 117.82 -205.39 -160.34
CA UNK J 247 119.26 -205.31 -160.45
C UNK J 247 119.74 -204.37 -161.53
N UNK J 248 121.06 -204.35 -161.77
CA UNK J 248 121.66 -203.48 -162.78
C UNK J 248 121.86 -204.22 -164.09
N UNK J 249 120.75 -204.66 -164.68
CA UNK J 249 120.75 -205.36 -165.95
C UNK J 249 119.89 -204.59 -166.96
N UNK J 250 119.79 -205.14 -168.17
CA UNK J 250 118.96 -204.55 -169.21
C UNK J 250 117.54 -205.11 -169.17
N UNK J 251 117.40 -206.42 -169.36
CA UNK J 251 116.15 -207.10 -169.09
C UNK J 251 116.45 -208.47 -168.50
N UNK J 252 116.59 -208.52 -167.18
CA UNK J 252 116.77 -209.79 -166.48
C UNK J 252 116.04 -209.75 -165.15
N UNK J 253 115.87 -208.53 -164.62
CA UNK J 253 115.22 -208.30 -163.34
C UNK J 253 113.87 -207.61 -163.48
N UNK J 254 113.20 -207.77 -164.61
CA UNK J 254 111.90 -207.15 -164.83
C UNK J 254 110.88 -207.66 -163.82
N UNK J 255 110.51 -206.80 -162.87
CA UNK J 255 109.56 -207.16 -161.84
C UNK J 255 108.59 -206.04 -161.57
N UNK J 256 108.50 -205.60 -160.31
CA UNK J 256 107.67 -204.45 -159.96
C UNK J 256 108.20 -203.15 -160.55
N UNK J 257 109.41 -203.16 -161.11
CA UNK J 257 109.97 -201.99 -161.77
C UNK J 257 110.77 -202.45 -162.98
N UNK J 258 111.08 -201.52 -163.86
CA UNK J 258 111.88 -201.84 -165.04
C UNK J 258 113.19 -201.06 -165.05
N UNK J 259 114.19 -201.56 -165.75
CA UNK J 259 115.48 -200.86 -165.82
C UNK J 259 115.35 -199.54 -166.57
N UNK J 260 114.62 -199.54 -167.68
CA UNK J 260 114.47 -198.33 -168.48
C UNK J 260 113.30 -197.45 -168.02
N UNK J 261 112.78 -197.72 -166.82
CA UNK J 261 111.67 -196.93 -166.32
C UNK J 261 112.18 -195.60 -165.78
N UNK J 262 111.43 -194.53 -166.05
CA UNK J 262 111.74 -193.19 -165.58
C UNK J 262 110.78 -192.85 -164.44
N UNK J 263 111.32 -192.68 -163.23
CA UNK J 263 110.51 -192.47 -162.04
C UNK J 263 110.57 -191.04 -161.54
N UNK J 264 110.79 -190.07 -162.43
CA UNK J 264 110.75 -188.67 -162.05
C UNK J 264 109.37 -188.32 -161.48
N UNK J 265 109.36 -187.74 -160.29
CA UNK J 265 108.13 -187.45 -159.58
C UNK J 265 107.52 -186.15 -160.09
N UNK J 266 106.22 -186.17 -160.33
CA UNK J 266 105.49 -185.00 -160.83
C UNK J 266 104.66 -184.33 -159.74
N UNK J 267 103.90 -185.10 -158.97
CA UNK J 267 103.05 -184.52 -157.93
C UNK J 267 102.70 -185.59 -156.90
N UNK J 268 102.14 -185.13 -155.79
CA UNK J 268 101.67 -186.00 -154.72
C UNK J 268 100.31 -185.51 -154.25
N UNK J 269 99.51 -186.43 -153.71
CA UNK J 269 98.16 -186.12 -153.27
C UNK J 269 97.82 -186.97 -152.06
N UNK J 270 97.16 -186.36 -151.07
CA UNK J 270 96.65 -187.07 -149.90
C UNK J 270 95.13 -186.93 -149.91
N UNK J 271 94.44 -188.02 -150.20
CA UNK J 271 92.99 -188.01 -150.33
C UNK J 271 92.34 -188.26 -148.98
N UNK J 272 91.01 -188.42 -148.99
CA UNK J 272 90.29 -188.69 -147.75
C UNK J 272 90.61 -190.09 -147.25
N UNK J 273 90.41 -190.29 -145.96
CA UNK J 273 90.78 -191.56 -145.36
C UNK J 273 92.28 -191.65 -145.18
N UNK J 274 92.90 -192.67 -145.77
CA UNK J 274 94.33 -192.90 -145.64
C UNK J 274 94.91 -193.29 -147.01
N UNK J 275 94.57 -192.53 -148.04
CA UNK J 275 95.04 -192.78 -149.40
C UNK J 275 96.10 -191.75 -149.78
N UNK J 276 97.30 -192.23 -150.10
CA UNK J 276 98.39 -191.37 -150.55
C UNK J 276 98.79 -191.78 -151.96
N UNK J 277 98.64 -190.87 -152.92
CA UNK J 277 98.94 -191.14 -154.31
C UNK J 277 100.12 -190.29 -154.77
N UNK J 278 100.94 -190.88 -155.63
CA UNK J 278 102.08 -190.19 -156.22
C UNK J 278 102.00 -190.33 -157.74
N UNK J 279 102.06 -189.20 -158.44
CA UNK J 279 102.00 -189.17 -159.90
C UNK J 279 103.38 -188.84 -160.43
N UNK J 280 103.90 -189.72 -161.27
CA UNK J 280 105.22 -189.59 -161.86
C UNK J 280 105.11 -189.41 -163.37
N UNK J 281 106.26 -189.38 -164.04
CA UNK J 281 106.27 -189.18 -165.48
C UNK J 281 105.77 -190.40 -166.25
N UNK J 282 105.80 -191.58 -165.64
CA UNK J 282 105.42 -192.81 -166.33
C UNK J 282 104.23 -193.53 -165.73
N UNK J 283 104.05 -193.48 -164.42
CA UNK J 283 102.99 -194.24 -163.77
C UNK J 283 102.56 -193.53 -162.49
N UNK J 284 101.40 -193.93 -161.97
CA UNK J 284 100.85 -193.41 -160.73
C UNK J 284 100.81 -194.55 -159.72
N UNK J 285 101.28 -194.27 -158.50
CA UNK J 285 101.32 -195.25 -157.43
C UNK J 285 100.38 -194.81 -156.31
N UNK J 286 99.83 -195.80 -155.60
CA UNK J 286 98.89 -195.56 -154.51
C UNK J 286 99.27 -196.37 -153.29
N UNK J 287 99.10 -195.79 -152.11
CA UNK J 287 99.39 -196.45 -150.85
C UNK J 287 98.25 -196.22 -149.88
N UNK J 288 97.89 -197.28 -149.16
CA UNK J 288 96.95 -197.20 -148.05
C UNK J 288 97.75 -197.15 -146.75
N UNK J 289 97.57 -196.08 -145.99
CA UNK J 289 98.43 -195.79 -144.85
C UNK J 289 97.72 -196.05 -143.53
N UNK J 290 98.51 -196.07 -142.46
CA UNK J 290 98.00 -196.17 -141.10
C UNK J 290 98.60 -195.05 -140.28
N UNK J 291 98.44 -195.11 -138.95
CA UNK J 291 99.05 -194.09 -138.10
C UNK J 291 100.57 -194.17 -138.09
N UNK J 292 101.15 -195.34 -138.40
CA UNK J 292 102.59 -195.49 -138.41
C UNK J 292 103.13 -196.30 -139.58
N UNK J 293 102.30 -196.82 -140.48
CA UNK J 293 102.77 -197.69 -141.55
C UNK J 293 101.97 -197.40 -142.81
N UNK J 294 102.40 -198.02 -143.92
CA UNK J 294 101.73 -197.88 -145.20
C UNK J 294 101.96 -199.15 -146.03
N UNK J 295 101.02 -199.43 -146.92
CA UNK J 295 101.08 -200.59 -147.80
C UNK J 295 100.75 -200.16 -149.22
N UNK J 296 101.62 -200.51 -150.16
CA UNK J 296 101.38 -200.19 -151.57
C UNK J 296 100.21 -200.99 -152.11
N UNK J 297 99.28 -200.32 -152.77
CA UNK J 297 98.09 -200.98 -153.30
C UNK J 297 98.31 -201.43 -154.74
N UNK J 298 98.68 -200.51 -155.62
CA UNK J 298 98.88 -200.84 -157.04
C UNK J 298 99.65 -199.72 -157.70
N UNK J 299 100.28 -200.05 -158.82
CA UNK J 299 100.95 -199.09 -159.69
C UNK J 299 100.43 -199.26 -161.09
N UNK J 300 99.80 -198.22 -161.63
CA UNK J 300 99.11 -198.28 -162.91
C UNK J 300 99.92 -197.52 -163.96
N UNK J 301 100.23 -198.19 -165.07
CA UNK J 301 100.97 -197.58 -166.17
C UNK J 301 100.05 -196.63 -166.93
N UNK J 302 99.96 -195.39 -166.43
CA UNK J 302 99.11 -194.39 -167.06
C UNK J 302 99.61 -193.99 -168.45
N UNK J 303 100.92 -194.06 -168.68
CA UNK J 303 101.45 -193.77 -170.01
C UNK J 303 100.94 -194.79 -171.02
N UNK J 304 100.90 -196.06 -170.65
CA UNK J 304 100.34 -197.08 -171.54
C UNK J 304 98.82 -196.94 -171.63
N UNK J 305 98.18 -196.53 -170.54
CA UNK J 305 96.73 -196.54 -170.49
C UNK J 305 96.15 -195.40 -171.33
N UNK J 306 96.51 -194.16 -171.02
CA UNK J 306 95.79 -192.99 -171.53
C UNK J 306 96.47 -192.31 -172.71
N UNK J 307 97.60 -192.81 -173.19
CA UNK J 307 98.28 -192.19 -174.32
C UNK J 307 97.39 -192.20 -175.57
N UNK J 308 96.80 -193.36 -175.87
CA UNK J 308 95.94 -193.47 -177.05
C UNK J 308 94.71 -192.58 -176.92
N UNK J 309 94.13 -192.52 -175.71
CA UNK J 309 92.96 -191.67 -175.50
C UNK J 309 93.31 -190.20 -175.70
N UNK J 310 94.45 -189.77 -175.17
CA UNK J 310 94.87 -188.37 -175.33
C UNK J 310 95.15 -188.06 -176.79
N UNK J 311 95.82 -188.98 -177.50
CA UNK J 311 96.11 -188.76 -178.91
C UNK J 311 94.82 -188.68 -179.73
N UNK J 312 93.85 -189.54 -179.42
CA UNK J 312 92.57 -189.49 -180.14
C UNK J 312 91.82 -188.20 -179.84
N UNK J 313 91.82 -187.77 -178.58
CA UNK J 313 91.12 -186.54 -178.23
C UNK J 313 91.81 -185.29 -178.75
N UNK J 314 93.10 -185.37 -179.08
CA UNK J 314 93.83 -184.21 -179.56
C UNK J 314 93.83 -184.17 -181.08
N UNK J 315 94.41 -185.19 -181.72
CA UNK J 315 94.56 -185.22 -183.16
C UNK J 315 93.93 -186.45 -183.79
N UNK J 316 92.99 -187.11 -183.11
CA UNK J 316 92.40 -188.32 -183.64
C UNK J 316 91.61 -188.10 -184.92
N UNK J 317 91.16 -186.87 -185.16
CA UNK J 317 90.37 -186.55 -186.35
C UNK J 317 91.21 -186.11 -187.53
N UNK J 318 92.53 -186.01 -187.37
CA UNK J 318 93.39 -185.61 -188.46
C UNK J 318 93.50 -186.72 -189.51
N UNK J 319 93.75 -186.31 -190.76
CA UNK J 319 93.91 -187.29 -191.84
C UNK J 319 95.15 -188.15 -191.62
N UNK J 320 96.24 -187.55 -191.13
CA UNK J 320 97.48 -188.26 -190.85
C UNK J 320 97.63 -188.60 -189.37
N UNK J 321 96.52 -188.92 -188.70
CA UNK J 321 96.55 -189.21 -187.26
C UNK J 321 97.47 -190.39 -186.95
N UNK J 322 97.48 -191.41 -187.82
CA UNK J 322 98.30 -192.59 -187.57
C UNK J 322 99.78 -192.23 -187.52
N UNK J 323 100.25 -191.40 -188.45
CA UNK J 323 101.64 -190.98 -188.43
C UNK J 323 101.91 -189.97 -187.32
N UNK J 324 100.94 -189.11 -187.02
CA UNK J 324 101.14 -188.06 -186.03
C UNK J 324 101.26 -188.65 -184.63
N UNK J 325 100.47 -189.70 -184.34
CA UNK J 325 100.41 -190.23 -182.98
C UNK J 325 101.74 -190.85 -182.55
N UNK J 326 102.56 -191.28 -183.50
CA UNK J 326 103.82 -191.93 -183.17
C UNK J 326 104.84 -190.97 -182.55
N UNK J 327 104.71 -189.67 -182.79
CA UNK J 327 105.62 -188.68 -182.27
C UNK J 327 105.07 -187.78 -181.18
N UNK J 328 103.86 -188.06 -180.69
CA UNK J 328 103.23 -187.18 -179.70
C UNK J 328 103.92 -187.35 -178.35
N UNK J 329 104.42 -186.25 -177.81
CA UNK J 329 105.02 -186.24 -176.48
C UNK J 329 103.99 -185.77 -175.46
N UNK J 330 103.80 -186.57 -174.41
CA UNK J 330 102.80 -186.29 -173.38
C UNK J 330 103.48 -186.38 -172.02
N UNK J 331 103.20 -185.40 -171.16
CA UNK J 331 103.77 -185.34 -169.82
C UNK J 331 102.67 -185.05 -168.81
N UNK J 332 102.69 -185.76 -167.68
CA UNK J 332 101.74 -185.55 -166.60
C UNK J 332 102.31 -184.54 -165.62
N UNK J 333 101.49 -183.58 -165.19
CA UNK J 333 101.96 -182.48 -164.37
C UNK J 333 101.34 -182.42 -162.98
N UNK J 334 100.09 -182.84 -162.82
CA UNK J 334 99.43 -182.74 -161.52
C UNK J 334 98.30 -183.75 -161.46
N UNK J 335 97.91 -184.09 -160.23
CA UNK J 335 96.84 -185.05 -159.98
C UNK J 335 95.99 -184.57 -158.81
N UNK J 336 94.68 -184.63 -158.98
CA UNK J 336 93.73 -184.24 -157.94
C UNK J 336 92.59 -185.25 -157.92
N UNK J 337 91.63 -185.03 -157.02
CA UNK J 337 90.52 -185.96 -156.84
C UNK J 337 89.21 -185.20 -156.80
N UNK J 338 88.15 -185.88 -157.22
CA UNK J 338 86.80 -185.34 -157.19
C UNK J 338 85.82 -186.52 -157.17
N UNK J 339 84.53 -186.20 -157.26
CA UNK J 339 83.51 -187.25 -157.23
C UNK J 339 83.67 -188.22 -158.39
N UNK J 340 84.12 -187.72 -159.54
CA UNK J 340 84.35 -188.59 -160.70
C UNK J 340 85.55 -189.51 -160.50
N UNK J 341 86.42 -189.22 -159.53
CA UNK J 341 87.60 -190.02 -159.29
C UNK J 341 88.87 -189.20 -159.41
N UNK J 342 89.88 -189.78 -160.05
CA UNK J 342 91.18 -189.13 -160.21
C UNK J 342 91.19 -188.27 -161.47
N UNK J 343 91.71 -187.05 -161.34
CA UNK J 343 91.81 -186.11 -162.45
C UNK J 343 93.28 -185.74 -162.62
N UNK J 344 93.85 -186.08 -163.78
CA UNK J 344 95.25 -185.86 -164.07
C UNK J 344 95.37 -184.78 -165.13
N UNK J 345 96.30 -183.85 -164.93
CA UNK J 345 96.60 -182.81 -165.90
C UNK J 345 97.74 -183.29 -166.80
N UNK J 346 97.52 -183.25 -168.11
CA UNK J 346 98.50 -183.73 -169.08
C UNK J 346 98.74 -182.66 -170.13
N UNK J 347 100.01 -182.48 -170.48
CA UNK J 347 100.42 -181.59 -171.56
C UNK J 347 100.88 -182.45 -172.73
N UNK J 348 100.29 -182.22 -173.90
CA UNK J 348 100.60 -183.00 -175.09
C UNK J 348 101.07 -182.06 -176.19
N UNK J 349 102.06 -182.51 -176.96
CA UNK J 349 102.62 -181.67 -178.02
C UNK J 349 103.17 -182.55 -179.12
N UNK J 350 103.17 -182.00 -180.34
CA UNK J 350 103.74 -182.65 -181.51
C UNK J 350 104.75 -181.70 -182.14
N UNK J 351 106.04 -182.08 -182.21
CA UNK J 351 107.03 -181.14 -182.77
C UNK J 351 106.83 -180.85 -184.25
N UNK J 352 106.35 -181.82 -185.02
CA UNK J 352 106.19 -181.67 -186.45
C UNK J 352 104.90 -181.06 -186.92
N UNK J 353 103.96 -180.79 -186.01
CA UNK J 353 102.69 -180.18 -186.39
C UNK J 353 102.92 -178.79 -186.95
N UNK J 354 102.01 -178.34 -187.82
CA UNK J 354 102.10 -176.99 -188.35
C UNK J 354 102.07 -175.94 -187.25
N UNK J 355 101.03 -175.84 -186.42
CA UNK J 355 101.14 -175.00 -185.22
C UNK J 355 101.70 -175.79 -184.06
N UNK J 356 102.76 -175.29 -183.43
CA UNK J 356 103.43 -176.01 -182.34
C UNK J 356 102.78 -175.67 -181.00
N UNK J 357 101.48 -175.90 -180.93
CA UNK J 357 100.73 -175.61 -179.71
C UNK J 357 100.81 -176.79 -178.74
N UNK J 358 100.77 -176.48 -177.46
CA UNK J 358 100.77 -177.47 -176.39
C UNK J 358 99.36 -177.55 -175.83
N UNK J 359 98.75 -178.73 -175.94
CA UNK J 359 97.36 -178.94 -175.52
C UNK J 359 97.34 -179.43 -174.07
N UNK J 360 96.56 -178.74 -173.25
CA UNK J 360 96.35 -179.16 -171.86
C UNK J 360 95.06 -179.94 -171.77
N UNK J 361 95.12 -181.11 -171.15
CA UNK J 361 93.99 -182.02 -171.05
C UNK J 361 93.79 -182.47 -169.61
N UNK J 362 92.54 -182.61 -169.22
CA UNK J 362 92.15 -183.20 -167.95
C UNK J 362 91.64 -184.60 -168.21
N UNK J 363 92.26 -185.59 -167.58
CA UNK J 363 91.91 -186.99 -167.74
C UNK J 363 91.24 -187.46 -166.45
N UNK J 364 89.99 -187.87 -166.56
CA UNK J 364 89.21 -188.36 -165.43
C UNK J 364 89.13 -189.88 -165.51
N UNK J 365 89.50 -190.54 -164.43
CA UNK J 365 89.51 -192.00 -164.35
C UNK J 365 88.92 -192.44 -163.02
N UNK J 366 88.38 -193.65 -163.00
CA UNK J 366 87.79 -194.19 -161.78
C UNK J 366 88.85 -194.97 -160.99
N UNK J 367 88.90 -194.70 -159.68
CA UNK J 367 89.81 -195.39 -158.77
C UNK J 367 89.00 -196.38 -157.96
N UNK J 368 88.82 -197.59 -158.50
CA UNK J 368 88.04 -198.64 -157.86
C UNK J 368 88.88 -199.91 -157.83
N UNK J 369 89.31 -200.31 -156.63
CA UNK J 369 90.12 -201.50 -156.47
C UNK J 369 91.58 -201.26 -156.80
N UNK J 370 92.21 -202.23 -157.47
CA UNK J 370 93.62 -202.13 -157.84
C UNK J 370 93.83 -202.14 -159.34
N UNK J 371 92.78 -201.94 -160.13
CA UNK J 371 92.90 -201.94 -161.58
C UNK J 371 92.14 -200.74 -162.14
N UNK J 372 92.59 -200.27 -163.30
CA UNK J 372 91.97 -199.13 -163.96
C UNK J 372 90.79 -199.61 -164.79
N UNK J 373 89.73 -198.80 -164.83
CA UNK J 373 88.55 -199.14 -165.60
C UNK J 373 88.73 -198.74 -167.06
N UNK J 374 87.83 -199.23 -167.91
CA UNK J 374 87.87 -198.92 -169.34
C UNK J 374 87.33 -197.54 -169.65
N UNK J 375 86.58 -196.93 -168.73
CA UNK J 375 85.97 -195.63 -168.97
C UNK J 375 86.93 -194.54 -168.48
N UNK J 376 87.59 -193.87 -169.42
CA UNK J 376 88.48 -192.75 -169.13
C UNK J 376 88.05 -191.57 -169.99
N UNK J 377 87.85 -190.42 -169.35
CA UNK J 377 87.39 -189.22 -170.04
C UNK J 377 88.55 -188.26 -170.24
N UNK J 378 88.60 -187.63 -171.40
CA UNK J 378 89.66 -186.67 -171.73
C UNK J 378 88.97 -185.38 -172.19
N UNK J 379 89.28 -184.28 -171.51
CA UNK J 379 88.72 -182.97 -171.85
C UNK J 379 89.86 -182.01 -172.12
N UNK J 380 89.89 -181.44 -173.34
CA UNK J 380 90.92 -180.51 -173.74
C UNK J 380 90.50 -179.11 -173.32
N UNK J 381 91.30 -178.50 -172.44
CA UNK J 381 90.97 -177.17 -171.93
C UNK J 381 91.31 -176.09 -172.95
N UNK J 382 90.84 -174.87 -172.67
CA UNK J 382 91.09 -173.75 -173.57
C UNK J 382 92.55 -173.32 -173.57
N UNK J 383 93.32 -173.72 -172.57
CA UNK J 383 94.74 -173.34 -172.48
C UNK J 383 95.51 -174.11 -173.55
N UNK J 384 95.99 -173.39 -174.56
CA UNK J 384 96.75 -174.00 -175.65
C UNK J 384 97.84 -173.05 -176.13
N UNK J 385 98.81 -172.72 -175.28
CA UNK J 385 99.88 -171.82 -175.70
C UNK J 385 100.88 -172.53 -176.61
N UNK J 386 101.56 -171.72 -177.43
CA UNK J 386 102.57 -172.27 -178.33
C UNK J 386 103.74 -172.82 -177.54
N UNK J 387 104.21 -173.99 -177.95
CA UNK J 387 105.31 -174.64 -177.24
C UNK J 387 106.62 -173.90 -177.51
N UNK J 388 107.33 -173.56 -176.42
CA UNK J 388 108.63 -172.90 -176.53
C UNK J 388 109.74 -173.82 -176.04
N UNK J 389 109.62 -174.38 -174.83
CA UNK J 389 110.61 -175.31 -174.32
C UNK J 389 109.92 -176.26 -173.35
N UNK J 390 110.50 -177.46 -173.23
CA UNK J 390 109.94 -178.46 -172.31
C UNK J 390 110.01 -177.99 -170.86
N UNK J 391 111.05 -177.23 -170.52
CA UNK J 391 111.19 -176.71 -169.18
C UNK J 391 110.23 -175.60 -168.85
N UNK J 392 109.57 -175.02 -169.85
CA UNK J 392 108.64 -173.93 -169.66
C UNK J 392 107.20 -174.40 -169.56
N UNK J 393 106.94 -175.69 -169.70
CA UNK J 393 105.58 -176.24 -169.59
C UNK J 393 105.24 -176.38 -168.11
N UNK J 394 104.82 -175.26 -167.52
CA UNK J 394 104.49 -175.19 -166.10
C UNK J 394 102.99 -174.93 -165.95
N UNK J 395 102.33 -175.77 -165.16
CA UNK J 395 100.90 -175.64 -164.91
C UNK J 395 100.48 -176.49 -163.71
N UNK J 396 99.61 -175.95 -162.87
CA UNK J 396 99.11 -176.67 -161.71
C UNK J 396 97.60 -176.82 -161.82
N UNK J 397 97.04 -177.73 -161.02
CA UNK J 397 95.62 -178.03 -161.05
C UNK J 397 95.03 -177.89 -159.65
N UNK J 398 93.88 -177.24 -159.56
CA UNK J 398 93.16 -177.06 -158.31
C UNK J 398 91.73 -177.52 -158.48
N UNK J 399 91.20 -178.20 -157.46
CA UNK J 399 89.82 -178.68 -157.47
C UNK J 399 89.16 -178.30 -156.15
N UNK J 400 88.45 -177.17 -156.09
CA UNK J 400 87.85 -176.75 -154.82
C UNK J 400 86.51 -177.44 -154.56
N UNK J 401 85.81 -177.81 -155.62
CA UNK J 401 84.49 -178.42 -155.52
C UNK J 401 84.61 -179.91 -155.83
N UNK J 402 84.41 -180.74 -154.81
CA UNK J 402 84.49 -182.18 -154.99
C UNK J 402 83.29 -182.74 -155.75
N UNK J 403 82.18 -182.01 -155.80
CA UNK J 403 80.98 -182.48 -156.47
C UNK J 403 80.69 -181.77 -157.78
N UNK J 404 81.22 -180.57 -158.00
CA UNK J 404 81.10 -179.89 -159.28
C UNK J 404 82.28 -180.27 -160.16
N UNK J 405 82.01 -180.47 -161.45
CA UNK J 405 83.02 -180.91 -162.40
C UNK J 405 83.79 -179.73 -162.99
N UNK J 406 84.27 -178.85 -162.11
CA UNK J 406 85.04 -177.68 -162.51
C UNK J 406 86.43 -177.74 -161.91
N UNK J 407 87.44 -177.41 -162.71
CA UNK J 407 88.82 -177.41 -162.28
C UNK J 407 89.46 -176.08 -162.63
N UNK J 408 90.57 -175.76 -161.94
CA UNK J 408 91.28 -174.51 -162.15
C UNK J 408 92.72 -174.83 -162.53
N UNK J 409 93.07 -174.58 -163.79
CA UNK J 409 94.47 -174.63 -164.21
C UNK J 409 95.14 -173.31 -163.83
N UNK J 410 96.36 -173.40 -163.31
CA UNK J 410 97.02 -172.26 -162.73
C UNK J 410 98.43 -172.12 -163.26
N UNK J 411 98.79 -170.90 -163.64
CA UNK J 411 100.14 -170.55 -164.01
C UNK J 411 100.58 -169.33 -163.19
N UNK J 412 101.73 -168.75 -163.53
CA UNK J 412 102.21 -167.58 -162.81
C UNK J 412 101.59 -166.28 -163.32
N UNK J 413 100.77 -166.32 -164.37
CA UNK J 413 100.23 -165.12 -164.97
C UNK J 413 98.71 -165.12 -165.16
N UNK J 414 98.07 -166.28 -165.16
CA UNK J 414 96.64 -166.34 -165.44
C UNK J 414 96.07 -167.65 -164.90
N UNK J 415 94.75 -167.67 -164.73
CA UNK J 415 94.03 -168.84 -164.24
C UNK J 415 92.99 -169.22 -165.30
N UNK J 416 92.75 -170.51 -165.45
CA UNK J 416 91.78 -171.02 -166.41
C UNK J 416 90.79 -171.92 -165.69
N UNK J 417 89.56 -171.45 -165.55
CA UNK J 417 88.48 -172.30 -165.04
C UNK J 417 87.92 -173.12 -166.18
N UNK J 418 88.06 -174.44 -166.09
CA UNK J 418 87.67 -175.35 -167.15
C UNK J 418 86.80 -176.46 -166.58
N UNK J 419 86.30 -177.31 -167.49
CA UNK J 419 85.38 -178.38 -167.16
C UNK J 419 86.09 -179.73 -167.17
N UNK J 420 85.53 -180.68 -166.42
CA UNK J 420 86.01 -182.05 -166.39
C UNK J 420 84.82 -183.00 -166.50
N UNK J 421 85.13 -184.26 -166.81
CA UNK J 421 84.07 -185.26 -166.92
C UNK J 421 83.14 -184.97 -168.08
N UNK J 422 81.85 -185.18 -167.83
CA UNK J 422 80.84 -184.91 -168.87
C UNK J 422 80.60 -183.42 -169.05
N UNK J 423 80.73 -182.64 -167.98
CA UNK J 423 80.53 -181.21 -168.06
C UNK J 423 79.10 -180.74 -167.84
N UNK J 424 78.23 -181.60 -167.30
CA UNK J 424 76.83 -181.20 -167.11
C UNK J 424 76.70 -180.13 -166.04
N UNK J 425 77.39 -180.28 -164.91
CA UNK J 425 77.32 -179.35 -163.80
C UNK J 425 78.56 -178.46 -163.71
N UNK J 426 79.29 -178.30 -164.82
CA UNK J 426 80.51 -177.51 -164.82
C UNK J 426 80.19 -176.03 -165.05
N UNK J 427 81.05 -175.18 -164.49
CA UNK J 427 80.91 -173.73 -164.67
C UNK J 427 81.42 -173.32 -166.04
N UNK J 428 81.07 -172.12 -166.49
CA UNK J 428 81.56 -171.64 -167.79
C UNK J 428 83.07 -171.60 -167.86
N UNK J 429 83.62 -172.12 -168.97
CA UNK J 429 85.06 -172.10 -169.17
C UNK J 429 85.52 -170.66 -169.42
N UNK J 430 86.49 -170.21 -168.64
CA UNK J 430 86.90 -168.81 -168.67
C UNK J 430 88.37 -168.68 -168.31
N UNK J 431 88.99 -167.62 -168.83
CA UNK J 431 90.37 -167.27 -168.51
C UNK J 431 90.38 -165.94 -167.75
N UNK J 432 90.99 -165.93 -166.58
CA UNK J 432 91.11 -164.74 -165.74
C UNK J 432 92.58 -164.35 -165.71
N UNK J 433 92.93 -163.14 -166.18
CA UNK J 433 94.35 -162.75 -166.19
C UNK J 433 94.79 -162.08 -164.90
N UNK J 434 96.02 -162.37 -164.46
CA UNK J 434 96.58 -161.77 -163.25
C UNK J 434 98.03 -161.36 -163.47
N UNK J 435 98.37 -160.96 -164.70
CA UNK J 435 99.73 -160.55 -165.04
C UNK J 435 99.86 -159.05 -165.27
N UNK J 436 98.80 -158.28 -165.07
CA UNK J 436 98.81 -156.85 -165.37
C UNK J 436 99.46 -156.06 -164.25
N UNK J 437 100.37 -155.17 -164.61
CA UNK J 437 101.01 -154.23 -163.68
C UNK J 437 101.85 -154.94 -162.63
N UNK J 438 102.62 -155.94 -163.07
CA UNK J 438 103.51 -156.66 -162.18
C UNK J 438 102.85 -157.72 -161.33
N UNK J 439 101.54 -157.88 -161.43
CA UNK J 439 100.85 -158.89 -160.64
C UNK J 439 101.24 -160.29 -161.12
N UNK J 440 101.10 -161.27 -160.22
CA UNK J 440 101.41 -162.65 -160.53
C UNK J 440 100.72 -163.55 -159.51
N UNK J 441 100.34 -164.75 -159.97
CA UNK J 441 99.65 -165.71 -159.13
C UNK J 441 100.69 -166.40 -158.27
N UNK J 442 100.76 -166.02 -156.99
CA UNK J 442 101.74 -166.60 -156.08
C UNK J 442 101.30 -167.94 -155.51
N UNK J 443 100.03 -168.30 -155.65
CA UNK J 443 99.58 -169.61 -155.19
C UNK J 443 98.10 -169.77 -155.44
N UNK J 444 97.64 -171.00 -155.23
CA UNK J 444 96.23 -171.33 -155.44
C UNK J 444 95.81 -172.40 -154.44
N UNK J 445 94.51 -172.41 -154.12
CA UNK J 445 93.96 -173.40 -153.23
C UNK J 445 92.46 -173.25 -153.03
N UNK J 446 91.96 -173.81 -151.93
CA UNK J 446 90.53 -173.80 -151.66
C UNK J 446 90.29 -173.57 -150.18
N UNK J 447 89.26 -172.78 -149.88
CA UNK J 447 88.83 -172.52 -148.51
C UNK J 447 87.32 -172.69 -148.46
N UNK J 448 86.85 -173.72 -147.75
CA UNK J 448 85.44 -174.07 -147.68
C UNK J 448 84.85 -174.33 -149.06
N UNK J 449 85.67 -174.87 -149.97
CA UNK J 449 85.24 -175.18 -151.31
C UNK J 449 85.28 -174.03 -152.29
N UNK J 450 85.78 -172.87 -151.90
CA UNK J 450 85.84 -171.71 -152.79
C UNK J 450 87.21 -171.60 -153.42
N UNK J 451 87.31 -171.46 -154.75
CA UNK J 451 88.63 -171.27 -155.38
C UNK J 451 89.26 -169.97 -154.93
N UNK J 452 90.41 -170.08 -154.27
CA UNK J 452 91.14 -168.94 -153.75
C UNK J 452 92.51 -168.89 -154.42
N UNK J 453 92.95 -167.69 -154.76
CA UNK J 453 94.26 -167.46 -155.34
C UNK J 453 95.00 -166.39 -154.55
N UNK J 454 96.28 -166.63 -154.32
CA UNK J 454 97.16 -165.67 -153.66
C UNK J 454 97.97 -164.99 -154.76
N UNK J 455 97.66 -163.72 -155.02
CA UNK J 455 98.34 -162.93 -156.03
C UNK J 455 99.16 -161.86 -155.33
N UNK J 456 100.25 -161.44 -155.97
CA UNK J 456 101.14 -160.45 -155.38
C UNK J 456 100.45 -159.10 -155.21
N UNK J 457 99.58 -158.74 -156.16
CA UNK J 457 99.00 -157.40 -156.16
C UNK J 457 97.81 -157.27 -155.21
N UNK J 458 97.03 -158.34 -155.02
CA UNK J 458 95.80 -158.25 -154.25
C UNK J 458 95.71 -159.22 -153.08
N UNK J 459 96.78 -159.95 -152.77
CA UNK J 459 96.71 -160.88 -151.66
C UNK J 459 95.82 -162.07 -151.98
N UNK J 460 95.08 -162.53 -150.98
CA UNK J 460 94.14 -163.61 -151.18
C UNK J 460 92.86 -163.08 -151.83
N UNK J 461 92.37 -163.80 -152.84
CA UNK J 461 91.14 -163.41 -153.52
C UNK J 461 90.39 -164.67 -153.96
N UNK J 462 89.09 -164.68 -153.75
CA UNK J 462 88.24 -165.79 -154.14
C UNK J 462 87.54 -165.48 -155.45
N UNK J 463 87.36 -166.52 -156.26
CA UNK J 463 86.73 -166.42 -157.58
C UNK J 463 85.42 -167.19 -157.52
N UNK J 464 84.30 -166.48 -157.60
CA UNK J 464 82.98 -167.08 -157.51
C UNK J 464 82.17 -166.71 -158.75
N UNK J 465 81.41 -167.68 -159.26
CA UNK J 465 80.57 -167.44 -160.42
C UNK J 465 79.51 -166.37 -160.09
N UNK J 466 79.12 -165.61 -161.12
CA UNK J 466 78.14 -164.56 -160.95
C UNK J 466 76.72 -165.11 -160.87
N UNK J 505 108.78 -103.24 -146.22
CA UNK J 505 108.91 -102.90 -147.63
C UNK J 505 107.77 -103.51 -148.44
N UNK J 506 108.00 -103.66 -149.75
CA UNK J 506 106.99 -104.26 -150.62
C UNK J 506 106.73 -105.71 -150.24
N UNK J 507 107.79 -106.47 -149.92
CA UNK J 507 107.61 -107.85 -149.49
C UNK J 507 106.85 -107.94 -148.17
N UNK J 508 107.13 -107.03 -147.23
CA UNK J 508 106.40 -107.00 -145.98
C UNK J 508 104.93 -106.67 -146.19
N UNK J 509 104.64 -105.73 -147.11
CA UNK J 509 103.26 -105.39 -147.42
C UNK J 509 102.54 -106.58 -148.05
N UNK J 510 103.18 -107.26 -149.00
CA UNK J 510 102.57 -108.40 -149.66
C UNK J 510 102.47 -109.62 -148.77
N UNK J 511 103.23 -109.68 -147.68
CA UNK J 511 103.08 -110.72 -146.68
C UNK J 511 101.99 -110.40 -145.67
N UNK J 512 101.86 -109.13 -145.27
CA UNK J 512 100.73 -108.74 -144.43
C UNK J 512 99.41 -108.91 -145.16
N UNK J 513 99.39 -108.62 -146.47
CA UNK J 513 98.19 -108.85 -147.26
C UNK J 513 97.88 -110.34 -147.38
N UNK J 514 98.90 -111.18 -147.56
CA UNK J 514 98.69 -112.62 -147.65
C UNK J 514 98.28 -113.24 -146.31
N UNK J 515 98.63 -112.60 -145.20
CA UNK J 515 98.16 -113.03 -143.89
C UNK J 515 96.74 -112.56 -143.62
N UNK J 516 96.39 -111.34 -144.04
CA UNK J 516 95.01 -110.88 -143.92
C UNK J 516 94.08 -111.70 -144.79
N UNK J 517 94.56 -112.18 -145.95
CA UNK J 517 93.75 -113.05 -146.79
C UNK J 517 93.39 -114.34 -146.07
N UNK J 518 94.36 -114.94 -145.38
CA UNK J 518 94.11 -116.18 -144.65
C UNK J 518 93.41 -115.95 -143.31
N UNK J 519 93.43 -114.71 -142.79
CA UNK J 519 92.74 -114.43 -141.54
C UNK J 519 91.23 -114.57 -141.68
N UNK J 520 90.70 -114.44 -142.89
CA UNK J 520 89.27 -114.63 -143.09
C UNK J 520 88.86 -116.08 -142.84
N UNK J 521 89.76 -117.04 -143.10
CA UNK J 521 89.45 -118.45 -142.91
C UNK J 521 89.92 -118.95 -141.55
N UNK J 522 91.15 -118.64 -141.16
CA UNK J 522 91.71 -119.16 -139.93
C UNK J 522 92.55 -118.08 -139.26
N UNK J 523 92.74 -118.24 -137.96
CA UNK J 523 93.47 -117.25 -137.16
C UNK J 523 94.84 -117.71 -136.72
N UNK J 524 95.07 -119.02 -136.70
CA UNK J 524 96.34 -119.55 -136.22
C UNK J 524 97.50 -119.10 -137.11
N UNK J 525 97.35 -119.22 -138.43
CA UNK J 525 98.41 -118.82 -139.35
C UNK J 525 98.71 -117.34 -139.24
N UNK J 526 97.67 -116.50 -139.14
CA UNK J 526 97.87 -115.07 -138.99
C UNK J 526 98.51 -114.70 -137.66
N UNK J 527 98.14 -115.37 -136.58
CA UNK J 527 98.79 -115.13 -135.30
C UNK J 527 100.25 -115.57 -135.30
N UNK J 528 100.58 -116.64 -136.02
CA UNK J 528 101.98 -117.03 -136.15
C UNK J 528 102.77 -116.07 -137.02
N UNK J 529 102.15 -115.54 -138.08
CA UNK J 529 102.82 -114.54 -138.91
C UNK J 529 102.91 -113.17 -138.23
N UNK J 530 102.11 -112.94 -137.19
CA UNK J 530 102.25 -111.76 -136.36
C UNK J 530 103.30 -111.95 -135.25
N UNK J 531 103.39 -113.15 -134.69
CA UNK J 531 104.52 -113.46 -133.82
C UNK J 531 105.84 -113.37 -134.58
N UNK J 532 105.82 -113.73 -135.86
CA UNK J 532 107.00 -113.57 -136.70
C UNK J 532 107.20 -112.12 -137.14
N UNK J 533 106.15 -111.31 -137.17
CA UNK J 533 106.26 -109.89 -137.49
C UNK J 533 106.63 -109.05 -136.28
N UNK J 534 106.59 -109.65 -135.08
CA UNK J 534 107.11 -109.00 -133.88
C UNK J 534 108.62 -109.09 -133.79
N UNK J 535 109.28 -109.62 -134.82
CA UNK J 535 110.74 -109.64 -134.92
C UNK J 535 111.27 -108.50 -135.76
N UNK J 536 110.53 -107.40 -135.88
CA UNK J 536 110.95 -106.25 -136.66
C UNK J 536 111.91 -105.38 -135.85
N UNK J 537 112.19 -104.17 -136.35
CA UNK J 537 113.08 -103.25 -135.66
C UNK J 537 112.44 -102.64 -134.41
N UNK J 538 111.12 -102.43 -134.46
CA UNK J 538 110.33 -101.84 -133.39
C UNK J 538 110.88 -100.48 -132.97
N UNK J 539 111.27 -99.63 -133.93
CA UNK J 539 111.60 -98.25 -133.60
C UNK J 539 110.35 -97.38 -133.55
N UNK J 540 110.01 -96.87 -132.37
CA UNK J 540 108.81 -96.07 -132.16
C UNK J 540 108.65 -94.96 -133.18
N UNK J 541 109.75 -94.27 -133.50
CA UNK J 541 109.68 -93.09 -134.35
C UNK J 541 109.48 -93.41 -135.83
N UNK J 542 110.13 -94.44 -136.35
CA UNK J 542 110.14 -94.63 -137.80
C UNK J 542 109.70 -96.03 -138.24
N UNK J 543 109.92 -97.04 -137.40
CA UNK J 543 109.48 -98.38 -137.77
C UNK J 543 107.98 -98.56 -137.59
N UNK J 544 107.40 -97.98 -136.54
CA UNK J 544 105.96 -97.95 -136.43
C UNK J 544 105.32 -97.14 -137.56
N UNK J 545 105.99 -96.08 -138.02
CA UNK J 545 105.51 -95.30 -139.14
C UNK J 545 105.81 -95.94 -140.48
N UNK J 546 106.64 -96.98 -140.51
CA UNK J 546 106.86 -97.76 -141.71
C UNK J 546 105.94 -98.97 -141.79
N UNK J 547 105.45 -99.45 -140.65
CA UNK J 547 104.33 -100.40 -140.64
C UNK J 547 103.00 -99.71 -140.83
N UNK J 548 102.88 -98.44 -140.41
CA UNK J 548 101.72 -97.64 -140.76
C UNK J 548 101.65 -97.42 -142.26
N UNK J 549 102.80 -97.34 -142.93
CA UNK J 549 102.84 -97.16 -144.38
C UNK J 549 102.38 -98.40 -145.13
N UNK J 550 102.34 -99.56 -144.47
CA UNK J 550 101.77 -100.78 -145.05
C UNK J 550 100.31 -100.94 -144.68
N UNK J 551 99.96 -100.59 -143.44
CA UNK J 551 98.56 -100.59 -143.05
C UNK J 551 97.74 -99.62 -143.90
N UNK J 552 98.29 -98.43 -144.17
CA UNK J 552 97.59 -97.46 -145.00
C UNK J 552 97.56 -97.92 -146.45
N UNK J 553 98.61 -98.61 -146.90
CA UNK J 553 98.59 -99.18 -148.24
C UNK J 553 97.50 -100.23 -148.38
N UNK J 554 97.28 -101.06 -147.36
CA UNK J 554 96.19 -102.02 -147.40
C UNK J 554 94.84 -101.34 -147.33
N UNK J 555 94.70 -100.29 -146.50
CA UNK J 555 93.43 -99.56 -146.40
C UNK J 555 93.14 -98.74 -147.64
N UNK J 556 94.14 -98.45 -148.46
CA UNK J 556 93.93 -97.76 -149.73
C UNK J 556 93.77 -98.70 -150.91
N UNK J 557 94.26 -99.93 -150.79
CA UNK J 557 93.98 -100.96 -151.79
C UNK J 557 92.64 -101.63 -151.57
N UNK J 558 92.10 -101.58 -150.34
CA UNK J 558 90.76 -102.10 -150.06
C UNK J 558 89.71 -101.17 -150.66
N UNK J 559 89.90 -99.85 -150.58
CA UNK J 559 88.92 -98.93 -151.16
C UNK J 559 88.96 -98.86 -152.67
N UNK J 560 90.10 -99.22 -153.28
CA UNK J 560 90.24 -99.23 -154.72
C UNK J 560 89.64 -100.48 -155.33
N UNK J 561 90.10 -100.86 -156.52
CA UNK J 561 89.65 -102.09 -157.17
C UNK J 561 90.10 -103.32 -156.39
N UNK J 562 89.93 -104.51 -156.99
CA UNK J 562 90.22 -105.80 -156.37
C UNK J 562 91.55 -105.75 -155.62
N UNK J 563 91.54 -106.04 -154.32
CA UNK J 563 92.76 -105.89 -153.52
C UNK J 563 93.84 -106.89 -153.91
N UNK J 564 95.09 -106.51 -153.68
CA UNK J 564 96.22 -107.38 -153.99
C UNK J 564 96.28 -108.57 -153.05
N UNK J 565 95.48 -108.54 -151.98
CA UNK J 565 95.42 -109.68 -151.07
C UNK J 565 94.54 -110.78 -151.62
N UNK J 566 93.69 -110.47 -152.60
CA UNK J 566 92.82 -111.46 -153.22
C UNK J 566 93.64 -112.47 -154.03
N UNK J 567 92.92 -113.41 -154.64
CA UNK J 567 93.48 -114.47 -155.48
C UNK J 567 94.21 -115.52 -154.66
N UNK J 568 94.37 -115.27 -153.35
CA UNK J 568 94.86 -116.30 -152.45
C UNK J 568 93.70 -117.11 -151.89
N UNK J 569 92.73 -116.42 -151.30
CA UNK J 569 91.49 -117.02 -150.80
C UNK J 569 90.33 -116.31 -151.49
N UNK J 570 89.35 -117.04 -152.02
CA UNK J 570 88.28 -116.37 -152.79
C UNK J 570 87.21 -115.78 -151.90
N UNK J 571 87.56 -114.78 -151.10
CA UNK J 571 86.60 -114.08 -150.26
C UNK J 571 85.85 -113.01 -151.06
N UNK J 572 85.17 -112.10 -150.38
CA UNK J 572 84.46 -111.01 -151.05
C UNK J 572 85.41 -110.04 -151.74
N UNK J 573 86.72 -110.14 -151.50
CA UNK J 573 87.68 -109.30 -152.21
C UNK J 573 87.83 -109.74 -153.66
N UNK J 574 87.15 -110.82 -154.05
CA UNK J 574 87.17 -111.36 -155.41
C UNK J 574 87.04 -110.28 -156.48
N UNK J 575 87.81 -110.41 -157.55
CA UNK J 575 87.83 -109.41 -158.61
C UNK J 575 86.61 -109.44 -159.50
N UNK J 576 85.48 -108.98 -158.98
CA UNK J 576 84.26 -108.89 -159.78
C UNK J 576 84.52 -108.08 -161.05
N UNK J 577 83.89 -108.49 -162.15
CA UNK J 577 84.14 -107.88 -163.45
C UNK J 577 83.81 -106.39 -163.41
N UNK J 578 84.66 -105.60 -164.06
CA UNK J 578 84.46 -104.16 -164.17
C UNK J 578 83.51 -103.78 -165.30
N UNK J 579 82.95 -104.76 -166.01
CA UNK J 579 81.99 -104.52 -167.07
C UNK J 579 80.55 -104.81 -166.65
N UNK J 580 80.35 -105.30 -165.44
CA UNK J 580 79.00 -105.57 -164.96
C UNK J 580 78.34 -104.27 -164.47
N UNK J 581 77.04 -104.36 -164.24
CA UNK J 581 76.26 -103.22 -163.80
C UNK J 581 76.10 -103.14 -162.28
N UNK J 582 76.67 -104.09 -161.55
CA UNK J 582 76.56 -104.11 -160.09
C UNK J 582 77.70 -103.30 -159.49
N UNK J 583 77.50 -101.99 -159.36
CA UNK J 583 78.51 -101.11 -158.78
C UNK J 583 78.23 -100.82 -157.30
N UNK J 584 76.98 -100.53 -156.96
CA UNK J 584 76.63 -100.25 -155.56
C UNK J 584 76.84 -101.48 -154.69
N UNK J 585 76.41 -102.65 -155.17
CA UNK J 585 76.64 -103.88 -154.42
C UNK J 585 78.12 -104.19 -154.29
N UNK J 586 78.91 -103.95 -155.35
CA UNK J 586 80.33 -104.21 -155.29
C UNK J 586 81.04 -103.25 -154.34
N UNK J 587 80.54 -102.03 -154.20
CA UNK J 587 81.10 -101.08 -153.24
C UNK J 587 80.67 -101.39 -151.81
N UNK J 588 79.45 -101.88 -151.60
CA UNK J 588 79.06 -102.36 -150.29
C UNK J 588 79.90 -103.56 -149.88
N UNK J 589 80.18 -104.47 -150.82
CA UNK J 589 81.06 -105.59 -150.54
C UNK J 589 82.46 -105.13 -150.17
N UNK J 590 82.97 -104.08 -150.83
CA UNK J 590 84.29 -103.56 -150.50
C UNK J 590 84.31 -102.84 -149.16
N UNK J 591 83.22 -102.17 -148.79
CA UNK J 591 83.14 -101.58 -147.46
C UNK J 591 83.08 -102.64 -146.38
N UNK J 592 82.34 -103.72 -146.61
CA UNK J 592 82.34 -104.84 -145.66
C UNK J 592 83.72 -105.50 -145.60
N UNK J 593 84.42 -105.57 -146.73
CA UNK J 593 85.77 -106.12 -146.73
C UNK J 593 86.72 -105.24 -145.92
N UNK J 594 86.59 -103.93 -146.05
CA UNK J 594 87.40 -103.01 -145.24
C UNK J 594 87.05 -103.09 -143.75
N UNK J 595 85.79 -103.32 -143.42
CA UNK J 595 85.42 -103.53 -142.02
C UNK J 595 85.99 -104.83 -141.48
N UNK J 596 85.96 -105.89 -142.28
CA UNK J 596 86.60 -107.14 -141.88
C UNK J 596 88.12 -107.00 -141.76
N UNK J 597 88.74 -106.15 -142.59
CA UNK J 597 90.16 -105.89 -142.44
C UNK J 597 90.45 -105.15 -141.15
N UNK J 598 89.63 -104.16 -140.82
CA UNK J 598 89.78 -103.46 -139.54
C UNK J 598 89.58 -104.43 -138.38
N UNK J 599 88.65 -105.38 -138.52
CA UNK J 599 88.43 -106.36 -137.47
C UNK J 599 89.63 -107.28 -137.30
N UNK J 600 90.19 -107.76 -138.41
CA UNK J 600 91.35 -108.65 -138.37
C UNK J 600 92.63 -107.90 -137.99
N UNK J 601 92.62 -106.58 -138.03
CA UNK J 601 93.73 -105.79 -137.50
C UNK J 601 93.57 -105.56 -136.00
N UNK J 602 92.37 -105.19 -135.56
CA UNK J 602 92.12 -105.03 -134.13
C UNK J 602 92.30 -106.35 -133.38
N UNK J 603 92.05 -107.47 -134.07
CA UNK J 603 92.23 -108.78 -133.44
C UNK J 603 93.69 -109.08 -133.18
N UNK J 604 94.52 -109.02 -134.23
CA UNK J 604 95.93 -109.34 -134.08
C UNK J 604 96.73 -108.08 -133.74
N UNK J 605 96.70 -107.71 -132.46
CA UNK J 605 97.53 -106.61 -131.97
C UNK J 605 97.38 -105.34 -132.78
N UNK J 606 98.51 -104.67 -133.02
CA UNK J 606 98.59 -103.48 -133.86
C UNK J 606 97.73 -102.33 -133.33
N UNK J 607 97.88 -102.01 -132.04
CA UNK J 607 97.27 -100.82 -131.48
C UNK J 607 98.25 -99.65 -131.48
N UNK J 608 98.85 -99.42 -132.65
CA UNK J 608 99.92 -98.44 -132.82
C UNK J 608 99.98 -97.92 -134.25
N UNK J 609 101.13 -97.34 -134.62
CA UNK J 609 101.36 -96.87 -135.99
C UNK J 609 100.35 -95.81 -136.40
N UNK J 610 100.35 -94.64 -135.72
CA UNK J 610 99.41 -93.54 -136.02
C UNK J 610 100.22 -92.27 -136.33
N UNK J 611 100.61 -92.14 -137.59
CA UNK J 611 101.50 -91.07 -138.06
C UNK J 611 100.92 -90.29 -139.24
N UNK J 612 99.67 -89.80 -139.15
CA UNK J 612 99.12 -89.04 -140.26
C UNK J 612 99.69 -87.63 -140.30
N UNK J 613 99.39 -86.83 -139.28
CA UNK J 613 100.12 -85.59 -138.98
C UNK J 613 99.92 -84.50 -140.02
N UNK J 614 99.33 -84.83 -141.18
CA UNK J 614 99.13 -83.90 -142.27
C UNK J 614 98.39 -84.59 -143.41
N UNK J 615 97.43 -83.88 -144.01
CA UNK J 615 96.77 -84.36 -145.22
C UNK J 615 96.02 -83.21 -145.87
N UNK J 616 96.48 -82.80 -147.06
CA UNK J 616 95.84 -81.74 -147.83
C UNK J 616 95.72 -80.45 -147.02
N UNK J 617 96.82 -80.09 -146.35
CA UNK J 617 96.84 -78.93 -145.48
C UNK J 617 96.19 -79.13 -144.13
N UNK J 618 95.55 -80.26 -143.91
CA UNK J 618 94.79 -80.52 -142.69
C UNK J 618 95.55 -81.51 -141.83
N UNK J 619 95.37 -81.42 -140.50
CA UNK J 619 96.14 -82.19 -139.55
C UNK J 619 95.31 -83.32 -138.95
N UNK J 620 95.99 -84.40 -138.59
CA UNK J 620 95.41 -85.50 -137.84
C UNK J 620 96.51 -86.12 -137.00
N UNK J 621 96.35 -86.06 -135.67
CA UNK J 621 97.41 -86.51 -134.77
C UNK J 621 97.58 -88.04 -134.83
N UNK J 622 96.60 -88.75 -135.38
CA UNK J 622 96.66 -90.20 -135.44
C UNK J 622 96.30 -90.67 -136.84
N UNK J 623 96.92 -91.77 -137.28
CA UNK J 623 96.60 -92.34 -138.57
C UNK J 623 95.25 -93.05 -138.55
N UNK J 624 94.82 -93.53 -137.38
CA UNK J 624 93.47 -94.07 -137.26
C UNK J 624 92.42 -93.03 -137.64
N UNK J 625 92.74 -91.74 -137.51
CA UNK J 625 91.89 -90.70 -138.09
C UNK J 625 91.78 -90.86 -139.59
N UNK J 626 92.84 -91.36 -140.25
CA UNK J 626 92.76 -91.60 -141.68
C UNK J 626 91.90 -92.82 -142.01
N UNK J 627 91.92 -93.85 -141.15
CA UNK J 627 91.00 -94.97 -141.33
C UNK J 627 89.55 -94.51 -141.20
N UNK J 628 89.27 -93.73 -140.14
CA UNK J 628 87.94 -93.16 -139.99
C UNK J 628 87.57 -92.28 -141.18
N UNK J 629 88.54 -91.52 -141.71
CA UNK J 629 88.29 -90.68 -142.87
C UNK J 629 87.96 -91.52 -144.09
N UNK J 630 88.63 -92.65 -144.27
CA UNK J 630 88.33 -93.53 -145.38
C UNK J 630 86.95 -94.14 -145.25
N UNK J 631 86.59 -94.61 -144.06
CA UNK J 631 85.24 -95.13 -143.84
C UNK J 631 84.19 -94.05 -144.06
N UNK J 632 84.51 -92.81 -143.69
CA UNK J 632 83.55 -91.72 -143.85
C UNK J 632 83.42 -91.32 -145.32
N UNK J 633 84.52 -91.29 -146.05
CA UNK J 633 84.51 -90.97 -147.49
C UNK J 633 84.02 -92.13 -148.33
N UNK J 634 83.86 -93.32 -147.73
CA UNK J 634 83.19 -94.42 -148.39
C UNK J 634 81.71 -94.51 -148.03
N UNK J 635 81.31 -93.99 -146.87
CA UNK J 635 79.90 -93.75 -146.64
C UNK J 635 79.38 -92.61 -147.50
N UNK J 636 80.17 -91.55 -147.65
CA UNK J 636 79.85 -90.52 -148.65
C UNK J 636 79.84 -91.11 -150.05
N UNK J 637 80.69 -92.11 -150.30
CA UNK J 637 80.68 -92.78 -151.60
C UNK J 637 79.38 -93.55 -151.80
N UNK J 638 78.93 -94.28 -150.78
CA UNK J 638 77.65 -94.98 -150.88
C UNK J 638 76.52 -93.98 -151.03
N UNK J 639 76.63 -92.81 -150.41
CA UNK J 639 75.64 -91.76 -150.59
C UNK J 639 75.61 -91.28 -152.04
N UNK J 640 76.79 -91.02 -152.62
CA UNK J 640 76.89 -90.56 -153.99
C UNK J 640 76.50 -91.63 -155.00
N UNK J 641 76.54 -92.89 -154.61
CA UNK J 641 76.02 -93.96 -155.44
C UNK J 641 74.50 -94.08 -155.33
N UNK J 642 73.96 -93.94 -154.13
CA UNK J 642 72.50 -93.93 -153.98
C UNK J 642 71.89 -92.75 -154.72
N UNK J 643 72.59 -91.62 -154.74
CA UNK J 643 72.11 -90.42 -155.43
C UNK J 643 72.71 -90.44 -156.84
N UNK J 644 71.93 -90.96 -157.78
CA UNK J 644 72.33 -91.03 -159.18
C UNK J 644 71.28 -90.33 -160.03
N UNK J 645 71.64 -89.18 -160.59
CA UNK J 645 70.77 -88.45 -161.50
C UNK J 645 71.63 -87.82 -162.58
N UNK J 646 71.01 -87.57 -163.74
CA UNK J 646 71.75 -87.13 -164.93
C UNK J 646 72.65 -85.93 -164.68
N UNK J 647 72.25 -84.92 -163.90
CA UNK J 647 73.18 -83.82 -163.61
C UNK J 647 74.42 -84.27 -162.86
N UNK J 648 74.25 -85.11 -161.84
CA UNK J 648 75.40 -85.61 -161.07
C UNK J 648 76.27 -86.49 -161.95
N UNK J 649 75.66 -87.30 -162.81
CA UNK J 649 76.44 -88.17 -163.69
C UNK J 649 77.24 -87.37 -164.71
N UNK J 650 76.66 -86.30 -165.26
CA UNK J 650 77.40 -85.47 -166.21
C UNK J 650 78.53 -84.74 -165.51
N UNK J 651 78.26 -84.25 -164.29
CA UNK J 651 79.32 -83.61 -163.52
C UNK J 651 80.45 -84.57 -163.22
N UNK J 652 80.13 -85.83 -162.88
CA UNK J 652 81.16 -86.82 -162.60
C UNK J 652 81.97 -87.15 -163.85
N UNK J 653 81.30 -87.28 -164.99
CA UNK J 653 82.01 -87.54 -166.24
C UNK J 653 82.95 -86.39 -166.58
N UNK J 654 82.49 -85.14 -166.41
CA UNK J 654 83.34 -83.99 -166.70
C UNK J 654 84.52 -83.95 -165.74
N UNK J 655 84.29 -84.28 -164.47
CA UNK J 655 85.36 -84.29 -163.49
C UNK J 655 86.40 -85.36 -163.84
N UNK J 656 85.96 -86.53 -164.26
CA UNK J 656 86.89 -87.60 -164.64
C UNK J 656 87.69 -87.20 -165.87
N UNK J 657 87.03 -86.59 -166.86
CA UNK J 657 87.73 -86.15 -168.06
C UNK J 657 88.70 -85.02 -167.79
N UNK J 658 88.42 -84.18 -166.79
CA UNK J 658 89.37 -83.14 -166.42
C UNK J 658 90.52 -83.72 -165.61
N UNK J 659 90.26 -84.76 -164.83
CA UNK J 659 91.32 -85.39 -164.04
C UNK J 659 92.30 -86.13 -164.93
N UNK J 660 91.80 -86.95 -165.85
CA UNK J 660 92.67 -87.75 -166.71
C UNK J 660 91.83 -88.29 -167.87
N UNK J 661 92.51 -89.00 -168.78
CA UNK J 661 91.83 -89.62 -169.90
C UNK J 661 91.25 -90.98 -169.49
N UNK J 662 90.16 -91.36 -170.15
CA UNK J 662 89.50 -92.62 -169.86
C UNK J 662 89.72 -93.62 -170.99
N UNK J 670 82.48 -92.89 -165.74
CA UNK J 670 83.58 -93.56 -166.39
C UNK J 670 84.18 -94.65 -165.50
N UNK J 671 84.56 -94.27 -164.28
CA UNK J 671 85.13 -95.21 -163.33
C UNK J 671 84.83 -94.70 -161.92
N UNK J 672 84.89 -95.61 -160.95
CA UNK J 672 84.60 -95.27 -159.56
C UNK J 672 85.62 -95.80 -158.56
N UNK J 673 86.45 -96.79 -158.91
CA UNK J 673 87.40 -97.36 -157.97
C UNK J 673 88.36 -96.32 -157.41
N UNK J 674 88.84 -95.39 -158.26
CA UNK J 674 89.71 -94.32 -157.80
C UNK J 674 88.94 -93.07 -157.37
N TYR J 675 87.75 -92.84 -157.94
CA TYR J 675 86.93 -91.73 -157.52
C TYR J 675 86.37 -91.91 -156.12
N PHE J 676 86.39 -93.15 -155.62
CA PHE J 676 86.07 -93.42 -154.22
C PHE J 676 87.20 -93.06 -153.28
N ARG J 677 88.46 -93.35 -153.66
CA ARG J 677 89.60 -92.87 -152.89
C ARG J 677 89.70 -91.35 -152.96
N GLU J 678 89.20 -90.73 -154.03
CA GLU J 678 89.26 -89.28 -154.20
C GLU J 678 87.84 -88.72 -154.33
N VAL J 679 86.95 -89.15 -153.43
CA VAL J 679 85.57 -88.65 -153.43
C VAL J 679 85.43 -87.28 -152.79
N SER J 680 86.50 -86.74 -152.21
CA SER J 680 86.47 -85.36 -151.73
C SER J 680 86.36 -84.37 -152.89
N GLN J 681 87.12 -84.61 -153.96
CA GLN J 681 87.12 -83.72 -155.11
C GLN J 681 85.76 -83.67 -155.81
N MET J 682 84.86 -84.61 -155.53
CA MET J 682 83.56 -84.63 -156.16
C MET J 682 82.71 -83.44 -155.76
N GLU J 683 83.16 -82.65 -154.79
CA GLU J 683 82.49 -81.43 -154.37
C GLU J 683 83.25 -80.18 -154.76
N ILE J 684 84.56 -80.29 -155.01
CA ILE J 684 85.30 -79.23 -155.69
C ILE J 684 85.07 -79.22 -157.18
N ILE J 685 84.48 -80.29 -157.72
CA ILE J 685 84.19 -80.36 -159.15
C ILE J 685 82.72 -80.23 -159.46
N PHE J 686 81.83 -80.84 -158.68
CA PHE J 686 80.40 -80.68 -158.90
C PHE J 686 79.86 -79.36 -158.38
N GLU J 687 80.73 -78.52 -157.80
CA GLU J 687 80.38 -77.14 -157.46
C GLU J 687 80.86 -76.18 -158.55
N CYS J 688 82.08 -76.37 -159.05
CA CYS J 688 82.50 -75.66 -160.26
C CYS J 688 81.60 -75.98 -161.45
N LEU J 689 81.06 -77.20 -161.52
CA LEU J 689 80.07 -77.56 -162.51
C LEU J 689 78.73 -76.90 -162.26
N VAL J 690 78.38 -76.65 -161.00
CA VAL J 690 77.15 -75.92 -160.72
C VAL J 690 77.31 -74.45 -161.09
N ASP J 691 78.50 -73.88 -160.89
CA ASP J 691 78.76 -72.52 -161.35
C ASP J 691 78.78 -72.44 -162.88
N LYS J 692 79.33 -73.46 -163.54
CA LYS J 692 79.34 -73.49 -164.99
C LYS J 692 77.95 -73.69 -165.58
N GLU J 693 77.08 -74.44 -164.90
CA GLU J 693 75.69 -74.54 -165.33
C GLU J 693 74.93 -73.25 -165.06
N GLU J 694 75.21 -72.60 -163.92
CA GLU J 694 74.63 -71.29 -163.65
C GLU J 694 75.07 -70.26 -164.69
N ALA J 695 76.26 -70.48 -165.28
CA ALA J 695 76.73 -69.58 -166.33
C ALA J 695 75.82 -69.60 -167.55
N ASP J 696 75.27 -70.76 -167.90
CA ASP J 696 74.30 -70.87 -168.98
C ASP J 696 72.87 -70.73 -168.50
N LEU J 697 72.66 -70.69 -167.18
CA LEU J 697 71.32 -70.65 -166.61
C LEU J 697 70.51 -69.44 -167.05
N GLU J 698 71.16 -68.30 -167.33
CA GLU J 698 70.48 -67.04 -167.64
C GLU J 698 69.60 -66.59 -166.47
N SER J 699 70.11 -66.72 -165.25
CA SER J 699 69.37 -66.34 -164.06
C SER J 699 69.61 -64.89 -163.68
N THR J 700 69.40 -63.98 -164.65
CA THR J 700 69.59 -62.56 -164.39
C THR J 700 68.50 -62.01 -163.47
N SER J 701 67.39 -62.74 -163.34
CA SER J 701 66.28 -62.33 -162.50
C SER J 701 65.54 -63.59 -162.06
N ILE J 702 64.33 -63.41 -161.54
CA ILE J 702 63.47 -64.51 -161.09
C ILE J 702 63.06 -65.41 -162.25
N ASP J 703 63.49 -65.07 -163.46
CA ASP J 703 63.06 -65.79 -164.65
C ASP J 703 63.38 -67.28 -164.55
N SER J 704 64.65 -67.62 -164.38
CA SER J 704 65.03 -69.03 -164.33
C SER J 704 64.54 -69.68 -163.05
N VAL J 705 64.01 -70.89 -163.16
CA VAL J 705 63.50 -71.64 -162.01
C VAL J 705 64.14 -73.03 -161.97
N GLU J 706 64.11 -73.74 -163.10
CA GLU J 706 64.76 -75.05 -163.18
C GLU J 706 66.24 -74.95 -162.87
N TRP J 707 66.89 -73.86 -163.30
CA TRP J 707 68.30 -73.65 -163.00
C TRP J 707 68.55 -73.44 -161.52
N ALA J 708 67.68 -72.71 -160.83
CA ALA J 708 67.79 -72.54 -159.38
C ALA J 708 67.38 -73.79 -158.62
N ASN J 709 66.71 -74.72 -159.28
CA ASN J 709 66.44 -76.03 -158.69
C ASN J 709 67.62 -76.98 -158.86
N ILE J 710 68.37 -76.86 -159.95
CA ILE J 710 69.53 -77.72 -160.15
C ILE J 710 70.63 -77.43 -159.12
N VAL J 711 70.85 -76.15 -158.80
CA VAL J 711 71.84 -75.81 -157.79
C VAL J 711 71.43 -76.32 -156.41
N VAL J 712 70.14 -76.23 -156.09
CA VAL J 712 69.64 -76.79 -154.84
C VAL J 712 69.81 -78.31 -154.82
N ASN J 713 69.59 -78.96 -155.95
CA ASN J 713 69.78 -80.40 -156.03
C ASN J 713 71.24 -80.77 -155.76
N VAL J 714 72.18 -80.05 -156.37
CA VAL J 714 73.59 -80.33 -156.15
C VAL J 714 73.98 -80.10 -154.69
N ASN J 715 73.50 -78.99 -154.11
CA ASN J 715 73.80 -78.67 -152.72
C ASN J 715 73.24 -79.75 -151.78
N THR J 716 72.02 -80.21 -152.06
CA THR J 716 71.42 -81.24 -151.21
C THR J 716 72.16 -82.56 -151.36
N ILE J 717 72.67 -82.85 -152.56
CA ILE J 717 73.45 -84.07 -152.75
C ILE J 717 74.72 -84.03 -151.92
N LEU J 718 75.47 -82.93 -152.00
CA LEU J 718 76.68 -82.80 -151.19
C LEU J 718 76.37 -82.82 -149.70
N LYS J 719 75.23 -82.22 -149.31
CA LYS J 719 74.83 -82.23 -147.91
C LYS J 719 74.53 -83.64 -147.42
N ASP J 720 73.82 -84.43 -148.24
CA ASP J 720 73.55 -85.81 -147.86
C ASP J 720 74.81 -86.65 -147.79
N MET J 721 75.78 -86.39 -148.68
CA MET J 721 77.06 -87.09 -148.59
C MET J 721 77.79 -86.75 -147.31
N LEU J 722 77.80 -85.46 -146.93
CA LEU J 722 78.43 -85.08 -145.66
C LEU J 722 77.69 -85.65 -144.46
N HIS J 723 76.36 -85.76 -144.53
CA HIS J 723 75.61 -86.38 -143.46
C HIS J 723 75.93 -87.87 -143.35
N VAL J 724 76.15 -88.52 -144.48
CA VAL J 724 76.57 -89.92 -144.45
C VAL J 724 77.94 -90.05 -143.79
N ALA J 725 78.86 -89.14 -144.11
CA ALA J 725 80.15 -89.14 -143.41
C ALA J 725 79.97 -88.88 -141.91
N CYS J 726 79.01 -88.03 -141.53
CA CYS J 726 78.76 -87.76 -140.13
C CYS J 726 78.23 -89.01 -139.41
N GLN J 727 77.30 -89.73 -140.03
CA GLN J 727 76.83 -90.98 -139.46
C GLN J 727 77.92 -92.03 -139.38
N TYR J 728 78.83 -92.07 -140.36
CA TYR J 728 79.95 -93.00 -140.32
C TYR J 728 81.02 -92.60 -139.32
N ARG J 729 81.04 -91.34 -138.89
CA ARG J 729 81.90 -90.90 -137.79
C ARG J 729 81.20 -90.99 -136.44
N GLN J 730 79.89 -91.14 -136.43
CA GLN J 730 79.14 -91.37 -135.19
C GLN J 730 79.08 -92.84 -134.83
N SER J 731 79.03 -93.73 -135.83
CA SER J 731 79.02 -95.17 -135.55
C SER J 731 80.42 -95.62 -135.16
N LYS J 732 80.93 -95.12 -134.03
CA LYS J 732 82.31 -95.31 -133.63
C LYS J 732 82.50 -96.65 -132.93
N ASN J 733 83.75 -96.90 -132.53
CA ASN J 733 84.14 -98.16 -131.88
C ASN J 733 84.97 -97.98 -130.62
N SER J 734 85.53 -96.79 -130.37
CA SER J 734 86.34 -96.58 -129.17
C SER J 734 85.51 -96.76 -127.91
N LEU J 735 86.18 -97.17 -126.83
CA LEU J 735 85.51 -97.52 -125.59
C LEU J 735 85.25 -96.31 -124.68
N TYR J 736 85.98 -95.22 -124.86
CA TYR J 736 85.74 -94.00 -124.09
C TYR J 736 85.31 -92.84 -124.95
N LYS J 737 85.91 -92.67 -126.13
CA LYS J 737 85.51 -91.64 -127.07
C LYS J 737 84.33 -92.17 -127.87
N ASN J 738 83.16 -91.53 -127.70
CA ASN J 738 81.93 -91.96 -128.35
C ASN J 738 81.59 -93.39 -127.98
N GLU J 739 81.49 -93.68 -126.68
CA GLU J 739 81.15 -95.02 -126.23
C GLU J 739 79.73 -95.40 -126.63
N SER J 740 78.84 -94.40 -126.75
CA SER J 740 77.47 -94.67 -127.15
C SER J 740 77.42 -95.30 -128.53
N GLY J 741 76.62 -96.35 -128.66
CA GLY J 741 76.46 -97.05 -129.91
C GLY J 741 77.15 -98.40 -129.99
N ILE J 742 77.96 -98.76 -129.00
CA ILE J 742 78.62 -100.06 -129.00
C ILE J 742 78.17 -100.86 -127.78
N GLN J 743 78.44 -100.34 -126.58
CA GLN J 743 78.11 -101.00 -125.33
C GLN J 743 77.00 -100.29 -124.56
N GLU J 744 76.64 -99.08 -124.94
CA GLU J 744 75.58 -98.32 -124.30
C GLU J 744 74.46 -98.05 -125.29
N PRO J 745 73.30 -97.62 -124.82
CA PRO J 745 72.21 -97.30 -125.74
C PRO J 745 72.58 -96.19 -126.72
N GLU J 746 72.35 -96.45 -128.00
CA GLU J 746 72.65 -95.49 -129.06
C GLU J 746 71.54 -94.45 -129.25
N HIS J 747 70.68 -94.28 -128.25
CA HIS J 747 69.65 -93.24 -128.30
C HIS J 747 70.18 -91.87 -127.92
N VAL J 748 71.40 -91.78 -127.41
CA VAL J 748 72.02 -90.50 -127.05
C VAL J 748 73.37 -90.41 -127.73
N PRO J 749 73.49 -89.71 -128.85
CA PRO J 749 74.76 -89.69 -129.58
C PRO J 749 75.67 -88.57 -129.11
N TRP J 750 76.93 -88.65 -129.56
CA TRP J 750 77.92 -87.62 -129.30
C TRP J 750 77.85 -86.53 -130.37
N THR J 751 78.78 -85.57 -130.27
CA THR J 751 78.91 -84.48 -131.24
C THR J 751 78.83 -84.98 -132.67
N ALA J 752 77.97 -84.38 -133.49
CA ALA J 752 77.73 -84.84 -134.85
C ALA J 752 78.82 -84.42 -135.82
N SER J 753 79.97 -83.96 -135.33
CA SER J 753 81.07 -83.60 -136.21
C SER J 753 81.56 -84.83 -136.97
N SER J 754 81.88 -84.63 -138.24
CA SER J 754 82.36 -85.71 -139.10
C SER J 754 83.80 -86.09 -138.83
N GLY J 755 84.43 -85.53 -137.80
CA GLY J 755 85.83 -85.78 -137.54
C GLY J 755 86.74 -85.35 -138.68
N THR J 756 86.20 -84.57 -139.63
CA THR J 756 87.01 -84.11 -140.74
C THR J 756 88.07 -83.13 -140.25
N ALA J 757 89.19 -83.10 -140.98
CA ALA J 757 90.31 -82.26 -140.58
C ALA J 757 90.34 -80.93 -141.31
N GLY J 758 89.40 -80.68 -142.20
CA GLY J 758 89.32 -79.39 -142.86
C GLY J 758 90.34 -79.12 -143.96
N ILE J 759 90.23 -79.86 -145.06
CA ILE J 759 91.02 -79.54 -146.24
C ILE J 759 90.54 -78.22 -146.84
N ARG J 760 91.48 -77.44 -147.37
CA ARG J 760 91.19 -76.13 -147.92
C ARG J 760 90.61 -76.17 -149.32
N SER J 761 90.26 -77.35 -149.82
CA SER J 761 89.52 -77.52 -151.06
C SER J 761 88.05 -77.82 -150.81
N VAL J 762 87.75 -78.82 -149.99
CA VAL J 762 86.36 -79.07 -149.59
C VAL J 762 85.84 -77.89 -148.76
N VAL J 763 86.71 -77.27 -147.95
CA VAL J 763 86.29 -76.09 -147.20
C VAL J 763 85.92 -74.97 -148.15
N THR J 764 86.73 -74.74 -149.19
CA THR J 764 86.42 -73.69 -150.15
C THR J 764 85.15 -74.03 -150.93
N ARG J 765 84.93 -75.30 -151.23
CA ARG J 765 83.71 -75.71 -151.91
C ARG J 765 82.47 -75.44 -151.06
N GLN J 766 82.54 -75.73 -149.75
CA GLN J 766 81.41 -75.43 -148.88
C GLN J 766 81.18 -73.93 -148.74
N HIS J 767 82.26 -73.15 -148.61
CA HIS J 767 82.11 -71.70 -148.54
C HIS J 767 81.63 -71.09 -149.85
N GLY J 768 81.88 -71.74 -150.98
CA GLY J 768 81.37 -71.29 -152.26
C GLY J 768 79.90 -71.62 -152.40
N ILE J 769 79.51 -72.80 -151.93
CA ILE J 769 78.10 -73.15 -151.88
C ILE J 769 77.33 -72.23 -150.95
N ILE J 770 77.98 -71.71 -149.91
CA ILE J 770 77.31 -70.76 -149.01
C ILE J 770 77.14 -69.40 -149.69
N LEU J 771 78.15 -68.97 -150.43
CA LEU J 771 78.11 -67.67 -151.11
C LEU J 771 77.31 -67.72 -152.41
N LYS J 772 76.96 -68.90 -152.89
CA LYS J 772 76.07 -69.03 -154.05
C LYS J 772 74.62 -68.87 -153.60
N VAL J 773 74.30 -67.71 -153.00
CA VAL J 773 72.97 -67.46 -152.46
C VAL J 773 72.25 -66.33 -153.18
N TYR J 774 72.85 -65.76 -154.22
CA TYR J 774 72.18 -64.71 -154.98
C TYR J 774 70.89 -65.20 -155.64
N PRO J 775 70.77 -66.46 -156.03
CA PRO J 775 69.47 -66.93 -156.56
C PRO J 775 68.35 -66.87 -155.55
N GLN J 776 68.66 -66.80 -154.26
CA GLN J 776 67.63 -66.70 -153.23
C GLN J 776 66.98 -65.32 -153.20
N ALA J 777 67.58 -64.32 -153.86
CA ALA J 777 66.98 -62.99 -153.88
C ALA J 777 65.63 -63.00 -154.60
N ASP J 778 65.57 -63.66 -155.76
CA ASP J 778 64.36 -63.72 -156.58
C ASP J 778 64.06 -65.19 -156.85
N SER J 779 63.25 -65.80 -155.98
CA SER J 779 62.95 -67.22 -156.05
C SER J 779 61.75 -67.52 -155.16
N GLY J 780 61.28 -68.76 -155.22
CA GLY J 780 60.12 -69.15 -154.45
C GLY J 780 60.34 -68.97 -152.96
N LEU J 781 59.24 -68.69 -152.26
CA LEU J 781 59.30 -68.47 -150.82
C LEU J 781 59.77 -69.71 -150.09
N ARG J 782 59.18 -70.86 -150.39
CA ARG J 782 59.64 -72.10 -149.79
C ARG J 782 61.02 -72.48 -150.30
N THR J 783 61.34 -72.09 -151.54
CA THR J 783 62.65 -72.44 -152.11
C THR J 783 63.78 -71.74 -151.37
N ILE J 784 63.60 -70.47 -151.03
CA ILE J 784 64.59 -69.75 -150.26
C ILE J 784 64.82 -70.43 -148.90
N LEU J 785 63.74 -70.85 -148.23
CA LEU J 785 63.88 -71.48 -146.93
C LEU J 785 64.53 -72.85 -147.04
N ILE J 786 64.23 -73.61 -148.10
CA ILE J 786 64.81 -74.93 -148.25
C ILE J 786 66.30 -74.83 -148.56
N GLU J 787 66.68 -73.90 -149.44
CA GLU J 787 68.10 -73.71 -149.73
C GLU J 787 68.85 -73.16 -148.51
N GLN J 788 68.21 -72.28 -147.74
CA GLN J 788 68.81 -71.79 -146.51
C GLN J 788 68.96 -72.90 -145.49
N LEU J 789 68.00 -73.82 -145.43
CA LEU J 789 68.10 -74.96 -144.53
C LEU J 789 69.25 -75.87 -144.93
N ALA J 790 69.40 -76.14 -146.23
CA ALA J 790 70.50 -77.00 -146.69
C ALA J 790 71.85 -76.35 -146.40
N ALA J 791 71.99 -75.06 -146.70
CA ALA J 791 73.27 -74.40 -146.44
C ALA J 791 73.53 -74.23 -144.95
N LEU J 792 72.47 -74.07 -144.14
CA LEU J 792 72.65 -74.03 -142.70
C LEU J 792 73.10 -75.39 -142.18
N LEU J 793 72.59 -76.47 -142.78
CA LEU J 793 73.09 -77.79 -142.43
C LEU J 793 74.56 -77.95 -142.80
N ASN J 794 74.97 -77.34 -143.93
CA ASN J 794 76.37 -77.35 -144.30
C ASN J 794 77.22 -76.61 -143.27
N TYR J 795 76.75 -75.44 -142.83
CA TYR J 795 77.48 -74.66 -141.84
C TYR J 795 77.52 -75.34 -140.47
N LEU J 796 76.46 -76.05 -140.08
CA LEU J 796 76.42 -76.77 -138.82
C LEU J 796 77.24 -78.05 -138.85
N LEU J 797 77.84 -78.38 -140.00
CA LEU J 797 78.85 -79.42 -140.11
C LEU J 797 80.25 -78.84 -140.18
N ASP J 798 80.43 -77.76 -140.94
CA ASP J 798 81.71 -77.06 -140.94
C ASP J 798 82.10 -76.62 -139.54
N ASP J 799 81.16 -76.03 -138.79
CA ASP J 799 81.45 -75.57 -137.44
C ASP J 799 81.73 -76.72 -136.49
N TYR J 800 81.05 -77.85 -136.63
CA TYR J 800 81.32 -79.00 -135.77
C TYR J 800 82.68 -79.62 -136.07
N VAL J 801 83.07 -79.68 -137.35
CA VAL J 801 84.40 -80.19 -137.68
C VAL J 801 85.47 -79.25 -137.17
N THR J 802 85.23 -77.93 -137.25
CA THR J 802 86.20 -76.97 -136.69
C THR J 802 86.29 -77.11 -135.18
N GLN J 803 85.16 -77.35 -134.51
CA GLN J 803 85.18 -77.55 -133.06
C GLN J 803 85.95 -78.81 -132.69
N LEU J 804 85.78 -79.88 -133.45
CA LEU J 804 86.53 -81.11 -133.19
C LEU J 804 88.04 -80.89 -133.37
N LYS J 805 88.42 -80.24 -134.48
CA LYS J 805 89.84 -80.00 -134.74
C LYS J 805 90.44 -79.05 -133.71
N SER J 806 89.63 -78.14 -133.16
CA SER J 806 90.14 -77.22 -132.15
C SER J 806 90.22 -77.90 -130.79
N ILE J 807 89.31 -78.84 -130.51
CA ILE J 807 89.27 -79.49 -129.20
C ILE J 807 90.34 -80.56 -129.09
N ASP J 808 90.69 -81.19 -130.23
CA ASP J 808 91.74 -82.20 -130.20
C ASP J 808 93.13 -81.61 -129.95
N LYS J 809 93.28 -80.28 -130.03
CA LYS J 809 94.60 -79.66 -129.93
C LYS J 809 95.17 -79.80 -128.52
N LEU J 810 96.50 -79.78 -128.44
CA LEU J 810 97.20 -79.80 -127.16
C LEU J 810 97.54 -78.38 -126.70
N ALA J 811 97.94 -78.25 -125.44
CA ALA J 811 98.36 -76.96 -124.91
C ALA J 811 99.63 -76.48 -125.59
N ASN J 812 100.47 -77.40 -126.07
CA ASN J 812 101.66 -77.03 -126.81
C ASN J 812 101.27 -76.44 -128.16
N GLU J 813 102.13 -75.56 -128.67
CA GLU J 813 101.87 -74.78 -129.89
C GLU J 813 100.63 -73.92 -129.77
N GLU J 814 100.48 -73.21 -128.65
CA GLU J 814 99.28 -72.41 -128.40
C GLU J 814 99.10 -71.30 -129.43
N ARG J 815 100.20 -70.85 -130.06
CA ARG J 815 100.09 -69.76 -131.04
C ARG J 815 99.20 -70.14 -132.21
N TYR J 816 99.55 -71.21 -132.92
CA TYR J 816 98.73 -71.64 -134.06
C TYR J 816 97.36 -72.14 -133.60
N ASN J 817 97.27 -72.63 -132.36
CA ASN J 817 95.97 -73.05 -131.83
C ASN J 817 95.02 -71.87 -131.70
N ILE J 818 95.49 -70.77 -131.10
CA ILE J 818 94.67 -69.57 -131.01
C ILE J 818 94.47 -68.92 -132.37
N LEU J 819 95.41 -69.12 -133.30
CA LEU J 819 95.20 -68.64 -134.67
C LEU J 819 94.06 -69.38 -135.36
N GLU J 820 94.01 -70.70 -135.20
CA GLU J 820 92.88 -71.47 -135.73
C GLU J 820 91.59 -71.12 -135.00
N MET J 821 91.67 -70.81 -133.71
CA MET J 821 90.49 -70.36 -132.98
C MET J 821 89.95 -69.05 -133.58
N GLU J 822 90.82 -68.08 -133.79
CA GLU J 822 90.39 -66.83 -134.42
C GLU J 822 89.88 -67.07 -135.83
N TYR J 823 90.48 -68.02 -136.54
CA TYR J 823 90.03 -68.31 -137.90
C TYR J 823 88.63 -68.92 -137.90
N ALA J 824 88.31 -69.73 -136.88
CA ALA J 824 86.96 -70.27 -136.75
C ALA J 824 85.97 -69.20 -136.31
N GLN J 825 86.41 -68.27 -135.47
CA GLN J 825 85.54 -67.19 -135.04
C GLN J 825 85.22 -66.22 -136.18
N LYS J 826 86.20 -65.95 -137.03
CA LYS J 826 86.00 -65.07 -138.19
C LYS J 826 85.22 -65.74 -139.31
N ARG J 827 84.93 -67.03 -139.18
CA ARG J 827 84.01 -67.72 -140.08
C ARG J 827 82.62 -67.87 -139.49
N SER J 828 82.52 -68.03 -138.16
CA SER J 828 81.21 -67.99 -137.51
C SER J 828 80.60 -66.59 -137.60
N GLU J 829 81.42 -65.55 -137.40
CA GLU J 829 80.92 -64.18 -137.50
C GLU J 829 80.50 -63.80 -138.91
N LEU J 830 80.97 -64.51 -139.94
CA LEU J 830 80.52 -64.28 -141.31
C LEU J 830 79.41 -65.21 -141.73
N LEU J 831 79.31 -66.40 -141.13
CA LEU J 831 78.14 -67.24 -141.31
C LEU J 831 76.92 -66.66 -140.61
N SER J 832 77.13 -65.82 -139.61
CA SER J 832 76.05 -65.03 -139.03
C SER J 832 75.71 -63.89 -139.98
N PRO J 833 76.68 -63.38 -140.74
CA PRO J 833 76.39 -62.25 -141.65
C PRO J 833 75.52 -62.64 -142.84
N LEU J 834 75.73 -63.82 -143.42
CA LEU J 834 74.88 -64.25 -144.53
C LEU J 834 73.47 -64.57 -144.05
N LEU J 835 73.33 -64.99 -142.79
CA LEU J 835 72.04 -65.24 -142.16
C LEU J 835 71.55 -64.08 -141.33
N ILE J 836 72.15 -62.89 -141.50
CA ILE J 836 71.68 -61.72 -140.75
C ILE J 836 70.29 -61.31 -141.21
N LEU J 837 70.12 -61.04 -142.52
CA LEU J 837 68.81 -60.71 -143.04
C LEU J 837 67.96 -61.96 -143.27
N GLY J 838 68.59 -63.14 -143.26
CA GLY J 838 67.89 -64.37 -143.53
C GLY J 838 66.98 -64.82 -142.41
N GLN J 839 66.77 -66.14 -142.36
CA GLN J 839 65.84 -66.72 -141.41
C GLN J 839 66.36 -66.61 -139.98
N TYR J 840 65.51 -66.17 -139.07
CA TYR J 840 65.82 -66.12 -137.65
C TYR J 840 65.44 -67.40 -136.93
N ALA J 841 64.73 -68.32 -137.60
CA ALA J 841 64.38 -69.59 -136.99
C ALA J 841 65.60 -70.51 -136.86
N TRP J 842 66.56 -70.40 -137.76
CA TRP J 842 67.74 -71.25 -137.76
C TRP J 842 68.98 -70.57 -137.18
N ALA J 843 68.89 -69.28 -136.85
CA ALA J 843 69.99 -68.63 -136.14
C ALA J 843 70.20 -69.27 -134.78
N SER J 844 69.10 -69.59 -134.08
CA SER J 844 69.20 -70.30 -132.81
C SER J 844 69.74 -71.72 -133.02
N ASN J 845 69.41 -72.33 -134.15
CA ASN J 845 69.94 -73.66 -134.46
C ASN J 845 71.44 -73.61 -134.65
N LEU J 846 71.93 -72.63 -135.41
CA LEU J 846 73.37 -72.42 -135.54
C LEU J 846 74.01 -72.10 -134.20
N ALA J 847 73.29 -71.35 -133.35
CA ALA J 847 73.80 -71.01 -132.03
C ALA J 847 73.93 -72.25 -131.14
N GLU J 848 73.04 -73.21 -131.31
CA GLU J 848 73.16 -74.46 -130.57
C GLU J 848 74.17 -75.41 -131.19
N LYS J 849 74.39 -75.33 -132.50
CA LYS J 849 75.37 -76.19 -133.17
C LYS J 849 76.79 -75.76 -132.84
N TYR J 850 77.12 -74.50 -133.14
CA TYR J 850 78.36 -73.88 -132.65
C TYR J 850 78.05 -73.22 -131.30
N CYS J 851 78.02 -74.05 -130.26
CA CYS J 851 77.26 -73.72 -129.07
C CYS J 851 77.92 -72.67 -128.17
N ASP J 852 78.39 -71.58 -128.77
CA ASP J 852 78.52 -70.34 -128.02
C ASP J 852 77.74 -69.25 -128.73
N PHE J 853 78.14 -68.97 -129.97
CA PHE J 853 77.49 -68.01 -130.87
C PHE J 853 76.98 -66.78 -130.14
N ASP J 854 77.84 -66.21 -129.28
CA ASP J 854 77.42 -65.05 -128.51
C ASP J 854 77.25 -63.82 -129.40
N ILE J 855 78.24 -63.55 -130.25
CA ILE J 855 78.18 -62.41 -131.16
C ILE J 855 76.95 -62.48 -132.06
N LEU J 856 76.54 -63.70 -132.43
CA LEU J 856 75.39 -63.87 -133.32
C LEU J 856 74.08 -63.78 -132.53
N VAL J 857 73.99 -64.48 -131.40
CA VAL J 857 72.74 -64.55 -130.67
C VAL J 857 72.41 -63.20 -130.04
N GLN J 858 73.41 -62.51 -129.48
CA GLN J 858 73.14 -61.23 -128.82
C GLN J 858 72.80 -60.14 -129.82
N ILE J 859 73.26 -60.25 -131.06
CA ILE J 859 72.86 -59.31 -132.10
C ILE J 859 71.51 -59.65 -132.70
N CYS J 860 71.19 -60.93 -132.87
CA CYS J 860 69.86 -61.31 -133.33
C CYS J 860 68.80 -60.89 -132.33
N GLU J 861 68.96 -61.26 -131.06
CA GLU J 861 67.98 -60.91 -130.03
C GLU J 861 67.90 -59.42 -129.76
N MET J 862 68.88 -58.65 -130.23
CA MET J 862 68.81 -57.19 -130.13
C MET J 862 68.22 -56.55 -131.37
N THR J 863 68.27 -57.24 -132.53
CA THR J 863 67.60 -56.74 -133.72
C THR J 863 66.08 -56.74 -133.57
N ASP J 864 65.53 -57.81 -133.00
CA ASP J 864 64.11 -57.88 -132.71
C ASP J 864 63.88 -57.52 -131.25
N ASN J 865 62.62 -57.47 -130.84
CA ASN J 865 62.25 -57.21 -129.46
C ASN J 865 62.16 -58.50 -128.65
N GLN J 866 62.91 -59.52 -129.06
CA GLN J 866 62.83 -60.84 -128.44
C GLN J 866 63.73 -60.87 -127.20
N SER J 867 63.39 -60.01 -126.24
CA SER J 867 64.08 -60.00 -124.96
C SER J 867 63.75 -61.22 -124.13
N ARG J 868 62.59 -61.84 -124.35
CA ARG J 868 62.35 -63.15 -123.74
C ARG J 868 63.27 -64.20 -124.33
N LEU J 869 63.58 -64.10 -125.62
CA LEU J 869 64.52 -65.03 -126.24
C LEU J 869 65.92 -64.82 -125.68
N GLN J 870 66.35 -63.56 -125.56
CA GLN J 870 67.63 -63.27 -124.92
C GLN J 870 67.66 -63.75 -123.48
N ARG J 871 66.54 -63.67 -122.76
CA ARG J 871 66.51 -64.13 -121.38
C ARG J 871 66.58 -65.65 -121.30
N TYR J 872 66.00 -66.35 -122.28
CA TYR J 872 66.14 -67.80 -122.34
C TYR J 872 67.58 -68.21 -122.64
N MET J 873 68.20 -67.57 -123.63
CA MET J 873 69.61 -67.84 -123.93
C MET J 873 70.49 -67.57 -122.71
N THR J 874 70.18 -66.50 -121.97
CA THR J 874 70.90 -66.18 -120.76
C THR J 874 70.68 -67.21 -119.66
N LEU J 875 69.44 -67.67 -119.47
CA LEU J 875 69.19 -68.70 -118.47
C LEU J 875 69.96 -69.97 -118.79
N PHE J 876 70.10 -70.28 -120.07
CA PHE J 876 70.87 -71.45 -120.50
C PHE J 876 72.34 -71.08 -120.73
N ALA J 877 73.01 -70.66 -119.66
CA ALA J 877 74.42 -70.32 -119.75
C ALA J 877 75.01 -70.21 -118.33
N GLU J 878 76.23 -70.70 -118.17
CA GLU J 878 76.97 -70.52 -116.93
C GLU J 878 77.67 -69.17 -116.92
N GLN J 879 77.72 -68.54 -115.74
CA GLN J 879 78.27 -67.20 -115.57
C GLN J 879 77.57 -66.20 -116.49
N ASN J 880 76.26 -66.40 -116.65
CA ASN J 880 75.52 -65.68 -117.67
C ASN J 880 75.20 -64.25 -117.27
N PHE J 881 74.96 -63.99 -115.98
CA PHE J 881 74.72 -62.62 -115.55
C PHE J 881 75.99 -61.78 -115.71
N SER J 882 77.14 -62.35 -115.33
CA SER J 882 78.40 -61.63 -115.49
C SER J 882 78.81 -61.51 -116.95
N ASP J 883 78.35 -62.44 -117.79
CA ASP J 883 78.61 -62.31 -119.22
C ASP J 883 77.72 -61.24 -119.85
N PHE J 884 76.45 -61.20 -119.45
CA PHE J 884 75.52 -60.22 -120.02
C PHE J 884 75.85 -58.81 -119.55
N LEU J 885 76.29 -58.65 -118.30
CA LEU J 885 76.69 -57.33 -117.83
C LEU J 885 77.92 -56.83 -118.58
N PHE J 886 78.93 -57.70 -118.75
CA PHE J 886 80.10 -57.33 -119.52
C PHE J 886 79.76 -57.06 -120.98
N ARG J 887 78.76 -57.77 -121.53
CA ARG J 887 78.36 -57.54 -122.91
C ARG J 887 77.65 -56.19 -123.05
N TRP J 888 76.81 -55.83 -122.10
CA TRP J 888 76.19 -54.51 -122.10
C TRP J 888 77.25 -53.42 -121.98
N TYR J 889 78.21 -53.60 -121.07
CA TYR J 889 79.29 -52.62 -120.94
C TYR J 889 80.08 -52.48 -122.23
N LEU J 890 80.36 -53.61 -122.91
CA LEU J 890 81.14 -53.57 -124.14
C LEU J 890 80.36 -52.89 -125.26
N GLU J 891 79.10 -53.27 -125.45
CA GLU J 891 78.28 -52.73 -126.53
C GLU J 891 77.44 -51.53 -126.08
N LYS J 892 77.90 -50.82 -125.06
CA LYS J 892 77.26 -49.58 -124.65
C LYS J 892 77.21 -48.58 -125.81
N GLY J 893 76.00 -48.25 -126.27
CA GLY J 893 75.81 -47.45 -127.45
C GLY J 893 75.65 -48.23 -128.74
N LYS J 894 75.82 -49.55 -128.70
CA LYS J 894 75.57 -50.42 -129.84
C LYS J 894 74.42 -51.37 -129.60
N ARG J 895 74.22 -51.78 -128.34
CA ARG J 895 73.06 -52.56 -127.93
C ARG J 895 72.74 -52.20 -126.49
N GLY J 896 71.46 -52.27 -126.13
CA GLY J 896 71.00 -51.83 -124.83
C GLY J 896 70.59 -50.38 -124.75
N LYS J 897 70.55 -49.68 -125.89
CA LYS J 897 70.29 -48.25 -125.89
C LYS J 897 68.84 -47.95 -125.53
N LEU J 898 68.61 -46.74 -125.03
CA LEU J 898 67.26 -46.31 -124.70
C LEU J 898 66.48 -45.96 -125.97
N LEU J 899 67.16 -45.38 -126.96
CA LEU J 899 66.51 -44.97 -128.21
C LEU J 899 66.50 -46.07 -129.26
N GLY J 907 60.57 -51.22 -119.54
CA GLY J 907 61.71 -51.75 -120.27
C GLY J 907 62.73 -50.69 -120.61
N GLN J 908 62.26 -49.48 -120.94
CA GLN J 908 63.20 -48.38 -121.19
C GLN J 908 64.03 -48.08 -119.96
N LEU J 909 63.40 -48.02 -118.79
CA LEU J 909 64.12 -47.72 -117.55
C LEU J 909 65.07 -48.86 -117.18
N ALA J 910 64.67 -50.11 -117.46
CA ALA J 910 65.60 -51.23 -117.31
C ALA J 910 66.81 -51.05 -118.22
N ALA J 911 66.58 -50.59 -119.45
CA ALA J 911 67.70 -50.32 -120.34
C ALA J 911 68.58 -49.19 -119.81
N PHE J 912 67.97 -48.15 -119.24
CA PHE J 912 68.75 -47.05 -118.71
C PHE J 912 69.58 -47.48 -117.51
N LEU J 913 69.04 -48.36 -116.67
CA LEU J 913 69.78 -48.84 -115.52
C LEU J 913 70.84 -49.86 -115.93
N GLN J 914 70.64 -50.53 -117.07
CA GLN J 914 71.65 -51.45 -117.59
C GLN J 914 72.97 -50.74 -117.84
N ALA J 915 72.92 -49.44 -118.16
CA ALA J 915 74.14 -48.67 -118.34
C ALA J 915 74.92 -48.59 -117.04
N HIS J 916 76.19 -48.97 -117.09
CA HIS J 916 77.04 -48.96 -115.90
C HIS J 916 78.18 -47.97 -116.06
N SER J 920 82.10 -37.68 -117.30
CA SER J 920 80.96 -38.51 -116.93
C SER J 920 80.19 -37.88 -115.77
N TRP J 921 80.21 -36.55 -115.70
CA TRP J 921 79.56 -35.86 -114.59
C TRP J 921 78.03 -35.92 -114.68
N LEU J 922 77.48 -35.61 -115.85
CA LEU J 922 76.03 -35.68 -116.02
C LEU J 922 75.53 -37.11 -115.85
N HIS J 923 76.27 -38.07 -116.39
CA HIS J 923 75.89 -39.47 -116.24
C HIS J 923 76.01 -39.94 -114.80
N GLU J 924 76.99 -39.44 -114.04
CA GLU J 924 77.06 -39.78 -112.62
C GLU J 924 75.91 -39.14 -111.85
N LEU J 925 75.51 -37.94 -112.24
CA LEU J 925 74.33 -37.31 -111.65
C LEU J 925 73.09 -38.16 -111.90
N ASN J 926 72.91 -38.62 -113.15
CA ASN J 926 71.79 -39.50 -113.47
C ASN J 926 71.88 -40.81 -112.70
N SER J 927 73.10 -41.30 -112.47
CA SER J 927 73.32 -42.50 -111.67
C SER J 927 73.19 -42.25 -110.18
N GLN J 928 73.02 -40.99 -109.78
CA GLN J 928 72.83 -40.56 -108.39
C GLN J 928 74.10 -40.69 -107.55
N GLU J 929 75.25 -40.84 -108.21
CA GLU J 929 76.54 -40.80 -107.51
C GLU J 929 77.09 -39.37 -107.51
N PHE J 930 76.49 -38.55 -106.63
CA PHE J 930 76.89 -37.15 -106.53
C PHE J 930 78.35 -37.01 -106.15
N GLU J 931 78.88 -37.96 -105.38
CA GLU J 931 80.29 -37.90 -105.00
C GLU J 931 81.22 -38.11 -106.20
N LYS J 932 80.90 -39.11 -107.04
CA LYS J 932 81.70 -39.33 -108.24
C LYS J 932 81.56 -38.16 -109.21
N ALA J 933 80.34 -37.62 -109.34
CA ALA J 933 80.14 -36.44 -110.17
C ALA J 933 80.96 -35.25 -109.65
N HIS J 934 81.03 -35.09 -108.33
CA HIS J 934 81.79 -33.99 -107.75
C HIS J 934 83.29 -34.18 -107.97
N ARG J 935 83.76 -35.43 -107.90
CA ARG J 935 85.16 -35.70 -108.20
C ARG J 935 85.48 -35.35 -109.65
N THR J 936 84.65 -35.82 -110.58
CA THR J 936 84.86 -35.51 -111.99
C THR J 936 84.77 -34.00 -112.23
N LEU J 937 83.88 -33.32 -111.52
CA LEU J 937 83.71 -31.88 -111.73
C LEU J 937 84.87 -31.09 -111.13
N GLN J 938 85.44 -31.56 -110.03
CA GLN J 938 86.63 -30.93 -109.49
C GLN J 938 87.81 -31.10 -110.44
N THR J 939 87.97 -32.30 -111.00
CA THR J 939 89.00 -32.51 -112.01
C THR J 939 88.77 -31.63 -113.23
N LEU J 940 87.52 -31.51 -113.68
CA LEU J 940 87.21 -30.69 -114.84
C LEU J 940 87.44 -29.21 -114.56
N ALA J 941 87.14 -28.75 -113.35
CA ALA J 941 87.38 -27.36 -113.00
C ALA J 941 88.88 -27.08 -112.91
N ASN J 942 89.66 -28.03 -112.40
CA ASN J 942 91.11 -27.86 -112.36
C ASN J 942 91.71 -27.84 -113.76
N MET J 943 91.11 -28.61 -114.69
CA MET J 943 91.58 -28.60 -116.07
C MET J 943 91.06 -27.42 -116.87
N GLU J 944 89.95 -26.80 -116.44
CA GLU J 944 89.33 -25.73 -117.21
C GLU J 944 90.02 -24.40 -116.96
N THR J 945 90.67 -23.86 -117.99
CA THR J 945 91.36 -22.58 -117.89
C THR J 945 90.95 -21.68 -119.05
N ARG J 946 90.47 -22.29 -120.14
CA ARG J 946 90.15 -21.53 -121.35
C ARG J 946 89.09 -20.46 -121.07
N TYR J 947 88.09 -20.78 -120.26
CA TYR J 947 87.08 -19.83 -119.84
C TYR J 947 87.04 -19.80 -118.32
N PHE J 948 87.43 -18.66 -117.74
CA PHE J 948 87.32 -18.51 -116.29
C PHE J 948 85.89 -18.72 -115.83
N CYS J 949 84.91 -18.29 -116.63
CA CYS J 949 83.51 -18.57 -116.33
C CYS J 949 83.24 -20.06 -116.31
N LYS J 950 83.83 -20.81 -117.24
CA LYS J 950 83.65 -22.26 -117.26
C LYS J 950 84.28 -22.92 -116.04
N LYS J 951 85.46 -22.46 -115.65
CA LYS J 951 86.10 -23.00 -114.45
C LYS J 951 85.28 -22.72 -113.20
N LYS J 952 84.74 -21.50 -113.08
CA LYS J 952 83.92 -21.15 -111.93
C LYS J 952 82.63 -21.97 -111.90
N THR J 953 81.98 -22.10 -113.05
CA THR J 953 80.75 -22.90 -113.11
C THR J 953 81.04 -24.36 -112.80
N LEU J 954 82.20 -24.86 -113.23
CA LEU J 954 82.56 -26.25 -112.93
C LEU J 954 82.81 -26.45 -111.45
N LEU J 955 83.50 -25.52 -110.80
CA LEU J 955 83.68 -25.60 -109.35
C LEU J 955 82.34 -25.51 -108.63
N GLY J 956 81.43 -24.69 -109.14
CA GLY J 956 80.11 -24.60 -108.54
C GLY J 956 79.32 -25.89 -108.65
N LEU J 957 79.36 -26.52 -109.83
CA LEU J 957 78.72 -27.83 -109.99
C LEU J 957 79.36 -28.86 -109.09
N SER J 958 80.69 -28.79 -108.93
CA SER J 958 81.38 -29.71 -108.02
C SER J 958 80.91 -29.51 -106.58
N LYS J 959 80.76 -28.25 -106.17
CA LYS J 959 80.28 -27.96 -104.81
C LYS J 959 78.85 -28.45 -104.60
N LEU J 960 77.99 -28.25 -105.61
CA LEU J 960 76.60 -28.70 -105.51
C LEU J 960 76.52 -30.22 -105.44
N ALA J 961 77.32 -30.91 -106.25
CA ALA J 961 77.34 -32.37 -106.21
C ALA J 961 77.88 -32.86 -104.87
N ALA J 962 78.90 -32.19 -104.32
CA ALA J 962 79.42 -32.57 -103.02
C ALA J 962 78.38 -32.38 -101.93
N LEU J 963 77.62 -31.27 -101.99
CA LEU J 963 76.58 -31.03 -100.99
C LEU J 963 75.45 -32.04 -101.12
N ALA J 964 75.04 -32.38 -102.34
CA ALA J 964 74.01 -33.37 -102.56
C ALA J 964 74.50 -34.80 -102.44
N SER J 965 75.78 -35.00 -102.15
CA SER J 965 76.33 -36.33 -101.96
C SER J 965 75.93 -36.89 -100.60
N ASP J 966 76.19 -38.19 -100.41
CA ASP J 966 76.00 -38.86 -99.13
C ASP J 966 77.30 -38.95 -98.33
N PHE J 967 78.22 -38.01 -98.57
CA PHE J 967 79.52 -38.06 -97.93
C PHE J 967 79.39 -37.87 -96.42
N GLN J 968 80.23 -38.60 -95.68
CA GLN J 968 80.27 -38.45 -94.23
C GLN J 968 80.73 -37.04 -93.85
N GLU J 969 80.62 -36.73 -92.56
CA GLU J 969 80.95 -35.38 -92.09
C GLU J 969 82.39 -35.02 -92.39
N ASP J 970 83.35 -35.89 -92.01
CA ASP J 970 84.76 -35.56 -92.17
C ASP J 970 85.16 -35.48 -93.64
N VAL J 971 84.69 -36.43 -94.45
CA VAL J 971 85.05 -36.44 -95.87
C VAL J 971 84.46 -35.22 -96.57
N LEU J 972 83.19 -34.93 -96.31
CA LEU J 972 82.56 -33.75 -96.90
C LEU J 972 83.25 -32.46 -96.43
N GLN J 973 83.71 -32.43 -95.18
CA GLN J 973 84.39 -31.25 -94.68
C GLN J 973 85.76 -31.07 -95.33
N GLU J 974 86.48 -32.16 -95.55
CA GLU J 974 87.77 -32.06 -96.22
C GLU J 974 87.61 -31.63 -97.68
N LYS J 975 86.61 -32.21 -98.37
CA LYS J 975 86.30 -31.76 -99.72
C LYS J 975 85.90 -30.30 -99.72
N VAL J 976 85.15 -29.86 -98.71
CA VAL J 976 84.77 -28.47 -98.60
C VAL J 976 85.97 -27.57 -98.33
N GLU J 977 86.98 -28.07 -97.63
CA GLU J 977 88.18 -27.27 -97.39
C GLU J 977 88.98 -27.12 -98.67
N GLU J 978 89.13 -28.22 -99.42
CA GLU J 978 89.76 -28.12 -100.75
C GLU J 978 88.94 -27.23 -101.66
N ILE J 979 87.64 -27.16 -101.45
CA ILE J 979 86.78 -26.28 -102.23
C ILE J 979 86.98 -24.83 -101.82
N ALA J 980 87.17 -24.58 -100.52
CA ALA J 980 87.33 -23.22 -100.04
C ALA J 980 88.68 -22.65 -100.44
N GLU J 981 89.73 -23.47 -100.43
CA GLU J 981 91.02 -23.00 -100.92
C GLU J 981 90.96 -22.69 -102.41
N GLN J 982 90.35 -23.59 -103.19
CA GLN J 982 90.19 -23.34 -104.62
C GLN J 982 89.34 -22.10 -104.88
N GLU J 983 88.32 -21.88 -104.06
CA GLU J 983 87.48 -20.70 -104.22
C GLU J 983 88.24 -19.43 -103.84
N HIS J 984 89.14 -19.53 -102.86
CA HIS J 984 90.00 -18.41 -102.53
C HIS J 984 90.94 -18.09 -103.69
N PHE J 985 91.37 -19.14 -104.41
CA PHE J 985 92.19 -18.92 -105.60
C PHE J 985 91.38 -18.31 -106.74
N LEU J 986 90.11 -18.72 -106.87
CA LEU J 986 89.29 -18.25 -107.99
C LEU J 986 88.72 -16.86 -107.74
N LEU J 987 88.54 -16.48 -106.47
CA LEU J 987 87.91 -15.21 -106.15
C LEU J 987 88.86 -14.03 -106.34
N HIS J 988 90.17 -14.29 -106.34
CA HIS J 988 91.14 -13.22 -106.55
C HIS J 988 90.91 -12.52 -107.88
N GLN J 989 90.83 -13.31 -108.96
CA GLN J 989 90.57 -12.72 -110.27
C GLN J 989 89.16 -12.16 -110.38
N GLU J 990 88.20 -12.77 -109.69
CA GLU J 990 86.79 -12.39 -109.83
C GLU J 990 86.57 -10.91 -109.52
N THR J 991 87.45 -10.31 -108.71
CA THR J 991 87.34 -8.91 -108.34
C THR J 991 87.98 -7.97 -109.36
N LEU J 992 88.14 -8.42 -110.60
CA LEU J 992 88.69 -7.56 -111.64
C LEU J 992 87.90 -6.27 -111.75
N PRO J 993 88.54 -5.10 -111.69
CA PRO J 993 87.79 -3.85 -111.63
C PRO J 993 87.11 -3.54 -112.96
N LYS J 994 86.00 -2.80 -112.87
CA LYS J 994 85.21 -2.44 -114.05
C LYS J 994 85.84 -1.32 -114.86
N LYS J 995 86.76 -0.56 -114.28
CA LYS J 995 87.55 0.38 -115.06
C LYS J 995 88.71 -0.33 -115.75
N LEU J 996 89.37 -1.25 -115.04
CA LEU J 996 90.51 -1.96 -115.60
C LEU J 996 90.09 -2.93 -116.71
N LEU J 997 88.89 -3.50 -116.61
CA LEU J 997 88.40 -4.36 -117.69
C LEU J 997 88.21 -3.60 -119.00
N GLU J 998 87.64 -2.41 -118.95
CA GLU J 998 87.48 -1.59 -120.14
C GLU J 998 88.80 -0.96 -120.59
N GLU J 999 89.72 -0.71 -119.66
CA GLU J 999 91.03 -0.18 -120.03
C GLU J 999 91.85 -1.23 -120.78
N LYS J 1000 91.82 -2.48 -120.30
CA LYS J 1000 92.48 -3.58 -120.98
C LYS J 1000 91.68 -4.10 -122.15
N GLN J 1001 90.44 -3.64 -122.31
CA GLN J 1001 89.60 -3.98 -123.47
C GLN J 1001 89.39 -5.48 -123.59
N LEU J 1002 89.36 -6.15 -122.44
CA LEU J 1002 89.07 -7.58 -122.38
C LEU J 1002 87.58 -7.78 -122.18
N ASP J 1003 87.10 -8.96 -122.54
CA ASP J 1003 85.68 -9.29 -122.39
C ASP J 1003 85.27 -9.22 -120.92
N LEU J 1004 83.96 -9.05 -120.69
CA LEU J 1004 83.43 -8.98 -119.33
C LEU J 1004 83.72 -10.27 -118.57
N ASN J 1005 83.57 -11.42 -119.23
CA ASN J 1005 83.87 -12.71 -118.64
C ASN J 1005 84.69 -13.63 -119.52
N ALA J 1006 84.82 -13.33 -120.81
CA ALA J 1006 85.43 -14.25 -121.78
C ALA J 1006 86.92 -14.06 -121.90
N MET J 1007 87.58 -13.58 -120.83
CA MET J 1007 89.03 -13.63 -120.74
C MET J 1007 89.44 -14.92 -120.06
N PRO J 1008 90.58 -15.49 -120.41
CA PRO J 1008 90.96 -16.80 -119.87
C PRO J 1008 91.17 -16.74 -118.37
N VAL J 1009 91.38 -17.91 -117.78
CA VAL J 1009 91.65 -17.97 -116.35
C VAL J 1009 93.02 -17.36 -116.11
N LEU J 1010 93.04 -16.16 -115.53
CA LEU J 1010 94.29 -15.46 -115.29
C LEU J 1010 95.08 -16.17 -114.19
N ALA J 1011 96.37 -16.32 -114.42
CA ALA J 1011 97.24 -16.98 -113.46
C ALA J 1011 97.56 -16.04 -112.32
N PRO J 1012 98.16 -16.54 -111.24
CA PRO J 1012 98.44 -15.66 -110.09
C PRO J 1012 99.37 -14.51 -110.45
N PHE J 1013 100.41 -14.78 -111.24
CA PHE J 1013 101.31 -13.72 -111.68
C PHE J 1013 100.59 -12.70 -112.54
N GLN J 1014 99.70 -13.19 -113.43
CA GLN J 1014 98.94 -12.27 -114.29
C GLN J 1014 98.01 -11.40 -113.48
N LEU J 1015 97.34 -11.98 -112.48
CA LEU J 1015 96.44 -11.20 -111.62
C LEU J 1015 97.22 -10.17 -110.81
N ILE J 1016 98.40 -10.55 -110.30
CA ILE J 1016 99.24 -9.60 -109.59
C ILE J 1016 99.64 -8.44 -110.50
N GLN J 1017 100.06 -8.77 -111.73
CA GLN J 1017 100.46 -7.73 -112.67
C GLN J 1017 99.30 -6.82 -113.03
N LEU J 1018 98.09 -7.38 -113.16
CA LEU J 1018 96.93 -6.56 -113.49
C LEU J 1018 96.52 -5.67 -112.32
N TYR J 1019 96.59 -6.20 -111.10
CA TYR J 1019 96.20 -5.42 -109.93
C TYR J 1019 97.22 -4.34 -109.60
N VAL J 1020 98.48 -4.53 -110.02
CA VAL J 1020 99.54 -3.56 -109.75
C VAL J 1020 99.87 -2.70 -110.96
N CYS J 1021 99.23 -2.94 -112.11
CA CYS J 1021 99.51 -2.16 -113.30
C CYS J 1021 99.07 -0.70 -113.13
N GLU J 1022 99.65 0.17 -113.96
CA GLU J 1022 99.28 1.58 -113.92
C GLU J 1022 97.87 1.81 -114.44
N GLU J 1023 97.38 0.92 -115.29
CA GLU J 1023 96.05 1.09 -115.89
C GLU J 1023 94.95 1.11 -114.84
N ASN J 1024 95.12 0.33 -113.76
CA ASN J 1024 94.15 0.30 -112.68
C ASN J 1024 94.29 1.58 -111.87
N LYS J 1025 93.61 2.63 -112.33
CA LYS J 1025 93.78 3.96 -111.77
C LYS J 1025 93.34 4.01 -110.30
N ARG J 1026 92.38 3.17 -109.93
CA ARG J 1026 91.77 3.19 -108.60
C ARG J 1026 92.55 2.33 -107.59
N ALA J 1027 93.84 2.10 -107.82
CA ALA J 1027 94.64 1.23 -106.98
C ALA J 1027 94.57 1.64 -105.51
N ASN J 1028 94.00 0.77 -104.67
CA ASN J 1028 93.74 1.05 -103.28
C ASN J 1028 94.33 -0.02 -102.37
N GLU J 1029 94.03 0.10 -101.07
CA GLU J 1029 94.61 -0.82 -100.09
C GLU J 1029 94.12 -2.24 -100.30
N ASN J 1030 92.86 -2.41 -100.74
CA ASN J 1030 92.35 -3.75 -100.99
C ASN J 1030 93.02 -4.39 -102.20
N ASP J 1031 93.22 -3.61 -103.27
CA ASP J 1031 93.95 -4.12 -104.42
C ASP J 1031 95.37 -4.49 -104.05
N PHE J 1032 96.00 -3.70 -103.17
CA PHE J 1032 97.34 -4.03 -102.72
C PHE J 1032 97.35 -5.30 -101.87
N MET J 1033 96.35 -5.46 -101.01
CA MET J 1033 96.25 -6.68 -100.22
C MET J 1033 96.08 -7.90 -101.12
N LYS J 1034 95.32 -7.74 -102.21
CA LYS J 1034 95.15 -8.85 -103.15
C LYS J 1034 96.43 -9.15 -103.93
N ALA J 1035 97.13 -8.12 -104.42
CA ALA J 1035 98.37 -8.30 -105.16
C ALA J 1035 99.53 -8.66 -104.25
N LEU J 1036 99.32 -8.68 -102.93
CA LEU J 1036 100.26 -9.28 -102.01
C LEU J 1036 99.86 -10.67 -101.55
N ASP J 1037 98.56 -10.97 -101.49
CA ASP J 1037 98.09 -12.28 -101.06
C ASP J 1037 98.14 -13.30 -102.18
N LEU J 1038 98.19 -12.86 -103.44
CA LEU J 1038 98.26 -13.79 -104.56
C LEU J 1038 99.66 -14.37 -104.76
N LEU J 1039 100.54 -14.23 -103.78
CA LEU J 1039 101.90 -14.75 -103.89
C LEU J 1039 102.04 -16.18 -103.37
N GLU J 1040 101.04 -16.70 -102.67
CA GLU J 1040 101.09 -18.05 -102.12
C GLU J 1040 100.59 -19.11 -103.09
N TYR J 1041 100.10 -18.70 -104.26
CA TYR J 1041 99.70 -19.61 -105.32
C TYR J 1041 100.66 -19.58 -106.49
N ILE J 1042 101.81 -18.92 -106.35
CA ILE J 1042 102.77 -18.77 -107.43
C ILE J 1042 103.35 -20.12 -107.81
N GLY J 1043 104.03 -20.76 -106.87
CA GLY J 1043 104.70 -22.02 -107.17
C GLY J 1043 106.07 -21.81 -107.77
N ASP J 1044 107.08 -22.53 -107.25
CA ASP J 1044 108.46 -22.37 -107.67
C ASP J 1044 108.92 -20.92 -107.46
N ASP J 1045 108.72 -20.45 -106.22
CA ASP J 1045 109.07 -19.08 -105.87
C ASP J 1045 110.54 -18.77 -106.18
N SER J 1046 111.40 -19.77 -106.12
CA SER J 1046 112.80 -19.59 -106.50
C SER J 1046 112.97 -19.29 -107.98
N GLU J 1047 111.97 -19.65 -108.80
CA GLU J 1047 112.04 -19.36 -110.23
C GLU J 1047 111.24 -18.12 -110.60
N VAL J 1048 110.11 -17.90 -109.92
CA VAL J 1048 109.19 -16.81 -110.27
C VAL J 1048 109.61 -15.53 -109.57
N ASP J 1049 110.62 -15.61 -108.70
CA ASP J 1049 111.16 -14.46 -108.01
C ASP J 1049 110.08 -13.72 -107.23
N VAL J 1050 109.53 -14.37 -106.19
CA VAL J 1050 108.48 -13.75 -105.39
C VAL J 1050 108.98 -12.45 -104.77
N GLU J 1051 110.28 -12.40 -104.45
CA GLU J 1051 110.86 -11.18 -103.92
C GLU J 1051 110.85 -10.03 -104.93
N GLU J 1052 111.10 -10.31 -106.20
CA GLU J 1052 111.02 -9.26 -107.22
C GLU J 1052 109.59 -8.77 -107.38
N LEU J 1053 108.62 -9.68 -107.33
CA LEU J 1053 107.22 -9.28 -107.43
C LEU J 1053 106.81 -8.42 -106.23
N LYS J 1054 107.25 -8.80 -105.03
CA LYS J 1054 106.96 -8.01 -103.85
C LYS J 1054 107.59 -6.62 -103.93
N LEU J 1055 108.83 -6.55 -104.42
CA LEU J 1055 109.48 -5.26 -104.58
C LEU J 1055 108.74 -4.39 -105.59
N GLU J 1056 108.34 -4.97 -106.72
CA GLU J 1056 107.58 -4.23 -107.72
C GLU J 1056 106.25 -3.75 -107.15
N ILE J 1057 105.60 -4.58 -106.33
CA ILE J 1057 104.31 -4.21 -105.76
C ILE J 1057 104.47 -3.08 -104.75
N LEU J 1058 105.51 -3.16 -103.91
CA LEU J 1058 105.76 -2.11 -102.94
C LEU J 1058 106.25 -0.82 -103.59
N CYS J 1059 106.82 -0.91 -104.79
CA CYS J 1059 107.18 0.29 -105.54
C CYS J 1059 105.95 0.89 -106.23
N LYS J 1060 105.03 0.05 -106.69
CA LYS J 1060 103.78 0.56 -107.25
C LYS J 1060 102.90 1.18 -106.17
N ALA J 1061 102.92 0.64 -104.95
CA ALA J 1061 102.19 1.24 -103.85
C ALA J 1061 102.74 2.62 -103.47
N ILE J 1062 103.95 2.94 -103.90
CA ILE J 1062 104.52 4.26 -103.66
C ILE J 1062 104.36 5.18 -104.87
N LYS J 1063 104.41 4.65 -106.09
CA LYS J 1063 104.00 5.42 -107.25
C LYS J 1063 102.55 5.87 -107.10
N ARG J 1064 101.71 5.03 -106.48
CA ARG J 1064 100.35 5.44 -106.16
C ARG J 1064 100.32 6.52 -105.10
N ASP J 1065 101.34 6.59 -104.25
CA ASP J 1065 101.42 7.67 -103.27
C ASP J 1065 101.76 8.99 -103.95
N GLU J 1066 102.88 9.03 -104.68
CA GLU J 1066 103.28 10.18 -105.47
C GLU J 1066 103.41 11.42 -104.60
N TRP J 1067 104.15 11.31 -103.49
CA TRP J 1067 104.19 12.35 -102.48
C TRP J 1067 104.72 13.66 -103.04
N SER J 1068 104.20 14.78 -102.51
CA SER J 1068 104.64 16.10 -102.88
C SER J 1068 104.98 16.91 -101.63
N ALA J 1069 105.23 18.21 -101.77
CA ALA J 1069 105.61 19.05 -100.65
C ALA J 1069 104.66 20.24 -100.56
N THR J 1070 104.26 20.57 -99.33
CA THR J 1070 103.31 21.64 -99.07
C THR J 1070 103.98 22.69 -98.19
N ASP J 1071 104.18 23.88 -98.75
CA ASP J 1071 104.88 24.97 -98.07
C ASP J 1071 106.26 24.54 -97.58
N GLY J 1072 106.92 23.70 -98.37
CA GLY J 1072 108.27 23.25 -98.06
C GLY J 1072 108.39 22.17 -97.02
N LYS J 1073 107.30 21.84 -96.33
CA LYS J 1073 107.33 20.86 -95.25
C LYS J 1073 106.82 19.51 -95.76
N ASP J 1074 107.30 18.44 -95.14
CA ASP J 1074 106.97 17.09 -95.58
C ASP J 1074 105.46 16.87 -95.55
N ASP J 1075 104.95 16.27 -96.64
CA ASP J 1075 103.55 15.91 -96.73
C ASP J 1075 103.44 14.40 -96.93
N PRO J 1076 102.96 13.64 -95.95
CA PRO J 1076 102.91 12.17 -96.13
C PRO J 1076 101.75 11.74 -97.02
N ILE J 1077 102.07 11.37 -98.26
CA ILE J 1077 101.05 10.89 -99.19
C ILE J 1077 101.07 9.38 -99.33
N GLU J 1078 101.81 8.67 -98.48
CA GLU J 1078 102.06 7.25 -98.62
C GLU J 1078 100.84 6.41 -98.23
N ALA J 1079 99.67 7.06 -98.18
CA ALA J 1079 98.42 6.47 -97.68
C ALA J 1079 98.22 5.02 -98.13
N THR J 1080 98.56 4.71 -99.39
CA THR J 1080 98.43 3.34 -99.86
C THR J 1080 99.37 2.40 -99.10
N LYS J 1081 100.65 2.76 -98.98
CA LYS J 1081 101.58 1.91 -98.24
C LYS J 1081 101.20 1.84 -96.76
N ASP J 1082 100.75 2.96 -96.19
CA ASP J 1082 100.33 2.98 -94.79
C ASP J 1082 99.19 2.01 -94.55
N SER J 1083 98.17 2.04 -95.42
CA SER J 1083 97.05 1.13 -95.27
C SER J 1083 97.47 -0.32 -95.52
N ILE J 1084 98.40 -0.53 -96.46
CA ILE J 1084 98.89 -1.89 -96.71
C ILE J 1084 99.57 -2.45 -95.46
N PHE J 1085 100.36 -1.61 -94.78
CA PHE J 1085 101.06 -2.07 -93.58
C PHE J 1085 100.14 -2.19 -92.36
N VAL J 1086 99.08 -1.38 -92.29
CA VAL J 1086 98.10 -1.56 -91.23
C VAL J 1086 97.19 -2.75 -91.49
N LYS J 1087 97.12 -3.21 -92.75
CA LYS J 1087 96.32 -4.39 -93.09
C LYS J 1087 97.11 -5.68 -93.03
N VAL J 1088 98.43 -5.63 -93.21
CA VAL J 1088 99.23 -6.85 -93.17
C VAL J 1088 99.19 -7.49 -91.79
N LEU J 1089 99.18 -6.66 -90.75
CA LEU J 1089 99.08 -7.15 -89.38
C LEU J 1089 97.61 -7.44 -89.06
N GLN J 1090 97.32 -8.68 -88.67
CA GLN J 1090 95.97 -9.11 -88.31
C GLN J 1090 95.85 -9.48 -86.84
N ASN J 1091 96.56 -8.77 -85.96
CA ASN J 1091 96.52 -9.02 -84.51
C ASN J 1091 96.98 -10.44 -84.19
N LEU J 1092 98.20 -10.76 -84.62
CA LEU J 1092 98.75 -12.10 -84.45
C LEU J 1092 99.33 -12.34 -83.07
N LEU J 1093 99.45 -11.30 -82.24
CA LEU J 1093 99.95 -11.49 -80.88
C LEU J 1093 99.06 -12.44 -80.09
N ASN J 1094 97.75 -12.40 -80.33
CA ASN J 1094 96.82 -13.30 -79.71
C ASN J 1094 96.70 -14.63 -80.44
N LYS J 1095 97.04 -14.66 -81.73
CA LYS J 1095 96.94 -15.87 -82.54
C LYS J 1095 98.21 -16.69 -82.53
N GLY J 1096 99.25 -16.23 -81.83
CA GLY J 1096 100.44 -17.04 -81.66
C GLY J 1096 101.38 -17.07 -82.84
N ILE J 1097 101.22 -16.16 -83.79
CA ILE J 1097 102.15 -16.05 -84.90
C ILE J 1097 103.32 -15.19 -84.47
N GLU J 1098 104.41 -15.24 -85.22
CA GLU J 1098 105.59 -14.47 -84.86
C GLU J 1098 105.40 -13.00 -85.17
N LEU J 1099 104.41 -12.38 -84.51
CA LEU J 1099 104.05 -10.99 -84.83
C LEU J 1099 105.14 -10.02 -84.43
N LYS J 1100 105.77 -10.24 -83.28
CA LYS J 1100 106.91 -9.41 -82.88
C LYS J 1100 108.06 -9.69 -83.84
N GLY J 1101 108.32 -8.77 -84.75
CA GLY J 1101 109.25 -9.04 -85.83
C GLY J 1101 108.67 -9.87 -86.96
N TYR J 1102 107.48 -9.51 -87.44
CA TYR J 1102 106.86 -10.20 -88.56
C TYR J 1102 106.85 -9.35 -89.82
N LEU J 1103 107.60 -8.26 -89.84
CA LEU J 1103 107.67 -7.41 -91.02
C LEU J 1103 109.12 -7.27 -91.45
N PRO J 1104 109.90 -8.36 -91.47
CA PRO J 1104 111.23 -8.31 -92.08
C PRO J 1104 111.17 -8.73 -93.54
N LYS J 1105 109.97 -9.00 -94.03
CA LYS J 1105 109.80 -9.41 -95.43
C LYS J 1105 110.18 -8.27 -96.37
N ALA J 1106 109.57 -7.09 -96.18
CA ALA J 1106 109.90 -5.95 -97.00
C ALA J 1106 111.27 -5.39 -96.61
N GLU J 1107 112.15 -5.24 -97.60
CA GLU J 1107 113.50 -4.75 -97.37
C GLU J 1107 113.57 -3.25 -97.59
N THR J 1108 114.74 -2.68 -97.32
CA THR J 1108 114.94 -1.24 -97.47
C THR J 1108 115.90 -0.95 -98.63
N LEU J 1109 116.99 -1.71 -98.72
CA LEU J 1109 117.99 -1.45 -99.76
C LEU J 1109 117.45 -1.76 -101.15
N LEU J 1110 116.84 -2.94 -101.31
CA LEU J 1110 116.28 -3.32 -102.60
C LEU J 1110 115.11 -2.44 -103.00
N GLN J 1111 114.38 -1.89 -102.03
CA GLN J 1111 113.32 -0.94 -102.36
C GLN J 1111 113.90 0.42 -102.74
N SER J 1112 114.99 0.81 -102.10
CA SER J 1112 115.62 2.10 -102.40
C SER J 1112 116.28 2.11 -103.77
N GLU J 1113 116.90 1.00 -104.17
CA GLU J 1113 117.48 0.92 -105.51
C GLU J 1113 116.41 1.09 -106.58
N GLU J 1114 115.29 0.38 -106.45
CA GLU J 1114 114.21 0.52 -107.41
C GLU J 1114 113.57 1.90 -107.33
N LEU J 1115 113.54 2.51 -106.14
CA LEU J 1115 113.03 3.86 -106.02
C LEU J 1115 113.91 4.85 -106.79
N ASN J 1116 115.23 4.68 -106.70
CA ASN J 1116 116.13 5.54 -107.47
C ASN J 1116 116.00 5.27 -108.96
N SER J 1117 115.73 4.01 -109.33
CA SER J 1117 115.49 3.69 -110.74
C SER J 1117 114.24 4.39 -111.26
N LEU J 1118 113.20 4.48 -110.41
CA LEU J 1118 112.00 5.22 -110.75
C LEU J 1118 112.15 6.73 -110.53
N LYS J 1119 113.28 7.16 -109.96
CA LYS J 1119 113.63 8.56 -109.70
C LYS J 1119 112.84 9.16 -108.55
N THR J 1120 112.41 8.34 -107.58
CA THR J 1120 111.56 8.81 -106.49
C THR J 1120 112.31 8.95 -105.17
N ASN J 1121 113.62 8.77 -105.16
CA ASN J 1121 114.37 8.84 -103.91
C ASN J 1121 114.33 10.24 -103.32
N SER J 1122 114.85 11.23 -104.05
CA SER J 1122 114.96 12.59 -103.51
C SER J 1122 113.58 13.15 -103.14
N TYR J 1123 112.51 12.56 -103.68
CA TYR J 1123 111.17 13.02 -103.34
C TYR J 1123 110.64 12.35 -102.08
N PHE J 1124 110.67 11.02 -102.04
CA PHE J 1124 109.95 10.28 -101.01
C PHE J 1124 110.84 9.67 -99.93
N GLU J 1125 112.15 9.96 -99.93
CA GLU J 1125 113.04 9.28 -98.99
C GLU J 1125 112.91 9.78 -97.56
N PHE J 1126 112.50 11.03 -97.35
CA PHE J 1126 112.27 11.51 -95.98
C PHE J 1126 111.13 10.75 -95.33
N SER J 1127 110.01 10.63 -96.04
CA SER J 1127 108.88 9.86 -95.53
C SER J 1127 109.16 8.36 -95.54
N LEU J 1128 110.04 7.88 -96.41
CA LEU J 1128 110.43 6.48 -96.37
C LEU J 1128 111.08 6.13 -95.03
N LYS J 1129 112.03 6.95 -94.58
CA LYS J 1129 112.68 6.70 -93.30
C LYS J 1129 111.75 7.00 -92.13
N ALA J 1130 110.95 8.06 -92.23
CA ALA J 1130 109.98 8.36 -91.18
C ALA J 1130 109.00 7.20 -90.99
N ASN J 1131 108.63 6.53 -92.08
CA ASN J 1131 107.75 5.37 -91.99
C ASN J 1131 108.51 4.13 -91.56
N TYR J 1132 109.79 4.03 -91.92
CA TYR J 1132 110.60 2.89 -91.53
C TYR J 1132 110.86 2.91 -90.03
N GLU J 1133 110.70 4.09 -89.42
CA GLU J 1133 110.79 4.16 -87.97
C GLU J 1133 109.54 3.58 -87.30
N CYS J 1134 108.36 3.97 -87.78
CA CYS J 1134 107.10 3.48 -87.22
C CYS J 1134 106.76 2.06 -87.68
N TYR J 1135 107.50 1.53 -88.65
CA TYR J 1135 107.35 0.13 -89.06
C TYR J 1135 108.46 -0.76 -88.53
N MET J 1136 109.51 -0.18 -87.95
CA MET J 1136 110.47 -0.93 -87.15
C MET J 1136 110.19 -0.85 -85.66
N LYS J 1137 109.34 0.08 -85.24
CA LYS J 1137 108.89 0.12 -83.85
C LYS J 1137 107.58 -0.64 -83.64
N MET J 1138 106.74 -0.74 -84.67
CA MET J 1138 105.47 -1.43 -84.54
C MET J 1138 105.64 -2.94 -84.57
N ILE K 8 33.95 42.66 -13.79
CA ILE K 8 33.00 41.58 -13.57
C ILE K 8 33.02 41.15 -12.10
N GLN K 9 33.56 42.02 -11.24
CA GLN K 9 33.50 41.75 -9.81
C GLN K 9 32.06 41.80 -9.31
N ARG K 10 31.18 42.51 -10.02
CA ARG K 10 29.76 42.47 -9.69
C ARG K 10 29.19 41.06 -9.94
N TYR K 11 29.59 40.43 -11.04
CA TYR K 11 29.16 39.06 -11.30
C TYR K 11 29.78 38.08 -10.32
N VAL K 12 31.04 38.32 -9.93
CA VAL K 12 31.65 37.49 -8.91
C VAL K 12 30.94 37.67 -7.56
N GLU K 13 30.39 38.85 -7.30
CA GLU K 13 29.60 39.07 -6.08
C GLU K 13 28.27 38.33 -6.16
N ASN K 14 27.62 38.33 -7.33
CA ASN K 14 26.38 37.58 -7.47
C ASN K 14 26.60 36.08 -7.32
N ALA K 15 27.64 35.56 -7.98
CA ALA K 15 28.01 34.16 -7.81
C ALA K 15 28.36 33.86 -6.35
N GLN K 16 29.02 34.81 -5.67
CA GLN K 16 29.36 34.62 -4.26
C GLN K 16 28.11 34.59 -3.40
N ASN K 17 27.10 35.37 -3.75
CA ASN K 17 25.84 35.32 -3.01
C ASN K 17 25.15 33.98 -3.19
N SER K 18 25.06 33.51 -4.43
CA SER K 18 24.40 32.23 -4.70
C SER K 18 25.25 31.05 -4.27
N ALA K 19 26.50 31.33 -3.88
CA ALA K 19 27.39 30.31 -3.32
C ALA K 19 27.41 30.31 -1.80
N SER K 20 27.10 31.45 -1.19
CA SER K 20 26.91 31.49 0.26
C SER K 20 25.55 30.91 0.64
N SER K 21 24.51 31.28 -0.12
CA SER K 21 23.17 30.79 0.21
C SER K 21 23.03 29.32 -0.14
N PRO K 22 23.22 28.94 -1.40
CA PRO K 22 23.24 27.52 -1.75
C PRO K 22 24.64 26.93 -1.57
N ARG K 23 25.02 26.69 -0.32
CA ARG K 23 26.37 26.31 0.08
C ARG K 23 27.07 25.36 -0.88
N GLU K 24 26.37 24.31 -1.32
CA GLU K 24 26.96 23.35 -2.25
C GLU K 24 27.45 24.05 -3.52
N LYS K 25 26.71 25.07 -3.97
CA LYS K 25 27.15 25.98 -5.03
C LYS K 25 27.79 25.27 -6.21
N SER K 26 27.10 24.32 -6.83
CA SER K 26 27.69 23.59 -7.95
C SER K 26 27.83 24.48 -9.18
N MET K 27 26.71 24.96 -9.71
CA MET K 27 26.76 25.89 -10.83
C MET K 27 27.54 27.14 -10.46
N LYS K 28 27.45 27.57 -9.19
CA LYS K 28 28.17 28.75 -8.76
C LYS K 28 29.67 28.54 -8.85
N GLY K 29 30.17 27.43 -8.29
CA GLY K 29 31.58 27.13 -8.37
C GLY K 29 32.05 26.97 -9.80
N PHE K 30 31.22 26.33 -10.64
CA PHE K 30 31.57 26.17 -12.04
C PHE K 30 31.75 27.52 -12.74
N LEU K 31 30.73 28.37 -12.66
CA LEU K 31 30.80 29.68 -13.31
C LEU K 31 31.85 30.59 -12.71
N PHE K 32 32.11 30.50 -11.41
CA PHE K 32 33.07 31.40 -10.78
C PHE K 32 34.50 30.96 -11.04
N ALA K 33 34.79 29.67 -10.88
CA ALA K 33 36.09 29.16 -11.29
C ALA K 33 36.29 29.33 -12.79
N ARG K 34 35.20 29.35 -13.57
CA ARG K 34 35.32 29.62 -14.99
C ARG K 34 35.63 31.09 -15.25
N LEU K 35 35.11 31.98 -14.41
CA LEU K 35 35.50 33.38 -14.47
C LEU K 35 36.98 33.54 -14.11
N TYR K 36 37.45 32.78 -13.11
CA TYR K 36 38.86 32.82 -12.75
C TYR K 36 39.74 32.17 -13.81
N TYR K 37 39.15 31.28 -14.62
CA TYR K 37 39.88 30.69 -15.73
C TYR K 37 39.99 31.66 -16.90
N GLU K 38 38.87 32.30 -17.26
CA GLU K 38 38.90 33.32 -18.30
C GLU K 38 39.81 34.49 -17.92
N ALA K 39 39.74 34.92 -16.66
CA ALA K 39 40.66 35.90 -16.11
C ALA K 39 41.93 35.17 -15.67
N LYS K 40 42.82 35.77 -14.87
CA LYS K 40 44.03 35.06 -14.50
C LYS K 40 43.98 34.82 -12.98
N GLU K 41 43.24 33.78 -12.60
CA GLU K 41 43.34 33.17 -11.27
C GLU K 41 43.29 31.65 -11.45
N TYR K 42 44.45 31.06 -11.78
CA TYR K 42 44.46 29.64 -12.12
C TYR K 42 44.55 28.75 -10.90
N GLU K 43 45.26 29.16 -9.84
CA GLU K 43 45.35 28.33 -8.65
C GLU K 43 44.01 28.27 -7.91
N LEU K 44 43.44 29.44 -7.61
CA LEU K 44 42.13 29.47 -7.00
C LEU K 44 41.07 28.94 -7.96
N ALA K 45 41.29 29.07 -9.26
CA ALA K 45 40.40 28.43 -10.22
C ALA K 45 40.43 26.91 -10.07
N LYS K 46 41.62 26.34 -9.85
CA LYS K 46 41.74 24.90 -9.62
C LYS K 46 41.02 24.48 -8.35
N ARG K 47 41.27 25.20 -7.25
CA ARG K 47 40.60 24.88 -5.99
C ARG K 47 39.09 25.00 -6.12
N SER K 48 38.62 26.05 -6.79
CA SER K 48 37.18 26.25 -6.92
C SER K 48 36.56 25.23 -7.85
N VAL K 49 37.32 24.79 -8.86
CA VAL K 49 36.81 23.79 -9.79
C VAL K 49 36.72 22.44 -9.11
N SER K 50 37.67 22.13 -8.21
CA SER K 50 37.54 20.91 -7.41
C SER K 50 36.36 21.01 -6.45
N SER K 51 36.07 22.22 -5.97
CA SER K 51 34.89 22.43 -5.11
C SER K 51 33.59 22.22 -5.89
N TYR K 52 33.49 22.84 -7.06
CA TYR K 52 32.34 22.62 -7.94
C TYR K 52 32.25 21.15 -8.38
N ILE K 53 33.38 20.45 -8.43
CA ILE K 53 33.37 19.03 -8.78
C ILE K 53 32.75 18.22 -7.66
N SER K 54 33.28 18.38 -6.43
CA SER K 54 32.67 17.72 -5.28
C SER K 54 31.22 18.16 -5.09
N VAL K 55 30.82 19.24 -5.74
CA VAL K 55 29.42 19.66 -5.73
C VAL K 55 28.62 18.86 -6.76
N GLN K 56 29.06 18.85 -8.03
CA GLN K 56 28.28 18.27 -9.13
C GLN K 56 29.19 17.46 -10.06
N GLU K 57 28.68 16.33 -10.53
CA GLU K 57 29.41 15.37 -11.38
C GLU K 57 29.20 15.55 -12.88
N ARG K 58 28.64 16.67 -13.35
CA ARG K 58 28.28 16.78 -14.76
C ARG K 58 29.22 17.72 -15.54
N ASP K 59 30.10 18.44 -14.83
CA ASP K 59 30.79 19.59 -15.39
C ASP K 59 31.87 19.26 -16.42
N PRO K 60 31.58 19.49 -17.71
CA PRO K 60 32.59 19.18 -18.76
C PRO K 60 33.78 20.13 -18.76
N LYS K 61 33.56 21.44 -18.70
CA LYS K 61 34.66 22.39 -18.74
C LYS K 61 35.48 22.37 -17.45
N ALA K 62 34.82 22.13 -16.30
CA ALA K 62 35.57 21.89 -15.08
C ALA K 62 36.41 20.62 -15.21
N HIS K 63 35.84 19.57 -15.79
CA HIS K 63 36.62 18.38 -16.09
C HIS K 63 37.89 18.74 -16.86
N ARG K 64 37.74 19.50 -17.94
CA ARG K 64 38.88 19.83 -18.78
C ARG K 64 39.91 20.65 -18.02
N PHE K 65 39.49 21.70 -17.32
CA PHE K 65 40.44 22.57 -16.62
C PHE K 65 41.19 21.82 -15.53
N LEU K 66 40.46 21.04 -14.71
CA LEU K 66 41.11 20.34 -13.60
C LEU K 66 42.03 19.23 -14.12
N GLY K 67 41.54 18.39 -15.04
CA GLY K 67 42.40 17.37 -15.60
C GLY K 67 43.63 17.93 -16.26
N GLN K 68 43.51 19.08 -16.93
CA GLN K 68 44.67 19.68 -17.58
C GLN K 68 45.64 20.25 -16.55
N LEU K 69 45.11 20.87 -15.50
CA LEU K 69 45.97 21.36 -14.42
C LEU K 69 46.79 20.22 -13.81
N PHE K 70 46.14 19.11 -13.48
CA PHE K 70 46.87 18.00 -12.87
C PHE K 70 47.86 17.37 -13.85
N GLU K 71 47.40 17.07 -15.07
CA GLU K 71 48.28 16.48 -16.08
C GLU K 71 49.50 17.35 -16.34
N ILE K 72 49.32 18.66 -16.36
CA ILE K 72 50.45 19.55 -16.59
C ILE K 72 51.37 19.65 -15.37
N GLU K 73 50.81 19.73 -14.17
CA GLU K 73 51.63 19.77 -12.96
C GLU K 73 52.29 18.44 -12.64
N GLY K 74 51.97 17.38 -13.38
CA GLY K 74 52.67 16.13 -13.26
C GLY K 74 52.02 15.10 -12.39
N ASN K 75 50.93 15.44 -11.71
CA ASN K 75 50.19 14.47 -10.90
C ASN K 75 49.35 13.57 -11.81
N VAL K 76 50.04 12.66 -12.50
CA VAL K 76 49.37 11.70 -13.37
C VAL K 76 48.29 10.94 -12.61
N GLU K 77 48.49 10.71 -11.31
CA GLU K 77 47.45 10.06 -10.51
C GLU K 77 46.22 10.93 -10.39
N LYS K 78 46.40 12.24 -10.17
CA LYS K 78 45.24 13.13 -10.08
C LYS K 78 44.56 13.26 -11.44
N ALA K 79 45.34 13.21 -12.52
CA ALA K 79 44.76 13.19 -13.86
C ALA K 79 43.94 11.92 -14.07
N VAL K 80 44.43 10.79 -13.58
CA VAL K 80 43.68 9.54 -13.66
C VAL K 80 42.40 9.65 -12.84
N GLY K 81 42.48 10.30 -11.68
CA GLY K 81 41.28 10.47 -10.86
C GLY K 81 40.21 11.30 -11.54
N CYS K 82 40.59 12.51 -11.99
CA CYS K 82 39.66 13.37 -12.69
C CYS K 82 39.08 12.68 -13.92
N TYR K 83 39.95 12.12 -14.76
CA TYR K 83 39.49 11.50 -16.00
C TYR K 83 38.61 10.30 -15.74
N LYS K 84 38.97 9.43 -14.80
CA LYS K 84 38.16 8.26 -14.49
C LYS K 84 36.79 8.68 -13.99
N ARG K 85 36.73 9.60 -13.03
CA ARG K 85 35.45 10.01 -12.49
C ARG K 85 34.58 10.65 -13.56
N SER K 86 35.13 11.60 -14.32
CA SER K 86 34.33 12.31 -15.32
C SER K 86 33.90 11.39 -16.45
N LEU K 87 34.72 10.37 -16.78
CA LEU K 87 34.37 9.44 -17.86
C LEU K 87 33.28 8.48 -17.41
N GLU K 88 33.48 7.83 -16.25
CA GLU K 88 32.49 6.88 -15.77
C GLU K 88 31.17 7.53 -15.42
N LEU K 89 31.16 8.80 -15.05
CA LEU K 89 29.85 9.42 -14.88
C LEU K 89 29.14 9.61 -16.21
N ASN K 90 29.89 9.73 -17.30
CA ASN K 90 29.48 9.75 -18.70
C ASN K 90 28.16 10.46 -19.00
N PRO K 91 27.91 11.64 -18.44
CA PRO K 91 26.76 12.40 -18.92
C PRO K 91 27.14 13.33 -20.06
N THR K 92 28.40 13.80 -20.03
CA THR K 92 29.02 14.45 -21.18
C THR K 92 30.53 14.44 -21.02
N GLN K 93 31.20 13.47 -21.65
CA GLN K 93 32.65 13.39 -21.65
C GLN K 93 33.06 12.28 -22.62
N LYS K 94 34.01 12.60 -23.49
CA LYS K 94 34.44 11.64 -24.51
C LYS K 94 35.92 11.32 -24.46
N ASP K 95 36.76 12.34 -24.36
CA ASP K 95 38.20 12.16 -24.54
C ASP K 95 38.89 11.62 -23.28
N LEU K 96 38.16 11.47 -22.17
CA LEU K 96 38.78 11.16 -20.89
C LEU K 96 39.48 9.81 -20.89
N THR K 97 38.86 8.79 -21.47
CA THR K 97 39.46 7.46 -21.55
C THR K 97 40.84 7.48 -22.20
N LEU K 98 41.10 8.48 -23.06
CA LEU K 98 42.40 8.58 -23.71
C LEU K 98 43.51 8.83 -22.70
N ARG K 99 43.39 9.90 -21.91
CA ARG K 99 44.38 10.15 -20.87
C ARG K 99 44.32 9.10 -19.77
N ILE K 100 43.18 8.44 -19.57
CA ILE K 100 43.13 7.31 -18.64
C ILE K 100 44.06 6.21 -19.12
N ALA K 101 44.01 5.91 -20.42
CA ALA K 101 44.91 4.90 -20.98
C ALA K 101 46.36 5.36 -20.92
N GLU K 102 46.60 6.63 -21.23
CA GLU K 102 47.96 7.16 -21.15
C GLU K 102 48.55 6.98 -19.74
N LEU K 103 47.76 7.28 -18.70
CA LEU K 103 48.25 7.11 -17.34
C LEU K 103 48.37 5.64 -16.96
N ILE K 104 47.48 4.80 -17.49
CA ILE K 104 47.60 3.36 -17.30
C ILE K 104 48.89 2.85 -17.93
N CYS K 105 49.40 3.58 -18.92
CA CYS K 105 50.72 3.30 -19.46
C CYS K 105 51.81 3.91 -18.59
N THR K 106 51.53 5.07 -18.00
CA THR K 106 52.50 5.74 -17.14
C THR K 106 52.82 4.92 -15.90
N LEU K 107 51.87 4.12 -15.45
CA LEU K 107 52.17 3.16 -14.38
C LEU K 107 52.76 1.89 -14.97
N GLY K 112 48.61 -5.04 -19.33
CA GLY K 112 47.84 -5.48 -18.18
C GLY K 112 46.51 -4.77 -18.02
N ARG K 113 46.54 -3.44 -18.03
CA ARG K 113 45.31 -2.66 -17.92
C ARG K 113 45.07 -1.81 -19.16
N ALA K 114 46.13 -1.17 -19.67
CA ALA K 114 46.00 -0.29 -20.82
C ALA K 114 45.45 -0.98 -22.05
N GLU K 115 45.44 -2.32 -22.08
CA GLU K 115 44.96 -3.05 -23.24
C GLU K 115 43.47 -2.85 -23.45
N TYR K 116 42.69 -2.85 -22.36
CA TYR K 116 41.25 -2.61 -22.47
C TYR K 116 40.97 -1.27 -23.14
N TRP K 117 41.58 -0.19 -22.63
CA TRP K 117 41.33 1.13 -23.18
C TRP K 117 41.99 1.33 -24.54
N VAL K 118 43.05 0.59 -24.85
CA VAL K 118 43.64 0.71 -26.18
C VAL K 118 42.74 0.05 -27.21
N GLU K 119 42.17 -1.11 -26.88
CA GLU K 119 41.17 -1.71 -27.75
C GLU K 119 39.94 -0.80 -27.86
N ARG K 120 39.58 -0.13 -26.76
CA ARG K 120 38.46 0.80 -26.79
C ARG K 120 38.73 1.95 -27.75
N ALA K 121 39.94 2.53 -27.68
CA ALA K 121 40.28 3.63 -28.58
C ALA K 121 40.35 3.16 -30.02
N SER K 122 40.82 1.93 -30.25
CA SER K 122 40.85 1.39 -31.60
C SER K 122 39.44 1.09 -32.10
N LYS K 123 38.49 0.93 -31.18
CA LYS K 123 37.09 0.81 -31.55
C LYS K 123 36.43 2.16 -31.76
N LEU K 124 36.95 3.21 -31.15
CA LEU K 124 36.36 4.54 -31.27
C LEU K 124 36.90 5.33 -32.46
N PHE K 125 38.20 5.25 -32.76
CA PHE K 125 38.81 6.06 -33.80
C PHE K 125 39.82 5.24 -34.59
N PRO K 126 39.44 4.69 -35.73
CA PRO K 126 40.25 3.62 -36.34
C PRO K 126 41.57 4.08 -36.93
N GLY K 127 41.59 5.17 -37.71
CA GLY K 127 42.80 5.59 -38.40
C GLY K 127 43.79 6.28 -37.48
N SER K 128 44.09 5.63 -36.34
CA SER K 128 44.91 6.22 -35.29
C SER K 128 46.23 5.47 -35.17
N PRO K 129 47.27 5.88 -35.89
CA PRO K 129 48.59 5.29 -35.66
C PRO K 129 49.04 5.51 -34.23
N GLU K 130 48.73 6.68 -33.66
CA GLU K 130 49.09 6.96 -32.28
C GLU K 130 48.41 6.02 -31.30
N ILE K 131 47.16 5.63 -31.55
CA ILE K 131 46.46 4.73 -30.63
C ILE K 131 46.95 3.31 -30.80
N TYR K 132 47.08 2.85 -32.05
CA TYR K 132 47.67 1.54 -32.26
C TYR K 132 49.10 1.49 -31.74
N ARG K 133 49.76 2.65 -31.63
CA ARG K 133 51.13 2.69 -31.15
C ARG K 133 51.18 2.70 -29.62
N LEU K 134 50.22 3.36 -28.98
CA LEU K 134 50.08 3.20 -27.52
C LEU K 134 49.78 1.76 -27.17
N LYS K 135 48.95 1.09 -27.99
CA LYS K 135 48.72 -0.33 -27.80
C LYS K 135 50.00 -1.14 -28.07
N GLU K 136 50.76 -0.74 -29.09
CA GLU K 136 52.02 -1.40 -29.39
C GLU K 136 52.99 -1.28 -28.21
N GLN K 137 52.98 -0.13 -27.53
CA GLN K 137 53.82 0.05 -26.34
C GLN K 137 53.34 -0.81 -25.18
N LEU K 138 52.04 -0.81 -24.92
CA LEU K 138 51.49 -1.72 -23.92
C LEU K 138 51.86 -3.16 -24.24
N LEU K 139 51.90 -3.52 -25.53
CA LEU K 139 52.24 -4.89 -25.92
C LEU K 139 53.73 -5.15 -25.79
N SER K 140 54.57 -4.15 -26.08
CA SER K 140 56.00 -4.29 -25.87
C SER K 140 56.35 -4.41 -24.40
N GLY K 146 58.45 -7.32 -26.75
CA GLY K 146 59.83 -7.53 -27.14
C GLY K 146 60.01 -7.86 -28.61
N TRP K 147 60.69 -8.97 -28.91
CA TRP K 147 60.92 -9.35 -30.29
C TRP K 147 59.62 -9.74 -30.99
N ASN K 148 58.90 -10.72 -30.44
CA ASN K 148 57.66 -11.19 -31.08
C ASN K 148 56.59 -10.10 -31.06
N GLN K 149 56.43 -9.42 -29.92
CA GLN K 149 55.43 -8.35 -29.84
C GLN K 149 55.77 -7.22 -30.80
N LEU K 150 57.04 -6.86 -30.91
CA LEU K 150 57.44 -5.78 -31.80
C LEU K 150 57.21 -6.17 -33.26
N PHE K 151 57.61 -7.39 -33.64
CA PHE K 151 57.41 -7.83 -35.02
C PHE K 151 55.93 -7.90 -35.38
N ASP K 152 55.12 -8.52 -34.51
CA ASP K 152 53.68 -8.56 -34.75
C ASP K 152 53.11 -7.15 -34.87
N LEU K 153 53.49 -6.24 -33.98
CA LEU K 153 52.93 -4.89 -33.98
C LEU K 153 53.27 -4.15 -35.27
N ILE K 154 54.56 -4.11 -35.64
CA ILE K 154 54.94 -3.34 -36.81
C ILE K 154 54.40 -3.99 -38.09
N GLN K 155 54.40 -5.33 -38.16
CA GLN K 155 53.86 -5.99 -39.35
C GLN K 155 52.37 -5.77 -39.48
N ALA K 156 51.62 -5.75 -38.36
CA ALA K 156 50.19 -5.47 -38.44
C ALA K 156 49.94 -4.00 -38.74
N GLU K 157 50.85 -3.11 -38.35
CA GLU K 157 50.72 -1.71 -38.72
C GLU K 157 50.91 -1.51 -40.23
N LEU K 158 51.93 -2.15 -40.79
CA LEU K 158 52.11 -2.12 -42.24
C LEU K 158 50.99 -2.88 -42.96
N PHE K 159 50.36 -3.85 -42.29
CA PHE K 159 49.20 -4.52 -42.87
C PHE K 159 47.96 -3.64 -42.83
N ALA K 160 47.85 -2.78 -41.82
CA ALA K 160 46.74 -1.83 -41.74
C ALA K 160 46.89 -0.69 -42.75
N ARG K 161 48.12 -0.23 -42.95
CA ARG K 161 48.40 0.77 -43.97
C ARG K 161 49.47 0.21 -44.89
N PRO K 162 49.06 -0.45 -45.99
CA PRO K 162 50.06 -1.13 -46.84
C PRO K 162 51.09 -0.20 -47.47
N ASN K 163 50.90 1.12 -47.40
CA ASN K 163 51.87 2.03 -48.02
C ASN K 163 52.85 2.61 -47.00
N ASP K 164 52.91 2.06 -45.79
CA ASP K 164 53.64 2.69 -44.69
C ASP K 164 55.13 2.42 -44.83
N VAL K 165 55.86 3.42 -45.35
CA VAL K 165 57.31 3.35 -45.38
C VAL K 165 57.90 3.39 -43.97
N TYR K 166 57.26 4.17 -43.08
CA TYR K 166 57.72 4.23 -41.70
C TYR K 166 57.56 2.89 -40.99
N VAL K 167 56.39 2.25 -41.12
CA VAL K 167 56.18 0.93 -40.52
C VAL K 167 57.11 -0.09 -41.16
N ASN K 168 57.35 0.06 -42.48
CA ASN K 168 58.26 -0.85 -43.17
C ASN K 168 59.67 -0.76 -42.61
N LEU K 169 60.17 0.45 -42.40
CA LEU K 169 61.52 0.61 -41.86
C LEU K 169 61.60 0.14 -40.42
N LYS K 170 60.59 0.47 -39.60
CA LYS K 170 60.60 0.01 -38.22
C LYS K 170 60.54 -1.52 -38.13
N LEU K 171 59.75 -2.16 -39.00
CA LEU K 171 59.63 -3.61 -38.98
C LEU K 171 60.90 -4.27 -39.49
N VAL K 172 61.50 -3.70 -40.53
CA VAL K 172 62.78 -4.25 -40.99
C VAL K 172 63.83 -4.15 -39.91
N ASP K 173 63.91 -3.02 -39.19
CA ASP K 173 64.90 -2.88 -38.15
C ASP K 173 64.62 -3.80 -36.97
N LEU K 174 63.33 -4.02 -36.66
CA LEU K 174 62.96 -4.92 -35.57
C LEU K 174 63.23 -6.39 -35.91
N PHE K 175 63.02 -6.79 -37.17
CA PHE K 175 63.40 -8.13 -37.58
C PHE K 175 64.92 -8.29 -37.60
N LEU K 176 65.63 -7.27 -38.10
CA LEU K 176 67.08 -7.29 -38.11
C LEU K 176 67.63 -7.40 -36.69
N SER K 177 66.93 -6.81 -35.72
CA SER K 177 67.28 -6.99 -34.31
C SER K 177 66.98 -8.41 -33.85
N ASN K 178 65.82 -8.93 -34.20
CA ASN K 178 65.43 -10.29 -33.82
C ASN K 178 66.22 -11.32 -34.62
N GLU K 182 67.72 -10.99 -46.34
CA GLU K 182 66.48 -11.58 -46.83
C GLU K 182 65.34 -10.58 -46.73
N GLU K 183 64.34 -10.88 -45.90
CA GLU K 183 63.21 -9.97 -45.74
C GLU K 183 63.59 -8.68 -45.05
N ALA K 184 64.55 -8.72 -44.11
CA ALA K 184 65.02 -7.50 -43.49
C ALA K 184 65.70 -6.58 -44.49
N VAL K 185 66.60 -7.13 -45.30
CA VAL K 185 67.26 -6.32 -46.33
C VAL K 185 66.26 -5.88 -47.40
N LEU K 186 65.23 -6.68 -47.65
CA LEU K 186 64.24 -6.31 -48.65
C LEU K 186 63.38 -5.15 -48.16
N HIS K 187 62.96 -5.17 -46.90
CA HIS K 187 62.18 -4.10 -46.31
C HIS K 187 63.06 -2.94 -45.82
N CYS K 188 64.37 -3.05 -46.02
CA CYS K 188 65.26 -1.90 -45.86
C CYS K 188 65.61 -1.26 -47.21
N LEU K 189 65.63 -2.07 -48.27
CA LEU K 189 66.00 -1.56 -49.60
C LEU K 189 64.79 -1.05 -50.37
N LYS K 190 63.64 -1.71 -50.25
CA LYS K 190 62.41 -1.26 -50.87
C LYS K 190 62.04 0.13 -50.36
N PRO K 191 62.06 0.34 -49.05
CA PRO K 191 61.89 1.70 -48.52
C PRO K 191 62.88 2.69 -49.11
N GLU K 192 64.15 2.27 -49.24
CA GLU K 192 65.19 3.18 -49.73
C GLU K 192 64.89 3.67 -51.13
N ARG K 193 64.48 2.80 -52.04
CA ARG K 193 64.23 3.19 -53.42
C ARG K 193 62.82 3.72 -53.64
N ARG K 194 61.92 3.50 -52.70
CA ARG K 194 60.57 4.05 -52.80
C ARG K 194 60.45 5.41 -52.13
N ALA K 195 61.44 5.82 -51.33
CA ALA K 195 61.47 7.19 -50.82
C ALA K 195 62.64 7.98 -51.42
N LEU K 196 63.86 7.49 -51.19
CA LEU K 196 65.09 8.01 -51.77
C LEU K 196 65.49 9.35 -51.17
N ARG K 197 64.62 9.92 -50.35
CA ARG K 197 64.87 11.18 -49.67
C ARG K 197 65.13 11.00 -48.20
N THR K 198 65.41 9.79 -47.73
CA THR K 198 65.44 9.52 -46.29
C THR K 198 66.80 8.93 -45.92
N ASP K 199 67.70 9.78 -45.45
CA ASP K 199 68.94 9.31 -44.87
C ASP K 199 68.67 8.33 -43.73
N ILE K 200 67.52 8.47 -43.08
CA ILE K 200 67.13 7.52 -42.03
C ILE K 200 66.98 6.13 -42.62
N GLU K 201 66.26 6.01 -43.74
CA GLU K 201 66.11 4.71 -44.39
C GLU K 201 67.44 4.20 -44.92
N TRP K 202 68.27 5.10 -45.44
CA TRP K 202 69.59 4.70 -45.95
C TRP K 202 70.45 4.11 -44.84
N CYS K 203 70.55 4.83 -43.71
CA CYS K 203 71.37 4.36 -42.60
C CYS K 203 70.77 3.11 -41.96
N SER K 204 69.44 3.00 -41.94
CA SER K 204 68.81 1.79 -41.44
C SER K 204 69.18 0.58 -42.30
N CYS K 205 69.11 0.73 -43.62
CA CYS K 205 69.52 -0.34 -44.52
C CYS K 205 70.99 -0.69 -44.34
N VAL K 206 71.83 0.34 -44.16
CA VAL K 206 73.26 0.11 -44.01
C VAL K 206 73.54 -0.66 -42.72
N VAL K 207 72.90 -0.28 -41.62
CA VAL K 207 73.13 -0.95 -40.34
C VAL K 207 72.64 -2.39 -40.40
N ARG K 208 71.43 -2.59 -40.94
CA ARG K 208 70.92 -3.95 -41.10
C ARG K 208 71.88 -4.82 -41.91
N VAL K 209 72.36 -4.28 -43.04
CA VAL K 209 73.23 -5.06 -43.91
C VAL K 209 74.57 -5.33 -43.22
N PHE K 210 75.13 -4.33 -42.54
CA PHE K 210 76.41 -4.52 -41.87
C PHE K 210 76.32 -5.58 -40.78
N LYS K 211 75.29 -5.48 -39.91
CA LYS K 211 75.15 -6.45 -38.84
C LYS K 211 74.87 -7.85 -39.38
N GLU K 212 74.08 -7.94 -40.46
CA GLU K 212 73.78 -9.25 -41.04
C GLU K 212 75.03 -9.89 -41.65
N TYR K 213 75.78 -9.13 -42.47
CA TYR K 213 76.99 -9.67 -43.08
C TYR K 213 78.03 -10.00 -42.01
N LEU K 214 78.04 -9.24 -40.91
CA LEU K 214 78.97 -9.54 -39.81
C LEU K 214 78.59 -10.83 -39.11
N ASN K 222 75.68 -1.94 -47.80
CA ASN K 222 77.13 -1.99 -47.97
C ASN K 222 77.62 -0.83 -48.82
N THR K 223 78.03 -1.13 -50.05
CA THR K 223 78.56 -0.10 -50.92
C THR K 223 77.46 0.74 -51.56
N ASN K 224 76.35 0.11 -51.94
CA ASN K 224 75.20 0.89 -52.42
C ASN K 224 74.67 1.78 -51.31
N MET K 225 74.70 1.29 -50.07
CA MET K 225 74.32 2.15 -48.94
C MET K 225 75.33 3.26 -48.74
N ARG K 226 76.63 2.97 -48.94
CA ARG K 226 77.64 4.02 -48.84
C ARG K 226 77.48 5.06 -49.93
N MET K 227 76.93 4.66 -51.07
CA MET K 227 76.63 5.62 -52.13
C MET K 227 75.40 6.45 -51.78
N ILE K 228 74.33 5.79 -51.31
CA ILE K 228 73.08 6.50 -51.06
C ILE K 228 73.21 7.43 -49.86
N THR K 229 74.05 7.11 -48.89
CA THR K 229 74.22 8.02 -47.75
C THR K 229 74.86 9.32 -48.19
N LYS K 230 75.81 9.25 -49.14
CA LYS K 230 76.43 10.46 -49.63
C LYS K 230 75.44 11.34 -50.40
N GLU K 231 74.59 10.73 -51.22
CA GLU K 231 73.62 11.51 -51.97
C GLU K 231 72.55 12.09 -51.05
N LEU K 232 72.08 11.30 -50.08
CA LEU K 232 71.08 11.81 -49.14
C LEU K 232 71.66 12.93 -48.28
N LEU K 233 72.93 12.79 -47.86
CA LEU K 233 73.55 13.83 -47.06
C LEU K 233 73.84 15.08 -47.86
N LEU K 234 74.17 14.94 -49.15
CA LEU K 234 74.29 16.10 -50.02
C LEU K 234 72.95 16.83 -50.16
N ALA K 235 71.88 16.07 -50.36
CA ALA K 235 70.56 16.67 -50.40
C ALA K 235 70.24 17.41 -49.10
N GLN K 236 70.50 16.76 -47.96
CA GLN K 236 70.26 17.39 -46.67
C GLN K 236 71.09 18.66 -46.50
N CYS K 237 72.37 18.61 -46.91
CA CYS K 237 73.23 19.78 -46.82
C CYS K 237 72.66 20.93 -47.62
N ASP K 238 72.29 20.67 -48.89
CA ASP K 238 71.79 21.73 -49.73
C ASP K 238 70.49 22.31 -49.19
N VAL K 239 69.60 21.46 -48.69
CA VAL K 239 68.30 21.97 -48.22
C VAL K 239 68.46 22.74 -46.91
N VAL K 240 69.22 22.18 -45.96
CA VAL K 240 69.50 22.89 -44.71
C VAL K 240 70.21 24.20 -45.00
N PHE K 241 70.96 24.28 -46.10
CA PHE K 241 71.53 25.55 -46.50
C PHE K 241 70.46 26.52 -46.98
N LEU K 242 69.68 26.11 -47.98
CA LEU K 242 68.86 27.06 -48.73
C LEU K 242 67.50 27.30 -48.08
N THR K 243 66.75 26.24 -47.78
CA THR K 243 65.39 26.41 -47.32
C THR K 243 65.32 26.48 -45.79
N LEU K 244 66.26 25.83 -45.11
CA LEU K 244 66.25 25.87 -43.65
C LEU K 244 66.78 27.18 -43.11
N SER K 245 67.49 27.96 -43.93
CA SER K 245 67.90 29.31 -43.58
C SER K 245 68.73 29.35 -42.30
N LYS K 246 69.63 28.38 -42.16
CA LYS K 246 70.57 28.38 -41.04
C LYS K 246 71.48 29.60 -41.14
N LYS K 247 71.47 30.46 -40.13
CA LYS K 247 72.13 31.75 -40.22
C LYS K 247 73.63 31.63 -40.12
N ASP K 248 74.24 30.82 -40.99
CA ASP K 248 75.68 30.57 -40.98
C ASP K 248 76.13 30.00 -39.64
N VAL K 249 75.26 29.18 -39.04
CA VAL K 249 75.50 28.66 -37.69
C VAL K 249 75.55 27.15 -37.73
N GLN K 250 75.72 26.53 -36.56
CA GLN K 250 75.94 25.09 -36.41
C GLN K 250 74.92 24.23 -37.16
N LYS K 251 73.71 24.74 -37.39
CA LYS K 251 72.69 23.97 -38.10
C LYS K 251 73.19 23.52 -39.47
N SER K 252 73.96 24.37 -40.15
CA SER K 252 74.46 24.06 -41.49
C SER K 252 75.87 23.47 -41.46
N LYS K 253 76.75 24.03 -40.62
CA LYS K 253 78.09 23.49 -40.51
C LYS K 253 78.07 22.06 -40.00
N GLU K 254 77.04 21.69 -39.23
CA GLU K 254 76.89 20.30 -38.79
C GLU K 254 76.64 19.39 -39.99
N ALA K 255 75.71 19.78 -40.86
CA ALA K 255 75.45 18.99 -42.06
C ALA K 255 76.71 18.86 -42.91
N LEU K 256 77.41 19.97 -43.13
CA LEU K 256 78.61 19.89 -43.98
C LEU K 256 79.71 19.08 -43.30
N GLU K 257 79.79 19.12 -41.96
CA GLU K 257 80.74 18.30 -41.24
C GLU K 257 80.42 16.81 -41.39
N ARG K 258 79.12 16.47 -41.35
CA ARG K 258 78.71 15.09 -41.60
C ARG K 258 79.07 14.66 -43.01
N PHE K 259 78.88 15.55 -43.98
CA PHE K 259 79.23 15.21 -45.36
C PHE K 259 80.72 14.97 -45.52
N ASP K 260 81.54 15.88 -44.98
CA ASP K 260 82.99 15.74 -45.11
C ASP K 260 83.48 14.50 -44.37
N GLN K 261 82.87 14.19 -43.21
CA GLN K 261 83.25 12.99 -42.49
C GLN K 261 82.93 11.74 -43.30
N ALA K 262 81.73 11.67 -43.88
CA ALA K 262 81.40 10.55 -44.74
C ALA K 262 82.35 10.48 -45.93
N LEU K 263 82.71 11.64 -46.49
CA LEU K 263 83.64 11.69 -47.61
C LEU K 263 84.97 11.04 -47.25
N LEU K 264 85.61 11.51 -46.19
CA LEU K 264 86.91 10.93 -45.82
C LEU K 264 86.77 9.48 -45.41
N SER K 265 85.66 9.12 -44.74
CA SER K 265 85.46 7.73 -44.35
C SER K 265 85.49 6.83 -45.58
N VAL K 266 84.57 7.06 -46.53
CA VAL K 266 84.51 6.18 -47.69
C VAL K 266 85.73 6.36 -48.58
N LYS K 267 86.43 7.49 -48.46
CA LYS K 267 87.61 7.71 -49.30
C LYS K 267 88.80 6.89 -48.82
N GLN K 268 89.08 6.95 -47.52
CA GLN K 268 90.23 6.21 -46.99
C GLN K 268 89.92 4.72 -46.84
N SER K 269 88.64 4.35 -46.69
CA SER K 269 88.33 2.94 -46.55
C SER K 269 87.96 2.31 -47.90
N VAL K 270 86.98 2.87 -48.60
CA VAL K 270 86.49 2.30 -49.86
C VAL K 270 87.33 2.92 -50.96
N SER K 271 88.40 2.22 -51.33
CA SER K 271 89.29 2.67 -52.40
C SER K 271 88.78 2.11 -53.72
N GLY K 272 87.93 2.88 -54.38
CA GLY K 272 87.36 2.48 -55.66
C GLY K 272 88.22 2.76 -56.87
N THR K 273 88.39 1.76 -57.73
CA THR K 273 89.05 1.90 -59.01
C THR K 273 88.01 2.28 -60.07
N ASP K 274 88.37 2.16 -61.36
CA ASP K 274 87.39 2.41 -62.41
C ASP K 274 86.28 1.37 -62.43
N ALA K 275 86.48 0.24 -61.75
CA ALA K 275 85.47 -0.82 -61.75
C ALA K 275 84.29 -0.45 -60.85
N SER K 276 84.54 -0.18 -59.57
CA SER K 276 83.47 0.16 -58.65
C SER K 276 82.97 1.58 -58.89
N ASP K 277 81.65 1.75 -58.84
CA ASP K 277 81.02 3.04 -59.10
C ASP K 277 81.10 3.98 -57.90
N LEU K 278 81.48 3.45 -56.73
CA LEU K 278 81.71 4.30 -55.57
C LEU K 278 82.72 5.38 -55.88
N SER K 279 83.71 5.07 -56.71
CA SER K 279 84.74 6.06 -57.05
C SER K 279 84.14 7.23 -57.83
N VAL K 280 83.31 6.95 -58.84
CA VAL K 280 82.75 8.03 -59.64
C VAL K 280 81.74 8.83 -58.84
N THR K 281 80.98 8.17 -57.96
CA THR K 281 80.07 8.91 -57.10
C THR K 281 80.83 9.78 -56.11
N PHE K 282 81.96 9.28 -55.60
CA PHE K 282 82.81 10.06 -54.71
C PHE K 282 83.42 11.25 -55.42
N TYR K 283 83.75 11.10 -56.71
CA TYR K 283 84.28 12.23 -57.46
C TYR K 283 83.22 13.32 -57.64
N GLU K 284 82.03 12.93 -58.11
CA GLU K 284 80.94 13.89 -58.20
C GLU K 284 80.65 14.53 -56.84
N MET K 285 80.77 13.73 -55.77
CA MET K 285 80.51 14.24 -54.43
C MET K 285 81.58 15.21 -53.96
N ARG K 286 82.84 14.99 -54.32
CA ARG K 286 83.88 15.95 -54.01
C ARG K 286 83.61 17.27 -54.70
N GLY K 287 83.24 17.22 -55.98
CA GLY K 287 82.84 18.45 -56.66
C GLY K 287 81.68 19.15 -55.97
N HIS K 288 80.63 18.41 -55.65
CA HIS K 288 79.46 19.01 -55.03
C HIS K 288 79.80 19.58 -53.65
N TYR K 289 80.61 18.87 -52.88
CA TYR K 289 80.98 19.30 -51.54
C TYR K 289 81.78 20.60 -51.58
N TYR K 290 82.74 20.69 -52.51
CA TYR K 290 83.43 21.96 -52.69
C TYR K 290 82.45 23.08 -53.04
N MET K 291 81.53 22.82 -53.98
CA MET K 291 80.57 23.85 -54.36
C MET K 291 79.78 24.34 -53.17
N HIS K 292 79.23 23.42 -52.37
CA HIS K 292 78.40 23.81 -51.24
C HIS K 292 79.21 24.50 -50.16
N ALA K 293 80.47 24.10 -49.94
CA ALA K 293 81.30 24.78 -48.95
C ALA K 293 81.58 26.21 -49.36
N GLY K 294 81.88 26.44 -50.64
CA GLY K 294 82.06 27.81 -51.11
C GLY K 294 80.79 28.63 -50.96
N THR K 295 79.64 28.03 -51.28
CA THR K 295 78.38 28.74 -51.12
C THR K 295 78.12 29.06 -49.65
N LEU K 296 78.56 28.18 -48.74
CA LEU K 296 78.41 28.47 -47.31
C LEU K 296 79.36 29.58 -46.87
N LEU K 297 80.53 29.68 -47.48
CA LEU K 297 81.39 30.80 -47.20
C LEU K 297 80.71 32.12 -47.59
N LEU K 298 80.11 32.13 -48.79
CA LEU K 298 79.29 33.28 -49.18
C LEU K 298 78.19 33.53 -48.15
N LYS K 299 77.56 32.47 -47.65
CA LYS K 299 76.50 32.61 -46.66
C LYS K 299 77.01 33.22 -45.38
N MET K 300 78.18 32.77 -44.91
CA MET K 300 78.76 33.31 -43.69
C MET K 300 78.99 34.79 -43.81
N ALA K 301 79.58 35.22 -44.94
CA ALA K 301 79.88 36.63 -45.12
C ALA K 301 78.60 37.47 -45.21
N GLN K 302 77.64 37.02 -46.03
CA GLN K 302 76.39 37.76 -46.18
C GLN K 302 75.59 37.77 -44.89
N SER K 303 75.75 36.72 -44.08
CA SER K 303 75.06 36.66 -42.79
C SER K 303 75.67 37.65 -41.81
N CYS K 304 76.99 37.68 -41.71
CA CYS K 304 77.63 38.64 -40.81
C CYS K 304 77.27 40.05 -41.24
N GLU K 305 77.80 40.52 -42.38
CA GLU K 305 77.29 41.76 -42.97
C GLU K 305 77.04 41.62 -44.47
N VAL K 306 78.04 41.22 -45.24
CA VAL K 306 77.90 41.03 -46.70
C VAL K 306 79.13 40.26 -47.15
N GLN K 307 79.09 39.73 -48.36
CA GLN K 307 80.29 39.12 -48.94
C GLN K 307 81.52 39.99 -48.67
N TRP K 308 82.46 39.45 -47.89
CA TRP K 308 83.63 40.20 -47.44
C TRP K 308 84.67 40.29 -48.56
N LYS K 309 85.85 40.80 -48.22
CA LYS K 309 86.99 40.74 -49.11
C LYS K 309 87.91 39.56 -48.83
N ALA K 310 87.53 38.69 -47.89
CA ALA K 310 88.30 37.47 -47.60
C ALA K 310 87.52 36.18 -47.84
N LEU K 311 86.19 36.22 -47.89
CA LEU K 311 85.38 35.02 -48.10
C LEU K 311 84.93 34.90 -49.55
N ILE K 312 85.78 35.32 -50.48
CA ILE K 312 85.53 35.13 -51.89
C ILE K 312 86.60 34.25 -52.55
N GLU K 313 87.88 34.43 -52.21
CA GLU K 313 88.93 33.64 -52.83
C GLU K 313 88.90 32.17 -52.42
N PRO K 314 88.71 31.82 -51.14
CA PRO K 314 88.47 30.40 -50.83
C PRO K 314 87.19 29.86 -51.43
N ALA K 315 86.13 30.68 -51.44
CA ALA K 315 84.91 30.28 -52.15
C ALA K 315 85.19 30.14 -53.65
N ALA K 316 86.06 31.00 -54.18
CA ALA K 316 86.47 30.88 -55.57
C ALA K 316 87.19 29.55 -55.82
N LEU K 317 88.05 29.14 -54.89
CA LEU K 317 88.70 27.84 -55.00
C LEU K 317 87.68 26.72 -54.94
N CYS K 318 86.70 26.85 -54.04
CA CYS K 318 85.68 25.81 -53.91
C CYS K 318 84.89 25.64 -55.20
N TYR K 319 84.54 26.76 -55.85
CA TYR K 319 83.82 26.67 -57.12
C TYR K 319 84.73 26.21 -58.26
N LEU K 320 85.99 26.65 -58.27
CA LEU K 320 86.94 26.21 -59.28
C LEU K 320 87.15 24.70 -59.25
N LEU K 321 87.41 24.13 -58.08
CA LEU K 321 87.71 22.72 -57.94
C LEU K 321 86.46 21.86 -57.99
N ALA K 322 85.29 22.48 -58.06
CA ALA K 322 84.05 21.78 -58.38
C ALA K 322 83.79 21.77 -59.88
N TYR K 323 84.07 22.89 -60.55
CA TYR K 323 83.98 22.93 -62.00
C TYR K 323 84.98 21.99 -62.64
N GLN K 324 86.20 21.94 -62.11
CA GLN K 324 87.33 21.32 -62.79
C GLN K 324 87.47 19.83 -62.50
N VAL K 325 86.48 19.20 -61.88
CA VAL K 325 86.54 17.74 -61.76
C VAL K 325 85.89 17.16 -63.01
N PRO K 326 86.49 16.14 -63.62
CA PRO K 326 85.97 15.63 -64.90
C PRO K 326 84.57 15.07 -64.75
N LYS K 327 83.69 15.49 -65.66
CA LYS K 327 82.33 14.99 -65.68
C LYS K 327 82.32 13.48 -65.87
N PRO K 328 81.65 12.72 -65.00
CA PRO K 328 81.58 11.27 -65.22
C PRO K 328 80.74 10.96 -66.45
N LYS K 329 81.19 9.98 -67.23
CA LYS K 329 80.45 9.55 -68.41
C LYS K 329 80.71 8.06 -68.61
N SER K 330 79.69 7.25 -68.33
CA SER K 330 79.83 5.81 -68.50
C SER K 330 79.66 5.40 -69.96
N LYS K 331 78.52 5.73 -70.55
CA LYS K 331 78.15 5.36 -71.92
C LYS K 331 78.26 3.85 -72.11
N PRO K 332 77.48 3.04 -71.39
CA PRO K 332 77.59 1.59 -71.50
C PRO K 332 76.61 0.99 -72.49
N ASP K 337 69.75 -0.17 -64.43
CA ASP K 337 70.45 -0.03 -63.16
C ASP K 337 71.56 1.01 -63.28
N ASN K 338 72.03 1.52 -62.15
CA ASN K 338 73.12 2.49 -62.09
C ASN K 338 72.85 3.66 -63.02
N GLY K 339 71.85 4.45 -62.64
CA GLY K 339 71.44 5.58 -63.45
C GLY K 339 72.52 6.63 -63.60
N GLN K 340 73.14 6.68 -64.78
CA GLN K 340 74.16 7.66 -65.04
C GLN K 340 73.56 9.02 -65.41
N GLY K 341 72.29 9.05 -65.80
CA GLY K 341 71.65 10.32 -66.12
C GLY K 341 71.59 11.26 -64.95
N PHE K 342 71.49 10.71 -63.74
CA PHE K 342 71.45 11.55 -62.54
C PHE K 342 72.77 12.24 -62.29
N LEU K 343 73.86 11.47 -62.29
CA LEU K 343 75.19 12.06 -62.25
C LEU K 343 75.38 13.07 -63.37
N GLU K 344 74.81 12.77 -64.54
CA GLU K 344 74.98 13.65 -65.70
C GLU K 344 74.32 15.01 -65.47
N GLU K 345 73.04 15.00 -65.07
CA GLU K 345 72.32 16.25 -64.87
C GLU K 345 72.85 17.03 -63.67
N LEU K 346 73.21 16.33 -62.58
CA LEU K 346 73.80 17.04 -61.46
C LEU K 346 75.15 17.64 -61.82
N ALA K 347 75.90 16.98 -62.70
CA ALA K 347 77.15 17.55 -63.19
C ALA K 347 76.90 18.76 -64.06
N PHE K 348 75.88 18.71 -64.92
CA PHE K 348 75.46 19.89 -65.67
C PHE K 348 75.23 21.07 -64.73
N ASP K 349 74.35 20.87 -63.74
CA ASP K 349 73.99 21.96 -62.83
C ASP K 349 75.18 22.45 -62.04
N ARG K 350 76.01 21.51 -61.55
CA ARG K 350 77.18 21.88 -60.76
C ARG K 350 78.16 22.72 -61.56
N GLN K 351 78.48 22.28 -62.78
CA GLN K 351 79.41 23.03 -63.61
C GLN K 351 78.81 24.38 -64.02
N SER K 352 77.49 24.41 -64.24
CA SER K 352 76.84 25.68 -64.58
C SER K 352 76.95 26.69 -63.45
N LYS K 353 76.62 26.25 -62.22
CA LYS K 353 76.76 27.14 -61.06
C LYS K 353 78.21 27.57 -60.89
N SER K 354 79.13 26.61 -60.91
CA SER K 354 80.54 26.95 -60.77
C SER K 354 80.95 28.01 -61.77
N GLY K 355 80.61 27.82 -63.05
CA GLY K 355 81.03 28.76 -64.07
C GLY K 355 80.40 30.12 -63.92
N HIS K 356 79.06 30.17 -63.82
CA HIS K 356 78.38 31.44 -63.61
C HIS K 356 78.94 32.20 -62.43
N LEU K 357 79.00 31.57 -61.27
CA LEU K 357 79.35 32.27 -60.04
C LEU K 357 80.82 32.61 -59.97
N LEU K 358 81.69 31.80 -60.55
CA LEU K 358 83.11 32.08 -60.55
C LEU K 358 83.49 33.09 -61.61
N LEU K 359 82.68 33.21 -62.67
CA LEU K 359 82.85 34.32 -63.60
C LEU K 359 82.38 35.63 -62.98
N THR K 360 81.26 35.59 -62.26
CA THR K 360 80.72 36.82 -61.69
C THR K 360 81.51 37.29 -60.47
N LEU K 361 82.14 36.37 -59.73
CA LEU K 361 82.97 36.79 -58.60
C LEU K 361 84.25 37.45 -59.08
N SER K 362 84.82 36.99 -60.19
CA SER K 362 85.94 37.66 -60.84
C SER K 362 85.62 37.79 -62.33
N HIS K 363 84.89 38.84 -62.71
CA HIS K 363 84.82 39.21 -64.12
C HIS K 363 86.19 39.58 -64.65
N GLY K 364 87.00 40.24 -63.83
CA GLY K 364 88.35 40.59 -64.24
C GLY K 364 89.29 39.39 -64.21
N LYS K 365 90.26 39.43 -65.10
CA LYS K 365 91.25 38.37 -65.21
C LYS K 365 92.38 38.63 -64.21
N GLN K 366 93.53 37.96 -64.37
CA GLN K 366 94.63 38.02 -63.41
C GLN K 366 94.16 37.72 -61.98
N ASN K 367 93.19 36.83 -61.85
CA ASN K 367 92.70 36.35 -60.56
C ASN K 367 93.00 34.88 -60.33
N PHE K 368 92.70 34.04 -61.32
CA PHE K 368 92.75 32.59 -61.11
C PHE K 368 94.17 32.11 -60.85
N ILE K 369 95.16 32.74 -61.48
CA ILE K 369 96.55 32.30 -61.32
C ILE K 369 97.01 32.53 -59.88
N SER K 370 96.84 33.74 -59.36
CA SER K 370 97.25 34.02 -57.99
C SER K 370 96.37 33.27 -57.00
N GLU K 371 95.08 33.10 -57.32
CA GLU K 371 94.21 32.26 -56.52
C GLU K 371 94.81 30.88 -56.33
N ILE K 372 95.07 30.16 -57.42
CA ILE K 372 95.60 28.81 -57.31
C ILE K 372 96.98 28.82 -56.63
N ILE K 373 97.78 29.85 -56.89
CA ILE K 373 99.15 29.83 -56.40
C ILE K 373 99.26 30.20 -54.92
N GLU K 374 98.25 30.86 -54.34
CA GLU K 374 98.33 31.30 -52.95
C GLU K 374 97.32 30.57 -52.07
N THR K 375 96.02 30.58 -52.41
CA THR K 375 95.03 30.07 -51.48
C THR K 375 95.06 28.56 -51.32
N PHE K 376 95.90 27.85 -52.07
CA PHE K 376 96.22 26.46 -51.80
C PHE K 376 97.72 26.30 -51.67
N ALA K 377 98.14 25.37 -50.83
CA ALA K 377 99.52 24.98 -50.66
C ALA K 377 99.53 23.53 -50.17
N ASN K 378 100.67 23.08 -49.66
CA ASN K 378 100.74 21.72 -49.12
C ASN K 378 99.77 21.56 -47.95
N GLN K 379 99.78 22.51 -47.02
CA GLN K 379 98.88 22.47 -45.86
C GLN K 379 98.09 23.75 -45.65
N CYS K 380 98.69 24.91 -45.94
CA CYS K 380 98.17 26.17 -45.42
C CYS K 380 96.84 26.56 -46.06
N GLY K 381 96.68 26.31 -47.36
CA GLY K 381 95.44 26.68 -48.02
C GLY K 381 94.25 25.89 -47.50
N GLN K 382 94.42 24.58 -47.36
CA GLN K 382 93.37 23.77 -46.77
C GLN K 382 93.13 24.14 -45.32
N SER K 383 94.16 24.51 -44.57
CA SER K 383 93.97 24.97 -43.20
C SER K 383 93.10 26.23 -43.17
N ILE K 384 93.41 27.21 -44.02
CA ILE K 384 92.60 28.43 -44.11
C ILE K 384 91.16 28.14 -44.48
N LEU K 385 90.93 27.27 -45.46
CA LEU K 385 89.56 27.00 -45.88
C LEU K 385 88.78 26.21 -44.86
N LEU K 386 89.44 25.32 -44.11
CA LEU K 386 88.75 24.40 -43.22
C LEU K 386 88.52 24.98 -41.83
N LYS K 387 89.45 25.79 -41.31
CA LYS K 387 89.26 26.35 -39.98
C LYS K 387 88.11 27.36 -39.95
N PHE K 388 87.89 28.06 -41.07
CA PHE K 388 86.69 28.86 -41.21
C PHE K 388 85.44 27.99 -41.29
N LEU K 389 85.50 26.92 -42.09
CA LEU K 389 84.32 26.09 -42.32
C LEU K 389 83.86 25.42 -41.04
N PHE K 390 84.77 24.84 -40.27
CA PHE K 390 84.47 24.19 -39.00
C PHE K 390 85.47 24.69 -37.96
N GLU K 391 85.05 25.68 -37.16
CA GLU K 391 85.96 26.37 -36.24
C GLU K 391 86.32 25.46 -35.08
N ASP K 392 87.50 24.83 -35.17
CA ASP K 392 88.05 23.99 -34.11
C ASP K 392 87.07 22.89 -33.69
N ASN K 393 86.54 22.15 -34.66
CA ASN K 393 85.66 21.02 -34.40
C ASN K 393 86.17 19.74 -35.05
N LEU K 394 87.25 19.82 -35.82
CA LEU K 394 87.78 18.66 -36.49
C LEU K 394 89.30 18.76 -36.53
N SER K 395 89.98 17.62 -36.53
CA SER K 395 91.40 17.60 -36.77
C SER K 395 91.69 17.94 -38.23
N MET K 396 92.78 18.68 -38.45
CA MET K 396 93.22 18.96 -39.81
C MET K 396 93.96 17.77 -40.41
N GLN K 397 94.71 17.05 -39.58
CA GLN K 397 95.47 15.91 -40.08
C GLN K 397 94.55 14.74 -40.44
N ASP K 398 93.52 14.49 -39.63
CA ASP K 398 92.60 13.38 -39.85
C ASP K 398 91.17 13.87 -39.94
N SER K 399 90.35 13.13 -40.67
CA SER K 399 88.91 13.41 -40.79
C SER K 399 88.66 14.80 -41.39
N PHE K 400 89.50 15.18 -42.35
CA PHE K 400 89.50 16.54 -42.90
C PHE K 400 89.65 16.47 -44.40
N MET K 401 89.98 17.61 -45.03
CA MET K 401 90.40 17.63 -46.41
C MET K 401 91.90 17.42 -46.57
N GLY K 402 92.60 17.10 -45.48
CA GLY K 402 94.05 17.01 -45.54
C GLY K 402 94.55 15.93 -46.48
N SER K 403 93.87 14.78 -46.49
CA SER K 403 94.24 13.72 -47.42
C SER K 403 93.76 14.00 -48.84
N ASP K 404 92.98 15.07 -49.03
CA ASP K 404 92.52 15.47 -50.36
C ASP K 404 93.56 16.38 -51.00
N ASP K 405 94.14 15.93 -52.11
CA ASP K 405 95.17 16.69 -52.81
C ASP K 405 94.54 17.55 -53.89
N ILE K 406 95.09 18.73 -54.10
CA ILE K 406 94.54 19.68 -55.05
C ILE K 406 95.56 20.13 -56.11
N SER K 407 96.86 20.09 -55.83
CA SER K 407 97.85 20.63 -56.78
C SER K 407 97.86 19.89 -58.11
N TYR K 408 97.00 18.88 -58.30
CA TYR K 408 96.83 18.25 -59.61
C TYR K 408 95.96 19.08 -60.56
N VAL K 409 95.38 20.20 -60.09
CA VAL K 409 94.42 20.98 -60.86
C VAL K 409 95.15 22.17 -61.48
N GLU K 410 94.54 22.77 -62.50
CA GLU K 410 95.13 23.91 -63.20
C GLU K 410 94.06 24.96 -63.50
N ASN K 411 94.44 25.91 -64.35
CA ASN K 411 93.64 27.09 -64.64
C ASN K 411 92.79 26.87 -65.90
N ARG K 412 91.51 27.25 -65.83
CA ARG K 412 90.66 27.24 -67.03
C ARG K 412 89.43 28.11 -66.75
N VAL K 413 89.33 29.23 -67.47
CA VAL K 413 88.12 30.05 -67.42
C VAL K 413 87.02 29.39 -68.22
N PRO K 414 85.80 29.27 -67.70
CA PRO K 414 84.72 28.63 -68.48
C PRO K 414 84.47 29.35 -69.79
N ASP K 415 84.16 28.57 -70.82
CA ASP K 415 83.95 29.12 -72.15
C ASP K 415 82.48 29.51 -72.33
N LEU K 416 82.23 30.43 -73.25
CA LEU K 416 80.89 30.98 -73.43
C LEU K 416 79.94 30.01 -74.12
N SER K 417 80.45 29.03 -74.86
CA SER K 417 79.60 28.00 -75.43
C SER K 417 79.35 26.86 -74.44
N GLU K 418 80.40 26.40 -73.77
CA GLU K 418 80.25 25.35 -72.78
C GLU K 418 79.39 25.80 -71.61
N LEU K 419 79.43 27.09 -71.27
CA LEU K 419 78.61 27.58 -70.17
C LEU K 419 77.12 27.56 -70.53
N SER K 420 76.79 28.01 -71.74
CA SER K 420 75.40 27.91 -72.21
C SER K 420 74.96 26.45 -72.25
N GLN K 421 75.86 25.54 -72.65
CA GLN K 421 75.49 24.13 -72.63
C GLN K 421 75.32 23.62 -71.20
N HIS K 422 76.11 24.17 -70.26
CA HIS K 422 75.96 23.77 -68.86
C HIS K 422 74.62 24.21 -68.30
N ASP K 423 74.14 25.37 -68.73
CA ASP K 423 72.80 25.82 -68.32
C ASP K 423 71.71 25.00 -69.01
N ASN K 424 71.90 24.70 -70.29
CA ASN K 424 70.96 23.85 -71.01
C ASN K 424 70.88 22.46 -70.38
N GLY K 425 71.95 22.02 -69.73
CA GLY K 425 71.92 20.78 -68.98
C GLY K 425 71.30 20.94 -67.62
N SER K 426 71.68 22.02 -66.92
CA SER K 426 71.12 22.32 -65.60
C SER K 426 69.62 22.53 -65.65
N LEU K 427 69.07 22.82 -66.81
CA LEU K 427 67.62 22.90 -66.92
C LEU K 427 66.92 21.53 -66.74
N ARG K 428 67.66 20.47 -66.42
CA ARG K 428 67.06 19.14 -66.25
C ARG K 428 66.43 18.94 -64.87
N ILE K 429 66.98 19.57 -63.83
CA ILE K 429 66.48 19.45 -62.48
C ILE K 429 65.86 20.75 -61.99
N HIS K 430 65.65 21.71 -62.88
CA HIS K 430 65.04 23.00 -62.60
C HIS K 430 64.00 23.32 -63.65
N ASN K 431 63.12 22.35 -63.95
CA ASN K 431 62.17 22.50 -65.04
C ASN K 431 61.17 23.62 -64.79
N GLY K 432 61.37 24.76 -65.43
CA GLY K 432 60.47 25.88 -65.27
C GLY K 432 60.35 26.42 -63.87
N ASP K 433 61.47 26.51 -63.15
CA ASP K 433 61.48 27.17 -61.85
C ASP K 433 61.71 28.65 -62.10
N LEU K 434 60.74 29.48 -61.71
CA LEU K 434 60.77 30.89 -62.07
C LEU K 434 61.97 31.60 -61.44
N GLN K 435 62.28 31.29 -60.18
CA GLN K 435 63.42 31.93 -59.54
C GLN K 435 64.71 31.58 -60.25
N HIS K 436 64.89 30.30 -60.61
CA HIS K 436 66.13 29.91 -61.28
C HIS K 436 66.20 30.47 -62.69
N LEU K 437 65.04 30.64 -63.36
CA LEU K 437 65.06 31.22 -64.69
C LEU K 437 65.43 32.70 -64.66
N THR K 438 64.86 33.45 -63.70
CA THR K 438 65.31 34.82 -63.51
C THR K 438 66.79 34.87 -63.13
N TRP K 439 67.26 33.92 -62.33
CA TRP K 439 68.66 33.91 -61.94
C TRP K 439 69.57 33.64 -63.13
N LEU K 440 69.15 32.73 -64.02
CA LEU K 440 69.95 32.42 -65.20
C LEU K 440 69.97 33.59 -66.17
N GLY K 441 68.80 34.16 -66.46
CA GLY K 441 68.76 35.35 -67.29
C GLY K 441 69.60 36.48 -66.73
N LEU K 442 69.61 36.62 -65.41
CA LEU K 442 70.38 37.69 -64.78
C LEU K 442 71.87 37.40 -64.86
N GLN K 443 72.26 36.14 -64.66
CA GLN K 443 73.66 35.76 -64.86
C GLN K 443 74.12 36.13 -66.26
N TRP K 444 73.34 35.77 -67.27
CA TRP K 444 73.75 36.05 -68.65
C TRP K 444 73.77 37.55 -68.92
N HIS K 445 72.76 38.28 -68.43
CA HIS K 445 72.74 39.73 -68.57
C HIS K 445 73.94 40.38 -67.89
N PHE K 446 74.44 39.76 -66.82
CA PHE K 446 75.69 40.21 -66.21
C PHE K 446 76.90 39.90 -67.09
N LEU K 447 76.87 38.76 -67.78
CA LEU K 447 77.96 38.34 -68.66
C LEU K 447 78.02 39.15 -69.96
N SER K 448 77.30 40.27 -70.02
CA SER K 448 77.37 41.20 -71.15
C SER K 448 76.80 40.60 -72.44
N THR K 449 75.82 39.72 -72.32
CA THR K 449 75.11 39.20 -73.48
C THR K 449 73.70 38.80 -73.09
N LEU K 450 72.76 38.98 -74.02
CA LEU K 450 71.39 38.54 -73.78
C LEU K 450 71.34 37.01 -73.73
N PRO K 451 70.50 36.44 -72.87
CA PRO K 451 70.49 34.99 -72.69
C PRO K 451 69.83 34.30 -73.88
N PRO K 452 70.34 33.14 -74.29
CA PRO K 452 69.69 32.42 -75.39
C PRO K 452 68.36 31.83 -74.90
N LEU K 453 67.36 32.71 -74.79
CA LEU K 453 66.12 32.33 -74.11
C LEU K 453 65.22 31.50 -74.99
N ARG K 454 65.30 31.66 -76.32
CA ARG K 454 64.44 30.87 -77.20
C ARG K 454 64.77 29.38 -77.09
N LYS K 455 66.07 29.04 -76.99
CA LYS K 455 66.45 27.65 -76.82
C LYS K 455 65.97 27.12 -75.46
N TRP K 456 66.19 27.89 -74.40
CA TRP K 456 65.74 27.48 -73.07
C TRP K 456 64.24 27.23 -73.06
N LEU K 457 63.47 28.12 -73.70
CA LEU K 457 62.03 27.93 -73.73
C LEU K 457 61.64 26.78 -74.64
N LYS K 458 62.41 26.51 -75.69
CA LYS K 458 62.18 25.31 -76.49
C LYS K 458 62.38 24.07 -75.65
N GLN K 459 63.30 24.12 -74.70
CA GLN K 459 63.53 23.00 -73.78
C GLN K 459 62.43 22.90 -72.73
N ILE K 460 61.95 24.05 -72.24
CA ILE K 460 60.92 24.04 -71.19
C ILE K 460 59.57 23.63 -71.79
N PHE K 461 59.06 24.43 -72.73
CA PHE K 461 57.88 24.07 -73.50
C PHE K 461 58.33 23.47 -74.83
N PRO K 462 57.99 22.24 -75.12
CA PRO K 462 58.41 21.65 -76.41
C PRO K 462 57.63 22.16 -77.61
N ARG K 463 56.32 22.35 -77.47
CA ARG K 463 55.44 22.39 -78.64
C ARG K 463 54.75 23.74 -78.89
N VAL K 464 54.72 24.64 -77.92
CA VAL K 464 53.93 25.87 -78.03
C VAL K 464 54.28 26.61 -79.31
N PRO K 465 53.28 27.08 -80.08
CA PRO K 465 53.57 27.79 -81.33
C PRO K 465 54.47 28.99 -81.10
N GLN K 466 55.45 29.17 -81.98
CA GLN K 466 56.39 30.28 -81.84
C GLN K 466 55.76 31.61 -82.25
N GLU K 467 54.61 31.59 -82.91
CA GLU K 467 53.91 32.81 -83.30
C GLU K 467 52.42 32.56 -83.26
N THR K 468 51.65 33.60 -83.60
CA THR K 468 50.21 33.53 -83.67
C THR K 468 49.72 34.26 -84.92
N SER K 469 48.49 33.97 -85.32
CA SER K 469 47.95 34.52 -86.56
C SER K 469 47.63 36.01 -86.41
N ARG K 470 46.95 36.38 -85.32
CA ARG K 470 46.52 37.76 -85.13
C ARG K 470 46.91 38.24 -83.74
N LEU K 471 47.47 39.44 -83.67
CA LEU K 471 47.75 40.11 -82.41
C LEU K 471 46.78 41.24 -82.11
N GLU K 472 45.70 41.35 -82.88
CA GLU K 472 44.66 42.35 -82.64
C GLU K 472 43.70 41.97 -81.51
N SER K 473 43.49 40.70 -81.26
CA SER K 473 42.56 40.21 -80.25
C SER K 473 43.34 39.59 -79.10
N ASN K 474 42.82 39.73 -77.87
CA ASN K 474 43.45 39.12 -76.70
C ASN K 474 42.54 38.03 -76.16
N ILE K 475 42.96 36.80 -76.38
CA ILE K 475 42.25 35.60 -75.96
C ILE K 475 43.24 34.69 -75.25
N PRO K 476 42.86 34.06 -74.13
CA PRO K 476 43.89 33.56 -73.19
C PRO K 476 44.59 32.29 -73.62
N GLU K 477 43.96 31.43 -74.40
CA GLU K 477 44.56 30.14 -74.76
C GLU K 477 45.48 30.24 -75.96
N SER K 478 46.01 31.42 -76.24
CA SER K 478 46.81 31.70 -77.43
C SER K 478 48.17 32.22 -77.01
N ILE K 479 48.78 31.51 -76.07
CA ILE K 479 50.13 31.84 -75.63
C ILE K 479 51.10 31.51 -76.75
N CYS K 480 51.98 32.45 -77.06
CA CYS K 480 53.04 32.22 -78.04
C CYS K 480 54.38 32.22 -77.33
N LEU K 481 55.32 31.45 -77.88
CA LEU K 481 56.66 31.40 -77.29
C LEU K 481 57.32 32.77 -77.31
N LEU K 482 56.98 33.60 -78.29
CA LEU K 482 57.51 34.97 -78.31
C LEU K 482 56.95 35.79 -77.15
N ASP K 483 55.69 35.55 -76.76
CA ASP K 483 55.14 36.27 -75.61
C ASP K 483 55.89 35.90 -74.34
N LEU K 484 56.18 34.62 -74.15
CA LEU K 484 56.91 34.21 -72.95
C LEU K 484 58.36 34.66 -72.99
N GLU K 485 58.96 34.69 -74.19
CA GLU K 485 60.28 35.28 -74.33
C GLU K 485 60.28 36.74 -73.91
N VAL K 486 59.32 37.51 -74.41
CA VAL K 486 59.15 38.90 -74.02
C VAL K 486 58.97 39.04 -72.51
N PHE K 487 58.10 38.21 -71.94
CA PHE K 487 57.81 38.27 -70.50
C PHE K 487 59.06 37.98 -69.69
N LEU K 488 59.80 36.93 -70.06
CA LEU K 488 60.99 36.55 -69.30
C LEU K 488 62.08 37.62 -69.41
N LEU K 489 62.31 38.16 -70.60
CA LEU K 489 63.32 39.21 -70.74
C LEU K 489 62.95 40.42 -69.90
N ALA K 490 61.67 40.83 -69.95
CA ALA K 490 61.24 41.95 -69.13
C ALA K 490 61.40 41.67 -67.64
N VAL K 491 61.09 40.44 -67.22
CA VAL K 491 61.25 40.07 -65.82
C VAL K 491 62.73 40.18 -65.42
N VAL K 492 63.62 39.68 -66.27
CA VAL K 492 65.05 39.79 -65.98
C VAL K 492 65.45 41.25 -65.85
N GLN K 493 64.94 42.11 -66.74
CA GLN K 493 65.35 43.51 -66.70
C GLN K 493 64.82 44.23 -65.46
N THR K 494 63.56 43.98 -65.09
CA THR K 494 63.02 44.62 -63.89
C THR K 494 63.71 44.11 -62.64
N SER K 495 64.04 42.81 -62.59
CA SER K 495 64.77 42.30 -61.45
C SER K 495 66.17 42.89 -61.37
N TYR K 496 66.82 43.07 -62.52
CA TYR K 496 68.13 43.69 -62.56
C TYR K 496 68.09 45.11 -62.01
N LEU K 497 67.13 45.92 -62.48
CA LEU K 497 67.05 47.30 -62.00
C LEU K 497 66.69 47.34 -60.52
N GLN K 498 65.73 46.51 -60.10
CA GLN K 498 65.32 46.48 -58.70
C GLN K 498 66.50 46.11 -57.81
N LEU K 499 67.25 45.08 -58.17
CA LEU K 499 68.36 44.64 -57.34
C LEU K 499 69.54 45.63 -57.39
N GLN K 500 69.75 46.29 -58.53
CA GLN K 500 70.85 47.25 -58.61
C GLN K 500 70.57 48.48 -57.77
N ASP K 501 69.33 48.96 -57.75
CA ASP K 501 68.96 50.00 -56.80
C ASP K 501 68.55 49.45 -55.44
N ASN K 502 68.70 48.14 -55.23
CA ASN K 502 68.51 47.54 -53.91
C ASN K 502 69.81 47.65 -53.10
N ASN K 503 70.33 48.88 -53.05
CA ASN K 503 71.45 49.24 -52.19
C ASN K 503 72.70 48.43 -52.51
N THR K 504 72.98 48.28 -53.80
CA THR K 504 74.25 47.73 -54.24
C THR K 504 75.29 48.83 -54.48
N THR K 505 74.85 50.05 -54.77
CA THR K 505 75.76 51.17 -55.01
C THR K 505 76.13 51.85 -53.69
N ASN K 509 78.69 44.45 -51.73
CA ASN K 509 78.09 43.35 -52.47
C ASN K 509 78.94 43.01 -53.69
N ARG K 510 79.84 42.02 -53.52
CA ARG K 510 80.76 41.59 -54.57
C ARG K 510 80.07 40.70 -55.61
N PRO K 511 79.37 39.64 -55.23
CA PRO K 511 78.59 38.89 -56.24
C PRO K 511 77.24 39.54 -56.44
N ARG K 512 77.02 40.09 -57.64
CA ARG K 512 75.78 40.81 -57.88
C ARG K 512 74.57 39.87 -57.94
N CYS K 513 74.80 38.59 -58.21
CA CYS K 513 73.70 37.68 -58.50
C CYS K 513 73.29 36.81 -57.32
N LEU K 514 74.19 36.61 -56.33
CA LEU K 514 73.82 35.90 -55.11
C LEU K 514 73.21 34.53 -55.41
N PRO K 515 74.03 33.50 -55.68
CA PRO K 515 73.50 32.20 -56.14
C PRO K 515 72.24 31.70 -55.45
N LEU K 516 71.43 30.97 -56.21
CA LEU K 516 70.08 30.53 -55.88
C LEU K 516 69.88 30.17 -54.40
N PRO K 517 70.69 29.28 -53.81
CA PRO K 517 70.38 28.86 -52.42
C PRO K 517 70.56 29.96 -51.39
N ILE K 518 71.32 31.02 -51.66
CA ILE K 518 71.53 32.05 -50.66
C ILE K 518 70.55 33.22 -50.85
N CYS K 519 70.18 33.54 -52.08
CA CYS K 519 69.41 34.75 -52.32
C CYS K 519 67.92 34.49 -52.17
N LYS K 520 67.17 35.59 -52.15
CA LYS K 520 65.73 35.58 -52.02
C LYS K 520 65.07 35.37 -53.38
N GLN K 521 63.76 35.59 -53.43
CA GLN K 521 63.05 35.58 -54.70
C GLN K 521 63.44 36.80 -55.52
N LEU K 522 63.76 36.60 -56.79
CA LEU K 522 64.17 37.69 -57.67
C LEU K 522 63.01 38.38 -58.35
N PHE K 523 61.81 37.79 -58.31
CA PHE K 523 60.63 38.34 -58.95
C PHE K 523 59.57 38.70 -57.92
N THR K 524 58.61 39.52 -58.35
CA THR K 524 57.55 39.97 -57.47
C THR K 524 56.31 39.09 -57.61
N ASP K 525 55.22 39.53 -56.98
CA ASP K 525 54.09 38.64 -56.72
C ASP K 525 53.24 38.41 -57.96
N ARG K 526 52.89 39.46 -58.71
CA ARG K 526 52.06 39.24 -59.90
C ARG K 526 52.85 38.59 -61.01
N GLN K 527 54.15 38.85 -61.10
CA GLN K 527 55.01 38.06 -61.97
C GLN K 527 54.92 36.58 -61.61
N ARG K 528 55.08 36.27 -60.32
CA ARG K 528 54.95 34.89 -59.84
C ARG K 528 53.61 34.29 -60.23
N SER K 529 52.52 35.01 -59.95
CA SER K 529 51.19 34.49 -60.18
C SER K 529 50.92 34.29 -61.66
N TRP K 530 51.37 35.22 -62.50
CA TRP K 530 51.21 35.06 -63.94
C TRP K 530 52.00 33.86 -64.45
N TRP K 531 53.22 33.66 -63.96
CA TRP K 531 54.01 32.54 -64.45
C TRP K 531 53.44 31.20 -63.99
N ASP K 532 52.98 31.13 -62.73
CA ASP K 532 52.33 29.92 -62.26
C ASP K 532 51.06 29.65 -63.03
N ALA K 533 50.30 30.71 -63.36
CA ALA K 533 49.10 30.55 -64.17
C ALA K 533 49.45 30.11 -65.60
N VAL K 534 50.58 30.59 -66.14
CA VAL K 534 51.06 30.13 -67.44
C VAL K 534 51.31 28.63 -67.40
N TYR K 535 51.92 28.14 -66.32
CA TYR K 535 52.20 26.71 -66.25
C TYR K 535 50.93 25.89 -66.05
N SER K 536 50.07 26.28 -65.10
CA SER K 536 48.78 25.62 -64.93
C SER K 536 47.90 25.78 -66.18
N LEU K 537 48.27 26.70 -67.07
CA LEU K 537 47.54 26.94 -68.29
C LEU K 537 48.02 26.04 -69.43
N ILE K 538 49.34 25.87 -69.53
CA ILE K 538 49.93 25.18 -70.68
C ILE K 538 50.20 23.71 -70.36
N THR K 539 50.80 23.44 -69.20
CA THR K 539 51.20 22.10 -68.80
C THR K 539 50.09 21.43 -68.00
N LYS K 540 48.85 21.80 -68.31
CA LYS K 540 47.67 21.26 -67.65
C LYS K 540 47.62 19.74 -67.76
N LYS K 549 39.52 27.10 -65.52
CA LYS K 549 40.63 27.70 -64.80
C LYS K 549 40.52 29.23 -64.83
N LEU K 550 41.02 29.88 -63.78
CA LEU K 550 40.89 31.31 -63.60
C LEU K 550 42.07 32.01 -64.27
N ARG K 551 41.79 32.82 -65.31
CA ARG K 551 42.81 33.37 -66.18
C ARG K 551 42.83 34.90 -66.20
N SER K 552 42.40 35.54 -65.11
CA SER K 552 42.37 37.01 -65.08
C SER K 552 43.75 37.61 -65.28
N VAL K 553 44.73 37.16 -64.49
CA VAL K 553 46.11 37.59 -64.67
C VAL K 553 46.57 37.30 -66.10
N ILE K 554 46.17 36.15 -66.64
CA ILE K 554 46.61 35.74 -67.97
C ILE K 554 46.19 36.77 -69.01
N GLN K 555 44.90 37.01 -69.15
CA GLN K 555 44.43 37.95 -70.17
C GLN K 555 44.93 39.37 -69.89
N HIS K 556 44.96 39.77 -68.61
CA HIS K 556 45.37 41.13 -68.28
C HIS K 556 46.80 41.38 -68.72
N ASP K 557 47.76 40.58 -68.21
CA ASP K 557 49.15 40.81 -68.58
C ASP K 557 49.46 40.40 -70.01
N LEU K 558 48.65 39.53 -70.62
CA LEU K 558 48.75 39.33 -72.06
C LEU K 558 48.46 40.63 -72.80
N THR K 559 47.36 41.30 -72.45
CA THR K 559 47.03 42.59 -73.03
C THR K 559 48.14 43.60 -72.82
N THR K 560 48.72 43.62 -71.61
CA THR K 560 49.77 44.58 -71.31
C THR K 560 51.01 44.34 -72.16
N LEU K 561 51.54 43.11 -72.15
CA LEU K 561 52.78 42.83 -72.87
C LEU K 561 52.60 42.93 -74.37
N ARG K 562 51.48 42.42 -74.92
CA ARG K 562 51.28 42.38 -76.37
C ARG K 562 50.98 43.74 -76.97
N ALA K 563 51.10 44.83 -76.20
CA ALA K 563 50.82 46.19 -76.69
C ALA K 563 49.43 46.28 -77.31
N GLN K 564 48.44 45.83 -76.56
CA GLN K 564 47.06 45.77 -77.02
C GLN K 564 46.34 47.07 -76.68
N GLU K 565 45.00 47.06 -76.78
CA GLU K 565 44.15 48.23 -76.59
C GLU K 565 44.63 49.16 -75.47
N LYS K 566 44.92 48.61 -74.28
CA LYS K 566 45.53 49.40 -73.22
C LYS K 566 46.48 48.54 -72.39
N HIS K 567 47.68 49.07 -72.18
CA HIS K 567 48.73 48.46 -71.39
C HIS K 567 49.14 49.43 -70.29
N GLY K 568 49.99 48.96 -69.38
CA GLY K 568 50.42 49.79 -68.28
C GLY K 568 51.89 50.15 -68.36
N LEU K 569 52.67 49.31 -69.03
CA LEU K 569 54.10 49.58 -69.15
C LEU K 569 54.33 50.76 -70.08
N GLN K 570 55.46 51.44 -69.87
CA GLN K 570 55.91 52.55 -70.67
C GLN K 570 57.04 52.12 -71.60
N PRO K 571 57.40 52.96 -72.62
CA PRO K 571 58.31 52.53 -73.69
C PRO K 571 59.49 51.64 -73.34
N ALA K 572 60.28 51.95 -72.31
CA ALA K 572 61.59 51.32 -72.12
C ALA K 572 61.55 49.81 -72.29
N VAL K 573 60.51 49.16 -71.77
CA VAL K 573 60.44 47.71 -71.80
C VAL K 573 60.16 47.22 -73.22
N LEU K 574 59.20 47.85 -73.91
CA LEU K 574 58.94 47.53 -75.32
C LEU K 574 60.15 47.81 -76.19
N VAL K 575 60.91 48.86 -75.87
CA VAL K 575 62.14 49.18 -76.60
C VAL K 575 63.14 48.05 -76.49
N ASN K 576 63.41 47.61 -75.26
CA ASN K 576 64.34 46.50 -75.07
C ASN K 576 63.82 45.24 -75.75
N TRP K 577 62.51 45.01 -75.67
CA TRP K 577 61.90 43.92 -76.42
C TRP K 577 62.23 44.01 -77.90
N ALA K 578 62.02 45.19 -78.50
CA ALA K 578 62.18 45.35 -79.94
C ALA K 578 63.63 45.11 -80.35
N ARG K 579 64.57 45.67 -79.60
CA ARG K 579 65.99 45.45 -79.91
C ARG K 579 66.36 43.98 -79.77
N GLY K 580 65.93 43.34 -78.69
CA GLY K 580 66.28 41.93 -78.49
C GLY K 580 65.70 41.03 -79.57
N LEU K 581 64.41 41.18 -79.87
CA LEU K 581 63.80 40.36 -80.91
C LEU K 581 64.42 40.66 -82.28
N HIS K 582 64.76 41.92 -82.55
CA HIS K 582 65.39 42.27 -83.80
C HIS K 582 66.71 41.55 -83.97
N LYS K 583 67.55 41.60 -82.93
CA LYS K 583 68.85 40.94 -83.01
C LYS K 583 68.71 39.44 -83.10
N THR K 584 67.83 38.85 -82.28
CA THR K 584 67.66 37.40 -82.28
C THR K 584 67.10 36.90 -83.61
N GLY K 585 66.23 37.68 -84.25
CA GLY K 585 65.71 37.30 -85.55
C GLY K 585 66.76 37.42 -86.64
N TYR K 586 67.44 38.56 -86.70
CA TYR K 586 68.42 38.77 -87.77
C TYR K 586 69.58 37.78 -87.63
N SER K 587 69.96 37.42 -86.41
CA SER K 587 71.07 36.48 -86.21
C SER K 587 70.79 35.14 -86.88
N LEU K 588 69.53 34.71 -86.87
CA LEU K 588 69.17 33.46 -87.50
C LEU K 588 69.23 33.58 -89.02
N ASN K 589 69.35 32.44 -89.69
CA ASN K 589 69.26 32.35 -91.14
C ASN K 589 67.93 31.83 -91.61
N SER K 590 67.14 31.24 -90.72
CA SER K 590 65.84 30.69 -91.10
C SER K 590 64.91 31.79 -91.58
N PHE K 591 64.38 31.62 -92.79
CA PHE K 591 63.49 32.61 -93.38
C PHE K 591 62.19 32.73 -92.60
N TYR K 592 61.57 31.60 -92.29
CA TYR K 592 60.26 31.60 -91.63
C TYR K 592 60.32 32.02 -90.17
N ASP K 593 61.51 32.27 -89.63
CA ASP K 593 61.65 32.87 -88.31
C ASP K 593 62.16 34.29 -88.38
N GLN K 594 63.00 34.61 -89.35
CA GLN K 594 63.36 36.02 -89.58
C GLN K 594 62.13 36.84 -89.91
N LYS K 595 61.26 36.32 -90.78
CA LYS K 595 60.04 37.05 -91.12
C LYS K 595 59.18 37.30 -89.89
N GLU K 596 59.01 36.29 -89.05
CA GLU K 596 58.15 36.43 -87.88
C GLU K 596 58.74 37.39 -86.86
N TYR K 597 60.03 37.23 -86.53
CA TYR K 597 60.65 38.10 -85.56
C TYR K 597 60.68 39.55 -86.04
N MET K 598 60.96 39.76 -87.34
CA MET K 598 60.98 41.12 -87.87
C MET K 598 59.58 41.71 -87.91
N GLY K 599 58.57 40.91 -88.26
CA GLY K 599 57.20 41.41 -88.24
C GLY K 599 56.75 41.81 -86.85
N ARG K 600 57.10 41.00 -85.85
CA ARG K 600 56.65 41.29 -84.48
C ARG K 600 57.44 42.44 -83.87
N CYS K 601 58.73 42.56 -84.18
CA CYS K 601 59.47 43.74 -83.74
C CYS K 601 58.91 44.99 -84.39
N VAL K 602 58.54 44.90 -85.68
CA VAL K 602 57.79 45.97 -86.34
C VAL K 602 56.47 46.24 -85.63
N HIS K 603 55.82 45.19 -85.11
CA HIS K 603 54.58 45.36 -84.35
C HIS K 603 54.81 46.20 -83.11
N TYR K 604 55.81 45.83 -82.32
CA TYR K 604 56.11 46.57 -81.09
C TYR K 604 56.51 48.01 -81.40
N TRP K 605 57.26 48.22 -82.49
CA TRP K 605 57.63 49.59 -82.83
C TRP K 605 56.45 50.38 -83.36
N LYS K 606 55.55 49.75 -84.11
CA LYS K 606 54.38 50.45 -84.62
C LYS K 606 53.40 50.79 -83.51
N LYS K 607 53.43 50.02 -82.42
CA LYS K 607 52.62 50.38 -81.26
C LYS K 607 53.32 51.43 -80.40
N LEU K 608 54.65 51.46 -80.44
CA LEU K 608 55.38 52.49 -79.71
C LEU K 608 55.34 53.84 -80.42
N LEU K 609 55.13 53.84 -81.74
CA LEU K 609 55.06 55.07 -82.52
C LEU K 609 54.05 56.06 -81.95
N PRO K 610 52.76 55.70 -81.78
CA PRO K 610 51.81 56.69 -81.25
C PRO K 610 52.12 57.10 -79.83
N LEU K 611 52.64 56.19 -79.02
CA LEU K 611 52.91 56.49 -77.62
C LEU K 611 54.05 57.50 -77.48
N LEU K 612 55.01 57.46 -78.41
CA LEU K 612 56.15 58.36 -78.32
C LEU K 612 55.88 59.75 -78.87
N ASP K 613 54.85 59.91 -79.70
CA ASP K 613 54.51 61.23 -80.22
C ASP K 613 53.93 62.15 -79.15
N LEU K 614 53.36 61.58 -78.08
CA LEU K 614 52.75 62.37 -77.02
C LEU K 614 53.77 62.95 -76.04
N VAL K 615 55.06 62.96 -76.37
CA VAL K 615 56.06 63.66 -75.55
C VAL K 615 56.15 65.07 -76.14
N LYS K 616 55.17 65.91 -75.74
CA LYS K 616 55.29 67.37 -75.83
C LYS K 616 54.71 67.91 -74.51
N GLN K 617 55.54 67.88 -73.47
CA GLN K 617 55.12 68.19 -72.10
C GLN K 617 53.74 67.58 -71.82
N LYS K 618 53.65 66.27 -71.95
CA LYS K 618 52.37 65.58 -71.82
C LYS K 618 52.51 64.31 -71.01
N LYS K 619 51.43 63.98 -70.31
CA LYS K 619 51.39 62.79 -69.47
C LYS K 619 51.39 61.55 -70.34
N SER K 620 52.33 60.64 -70.09
CA SER K 620 52.54 59.52 -71.01
C SER K 620 51.36 58.57 -71.00
N ILE K 621 51.20 57.82 -69.91
CA ILE K 621 50.03 56.99 -69.64
C ILE K 621 49.84 56.98 -68.14
N PRO K 622 48.65 57.28 -67.64
CA PRO K 622 48.45 57.27 -66.18
C PRO K 622 48.36 55.86 -65.63
N GLU K 623 49.14 55.57 -64.58
CA GLU K 623 49.09 54.30 -63.88
C GLU K 623 49.39 54.53 -62.40
N PRO K 624 48.34 54.62 -61.57
CA PRO K 624 48.58 54.64 -60.11
C PRO K 624 49.17 53.33 -59.58
N VAL K 625 48.72 52.19 -60.10
CA VAL K 625 49.17 50.88 -59.65
C VAL K 625 50.20 50.35 -60.63
N ASP K 626 51.07 49.46 -60.15
CA ASP K 626 52.11 48.86 -60.98
C ASP K 626 51.58 47.59 -61.63
N PRO K 627 51.21 47.61 -62.93
CA PRO K 627 50.56 46.45 -63.52
C PRO K 627 51.47 45.23 -63.53
N LEU K 628 52.59 45.30 -64.26
CA LEU K 628 53.57 44.24 -64.15
C LEU K 628 55.00 44.79 -64.12
N PHE K 629 55.23 45.93 -64.77
CA PHE K 629 56.57 46.50 -64.89
C PHE K 629 56.45 48.01 -64.78
N LYS K 630 56.74 48.55 -63.60
CA LYS K 630 56.62 49.99 -63.38
C LYS K 630 57.84 50.47 -62.60
N HIS K 631 58.77 51.11 -63.32
CA HIS K 631 59.90 51.79 -62.69
C HIS K 631 59.90 53.25 -63.09
N PHE K 632 60.86 54.03 -62.61
CA PHE K 632 60.80 55.47 -62.85
C PHE K 632 62.21 56.06 -62.83
N HIS K 633 62.32 57.26 -63.41
CA HIS K 633 63.57 57.98 -63.62
C HIS K 633 64.49 57.25 -64.58
N ASN K 634 64.04 56.11 -65.10
CA ASN K 634 64.72 55.38 -66.15
C ASN K 634 63.82 55.13 -67.36
N LYS K 635 62.53 54.85 -67.13
CA LYS K 635 61.63 54.51 -68.21
C LYS K 635 61.33 55.71 -69.10
N ASP K 636 61.47 56.93 -68.58
CA ASP K 636 61.22 58.15 -69.34
C ASP K 636 62.30 58.41 -70.38
N ILE K 637 61.89 58.48 -71.65
CA ILE K 637 62.79 58.85 -72.74
C ILE K 637 62.80 60.36 -72.89
N LYS K 638 63.99 60.94 -72.99
CA LYS K 638 64.11 62.37 -73.20
C LYS K 638 63.55 62.77 -74.57
N VAL K 639 63.44 64.08 -74.78
CA VAL K 639 62.99 64.60 -76.07
C VAL K 639 64.06 64.39 -77.15
N SER K 640 65.31 64.17 -76.75
CA SER K 640 66.38 64.00 -77.72
C SER K 640 66.26 62.68 -78.49
N GLU K 641 66.01 61.59 -77.76
CA GLU K 641 66.11 60.24 -78.32
C GLU K 641 64.89 59.82 -79.13
N VAL K 642 63.83 60.63 -79.16
CA VAL K 642 62.64 60.28 -79.95
C VAL K 642 63.01 60.08 -81.41
N LYS K 643 63.72 61.05 -82.00
CA LYS K 643 64.09 60.97 -83.41
C LYS K 643 64.95 59.73 -83.68
N ASP K 644 65.90 59.46 -82.79
CA ASP K 644 66.76 58.30 -82.97
C ASP K 644 65.96 57.00 -82.98
N LEU K 645 65.08 56.83 -81.99
CA LEU K 645 64.27 55.61 -81.93
C LEU K 645 63.34 55.52 -83.14
N GLU K 646 62.83 56.66 -83.62
CA GLU K 646 62.00 56.66 -84.82
C GLU K 646 62.78 56.16 -86.02
N ASP K 647 64.02 56.63 -86.17
CA ASP K 647 64.85 56.16 -87.28
C ASP K 647 65.11 54.67 -87.17
N GLU K 648 65.35 54.16 -85.94
CA GLU K 648 65.55 52.72 -85.79
C GLU K 648 64.29 51.95 -86.19
N ALA K 649 63.11 52.50 -85.85
CA ALA K 649 61.86 51.86 -86.26
C ALA K 649 61.72 51.86 -87.78
N CYS K 650 62.12 52.96 -88.43
CA CYS K 650 62.06 53.00 -89.90
C CYS K 650 63.01 51.99 -90.53
N ILE K 651 64.20 51.83 -89.95
CA ILE K 651 65.11 50.77 -90.41
C ILE K 651 64.46 49.41 -90.24
N ALA K 652 63.74 49.21 -89.13
CA ALA K 652 63.03 47.94 -88.92
C ALA K 652 61.99 47.71 -90.00
N PHE K 653 61.20 48.75 -90.33
CA PHE K 653 60.22 48.64 -91.41
C PHE K 653 60.88 48.26 -92.73
N ALA K 654 61.96 48.98 -93.07
CA ALA K 654 62.65 48.72 -94.33
C ALA K 654 63.20 47.31 -94.38
N THR K 655 63.73 46.83 -93.24
CA THR K 655 64.27 45.47 -93.20
C THR K 655 63.16 44.43 -93.31
N LEU K 656 61.99 44.71 -92.72
CA LEU K 656 60.85 43.81 -92.90
C LEU K 656 60.47 43.71 -94.37
N ASP K 657 60.35 44.84 -95.05
CA ASP K 657 60.03 44.80 -96.46
C ASP K 657 61.15 44.14 -97.27
N LEU K 658 62.39 44.24 -96.80
CA LEU K 658 63.52 43.64 -97.50
C LEU K 658 63.54 42.12 -97.34
N VAL K 659 63.06 41.61 -96.21
CA VAL K 659 63.06 40.17 -95.96
C VAL K 659 61.72 39.59 -96.41
N ASP K 660 61.00 40.33 -97.25
CA ASP K 660 59.81 39.82 -97.90
C ASP K 660 59.96 39.68 -99.41
N GLY K 661 60.71 40.57 -100.06
CA GLY K 661 60.87 40.53 -101.50
C GLY K 661 60.41 41.78 -102.22
N LYS K 662 59.83 42.75 -101.52
CA LYS K 662 59.47 44.05 -102.11
C LYS K 662 60.74 44.90 -102.21
N THR K 663 61.56 44.55 -103.20
CA THR K 663 62.93 45.02 -103.27
C THR K 663 63.04 46.52 -103.50
N GLU K 664 62.12 47.13 -104.26
CA GLU K 664 62.30 48.53 -104.61
C GLU K 664 61.81 49.45 -103.49
N ASP K 665 60.60 49.22 -102.97
CA ASP K 665 60.12 50.06 -101.87
C ASP K 665 60.90 49.79 -100.58
N ALA K 666 61.52 48.62 -100.45
CA ALA K 666 62.48 48.43 -99.36
C ALA K 666 63.61 49.46 -99.44
N ILE K 667 64.20 49.61 -100.63
CA ILE K 667 65.26 50.60 -100.83
C ILE K 667 64.74 52.01 -100.62
N ILE K 668 63.52 52.27 -101.10
CA ILE K 668 62.87 53.55 -100.83
C ILE K 668 62.84 53.84 -99.33
N ALA K 669 62.48 52.84 -98.55
CA ALA K 669 62.42 53.02 -97.09
C ALA K 669 63.81 53.15 -96.50
N PHE K 670 64.82 52.52 -97.10
CA PHE K 670 66.19 52.69 -96.61
C PHE K 670 66.81 54.02 -97.01
N GLU K 671 66.22 54.75 -97.95
CA GLU K 671 66.75 56.04 -98.37
C GLU K 671 66.13 57.21 -97.62
N SER K 672 65.87 57.03 -96.32
CA SER K 672 65.36 58.09 -95.46
C SER K 672 66.26 58.38 -94.27
N VAL K 673 66.76 57.35 -93.60
CA VAL K 673 67.67 57.53 -92.47
C VAL K 673 69.10 57.63 -92.98
N LYS K 674 69.97 58.30 -92.21
CA LYS K 674 71.34 58.59 -92.63
C LYS K 674 72.34 58.19 -91.54
N ASN K 675 72.13 57.03 -90.94
CA ASN K 675 73.09 56.42 -90.03
C ASN K 675 73.98 55.46 -90.82
N VAL K 676 74.72 54.60 -90.12
CA VAL K 676 75.59 53.65 -90.80
C VAL K 676 74.80 52.44 -91.32
N VAL K 677 73.77 52.01 -90.60
CA VAL K 677 73.07 50.78 -90.96
C VAL K 677 72.28 50.96 -92.26
N ALA K 678 71.68 52.13 -92.45
CA ALA K 678 70.94 52.37 -93.68
C ALA K 678 71.86 52.28 -94.90
N TYR K 679 73.01 52.95 -94.83
CA TYR K 679 73.99 52.88 -95.91
C TYR K 679 74.45 51.45 -96.15
N TRP K 680 74.76 50.72 -95.08
CA TRP K 680 75.26 49.36 -95.24
C TRP K 680 74.22 48.46 -95.91
N ASN K 681 72.95 48.63 -95.53
CA ASN K 681 71.90 47.81 -96.12
C ASN K 681 71.71 48.18 -97.59
N LEU K 682 71.77 49.46 -97.91
CA LEU K 682 71.73 49.88 -99.32
C LEU K 682 72.84 49.21 -100.12
N ALA K 683 74.07 49.26 -99.61
CA ALA K 683 75.22 48.70 -100.33
C ALA K 683 75.08 47.20 -100.52
N LEU K 684 74.64 46.49 -99.48
CA LEU K 684 74.46 45.05 -99.59
C LEU K 684 73.39 44.70 -100.62
N ILE K 685 72.30 45.45 -100.65
CA ILE K 685 71.27 45.16 -101.63
C ILE K 685 71.75 45.51 -103.03
N TYR K 686 72.57 46.54 -103.18
CA TYR K 686 73.18 46.80 -104.48
C TYR K 686 74.03 45.61 -104.92
N GLN K 687 74.82 45.06 -103.99
CA GLN K 687 75.57 43.84 -104.30
C GLN K 687 74.64 42.74 -104.79
N ARG K 688 73.59 42.45 -104.03
CA ARG K 688 72.70 41.33 -104.34
C ARG K 688 72.03 41.52 -105.70
N LYS K 689 71.56 42.74 -105.98
CA LYS K 689 70.86 43.00 -107.23
C LYS K 689 71.82 43.21 -108.40
N ALA K 690 73.11 43.43 -108.13
CA ALA K 690 74.06 43.68 -109.20
C ALA K 690 75.31 42.80 -109.08
N GLU K 691 75.12 41.52 -108.76
CA GLU K 691 76.22 40.57 -108.77
C GLU K 691 76.98 40.62 -110.10
N GLU K 692 76.28 40.50 -111.22
CA GLU K 692 76.91 40.59 -112.56
C GLU K 692 75.99 41.29 -113.55
N ILE K 693 75.21 42.27 -113.09
CA ILE K 693 74.07 42.78 -113.84
C ILE K 693 74.43 44.05 -114.62
N GLU K 694 74.74 45.15 -113.93
CA GLU K 694 75.06 46.41 -114.60
C GLU K 694 76.31 47.02 -113.98
N ASN K 695 77.00 47.83 -114.78
CA ASN K 695 78.21 48.49 -114.35
C ASN K 695 77.95 49.88 -113.78
N ASP K 696 76.98 50.61 -114.33
CA ASP K 696 76.72 51.98 -113.89
C ASP K 696 76.10 52.04 -112.50
N CYS K 697 75.52 50.94 -112.03
CA CYS K 697 75.01 50.88 -110.65
C CYS K 697 76.10 50.57 -109.64
N LEU K 698 77.31 50.19 -110.09
CA LEU K 698 78.41 50.02 -109.15
C LEU K 698 78.88 51.32 -108.54
N PRO K 699 78.93 52.47 -109.28
CA PRO K 699 79.22 53.76 -108.62
C PRO K 699 78.38 54.04 -107.38
N ALA K 700 77.15 53.53 -107.34
CA ALA K 700 76.37 53.62 -106.12
C ALA K 700 77.05 52.89 -104.97
N GLU K 701 77.54 51.67 -105.23
CA GLU K 701 78.31 50.93 -104.24
C GLU K 701 79.57 51.69 -103.82
N GLU K 702 80.27 52.26 -104.80
CA GLU K 702 81.49 53.02 -104.51
C GLU K 702 81.20 54.19 -103.58
N GLN K 703 80.20 55.01 -103.93
CA GLN K 703 79.88 56.17 -103.11
C GLN K 703 79.34 55.76 -101.74
N GLU K 704 78.62 54.64 -101.66
CA GLU K 704 78.14 54.17 -100.37
C GLU K 704 79.29 53.72 -99.47
N GLU K 705 80.24 52.98 -100.02
CA GLU K 705 81.40 52.58 -99.23
C GLU K 705 82.31 53.77 -98.92
N PHE K 706 82.27 54.82 -99.73
CA PHE K 706 83.05 56.02 -99.42
C PHE K 706 82.44 56.77 -98.23
N GLN K 707 81.11 56.90 -98.21
CA GLN K 707 80.45 57.45 -97.02
C GLN K 707 80.72 56.58 -95.80
N GLU K 708 80.67 55.26 -95.96
CA GLU K 708 81.02 54.37 -94.85
C GLU K 708 82.47 54.57 -94.41
N CYS K 709 83.37 54.89 -95.35
CA CYS K 709 84.75 55.20 -94.99
C CYS K 709 84.82 56.48 -94.15
N LEU K 710 84.11 57.52 -94.58
CA LEU K 710 84.11 58.76 -93.81
C LEU K 710 83.50 58.56 -92.43
N LEU K 711 82.54 57.65 -92.31
CA LEU K 711 81.94 57.40 -91.01
C LEU K 711 82.83 56.53 -90.12
N LYS K 712 83.54 55.57 -90.71
CA LYS K 712 84.52 54.82 -89.94
C LYS K 712 85.73 55.67 -89.59
N CYS K 713 85.91 56.79 -90.29
CA CYS K 713 86.88 57.80 -89.85
C CYS K 713 86.49 58.35 -88.49
N LYS K 714 85.26 58.14 -88.06
CA LYS K 714 84.83 58.43 -86.70
C LYS K 714 84.85 57.18 -85.81
N GLY K 715 85.24 56.04 -86.37
CA GLY K 715 85.39 54.83 -85.57
C GLY K 715 84.10 54.26 -85.03
N PHE K 716 83.02 54.31 -85.80
CA PHE K 716 81.74 53.78 -85.35
C PHE K 716 81.70 52.27 -85.60
N LEU K 717 81.42 51.51 -84.54
CA LEU K 717 81.31 50.06 -84.62
C LEU K 717 79.86 49.59 -84.59
N LYS K 718 78.92 50.44 -85.03
CA LYS K 718 77.50 50.11 -84.95
C LYS K 718 77.09 49.02 -85.94
N MET K 719 77.88 48.77 -86.98
CA MET K 719 77.51 47.77 -87.97
C MET K 719 77.52 46.37 -87.35
N ILE K 720 76.73 45.47 -87.96
CA ILE K 720 76.61 44.12 -87.43
C ILE K 720 77.94 43.38 -87.51
N CYS K 721 78.50 43.26 -88.71
CA CYS K 721 79.85 42.77 -88.91
C CYS K 721 80.73 43.97 -89.26
N ASP K 722 81.74 44.22 -88.43
CA ASP K 722 82.51 45.45 -88.53
C ASP K 722 83.12 45.60 -89.92
N GLU K 723 83.52 46.84 -90.24
CA GLU K 723 83.97 47.18 -91.59
C GLU K 723 85.24 46.44 -92.00
N TYR K 724 86.01 45.92 -91.05
CA TYR K 724 87.25 45.21 -91.37
C TYR K 724 87.03 44.09 -92.38
N SER K 725 85.86 43.44 -92.32
CA SER K 725 85.52 42.38 -93.27
C SER K 725 84.80 42.89 -94.51
N ALA K 726 83.84 43.80 -94.36
CA ALA K 726 83.05 44.25 -95.50
C ALA K 726 83.83 45.24 -96.37
N TYR K 727 84.25 46.37 -95.79
CA TYR K 727 84.85 47.44 -96.57
C TYR K 727 86.06 46.97 -97.36
N PRO K 728 86.93 46.10 -96.84
CA PRO K 728 88.05 45.63 -97.67
C PRO K 728 87.58 44.92 -98.92
N SER K 729 86.64 43.98 -98.78
CA SER K 729 86.16 43.24 -99.94
C SER K 729 85.37 44.12 -100.89
N ILE K 730 84.60 45.08 -100.35
CA ILE K 730 83.78 45.94 -101.20
C ILE K 730 84.66 46.91 -101.97
N ALA K 731 85.63 47.53 -101.30
CA ALA K 731 86.55 48.43 -101.98
C ALA K 731 87.44 47.67 -102.95
N THR K 732 87.70 46.39 -102.70
CA THR K 732 88.47 45.59 -103.64
C THR K 732 87.63 45.26 -104.88
N SER K 733 86.36 44.92 -104.69
CA SER K 733 85.47 44.72 -105.83
C SER K 733 85.32 46.01 -106.63
N LEU K 734 85.37 47.16 -105.95
CA LEU K 734 85.42 48.44 -106.63
C LEU K 734 86.78 48.60 -107.31
N PRO K 735 87.86 48.08 -106.71
CA PRO K 735 89.15 48.12 -107.41
C PRO K 735 89.21 47.19 -108.60
N VAL K 736 88.54 46.03 -108.52
CA VAL K 736 88.32 45.22 -109.72
C VAL K 736 87.35 45.90 -110.66
N PRO K 737 86.40 46.72 -110.19
CA PRO K 737 85.50 47.39 -111.14
C PRO K 737 86.17 48.51 -111.92
N VAL K 738 87.07 49.26 -111.29
CA VAL K 738 87.81 50.31 -111.98
C VAL K 738 89.03 49.71 -112.68
N SER L 4 5.26 -47.57 -87.71
CA SER L 4 5.78 -47.12 -86.42
C SER L 4 6.20 -48.28 -85.53
N LYS L 5 7.49 -48.29 -85.17
CA LYS L 5 8.01 -49.30 -84.27
C LYS L 5 7.26 -49.29 -82.93
N ALA L 6 6.69 -48.14 -82.56
CA ALA L 6 5.83 -48.09 -81.38
C ALA L 6 4.58 -48.95 -81.57
N GLU L 7 3.99 -48.90 -82.77
CA GLU L 7 2.85 -49.76 -83.05
C GLU L 7 3.27 -51.22 -83.13
N ILE L 8 4.50 -51.47 -83.59
CA ILE L 8 5.04 -52.83 -83.61
C ILE L 8 5.18 -53.37 -82.18
N GLN L 9 5.85 -52.61 -81.31
CA GLN L 9 6.04 -52.97 -79.92
C GLN L 9 4.70 -53.12 -79.21
N ARG L 10 3.70 -52.31 -79.59
CA ARG L 10 2.36 -52.50 -79.06
C ARG L 10 1.80 -53.86 -79.47
N TYR L 11 1.97 -54.23 -80.74
CA TYR L 11 1.56 -55.56 -81.19
C TYR L 11 2.26 -56.64 -80.37
N VAL L 12 3.55 -56.43 -80.04
CA VAL L 12 4.29 -57.43 -79.29
C VAL L 12 3.83 -57.53 -77.84
N GLU L 13 3.46 -56.39 -77.24
CA GLU L 13 2.84 -56.40 -75.91
C GLU L 13 1.53 -57.18 -75.93
N ASN L 14 0.67 -56.86 -76.89
CA ASN L 14 -0.56 -57.61 -77.07
C ASN L 14 -0.28 -59.09 -77.30
N ALA L 15 0.86 -59.41 -77.92
CA ALA L 15 1.16 -60.80 -78.26
C ALA L 15 1.56 -61.59 -77.02
N GLN L 16 2.40 -60.99 -76.18
CA GLN L 16 2.72 -61.64 -74.90
C GLN L 16 1.46 -61.79 -74.05
N ASN L 17 0.57 -60.79 -74.10
CA ASN L 17 -0.72 -60.94 -73.44
C ASN L 17 -1.53 -62.07 -74.05
N SER L 18 -1.39 -62.28 -75.36
CA SER L 18 -2.18 -63.29 -76.07
C SER L 18 -1.60 -64.68 -75.88
N ALA L 19 -0.38 -64.75 -75.40
CA ALA L 19 0.20 -66.00 -74.94
C ALA L 19 -0.09 -66.25 -73.48
N SER L 20 -0.36 -65.18 -72.73
CA SER L 20 -0.96 -65.32 -71.41
C SER L 20 -2.40 -65.84 -71.51
N SER L 21 -3.18 -65.32 -72.44
CA SER L 21 -4.58 -65.67 -72.66
C SER L 21 -4.73 -67.01 -73.38
N PRO L 22 -4.19 -67.15 -74.59
CA PRO L 22 -4.29 -68.43 -75.30
C PRO L 22 -3.11 -69.35 -74.95
N ARG L 23 -3.18 -69.95 -73.75
CA ARG L 23 -2.04 -70.54 -73.06
C ARG L 23 -1.03 -71.26 -73.96
N GLU L 24 -1.50 -72.09 -74.89
CA GLU L 24 -0.58 -72.86 -75.72
C GLU L 24 0.15 -71.95 -76.72
N LYS L 25 -0.61 -71.13 -77.45
CA LYS L 25 -0.10 -70.10 -78.34
C LYS L 25 1.15 -70.49 -79.12
N SER L 26 1.09 -71.61 -79.87
CA SER L 26 2.23 -71.99 -80.69
C SER L 26 2.49 -70.98 -81.79
N MET L 27 1.47 -70.67 -82.59
CA MET L 27 1.64 -69.70 -83.66
C MET L 27 1.89 -68.31 -83.09
N LYS L 28 1.28 -67.96 -81.96
CA LYS L 28 1.51 -66.66 -81.35
C LYS L 28 2.96 -66.53 -80.87
N GLY L 29 3.50 -67.60 -80.27
CA GLY L 29 4.89 -67.57 -79.86
C GLY L 29 5.85 -67.52 -81.02
N PHE L 30 5.55 -68.28 -82.08
CA PHE L 30 6.37 -68.21 -83.28
C PHE L 30 6.34 -66.80 -83.89
N LEU L 31 5.18 -66.15 -83.86
CA LEU L 31 5.04 -64.80 -84.39
C LEU L 31 5.71 -63.77 -83.49
N PHE L 32 5.77 -64.01 -82.18
CA PHE L 32 6.48 -63.08 -81.30
C PHE L 32 7.99 -63.19 -81.50
N ALA L 33 8.50 -64.42 -81.58
CA ALA L 33 9.90 -64.63 -81.96
C ALA L 33 10.19 -64.04 -83.33
N ARG L 34 9.21 -64.12 -84.24
CA ARG L 34 9.37 -63.53 -85.57
C ARG L 34 9.39 -62.00 -85.49
N LEU L 35 8.58 -61.42 -84.61
CA LEU L 35 8.62 -59.98 -84.39
C LEU L 35 10.00 -59.55 -83.91
N TYR L 36 10.53 -60.24 -82.91
CA TYR L 36 11.86 -59.90 -82.42
C TYR L 36 12.92 -60.10 -83.51
N TYR L 42 17.36 -62.80 -82.30
CA TYR L 42 18.01 -64.04 -82.73
C TYR L 42 18.15 -65.04 -81.58
N GLU L 43 18.64 -64.57 -80.43
CA GLU L 43 18.72 -65.44 -79.25
C GLU L 43 17.34 -65.68 -78.66
N LEU L 44 16.63 -64.61 -78.30
CA LEU L 44 15.26 -64.74 -77.80
C LEU L 44 14.35 -65.26 -78.90
N ALA L 45 14.59 -64.85 -80.14
CA ALA L 45 13.84 -65.40 -81.27
C ALA L 45 14.01 -66.91 -81.35
N LYS L 46 15.24 -67.40 -81.19
CA LYS L 46 15.49 -68.84 -81.26
C LYS L 46 14.82 -69.57 -80.10
N ARG L 47 14.95 -69.04 -78.89
CA ARG L 47 14.33 -69.69 -77.74
C ARG L 47 12.81 -69.73 -77.87
N SER L 48 12.19 -68.60 -78.22
CA SER L 48 10.74 -68.54 -78.33
C SER L 48 10.25 -69.38 -79.50
N VAL L 49 11.02 -69.43 -80.60
CA VAL L 49 10.61 -70.26 -81.72
C VAL L 49 10.77 -71.73 -81.38
N SER L 50 11.75 -72.08 -80.55
CA SER L 50 11.86 -73.46 -80.09
C SER L 50 10.68 -73.84 -79.21
N SER L 51 10.25 -72.90 -78.36
CA SER L 51 9.04 -73.11 -77.58
C SER L 51 7.82 -73.30 -78.48
N TYR L 52 7.68 -72.43 -79.48
CA TYR L 52 6.54 -72.52 -80.39
C TYR L 52 6.54 -73.84 -81.15
N ILE L 53 7.71 -74.28 -81.60
CA ILE L 53 7.82 -75.58 -82.27
C ILE L 53 7.44 -76.70 -81.31
N PRO L 60 6.43 -74.17 -90.43
CA PRO L 60 7.65 -74.02 -91.23
C PRO L 60 8.59 -72.97 -90.68
N LYS L 61 8.05 -71.89 -90.10
CA LYS L 61 8.90 -70.85 -89.53
C LYS L 61 9.73 -71.34 -88.35
N ALA L 62 9.08 -71.99 -87.38
CA ALA L 62 9.81 -72.53 -86.23
C ALA L 62 10.79 -73.61 -86.67
N HIS L 63 10.32 -74.53 -87.53
CA HIS L 63 11.19 -75.62 -87.99
C HIS L 63 12.44 -75.08 -88.67
N ARG L 64 12.27 -74.18 -89.64
CA ARG L 64 13.40 -73.66 -90.39
C ARG L 64 14.33 -72.83 -89.51
N PHE L 65 13.77 -71.96 -88.66
CA PHE L 65 14.62 -71.15 -87.79
C PHE L 65 15.46 -72.03 -86.88
N LEU L 66 14.82 -72.96 -86.16
CA LEU L 66 15.56 -73.81 -85.24
C LEU L 66 16.59 -74.67 -85.98
N GLY L 67 16.20 -75.27 -87.10
CA GLY L 67 17.11 -76.14 -87.81
C GLY L 67 18.30 -75.41 -88.40
N GLN L 68 18.07 -74.24 -89.00
CA GLN L 68 19.17 -73.47 -89.56
C GLN L 68 20.11 -72.97 -88.48
N LEU L 69 19.55 -72.53 -87.34
CA LEU L 69 20.39 -72.07 -86.23
C LEU L 69 21.27 -73.20 -85.72
N PHE L 70 20.68 -74.37 -85.45
CA PHE L 70 21.46 -75.50 -84.97
C PHE L 70 22.49 -75.94 -86.00
N GLU L 71 22.09 -76.06 -87.26
CA GLU L 71 23.00 -76.50 -88.32
C GLU L 71 24.20 -75.57 -88.42
N ILE L 72 23.96 -74.26 -88.49
CA ILE L 72 25.06 -73.32 -88.57
C ILE L 72 25.90 -73.31 -87.29
N GLU L 73 25.31 -73.65 -86.15
CA GLU L 73 26.10 -73.85 -84.94
C GLU L 73 26.85 -75.17 -84.94
N GLY L 74 26.56 -76.06 -85.90
CA GLY L 74 27.20 -77.34 -85.97
C GLY L 74 26.45 -78.47 -85.29
N ASN L 75 25.26 -78.20 -84.75
CA ASN L 75 24.43 -79.23 -84.13
C ASN L 75 23.65 -80.01 -85.20
N VAL L 76 24.39 -80.85 -85.92
CA VAL L 76 23.78 -81.70 -86.93
C VAL L 76 22.70 -82.58 -86.33
N GLU L 77 22.96 -83.16 -85.15
CA GLU L 77 21.98 -84.05 -84.53
C GLU L 77 20.73 -83.29 -84.10
N LYS L 78 20.90 -82.08 -83.53
CA LYS L 78 19.73 -81.32 -83.08
C LYS L 78 18.91 -80.81 -84.25
N ALA L 79 19.58 -80.36 -85.32
CA ALA L 79 18.85 -79.93 -86.50
C ALA L 79 18.16 -81.13 -87.16
N VAL L 80 18.79 -82.30 -87.10
CA VAL L 80 18.13 -83.53 -87.55
C VAL L 80 16.88 -83.78 -86.73
N GLY L 81 16.97 -83.66 -85.41
CA GLY L 81 15.80 -83.84 -84.58
C GLY L 81 14.67 -82.91 -84.98
N CYS L 82 14.99 -81.62 -85.15
CA CYS L 82 13.98 -80.63 -85.52
C CYS L 82 13.35 -80.97 -86.87
N TYR L 83 14.18 -81.18 -87.90
CA TYR L 83 13.67 -81.44 -89.23
C TYR L 83 12.89 -82.75 -89.31
N LYS L 84 13.39 -83.81 -88.67
CA LYS L 84 12.71 -85.10 -88.70
C LYS L 84 11.39 -85.03 -87.95
N ARG L 85 11.35 -84.31 -86.83
CA ARG L 85 10.08 -84.16 -86.11
C ARG L 85 9.09 -83.36 -86.94
N SER L 86 9.56 -82.34 -87.67
CA SER L 86 8.65 -81.56 -88.49
C SER L 86 8.18 -82.35 -89.72
N LEU L 87 9.01 -83.25 -90.23
CA LEU L 87 8.62 -84.09 -91.35
C LEU L 87 7.71 -85.22 -90.90
N GLU L 88 7.84 -85.63 -89.64
CA GLU L 88 6.98 -86.66 -89.06
C GLU L 88 5.62 -86.12 -88.64
N LEU L 89 5.55 -84.84 -88.26
CA LEU L 89 4.25 -84.22 -88.06
C LEU L 89 3.62 -83.78 -89.39
N ASN L 90 4.44 -83.30 -90.32
CA ASN L 90 4.13 -83.01 -91.71
C ASN L 90 2.74 -82.42 -91.93
N PRO L 91 2.40 -81.30 -91.31
CA PRO L 91 1.23 -80.55 -91.79
C PRO L 91 1.64 -79.53 -92.84
N THR L 92 2.91 -79.13 -92.80
CA THR L 92 3.53 -78.35 -93.86
C THR L 92 5.05 -78.46 -93.76
N GLN L 93 5.67 -79.31 -94.58
CA GLN L 93 7.12 -79.47 -94.53
C GLN L 93 7.61 -80.12 -95.81
N LYS L 94 8.67 -79.55 -96.39
CA LYS L 94 9.30 -80.09 -97.59
C LYS L 94 10.78 -80.38 -97.40
N ASP L 95 11.53 -79.43 -96.84
CA ASP L 95 12.99 -79.46 -96.92
C ASP L 95 13.61 -80.45 -95.94
N LEU L 96 12.81 -81.01 -95.03
CA LEU L 96 13.36 -81.77 -93.90
C LEU L 96 14.20 -82.97 -94.35
N THR L 97 13.84 -83.56 -95.49
CA THR L 97 14.56 -84.73 -95.99
C THR L 97 16.05 -84.47 -96.18
N LEU L 98 16.40 -83.28 -96.67
CA LEU L 98 17.80 -82.95 -96.92
C LEU L 98 18.59 -82.94 -95.61
N ARG L 99 18.08 -82.24 -94.59
CA ARG L 99 18.74 -82.22 -93.30
C ARG L 99 18.83 -83.61 -92.68
N ILE L 100 17.79 -84.43 -92.83
CA ILE L 100 17.81 -85.78 -92.27
C ILE L 100 18.88 -86.62 -92.97
N ALA L 101 18.96 -86.51 -94.30
CA ALA L 101 19.97 -87.26 -95.05
C ALA L 101 21.37 -86.84 -94.66
N GLU L 102 21.62 -85.52 -94.58
CA GLU L 102 22.95 -85.04 -94.24
C GLU L 102 23.34 -85.44 -92.82
N LEU L 103 22.39 -85.36 -91.89
CA LEU L 103 22.65 -85.81 -90.53
C LEU L 103 23.02 -87.29 -90.50
N ILE L 104 22.16 -88.14 -91.06
CA ILE L 104 22.41 -89.58 -91.04
C ILE L 104 23.72 -89.91 -91.73
N CYS L 105 24.12 -89.09 -92.71
CA CYS L 105 25.43 -89.24 -93.32
C CYS L 105 26.54 -88.94 -92.31
N THR L 106 26.46 -87.77 -91.67
CA THR L 106 27.49 -87.37 -90.71
C THR L 106 27.55 -88.32 -89.52
N LEU L 107 26.50 -89.09 -89.29
CA LEU L 107 26.46 -90.03 -88.18
C LEU L 107 27.53 -91.10 -88.30
N GLY L 112 24.32 -97.27 -94.45
CA GLY L 112 23.32 -98.06 -93.74
C GLY L 112 22.05 -97.29 -93.44
N ARG L 113 22.21 -96.06 -92.93
CA ARG L 113 21.04 -95.24 -92.62
C ARG L 113 20.80 -94.18 -93.69
N ALA L 114 21.80 -93.34 -93.96
CA ALA L 114 21.63 -92.25 -94.92
C ALA L 114 21.43 -92.75 -96.34
N GLU L 115 21.66 -94.05 -96.58
CA GLU L 115 21.46 -94.60 -97.92
C GLU L 115 20.01 -94.43 -98.37
N TYR L 116 19.06 -94.78 -97.50
CA TYR L 116 17.65 -94.65 -97.84
C TYR L 116 17.25 -93.19 -98.06
N TRP L 117 17.82 -92.28 -97.27
CA TRP L 117 17.47 -90.86 -97.42
C TRP L 117 18.05 -90.27 -98.69
N VAL L 118 19.28 -90.64 -99.06
CA VAL L 118 19.82 -90.19 -100.34
C VAL L 118 19.04 -90.82 -101.49
N GLU L 119 18.60 -92.08 -101.33
CA GLU L 119 17.75 -92.70 -102.33
C GLU L 119 16.43 -91.95 -102.47
N ARG L 120 15.90 -91.45 -101.35
CA ARG L 120 14.66 -90.67 -101.40
C ARG L 120 14.89 -89.34 -102.11
N ALA L 121 16.00 -88.66 -101.83
CA ALA L 121 16.33 -87.44 -102.55
C ALA L 121 16.46 -87.70 -104.05
N SER L 122 17.09 -88.81 -104.44
CA SER L 122 17.22 -89.14 -105.85
C SER L 122 15.86 -89.47 -106.47
N LYS L 123 15.02 -90.22 -105.76
CA LYS L 123 13.71 -90.60 -106.27
C LYS L 123 12.72 -89.44 -106.25
N LEU L 124 13.06 -88.32 -105.60
CA LEU L 124 12.31 -87.08 -105.76
C LEU L 124 12.90 -86.17 -106.82
N PHE L 125 14.20 -86.28 -107.09
CA PHE L 125 14.86 -85.50 -108.13
C PHE L 125 16.14 -86.22 -108.57
N PRO L 126 16.06 -87.09 -109.58
CA PRO L 126 17.27 -87.82 -109.99
C PRO L 126 18.39 -86.94 -110.53
N GLY L 127 18.12 -85.66 -110.77
CA GLY L 127 19.16 -84.72 -111.09
C GLY L 127 19.81 -84.16 -109.85
N SER L 128 20.27 -85.03 -108.95
CA SER L 128 20.87 -84.63 -107.69
C SER L 128 22.37 -84.92 -107.69
N PRO L 129 23.20 -83.99 -108.16
CA PRO L 129 24.65 -84.24 -108.16
C PRO L 129 25.25 -84.34 -106.77
N GLU L 130 24.92 -83.38 -105.89
CA GLU L 130 25.43 -83.40 -104.53
C GLU L 130 24.94 -84.62 -103.75
N ILE L 131 23.67 -84.98 -103.90
CA ILE L 131 23.14 -86.14 -103.19
C ILE L 131 23.72 -87.42 -103.76
N TYR L 132 24.02 -87.43 -105.07
CA TYR L 132 24.70 -88.58 -105.66
C TYR L 132 26.12 -88.72 -105.14
N ARG L 133 26.81 -87.61 -104.94
CA ARG L 133 28.15 -87.65 -104.35
C ARG L 133 28.09 -88.15 -102.91
N LEU L 134 27.11 -87.65 -102.14
CA LEU L 134 26.93 -88.14 -100.77
C LEU L 134 26.59 -89.64 -100.77
N LYS L 135 25.82 -90.10 -101.75
CA LYS L 135 25.51 -91.51 -101.85
C LYS L 135 26.75 -92.32 -102.19
N GLU L 136 27.63 -91.77 -103.03
CA GLU L 136 28.90 -92.42 -103.32
C GLU L 136 29.76 -92.53 -102.07
N GLN L 137 29.77 -91.47 -101.25
CA GLN L 137 30.49 -91.52 -99.98
C GLN L 137 29.89 -92.55 -99.03
N LEU L 138 28.57 -92.64 -98.99
CA LEU L 138 27.92 -93.67 -98.17
C LEU L 138 28.28 -95.07 -98.64
N LEU L 139 28.30 -95.28 -99.96
CA LEU L 139 28.66 -96.58 -100.51
C LEU L 139 30.12 -96.92 -100.23
N SER L 140 31.02 -95.92 -100.25
CA SER L 140 32.42 -96.16 -99.91
C SER L 140 32.63 -96.35 -98.41
N SER L 141 31.70 -95.87 -97.59
CA SER L 141 31.74 -96.13 -96.15
C SER L 141 30.96 -97.38 -95.76
N GLN L 142 30.24 -97.99 -96.71
CA GLN L 142 29.52 -99.23 -96.44
C GLN L 142 30.11 -100.39 -97.24
N TRP L 147 29.24 -99.66 -106.06
CA TRP L 147 28.14 -99.40 -106.97
C TRP L 147 26.82 -99.18 -106.25
N ASN L 148 25.73 -99.42 -106.98
CA ASN L 148 24.34 -99.22 -106.60
C ASN L 148 24.00 -97.74 -106.55
N GLN L 149 25.04 -96.89 -106.45
CA GLN L 149 24.87 -95.51 -106.89
C GLN L 149 24.80 -95.48 -108.40
N LEU L 150 25.53 -96.40 -109.05
CA LEU L 150 25.36 -96.61 -110.48
C LEU L 150 24.00 -97.22 -110.78
N PHE L 151 23.39 -97.90 -109.81
CA PHE L 151 22.02 -98.39 -110.00
C PHE L 151 21.02 -97.24 -109.97
N ASP L 152 21.13 -96.38 -108.96
CA ASP L 152 20.32 -95.17 -108.90
C ASP L 152 20.53 -94.30 -110.15
N LEU L 153 21.76 -94.26 -110.65
CA LEU L 153 22.08 -93.45 -111.83
C LEU L 153 21.60 -94.12 -113.11
N ILE L 154 21.58 -95.45 -113.16
CA ILE L 154 20.97 -96.14 -114.28
C ILE L 154 19.47 -95.91 -114.30
N GLN L 155 18.86 -95.77 -113.12
CA GLN L 155 17.44 -95.43 -113.08
C GLN L 155 17.22 -93.98 -113.52
N ALA L 156 18.09 -93.08 -113.09
CA ALA L 156 18.04 -91.69 -113.55
C ALA L 156 18.20 -91.61 -115.07
N GLU L 157 19.04 -92.49 -115.63
CA GLU L 157 19.20 -92.53 -117.09
C GLU L 157 18.00 -93.17 -117.78
N LEU L 158 17.38 -94.17 -117.16
CA LEU L 158 16.16 -94.72 -117.71
C LEU L 158 15.03 -93.70 -117.68
N PHE L 159 15.12 -92.72 -116.79
CA PHE L 159 14.11 -91.67 -116.74
C PHE L 159 14.42 -90.51 -117.69
N ALA L 160 15.67 -90.08 -117.76
CA ALA L 160 16.08 -88.88 -118.50
C ALA L 160 17.34 -89.17 -119.32
N ARG L 161 17.28 -90.22 -120.15
CA ARG L 161 18.40 -90.83 -120.84
C ARG L 161 19.33 -89.84 -121.52
N PRO L 162 18.84 -88.67 -121.94
CA PRO L 162 19.74 -87.67 -122.53
C PRO L 162 20.73 -87.09 -121.55
N ASN L 163 20.65 -87.45 -120.27
CA ASN L 163 21.55 -86.91 -119.25
C ASN L 163 22.92 -87.56 -119.40
N ASP L 164 23.72 -87.01 -120.32
CA ASP L 164 25.09 -87.46 -120.47
C ASP L 164 25.87 -87.36 -119.16
N VAL L 165 25.56 -86.34 -118.35
CA VAL L 165 26.22 -86.19 -117.06
C VAL L 165 25.82 -87.31 -116.10
N TYR L 166 24.55 -87.73 -116.12
CA TYR L 166 24.14 -88.87 -115.31
C TYR L 166 24.82 -90.15 -115.80
N VAL L 167 24.97 -90.28 -117.12
CA VAL L 167 25.65 -91.45 -117.67
C VAL L 167 27.12 -91.46 -117.25
N ASN L 168 27.75 -90.29 -117.20
CA ASN L 168 29.13 -90.20 -116.75
C ASN L 168 29.26 -90.50 -115.27
N LEU L 169 28.29 -90.05 -114.46
CA LEU L 169 28.29 -90.41 -113.05
C LEU L 169 28.13 -91.92 -112.85
N LYS L 170 27.30 -92.56 -113.66
CA LYS L 170 27.14 -94.01 -113.58
C LYS L 170 28.43 -94.72 -113.98
N LEU L 171 29.10 -94.22 -115.04
CA LEU L 171 30.39 -94.78 -115.41
C LEU L 171 31.42 -94.59 -114.31
N VAL L 172 31.37 -93.46 -113.59
CA VAL L 172 32.31 -93.21 -112.51
C VAL L 172 32.07 -94.18 -111.36
N ASP L 173 30.79 -94.42 -111.02
CA ASP L 173 30.47 -95.39 -109.99
C ASP L 173 30.84 -96.81 -110.38
N LEU L 174 30.68 -97.17 -111.66
CA LEU L 174 31.13 -98.48 -112.12
C LEU L 174 32.63 -98.61 -112.02
N ARG L 180 35.16 -102.44 -116.26
CA ARG L 180 35.94 -101.64 -117.18
C ARG L 180 35.20 -101.44 -118.49
N LEU L 181 34.62 -102.54 -118.99
CA LEU L 181 33.89 -102.52 -120.25
C LEU L 181 32.83 -101.42 -120.27
N GLU L 182 31.84 -101.52 -119.38
CA GLU L 182 30.74 -100.57 -119.37
C GLU L 182 31.16 -99.18 -118.93
N GLU L 183 32.09 -99.08 -117.98
CA GLU L 183 32.57 -97.76 -117.57
C GLU L 183 33.20 -97.02 -118.74
N ALA L 184 34.11 -97.67 -119.47
CA ALA L 184 34.75 -97.03 -120.60
C ALA L 184 33.77 -96.79 -121.74
N VAL L 185 32.83 -97.70 -121.96
CA VAL L 185 31.84 -97.50 -123.02
C VAL L 185 31.01 -96.26 -122.75
N LEU L 186 30.38 -96.18 -121.57
CA LEU L 186 29.50 -95.08 -121.23
C LEU L 186 30.24 -93.82 -120.82
N HIS L 187 31.57 -93.87 -120.74
CA HIS L 187 32.37 -92.66 -120.60
C HIS L 187 32.77 -92.10 -121.96
N CYS L 188 33.26 -92.95 -122.87
CA CYS L 188 33.63 -92.49 -124.19
C CYS L 188 32.41 -92.04 -124.99
N LEU L 189 31.26 -92.70 -124.78
CA LEU L 189 30.05 -92.36 -125.52
C LEU L 189 29.61 -90.92 -125.25
N LYS L 190 29.29 -90.61 -124.00
CA LYS L 190 28.95 -89.23 -123.62
C LYS L 190 30.08 -88.24 -123.94
N PRO L 191 31.36 -88.59 -123.75
CA PRO L 191 32.42 -87.67 -124.16
C PRO L 191 32.36 -87.36 -125.64
N GLU L 192 32.17 -88.36 -126.50
CA GLU L 192 32.00 -88.14 -127.93
C GLU L 192 30.61 -87.65 -128.28
N ARG L 193 29.73 -87.53 -127.28
CA ARG L 193 28.42 -86.93 -127.48
C ARG L 193 28.42 -85.42 -127.24
N ARG L 194 29.16 -84.93 -126.25
CA ARG L 194 29.23 -83.49 -126.03
C ARG L 194 30.63 -82.93 -126.23
N ALA L 195 31.61 -83.46 -125.49
CA ALA L 195 33.02 -83.09 -125.61
C ALA L 195 33.28 -81.63 -125.25
N LEU L 196 32.23 -80.87 -124.95
CA LEU L 196 32.31 -79.44 -124.67
C LEU L 196 32.73 -79.14 -123.24
N ARG L 197 33.14 -80.15 -122.47
CA ARG L 197 33.51 -79.97 -121.07
C ARG L 197 34.57 -81.01 -120.74
N THR L 198 35.66 -80.55 -120.11
CA THR L 198 36.75 -81.46 -119.76
C THR L 198 36.32 -82.49 -118.72
N ASP L 199 35.12 -82.36 -118.16
CA ASP L 199 34.67 -83.28 -117.12
C ASP L 199 34.63 -84.72 -117.61
N ILE L 200 33.82 -84.99 -118.63
CA ILE L 200 33.65 -86.36 -119.14
C ILE L 200 34.97 -86.87 -119.68
N GLU L 201 35.77 -85.99 -120.29
CA GLU L 201 37.05 -86.41 -120.86
C GLU L 201 38.01 -86.88 -119.77
N TRP L 202 38.16 -86.08 -118.71
CA TRP L 202 39.02 -86.47 -117.60
C TRP L 202 38.49 -87.72 -116.92
N CYS L 203 37.16 -87.85 -116.82
CA CYS L 203 36.58 -89.05 -116.24
C CYS L 203 36.93 -90.29 -117.06
N SER L 204 36.84 -90.20 -118.39
CA SER L 204 37.17 -91.32 -119.24
C SER L 204 38.65 -91.67 -119.17
N CYS L 205 39.52 -90.65 -119.14
CA CYS L 205 40.95 -90.90 -119.01
C CYS L 205 41.26 -91.57 -117.68
N VAL L 206 40.64 -91.10 -116.60
CA VAL L 206 40.86 -91.68 -115.28
C VAL L 206 40.36 -93.12 -115.26
N VAL L 207 39.24 -93.38 -115.93
CA VAL L 207 38.71 -94.73 -116.01
C VAL L 207 39.69 -95.65 -116.73
N ARG L 208 40.24 -95.16 -117.85
CA ARG L 208 41.23 -95.96 -118.59
C ARG L 208 42.45 -96.26 -117.73
N VAL L 209 42.95 -95.24 -117.03
CA VAL L 209 44.16 -95.43 -116.23
C VAL L 209 43.90 -96.38 -115.07
N PHE L 210 42.77 -96.22 -114.37
CA PHE L 210 42.47 -97.08 -113.24
C PHE L 210 42.19 -98.51 -113.67
N LYS L 211 41.60 -98.68 -114.86
CA LYS L 211 41.34 -100.02 -115.35
C LYS L 211 42.63 -100.72 -115.77
N GLU L 212 43.48 -100.02 -116.53
CA GLU L 212 44.72 -100.64 -117.00
C GLU L 212 45.68 -100.92 -115.86
N TYR L 213 45.94 -99.92 -115.02
CA TYR L 213 46.90 -100.07 -113.92
C TYR L 213 46.47 -101.15 -112.94
N ASN L 222 36.43 -85.74 -131.21
CA ASN L 222 37.66 -85.56 -131.97
C ASN L 222 37.54 -84.39 -132.95
N THR L 223 37.15 -84.70 -134.20
CA THR L 223 36.95 -83.64 -135.19
C THR L 223 35.74 -82.81 -134.86
N ASN L 224 34.70 -83.42 -134.27
CA ASN L 224 33.57 -82.63 -133.77
C ASN L 224 34.01 -81.75 -132.60
N MET L 225 34.93 -82.25 -131.78
CA MET L 225 35.48 -81.44 -130.70
C MET L 225 36.23 -80.23 -131.25
N ARG L 226 37.07 -80.43 -132.27
CA ARG L 226 37.79 -79.30 -132.87
C ARG L 226 36.83 -78.33 -133.52
N MET L 227 35.79 -78.84 -134.19
CA MET L 227 34.82 -77.96 -134.83
C MET L 227 34.08 -77.12 -133.80
N ILE L 228 33.61 -77.75 -132.72
CA ILE L 228 32.87 -77.00 -131.71
C ILE L 228 33.80 -76.03 -130.99
N THR L 229 35.07 -76.39 -130.81
CA THR L 229 36.01 -75.47 -130.18
C THR L 229 36.27 -74.26 -131.06
N LYS L 230 36.40 -74.46 -132.37
CA LYS L 230 36.64 -73.33 -133.26
C LYS L 230 35.39 -72.45 -133.39
N GLU L 231 34.21 -73.06 -133.52
CA GLU L 231 32.98 -72.29 -133.56
C GLU L 231 32.75 -71.54 -132.26
N LEU L 232 33.09 -72.15 -131.13
CA LEU L 232 32.96 -71.54 -129.82
C LEU L 232 33.89 -70.35 -129.66
N LEU L 233 35.16 -70.54 -130.03
CA LEU L 233 36.20 -69.54 -129.84
C LEU L 233 35.92 -68.29 -130.66
N LEU L 234 35.35 -68.46 -131.85
CA LEU L 234 34.95 -67.30 -132.64
C LEU L 234 33.87 -66.50 -131.92
N ALA L 235 32.84 -67.18 -131.42
CA ALA L 235 31.77 -66.51 -130.71
C ALA L 235 32.29 -65.82 -129.46
N GLN L 236 33.18 -66.49 -128.72
CA GLN L 236 33.68 -65.90 -127.47
C GLN L 236 34.58 -64.70 -127.75
N CYS L 237 35.39 -64.79 -128.80
CA CYS L 237 36.18 -63.63 -129.22
C CYS L 237 35.27 -62.45 -129.52
N ASP L 238 34.22 -62.67 -130.32
CA ASP L 238 33.36 -61.55 -130.69
C ASP L 238 32.57 -61.03 -129.50
N VAL L 239 32.16 -61.91 -128.59
CA VAL L 239 31.44 -61.48 -127.39
C VAL L 239 32.33 -60.58 -126.53
N VAL L 240 33.53 -61.06 -126.20
CA VAL L 240 34.47 -60.27 -125.43
C VAL L 240 34.83 -58.98 -126.16
N PHE L 241 34.81 -59.01 -127.49
CA PHE L 241 35.18 -57.83 -128.26
C PHE L 241 34.09 -56.75 -128.21
N LEU L 242 32.84 -57.15 -128.40
CA LEU L 242 31.77 -56.17 -128.52
C LEU L 242 31.05 -55.88 -127.20
N THR L 243 30.50 -56.91 -126.55
CA THR L 243 29.62 -56.65 -125.42
C THR L 243 30.41 -56.52 -124.12
N LEU L 244 31.54 -57.21 -124.02
CA LEU L 244 32.42 -56.99 -122.87
C LEU L 244 33.13 -55.64 -122.96
N SER L 245 33.23 -55.07 -124.16
CA SER L 245 33.76 -53.73 -124.37
C SER L 245 35.21 -53.62 -123.89
N LYS L 246 36.05 -54.53 -124.37
CA LYS L 246 37.47 -54.46 -124.08
C LYS L 246 38.05 -53.15 -124.61
N LYS L 247 38.70 -52.39 -123.73
CA LYS L 247 39.26 -51.11 -124.13
C LYS L 247 40.62 -51.30 -124.80
N ASP L 248 40.67 -52.20 -125.78
CA ASP L 248 41.93 -52.55 -126.46
C ASP L 248 42.98 -53.00 -125.46
N VAL L 249 42.56 -53.80 -124.48
CA VAL L 249 43.44 -54.29 -123.43
C VAL L 249 43.41 -55.82 -123.51
N GLN L 250 44.11 -56.50 -122.60
CA GLN L 250 44.23 -57.95 -122.57
C GLN L 250 42.89 -58.68 -122.67
N LYS L 251 41.79 -58.02 -122.30
CA LYS L 251 40.50 -58.69 -122.24
C LYS L 251 40.16 -59.41 -123.54
N SER L 252 40.14 -58.69 -124.66
CA SER L 252 39.88 -59.32 -125.94
C SER L 252 41.17 -59.77 -126.65
N LYS L 253 42.30 -59.17 -126.32
CA LYS L 253 43.55 -59.53 -126.99
C LYS L 253 44.01 -60.94 -126.61
N GLU L 254 43.87 -61.34 -125.34
CA GLU L 254 44.24 -62.69 -124.96
C GLU L 254 43.31 -63.70 -125.61
N ALA L 255 42.03 -63.36 -125.77
CA ALA L 255 41.12 -64.24 -126.49
C ALA L 255 41.50 -64.34 -127.97
N LEU L 256 41.96 -63.24 -128.56
CA LEU L 256 42.49 -63.33 -129.93
C LEU L 256 43.74 -64.19 -129.98
N GLU L 257 44.56 -64.15 -128.94
CA GLU L 257 45.71 -65.06 -128.86
C GLU L 257 45.25 -66.50 -128.83
N ARG L 258 44.23 -66.80 -128.02
CA ARG L 258 43.68 -68.16 -127.98
C ARG L 258 43.12 -68.56 -129.33
N PHE L 259 42.49 -67.63 -130.03
CA PHE L 259 41.91 -67.93 -131.34
C PHE L 259 42.98 -68.20 -132.39
N ASP L 260 44.03 -67.37 -132.42
CA ASP L 260 45.14 -67.62 -133.33
C ASP L 260 45.84 -68.92 -133.01
N GLN L 261 45.95 -69.27 -131.73
CA GLN L 261 46.59 -70.53 -131.36
C GLN L 261 45.76 -71.71 -131.81
N ALA L 262 44.44 -71.66 -131.63
CA ALA L 262 43.59 -72.74 -132.11
C ALA L 262 43.63 -72.82 -133.63
N LEU L 263 43.70 -71.68 -134.32
CA LEU L 263 43.81 -71.68 -135.77
C LEU L 263 45.08 -72.38 -136.23
N LEU L 264 46.24 -71.99 -135.68
CA LEU L 264 47.48 -72.66 -136.05
C LEU L 264 47.46 -74.13 -135.67
N SER L 265 46.88 -74.46 -134.52
CA SER L 265 46.83 -75.85 -134.08
C SER L 265 46.05 -76.70 -135.08
N VAL L 266 44.81 -76.30 -135.39
CA VAL L 266 44.02 -77.07 -136.34
C VAL L 266 44.67 -77.07 -137.71
N LYS L 267 45.39 -75.99 -138.06
CA LYS L 267 46.02 -75.93 -139.37
C LYS L 267 47.15 -76.95 -139.49
N GLN L 268 48.09 -76.92 -138.55
CA GLN L 268 49.25 -77.79 -138.65
C GLN L 268 48.89 -79.24 -138.35
N SER L 269 47.87 -79.47 -137.51
CA SER L 269 47.48 -80.84 -137.21
C SER L 269 46.53 -81.41 -138.26
N VAL L 270 45.38 -80.79 -138.44
CA VAL L 270 44.41 -81.24 -139.45
C VAL L 270 44.50 -80.26 -140.61
N SER L 271 45.44 -80.52 -141.52
CA SER L 271 45.54 -79.76 -142.75
C SER L 271 44.43 -80.26 -143.68
N GLY L 272 43.22 -79.72 -143.47
CA GLY L 272 42.00 -80.26 -144.04
C GLY L 272 42.01 -80.54 -145.52
N THR L 273 41.69 -81.78 -145.89
CA THR L 273 41.62 -82.21 -147.27
C THR L 273 40.22 -81.91 -147.80
N ASP L 274 39.90 -82.40 -149.01
CA ASP L 274 38.63 -82.06 -149.63
C ASP L 274 37.43 -82.63 -148.89
N ALA L 275 37.51 -83.89 -148.45
CA ALA L 275 36.33 -84.56 -147.92
C ALA L 275 36.01 -84.12 -146.50
N SER L 276 37.03 -83.81 -145.70
CA SER L 276 36.81 -83.36 -144.34
C SER L 276 36.20 -81.96 -144.31
N ASP L 277 35.07 -81.83 -143.60
CA ASP L 277 34.40 -80.54 -143.50
C ASP L 277 35.22 -79.51 -142.73
N LEU L 278 36.23 -79.96 -141.97
CA LEU L 278 37.15 -79.02 -141.35
C LEU L 278 37.86 -78.15 -142.37
N SER L 279 37.91 -78.58 -143.62
CA SER L 279 38.47 -77.73 -144.67
C SER L 279 37.69 -76.42 -144.79
N VAL L 280 36.39 -76.53 -145.10
CA VAL L 280 35.58 -75.33 -145.30
C VAL L 280 35.39 -74.59 -143.98
N THR L 281 35.29 -75.33 -142.86
CA THR L 281 35.19 -74.66 -141.57
C THR L 281 36.45 -73.85 -141.29
N PHE L 282 37.62 -74.40 -141.61
CA PHE L 282 38.88 -73.72 -141.34
C PHE L 282 39.04 -72.50 -142.24
N TYR L 283 38.57 -72.59 -143.48
CA TYR L 283 38.68 -71.42 -144.36
C TYR L 283 37.73 -70.30 -143.92
N GLU L 284 36.51 -70.66 -143.51
CA GLU L 284 35.60 -69.66 -142.98
C GLU L 284 36.15 -69.02 -141.72
N MET L 285 36.74 -69.82 -140.82
CA MET L 285 37.36 -69.25 -139.64
C MET L 285 38.60 -68.44 -139.97
N ARG L 286 39.29 -68.75 -141.08
CA ARG L 286 40.40 -67.92 -141.53
C ARG L 286 39.91 -66.53 -141.89
N GLY L 287 38.88 -66.46 -142.74
CA GLY L 287 38.29 -65.17 -143.08
C GLY L 287 37.80 -64.41 -141.85
N HIS L 288 37.11 -65.10 -140.95
CA HIS L 288 36.62 -64.44 -139.75
C HIS L 288 37.76 -64.01 -138.83
N TYR L 289 38.86 -64.75 -138.82
CA TYR L 289 40.02 -64.36 -138.05
C TYR L 289 40.61 -63.06 -138.56
N TYR L 290 40.74 -62.94 -139.89
CA TYR L 290 41.22 -61.68 -140.45
C TYR L 290 40.25 -60.55 -140.14
N MET L 291 38.95 -60.84 -140.17
CA MET L 291 37.96 -59.82 -139.82
C MET L 291 38.13 -59.34 -138.38
N HIS L 292 38.24 -60.28 -137.45
CA HIS L 292 38.42 -59.92 -136.04
C HIS L 292 39.73 -59.16 -135.82
N ALA L 293 40.79 -59.52 -136.55
CA ALA L 293 42.05 -58.78 -136.44
C ALA L 293 41.87 -57.34 -136.89
N GLY L 294 41.17 -57.13 -138.01
CA GLY L 294 40.87 -55.77 -138.43
C GLY L 294 40.08 -55.00 -137.40
N THR L 295 39.06 -55.65 -136.81
CA THR L 295 38.29 -55.00 -135.76
C THR L 295 39.17 -54.61 -134.58
N LEU L 296 40.11 -55.49 -134.18
CA LEU L 296 40.97 -55.14 -133.06
C LEU L 296 41.88 -53.98 -133.40
N LEU L 297 42.38 -53.93 -134.63
CA LEU L 297 43.22 -52.78 -135.00
C LEU L 297 42.43 -51.47 -134.91
N LEU L 298 41.21 -51.45 -135.46
CA LEU L 298 40.37 -50.26 -135.36
C LEU L 298 40.11 -49.89 -133.90
N LYS L 299 39.75 -50.87 -133.08
CA LYS L 299 39.41 -50.59 -131.69
C LYS L 299 40.63 -50.11 -130.91
N MET L 300 41.81 -50.65 -131.19
CA MET L 300 43.02 -50.15 -130.54
C MET L 300 43.23 -48.68 -130.88
N ALA L 301 43.09 -48.33 -132.16
CA ALA L 301 43.28 -46.94 -132.55
C ALA L 301 42.30 -46.03 -131.80
N GLN L 302 41.01 -46.39 -131.81
CA GLN L 302 39.99 -45.52 -131.20
C GLN L 302 40.16 -45.45 -129.69
N SER L 303 40.46 -46.57 -129.05
CA SER L 303 40.68 -46.57 -127.60
C SER L 303 41.86 -45.69 -127.23
N CYS L 304 42.99 -45.84 -127.93
CA CYS L 304 44.14 -45.03 -127.59
C CYS L 304 43.83 -43.55 -127.79
N GLU L 305 43.70 -43.10 -129.05
CA GLU L 305 43.27 -41.73 -129.29
C GLU L 305 42.10 -41.66 -130.27
N VAL L 306 42.29 -42.18 -131.48
CA VAL L 306 41.33 -42.03 -132.56
C VAL L 306 41.80 -42.97 -133.66
N GLN L 307 40.89 -43.32 -134.58
CA GLN L 307 41.31 -44.16 -135.70
C GLN L 307 42.48 -43.48 -136.40
N TRP L 308 43.68 -44.05 -136.25
CA TRP L 308 44.90 -43.40 -136.71
C TRP L 308 45.09 -43.65 -138.20
N LYS L 309 46.11 -43.01 -138.78
CA LYS L 309 46.57 -43.28 -140.13
C LYS L 309 47.49 -44.48 -140.20
N ALA L 310 47.80 -45.11 -139.06
CA ALA L 310 48.78 -46.18 -138.98
C ALA L 310 48.17 -47.53 -138.58
N LEU L 311 46.87 -47.59 -138.30
CA LEU L 311 46.22 -48.84 -137.92
C LEU L 311 45.01 -49.13 -138.80
N ILE L 312 44.84 -48.40 -139.89
CA ILE L 312 43.77 -48.68 -140.84
C ILE L 312 44.27 -49.42 -142.08
N GLU L 313 45.55 -49.26 -142.44
CA GLU L 313 46.06 -49.93 -143.63
C GLU L 313 46.12 -51.45 -143.44
N PRO L 314 46.85 -51.98 -142.46
CA PRO L 314 46.76 -53.44 -142.23
C PRO L 314 45.35 -53.88 -141.89
N ALA L 315 44.51 -52.96 -141.43
CA ALA L 315 43.10 -53.29 -141.20
C ALA L 315 42.36 -53.44 -142.53
N ALA L 316 42.68 -52.60 -143.52
CA ALA L 316 42.14 -52.82 -144.86
C ALA L 316 42.64 -54.14 -145.42
N LEU L 317 43.91 -54.49 -145.16
CA LEU L 317 44.41 -55.80 -145.55
C LEU L 317 43.64 -56.92 -144.85
N CYS L 318 43.31 -56.72 -143.57
CA CYS L 318 42.55 -57.72 -142.82
C CYS L 318 41.16 -57.93 -143.40
N TYR L 319 40.46 -56.83 -143.70
CA TYR L 319 39.10 -56.95 -144.23
C TYR L 319 39.10 -57.48 -145.66
N LEU L 320 40.15 -57.16 -146.43
CA LEU L 320 40.28 -57.73 -147.77
C LEU L 320 40.62 -59.20 -147.71
N LEU L 321 41.43 -59.62 -146.74
CA LEU L 321 41.78 -61.01 -146.49
C LEU L 321 40.62 -61.78 -145.89
N ALA L 322 39.50 -61.13 -145.67
CA ALA L 322 38.26 -61.78 -145.30
C ALA L 322 37.26 -61.80 -146.43
N TYR L 323 37.14 -60.72 -147.19
CA TYR L 323 36.23 -60.72 -148.33
C TYR L 323 36.73 -61.64 -149.43
N GLN L 324 38.04 -61.68 -149.68
CA GLN L 324 38.61 -62.36 -150.83
C GLN L 324 38.88 -63.84 -150.58
N VAL L 325 38.19 -64.45 -149.62
CA VAL L 325 38.25 -65.90 -149.44
C VAL L 325 36.98 -66.48 -150.06
N PRO L 326 37.02 -67.68 -150.65
CA PRO L 326 35.90 -68.14 -151.47
C PRO L 326 34.70 -68.53 -150.62
N LYS L 327 33.51 -68.39 -151.21
CA LYS L 327 32.27 -68.76 -150.55
C LYS L 327 32.19 -70.26 -150.34
N PRO L 328 32.05 -70.74 -149.10
CA PRO L 328 31.92 -72.18 -148.88
C PRO L 328 30.59 -72.69 -149.43
N LYS L 329 30.65 -73.50 -150.48
CA LYS L 329 29.45 -73.98 -151.13
C LYS L 329 29.63 -75.49 -151.39
N GLN L 340 25.33 -76.65 -143.47
CA GLN L 340 26.14 -75.64 -144.17
C GLN L 340 25.46 -74.28 -144.17
N GLY L 341 24.20 -74.20 -143.69
CA GLY L 341 23.55 -72.91 -143.58
C GLY L 341 24.28 -71.97 -142.65
N PHE L 342 24.80 -72.50 -141.53
CA PHE L 342 25.60 -71.69 -140.61
C PHE L 342 26.80 -71.08 -141.34
N LEU L 343 27.56 -71.92 -142.05
CA LEU L 343 28.75 -71.44 -142.74
C LEU L 343 28.41 -70.44 -143.84
N GLU L 344 27.32 -70.71 -144.58
CA GLU L 344 26.90 -69.80 -145.64
C GLU L 344 26.53 -68.44 -145.07
N GLU L 345 25.79 -68.43 -143.95
CA GLU L 345 25.38 -67.16 -143.38
C GLU L 345 26.55 -66.42 -142.73
N LEU L 346 27.50 -67.16 -142.14
CA LEU L 346 28.70 -66.50 -141.63
C LEU L 346 29.50 -65.86 -142.77
N ALA L 347 29.65 -66.56 -143.89
CA ALA L 347 30.34 -65.97 -145.02
C ALA L 347 29.59 -64.76 -145.56
N PHE L 348 28.26 -64.86 -145.62
CA PHE L 348 27.44 -63.72 -146.03
C PHE L 348 27.73 -62.49 -145.17
N ASP L 349 27.56 -62.64 -143.85
CA ASP L 349 27.78 -61.52 -142.94
C ASP L 349 29.19 -60.97 -143.05
N ARG L 350 30.18 -61.87 -143.06
CA ARG L 350 31.57 -61.45 -143.08
C ARG L 350 31.91 -60.69 -144.36
N GLN L 351 31.49 -61.20 -145.52
CA GLN L 351 31.78 -60.51 -146.78
C GLN L 351 31.02 -59.19 -146.87
N SER L 352 29.78 -59.16 -146.40
CA SER L 352 29.03 -57.90 -146.41
C SER L 352 29.74 -56.83 -145.61
N LYS L 353 30.09 -57.14 -144.37
CA LYS L 353 30.77 -56.18 -143.50
C LYS L 353 32.13 -55.80 -144.05
N SER L 354 32.90 -56.80 -144.51
CA SER L 354 34.22 -56.52 -145.08
C SER L 354 34.12 -55.63 -146.30
N GLY L 355 33.08 -55.79 -147.11
CA GLY L 355 32.93 -54.93 -148.28
C GLY L 355 32.56 -53.51 -147.90
N HIS L 356 31.61 -53.36 -146.96
CA HIS L 356 31.31 -52.02 -146.47
C HIS L 356 32.56 -51.33 -145.95
N LEU L 357 33.36 -52.04 -145.15
CA LEU L 357 34.55 -51.44 -144.57
C LEU L 357 35.67 -51.24 -145.58
N LEU L 358 35.78 -52.08 -146.61
CA LEU L 358 36.81 -51.91 -147.62
C LEU L 358 36.47 -50.80 -148.59
N LEU L 359 35.19 -50.39 -148.65
CA LEU L 359 34.86 -49.21 -149.45
C LEU L 359 34.89 -47.95 -148.60
N THR L 360 34.58 -48.04 -147.30
CA THR L 360 34.63 -46.82 -146.48
C THR L 360 36.06 -46.48 -146.07
N LEU L 361 36.95 -47.47 -145.92
CA LEU L 361 38.33 -47.16 -145.54
C LEU L 361 39.06 -46.42 -146.66
N SER L 362 38.78 -46.78 -147.91
CA SER L 362 39.23 -46.03 -149.07
C SER L 362 38.07 -45.90 -150.05
N HIS L 363 37.23 -44.87 -149.85
CA HIS L 363 36.34 -44.44 -150.93
C HIS L 363 37.13 -44.08 -152.17
N GLY L 364 38.23 -43.34 -152.00
CA GLY L 364 39.11 -43.06 -153.11
C GLY L 364 40.00 -44.24 -153.45
N LYS L 365 40.35 -44.34 -154.73
CA LYS L 365 41.17 -45.45 -155.21
C LYS L 365 42.63 -45.24 -154.84
N GLN L 366 43.52 -46.03 -155.43
CA GLN L 366 44.97 -45.91 -155.22
C GLN L 366 45.34 -46.26 -153.78
N ASN L 367 44.56 -47.14 -153.15
CA ASN L 367 44.86 -47.67 -151.82
C ASN L 367 45.00 -49.18 -151.80
N PHE L 368 44.09 -49.89 -152.50
CA PHE L 368 44.13 -51.35 -152.49
C PHE L 368 45.47 -51.87 -152.99
N ILE L 369 45.93 -51.39 -154.15
CA ILE L 369 47.15 -51.91 -154.76
C ILE L 369 48.36 -51.51 -153.93
N SER L 370 48.36 -50.29 -153.40
CA SER L 370 49.50 -49.83 -152.59
C SER L 370 49.60 -50.64 -151.31
N GLU L 371 48.47 -50.89 -150.65
CA GLU L 371 48.44 -51.75 -149.47
C GLU L 371 48.96 -53.14 -149.78
N ILE L 372 48.48 -53.73 -150.87
CA ILE L 372 48.90 -55.07 -151.24
C ILE L 372 50.41 -55.11 -151.49
N ILE L 373 50.95 -54.12 -152.19
CA ILE L 373 52.35 -54.19 -152.56
C ILE L 373 53.28 -53.76 -151.43
N GLU L 374 52.77 -53.08 -150.40
CA GLU L 374 53.65 -52.57 -149.35
C GLU L 374 53.47 -53.31 -148.03
N THR L 375 52.25 -53.39 -147.49
CA THR L 375 52.10 -53.85 -146.12
C THR L 375 52.13 -55.37 -145.98
N PHE L 376 52.25 -56.11 -147.08
CA PHE L 376 52.36 -57.57 -147.06
C PHE L 376 53.66 -57.98 -147.71
N ALA L 377 54.33 -58.98 -147.13
CA ALA L 377 55.56 -59.52 -147.68
C ALA L 377 55.77 -60.92 -147.12
N ASN L 378 56.96 -61.49 -147.36
CA ASN L 378 57.28 -62.81 -146.86
C ASN L 378 57.21 -62.86 -145.34
N GLN L 379 58.05 -62.06 -144.67
CA GLN L 379 58.10 -62.03 -143.21
C GLN L 379 57.82 -60.66 -142.62
N CYS L 380 58.17 -59.58 -143.33
CA CYS L 380 58.11 -58.24 -142.75
C CYS L 380 56.67 -57.80 -142.51
N GLY L 381 55.82 -57.90 -143.53
CA GLY L 381 54.45 -57.44 -143.37
C GLY L 381 53.71 -58.22 -142.30
N GLN L 382 53.87 -59.54 -142.29
CA GLN L 382 53.24 -60.36 -141.27
C GLN L 382 53.84 -60.12 -139.90
N SER L 383 55.12 -59.75 -139.79
CA SER L 383 55.70 -59.50 -138.48
C SER L 383 55.22 -58.17 -137.91
N ILE L 384 55.14 -57.13 -138.75
CA ILE L 384 54.53 -55.88 -138.30
C ILE L 384 53.04 -56.04 -138.04
N LEU L 385 52.37 -56.96 -138.72
CA LEU L 385 50.98 -57.25 -138.41
C LEU L 385 50.82 -58.04 -137.13
N LEU L 386 51.80 -58.86 -136.77
CA LEU L 386 51.71 -59.76 -135.64
C LEU L 386 52.15 -59.11 -134.33
N LYS L 387 53.19 -58.29 -134.37
CA LYS L 387 53.60 -57.58 -133.16
C LYS L 387 52.49 -56.67 -132.66
N PHE L 388 51.75 -56.05 -133.59
CA PHE L 388 50.62 -55.20 -133.21
C PHE L 388 49.52 -55.99 -132.51
N LEU L 389 49.26 -57.22 -132.98
CA LEU L 389 48.21 -58.02 -132.36
C LEU L 389 48.64 -58.58 -131.03
N PHE L 390 49.81 -59.23 -130.99
CA PHE L 390 50.21 -60.08 -129.87
C PHE L 390 51.61 -59.64 -129.45
N GLU L 391 51.70 -58.74 -128.46
CA GLU L 391 52.95 -58.05 -128.17
C GLU L 391 53.91 -58.98 -127.45
N ASP L 392 54.87 -59.52 -128.18
CA ASP L 392 55.99 -60.29 -127.62
C ASP L 392 55.54 -61.47 -126.79
N ASN L 393 54.34 -61.98 -127.05
CA ASN L 393 53.80 -63.14 -126.36
C ASN L 393 53.63 -64.34 -127.28
N LEU L 394 53.74 -64.14 -128.59
CA LEU L 394 53.64 -65.22 -129.55
C LEU L 394 54.73 -65.05 -130.59
N SER L 395 55.65 -66.00 -130.62
CA SER L 395 56.80 -65.90 -131.52
C SER L 395 56.34 -65.95 -132.97
N MET L 396 57.22 -65.50 -133.86
CA MET L 396 56.86 -65.39 -135.27
C MET L 396 56.81 -66.76 -135.95
N GLN L 397 57.92 -67.50 -135.90
CA GLN L 397 58.02 -68.74 -136.68
C GLN L 397 56.93 -69.73 -136.31
N ASP L 398 56.75 -69.99 -135.03
CA ASP L 398 55.76 -70.93 -134.55
C ASP L 398 54.56 -70.19 -133.99
N SER L 399 53.45 -70.89 -133.81
CA SER L 399 52.32 -70.42 -133.01
C SER L 399 51.79 -69.07 -133.49
N PHE L 400 51.90 -68.81 -134.79
CA PHE L 400 51.62 -67.48 -135.31
C PHE L 400 51.05 -67.62 -136.72
N MET L 401 50.89 -66.47 -137.39
CA MET L 401 50.33 -66.37 -138.73
C MET L 401 51.37 -66.50 -139.83
N GLY L 402 52.64 -66.71 -139.50
CA GLY L 402 53.63 -66.95 -140.52
C GLY L 402 53.37 -68.22 -141.32
N SER L 403 52.59 -69.13 -140.74
CA SER L 403 52.29 -70.41 -141.39
C SER L 403 51.30 -70.27 -142.55
N ASP L 404 50.29 -69.41 -142.41
CA ASP L 404 49.25 -69.28 -143.42
C ASP L 404 49.65 -68.24 -144.46
N ASP L 405 49.37 -68.51 -145.73
CA ASP L 405 49.89 -67.73 -146.83
C ASP L 405 48.89 -66.66 -147.27
N ILE L 406 49.42 -65.57 -147.82
CA ILE L 406 48.62 -64.47 -148.32
C ILE L 406 48.93 -64.12 -149.77
N SER L 407 50.10 -64.51 -150.29
CA SER L 407 50.56 -64.10 -151.62
C SER L 407 49.61 -64.49 -152.74
N TYR L 408 48.55 -65.24 -152.45
CA TYR L 408 47.56 -65.60 -153.46
C TYR L 408 46.61 -64.45 -153.79
N VAL L 409 46.52 -63.43 -152.94
CA VAL L 409 45.48 -62.41 -153.02
C VAL L 409 45.90 -61.36 -154.04
N GLU L 410 44.92 -60.68 -154.62
CA GLU L 410 45.15 -59.68 -155.66
C GLU L 410 44.21 -58.50 -155.45
N ASN L 411 44.10 -57.66 -156.48
CA ASN L 411 43.25 -56.48 -156.42
C ASN L 411 41.83 -56.83 -156.85
N ARG L 412 40.87 -56.68 -155.92
CA ARG L 412 39.47 -56.91 -156.25
C ARG L 412 38.62 -56.08 -155.29
N VAL L 413 38.07 -54.99 -155.79
CA VAL L 413 37.19 -54.15 -154.98
C VAL L 413 35.81 -54.79 -154.90
N PRO L 414 35.16 -54.79 -153.74
CA PRO L 414 33.79 -55.32 -153.66
C PRO L 414 32.84 -54.56 -154.58
N ASP L 415 32.08 -55.31 -155.36
CA ASP L 415 31.18 -54.74 -156.35
C ASP L 415 29.91 -54.22 -155.69
N LEU L 416 29.24 -53.28 -156.36
CA LEU L 416 28.04 -52.67 -155.79
C LEU L 416 26.83 -53.59 -155.83
N SER L 417 26.79 -54.57 -156.73
CA SER L 417 25.68 -55.53 -156.75
C SER L 417 25.97 -56.72 -155.85
N GLU L 418 27.23 -57.18 -155.85
CA GLU L 418 27.65 -58.15 -154.84
C GLU L 418 27.37 -57.63 -153.45
N LEU L 419 27.65 -56.34 -153.20
CA LEU L 419 27.43 -55.79 -151.87
C LEU L 419 25.95 -55.75 -151.53
N SER L 420 25.10 -55.43 -152.51
CA SER L 420 23.66 -55.45 -152.26
C SER L 420 23.20 -56.85 -151.89
N GLN L 421 23.64 -57.85 -152.65
CA GLN L 421 23.20 -59.22 -152.38
C GLN L 421 23.76 -59.73 -151.05
N HIS L 422 25.00 -59.37 -150.72
CA HIS L 422 25.55 -59.81 -149.45
C HIS L 422 24.95 -59.05 -148.27
N ASP L 423 24.50 -57.82 -148.47
CA ASP L 423 23.73 -57.15 -147.41
C ASP L 423 22.39 -57.85 -147.21
N ASN L 424 21.74 -58.22 -148.31
CA ASN L 424 20.49 -58.99 -148.21
C ASN L 424 20.72 -60.33 -147.51
N GLY L 425 21.90 -60.92 -147.69
CA GLY L 425 22.23 -62.18 -147.04
C GLY L 425 22.58 -62.04 -145.57
N SER L 426 23.28 -60.95 -145.23
CA SER L 426 23.59 -60.65 -143.84
C SER L 426 22.37 -60.16 -143.08
N LEU L 427 21.31 -59.76 -143.78
CA LEU L 427 20.03 -59.45 -143.12
C LEU L 427 19.39 -60.67 -142.46
N ARG L 428 20.03 -61.85 -142.45
CA ARG L 428 19.39 -63.06 -141.97
C ARG L 428 19.73 -63.39 -140.51
N ILE L 429 20.84 -62.89 -139.98
CA ILE L 429 21.32 -63.29 -138.66
C ILE L 429 21.34 -62.13 -137.68
N HIS L 430 20.80 -60.98 -138.05
CA HIS L 430 20.57 -59.85 -137.14
C HIS L 430 19.17 -59.31 -137.34
N ASN L 431 18.20 -60.21 -137.39
CA ASN L 431 16.82 -59.89 -137.78
C ASN L 431 16.21 -58.81 -136.89
N GLY L 432 15.86 -57.69 -137.50
CA GLY L 432 15.11 -56.63 -136.82
C GLY L 432 15.92 -55.86 -135.79
N ASP L 433 17.23 -55.82 -135.96
CA ASP L 433 18.09 -55.00 -135.11
C ASP L 433 18.06 -53.58 -135.68
N LEU L 434 17.51 -52.65 -134.91
CA LEU L 434 17.55 -51.24 -135.33
C LEU L 434 18.99 -50.79 -135.52
N GLN L 435 19.90 -51.29 -134.68
CA GLN L 435 21.31 -50.93 -134.82
C GLN L 435 21.86 -51.39 -136.15
N HIS L 436 21.60 -52.65 -136.52
CA HIS L 436 22.10 -53.19 -137.78
C HIS L 436 21.46 -52.48 -138.98
N LEU L 437 20.15 -52.21 -138.91
CA LEU L 437 19.47 -51.54 -140.02
C LEU L 437 20.01 -50.14 -140.22
N THR L 438 20.12 -49.36 -139.13
CA THR L 438 20.65 -48.00 -139.27
C THR L 438 22.12 -48.01 -139.65
N TRP L 439 22.87 -49.02 -139.23
CA TRP L 439 24.26 -49.16 -139.64
C TRP L 439 24.37 -49.36 -141.15
N LEU L 440 23.63 -50.32 -141.69
CA LEU L 440 23.68 -50.55 -143.13
C LEU L 440 23.12 -49.35 -143.90
N GLY L 441 22.06 -48.73 -143.40
CA GLY L 441 21.52 -47.55 -144.06
C GLY L 441 22.52 -46.41 -144.13
N LEU L 442 23.20 -46.13 -143.01
CA LEU L 442 24.20 -45.07 -143.00
C LEU L 442 25.39 -45.42 -143.88
N GLN L 443 25.78 -46.69 -143.93
CA GLN L 443 26.90 -47.06 -144.79
C GLN L 443 26.55 -46.88 -146.27
N TRP L 444 25.36 -47.33 -146.68
CA TRP L 444 24.95 -47.10 -148.06
C TRP L 444 24.81 -45.60 -148.33
N HIS L 445 24.34 -44.84 -147.34
CA HIS L 445 24.28 -43.38 -147.47
C HIS L 445 25.68 -42.80 -147.67
N PHE L 446 26.68 -43.36 -147.00
CA PHE L 446 28.06 -42.96 -147.23
C PHE L 446 28.49 -43.27 -148.65
N LEU L 447 28.00 -44.37 -149.21
CA LEU L 447 28.23 -44.69 -150.61
C LEU L 447 27.49 -43.76 -151.56
N SER L 448 26.90 -42.68 -151.05
CA SER L 448 26.25 -41.63 -151.86
C SER L 448 25.01 -42.14 -152.57
N THR L 449 24.48 -43.28 -152.13
CA THR L 449 23.31 -43.89 -152.76
C THR L 449 22.32 -44.31 -151.68
N LEU L 450 21.05 -44.04 -151.91
CA LEU L 450 20.03 -44.51 -151.00
C LEU L 450 19.97 -46.03 -151.06
N PRO L 451 19.86 -46.69 -149.91
CA PRO L 451 19.96 -48.15 -149.87
C PRO L 451 18.70 -48.80 -150.42
N PRO L 452 18.79 -50.05 -150.88
CA PRO L 452 17.57 -50.80 -151.25
C PRO L 452 16.77 -51.21 -150.02
N LEU L 453 16.12 -50.22 -149.40
CA LEU L 453 15.36 -50.50 -148.18
C LEU L 453 14.21 -51.45 -148.45
N ARG L 454 13.62 -51.40 -149.64
CA ARG L 454 12.44 -52.21 -149.91
C ARG L 454 12.79 -53.69 -149.96
N LYS L 455 13.98 -54.02 -150.48
CA LYS L 455 14.42 -55.42 -150.48
C LYS L 455 14.64 -55.93 -149.07
N TRP L 456 15.36 -55.15 -148.25
CA TRP L 456 15.59 -55.56 -146.87
C TRP L 456 14.28 -55.71 -146.11
N LEU L 457 13.32 -54.83 -146.38
CA LEU L 457 12.06 -54.87 -145.62
C LEU L 457 11.16 -55.99 -146.11
N LYS L 458 11.16 -56.28 -147.40
CA LYS L 458 10.39 -57.43 -147.88
C LYS L 458 11.08 -58.73 -147.53
N GLN L 459 12.34 -58.67 -147.08
CA GLN L 459 12.94 -59.82 -146.42
C GLN L 459 12.49 -59.92 -144.95
N ILE L 460 12.73 -58.86 -144.17
CA ILE L 460 12.42 -58.89 -142.74
C ILE L 460 10.94 -59.14 -142.51
N PHE L 461 10.10 -58.20 -142.93
CA PHE L 461 8.67 -58.33 -142.75
C PHE L 461 8.04 -58.72 -144.07
N PRO L 462 7.63 -59.97 -144.24
CA PRO L 462 7.07 -60.39 -145.53
C PRO L 462 5.66 -59.88 -145.79
N ARG L 463 4.81 -59.90 -144.75
CA ARG L 463 3.38 -59.72 -144.95
C ARG L 463 2.89 -58.28 -144.77
N VAL L 464 3.74 -57.37 -144.30
CA VAL L 464 3.31 -55.98 -144.11
C VAL L 464 2.85 -55.41 -145.45
N PRO L 465 1.67 -54.81 -145.52
CA PRO L 465 1.17 -54.27 -146.78
C PRO L 465 2.09 -53.19 -147.33
N GLN L 466 2.04 -53.00 -148.64
CA GLN L 466 2.85 -51.99 -149.29
C GLN L 466 2.27 -50.59 -149.13
N GLU L 467 0.98 -50.47 -148.87
CA GLU L 467 0.31 -49.17 -148.77
C GLU L 467 -0.90 -49.29 -147.85
N THR L 468 -1.59 -48.17 -147.67
CA THR L 468 -2.86 -48.10 -146.97
C THR L 468 -3.87 -47.37 -147.84
N SER L 469 -5.15 -47.65 -147.60
CA SER L 469 -6.20 -47.04 -148.41
C SER L 469 -6.29 -45.54 -148.17
N ARG L 470 -6.35 -45.13 -146.90
CA ARG L 470 -6.53 -43.74 -146.53
C ARG L 470 -5.40 -43.29 -145.62
N LEU L 471 -4.74 -42.20 -146.01
CA LEU L 471 -3.67 -41.62 -145.21
C LEU L 471 -4.18 -40.56 -144.26
N GLU L 472 -5.48 -40.34 -144.20
CA GLU L 472 -6.10 -39.38 -143.30
C GLU L 472 -6.52 -40.00 -141.98
N SER L 473 -6.19 -41.26 -141.73
CA SER L 473 -6.61 -41.98 -140.54
C SER L 473 -5.39 -42.34 -139.69
N ASN L 474 -5.48 -42.10 -138.38
CA ASN L 474 -4.44 -42.49 -137.44
C ASN L 474 -4.84 -43.85 -136.87
N ILE L 475 -4.64 -44.89 -137.67
CA ILE L 475 -5.04 -46.24 -137.33
C ILE L 475 -3.77 -47.09 -137.18
N PRO L 476 -3.61 -47.83 -136.09
CA PRO L 476 -2.32 -48.49 -135.85
C PRO L 476 -2.16 -49.82 -136.56
N GLU L 477 -3.25 -50.57 -136.78
CA GLU L 477 -3.18 -51.97 -137.19
C GLU L 477 -3.05 -52.15 -138.70
N SER L 478 -2.60 -51.11 -139.42
CA SER L 478 -2.45 -51.18 -140.88
C SER L 478 -1.11 -50.59 -141.29
N ILE L 479 -0.04 -51.01 -140.62
CA ILE L 479 1.29 -50.48 -140.90
C ILE L 479 1.67 -50.78 -142.35
N CYS L 480 1.94 -49.73 -143.11
CA CYS L 480 2.30 -49.86 -144.51
C CYS L 480 3.82 -49.82 -144.66
N LEU L 481 4.31 -50.48 -145.72
CA LEU L 481 5.75 -50.57 -145.95
C LEU L 481 6.39 -49.21 -146.05
N LEU L 482 5.68 -48.24 -146.62
CA LEU L 482 6.25 -46.90 -146.77
C LEU L 482 6.38 -46.19 -145.43
N ASP L 483 5.48 -46.44 -144.48
CA ASP L 483 5.62 -45.81 -143.17
C ASP L 483 6.94 -46.21 -142.52
N LEU L 484 7.25 -47.50 -142.52
CA LEU L 484 8.47 -47.95 -141.85
C LEU L 484 9.72 -47.64 -142.69
N GLU L 485 9.60 -47.62 -144.01
CA GLU L 485 10.75 -47.21 -144.83
C GLU L 485 11.05 -45.73 -144.64
N VAL L 486 10.00 -44.91 -144.52
CA VAL L 486 10.17 -43.48 -144.24
C VAL L 486 10.75 -43.27 -142.85
N PHE L 487 10.31 -44.08 -141.88
CA PHE L 487 10.92 -44.04 -140.55
C PHE L 487 12.40 -44.38 -140.62
N LEU L 488 12.75 -45.43 -141.36
CA LEU L 488 14.15 -45.79 -141.56
C LEU L 488 14.93 -44.63 -142.17
N LEU L 489 14.41 -44.03 -143.23
CA LEU L 489 15.11 -42.93 -143.89
C LEU L 489 15.33 -41.75 -142.95
N ALA L 490 14.27 -41.36 -142.23
CA ALA L 490 14.39 -40.21 -141.33
C ALA L 490 15.38 -40.49 -140.20
N VAL L 491 15.33 -41.70 -139.63
CA VAL L 491 16.30 -42.05 -138.59
C VAL L 491 17.72 -42.04 -139.17
N VAL L 492 17.88 -42.51 -140.41
CA VAL L 492 19.18 -42.52 -141.05
C VAL L 492 19.74 -41.11 -141.16
N GLN L 493 18.92 -40.18 -141.67
CA GLN L 493 19.42 -38.81 -141.87
C GLN L 493 19.65 -38.09 -140.54
N THR L 494 18.82 -38.38 -139.53
CA THR L 494 19.04 -37.75 -138.22
C THR L 494 20.34 -38.24 -137.59
N SER L 495 20.58 -39.55 -137.62
CA SER L 495 21.85 -40.07 -137.11
C SER L 495 23.02 -39.53 -137.92
N TYR L 496 22.84 -39.34 -139.23
CA TYR L 496 23.90 -38.75 -140.05
C TYR L 496 24.24 -37.36 -139.57
N LEU L 497 23.22 -36.52 -139.38
CA LEU L 497 23.49 -35.14 -138.92
C LEU L 497 24.11 -35.15 -137.53
N GLN L 498 23.66 -36.05 -136.65
CA GLN L 498 24.21 -36.06 -135.30
C GLN L 498 25.67 -36.51 -135.29
N LEU L 499 26.00 -37.53 -136.10
CA LEU L 499 27.39 -37.97 -136.18
C LEU L 499 28.27 -36.90 -136.82
N GLN L 500 27.75 -36.19 -137.82
CA GLN L 500 28.49 -35.07 -138.40
C GLN L 500 28.73 -33.97 -137.38
N ASP L 501 27.75 -33.69 -136.53
CA ASP L 501 27.86 -32.68 -135.50
C ASP L 501 28.69 -33.15 -134.31
N ASN L 509 39.04 -39.27 -137.81
CA ASN L 509 38.35 -40.54 -137.95
C ASN L 509 38.15 -40.89 -139.43
N ARG L 510 38.96 -41.81 -139.93
CA ARG L 510 38.94 -42.16 -141.35
C ARG L 510 37.73 -43.07 -141.64
N PRO L 511 37.44 -44.07 -140.81
CA PRO L 511 36.12 -44.73 -140.91
C PRO L 511 35.07 -43.89 -140.19
N ARG L 512 34.03 -43.48 -140.93
CA ARG L 512 32.99 -42.64 -140.35
C ARG L 512 31.95 -43.47 -139.61
N CYS L 513 31.81 -44.76 -139.94
CA CYS L 513 30.71 -45.57 -139.44
C CYS L 513 31.05 -46.40 -138.22
N LEU L 514 32.34 -46.67 -137.96
CA LEU L 514 32.75 -47.40 -136.76
C LEU L 514 32.03 -48.74 -136.65
N PRO L 515 32.47 -49.78 -137.37
CA PRO L 515 31.67 -50.99 -137.58
C PRO L 515 30.93 -51.55 -136.36
N LEU L 516 29.83 -52.26 -136.66
CA LEU L 516 28.74 -52.68 -135.77
C LEU L 516 29.14 -53.03 -134.34
N PRO L 517 30.14 -53.88 -134.10
CA PRO L 517 30.44 -54.24 -132.71
C PRO L 517 31.04 -53.11 -131.89
N ILE L 518 31.84 -52.23 -132.50
CA ILE L 518 32.66 -51.32 -131.69
C ILE L 518 31.92 -50.03 -131.33
N CYS L 519 30.96 -49.60 -132.14
CA CYS L 519 30.45 -48.23 -132.02
C CYS L 519 29.39 -48.12 -130.92
N LYS L 520 28.85 -46.90 -130.82
CA LYS L 520 27.82 -46.56 -129.86
C LYS L 520 26.44 -46.81 -130.47
N GLN L 521 25.40 -46.30 -129.81
CA GLN L 521 24.06 -46.34 -130.37
C GLN L 521 23.95 -45.31 -131.50
N LEU L 522 23.23 -45.67 -132.56
CA LEU L 522 23.08 -44.81 -133.72
C LEU L 522 21.76 -44.04 -133.72
N PHE L 523 20.70 -44.64 -133.21
CA PHE L 523 19.37 -44.05 -133.16
C PHE L 523 19.11 -43.44 -131.79
N THR L 524 18.08 -42.61 -131.70
CA THR L 524 17.71 -41.99 -130.44
C THR L 524 16.72 -42.89 -129.69
N ASP L 525 16.47 -42.55 -128.42
CA ASP L 525 15.64 -43.39 -127.56
C ASP L 525 14.20 -43.41 -128.02
N ARG L 526 13.68 -42.28 -128.49
CA ARG L 526 12.30 -42.23 -128.97
C ARG L 526 12.11 -43.20 -130.14
N GLN L 527 13.02 -43.17 -131.12
CA GLN L 527 12.89 -44.04 -132.27
C GLN L 527 13.15 -45.50 -131.92
N ARG L 528 14.09 -45.75 -131.00
CA ARG L 528 14.27 -47.11 -130.50
C ARG L 528 12.97 -47.65 -129.90
N SER L 529 12.32 -46.84 -129.06
CA SER L 529 11.07 -47.25 -128.43
C SER L 529 9.99 -47.53 -129.46
N TRP L 530 9.85 -46.64 -130.44
CA TRP L 530 8.84 -46.87 -131.48
C TRP L 530 9.16 -48.13 -132.28
N TRP L 531 10.44 -48.39 -132.54
CA TRP L 531 10.79 -49.58 -133.30
C TRP L 531 10.46 -50.84 -132.51
N ASP L 532 10.79 -50.85 -131.22
CA ASP L 532 10.42 -51.99 -130.39
C ASP L 532 8.91 -52.21 -130.42
N ALA L 533 8.14 -51.13 -130.29
CA ALA L 533 6.70 -51.26 -130.22
C ALA L 533 6.10 -51.75 -131.54
N VAL L 534 6.57 -51.23 -132.67
CA VAL L 534 6.00 -51.62 -133.96
C VAL L 534 6.45 -53.03 -134.34
N TYR L 535 7.70 -53.39 -134.02
CA TYR L 535 8.15 -54.76 -134.24
C TYR L 535 7.31 -55.72 -133.42
N SER L 536 7.06 -55.37 -132.15
CA SER L 536 6.20 -56.18 -131.30
C SER L 536 4.80 -56.29 -131.86
N LEU L 537 4.31 -55.23 -132.51
CA LEU L 537 2.98 -55.28 -133.11
C LEU L 537 2.95 -56.22 -134.31
N ILE L 538 3.89 -56.03 -135.25
CA ILE L 538 3.84 -56.76 -136.51
C ILE L 538 4.15 -58.25 -136.30
N THR L 539 5.23 -58.55 -135.58
CA THR L 539 5.71 -59.93 -135.48
C THR L 539 5.13 -60.65 -134.28
N LYS L 540 3.91 -60.29 -133.87
CA LYS L 540 3.23 -60.96 -132.78
C LYS L 540 3.15 -62.47 -133.03
N ALA L 548 -4.25 -55.24 -124.77
CA ALA L 548 -3.37 -55.01 -123.63
C ALA L 548 -2.00 -54.52 -124.09
N LYS L 549 -1.94 -54.01 -125.32
CA LYS L 549 -0.72 -53.49 -125.91
C LYS L 549 -0.72 -51.98 -125.79
N LEU L 550 0.26 -51.43 -125.08
CA LEU L 550 0.37 -49.99 -124.91
C LEU L 550 0.95 -49.39 -126.19
N ARG L 551 0.08 -48.82 -127.03
CA ARG L 551 0.44 -48.41 -128.38
C ARG L 551 0.41 -46.89 -128.58
N SER L 552 0.56 -46.13 -127.49
CA SER L 552 0.58 -44.67 -127.61
C SER L 552 1.71 -44.21 -128.51
N VAL L 553 2.87 -44.86 -128.44
CA VAL L 553 3.99 -44.48 -129.31
C VAL L 553 3.67 -44.79 -130.77
N ILE L 554 3.04 -45.94 -131.03
CA ILE L 554 2.65 -46.27 -132.41
C ILE L 554 1.72 -45.21 -132.97
N GLN L 555 0.65 -44.89 -132.22
CA GLN L 555 -0.34 -43.95 -132.74
C GLN L 555 0.24 -42.54 -132.90
N HIS L 556 1.02 -42.08 -131.92
CA HIS L 556 1.62 -40.75 -132.02
C HIS L 556 2.59 -40.66 -133.20
N ASP L 557 3.46 -41.66 -133.36
CA ASP L 557 4.43 -41.59 -134.44
C ASP L 557 3.79 -41.85 -135.80
N LEU L 558 2.63 -42.51 -135.86
CA LEU L 558 1.94 -42.59 -137.14
C LEU L 558 1.28 -41.27 -137.49
N THR L 559 0.67 -40.59 -136.50
CA THR L 559 0.26 -39.21 -136.68
C THR L 559 1.41 -38.37 -137.24
N THR L 560 2.61 -38.56 -136.69
CA THR L 560 3.75 -37.77 -137.14
C THR L 560 4.18 -38.16 -138.56
N LEU L 561 4.30 -39.45 -138.83
CA LEU L 561 4.88 -39.92 -140.09
C LEU L 561 3.97 -39.66 -141.28
N ARG L 562 2.66 -39.90 -141.14
CA ARG L 562 1.76 -39.59 -142.24
C ARG L 562 1.53 -38.10 -142.42
N ALA L 563 2.17 -37.26 -141.59
CA ALA L 563 2.01 -35.81 -141.65
C ALA L 563 0.54 -35.42 -141.49
N GLN L 564 -0.03 -35.74 -140.35
CA GLN L 564 -1.45 -35.53 -140.10
C GLN L 564 -1.69 -34.13 -139.55
N GLU L 565 -2.88 -33.91 -138.98
CA GLU L 565 -3.32 -32.64 -138.43
C GLU L 565 -2.20 -31.86 -137.77
N LYS L 566 -1.49 -32.47 -136.82
CA LYS L 566 -0.35 -31.81 -136.18
C LYS L 566 0.83 -32.77 -136.11
N HIS L 567 1.96 -32.34 -136.66
CA HIS L 567 3.20 -33.08 -136.63
C HIS L 567 4.30 -32.21 -136.04
N GLY L 568 5.41 -32.85 -135.67
CA GLY L 568 6.50 -32.14 -135.03
C GLY L 568 7.70 -31.90 -135.93
N LEU L 569 7.80 -32.68 -137.00
CA LEU L 569 8.89 -32.50 -137.95
C LEU L 569 8.62 -31.34 -138.90
N GLN L 570 9.69 -30.77 -139.45
CA GLN L 570 9.65 -29.65 -140.36
C GLN L 570 9.91 -30.08 -141.80
N PRO L 571 9.73 -29.16 -142.79
CA PRO L 571 9.88 -29.52 -144.21
C PRO L 571 11.00 -30.49 -144.58
N ALA L 572 12.25 -30.20 -144.23
CA ALA L 572 13.40 -30.93 -144.77
C ALA L 572 13.22 -32.45 -144.68
N VAL L 573 12.69 -32.94 -143.56
CA VAL L 573 12.46 -34.36 -143.40
C VAL L 573 11.50 -34.87 -144.47
N LEU L 574 10.35 -34.20 -144.61
CA LEU L 574 9.35 -34.59 -145.61
C LEU L 574 9.90 -34.46 -147.02
N VAL L 575 10.75 -33.46 -147.26
CA VAL L 575 11.32 -33.27 -148.60
C VAL L 575 12.24 -34.43 -148.95
N ASN L 576 13.08 -34.85 -148.01
CA ASN L 576 13.95 -36.00 -148.27
C ASN L 576 13.10 -37.26 -148.49
N TRP L 577 12.06 -37.44 -147.66
CA TRP L 577 11.10 -38.52 -147.89
C TRP L 577 10.57 -38.51 -149.32
N ALA L 578 10.04 -37.36 -149.75
CA ALA L 578 9.35 -37.27 -151.04
C ALA L 578 10.32 -37.46 -152.20
N ARG L 579 11.51 -36.89 -152.11
CA ARG L 579 12.52 -37.13 -153.15
C ARG L 579 12.85 -38.62 -153.27
N GLY L 580 13.13 -39.27 -152.14
CA GLY L 580 13.44 -40.68 -152.19
C GLY L 580 12.31 -41.50 -152.76
N LEU L 581 11.08 -41.22 -152.32
CA LEU L 581 9.91 -41.91 -152.85
C LEU L 581 9.80 -41.69 -154.35
N HIS L 582 10.00 -40.46 -154.81
CA HIS L 582 9.87 -40.17 -156.23
C HIS L 582 10.85 -40.99 -157.05
N LYS L 583 12.13 -40.94 -156.67
CA LYS L 583 13.14 -41.66 -157.44
C LYS L 583 12.89 -43.16 -157.39
N THR L 584 12.56 -43.70 -156.22
CA THR L 584 12.34 -45.13 -156.09
C THR L 584 11.15 -45.60 -156.93
N GLY L 585 10.04 -44.86 -156.88
CA GLY L 585 8.88 -45.25 -157.66
C GLY L 585 9.10 -45.08 -159.15
N TYR L 586 9.83 -44.04 -159.54
CA TYR L 586 10.08 -43.78 -160.96
C TYR L 586 11.00 -44.83 -161.56
N SER L 587 12.00 -45.28 -160.80
CA SER L 587 12.88 -46.35 -161.26
C SER L 587 12.08 -47.61 -161.60
N LEU L 588 11.14 -47.97 -160.74
CA LEU L 588 10.32 -49.15 -160.96
C LEU L 588 9.46 -48.99 -162.22
N ASN L 589 9.13 -50.12 -162.83
CA ASN L 589 8.29 -50.17 -164.03
C ASN L 589 6.85 -50.51 -163.73
N SER L 590 6.59 -51.27 -162.67
CA SER L 590 5.24 -51.75 -162.36
C SER L 590 4.27 -50.58 -162.17
N PHE L 591 3.18 -50.62 -162.93
CA PHE L 591 2.19 -49.55 -162.89
C PHE L 591 1.56 -49.41 -161.50
N TYR L 592 1.19 -50.54 -160.89
CA TYR L 592 0.53 -50.57 -159.60
C TYR L 592 1.49 -50.42 -158.42
N ASP L 593 2.76 -50.10 -158.66
CA ASP L 593 3.64 -49.56 -157.64
C ASP L 593 4.01 -48.11 -157.92
N GLN L 594 4.19 -47.75 -159.18
CA GLN L 594 4.43 -46.34 -159.52
C GLN L 594 3.25 -45.48 -159.11
N LYS L 595 2.03 -45.99 -159.31
CA LYS L 595 0.84 -45.25 -158.88
C LYS L 595 0.89 -44.96 -157.39
N GLU L 596 1.12 -45.99 -156.58
CA GLU L 596 1.13 -45.85 -155.13
C GLU L 596 2.26 -44.92 -154.67
N TYR L 597 3.46 -45.10 -155.25
CA TYR L 597 4.60 -44.32 -154.79
C TYR L 597 4.49 -42.85 -155.16
N MET L 598 4.02 -42.56 -156.38
CA MET L 598 3.81 -41.16 -156.73
C MET L 598 2.65 -40.56 -155.96
N GLY L 599 1.59 -41.34 -155.70
CA GLY L 599 0.54 -40.85 -154.81
C GLY L 599 1.08 -40.47 -153.45
N ARG L 600 1.97 -41.29 -152.89
CA ARG L 600 2.50 -41.02 -151.56
C ARG L 600 3.43 -39.81 -151.56
N CYS L 601 4.29 -39.67 -152.58
CA CYS L 601 5.22 -38.53 -152.59
C CYS L 601 4.45 -37.23 -152.83
N VAL L 602 3.49 -37.24 -153.75
CA VAL L 602 2.65 -36.07 -153.92
C VAL L 602 1.85 -35.79 -152.66
N HIS L 603 1.50 -36.83 -151.90
CA HIS L 603 0.86 -36.62 -150.61
C HIS L 603 1.77 -35.85 -149.66
N TYR L 604 3.04 -36.27 -149.58
CA TYR L 604 4.00 -35.59 -148.72
C TYR L 604 4.13 -34.11 -149.11
N TRP L 605 4.35 -33.85 -150.40
CA TRP L 605 4.54 -32.48 -150.85
C TRP L 605 3.27 -31.65 -150.71
N LYS L 606 2.09 -32.27 -150.86
CA LYS L 606 0.86 -31.51 -150.70
C LYS L 606 0.59 -31.19 -149.23
N LYS L 607 0.89 -32.11 -148.32
CA LYS L 607 0.80 -31.79 -146.90
C LYS L 607 1.82 -30.73 -146.52
N LEU L 608 2.96 -30.68 -147.24
CA LEU L 608 3.97 -29.65 -146.98
C LEU L 608 3.59 -28.30 -147.59
N LEU L 609 2.77 -28.30 -148.64
CA LEU L 609 2.32 -27.11 -149.36
C LEU L 609 1.91 -25.97 -148.42
N PRO L 610 0.95 -26.16 -147.51
CA PRO L 610 0.60 -25.05 -146.61
C PRO L 610 1.69 -24.76 -145.59
N LEU L 611 2.50 -25.76 -145.23
CA LEU L 611 3.59 -25.54 -144.30
C LEU L 611 4.60 -24.56 -144.87
N LEU L 612 4.95 -24.72 -146.15
CA LEU L 612 5.83 -23.78 -146.83
C LEU L 612 5.21 -22.40 -146.96
N ASP L 613 3.90 -22.26 -146.71
CA ASP L 613 3.22 -20.99 -146.84
C ASP L 613 3.30 -20.13 -145.58
N LEU L 614 3.37 -20.75 -144.40
CA LEU L 614 3.49 -20.00 -143.16
C LEU L 614 4.85 -19.32 -143.00
N VAL L 615 5.79 -19.55 -143.92
CA VAL L 615 7.14 -18.97 -143.76
C VAL L 615 7.04 -17.56 -144.32
N LYS L 616 6.52 -16.65 -143.49
CA LYS L 616 6.54 -15.21 -143.73
C LYS L 616 7.02 -14.56 -142.43
N GLN L 617 8.35 -14.48 -142.29
CA GLN L 617 9.03 -13.91 -141.11
C GLN L 617 8.28 -14.22 -139.81
N LYS L 618 8.02 -15.51 -139.59
CA LYS L 618 7.34 -15.99 -138.40
C LYS L 618 7.86 -17.38 -138.06
N LYS L 619 7.38 -17.90 -136.92
CA LYS L 619 7.81 -19.20 -136.45
C LYS L 619 7.38 -20.31 -137.41
N SER L 620 8.24 -21.32 -137.57
CA SER L 620 7.94 -22.40 -138.50
C SER L 620 6.83 -23.29 -137.97
N ILE L 621 7.09 -24.01 -136.88
CA ILE L 621 6.10 -24.80 -136.14
C ILE L 621 6.56 -24.90 -134.69
N PRO L 622 5.84 -24.30 -133.75
CA PRO L 622 6.35 -24.25 -132.37
C PRO L 622 6.40 -25.62 -131.71
N GLU L 623 7.62 -26.12 -131.51
CA GLU L 623 7.88 -27.39 -130.82
C GLU L 623 8.82 -27.12 -129.65
N PRO L 624 8.28 -26.89 -128.46
CA PRO L 624 9.15 -26.69 -127.29
C PRO L 624 9.86 -27.96 -126.86
N VAL L 625 9.20 -29.11 -127.01
CA VAL L 625 9.81 -30.41 -126.78
C VAL L 625 9.89 -31.15 -128.10
N ASP L 626 10.81 -32.10 -128.22
CA ASP L 626 11.02 -32.82 -129.47
C ASP L 626 10.15 -34.07 -129.53
N PRO L 627 9.05 -34.06 -130.31
CA PRO L 627 8.21 -35.27 -130.39
C PRO L 627 8.87 -36.44 -131.09
N LEU L 628 9.29 -36.28 -132.35
CA LEU L 628 9.90 -37.39 -133.09
C LEU L 628 11.25 -37.03 -133.69
N PHE L 629 11.39 -35.84 -134.28
CA PHE L 629 12.64 -35.43 -134.93
C PHE L 629 12.77 -33.92 -134.77
N LYS L 630 13.74 -33.49 -133.97
CA LYS L 630 14.02 -32.05 -133.83
C LYS L 630 15.52 -31.83 -133.82
N HIS L 631 16.04 -31.27 -134.92
CA HIS L 631 17.42 -30.81 -134.99
C HIS L 631 17.39 -29.31 -135.28
N PHE L 632 18.53 -28.68 -135.56
CA PHE L 632 18.50 -27.25 -135.78
C PHE L 632 19.64 -26.87 -136.74
N HIS L 633 19.44 -25.74 -137.42
CA HIS L 633 20.38 -25.16 -138.37
C HIS L 633 20.53 -25.98 -139.65
N ASN L 634 19.67 -26.97 -139.85
CA ASN L 634 19.65 -27.72 -141.10
C ASN L 634 18.28 -27.72 -141.75
N LYS L 635 17.21 -27.78 -140.94
CA LYS L 635 15.87 -27.94 -141.48
C LYS L 635 15.36 -26.67 -142.18
N ASP L 636 15.65 -25.49 -141.62
CA ASP L 636 14.93 -24.27 -142.00
C ASP L 636 15.10 -23.92 -143.48
N ILE L 637 13.99 -23.99 -144.21
CA ILE L 637 13.97 -23.68 -145.63
C ILE L 637 13.98 -22.18 -145.82
N LYS L 638 15.04 -21.67 -146.46
CA LYS L 638 15.08 -20.27 -146.85
C LYS L 638 13.96 -19.97 -147.83
N VAL L 639 13.54 -18.71 -147.86
CA VAL L 639 12.50 -18.28 -148.79
C VAL L 639 12.96 -18.50 -150.23
N SER L 640 14.27 -18.68 -150.43
CA SER L 640 14.80 -18.99 -151.75
C SER L 640 14.29 -20.34 -152.24
N GLU L 641 14.35 -21.36 -151.40
CA GLU L 641 14.02 -22.72 -151.79
C GLU L 641 12.51 -22.97 -151.90
N VAL L 642 11.69 -21.97 -151.52
CA VAL L 642 10.25 -22.07 -151.71
C VAL L 642 9.92 -22.24 -153.19
N LYS L 643 10.54 -21.45 -154.06
CA LYS L 643 10.29 -21.56 -155.49
C LYS L 643 10.64 -22.95 -156.00
N ASP L 644 11.81 -23.44 -155.61
CA ASP L 644 12.23 -24.78 -156.04
C ASP L 644 11.21 -25.83 -155.62
N LEU L 645 10.78 -25.78 -154.36
CA LEU L 645 9.86 -26.80 -153.87
C LEU L 645 8.49 -26.67 -154.55
N GLU L 646 8.07 -25.45 -154.87
CA GLU L 646 6.79 -25.27 -155.57
C GLU L 646 6.87 -25.83 -156.98
N ASP L 647 8.00 -25.61 -157.66
CA ASP L 647 8.17 -26.18 -159.00
C ASP L 647 8.19 -27.70 -158.96
N GLU L 648 8.88 -28.27 -157.97
CA GLU L 648 8.89 -29.73 -157.84
C GLU L 648 7.50 -30.25 -157.48
N ALA L 649 6.73 -29.48 -156.71
CA ALA L 649 5.35 -29.86 -156.45
C ALA L 649 4.53 -29.85 -157.74
N CYS L 650 4.80 -28.88 -158.62
CA CYS L 650 4.05 -28.81 -159.87
C CYS L 650 4.39 -29.98 -160.79
N ILE L 651 5.66 -30.38 -160.83
CA ILE L 651 6.01 -31.53 -161.66
C ILE L 651 5.48 -32.82 -161.03
N ALA L 652 5.43 -32.87 -159.69
CA ALA L 652 4.77 -34.00 -159.02
C ALA L 652 3.30 -34.08 -159.39
N PHE L 653 2.59 -32.93 -159.33
CA PHE L 653 1.21 -32.86 -159.80
C PHE L 653 1.08 -33.39 -161.21
N ALA L 654 1.90 -32.87 -162.13
CA ALA L 654 1.79 -33.21 -163.53
C ALA L 654 2.03 -34.70 -163.77
N THR L 655 3.07 -35.25 -163.14
CA THR L 655 3.40 -36.65 -163.39
C THR L 655 2.41 -37.59 -162.70
N LEU L 656 1.90 -37.19 -161.53
CA LEU L 656 0.83 -37.96 -160.90
C LEU L 656 -0.42 -37.96 -161.77
N ASP L 657 -0.68 -36.83 -162.43
CA ASP L 657 -1.81 -36.75 -163.36
C ASP L 657 -1.53 -37.54 -164.63
N LEU L 658 -0.26 -37.70 -164.99
CA LEU L 658 0.09 -38.35 -166.26
C LEU L 658 0.16 -39.87 -166.14
N VAL L 659 0.51 -40.40 -164.97
CA VAL L 659 0.82 -41.83 -164.88
C VAL L 659 -0.43 -42.66 -164.59
N ASP L 660 -1.61 -42.07 -164.80
CA ASP L 660 -2.86 -42.80 -164.67
C ASP L 660 -3.71 -42.79 -165.93
N GLY L 661 -3.56 -41.80 -166.80
CA GLY L 661 -4.32 -41.73 -168.04
C GLY L 661 -4.97 -40.38 -168.31
N LYS L 662 -4.75 -39.36 -167.49
CA LYS L 662 -5.32 -38.03 -167.74
C LYS L 662 -4.25 -37.15 -168.41
N THR L 663 -3.88 -37.59 -169.62
CA THR L 663 -2.72 -37.03 -170.32
C THR L 663 -2.94 -35.58 -170.73
N GLU L 664 -4.18 -35.12 -170.86
CA GLU L 664 -4.40 -33.74 -171.29
C GLU L 664 -4.05 -32.75 -170.19
N ASP L 665 -4.63 -32.94 -168.99
CA ASP L 665 -4.25 -32.09 -167.88
C ASP L 665 -2.83 -32.40 -167.41
N ALA L 666 -2.27 -33.54 -167.79
CA ALA L 666 -0.84 -33.76 -167.60
C ALA L 666 -0.03 -32.69 -168.30
N ILE L 667 -0.28 -32.50 -169.61
CA ILE L 667 0.42 -31.46 -170.37
C ILE L 667 0.10 -30.09 -169.80
N ILE L 668 -1.19 -29.83 -169.52
CA ILE L 668 -1.59 -28.52 -169.01
C ILE L 668 -0.85 -28.20 -167.71
N ALA L 669 -0.59 -29.23 -166.91
CA ALA L 669 0.14 -29.03 -165.65
C ALA L 669 1.63 -28.83 -165.88
N PHE L 670 2.23 -29.62 -166.77
CA PHE L 670 3.62 -29.40 -167.14
C PHE L 670 3.83 -28.04 -167.81
N GLU L 671 2.76 -27.38 -168.24
CA GLU L 671 2.85 -26.15 -169.00
C GLU L 671 2.92 -24.92 -168.09
N SER L 672 3.39 -25.10 -166.85
CA SER L 672 3.63 -24.00 -165.93
C SER L 672 5.10 -23.86 -165.57
N VAL L 673 5.76 -24.95 -165.19
CA VAL L 673 7.18 -24.90 -164.84
C VAL L 673 8.02 -24.78 -166.12
N LYS L 674 9.19 -24.17 -165.99
CA LYS L 674 10.09 -23.93 -167.12
C LYS L 674 11.48 -24.47 -166.85
N ASN L 675 11.55 -25.71 -166.35
CA ASN L 675 12.80 -26.41 -166.12
C ASN L 675 13.06 -27.39 -167.27
N VAL L 676 14.10 -28.20 -167.12
CA VAL L 676 14.48 -29.11 -168.20
C VAL L 676 13.67 -30.41 -168.16
N VAL L 677 13.36 -30.91 -166.96
CA VAL L 677 12.59 -32.15 -166.85
C VAL L 677 11.17 -31.95 -167.37
N ALA L 678 10.64 -30.72 -167.25
CA ALA L 678 9.30 -30.44 -167.76
C ALA L 678 9.27 -30.56 -169.28
N TYR L 679 10.22 -29.90 -169.96
CA TYR L 679 10.37 -30.07 -171.40
C TYR L 679 10.52 -31.55 -171.76
N TRP L 680 11.35 -32.27 -171.01
CA TRP L 680 11.65 -33.67 -171.34
C TRP L 680 10.41 -34.53 -171.24
N ASN L 681 9.63 -34.38 -170.18
CA ASN L 681 8.43 -35.18 -169.99
C ASN L 681 7.36 -34.82 -171.00
N LEU L 682 7.25 -33.53 -171.34
CA LEU L 682 6.30 -33.15 -172.38
C LEU L 682 6.69 -33.75 -173.72
N ALA L 683 7.97 -33.72 -174.07
CA ALA L 683 8.39 -34.36 -175.31
C ALA L 683 8.10 -35.85 -175.30
N LEU L 684 8.33 -36.51 -174.17
CA LEU L 684 8.08 -37.94 -174.09
C LEU L 684 6.60 -38.24 -174.30
N ILE L 685 5.71 -37.49 -173.64
CA ILE L 685 4.28 -37.75 -173.78
C ILE L 685 3.81 -37.40 -175.18
N TYR L 686 4.34 -36.34 -175.79
CA TYR L 686 3.94 -36.03 -177.17
C TYR L 686 4.36 -37.15 -178.12
N GLN L 687 5.58 -37.65 -177.97
CA GLN L 687 6.06 -38.74 -178.83
C GLN L 687 5.18 -39.98 -178.67
N ARG L 688 4.96 -40.41 -177.43
CA ARG L 688 4.18 -41.62 -177.21
C ARG L 688 2.72 -41.42 -177.62
N LYS L 689 2.26 -40.17 -177.62
CA LYS L 689 0.93 -39.85 -178.13
C LYS L 689 0.88 -40.01 -179.64
N ALA L 690 1.88 -39.50 -180.35
CA ALA L 690 1.78 -39.43 -181.80
C ALA L 690 2.89 -40.18 -182.52
N GLU L 691 3.18 -41.41 -182.06
CA GLU L 691 4.02 -42.31 -182.84
C GLU L 691 3.57 -42.38 -184.29
N GLU L 692 2.27 -42.60 -184.53
CA GLU L 692 1.73 -42.68 -185.88
C GLU L 692 0.38 -41.94 -185.95
N ILE L 693 0.32 -40.74 -185.37
CA ILE L 693 -0.91 -39.94 -185.33
C ILE L 693 -0.83 -38.75 -186.29
N GLU L 694 0.13 -37.85 -186.08
CA GLU L 694 0.21 -36.62 -186.87
C GLU L 694 1.65 -36.23 -187.11
N ASN L 695 1.85 -35.31 -188.07
CA ASN L 695 3.16 -34.79 -188.40
C ASN L 695 3.41 -33.40 -187.82
N ASP L 696 2.36 -32.57 -187.75
CA ASP L 696 2.55 -31.20 -187.24
C ASP L 696 2.80 -31.17 -185.74
N CYS L 697 2.58 -32.28 -185.03
CA CYS L 697 2.93 -32.39 -183.63
C CYS L 697 4.42 -32.60 -183.40
N LEU L 698 5.17 -32.99 -184.44
CA LEU L 698 6.61 -33.13 -184.28
C LEU L 698 7.32 -31.80 -184.06
N PRO L 699 6.93 -30.69 -184.74
CA PRO L 699 7.48 -29.37 -184.38
C PRO L 699 7.52 -29.09 -182.88
N ALA L 700 6.58 -29.66 -182.12
CA ALA L 700 6.60 -29.49 -180.67
C ALA L 700 7.82 -30.18 -180.06
N GLU L 701 8.09 -31.42 -180.48
CA GLU L 701 9.29 -32.12 -180.04
C GLU L 701 10.54 -31.37 -180.46
N GLU L 702 10.57 -30.90 -181.71
CA GLU L 702 11.69 -30.09 -182.18
C GLU L 702 11.95 -28.90 -181.26
N GLN L 703 10.91 -28.11 -180.99
CA GLN L 703 11.08 -26.90 -180.18
C GLN L 703 11.48 -27.20 -178.74
N GLU L 704 10.80 -28.15 -178.09
CA GLU L 704 11.14 -28.46 -176.70
C GLU L 704 12.55 -29.02 -176.60
N GLU L 705 12.95 -29.90 -177.52
CA GLU L 705 14.30 -30.44 -177.48
C GLU L 705 15.35 -29.43 -177.91
N PHE L 706 14.98 -28.41 -178.69
CA PHE L 706 15.93 -27.34 -178.97
C PHE L 706 16.16 -26.47 -177.73
N GLN L 707 15.09 -26.16 -177.00
CA GLN L 707 15.25 -25.51 -175.70
C GLN L 707 16.11 -26.37 -174.77
N GLU L 708 15.87 -27.68 -174.79
CA GLU L 708 16.68 -28.61 -174.01
C GLU L 708 18.14 -28.56 -174.43
N CYS L 709 18.41 -28.43 -175.74
CA CYS L 709 19.79 -28.33 -176.19
C CYS L 709 20.45 -27.06 -175.68
N LEU L 710 19.72 -25.94 -175.74
CA LEU L 710 20.24 -24.69 -175.20
C LEU L 710 20.53 -24.81 -173.71
N LEU L 711 19.73 -25.61 -172.98
CA LEU L 711 19.98 -25.78 -171.55
C LEU L 711 21.02 -26.86 -171.26
N LYS L 712 21.28 -27.74 -172.22
CA LYS L 712 22.36 -28.71 -172.07
C LYS L 712 23.71 -28.10 -172.41
N CYS L 713 23.73 -27.04 -173.22
CA CYS L 713 24.97 -26.36 -173.53
C CYS L 713 25.75 -26.00 -172.26
N LYS L 714 25.05 -25.60 -171.21
CA LYS L 714 25.66 -25.28 -169.93
C LYS L 714 26.06 -26.53 -169.15
N GLY L 715 25.75 -27.72 -169.67
CA GLY L 715 26.03 -28.96 -168.97
C GLY L 715 25.13 -29.23 -167.79
N PHE L 716 23.84 -28.93 -167.91
CA PHE L 716 22.89 -29.16 -166.83
C PHE L 716 22.51 -30.63 -166.82
N LEU L 717 22.80 -31.31 -165.70
CA LEU L 717 22.59 -32.75 -165.57
C LEU L 717 21.35 -33.08 -164.74
N LYS L 718 20.39 -32.15 -164.65
CA LYS L 718 19.19 -32.38 -163.86
C LYS L 718 18.32 -33.50 -164.41
N MET L 719 18.49 -33.86 -165.69
CA MET L 719 17.68 -34.93 -166.28
C MET L 719 18.06 -36.27 -165.68
N ILE L 720 17.02 -37.07 -165.37
CA ILE L 720 17.25 -38.38 -164.76
C ILE L 720 18.03 -39.28 -165.73
N CYS L 721 17.88 -39.03 -167.02
CA CYS L 721 18.71 -39.65 -168.05
C CYS L 721 19.46 -38.56 -168.79
N ASP L 722 20.78 -38.70 -168.88
CA ASP L 722 21.61 -37.60 -169.38
C ASP L 722 21.32 -37.33 -170.85
N GLU L 723 21.86 -36.21 -171.34
CA GLU L 723 21.54 -35.76 -172.68
C GLU L 723 22.12 -36.65 -173.78
N TYR L 724 23.20 -37.38 -173.50
CA TYR L 724 23.92 -38.08 -174.57
C TYR L 724 23.04 -39.06 -175.34
N SER L 725 22.14 -39.75 -174.65
CA SER L 725 21.23 -40.70 -175.30
C SER L 725 19.88 -40.09 -175.64
N ALA L 726 19.43 -39.08 -174.88
CA ALA L 726 18.13 -38.47 -175.14
C ALA L 726 18.19 -37.56 -176.36
N TYR L 727 19.12 -36.60 -176.37
CA TYR L 727 19.20 -35.67 -177.49
C TYR L 727 19.63 -36.35 -178.78
N PRO L 728 20.44 -37.41 -178.76
CA PRO L 728 20.68 -38.14 -180.02
C PRO L 728 19.42 -38.82 -180.52
N SER L 729 18.65 -39.45 -179.63
CA SER L 729 17.40 -40.10 -180.04
C SER L 729 16.44 -39.10 -180.67
N ILE L 730 16.12 -38.01 -179.95
CA ILE L 730 15.17 -37.04 -180.47
C ILE L 730 15.73 -36.30 -181.67
N ALA L 731 17.04 -36.11 -181.72
CA ALA L 731 17.66 -35.44 -182.86
C ALA L 731 17.57 -36.29 -184.12
N THR L 732 17.69 -37.61 -183.96
CA THR L 732 17.52 -38.50 -185.11
C THR L 732 16.05 -38.61 -185.50
N SER L 733 15.16 -38.59 -184.51
CA SER L 733 13.73 -38.68 -184.79
C SER L 733 13.22 -37.45 -185.53
N LEU L 734 13.67 -36.26 -185.13
CA LEU L 734 13.27 -35.03 -185.78
C LEU L 734 13.90 -34.94 -187.16
N PRO L 735 15.18 -35.33 -187.31
CA PRO L 735 15.80 -35.20 -188.64
C PRO L 735 15.20 -36.14 -189.67
N VAL L 736 15.00 -37.41 -189.32
CA VAL L 736 14.39 -38.35 -190.26
C VAL L 736 12.95 -37.95 -190.55
N PRO L 737 12.14 -37.56 -189.57
CA PRO L 737 10.77 -37.12 -189.89
C PRO L 737 10.70 -35.73 -190.49
N VAL L 738 11.83 -35.03 -190.59
CA VAL L 738 11.86 -33.70 -191.20
C VAL L 738 12.12 -33.82 -192.69
N ASP M 59 -20.20 55.57 1.74
CA ASP M 59 -19.74 54.52 0.83
C ASP M 59 -20.42 54.57 -0.53
N PRO M 60 -19.78 55.19 -1.52
CA PRO M 60 -20.34 55.17 -2.87
C PRO M 60 -20.71 53.77 -3.34
N LYS M 61 -19.99 52.74 -2.91
CA LYS M 61 -20.31 51.39 -3.34
C LYS M 61 -21.64 50.92 -2.76
N ALA M 62 -21.92 51.23 -1.49
CA ALA M 62 -23.19 50.84 -0.89
C ALA M 62 -24.33 51.69 -1.43
N HIS M 63 -24.10 53.00 -1.56
CA HIS M 63 -25.10 53.89 -2.13
C HIS M 63 -25.52 53.43 -3.52
N ARG M 64 -24.56 53.29 -4.44
CA ARG M 64 -24.89 52.91 -5.82
C ARG M 64 -25.29 51.44 -5.91
N PHE M 65 -24.83 50.59 -4.99
CA PHE M 65 -25.28 49.22 -4.95
C PHE M 65 -26.77 49.14 -4.63
N LEU M 66 -27.17 49.78 -3.54
CA LEU M 66 -28.59 49.85 -3.20
C LEU M 66 -29.39 50.50 -4.33
N GLY M 67 -28.88 51.60 -4.88
CA GLY M 67 -29.63 52.31 -5.90
C GLY M 67 -29.86 51.50 -7.16
N GLN M 68 -28.81 50.85 -7.68
CA GLN M 68 -28.95 50.07 -8.90
C GLN M 68 -29.66 48.74 -8.64
N LEU M 69 -29.55 48.21 -7.41
CA LEU M 69 -30.29 47.00 -7.07
C LEU M 69 -31.79 47.30 -6.98
N PHE M 70 -32.15 48.46 -6.46
CA PHE M 70 -33.54 48.86 -6.45
C PHE M 70 -34.00 49.22 -7.86
N GLU M 71 -33.10 49.74 -8.68
CA GLU M 71 -33.43 49.98 -10.09
C GLU M 71 -33.74 48.67 -10.80
N ILE M 72 -32.95 47.63 -10.54
CA ILE M 72 -33.13 46.35 -11.22
C ILE M 72 -34.23 45.51 -10.59
N GLU M 73 -34.63 45.80 -9.35
CA GLU M 73 -35.87 45.27 -8.80
C GLU M 73 -37.06 46.21 -9.06
N GLY M 74 -36.84 47.31 -9.79
CA GLY M 74 -37.91 48.24 -10.11
C GLY M 74 -38.18 49.31 -9.09
N ASN M 75 -37.61 49.19 -7.88
CA ASN M 75 -38.00 50.07 -6.77
C ASN M 75 -37.43 51.48 -6.97
N VAL M 76 -38.09 52.22 -7.86
CA VAL M 76 -37.66 53.56 -8.22
C VAL M 76 -37.72 54.52 -7.04
N GLU M 77 -38.81 54.49 -6.27
CA GLU M 77 -38.95 55.45 -5.18
C GLU M 77 -37.99 55.11 -4.04
N LYS M 78 -37.76 53.83 -3.77
CA LYS M 78 -36.81 53.44 -2.74
C LYS M 78 -35.37 53.78 -3.15
N ALA M 79 -35.04 53.60 -4.44
CA ALA M 79 -33.72 53.97 -4.91
C ALA M 79 -33.54 55.48 -4.90
N VAL M 80 -34.59 56.24 -5.29
CA VAL M 80 -34.53 57.68 -5.17
C VAL M 80 -34.29 58.10 -3.74
N GLY M 81 -34.99 57.45 -2.79
CA GLY M 81 -34.80 57.78 -1.40
C GLY M 81 -33.37 57.54 -0.93
N CYS M 82 -32.88 56.31 -1.12
CA CYS M 82 -31.53 55.98 -0.67
C CYS M 82 -30.50 56.89 -1.33
N TYR M 83 -30.52 56.96 -2.67
CA TYR M 83 -29.49 57.70 -3.40
C TYR M 83 -29.59 59.20 -3.14
N LYS M 84 -30.80 59.74 -2.97
CA LYS M 84 -30.96 61.17 -2.71
C LYS M 84 -30.54 61.52 -1.30
N ARG M 85 -30.82 60.64 -0.32
CA ARG M 85 -30.30 60.87 1.02
C ARG M 85 -28.78 60.86 1.01
N SER M 86 -28.18 59.92 0.28
CA SER M 86 -26.72 59.90 0.17
C SER M 86 -26.18 61.14 -0.54
N LEU M 87 -26.90 61.61 -1.55
CA LEU M 87 -26.45 62.78 -2.32
C LEU M 87 -26.56 64.05 -1.51
N GLU M 88 -27.67 64.22 -0.77
CA GLU M 88 -27.83 65.34 0.15
C GLU M 88 -26.88 65.27 1.33
N LEU M 89 -26.34 64.09 1.64
CA LEU M 89 -25.19 64.06 2.54
C LEU M 89 -23.89 64.40 1.82
N ASN M 90 -23.76 64.04 0.53
CA ASN M 90 -22.64 64.36 -0.35
C ASN M 90 -21.27 64.26 0.29
N PRO M 91 -20.87 63.10 0.84
CA PRO M 91 -19.49 62.96 1.30
C PRO M 91 -18.57 62.43 0.20
N THR M 92 -19.13 61.62 -0.71
CA THR M 92 -18.61 61.44 -2.05
C THR M 92 -19.66 60.80 -2.93
N GLN M 93 -20.40 61.58 -3.73
CA GLN M 93 -21.37 60.99 -4.66
C GLN M 93 -21.94 62.08 -5.57
N LYS M 94 -22.14 61.71 -6.83
CA LYS M 94 -22.90 62.50 -7.79
C LYS M 94 -24.00 61.67 -8.43
N ASP M 95 -23.70 60.39 -8.70
CA ASP M 95 -24.50 59.55 -9.58
C ASP M 95 -25.91 59.29 -9.05
N LEU M 96 -26.25 59.85 -7.89
CA LEU M 96 -27.62 59.70 -7.39
C LEU M 96 -28.63 60.40 -8.30
N THR M 97 -28.24 61.55 -8.86
CA THR M 97 -29.15 62.44 -9.58
C THR M 97 -29.94 61.76 -10.69
N LEU M 98 -29.29 60.89 -11.47
CA LEU M 98 -29.96 60.27 -12.61
C LEU M 98 -31.15 59.44 -12.19
N ARG M 99 -30.93 58.42 -11.34
CA ARG M 99 -32.04 57.60 -10.86
C ARG M 99 -33.02 58.41 -10.02
N ILE M 100 -32.55 59.46 -9.33
CA ILE M 100 -33.47 60.34 -8.61
C ILE M 100 -34.47 60.96 -9.58
N ALA M 101 -33.97 61.55 -10.67
CA ALA M 101 -34.82 62.12 -11.69
C ALA M 101 -35.74 61.07 -12.30
N GLU M 102 -35.21 59.87 -12.51
CA GLU M 102 -36.04 58.80 -13.07
C GLU M 102 -37.24 58.52 -12.18
N LEU M 103 -37.04 58.41 -10.87
CA LEU M 103 -38.14 58.09 -9.97
C LEU M 103 -39.08 59.28 -9.80
N ILE M 104 -38.52 60.50 -9.76
CA ILE M 104 -39.36 61.70 -9.67
C ILE M 104 -40.24 61.82 -10.90
N CYS M 105 -39.75 61.34 -12.05
CA CYS M 105 -40.59 61.25 -13.24
C CYS M 105 -41.61 60.13 -13.10
N THR M 106 -41.20 59.01 -12.49
CA THR M 106 -42.13 57.90 -12.27
C THR M 106 -43.35 58.35 -11.47
N LEU M 107 -43.15 59.13 -10.42
CA LEU M 107 -44.28 59.66 -9.64
C LEU M 107 -45.04 60.71 -10.44
N GLY M 112 -44.53 68.41 -11.87
CA GLY M 112 -44.55 69.34 -10.76
C GLY M 112 -43.35 69.22 -9.84
N ARG M 113 -42.65 68.09 -9.92
CA ARG M 113 -41.49 67.87 -9.06
C ARG M 113 -40.24 67.49 -9.84
N ALA M 114 -40.34 66.49 -10.71
CA ALA M 114 -39.18 65.96 -11.42
C ALA M 114 -38.48 67.03 -12.26
N GLU M 115 -39.13 68.16 -12.51
CA GLU M 115 -38.48 69.28 -13.18
C GLU M 115 -37.23 69.72 -12.42
N TYR M 116 -37.21 69.48 -11.10
CA TYR M 116 -36.05 69.85 -10.29
C TYR M 116 -34.80 69.06 -10.70
N TRP M 117 -34.89 67.73 -10.70
CA TRP M 117 -33.73 66.92 -11.06
C TRP M 117 -33.46 66.96 -12.56
N VAL M 118 -34.49 67.16 -13.38
CA VAL M 118 -34.24 67.45 -14.78
C VAL M 118 -33.44 68.74 -14.92
N GLU M 119 -33.74 69.73 -14.10
CA GLU M 119 -33.00 70.99 -14.14
C GLU M 119 -31.56 70.79 -13.68
N ARG M 120 -31.36 69.91 -12.70
CA ARG M 120 -29.99 69.62 -12.26
C ARG M 120 -29.19 68.98 -13.39
N ALA M 121 -29.75 67.94 -14.01
CA ALA M 121 -29.07 67.30 -15.13
C ALA M 121 -28.83 68.29 -16.27
N SER M 122 -29.76 69.24 -16.48
CA SER M 122 -29.60 70.17 -17.59
C SER M 122 -28.59 71.26 -17.27
N LYS M 123 -28.54 71.71 -16.03
CA LYS M 123 -27.54 72.68 -15.59
C LYS M 123 -26.16 72.06 -15.47
N LEU M 124 -26.06 70.72 -15.52
CA LEU M 124 -24.76 70.10 -15.64
C LEU M 124 -24.43 69.65 -17.07
N PHE M 125 -25.45 69.45 -17.92
CA PHE M 125 -25.28 68.98 -19.29
C PHE M 125 -26.54 69.24 -20.11
N PRO M 126 -26.70 70.44 -20.68
CA PRO M 126 -27.97 70.75 -21.38
C PRO M 126 -28.14 70.01 -22.70
N GLY M 127 -27.09 69.42 -23.25
CA GLY M 127 -27.21 68.59 -24.42
C GLY M 127 -27.41 67.11 -24.12
N SER M 128 -28.41 66.79 -23.29
CA SER M 128 -28.65 65.41 -22.86
C SER M 128 -30.00 64.92 -23.38
N PRO M 129 -30.03 63.89 -24.23
CA PRO M 129 -31.28 63.47 -24.86
C PRO M 129 -32.31 62.91 -23.90
N GLU M 130 -31.92 61.93 -23.08
CA GLU M 130 -32.86 61.28 -22.18
C GLU M 130 -33.52 62.27 -21.23
N ILE M 131 -32.74 62.97 -20.42
CA ILE M 131 -33.32 63.88 -19.44
C ILE M 131 -33.91 65.10 -20.13
N TYR M 132 -33.46 65.41 -21.34
CA TYR M 132 -34.08 66.51 -22.09
C TYR M 132 -35.52 66.17 -22.45
N ARG M 133 -35.74 64.98 -23.01
CA ARG M 133 -37.11 64.55 -23.29
C ARG M 133 -37.90 64.38 -21.99
N LEU M 134 -37.22 63.96 -20.93
CA LEU M 134 -37.89 63.82 -19.63
C LEU M 134 -38.39 65.16 -19.13
N LYS M 135 -37.59 66.21 -19.26
CA LYS M 135 -38.00 67.54 -18.83
C LYS M 135 -39.11 68.08 -19.72
N GLU M 136 -39.00 67.84 -21.03
CA GLU M 136 -40.07 68.23 -21.94
C GLU M 136 -41.40 67.59 -21.56
N GLN M 137 -41.37 66.31 -21.21
CA GLN M 137 -42.60 65.59 -20.86
C GLN M 137 -43.13 66.00 -19.49
N LEU M 138 -42.24 66.25 -18.53
CA LEU M 138 -42.69 66.71 -17.22
C LEU M 138 -43.28 68.11 -17.32
N LEU M 139 -42.73 68.95 -18.18
CA LEU M 139 -43.32 70.27 -18.41
C LEU M 139 -44.62 70.16 -19.20
N SER M 140 -44.75 69.15 -20.06
CA SER M 140 -46.02 68.92 -20.75
C SER M 140 -47.07 68.33 -19.83
N SER M 141 -46.65 67.70 -18.73
CA SER M 141 -47.57 67.32 -17.65
C SER M 141 -47.92 68.49 -16.74
N GLN M 142 -46.99 69.42 -16.53
CA GLN M 142 -47.26 70.61 -15.74
C GLN M 142 -46.59 71.84 -16.36
N ALA M 145 -51.15 71.93 -22.19
CA ALA M 145 -50.44 70.68 -21.99
C ALA M 145 -50.71 69.70 -23.12
N GLY M 146 -49.83 68.71 -23.27
CA GLY M 146 -49.96 67.77 -24.38
C GLY M 146 -49.31 68.30 -25.63
N TRP M 147 -50.13 68.60 -26.65
CA TRP M 147 -49.61 68.99 -27.96
C TRP M 147 -48.87 70.32 -27.89
N ASN M 148 -49.43 71.32 -27.19
CA ASN M 148 -48.81 72.63 -27.15
C ASN M 148 -47.44 72.58 -26.50
N GLN M 149 -47.35 72.06 -25.28
CA GLN M 149 -46.08 71.98 -24.58
C GLN M 149 -45.11 71.04 -25.31
N LEU M 150 -45.63 69.96 -25.90
CA LEU M 150 -44.76 69.09 -26.68
C LEU M 150 -44.11 69.83 -27.84
N PHE M 151 -44.92 70.53 -28.65
CA PHE M 151 -44.40 71.30 -29.78
C PHE M 151 -43.41 72.36 -29.33
N ASP M 152 -43.73 73.05 -28.22
CA ASP M 152 -42.85 74.11 -27.74
C ASP M 152 -41.50 73.58 -27.27
N LEU M 153 -41.50 72.52 -26.47
CA LEU M 153 -40.24 71.93 -26.05
C LEU M 153 -39.48 71.32 -27.22
N ILE M 154 -40.19 70.75 -28.18
CA ILE M 154 -39.53 70.24 -29.38
C ILE M 154 -38.92 71.36 -30.20
N GLN M 155 -39.56 72.53 -30.24
CA GLN M 155 -38.98 73.66 -30.94
C GLN M 155 -37.76 74.21 -30.20
N ALA M 156 -37.77 74.18 -28.87
CA ALA M 156 -36.56 74.53 -28.13
C ALA M 156 -35.43 73.55 -28.45
N GLU M 157 -35.75 72.25 -28.48
CA GLU M 157 -34.76 71.26 -28.87
C GLU M 157 -34.26 71.49 -30.30
N LEU M 158 -35.15 71.94 -31.18
CA LEU M 158 -34.76 72.20 -32.56
C LEU M 158 -34.00 73.52 -32.69
N PHE M 159 -34.09 74.38 -31.69
CA PHE M 159 -33.24 75.57 -31.66
C PHE M 159 -31.87 75.24 -31.10
N ALA M 160 -31.79 74.19 -30.28
CA ALA M 160 -30.51 73.76 -29.73
C ALA M 160 -29.76 72.82 -30.69
N ARG M 161 -30.47 72.00 -31.46
CA ARG M 161 -29.87 71.03 -32.37
C ARG M 161 -30.67 70.96 -33.67
N PRO M 162 -30.72 72.04 -34.45
CA PRO M 162 -31.69 72.13 -35.55
C PRO M 162 -31.55 71.06 -36.61
N ASN M 163 -30.33 70.73 -37.04
CA ASN M 163 -30.17 69.77 -38.14
C ASN M 163 -30.72 68.40 -37.77
N ASP M 164 -31.16 68.21 -36.53
CA ASP M 164 -31.61 66.91 -36.05
C ASP M 164 -32.93 66.59 -36.75
N VAL M 165 -32.86 65.71 -37.74
CA VAL M 165 -34.04 65.25 -38.46
C VAL M 165 -35.06 64.66 -37.50
N TYR M 166 -34.59 64.00 -36.43
CA TYR M 166 -35.52 63.43 -35.45
C TYR M 166 -36.23 64.52 -34.65
N VAL M 167 -35.51 65.56 -34.21
CA VAL M 167 -36.16 66.65 -33.49
C VAL M 167 -37.12 67.39 -34.42
N ASN M 168 -36.74 67.51 -35.70
CA ASN M 168 -37.64 68.09 -36.68
C ASN M 168 -38.88 67.24 -36.87
N LEU M 169 -38.72 65.91 -36.78
CA LEU M 169 -39.87 65.02 -36.77
C LEU M 169 -40.74 65.29 -35.57
N LYS M 170 -40.12 65.56 -34.42
CA LYS M 170 -40.90 65.89 -33.22
C LYS M 170 -41.72 67.15 -33.43
N LEU M 171 -41.10 68.20 -33.96
CA LEU M 171 -41.77 69.47 -34.19
C LEU M 171 -42.90 69.32 -35.22
N VAL M 172 -42.63 68.61 -36.31
CA VAL M 172 -43.63 68.44 -37.35
C VAL M 172 -44.79 67.56 -36.86
N ASP M 173 -44.50 66.49 -36.13
CA ASP M 173 -45.56 65.65 -35.60
C ASP M 173 -46.44 66.42 -34.61
N LEU M 174 -45.81 67.21 -33.73
CA LEU M 174 -46.58 67.94 -32.73
C LEU M 174 -47.34 69.12 -33.32
N PHE M 175 -46.86 69.70 -34.41
CA PHE M 175 -47.64 70.75 -35.08
C PHE M 175 -48.81 70.16 -35.85
N LEU M 176 -48.58 69.05 -36.56
CA LEU M 176 -49.66 68.40 -37.30
C LEU M 176 -50.77 67.93 -36.36
N SER M 177 -50.42 67.10 -35.37
CA SER M 177 -51.41 66.55 -34.45
C SER M 177 -52.14 67.65 -33.67
N ARG M 180 -50.71 75.85 -37.24
CA ARG M 180 -49.36 75.82 -37.81
C ARG M 180 -49.15 74.57 -38.67
N LEU M 181 -50.18 74.18 -39.41
CA LEU M 181 -50.04 73.09 -40.37
C LEU M 181 -48.93 73.40 -41.36
N GLU M 182 -48.81 74.67 -41.77
CA GLU M 182 -47.71 75.06 -42.63
C GLU M 182 -46.37 74.95 -41.89
N GLU M 183 -46.38 75.14 -40.57
CA GLU M 183 -45.13 74.97 -39.81
C GLU M 183 -44.69 73.51 -39.82
N ALA M 184 -45.64 72.59 -39.60
CA ALA M 184 -45.31 71.17 -39.68
C ALA M 184 -44.86 70.78 -41.08
N VAL M 185 -45.56 71.28 -42.10
CA VAL M 185 -45.16 71.03 -43.48
C VAL M 185 -43.73 71.51 -43.72
N LEU M 186 -43.40 72.70 -43.21
CA LEU M 186 -42.06 73.25 -43.39
C LEU M 186 -41.01 72.38 -42.71
N HIS M 187 -41.15 72.17 -41.40
CA HIS M 187 -40.13 71.47 -40.63
C HIS M 187 -40.23 69.96 -40.76
N CYS M 188 -41.09 69.47 -41.65
CA CYS M 188 -41.03 68.08 -42.09
C CYS M 188 -40.39 67.97 -43.46
N LEU M 189 -40.90 68.74 -44.44
CA LEU M 189 -40.35 68.67 -45.79
C LEU M 189 -38.89 69.09 -45.82
N LYS M 190 -38.44 69.87 -44.83
CA LYS M 190 -37.02 70.23 -44.82
C LYS M 190 -36.15 69.00 -44.55
N PRO M 191 -36.25 68.39 -43.38
CA PRO M 191 -35.38 67.23 -43.09
C PRO M 191 -35.66 66.04 -43.99
N GLU M 192 -36.89 65.89 -44.49
CA GLU M 192 -37.22 64.76 -45.36
C GLU M 192 -36.32 64.73 -46.58
N ARG M 193 -36.15 65.85 -47.27
CA ARG M 193 -35.28 65.92 -48.43
C ARG M 193 -33.85 66.23 -48.05
N ARG M 194 -33.60 66.63 -46.80
CA ARG M 194 -32.24 66.82 -46.32
C ARG M 194 -31.55 65.49 -46.01
N ALA M 195 -32.32 64.46 -45.66
CA ALA M 195 -31.72 63.16 -45.36
C ALA M 195 -32.15 62.10 -46.38
N LEU M 196 -33.46 61.94 -46.57
CA LEU M 196 -34.08 61.03 -47.54
C LEU M 196 -33.92 59.57 -47.16
N ARG M 197 -33.12 59.30 -46.14
CA ARG M 197 -32.95 57.96 -45.56
C ARG M 197 -33.95 57.66 -44.55
N THR M 198 -35.06 58.39 -44.49
CA THR M 198 -35.92 58.41 -43.30
C THR M 198 -37.31 57.91 -43.66
N ASP M 199 -37.56 56.62 -43.42
CA ASP M 199 -38.93 56.13 -43.46
C ASP M 199 -39.76 56.77 -42.35
N ILE M 200 -39.14 57.05 -41.21
CA ILE M 200 -39.85 57.72 -40.12
C ILE M 200 -40.36 59.08 -40.55
N GLU M 201 -39.46 59.96 -41.01
CA GLU M 201 -39.86 61.29 -41.42
C GLU M 201 -40.78 61.24 -42.64
N TRP M 202 -40.56 60.27 -43.54
CA TRP M 202 -41.40 60.19 -44.73
C TRP M 202 -42.82 59.74 -44.39
N CYS M 203 -42.96 58.81 -43.44
CA CYS M 203 -44.30 58.37 -43.03
C CYS M 203 -44.99 59.44 -42.21
N SER M 204 -44.25 60.14 -41.35
CA SER M 204 -44.82 61.31 -40.68
C SER M 204 -45.19 62.39 -41.68
N CYS M 205 -44.47 62.47 -42.80
CA CYS M 205 -44.80 63.45 -43.83
C CYS M 205 -46.07 63.08 -44.56
N VAL M 206 -46.21 61.81 -44.93
CA VAL M 206 -47.45 61.36 -45.55
C VAL M 206 -48.60 61.47 -44.57
N VAL M 207 -48.32 61.33 -43.27
CA VAL M 207 -49.36 61.51 -42.26
C VAL M 207 -49.76 62.97 -42.16
N ARG M 208 -48.78 63.87 -42.21
CA ARG M 208 -49.08 65.30 -42.26
C ARG M 208 -49.88 65.66 -43.49
N VAL M 209 -49.56 65.03 -44.62
CA VAL M 209 -50.28 65.29 -45.87
C VAL M 209 -51.71 64.77 -45.78
N PHE M 210 -51.89 63.58 -45.19
CA PHE M 210 -53.24 63.06 -44.99
C PHE M 210 -54.04 63.93 -44.04
N LYS M 211 -53.40 64.43 -42.98
CA LYS M 211 -54.09 65.32 -42.06
C LYS M 211 -54.45 66.63 -42.73
N GLU M 212 -53.59 67.15 -43.61
CA GLU M 212 -53.94 68.36 -44.35
C GLU M 212 -55.08 68.10 -45.31
N TYR M 213 -55.07 66.94 -45.97
CA TYR M 213 -56.14 66.61 -46.91
C TYR M 213 -57.49 66.48 -46.21
N LEU M 214 -57.52 65.71 -45.12
CA LEU M 214 -58.78 65.50 -44.41
C LEU M 214 -59.17 66.72 -43.57
N ALA M 215 -58.22 67.59 -43.24
CA ALA M 215 -58.56 68.85 -42.59
C ALA M 215 -59.21 69.80 -43.58
N SER M 216 -58.65 69.89 -44.78
CA SER M 216 -59.29 70.65 -45.85
C SER M 216 -60.63 70.05 -46.24
N LYS M 217 -60.79 68.74 -46.06
CA LYS M 217 -62.01 68.04 -46.41
C LYS M 217 -63.20 68.51 -45.58
N ASN M 222 -52.57 69.86 -54.57
CA ASN M 222 -52.50 70.61 -55.81
C ASN M 222 -51.16 70.40 -56.51
N THR M 223 -50.59 71.48 -57.03
CA THR M 223 -49.38 71.38 -57.85
C THR M 223 -48.15 71.03 -57.02
N ASN M 224 -47.96 71.69 -55.87
CA ASN M 224 -46.78 71.40 -55.05
C ASN M 224 -46.83 69.98 -54.52
N MET M 225 -48.00 69.52 -54.11
CA MET M 225 -48.14 68.14 -53.68
C MET M 225 -47.90 67.17 -54.84
N ARG M 226 -48.41 67.47 -56.03
CA ARG M 226 -48.15 66.60 -57.17
C ARG M 226 -46.67 66.61 -57.56
N MET M 227 -45.93 67.63 -57.13
CA MET M 227 -44.48 67.65 -57.35
C MET M 227 -43.75 66.81 -56.31
N ILE M 228 -44.14 66.92 -55.04
CA ILE M 228 -43.32 66.34 -53.98
C ILE M 228 -43.76 64.91 -53.60
N THR M 229 -44.98 64.48 -53.98
CA THR M 229 -45.44 63.15 -53.60
C THR M 229 -44.50 62.07 -54.11
N LYS M 230 -44.13 62.15 -55.39
CA LYS M 230 -43.21 61.18 -55.95
C LYS M 230 -41.87 61.19 -55.22
N GLU M 231 -41.28 62.38 -55.03
CA GLU M 231 -39.98 62.45 -54.37
C GLU M 231 -40.02 61.82 -52.98
N LEU M 232 -41.04 62.14 -52.20
CA LEU M 232 -41.09 61.66 -50.82
C LEU M 232 -41.40 60.17 -50.75
N LEU M 233 -42.26 59.67 -51.64
CA LEU M 233 -42.57 58.24 -51.60
C LEU M 233 -41.41 57.40 -52.12
N LEU M 234 -40.65 57.92 -53.10
CA LEU M 234 -39.37 57.31 -53.42
C LEU M 234 -38.47 57.27 -52.20
N ALA M 235 -38.42 58.36 -51.43
CA ALA M 235 -37.58 58.36 -50.23
C ALA M 235 -37.96 57.22 -49.29
N GLN M 236 -39.26 57.10 -48.98
CA GLN M 236 -39.70 56.05 -48.07
C GLN M 236 -39.43 54.66 -48.63
N CYS M 237 -39.79 54.44 -49.91
CA CYS M 237 -39.57 53.15 -50.55
C CYS M 237 -38.11 52.74 -50.51
N ASP M 238 -37.22 53.62 -50.97
CA ASP M 238 -35.80 53.27 -51.04
C ASP M 238 -35.22 53.06 -49.65
N VAL M 239 -35.64 53.86 -48.67
CA VAL M 239 -35.16 53.67 -47.31
C VAL M 239 -35.50 52.27 -46.81
N VAL M 240 -36.79 51.94 -46.76
CA VAL M 240 -37.19 50.62 -46.26
C VAL M 240 -36.67 49.52 -47.17
N PHE M 241 -36.32 49.85 -48.41
CA PHE M 241 -35.83 48.83 -49.32
C PHE M 241 -34.39 48.46 -49.00
N LEU M 242 -33.46 49.39 -49.18
CA LEU M 242 -32.05 49.02 -49.06
C LEU M 242 -31.64 48.93 -47.60
N THR M 243 -32.11 49.87 -46.77
CA THR M 243 -31.54 49.99 -45.44
C THR M 243 -32.15 48.99 -44.48
N LEU M 244 -33.45 48.69 -44.66
CA LEU M 244 -34.10 47.78 -43.74
C LEU M 244 -33.65 46.34 -43.93
N SER M 245 -32.97 46.03 -45.04
CA SER M 245 -32.74 44.66 -45.47
C SER M 245 -34.07 43.91 -45.52
N LYS M 246 -35.08 44.59 -46.04
CA LYS M 246 -36.41 44.00 -46.16
C LYS M 246 -36.35 42.85 -47.15
N LYS M 247 -36.48 41.63 -46.65
CA LYS M 247 -36.20 40.47 -47.48
C LYS M 247 -37.28 40.27 -48.53
N ASP M 248 -37.42 41.26 -49.42
CA ASP M 248 -38.27 41.16 -50.59
C ASP M 248 -39.71 40.87 -50.22
N VAL M 249 -40.11 41.32 -49.03
CA VAL M 249 -41.47 41.11 -48.59
C VAL M 249 -42.14 42.48 -48.50
N GLN M 250 -43.40 42.48 -48.05
CA GLN M 250 -44.32 43.59 -48.24
C GLN M 250 -43.73 44.95 -47.90
N LYS M 251 -42.68 44.96 -47.06
CA LYS M 251 -42.06 46.20 -46.63
C LYS M 251 -41.65 47.07 -47.82
N SER M 252 -41.17 46.44 -48.89
CA SER M 252 -40.80 47.16 -50.10
C SER M 252 -41.91 47.21 -51.14
N LYS M 253 -42.62 46.09 -51.32
CA LYS M 253 -43.71 46.01 -52.29
C LYS M 253 -44.76 47.08 -52.04
N GLU M 254 -45.12 47.33 -50.78
CA GLU M 254 -46.21 48.28 -50.49
C GLU M 254 -45.80 49.70 -50.80
N ALA M 255 -44.59 50.10 -50.40
CA ALA M 255 -44.13 51.44 -50.75
C ALA M 255 -44.04 51.62 -52.26
N LEU M 256 -43.49 50.63 -52.96
CA LEU M 256 -43.45 50.70 -54.42
C LEU M 256 -44.86 50.75 -55.02
N GLU M 257 -45.83 50.09 -54.37
CA GLU M 257 -47.20 50.07 -54.87
C GLU M 257 -47.88 51.42 -54.68
N ARG M 258 -47.68 52.05 -53.52
CA ARG M 258 -48.15 53.41 -53.36
C ARG M 258 -47.49 54.34 -54.37
N PHE M 259 -46.21 54.10 -54.66
CA PHE M 259 -45.53 54.91 -55.66
C PHE M 259 -46.20 54.74 -57.02
N ASP M 260 -46.59 53.51 -57.33
CA ASP M 260 -47.31 53.22 -58.58
C ASP M 260 -48.65 53.95 -58.62
N GLN M 261 -49.38 53.96 -57.52
CA GLN M 261 -50.61 54.73 -57.44
C GLN M 261 -50.34 56.21 -57.71
N ALA M 262 -49.31 56.76 -57.06
CA ALA M 262 -48.97 58.17 -57.26
C ALA M 262 -48.64 58.45 -58.72
N LEU M 263 -47.95 57.52 -59.38
CA LEU M 263 -47.49 57.77 -60.74
C LEU M 263 -48.65 57.68 -61.73
N LEU M 264 -49.51 56.68 -61.56
CA LEU M 264 -50.69 56.59 -62.42
C LEU M 264 -51.62 57.78 -62.22
N SER M 265 -51.80 58.20 -60.96
CA SER M 265 -52.57 59.40 -60.66
C SER M 265 -52.00 60.62 -61.38
N VAL M 266 -50.71 60.90 -61.19
CA VAL M 266 -50.15 62.14 -61.74
C VAL M 266 -50.19 62.13 -63.26
N LYS M 267 -49.91 60.99 -63.90
CA LYS M 267 -49.89 60.99 -65.37
C LYS M 267 -51.29 61.10 -65.95
N GLN M 268 -52.28 60.41 -65.36
CA GLN M 268 -53.63 60.47 -65.93
C GLN M 268 -54.29 61.81 -65.66
N SER M 269 -54.03 62.40 -64.49
CA SER M 269 -54.69 63.66 -64.17
C SER M 269 -53.97 64.84 -64.80
N VAL M 270 -52.73 65.08 -64.41
CA VAL M 270 -52.03 66.33 -64.79
C VAL M 270 -51.02 65.96 -65.87
N SER M 271 -51.47 66.03 -67.12
CA SER M 271 -50.60 65.80 -68.27
C SER M 271 -49.82 67.10 -68.54
N GLY M 272 -48.82 67.33 -67.69
CA GLY M 272 -48.09 68.58 -67.64
C GLY M 272 -47.51 69.07 -68.97
N THR M 273 -47.47 70.38 -69.13
CA THR M 273 -47.06 71.01 -70.38
C THR M 273 -45.56 71.25 -70.38
N ASP M 274 -45.03 71.80 -71.47
CA ASP M 274 -43.59 72.04 -71.58
C ASP M 274 -43.18 73.34 -70.89
N ALA M 275 -44.12 74.02 -70.23
CA ALA M 275 -43.78 75.21 -69.45
C ALA M 275 -43.63 74.89 -67.97
N SER M 276 -44.34 73.88 -67.49
CA SER M 276 -44.25 73.52 -66.09
C SER M 276 -43.22 72.42 -65.86
N ASP M 277 -42.73 72.33 -64.63
CA ASP M 277 -41.80 71.26 -64.27
C ASP M 277 -42.51 70.04 -63.70
N LEU M 278 -43.84 70.06 -63.62
CA LEU M 278 -44.60 68.89 -63.17
C LEU M 278 -44.27 67.66 -64.02
N SER M 279 -44.40 67.78 -65.34
CA SER M 279 -44.12 66.65 -66.23
C SER M 279 -42.64 66.29 -66.22
N VAL M 280 -41.77 67.27 -65.97
CA VAL M 280 -40.33 67.00 -66.01
C VAL M 280 -39.91 66.19 -64.78
N THR M 281 -40.40 66.55 -63.60
CA THR M 281 -40.13 65.73 -62.41
C THR M 281 -40.87 64.41 -62.49
N PHE M 282 -42.02 64.37 -63.16
CA PHE M 282 -42.66 63.10 -63.45
C PHE M 282 -41.75 62.19 -64.25
N TYR M 283 -41.08 62.73 -65.26
CA TYR M 283 -40.12 61.92 -66.01
C TYR M 283 -38.98 61.46 -65.11
N GLU M 284 -38.50 62.38 -64.27
CA GLU M 284 -37.47 62.02 -63.30
C GLU M 284 -37.89 60.80 -62.49
N MET M 285 -39.09 60.85 -61.93
CA MET M 285 -39.51 59.79 -61.02
C MET M 285 -40.01 58.56 -61.76
N ARG M 286 -40.40 58.67 -63.02
CA ARG M 286 -40.70 57.46 -63.77
C ARG M 286 -39.43 56.66 -63.97
N GLY M 287 -38.34 57.32 -64.39
CA GLY M 287 -37.05 56.66 -64.42
C GLY M 287 -36.65 56.11 -63.06
N HIS M 288 -36.90 56.91 -62.01
CA HIS M 288 -36.56 56.47 -60.64
C HIS M 288 -37.29 55.17 -60.27
N TYR M 289 -38.63 55.23 -60.22
CA TYR M 289 -39.45 54.08 -59.89
C TYR M 289 -39.11 52.90 -60.80
N TYR M 290 -38.65 53.15 -62.03
CA TYR M 290 -38.31 52.03 -62.90
C TYR M 290 -37.04 51.33 -62.44
N MET M 291 -35.96 52.08 -62.21
CA MET M 291 -34.74 51.44 -61.70
C MET M 291 -35.00 50.75 -60.38
N HIS M 292 -35.85 51.34 -59.54
CA HIS M 292 -36.10 50.71 -58.25
C HIS M 292 -37.00 49.48 -58.42
N ALA M 293 -37.83 49.43 -59.46
CA ALA M 293 -38.56 48.20 -59.77
C ALA M 293 -37.60 47.08 -60.13
N GLY M 294 -36.65 47.38 -61.02
CA GLY M 294 -35.65 46.36 -61.35
C GLY M 294 -34.84 45.92 -60.15
N THR M 295 -34.45 46.88 -59.30
CA THR M 295 -33.68 46.54 -58.11
C THR M 295 -34.51 45.71 -57.13
N LEU M 296 -35.81 45.99 -57.04
CA LEU M 296 -36.68 45.14 -56.24
C LEU M 296 -36.75 43.73 -56.80
N LEU M 297 -36.72 43.61 -58.13
CA LEU M 297 -36.71 42.27 -58.73
C LEU M 297 -35.45 41.51 -58.32
N LEU M 298 -34.30 42.18 -58.40
CA LEU M 298 -33.06 41.59 -57.93
C LEU M 298 -33.16 41.27 -56.43
N LYS M 299 -33.92 42.09 -55.70
CA LYS M 299 -34.11 41.87 -54.25
C LYS M 299 -34.93 40.61 -54.01
N MET M 300 -36.00 40.42 -54.77
CA MET M 300 -36.77 39.17 -54.72
C MET M 300 -35.88 37.98 -54.97
N ALA M 301 -35.01 38.06 -55.98
CA ALA M 301 -34.08 36.97 -56.24
C ALA M 301 -33.19 36.69 -55.03
N GLN M 302 -32.51 37.72 -54.51
CA GLN M 302 -31.53 37.51 -53.44
C GLN M 302 -32.21 37.01 -52.17
N SER M 303 -33.36 37.60 -51.82
CA SER M 303 -34.02 37.22 -50.58
C SER M 303 -34.64 35.83 -50.68
N CYS M 304 -35.18 35.47 -51.85
CA CYS M 304 -35.72 34.12 -52.01
C CYS M 304 -34.62 33.08 -51.96
N GLU M 305 -33.80 33.00 -53.02
CA GLU M 305 -32.74 31.98 -53.02
C GLU M 305 -31.38 32.57 -53.35
N VAL M 306 -31.22 33.12 -54.56
CA VAL M 306 -29.96 33.68 -55.03
C VAL M 306 -30.30 34.42 -56.32
N GLN M 307 -29.41 35.31 -56.73
CA GLN M 307 -29.65 36.10 -57.94
C GLN M 307 -30.01 35.27 -59.16
N TRP M 308 -31.23 35.43 -59.63
CA TRP M 308 -31.91 34.45 -60.47
C TRP M 308 -31.49 34.56 -61.94
N LYS M 309 -32.05 33.67 -62.76
CA LYS M 309 -31.89 33.68 -64.21
C LYS M 309 -33.13 34.23 -64.94
N ALA M 310 -34.28 34.24 -64.27
CA ALA M 310 -35.51 34.67 -64.91
C ALA M 310 -35.83 36.14 -64.67
N LEU M 311 -35.48 36.69 -63.51
CA LEU M 311 -35.76 38.08 -63.17
C LEU M 311 -34.53 38.96 -63.31
N ILE M 312 -33.72 38.69 -64.34
CA ILE M 312 -32.61 39.56 -64.68
C ILE M 312 -32.85 40.33 -65.97
N GLU M 313 -33.45 39.71 -67.00
CA GLU M 313 -33.90 40.50 -68.14
C GLU M 313 -35.09 41.38 -67.77
N PRO M 314 -35.99 40.99 -66.86
CA PRO M 314 -36.84 42.01 -66.24
C PRO M 314 -36.04 43.14 -65.63
N ALA M 315 -34.91 42.83 -65.00
CA ALA M 315 -34.10 43.88 -64.38
C ALA M 315 -33.50 44.80 -65.43
N ALA M 316 -32.94 44.23 -66.50
CA ALA M 316 -32.39 45.05 -67.58
C ALA M 316 -33.50 45.78 -68.33
N LEU M 317 -34.72 45.23 -68.29
CA LEU M 317 -35.87 45.92 -68.89
C LEU M 317 -36.27 47.16 -68.10
N CYS M 318 -36.40 47.03 -66.78
CA CYS M 318 -36.65 48.21 -65.95
C CYS M 318 -35.51 49.21 -66.08
N TYR M 319 -34.27 48.71 -66.14
CA TYR M 319 -33.11 49.60 -66.23
C TYR M 319 -33.02 50.27 -67.58
N LEU M 320 -33.47 49.60 -68.64
CA LEU M 320 -33.68 50.24 -69.94
C LEU M 320 -34.72 51.35 -69.84
N LEU M 321 -35.87 51.03 -69.24
CA LEU M 321 -36.98 51.95 -69.07
C LEU M 321 -36.64 53.12 -68.17
N ALA M 322 -35.43 53.18 -67.64
CA ALA M 322 -35.01 54.33 -66.87
C ALA M 322 -33.75 55.00 -67.41
N TYR M 323 -32.81 54.20 -67.93
CA TYR M 323 -31.70 54.77 -68.67
C TYR M 323 -32.21 55.58 -69.85
N GLN M 324 -33.13 55.02 -70.64
CA GLN M 324 -33.58 55.66 -71.87
C GLN M 324 -34.88 56.43 -71.67
N VAL M 325 -35.08 57.02 -70.50
CA VAL M 325 -35.96 58.18 -70.33
C VAL M 325 -35.12 59.40 -70.69
N PRO M 326 -35.61 60.35 -71.48
CA PRO M 326 -34.75 61.40 -71.99
C PRO M 326 -34.27 62.32 -70.87
N LYS M 327 -33.12 62.95 -71.11
CA LYS M 327 -32.47 63.77 -70.10
C LYS M 327 -33.27 65.05 -69.85
N PRO M 328 -33.63 65.36 -68.61
CA PRO M 328 -34.34 66.63 -68.34
C PRO M 328 -33.37 67.73 -67.93
N LYS M 329 -33.52 68.89 -68.57
CA LYS M 329 -32.73 70.08 -68.25
C LYS M 329 -33.47 71.29 -68.82
N SER M 330 -33.93 72.19 -67.95
CA SER M 330 -34.79 73.26 -68.42
C SER M 330 -34.00 74.48 -68.87
N LYS M 331 -33.08 74.98 -68.03
CA LYS M 331 -32.29 76.16 -68.37
C LYS M 331 -33.17 77.34 -68.77
N PRO M 332 -33.79 78.04 -67.78
CA PRO M 332 -34.80 79.11 -67.94
C PRO M 332 -34.57 80.04 -69.14
N ASP M 337 -34.99 80.19 -58.49
CA ASP M 337 -35.86 79.33 -57.71
C ASP M 337 -36.20 78.05 -58.45
N ASN M 338 -36.81 77.09 -57.76
CA ASN M 338 -37.26 75.83 -58.33
C ASN M 338 -36.12 75.16 -59.12
N GLY M 339 -35.11 74.74 -58.37
CA GLY M 339 -33.91 74.25 -59.01
C GLY M 339 -34.12 73.03 -59.89
N GLN M 340 -34.08 73.23 -61.21
CA GLN M 340 -34.03 72.11 -62.14
C GLN M 340 -32.69 71.39 -62.10
N GLY M 341 -31.72 71.95 -61.36
CA GLY M 341 -30.56 71.17 -60.97
C GLY M 341 -30.94 69.92 -60.22
N PHE M 342 -32.04 69.98 -59.44
CA PHE M 342 -32.60 68.77 -58.87
C PHE M 342 -32.79 67.72 -59.96
N LEU M 343 -33.38 68.13 -61.09
CA LEU M 343 -33.75 67.20 -62.15
C LEU M 343 -32.53 66.73 -62.94
N GLU M 344 -31.61 67.65 -63.24
CA GLU M 344 -30.36 67.29 -63.89
C GLU M 344 -29.53 66.31 -63.06
N GLU M 345 -29.48 66.54 -61.73
CA GLU M 345 -28.63 65.72 -60.86
C GLU M 345 -29.26 64.37 -60.56
N LEU M 346 -30.56 64.32 -60.32
CA LEU M 346 -31.23 63.03 -60.20
C LEU M 346 -31.13 62.26 -61.51
N ALA M 347 -31.18 62.97 -62.65
CA ALA M 347 -30.92 62.34 -63.93
C ALA M 347 -29.52 61.75 -64.00
N PHE M 348 -28.51 62.52 -63.62
CA PHE M 348 -27.13 62.03 -63.57
C PHE M 348 -27.03 60.72 -62.80
N ASP M 349 -27.46 60.72 -61.53
CA ASP M 349 -27.29 59.52 -60.72
C ASP M 349 -28.08 58.35 -61.29
N ARG M 350 -29.37 58.59 -61.62
CA ARG M 350 -30.18 57.52 -62.20
C ARG M 350 -29.52 56.92 -63.43
N GLN M 351 -29.06 57.77 -64.35
CA GLN M 351 -28.51 57.28 -65.60
C GLN M 351 -27.20 56.53 -65.38
N SER M 352 -26.39 57.00 -64.44
CA SER M 352 -25.15 56.29 -64.09
C SER M 352 -25.44 54.90 -63.57
N LYS M 353 -26.33 54.80 -62.59
CA LYS M 353 -26.71 53.48 -62.06
C LYS M 353 -27.27 52.60 -63.16
N SER M 354 -28.15 53.16 -63.99
CA SER M 354 -28.78 52.39 -65.06
C SER M 354 -27.76 51.86 -66.05
N GLY M 355 -26.77 52.69 -66.39
CA GLY M 355 -25.73 52.23 -67.29
C GLY M 355 -24.89 51.12 -66.69
N HIS M 356 -24.44 51.31 -65.44
CA HIS M 356 -23.63 50.27 -64.80
C HIS M 356 -24.36 48.94 -64.73
N LEU M 357 -25.64 48.96 -64.35
CA LEU M 357 -26.34 47.69 -64.24
C LEU M 357 -26.72 47.11 -65.60
N LEU M 358 -27.04 47.93 -66.60
CA LEU M 358 -27.27 47.42 -67.93
C LEU M 358 -25.99 46.88 -68.55
N LEU M 359 -24.84 47.23 -67.98
CA LEU M 359 -23.58 46.57 -68.36
C LEU M 359 -23.43 45.24 -67.64
N THR M 360 -23.58 45.25 -66.32
CA THR M 360 -23.15 44.11 -65.51
C THR M 360 -24.15 42.96 -65.55
N LEU M 361 -25.46 43.24 -65.61
CA LEU M 361 -26.42 42.15 -65.60
C LEU M 361 -26.42 41.40 -66.93
N SER M 362 -26.27 42.10 -68.05
CA SER M 362 -26.07 41.46 -69.35
C SER M 362 -24.81 42.05 -70.00
N HIS M 363 -23.65 41.52 -69.60
CA HIS M 363 -22.44 41.59 -70.42
C HIS M 363 -22.73 41.25 -71.88
N GLY M 364 -23.42 40.14 -72.13
CA GLY M 364 -23.58 39.66 -73.47
C GLY M 364 -24.61 40.46 -74.27
N LYS M 365 -24.32 40.62 -75.57
CA LYS M 365 -25.24 41.27 -76.49
C LYS M 365 -26.16 40.22 -77.11
N GLN M 366 -26.87 40.61 -78.18
CA GLN M 366 -28.00 39.85 -78.71
C GLN M 366 -29.13 39.75 -77.68
N ASN M 367 -29.04 40.57 -76.65
CA ASN M 367 -29.89 40.48 -75.46
C ASN M 367 -30.89 41.63 -75.38
N PHE M 368 -30.49 42.84 -75.78
CA PHE M 368 -31.29 44.03 -75.47
C PHE M 368 -32.38 44.26 -76.52
N ILE M 369 -32.10 44.00 -77.80
CA ILE M 369 -33.17 43.95 -78.77
C ILE M 369 -34.09 42.77 -78.48
N SER M 370 -33.51 41.67 -77.98
CA SER M 370 -34.33 40.55 -77.53
C SER M 370 -35.28 41.00 -76.44
N GLU M 371 -34.80 41.83 -75.52
CA GLU M 371 -35.63 42.45 -74.50
C GLU M 371 -36.79 43.20 -75.12
N ILE M 372 -36.46 44.20 -75.96
CA ILE M 372 -37.48 45.00 -76.62
C ILE M 372 -38.52 44.12 -77.31
N ILE M 373 -38.06 43.07 -77.99
CA ILE M 373 -38.97 42.31 -78.85
C ILE M 373 -39.81 41.29 -78.10
N GLU M 374 -39.30 40.72 -77.00
CA GLU M 374 -39.99 39.62 -76.33
C GLU M 374 -40.48 40.00 -74.94
N THR M 375 -39.64 40.60 -74.10
CA THR M 375 -40.07 40.77 -72.72
C THR M 375 -41.16 41.82 -72.55
N PHE M 376 -41.36 42.70 -73.54
CA PHE M 376 -42.46 43.65 -73.55
C PHE M 376 -43.26 43.57 -74.83
N ALA M 377 -44.57 43.64 -74.68
CA ALA M 377 -45.50 43.77 -75.80
C ALA M 377 -46.65 44.63 -75.31
N ASN M 378 -47.74 44.67 -76.08
CA ASN M 378 -48.86 45.54 -75.74
C ASN M 378 -49.37 45.24 -74.34
N GLN M 379 -49.61 43.96 -74.04
CA GLN M 379 -50.09 43.62 -72.71
C GLN M 379 -49.29 42.52 -72.02
N CYS M 380 -48.75 41.56 -72.76
CA CYS M 380 -48.11 40.41 -72.12
C CYS M 380 -46.93 40.84 -71.26
N GLY M 381 -46.04 41.68 -71.82
CA GLY M 381 -44.85 42.07 -71.08
C GLY M 381 -45.18 42.87 -69.83
N GLN M 382 -46.09 43.83 -69.94
CA GLN M 382 -46.57 44.55 -68.78
C GLN M 382 -47.20 43.62 -67.75
N SER M 383 -47.91 42.58 -68.18
CA SER M 383 -48.49 41.64 -67.23
C SER M 383 -47.41 40.87 -66.49
N ILE M 384 -46.44 40.35 -67.24
CA ILE M 384 -45.33 39.61 -66.65
C ILE M 384 -44.54 40.45 -65.66
N LEU M 385 -44.29 41.72 -65.98
CA LEU M 385 -43.57 42.59 -65.06
C LEU M 385 -44.47 43.21 -64.00
N LEU M 386 -45.79 43.08 -64.13
CA LEU M 386 -46.74 43.64 -63.18
C LEU M 386 -47.02 42.69 -62.03
N LYS M 387 -47.35 41.43 -62.34
CA LYS M 387 -47.72 40.50 -61.28
C LYS M 387 -46.56 40.32 -60.30
N PHE M 388 -45.34 40.28 -60.81
CA PHE M 388 -44.16 40.06 -59.98
C PHE M 388 -44.09 41.08 -58.85
N LEU M 389 -44.06 42.36 -59.21
CA LEU M 389 -43.96 43.42 -58.21
C LEU M 389 -45.22 43.50 -57.36
N PHE M 390 -46.38 43.19 -57.95
CA PHE M 390 -47.68 43.41 -57.30
C PHE M 390 -48.43 42.09 -57.30
N GLU M 391 -48.47 41.41 -56.15
CA GLU M 391 -49.04 40.07 -56.06
C GLU M 391 -50.56 40.18 -56.02
N ASP M 392 -51.18 40.41 -57.18
CA ASP M 392 -52.64 40.40 -57.32
C ASP M 392 -53.30 41.51 -56.50
N ASN M 393 -52.85 42.75 -56.64
CA ASN M 393 -53.39 43.87 -55.88
C ASN M 393 -53.87 45.02 -56.77
N LEU M 394 -53.44 45.06 -58.03
CA LEU M 394 -53.83 46.12 -58.95
C LEU M 394 -54.32 45.49 -60.25
N SER M 395 -55.51 45.90 -60.69
CA SER M 395 -56.00 45.47 -61.99
C SER M 395 -55.07 45.94 -63.10
N MET M 396 -55.17 45.29 -64.26
CA MET M 396 -54.31 45.67 -65.37
C MET M 396 -54.84 46.91 -66.06
N GLN M 397 -56.15 47.02 -66.23
CA GLN M 397 -56.72 48.11 -67.00
C GLN M 397 -57.02 49.32 -66.13
N ASP M 398 -57.22 49.11 -64.83
CA ASP M 398 -57.55 50.19 -63.92
C ASP M 398 -56.49 50.30 -62.82
N SER M 399 -55.78 51.43 -62.83
CA SER M 399 -54.76 51.76 -61.81
C SER M 399 -53.55 50.83 -61.90
N PHE M 400 -52.89 50.79 -63.06
CA PHE M 400 -51.64 50.06 -63.19
C PHE M 400 -50.80 50.68 -64.30
N MET M 401 -49.80 49.92 -64.75
CA MET M 401 -48.86 50.31 -65.81
C MET M 401 -49.41 50.07 -67.21
N GLY M 402 -50.72 49.87 -67.35
CA GLY M 402 -51.28 49.52 -68.66
C GLY M 402 -51.28 50.68 -69.65
N SER M 403 -51.65 51.87 -69.20
CA SER M 403 -51.62 53.03 -70.07
C SER M 403 -50.21 53.38 -70.53
N ASP M 404 -49.19 52.92 -69.83
CA ASP M 404 -47.81 53.35 -70.06
C ASP M 404 -47.24 52.60 -71.25
N ASP M 405 -46.62 53.35 -72.17
CA ASP M 405 -46.17 52.82 -73.45
C ASP M 405 -44.65 52.70 -73.46
N ILE M 406 -44.17 51.59 -74.02
CA ILE M 406 -42.77 51.20 -73.89
C ILE M 406 -42.06 51.02 -75.23
N SER M 407 -42.77 51.09 -76.36
CA SER M 407 -42.16 50.77 -77.64
C SER M 407 -41.10 51.77 -78.11
N TYR M 408 -41.11 53.01 -77.62
CA TYR M 408 -40.28 54.05 -78.22
C TYR M 408 -38.81 53.98 -77.80
N VAL M 409 -38.36 52.89 -77.19
CA VAL M 409 -36.97 52.70 -76.80
C VAL M 409 -36.27 51.95 -77.93
N GLU M 410 -35.05 52.38 -78.27
CA GLU M 410 -34.32 51.84 -79.41
C GLU M 410 -32.95 51.33 -78.96
N ASN M 411 -32.13 50.96 -79.94
CA ASN M 411 -30.84 50.33 -79.67
C ASN M 411 -29.77 51.39 -79.41
N ARG M 412 -29.41 51.56 -78.13
CA ARG M 412 -28.32 52.47 -77.76
C ARG M 412 -27.84 52.04 -76.37
N VAL M 413 -26.55 51.76 -76.25
CA VAL M 413 -25.96 51.40 -74.96
C VAL M 413 -25.37 52.66 -74.31
N PRO M 414 -25.23 52.72 -72.99
CA PRO M 414 -24.39 53.78 -72.41
C PRO M 414 -22.92 53.53 -72.71
N ASP M 415 -22.16 54.62 -72.73
CA ASP M 415 -20.76 54.60 -73.11
C ASP M 415 -19.88 54.72 -71.87
N LEU M 416 -18.58 54.49 -72.04
CA LEU M 416 -17.62 54.79 -70.99
C LEU M 416 -17.34 56.28 -70.85
N SER M 417 -17.78 57.10 -71.81
CA SER M 417 -17.65 58.55 -71.76
C SER M 417 -18.85 59.21 -71.07
N GLU M 418 -20.06 58.97 -71.59
CA GLU M 418 -21.24 59.43 -70.87
C GLU M 418 -21.35 58.75 -69.52
N LEU M 419 -20.88 57.51 -69.41
CA LEU M 419 -20.82 56.86 -68.11
C LEU M 419 -19.88 57.60 -67.17
N SER M 420 -18.72 58.02 -67.65
CA SER M 420 -17.81 58.80 -66.82
C SER M 420 -18.46 60.12 -66.40
N GLN M 421 -19.22 60.74 -67.30
CA GLN M 421 -19.88 61.99 -66.98
C GLN M 421 -20.94 61.79 -65.91
N HIS M 422 -21.79 60.78 -66.09
CA HIS M 422 -22.83 60.51 -65.09
C HIS M 422 -22.24 59.93 -63.81
N ASP M 423 -20.99 59.49 -63.83
CA ASP M 423 -20.34 59.05 -62.59
C ASP M 423 -19.75 60.23 -61.82
N ASN M 424 -19.14 61.19 -62.51
CA ASN M 424 -18.85 62.47 -61.87
C ASN M 424 -20.13 63.19 -61.45
N GLY M 425 -21.26 62.77 -62.01
CA GLY M 425 -22.56 63.22 -61.52
C GLY M 425 -23.05 62.40 -60.34
N SER M 426 -22.62 61.14 -60.27
CA SER M 426 -22.92 60.28 -59.14
C SER M 426 -22.18 60.72 -57.87
N LEU M 427 -20.93 61.12 -58.02
CA LEU M 427 -20.22 61.63 -56.84
C LEU M 427 -20.77 62.96 -56.37
N ARG M 428 -21.77 63.53 -57.04
CA ARG M 428 -22.39 64.74 -56.53
C ARG M 428 -23.12 64.50 -55.22
N ILE M 429 -23.77 63.35 -55.05
CA ILE M 429 -24.42 63.02 -53.79
C ILE M 429 -23.78 61.79 -53.15
N HIS M 430 -22.54 61.47 -53.51
CA HIS M 430 -21.81 60.33 -52.93
C HIS M 430 -20.42 60.76 -52.44
N ASN M 431 -20.36 61.91 -51.79
CA ASN M 431 -19.09 62.49 -51.37
C ASN M 431 -18.27 61.56 -50.49
N GLY M 432 -17.00 61.36 -50.85
CA GLY M 432 -16.02 60.67 -50.01
C GLY M 432 -16.47 59.32 -49.48
N ASP M 433 -17.42 58.68 -50.16
CA ASP M 433 -18.04 57.45 -49.66
C ASP M 433 -17.23 56.25 -50.10
N LEU M 434 -16.75 55.47 -49.14
CA LEU M 434 -15.95 54.29 -49.48
C LEU M 434 -16.82 53.20 -50.09
N GLN M 435 -18.06 53.06 -49.61
CA GLN M 435 -18.97 52.08 -50.21
C GLN M 435 -19.21 52.40 -51.68
N HIS M 436 -19.53 53.67 -51.96
CA HIS M 436 -19.74 54.10 -53.34
C HIS M 436 -18.47 53.95 -54.16
N LEU M 437 -17.31 54.27 -53.58
CA LEU M 437 -16.07 54.24 -54.34
C LEU M 437 -15.67 52.81 -54.67
N THR M 438 -15.84 51.88 -53.71
CA THR M 438 -15.61 50.48 -54.03
C THR M 438 -16.61 49.97 -55.06
N TRP M 439 -17.88 50.33 -54.93
CA TRP M 439 -18.84 49.92 -55.95
C TRP M 439 -18.41 50.38 -57.33
N LEU M 440 -17.94 51.63 -57.44
CA LEU M 440 -17.60 52.17 -58.74
C LEU M 440 -16.29 51.60 -59.26
N GLY M 441 -15.25 51.59 -58.42
CA GLY M 441 -13.98 51.05 -58.87
C GLY M 441 -14.07 49.58 -59.20
N LEU M 442 -14.92 48.87 -58.46
CA LEU M 442 -15.12 47.45 -58.74
C LEU M 442 -15.93 47.26 -60.00
N GLN M 443 -16.85 48.15 -60.32
CA GLN M 443 -17.55 48.02 -61.60
C GLN M 443 -16.64 48.34 -62.77
N TRP M 444 -15.79 49.36 -62.63
CA TRP M 444 -14.85 49.68 -63.69
C TRP M 444 -13.82 48.56 -63.88
N HIS M 445 -13.48 47.86 -62.79
CA HIS M 445 -12.56 46.74 -62.91
C HIS M 445 -13.28 45.46 -63.31
N PHE M 446 -14.60 45.39 -63.12
CA PHE M 446 -15.38 44.30 -63.69
C PHE M 446 -15.50 44.46 -65.19
N LEU M 447 -15.52 45.69 -65.67
CA LEU M 447 -15.27 45.99 -67.08
C LEU M 447 -13.78 46.10 -67.39
N SER M 448 -12.93 45.92 -66.38
CA SER M 448 -11.50 45.66 -66.53
C SER M 448 -10.71 46.90 -66.97
N THR M 449 -11.32 48.07 -66.90
CA THR M 449 -10.60 49.32 -67.12
C THR M 449 -10.74 50.19 -65.89
N LEU M 450 -9.59 50.60 -65.33
CA LEU M 450 -9.60 51.29 -64.04
C LEU M 450 -10.39 52.59 -64.13
N PRO M 451 -10.99 53.04 -63.03
CA PRO M 451 -11.85 54.22 -63.06
C PRO M 451 -11.07 55.46 -63.42
N PRO M 452 -11.72 56.46 -64.01
CA PRO M 452 -11.10 57.81 -64.09
C PRO M 452 -11.04 58.43 -62.71
N LEU M 453 -10.20 57.84 -61.85
CA LEU M 453 -10.27 58.15 -60.42
C LEU M 453 -9.76 59.54 -60.10
N ARG M 454 -8.84 60.09 -60.90
CA ARG M 454 -8.23 61.36 -60.51
C ARG M 454 -9.22 62.50 -60.65
N LYS M 455 -10.16 62.39 -61.59
CA LYS M 455 -11.22 63.39 -61.69
C LYS M 455 -12.13 63.34 -60.47
N TRP M 456 -12.48 62.12 -60.03
CA TRP M 456 -13.29 61.97 -58.82
C TRP M 456 -12.56 62.52 -57.60
N LEU M 457 -11.26 62.25 -57.49
CA LEU M 457 -10.49 62.77 -56.36
C LEU M 457 -10.41 64.28 -56.39
N LYS M 458 -10.20 64.87 -57.57
CA LYS M 458 -10.08 66.32 -57.70
C LYS M 458 -11.43 67.01 -57.63
N GLN M 459 -12.52 66.25 -57.67
CA GLN M 459 -13.81 66.82 -57.33
C GLN M 459 -14.09 66.71 -55.83
N ILE M 460 -13.98 65.51 -55.26
CA ILE M 460 -14.33 65.30 -53.85
C ILE M 460 -13.36 66.06 -52.95
N PHE M 461 -12.09 65.67 -52.97
CA PHE M 461 -11.09 66.35 -52.15
C PHE M 461 -10.49 67.48 -52.96
N PRO M 462 -10.88 68.75 -52.71
CA PRO M 462 -10.64 69.81 -53.71
C PRO M 462 -9.17 70.15 -53.96
N ARG M 463 -8.42 70.48 -52.91
CA ARG M 463 -7.12 71.11 -53.05
C ARG M 463 -5.94 70.26 -52.62
N VAL M 464 -6.17 69.01 -52.19
CA VAL M 464 -5.10 68.11 -51.76
C VAL M 464 -4.04 68.00 -52.86
N PRO M 465 -2.81 68.47 -52.62
CA PRO M 465 -1.77 68.32 -53.63
C PRO M 465 -1.54 66.86 -53.95
N GLN M 466 -0.96 66.60 -55.12
CA GLN M 466 -0.88 65.25 -55.66
C GLN M 466 0.23 64.42 -55.03
N GLU M 467 1.05 65.01 -54.17
CA GLU M 467 2.21 64.29 -53.66
C GLU M 467 2.60 64.89 -52.32
N THR M 468 3.70 64.42 -51.76
CA THR M 468 4.24 64.82 -50.47
C THR M 468 5.75 64.97 -50.58
N SER M 469 6.35 65.71 -49.65
CA SER M 469 7.75 66.09 -49.78
C SER M 469 8.67 64.88 -49.63
N ARG M 470 8.45 64.07 -48.60
CA ARG M 470 9.27 62.89 -48.37
C ARG M 470 8.38 61.68 -48.20
N LEU M 471 8.79 60.57 -48.80
CA LEU M 471 8.17 59.28 -48.53
C LEU M 471 8.97 58.46 -47.54
N GLU M 472 10.03 59.03 -46.96
CA GLU M 472 10.86 58.31 -46.00
C GLU M 472 10.56 58.67 -44.56
N SER M 473 9.63 59.59 -44.31
CA SER M 473 9.20 59.94 -42.97
C SER M 473 7.69 59.87 -42.88
N ASN M 474 7.18 58.88 -42.13
CA ASN M 474 5.75 58.71 -41.96
C ASN M 474 5.21 59.92 -41.18
N ILE M 475 4.59 60.83 -41.93
CA ILE M 475 3.95 62.00 -41.34
C ILE M 475 2.47 61.94 -41.65
N PRO M 476 1.59 62.16 -40.67
CA PRO M 476 0.14 62.10 -40.95
C PRO M 476 -0.44 63.41 -41.46
N GLU M 477 0.22 64.54 -41.23
CA GLU M 477 -0.29 65.84 -41.63
C GLU M 477 0.00 66.17 -43.09
N SER M 478 0.28 65.16 -43.89
CA SER M 478 0.58 65.29 -45.31
C SER M 478 -0.19 64.22 -46.10
N ILE M 479 -1.50 64.14 -45.89
CA ILE M 479 -2.33 63.15 -46.58
C ILE M 479 -2.37 63.48 -48.07
N CYS M 480 -1.98 62.51 -48.90
CA CYS M 480 -1.75 62.68 -50.33
C CYS M 480 -2.91 62.15 -51.17
N LEU M 481 -3.09 62.76 -52.34
CA LEU M 481 -4.09 62.30 -53.30
C LEU M 481 -3.62 61.08 -54.06
N LEU M 482 -2.33 61.02 -54.41
CA LEU M 482 -1.84 59.80 -55.03
C LEU M 482 -1.84 58.64 -54.04
N ASP M 483 -1.54 58.92 -52.77
CA ASP M 483 -1.68 57.88 -51.75
C ASP M 483 -3.12 57.42 -51.62
N LEU M 484 -4.08 58.30 -51.95
CA LEU M 484 -5.49 57.89 -51.88
C LEU M 484 -5.86 57.02 -53.08
N GLU M 485 -5.42 57.40 -54.28
CA GLU M 485 -5.58 56.47 -55.41
C GLU M 485 -4.92 55.14 -55.10
N VAL M 486 -3.81 55.17 -54.38
CA VAL M 486 -3.13 53.97 -53.91
C VAL M 486 -4.05 53.13 -53.02
N PHE M 487 -4.52 53.72 -51.92
CA PHE M 487 -5.36 52.98 -50.99
C PHE M 487 -6.63 52.48 -51.67
N LEU M 488 -7.17 53.26 -52.61
CA LEU M 488 -8.44 52.88 -53.21
C LEU M 488 -8.26 51.77 -54.24
N LEU M 489 -7.15 51.77 -54.99
CA LEU M 489 -6.86 50.63 -55.85
C LEU M 489 -6.64 49.38 -55.00
N ALA M 490 -5.96 49.54 -53.87
CA ALA M 490 -5.86 48.44 -52.90
C ALA M 490 -7.24 47.89 -52.56
N VAL M 491 -8.17 48.78 -52.20
CA VAL M 491 -9.49 48.33 -51.75
C VAL M 491 -10.22 47.65 -52.89
N VAL M 492 -10.16 48.22 -54.10
CA VAL M 492 -10.79 47.61 -55.27
C VAL M 492 -10.26 46.19 -55.47
N GLN M 493 -8.94 46.05 -55.61
CA GLN M 493 -8.36 44.72 -55.82
C GLN M 493 -8.79 43.76 -54.71
N THR M 494 -8.58 44.15 -53.45
CA THR M 494 -8.76 43.22 -52.34
C THR M 494 -10.22 42.84 -52.14
N SER M 495 -11.13 43.81 -52.13
CA SER M 495 -12.54 43.47 -52.00
C SER M 495 -13.00 42.59 -53.16
N TYR M 496 -12.55 42.88 -54.38
CA TYR M 496 -12.79 42.01 -55.52
C TYR M 496 -12.36 40.58 -55.20
N LEU M 497 -11.16 40.43 -54.61
CA LEU M 497 -10.63 39.10 -54.30
C LEU M 497 -11.41 38.41 -53.17
N GLN M 498 -11.66 39.13 -52.08
CA GLN M 498 -12.43 38.59 -50.96
C GLN M 498 -13.80 38.13 -51.41
N LEU M 499 -14.51 38.97 -52.17
CA LEU M 499 -15.82 38.56 -52.65
C LEU M 499 -15.73 37.39 -53.61
N GLN M 500 -14.75 37.40 -54.52
CA GLN M 500 -14.61 36.31 -55.47
C GLN M 500 -14.36 34.99 -54.77
N ASP M 501 -13.72 35.02 -53.60
CA ASP M 501 -13.66 33.83 -52.77
C ASP M 501 -14.91 33.64 -51.94
N ASN M 502 -15.71 34.69 -51.72
CA ASN M 502 -16.86 34.60 -50.84
C ASN M 502 -18.05 33.98 -51.57
N ASN M 503 -17.80 32.80 -52.12
CA ASN M 503 -18.84 31.93 -52.67
C ASN M 503 -19.53 32.55 -53.88
N THR M 504 -18.80 33.39 -54.61
CA THR M 504 -19.20 33.72 -55.97
C THR M 504 -18.79 32.63 -56.95
N THR M 505 -17.86 31.76 -56.54
CA THR M 505 -17.37 30.67 -57.37
C THR M 505 -18.28 29.45 -57.27
N ASN M 509 -26.48 33.35 -59.27
CA ASN M 509 -25.89 34.64 -58.96
C ASN M 509 -25.09 35.15 -60.15
N ARG M 510 -25.77 35.52 -61.22
CA ARG M 510 -25.11 36.11 -62.39
C ARG M 510 -24.63 37.53 -62.07
N PRO M 511 -25.40 38.35 -61.33
CA PRO M 511 -24.84 39.61 -60.84
C PRO M 511 -23.63 39.38 -59.95
N ARG M 512 -22.54 40.09 -60.27
CA ARG M 512 -21.31 39.99 -59.48
C ARG M 512 -21.28 41.00 -58.33
N CYS M 513 -21.71 42.24 -58.58
CA CYS M 513 -21.57 43.31 -57.61
C CYS M 513 -22.87 43.66 -56.90
N LEU M 514 -24.02 43.10 -57.34
CA LEU M 514 -25.26 43.25 -56.58
C LEU M 514 -25.58 44.70 -56.25
N PRO M 515 -26.21 45.42 -57.16
CA PRO M 515 -26.21 46.90 -57.14
C PRO M 515 -26.31 47.56 -55.77
N LEU M 516 -25.61 48.67 -55.65
CA LEU M 516 -25.22 49.33 -54.40
C LEU M 516 -26.27 49.25 -53.30
N PRO M 517 -27.56 49.48 -53.57
CA PRO M 517 -28.54 49.33 -52.49
C PRO M 517 -28.67 47.92 -51.95
N ILE M 518 -28.21 46.90 -52.68
CA ILE M 518 -28.59 45.54 -52.30
C ILE M 518 -27.43 44.77 -51.69
N CYS M 519 -26.20 44.97 -52.17
CA CYS M 519 -25.13 44.12 -51.69
C CYS M 519 -24.78 44.48 -50.25
N LYS M 520 -24.10 43.55 -49.57
CA LYS M 520 -23.54 43.83 -48.26
C LYS M 520 -22.03 44.09 -48.40
N GLN M 521 -21.36 44.13 -47.25
CA GLN M 521 -20.11 44.88 -47.08
C GLN M 521 -19.10 44.60 -48.19
N LEU M 522 -18.33 45.63 -48.55
CA LEU M 522 -17.28 45.54 -49.57
C LEU M 522 -15.89 45.83 -49.03
N PHE M 523 -15.69 46.97 -48.37
CA PHE M 523 -14.51 47.23 -47.58
C PHE M 523 -14.70 46.58 -46.22
N THR M 524 -13.62 46.44 -45.47
CA THR M 524 -13.73 45.80 -44.16
C THR M 524 -13.63 46.84 -43.04
N ASP M 525 -13.62 46.36 -41.79
CA ASP M 525 -13.58 47.22 -40.60
C ASP M 525 -12.36 48.14 -40.60
N ARG M 526 -11.17 47.59 -40.83
CA ARG M 526 -9.96 48.39 -40.84
C ARG M 526 -10.01 49.49 -41.90
N GLN M 527 -10.45 49.12 -43.11
CA GLN M 527 -10.49 50.08 -44.19
C GLN M 527 -11.50 51.19 -43.92
N ARG M 528 -12.67 50.82 -43.41
CA ARG M 528 -13.66 51.82 -43.03
C ARG M 528 -13.09 52.78 -42.01
N SER M 529 -12.40 52.23 -41.01
CA SER M 529 -11.82 53.07 -39.97
C SER M 529 -10.86 54.08 -40.56
N TRP M 530 -9.95 53.63 -41.42
CA TRP M 530 -8.95 54.57 -41.95
C TRP M 530 -9.57 55.56 -42.93
N TRP M 531 -10.54 55.11 -43.73
CA TRP M 531 -11.18 56.04 -44.65
C TRP M 531 -11.87 57.17 -43.89
N ASP M 532 -12.59 56.83 -42.82
CA ASP M 532 -13.27 57.88 -42.06
C ASP M 532 -12.28 58.76 -41.31
N ALA M 533 -11.21 58.18 -40.75
CA ALA M 533 -10.22 59.02 -40.08
C ALA M 533 -9.51 59.95 -41.07
N VAL M 534 -9.31 59.48 -42.31
CA VAL M 534 -8.72 60.34 -43.34
C VAL M 534 -9.68 61.46 -43.70
N TYR M 535 -10.96 61.14 -43.80
CA TYR M 535 -11.95 62.17 -44.08
C TYR M 535 -11.99 63.20 -42.95
N SER M 536 -11.82 62.76 -41.71
CA SER M 536 -11.73 63.70 -40.60
C SER M 536 -10.46 64.53 -40.67
N LEU M 537 -9.37 63.96 -41.16
CA LEU M 537 -8.13 64.71 -41.29
C LEU M 537 -8.24 65.76 -42.39
N ILE M 538 -8.96 65.46 -43.47
CA ILE M 538 -9.05 66.38 -44.60
C ILE M 538 -10.10 67.47 -44.33
N THR M 539 -11.34 67.07 -44.05
CA THR M 539 -12.50 67.95 -44.22
C THR M 539 -13.07 68.42 -42.90
N LYS M 540 -12.24 68.79 -41.93
CA LYS M 540 -12.75 69.33 -40.68
C LYS M 540 -13.17 70.79 -40.86
N ALA M 548 -8.29 67.12 -29.32
CA ALA M 548 -8.50 65.69 -29.15
C ALA M 548 -8.54 64.97 -30.49
N LYS M 549 -7.49 65.16 -31.30
CA LYS M 549 -7.38 64.54 -32.61
C LYS M 549 -6.40 63.38 -32.54
N LEU M 550 -6.93 62.17 -32.38
CA LEU M 550 -6.13 60.96 -32.46
C LEU M 550 -5.94 60.62 -33.94
N ARG M 551 -4.69 60.51 -34.38
CA ARG M 551 -4.40 60.19 -35.77
C ARG M 551 -3.34 59.11 -35.93
N SER M 552 -3.17 58.27 -34.91
CA SER M 552 -2.30 57.11 -35.06
C SER M 552 -2.85 56.17 -36.12
N VAL M 553 -4.14 56.23 -36.41
CA VAL M 553 -4.71 55.48 -37.54
C VAL M 553 -4.10 55.98 -38.85
N ILE M 554 -4.07 57.30 -39.01
CA ILE M 554 -3.49 57.89 -40.20
C ILE M 554 -2.01 57.54 -40.31
N GLN M 555 -1.28 57.62 -39.19
CA GLN M 555 0.13 57.27 -39.20
C GLN M 555 0.35 55.80 -39.57
N HIS M 556 -0.46 54.90 -38.99
CA HIS M 556 -0.32 53.46 -39.20
C HIS M 556 -0.57 53.09 -40.66
N ASP M 557 -1.64 53.61 -41.25
CA ASP M 557 -1.90 53.20 -42.62
C ASP M 557 -1.10 54.00 -43.64
N LEU M 558 -0.60 55.20 -43.32
CA LEU M 558 0.43 55.76 -44.19
C LEU M 558 1.69 54.91 -44.16
N THR M 559 2.07 54.44 -42.97
CA THR M 559 3.16 53.47 -42.86
C THR M 559 2.95 52.33 -43.84
N THR M 560 1.77 51.73 -43.83
CA THR M 560 1.50 50.59 -44.71
C THR M 560 1.51 50.98 -46.18
N LEU M 561 0.93 52.14 -46.53
CA LEU M 561 0.81 52.49 -47.94
C LEU M 561 2.15 52.85 -48.58
N ARG M 562 2.95 53.68 -47.93
CA ARG M 562 4.10 54.30 -48.57
C ARG M 562 5.28 53.35 -48.74
N ALA M 563 5.08 52.04 -48.59
CA ALA M 563 6.17 51.06 -48.64
C ALA M 563 7.24 51.39 -47.59
N GLN M 564 6.80 51.73 -46.39
CA GLN M 564 7.65 52.31 -45.37
C GLN M 564 8.26 51.24 -44.47
N GLU M 565 8.76 51.67 -43.30
CA GLU M 565 9.70 50.92 -42.47
C GLU M 565 9.34 49.46 -42.27
N LYS M 566 8.22 49.21 -41.59
CA LYS M 566 7.81 47.85 -41.24
C LYS M 566 6.37 47.68 -41.67
N HIS M 567 6.18 47.21 -42.90
CA HIS M 567 4.88 47.18 -43.54
C HIS M 567 4.37 45.75 -43.62
N GLY M 568 3.05 45.61 -43.57
CA GLY M 568 2.44 44.30 -43.55
C GLY M 568 1.85 43.90 -44.89
N LEU M 569 1.63 44.86 -45.76
CA LEU M 569 1.13 44.53 -47.10
C LEU M 569 2.21 43.80 -47.89
N GLN M 570 1.78 42.95 -48.80
CA GLN M 570 2.65 42.08 -49.56
C GLN M 570 2.93 42.65 -50.93
N PRO M 571 3.88 42.06 -51.68
CA PRO M 571 4.17 42.55 -53.03
C PRO M 571 2.92 42.90 -53.81
N ALA M 572 1.99 41.95 -53.95
CA ALA M 572 0.86 42.10 -54.87
C ALA M 572 0.27 43.51 -54.83
N VAL M 573 0.08 44.04 -53.63
CA VAL M 573 -0.58 45.34 -53.48
C VAL M 573 0.28 46.46 -54.08
N LEU M 574 1.51 46.60 -53.59
CA LEU M 574 2.44 47.59 -54.13
C LEU M 574 2.61 47.41 -55.63
N VAL M 575 2.74 46.16 -56.06
CA VAL M 575 2.95 45.83 -57.46
C VAL M 575 1.83 46.39 -58.31
N ASN M 576 0.58 46.08 -57.95
CA ASN M 576 -0.54 46.47 -58.81
C ASN M 576 -0.82 47.96 -58.69
N TRP M 577 -0.50 48.56 -57.54
CA TRP M 577 -0.46 50.01 -57.47
C TRP M 577 0.51 50.54 -58.51
N ALA M 578 1.71 49.98 -58.56
CA ALA M 578 2.72 50.45 -59.51
C ALA M 578 2.25 50.21 -60.95
N ARG M 579 1.44 49.18 -61.14
CA ARG M 579 0.88 48.92 -62.47
C ARG M 579 -0.16 49.97 -62.87
N GLY M 580 -1.09 50.29 -61.97
CA GLY M 580 -2.05 51.34 -62.26
C GLY M 580 -1.36 52.68 -62.50
N LEU M 581 -0.36 52.97 -61.67
CA LEU M 581 0.41 54.19 -61.80
C LEU M 581 1.21 54.21 -63.08
N HIS M 582 1.83 53.11 -63.44
CA HIS M 582 2.50 52.99 -64.71
C HIS M 582 1.58 53.38 -65.86
N LYS M 583 0.51 52.60 -66.06
CA LYS M 583 -0.41 52.88 -67.14
C LYS M 583 -0.82 54.34 -67.12
N THR M 584 -1.49 54.76 -66.05
CA THR M 584 -2.22 56.03 -66.07
C THR M 584 -1.25 57.23 -66.02
N GLY M 585 -0.04 57.04 -65.50
CA GLY M 585 0.92 58.13 -65.44
C GLY M 585 1.69 58.32 -66.73
N TYR M 586 2.24 57.24 -67.29
CA TYR M 586 2.83 57.40 -68.61
C TYR M 586 1.77 57.77 -69.64
N SER M 587 0.50 57.45 -69.38
CA SER M 587 -0.56 57.89 -70.27
C SER M 587 -0.68 59.42 -70.25
N LEU M 588 -0.21 60.05 -69.17
CA LEU M 588 -0.41 61.48 -68.99
C LEU M 588 0.51 62.29 -69.90
N ASN M 589 0.05 63.48 -70.24
CA ASN M 589 0.81 64.42 -71.06
C ASN M 589 1.35 65.61 -70.27
N SER M 590 1.05 65.68 -68.97
CA SER M 590 1.56 66.77 -68.14
C SER M 590 3.00 66.48 -67.73
N PHE M 591 3.87 67.48 -67.90
CA PHE M 591 5.30 67.25 -67.71
C PHE M 591 5.63 66.97 -66.24
N TYR M 592 5.33 67.93 -65.36
CA TYR M 592 5.67 67.82 -63.94
C TYR M 592 4.71 66.92 -63.17
N ASP M 593 3.74 66.30 -63.84
CA ASP M 593 2.95 65.24 -63.22
C ASP M 593 3.38 63.86 -63.70
N GLN M 594 3.82 63.75 -64.96
CA GLN M 594 4.55 62.57 -65.39
C GLN M 594 5.79 62.35 -64.53
N LYS M 595 6.56 63.41 -64.27
CA LYS M 595 7.79 63.24 -63.50
C LYS M 595 7.50 62.68 -62.11
N GLU M 596 6.56 63.30 -61.40
CA GLU M 596 6.21 62.82 -60.06
C GLU M 596 5.54 61.45 -60.11
N TYR M 597 4.76 61.19 -61.16
CA TYR M 597 4.04 59.91 -61.23
C TYR M 597 5.03 58.76 -61.40
N MET M 598 6.00 58.91 -62.30
CA MET M 598 7.00 57.86 -62.45
C MET M 598 8.01 57.88 -61.31
N GLY M 599 8.12 59.00 -60.58
CA GLY M 599 8.84 58.96 -59.31
C GLY M 599 8.15 58.05 -58.30
N ARG M 600 6.82 58.09 -58.29
CA ARG M 600 6.04 57.15 -57.48
C ARG M 600 6.23 55.72 -57.96
N CYS M 601 6.26 55.53 -59.28
CA CYS M 601 6.48 54.19 -59.82
C CYS M 601 7.86 53.64 -59.43
N VAL M 602 8.89 54.48 -59.53
CA VAL M 602 10.23 54.13 -59.07
C VAL M 602 10.21 53.79 -57.59
N HIS M 603 9.64 54.68 -56.77
CA HIS M 603 9.38 54.37 -55.36
C HIS M 603 8.89 52.95 -55.19
N TYR M 604 7.80 52.62 -55.89
CA TYR M 604 7.11 51.36 -55.63
C TYR M 604 7.95 50.15 -56.04
N TRP M 605 8.48 50.16 -57.26
CA TRP M 605 9.22 48.98 -57.70
C TRP M 605 10.59 48.85 -57.04
N LYS M 606 11.29 49.97 -56.80
CA LYS M 606 12.54 49.85 -56.07
C LYS M 606 12.31 49.34 -54.65
N LYS M 607 11.18 49.71 -54.03
CA LYS M 607 10.88 49.19 -52.71
C LYS M 607 10.31 47.78 -52.77
N LEU M 608 9.86 47.37 -53.95
CA LEU M 608 9.33 46.02 -54.13
C LEU M 608 10.44 45.00 -54.30
N LEU M 609 11.49 45.35 -55.02
CA LEU M 609 12.68 44.53 -55.24
C LEU M 609 13.21 43.81 -53.99
N PRO M 610 13.42 44.50 -52.85
CA PRO M 610 14.14 43.83 -51.75
C PRO M 610 13.34 42.73 -51.07
N LEU M 611 12.02 42.86 -50.97
CA LEU M 611 11.23 41.78 -50.41
C LEU M 611 11.34 40.53 -51.28
N LEU M 612 10.91 40.64 -52.54
CA LEU M 612 10.97 39.50 -53.47
C LEU M 612 12.39 38.98 -53.64
N ASP M 613 13.42 39.74 -53.23
CA ASP M 613 14.73 39.16 -53.08
C ASP M 613 14.78 38.10 -51.99
N LEU M 614 14.04 38.30 -50.90
CA LEU M 614 14.03 37.30 -49.84
C LEU M 614 13.09 36.14 -50.12
N VAL M 615 12.73 35.90 -51.38
CA VAL M 615 11.93 34.72 -51.75
C VAL M 615 12.94 33.61 -52.01
N LYS M 616 13.36 32.95 -50.93
CA LYS M 616 14.20 31.75 -51.02
C LYS M 616 13.62 30.74 -50.03
N GLN M 617 12.54 30.09 -50.43
CA GLN M 617 11.78 29.13 -49.61
C GLN M 617 11.57 29.67 -48.19
N LYS M 618 11.58 31.00 -48.06
CA LYS M 618 11.47 31.67 -46.78
C LYS M 618 10.51 32.84 -46.93
N LYS M 619 9.78 33.12 -45.86
CA LYS M 619 8.59 33.95 -45.94
C LYS M 619 8.93 35.37 -46.41
N SER M 620 7.90 36.09 -46.84
CA SER M 620 8.11 37.41 -47.43
C SER M 620 8.38 38.46 -46.36
N ILE M 621 7.43 38.67 -45.46
CA ILE M 621 7.53 39.65 -44.37
C ILE M 621 6.86 39.05 -43.13
N PRO M 622 7.10 39.57 -41.94
CA PRO M 622 6.42 39.02 -40.76
C PRO M 622 5.05 39.65 -40.54
N GLU M 623 4.05 38.80 -40.31
CA GLU M 623 2.67 39.23 -40.26
C GLU M 623 2.01 38.75 -38.96
N PRO M 624 2.21 39.44 -37.83
CA PRO M 624 1.45 39.07 -36.63
C PRO M 624 -0.04 39.32 -36.79
N VAL M 625 -0.40 40.39 -37.52
CA VAL M 625 -1.79 40.81 -37.70
C VAL M 625 -2.02 41.04 -39.20
N ASP M 626 -3.15 40.50 -39.71
CA ASP M 626 -3.60 40.77 -41.06
C ASP M 626 -3.66 42.29 -41.24
N PRO M 627 -2.72 42.88 -41.97
CA PRO M 627 -2.46 44.32 -41.81
C PRO M 627 -3.61 45.21 -42.25
N LEU M 628 -3.94 45.14 -43.53
CA LEU M 628 -5.21 45.62 -44.04
C LEU M 628 -5.77 44.57 -44.99
N PHE M 629 -4.87 43.84 -45.66
CA PHE M 629 -5.22 42.94 -46.75
C PHE M 629 -4.23 41.78 -46.76
N LYS M 630 -4.61 40.62 -46.25
CA LYS M 630 -3.77 39.43 -46.39
C LYS M 630 -4.56 38.35 -47.10
N HIS M 631 -4.07 37.98 -48.29
CA HIS M 631 -4.64 36.92 -49.10
C HIS M 631 -3.62 35.80 -49.06
N PHE M 632 -3.85 34.73 -49.80
CA PHE M 632 -2.87 33.66 -49.84
C PHE M 632 -3.19 32.80 -51.06
N HIS M 633 -2.15 32.18 -51.62
CA HIS M 633 -2.19 31.51 -52.92
C HIS M 633 -2.45 32.50 -54.05
N ASN M 634 -2.59 33.77 -53.70
CA ASN M 634 -2.65 34.87 -54.66
C ASN M 634 -1.55 35.89 -54.41
N LYS M 635 -1.38 36.32 -53.16
CA LYS M 635 -0.38 37.31 -52.83
C LYS M 635 1.03 36.79 -53.06
N ASP M 636 1.24 35.48 -52.90
CA ASP M 636 2.59 34.93 -52.92
C ASP M 636 3.12 34.89 -54.34
N ILE M 637 3.89 35.92 -54.72
CA ILE M 637 4.57 35.93 -56.01
C ILE M 637 5.64 34.85 -55.97
N LYS M 638 5.46 33.79 -56.76
CA LYS M 638 6.36 32.66 -56.73
C LYS M 638 7.74 33.03 -57.30
N VAL M 639 8.63 32.04 -57.30
CA VAL M 639 10.05 32.27 -57.54
C VAL M 639 10.35 32.71 -58.98
N SER M 640 9.42 32.49 -59.91
CA SER M 640 9.77 32.55 -61.33
C SER M 640 9.84 33.97 -61.86
N GLU M 641 8.77 34.75 -61.65
CA GLU M 641 8.58 36.00 -62.38
C GLU M 641 9.53 37.12 -61.93
N VAL M 642 10.56 36.78 -61.15
CA VAL M 642 11.58 37.75 -60.74
C VAL M 642 12.14 38.46 -61.96
N LYS M 643 12.46 37.72 -63.02
CA LYS M 643 13.16 38.31 -64.15
C LYS M 643 12.32 39.42 -64.78
N ASP M 644 11.05 39.14 -65.05
CA ASP M 644 10.18 40.15 -65.64
C ASP M 644 9.96 41.32 -64.68
N LEU M 645 9.74 41.04 -63.39
CA LEU M 645 9.51 42.14 -62.45
C LEU M 645 10.73 43.05 -62.35
N GLU M 646 11.92 42.45 -62.21
CA GLU M 646 13.15 43.22 -62.14
C GLU M 646 13.36 44.06 -63.39
N ASP M 647 13.18 43.45 -64.57
CA ASP M 647 13.48 44.17 -65.80
C ASP M 647 12.46 45.28 -66.05
N GLU M 648 11.20 45.05 -65.68
CA GLU M 648 10.23 46.12 -65.73
C GLU M 648 10.59 47.23 -64.75
N ALA M 649 11.18 46.88 -63.61
CA ALA M 649 11.65 47.91 -62.69
C ALA M 649 12.78 48.72 -63.31
N CYS M 650 13.67 48.06 -64.03
CA CYS M 650 14.73 48.78 -64.75
C CYS M 650 14.14 49.76 -65.76
N ILE M 651 13.13 49.31 -66.50
CA ILE M 651 12.44 50.21 -67.43
C ILE M 651 11.80 51.37 -66.67
N ALA M 652 11.28 51.10 -65.48
CA ALA M 652 10.69 52.16 -64.67
C ALA M 652 11.71 53.22 -64.30
N PHE M 653 12.87 52.79 -63.80
CA PHE M 653 13.90 53.75 -63.37
C PHE M 653 14.44 54.53 -64.56
N ALA M 654 14.78 53.82 -65.65
CA ALA M 654 15.30 54.50 -66.83
C ALA M 654 14.24 55.41 -67.44
N THR M 655 12.96 55.12 -67.23
CA THR M 655 11.90 56.02 -67.67
C THR M 655 11.86 57.29 -66.84
N LEU M 656 11.95 57.16 -65.52
CA LEU M 656 12.02 58.34 -64.67
C LEU M 656 13.21 59.21 -65.05
N ASP M 657 14.31 58.57 -65.44
CA ASP M 657 15.47 59.34 -65.90
C ASP M 657 15.24 59.93 -67.29
N LEU M 658 14.58 59.20 -68.18
CA LEU M 658 14.43 59.65 -69.57
C LEU M 658 13.49 60.84 -69.66
N VAL M 659 12.51 60.93 -68.79
CA VAL M 659 11.61 62.09 -68.84
C VAL M 659 12.17 63.17 -67.93
N ASP M 660 13.41 62.98 -67.45
CA ASP M 660 14.09 63.98 -66.65
C ASP M 660 15.40 64.49 -67.26
N GLY M 661 15.91 63.86 -68.31
CA GLY M 661 16.95 64.49 -69.12
C GLY M 661 18.17 63.67 -69.48
N LYS M 662 18.58 62.64 -68.73
CA LYS M 662 19.79 61.90 -69.08
C LYS M 662 19.45 60.82 -70.11
N THR M 663 19.18 61.30 -71.32
CA THR M 663 18.67 60.45 -72.39
C THR M 663 19.75 59.58 -73.04
N GLU M 664 21.01 59.69 -72.61
CA GLU M 664 22.05 58.81 -73.15
C GLU M 664 22.22 57.56 -72.29
N ASP M 665 22.46 57.72 -70.99
CA ASP M 665 22.44 56.56 -70.13
C ASP M 665 21.05 55.99 -69.99
N ALA M 666 20.02 56.74 -70.41
CA ALA M 666 18.71 56.11 -70.62
C ALA M 666 18.78 55.07 -71.74
N ILE M 667 19.45 55.41 -72.85
CA ILE M 667 19.66 54.43 -73.92
C ILE M 667 20.44 53.24 -73.37
N ILE M 668 21.51 53.52 -72.63
CA ILE M 668 22.35 52.45 -72.10
C ILE M 668 21.54 51.52 -71.22
N ALA M 669 20.82 52.08 -70.25
CA ALA M 669 19.99 51.28 -69.35
C ALA M 669 18.92 50.51 -70.10
N PHE M 670 18.37 51.08 -71.17
CA PHE M 670 17.38 50.33 -71.93
C PHE M 670 18.03 49.29 -72.82
N GLU M 671 19.35 49.34 -73.01
CA GLU M 671 20.10 48.24 -73.59
C GLU M 671 20.48 47.20 -72.53
N SER M 672 19.81 47.23 -71.39
CA SER M 672 19.89 46.16 -70.39
C SER M 672 18.63 45.32 -70.37
N VAL M 673 17.47 45.94 -70.62
CA VAL M 673 16.24 45.18 -70.83
C VAL M 673 16.18 44.69 -72.28
N LYS M 674 15.61 43.50 -72.46
CA LYS M 674 15.66 42.76 -73.73
C LYS M 674 14.26 42.42 -74.23
N ASN M 675 13.29 43.24 -73.91
CA ASN M 675 11.91 42.98 -74.26
C ASN M 675 11.46 43.92 -75.37
N VAL M 676 10.18 43.82 -75.74
CA VAL M 676 9.67 44.65 -76.83
C VAL M 676 9.68 46.12 -76.45
N VAL M 677 9.41 46.44 -75.19
CA VAL M 677 9.44 47.83 -74.73
C VAL M 677 10.86 48.37 -74.83
N ALA M 678 11.86 47.49 -74.71
CA ALA M 678 13.24 47.91 -74.90
C ALA M 678 13.47 48.43 -76.32
N TYR M 679 13.16 47.60 -77.31
CA TYR M 679 13.35 47.98 -78.70
C TYR M 679 12.53 49.21 -79.04
N TRP M 680 11.33 49.32 -78.46
CA TRP M 680 10.46 50.44 -78.80
C TRP M 680 10.97 51.75 -78.21
N ASN M 681 11.45 51.73 -76.97
CA ASN M 681 12.01 52.94 -76.37
C ASN M 681 13.31 53.33 -77.04
N LEU M 682 14.19 52.38 -77.35
CA LEU M 682 15.40 52.71 -78.08
C LEU M 682 15.07 53.25 -79.47
N ALA M 683 13.98 52.78 -80.09
CA ALA M 683 13.58 53.29 -81.40
C ALA M 683 13.09 54.72 -81.31
N LEU M 684 12.15 54.98 -80.38
CA LEU M 684 11.73 56.36 -80.12
C LEU M 684 12.91 57.25 -79.80
N ILE M 685 13.92 56.70 -79.11
CA ILE M 685 15.07 57.48 -78.72
C ILE M 685 15.89 57.90 -79.94
N TYR M 686 16.28 56.93 -80.76
CA TYR M 686 16.99 57.25 -82.00
C TYR M 686 16.21 58.24 -82.85
N GLN M 687 14.89 58.02 -82.97
CA GLN M 687 14.08 58.89 -83.82
C GLN M 687 14.06 60.31 -83.28
N ARG M 688 13.60 60.47 -82.03
CA ARG M 688 13.50 61.79 -81.42
C ARG M 688 14.85 62.50 -81.42
N LYS M 689 15.94 61.76 -81.19
CA LYS M 689 17.25 62.38 -81.10
C LYS M 689 17.76 62.85 -82.46
N ALA M 690 17.61 62.03 -83.49
CA ALA M 690 18.26 62.32 -84.76
C ALA M 690 17.30 62.32 -85.94
N GLU M 691 16.11 62.90 -85.76
CA GLU M 691 15.28 63.24 -86.92
C GLU M 691 16.08 64.04 -87.94
N GLU M 692 16.71 65.13 -87.50
CA GLU M 692 17.47 66.02 -88.38
C GLU M 692 18.91 66.19 -87.87
N ILE M 693 19.52 65.09 -87.41
CA ILE M 693 20.89 65.11 -86.88
C ILE M 693 21.84 64.27 -87.73
N GLU M 694 21.62 62.97 -87.81
CA GLU M 694 22.50 62.07 -88.54
C GLU M 694 21.67 61.00 -89.23
N ASN M 695 22.29 60.34 -90.20
CA ASN M 695 21.66 59.25 -90.94
C ASN M 695 22.08 57.88 -90.42
N ASP M 696 23.40 57.60 -90.37
CA ASP M 696 23.88 56.28 -89.98
C ASP M 696 23.31 55.83 -88.63
N CYS M 697 22.74 56.75 -87.85
CA CYS M 697 21.94 56.36 -86.71
C CYS M 697 20.68 55.59 -87.12
N LEU M 698 20.04 55.99 -88.22
CA LEU M 698 18.75 55.38 -88.59
C LEU M 698 18.86 53.90 -88.92
N PRO M 699 19.98 53.37 -89.49
CA PRO M 699 20.16 51.91 -89.53
C PRO M 699 19.83 51.20 -88.23
N ALA M 700 20.15 51.82 -87.10
CA ALA M 700 19.74 51.27 -85.81
C ALA M 700 18.23 51.18 -85.72
N GLU M 701 17.53 52.21 -86.20
CA GLU M 701 16.07 52.19 -86.22
C GLU M 701 15.56 51.08 -87.13
N GLU M 702 16.20 50.91 -88.28
CA GLU M 702 15.88 49.81 -89.19
C GLU M 702 15.94 48.47 -88.46
N GLN M 703 17.10 48.16 -87.88
CA GLN M 703 17.29 46.90 -87.17
C GLN M 703 16.34 46.77 -85.98
N GLU M 704 16.05 47.88 -85.29
CA GLU M 704 15.14 47.83 -84.16
C GLU M 704 13.73 47.43 -84.62
N GLU M 705 13.25 48.07 -85.69
CA GLU M 705 11.95 47.72 -86.23
C GLU M 705 11.91 46.33 -86.84
N PHE M 706 13.02 45.84 -87.38
CA PHE M 706 13.04 44.45 -87.86
C PHE M 706 12.93 43.47 -86.70
N GLN M 707 13.67 43.72 -85.61
CA GLN M 707 13.44 42.96 -84.39
C GLN M 707 11.96 42.98 -84.02
N GLU M 708 11.36 44.17 -84.00
CA GLU M 708 9.99 44.29 -83.52
C GLU M 708 9.00 43.56 -84.42
N CYS M 709 9.24 43.51 -85.73
CA CYS M 709 8.37 42.76 -86.63
C CYS M 709 8.55 41.24 -86.43
N LEU M 710 9.80 40.80 -86.28
CA LEU M 710 10.05 39.40 -85.94
C LEU M 710 9.30 39.00 -84.68
N LEU M 711 9.31 39.87 -83.67
CA LEU M 711 8.62 39.56 -82.42
C LEU M 711 7.11 39.59 -82.59
N LYS M 712 6.59 40.57 -83.33
CA LYS M 712 5.15 40.63 -83.59
C LYS M 712 4.65 39.39 -84.33
N CYS M 713 5.53 38.75 -85.11
CA CYS M 713 5.13 37.53 -85.81
C CYS M 713 4.52 36.50 -84.86
N LYS M 714 4.89 36.55 -83.59
CA LYS M 714 4.37 35.63 -82.58
C LYS M 714 3.11 36.18 -81.91
N GLY M 715 2.67 37.38 -82.30
CA GLY M 715 1.49 37.99 -81.69
C GLY M 715 1.77 38.84 -80.47
N PHE M 716 2.92 39.53 -80.43
CA PHE M 716 3.30 40.33 -79.27
C PHE M 716 2.73 41.74 -79.36
N LEU M 717 1.72 42.00 -78.55
CA LEU M 717 1.18 43.34 -78.34
C LEU M 717 1.60 43.89 -76.97
N LYS M 718 2.69 43.36 -76.42
CA LYS M 718 3.13 43.75 -75.08
C LYS M 718 3.49 45.24 -75.02
N MET M 719 3.74 45.87 -76.16
CA MET M 719 3.86 47.32 -76.21
C MET M 719 2.55 47.97 -75.78
N ILE M 720 2.58 49.29 -75.59
CA ILE M 720 1.39 49.99 -75.13
C ILE M 720 0.56 50.46 -76.32
N CYS M 721 1.21 50.67 -77.46
CA CYS M 721 0.52 50.99 -78.71
C CYS M 721 0.89 49.93 -79.75
N ASP M 722 -0.12 49.40 -80.45
CA ASP M 722 0.12 48.29 -81.36
C ASP M 722 1.05 48.70 -82.50
N GLU M 723 1.44 47.71 -83.30
CA GLU M 723 2.47 47.91 -84.33
C GLU M 723 1.89 48.22 -85.70
N TYR M 724 0.60 48.03 -85.93
CA TYR M 724 0.02 48.30 -87.24
C TYR M 724 0.26 49.74 -87.67
N SER M 725 0.36 50.67 -86.72
CA SER M 725 0.77 52.04 -86.98
C SER M 725 2.24 52.28 -86.65
N ALA M 726 2.83 51.41 -85.82
CA ALA M 726 4.21 51.60 -85.38
C ALA M 726 5.21 51.23 -86.47
N TYR M 727 5.13 50.01 -86.99
CA TYR M 727 6.15 49.59 -87.95
C TYR M 727 5.96 50.20 -89.34
N PRO M 728 4.74 50.44 -89.83
CA PRO M 728 4.63 50.94 -91.21
C PRO M 728 5.33 52.28 -91.43
N SER M 729 4.98 53.31 -90.67
CA SER M 729 5.59 54.62 -90.85
C SER M 729 7.09 54.59 -90.53
N ILE M 730 7.48 53.81 -89.53
CA ILE M 730 8.89 53.71 -89.17
C ILE M 730 9.69 53.12 -90.32
N ALA M 731 9.28 51.95 -90.81
CA ALA M 731 9.98 51.33 -91.94
C ALA M 731 9.87 52.19 -93.20
N THR M 732 8.89 53.10 -93.24
CA THR M 732 8.75 53.98 -94.39
C THR M 732 9.79 55.10 -94.35
N SER M 733 9.93 55.78 -93.21
CA SER M 733 11.00 56.74 -93.06
C SER M 733 12.36 56.06 -93.11
N LEU M 734 12.39 54.76 -92.82
CA LEU M 734 13.56 53.92 -93.05
C LEU M 734 13.72 53.71 -94.55
N PRO M 735 12.63 53.43 -95.28
CA PRO M 735 12.75 53.39 -96.74
C PRO M 735 12.97 54.75 -97.34
N VAL M 736 12.42 55.81 -96.73
CA VAL M 736 12.81 57.17 -97.11
C VAL M 736 14.27 57.41 -96.79
N PRO M 737 14.88 56.74 -95.80
CA PRO M 737 16.33 56.90 -95.58
C PRO M 737 17.17 56.06 -96.53
N VAL M 738 16.67 54.91 -96.96
CA VAL M 738 17.43 53.99 -97.81
C VAL M 738 17.52 54.52 -99.23
N SER N 4 -43.06 -48.11 -68.55
CA SER N 4 -43.15 -49.45 -69.15
C SER N 4 -44.44 -50.17 -68.71
N LYS N 5 -45.43 -49.37 -68.31
CA LYS N 5 -46.72 -49.79 -67.76
C LYS N 5 -46.50 -50.39 -66.37
N ALA N 6 -45.26 -50.63 -65.94
CA ALA N 6 -44.93 -51.20 -64.63
C ALA N 6 -44.67 -50.12 -63.57
N GLU N 7 -43.77 -49.19 -63.89
CA GLU N 7 -43.49 -48.10 -62.95
C GLU N 7 -44.72 -47.22 -62.79
N ILE N 8 -45.57 -47.17 -63.81
CA ILE N 8 -46.82 -46.42 -63.68
C ILE N 8 -47.77 -47.12 -62.70
N GLN N 9 -47.79 -48.45 -62.69
CA GLN N 9 -48.61 -49.17 -61.71
C GLN N 9 -48.03 -49.03 -60.30
N ARG N 10 -46.69 -49.02 -60.19
CA ARG N 10 -46.06 -48.77 -58.89
C ARG N 10 -46.36 -47.36 -58.39
N TYR N 11 -46.34 -46.37 -59.29
CA TYR N 11 -46.71 -45.01 -58.89
C TYR N 11 -48.19 -44.93 -58.55
N VAL N 12 -49.01 -45.76 -59.19
CA VAL N 12 -50.40 -45.89 -58.78
C VAL N 12 -50.50 -46.41 -57.35
N GLU N 13 -49.68 -47.41 -56.99
CA GLU N 13 -49.69 -47.93 -55.62
C GLU N 13 -49.27 -46.86 -54.63
N ASN N 14 -48.17 -46.16 -54.92
CA ASN N 14 -47.68 -45.14 -53.98
C ASN N 14 -48.66 -43.99 -53.84
N ALA N 15 -49.29 -43.57 -54.94
CA ALA N 15 -50.29 -42.51 -54.86
C ALA N 15 -51.54 -43.00 -54.11
N GLN N 16 -51.88 -44.27 -54.28
CA GLN N 16 -52.99 -44.84 -53.51
C GLN N 16 -52.70 -44.81 -52.02
N ASN N 17 -51.46 -45.14 -51.63
CA ASN N 17 -51.10 -45.09 -50.22
C ASN N 17 -51.12 -43.67 -49.69
N SER N 18 -50.52 -42.73 -50.44
CA SER N 18 -50.46 -41.33 -50.01
C SER N 18 -51.78 -40.61 -50.27
N ALA N 19 -52.79 -41.33 -50.74
CA ALA N 19 -54.16 -40.86 -50.84
C ALA N 19 -55.06 -41.44 -49.76
N SER N 20 -54.79 -42.68 -49.33
CA SER N 20 -55.54 -43.29 -48.25
C SER N 20 -55.05 -42.78 -46.89
N SER N 21 -53.74 -42.51 -46.78
CA SER N 21 -53.19 -41.98 -45.54
C SER N 21 -53.56 -40.51 -45.38
N PRO N 22 -53.16 -39.64 -46.31
CA PRO N 22 -53.57 -38.24 -46.25
C PRO N 22 -54.76 -37.94 -47.14
N ARG N 23 -55.96 -38.35 -46.69
CA ARG N 23 -57.19 -38.38 -47.48
C ARG N 23 -57.41 -37.18 -48.41
N GLU N 24 -57.07 -35.96 -47.97
CA GLU N 24 -57.25 -34.80 -48.83
C GLU N 24 -56.48 -34.95 -50.14
N LYS N 25 -55.15 -35.06 -50.06
CA LYS N 25 -54.26 -35.48 -51.14
C LYS N 25 -54.66 -35.02 -52.54
N SER N 26 -54.88 -33.71 -52.72
CA SER N 26 -55.04 -33.19 -54.06
C SER N 26 -53.81 -33.48 -54.91
N MET N 27 -52.62 -33.41 -54.30
CA MET N 27 -51.38 -33.64 -55.04
C MET N 27 -51.19 -35.10 -55.45
N LYS N 28 -51.28 -36.03 -54.49
CA LYS N 28 -51.14 -37.45 -54.82
C LYS N 28 -52.25 -37.90 -55.77
N GLY N 29 -53.52 -37.62 -55.42
CA GLY N 29 -54.62 -37.96 -56.30
C GLY N 29 -54.51 -37.30 -57.65
N PHE N 30 -53.86 -36.13 -57.72
CA PHE N 30 -53.66 -35.46 -58.99
C PHE N 30 -52.58 -36.14 -59.80
N LEU N 31 -51.60 -36.74 -59.13
CA LEU N 31 -50.63 -37.57 -59.83
C LEU N 31 -51.26 -38.83 -60.41
N PHE N 32 -52.20 -39.44 -59.67
CA PHE N 32 -52.93 -40.59 -60.22
C PHE N 32 -53.85 -40.16 -61.37
N ALA N 33 -54.47 -38.98 -61.23
CA ALA N 33 -55.29 -38.44 -62.31
C ALA N 33 -54.47 -38.12 -63.54
N ARG N 34 -53.26 -37.58 -63.36
CA ARG N 34 -52.37 -37.37 -64.48
C ARG N 34 -51.94 -38.69 -65.10
N LEU N 35 -51.87 -39.75 -64.29
CA LEU N 35 -51.65 -41.08 -64.85
C LEU N 35 -52.82 -41.50 -65.74
N TYR N 36 -54.05 -41.26 -65.29
CA TYR N 36 -55.22 -41.61 -66.10
C TYR N 36 -55.31 -40.74 -67.36
N TYR N 37 -54.84 -39.50 -67.27
CA TYR N 37 -54.84 -38.59 -68.41
C TYR N 37 -53.75 -38.94 -69.42
N GLU N 38 -52.61 -39.42 -68.93
CA GLU N 38 -51.63 -40.05 -69.81
C GLU N 38 -52.24 -41.29 -70.46
N ALA N 39 -53.02 -42.05 -69.70
CA ALA N 39 -53.95 -43.04 -70.22
C ALA N 39 -55.27 -42.35 -70.53
N LYS N 40 -56.39 -43.04 -70.65
CA LYS N 40 -57.62 -42.37 -71.10
C LYS N 40 -58.88 -43.01 -70.54
N GLU N 41 -59.29 -42.59 -69.35
CA GLU N 41 -60.61 -42.91 -68.79
C GLU N 41 -61.21 -41.60 -68.29
N TYR N 42 -61.88 -40.88 -69.21
CA TYR N 42 -62.28 -39.50 -68.95
C TYR N 42 -63.10 -39.36 -67.68
N GLU N 43 -63.91 -40.36 -67.33
CA GLU N 43 -64.76 -40.23 -66.15
C GLU N 43 -63.93 -40.06 -64.88
N LEU N 44 -63.10 -41.05 -64.55
CA LEU N 44 -62.31 -40.96 -63.32
C LEU N 44 -61.21 -39.92 -63.44
N ALA N 45 -60.71 -39.66 -64.66
CA ALA N 45 -59.72 -38.61 -64.84
C ALA N 45 -60.29 -37.25 -64.45
N LYS N 46 -61.44 -36.89 -65.03
CA LYS N 46 -62.09 -35.64 -64.69
C LYS N 46 -62.51 -35.62 -63.22
N ARG N 47 -62.93 -36.77 -62.68
CA ARG N 47 -63.37 -36.81 -61.28
C ARG N 47 -62.22 -36.51 -60.33
N SER N 48 -61.08 -37.20 -60.51
CA SER N 48 -59.92 -36.97 -59.65
C SER N 48 -59.37 -35.56 -59.84
N VAL N 49 -59.39 -35.06 -61.08
CA VAL N 49 -58.94 -33.69 -61.31
C VAL N 49 -59.90 -32.69 -60.66
N SER N 50 -61.18 -33.02 -60.61
CA SER N 50 -62.16 -32.17 -59.95
C SER N 50 -61.95 -32.16 -58.44
N SER N 51 -61.72 -33.34 -57.86
CA SER N 51 -61.31 -33.41 -56.47
C SER N 51 -60.10 -32.52 -56.22
N TYR N 52 -59.11 -32.58 -57.13
CA TYR N 52 -57.89 -31.80 -56.98
C TYR N 52 -58.19 -30.30 -56.96
N ILE N 53 -58.90 -29.82 -57.97
CA ILE N 53 -59.17 -28.38 -58.07
C ILE N 53 -59.99 -27.91 -56.88
N SER N 54 -61.05 -28.66 -56.52
CA SER N 54 -62.03 -28.16 -55.55
C SER N 54 -61.55 -28.30 -54.12
N VAL N 55 -61.24 -29.53 -53.70
CA VAL N 55 -60.98 -29.81 -52.30
C VAL N 55 -59.71 -29.09 -51.81
N ASP N 59 -55.22 -24.50 -59.33
CA ASP N 59 -54.21 -25.26 -60.06
C ASP N 59 -54.53 -25.29 -61.55
N PRO N 60 -53.56 -24.92 -62.38
CA PRO N 60 -53.82 -24.87 -63.83
C PRO N 60 -54.04 -26.22 -64.45
N LYS N 61 -53.43 -27.29 -63.92
CA LYS N 61 -53.66 -28.60 -64.49
C LYS N 61 -55.12 -29.01 -64.44
N ALA N 62 -55.67 -29.15 -63.24
CA ALA N 62 -57.07 -29.51 -63.11
C ALA N 62 -57.98 -28.43 -63.68
N HIS N 63 -57.53 -27.16 -63.62
CA HIS N 63 -58.35 -26.07 -64.12
C HIS N 63 -58.56 -26.15 -65.63
N ARG N 64 -57.47 -26.35 -66.39
CA ARG N 64 -57.58 -26.51 -67.82
C ARG N 64 -58.25 -27.82 -68.19
N PHE N 65 -58.02 -28.88 -67.40
CA PHE N 65 -58.71 -30.14 -67.66
C PHE N 65 -60.22 -29.95 -67.58
N LEU N 66 -60.70 -29.37 -66.49
CA LEU N 66 -62.14 -29.14 -66.32
C LEU N 66 -62.66 -28.18 -67.38
N GLY N 67 -61.95 -27.09 -67.64
CA GLY N 67 -62.41 -26.13 -68.62
C GLY N 67 -62.53 -26.70 -70.02
N GLN N 68 -61.48 -27.42 -70.47
CA GLN N 68 -61.50 -27.96 -71.82
C GLN N 68 -62.49 -29.11 -71.95
N LEU N 69 -62.64 -29.94 -70.90
CA LEU N 69 -63.63 -31.01 -70.96
C LEU N 69 -65.03 -30.43 -71.02
N PHE N 70 -65.32 -29.42 -70.19
CA PHE N 70 -66.63 -28.79 -70.23
C PHE N 70 -66.88 -28.14 -71.57
N GLU N 71 -65.85 -27.52 -72.16
CA GLU N 71 -66.01 -26.85 -73.46
C GLU N 71 -66.25 -27.86 -74.58
N ILE N 72 -65.51 -28.97 -74.56
CA ILE N 72 -65.69 -30.00 -75.58
C ILE N 72 -67.02 -30.72 -75.42
N GLU N 73 -67.59 -30.75 -74.22
CA GLU N 73 -68.94 -31.27 -74.07
C GLU N 73 -70.01 -30.21 -74.25
N GLY N 74 -69.64 -28.93 -74.28
CA GLY N 74 -70.59 -27.83 -74.33
C GLY N 74 -71.01 -27.28 -72.98
N ASN N 75 -70.26 -27.58 -71.91
CA ASN N 75 -70.67 -27.24 -70.55
C ASN N 75 -70.15 -25.86 -70.15
N VAL N 76 -70.85 -24.83 -70.63
CA VAL N 76 -70.50 -23.45 -70.28
C VAL N 76 -70.55 -23.23 -68.77
N GLU N 77 -71.44 -23.90 -68.06
CA GLU N 77 -71.54 -23.72 -66.62
C GLU N 77 -70.27 -24.19 -65.92
N LYS N 78 -69.84 -25.42 -66.20
CA LYS N 78 -68.62 -25.94 -65.58
C LYS N 78 -67.40 -25.17 -66.04
N ALA N 79 -67.38 -24.75 -67.30
CA ALA N 79 -66.26 -23.95 -67.80
C ALA N 79 -66.13 -22.65 -67.02
N VAL N 80 -67.24 -21.94 -66.82
CA VAL N 80 -67.21 -20.67 -66.10
C VAL N 80 -66.85 -20.90 -64.64
N GLY N 81 -67.41 -21.94 -64.02
CA GLY N 81 -67.08 -22.24 -62.64
C GLY N 81 -65.59 -22.47 -62.44
N CYS N 82 -65.01 -23.37 -63.24
CA CYS N 82 -63.60 -23.71 -63.12
C CYS N 82 -62.71 -22.49 -63.43
N TYR N 83 -62.99 -21.80 -64.54
CA TYR N 83 -62.18 -20.63 -64.91
C TYR N 83 -62.23 -19.54 -63.85
N LYS N 84 -63.43 -19.20 -63.36
CA LYS N 84 -63.58 -18.13 -62.39
C LYS N 84 -62.92 -18.50 -61.06
N ARG N 85 -63.17 -19.72 -60.56
CA ARG N 85 -62.53 -20.14 -59.32
C ARG N 85 -61.01 -20.10 -59.44
N SER N 86 -60.47 -20.67 -60.52
CA SER N 86 -59.02 -20.68 -60.71
C SER N 86 -58.46 -19.27 -60.82
N LEU N 87 -59.12 -18.39 -61.58
CA LEU N 87 -58.63 -17.03 -61.74
C LEU N 87 -58.62 -16.29 -60.41
N GLU N 88 -59.76 -16.27 -59.71
CA GLU N 88 -59.87 -15.55 -58.47
C GLU N 88 -58.97 -16.12 -57.37
N LEU N 89 -58.57 -17.39 -57.46
CA LEU N 89 -57.57 -17.89 -56.52
C LEU N 89 -56.15 -17.87 -57.10
N ASN N 90 -55.99 -18.12 -58.41
CA ASN N 90 -54.76 -17.96 -59.17
C ASN N 90 -53.53 -18.56 -58.50
N PRO N 91 -53.34 -19.87 -58.52
CA PRO N 91 -52.02 -20.40 -58.12
C PRO N 91 -51.08 -20.53 -59.32
N THR N 92 -51.65 -20.69 -60.53
CA THR N 92 -51.02 -20.32 -61.80
C THR N 92 -52.07 -20.29 -62.90
N GLN N 93 -52.63 -19.13 -63.23
CA GLN N 93 -53.77 -19.12 -64.15
C GLN N 93 -53.87 -17.77 -64.86
N LYS N 94 -53.86 -17.84 -66.20
CA LYS N 94 -53.89 -16.65 -67.05
C LYS N 94 -55.04 -16.64 -68.07
N ASP N 95 -55.23 -17.73 -68.82
CA ASP N 95 -55.94 -17.65 -70.09
C ASP N 95 -57.42 -18.02 -69.99
N LEU N 96 -57.79 -18.85 -69.01
CA LEU N 96 -59.15 -19.39 -68.96
C LEU N 96 -60.20 -18.29 -68.91
N THR N 97 -59.78 -17.06 -68.60
CA THR N 97 -60.68 -15.92 -68.67
C THR N 97 -61.26 -15.73 -70.07
N LEU N 98 -60.62 -16.31 -71.09
CA LEU N 98 -61.18 -16.27 -72.44
C LEU N 98 -62.50 -17.03 -72.51
N ARG N 99 -62.49 -18.31 -72.14
CA ARG N 99 -63.74 -19.05 -72.05
C ARG N 99 -64.68 -18.47 -71.00
N ILE N 100 -64.14 -17.75 -70.01
CA ILE N 100 -64.99 -17.02 -69.08
C ILE N 100 -65.74 -15.91 -69.82
N ALA N 101 -65.04 -15.24 -70.75
CA ALA N 101 -65.68 -14.22 -71.57
C ALA N 101 -66.72 -14.83 -72.49
N GLU N 102 -66.43 -16.00 -73.05
CA GLU N 102 -67.40 -16.68 -73.91
C GLU N 102 -68.65 -17.05 -73.12
N LEU N 103 -68.47 -17.57 -71.89
CA LEU N 103 -69.60 -17.85 -71.01
C LEU N 103 -70.39 -16.58 -70.72
N ILE N 104 -69.71 -15.52 -70.30
CA ILE N 104 -70.39 -14.27 -69.92
C ILE N 104 -71.12 -13.69 -71.11
N CYS N 105 -70.60 -13.90 -72.32
CA CYS N 105 -71.28 -13.42 -73.51
C CYS N 105 -72.53 -14.25 -73.79
N THR N 106 -72.39 -15.58 -73.72
CA THR N 106 -73.55 -16.47 -73.91
C THR N 106 -74.60 -16.27 -72.82
N LEU N 107 -74.23 -15.62 -71.72
CA LEU N 107 -75.17 -15.32 -70.65
C LEU N 107 -76.16 -14.24 -71.07
N GLY N 112 -73.64 -7.46 -72.06
CA GLY N 112 -73.79 -6.83 -70.76
C GLY N 112 -72.78 -7.33 -69.75
N ARG N 113 -72.68 -8.66 -69.62
CA ARG N 113 -71.73 -9.24 -68.69
C ARG N 113 -70.34 -9.36 -69.32
N ALA N 114 -70.27 -9.86 -70.55
CA ALA N 114 -68.97 -10.10 -71.19
C ALA N 114 -68.13 -8.84 -71.34
N GLU N 115 -68.66 -7.67 -70.99
CA GLU N 115 -67.91 -6.43 -71.15
C GLU N 115 -66.65 -6.44 -70.29
N TYR N 116 -66.76 -6.89 -69.05
CA TYR N 116 -65.60 -6.94 -68.15
C TYR N 116 -64.49 -7.78 -68.76
N TRP N 117 -64.80 -9.03 -69.13
CA TRP N 117 -63.78 -9.94 -69.63
C TRP N 117 -63.26 -9.54 -71.00
N VAL N 118 -64.09 -8.93 -71.85
CA VAL N 118 -63.62 -8.51 -73.16
C VAL N 118 -62.72 -7.29 -73.04
N GLU N 119 -63.00 -6.38 -72.11
CA GLU N 119 -62.07 -5.29 -71.82
C GLU N 119 -60.77 -5.84 -71.24
N ARG N 120 -60.87 -6.88 -70.40
CA ARG N 120 -59.67 -7.51 -69.85
C ARG N 120 -58.79 -8.08 -70.96
N ALA N 121 -59.39 -8.83 -71.89
CA ALA N 121 -58.63 -9.38 -73.02
C ALA N 121 -58.08 -8.27 -73.91
N SER N 122 -58.84 -7.17 -74.06
CA SER N 122 -58.36 -6.04 -74.84
C SER N 122 -57.11 -5.44 -74.22
N LYS N 123 -57.12 -5.23 -72.91
CA LYS N 123 -55.96 -4.67 -72.25
C LYS N 123 -54.79 -5.65 -72.13
N LEU N 124 -55.06 -6.96 -72.16
CA LEU N 124 -53.99 -7.95 -72.10
C LEU N 124 -53.39 -8.27 -73.46
N PHE N 125 -54.09 -7.98 -74.54
CA PHE N 125 -53.56 -8.20 -75.89
C PHE N 125 -54.26 -7.28 -76.88
N PRO N 126 -53.64 -6.15 -77.25
CA PRO N 126 -54.36 -5.19 -78.10
C PRO N 126 -54.77 -5.72 -79.46
N GLY N 127 -53.86 -6.38 -80.20
CA GLY N 127 -54.23 -6.91 -81.50
C GLY N 127 -55.07 -8.17 -81.44
N SER N 128 -56.22 -8.11 -80.76
CA SER N 128 -57.07 -9.27 -80.55
C SER N 128 -58.27 -9.23 -81.48
N PRO N 129 -58.22 -9.92 -82.63
CA PRO N 129 -59.39 -9.91 -83.53
C PRO N 129 -60.59 -10.64 -82.96
N GLU N 130 -60.34 -11.84 -82.41
CA GLU N 130 -61.42 -12.62 -81.82
C GLU N 130 -62.09 -11.89 -80.66
N ILE N 131 -61.30 -11.26 -79.80
CA ILE N 131 -61.87 -10.56 -78.64
C ILE N 131 -62.49 -9.24 -79.06
N TYR N 132 -61.95 -8.61 -80.12
CA TYR N 132 -62.59 -7.42 -80.66
C TYR N 132 -63.96 -7.73 -81.21
N ARG N 133 -64.10 -8.86 -81.91
CA ARG N 133 -65.41 -9.24 -82.45
C ARG N 133 -66.34 -9.71 -81.34
N LEU N 134 -65.80 -10.36 -80.30
CA LEU N 134 -66.61 -10.76 -79.16
C LEU N 134 -67.17 -9.55 -78.43
N LYS N 135 -66.32 -8.55 -78.16
CA LYS N 135 -66.80 -7.31 -77.55
C LYS N 135 -67.73 -6.56 -78.51
N GLU N 136 -67.52 -6.73 -79.82
CA GLU N 136 -68.42 -6.13 -80.80
C GLU N 136 -69.83 -6.72 -80.68
N GLN N 137 -69.94 -8.04 -80.55
CA GLN N 137 -71.24 -8.66 -80.36
C GLN N 137 -71.82 -8.34 -78.99
N LEU N 138 -70.97 -8.21 -77.97
CA LEU N 138 -71.42 -7.78 -76.65
C LEU N 138 -72.02 -6.38 -76.72
N LEU N 139 -71.38 -5.49 -77.47
CA LEU N 139 -71.95 -4.16 -77.68
C LEU N 139 -73.24 -4.22 -78.48
N SER N 140 -73.30 -5.11 -79.47
CA SER N 140 -74.50 -5.29 -80.29
C SER N 140 -75.66 -5.88 -79.51
N SER N 141 -75.39 -6.48 -78.36
CA SER N 141 -76.46 -6.95 -77.48
C SER N 141 -76.66 -6.09 -76.25
N GLN N 142 -75.73 -5.20 -75.92
CA GLN N 142 -75.80 -4.36 -74.73
C GLN N 142 -75.41 -2.92 -75.05
N GLY N 143 -75.94 -2.40 -76.15
CA GLY N 143 -75.74 -1.00 -76.48
C GLY N 143 -77.03 -0.20 -76.64
N TRP N 147 -77.43 -2.49 -86.16
CA TRP N 147 -76.60 -2.13 -87.30
C TRP N 147 -75.77 -0.89 -86.99
N ASN N 148 -76.33 0.01 -86.18
CA ASN N 148 -75.56 1.16 -85.73
C ASN N 148 -74.33 0.71 -84.96
N GLN N 149 -74.54 -0.14 -83.95
CA GLN N 149 -73.42 -0.62 -83.14
C GLN N 149 -72.48 -1.51 -83.96
N LEU N 150 -73.02 -2.24 -84.94
CA LEU N 150 -72.18 -3.06 -85.79
C LEU N 150 -71.24 -2.20 -86.65
N PHE N 151 -71.78 -1.19 -87.33
CA PHE N 151 -70.94 -0.31 -88.14
C PHE N 151 -69.98 0.48 -87.28
N ASP N 152 -70.40 0.85 -86.07
CA ASP N 152 -69.49 1.56 -85.17
C ASP N 152 -68.35 0.66 -84.71
N LEU N 153 -68.67 -0.57 -84.30
CA LEU N 153 -67.64 -1.54 -83.93
C LEU N 153 -66.69 -1.80 -85.09
N ILE N 154 -67.21 -1.85 -86.31
CA ILE N 154 -66.32 -2.04 -87.45
C ILE N 154 -65.48 -0.80 -87.71
N GLN N 155 -66.01 0.39 -87.40
CA GLN N 155 -65.19 1.61 -87.50
C GLN N 155 -64.05 1.58 -86.50
N ALA N 156 -64.33 1.19 -85.26
CA ALA N 156 -63.27 1.02 -84.28
C ALA N 156 -62.31 -0.10 -84.69
N GLU N 157 -62.82 -1.13 -85.35
CA GLU N 157 -61.96 -2.20 -85.85
C GLU N 157 -61.03 -1.65 -86.93
N LEU N 158 -61.53 -0.71 -87.73
CA LEU N 158 -60.67 -0.02 -88.67
C LEU N 158 -59.63 0.85 -87.97
N PHE N 159 -60.04 1.53 -86.89
CA PHE N 159 -59.10 2.33 -86.12
C PHE N 159 -58.02 1.48 -85.45
N ALA N 160 -58.32 0.19 -85.24
CA ALA N 160 -57.32 -0.73 -84.71
C ALA N 160 -56.54 -1.42 -85.82
N ARG N 161 -57.10 -1.47 -87.01
CA ARG N 161 -56.46 -2.10 -88.16
C ARG N 161 -57.13 -1.62 -89.44
N PRO N 162 -56.68 -0.50 -90.01
CA PRO N 162 -57.29 -0.02 -91.25
C PRO N 162 -56.99 -0.90 -92.45
N ASN N 163 -56.08 -1.87 -92.32
CA ASN N 163 -55.85 -2.82 -93.39
C ASN N 163 -57.05 -3.72 -93.62
N ASP N 164 -57.94 -3.83 -92.63
CA ASP N 164 -58.98 -4.85 -92.61
C ASP N 164 -60.06 -4.53 -93.64
N VAL N 165 -59.85 -5.01 -94.87
CA VAL N 165 -60.87 -4.85 -95.91
C VAL N 165 -62.12 -5.65 -95.56
N TYR N 166 -61.95 -6.74 -94.81
CA TYR N 166 -63.12 -7.49 -94.36
C TYR N 166 -63.96 -6.69 -93.36
N VAL N 167 -63.33 -6.06 -92.37
CA VAL N 167 -64.07 -5.21 -91.45
C VAL N 167 -64.64 -4.00 -92.19
N ASN N 168 -63.96 -3.58 -93.26
CA ASN N 168 -64.47 -2.50 -94.08
C ASN N 168 -65.74 -2.91 -94.83
N LEU N 169 -65.78 -4.14 -95.35
CA LEU N 169 -67.00 -4.64 -95.98
C LEU N 169 -68.11 -4.85 -94.96
N LYS N 170 -67.75 -5.24 -93.73
CA LYS N 170 -68.75 -5.34 -92.67
C LYS N 170 -69.33 -3.98 -92.32
N LEU N 171 -68.49 -2.95 -92.21
CA LEU N 171 -68.97 -1.60 -91.95
C LEU N 171 -69.85 -1.13 -93.09
N VAL N 172 -69.44 -1.39 -94.33
CA VAL N 172 -70.26 -0.97 -95.46
C VAL N 172 -71.61 -1.65 -95.42
N ASP N 173 -71.66 -2.95 -95.10
CA ASP N 173 -72.93 -3.66 -95.06
C ASP N 173 -73.83 -3.11 -93.95
N LEU N 174 -73.26 -2.90 -92.76
CA LEU N 174 -74.05 -2.38 -91.64
C LEU N 174 -74.53 -0.96 -91.90
N PHE N 175 -73.75 -0.14 -92.61
CA PHE N 175 -74.21 1.20 -92.93
C PHE N 175 -75.32 1.17 -93.98
N LEU N 176 -75.14 0.35 -95.01
CA LEU N 176 -76.17 0.22 -96.04
C LEU N 176 -77.49 -0.21 -95.43
N SER N 177 -77.48 -1.30 -94.65
CA SER N 177 -78.68 -1.74 -93.97
C SER N 177 -79.15 -0.69 -92.95
N ASN N 178 -78.24 0.15 -92.48
CA ASN N 178 -78.58 1.20 -91.54
C ASN N 178 -79.31 2.35 -92.24
N LEU N 181 -75.44 4.16 -98.56
CA LEU N 181 -75.51 4.56 -99.96
C LEU N 181 -74.15 5.07 -100.45
N GLU N 182 -73.99 6.39 -100.46
CA GLU N 182 -72.75 7.02 -100.89
C GLU N 182 -71.52 6.44 -100.19
N GLU N 183 -71.45 6.59 -98.87
CA GLU N 183 -70.23 6.21 -98.15
C GLU N 183 -70.03 4.70 -98.07
N ALA N 184 -71.08 3.94 -97.74
CA ALA N 184 -70.92 2.50 -97.64
C ALA N 184 -70.69 1.85 -99.01
N VAL N 185 -71.26 2.40 -100.07
CA VAL N 185 -71.00 1.90 -101.41
C VAL N 185 -69.61 2.30 -101.88
N LEU N 186 -69.12 3.46 -101.46
CA LEU N 186 -67.73 3.81 -101.72
C LEU N 186 -66.80 2.81 -101.04
N HIS N 187 -67.09 2.44 -99.80
CA HIS N 187 -66.27 1.51 -99.05
C HIS N 187 -66.61 0.04 -99.35
N CYS N 188 -67.56 -0.21 -100.25
CA CYS N 188 -67.76 -1.52 -100.86
C CYS N 188 -67.03 -1.64 -102.20
N LEU N 189 -66.96 -0.54 -102.96
CA LEU N 189 -66.12 -0.52 -104.15
C LEU N 189 -64.64 -0.47 -103.79
N LYS N 190 -64.31 0.10 -102.63
CA LYS N 190 -62.94 0.29 -102.17
C LYS N 190 -62.18 -1.03 -102.07
N PRO N 191 -62.64 -1.98 -101.24
CA PRO N 191 -61.97 -3.30 -101.22
C PRO N 191 -61.90 -3.94 -102.60
N GLU N 192 -62.92 -3.72 -103.43
CA GLU N 192 -62.90 -4.24 -104.79
C GLU N 192 -61.84 -3.56 -105.64
N ARG N 193 -61.73 -2.24 -105.56
CA ARG N 193 -60.73 -1.49 -106.31
C ARG N 193 -59.34 -1.60 -105.68
N ARG N 194 -59.21 -2.34 -104.58
CA ARG N 194 -57.91 -2.59 -103.98
C ARG N 194 -57.46 -4.05 -104.10
N ALA N 195 -58.37 -4.99 -104.28
CA ALA N 195 -57.97 -6.38 -104.49
C ALA N 195 -58.40 -6.90 -105.86
N LEU N 196 -59.69 -6.75 -106.19
CA LEU N 196 -60.31 -7.25 -107.41
C LEU N 196 -60.40 -8.78 -107.40
N ARG N 197 -59.87 -9.41 -106.35
CA ARG N 197 -59.94 -10.83 -106.06
C ARG N 197 -60.93 -11.18 -104.95
N THR N 198 -61.75 -10.25 -104.45
CA THR N 198 -62.53 -10.47 -103.24
C THR N 198 -63.98 -10.75 -103.61
N ASP N 199 -64.36 -12.03 -103.54
CA ASP N 199 -65.73 -12.43 -103.84
C ASP N 199 -66.72 -11.74 -102.89
N ILE N 200 -66.34 -11.58 -101.63
CA ILE N 200 -67.19 -10.89 -100.67
C ILE N 200 -67.42 -9.45 -101.08
N GLU N 201 -66.35 -8.75 -101.53
CA GLU N 201 -66.51 -7.36 -101.94
C GLU N 201 -67.38 -7.25 -103.18
N TRP N 202 -67.20 -8.16 -104.14
CA TRP N 202 -68.04 -8.14 -105.34
C TRP N 202 -69.50 -8.33 -104.99
N CYS N 203 -69.82 -9.38 -104.22
CA CYS N 203 -71.21 -9.65 -103.84
C CYS N 203 -71.79 -8.50 -103.04
N SER N 204 -71.01 -7.95 -102.09
CA SER N 204 -71.51 -6.86 -101.26
C SER N 204 -71.80 -5.62 -102.08
N CYS N 205 -70.93 -5.29 -103.04
CA CYS N 205 -71.15 -4.09 -103.85
C CYS N 205 -72.34 -4.25 -104.78
N VAL N 206 -72.48 -5.43 -105.39
CA VAL N 206 -73.65 -5.63 -106.26
C VAL N 206 -74.93 -5.64 -105.46
N VAL N 207 -74.92 -6.21 -104.26
CA VAL N 207 -76.11 -6.24 -103.42
C VAL N 207 -76.42 -4.84 -102.90
N ARG N 208 -75.39 -4.05 -102.60
CA ARG N 208 -75.61 -2.68 -102.17
C ARG N 208 -76.17 -1.83 -103.31
N VAL N 209 -75.75 -2.09 -104.54
CA VAL N 209 -76.33 -1.38 -105.67
C VAL N 209 -77.80 -1.79 -105.84
N PHE N 210 -78.10 -3.07 -105.64
CA PHE N 210 -79.48 -3.53 -105.74
C PHE N 210 -80.35 -2.92 -104.64
N LYS N 211 -79.82 -2.78 -103.43
CA LYS N 211 -80.63 -2.28 -102.31
C LYS N 211 -80.78 -0.76 -102.36
N GLU N 212 -79.70 -0.03 -102.61
CA GLU N 212 -79.81 1.41 -102.81
C GLU N 212 -80.66 1.71 -104.04
N TYR N 213 -80.72 0.78 -104.99
CA TYR N 213 -81.57 0.92 -106.16
C TYR N 213 -83.03 0.63 -105.83
N ASN N 222 -76.77 3.74 -116.92
CA ASN N 222 -77.33 3.75 -118.28
C ASN N 222 -76.21 3.59 -119.31
N THR N 223 -75.91 4.69 -120.00
CA THR N 223 -74.78 4.67 -120.93
C THR N 223 -73.47 4.40 -120.19
N ASN N 224 -73.34 4.93 -118.97
CA ASN N 224 -72.19 4.61 -118.13
C ASN N 224 -72.06 3.11 -117.92
N MET N 225 -73.18 2.44 -117.62
CA MET N 225 -73.12 1.01 -117.33
C MET N 225 -72.86 0.19 -118.58
N ARG N 226 -73.46 0.59 -119.71
CA ARG N 226 -73.17 -0.09 -120.97
C ARG N 226 -71.71 0.08 -121.37
N MET N 227 -71.10 1.23 -121.02
CA MET N 227 -69.69 1.43 -121.31
C MET N 227 -68.80 0.63 -120.37
N ILE N 228 -69.24 0.48 -119.11
CA ILE N 228 -68.33 -0.08 -118.12
C ILE N 228 -68.42 -1.59 -118.06
N THR N 229 -69.58 -2.18 -118.39
CA THR N 229 -69.68 -3.64 -118.41
C THR N 229 -68.78 -4.24 -119.49
N LYS N 230 -68.54 -3.50 -120.57
CA LYS N 230 -67.58 -3.95 -121.58
C LYS N 230 -66.21 -4.17 -120.97
N GLU N 231 -65.69 -3.18 -120.24
CA GLU N 231 -64.38 -3.32 -119.61
C GLU N 231 -64.39 -4.36 -118.51
N LEU N 232 -65.52 -4.47 -117.78
CA LEU N 232 -65.61 -5.50 -116.75
C LEU N 232 -65.46 -6.90 -117.37
N LEU N 233 -66.26 -7.19 -118.40
CA LEU N 233 -66.14 -8.46 -119.11
C LEU N 233 -64.75 -8.63 -119.71
N LEU N 234 -64.13 -7.56 -120.19
CA LEU N 234 -62.79 -7.66 -120.76
C LEU N 234 -61.78 -8.11 -119.70
N ALA N 235 -61.70 -7.38 -118.59
CA ALA N 235 -60.75 -7.73 -117.54
C ALA N 235 -61.01 -9.13 -116.99
N GLN N 236 -62.28 -9.47 -116.74
CA GLN N 236 -62.58 -10.77 -116.14
C GLN N 236 -62.41 -11.90 -117.14
N CYS N 237 -62.58 -11.63 -118.42
CA CYS N 237 -62.19 -12.60 -119.44
C CYS N 237 -60.69 -12.84 -119.38
N ASP N 238 -59.92 -11.76 -119.15
CA ASP N 238 -58.47 -11.94 -119.02
C ASP N 238 -58.13 -12.79 -117.79
N VAL N 239 -58.82 -12.56 -116.68
CA VAL N 239 -58.59 -13.37 -115.48
C VAL N 239 -59.00 -14.82 -115.73
N VAL N 240 -60.22 -15.04 -116.22
CA VAL N 240 -60.71 -16.37 -116.58
C VAL N 240 -59.72 -17.09 -117.48
N PHE N 241 -59.04 -16.34 -118.35
CA PHE N 241 -58.13 -16.96 -119.31
C PHE N 241 -56.81 -17.34 -118.63
N LEU N 242 -56.16 -16.39 -117.97
CA LEU N 242 -54.80 -16.60 -117.49
C LEU N 242 -54.78 -17.34 -116.14
N THR N 243 -55.56 -16.88 -115.16
CA THR N 243 -55.41 -17.42 -113.81
C THR N 243 -56.42 -18.52 -113.52
N LEU N 244 -57.62 -18.43 -114.09
CA LEU N 244 -58.64 -19.46 -113.84
C LEU N 244 -58.42 -20.71 -114.67
N SER N 245 -57.42 -20.70 -115.56
CA SER N 245 -57.01 -21.89 -116.32
C SER N 245 -58.18 -22.49 -117.10
N LYS N 246 -58.90 -21.61 -117.80
CA LYS N 246 -60.07 -22.05 -118.56
C LYS N 246 -59.64 -22.77 -119.83
N LYS N 247 -59.73 -24.09 -119.82
CA LYS N 247 -59.05 -24.91 -120.81
C LYS N 247 -59.87 -25.13 -122.07
N ASP N 248 -60.28 -24.03 -122.72
CA ASP N 248 -60.91 -24.09 -124.04
C ASP N 248 -62.26 -24.82 -124.00
N VAL N 249 -62.90 -24.78 -122.84
CA VAL N 249 -64.24 -25.35 -122.66
C VAL N 249 -65.05 -24.23 -122.04
N GLN N 250 -66.28 -24.52 -121.62
CA GLN N 250 -67.22 -23.54 -121.09
C GLN N 250 -66.59 -22.52 -120.14
N LYS N 251 -65.57 -22.92 -119.39
CA LYS N 251 -64.99 -22.02 -118.39
C LYS N 251 -64.55 -20.70 -119.01
N SER N 252 -64.01 -20.73 -120.22
CA SER N 252 -63.68 -19.51 -120.96
C SER N 252 -64.74 -19.18 -122.02
N LYS N 253 -65.35 -20.21 -122.61
CA LYS N 253 -66.28 -19.99 -123.70
C LYS N 253 -67.53 -19.25 -123.26
N GLU N 254 -67.93 -19.42 -121.99
CA GLU N 254 -69.06 -18.65 -121.47
C GLU N 254 -68.72 -17.17 -121.43
N ALA N 255 -67.53 -16.85 -120.91
CA ALA N 255 -67.08 -15.46 -120.91
C ALA N 255 -67.01 -14.90 -122.31
N LEU N 256 -66.51 -15.69 -123.27
CA LEU N 256 -66.33 -15.15 -124.62
C LEU N 256 -67.65 -15.02 -125.36
N GLU N 257 -68.60 -15.93 -125.12
CA GLU N 257 -69.93 -15.75 -125.67
C GLU N 257 -70.59 -14.52 -125.08
N ARG N 258 -70.38 -14.25 -123.79
CA ARG N 258 -70.80 -12.98 -123.21
C ARG N 258 -70.15 -11.81 -123.94
N PHE N 259 -68.85 -11.92 -124.23
CA PHE N 259 -68.14 -10.86 -124.97
C PHE N 259 -68.87 -10.54 -126.26
N ASP N 260 -69.12 -11.57 -127.07
CA ASP N 260 -69.74 -11.36 -128.37
C ASP N 260 -71.17 -10.84 -128.24
N GLN N 261 -71.92 -11.37 -127.27
CA GLN N 261 -73.30 -10.94 -127.09
C GLN N 261 -73.37 -9.47 -126.70
N ALA N 262 -72.51 -9.05 -125.77
CA ALA N 262 -72.48 -7.64 -125.37
C ALA N 262 -72.07 -6.75 -126.55
N LEU N 263 -71.06 -7.17 -127.31
CA LEU N 263 -70.61 -6.37 -128.45
C LEU N 263 -71.74 -6.17 -129.45
N LEU N 264 -72.38 -7.26 -129.90
CA LEU N 264 -73.45 -7.12 -130.88
C LEU N 264 -74.63 -6.36 -130.30
N SER N 265 -74.97 -6.61 -129.03
CA SER N 265 -76.08 -5.89 -128.41
C SER N 265 -75.85 -4.38 -128.49
N VAL N 266 -74.69 -3.91 -128.02
CA VAL N 266 -74.47 -2.47 -128.01
C VAL N 266 -74.36 -1.91 -129.42
N LYS N 267 -73.74 -2.66 -130.35
CA LYS N 267 -73.58 -2.13 -131.70
C LYS N 267 -74.92 -2.01 -132.42
N GLN N 268 -75.78 -3.02 -132.29
CA GLN N 268 -77.10 -2.95 -132.92
C GLN N 268 -78.00 -1.96 -132.21
N SER N 269 -77.80 -1.75 -130.90
CA SER N 269 -78.71 -0.90 -130.16
C SER N 269 -78.36 0.58 -130.33
N VAL N 270 -77.19 0.98 -129.82
CA VAL N 270 -76.79 2.40 -129.87
C VAL N 270 -75.80 2.52 -131.03
N SER N 271 -76.34 2.85 -132.21
CA SER N 271 -75.49 3.07 -133.38
C SER N 271 -74.77 4.40 -133.17
N GLY N 272 -73.68 4.34 -132.41
CA GLY N 272 -72.92 5.52 -132.06
C GLY N 272 -72.31 6.24 -133.24
N THR N 273 -72.52 7.55 -133.31
CA THR N 273 -71.86 8.39 -134.29
C THR N 273 -70.51 8.85 -133.72
N ASP N 274 -69.86 9.81 -134.39
CA ASP N 274 -68.56 10.28 -133.92
C ASP N 274 -68.66 11.03 -132.60
N ALA N 275 -69.83 11.61 -132.30
CA ALA N 275 -69.95 12.52 -131.17
C ALA N 275 -69.86 11.78 -129.83
N SER N 276 -70.65 10.71 -129.67
CA SER N 276 -70.63 9.94 -128.44
C SER N 276 -69.35 9.11 -128.35
N ASP N 277 -68.82 8.98 -127.14
CA ASP N 277 -67.61 8.20 -126.93
C ASP N 277 -67.86 6.69 -127.04
N LEU N 278 -69.12 6.27 -127.15
CA LEU N 278 -69.44 4.87 -127.38
C LEU N 278 -68.73 4.33 -128.61
N SER N 279 -68.51 5.19 -129.61
CA SER N 279 -67.82 4.77 -130.82
C SER N 279 -66.41 4.29 -130.51
N VAL N 280 -65.62 5.10 -129.80
CA VAL N 280 -64.23 4.74 -129.54
C VAL N 280 -64.16 3.61 -128.51
N THR N 281 -65.09 3.59 -127.55
CA THR N 281 -65.14 2.45 -126.64
C THR N 281 -65.34 1.17 -127.43
N PHE N 282 -66.32 1.16 -128.34
CA PHE N 282 -66.61 -0.04 -129.12
C PHE N 282 -65.44 -0.40 -130.02
N TYR N 283 -64.71 0.59 -130.54
CA TYR N 283 -63.60 0.27 -131.43
C TYR N 283 -62.45 -0.37 -130.68
N GLU N 284 -62.06 0.21 -129.55
CA GLU N 284 -61.04 -0.41 -128.70
C GLU N 284 -61.48 -1.80 -128.26
N MET N 285 -62.76 -1.98 -127.93
CA MET N 285 -63.19 -3.27 -127.41
C MET N 285 -63.37 -4.31 -128.51
N ARG N 286 -63.64 -3.91 -129.75
CA ARG N 286 -63.59 -4.87 -130.85
C ARG N 286 -62.16 -5.28 -131.14
N GLY N 287 -61.23 -4.33 -131.06
CA GLY N 287 -59.82 -4.69 -131.16
C GLY N 287 -59.45 -5.75 -130.14
N HIS N 288 -59.78 -5.51 -128.87
CA HIS N 288 -59.46 -6.49 -127.84
C HIS N 288 -60.32 -7.75 -127.99
N TYR N 289 -61.49 -7.62 -128.61
CA TYR N 289 -62.34 -8.78 -128.90
C TYR N 289 -61.62 -9.76 -129.80
N TYR N 290 -61.17 -9.28 -130.97
CA TYR N 290 -60.46 -10.16 -131.89
C TYR N 290 -59.11 -10.58 -131.32
N MET N 291 -58.49 -9.75 -130.47
CA MET N 291 -57.29 -10.20 -129.78
C MET N 291 -57.56 -11.42 -128.91
N HIS N 292 -58.57 -11.32 -128.03
CA HIS N 292 -58.92 -12.45 -127.17
C HIS N 292 -59.45 -13.63 -127.99
N ALA N 293 -60.01 -13.39 -129.16
CA ALA N 293 -60.47 -14.48 -130.01
C ALA N 293 -59.30 -15.28 -130.58
N GLY N 294 -58.30 -14.58 -131.11
CA GLY N 294 -57.07 -15.27 -131.50
C GLY N 294 -56.43 -16.00 -130.33
N THR N 295 -56.44 -15.37 -129.15
CA THR N 295 -55.88 -16.03 -127.97
C THR N 295 -56.66 -17.29 -127.62
N LEU N 296 -57.99 -17.23 -127.69
CA LEU N 296 -58.79 -18.42 -127.41
C LEU N 296 -58.52 -19.51 -128.42
N LEU N 297 -58.31 -19.15 -129.68
CA LEU N 297 -58.02 -20.17 -130.69
C LEU N 297 -56.69 -20.86 -130.42
N LEU N 298 -55.66 -20.07 -130.10
CA LEU N 298 -54.39 -20.65 -129.69
C LEU N 298 -54.56 -21.56 -128.47
N LYS N 299 -55.30 -21.10 -127.46
CA LYS N 299 -55.46 -21.88 -126.24
C LYS N 299 -56.30 -23.13 -126.48
N MET N 300 -57.23 -23.05 -127.43
CA MET N 300 -58.02 -24.22 -127.82
C MET N 300 -57.13 -25.29 -128.43
N ALA N 301 -56.32 -24.89 -129.41
CA ALA N 301 -55.37 -25.84 -129.99
C ALA N 301 -54.47 -26.44 -128.92
N GLN N 302 -53.94 -25.59 -128.03
CA GLN N 302 -53.09 -26.04 -126.94
C GLN N 302 -53.81 -27.05 -126.05
N SER N 303 -55.00 -26.69 -125.57
CA SER N 303 -55.74 -27.53 -124.64
C SER N 303 -56.09 -28.86 -125.27
N CYS N 304 -56.38 -28.88 -126.57
CA CYS N 304 -56.58 -30.17 -127.23
C CYS N 304 -55.30 -30.98 -127.27
N GLU N 305 -54.33 -30.58 -128.13
CA GLU N 305 -52.98 -31.15 -128.05
C GLU N 305 -51.92 -30.07 -128.12
N VAL N 306 -52.00 -29.17 -129.12
CA VAL N 306 -50.90 -28.27 -129.43
C VAL N 306 -51.46 -27.19 -130.36
N GLN N 307 -50.76 -26.05 -130.43
CA GLN N 307 -51.05 -25.01 -131.40
C GLN N 307 -51.21 -25.65 -132.78
N TRP N 308 -52.38 -25.47 -133.38
CA TRP N 308 -52.76 -26.25 -134.55
C TRP N 308 -52.37 -25.59 -135.86
N LYS N 309 -52.61 -26.30 -136.95
CA LYS N 309 -52.48 -25.80 -138.31
C LYS N 309 -53.75 -25.15 -138.80
N ALA N 310 -54.82 -25.17 -138.00
CA ALA N 310 -56.11 -24.62 -138.40
C ALA N 310 -56.64 -23.56 -137.44
N LEU N 311 -55.93 -23.28 -136.34
CA LEU N 311 -56.35 -22.25 -135.40
C LEU N 311 -55.26 -21.21 -135.18
N ILE N 312 -54.28 -21.14 -136.08
CA ILE N 312 -53.36 -20.02 -136.16
C ILE N 312 -53.71 -19.06 -137.28
N GLU N 313 -54.15 -19.57 -138.45
CA GLU N 313 -54.65 -18.67 -139.49
C GLU N 313 -55.87 -17.90 -139.03
N PRO N 314 -56.90 -18.53 -138.45
CA PRO N 314 -57.95 -17.72 -137.83
C PRO N 314 -57.43 -16.86 -136.70
N ALA N 315 -56.42 -17.32 -135.96
CA ALA N 315 -55.79 -16.47 -134.97
C ALA N 315 -55.05 -15.31 -135.62
N ALA N 316 -54.41 -15.56 -136.78
CA ALA N 316 -53.76 -14.50 -137.52
C ALA N 316 -54.77 -13.45 -137.95
N LEU N 317 -55.92 -13.87 -138.48
CA LEU N 317 -56.96 -12.92 -138.83
C LEU N 317 -57.50 -12.20 -137.61
N CYS N 318 -57.61 -12.90 -136.48
CA CYS N 318 -58.07 -12.27 -135.25
C CYS N 318 -57.14 -11.14 -134.82
N TYR N 319 -55.83 -11.37 -134.89
CA TYR N 319 -54.90 -10.32 -134.49
C TYR N 319 -54.77 -9.25 -135.56
N LEU N 320 -55.04 -9.61 -136.83
CA LEU N 320 -55.10 -8.61 -137.88
C LEU N 320 -56.27 -7.65 -137.68
N LEU N 321 -57.48 -8.19 -137.45
CA LEU N 321 -58.67 -7.39 -137.20
C LEU N 321 -58.65 -6.70 -135.85
N ALA N 322 -57.61 -6.95 -135.06
CA ALA N 322 -57.36 -6.21 -133.84
C ALA N 322 -56.38 -5.06 -134.07
N TYR N 323 -55.30 -5.31 -134.82
CA TYR N 323 -54.33 -4.25 -135.04
C TYR N 323 -54.87 -3.20 -135.99
N GLN N 324 -55.63 -3.61 -137.02
CA GLN N 324 -55.91 -2.76 -138.16
C GLN N 324 -57.09 -1.81 -137.96
N VAL N 325 -57.40 -1.43 -136.72
CA VAL N 325 -58.43 -0.42 -136.46
C VAL N 325 -57.74 0.85 -135.98
N PRO N 326 -58.38 2.02 -136.06
CA PRO N 326 -57.67 3.28 -135.80
C PRO N 326 -57.35 3.48 -134.33
N LYS N 327 -56.39 4.34 -134.07
CA LYS N 327 -56.06 4.75 -132.72
C LYS N 327 -57.11 5.73 -132.19
N PRO N 328 -57.88 5.38 -131.17
CA PRO N 328 -58.94 6.28 -130.70
C PRO N 328 -58.34 7.55 -130.11
N LYS N 329 -58.54 8.66 -130.82
CA LYS N 329 -58.00 9.95 -130.36
C LYS N 329 -58.98 11.06 -130.75
N SER N 330 -59.54 11.73 -129.75
CA SER N 330 -60.28 12.97 -129.98
C SER N 330 -59.42 14.19 -129.70
N LYS N 331 -58.46 14.08 -128.76
CA LYS N 331 -57.49 15.09 -128.38
C LYS N 331 -58.14 16.45 -128.10
N PRO N 332 -58.77 16.62 -126.93
CA PRO N 332 -59.36 17.92 -126.59
C PRO N 332 -58.35 18.87 -125.92
N ASP N 337 -61.76 13.29 -116.58
CA ASP N 337 -62.88 12.37 -116.70
C ASP N 337 -62.90 11.76 -118.10
N ASN N 338 -63.66 10.67 -118.25
CA ASN N 338 -63.77 9.93 -119.51
C ASN N 338 -62.39 9.69 -120.12
N GLY N 339 -61.57 9.01 -119.32
CA GLY N 339 -60.15 8.95 -119.58
C GLY N 339 -59.74 8.37 -120.92
N GLN N 340 -59.33 9.24 -121.84
CA GLN N 340 -58.78 8.76 -123.11
C GLN N 340 -57.47 8.04 -122.92
N GLY N 341 -56.75 8.33 -121.82
CA GLY N 341 -55.51 7.63 -121.55
C GLY N 341 -55.69 6.13 -121.42
N PHE N 342 -56.79 5.71 -120.79
CA PHE N 342 -57.05 4.28 -120.65
C PHE N 342 -57.18 3.60 -122.02
N LEU N 343 -58.13 4.07 -122.83
CA LEU N 343 -58.34 3.42 -124.12
C LEU N 343 -57.12 3.54 -125.02
N GLU N 344 -56.36 4.63 -124.90
CA GLU N 344 -55.17 4.79 -125.73
C GLU N 344 -54.06 3.82 -125.30
N GLU N 345 -53.89 3.62 -123.99
CA GLU N 345 -52.88 2.68 -123.53
C GLU N 345 -53.26 1.23 -123.84
N LEU N 346 -54.56 0.90 -123.75
CA LEU N 346 -54.99 -0.42 -124.20
C LEU N 346 -54.78 -0.58 -125.70
N ALA N 347 -54.94 0.51 -126.46
CA ALA N 347 -54.60 0.47 -127.89
C ALA N 347 -53.13 0.18 -128.09
N PHE N 348 -52.26 0.87 -127.34
CA PHE N 348 -50.82 0.61 -127.41
C PHE N 348 -50.50 -0.86 -127.18
N ASP N 349 -51.05 -1.41 -126.09
CA ASP N 349 -50.74 -2.79 -125.73
C ASP N 349 -51.27 -3.77 -126.77
N ARG N 350 -52.54 -3.61 -127.15
CA ARG N 350 -53.14 -4.51 -128.13
C ARG N 350 -52.39 -4.44 -129.46
N GLN N 351 -51.98 -3.24 -129.87
CA GLN N 351 -51.29 -3.11 -131.15
C GLN N 351 -49.91 -3.76 -131.09
N SER N 352 -49.18 -3.50 -130.00
CA SER N 352 -47.91 -4.17 -129.77
C SER N 352 -48.04 -5.68 -129.92
N LYS N 353 -48.96 -6.28 -129.16
CA LYS N 353 -49.02 -7.73 -129.12
C LYS N 353 -49.59 -8.30 -130.41
N SER N 354 -50.56 -7.61 -131.00
CA SER N 354 -51.09 -8.05 -132.28
C SER N 354 -49.99 -8.07 -133.34
N GLY N 355 -49.13 -7.03 -133.36
CA GLY N 355 -48.06 -7.00 -134.34
C GLY N 355 -47.02 -8.07 -134.09
N HIS N 356 -46.59 -8.21 -132.83
CA HIS N 356 -45.59 -9.23 -132.50
C HIS N 356 -46.09 -10.62 -132.83
N LEU N 357 -47.34 -10.93 -132.49
CA LEU N 357 -47.87 -12.27 -132.75
C LEU N 357 -48.25 -12.48 -134.21
N LEU N 358 -48.64 -11.42 -134.91
CA LEU N 358 -48.94 -11.43 -136.34
C LEU N 358 -47.69 -11.66 -137.17
N LEU N 359 -46.52 -11.22 -136.69
CA LEU N 359 -45.29 -11.53 -137.42
C LEU N 359 -44.63 -12.81 -136.92
N THR N 360 -44.89 -13.22 -135.67
CA THR N 360 -44.29 -14.45 -135.20
C THR N 360 -45.04 -15.69 -135.73
N LEU N 361 -46.30 -15.53 -136.14
CA LEU N 361 -46.97 -16.67 -136.77
C LEU N 361 -46.24 -17.09 -138.05
N SER N 362 -45.66 -16.13 -138.79
CA SER N 362 -44.75 -16.44 -139.89
C SER N 362 -43.88 -15.21 -140.16
N HIS N 363 -42.64 -15.24 -139.67
CA HIS N 363 -41.59 -14.35 -140.18
C HIS N 363 -41.60 -14.29 -141.70
N GLY N 364 -41.73 -15.46 -142.34
CA GLY N 364 -41.79 -15.51 -143.79
C GLY N 364 -43.13 -15.05 -144.33
N LYS N 365 -43.08 -14.26 -145.40
CA LYS N 365 -44.27 -13.67 -146.01
C LYS N 365 -44.89 -14.66 -147.00
N GLN N 366 -45.76 -14.17 -147.88
CA GLN N 366 -46.74 -14.96 -148.62
C GLN N 366 -47.79 -15.52 -147.67
N ASN N 367 -48.07 -14.77 -146.61
CA ASN N 367 -49.01 -15.19 -145.58
C ASN N 367 -50.24 -14.29 -145.50
N PHE N 368 -50.08 -12.98 -145.40
CA PHE N 368 -51.20 -12.13 -145.00
C PHE N 368 -52.22 -11.95 -146.13
N ILE N 369 -51.75 -11.77 -147.36
CA ILE N 369 -52.68 -11.62 -148.47
C ILE N 369 -53.47 -12.91 -148.68
N SER N 370 -52.79 -14.06 -148.53
CA SER N 370 -53.49 -15.34 -148.61
C SER N 370 -54.49 -15.49 -147.48
N GLU N 371 -54.11 -15.06 -146.27
CA GLU N 371 -55.01 -15.10 -145.13
C GLU N 371 -56.27 -14.28 -145.42
N ILE N 372 -56.09 -13.06 -145.95
CA ILE N 372 -57.22 -12.19 -146.20
C ILE N 372 -58.10 -12.75 -147.33
N ILE N 373 -57.49 -13.46 -148.29
CA ILE N 373 -58.29 -13.96 -149.42
C ILE N 373 -58.93 -15.32 -149.13
N GLU N 374 -58.46 -16.07 -148.14
CA GLU N 374 -59.07 -17.36 -147.85
C GLU N 374 -59.83 -17.38 -146.53
N THR N 375 -59.22 -16.92 -145.44
CA THR N 375 -59.82 -16.99 -144.12
C THR N 375 -61.01 -16.05 -143.94
N PHE N 376 -61.19 -15.10 -144.85
CA PHE N 376 -62.31 -14.18 -144.81
C PHE N 376 -63.13 -14.29 -146.09
N ALA N 377 -64.45 -14.29 -145.94
CA ALA N 377 -65.37 -14.31 -147.06
C ALA N 377 -66.68 -13.67 -146.58
N ASN N 378 -67.73 -13.77 -147.39
CA ASN N 378 -69.01 -13.17 -147.01
C ASN N 378 -69.55 -13.81 -145.74
N GLN N 379 -69.84 -15.10 -145.78
CA GLN N 379 -70.40 -15.75 -144.60
C GLN N 379 -69.69 -17.03 -144.21
N CYS N 380 -69.08 -17.74 -145.15
CA CYS N 380 -68.40 -18.99 -144.82
C CYS N 380 -67.26 -18.77 -143.85
N GLY N 381 -66.45 -17.73 -144.10
CA GLY N 381 -65.34 -17.45 -143.21
C GLY N 381 -65.78 -17.24 -141.78
N GLN N 382 -66.80 -16.40 -141.58
CA GLN N 382 -67.24 -16.11 -140.22
C GLN N 382 -68.12 -17.20 -139.64
N SER N 383 -68.69 -18.09 -140.46
CA SER N 383 -69.31 -19.29 -139.91
C SER N 383 -68.25 -20.22 -139.34
N ILE N 384 -67.12 -20.38 -140.06
CA ILE N 384 -66.03 -21.18 -139.52
C ILE N 384 -65.37 -20.55 -138.32
N LEU N 385 -65.26 -19.21 -138.28
CA LEU N 385 -64.67 -18.52 -137.13
C LEU N 385 -65.64 -18.33 -135.98
N LEU N 386 -66.93 -18.53 -136.23
CA LEU N 386 -67.96 -18.60 -135.21
C LEU N 386 -68.07 -20.00 -134.62
N LYS N 387 -67.76 -21.02 -135.42
CA LYS N 387 -67.84 -22.39 -134.91
C LYS N 387 -66.77 -22.66 -133.85
N PHE N 388 -65.52 -22.32 -134.17
CA PHE N 388 -64.42 -22.68 -133.27
C PHE N 388 -64.54 -22.01 -131.90
N LEU N 389 -64.91 -20.73 -131.88
CA LEU N 389 -65.12 -20.06 -130.60
C LEU N 389 -66.44 -20.49 -129.96
N PHE N 390 -67.48 -20.63 -130.78
CA PHE N 390 -68.85 -20.89 -130.29
C PHE N 390 -69.42 -22.07 -131.10
N GLU N 391 -69.14 -23.29 -130.66
CA GLU N 391 -69.62 -24.50 -131.36
C GLU N 391 -71.10 -24.69 -131.07
N ASP N 392 -71.93 -24.52 -132.10
CA ASP N 392 -73.35 -24.88 -132.10
C ASP N 392 -74.09 -24.35 -130.87
N ASN N 393 -73.64 -23.22 -130.32
CA ASN N 393 -74.31 -22.57 -129.21
C ASN N 393 -74.89 -21.21 -129.58
N LEU N 394 -74.72 -20.79 -130.83
CA LEU N 394 -75.22 -19.51 -131.30
C LEU N 394 -75.66 -19.64 -132.75
N SER N 395 -76.44 -18.67 -133.21
CA SER N 395 -76.86 -18.63 -134.62
C SER N 395 -75.82 -17.93 -135.47
N MET N 396 -75.98 -18.06 -136.79
CA MET N 396 -75.13 -17.32 -137.73
C MET N 396 -75.63 -15.89 -137.91
N GLN N 397 -76.92 -15.73 -138.21
CA GLN N 397 -77.45 -14.43 -138.58
C GLN N 397 -77.52 -13.48 -137.38
N ASP N 398 -78.10 -13.93 -136.28
CA ASP N 398 -78.36 -13.05 -135.14
C ASP N 398 -77.47 -13.45 -133.96
N SER N 399 -77.07 -12.44 -133.18
CA SER N 399 -76.33 -12.61 -131.93
C SER N 399 -74.98 -13.31 -132.16
N PHE N 400 -74.30 -12.94 -133.23
CA PHE N 400 -72.98 -13.48 -133.53
C PHE N 400 -72.20 -12.42 -134.30
N MET N 401 -71.10 -12.84 -134.93
CA MET N 401 -70.28 -11.93 -135.72
C MET N 401 -70.81 -11.70 -137.13
N GLY N 402 -72.06 -12.09 -137.42
CA GLY N 402 -72.57 -11.95 -138.78
C GLY N 402 -72.74 -10.51 -139.21
N SER N 403 -73.38 -9.69 -138.37
CA SER N 403 -73.64 -8.29 -138.73
C SER N 403 -72.37 -7.45 -138.80
N ASP N 404 -71.22 -7.99 -138.42
CA ASP N 404 -69.97 -7.26 -138.48
C ASP N 404 -69.33 -7.43 -139.85
N ASP N 405 -69.05 -6.32 -140.52
CA ASP N 405 -68.49 -6.31 -141.87
C ASP N 405 -66.97 -6.19 -141.80
N ILE N 406 -66.28 -6.86 -142.72
CA ILE N 406 -64.84 -7.02 -142.63
C ILE N 406 -64.09 -6.56 -143.88
N SER N 407 -64.73 -6.55 -145.06
CA SER N 407 -64.00 -6.34 -146.32
C SER N 407 -63.20 -5.05 -146.36
N TYR N 408 -63.37 -4.14 -145.41
CA TYR N 408 -62.57 -2.92 -145.36
C TYR N 408 -61.15 -3.16 -144.87
N VAL N 409 -60.75 -4.41 -144.61
CA VAL N 409 -59.41 -4.73 -144.10
C VAL N 409 -58.56 -5.20 -145.26
N GLU N 410 -57.29 -4.78 -145.26
CA GLU N 410 -56.35 -5.03 -146.34
C GLU N 410 -55.06 -5.60 -145.75
N ASN N 411 -54.04 -5.72 -146.58
CA ASN N 411 -52.73 -6.18 -146.14
C ASN N 411 -51.97 -5.03 -145.48
N ARG N 412 -51.59 -5.21 -144.22
CA ARG N 412 -50.63 -4.31 -143.59
C ARG N 412 -49.91 -5.08 -142.48
N VAL N 413 -48.64 -5.39 -142.73
CA VAL N 413 -47.75 -5.76 -141.63
C VAL N 413 -47.23 -4.49 -140.96
N PRO N 414 -47.28 -4.37 -139.63
CA PRO N 414 -46.72 -3.18 -138.99
C PRO N 414 -45.21 -3.16 -139.08
N ASP N 415 -44.66 -1.99 -139.36
CA ASP N 415 -43.23 -1.80 -139.44
C ASP N 415 -42.65 -1.80 -138.03
N LEU N 416 -41.36 -2.14 -137.92
CA LEU N 416 -40.76 -2.36 -136.61
C LEU N 416 -40.73 -1.11 -135.74
N SER N 417 -40.70 0.08 -136.32
CA SER N 417 -40.72 1.28 -135.51
C SER N 417 -42.09 1.49 -134.86
N GLU N 418 -43.16 1.28 -135.62
CA GLU N 418 -44.48 1.25 -135.00
C GLU N 418 -44.56 0.12 -133.97
N LEU N 419 -43.93 -1.01 -134.28
CA LEU N 419 -43.89 -2.12 -133.33
C LEU N 419 -43.10 -1.77 -132.08
N SER N 420 -41.95 -1.11 -132.24
CA SER N 420 -41.14 -0.75 -131.07
C SER N 420 -41.86 0.26 -130.18
N GLN N 421 -42.40 1.34 -130.77
CA GLN N 421 -43.05 2.33 -129.94
C GLN N 421 -44.34 1.77 -129.34
N HIS N 422 -45.01 0.86 -130.03
CA HIS N 422 -46.16 0.21 -129.43
C HIS N 422 -45.75 -0.78 -128.34
N ASP N 423 -44.54 -1.35 -128.42
CA ASP N 423 -44.07 -2.17 -127.30
C ASP N 423 -43.77 -1.30 -126.09
N ASN N 424 -43.22 -0.11 -126.29
CA ASN N 424 -43.12 0.84 -125.18
C ASN N 424 -44.49 1.26 -124.67
N GLY N 425 -45.48 1.36 -125.55
CA GLY N 425 -46.82 1.71 -125.13
C GLY N 425 -47.45 0.60 -124.32
N SER N 426 -47.08 -0.64 -124.65
CA SER N 426 -47.43 -1.78 -123.82
C SER N 426 -46.68 -1.76 -122.50
N LEU N 427 -45.47 -1.21 -122.49
CA LEU N 427 -44.70 -0.93 -121.28
C LEU N 427 -45.21 0.28 -120.53
N ARG N 428 -46.30 0.92 -120.96
CA ARG N 428 -46.95 1.91 -120.10
C ARG N 428 -48.02 1.29 -119.22
N ILE N 429 -48.37 0.02 -119.44
CA ILE N 429 -49.17 -0.73 -118.50
C ILE N 429 -48.49 -2.03 -118.09
N HIS N 430 -47.17 -2.12 -118.28
CA HIS N 430 -46.42 -3.32 -117.94
C HIS N 430 -45.17 -2.94 -117.15
N ASN N 431 -45.36 -1.98 -116.24
CA ASN N 431 -44.31 -1.49 -115.34
C ASN N 431 -43.84 -2.57 -114.38
N GLY N 432 -42.59 -2.98 -114.50
CA GLY N 432 -42.06 -4.01 -113.62
C GLY N 432 -42.74 -5.35 -113.78
N ASP N 433 -43.23 -5.64 -114.99
CA ASP N 433 -43.73 -6.97 -115.31
C ASP N 433 -42.58 -7.78 -115.90
N LEU N 434 -41.92 -8.58 -115.05
CA LEU N 434 -40.72 -9.29 -115.49
C LEU N 434 -41.05 -10.32 -116.56
N GLN N 435 -42.13 -11.09 -116.36
CA GLN N 435 -42.51 -12.10 -117.34
C GLN N 435 -42.84 -11.45 -118.69
N HIS N 436 -43.52 -10.30 -118.65
CA HIS N 436 -43.89 -9.59 -119.88
C HIS N 436 -42.66 -9.03 -120.59
N LEU N 437 -41.74 -8.42 -119.82
CA LEU N 437 -40.46 -8.02 -120.39
C LEU N 437 -39.75 -9.19 -121.05
N THR N 438 -39.74 -10.35 -120.39
CA THR N 438 -38.99 -11.48 -120.91
C THR N 438 -39.66 -12.08 -122.14
N TRP N 439 -40.99 -12.09 -122.18
CA TRP N 439 -41.70 -12.53 -123.37
C TRP N 439 -41.40 -11.61 -124.55
N LEU N 440 -41.43 -10.30 -124.32
CA LEU N 440 -41.08 -9.36 -125.38
C LEU N 440 -39.65 -9.57 -125.86
N GLY N 441 -38.71 -9.76 -124.93
CA GLY N 441 -37.33 -9.98 -125.30
C GLY N 441 -37.17 -11.26 -126.11
N LEU N 442 -37.86 -12.33 -125.70
CA LEU N 442 -37.85 -13.57 -126.46
C LEU N 442 -38.38 -13.36 -127.86
N GLN N 443 -39.46 -12.60 -128.01
CA GLN N 443 -40.01 -12.38 -129.34
C GLN N 443 -39.05 -11.59 -130.21
N TRP N 444 -38.43 -10.54 -129.65
CA TRP N 444 -37.42 -9.80 -130.40
C TRP N 444 -36.23 -10.67 -130.75
N HIS N 445 -35.91 -11.64 -129.88
CA HIS N 445 -34.86 -12.60 -130.19
C HIS N 445 -35.22 -13.48 -131.37
N PHE N 446 -36.40 -14.09 -131.35
CA PHE N 446 -36.88 -14.88 -132.47
C PHE N 446 -36.91 -14.05 -133.75
N LEU N 447 -37.27 -12.77 -133.65
CA LEU N 447 -37.25 -11.84 -134.76
C LEU N 447 -35.84 -11.36 -135.09
N SER N 448 -34.82 -11.89 -134.40
CA SER N 448 -33.41 -11.69 -134.73
C SER N 448 -32.98 -10.22 -134.59
N THR N 449 -33.66 -9.47 -133.75
CA THR N 449 -33.34 -8.05 -133.56
C THR N 449 -33.35 -7.74 -132.07
N LEU N 450 -32.26 -7.11 -131.60
CA LEU N 450 -32.06 -6.90 -130.18
C LEU N 450 -33.08 -5.91 -129.60
N PRO N 451 -33.37 -5.98 -128.31
CA PRO N 451 -34.41 -5.12 -127.73
C PRO N 451 -33.93 -3.68 -127.63
N PRO N 452 -34.86 -2.73 -127.46
CA PRO N 452 -34.46 -1.39 -126.98
C PRO N 452 -34.50 -1.37 -125.46
N LEU N 453 -33.59 -2.17 -124.87
CA LEU N 453 -33.52 -2.30 -123.42
C LEU N 453 -33.43 -0.95 -122.73
N ARG N 454 -32.65 -0.02 -123.30
CA ARG N 454 -32.38 1.24 -122.65
C ARG N 454 -33.66 2.07 -122.50
N LYS N 455 -34.50 2.09 -123.55
CA LYS N 455 -35.76 2.81 -123.47
C LYS N 455 -36.67 2.23 -122.38
N TRP N 456 -36.96 0.93 -122.48
CA TRP N 456 -37.86 0.28 -121.54
C TRP N 456 -37.38 0.48 -120.11
N LEU N 457 -36.08 0.31 -119.87
CA LEU N 457 -35.57 0.38 -118.52
C LEU N 457 -35.49 1.82 -118.03
N LYS N 458 -35.25 2.78 -118.92
CA LYS N 458 -35.38 4.17 -118.51
C LYS N 458 -36.80 4.48 -118.10
N GLN N 459 -37.77 3.84 -118.75
CA GLN N 459 -39.18 4.08 -118.42
C GLN N 459 -39.55 3.45 -117.08
N ILE N 460 -39.08 2.22 -116.83
CA ILE N 460 -39.39 1.55 -115.56
C ILE N 460 -38.58 2.15 -114.42
N PHE N 461 -37.25 2.00 -114.48
CA PHE N 461 -36.35 2.53 -113.45
C PHE N 461 -36.18 4.02 -113.68
N PRO N 462 -36.77 4.89 -112.88
CA PRO N 462 -36.72 6.32 -113.18
C PRO N 462 -35.39 7.01 -112.87
N ARG N 463 -34.79 6.69 -111.71
CA ARG N 463 -33.78 7.56 -111.11
C ARG N 463 -32.38 6.94 -111.08
N VAL N 464 -32.23 5.70 -111.50
CA VAL N 464 -30.94 4.99 -111.44
C VAL N 464 -29.96 5.58 -112.45
N PRO N 465 -28.75 5.96 -112.02
CA PRO N 465 -27.75 6.43 -112.99
C PRO N 465 -27.26 5.30 -113.87
N GLN N 466 -26.52 5.66 -114.92
CA GLN N 466 -26.20 4.74 -115.98
C GLN N 466 -24.94 3.91 -115.73
N GLU N 467 -24.13 4.26 -114.73
CA GLU N 467 -22.87 3.54 -114.54
C GLU N 467 -22.55 3.46 -113.05
N THR N 468 -21.37 2.92 -112.76
CA THR N 468 -20.88 2.73 -111.41
C THR N 468 -19.53 3.40 -111.26
N SER N 469 -19.21 3.72 -110.00
CA SER N 469 -17.93 4.34 -109.68
C SER N 469 -16.80 3.32 -109.79
N ARG N 470 -16.86 2.26 -108.98
CA ARG N 470 -15.80 1.27 -108.93
C ARG N 470 -16.35 -0.10 -109.28
N LEU N 471 -15.62 -0.84 -110.11
CA LEU N 471 -15.99 -2.20 -110.47
C LEU N 471 -15.29 -3.23 -109.60
N GLU N 472 -15.03 -2.91 -108.33
CA GLU N 472 -14.43 -3.83 -107.39
C GLU N 472 -15.22 -3.94 -106.08
N SER N 473 -16.08 -2.97 -105.79
CA SER N 473 -16.80 -2.90 -104.52
C SER N 473 -18.13 -3.63 -104.67
N ASN N 474 -18.38 -4.59 -103.77
CA ASN N 474 -19.63 -5.35 -103.75
C ASN N 474 -20.69 -4.46 -103.12
N ILE N 475 -21.11 -3.46 -103.88
CA ILE N 475 -21.89 -2.34 -103.38
C ILE N 475 -23.34 -2.51 -103.84
N PRO N 476 -24.26 -2.94 -102.96
CA PRO N 476 -25.65 -3.10 -103.40
C PRO N 476 -26.37 -1.79 -103.62
N GLU N 477 -25.94 -0.72 -102.96
CA GLU N 477 -26.60 0.58 -103.07
C GLU N 477 -25.91 1.50 -104.08
N SER N 478 -25.22 0.95 -105.07
CA SER N 478 -24.62 1.71 -106.15
C SER N 478 -25.07 1.13 -107.49
N ILE N 479 -26.36 0.80 -107.58
CA ILE N 479 -26.88 0.09 -108.74
C ILE N 479 -26.82 0.98 -109.97
N CYS N 480 -26.40 0.39 -111.09
CA CYS N 480 -26.50 1.02 -112.40
C CYS N 480 -27.57 0.32 -113.22
N LEU N 481 -28.17 1.07 -114.15
CA LEU N 481 -29.15 0.48 -115.05
C LEU N 481 -28.51 -0.57 -115.96
N LEU N 482 -27.20 -0.45 -116.21
CA LEU N 482 -26.60 -1.36 -117.17
C LEU N 482 -26.35 -2.73 -116.56
N ASP N 483 -26.08 -2.82 -115.26
CA ASP N 483 -26.06 -4.12 -114.59
C ASP N 483 -27.39 -4.83 -114.80
N LEU N 484 -28.48 -4.09 -114.64
CA LEU N 484 -29.83 -4.64 -114.80
C LEU N 484 -30.10 -5.06 -116.23
N GLU N 485 -29.62 -4.28 -117.20
CA GLU N 485 -29.81 -4.67 -118.61
C GLU N 485 -28.97 -5.89 -118.96
N VAL N 486 -27.83 -6.06 -118.28
CA VAL N 486 -27.01 -7.25 -118.46
C VAL N 486 -27.73 -8.49 -117.93
N PHE N 487 -28.31 -8.36 -116.73
CA PHE N 487 -29.21 -9.40 -116.23
C PHE N 487 -30.29 -9.72 -117.25
N LEU N 488 -30.93 -8.69 -117.81
CA LEU N 488 -32.02 -8.94 -118.75
C LEU N 488 -31.51 -9.65 -120.01
N LEU N 489 -30.33 -9.26 -120.50
CA LEU N 489 -29.77 -9.90 -121.69
C LEU N 489 -29.61 -11.39 -121.47
N ALA N 490 -28.82 -11.78 -120.46
CA ALA N 490 -28.60 -13.20 -120.26
C ALA N 490 -29.89 -13.91 -119.83
N VAL N 491 -30.84 -13.19 -119.23
CA VAL N 491 -32.11 -13.82 -118.90
C VAL N 491 -32.88 -14.19 -120.15
N VAL N 492 -32.90 -13.27 -121.13
CA VAL N 492 -33.54 -13.57 -122.42
C VAL N 492 -32.86 -14.76 -123.09
N GLN N 493 -31.52 -14.76 -123.11
CA GLN N 493 -30.81 -15.86 -123.77
C GLN N 493 -31.09 -17.20 -123.11
N THR N 494 -31.04 -17.24 -121.77
CA THR N 494 -31.27 -18.50 -121.07
C THR N 494 -32.72 -18.97 -121.21
N SER N 495 -33.68 -18.05 -121.11
CA SER N 495 -35.08 -18.42 -121.26
C SER N 495 -35.36 -18.97 -122.65
N TYR N 496 -34.84 -18.31 -123.68
CA TYR N 496 -35.01 -18.80 -125.05
C TYR N 496 -34.38 -20.18 -125.20
N LEU N 497 -33.17 -20.36 -124.68
CA LEU N 497 -32.52 -21.66 -124.79
C LEU N 497 -33.34 -22.74 -124.11
N GLN N 498 -33.93 -22.45 -122.95
CA GLN N 498 -34.67 -23.47 -122.23
C GLN N 498 -35.96 -23.83 -122.95
N LEU N 499 -36.67 -22.83 -123.51
CA LEU N 499 -37.87 -23.17 -124.26
C LEU N 499 -37.53 -23.91 -125.54
N GLN N 500 -36.40 -23.57 -126.19
CA GLN N 500 -35.94 -24.36 -127.32
C GLN N 500 -35.67 -25.81 -126.91
N ASP N 501 -35.07 -26.01 -125.74
CA ASP N 501 -34.73 -27.33 -125.24
C ASP N 501 -35.96 -28.14 -124.81
N ASN N 502 -37.03 -27.48 -124.38
CA ASN N 502 -38.17 -28.17 -123.78
C ASN N 502 -39.04 -28.85 -124.83
N ASN N 503 -38.40 -29.71 -125.63
CA ASN N 503 -39.10 -30.61 -126.56
C ASN N 503 -39.96 -29.85 -127.56
N THR N 504 -39.52 -28.65 -127.93
CA THR N 504 -40.14 -27.91 -129.03
C THR N 504 -39.67 -28.39 -130.40
N THR N 505 -38.62 -29.20 -130.43
CA THR N 505 -38.09 -29.75 -131.67
C THR N 505 -38.99 -30.85 -132.21
N ASN N 509 -46.31 -26.70 -132.89
CA ASN N 509 -45.99 -25.55 -132.04
C ASN N 509 -45.45 -24.39 -132.89
N ARG N 510 -46.33 -23.78 -133.68
CA ARG N 510 -45.93 -22.69 -134.56
C ARG N 510 -45.71 -21.39 -133.81
N PRO N 511 -46.57 -21.00 -132.85
CA PRO N 511 -46.20 -19.88 -131.97
C PRO N 511 -44.97 -20.23 -131.14
N ARG N 512 -43.87 -19.55 -131.40
CA ARG N 512 -42.61 -19.90 -130.76
C ARG N 512 -42.47 -19.26 -129.38
N CYS N 513 -43.20 -18.19 -129.12
CA CYS N 513 -43.12 -17.49 -127.85
C CYS N 513 -44.34 -17.67 -126.97
N LEU N 514 -45.46 -18.18 -127.51
CA LEU N 514 -46.62 -18.54 -126.71
C LEU N 514 -47.12 -17.37 -125.85
N PRO N 515 -47.94 -16.47 -126.41
CA PRO N 515 -48.27 -15.20 -125.73
C PRO N 515 -48.63 -15.31 -124.25
N LEU N 516 -48.47 -14.18 -123.55
CA LEU N 516 -48.50 -14.03 -122.09
C LEU N 516 -49.53 -14.91 -121.40
N PRO N 517 -50.82 -14.89 -121.75
CA PRO N 517 -51.77 -15.73 -121.00
C PRO N 517 -51.66 -17.22 -121.26
N ILE N 518 -51.31 -17.64 -122.47
CA ILE N 518 -51.36 -19.07 -122.79
C ILE N 518 -50.17 -19.82 -122.18
N CYS N 519 -48.98 -19.22 -122.18
CA CYS N 519 -47.79 -19.93 -121.72
C CYS N 519 -47.67 -19.89 -120.20
N LYS N 520 -46.53 -20.33 -119.73
CA LYS N 520 -46.21 -20.38 -118.31
C LYS N 520 -44.94 -19.57 -118.05
N GLN N 521 -44.35 -19.71 -116.87
CA GLN N 521 -43.15 -18.96 -116.54
C GLN N 521 -42.00 -19.29 -117.49
N LEU N 522 -41.36 -18.24 -118.00
CA LEU N 522 -40.27 -18.35 -118.96
C LEU N 522 -38.88 -18.13 -118.36
N PHE N 523 -38.75 -17.26 -117.38
CA PHE N 523 -37.52 -17.04 -116.61
C PHE N 523 -37.48 -17.99 -115.42
N THR N 524 -36.41 -17.90 -114.63
CA THR N 524 -36.31 -18.81 -113.49
C THR N 524 -36.80 -18.13 -112.20
N ASP N 525 -37.11 -18.98 -111.20
CA ASP N 525 -37.59 -18.52 -109.91
C ASP N 525 -36.58 -17.62 -109.19
N ARG N 526 -35.29 -17.94 -109.26
CA ARG N 526 -34.34 -17.11 -108.54
C ARG N 526 -34.09 -15.80 -109.26
N GLN N 527 -34.12 -15.81 -110.60
CA GLN N 527 -34.10 -14.53 -111.31
C GLN N 527 -35.27 -13.67 -110.88
N ARG N 528 -36.44 -14.29 -110.67
CA ARG N 528 -37.55 -13.52 -110.14
C ARG N 528 -37.25 -13.02 -108.73
N SER N 529 -36.47 -13.79 -107.97
CA SER N 529 -36.09 -13.34 -106.62
C SER N 529 -35.17 -12.11 -106.69
N TRP N 530 -34.17 -12.15 -107.56
CA TRP N 530 -33.35 -10.97 -107.83
C TRP N 530 -34.24 -9.80 -108.23
N TRP N 531 -35.23 -10.08 -109.10
CA TRP N 531 -36.16 -9.05 -109.54
C TRP N 531 -36.94 -8.48 -108.37
N ASP N 532 -37.50 -9.35 -107.53
CA ASP N 532 -38.27 -8.94 -106.36
C ASP N 532 -37.47 -8.01 -105.47
N ALA N 533 -36.30 -8.47 -105.01
CA ALA N 533 -35.55 -7.70 -104.02
C ALA N 533 -34.94 -6.44 -104.62
N VAL N 534 -34.44 -6.51 -105.86
CA VAL N 534 -33.85 -5.32 -106.48
C VAL N 534 -34.93 -4.28 -106.75
N TYR N 535 -36.08 -4.70 -107.27
CA TYR N 535 -37.19 -3.77 -107.47
C TYR N 535 -37.67 -3.18 -106.16
N SER N 536 -37.73 -4.00 -105.10
CA SER N 536 -38.09 -3.47 -103.79
C SER N 536 -37.14 -2.38 -103.35
N LEU N 537 -35.83 -2.58 -103.56
CA LEU N 537 -34.87 -1.56 -103.13
C LEU N 537 -34.95 -0.31 -104.00
N ILE N 538 -35.27 -0.48 -105.29
CA ILE N 538 -35.22 0.65 -106.22
C ILE N 538 -36.48 1.50 -106.11
N THR N 539 -37.65 0.86 -106.07
CA THR N 539 -38.93 1.54 -105.87
C THR N 539 -39.35 1.51 -104.41
N LYS N 540 -38.38 1.59 -103.50
CA LYS N 540 -38.66 1.64 -102.08
C LYS N 540 -39.30 2.97 -101.73
N ALA N 548 -33.38 -3.62 -91.68
CA ALA N 548 -34.56 -4.34 -92.13
C ALA N 548 -34.32 -4.97 -93.50
N LYS N 549 -33.22 -4.59 -94.14
CA LYS N 549 -32.89 -5.04 -95.48
C LYS N 549 -31.75 -6.05 -95.41
N LEU N 550 -32.05 -7.32 -95.74
CA LEU N 550 -31.03 -8.36 -95.86
C LEU N 550 -30.44 -8.29 -97.25
N ARG N 551 -29.12 -8.43 -97.34
CA ARG N 551 -28.39 -8.28 -98.59
C ARG N 551 -27.94 -9.62 -99.16
N SER N 552 -28.56 -10.72 -98.77
CA SER N 552 -28.12 -12.03 -99.26
C SER N 552 -28.25 -12.13 -100.77
N VAL N 553 -29.49 -12.02 -101.28
CA VAL N 553 -29.72 -12.19 -102.71
C VAL N 553 -28.90 -11.19 -103.51
N ILE N 554 -29.04 -9.90 -103.18
CA ILE N 554 -28.42 -8.85 -103.99
C ILE N 554 -26.90 -8.92 -103.89
N GLN N 555 -26.36 -9.25 -102.72
CA GLN N 555 -24.91 -9.33 -102.56
C GLN N 555 -24.35 -10.50 -103.35
N HIS N 556 -24.90 -11.69 -103.14
CA HIS N 556 -24.49 -12.85 -103.93
C HIS N 556 -24.57 -12.55 -105.43
N ASP N 557 -25.65 -11.87 -105.84
CA ASP N 557 -25.90 -11.71 -107.26
C ASP N 557 -25.09 -10.58 -107.88
N LEU N 558 -24.77 -9.52 -107.14
CA LEU N 558 -23.82 -8.55 -107.67
C LEU N 558 -22.43 -9.16 -107.79
N THR N 559 -22.03 -9.96 -106.79
CA THR N 559 -20.75 -10.65 -106.88
C THR N 559 -20.70 -11.52 -108.13
N THR N 560 -21.81 -12.17 -108.47
CA THR N 560 -21.85 -12.94 -109.71
C THR N 560 -21.79 -12.02 -110.94
N LEU N 561 -22.71 -11.06 -111.03
CA LEU N 561 -22.87 -10.24 -112.24
C LEU N 561 -21.61 -9.46 -112.59
N ARG N 562 -21.02 -8.74 -111.64
CA ARG N 562 -19.85 -7.93 -111.96
C ARG N 562 -18.59 -8.75 -112.18
N ALA N 563 -18.69 -10.08 -112.10
CA ALA N 563 -17.54 -10.97 -112.29
C ALA N 563 -16.39 -10.60 -111.37
N GLN N 564 -16.72 -10.30 -110.12
CA GLN N 564 -15.73 -9.97 -109.11
C GLN N 564 -15.22 -11.27 -108.48
N GLU N 565 -14.59 -11.17 -107.32
CA GLU N 565 -13.78 -12.22 -106.71
C GLU N 565 -14.27 -13.63 -107.01
N LYS N 566 -15.54 -13.91 -106.72
CA LYS N 566 -16.05 -15.27 -106.91
C LYS N 566 -17.40 -15.23 -107.60
N HIS N 567 -17.51 -16.00 -108.69
CA HIS N 567 -18.72 -16.18 -109.47
C HIS N 567 -18.74 -17.62 -109.99
N GLY N 568 -19.71 -17.92 -110.85
CA GLY N 568 -19.75 -19.26 -111.42
C GLY N 568 -19.99 -19.38 -112.92
N LEU N 569 -20.63 -18.37 -113.51
CA LEU N 569 -21.07 -18.45 -114.89
C LEU N 569 -19.89 -18.50 -115.86
N GLN N 570 -20.12 -19.07 -117.04
CA GLN N 570 -19.11 -19.57 -117.96
C GLN N 570 -19.00 -18.71 -119.23
N PRO N 571 -17.88 -18.83 -119.99
CA PRO N 571 -17.50 -17.80 -120.98
C PRO N 571 -18.56 -17.31 -121.97
N ALA N 572 -19.29 -18.22 -122.62
CA ALA N 572 -20.29 -17.81 -123.60
C ALA N 572 -21.19 -16.70 -123.05
N VAL N 573 -21.42 -16.72 -121.74
CA VAL N 573 -22.20 -15.68 -121.08
C VAL N 573 -21.58 -14.29 -121.35
N LEU N 574 -20.33 -14.10 -120.95
CA LEU N 574 -19.70 -12.79 -121.10
C LEU N 574 -19.40 -12.48 -122.57
N VAL N 575 -19.27 -13.50 -123.41
CA VAL N 575 -19.10 -13.24 -124.84
C VAL N 575 -20.35 -12.62 -125.43
N ASN N 576 -21.52 -13.22 -125.15
CA ASN N 576 -22.75 -12.67 -125.68
C ASN N 576 -23.08 -11.32 -125.03
N TRP N 577 -22.81 -11.19 -123.73
CA TRP N 577 -22.94 -9.90 -123.07
C TRP N 577 -22.10 -8.83 -123.75
N ALA N 578 -20.83 -9.16 -124.01
CA ALA N 578 -19.89 -8.21 -124.59
C ALA N 578 -20.32 -7.81 -125.99
N ARG N 579 -20.78 -8.76 -126.80
CA ARG N 579 -21.25 -8.41 -128.14
C ARG N 579 -22.51 -7.57 -128.09
N GLY N 580 -23.45 -7.90 -127.19
CA GLY N 580 -24.64 -7.07 -127.05
C GLY N 580 -24.29 -5.65 -126.68
N LEU N 581 -23.36 -5.48 -125.75
CA LEU N 581 -22.98 -4.14 -125.34
C LEU N 581 -22.08 -3.48 -126.37
N HIS N 582 -21.42 -4.27 -127.21
CA HIS N 582 -20.72 -3.71 -128.36
C HIS N 582 -21.71 -3.06 -129.31
N LYS N 583 -22.81 -3.77 -129.60
CA LYS N 583 -23.83 -3.19 -130.46
C LYS N 583 -24.44 -1.95 -129.81
N THR N 584 -24.74 -2.05 -128.51
CA THR N 584 -25.40 -0.92 -127.84
C THR N 584 -24.46 0.29 -127.74
N GLY N 585 -23.15 0.05 -127.69
CA GLY N 585 -22.23 1.18 -127.68
C GLY N 585 -22.02 1.75 -129.07
N TYR N 586 -22.03 0.89 -130.09
CA TYR N 586 -21.86 1.36 -131.46
C TYR N 586 -23.11 2.08 -131.93
N SER N 587 -24.24 1.88 -131.23
CA SER N 587 -25.50 2.47 -131.67
C SER N 587 -25.49 4.00 -131.53
N LEU N 588 -25.25 4.50 -130.33
CA LEU N 588 -25.36 5.94 -130.10
C LEU N 588 -24.30 6.72 -130.87
N ASN N 589 -24.64 7.95 -131.22
CA ASN N 589 -23.69 8.94 -131.70
C ASN N 589 -23.02 9.67 -130.56
N SER N 590 -23.67 9.71 -129.39
CA SER N 590 -23.09 10.36 -128.22
C SER N 590 -21.83 9.64 -127.76
N PHE N 591 -20.69 10.31 -127.95
CA PHE N 591 -19.42 9.75 -127.48
C PHE N 591 -19.41 9.61 -125.96
N TYR N 592 -20.04 10.55 -125.25
CA TYR N 592 -20.04 10.52 -123.80
C TYR N 592 -20.63 9.25 -123.22
N ASP N 593 -21.58 8.62 -123.92
CA ASP N 593 -22.13 7.34 -123.50
C ASP N 593 -21.43 6.18 -124.18
N GLN N 594 -21.03 6.37 -125.45
CA GLN N 594 -20.21 5.38 -126.13
C GLN N 594 -19.03 4.96 -125.28
N LYS N 595 -18.41 5.92 -124.57
CA LYS N 595 -17.16 5.65 -123.88
C LYS N 595 -17.37 4.70 -122.71
N GLU N 596 -18.37 4.98 -121.88
CA GLU N 596 -18.67 4.09 -120.76
C GLU N 596 -19.20 2.75 -121.24
N TYR N 597 -19.89 2.73 -122.39
CA TYR N 597 -20.34 1.46 -122.94
C TYR N 597 -19.17 0.61 -123.41
N MET N 598 -18.18 1.25 -124.04
CA MET N 598 -16.92 0.57 -124.33
C MET N 598 -16.26 0.13 -123.03
N GLY N 599 -16.44 0.90 -121.96
CA GLY N 599 -16.00 0.45 -120.66
C GLY N 599 -16.61 -0.88 -120.26
N ARG N 600 -17.93 -1.03 -120.47
CA ARG N 600 -18.58 -2.30 -120.15
C ARG N 600 -18.04 -3.44 -121.00
N CYS N 601 -17.97 -3.22 -122.32
CA CYS N 601 -17.38 -4.22 -123.21
C CYS N 601 -16.00 -4.63 -122.74
N VAL N 602 -15.11 -3.66 -122.54
CA VAL N 602 -13.73 -3.91 -122.15
C VAL N 602 -13.64 -4.65 -120.82
N HIS N 603 -14.50 -4.28 -119.87
CA HIS N 603 -14.49 -4.96 -118.57
C HIS N 603 -14.82 -6.42 -118.72
N TYR N 604 -15.98 -6.72 -119.33
CA TYR N 604 -16.36 -8.12 -119.51
C TYR N 604 -15.29 -8.89 -120.30
N TRP N 605 -14.67 -8.23 -121.28
CA TRP N 605 -13.70 -8.92 -122.12
C TRP N 605 -12.43 -9.26 -121.34
N LYS N 606 -11.78 -8.25 -120.75
CA LYS N 606 -10.57 -8.50 -119.99
C LYS N 606 -10.83 -9.46 -118.84
N LYS N 607 -12.07 -9.51 -118.34
CA LYS N 607 -12.38 -10.51 -117.32
C LYS N 607 -12.53 -11.90 -117.92
N LEU N 608 -13.00 -12.01 -119.17
CA LEU N 608 -13.12 -13.34 -119.76
C LEU N 608 -11.77 -13.89 -120.20
N LEU N 609 -10.82 -13.01 -120.50
CA LEU N 609 -9.50 -13.47 -120.94
C LEU N 609 -8.87 -14.49 -119.99
N PRO N 610 -8.60 -14.17 -118.72
CA PRO N 610 -7.80 -15.10 -117.92
C PRO N 610 -8.53 -16.37 -117.53
N LEU N 611 -9.87 -16.36 -117.56
CA LEU N 611 -10.63 -17.57 -117.28
C LEU N 611 -10.72 -18.47 -118.51
N LEU N 612 -10.77 -17.86 -119.70
CA LEU N 612 -10.95 -18.61 -120.93
C LEU N 612 -9.70 -19.37 -121.34
N ASP N 613 -8.52 -18.91 -120.94
CA ASP N 613 -7.30 -19.68 -121.18
C ASP N 613 -7.27 -20.98 -120.39
N LEU N 614 -8.26 -21.22 -119.53
CA LEU N 614 -8.29 -22.43 -118.73
C LEU N 614 -8.81 -23.64 -119.51
N VAL N 615 -9.11 -23.52 -120.80
CA VAL N 615 -9.52 -24.69 -121.60
C VAL N 615 -8.22 -25.30 -122.11
N LYS N 616 -7.54 -26.04 -121.23
CA LYS N 616 -6.45 -26.92 -121.60
C LYS N 616 -6.70 -28.24 -120.87
N GLN N 617 -7.56 -29.07 -121.45
CA GLN N 617 -8.09 -30.29 -120.83
C GLN N 617 -8.42 -30.06 -119.35
N LYS N 618 -9.23 -29.03 -119.08
CA LYS N 618 -9.57 -28.69 -117.72
C LYS N 618 -10.93 -28.01 -117.67
N LYS N 619 -11.63 -28.24 -116.55
CA LYS N 619 -12.90 -27.59 -116.28
C LYS N 619 -12.70 -26.09 -116.16
N SER N 620 -13.77 -25.32 -116.40
CA SER N 620 -13.74 -23.90 -116.11
C SER N 620 -13.89 -23.70 -114.60
N ILE N 621 -14.99 -24.18 -114.04
CA ILE N 621 -15.29 -23.99 -112.63
C ILE N 621 -16.23 -25.06 -112.12
N PRO N 622 -15.83 -25.85 -111.10
CA PRO N 622 -16.75 -26.85 -110.54
C PRO N 622 -17.88 -26.18 -109.78
N GLU N 623 -19.09 -26.22 -110.34
CA GLU N 623 -20.25 -25.52 -109.79
C GLU N 623 -21.41 -26.51 -109.61
N PRO N 624 -21.62 -26.98 -108.38
CA PRO N 624 -22.78 -27.85 -108.13
C PRO N 624 -24.12 -27.15 -108.30
N VAL N 625 -24.17 -25.84 -108.03
CA VAL N 625 -25.39 -25.05 -108.08
C VAL N 625 -25.29 -24.10 -109.26
N ASP N 626 -26.45 -23.79 -109.88
CA ASP N 626 -26.52 -22.89 -111.01
C ASP N 626 -26.50 -21.47 -110.49
N PRO N 627 -25.38 -20.78 -110.50
CA PRO N 627 -25.32 -19.51 -109.76
C PRO N 627 -26.25 -18.44 -110.31
N LEU N 628 -26.11 -18.12 -111.58
CA LEU N 628 -27.04 -17.17 -112.20
C LEU N 628 -27.48 -17.65 -113.58
N PHE N 629 -26.56 -18.20 -114.36
CA PHE N 629 -26.84 -18.75 -115.70
C PHE N 629 -25.84 -19.89 -115.92
N LYS N 630 -26.26 -21.12 -115.62
CA LYS N 630 -25.36 -22.25 -115.74
C LYS N 630 -26.00 -23.35 -116.58
N HIS N 631 -25.34 -23.71 -117.68
CA HIS N 631 -25.83 -24.75 -118.57
C HIS N 631 -24.69 -25.56 -119.15
N PHE N 632 -24.97 -26.34 -120.19
CA PHE N 632 -23.94 -27.13 -120.83
C PHE N 632 -24.31 -27.38 -122.28
N HIS N 633 -23.31 -27.76 -123.06
CA HIS N 633 -23.45 -28.07 -124.49
C HIS N 633 -23.88 -26.82 -125.26
N ASN N 634 -23.99 -25.70 -124.53
CA ASN N 634 -24.07 -24.36 -125.08
C ASN N 634 -23.00 -23.45 -124.51
N LYS N 635 -22.81 -23.48 -123.18
CA LYS N 635 -21.96 -22.50 -122.53
C LYS N 635 -20.48 -22.85 -122.62
N ASP N 636 -20.14 -24.14 -122.77
CA ASP N 636 -18.75 -24.52 -122.90
C ASP N 636 -18.17 -23.99 -124.22
N ILE N 637 -17.07 -23.25 -124.13
CA ILE N 637 -16.45 -22.68 -125.32
C ILE N 637 -15.34 -23.61 -125.79
N LYS N 638 -15.37 -23.97 -127.08
CA LYS N 638 -14.41 -24.91 -127.63
C LYS N 638 -13.03 -24.28 -127.76
N VAL N 639 -12.11 -25.05 -128.35
CA VAL N 639 -10.70 -24.68 -128.36
C VAL N 639 -10.40 -23.52 -129.30
N SER N 640 -11.14 -23.41 -130.40
CA SER N 640 -10.68 -22.56 -131.50
C SER N 640 -11.07 -21.10 -131.29
N GLU N 641 -12.27 -20.84 -130.77
CA GLU N 641 -12.78 -19.47 -130.71
C GLU N 641 -12.09 -18.62 -129.65
N VAL N 642 -11.17 -19.18 -128.86
CA VAL N 642 -10.46 -18.39 -127.86
C VAL N 642 -9.64 -17.30 -128.52
N LYS N 643 -8.74 -17.68 -129.45
CA LYS N 643 -7.95 -16.71 -130.20
C LYS N 643 -8.85 -15.70 -130.92
N ASP N 644 -10.00 -16.18 -131.41
CA ASP N 644 -10.96 -15.29 -132.06
C ASP N 644 -11.43 -14.21 -131.10
N LEU N 645 -11.85 -14.61 -129.89
CA LEU N 645 -12.23 -13.65 -128.87
C LEU N 645 -11.07 -12.73 -128.51
N GLU N 646 -9.85 -13.23 -128.59
CA GLU N 646 -8.70 -12.41 -128.23
C GLU N 646 -8.48 -11.30 -129.26
N ASP N 647 -8.61 -11.63 -130.55
CA ASP N 647 -8.54 -10.60 -131.58
C ASP N 647 -9.70 -9.61 -131.44
N GLU N 648 -10.89 -10.12 -131.11
CA GLU N 648 -12.02 -9.23 -130.85
C GLU N 648 -11.75 -8.33 -129.65
N ALA N 649 -10.99 -8.84 -128.67
CA ALA N 649 -10.64 -8.05 -127.49
C ALA N 649 -9.63 -6.97 -127.83
N CYS N 650 -8.66 -7.30 -128.68
CA CYS N 650 -7.77 -6.28 -129.22
C CYS N 650 -8.55 -5.19 -129.94
N ILE N 651 -9.54 -5.61 -130.75
CA ILE N 651 -10.47 -4.67 -131.37
C ILE N 651 -11.11 -3.78 -130.33
N ALA N 652 -11.70 -4.38 -129.30
CA ALA N 652 -12.47 -3.61 -128.32
C ALA N 652 -11.58 -2.66 -127.53
N PHE N 653 -10.38 -3.09 -127.17
CA PHE N 653 -9.47 -2.26 -126.39
C PHE N 653 -8.97 -1.07 -127.21
N ALA N 654 -8.51 -1.33 -128.44
CA ALA N 654 -8.06 -0.22 -129.28
C ALA N 654 -9.19 0.73 -129.62
N THR N 655 -10.40 0.20 -129.80
CA THR N 655 -11.55 1.05 -130.07
C THR N 655 -11.92 1.86 -128.83
N LEU N 656 -11.78 1.27 -127.64
CA LEU N 656 -11.94 2.05 -126.43
C LEU N 656 -11.01 3.24 -126.42
N ASP N 657 -9.73 2.99 -126.69
CA ASP N 657 -8.77 4.08 -126.59
C ASP N 657 -8.89 5.04 -127.78
N LEU N 658 -9.56 4.60 -128.85
CA LEU N 658 -9.99 5.53 -129.89
C LEU N 658 -11.15 6.39 -129.43
N VAL N 659 -12.02 5.85 -128.57
CA VAL N 659 -13.11 6.62 -128.00
C VAL N 659 -12.60 7.24 -126.70
N ASP N 660 -11.27 7.35 -126.59
CA ASP N 660 -10.65 8.04 -125.47
C ASP N 660 -9.47 8.92 -125.84
N GLY N 661 -9.11 9.04 -127.12
CA GLY N 661 -8.24 10.11 -127.56
C GLY N 661 -6.80 9.72 -127.85
N LYS N 662 -6.41 8.46 -127.66
CA LYS N 662 -5.02 8.06 -127.89
C LYS N 662 -4.91 7.35 -129.25
N THR N 663 -4.91 8.18 -130.29
CA THR N 663 -4.74 7.70 -131.65
C THR N 663 -3.40 7.03 -131.88
N GLU N 664 -2.44 7.20 -130.96
CA GLU N 664 -1.14 6.58 -131.12
C GLU N 664 -1.19 5.09 -130.80
N ASP N 665 -1.52 4.73 -129.57
CA ASP N 665 -1.55 3.30 -129.26
C ASP N 665 -2.85 2.66 -129.75
N ALA N 666 -3.86 3.45 -130.09
CA ALA N 666 -5.01 2.90 -130.80
C ALA N 666 -4.57 2.19 -132.08
N ILE N 667 -3.74 2.86 -132.87
CA ILE N 667 -3.21 2.26 -134.10
C ILE N 667 -2.16 1.19 -133.77
N ILE N 668 -1.33 1.45 -132.75
CA ILE N 668 -0.39 0.43 -132.28
C ILE N 668 -1.10 -0.90 -132.04
N ALA N 669 -2.29 -0.84 -131.43
CA ALA N 669 -3.04 -2.06 -131.16
C ALA N 669 -3.80 -2.55 -132.39
N PHE N 670 -4.41 -1.64 -133.16
CA PHE N 670 -5.20 -2.00 -134.33
C PHE N 670 -4.38 -2.58 -135.46
N GLU N 671 -3.06 -2.46 -135.44
CA GLU N 671 -2.21 -3.06 -136.45
C GLU N 671 -1.69 -4.44 -136.02
N SER N 672 -2.48 -5.18 -135.25
CA SER N 672 -2.09 -6.48 -134.71
C SER N 672 -2.94 -7.63 -135.22
N VAL N 673 -4.27 -7.48 -135.22
CA VAL N 673 -5.14 -8.57 -135.67
C VAL N 673 -5.19 -8.57 -137.18
N LYS N 674 -5.57 -9.72 -137.75
CA LYS N 674 -5.50 -9.97 -139.20
C LYS N 674 -6.89 -10.15 -139.80
N ASN N 675 -7.83 -9.27 -139.44
CA ASN N 675 -9.20 -9.34 -139.94
C ASN N 675 -9.59 -8.05 -140.65
N VAL N 676 -10.89 -7.89 -140.94
CA VAL N 676 -11.37 -6.72 -141.66
C VAL N 676 -11.51 -5.51 -140.74
N VAL N 677 -11.79 -5.75 -139.45
CA VAL N 677 -12.08 -4.67 -138.52
C VAL N 677 -10.85 -3.77 -138.37
N ALA N 678 -9.68 -4.38 -138.24
CA ALA N 678 -8.45 -3.62 -138.11
C ALA N 678 -8.26 -2.68 -139.28
N TYR N 679 -8.41 -3.20 -140.50
CA TYR N 679 -8.15 -2.40 -141.69
C TYR N 679 -9.16 -1.27 -141.85
N TRP N 680 -10.45 -1.55 -141.57
CA TRP N 680 -11.45 -0.48 -141.68
C TRP N 680 -11.20 0.61 -140.66
N ASN N 681 -10.86 0.23 -139.43
CA ASN N 681 -10.50 1.19 -138.40
C ASN N 681 -9.34 2.06 -138.85
N LEU N 682 -8.22 1.42 -139.22
CA LEU N 682 -7.05 2.18 -139.63
C LEU N 682 -7.37 3.10 -140.79
N ALA N 683 -8.19 2.65 -141.75
CA ALA N 683 -8.47 3.48 -142.92
C ALA N 683 -9.23 4.74 -142.54
N LEU N 684 -10.29 4.58 -141.74
CA LEU N 684 -10.98 5.76 -141.24
C LEU N 684 -10.03 6.66 -140.45
N ILE N 685 -9.09 6.06 -139.72
CA ILE N 685 -8.12 6.84 -138.95
C ILE N 685 -7.20 7.64 -139.88
N TYR N 686 -6.72 7.01 -140.95
CA TYR N 686 -5.85 7.75 -141.88
C TYR N 686 -6.60 8.92 -142.47
N GLN N 687 -7.80 8.67 -142.99
CA GLN N 687 -8.60 9.77 -143.54
C GLN N 687 -8.74 10.89 -142.52
N ARG N 688 -9.17 10.54 -141.30
CA ARG N 688 -9.45 11.58 -140.31
C ARG N 688 -8.19 12.35 -139.93
N LYS N 689 -7.12 11.65 -139.53
CA LYS N 689 -5.96 12.35 -139.00
C LYS N 689 -5.23 13.12 -140.10
N ALA N 690 -5.31 12.66 -141.35
CA ALA N 690 -4.65 13.38 -142.43
C ALA N 690 -5.68 13.95 -143.38
N GLU N 691 -6.77 14.49 -142.80
CA GLU N 691 -7.74 15.25 -143.57
C GLU N 691 -7.05 16.21 -144.53
N GLU N 692 -6.30 17.18 -144.01
CA GLU N 692 -5.61 18.16 -144.84
C GLU N 692 -4.19 18.38 -144.33
N ILE N 693 -3.49 17.30 -144.02
CA ILE N 693 -2.19 17.35 -143.36
C ILE N 693 -1.05 17.03 -144.34
N GLU N 694 -1.04 15.81 -144.89
CA GLU N 694 0.07 15.34 -145.70
C GLU N 694 -0.44 14.52 -146.87
N ASN N 695 0.46 14.21 -147.81
CA ASN N 695 0.14 13.46 -149.02
C ASN N 695 0.55 11.99 -148.95
N ASP N 696 1.75 11.71 -148.43
CA ASP N 696 2.31 10.36 -148.49
C ASP N 696 1.49 9.33 -147.71
N CYS N 697 0.78 9.74 -146.67
CA CYS N 697 -0.01 8.81 -145.89
C CYS N 697 -1.36 8.47 -146.52
N LEU N 698 -1.67 9.02 -147.70
CA LEU N 698 -2.92 8.66 -148.37
C LEU N 698 -2.80 7.36 -149.16
N PRO N 699 -1.72 7.10 -149.93
CA PRO N 699 -1.56 5.76 -150.53
C PRO N 699 -1.63 4.65 -149.49
N ALA N 700 -1.35 4.97 -148.23
CA ALA N 700 -1.50 4.00 -147.15
C ALA N 700 -2.95 3.56 -146.99
N GLU N 701 -3.86 4.54 -146.86
CA GLU N 701 -5.28 4.20 -146.79
C GLU N 701 -5.72 3.53 -148.07
N GLU N 702 -5.13 3.92 -149.21
CA GLU N 702 -5.44 3.26 -150.48
C GLU N 702 -5.16 1.77 -150.40
N GLN N 703 -3.93 1.40 -149.97
CA GLN N 703 -3.55 0.00 -149.92
C GLN N 703 -4.32 -0.77 -148.85
N GLU N 704 -4.66 -0.13 -147.74
CA GLU N 704 -5.43 -0.83 -146.72
C GLU N 704 -6.87 -1.05 -147.17
N GLU N 705 -7.45 -0.10 -147.90
CA GLU N 705 -8.74 -0.35 -148.53
C GLU N 705 -8.64 -1.37 -149.66
N PHE N 706 -7.46 -1.55 -150.26
CA PHE N 706 -7.31 -2.65 -151.21
C PHE N 706 -7.25 -4.00 -150.49
N GLN N 707 -6.63 -4.03 -149.31
CA GLN N 707 -6.75 -5.20 -148.44
C GLN N 707 -8.22 -5.49 -148.13
N GLU N 708 -8.96 -4.46 -147.73
CA GLU N 708 -10.39 -4.62 -147.46
C GLU N 708 -11.17 -5.03 -148.71
N CYS N 709 -10.71 -4.63 -149.90
CA CYS N 709 -11.36 -5.07 -151.13
C CYS N 709 -11.06 -6.53 -151.43
N LEU N 710 -9.83 -6.97 -151.16
CA LEU N 710 -9.53 -8.39 -151.31
C LEU N 710 -10.34 -9.21 -150.32
N LEU N 711 -10.70 -8.61 -149.18
CA LEU N 711 -11.51 -9.33 -148.21
C LEU N 711 -13.01 -9.17 -148.49
N LYS N 712 -13.39 -8.18 -149.31
CA LYS N 712 -14.77 -8.06 -149.79
C LYS N 712 -15.02 -8.92 -151.02
N CYS N 713 -13.95 -9.28 -151.74
CA CYS N 713 -14.10 -10.15 -152.91
C CYS N 713 -14.75 -11.47 -152.54
N LYS N 714 -14.53 -11.95 -151.32
CA LYS N 714 -15.23 -13.12 -150.79
C LYS N 714 -16.55 -12.73 -150.12
N GLY N 715 -16.97 -11.47 -150.27
CA GLY N 715 -18.23 -11.01 -149.73
C GLY N 715 -18.32 -11.00 -148.21
N PHE N 716 -17.22 -10.75 -147.52
CA PHE N 716 -17.21 -10.79 -146.06
C PHE N 716 -18.17 -9.75 -145.51
N LEU N 717 -19.29 -10.23 -144.95
CA LEU N 717 -20.34 -9.39 -144.36
C LEU N 717 -20.12 -9.18 -142.85
N LYS N 718 -18.91 -9.46 -142.37
CA LYS N 718 -18.54 -9.11 -141.00
C LYS N 718 -18.47 -7.61 -140.80
N MET N 719 -18.36 -6.83 -141.88
CA MET N 719 -18.38 -5.38 -141.80
C MET N 719 -19.75 -4.89 -141.33
N ILE N 720 -19.73 -3.78 -140.60
CA ILE N 720 -20.98 -3.22 -140.09
C ILE N 720 -21.77 -2.56 -141.22
N CYS N 721 -21.20 -1.50 -141.80
CA CYS N 721 -21.77 -0.83 -142.98
C CYS N 721 -21.10 -1.39 -144.22
N ASP N 722 -21.89 -1.61 -145.28
CA ASP N 722 -21.37 -2.28 -146.46
C ASP N 722 -20.23 -1.49 -147.09
N GLU N 723 -19.24 -2.23 -147.58
CA GLU N 723 -18.10 -1.59 -148.23
C GLU N 723 -18.47 -0.98 -149.57
N TYR N 724 -19.50 -1.49 -150.25
CA TYR N 724 -19.95 -0.90 -151.51
C TYR N 724 -20.31 0.57 -151.36
N SER N 725 -20.48 1.04 -150.12
CA SER N 725 -20.66 2.45 -149.81
C SER N 725 -19.35 3.14 -149.42
N ALA N 726 -18.63 2.61 -148.44
CA ALA N 726 -17.43 3.29 -147.96
C ALA N 726 -16.32 3.24 -149.01
N TYR N 727 -15.91 2.04 -149.41
CA TYR N 727 -14.89 1.92 -150.46
C TYR N 727 -15.31 2.57 -151.76
N PRO N 728 -16.60 2.73 -152.07
CA PRO N 728 -16.93 3.53 -153.26
C PRO N 728 -16.45 4.96 -153.12
N SER N 729 -16.88 5.65 -152.05
CA SER N 729 -16.41 7.02 -151.82
C SER N 729 -14.91 7.04 -151.54
N ILE N 730 -14.38 5.97 -150.93
CA ILE N 730 -12.96 5.96 -150.57
C ILE N 730 -12.09 5.81 -151.81
N ALA N 731 -12.47 4.92 -152.72
CA ALA N 731 -11.74 4.78 -153.97
C ALA N 731 -11.94 5.99 -154.86
N THR N 732 -13.08 6.67 -154.73
CA THR N 732 -13.26 7.92 -155.45
C THR N 732 -12.31 8.99 -154.92
N SER N 733 -12.30 9.20 -153.60
CA SER N 733 -11.37 10.15 -152.99
C SER N 733 -9.93 9.77 -153.25
N LEU N 734 -9.65 8.48 -153.41
CA LEU N 734 -8.32 8.00 -153.73
C LEU N 734 -8.02 8.34 -155.19
N PRO N 735 -8.94 8.02 -156.11
CA PRO N 735 -8.72 8.46 -157.50
C PRO N 735 -8.85 9.96 -157.66
N VAL N 736 -9.65 10.63 -156.82
CA VAL N 736 -9.68 12.08 -156.83
C VAL N 736 -8.36 12.64 -156.32
N PRO N 737 -7.80 12.16 -155.20
CA PRO N 737 -6.48 12.66 -154.80
C PRO N 737 -5.38 12.27 -155.77
N VAL N 738 -5.58 11.25 -156.58
CA VAL N 738 -4.61 10.86 -157.59
C VAL N 738 -4.39 11.99 -158.58
N GLU O 13 74.10 30.85 -88.48
CA GLU O 13 75.08 31.45 -87.58
C GLU O 13 75.03 30.79 -86.20
N ASN O 14 73.95 31.06 -85.46
CA ASN O 14 73.80 30.48 -84.12
C ASN O 14 73.70 28.95 -84.19
N ALA O 15 72.99 28.44 -85.19
CA ALA O 15 72.90 26.99 -85.36
C ALA O 15 74.26 26.40 -85.70
N GLN O 16 75.05 27.09 -86.54
CA GLN O 16 76.38 26.61 -86.87
C GLN O 16 77.28 26.60 -85.65
N ASN O 17 77.16 27.62 -84.79
CA ASN O 17 77.97 27.63 -83.57
C ASN O 17 77.55 26.52 -82.61
N SER O 18 76.25 26.32 -82.44
CA SER O 18 75.77 25.23 -81.59
C SER O 18 76.25 23.88 -82.12
N ALA O 19 76.32 23.74 -83.44
CA ALA O 19 76.80 22.49 -84.03
C ALA O 19 78.31 22.33 -83.83
N SER O 20 79.08 23.38 -84.11
CA SER O 20 80.53 23.32 -83.94
C SER O 20 80.91 23.06 -82.49
N SER O 21 80.05 23.46 -81.55
CA SER O 21 80.23 23.02 -80.18
C SER O 21 80.26 21.51 -80.07
N PRO O 22 79.21 20.77 -80.44
CA PRO O 22 79.36 19.31 -80.53
C PRO O 22 80.30 18.90 -81.65
N ARG O 23 80.55 19.77 -82.63
CA ARG O 23 81.46 19.59 -83.76
C ARG O 23 80.93 18.59 -84.78
N GLU O 24 79.61 18.46 -84.92
CA GLU O 24 79.06 17.43 -85.80
C GLU O 24 79.41 17.66 -87.25
N LYS O 25 79.26 18.90 -87.74
CA LYS O 25 79.45 19.21 -89.17
C LYS O 25 78.59 18.30 -90.03
N SER O 26 77.33 18.16 -89.62
CA SER O 26 76.49 17.01 -89.92
C SER O 26 75.07 17.44 -90.25
N MET O 27 74.12 16.54 -89.99
CA MET O 27 72.70 16.78 -90.23
C MET O 27 72.26 18.19 -89.85
N LYS O 28 72.95 18.84 -88.91
CA LYS O 28 72.75 20.27 -88.70
C LYS O 28 73.07 21.07 -89.96
N GLY O 29 74.28 20.87 -90.51
CA GLY O 29 74.61 21.48 -91.78
C GLY O 29 73.70 21.02 -92.91
N PHE O 30 73.17 19.80 -92.80
CA PHE O 30 72.21 19.31 -93.79
C PHE O 30 70.89 20.05 -93.69
N LEU O 31 70.49 20.43 -92.48
CA LEU O 31 69.30 21.24 -92.28
C LEU O 31 69.50 22.67 -92.75
N PHE O 32 70.69 23.22 -92.56
CA PHE O 32 71.04 24.49 -93.19
C PHE O 32 70.96 24.38 -94.71
N ALA O 33 71.44 23.26 -95.25
CA ALA O 33 71.35 23.02 -96.69
C ALA O 33 69.90 22.93 -97.15
N ARG O 34 69.06 22.25 -96.37
CA ARG O 34 67.65 22.12 -96.73
C ARG O 34 66.94 23.47 -96.64
N LEU O 35 67.35 24.32 -95.70
CA LEU O 35 66.78 25.65 -95.61
C LEU O 35 67.20 26.51 -96.80
N TYR O 36 68.47 26.43 -97.20
CA TYR O 36 68.91 27.14 -98.40
C TYR O 36 68.24 26.59 -99.64
N TYR O 37 67.90 25.30 -99.64
CA TYR O 37 67.19 24.70 -100.76
C TYR O 37 65.76 25.21 -100.84
N GLU O 38 65.07 25.25 -99.69
CA GLU O 38 63.72 25.82 -99.65
C GLU O 38 63.75 27.28 -100.05
N ALA O 39 64.81 28.00 -99.69
CA ALA O 39 65.02 29.38 -100.10
C ALA O 39 65.69 29.38 -101.47
N LYS O 40 66.26 30.49 -101.95
CA LYS O 40 66.84 30.52 -103.28
C LYS O 40 68.29 30.96 -103.17
N GLU O 41 69.16 29.99 -102.91
CA GLU O 41 70.62 30.20 -102.84
C GLU O 41 71.29 28.92 -103.32
N TYR O 42 71.52 28.83 -104.64
CA TYR O 42 72.02 27.59 -105.22
C TYR O 42 73.43 27.24 -104.78
N GLU O 43 74.35 28.21 -104.77
CA GLU O 43 75.74 27.91 -104.44
C GLU O 43 75.88 27.51 -102.98
N LEU O 44 75.22 28.23 -102.07
CA LEU O 44 75.30 27.90 -100.66
C LEU O 44 74.63 26.56 -100.38
N ALA O 45 73.46 26.32 -100.98
CA ALA O 45 72.79 25.03 -100.81
C ALA O 45 73.68 23.89 -101.28
N LYS O 46 74.30 24.04 -102.45
CA LYS O 46 75.14 22.98 -103.00
C LYS O 46 76.38 22.75 -102.13
N ARG O 47 76.99 23.84 -101.63
CA ARG O 47 78.16 23.69 -100.77
C ARG O 47 77.81 22.96 -99.49
N SER O 48 76.73 23.36 -98.82
CA SER O 48 76.32 22.71 -97.58
C SER O 48 75.93 21.26 -97.84
N VAL O 49 75.28 20.99 -98.97
CA VAL O 49 74.87 19.63 -99.30
C VAL O 49 76.10 18.74 -99.51
N SER O 50 77.08 19.25 -100.25
CA SER O 50 78.31 18.47 -100.46
C SER O 50 79.04 18.23 -99.14
N SER O 51 79.12 19.26 -98.29
CA SER O 51 79.78 19.08 -97.00
C SER O 51 79.05 18.06 -96.14
N TYR O 52 77.73 18.01 -96.22
CA TYR O 52 76.98 17.03 -95.44
C TYR O 52 77.17 15.64 -96.00
N ILE O 53 77.14 15.49 -97.33
CA ILE O 53 77.35 14.18 -97.96
C ILE O 53 78.74 13.65 -97.61
N SER O 54 79.72 14.55 -97.53
CA SER O 54 81.06 14.14 -97.11
C SER O 54 81.05 13.62 -95.68
N VAL O 55 80.20 14.18 -94.83
CA VAL O 55 80.14 13.74 -93.44
C VAL O 55 79.18 12.58 -93.17
N GLN O 56 78.24 12.33 -94.08
CA GLN O 56 77.23 11.28 -93.84
C GLN O 56 77.14 10.25 -94.96
N GLU O 57 78.26 9.96 -95.62
CA GLU O 57 78.28 8.95 -96.68
C GLU O 57 77.20 9.17 -97.74
N ARG O 58 76.37 8.15 -97.98
CA ARG O 58 75.35 8.26 -99.03
C ARG O 58 73.96 7.86 -98.59
N ASP O 59 72.94 8.55 -99.10
CA ASP O 59 71.55 8.23 -98.78
C ASP O 59 70.65 8.86 -99.82
N PRO O 60 69.35 8.55 -99.74
CA PRO O 60 68.46 9.24 -100.66
C PRO O 60 68.58 10.74 -100.49
N LYS O 61 68.72 11.21 -99.25
CA LYS O 61 68.84 12.64 -98.99
C LYS O 61 70.02 13.27 -99.71
N ALA O 62 71.20 12.69 -99.57
CA ALA O 62 72.39 13.27 -100.19
C ALA O 62 72.24 13.34 -101.69
N HIS O 63 71.75 12.26 -102.29
CA HIS O 63 71.56 12.23 -103.73
C HIS O 63 70.49 13.22 -104.17
N ARG O 64 69.37 13.25 -103.48
CA ARG O 64 68.27 14.13 -103.84
C ARG O 64 68.63 15.59 -103.56
N PHE O 65 69.35 15.85 -102.47
CA PHE O 65 69.86 17.21 -102.27
C PHE O 65 70.67 17.67 -103.48
N LEU O 66 71.68 16.89 -103.85
CA LEU O 66 72.57 17.26 -104.95
C LEU O 66 71.82 17.30 -106.28
N GLY O 67 70.88 16.37 -106.49
CA GLY O 67 70.15 16.32 -107.73
C GLY O 67 69.18 17.48 -107.89
N GLN O 68 68.51 17.89 -106.82
CA GLN O 68 67.70 19.09 -106.87
C GLN O 68 68.57 20.32 -107.10
N LEU O 69 69.75 20.35 -106.46
CA LEU O 69 70.66 21.47 -106.66
C LEU O 69 71.08 21.59 -108.12
N PHE O 70 71.47 20.47 -108.73
CA PHE O 70 71.91 20.50 -110.13
C PHE O 70 70.75 20.78 -111.07
N GLU O 71 69.57 20.20 -110.79
CA GLU O 71 68.38 20.47 -111.58
C GLU O 71 68.05 21.96 -111.57
N ILE O 72 68.17 22.61 -110.41
CA ILE O 72 67.92 24.05 -110.32
C ILE O 72 69.05 24.86 -110.95
N GLU O 73 70.28 24.35 -110.93
CA GLU O 73 71.40 25.01 -111.60
C GLU O 73 71.36 24.85 -113.11
N GLY O 74 70.53 23.93 -113.62
CA GLY O 74 70.41 23.73 -115.04
C GLY O 74 71.37 22.72 -115.63
N ASN O 75 72.36 22.28 -114.87
CA ASN O 75 73.30 21.24 -115.33
C ASN O 75 72.64 19.87 -115.25
N VAL O 76 71.75 19.63 -116.22
CA VAL O 76 71.03 18.35 -116.28
C VAL O 76 72.01 17.20 -116.46
N GLU O 77 73.18 17.47 -117.03
CA GLU O 77 74.20 16.42 -117.17
C GLU O 77 74.73 15.99 -115.81
N LYS O 78 75.10 16.95 -114.96
CA LYS O 78 75.57 16.62 -113.62
C LYS O 78 74.45 16.03 -112.78
N ALA O 79 73.22 16.50 -112.99
CA ALA O 79 72.06 15.91 -112.30
C ALA O 79 71.87 14.46 -112.70
N VAL O 80 72.02 14.15 -113.99
CA VAL O 80 71.88 12.77 -114.45
C VAL O 80 73.02 11.92 -113.92
N GLY O 81 74.22 12.48 -113.80
CA GLY O 81 75.31 11.74 -113.20
C GLY O 81 75.05 11.39 -111.74
N CYS O 82 74.62 12.37 -110.95
CA CYS O 82 74.29 12.11 -109.56
C CYS O 82 73.14 11.12 -109.45
N TYR O 83 72.17 11.19 -110.36
CA TYR O 83 71.05 10.26 -110.32
C TYR O 83 71.49 8.85 -110.70
N LYS O 84 72.46 8.73 -111.62
CA LYS O 84 72.96 7.41 -111.98
C LYS O 84 73.74 6.80 -110.82
N ARG O 85 74.55 7.61 -110.13
CA ARG O 85 75.22 7.10 -108.93
C ARG O 85 74.20 6.71 -107.86
N SER O 86 73.11 7.48 -107.75
CA SER O 86 72.07 7.16 -106.77
C SER O 86 71.37 5.85 -107.12
N LEU O 87 71.09 5.63 -108.40
CA LEU O 87 70.44 4.40 -108.82
C LEU O 87 71.39 3.21 -108.71
N GLU O 88 72.69 3.45 -108.86
CA GLU O 88 73.66 2.39 -108.59
C GLU O 88 73.69 2.05 -107.10
N LEU O 89 73.49 3.05 -106.25
CA LEU O 89 73.35 2.79 -104.82
C LEU O 89 72.07 1.99 -104.54
N ASN O 90 70.98 2.36 -105.18
CA ASN O 90 69.75 1.57 -105.28
C ASN O 90 69.16 1.19 -103.93
N PRO O 91 69.13 2.09 -102.94
CA PRO O 91 68.25 1.83 -101.78
C PRO O 91 66.79 1.92 -102.16
N THR O 92 66.40 3.01 -102.83
CA THR O 92 65.09 3.20 -103.46
C THR O 92 65.26 4.26 -104.57
N GLN O 93 65.38 3.79 -105.81
CA GLN O 93 65.49 4.68 -106.96
C GLN O 93 64.32 4.41 -107.91
N LYS O 94 63.33 5.30 -107.90
CA LYS O 94 62.20 5.22 -108.81
C LYS O 94 62.09 6.50 -109.63
N ASP O 95 62.52 7.61 -109.04
CA ASP O 95 62.56 8.89 -109.76
C ASP O 95 63.76 8.98 -110.68
N LEU O 96 64.70 8.04 -110.59
CA LEU O 96 65.89 8.08 -111.43
C LEU O 96 65.54 7.95 -112.91
N THR O 97 64.67 6.99 -113.24
CA THR O 97 64.26 6.81 -114.63
C THR O 97 63.48 8.02 -115.14
N LEU O 98 62.66 8.63 -114.28
CA LEU O 98 61.93 9.82 -114.67
C LEU O 98 62.88 10.98 -114.96
N ARG O 99 63.90 11.16 -114.12
CA ARG O 99 64.88 12.21 -114.35
C ARG O 99 65.67 11.95 -115.63
N ILE O 100 66.00 10.68 -115.89
CA ILE O 100 66.71 10.32 -117.12
C ILE O 100 65.85 10.63 -118.34
N ALA O 101 64.54 10.33 -118.26
CA ALA O 101 63.66 10.60 -119.39
C ALA O 101 63.47 12.09 -119.60
N GLU O 102 63.42 12.87 -118.51
CA GLU O 102 63.33 14.32 -118.65
C GLU O 102 64.61 14.90 -119.24
N LEU O 103 65.76 14.37 -118.84
CA LEU O 103 67.02 14.78 -119.45
C LEU O 103 67.07 14.42 -120.92
N ILE O 104 66.48 13.27 -121.28
CA ILE O 104 66.42 12.87 -122.68
C ILE O 104 65.55 13.84 -123.48
N CYS O 105 64.41 14.23 -122.90
CA CYS O 105 63.53 15.19 -123.57
C CYS O 105 64.21 16.54 -123.73
N THR O 106 64.96 16.98 -122.71
CA THR O 106 65.68 18.25 -122.82
C THR O 106 66.85 18.15 -123.78
N LEU O 107 67.38 16.94 -123.99
CA LEU O 107 68.54 16.74 -124.86
C LEU O 107 68.25 17.13 -126.30
N GLY O 112 69.05 9.74 -130.96
CA GLY O 112 70.14 8.81 -130.76
C GLY O 112 70.51 8.64 -129.29
N ARG O 113 70.94 9.73 -128.67
CA ARG O 113 71.27 9.69 -127.25
C ARG O 113 70.01 9.63 -126.40
N ALA O 114 68.92 10.23 -126.89
CA ALA O 114 67.63 10.09 -126.21
C ALA O 114 66.93 8.79 -126.57
N GLU O 115 67.35 8.11 -127.63
CA GLU O 115 66.66 6.90 -128.07
C GLU O 115 66.82 5.77 -127.05
N TYR O 116 68.06 5.55 -126.57
CA TYR O 116 68.28 4.54 -125.55
C TYR O 116 67.48 4.83 -124.30
N TRP O 117 67.53 6.07 -123.80
CA TRP O 117 66.83 6.42 -122.59
C TRP O 117 65.32 6.36 -122.77
N VAL O 118 64.81 6.66 -123.96
CA VAL O 118 63.37 6.59 -124.19
C VAL O 118 62.91 5.14 -124.28
N GLU O 119 63.71 4.28 -124.92
CA GLU O 119 63.39 2.85 -124.94
C GLU O 119 63.41 2.27 -123.53
N ARG O 120 64.36 2.71 -122.71
CA ARG O 120 64.42 2.24 -121.32
C ARG O 120 63.21 2.74 -120.53
N ALA O 121 62.87 4.02 -120.67
CA ALA O 121 61.71 4.56 -119.97
C ALA O 121 60.42 3.89 -120.42
N SER O 122 60.31 3.56 -121.71
CA SER O 122 59.10 2.91 -122.22
C SER O 122 59.03 1.45 -121.77
N LYS O 123 60.18 0.78 -121.67
CA LYS O 123 60.18 -0.59 -121.16
C LYS O 123 60.00 -0.65 -119.65
N LEU O 124 60.25 0.45 -118.94
CA LEU O 124 60.00 0.50 -117.51
C LEU O 124 58.65 1.12 -117.15
N PHE O 125 57.96 1.73 -118.12
CA PHE O 125 56.65 2.33 -117.90
C PHE O 125 55.86 2.35 -119.20
N PRO O 126 55.11 1.29 -119.52
CA PRO O 126 54.43 1.25 -120.83
C PRO O 126 53.43 2.37 -121.04
N GLY O 127 52.66 2.74 -120.03
CA GLY O 127 51.71 3.82 -120.18
C GLY O 127 52.34 5.19 -119.97
N SER O 128 53.34 5.52 -120.79
CA SER O 128 54.10 6.76 -120.62
C SER O 128 53.86 7.70 -121.79
N PRO O 129 52.94 8.66 -121.67
CA PRO O 129 52.70 9.60 -122.77
C PRO O 129 53.90 10.49 -123.07
N GLU O 130 54.46 11.08 -122.02
CA GLU O 130 55.62 11.95 -122.20
C GLU O 130 56.82 11.20 -122.76
N ILE O 131 57.06 9.98 -122.29
CA ILE O 131 58.22 9.22 -122.74
C ILE O 131 58.02 8.72 -124.16
N TYR O 132 56.78 8.34 -124.50
CA TYR O 132 56.50 7.92 -125.87
C TYR O 132 56.60 9.08 -126.85
N ARG O 133 56.17 10.29 -126.42
CA ARG O 133 56.35 11.47 -127.26
C ARG O 133 57.82 11.80 -127.42
N LEU O 134 58.60 11.66 -126.34
CA LEU O 134 60.04 11.85 -126.42
C LEU O 134 60.67 10.84 -127.39
N LYS O 135 60.19 9.59 -127.36
CA LYS O 135 60.71 8.57 -128.27
C LYS O 135 60.38 8.92 -129.72
N GLU O 136 59.16 9.39 -129.97
CA GLU O 136 58.79 9.82 -131.31
C GLU O 136 59.67 10.98 -131.78
N GLN O 137 59.90 11.95 -130.89
CA GLN O 137 60.75 13.09 -131.25
C GLN O 137 62.19 12.66 -131.49
N LEU O 138 62.67 11.64 -130.76
CA LEU O 138 64.03 11.14 -130.97
C LEU O 138 64.13 10.42 -132.31
N LEU O 139 63.15 9.57 -132.63
CA LEU O 139 63.15 8.90 -133.92
C LEU O 139 62.94 9.89 -135.06
N SER O 140 62.36 11.06 -134.77
CA SER O 140 62.24 12.11 -135.78
C SER O 140 63.50 12.97 -135.88
N SER O 141 64.31 13.03 -134.82
CA SER O 141 65.55 13.80 -134.83
C SER O 141 66.75 12.91 -135.13
N GLY O 146 62.21 7.29 -140.47
CA GLY O 146 61.72 8.36 -141.31
C GLY O 146 60.26 8.69 -141.08
N TRP O 147 59.64 9.37 -142.05
CA TRP O 147 58.23 9.71 -141.93
C TRP O 147 57.37 8.45 -141.81
N ASN O 148 57.80 7.35 -142.44
CA ASN O 148 57.07 6.09 -142.31
C ASN O 148 57.06 5.61 -140.88
N GLN O 149 58.22 5.63 -140.21
CA GLN O 149 58.29 5.21 -138.81
C GLN O 149 57.54 6.19 -137.91
N LEU O 150 57.58 7.48 -138.24
CA LEU O 150 56.83 8.47 -137.48
C LEU O 150 55.32 8.16 -137.54
N PHE O 151 54.80 7.93 -138.74
CA PHE O 151 53.39 7.63 -138.90
C PHE O 151 53.04 6.31 -138.24
N ASP O 152 53.94 5.32 -138.32
CA ASP O 152 53.67 4.03 -137.68
C ASP O 152 53.59 4.16 -136.17
N LEU O 153 54.53 4.88 -135.57
CA LEU O 153 54.51 5.07 -134.11
C LEU O 153 53.27 5.87 -133.68
N ILE O 154 52.92 6.92 -134.45
CA ILE O 154 51.76 7.73 -134.10
C ILE O 154 50.48 6.92 -134.23
N GLN O 155 50.35 6.12 -135.29
CA GLN O 155 49.18 5.28 -135.45
C GLN O 155 49.09 4.20 -134.39
N ALA O 156 50.24 3.67 -133.95
CA ALA O 156 50.23 2.70 -132.87
C ALA O 156 49.83 3.33 -131.54
N GLU O 157 50.28 4.56 -131.29
CA GLU O 157 49.82 5.29 -130.12
C GLU O 157 48.32 5.54 -130.19
N LEU O 158 47.82 5.86 -131.38
CA LEU O 158 46.38 6.06 -131.55
C LEU O 158 45.60 4.76 -131.34
N PHE O 159 46.14 3.63 -131.80
CA PHE O 159 45.47 2.35 -131.60
C PHE O 159 45.51 1.91 -130.15
N ALA O 160 46.57 2.30 -129.41
CA ALA O 160 46.64 2.01 -127.99
C ALA O 160 45.78 2.97 -127.17
N ARG O 161 45.46 4.14 -127.72
CA ARG O 161 44.59 5.09 -127.07
C ARG O 161 43.80 5.87 -128.11
N PRO O 162 42.59 5.43 -128.48
CA PRO O 162 41.80 6.18 -129.47
C PRO O 162 41.49 7.60 -129.05
N ASN O 163 41.56 7.92 -127.76
CA ASN O 163 41.31 9.29 -127.31
C ASN O 163 42.54 10.17 -127.45
N ASP O 164 43.66 9.62 -127.95
CA ASP O 164 44.90 10.39 -128.07
C ASP O 164 44.75 11.36 -129.23
N VAL O 165 44.01 12.44 -129.00
CA VAL O 165 43.84 13.47 -130.01
C VAL O 165 45.17 14.16 -130.29
N TYR O 166 46.03 14.25 -129.28
CA TYR O 166 47.35 14.81 -129.49
C TYR O 166 48.20 13.94 -130.41
N VAL O 167 48.14 12.62 -130.23
CA VAL O 167 48.86 11.71 -131.10
C VAL O 167 48.30 11.78 -132.51
N ASN O 168 46.97 11.86 -132.63
CA ASN O 168 46.35 12.01 -133.94
C ASN O 168 46.80 13.31 -134.62
N LEU O 169 46.98 14.37 -133.84
CA LEU O 169 47.41 15.65 -134.40
C LEU O 169 48.85 15.59 -134.87
N LYS O 170 49.74 15.02 -134.06
CA LYS O 170 51.11 14.83 -134.50
C LYS O 170 51.18 13.92 -135.73
N LEU O 171 50.28 12.94 -135.82
CA LEU O 171 50.24 12.06 -136.97
C LEU O 171 49.79 12.81 -138.22
N VAL O 172 48.81 13.70 -138.08
CA VAL O 172 48.39 14.52 -139.21
C VAL O 172 49.52 15.43 -139.66
N ASP O 173 50.24 16.03 -138.70
CA ASP O 173 51.34 16.92 -139.06
C ASP O 173 52.47 16.17 -139.76
N LEU O 174 52.81 14.98 -139.28
CA LEU O 174 53.85 14.19 -139.92
C LEU O 174 53.42 13.59 -141.25
N PHE O 175 52.11 13.33 -141.43
CA PHE O 175 51.61 12.92 -142.73
C PHE O 175 51.72 14.05 -143.74
N LEU O 176 51.31 15.26 -143.35
CA LEU O 176 51.53 16.43 -144.19
C LEU O 176 52.99 16.60 -144.53
N SER O 177 53.86 16.41 -143.53
CA SER O 177 55.30 16.44 -143.78
C SER O 177 55.70 15.45 -144.87
N ASN O 178 55.33 14.19 -144.69
CA ASN O 178 55.69 13.13 -145.63
C ASN O 178 55.21 13.42 -147.05
N GLU O 182 46.02 14.86 -146.81
CA GLU O 182 44.65 15.12 -147.24
C GLU O 182 43.75 13.93 -146.94
N GLU O 183 44.14 12.75 -147.43
CA GLU O 183 43.38 11.54 -147.13
C GLU O 183 43.47 11.22 -145.64
N ALA O 184 44.68 11.21 -145.09
CA ALA O 184 44.84 11.04 -143.65
C ALA O 184 44.19 12.19 -142.89
N VAL O 185 44.14 13.38 -143.50
CA VAL O 185 43.51 14.52 -142.85
C VAL O 185 42.01 14.29 -142.70
N LEU O 186 41.35 13.79 -143.75
CA LEU O 186 39.94 13.47 -143.65
C LEU O 186 39.70 12.32 -142.67
N HIS O 187 40.58 11.30 -142.71
CA HIS O 187 40.44 10.17 -141.80
C HIS O 187 40.53 10.63 -140.35
N CYS O 188 41.48 11.51 -140.03
CA CYS O 188 41.61 12.01 -138.68
C CYS O 188 40.51 12.99 -138.34
N LEU O 189 39.95 13.67 -139.35
CA LEU O 189 38.81 14.54 -139.12
C LEU O 189 37.61 13.72 -138.66
N LYS O 190 37.40 12.54 -139.24
CA LYS O 190 36.45 11.60 -138.67
C LYS O 190 36.80 11.27 -137.22
N PRO O 191 38.05 10.93 -136.88
CA PRO O 191 38.38 10.78 -135.46
C PRO O 191 38.36 12.09 -134.69
N GLU O 192 38.63 13.21 -135.37
CA GLU O 192 38.49 14.51 -134.72
C GLU O 192 37.03 14.84 -134.48
N ARG O 193 36.16 14.50 -135.42
CA ARG O 193 34.72 14.68 -135.21
C ARG O 193 34.21 13.73 -134.14
N ARG O 194 34.90 12.61 -133.92
CA ARG O 194 34.50 11.68 -132.87
C ARG O 194 34.60 12.32 -131.49
N ALA O 195 35.62 13.13 -131.26
CA ALA O 195 35.85 13.67 -129.92
C ALA O 195 35.54 15.17 -129.84
N LEU O 196 36.24 15.97 -130.65
CA LEU O 196 36.06 17.43 -130.68
C LEU O 196 36.18 18.05 -129.29
N ARG O 197 36.94 17.40 -128.41
CA ARG O 197 37.10 17.84 -127.03
C ARG O 197 38.48 18.39 -126.72
N THR O 198 39.30 18.64 -127.74
CA THR O 198 40.67 19.09 -127.54
C THR O 198 40.91 20.39 -128.31
N ASP O 199 41.22 21.46 -127.58
CA ASP O 199 41.69 22.67 -128.25
C ASP O 199 43.05 22.44 -128.90
N ILE O 200 43.87 21.58 -128.31
CA ILE O 200 45.17 21.26 -128.89
C ILE O 200 45.00 20.57 -130.24
N GLU O 201 44.20 19.50 -130.27
CA GLU O 201 43.95 18.80 -131.53
C GLU O 201 43.22 19.69 -132.51
N TRP O 202 42.31 20.55 -132.02
CA TRP O 202 41.59 21.45 -132.92
C TRP O 202 42.54 22.42 -133.59
N CYS O 203 43.37 23.11 -132.82
CA CYS O 203 44.31 24.07 -133.38
C CYS O 203 45.37 23.39 -134.24
N SER O 204 45.75 22.16 -133.88
CA SER O 204 46.76 21.44 -134.65
C SER O 204 46.20 20.99 -136.00
N CYS O 205 44.99 20.45 -136.02
CA CYS O 205 44.34 20.15 -137.29
C CYS O 205 44.13 21.43 -138.09
N VAL O 206 43.85 22.54 -137.41
CA VAL O 206 43.72 23.82 -138.10
C VAL O 206 45.05 24.21 -138.73
N VAL O 207 46.16 23.93 -138.05
CA VAL O 207 47.47 24.26 -138.61
C VAL O 207 47.79 23.36 -139.79
N ARG O 208 47.37 22.09 -139.72
CA ARG O 208 47.60 21.17 -140.84
C ARG O 208 46.78 21.58 -142.05
N VAL O 209 45.50 21.89 -141.85
CA VAL O 209 44.66 22.38 -142.94
C VAL O 209 45.14 23.74 -143.42
N PHE O 210 45.81 24.50 -142.55
CA PHE O 210 46.34 25.79 -142.96
C PHE O 210 47.54 25.63 -143.86
N LYS O 211 48.44 24.71 -143.53
CA LYS O 211 49.52 24.36 -144.46
C LYS O 211 48.96 23.83 -145.78
N GLU O 212 47.93 23.00 -145.70
CA GLU O 212 47.31 22.49 -146.92
C GLU O 212 46.71 23.61 -147.77
N TYR O 213 46.05 24.57 -147.12
CA TYR O 213 45.41 25.66 -147.87
C TYR O 213 46.45 26.61 -148.44
N LEU O 214 47.50 26.92 -147.68
CA LEU O 214 48.60 27.72 -148.22
C LEU O 214 49.24 27.02 -149.40
N ALA O 215 49.30 25.68 -149.37
CA ALA O 215 49.80 24.93 -150.52
C ALA O 215 48.80 24.94 -151.67
N SER O 216 47.51 25.07 -151.36
CA SER O 216 46.45 25.05 -152.36
C SER O 216 46.53 26.27 -153.29
N ASN O 222 41.12 21.02 -149.86
CA ASN O 222 40.51 22.00 -150.75
C ASN O 222 39.23 22.56 -150.13
N THR O 223 38.10 22.29 -150.79
CA THR O 223 36.82 22.73 -150.25
C THR O 223 36.48 21.98 -148.97
N ASN O 224 36.88 20.71 -148.85
CA ASN O 224 36.67 19.99 -147.59
C ASN O 224 37.51 20.60 -146.48
N MET O 225 38.72 21.06 -146.80
CA MET O 225 39.53 21.75 -145.80
C MET O 225 38.86 23.05 -145.37
N ARG O 226 38.36 23.83 -146.33
CA ARG O 226 37.67 25.07 -145.97
C ARG O 226 36.38 24.78 -145.20
N MET O 227 35.82 23.58 -145.37
CA MET O 227 34.63 23.21 -144.61
C MET O 227 34.99 22.82 -143.17
N ILE O 228 36.10 22.11 -142.98
CA ILE O 228 36.45 21.63 -141.65
C ILE O 228 37.09 22.74 -140.80
N THR O 229 37.79 23.70 -141.43
CA THR O 229 38.44 24.75 -140.65
C THR O 229 37.41 25.58 -139.87
N LYS O 230 36.23 25.80 -140.45
CA LYS O 230 35.20 26.55 -139.73
C LYS O 230 34.87 25.88 -138.40
N GLU O 231 34.59 24.57 -138.43
CA GLU O 231 34.23 23.87 -137.21
C GLU O 231 35.40 23.81 -136.23
N LEU O 232 36.62 23.62 -136.74
CA LEU O 232 37.77 23.56 -135.85
C LEU O 232 37.98 24.89 -135.13
N LEU O 233 37.91 26.00 -135.85
CA LEU O 233 38.11 27.31 -135.23
C LEU O 233 36.94 27.67 -134.32
N LEU O 234 35.73 27.20 -134.65
CA LEU O 234 34.59 27.40 -133.76
C LEU O 234 34.78 26.67 -132.44
N ALA O 235 35.20 25.40 -132.50
CA ALA O 235 35.43 24.62 -131.29
C ALA O 235 36.55 25.23 -130.45
N GLN O 236 37.65 25.62 -131.09
CA GLN O 236 38.73 26.29 -130.37
C GLN O 236 38.23 27.57 -129.73
N CYS O 237 37.42 28.34 -130.44
CA CYS O 237 36.86 29.58 -129.90
C CYS O 237 36.06 29.31 -128.64
N ASP O 238 35.20 28.30 -128.67
CA ASP O 238 34.33 28.06 -127.51
C ASP O 238 35.12 27.50 -126.32
N VAL O 239 36.09 26.62 -126.56
CA VAL O 239 36.86 26.07 -125.45
C VAL O 239 37.73 27.16 -124.82
N VAL O 240 38.48 27.91 -125.65
CA VAL O 240 39.23 29.06 -125.16
C VAL O 240 38.32 30.07 -124.49
N PHE O 241 37.05 30.13 -124.90
CA PHE O 241 36.08 31.03 -124.30
C PHE O 241 35.77 30.62 -122.87
N LEU O 242 35.51 29.32 -122.65
CA LEU O 242 35.07 28.88 -121.33
C LEU O 242 36.21 28.37 -120.45
N THR O 243 36.88 27.29 -120.87
CA THR O 243 37.74 26.55 -119.94
C THR O 243 39.10 27.22 -119.77
N LEU O 244 39.68 27.74 -120.86
CA LEU O 244 40.95 28.43 -120.76
C LEU O 244 40.85 29.72 -119.96
N SER O 245 39.63 30.20 -119.71
CA SER O 245 39.37 31.33 -118.82
C SER O 245 40.02 32.61 -119.34
N LYS O 246 39.67 33.00 -120.57
CA LYS O 246 40.04 34.29 -121.08
C LYS O 246 39.22 35.38 -120.39
N LYS O 247 39.91 36.36 -119.81
CA LYS O 247 39.26 37.39 -119.02
C LYS O 247 38.92 38.63 -119.85
N ASP O 248 38.11 38.44 -120.90
CA ASP O 248 37.78 39.52 -121.83
C ASP O 248 39.05 40.10 -122.46
N VAL O 249 39.97 39.20 -122.81
CA VAL O 249 41.31 39.59 -123.24
C VAL O 249 41.55 39.13 -124.68
N GLN O 250 42.76 39.40 -125.18
CA GLN O 250 43.17 39.06 -126.54
C GLN O 250 43.08 37.57 -126.82
N LYS O 251 43.15 36.73 -125.77
CA LYS O 251 43.14 35.29 -125.95
C LYS O 251 41.96 34.82 -126.80
N SER O 252 40.76 35.31 -126.48
CA SER O 252 39.56 34.93 -127.22
C SER O 252 39.28 35.86 -128.40
N LYS O 253 39.65 37.14 -128.26
CA LYS O 253 39.45 38.08 -129.37
C LYS O 253 40.25 37.69 -130.60
N GLU O 254 41.45 37.13 -130.41
CA GLU O 254 42.23 36.64 -131.54
C GLU O 254 41.52 35.50 -132.24
N ALA O 255 40.95 34.58 -131.45
CA ALA O 255 40.21 33.46 -132.03
C ALA O 255 39.02 33.95 -132.85
N LEU O 256 38.21 34.84 -132.29
CA LEU O 256 37.05 35.31 -133.04
C LEU O 256 37.45 36.20 -134.22
N GLU O 257 38.59 36.89 -134.11
CA GLU O 257 39.05 37.70 -135.24
C GLU O 257 39.49 36.82 -136.40
N ARG O 258 40.25 35.77 -136.13
CA ARG O 258 40.59 34.82 -137.19
C ARG O 258 39.35 34.10 -137.70
N PHE O 259 38.36 33.88 -136.83
CA PHE O 259 37.09 33.33 -137.27
C PHE O 259 36.41 34.23 -138.29
N ASP O 260 36.38 35.54 -138.01
CA ASP O 260 35.79 36.48 -138.96
C ASP O 260 36.61 36.57 -140.24
N GLN O 261 37.95 36.45 -140.11
CA GLN O 261 38.80 36.39 -141.29
C GLN O 261 38.39 35.24 -142.19
N ALA O 262 38.27 34.03 -141.61
CA ALA O 262 37.86 32.87 -142.39
C ALA O 262 36.46 33.05 -142.96
N LEU O 263 35.55 33.59 -142.15
CA LEU O 263 34.17 33.81 -142.61
C LEU O 263 34.15 34.67 -143.86
N LEU O 264 34.74 35.88 -143.79
CA LEU O 264 34.69 36.78 -144.93
C LEU O 264 35.48 36.22 -146.11
N SER O 265 36.58 35.52 -145.84
CA SER O 265 37.36 34.94 -146.93
C SER O 265 36.52 33.94 -147.72
N VAL O 266 35.95 32.95 -147.02
CA VAL O 266 35.21 31.92 -147.71
C VAL O 266 33.92 32.48 -148.31
N LYS O 267 33.35 33.52 -147.70
CA LYS O 267 32.16 34.13 -148.27
C LYS O 267 32.49 34.84 -149.57
N GLN O 268 33.47 35.74 -149.55
CA GLN O 268 33.81 36.50 -150.75
C GLN O 268 34.30 35.60 -151.86
N SER O 269 35.11 34.59 -151.54
CA SER O 269 35.65 33.74 -152.60
C SER O 269 34.65 32.68 -153.03
N VAL O 270 34.26 31.80 -152.11
CA VAL O 270 33.38 30.68 -152.44
C VAL O 270 31.97 31.11 -152.04
N SER O 271 31.30 31.83 -152.96
CA SER O 271 29.92 32.28 -152.74
C SER O 271 28.97 31.19 -153.24
N GLY O 272 28.42 30.45 -152.28
CA GLY O 272 27.68 29.24 -152.58
C GLY O 272 26.33 29.36 -153.25
N THR O 273 26.06 28.43 -154.17
CA THR O 273 24.72 28.19 -154.70
C THR O 273 24.07 27.06 -153.91
N ASP O 274 22.97 26.51 -154.42
CA ASP O 274 22.16 25.56 -153.65
C ASP O 274 22.80 24.19 -153.54
N ALA O 275 23.44 23.70 -154.60
CA ALA O 275 23.82 22.29 -154.66
C ALA O 275 24.94 21.95 -153.67
N SER O 276 25.94 22.81 -153.55
CA SER O 276 27.07 22.51 -152.68
C SER O 276 26.73 22.78 -151.23
N ASP O 277 27.24 21.91 -150.34
CA ASP O 277 27.01 21.99 -148.90
C ASP O 277 27.83 23.10 -148.24
N LEU O 278 28.80 23.67 -148.94
CA LEU O 278 29.59 24.76 -148.38
C LEU O 278 28.72 25.95 -148.03
N SER O 279 27.66 26.19 -148.81
CA SER O 279 26.78 27.33 -148.56
C SER O 279 26.01 27.16 -147.25
N VAL O 280 25.46 25.96 -147.02
CA VAL O 280 24.72 25.74 -145.78
C VAL O 280 25.67 25.72 -144.59
N THR O 281 26.92 25.26 -144.81
CA THR O 281 27.93 25.40 -143.76
C THR O 281 28.20 26.86 -143.45
N PHE O 282 28.22 27.71 -144.49
CA PHE O 282 28.45 29.13 -144.23
C PHE O 282 27.32 29.74 -143.43
N TYR O 283 26.07 29.40 -143.77
CA TYR O 283 24.95 29.89 -142.97
C TYR O 283 25.08 29.44 -141.51
N GLU O 284 25.40 28.15 -141.31
CA GLU O 284 25.53 27.62 -139.97
C GLU O 284 26.62 28.33 -139.18
N MET O 285 27.78 28.52 -139.80
CA MET O 285 28.90 29.13 -139.08
C MET O 285 28.69 30.62 -138.89
N ARG O 286 27.91 31.26 -139.74
CA ARG O 286 27.52 32.65 -139.49
C ARG O 286 26.65 32.74 -138.25
N GLY O 287 25.65 31.86 -138.15
CA GLY O 287 24.86 31.81 -136.93
C GLY O 287 25.72 31.58 -135.70
N HIS O 288 26.63 30.61 -135.79
CA HIS O 288 27.51 30.33 -134.65
C HIS O 288 28.40 31.52 -134.34
N TYR O 289 28.89 32.22 -135.36
CA TYR O 289 29.76 33.37 -135.14
C TYR O 289 29.01 34.49 -134.43
N TYR O 290 27.77 34.75 -134.83
CA TYR O 290 27.02 35.82 -134.18
C TYR O 290 26.67 35.44 -132.75
N MET O 291 26.29 34.18 -132.52
CA MET O 291 26.07 33.72 -131.15
C MET O 291 27.34 33.87 -130.31
N HIS O 292 28.49 33.50 -130.87
CA HIS O 292 29.76 33.64 -130.16
C HIS O 292 30.11 35.10 -129.90
N ALA O 293 29.78 35.99 -130.84
CA ALA O 293 30.07 37.42 -130.62
C ALA O 293 29.20 37.97 -129.50
N GLY O 294 27.92 37.61 -129.48
CA GLY O 294 27.08 37.99 -128.37
C GLY O 294 27.60 37.47 -127.04
N THR O 295 28.03 36.20 -127.02
CA THR O 295 28.56 35.65 -125.78
C THR O 295 29.85 36.34 -125.36
N LEU O 296 30.68 36.73 -126.33
CA LEU O 296 31.91 37.43 -125.97
C LEU O 296 31.60 38.82 -125.43
N LEU O 297 30.58 39.48 -125.96
CA LEU O 297 30.20 40.79 -125.43
C LEU O 297 29.67 40.65 -124.00
N LEU O 298 28.86 39.62 -123.75
CA LEU O 298 28.38 39.40 -122.38
C LEU O 298 29.54 39.05 -121.45
N LYS O 299 30.49 38.26 -121.92
CA LYS O 299 31.67 37.91 -121.15
C LYS O 299 32.51 39.15 -120.85
N MET O 300 32.67 40.03 -121.82
CA MET O 300 33.42 41.27 -121.60
C MET O 300 32.75 42.13 -120.55
N ALA O 301 31.42 42.25 -120.63
CA ALA O 301 30.70 43.05 -119.65
C ALA O 301 30.86 42.47 -118.25
N GLN O 302 30.60 41.17 -118.09
CA GLN O 302 30.72 40.53 -116.79
C GLN O 302 32.15 40.62 -116.26
N SER O 303 33.13 40.44 -117.14
CA SER O 303 34.52 40.47 -116.72
C SER O 303 34.92 41.86 -116.26
N CYS O 304 34.64 42.89 -117.05
CA CYS O 304 35.00 44.25 -116.70
C CYS O 304 34.25 44.68 -115.44
N GLU O 305 32.94 44.87 -115.51
CA GLU O 305 32.16 45.10 -114.29
C GLU O 305 31.04 44.09 -114.13
N VAL O 306 30.08 44.06 -115.07
CA VAL O 306 28.92 43.20 -114.98
C VAL O 306 28.24 43.27 -116.34
N GLN O 307 27.37 42.30 -116.64
CA GLN O 307 26.53 42.41 -117.82
C GLN O 307 25.90 43.80 -117.86
N TRP O 308 26.26 44.57 -118.89
CA TRP O 308 26.12 46.03 -118.87
C TRP O 308 24.77 46.46 -119.45
N LYS O 309 24.65 47.76 -119.68
CA LYS O 309 23.65 48.34 -120.55
C LYS O 309 24.21 48.62 -121.94
N ALA O 310 25.53 48.47 -122.11
CA ALA O 310 26.21 48.76 -123.37
C ALA O 310 26.64 47.51 -124.13
N LEU O 311 26.61 46.34 -123.50
CA LEU O 311 27.02 45.10 -124.14
C LEU O 311 25.95 44.03 -124.05
N ILE O 312 24.68 44.44 -124.04
CA ILE O 312 23.57 43.51 -124.17
C ILE O 312 22.87 43.67 -125.51
N GLU O 313 22.73 44.90 -126.02
CA GLU O 313 21.96 45.11 -127.25
C GLU O 313 22.72 44.64 -128.48
N PRO O 314 24.02 44.91 -128.65
CA PRO O 314 24.76 44.27 -129.76
C PRO O 314 24.75 42.75 -129.63
N ALA O 315 24.92 42.28 -128.39
CA ALA O 315 24.90 40.85 -128.13
C ALA O 315 23.56 40.24 -128.51
N ALA O 316 22.46 40.87 -128.11
CA ALA O 316 21.14 40.35 -128.46
C ALA O 316 20.88 40.48 -129.96
N LEU O 317 21.46 41.50 -130.62
CA LEU O 317 21.35 41.63 -132.06
C LEU O 317 21.98 40.45 -132.78
N CYS O 318 23.23 40.14 -132.43
CA CYS O 318 23.90 38.99 -133.02
C CYS O 318 23.15 37.70 -132.69
N TYR O 319 22.59 37.61 -131.47
CA TYR O 319 21.75 36.46 -131.12
C TYR O 319 20.55 36.37 -132.05
N LEU O 320 19.92 37.51 -132.34
CA LEU O 320 18.73 37.54 -133.17
C LEU O 320 19.04 37.02 -134.57
N LEU O 321 20.11 37.53 -135.18
CA LEU O 321 20.50 37.02 -136.49
C LEU O 321 20.81 35.53 -136.44
N ALA O 322 21.54 35.10 -135.40
CA ALA O 322 21.95 33.70 -135.27
C ALA O 322 20.74 32.78 -135.24
N TYR O 323 19.74 33.12 -134.43
CA TYR O 323 18.54 32.29 -134.39
C TYR O 323 17.75 32.38 -135.69
N GLN O 324 17.62 33.59 -136.24
CA GLN O 324 16.65 33.81 -137.31
C GLN O 324 17.14 33.26 -138.65
N VAL O 325 18.45 33.10 -138.81
CA VAL O 325 18.88 32.42 -140.05
C VAL O 325 18.36 30.99 -140.04
N PRO O 326 17.69 30.53 -141.09
CA PRO O 326 17.00 29.23 -141.02
C PRO O 326 17.96 28.05 -141.06
N LYS O 327 17.53 26.95 -140.44
CA LYS O 327 18.32 25.72 -140.44
C LYS O 327 18.40 25.14 -141.84
N PRO O 328 19.54 24.58 -142.25
CA PRO O 328 19.65 23.93 -143.56
C PRO O 328 19.10 22.51 -143.53
N LYS O 329 18.23 22.20 -144.50
CA LYS O 329 17.56 20.90 -144.55
C LYS O 329 17.70 20.38 -145.97
N SER O 330 18.50 19.32 -146.15
CA SER O 330 18.71 18.78 -147.48
C SER O 330 17.70 17.68 -147.80
N LYS O 331 17.68 16.62 -146.98
CA LYS O 331 16.78 15.50 -147.12
C LYS O 331 16.83 14.89 -148.52
N PRO O 332 17.91 14.18 -148.88
CA PRO O 332 17.99 13.53 -150.18
C PRO O 332 17.39 12.13 -150.20
N ASP O 337 27.05 10.83 -148.20
CA ASP O 337 28.14 11.64 -148.72
C ASP O 337 27.93 13.11 -148.37
N ASN O 338 28.95 13.72 -147.78
CA ASN O 338 28.89 15.12 -147.35
C ASN O 338 27.73 15.35 -146.38
N GLY O 339 27.82 14.70 -145.22
CA GLY O 339 26.74 14.62 -144.27
C GLY O 339 26.03 15.92 -143.93
N GLN O 340 24.77 16.03 -144.34
CA GLN O 340 23.90 17.12 -143.91
C GLN O 340 23.49 16.97 -142.45
N GLY O 341 23.68 15.79 -141.87
CA GLY O 341 23.43 15.62 -140.45
C GLY O 341 24.29 16.55 -139.59
N PHE O 342 25.54 16.77 -140.01
CA PHE O 342 26.38 17.76 -139.34
C PHE O 342 25.65 19.08 -139.19
N LEU O 343 25.25 19.67 -140.32
CA LEU O 343 24.59 20.96 -140.30
C LEU O 343 23.27 20.91 -139.54
N GLU O 344 22.53 19.81 -139.67
CA GLU O 344 21.22 19.70 -139.03
C GLU O 344 21.35 19.72 -137.52
N GLU O 345 22.27 18.92 -136.97
CA GLU O 345 22.42 18.88 -135.52
C GLU O 345 23.05 20.15 -134.99
N LEU O 346 24.04 20.72 -135.69
CA LEU O 346 24.60 21.99 -135.25
C LEU O 346 23.54 23.08 -135.26
N ALA O 347 22.61 23.02 -136.22
CA ALA O 347 21.51 23.97 -136.26
C ALA O 347 20.54 23.75 -135.12
N PHE O 348 20.26 22.49 -134.77
CA PHE O 348 19.45 22.22 -133.59
C PHE O 348 20.04 22.90 -132.35
N ASP O 349 21.34 22.67 -132.13
CA ASP O 349 22.01 23.28 -130.98
C ASP O 349 21.94 24.80 -131.03
N ARG O 350 22.34 25.38 -132.17
CA ARG O 350 22.42 26.83 -132.31
C ARG O 350 21.04 27.48 -132.14
N GLN O 351 20.01 26.94 -132.80
CA GLN O 351 18.69 27.51 -132.68
C GLN O 351 18.17 27.41 -131.25
N SER O 352 18.25 26.21 -130.65
CA SER O 352 17.76 26.05 -129.29
C SER O 352 18.40 27.08 -128.36
N LYS O 353 19.73 27.15 -128.38
CA LYS O 353 20.44 28.03 -127.45
C LYS O 353 20.14 29.50 -127.72
N SER O 354 20.22 29.91 -128.99
CA SER O 354 19.97 31.31 -129.33
C SER O 354 18.56 31.74 -128.96
N GLY O 355 17.58 30.83 -129.10
CA GLY O 355 16.20 31.20 -128.77
C GLY O 355 15.97 31.30 -127.27
N HIS O 356 16.47 30.31 -126.52
CA HIS O 356 16.36 30.41 -125.07
C HIS O 356 17.10 31.64 -124.56
N LEU O 357 18.17 32.06 -125.23
CA LEU O 357 18.88 33.26 -124.81
C LEU O 357 18.16 34.56 -125.20
N LEU O 358 17.52 34.60 -126.37
CA LEU O 358 16.67 35.73 -126.70
C LEU O 358 15.55 35.90 -125.69
N LEU O 359 14.93 34.79 -125.25
CA LEU O 359 13.87 34.93 -124.26
C LEU O 359 14.43 35.29 -122.88
N THR O 360 15.58 34.74 -122.51
CA THR O 360 16.19 35.06 -121.22
C THR O 360 16.69 36.50 -121.18
N LEU O 361 16.99 37.11 -122.33
CA LEU O 361 17.33 38.53 -122.36
C LEU O 361 16.08 39.40 -122.37
N SER O 362 15.23 39.26 -123.38
CA SER O 362 13.98 40.01 -123.43
C SER O 362 12.81 39.14 -122.95
N HIS O 363 12.87 38.76 -121.67
CA HIS O 363 11.74 38.07 -121.07
C HIS O 363 10.49 38.94 -121.09
N GLY O 364 10.68 40.26 -121.08
CA GLY O 364 9.59 41.17 -121.34
C GLY O 364 9.52 41.53 -122.81
N LYS O 365 8.32 41.86 -123.27
CA LYS O 365 8.15 42.28 -124.65
C LYS O 365 8.55 43.74 -124.80
N GLN O 366 8.27 44.29 -125.99
CA GLN O 366 8.54 45.67 -126.39
C GLN O 366 10.02 45.94 -126.64
N ASN O 367 10.89 44.98 -126.35
CA ASN O 367 12.33 45.22 -126.46
C ASN O 367 12.87 44.86 -127.83
N PHE O 368 12.40 43.76 -128.42
CA PHE O 368 12.95 43.29 -129.69
C PHE O 368 12.67 44.28 -130.82
N ILE O 369 11.51 44.92 -130.79
CA ILE O 369 11.16 45.89 -131.83
C ILE O 369 12.09 47.09 -131.77
N SER O 370 12.25 47.67 -130.58
CA SER O 370 13.15 48.81 -130.41
C SER O 370 14.58 48.40 -130.73
N GLU O 371 14.95 47.15 -130.43
CA GLU O 371 16.29 46.68 -130.74
C GLU O 371 16.51 46.62 -132.25
N ILE O 372 15.61 45.96 -132.98
CA ILE O 372 15.82 45.79 -134.42
C ILE O 372 15.73 47.14 -135.13
N ILE O 373 15.01 48.12 -134.54
CA ILE O 373 14.91 49.42 -135.19
C ILE O 373 16.01 50.39 -134.75
N GLU O 374 16.70 50.12 -133.64
CA GLU O 374 17.69 51.06 -133.10
C GLU O 374 19.10 50.48 -133.16
N THR O 375 19.34 49.30 -132.58
CA THR O 375 20.67 48.76 -132.39
C THR O 375 21.33 48.40 -133.71
N PHE O 376 20.53 48.06 -134.72
CA PHE O 376 21.06 47.75 -136.05
C PHE O 376 20.72 48.91 -136.98
N ALA O 377 21.67 49.25 -137.85
CA ALA O 377 21.49 50.37 -138.76
C ALA O 377 22.22 50.04 -140.06
N ASN O 378 22.23 51.01 -140.98
CA ASN O 378 22.88 50.78 -142.27
C ASN O 378 24.36 50.47 -142.08
N GLN O 379 25.11 51.42 -141.53
CA GLN O 379 26.54 51.25 -141.29
C GLN O 379 26.94 51.55 -139.85
N CYS O 380 26.25 52.48 -139.17
CA CYS O 380 26.64 52.84 -137.81
C CYS O 380 26.38 51.70 -136.83
N GLY O 381 25.26 50.99 -136.99
CA GLY O 381 25.00 49.86 -136.12
C GLY O 381 26.07 48.79 -136.22
N GLN O 382 26.46 48.46 -137.46
CA GLN O 382 27.53 47.48 -137.66
C GLN O 382 28.89 48.02 -137.23
N SER O 383 29.12 49.33 -137.29
CA SER O 383 30.32 49.90 -136.71
C SER O 383 30.35 49.70 -135.20
N ILE O 384 29.19 49.86 -134.55
CA ILE O 384 29.05 49.56 -133.13
C ILE O 384 29.27 48.08 -132.82
N LEU O 385 28.81 47.19 -133.68
CA LEU O 385 29.00 45.76 -133.49
C LEU O 385 30.41 45.30 -133.79
N LEU O 386 31.16 46.06 -134.61
CA LEU O 386 32.51 45.70 -135.02
C LEU O 386 33.57 46.27 -134.09
N LYS O 387 33.44 47.54 -133.67
CA LYS O 387 34.43 48.13 -132.77
C LYS O 387 34.45 47.40 -131.44
N PHE O 388 33.30 46.86 -131.02
CA PHE O 388 33.21 46.21 -129.72
C PHE O 388 34.12 44.98 -129.64
N LEU O 389 33.86 43.98 -130.49
CA LEU O 389 34.74 42.82 -130.52
C LEU O 389 36.14 43.19 -130.98
N PHE O 390 36.24 43.92 -132.09
CA PHE O 390 37.48 44.06 -132.84
C PHE O 390 37.89 45.52 -132.74
N GLU O 391 38.57 45.87 -131.64
CA GLU O 391 38.81 47.27 -131.29
C GLU O 391 39.91 47.90 -132.14
N ASP O 392 39.50 48.58 -133.21
CA ASP O 392 40.42 49.32 -134.09
C ASP O 392 41.50 48.42 -134.68
N ASN O 393 41.21 47.13 -134.81
CA ASN O 393 42.11 46.19 -135.46
C ASN O 393 41.55 45.68 -136.79
N LEU O 394 40.41 46.21 -137.22
CA LEU O 394 39.77 45.80 -138.47
C LEU O 394 39.10 47.00 -139.10
N SER O 395 39.32 47.18 -140.41
CA SER O 395 38.68 48.28 -141.13
C SER O 395 37.17 48.07 -141.16
N MET O 396 36.44 49.18 -141.32
CA MET O 396 34.98 49.11 -141.15
C MET O 396 34.29 48.56 -142.40
N GLN O 397 34.63 49.11 -143.57
CA GLN O 397 33.98 48.67 -144.81
C GLN O 397 34.65 47.42 -145.38
N ASP O 398 35.94 47.26 -145.13
CA ASP O 398 36.68 46.12 -145.66
C ASP O 398 37.07 45.16 -144.54
N SER O 399 37.05 43.86 -144.87
CA SER O 399 37.51 42.81 -143.96
C SER O 399 36.74 42.82 -142.65
N PHE O 400 35.45 43.16 -142.72
CA PHE O 400 34.61 43.25 -141.54
C PHE O 400 33.21 42.80 -141.92
N MET O 401 32.27 42.94 -140.98
CA MET O 401 30.87 42.63 -141.24
C MET O 401 30.20 43.68 -142.13
N GLY O 402 30.92 44.74 -142.49
CA GLY O 402 30.37 45.74 -143.39
C GLY O 402 29.91 45.17 -144.73
N SER O 403 30.30 43.93 -145.01
CA SER O 403 29.77 43.25 -146.19
C SER O 403 28.43 42.58 -145.94
N ASP O 404 28.13 42.23 -144.69
CA ASP O 404 26.92 41.48 -144.37
C ASP O 404 25.71 42.41 -144.36
N ASP O 405 24.62 41.94 -144.98
CA ASP O 405 23.33 42.60 -144.90
C ASP O 405 22.50 41.94 -143.80
N ILE O 406 21.93 42.77 -142.92
CA ILE O 406 21.13 42.28 -141.81
C ILE O 406 19.70 42.82 -141.85
N SER O 407 19.42 43.87 -142.62
CA SER O 407 18.11 44.50 -142.68
C SER O 407 16.97 43.53 -142.96
N TYR O 408 17.27 42.32 -143.42
CA TYR O 408 16.27 41.31 -143.79
C TYR O 408 15.65 40.58 -142.61
N VAL O 409 16.02 40.91 -141.37
CA VAL O 409 15.52 40.20 -140.20
C VAL O 409 14.40 41.03 -139.57
N GLU O 410 13.42 40.34 -139.00
CA GLU O 410 12.21 40.96 -138.47
C GLU O 410 11.90 40.39 -137.10
N ASN O 411 10.70 40.68 -136.61
CA ASN O 411 10.25 40.19 -135.31
C ASN O 411 9.64 38.79 -135.46
N ARG O 412 10.26 37.82 -134.81
CA ARG O 412 9.69 36.47 -134.72
C ARG O 412 10.23 35.85 -133.42
N VAL O 413 9.41 35.91 -132.37
CA VAL O 413 9.85 35.36 -131.08
C VAL O 413 9.54 33.87 -131.03
N PRO O 414 10.48 33.03 -130.58
CA PRO O 414 10.25 31.58 -130.64
C PRO O 414 9.13 31.12 -129.72
N ASP O 415 8.60 29.94 -130.03
CA ASP O 415 7.38 29.45 -129.39
C ASP O 415 7.69 28.38 -128.36
N LEU O 416 6.73 28.14 -127.47
CA LEU O 416 6.93 27.30 -126.30
C LEU O 416 7.00 25.81 -126.61
N SER O 417 6.73 25.38 -127.85
CA SER O 417 6.87 23.98 -128.21
C SER O 417 7.96 23.77 -129.26
N GLU O 418 8.15 24.74 -130.15
CA GLU O 418 9.35 24.74 -130.97
C GLU O 418 10.59 24.74 -130.09
N LEU O 419 10.54 25.39 -128.94
CA LEU O 419 11.64 25.27 -127.99
C LEU O 419 11.85 23.82 -127.55
N SER O 420 10.76 23.08 -127.29
CA SER O 420 10.92 21.70 -126.85
C SER O 420 11.52 20.84 -127.95
N GLN O 421 11.10 21.04 -129.19
CA GLN O 421 11.69 20.27 -130.29
C GLN O 421 13.15 20.65 -130.50
N HIS O 422 13.49 21.94 -130.34
CA HIS O 422 14.89 22.36 -130.44
C HIS O 422 15.73 21.74 -129.33
N ASP O 423 15.18 21.61 -128.12
CA ASP O 423 15.90 20.94 -127.04
C ASP O 423 16.07 19.46 -127.33
N ASN O 424 15.02 18.81 -127.86
CA ASN O 424 15.15 17.42 -128.28
C ASN O 424 16.27 17.26 -129.31
N GLY O 425 16.41 18.21 -130.21
CA GLY O 425 17.48 18.15 -131.20
C GLY O 425 18.85 18.40 -130.60
N SER O 426 18.93 19.36 -129.67
CA SER O 426 20.19 19.64 -128.99
C SER O 426 20.68 18.46 -128.16
N LEU O 427 19.77 17.66 -127.62
CA LEU O 427 20.21 16.49 -126.85
C LEU O 427 20.93 15.43 -127.69
N ARG O 428 21.09 15.54 -129.00
CA ARG O 428 21.84 14.54 -129.76
C ARG O 428 23.35 14.75 -129.70
N ILE O 429 23.81 15.99 -129.51
CA ILE O 429 25.23 16.29 -129.35
C ILE O 429 25.56 16.51 -127.88
N HIS O 430 24.56 16.65 -127.02
CA HIS O 430 24.72 16.93 -125.60
C HIS O 430 24.21 15.76 -124.77
N ASN O 431 24.47 14.55 -125.26
CA ASN O 431 23.95 13.36 -124.62
C ASN O 431 24.55 13.18 -123.24
N GLY O 432 23.76 13.47 -122.21
CA GLY O 432 24.18 13.26 -120.84
C GLY O 432 25.28 14.17 -120.33
N ASP O 433 25.38 15.39 -120.86
CA ASP O 433 26.20 16.42 -120.23
C ASP O 433 25.33 17.04 -119.13
N LEU O 434 25.59 16.65 -117.88
CA LEU O 434 24.71 17.06 -116.79
C LEU O 434 24.69 18.58 -116.62
N GLN O 435 25.82 19.24 -116.86
CA GLN O 435 25.84 20.69 -116.74
C GLN O 435 24.98 21.33 -117.82
N HIS O 436 25.08 20.83 -119.06
CA HIS O 436 24.17 21.23 -120.14
C HIS O 436 22.71 21.04 -119.76
N LEU O 437 22.38 19.88 -119.17
CA LEU O 437 20.99 19.58 -118.89
C LEU O 437 20.48 20.37 -117.69
N THR O 438 21.38 20.65 -116.73
CA THR O 438 21.03 21.60 -115.67
C THR O 438 20.76 22.97 -116.26
N TRP O 439 21.50 23.36 -117.29
CA TRP O 439 21.22 24.65 -117.93
C TRP O 439 19.87 24.64 -118.62
N LEU O 440 19.53 23.52 -119.25
CA LEU O 440 18.21 23.43 -119.89
C LEU O 440 17.08 23.48 -118.86
N GLY O 441 17.18 22.68 -117.80
CA GLY O 441 16.19 22.76 -116.73
C GLY O 441 16.15 24.14 -116.08
N LEU O 442 17.30 24.80 -116.01
CA LEU O 442 17.37 26.15 -115.45
C LEU O 442 16.63 27.15 -116.32
N GLN O 443 16.85 27.08 -117.65
CA GLN O 443 16.10 27.91 -118.57
C GLN O 443 14.60 27.63 -118.47
N TRP O 444 14.24 26.36 -118.32
CA TRP O 444 12.82 26.01 -118.24
C TRP O 444 12.18 26.58 -116.98
N HIS O 445 12.90 26.53 -115.86
CA HIS O 445 12.40 27.19 -114.65
C HIS O 445 12.40 28.71 -114.80
N PHE O 446 13.36 29.25 -115.56
CA PHE O 446 13.38 30.68 -115.85
C PHE O 446 12.20 31.07 -116.72
N LEU O 447 11.59 30.10 -117.39
CA LEU O 447 10.33 30.29 -118.10
C LEU O 447 9.13 29.80 -117.30
N SER O 448 9.33 29.45 -116.03
CA SER O 448 8.29 29.46 -114.97
C SER O 448 7.38 28.23 -114.96
N THR O 449 7.58 27.26 -115.84
CA THR O 449 6.77 26.04 -115.81
C THR O 449 7.64 24.82 -116.06
N LEU O 450 7.06 23.65 -115.84
CA LEU O 450 7.84 22.41 -115.74
C LEU O 450 8.63 22.14 -117.02
N PRO O 451 9.70 21.36 -116.92
CA PRO O 451 10.49 21.00 -118.11
C PRO O 451 10.04 19.66 -118.67
N PRO O 452 10.36 19.39 -119.93
CA PRO O 452 10.14 18.06 -120.55
C PRO O 452 11.13 16.98 -120.11
N LEU O 453 10.90 16.41 -118.92
CA LEU O 453 11.86 15.45 -118.38
C LEU O 453 11.88 14.13 -119.14
N ARG O 454 10.72 13.50 -119.33
CA ARG O 454 10.69 12.12 -119.78
C ARG O 454 11.18 11.97 -121.21
N LYS O 455 10.99 13.00 -122.05
CA LYS O 455 11.47 12.94 -123.43
C LYS O 455 13.00 12.89 -123.50
N TRP O 456 13.67 13.84 -122.85
CA TRP O 456 15.13 13.82 -122.83
C TRP O 456 15.66 12.57 -122.14
N LEU O 457 14.97 12.11 -121.10
CA LEU O 457 15.43 10.89 -120.44
C LEU O 457 15.27 9.66 -121.31
N LYS O 458 14.23 9.62 -122.16
CA LYS O 458 14.10 8.53 -123.11
C LYS O 458 15.08 8.68 -124.26
N GLN O 459 15.56 9.90 -124.48
CA GLN O 459 16.65 10.09 -125.44
C GLN O 459 17.96 9.53 -124.88
N ILE O 460 18.26 9.84 -123.61
CA ILE O 460 19.55 9.44 -123.03
C ILE O 460 19.53 7.96 -122.65
N PHE O 461 18.64 7.58 -121.72
CA PHE O 461 18.59 6.25 -121.17
C PHE O 461 17.42 5.50 -121.79
N PRO O 462 17.65 4.66 -122.80
CA PRO O 462 16.51 4.11 -123.56
C PRO O 462 15.69 3.08 -122.80
N ARG O 463 16.37 2.13 -122.14
CA ARG O 463 15.74 0.88 -121.77
C ARG O 463 15.15 0.86 -120.36
N VAL O 464 15.34 1.91 -119.56
CA VAL O 464 14.91 1.93 -118.16
C VAL O 464 13.40 1.83 -118.04
N PRO O 465 12.89 0.96 -117.16
CA PRO O 465 11.46 0.96 -116.82
C PRO O 465 10.98 2.27 -116.23
N GLN O 466 9.66 2.41 -116.10
CA GLN O 466 9.06 3.59 -115.52
C GLN O 466 9.01 3.57 -114.00
N GLU O 467 9.32 2.43 -113.38
CA GLU O 467 9.19 2.27 -111.94
C GLU O 467 10.23 1.26 -111.47
N THR O 468 10.23 1.01 -110.16
CA THR O 468 10.79 -0.22 -109.61
C THR O 468 9.63 -1.04 -109.08
N SER O 469 9.74 -2.36 -109.17
CA SER O 469 8.61 -3.21 -108.85
C SER O 469 8.24 -3.09 -107.37
N ARG O 470 9.24 -2.96 -106.50
CA ARG O 470 9.01 -2.79 -105.08
C ARG O 470 9.70 -1.52 -104.59
N LEU O 471 8.92 -0.64 -103.96
CA LEU O 471 9.44 0.64 -103.48
C LEU O 471 9.87 0.60 -102.02
N GLU O 472 9.93 -0.58 -101.41
CA GLU O 472 10.68 -0.78 -100.19
C GLU O 472 12.06 -1.36 -100.47
N SER O 473 12.62 -1.10 -101.66
CA SER O 473 13.86 -1.70 -102.13
C SER O 473 14.88 -0.62 -102.47
N ASN O 474 16.13 -0.85 -102.08
CA ASN O 474 17.25 0.03 -102.42
C ASN O 474 18.43 -0.83 -102.88
N ILE O 475 18.51 -1.04 -104.20
CA ILE O 475 19.43 -2.00 -104.80
C ILE O 475 20.23 -1.27 -105.87
N PRO O 476 21.54 -1.49 -105.99
CA PRO O 476 22.36 -0.63 -106.86
C PRO O 476 22.13 -0.84 -108.34
N GLU O 477 21.84 -2.06 -108.79
CA GLU O 477 21.54 -2.34 -110.19
C GLU O 477 20.07 -2.13 -110.52
N SER O 478 19.35 -1.37 -109.69
CA SER O 478 17.89 -1.26 -109.73
C SER O 478 17.45 0.21 -109.69
N ILE O 479 18.08 1.05 -110.52
CA ILE O 479 17.55 2.37 -110.79
C ILE O 479 16.31 2.24 -111.65
N CYS O 480 15.42 3.23 -111.58
CA CYS O 480 14.35 3.38 -112.57
C CYS O 480 14.38 4.77 -113.19
N LEU O 481 13.51 4.99 -114.16
CA LEU O 481 13.45 6.26 -114.85
C LEU O 481 13.03 7.41 -113.94
N LEU O 482 12.00 7.21 -113.12
CA LEU O 482 11.52 8.29 -112.27
C LEU O 482 12.56 8.72 -111.25
N ASP O 483 13.48 7.82 -110.88
CA ASP O 483 14.57 8.23 -109.98
C ASP O 483 15.46 9.26 -110.65
N LEU O 484 15.84 9.00 -111.90
CA LEU O 484 16.55 10.01 -112.70
C LEU O 484 15.74 11.28 -112.80
N GLU O 485 14.42 11.15 -113.01
CA GLU O 485 13.55 12.31 -113.17
C GLU O 485 13.57 13.21 -111.96
N VAL O 486 13.28 12.64 -110.78
CA VAL O 486 13.20 13.45 -109.56
C VAL O 486 14.58 13.93 -109.14
N PHE O 487 15.63 13.15 -109.44
CA PHE O 487 16.97 13.61 -109.14
C PHE O 487 17.30 14.86 -109.95
N LEU O 488 16.97 14.86 -111.25
CA LEU O 488 17.21 16.05 -112.05
C LEU O 488 16.32 17.20 -111.60
N LEU O 489 15.11 16.90 -111.13
CA LEU O 489 14.24 17.95 -110.61
C LEU O 489 14.88 18.65 -109.41
N ALA O 490 15.33 17.86 -108.43
CA ALA O 490 15.97 18.44 -107.26
C ALA O 490 17.30 19.10 -107.62
N VAL O 491 17.97 18.62 -108.68
CA VAL O 491 19.20 19.26 -109.12
C VAL O 491 18.91 20.64 -109.68
N VAL O 492 17.90 20.76 -110.54
CA VAL O 492 17.50 22.08 -111.03
C VAL O 492 17.09 22.97 -109.86
N GLN O 493 16.39 22.40 -108.89
CA GLN O 493 15.99 23.17 -107.72
C GLN O 493 17.20 23.73 -106.98
N THR O 494 18.14 22.87 -106.61
CA THR O 494 19.32 23.30 -105.86
C THR O 494 20.18 24.25 -106.68
N SER O 495 20.26 24.01 -107.99
CA SER O 495 20.95 24.94 -108.89
C SER O 495 20.37 26.33 -108.79
N TYR O 496 19.05 26.45 -108.95
CA TYR O 496 18.40 27.76 -108.86
C TYR O 496 18.63 28.37 -107.49
N LEU O 497 18.50 27.57 -106.42
CA LEU O 497 18.68 28.12 -105.07
C LEU O 497 20.06 28.73 -104.91
N GLN O 498 21.10 27.94 -105.15
CA GLN O 498 22.47 28.40 -104.90
C GLN O 498 22.81 29.57 -105.81
N LEU O 499 22.40 29.52 -107.08
CA LEU O 499 22.73 30.63 -107.97
C LEU O 499 21.96 31.89 -107.60
N GLN O 500 20.73 31.75 -107.11
CA GLN O 500 19.92 32.90 -106.73
C GLN O 500 20.48 33.58 -105.49
N ASP O 501 21.07 32.81 -104.59
CA ASP O 501 21.80 33.41 -103.47
C ASP O 501 23.25 33.77 -103.83
N ASN O 502 23.71 33.38 -105.02
CA ASN O 502 25.07 33.69 -105.47
C ASN O 502 25.15 35.14 -106.00
N ASN O 503 24.77 36.06 -105.12
CA ASN O 503 24.87 37.50 -105.35
C ASN O 503 24.21 37.92 -106.67
N THR O 504 23.05 37.34 -106.96
CA THR O 504 22.11 37.98 -107.87
C THR O 504 21.26 39.02 -107.14
N THR O 505 21.19 38.90 -105.82
CA THR O 505 20.44 39.80 -104.97
C THR O 505 21.28 40.94 -104.40
N ALA O 506 22.46 40.63 -103.87
CA ALA O 506 23.31 41.56 -103.13
C ALA O 506 22.59 42.12 -101.91
N ASN O 509 21.24 41.65 -111.55
CA ASN O 509 21.70 40.77 -112.61
C ASN O 509 20.62 40.65 -113.69
N ARG O 510 20.93 41.11 -114.89
CA ARG O 510 19.95 41.10 -115.99
C ARG O 510 19.85 39.71 -116.61
N PRO O 511 20.95 39.08 -117.05
CA PRO O 511 20.86 37.69 -117.52
C PRO O 511 20.90 36.73 -116.35
N ARG O 512 19.73 36.51 -115.72
CA ARG O 512 19.69 35.63 -114.56
C ARG O 512 20.18 34.23 -114.88
N CYS O 513 20.31 33.90 -116.17
CA CYS O 513 20.81 32.60 -116.58
C CYS O 513 22.30 32.58 -116.86
N LEU O 514 22.89 33.70 -117.31
CA LEU O 514 24.31 33.77 -117.60
C LEU O 514 24.72 32.65 -118.55
N PRO O 515 24.43 32.81 -119.86
CA PRO O 515 24.46 31.68 -120.80
C PRO O 515 25.64 30.71 -120.72
N LEU O 516 25.37 29.46 -121.11
CA LEU O 516 26.15 28.24 -120.92
C LEU O 516 27.67 28.40 -121.03
N PRO O 517 28.22 28.91 -122.14
CA PRO O 517 29.69 28.98 -122.22
C PRO O 517 30.30 30.00 -121.29
N ILE O 518 29.50 30.93 -120.75
CA ILE O 518 30.02 31.93 -119.85
C ILE O 518 29.90 31.50 -118.40
N CYS O 519 28.89 30.71 -118.05
CA CYS O 519 28.61 30.49 -116.63
C CYS O 519 29.58 29.49 -116.02
N LYS O 520 29.60 29.48 -114.69
CA LYS O 520 30.41 28.55 -113.91
C LYS O 520 29.53 27.44 -113.35
N GLN O 521 30.10 26.60 -112.50
CA GLN O 521 29.48 25.34 -112.11
C GLN O 521 28.16 25.57 -111.39
N LEU O 522 27.14 24.78 -111.74
CA LEU O 522 25.81 24.94 -111.20
C LEU O 522 25.43 23.87 -110.19
N PHE O 523 25.67 22.60 -110.50
CA PHE O 523 25.47 21.49 -109.60
C PHE O 523 26.81 21.03 -109.04
N THR O 524 26.80 20.39 -107.88
CA THR O 524 28.04 20.14 -107.18
C THR O 524 28.71 18.84 -107.63
N ASP O 525 29.85 18.55 -106.99
CA ASP O 525 30.74 17.47 -107.41
C ASP O 525 30.12 16.10 -107.20
N ARG O 526 29.27 15.96 -106.18
CA ARG O 526 28.59 14.70 -105.95
C ARG O 526 27.60 14.39 -107.08
N GLN O 527 26.87 15.39 -107.55
CA GLN O 527 25.97 15.19 -108.67
C GLN O 527 26.76 14.94 -109.96
N ARG O 528 27.91 15.60 -110.11
CA ARG O 528 28.81 15.26 -111.21
C ARG O 528 29.16 13.78 -111.18
N SER O 529 29.60 13.28 -110.02
CA SER O 529 30.04 11.90 -109.91
C SER O 529 28.88 10.92 -110.12
N TRP O 530 27.69 11.26 -109.61
CA TRP O 530 26.53 10.39 -109.78
C TRP O 530 26.10 10.33 -111.24
N TRP O 531 26.13 11.47 -111.92
CA TRP O 531 25.85 11.47 -113.35
C TRP O 531 26.87 10.65 -114.11
N ASP O 532 28.15 10.75 -113.72
CA ASP O 532 29.18 9.95 -114.38
C ASP O 532 28.94 8.46 -114.16
N ALA O 533 28.56 8.08 -112.93
CA ALA O 533 28.31 6.68 -112.61
C ALA O 533 27.13 6.13 -113.40
N VAL O 534 26.00 6.83 -113.38
CA VAL O 534 24.81 6.37 -114.10
C VAL O 534 25.09 6.31 -115.60
N TYR O 535 25.72 7.35 -116.13
CA TYR O 535 26.03 7.40 -117.56
C TYR O 535 26.97 6.27 -117.95
N SER O 536 27.96 5.97 -117.11
CA SER O 536 28.92 4.91 -117.40
C SER O 536 28.29 3.53 -117.26
N LEU O 537 27.34 3.40 -116.34
CA LEU O 537 26.52 2.20 -116.28
C LEU O 537 25.76 1.98 -117.58
N ILE O 538 25.12 3.04 -118.10
CA ILE O 538 24.12 2.85 -119.16
C ILE O 538 24.77 2.77 -120.54
N THR O 539 25.77 3.59 -120.81
CA THR O 539 26.30 3.71 -122.18
C THR O 539 27.54 2.84 -122.41
N LYS O 540 27.60 1.67 -121.76
CA LYS O 540 28.64 0.70 -122.05
C LYS O 540 28.46 0.10 -123.44
N ALA O 548 32.38 -0.84 -113.39
CA ALA O 548 33.09 0.02 -112.46
C ALA O 548 32.41 1.40 -112.36
N LYS O 549 31.11 1.38 -112.10
CA LYS O 549 30.35 2.60 -111.83
C LYS O 549 29.95 2.57 -110.36
N LEU O 550 30.40 3.57 -109.60
CA LEU O 550 30.22 3.58 -108.15
C LEU O 550 28.86 4.20 -107.82
N ARG O 551 28.20 3.63 -106.81
CA ARG O 551 26.76 3.79 -106.63
C ARG O 551 26.39 4.26 -105.23
N SER O 552 27.28 4.99 -104.55
CA SER O 552 26.97 5.42 -103.18
C SER O 552 25.81 6.38 -103.14
N VAL O 553 25.81 7.39 -104.01
CA VAL O 553 24.67 8.30 -104.08
C VAL O 553 23.46 7.62 -104.69
N ILE O 554 23.66 6.57 -105.48
CA ILE O 554 22.54 5.72 -105.87
C ILE O 554 21.85 5.17 -104.63
N GLN O 555 22.58 4.47 -103.76
CA GLN O 555 21.96 3.97 -102.54
C GLN O 555 21.31 5.10 -101.75
N HIS O 556 21.98 6.25 -101.71
CA HIS O 556 21.50 7.36 -100.88
C HIS O 556 20.18 7.92 -101.41
N ASP O 557 20.13 8.27 -102.70
CA ASP O 557 19.00 8.99 -103.29
C ASP O 557 17.88 8.06 -103.73
N LEU O 558 18.20 6.86 -104.25
CA LEU O 558 17.15 5.88 -104.46
C LEU O 558 16.42 5.58 -103.14
N THR O 559 17.17 5.49 -102.03
CA THR O 559 16.55 5.33 -100.72
C THR O 559 15.67 6.52 -100.37
N THR O 560 16.21 7.74 -100.49
CA THR O 560 15.42 8.95 -100.27
C THR O 560 14.11 8.91 -101.05
N LEU O 561 14.17 8.53 -102.34
CA LEU O 561 13.01 8.57 -103.21
C LEU O 561 12.02 7.47 -102.86
N ARG O 562 12.50 6.27 -102.56
CA ARG O 562 11.66 5.22 -102.02
C ARG O 562 11.16 5.55 -100.61
N ALA O 563 11.60 6.66 -100.03
CA ALA O 563 11.06 7.20 -98.78
C ALA O 563 11.05 6.17 -97.65
N HIS O 567 12.45 12.17 -95.76
CA HIS O 567 13.46 12.81 -96.60
C HIS O 567 13.87 14.18 -96.07
N GLY O 568 14.55 14.97 -96.90
CA GLY O 568 15.01 16.28 -96.49
C GLY O 568 14.34 17.43 -97.21
N LEU O 569 13.60 17.13 -98.28
CA LEU O 569 12.96 18.19 -99.04
C LEU O 569 11.81 18.81 -98.25
N GLN O 570 11.75 20.14 -98.31
CA GLN O 570 10.77 20.92 -97.57
C GLN O 570 9.49 21.01 -98.41
N PRO O 571 8.41 21.63 -97.89
CA PRO O 571 7.19 21.73 -98.71
C PRO O 571 7.33 22.54 -100.00
N ALA O 572 7.83 23.78 -99.92
CA ALA O 572 7.76 24.69 -101.05
C ALA O 572 8.33 24.08 -102.34
N VAL O 573 9.34 23.21 -102.24
CA VAL O 573 9.89 22.57 -103.43
C VAL O 573 8.86 21.63 -104.04
N LEU O 574 8.21 20.82 -103.22
CA LEU O 574 7.19 19.90 -103.73
C LEU O 574 6.00 20.69 -104.29
N VAL O 575 5.70 21.84 -103.69
CA VAL O 575 4.64 22.70 -104.22
C VAL O 575 5.00 23.17 -105.62
N ASN O 576 6.25 23.61 -105.83
CA ASN O 576 6.66 24.03 -107.16
C ASN O 576 6.62 22.87 -108.14
N TRP O 577 7.08 21.69 -107.69
CA TRP O 577 6.99 20.49 -108.52
C TRP O 577 5.57 20.26 -109.02
N ALA O 578 4.61 20.22 -108.09
CA ALA O 578 3.23 19.90 -108.43
C ALA O 578 2.62 20.98 -109.32
N ARG O 579 2.84 22.25 -108.97
CA ARG O 579 2.37 23.35 -109.81
C ARG O 579 2.82 23.17 -111.26
N GLY O 580 4.13 23.06 -111.48
CA GLY O 580 4.64 22.98 -112.84
C GLY O 580 4.18 21.72 -113.55
N LEU O 581 4.20 20.58 -112.85
CA LEU O 581 3.77 19.33 -113.46
C LEU O 581 2.34 19.44 -113.98
N HIS O 582 1.41 19.86 -113.13
CA HIS O 582 0.01 19.93 -113.56
C HIS O 582 -0.17 20.94 -114.69
N LYS O 583 0.54 22.08 -114.62
CA LYS O 583 0.39 23.09 -115.67
C LYS O 583 0.85 22.56 -117.02
N THR O 584 2.06 21.99 -117.07
CA THR O 584 2.56 21.42 -118.31
C THR O 584 1.69 20.24 -118.76
N GLY O 585 1.01 19.59 -117.81
CA GLY O 585 0.17 18.46 -118.17
C GLY O 585 -1.15 18.88 -118.80
N TYR O 586 -1.83 19.84 -118.19
CA TYR O 586 -3.10 20.29 -118.75
C TYR O 586 -2.87 21.19 -119.96
N SER O 587 -1.62 21.57 -120.22
CA SER O 587 -1.30 22.20 -121.50
C SER O 587 -1.65 21.28 -122.67
N LEU O 588 -1.23 20.01 -122.60
CA LEU O 588 -1.34 19.06 -123.70
C LEU O 588 -2.79 18.66 -123.95
N ASN O 589 -2.97 17.83 -124.98
CA ASN O 589 -4.25 17.21 -125.32
C ASN O 589 -4.35 15.77 -124.87
N SER O 590 -3.25 15.03 -124.91
CA SER O 590 -3.29 13.58 -124.79
C SER O 590 -3.83 13.13 -123.44
N PHE O 591 -4.82 12.24 -123.47
CA PHE O 591 -5.28 11.57 -122.26
C PHE O 591 -4.14 10.79 -121.61
N TYR O 592 -3.36 10.07 -122.42
CA TYR O 592 -2.24 9.27 -121.94
C TYR O 592 -1.06 10.12 -121.49
N ASP O 593 -1.19 11.45 -121.48
CA ASP O 593 -0.23 12.35 -120.87
C ASP O 593 -0.80 13.08 -119.67
N GLN O 594 -2.03 13.58 -119.80
CA GLN O 594 -2.76 14.10 -118.64
C GLN O 594 -2.79 13.07 -117.52
N LYS O 595 -2.88 11.79 -117.88
CA LYS O 595 -2.89 10.73 -116.88
C LYS O 595 -1.65 10.79 -116.00
N GLU O 596 -0.47 10.63 -116.59
CA GLU O 596 0.75 10.59 -115.79
C GLU O 596 1.02 11.92 -115.12
N TYR O 597 0.63 13.04 -115.76
CA TYR O 597 0.91 14.34 -115.17
C TYR O 597 0.07 14.56 -113.91
N MET O 598 -1.24 14.31 -114.00
CA MET O 598 -2.07 14.36 -112.81
C MET O 598 -1.62 13.34 -111.76
N GLY O 599 -1.13 12.17 -112.20
CA GLY O 599 -0.67 11.17 -111.25
C GLY O 599 0.49 11.68 -110.42
N ARG O 600 1.51 12.21 -111.09
CA ARG O 600 2.69 12.70 -110.36
C ARG O 600 2.36 13.94 -109.55
N CYS O 601 1.48 14.81 -110.06
CA CYS O 601 1.06 15.98 -109.29
C CYS O 601 0.39 15.56 -107.99
N VAL O 602 -0.61 14.68 -108.08
CA VAL O 602 -1.28 14.20 -106.88
C VAL O 602 -0.29 13.49 -105.97
N HIS O 603 0.68 12.78 -106.53
CA HIS O 603 1.65 12.07 -105.70
C HIS O 603 2.51 13.05 -104.90
N TYR O 604 2.99 14.12 -105.54
CA TYR O 604 3.83 15.06 -104.80
C TYR O 604 3.02 15.82 -103.77
N TRP O 605 1.79 16.21 -104.11
CA TRP O 605 0.95 16.85 -103.10
C TRP O 605 0.67 15.90 -101.93
N LYS O 606 0.45 14.62 -102.23
CA LYS O 606 0.19 13.64 -101.18
C LYS O 606 1.40 13.44 -100.29
N LYS O 607 2.60 13.40 -100.87
CA LYS O 607 3.80 13.29 -100.06
C LYS O 607 3.98 14.51 -99.18
N LEU O 608 3.79 15.71 -99.74
CA LEU O 608 3.90 16.91 -98.94
C LEU O 608 2.85 16.94 -97.84
N LEU O 609 1.68 16.35 -98.08
CA LEU O 609 0.49 16.57 -97.28
C LEU O 609 0.72 16.27 -95.79
N PRO O 610 1.15 15.07 -95.39
CA PRO O 610 1.33 14.84 -93.94
C PRO O 610 2.47 15.65 -93.35
N LEU O 611 3.39 16.10 -94.19
CA LEU O 611 4.41 17.05 -93.74
C LEU O 611 3.83 18.45 -93.60
N LEU O 612 2.77 18.75 -94.35
CA LEU O 612 2.10 20.03 -94.24
C LEU O 612 1.34 20.17 -92.91
N ASP O 613 1.22 19.08 -92.16
CA ASP O 613 0.58 19.15 -90.84
C ASP O 613 1.56 19.63 -89.77
N LEU O 614 2.86 19.38 -89.95
CA LEU O 614 3.90 19.63 -88.96
C LEU O 614 4.13 21.12 -88.65
N VAL O 615 3.53 22.05 -89.39
CA VAL O 615 3.89 23.47 -89.26
C VAL O 615 3.01 24.04 -88.16
N LYS O 616 3.48 23.85 -86.91
CA LYS O 616 3.02 24.59 -85.73
C LYS O 616 4.24 24.78 -84.82
N GLN O 617 4.98 25.85 -85.04
CA GLN O 617 6.13 26.23 -84.19
C GLN O 617 7.03 25.03 -83.93
N LYS O 618 7.19 24.19 -84.97
CA LYS O 618 7.82 22.89 -84.81
C LYS O 618 8.91 22.68 -85.85
N LYS O 619 9.72 21.66 -85.62
CA LYS O 619 10.90 21.39 -86.42
C LYS O 619 10.53 20.72 -87.74
N SER O 620 10.91 21.35 -88.85
CA SER O 620 10.49 20.88 -90.17
C SER O 620 11.16 19.56 -90.54
N ILE O 621 12.48 19.58 -90.73
CA ILE O 621 13.31 18.41 -90.99
C ILE O 621 14.69 18.70 -90.43
N PRO O 622 15.16 17.98 -89.42
CA PRO O 622 16.50 18.29 -88.89
C PRO O 622 17.56 17.85 -89.87
N GLU O 623 18.11 18.81 -90.61
CA GLU O 623 19.04 18.55 -91.70
C GLU O 623 20.23 19.50 -91.58
N PRO O 624 21.21 19.16 -90.75
CA PRO O 624 22.44 19.97 -90.72
C PRO O 624 23.16 20.03 -92.05
N VAL O 625 23.18 18.93 -92.80
CA VAL O 625 23.74 18.93 -94.14
C VAL O 625 22.71 19.52 -95.09
N ASP O 626 23.17 19.82 -96.29
CA ASP O 626 22.25 20.15 -97.38
C ASP O 626 21.95 18.89 -98.17
N PRO O 627 20.70 18.38 -98.17
CA PRO O 627 20.42 17.10 -98.84
C PRO O 627 20.80 17.16 -100.30
N LEU O 628 20.14 18.06 -101.03
CA LEU O 628 20.72 18.70 -102.20
C LEU O 628 20.39 20.18 -102.14
N PHE O 629 19.26 20.50 -101.52
CA PHE O 629 18.71 21.85 -101.53
C PHE O 629 18.00 22.11 -100.21
N LYS O 630 18.70 22.71 -99.25
CA LYS O 630 18.12 23.16 -97.98
C LYS O 630 18.26 24.67 -97.91
N HIS O 631 17.16 25.38 -98.10
CA HIS O 631 17.17 26.82 -98.31
C HIS O 631 16.28 27.49 -97.27
N PHE O 632 16.73 28.66 -96.82
CA PHE O 632 16.05 29.38 -95.74
C PHE O 632 15.49 30.68 -96.30
N HIS O 633 14.52 31.24 -95.58
CA HIS O 633 13.92 32.54 -95.88
C HIS O 633 13.32 32.60 -97.29
N ASN O 634 13.13 31.44 -97.91
CA ASN O 634 12.20 31.27 -99.03
C ASN O 634 11.18 30.18 -98.77
N LYS O 635 11.63 29.01 -98.30
CA LYS O 635 10.76 27.83 -98.25
C LYS O 635 9.75 27.93 -97.12
N ASP O 636 10.15 28.49 -95.98
CA ASP O 636 9.34 28.53 -94.77
C ASP O 636 7.95 29.11 -94.97
N LEU O 645 -3.72 17.71 -101.87
CA LEU O 645 -4.05 17.11 -103.16
C LEU O 645 -5.55 16.98 -103.33
N GLU O 646 -6.30 17.38 -102.30
CA GLU O 646 -7.74 17.18 -102.32
C GLU O 646 -8.44 18.08 -103.33
N ASP O 647 -8.05 19.36 -103.37
CA ASP O 647 -8.71 20.29 -104.26
C ASP O 647 -8.46 19.94 -105.72
N GLU O 648 -7.20 19.78 -106.11
CA GLU O 648 -6.91 19.39 -107.49
C GLU O 648 -7.38 17.97 -107.77
N ALA O 649 -7.52 17.15 -106.73
CA ALA O 649 -8.07 15.82 -106.93
C ALA O 649 -9.53 15.88 -107.38
N CYS O 650 -10.34 16.68 -106.67
CA CYS O 650 -11.74 16.81 -107.06
C CYS O 650 -11.89 17.61 -108.36
N ILE O 651 -11.00 18.57 -108.60
CA ILE O 651 -10.94 19.20 -109.92
C ILE O 651 -10.66 18.16 -110.99
N ALA O 652 -9.75 17.22 -110.69
CA ALA O 652 -9.41 16.15 -111.63
C ALA O 652 -10.60 15.25 -111.89
N PHE O 653 -11.37 14.92 -110.86
CA PHE O 653 -12.51 14.03 -111.04
C PHE O 653 -13.62 14.72 -111.82
N ALA O 654 -13.82 16.03 -111.58
CA ALA O 654 -14.80 16.78 -112.35
C ALA O 654 -14.40 16.87 -113.82
N THR O 655 -13.15 17.24 -114.10
CA THR O 655 -12.70 17.29 -115.49
C THR O 655 -12.63 15.90 -116.11
N LEU O 656 -12.48 14.87 -115.26
CA LEU O 656 -12.58 13.50 -115.73
C LEU O 656 -13.95 13.21 -116.31
N ASP O 657 -15.00 13.37 -115.49
CA ASP O 657 -16.35 13.16 -116.03
C ASP O 657 -16.67 14.16 -117.14
N LEU O 658 -15.95 15.28 -117.22
CA LEU O 658 -16.20 16.26 -118.26
C LEU O 658 -15.57 15.86 -119.59
N VAL O 659 -14.44 15.16 -119.56
CA VAL O 659 -13.72 14.85 -120.80
C VAL O 659 -14.30 13.61 -121.48
N THR O 663 -24.15 17.28 -119.85
CA THR O 663 -23.15 18.05 -119.13
C THR O 663 -23.77 18.54 -117.82
N GLU O 664 -24.37 17.62 -117.06
CA GLU O 664 -25.01 17.97 -115.80
C GLU O 664 -24.13 17.61 -114.61
N ASP O 665 -23.71 16.35 -114.53
CA ASP O 665 -22.77 15.94 -113.49
C ASP O 665 -21.45 16.69 -113.57
N ALA O 666 -21.11 17.20 -114.75
CA ALA O 666 -19.96 18.09 -114.87
C ALA O 666 -20.09 19.29 -113.94
N ILE O 667 -21.21 20.00 -114.01
CA ILE O 667 -21.45 21.15 -113.13
C ILE O 667 -21.60 20.68 -111.69
N ILE O 668 -22.23 19.52 -111.50
CA ILE O 668 -22.37 18.94 -110.16
C ILE O 668 -21.00 18.91 -109.46
N ALA O 669 -20.01 18.28 -110.11
CA ALA O 669 -18.70 18.17 -109.47
C ALA O 669 -17.90 19.47 -109.56
N PHE O 670 -18.16 20.31 -110.57
CA PHE O 670 -17.50 21.60 -110.69
C PHE O 670 -17.89 22.57 -109.59
N GLU O 671 -19.02 22.34 -108.92
CA GLU O 671 -19.45 23.20 -107.82
C GLU O 671 -19.07 22.62 -106.46
N SER O 672 -17.90 21.98 -106.36
CA SER O 672 -17.37 21.47 -105.10
C SER O 672 -16.11 22.19 -104.65
N VAL O 673 -15.17 22.45 -105.57
CA VAL O 673 -14.03 23.28 -105.23
C VAL O 673 -14.37 24.75 -105.49
N LYS O 674 -13.61 25.64 -104.85
CA LYS O 674 -13.91 27.08 -104.86
C LYS O 674 -12.66 27.92 -105.07
N ASN O 675 -11.74 27.47 -105.94
CA ASN O 675 -10.59 28.29 -106.30
C ASN O 675 -10.91 29.06 -107.58
N VAL O 676 -9.89 29.67 -108.17
CA VAL O 676 -10.09 30.40 -109.41
C VAL O 676 -10.43 29.43 -110.55
N VAL O 677 -9.87 28.21 -110.52
CA VAL O 677 -10.13 27.26 -111.60
C VAL O 677 -11.55 26.73 -111.50
N ALA O 678 -12.05 26.56 -110.27
CA ALA O 678 -13.44 26.16 -110.08
C ALA O 678 -14.39 27.22 -110.62
N TYR O 679 -14.22 28.47 -110.15
CA TYR O 679 -15.05 29.56 -110.59
C TYR O 679 -14.96 29.74 -112.10
N TRP O 680 -13.78 29.48 -112.68
CA TRP O 680 -13.64 29.62 -114.13
C TRP O 680 -14.37 28.50 -114.86
N ASN O 681 -14.24 27.27 -114.37
CA ASN O 681 -14.96 26.16 -114.99
C ASN O 681 -16.45 26.44 -114.99
N LEU O 682 -16.96 26.95 -113.86
CA LEU O 682 -18.38 27.26 -113.77
C LEU O 682 -18.73 28.45 -114.67
N ALA O 683 -17.85 29.44 -114.76
CA ALA O 683 -18.09 30.57 -115.64
C ALA O 683 -18.23 30.13 -117.09
N LEU O 684 -17.32 29.27 -117.55
CA LEU O 684 -17.34 28.92 -118.96
C LEU O 684 -18.42 27.88 -119.26
N ILE O 685 -18.82 27.07 -118.27
CA ILE O 685 -20.01 26.25 -118.49
C ILE O 685 -21.23 27.16 -118.61
N TYR O 686 -21.29 28.23 -117.81
CA TYR O 686 -22.39 29.17 -117.92
C TYR O 686 -22.43 29.82 -119.30
N GLN O 687 -21.27 30.29 -119.78
CA GLN O 687 -21.25 30.94 -121.08
C GLN O 687 -21.61 29.96 -122.19
N ARG O 688 -21.05 28.75 -122.13
CA ARG O 688 -21.35 27.72 -123.12
C ARG O 688 -22.85 27.46 -123.20
N LYS O 689 -23.51 27.35 -122.04
CA LYS O 689 -24.93 27.01 -122.05
C LYS O 689 -25.81 28.23 -122.34
N ALA O 690 -25.33 29.45 -122.07
CA ALA O 690 -26.17 30.63 -122.17
C ALA O 690 -25.52 31.77 -122.94
N GLU O 691 -24.91 31.47 -124.10
CA GLU O 691 -24.51 32.53 -125.02
C GLU O 691 -25.66 33.50 -125.30
N GLU O 692 -26.73 33.01 -125.91
CA GLU O 692 -27.80 33.85 -126.46
C GLU O 692 -29.19 33.28 -126.19
N ILE O 693 -29.35 32.61 -125.05
CA ILE O 693 -30.58 31.89 -124.75
C ILE O 693 -31.37 32.56 -123.62
N GLU O 694 -30.78 32.67 -122.43
CA GLU O 694 -31.50 33.19 -121.27
C GLU O 694 -30.62 34.14 -120.47
N ASN O 695 -31.27 35.07 -119.78
CA ASN O 695 -30.64 36.20 -119.13
C ASN O 695 -30.09 35.85 -117.75
N ASP O 696 -30.93 35.36 -116.83
CA ASP O 696 -30.53 35.20 -115.43
C ASP O 696 -29.32 34.29 -115.26
N CYS O 697 -28.98 33.47 -116.26
CA CYS O 697 -27.73 32.74 -116.18
C CYS O 697 -26.53 33.61 -116.53
N LEU O 698 -26.75 34.83 -117.03
CA LEU O 698 -25.64 35.76 -117.23
C LEU O 698 -25.20 36.42 -115.93
N PRO O 699 -26.10 36.83 -115.00
CA PRO O 699 -25.63 37.26 -113.67
C PRO O 699 -24.86 36.19 -112.93
N ALA O 700 -25.10 34.92 -113.24
CA ALA O 700 -24.26 33.86 -112.68
C ALA O 700 -22.81 34.05 -113.11
N GLU O 701 -22.59 34.05 -114.43
CA GLU O 701 -21.30 34.47 -115.00
C GLU O 701 -20.77 35.71 -114.31
N GLU O 702 -21.63 36.71 -114.11
CA GLU O 702 -21.21 38.01 -113.56
C GLU O 702 -20.65 37.85 -112.16
N GLN O 703 -21.49 37.40 -111.21
CA GLN O 703 -21.07 37.26 -109.83
C GLN O 703 -19.89 36.32 -109.68
N GLU O 704 -19.82 35.25 -110.48
CA GLU O 704 -18.72 34.32 -110.32
C GLU O 704 -17.42 34.92 -110.86
N GLU O 705 -17.47 35.59 -112.03
CA GLU O 705 -16.33 36.35 -112.51
C GLU O 705 -15.94 37.48 -111.58
N PHE O 706 -16.85 37.92 -110.70
CA PHE O 706 -16.46 38.95 -109.74
C PHE O 706 -15.84 38.35 -108.49
N GLN O 707 -16.24 37.14 -108.11
CA GLN O 707 -15.41 36.37 -107.19
C GLN O 707 -14.01 36.18 -107.79
N GLU O 708 -13.94 35.89 -109.08
CA GLU O 708 -12.65 35.75 -109.75
C GLU O 708 -11.88 37.07 -109.82
N CYS O 709 -12.59 38.21 -109.90
CA CYS O 709 -11.92 39.51 -109.91
C CYS O 709 -11.36 39.84 -108.53
N LEU O 710 -12.14 39.60 -107.48
CA LEU O 710 -11.62 39.73 -106.12
C LEU O 710 -10.46 38.76 -105.89
N LEU O 711 -10.44 37.65 -106.62
CA LEU O 711 -9.32 36.72 -106.54
C LEU O 711 -8.10 37.22 -107.31
N LYS O 712 -8.33 37.87 -108.46
CA LYS O 712 -7.20 38.34 -109.25
C LYS O 712 -6.57 39.57 -108.64
N CYS O 713 -7.36 40.41 -107.97
CA CYS O 713 -6.77 41.48 -107.17
C CYS O 713 -5.84 40.93 -106.11
N LYS O 714 -6.05 39.66 -105.70
CA LYS O 714 -5.29 39.01 -104.66
C LYS O 714 -4.03 38.32 -105.20
N GLY O 715 -3.58 38.72 -106.39
CA GLY O 715 -2.33 38.19 -106.94
C GLY O 715 -2.43 36.76 -107.42
N PHE O 716 -3.55 36.38 -108.03
CA PHE O 716 -3.78 34.98 -108.41
C PHE O 716 -3.60 34.80 -109.90
N LEU O 717 -2.42 34.34 -110.31
CA LEU O 717 -2.21 33.74 -111.62
C LEU O 717 -2.44 32.23 -111.58
N LYS O 718 -3.21 31.77 -110.59
CA LYS O 718 -3.53 30.36 -110.43
C LYS O 718 -4.38 29.84 -111.59
N MET O 719 -4.94 30.74 -112.41
CA MET O 719 -5.53 30.34 -113.67
C MET O 719 -4.45 30.13 -114.72
N ILE O 720 -4.67 29.14 -115.60
CA ILE O 720 -3.69 28.81 -116.63
C ILE O 720 -3.34 30.04 -117.46
N CYS O 721 -4.34 30.86 -117.77
CA CYS O 721 -4.12 32.17 -118.37
C CYS O 721 -4.34 33.24 -117.32
N ASP O 722 -3.72 34.40 -117.50
CA ASP O 722 -3.99 35.52 -116.61
C ASP O 722 -5.45 35.94 -116.74
N GLU O 723 -6.02 36.39 -115.63
CA GLU O 723 -7.40 36.83 -115.64
C GLU O 723 -7.60 38.17 -116.33
N TYR O 724 -6.51 38.88 -116.67
CA TYR O 724 -6.63 40.19 -117.33
C TYR O 724 -7.43 40.10 -118.62
N SER O 725 -7.64 38.89 -119.15
CA SER O 725 -8.53 38.64 -120.26
C SER O 725 -9.87 38.06 -119.81
N ALA O 726 -9.89 37.31 -118.71
CA ALA O 726 -11.12 36.67 -118.25
C ALA O 726 -12.09 37.68 -117.66
N TYR O 727 -11.65 38.46 -116.66
CA TYR O 727 -12.57 39.41 -116.03
C TYR O 727 -12.80 40.65 -116.89
N PRO O 728 -11.84 41.15 -117.67
CA PRO O 728 -12.17 42.30 -118.53
C PRO O 728 -13.21 41.98 -119.59
N SER O 729 -12.99 40.93 -120.40
CA SER O 729 -13.92 40.60 -121.47
C SER O 729 -15.29 40.21 -120.92
N ILE O 730 -15.32 39.30 -119.94
CA ILE O 730 -16.60 38.82 -119.41
C ILE O 730 -17.28 39.91 -118.58
N ALA O 731 -16.50 40.77 -117.92
CA ALA O 731 -17.09 41.87 -117.18
C ALA O 731 -17.72 42.88 -118.10
N THR O 732 -17.08 43.15 -119.25
CA THR O 732 -17.70 44.04 -120.23
C THR O 732 -18.93 43.39 -120.84
N SER O 733 -18.90 42.06 -120.98
CA SER O 733 -20.11 41.35 -121.38
C SER O 733 -21.21 41.49 -120.33
N LEU O 734 -20.81 41.62 -119.06
CA LEU O 734 -21.74 41.80 -117.95
C LEU O 734 -22.45 43.14 -118.04
N PRO O 735 -21.71 44.23 -118.25
CA PRO O 735 -22.40 45.53 -118.42
C PRO O 735 -23.19 45.61 -119.72
N VAL O 736 -22.64 45.10 -120.82
CA VAL O 736 -23.37 45.12 -122.09
C VAL O 736 -24.61 44.24 -122.01
N PRO O 737 -24.58 43.04 -121.43
CA PRO O 737 -25.82 42.25 -121.33
C PRO O 737 -26.76 42.76 -120.26
N VAL O 738 -26.25 43.46 -119.25
CA VAL O 738 -27.09 43.99 -118.18
C VAL O 738 -27.83 45.25 -118.63
N ASN P 180 -9.84 -19.50 -73.22
CA ASN P 180 -11.07 -19.90 -72.55
C ASN P 180 -12.27 -19.23 -73.18
N VAL P 181 -12.62 -18.04 -72.69
CA VAL P 181 -13.59 -17.22 -73.41
C VAL P 181 -13.05 -16.87 -74.79
N GLU P 182 -11.73 -16.71 -74.88
CA GLU P 182 -11.08 -16.69 -76.18
C GLU P 182 -11.44 -17.94 -76.98
N MET P 183 -11.55 -19.09 -76.32
CA MET P 183 -11.82 -20.33 -77.03
C MET P 183 -13.27 -20.41 -77.48
N ALA P 184 -14.20 -19.92 -76.65
CA ALA P 184 -15.58 -19.81 -77.09
C ALA P 184 -15.69 -18.93 -78.33
N TYR P 185 -15.12 -17.72 -78.26
CA TYR P 185 -15.06 -16.86 -79.44
C TYR P 185 -14.33 -17.56 -80.59
N ALA P 186 -13.39 -18.45 -80.26
CA ALA P 186 -12.65 -19.18 -81.28
C ALA P 186 -13.57 -20.13 -82.05
N ARG P 187 -14.20 -21.06 -81.35
CA ARG P 187 -15.17 -21.96 -81.98
C ARG P 187 -16.19 -21.17 -82.80
N GLN P 188 -16.64 -20.03 -82.26
CA GLN P 188 -17.49 -19.13 -83.05
C GLN P 188 -16.82 -18.77 -84.37
N MET P 189 -15.55 -18.35 -84.29
CA MET P 189 -14.83 -17.92 -85.49
C MET P 189 -14.65 -19.06 -86.48
N TYR P 190 -14.28 -20.24 -85.99
CA TYR P 190 -14.06 -21.39 -86.88
C TYR P 190 -15.35 -21.76 -87.59
N MET P 191 -16.47 -21.81 -86.87
CA MET P 191 -17.73 -22.12 -87.51
C MET P 191 -18.08 -21.07 -88.55
N TYR P 192 -17.93 -19.79 -88.20
CA TYR P 192 -18.25 -18.72 -89.14
C TYR P 192 -17.41 -18.82 -90.40
N ASN P 193 -16.11 -19.10 -90.22
CA ASN P 193 -15.18 -19.16 -91.36
C ASN P 193 -15.49 -20.36 -92.25
N GLU P 194 -15.81 -21.51 -91.65
CA GLU P 194 -16.17 -22.68 -92.46
C GLU P 194 -17.45 -22.42 -93.25
N LYS P 195 -18.44 -21.75 -92.64
CA LYS P 195 -19.65 -21.41 -93.38
C LYS P 195 -19.35 -20.43 -94.51
N VAL P 196 -18.55 -19.40 -94.23
CA VAL P 196 -18.21 -18.40 -95.23
C VAL P 196 -17.44 -19.03 -96.39
N VAL P 197 -16.61 -20.02 -96.10
CA VAL P 197 -15.85 -20.67 -97.15
C VAL P 197 -16.74 -21.57 -97.99
N SER P 198 -17.51 -22.44 -97.34
CA SER P 198 -18.39 -23.34 -98.07
C SER P 198 -19.52 -22.61 -98.79
N GLY P 199 -19.72 -21.32 -98.52
CA GLY P 199 -20.63 -20.53 -99.33
C GLY P 199 -22.09 -20.68 -99.00
N HIS P 200 -22.43 -21.26 -97.85
CA HIS P 200 -23.81 -21.39 -97.44
C HIS P 200 -24.36 -20.04 -96.95
N LEU P 201 -25.61 -20.07 -96.51
CA LEU P 201 -26.28 -18.86 -96.00
C LEU P 201 -25.47 -18.22 -94.88
N GLN P 202 -25.54 -16.89 -94.81
CA GLN P 202 -24.69 -16.05 -93.98
C GLN P 202 -24.76 -16.38 -92.49
N PRO P 203 -23.61 -16.71 -91.87
CA PRO P 203 -23.60 -16.89 -90.42
C PRO P 203 -23.65 -15.55 -89.69
N SER P 204 -24.15 -15.59 -88.46
CA SER P 204 -24.38 -14.36 -87.69
C SER P 204 -23.26 -14.17 -86.68
N LEU P 205 -22.29 -13.33 -87.01
CA LEU P 205 -21.26 -12.99 -86.03
C LEU P 205 -21.86 -12.34 -84.80
N VAL P 206 -22.76 -11.36 -84.98
CA VAL P 206 -23.30 -10.61 -83.85
C VAL P 206 -24.14 -11.52 -82.95
N ASP P 207 -25.07 -12.27 -83.53
CA ASP P 207 -25.91 -13.12 -82.72
C ASP P 207 -25.13 -14.29 -82.14
N LEU P 208 -24.09 -14.76 -82.84
CA LEU P 208 -23.29 -15.85 -82.30
C LEU P 208 -22.51 -15.38 -81.08
N CYS P 209 -21.95 -14.17 -81.12
CA CYS P 209 -21.32 -13.63 -79.92
C CYS P 209 -22.33 -13.45 -78.79
N THR P 210 -23.46 -12.79 -79.07
CA THR P 210 -24.47 -12.63 -78.04
C THR P 210 -24.92 -13.98 -77.47
N GLU P 211 -24.92 -15.02 -78.29
CA GLU P 211 -25.44 -16.31 -77.86
C GLU P 211 -24.44 -17.06 -77.01
N ALA P 212 -23.18 -17.12 -77.45
CA ALA P 212 -22.16 -17.64 -76.55
C ALA P 212 -22.20 -16.91 -75.22
N ALA P 213 -22.58 -15.61 -75.27
CA ALA P 213 -22.73 -14.85 -74.04
C ALA P 213 -23.96 -15.26 -73.26
N GLU P 214 -25.03 -15.61 -73.96
CA GLU P 214 -26.19 -16.18 -73.30
C GLU P 214 -25.82 -17.39 -72.49
N ARG P 215 -25.00 -18.26 -73.07
CA ARG P 215 -24.62 -19.51 -72.42
C ARG P 215 -23.58 -19.32 -71.32
N LEU P 216 -22.69 -18.34 -71.45
CA LEU P 216 -21.45 -18.29 -70.69
C LEU P 216 -21.46 -17.32 -69.49
N ASP P 217 -22.61 -17.03 -68.90
CA ASP P 217 -22.72 -16.54 -67.51
C ASP P 217 -21.76 -15.39 -67.20
N ASP P 218 -21.34 -14.63 -68.20
CA ASP P 218 -20.59 -13.40 -68.00
C ASP P 218 -21.54 -12.24 -68.27
N LYS P 219 -22.11 -11.67 -67.21
CA LYS P 219 -23.14 -10.65 -67.37
C LYS P 219 -22.64 -9.49 -68.21
N ASN P 220 -21.34 -9.19 -68.11
CA ASN P 220 -20.75 -8.21 -69.01
C ASN P 220 -20.90 -8.64 -70.47
N VAL P 221 -20.64 -9.92 -70.76
CA VAL P 221 -20.78 -10.42 -72.12
C VAL P 221 -22.22 -10.31 -72.60
N SER P 222 -23.16 -10.79 -71.78
CA SER P 222 -24.56 -10.76 -72.17
C SER P 222 -25.02 -9.34 -72.45
N ASP P 223 -24.87 -8.44 -71.47
CA ASP P 223 -25.34 -7.08 -71.62
C ASP P 223 -24.65 -6.37 -72.77
N LEU P 224 -23.33 -6.48 -72.87
CA LEU P 224 -22.58 -5.74 -73.87
C LEU P 224 -22.89 -6.23 -75.28
N TRP P 225 -23.00 -7.55 -75.47
CA TRP P 225 -23.27 -8.06 -76.81
C TRP P 225 -24.71 -7.82 -77.21
N VAL P 226 -25.66 -7.94 -76.27
CA VAL P 226 -27.03 -7.55 -76.57
C VAL P 226 -27.10 -6.07 -76.92
N MET P 227 -26.30 -5.25 -76.24
CA MET P 227 -26.28 -3.82 -76.53
C MET P 227 -25.69 -3.57 -77.91
N VAL P 228 -24.64 -4.31 -78.26
CA VAL P 228 -24.04 -4.19 -79.58
C VAL P 228 -25.05 -4.52 -80.66
N LYS P 229 -25.66 -5.70 -80.57
CA LYS P 229 -26.63 -6.10 -81.57
C LYS P 229 -27.83 -5.16 -81.59
N GLN P 230 -28.25 -4.65 -80.43
CA GLN P 230 -29.51 -3.90 -80.35
C GLN P 230 -29.31 -2.44 -80.68
N MET P 231 -28.06 -1.95 -80.69
CA MET P 231 -27.81 -0.60 -81.18
C MET P 231 -27.32 -0.61 -82.63
N THR P 232 -26.71 -1.71 -83.08
CA THR P 232 -26.24 -1.80 -84.45
C THR P 232 -27.24 -2.45 -85.40
N ASP P 233 -28.31 -3.04 -84.87
CA ASP P 233 -29.36 -3.61 -85.71
C ASP P 233 -30.24 -2.50 -86.28
N VAL P 234 -29.64 -1.73 -87.19
CA VAL P 234 -30.36 -0.67 -87.91
C VAL P 234 -30.27 -0.98 -89.40
N PRO P 235 -31.07 -0.32 -90.24
CA PRO P 235 -30.98 -0.56 -91.68
C PRO P 235 -29.64 -0.13 -92.26
N LEU P 236 -29.04 -0.99 -93.07
CA LEU P 236 -27.77 -0.68 -93.72
C LEU P 236 -27.98 0.28 -94.88
N ILE P 237 -26.86 0.79 -95.41
CA ILE P 237 -26.86 1.59 -96.62
C ILE P 237 -25.43 1.60 -97.18
N PRO P 238 -25.02 0.60 -97.97
CA PRO P 238 -23.63 0.55 -98.43
C PRO P 238 -23.21 1.75 -99.28
N ALA P 239 -23.87 1.93 -100.42
CA ALA P 239 -23.71 3.10 -101.30
C ALA P 239 -22.25 3.48 -101.53
N SER P 240 -21.34 2.51 -101.46
CA SER P 240 -19.93 2.74 -101.74
C SER P 240 -19.31 3.82 -100.85
N ASP P 241 -19.98 4.16 -99.74
CA ASP P 241 -19.50 5.26 -98.89
C ASP P 241 -19.65 4.84 -97.43
N THR P 242 -18.54 4.47 -96.79
CA THR P 242 -18.59 3.92 -95.45
C THR P 242 -18.85 5.00 -94.41
N LEU P 243 -17.89 5.93 -94.25
CA LEU P 243 -18.07 6.99 -93.27
C LEU P 243 -19.24 7.90 -93.64
N LYS P 244 -19.45 8.13 -94.94
CA LYS P 244 -20.54 9.02 -95.36
C LYS P 244 -21.91 8.37 -95.14
N SER P 245 -21.99 7.05 -95.34
CA SER P 245 -23.23 6.35 -95.03
C SER P 245 -23.48 6.31 -93.52
N ARG P 246 -22.40 6.10 -92.74
CA ARG P 246 -22.55 6.05 -91.30
C ARG P 246 -22.80 7.44 -90.72
N CYS P 247 -22.53 8.50 -91.49
CA CYS P 247 -22.71 9.86 -91.01
C CYS P 247 -23.85 10.61 -91.69
N SER P 248 -24.55 9.99 -92.63
CA SER P 248 -25.75 10.62 -93.18
C SER P 248 -26.84 10.67 -92.11
N GLY P 249 -27.41 11.87 -91.92
CA GLY P 249 -28.25 12.14 -90.75
C GLY P 249 -29.20 11.02 -90.40
N GLN P 250 -29.74 10.34 -91.40
CA GLN P 250 -30.62 9.21 -91.13
C GLN P 250 -29.91 8.12 -90.34
N MET P 251 -28.58 8.04 -90.48
CA MET P 251 -27.83 7.10 -89.64
C MET P 251 -27.95 7.50 -88.18
N GLN P 252 -27.89 8.81 -87.91
CA GLN P 252 -28.11 9.28 -86.54
C GLN P 252 -29.54 9.02 -86.09
N MET P 253 -30.52 9.18 -86.99
CA MET P 253 -31.91 8.92 -86.63
C MET P 253 -32.13 7.47 -86.24
N ALA P 254 -31.64 6.53 -87.05
CA ALA P 254 -31.78 5.10 -86.74
C ALA P 254 -30.98 4.73 -85.49
N PHE P 255 -29.80 5.34 -85.33
CA PHE P 255 -29.04 5.15 -84.11
C PHE P 255 -29.85 5.52 -82.88
N VAL P 256 -30.43 6.72 -82.89
CA VAL P 256 -31.21 7.19 -81.74
C VAL P 256 -32.43 6.30 -81.54
N ARG P 257 -33.03 5.83 -82.63
CA ARG P 257 -34.18 4.94 -82.51
C ARG P 257 -33.81 3.68 -81.73
N GLN P 258 -32.84 2.91 -82.23
CA GLN P 258 -32.47 1.66 -81.57
C GLN P 258 -31.97 1.91 -80.15
N ALA P 259 -31.13 2.94 -79.98
CA ALA P 259 -30.55 3.22 -78.66
C ALA P 259 -31.62 3.60 -77.65
N LEU P 260 -32.45 4.60 -77.96
CA LEU P 260 -33.45 5.07 -77.00
C LEU P 260 -34.48 3.99 -76.71
N ASN P 261 -34.87 3.20 -77.73
CA ASN P 261 -35.82 2.14 -77.47
C ASN P 261 -35.22 1.08 -76.57
N TYR P 262 -33.97 0.68 -76.82
CA TYR P 262 -33.31 -0.30 -75.96
C TYR P 262 -33.19 0.23 -74.53
N LEU P 263 -32.89 1.53 -74.39
CA LEU P 263 -32.75 2.12 -73.06
C LEU P 263 -34.09 2.13 -72.33
N GLU P 264 -35.16 2.50 -73.02
CA GLU P 264 -36.50 2.46 -72.43
C GLU P 264 -36.85 1.05 -72.02
N GLN P 265 -36.51 0.07 -72.86
CA GLN P 265 -36.87 -1.31 -72.58
C GLN P 265 -36.11 -1.85 -71.39
N SER P 266 -34.83 -1.53 -71.28
CA SER P 266 -34.05 -1.99 -70.13
C SER P 266 -34.53 -1.30 -68.85
N TYR P 267 -34.90 -0.02 -68.95
CA TYR P 267 -35.44 0.67 -67.77
C TYR P 267 -36.75 0.03 -67.31
N LYS P 268 -37.64 -0.31 -68.26
CA LYS P 268 -38.89 -0.95 -67.89
C LYS P 268 -38.68 -2.38 -67.40
N ASN P 269 -37.65 -3.06 -67.93
CA ASN P 269 -37.33 -4.42 -67.49
C ASN P 269 -36.70 -4.42 -66.11
N TYR P 270 -36.12 -3.28 -65.72
CA TYR P 270 -35.78 -3.10 -64.31
C TYR P 270 -37.00 -2.68 -63.50
N THR P 271 -37.90 -1.92 -64.13
CA THR P 271 -39.12 -1.46 -63.47
C THR P 271 -39.99 -2.63 -63.02
N LEU P 272 -40.05 -3.67 -63.84
CA LEU P 272 -40.81 -4.86 -63.47
C LEU P 272 -40.37 -5.40 -62.10
N ILE P 273 -39.21 -4.96 -61.61
CA ILE P 273 -38.77 -5.36 -60.28
C ILE P 273 -39.50 -4.54 -59.22
N SER P 274 -39.60 -3.23 -59.42
CA SER P 274 -40.39 -2.39 -58.54
C SER P 274 -41.86 -2.82 -58.55
N VAL P 275 -42.31 -3.38 -59.68
CA VAL P 275 -43.66 -3.96 -59.79
C VAL P 275 -43.88 -5.02 -58.73
N GLY P 289 -47.89 -4.60 -63.87
CA GLY P 289 -47.68 -4.31 -65.27
C GLY P 289 -46.80 -3.10 -65.49
N THR P 290 -46.94 -2.46 -66.65
CA THR P 290 -46.10 -1.31 -66.98
C THR P 290 -46.40 -0.12 -66.07
N TYR P 291 -47.66 0.34 -66.04
CA TYR P 291 -47.99 1.50 -65.23
C TYR P 291 -47.85 1.21 -63.74
N ASN P 292 -48.16 -0.03 -63.34
CA ASN P 292 -47.97 -0.44 -61.95
C ASN P 292 -46.49 -0.41 -61.57
N LEU P 293 -45.63 -0.97 -62.43
CA LEU P 293 -44.20 -0.90 -62.20
C LEU P 293 -43.73 0.55 -62.14
N VAL P 294 -44.30 1.40 -62.99
CA VAL P 294 -43.88 2.80 -63.04
C VAL P 294 -44.23 3.52 -61.75
N ARG P 295 -45.43 3.29 -61.22
CA ARG P 295 -45.83 3.97 -59.99
C ARG P 295 -45.08 3.42 -58.78
N SER P 296 -45.08 2.10 -58.62
CA SER P 296 -44.27 1.49 -57.56
C SER P 296 -42.80 1.87 -57.69
N PHE P 297 -42.36 2.25 -58.90
CA PHE P 297 -40.99 2.69 -59.07
C PHE P 297 -40.82 4.15 -58.65
N LEU P 298 -41.83 4.97 -58.91
CA LEU P 298 -41.83 6.33 -58.39
C LEU P 298 -41.72 6.25 -56.87
N ASN P 299 -42.17 5.14 -56.31
CA ASN P 299 -42.00 4.90 -54.87
C ASN P 299 -40.71 4.16 -54.51
N ILE P 300 -40.14 3.40 -55.46
CA ILE P 300 -38.86 2.74 -55.24
C ILE P 300 -37.77 3.78 -55.08
N ARG P 301 -37.86 4.87 -55.85
CA ARG P 301 -37.03 6.03 -55.62
C ARG P 301 -37.50 6.86 -54.44
N LEU P 302 -38.77 6.69 -54.03
CA LEU P 302 -39.34 7.52 -52.98
C LEU P 302 -40.19 6.69 -52.02
N VAL P 319 -49.90 13.46 -63.49
CA VAL P 319 -50.03 12.80 -64.78
C VAL P 319 -48.72 12.90 -65.55
N TRP P 320 -47.95 13.93 -65.23
CA TRP P 320 -46.62 14.05 -65.83
C TRP P 320 -45.74 12.87 -65.43
N ALA P 321 -45.95 12.31 -64.25
CA ALA P 321 -45.17 11.14 -63.85
C ALA P 321 -45.50 9.94 -64.73
N LEU P 322 -46.78 9.74 -65.06
CA LEU P 322 -47.17 8.60 -65.90
C LEU P 322 -46.74 8.82 -67.35
N ILE P 323 -46.83 10.05 -67.84
CA ILE P 323 -46.38 10.33 -69.21
C ILE P 323 -44.87 10.23 -69.31
N TYR P 324 -44.14 10.67 -68.28
CA TYR P 324 -42.69 10.50 -68.25
C TYR P 324 -42.32 9.03 -68.14
N TYR P 325 -43.10 8.26 -67.39
CA TYR P 325 -42.88 6.81 -67.34
C TYR P 325 -43.08 6.20 -68.72
N CYS P 326 -44.06 6.68 -69.48
CA CYS P 326 -44.25 6.18 -70.84
C CYS P 326 -43.09 6.57 -71.74
N MET P 327 -42.57 7.79 -71.57
CA MET P 327 -41.37 8.21 -72.29
C MET P 327 -40.19 7.28 -72.00
N ARG P 328 -40.00 6.92 -70.72
CA ARG P 328 -38.84 6.13 -70.32
C ARG P 328 -39.06 4.64 -70.50
N CYS P 329 -40.30 4.23 -70.81
CA CYS P 329 -40.58 2.85 -71.21
C CYS P 329 -40.79 2.72 -72.71
N GLY P 330 -40.69 3.80 -73.48
CA GLY P 330 -40.78 3.71 -74.92
C GLY P 330 -42.18 3.66 -75.47
N ASP P 331 -43.19 4.04 -74.68
CA ASP P 331 -44.59 3.86 -75.06
C ASP P 331 -45.23 5.21 -75.35
N LEU P 332 -45.24 5.59 -76.63
CA LEU P 332 -46.09 6.70 -77.07
C LEU P 332 -47.55 6.39 -76.84
N MET P 333 -47.92 5.10 -76.83
CA MET P 333 -49.30 4.71 -76.56
C MET P 333 -49.71 5.07 -75.14
N ALA P 334 -48.92 4.62 -74.15
CA ALA P 334 -49.22 4.99 -72.76
C ALA P 334 -49.09 6.50 -72.57
N ALA P 335 -48.16 7.12 -73.29
CA ALA P 335 -48.05 8.58 -73.23
C ALA P 335 -49.36 9.24 -73.65
N GLN P 336 -49.94 8.78 -74.76
CA GLN P 336 -51.20 9.35 -75.23
C GLN P 336 -52.35 8.98 -74.30
N GLN P 337 -52.29 7.80 -73.68
CA GLN P 337 -53.31 7.43 -72.70
C GLN P 337 -53.34 8.43 -71.55
N VAL P 338 -52.20 8.61 -70.87
CA VAL P 338 -52.13 9.59 -69.78
C VAL P 338 -52.37 11.00 -70.32
N VAL P 339 -52.08 11.22 -71.60
CA VAL P 339 -52.35 12.52 -72.22
C VAL P 339 -53.84 12.79 -72.22
N ASN P 340 -54.61 11.97 -72.93
CA ASN P 340 -56.07 12.13 -72.95
C ASN P 340 -56.66 12.07 -71.56
N ARG P 341 -55.95 11.44 -70.61
CA ARG P 341 -56.39 11.47 -69.22
C ARG P 341 -56.29 12.87 -68.61
N ALA P 342 -55.16 13.55 -68.78
CA ALA P 342 -54.97 14.87 -68.19
C ALA P 342 -54.95 15.99 -69.21
N GLN P 343 -55.72 15.87 -70.29
CA GLN P 343 -55.82 16.95 -71.27
C GLN P 343 -56.77 18.03 -70.79
N HIS P 344 -57.25 17.93 -69.56
CA HIS P 344 -58.19 18.91 -69.05
C HIS P 344 -57.55 20.28 -68.82
N GLN P 345 -56.37 20.33 -68.22
CA GLN P 345 -55.75 21.60 -67.83
C GLN P 345 -54.48 21.91 -68.59
N LEU P 346 -53.92 20.97 -69.35
CA LEU P 346 -52.67 21.19 -70.05
C LEU P 346 -52.86 21.66 -71.48
N GLY P 347 -54.02 21.43 -72.07
CA GLY P 347 -54.34 21.95 -73.38
C GLY P 347 -53.54 21.41 -74.55
N ASP P 348 -52.76 22.29 -75.19
CA ASP P 348 -52.15 21.99 -76.48
C ASP P 348 -50.99 21.01 -76.39
N PHE P 349 -50.60 20.59 -75.20
CA PHE P 349 -49.59 19.54 -75.09
C PHE P 349 -50.09 18.23 -75.67
N LYS P 350 -51.39 17.94 -75.50
CA LYS P 350 -51.96 16.74 -76.12
C LYS P 350 -51.83 16.79 -77.63
N ASN P 351 -52.13 17.94 -78.24
CA ASN P 351 -52.07 18.06 -79.70
C ASN P 351 -50.63 18.00 -80.19
N CYS P 352 -49.70 18.66 -79.49
CA CYS P 352 -48.31 18.57 -79.91
C CYS P 352 -47.78 17.15 -79.77
N PHE P 353 -48.21 16.44 -78.73
CA PHE P 353 -47.80 15.05 -78.58
C PHE P 353 -48.41 14.17 -79.65
N GLN P 354 -49.65 14.46 -80.04
CA GLN P 354 -50.28 13.70 -81.12
C GLN P 354 -49.56 13.90 -82.44
N GLU P 355 -49.12 15.14 -82.70
CA GLU P 355 -48.33 15.38 -83.91
C GLU P 355 -46.97 14.70 -83.82
N TYR P 356 -46.38 14.67 -82.63
CA TYR P 356 -45.12 13.96 -82.43
C TYR P 356 -45.30 12.47 -82.68
N ILE P 357 -46.46 11.92 -82.36
CA ILE P 357 -46.71 10.49 -82.53
C ILE P 357 -47.20 10.20 -83.94
N HIS P 358 -47.63 11.23 -84.67
CA HIS P 358 -47.98 11.04 -86.07
C HIS P 358 -46.76 11.15 -86.99
N ASN P 359 -45.77 11.96 -86.62
CA ASN P 359 -44.48 11.97 -87.30
C ASN P 359 -43.60 10.90 -86.66
N LYS P 360 -43.17 9.91 -87.48
CA LYS P 360 -42.59 8.69 -86.95
C LYS P 360 -41.29 8.93 -86.20
N ASP P 361 -40.46 9.87 -86.65
CA ASP P 361 -39.21 10.20 -85.98
C ASP P 361 -39.43 11.17 -84.81
N ARG P 362 -40.67 11.39 -84.41
CA ARG P 362 -41.03 12.32 -83.33
C ARG P 362 -40.51 13.73 -83.64
N ARG P 363 -40.81 14.20 -84.85
CA ARG P 363 -40.36 15.51 -85.31
C ARG P 363 -41.55 16.47 -85.34
N LEU P 364 -41.48 17.47 -84.48
CA LEU P 364 -42.59 18.40 -84.30
C LEU P 364 -42.62 19.41 -85.43
N SER P 365 -43.74 20.11 -85.54
CA SER P 365 -43.83 21.22 -86.47
C SER P 365 -42.87 22.33 -86.03
N PRO P 366 -42.30 23.11 -86.96
CA PRO P 366 -41.40 24.18 -86.53
C PRO P 366 -42.09 25.25 -85.70
N THR P 367 -43.31 25.66 -86.10
CA THR P 367 -44.09 26.61 -85.30
C THR P 367 -44.45 26.00 -83.94
N THR P 368 -44.78 24.71 -83.92
CA THR P 368 -45.08 24.03 -82.66
C THR P 368 -43.85 24.01 -81.75
N GLU P 369 -42.68 23.76 -82.32
CA GLU P 369 -41.47 23.66 -81.51
C GLU P 369 -41.05 25.02 -80.99
N ASN P 370 -41.22 26.07 -81.80
CA ASN P 370 -41.01 27.42 -81.30
C ASN P 370 -41.98 27.74 -80.17
N LYS P 371 -43.22 27.27 -80.31
CA LYS P 371 -44.21 27.47 -79.25
C LYS P 371 -43.79 26.75 -77.98
N LEU P 372 -43.23 25.55 -78.11
CA LEU P 372 -42.78 24.81 -76.94
C LEU P 372 -41.56 25.47 -76.30
N ARG P 373 -40.65 26.00 -77.11
CA ARG P 373 -39.51 26.73 -76.58
C ARG P 373 -39.94 27.94 -75.78
N LEU P 374 -40.75 28.81 -76.39
CA LEU P 374 -41.23 29.98 -75.67
C LEU P 374 -42.09 29.60 -74.48
N HIS P 375 -42.77 28.44 -74.56
CA HIS P 375 -43.65 28.03 -73.46
C HIS P 375 -42.84 27.58 -72.24
N TYR P 376 -41.82 26.75 -72.46
CA TYR P 376 -40.96 26.34 -71.36
C TYR P 376 -40.12 27.51 -70.84
N ARG P 377 -39.83 28.48 -71.71
CA ARG P 377 -39.17 29.70 -71.25
C ARG P 377 -40.11 30.56 -70.41
N ARG P 378 -41.42 30.48 -70.67
CA ARG P 378 -42.39 31.30 -69.97
C ARG P 378 -42.81 30.71 -68.64
N ALA P 379 -43.20 29.43 -68.61
CA ALA P 379 -43.89 28.88 -67.45
C ALA P 379 -43.11 27.75 -66.77
N VAL P 380 -42.67 26.77 -67.54
CA VAL P 380 -42.04 25.58 -66.97
C VAL P 380 -40.62 25.90 -66.55
N ARG P 381 -40.19 27.14 -66.76
CA ARG P 381 -38.86 27.57 -66.34
C ARG P 381 -38.70 27.52 -64.84
N ALA P 382 -39.81 27.55 -64.09
CA ALA P 382 -39.76 27.46 -62.64
C ALA P 382 -40.90 26.58 -62.11
N ASP P 385 -43.12 22.66 -62.74
CA ASP P 385 -43.11 21.23 -62.97
C ASP P 385 -41.88 20.80 -63.78
N PRO P 386 -41.00 20.02 -63.16
CA PRO P 386 -39.80 19.59 -63.87
C PRO P 386 -40.09 18.65 -65.02
N TYR P 387 -41.08 17.78 -64.90
CA TYR P 387 -41.45 16.92 -66.01
C TYR P 387 -42.05 17.73 -67.16
N LYS P 388 -42.87 18.73 -66.85
CA LYS P 388 -43.39 19.60 -67.89
C LYS P 388 -42.26 20.35 -68.59
N ARG P 389 -41.29 20.85 -67.83
CA ARG P 389 -40.16 21.55 -68.43
C ARG P 389 -39.35 20.62 -69.31
N ALA P 390 -39.05 19.41 -68.83
CA ALA P 390 -38.29 18.45 -69.62
C ALA P 390 -39.01 18.09 -70.91
N VAL P 391 -40.32 17.82 -70.83
CA VAL P 391 -41.09 17.45 -72.02
C VAL P 391 -41.13 18.60 -73.01
N TYR P 392 -41.50 19.79 -72.56
CA TYR P 392 -41.60 20.94 -73.45
C TYR P 392 -40.26 21.26 -74.12
N CYS P 393 -39.16 21.15 -73.37
CA CYS P 393 -37.86 21.48 -73.93
C CYS P 393 -37.38 20.42 -74.92
N ILE P 394 -37.44 19.15 -74.54
CA ILE P 394 -36.96 18.10 -75.44
C ILE P 394 -37.83 18.01 -76.68
N ILE P 395 -39.11 18.40 -76.58
CA ILE P 395 -40.00 18.30 -77.73
C ILE P 395 -39.88 19.51 -78.65
N GLY P 396 -39.75 20.72 -78.09
CA GLY P 396 -39.61 21.91 -78.88
C GLY P 396 -38.19 22.35 -79.14
N ARG P 397 -37.21 21.48 -78.86
CA ARG P 397 -35.80 21.81 -79.06
C ARG P 397 -35.46 23.07 -78.28
N CYS P 398 -35.88 23.09 -77.02
CA CYS P 398 -35.70 24.22 -76.13
C CYS P 398 -34.81 23.85 -74.97
N ASP P 399 -34.37 24.88 -74.24
CA ASP P 399 -33.49 24.74 -73.09
C ASP P 399 -32.35 23.77 -73.40
N VAL P 400 -31.83 23.90 -74.62
CA VAL P 400 -30.80 22.99 -75.09
C VAL P 400 -29.57 23.04 -74.20
N SER P 401 -29.20 24.23 -73.73
CA SER P 401 -28.11 24.33 -72.78
C SER P 401 -28.45 23.68 -71.45
N ASP P 402 -29.70 23.81 -71.00
CA ASP P 402 -30.09 23.28 -69.70
C ASP P 402 -30.19 21.77 -69.76
N ASN P 403 -29.49 21.10 -68.84
CA ASN P 403 -29.63 19.66 -68.66
C ASN P 403 -30.88 19.29 -67.88
N HIS P 404 -31.62 20.28 -67.40
CA HIS P 404 -32.81 20.08 -66.56
C HIS P 404 -32.51 19.04 -65.48
N SER P 405 -31.51 19.38 -64.65
CA SER P 405 -31.04 18.47 -63.62
C SER P 405 -32.12 18.11 -62.61
N GLU P 406 -33.31 18.71 -62.69
CA GLU P 406 -34.37 18.37 -61.76
C GLU P 406 -34.84 16.94 -61.94
N VAL P 407 -34.94 16.47 -63.19
CA VAL P 407 -35.31 15.10 -63.46
C VAL P 407 -34.14 14.29 -64.05
N ALA P 408 -33.06 14.97 -64.44
CA ALA P 408 -31.93 14.33 -65.09
C ALA P 408 -31.02 13.72 -64.01
N ASP P 409 -31.28 12.46 -63.67
CA ASP P 409 -30.50 11.75 -62.65
C ASP P 409 -29.62 10.63 -63.23
N LYS P 410 -29.74 10.32 -64.52
CA LYS P 410 -28.94 9.29 -65.15
C LYS P 410 -28.13 9.88 -66.31
N THR P 411 -26.93 9.33 -66.51
CA THR P 411 -26.04 9.85 -67.56
C THR P 411 -26.57 9.49 -68.94
N GLU P 412 -26.91 8.21 -69.15
CA GLU P 412 -27.39 7.79 -70.46
C GLU P 412 -28.78 8.36 -70.75
N ASP P 413 -29.61 8.49 -69.72
CA ASP P 413 -30.90 9.14 -69.91
C ASP P 413 -30.72 10.62 -70.25
N TYR P 414 -29.76 11.28 -69.62
CA TYR P 414 -29.47 12.66 -69.96
C TYR P 414 -29.01 12.78 -71.41
N LEU P 415 -28.16 11.86 -71.84
CA LEU P 415 -27.69 11.89 -73.23
C LEU P 415 -28.83 11.63 -74.20
N TRP P 416 -29.78 10.77 -73.84
CA TRP P 416 -30.93 10.52 -74.71
C TRP P 416 -31.86 11.72 -74.72
N LEU P 417 -31.94 12.46 -73.62
CA LEU P 417 -32.69 13.71 -73.63
C LEU P 417 -32.02 14.75 -74.53
N LYS P 418 -30.70 14.81 -74.50
CA LYS P 418 -29.99 15.68 -75.43
C LYS P 418 -30.20 15.24 -76.88
N LEU P 419 -30.25 13.92 -77.12
CA LEU P 419 -30.57 13.42 -78.45
C LEU P 419 -31.97 13.81 -78.87
N SER P 420 -32.93 13.79 -77.94
CA SER P 420 -34.26 14.29 -78.23
C SER P 420 -34.27 15.79 -78.42
N GLN P 421 -33.27 16.49 -77.91
CA GLN P 421 -33.09 17.92 -78.15
C GLN P 421 -32.34 18.22 -79.43
N VAL P 422 -31.71 17.21 -80.04
CA VAL P 422 -30.84 17.43 -81.19
C VAL P 422 -31.67 17.78 -82.42
N CYS P 423 -31.36 18.92 -83.03
CA CYS P 423 -31.94 19.33 -84.30
C CYS P 423 -30.93 19.06 -85.40
N PHE P 424 -31.31 18.18 -86.34
CA PHE P 424 -30.37 17.63 -87.32
C PHE P 424 -30.37 18.34 -88.67
N GLU P 425 -31.26 19.29 -88.89
CA GLU P 425 -31.44 19.90 -90.20
C GLU P 425 -30.79 21.27 -90.27
N ASP P 426 -30.58 21.75 -91.49
CA ASP P 426 -29.98 23.06 -91.75
C ASP P 426 -31.04 24.15 -91.83
N GLU P 427 -31.88 24.26 -90.79
CA GLU P 427 -32.90 25.31 -90.72
C GLU P 427 -32.23 26.61 -90.30
N ALA P 428 -31.78 27.37 -91.30
CA ALA P 428 -31.13 28.65 -91.07
C ALA P 428 -32.01 29.60 -90.25
N ASN P 429 -33.29 29.29 -90.14
CA ASN P 429 -34.21 30.01 -89.25
C ASN P 429 -34.43 29.26 -87.94
N SER P 430 -33.42 28.55 -87.44
CA SER P 430 -33.41 27.96 -86.12
C SER P 430 -32.46 28.75 -85.24
N SER P 431 -32.97 29.31 -84.14
CA SER P 431 -32.23 30.21 -83.28
C SER P 431 -30.87 29.62 -82.89
N PRO P 432 -29.92 30.45 -82.49
CA PRO P 432 -28.52 30.00 -82.42
C PRO P 432 -28.24 28.91 -81.40
N GLN P 433 -28.70 29.07 -80.17
CA GLN P 433 -28.22 28.19 -79.09
C GLN P 433 -29.17 27.05 -78.75
N ASP P 434 -30.45 27.17 -79.08
CA ASP P 434 -31.42 26.13 -78.77
C ASP P 434 -31.36 24.96 -79.76
N ARG P 435 -30.28 24.84 -80.52
CA ARG P 435 -30.10 23.81 -81.52
C ARG P 435 -28.87 22.98 -81.17
N LEU P 436 -28.99 21.66 -81.30
CA LEU P 436 -27.88 20.74 -81.05
C LEU P 436 -27.44 20.13 -82.37
N THR P 437 -26.17 20.31 -82.71
CA THR P 437 -25.59 19.64 -83.87
C THR P 437 -24.72 18.48 -83.42
N LEU P 438 -24.64 17.46 -84.28
CA LEU P 438 -23.86 16.26 -83.95
C LEU P 438 -22.41 16.57 -83.68
N PRO P 439 -21.74 17.44 -84.44
CA PRO P 439 -20.35 17.76 -84.09
C PRO P 439 -20.20 18.33 -82.70
N GLN P 440 -21.07 19.27 -82.31
CA GLN P 440 -21.01 19.86 -80.98
C GLN P 440 -21.27 18.81 -79.89
N PHE P 441 -22.35 18.06 -80.03
CA PHE P 441 -22.69 17.06 -79.03
C PHE P 441 -21.57 16.02 -78.88
N GLN P 442 -21.14 15.41 -79.99
CA GLN P 442 -20.12 14.37 -79.89
C GLN P 442 -18.79 14.95 -79.43
N LYS P 443 -18.50 16.21 -79.78
CA LYS P 443 -17.23 16.81 -79.38
C LYS P 443 -17.19 17.04 -77.88
N GLN P 444 -18.23 17.65 -77.32
CA GLN P 444 -18.29 17.80 -75.87
C GLN P 444 -18.34 16.44 -75.17
N LEU P 445 -18.92 15.43 -75.84
CA LEU P 445 -19.04 14.12 -75.22
C LEU P 445 -17.71 13.38 -75.17
N PHE P 446 -16.89 13.54 -76.21
CA PHE P 446 -15.63 12.81 -76.27
C PHE P 446 -14.49 13.60 -75.64
N GLU P 447 -14.27 14.82 -76.10
CA GLU P 447 -13.19 15.64 -75.57
C GLU P 447 -13.56 16.26 -74.23
N ASP P 448 -14.64 17.04 -74.18
CA ASP P 448 -14.92 17.89 -73.04
C ASP P 448 -15.48 17.10 -71.86
N TYR P 449 -16.30 16.08 -72.13
CA TYR P 449 -16.82 15.27 -71.05
C TYR P 449 -15.72 14.41 -70.44
N GLY P 450 -14.87 13.84 -71.28
CA GLY P 450 -13.78 13.01 -70.82
C GLY P 450 -14.23 11.71 -70.17
N GLU P 451 -13.26 10.80 -70.05
CA GLU P 451 -13.53 9.51 -69.45
C GLU P 451 -13.31 9.52 -67.95
N SER P 452 -12.31 10.28 -67.47
CA SER P 452 -12.07 10.37 -66.04
C SER P 452 -13.23 11.03 -65.32
N HIS P 453 -14.07 11.77 -66.05
CA HIS P 453 -15.34 12.23 -65.48
C HIS P 453 -16.40 11.16 -65.59
N PHE P 454 -16.42 10.44 -66.72
CA PHE P 454 -17.42 9.40 -66.92
C PHE P 454 -17.10 8.14 -66.12
N ALA P 455 -16.08 8.19 -65.27
CA ALA P 455 -15.80 7.12 -64.30
C ALA P 455 -15.31 5.86 -64.98
N VAL P 456 -14.08 5.90 -65.51
CA VAL P 456 -13.46 4.81 -66.26
C VAL P 456 -13.57 3.47 -65.53
N ASN P 457 -13.79 3.50 -64.22
CA ASN P 457 -14.05 2.28 -63.46
C ASN P 457 -15.23 1.49 -64.04
N GLN P 458 -16.42 2.08 -64.09
CA GLN P 458 -17.61 1.41 -64.59
C GLN P 458 -17.70 1.53 -66.09
N GLN P 459 -16.79 2.32 -66.67
CA GLN P 459 -16.77 2.51 -68.12
C GLN P 459 -16.46 1.23 -68.86
N PRO P 460 -15.81 0.22 -68.27
CA PRO P 460 -15.71 -1.09 -68.94
C PRO P 460 -17.05 -1.61 -69.44
N TYR P 461 -18.15 -1.04 -68.94
CA TYR P 461 -19.47 -1.24 -69.52
C TYR P 461 -20.17 0.07 -69.87
N LEU P 462 -19.65 1.23 -69.46
CA LEU P 462 -20.47 2.43 -69.50
C LEU P 462 -20.00 3.47 -70.52
N TYR P 463 -18.73 3.89 -70.46
CA TYR P 463 -18.29 4.94 -71.38
C TYR P 463 -18.11 4.40 -72.79
N PHE P 464 -17.58 3.17 -72.91
CA PHE P 464 -17.58 2.50 -74.19
C PHE P 464 -18.99 2.44 -74.76
N GLN P 465 -19.98 2.17 -73.89
CA GLN P 465 -21.37 2.10 -74.33
C GLN P 465 -21.88 3.46 -74.80
N VAL P 466 -21.53 4.53 -74.08
CA VAL P 466 -21.97 5.86 -74.47
C VAL P 466 -21.37 6.24 -75.81
N LEU P 467 -20.10 5.89 -76.02
CA LEU P 467 -19.47 6.21 -77.29
C LEU P 467 -20.05 5.39 -78.43
N PHE P 468 -20.30 4.10 -78.18
CA PHE P 468 -20.81 3.22 -79.24
C PHE P 468 -22.27 3.52 -79.56
N LEU P 469 -22.99 4.14 -78.62
CA LEU P 469 -24.36 4.54 -78.89
C LEU P 469 -24.48 5.96 -79.43
N THR P 470 -23.46 6.80 -79.20
CA THR P 470 -23.37 8.10 -79.82
C THR P 470 -22.51 8.08 -81.08
N ALA P 471 -22.15 6.87 -81.56
CA ALA P 471 -21.46 6.65 -82.82
C ALA P 471 -20.03 7.17 -82.81
N GLN P 472 -19.29 6.89 -81.74
CA GLN P 472 -17.83 7.06 -81.73
C GLN P 472 -17.19 5.68 -81.86
N PHE P 473 -17.35 5.10 -83.05
CA PHE P 473 -17.14 3.66 -83.22
C PHE P 473 -15.69 3.27 -82.90
N GLU P 474 -14.75 3.79 -83.68
CA GLU P 474 -13.35 3.43 -83.46
C GLU P 474 -12.86 3.91 -82.11
N ALA P 475 -13.56 4.88 -81.51
CA ALA P 475 -13.18 5.35 -80.19
C ALA P 475 -13.53 4.33 -79.11
N ALA P 476 -14.78 3.86 -79.12
CA ALA P 476 -15.16 2.77 -78.24
C ALA P 476 -14.27 1.55 -78.47
N ILE P 477 -13.95 1.27 -79.73
CA ILE P 477 -13.12 0.11 -80.05
C ILE P 477 -11.72 0.30 -79.48
N ALA P 478 -11.18 1.51 -79.55
CA ALA P 478 -9.86 1.77 -78.98
C ALA P 478 -9.86 1.61 -77.48
N PHE P 479 -10.85 2.18 -76.79
CA PHE P 479 -10.88 2.09 -75.34
C PHE P 479 -11.05 0.65 -74.88
N LEU P 480 -12.01 -0.08 -75.47
CA LEU P 480 -12.24 -1.46 -75.08
C LEU P 480 -11.14 -2.39 -75.59
N PHE P 481 -10.33 -1.94 -76.54
CA PHE P 481 -9.11 -2.66 -76.85
C PHE P 481 -8.04 -2.42 -75.81
N ARG P 482 -7.98 -1.21 -75.26
CA ARG P 482 -7.09 -0.94 -74.15
C ARG P 482 -7.52 -1.67 -72.90
N LEU P 483 -8.81 -1.93 -72.75
CA LEU P 483 -9.32 -2.77 -71.68
C LEU P 483 -8.76 -4.18 -71.88
N GLU P 484 -8.05 -4.70 -70.88
CA GLU P 484 -7.46 -6.02 -70.98
C GLU P 484 -8.53 -7.08 -71.26
N ARG P 485 -9.51 -7.20 -70.37
CA ARG P 485 -10.50 -8.27 -70.49
C ARG P 485 -11.40 -8.08 -71.71
N THR P 486 -11.12 -7.07 -72.54
CA THR P 486 -11.94 -6.80 -73.71
C THR P 486 -11.14 -6.76 -75.01
N ARG P 487 -9.98 -7.42 -75.04
CA ARG P 487 -9.18 -7.47 -76.26
C ARG P 487 -9.92 -8.21 -77.38
N CYS P 488 -10.22 -9.49 -77.15
CA CYS P 488 -10.94 -10.28 -78.15
C CYS P 488 -12.33 -9.71 -78.42
N HIS P 489 -12.95 -9.12 -77.40
CA HIS P 489 -14.25 -8.48 -77.58
C HIS P 489 -14.16 -7.31 -78.55
N ALA P 490 -13.22 -6.39 -78.31
CA ALA P 490 -13.03 -5.27 -79.21
C ALA P 490 -12.69 -5.75 -80.62
N VAL P 491 -11.85 -6.79 -80.70
CA VAL P 491 -11.53 -7.37 -82.01
C VAL P 491 -12.80 -7.84 -82.71
N HIS P 492 -13.67 -8.55 -81.99
CA HIS P 492 -14.88 -9.10 -82.61
C HIS P 492 -15.83 -8.00 -83.06
N VAL P 493 -16.05 -6.98 -82.22
CA VAL P 493 -16.95 -5.90 -82.59
C VAL P 493 -16.41 -5.14 -83.80
N ALA P 494 -15.11 -4.79 -83.77
CA ALA P 494 -14.53 -4.05 -84.88
C ALA P 494 -14.54 -4.86 -86.16
N LEU P 495 -14.29 -6.17 -86.07
CA LEU P 495 -14.29 -7.02 -87.25
C LEU P 495 -15.70 -7.14 -87.83
N ALA P 496 -16.71 -7.25 -86.96
CA ALA P 496 -18.09 -7.22 -87.43
C ALA P 496 -18.38 -5.93 -88.19
N LEU P 497 -18.00 -4.79 -87.62
CA LEU P 497 -18.28 -3.51 -88.28
C LEU P 497 -17.54 -3.40 -89.61
N PHE P 498 -16.25 -3.74 -89.63
CA PHE P 498 -15.47 -3.61 -90.86
C PHE P 498 -15.94 -4.59 -91.93
N GLU P 499 -16.43 -5.77 -91.51
CA GLU P 499 -17.04 -6.67 -92.48
C GLU P 499 -18.33 -6.06 -93.02
N LEU P 500 -19.03 -5.30 -92.18
CA LEU P 500 -20.10 -4.45 -92.66
C LEU P 500 -19.59 -3.21 -93.39
N LYS P 501 -18.26 -3.06 -93.49
CA LYS P 501 -17.60 -1.91 -94.11
C LYS P 501 -17.84 -0.62 -93.35
N LEU P 502 -18.11 -0.74 -92.04
CA LEU P 502 -18.52 0.41 -91.23
C LEU P 502 -17.36 1.16 -90.61
N LEU P 503 -16.20 0.53 -90.45
CA LEU P 503 -15.05 1.18 -89.85
C LEU P 503 -14.36 2.07 -90.88
N LEU P 504 -14.20 3.34 -90.54
CA LEU P 504 -13.36 4.22 -91.35
C LEU P 504 -11.91 3.96 -90.98
N LYS P 505 -11.15 3.40 -91.92
CA LYS P 505 -9.82 2.91 -91.61
C LYS P 505 -8.77 3.97 -91.86
N SER P 506 -7.55 3.70 -91.40
CA SER P 506 -6.43 4.62 -91.51
C SER P 506 -5.45 4.07 -92.55
N THR P 507 -4.71 4.98 -93.19
CA THR P 507 -3.80 4.57 -94.26
C THR P 507 -2.53 3.95 -93.71
N GLY P 508 -1.81 4.66 -92.85
CA GLY P 508 -0.56 4.16 -92.32
C GLY P 508 -0.72 3.11 -91.25
N GLN P 509 -0.03 1.97 -91.41
CA GLN P 509 -0.14 0.89 -90.44
C GLN P 509 0.71 1.15 -89.20
N SER P 510 1.95 1.60 -89.40
CA SER P 510 2.84 1.85 -88.27
C SER P 510 2.29 2.96 -87.38
N ALA P 511 1.54 3.91 -87.95
CA ALA P 511 1.05 5.06 -87.23
C ALA P 511 0.20 4.65 -86.02
N GLN P 512 -0.01 5.62 -85.12
CA GLN P 512 -0.74 5.38 -83.88
C GLN P 512 -2.07 4.68 -84.12
N LEU P 513 -2.51 3.94 -83.12
CA LEU P 513 -3.73 3.15 -83.18
C LEU P 513 -4.89 3.94 -83.78
N LEU P 514 -4.94 5.24 -83.53
CA LEU P 514 -5.89 6.13 -84.17
C LEU P 514 -5.11 7.23 -84.88
N SER P 515 -5.24 7.28 -86.21
CA SER P 515 -4.56 8.30 -86.99
C SER P 515 -5.61 9.10 -87.77
N GLN P 516 -5.42 10.41 -87.79
CA GLN P 516 -6.35 11.33 -88.44
C GLN P 516 -5.72 11.86 -89.72
N GLU P 517 -6.38 11.62 -90.84
CA GLU P 517 -5.93 11.95 -92.19
C GLU P 517 -6.00 13.47 -92.40
N PRO P 518 -5.25 14.00 -93.37
CA PRO P 518 -5.32 15.43 -93.66
C PRO P 518 -6.39 15.73 -94.70
N GLY P 519 -7.36 16.58 -94.33
CA GLY P 519 -8.47 16.91 -95.19
C GLY P 519 -9.79 16.26 -94.80
N GLU P 520 -9.76 15.22 -93.84
CA GLU P 520 -10.88 14.45 -93.31
C GLU P 520 -11.72 15.30 -92.36
N PRO P 521 -13.04 15.10 -92.38
CA PRO P 521 -13.93 15.87 -91.50
C PRO P 521 -13.40 15.88 -90.07
N GLN P 522 -13.29 17.08 -89.51
CA GLN P 522 -12.50 17.28 -88.31
C GLN P 522 -13.00 16.39 -87.18
N GLY P 523 -12.19 15.40 -86.83
CA GLY P 523 -12.48 14.50 -85.73
C GLY P 523 -12.76 13.06 -86.11
N VAL P 524 -13.15 12.79 -87.36
CA VAL P 524 -13.53 11.44 -87.77
C VAL P 524 -12.30 10.55 -87.65
N ARG P 525 -12.41 9.50 -86.83
CA ARG P 525 -11.26 8.76 -86.36
C ARG P 525 -11.01 7.55 -87.26
N ARG P 526 -9.79 7.46 -87.75
CA ARG P 526 -9.36 6.37 -88.62
C ARG P 526 -8.30 5.56 -87.88
N LEU P 527 -8.64 4.31 -87.59
CA LEU P 527 -7.79 3.45 -86.78
C LEU P 527 -7.18 2.37 -87.65
N ASN P 528 -5.94 1.99 -87.34
CA ASN P 528 -5.24 0.98 -88.12
C ASN P 528 -5.76 -0.41 -87.77
N PHE P 529 -6.73 -0.91 -88.54
CA PHE P 529 -7.20 -2.27 -88.34
C PHE P 529 -6.08 -3.27 -88.57
N ILE P 530 -5.17 -2.96 -89.49
CA ILE P 530 -4.01 -3.81 -89.73
C ILE P 530 -3.25 -4.03 -88.45
N ARG P 531 -2.73 -2.94 -87.86
CA ARG P 531 -1.93 -3.05 -86.64
C ARG P 531 -2.76 -3.60 -85.48
N LEU P 532 -4.03 -3.21 -85.40
CA LEU P 532 -4.89 -3.69 -84.32
C LEU P 532 -5.01 -5.20 -84.36
N LEU P 533 -5.54 -5.76 -85.44
CA LEU P 533 -5.73 -7.20 -85.51
C LEU P 533 -4.39 -7.94 -85.53
N MET P 534 -3.33 -7.30 -86.02
CA MET P 534 -2.02 -7.96 -86.00
C MET P 534 -1.52 -8.13 -84.58
N LEU P 535 -1.64 -7.08 -83.76
CA LEU P 535 -1.29 -7.21 -82.35
C LEU P 535 -2.22 -8.19 -81.64
N TYR P 536 -3.50 -8.21 -82.03
CA TYR P 536 -4.46 -9.09 -81.38
C TYR P 536 -4.20 -10.54 -81.74
N THR P 537 -3.59 -10.80 -82.89
CA THR P 537 -3.21 -12.14 -83.28
C THR P 537 -1.85 -12.54 -82.76
N ARG P 538 -0.97 -11.56 -82.50
CA ARG P 538 0.30 -11.84 -81.84
C ARG P 538 0.10 -12.32 -80.42
N LYS P 539 -1.11 -12.18 -79.88
CA LYS P 539 -1.39 -12.73 -78.57
C LYS P 539 -1.39 -14.25 -78.59
N PHE P 540 -2.29 -14.86 -79.38
CA PHE P 540 -2.43 -16.30 -79.41
C PHE P 540 -1.73 -16.94 -80.59
N GLU P 541 -0.83 -16.21 -81.26
CA GLU P 541 -0.02 -16.80 -82.32
C GLU P 541 0.82 -17.98 -81.84
N PRO P 542 1.17 -18.07 -80.56
CA PRO P 542 2.15 -19.11 -80.15
C PRO P 542 1.56 -20.50 -80.01
N THR P 543 0.24 -20.63 -79.90
CA THR P 543 -0.39 -21.94 -79.83
C THR P 543 -1.43 -22.14 -80.93
N ASP P 544 -2.19 -21.10 -81.29
CA ASP P 544 -3.35 -21.21 -82.16
C ASP P 544 -3.11 -20.46 -83.46
N PRO P 545 -2.07 -20.82 -84.20
CA PRO P 545 -1.95 -20.29 -85.56
C PRO P 545 -3.18 -20.58 -86.40
N ARG P 546 -3.96 -21.59 -86.04
CA ARG P 546 -5.29 -21.72 -86.62
C ARG P 546 -6.10 -20.46 -86.38
N GLU P 547 -6.03 -19.92 -85.17
CA GLU P 547 -6.70 -18.65 -84.89
C GLU P 547 -6.04 -17.51 -85.65
N ALA P 548 -4.72 -17.60 -85.86
CA ALA P 548 -4.06 -16.61 -86.72
C ALA P 548 -4.66 -16.62 -88.12
N LEU P 549 -4.95 -17.80 -88.66
CA LEU P 549 -5.54 -17.91 -89.98
C LEU P 549 -7.00 -17.44 -89.99
N GLN P 550 -7.77 -17.89 -89.00
CA GLN P 550 -9.16 -17.45 -88.88
C GLN P 550 -9.25 -15.93 -88.73
N TYR P 551 -8.21 -15.30 -88.19
CA TYR P 551 -8.16 -13.85 -88.13
C TYR P 551 -7.73 -13.25 -89.47
N PHE P 552 -6.75 -13.87 -90.12
CA PHE P 552 -6.32 -13.41 -91.43
C PHE P 552 -7.45 -13.46 -92.45
N TYR P 553 -8.49 -14.26 -92.18
CA TYR P 553 -9.60 -14.41 -93.13
C TYR P 553 -10.19 -13.09 -93.60
N PHE P 554 -10.00 -12.00 -92.87
CA PHE P 554 -10.50 -10.69 -93.30
C PHE P 554 -9.55 -9.96 -94.24
N LEU P 555 -8.33 -10.45 -94.44
CA LEU P 555 -7.27 -9.71 -95.11
C LEU P 555 -7.18 -9.97 -96.61
N ARG P 556 -7.76 -11.06 -97.11
CA ARG P 556 -7.48 -11.51 -98.47
C ARG P 556 -8.14 -10.64 -99.54
N ASN P 557 -8.89 -9.61 -99.15
CA ASN P 557 -9.64 -8.81 -100.12
C ASN P 557 -9.12 -7.39 -100.27
N GLU P 558 -8.26 -6.92 -99.38
CA GLU P 558 -7.84 -5.53 -99.39
C GLU P 558 -6.59 -5.33 -100.25
N LYS P 559 -6.02 -4.13 -100.15
CA LYS P 559 -4.86 -3.74 -100.95
C LYS P 559 -3.65 -3.51 -100.06
N ASP P 560 -2.67 -4.41 -100.15
CA ASP P 560 -1.35 -4.13 -99.61
C ASP P 560 -0.58 -3.24 -100.59
N ASN P 561 0.17 -2.29 -100.02
CA ASN P 561 0.60 -1.11 -100.76
C ASN P 561 1.31 -1.47 -102.05
N GLN P 562 2.15 -2.50 -102.02
CA GLN P 562 2.82 -2.96 -103.24
C GLN P 562 1.79 -3.49 -104.24
N GLY P 563 0.73 -4.11 -103.74
CA GLY P 563 -0.26 -4.73 -104.59
C GLY P 563 -0.44 -6.21 -104.30
N GLU P 564 -0.12 -6.62 -103.08
CA GLU P 564 -0.13 -8.01 -102.68
C GLU P 564 -1.37 -8.30 -101.85
N SER P 565 -1.75 -9.58 -101.78
CA SER P 565 -2.80 -9.99 -100.88
C SER P 565 -2.34 -9.92 -99.44
N MET P 566 -3.14 -9.26 -98.59
CA MET P 566 -2.77 -9.11 -97.19
C MET P 566 -2.77 -10.47 -96.48
N PHE P 567 -3.82 -11.27 -96.67
CA PHE P 567 -3.86 -12.57 -96.03
C PHE P 567 -2.71 -13.45 -96.50
N LEU P 568 -2.36 -13.36 -97.78
CA LEU P 568 -1.25 -14.17 -98.27
C LEU P 568 0.08 -13.70 -97.67
N ARG P 569 0.28 -12.39 -97.57
CA ARG P 569 1.50 -11.88 -96.95
C ARG P 569 1.61 -12.32 -95.50
N CYS P 570 0.51 -12.20 -94.75
CA CYS P 570 0.48 -12.65 -93.37
C CYS P 570 0.73 -14.15 -93.27
N VAL P 571 0.13 -14.93 -94.18
CA VAL P 571 0.36 -16.37 -94.19
C VAL P 571 1.84 -16.65 -94.36
N SER P 572 2.43 -16.13 -95.44
CA SER P 572 3.86 -16.33 -95.66
C SER P 572 4.67 -15.99 -94.42
N GLU P 573 4.65 -14.72 -94.01
CA GLU P 573 5.48 -14.28 -92.89
C GLU P 573 5.20 -15.09 -91.63
N LEU P 574 3.96 -15.02 -91.14
CA LEU P 574 3.64 -15.59 -89.84
C LEU P 574 3.83 -17.11 -89.82
N VAL P 575 3.29 -17.81 -90.82
CA VAL P 575 3.32 -19.27 -90.78
C VAL P 575 4.73 -19.79 -91.03
N ILE P 576 5.48 -19.14 -91.91
CA ILE P 576 6.88 -19.51 -92.10
C ILE P 576 7.64 -19.34 -90.80
N GLU P 577 7.41 -18.22 -90.10
CA GLU P 577 8.05 -18.02 -88.81
C GLU P 577 7.56 -19.04 -87.78
N SER P 578 6.34 -19.55 -87.97
CA SER P 578 5.75 -20.47 -87.00
C SER P 578 6.28 -21.89 -87.18
N ARG P 579 6.62 -22.27 -88.41
CA ARG P 579 7.43 -23.45 -88.71
C ARG P 579 6.65 -24.77 -88.68
N GLU P 580 5.34 -24.73 -88.45
CA GLU P 580 4.55 -25.96 -88.50
C GLU P 580 4.02 -26.22 -89.90
N PHE P 581 4.86 -26.77 -90.78
CA PHE P 581 4.51 -26.86 -92.20
C PHE P 581 3.38 -27.85 -92.45
N ASP P 582 3.44 -29.03 -91.81
CA ASP P 582 2.50 -30.10 -92.12
C ASP P 582 1.06 -29.70 -91.81
N MET P 583 0.84 -28.99 -90.71
CA MET P 583 -0.49 -28.47 -90.42
C MET P 583 -0.72 -27.13 -91.11
N LEU P 584 0.34 -26.46 -91.53
CA LEU P 584 0.20 -25.13 -92.10
C LEU P 584 -0.27 -25.15 -93.55
N LEU P 585 0.53 -25.73 -94.47
CA LEU P 585 0.16 -25.73 -95.87
C LEU P 585 0.02 -27.12 -96.47
N GLY P 586 0.46 -28.14 -95.76
CA GLY P 586 0.38 -29.50 -96.25
C GLY P 586 1.70 -30.23 -96.13
N LYS P 587 1.61 -31.54 -96.38
CA LYS P 587 2.73 -32.46 -96.24
C LYS P 587 2.96 -33.21 -97.55
N LEU P 588 4.16 -33.07 -98.09
CA LEU P 588 4.59 -33.92 -99.18
C LEU P 588 4.90 -35.29 -98.61
N GLU P 589 3.89 -36.15 -98.56
CA GLU P 589 3.90 -37.34 -97.73
C GLU P 589 4.93 -38.35 -98.22
N LYS P 590 4.99 -39.49 -97.52
CA LYS P 590 5.85 -40.60 -97.93
C LYS P 590 5.64 -40.99 -99.39
N ASP P 591 4.45 -40.73 -99.94
CA ASP P 591 4.17 -40.91 -101.35
C ASP P 591 4.51 -39.69 -102.18
N GLY P 592 4.55 -38.51 -101.57
CA GLY P 592 4.81 -37.28 -102.28
C GLY P 592 3.59 -36.51 -102.71
N SER P 593 2.40 -37.01 -102.40
CA SER P 593 1.19 -36.22 -102.57
C SER P 593 1.17 -35.14 -101.50
N ARG P 594 0.43 -34.08 -101.76
CA ARG P 594 0.31 -32.98 -100.82
C ARG P 594 -0.92 -33.20 -99.97
N LYS P 595 -0.74 -33.83 -98.81
CA LYS P 595 -1.80 -33.84 -97.81
C LYS P 595 -2.06 -32.39 -97.44
N PRO P 596 -3.11 -31.77 -97.95
CA PRO P 596 -3.23 -30.32 -97.86
C PRO P 596 -3.46 -29.86 -96.44
N GLY P 597 -2.81 -28.74 -96.09
CA GLY P 597 -2.99 -28.12 -94.80
C GLY P 597 -4.25 -27.28 -94.75
N ALA P 598 -4.42 -26.60 -93.61
CA ALA P 598 -5.56 -25.73 -93.43
C ALA P 598 -5.63 -24.65 -94.51
N ILE P 599 -4.55 -24.45 -95.27
CA ILE P 599 -4.56 -23.47 -96.35
C ILE P 599 -5.49 -23.88 -97.49
N ASP P 600 -5.48 -25.16 -97.87
CA ASP P 600 -6.48 -25.63 -98.82
C ASP P 600 -7.85 -25.77 -98.16
N LYS P 601 -7.91 -25.68 -96.82
CA LYS P 601 -9.19 -25.68 -96.12
C LYS P 601 -9.85 -24.30 -96.11
N PHE P 602 -9.14 -23.27 -96.57
CA PHE P 602 -9.73 -21.95 -96.73
C PHE P 602 -9.72 -21.47 -98.17
N THR P 603 -8.76 -21.90 -98.97
CA THR P 603 -8.69 -21.55 -100.38
C THR P 603 -8.56 -22.82 -101.22
N ARG P 604 -8.41 -22.62 -102.54
CA ARG P 604 -8.16 -23.71 -103.45
C ARG P 604 -6.92 -23.48 -104.30
N ASP P 605 -6.14 -22.46 -103.99
CA ASP P 605 -4.97 -22.08 -104.77
C ASP P 605 -3.72 -22.30 -103.93
N THR P 606 -3.62 -23.50 -103.35
CA THR P 606 -2.46 -23.85 -102.55
C THR P 606 -1.17 -23.81 -103.37
N LYS P 607 -1.27 -23.99 -104.69
CA LYS P 607 -0.08 -23.87 -105.52
C LYS P 607 0.44 -22.44 -105.53
N THR P 608 -0.44 -21.46 -105.75
CA THR P 608 -0.04 -20.07 -105.68
C THR P 608 0.39 -19.69 -104.27
N ILE P 609 -0.24 -20.30 -103.26
CA ILE P 609 0.15 -20.03 -101.88
C ILE P 609 1.60 -20.48 -101.64
N ILE P 610 1.92 -21.71 -102.03
CA ILE P 610 3.28 -22.22 -101.86
C ILE P 610 4.25 -21.48 -102.76
N ASN P 611 3.77 -20.95 -103.89
CA ASN P 611 4.64 -20.20 -104.78
C ASN P 611 5.00 -18.84 -104.18
N LYS P 612 4.01 -18.12 -103.64
CA LYS P 612 4.29 -16.90 -102.90
C LYS P 612 5.13 -17.21 -101.67
N VAL P 613 4.96 -18.40 -101.10
CA VAL P 613 5.84 -18.85 -100.04
C VAL P 613 7.27 -18.95 -100.54
N ALA P 614 7.45 -19.48 -101.74
CA ALA P 614 8.80 -19.62 -102.30
C ALA P 614 9.40 -18.26 -102.59
N SER P 615 8.60 -17.33 -103.11
CA SER P 615 9.12 -15.99 -103.41
C SER P 615 9.50 -15.25 -102.13
N VAL P 616 8.58 -15.22 -101.15
CA VAL P 616 8.85 -14.54 -99.89
C VAL P 616 9.99 -15.24 -99.15
N ALA P 617 10.15 -16.55 -99.34
CA ALA P 617 11.22 -17.28 -98.67
C ALA P 617 12.56 -17.02 -99.35
N GLU P 618 12.55 -16.81 -100.67
CA GLU P 618 13.74 -16.35 -101.34
C GLU P 618 14.17 -14.99 -100.82
N ASN P 619 13.22 -14.06 -100.73
CA ASN P 619 13.53 -12.77 -100.13
C ASN P 619 13.97 -12.91 -98.68
N LYS P 620 13.50 -13.96 -97.99
CA LYS P 620 13.84 -14.21 -96.60
C LYS P 620 15.01 -15.17 -96.43
N GLY P 621 15.75 -15.46 -97.50
CA GLY P 621 17.03 -16.15 -97.37
C GLY P 621 16.97 -17.54 -96.82
N LEU P 622 15.78 -18.13 -96.70
CA LEU P 622 15.64 -19.49 -96.20
C LEU P 622 15.89 -20.46 -97.36
N PHE P 623 17.07 -21.09 -97.32
CA PHE P 623 17.45 -21.98 -98.40
C PHE P 623 16.67 -23.28 -98.37
N GLU P 624 16.84 -24.08 -97.31
CA GLU P 624 16.13 -25.35 -97.22
C GLU P 624 14.62 -25.12 -97.17
N GLU P 625 14.19 -24.07 -96.47
CA GLU P 625 12.76 -23.80 -96.37
C GLU P 625 12.17 -23.34 -97.69
N ALA P 626 12.80 -22.36 -98.35
CA ALA P 626 12.33 -21.94 -99.66
C ALA P 626 12.30 -23.10 -100.64
N ALA P 627 13.31 -23.97 -100.56
CA ALA P 627 13.35 -25.12 -101.46
C ALA P 627 12.21 -26.08 -101.16
N LYS P 628 11.90 -26.30 -99.89
CA LYS P 628 10.76 -27.13 -99.52
C LYS P 628 9.47 -26.56 -100.07
N LEU P 629 9.26 -25.25 -99.91
CA LEU P 629 8.02 -24.63 -100.36
C LEU P 629 7.90 -24.70 -101.88
N TYR P 630 8.96 -24.32 -102.60
CA TYR P 630 8.94 -24.38 -104.06
C TYR P 630 8.76 -25.81 -104.56
N ASP P 631 9.37 -26.79 -103.90
CA ASP P 631 9.20 -28.18 -104.31
C ASP P 631 7.76 -28.63 -104.11
N LEU P 632 7.16 -28.26 -102.97
CA LEU P 632 5.75 -28.57 -102.76
C LEU P 632 4.88 -27.92 -103.83
N ALA P 633 5.23 -26.70 -104.24
CA ALA P 633 4.57 -26.09 -105.39
C ALA P 633 5.01 -26.70 -106.71
N LYS P 634 5.94 -27.65 -106.68
CA LYS P 634 6.44 -28.33 -107.88
C LYS P 634 7.20 -27.37 -108.80
N ASN P 635 8.06 -26.54 -108.20
CA ASN P 635 8.83 -25.55 -108.95
C ASN P 635 10.16 -26.17 -109.38
N PRO P 636 10.26 -26.65 -110.62
CA PRO P 636 11.49 -27.33 -111.04
C PRO P 636 12.70 -26.42 -111.11
N ASP P 637 12.59 -25.30 -111.82
CA ASP P 637 13.74 -24.43 -112.03
C ASP P 637 14.21 -23.82 -110.71
N LYS P 638 13.27 -23.37 -109.87
CA LYS P 638 13.64 -22.77 -108.59
C LYS P 638 14.24 -23.81 -107.65
N VAL P 639 13.65 -25.00 -107.59
CA VAL P 639 14.19 -26.07 -106.75
C VAL P 639 15.61 -26.42 -107.18
N LEU P 640 15.81 -26.67 -108.47
CA LEU P 640 17.12 -27.10 -108.96
C LEU P 640 18.15 -25.99 -108.80
N GLU P 641 17.77 -24.73 -109.04
CA GLU P 641 18.71 -23.63 -108.89
C GLU P 641 19.13 -23.46 -107.44
N LEU P 642 18.18 -23.52 -106.51
CA LEU P 642 18.54 -23.46 -105.10
C LEU P 642 19.45 -24.63 -104.74
N THR P 643 19.16 -25.82 -105.27
CA THR P 643 19.98 -26.98 -105.00
C THR P 643 21.40 -26.79 -105.50
N ASN P 644 21.55 -26.15 -106.66
CA ASN P 644 22.88 -25.90 -107.22
C ASN P 644 23.64 -24.87 -106.40
N LYS P 645 22.96 -23.80 -105.98
CA LYS P 645 23.59 -22.80 -105.14
C LYS P 645 24.04 -23.39 -103.81
N LEU P 646 23.26 -24.32 -103.26
CA LEU P 646 23.64 -24.96 -102.01
C LEU P 646 24.75 -25.98 -102.22
N LEU P 647 24.70 -26.74 -103.31
CA LEU P 647 25.67 -27.82 -103.51
C LEU P 647 27.00 -27.31 -104.02
N SER P 648 27.06 -26.09 -104.53
CA SER P 648 28.35 -25.52 -104.90
C SER P 648 29.28 -25.39 -103.70
N PRO P 649 28.80 -25.11 -102.47
CA PRO P 649 29.70 -25.04 -101.32
C PRO P 649 29.89 -26.35 -100.57
N VAL P 650 28.94 -27.29 -100.64
CA VAL P 650 29.00 -28.52 -99.86
C VAL P 650 29.50 -29.70 -100.67
N VAL P 651 29.98 -29.48 -101.91
CA VAL P 651 30.50 -30.55 -102.73
C VAL P 651 31.85 -31.03 -102.22
N SER P 652 32.84 -30.14 -102.20
CA SER P 652 34.23 -30.56 -102.01
C SER P 652 34.63 -30.52 -100.54
N GLN P 653 33.92 -29.71 -99.74
CA GLN P 653 34.23 -29.60 -98.32
C GLN P 653 34.30 -30.99 -97.69
N ILE P 654 35.33 -31.19 -96.86
CA ILE P 654 35.60 -32.52 -96.33
C ILE P 654 34.39 -33.02 -95.56
N SER P 655 33.69 -34.00 -96.12
CA SER P 655 32.44 -34.47 -95.55
C SER P 655 32.72 -35.33 -94.32
N ALA P 656 32.81 -34.68 -93.16
CA ALA P 656 33.02 -35.39 -91.91
C ALA P 656 31.70 -35.95 -91.42
N PRO P 657 31.70 -36.65 -90.28
CA PRO P 657 30.45 -37.19 -89.76
C PRO P 657 29.48 -36.06 -89.41
N GLN P 658 28.39 -35.98 -90.18
CA GLN P 658 27.37 -34.95 -90.03
C GLN P 658 27.97 -33.55 -90.15
N SER P 659 28.61 -33.26 -91.28
CA SER P 659 29.02 -31.90 -91.62
C SER P 659 27.95 -31.19 -92.43
N ASN P 660 26.70 -31.67 -92.34
CA ASN P 660 25.57 -31.28 -93.18
C ASN P 660 25.82 -31.75 -94.60
N ARG P 661 27.02 -32.29 -94.85
CA ARG P 661 27.39 -32.77 -96.18
C ARG P 661 26.61 -34.02 -96.56
N GLU P 662 26.55 -35.00 -95.65
CA GLU P 662 25.82 -36.22 -95.92
C GLU P 662 24.33 -35.95 -96.04
N ARG P 663 23.81 -35.02 -95.25
CA ARG P 663 22.40 -34.67 -95.35
C ARG P 663 22.10 -33.92 -96.65
N LEU P 664 23.02 -33.05 -97.08
CA LEU P 664 22.85 -32.38 -98.37
C LEU P 664 22.88 -33.38 -99.50
N LYS P 665 23.80 -34.34 -99.45
CA LYS P 665 23.87 -35.38 -100.48
C LYS P 665 22.58 -36.21 -100.50
N ASN P 666 22.12 -36.65 -99.33
CA ASN P 666 20.90 -37.44 -99.26
C ASN P 666 19.69 -36.66 -99.76
N MET P 667 19.61 -35.38 -99.42
CA MET P 667 18.43 -34.60 -99.81
C MET P 667 18.44 -34.29 -101.30
N ALA P 668 19.59 -33.87 -101.82
CA ALA P 668 19.71 -33.65 -103.25
C ALA P 668 19.37 -34.92 -104.02
N LEU P 669 19.92 -36.06 -103.59
CA LEU P 669 19.66 -37.30 -104.29
C LEU P 669 18.21 -37.74 -104.15
N ALA P 670 17.57 -37.41 -103.03
CA ALA P 670 16.16 -37.79 -102.85
C ALA P 670 15.26 -36.99 -103.78
N ILE P 671 15.46 -35.67 -103.85
CA ILE P 671 14.73 -34.86 -104.82
C ILE P 671 15.05 -35.34 -106.24
N ALA P 672 16.28 -35.77 -106.47
CA ALA P 672 16.67 -36.27 -107.79
C ALA P 672 15.92 -37.53 -108.15
N GLU P 673 15.84 -38.49 -107.22
CA GLU P 673 15.11 -39.72 -107.47
C GLU P 673 13.62 -39.46 -107.65
N ARG P 674 13.07 -38.49 -106.90
CA ARG P 674 11.68 -38.11 -107.09
C ARG P 674 11.42 -37.61 -108.50
N TYR P 675 12.17 -36.59 -108.92
CA TYR P 675 11.99 -36.06 -110.28
C TYR P 675 12.23 -37.12 -111.35
N LYS P 676 13.33 -37.87 -111.25
CA LYS P 676 13.66 -38.84 -112.29
C LYS P 676 12.63 -39.96 -112.35
N SER P 677 12.16 -40.45 -111.19
CA SER P 677 11.19 -41.53 -111.19
C SER P 677 9.83 -41.07 -111.69
N GLN P 678 9.45 -39.82 -111.41
CA GLN P 678 8.16 -39.33 -111.86
C GLN P 678 8.21 -38.80 -113.29
N GLY P 679 9.39 -38.68 -113.89
CA GLY P 679 9.48 -38.19 -115.26
C GLY P 679 9.65 -36.70 -115.36
N VAL P 680 10.56 -36.14 -114.57
CA VAL P 680 10.81 -34.72 -114.59
C VAL P 680 12.21 -34.45 -115.13
N GLU P 683 15.45 -29.31 -116.40
CA GLU P 683 15.58 -30.05 -117.66
C GLU P 683 16.77 -31.00 -117.62
N LYS P 684 17.11 -31.53 -118.79
CA LYS P 684 18.23 -32.47 -118.88
C LYS P 684 19.54 -31.81 -118.51
N SER P 685 19.71 -30.53 -118.84
CA SER P 685 20.95 -29.84 -118.50
C SER P 685 21.19 -29.82 -117.00
N ILE P 686 20.18 -29.36 -116.24
CA ILE P 686 20.34 -29.31 -114.79
C ILE P 686 20.40 -30.71 -114.20
N ASN P 687 19.68 -31.66 -114.80
CA ASN P 687 19.72 -33.03 -114.30
C ASN P 687 21.11 -33.64 -114.44
N SER P 688 21.70 -33.54 -115.63
CA SER P 688 23.07 -34.00 -115.82
C SER P 688 24.04 -33.21 -114.96
N THR P 689 23.75 -31.93 -114.71
CA THR P 689 24.60 -31.17 -113.80
C THR P 689 24.60 -31.80 -112.40
N PHE P 690 23.42 -32.21 -111.94
CA PHE P 690 23.34 -32.90 -110.66
C PHE P 690 24.09 -34.22 -110.71
N TYR P 691 23.97 -34.94 -111.82
CA TYR P 691 24.75 -36.16 -111.99
C TYR P 691 26.24 -35.87 -111.87
N LEU P 692 26.68 -34.73 -112.42
CA LEU P 692 28.08 -34.36 -112.33
C LEU P 692 28.48 -34.06 -110.90
N LEU P 693 27.60 -33.39 -110.16
CA LEU P 693 27.88 -33.12 -108.74
C LEU P 693 28.04 -34.43 -107.98
N LEU P 694 27.16 -35.41 -108.24
CA LEU P 694 27.25 -36.69 -107.56
C LEU P 694 28.54 -37.43 -107.92
N ASP P 695 28.90 -37.42 -109.20
CA ASP P 695 30.13 -38.06 -109.64
C ASP P 695 31.35 -37.41 -108.99
N LEU P 696 31.44 -36.08 -109.04
CA LEU P 696 32.56 -35.38 -108.43
C LEU P 696 32.63 -35.66 -106.94
N ILE P 697 31.47 -35.77 -106.27
CA ILE P 697 31.45 -36.03 -104.84
C ILE P 697 32.01 -37.42 -104.54
N THR P 698 31.56 -38.43 -105.28
CA THR P 698 32.06 -39.78 -105.06
C THR P 698 33.57 -39.86 -105.35
N PHE P 699 34.01 -39.22 -106.43
CA PHE P 699 35.43 -39.23 -106.76
C PHE P 699 36.24 -38.51 -105.68
N PHE P 700 35.68 -37.44 -105.10
CA PHE P 700 36.34 -36.75 -104.00
C PHE P 700 36.41 -37.62 -102.76
N ASP P 701 35.37 -38.43 -102.51
CA ASP P 701 35.40 -39.37 -101.40
C ASP P 701 36.53 -40.38 -101.59
N GLU P 702 36.68 -40.89 -102.80
CA GLU P 702 37.78 -41.82 -103.08
C GLU P 702 39.14 -41.13 -102.95
N TYR P 703 39.25 -39.89 -103.40
CA TYR P 703 40.51 -39.16 -103.29
C TYR P 703 40.85 -38.87 -101.83
N HIS P 704 39.83 -38.64 -101.00
CA HIS P 704 40.06 -38.39 -99.58
C HIS P 704 40.34 -39.68 -98.82
N ALA P 705 39.89 -40.82 -99.34
CA ALA P 705 40.29 -42.10 -98.79
C ALA P 705 41.64 -42.57 -99.32
N GLY P 706 42.16 -41.97 -100.39
CA GLY P 706 43.42 -42.37 -100.96
C GLY P 706 43.32 -43.33 -102.13
N HIS P 707 42.14 -43.51 -102.71
CA HIS P 707 41.91 -44.47 -103.78
C HIS P 707 42.36 -43.85 -105.10
N ILE P 708 43.67 -43.96 -105.39
CA ILE P 708 44.21 -43.38 -106.61
C ILE P 708 43.69 -44.13 -107.84
N ASP P 709 43.59 -45.46 -107.76
CA ASP P 709 43.13 -46.23 -108.91
C ASP P 709 41.70 -45.85 -109.28
N LEU P 710 40.78 -45.93 -108.33
CA LEU P 710 39.39 -45.60 -108.62
C LEU P 710 39.22 -44.11 -108.93
N SER P 711 40.07 -43.27 -108.35
CA SER P 711 40.03 -41.85 -108.67
C SER P 711 40.38 -41.62 -110.14
N PHE P 712 41.42 -42.29 -110.63
CA PHE P 712 41.77 -42.19 -112.05
C PHE P 712 40.67 -42.76 -112.93
N ASP P 713 40.06 -43.88 -112.50
CA ASP P 713 38.98 -44.46 -113.28
C ASP P 713 37.78 -43.51 -113.39
N VAL P 714 37.44 -42.85 -112.28
CA VAL P 714 36.30 -41.93 -112.29
C VAL P 714 36.62 -40.66 -113.06
N ILE P 715 37.87 -40.20 -112.98
CA ILE P 715 38.29 -39.03 -113.75
C ILE P 715 38.26 -39.34 -115.24
N GLU P 716 38.58 -40.58 -115.62
CA GLU P 716 38.45 -40.97 -117.01
C GLU P 716 37.00 -41.16 -117.42
N ARG P 717 36.15 -41.59 -116.47
CA ARG P 717 34.75 -41.81 -116.77
C ARG P 717 33.99 -40.51 -116.99
N LEU P 718 34.27 -39.49 -116.17
CA LEU P 718 33.55 -38.22 -116.32
C LEU P 718 33.93 -37.48 -117.59
N LYS P 719 35.11 -37.76 -118.15
CA LYS P 719 35.54 -37.23 -119.44
C LYS P 719 35.37 -35.72 -119.54
N LEU P 720 35.80 -35.00 -118.51
CA LEU P 720 35.74 -33.54 -118.54
C LEU P 720 37.11 -32.91 -118.76
N VAL P 721 38.18 -33.57 -118.30
CA VAL P 721 39.51 -32.98 -118.32
C VAL P 721 40.39 -33.69 -119.34
N PRO P 722 41.43 -33.04 -119.85
CA PRO P 722 42.28 -33.67 -120.88
C PRO P 722 43.11 -34.81 -120.30
N LEU P 723 42.79 -36.03 -120.70
CA LEU P 723 43.57 -37.21 -120.36
C LEU P 723 44.63 -37.52 -121.39
N SER P 724 44.54 -36.92 -122.57
CA SER P 724 45.50 -37.13 -123.64
C SER P 724 45.75 -35.80 -124.33
N GLN P 725 46.96 -35.63 -124.84
CA GLN P 725 47.36 -34.34 -125.43
C GLN P 725 46.39 -33.87 -126.50
N ASP P 726 45.83 -34.78 -127.28
CA ASP P 726 44.87 -34.40 -128.31
C ASP P 726 43.47 -34.17 -127.75
N SER P 727 43.22 -34.62 -126.52
CA SER P 727 41.91 -34.46 -125.89
C SER P 727 41.74 -33.11 -125.21
N VAL P 728 42.81 -32.34 -125.09
CA VAL P 728 42.71 -30.98 -124.57
C VAL P 728 41.77 -30.15 -125.43
N GLU P 729 41.88 -30.29 -126.76
CA GLU P 729 41.02 -29.53 -127.66
C GLU P 729 39.56 -29.90 -127.47
N GLU P 730 39.25 -31.19 -127.38
CA GLU P 730 37.86 -31.61 -127.25
C GLU P 730 37.28 -31.20 -125.90
N ARG P 731 38.05 -31.38 -124.81
CA ARG P 731 37.55 -30.96 -123.51
C ARG P 731 37.42 -29.44 -123.41
N VAL P 732 38.27 -28.68 -124.11
CA VAL P 732 38.14 -27.23 -124.09
C VAL P 732 36.94 -26.79 -124.92
N ALA P 733 36.66 -27.50 -126.02
CA ALA P 733 35.47 -27.20 -126.80
C ALA P 733 34.20 -27.59 -126.07
N ALA P 734 34.30 -28.54 -125.13
CA ALA P 734 33.15 -28.90 -124.31
C ALA P 734 33.01 -28.00 -123.08
N PHE P 735 34.12 -27.44 -122.58
CA PHE P 735 34.10 -26.69 -121.34
C PHE P 735 33.18 -25.48 -121.41
N ARG P 736 33.10 -24.82 -122.56
CA ARG P 736 32.19 -23.69 -122.70
C ARG P 736 30.74 -24.11 -122.63
N ASN P 737 30.45 -25.41 -122.72
CA ASN P 737 29.10 -25.93 -122.65
C ASN P 737 28.68 -26.33 -121.25
N PHE P 738 29.52 -26.11 -120.25
CA PHE P 738 29.20 -26.50 -118.89
C PHE P 738 28.47 -25.37 -118.15
N SER P 739 27.85 -25.72 -117.03
CA SER P 739 27.31 -24.73 -116.11
C SER P 739 28.44 -24.11 -115.29
N ASP P 740 28.24 -22.84 -114.91
CA ASP P 740 29.27 -22.11 -114.17
C ASP P 740 29.69 -22.82 -112.88
N GLU P 741 28.78 -23.58 -112.27
CA GLU P 741 29.14 -24.35 -111.08
C GLU P 741 30.19 -25.40 -111.43
N ILE P 742 30.22 -25.86 -112.68
CA ILE P 742 31.25 -26.78 -113.12
C ILE P 742 32.58 -26.05 -113.29
N ARG P 743 32.54 -24.80 -113.76
CA ARG P 743 33.73 -23.97 -113.75
C ARG P 743 34.18 -23.67 -112.34
N HIS P 744 33.29 -23.88 -111.36
CA HIS P 744 33.67 -23.71 -109.96
C HIS P 744 34.37 -24.94 -109.40
N ASN P 745 34.12 -26.12 -109.97
CA ASN P 745 34.72 -27.36 -109.51
C ASN P 745 35.92 -27.79 -110.34
N LEU P 746 36.09 -27.23 -111.53
CA LEU P 746 37.15 -27.68 -112.43
C LEU P 746 38.54 -27.44 -111.83
N SER P 747 38.70 -26.37 -111.04
CA SER P 747 40.01 -26.06 -110.48
C SER P 747 40.47 -27.15 -109.50
N GLU P 748 39.62 -27.47 -108.52
CA GLU P 748 39.94 -28.54 -107.58
C GLU P 748 40.07 -29.88 -108.31
N ILE P 749 39.22 -30.11 -109.32
CA ILE P 749 39.32 -31.36 -110.06
C ILE P 749 40.68 -31.49 -110.73
N LEU P 750 41.17 -30.40 -111.33
CA LEU P 750 42.44 -30.45 -112.04
C LEU P 750 43.60 -30.61 -111.08
N LEU P 751 43.57 -29.89 -109.95
CA LEU P 751 44.60 -30.10 -108.94
C LEU P 751 44.65 -31.56 -108.48
N ALA P 752 43.48 -32.14 -108.18
CA ALA P 752 43.44 -33.51 -107.70
C ALA P 752 43.91 -34.50 -108.76
N THR P 753 43.56 -34.26 -110.03
CA THR P 753 43.96 -35.18 -111.09
C THR P 753 45.46 -35.11 -111.35
N MET P 754 46.04 -33.90 -111.33
CA MET P 754 47.49 -33.77 -111.46
C MET P 754 48.20 -34.46 -110.31
N ASN P 755 47.69 -34.29 -109.08
CA ASN P 755 48.29 -34.98 -107.94
C ASN P 755 48.16 -36.49 -108.07
N ILE P 756 47.04 -36.96 -108.64
CA ILE P 756 46.84 -38.39 -108.84
C ILE P 756 47.87 -38.93 -109.83
N LEU P 757 48.06 -38.23 -110.94
CA LEU P 757 49.07 -38.65 -111.91
C LEU P 757 50.46 -38.65 -111.29
N PHE P 758 50.75 -37.64 -110.45
CA PHE P 758 52.03 -37.59 -109.77
C PHE P 758 52.21 -38.77 -108.82
N THR P 759 51.14 -39.15 -108.11
CA THR P 759 51.22 -40.28 -107.18
C THR P 759 51.38 -41.60 -107.92
N GLN P 760 50.69 -41.75 -109.05
CA GLN P 760 50.89 -42.94 -109.88
C GLN P 760 52.31 -43.03 -110.40
N TYR P 761 52.87 -41.88 -110.84
CA TYR P 761 54.27 -41.87 -111.27
C TYR P 761 55.20 -42.18 -110.10
N LYS P 762 54.84 -41.74 -108.90
CA LYS P 762 55.63 -42.07 -107.71
C LYS P 762 55.61 -43.57 -107.45
N ARG P 763 54.44 -44.20 -107.59
CA ARG P 763 54.37 -45.64 -107.43
C ARG P 763 55.20 -46.37 -108.48
N LEU P 764 55.15 -45.89 -109.73
CA LEU P 764 55.93 -46.54 -110.79
C LEU P 764 57.42 -46.32 -110.61
N LYS P 765 57.82 -45.23 -109.94
CA LYS P 765 59.23 -44.99 -109.67
C LYS P 765 59.73 -45.77 -108.47
N GLY P 766 58.89 -45.93 -107.44
CA GLY P 766 59.27 -46.63 -106.23
C GLY P 766 59.01 -48.11 -106.21
N SER P 767 58.32 -48.64 -107.21
CA SER P 767 58.06 -50.08 -107.27
C SER P 767 59.36 -50.88 -107.38
N ASP P 783 55.99 -44.61 -117.08
CA ASP P 783 55.87 -43.23 -116.65
C ASP P 783 55.68 -42.30 -117.85
N SER P 784 55.84 -42.86 -119.05
CA SER P 784 55.65 -42.07 -120.27
C SER P 784 54.20 -41.66 -120.43
N VAL P 785 53.26 -42.56 -120.16
CA VAL P 785 51.84 -42.19 -120.24
C VAL P 785 51.49 -41.21 -119.14
N LEU P 786 52.11 -41.35 -117.96
CA LEU P 786 51.88 -40.39 -116.89
C LEU P 786 52.36 -38.99 -117.27
N ARG P 787 53.52 -38.90 -117.91
CA ARG P 787 54.02 -37.60 -118.34
C ARG P 787 53.18 -37.04 -119.48
N SER P 788 52.70 -37.90 -120.37
CA SER P 788 51.77 -37.45 -121.40
C SER P 788 50.50 -36.87 -120.78
N GLN P 789 50.01 -37.52 -119.71
CA GLN P 789 48.82 -37.00 -119.02
C GLN P 789 49.13 -35.68 -118.32
N ALA P 790 50.34 -35.53 -117.78
CA ALA P 790 50.73 -34.26 -117.17
C ALA P 790 50.78 -33.15 -118.21
N ARG P 791 51.31 -33.45 -119.40
CA ARG P 791 51.36 -32.45 -120.46
C ARG P 791 49.96 -32.12 -120.97
N ALA P 792 49.08 -33.12 -121.03
CA ALA P 792 47.70 -32.86 -121.44
C ALA P 792 46.97 -31.99 -120.41
N LEU P 793 47.20 -32.26 -119.12
CA LEU P 793 46.65 -31.42 -118.08
C LEU P 793 47.19 -30.00 -118.15
N ILE P 794 48.47 -29.85 -118.48
CA ILE P 794 49.06 -28.53 -118.64
C ILE P 794 48.38 -27.79 -119.80
N THR P 795 48.22 -28.48 -120.93
CA THR P 795 47.57 -27.86 -122.08
C THR P 795 46.14 -27.43 -121.77
N PHE P 796 45.39 -28.31 -121.09
CA PHE P 796 44.01 -27.99 -120.75
C PHE P 796 43.94 -26.81 -119.79
N ALA P 797 44.70 -26.87 -118.69
CA ALA P 797 44.67 -25.80 -117.71
C ALA P 797 45.18 -24.48 -118.28
N GLY P 798 46.02 -24.53 -119.31
CA GLY P 798 46.53 -23.30 -119.89
C GLY P 798 45.64 -22.69 -120.96
N MET P 799 45.01 -23.52 -121.79
CA MET P 799 44.10 -23.02 -122.83
C MET P 799 42.65 -22.96 -122.36
N ILE P 800 42.38 -23.26 -121.11
CA ILE P 800 41.01 -23.24 -120.60
C ILE P 800 40.55 -21.79 -120.45
N PRO P 801 39.27 -21.49 -120.69
CA PRO P 801 38.82 -20.09 -120.61
C PRO P 801 38.55 -19.63 -119.19
N TYR P 802 38.93 -20.45 -118.21
CA TYR P 802 38.72 -20.16 -116.81
C TYR P 802 40.04 -19.69 -116.20
N ARG P 803 40.15 -18.38 -115.94
CA ARG P 803 41.37 -17.82 -115.37
C ARG P 803 41.46 -18.18 -113.90
N MET P 804 42.00 -19.37 -113.61
CA MET P 804 42.02 -19.90 -112.26
C MET P 804 43.19 -19.32 -111.47
N SER P 805 43.25 -19.66 -110.19
CA SER P 805 44.30 -19.18 -109.30
C SER P 805 45.67 -19.59 -109.81
N GLY P 806 46.52 -18.60 -110.05
CA GLY P 806 47.89 -18.83 -110.49
C GLY P 806 48.67 -19.75 -109.58
N ASP P 807 48.29 -19.83 -108.31
CA ASP P 807 48.98 -20.73 -107.39
C ASP P 807 48.74 -22.19 -107.76
N THR P 808 47.52 -22.52 -108.20
CA THR P 808 47.25 -23.89 -108.64
C THR P 808 48.05 -24.24 -109.87
N ASN P 809 48.19 -23.30 -110.81
CA ASN P 809 49.03 -23.52 -111.98
C ASN P 809 50.49 -23.70 -111.58
N ALA P 810 50.95 -22.90 -110.61
CA ALA P 810 52.31 -23.04 -110.12
C ALA P 810 52.56 -24.43 -109.52
N ARG P 811 51.59 -24.93 -108.76
CA ARG P 811 51.76 -26.25 -108.15
C ARG P 811 51.68 -27.36 -109.20
N LEU P 812 50.83 -27.18 -110.22
CA LEU P 812 50.79 -28.13 -111.32
C LEU P 812 52.11 -28.16 -112.07
N VAL P 813 52.72 -26.99 -112.26
CA VAL P 813 54.03 -26.93 -112.92
C VAL P 813 55.10 -27.56 -112.04
N GLN P 814 54.98 -27.40 -110.71
CA GLN P 814 55.92 -28.04 -109.80
C GLN P 814 55.81 -29.55 -109.88
N MET P 815 54.59 -30.07 -109.98
CA MET P 815 54.40 -31.51 -110.15
C MET P 815 54.95 -31.98 -111.50
N GLU P 816 54.74 -31.19 -112.56
CA GLU P 816 55.32 -31.53 -113.85
C GLU P 816 56.84 -31.60 -113.77
N VAL P 817 57.45 -30.65 -113.07
CA VAL P 817 58.90 -30.63 -112.92
C VAL P 817 59.39 -31.85 -112.13
N LEU P 818 58.77 -32.12 -110.98
CA LEU P 818 59.14 -33.29 -110.19
C LEU P 818 58.83 -34.58 -110.91
N MET P 819 58.03 -34.53 -111.98
CA MET P 819 57.88 -35.68 -112.86
C MET P 819 58.89 -35.67 -114.01
N ASN P 820 59.52 -34.54 -114.28
CA ASN P 820 60.45 -34.42 -115.38
C ASN P 820 61.87 -34.81 -114.97
N PHE Q 101 -63.90 63.17 120.61
CA PHE Q 101 -65.33 62.97 120.77
C PHE Q 101 -66.05 64.31 120.73
N LEU Q 102 -66.24 64.83 119.52
CA LEU Q 102 -66.94 66.10 119.38
C LEU Q 102 -68.31 65.98 119.97
N LYS Q 103 -68.99 64.87 119.72
CA LYS Q 103 -70.32 64.65 120.29
C LYS Q 103 -70.28 64.87 121.78
N ASN Q 104 -69.45 64.12 122.49
CA ASN Q 104 -69.35 64.24 123.93
C ASN Q 104 -69.09 65.68 124.35
N GLU Q 105 -68.10 66.32 123.72
CA GLU Q 105 -67.77 67.68 124.10
C GLU Q 105 -68.99 68.59 124.01
N LYS Q 106 -69.65 68.58 122.86
CA LYS Q 106 -70.80 69.46 122.67
C LYS Q 106 -71.90 69.15 123.67
N ASP Q 107 -72.16 67.87 123.90
CA ASP Q 107 -73.20 67.48 124.83
C ASP Q 107 -72.91 68.07 126.19
N ASN Q 108 -71.67 67.90 126.66
CA ASN Q 108 -71.31 68.41 127.98
C ASN Q 108 -71.45 69.93 128.05
N ALA Q 109 -71.01 70.62 127.00
CA ALA Q 109 -71.17 72.08 126.98
C ALA Q 109 -72.64 72.46 127.12
N LEU Q 110 -73.51 71.80 126.35
CA LEU Q 110 -74.94 72.09 126.41
C LEU Q 110 -75.47 71.83 127.80
N LEU Q 111 -75.07 70.74 128.42
CA LEU Q 111 -75.52 70.42 129.76
C LEU Q 111 -75.11 71.50 130.75
N SER Q 112 -73.88 71.96 130.69
CA SER Q 112 -73.43 73.04 131.57
C SER Q 112 -74.23 74.32 131.34
N ALA Q 113 -74.56 74.71 130.12
CA ALA Q 113 -75.39 75.93 129.96
C ALA Q 113 -76.77 75.79 130.61
N ILE Q 114 -77.40 74.64 130.38
CA ILE Q 114 -78.71 74.40 130.95
C ILE Q 114 -78.66 74.59 132.46
N GLU Q 115 -77.60 74.12 133.11
CA GLU Q 115 -77.49 74.24 134.55
C GLU Q 115 -77.65 75.69 135.00
N GLU Q 116 -76.85 76.58 134.44
CA GLU Q 116 -76.92 78.00 134.85
C GLU Q 116 -78.27 78.65 134.55
N SER Q 117 -78.95 78.22 133.49
CA SER Q 117 -80.28 78.75 133.19
C SER Q 117 -81.25 78.36 134.30
N ARG Q 118 -81.17 77.12 134.74
CA ARG Q 118 -82.03 76.70 135.84
C ARG Q 118 -81.78 77.60 137.04
N LYS Q 119 -80.51 77.92 137.29
CA LYS Q 119 -80.18 78.76 138.43
C LYS Q 119 -80.91 80.09 138.35
N ARG Q 120 -80.76 80.83 137.25
CA ARG Q 120 -81.39 82.15 137.22
C ARG Q 120 -82.90 82.02 137.41
N THR Q 121 -83.53 81.08 136.72
CA THR Q 121 -84.97 80.89 136.83
C THR Q 121 -85.36 80.63 138.28
N PHE Q 122 -84.66 79.70 138.93
CA PHE Q 122 -84.94 79.39 140.33
C PHE Q 122 -84.76 80.62 141.21
N VAL Q 123 -83.68 81.36 141.07
CA VAL Q 123 -83.50 82.50 141.98
C VAL Q 123 -84.66 83.46 141.83
N MET Q 124 -84.80 84.06 140.65
CA MET Q 124 -85.80 85.12 140.44
C MET Q 124 -87.27 84.78 140.68
N ALA Q 125 -87.82 83.80 139.99
CA ALA Q 125 -89.25 83.52 140.14
C ALA Q 125 -89.55 83.27 141.60
N GLU Q 126 -88.82 82.34 142.20
CA GLU Q 126 -89.03 82.02 143.59
C GLU Q 126 -88.97 83.29 144.40
N GLU Q 127 -87.89 84.05 144.31
CA GLU Q 127 -87.74 85.25 145.13
C GLU Q 127 -88.97 86.14 145.00
N TYR Q 128 -89.30 86.54 143.78
CA TYR Q 128 -90.42 87.48 143.56
C TYR Q 128 -91.75 87.09 144.19
N HIS Q 129 -92.32 85.95 143.80
CA HIS Q 129 -93.64 85.56 144.32
C HIS Q 129 -93.62 85.36 145.82
N ARG Q 130 -92.62 84.67 146.33
CA ARG Q 130 -92.49 84.48 147.77
C ARG Q 130 -92.43 85.83 148.45
N GLU Q 131 -91.61 86.73 147.91
CA GLU Q 131 -91.46 88.05 148.50
C GLU Q 131 -92.81 88.71 148.57
N SER Q 132 -93.54 88.74 147.46
CA SER Q 132 -94.84 89.39 147.44
C SER Q 132 -95.74 88.81 148.52
N MET Q 133 -95.87 87.50 148.56
CA MET Q 133 -96.71 86.86 149.56
C MET Q 133 -96.35 87.30 150.97
N LEU Q 134 -95.07 87.18 151.33
CA LEU Q 134 -94.65 87.53 152.68
C LEU Q 134 -94.98 88.99 152.99
N VAL Q 135 -94.63 89.88 152.07
CA VAL Q 135 -94.87 91.30 152.28
C VAL Q 135 -96.35 91.50 152.56
N GLU Q 136 -97.20 90.96 151.70
CA GLU Q 136 -98.63 91.12 151.88
C GLU Q 136 -99.03 90.68 153.26
N TRP Q 137 -98.71 89.45 153.63
CA TRP Q 137 -99.19 88.96 154.93
C TRP Q 137 -98.70 89.89 156.05
N GLU Q 138 -97.41 90.21 156.08
CA GLU Q 138 -96.87 91.02 157.18
C GLU Q 138 -97.59 92.36 157.26
N GLN Q 139 -97.78 93.01 156.12
CA GLN Q 139 -98.42 94.33 156.11
C GLN Q 139 -99.84 94.24 156.60
N VAL Q 140 -100.60 93.28 156.08
CA VAL Q 140 -101.99 93.15 156.49
C VAL Q 140 -102.01 92.89 157.97
N LYS Q 141 -101.22 91.94 158.43
CA LYS Q 141 -101.27 91.55 159.84
C LYS Q 141 -101.17 92.75 160.77
N GLN Q 142 -100.11 93.53 160.66
CA GLN Q 142 -99.91 94.63 161.60
C GLN Q 142 -100.96 95.72 161.39
N ARG Q 143 -101.45 95.87 160.16
CA ARG Q 143 -102.42 96.92 159.88
C ARG Q 143 -103.77 96.61 160.51
N VAL Q 144 -104.27 95.39 160.33
CA VAL Q 144 -105.52 95.02 160.99
C VAL Q 144 -105.35 94.95 162.49
N LEU Q 145 -104.15 94.65 162.96
CA LEU Q 145 -103.96 94.56 164.41
C LEU Q 145 -103.97 95.94 165.05
N HIS Q 146 -103.27 96.91 164.45
CA HIS Q 146 -103.24 98.24 165.05
C HIS Q 146 -104.57 98.95 164.86
N THR Q 147 -105.28 98.66 163.77
CA THR Q 147 -106.57 99.29 163.53
C THR Q 147 -107.60 98.80 164.54
N LEU Q 148 -107.67 97.49 164.76
CA LEU Q 148 -108.65 96.95 165.69
C LEU Q 148 -108.41 97.48 167.10
N LEU Q 149 -107.15 97.61 167.50
CA LEU Q 149 -106.85 98.10 168.83
C LEU Q 149 -107.19 99.57 168.99
N ALA Q 150 -107.01 100.35 167.91
CA ALA Q 150 -107.25 101.79 168.00
C ALA Q 150 -108.74 102.11 167.83
N SER Q 151 -109.46 101.29 167.07
CA SER Q 151 -110.87 101.57 166.81
C SER Q 151 -111.76 101.18 167.98
N GLY Q 152 -111.21 100.51 168.99
CA GLY Q 152 -112.00 100.05 170.11
C GLY Q 152 -112.64 101.16 170.92
N PHE R 1056 -10.65 -86.30 67.26
CA PHE R 1056 -9.58 -86.09 68.24
C PHE R 1056 -8.27 -85.67 67.60
N LEU R 1057 -8.19 -85.73 66.27
CA LEU R 1057 -6.96 -85.39 65.59
C LEU R 1057 -6.49 -84.02 66.05
N GLU R 1058 -7.38 -83.03 66.02
CA GLU R 1058 -7.00 -81.67 66.39
C GLU R 1058 -6.39 -81.58 67.80
N PRO R 1059 -7.09 -82.10 68.84
CA PRO R 1059 -6.44 -81.94 70.14
C PRO R 1059 -5.19 -82.79 70.27
N HIS R 1060 -5.11 -83.96 69.65
CA HIS R 1060 -3.87 -84.72 69.72
C HIS R 1060 -2.77 -83.81 69.21
N LEU R 1061 -2.96 -83.24 68.04
CA LEU R 1061 -1.96 -82.35 67.46
C LEU R 1061 -1.59 -81.25 68.43
N VAL R 1062 -2.59 -80.54 68.96
CA VAL R 1062 -2.29 -79.41 69.84
C VAL R 1062 -1.46 -79.85 71.04
N ARG R 1063 -1.87 -80.93 71.70
CA ARG R 1063 -1.18 -81.42 72.88
C ARG R 1063 0.26 -81.76 72.55
N MET R 1064 0.47 -82.49 71.46
CA MET R 1064 1.83 -82.91 71.12
C MET R 1064 2.69 -81.70 70.80
N ALA R 1065 2.13 -80.73 70.10
CA ALA R 1065 2.86 -79.52 69.77
C ALA R 1065 3.25 -78.73 71.00
N LYS R 1066 2.36 -78.70 72.01
CA LYS R 1066 2.70 -78.02 73.26
C LYS R 1066 3.76 -78.78 74.04
N LEU R 1067 3.70 -80.11 74.03
CA LEU R 1067 4.65 -80.92 74.78
C LEU R 1067 6.03 -80.94 74.12
N ASN R 1070 9.65 -83.18 67.59
CA ASN R 1070 9.02 -82.91 66.30
C ASN R 1070 7.88 -81.92 66.45
N LYS R 1071 8.06 -80.92 67.29
CA LYS R 1071 7.03 -79.90 67.47
C LYS R 1071 6.73 -79.23 66.15
N VAL R 1072 7.76 -78.96 65.36
CA VAL R 1072 7.58 -78.36 64.05
C VAL R 1072 6.62 -79.20 63.21
N ARG R 1073 6.93 -80.48 63.05
CA ARG R 1073 6.07 -81.38 62.30
C ARG R 1073 4.65 -81.34 62.82
N TYR R 1074 4.50 -81.44 64.14
CA TYR R 1074 3.15 -81.48 64.71
C TYR R 1074 2.38 -80.22 64.33
N MET R 1075 2.97 -79.05 64.53
CA MET R 1075 2.26 -77.80 64.25
C MET R 1075 1.99 -77.62 62.76
N ASP R 1076 2.89 -78.11 61.92
CA ASP R 1076 2.67 -78.06 60.47
C ASP R 1076 1.42 -78.86 60.13
N LEU R 1077 1.35 -80.09 60.65
CA LEU R 1077 0.19 -80.92 60.39
C LEU R 1077 -1.04 -80.21 60.91
N LEU R 1078 -0.92 -79.58 62.07
CA LEU R 1078 -2.06 -78.91 62.68
C LEU R 1078 -2.58 -77.85 61.75
N TRP R 1079 -1.70 -76.96 61.28
CA TRP R 1079 -2.15 -75.89 60.41
C TRP R 1079 -2.75 -76.46 59.13
N ARG R 1080 -2.15 -77.50 58.55
CA ARG R 1080 -2.73 -78.10 57.34
C ARG R 1080 -4.16 -78.55 57.58
N TYR R 1081 -4.38 -79.32 58.64
CA TYR R 1081 -5.72 -79.82 58.93
C TYR R 1081 -6.66 -78.65 59.10
N TYR R 1082 -6.22 -77.65 59.85
CA TYR R 1082 -7.02 -76.44 60.05
C TYR R 1082 -7.48 -75.83 58.74
N GLU R 1083 -6.55 -75.54 57.83
CA GLU R 1083 -6.90 -74.90 56.56
C GLU R 1083 -7.92 -75.73 55.79
N LYS R 1084 -7.75 -77.05 55.79
CA LYS R 1084 -8.71 -77.94 55.14
C LYS R 1084 -10.07 -77.85 55.81
N ASN R 1085 -10.09 -77.79 57.14
CA ASN R 1085 -11.35 -77.72 57.88
C ASN R 1085 -11.80 -76.29 58.12
N ARG R 1086 -11.49 -75.39 57.20
CA ARG R 1086 -11.91 -73.98 57.30
C ARG R 1086 -11.52 -73.31 58.62
N ASN R 1087 -10.25 -73.46 59.03
CA ASN R 1087 -9.74 -72.85 60.27
C ASN R 1087 -8.32 -72.30 60.10
N PHE R 1088 -8.11 -71.61 59.00
CA PHE R 1088 -6.79 -71.04 58.72
C PHE R 1088 -6.35 -69.99 59.75
N SER R 1089 -7.27 -69.31 60.42
CA SER R 1089 -6.88 -68.36 61.48
C SER R 1089 -6.19 -69.07 62.62
N ASN R 1090 -6.78 -70.18 63.06
CA ASN R 1090 -6.15 -70.97 64.10
C ASN R 1090 -4.86 -71.54 63.57
N ALA R 1091 -4.84 -71.93 62.29
CA ALA R 1091 -3.58 -72.41 61.72
C ALA R 1091 -2.52 -71.36 61.95
N ALA R 1092 -2.79 -70.12 61.54
CA ALA R 1092 -1.85 -69.02 61.71
C ALA R 1092 -1.41 -68.84 63.13
N ARG R 1093 -2.36 -68.81 64.06
CA ARG R 1093 -1.99 -68.57 65.44
C ARG R 1093 -1.02 -69.65 65.90
N VAL R 1094 -1.35 -70.92 65.62
CA VAL R 1094 -0.50 -72.02 66.04
C VAL R 1094 0.90 -71.87 65.43
N VAL R 1095 0.96 -71.55 64.14
CA VAL R 1095 2.23 -71.37 63.46
C VAL R 1095 3.08 -70.26 64.08
N ALA R 1096 2.46 -69.13 64.42
CA ALA R 1096 3.18 -68.02 65.03
C ALA R 1096 3.69 -68.41 66.41
N LYS R 1097 2.86 -69.14 67.15
CA LYS R 1097 3.30 -69.61 68.46
C LYS R 1097 4.54 -70.45 68.28
N LEU R 1098 4.51 -71.35 67.28
CA LEU R 1098 5.66 -72.18 67.00
C LEU R 1098 6.85 -71.30 66.73
N ALA R 1099 6.74 -70.38 65.77
CA ALA R 1099 7.85 -69.50 65.42
C ALA R 1099 8.47 -68.85 66.65
N ASP R 1100 7.62 -68.34 67.55
CA ASP R 1100 8.12 -67.71 68.77
C ASP R 1100 8.84 -68.67 69.72
N MET R 1101 8.20 -69.78 70.11
CA MET R 1101 8.79 -70.77 71.05
C MET R 1101 10.33 -70.81 71.21
N LYS R 1109 21.71 -73.43 62.89
CA LYS R 1109 21.33 -74.13 61.68
C LYS R 1109 19.95 -74.74 61.83
N GLN R 1110 19.71 -75.39 62.97
CA GLN R 1110 18.38 -75.91 63.24
C GLN R 1110 17.45 -74.73 63.39
N ARG R 1111 17.91 -73.68 64.06
CA ARG R 1111 17.11 -72.46 64.20
C ARG R 1111 16.97 -71.78 62.84
N LEU R 1112 17.97 -71.88 61.98
CA LEU R 1112 17.84 -71.34 60.63
C LEU R 1112 16.69 -72.03 59.92
N GLU R 1113 16.65 -73.36 60.04
CA GLU R 1113 15.55 -74.11 59.42
C GLU R 1113 14.24 -73.70 60.06
N TYR R 1114 14.21 -73.48 61.36
CA TYR R 1114 13.01 -73.05 62.06
C TYR R 1114 12.51 -71.76 61.46
N ILE R 1115 13.42 -70.83 61.23
CA ILE R 1115 13.05 -69.54 60.64
C ILE R 1115 12.52 -69.72 59.22
N SER R 1116 13.21 -70.51 58.41
CA SER R 1116 12.71 -70.77 57.06
C SER R 1116 11.32 -71.40 57.14
N ARG R 1117 11.13 -72.35 58.05
CA ARG R 1117 9.85 -73.03 58.19
C ARG R 1117 8.81 -72.05 58.71
N ALA R 1118 9.18 -71.22 59.67
CA ALA R 1118 8.26 -70.22 60.20
C ALA R 1118 7.77 -69.34 59.08
N ILE R 1119 8.71 -68.81 58.29
CA ILE R 1119 8.34 -67.95 57.17
C ILE R 1119 7.34 -68.68 56.28
N LEU R 1120 7.68 -69.90 55.86
CA LEU R 1120 6.79 -70.63 54.95
C LEU R 1120 5.41 -70.79 55.53
N SER R 1121 5.33 -71.18 56.79
CA SER R 1121 4.05 -71.44 57.41
C SER R 1121 3.21 -70.17 57.62
N ALA R 1122 3.84 -69.04 57.92
CA ALA R 1122 3.07 -67.80 58.03
C ALA R 1122 2.61 -67.31 56.66
N LYS R 1123 3.39 -67.59 55.63
CA LYS R 1123 2.95 -67.23 54.28
C LYS R 1123 1.71 -68.02 53.96
N SER R 1124 1.68 -69.28 54.38
CA SER R 1124 0.52 -70.13 54.15
C SER R 1124 -0.66 -69.65 54.97
N SER R 1125 -0.39 -69.13 56.17
CA SER R 1125 -1.45 -68.65 57.03
C SER R 1125 -2.23 -67.49 56.47
N THR R 1126 -1.52 -66.48 55.97
CA THR R 1126 -2.17 -65.30 55.42
C THR R 1126 -1.90 -65.17 53.94
N THR R 1127 -2.68 -65.88 53.12
CA THR R 1127 -2.53 -65.77 51.68
C THR R 1127 -3.01 -64.40 51.23
N MET R 1128 -4.24 -64.05 51.59
CA MET R 1128 -4.76 -62.73 51.25
C MET R 1128 -5.09 -61.99 52.54
N SER R 1129 -5.46 -62.74 53.58
CA SER R 1129 -5.84 -62.13 54.85
C SER R 1129 -5.01 -60.93 55.24
N THR R 1130 -5.66 -59.79 55.39
CA THR R 1130 -4.95 -58.56 55.73
C THR R 1130 -5.06 -58.27 57.22
N LEU R 1131 -5.47 -59.25 58.01
CA LEU R 1131 -5.58 -59.08 59.45
C LEU R 1131 -4.38 -58.28 59.91
N ALA R 1132 -4.66 -57.09 60.43
CA ALA R 1132 -3.60 -56.19 60.89
C ALA R 1132 -2.53 -56.95 61.60
N ALA R 1133 -2.84 -57.55 62.74
CA ALA R 1133 -1.82 -58.23 63.53
C ALA R 1133 -1.05 -59.26 62.71
N ASP R 1134 -1.76 -60.20 62.10
CA ASP R 1134 -1.09 -61.26 61.33
C ASP R 1134 -0.34 -60.73 60.12
N GLY R 1135 -0.88 -59.70 59.47
CA GLY R 1135 -0.22 -59.13 58.31
C GLY R 1135 1.07 -58.49 58.73
N GLU R 1136 1.06 -57.82 59.87
CA GLU R 1136 2.25 -57.17 60.39
C GLU R 1136 3.24 -58.22 60.79
N PHE R 1137 2.76 -59.35 61.31
CA PHE R 1137 3.65 -60.44 61.66
C PHE R 1137 4.33 -60.98 60.42
N LEU R 1138 3.59 -61.09 59.32
CA LEU R 1138 4.18 -61.55 58.07
C LEU R 1138 5.18 -60.54 57.54
N HIS R 1139 4.90 -59.24 57.71
CA HIS R 1139 5.84 -58.23 57.27
C HIS R 1139 7.09 -58.33 58.10
N GLU R 1140 6.96 -58.66 59.38
CA GLU R 1140 8.09 -58.77 60.27
C GLU R 1140 8.88 -59.98 59.89
N LEU R 1141 8.23 -61.05 59.44
CA LEU R 1141 8.92 -62.23 58.97
C LEU R 1141 9.69 -61.93 57.70
N GLU R 1142 9.12 -61.08 56.84
CA GLU R 1142 9.87 -60.67 55.64
C GLU R 1142 11.04 -59.80 56.03
N GLU R 1143 10.88 -58.99 57.08
CA GLU R 1143 11.98 -58.17 57.57
C GLU R 1143 12.95 -59.04 58.33
N LYS R 1144 12.47 -60.14 58.90
CA LYS R 1144 13.39 -61.09 59.54
C LYS R 1144 14.15 -61.76 58.43
N LEU R 1145 13.48 -62.02 57.30
CA LEU R 1145 14.16 -62.59 56.16
C LEU R 1145 15.17 -61.57 55.67
N GLU R 1146 14.83 -60.28 55.71
CA GLU R 1146 15.77 -59.25 55.33
C GLU R 1146 16.99 -59.40 56.20
N VAL R 1147 16.78 -59.49 57.51
CA VAL R 1147 17.89 -59.62 58.44
C VAL R 1147 18.71 -60.80 57.98
N ALA R 1148 18.11 -61.98 57.86
CA ALA R 1148 18.87 -63.17 57.50
C ALA R 1148 19.73 -62.92 56.27
N ARG R 1149 19.12 -62.47 55.18
CA ARG R 1149 19.86 -62.27 53.94
C ARG R 1149 21.02 -61.29 54.07
N ILE R 1150 20.76 -60.13 54.65
CA ILE R 1150 21.82 -59.13 54.71
C ILE R 1150 22.93 -59.73 55.56
N GLN R 1151 22.57 -60.36 56.67
CA GLN R 1151 23.54 -60.92 57.57
C GLN R 1151 24.40 -61.87 56.77
N LEU R 1152 23.82 -62.84 56.08
CA LEU R 1152 24.63 -63.83 55.37
C LEU R 1152 25.52 -63.21 54.29
N GLN R 1153 25.01 -62.27 53.49
CA GLN R 1153 25.92 -61.77 52.45
C GLN R 1153 27.10 -61.02 53.09
N ILE R 1154 26.79 -60.21 54.09
CA ILE R 1154 27.86 -59.40 54.63
C ILE R 1154 28.81 -60.29 55.44
N GLN R 1155 28.32 -61.43 55.91
CA GLN R 1155 29.13 -62.32 56.70
C GLN R 1155 30.07 -62.93 55.71
N GLU R 1156 29.60 -63.44 54.59
CA GLU R 1156 30.54 -63.93 53.59
C GLU R 1156 31.62 -62.88 53.42
N THR R 1157 31.20 -61.64 53.14
CA THR R 1157 32.19 -60.58 52.90
C THR R 1157 33.27 -60.48 54.00
N LEU R 1158 32.87 -60.19 55.23
CA LEU R 1158 33.84 -59.98 56.32
C LEU R 1158 34.57 -61.23 56.78
N THR R 1159 34.01 -62.40 56.50
CA THR R 1159 34.65 -63.63 56.84
C THR R 1159 35.83 -63.65 55.92
N ARG R 1160 35.60 -63.73 54.61
CA ARG R 1160 36.72 -63.84 53.70
C ARG R 1160 37.76 -62.74 53.97
N GLN R 1161 37.34 -61.62 54.56
CA GLN R 1161 38.25 -60.52 54.86
C GLN R 1161 39.19 -60.80 56.03
N TYR R 1162 38.65 -61.17 57.19
CA TYR R 1162 39.49 -61.36 58.38
C TYR R 1162 39.95 -62.80 58.53
N SER R 1163 40.66 -63.33 57.53
CA SER R 1163 41.14 -64.71 57.56
C SER R 1163 40.03 -65.65 58.02
N HIS R 1164 38.92 -65.65 57.29
CA HIS R 1164 37.76 -66.46 57.69
C HIS R 1164 37.41 -66.15 59.13
N HIS R 1165 36.99 -64.91 59.39
CA HIS R 1165 36.71 -64.47 60.76
C HIS R 1165 35.89 -65.45 61.56
N SER R 1166 36.36 -65.90 62.71
CA SER R 1166 35.53 -66.77 63.56
C SER R 1166 34.40 -65.96 64.22
N THR R 1167 34.71 -64.72 64.57
CA THR R 1167 33.72 -63.86 65.20
C THR R 1167 32.56 -63.61 64.24
N VAL R 1168 32.82 -63.48 62.94
CA VAL R 1168 31.73 -63.32 61.98
C VAL R 1168 30.77 -64.49 62.07
N GLY R 1169 31.30 -65.71 62.06
CA GLY R 1169 30.47 -66.88 62.21
C GLY R 1169 29.66 -66.84 63.49
N ASP R 1170 30.31 -66.52 64.61
CA ASP R 1170 29.57 -66.41 65.88
C ASP R 1170 28.41 -65.42 65.78
N ALA R 1171 28.68 -64.24 65.25
CA ALA R 1171 27.65 -63.20 65.12
C ALA R 1171 26.50 -63.67 64.24
N VAL R 1172 26.80 -64.36 63.15
CA VAL R 1172 25.76 -64.88 62.27
C VAL R 1172 24.89 -65.89 63.01
N SER R 1173 25.53 -66.81 63.75
CA SER R 1173 24.76 -67.76 64.52
C SER R 1173 23.84 -67.01 65.49
N GLN R 1174 24.37 -65.99 66.19
CA GLN R 1174 23.54 -65.22 67.12
C GLN R 1174 22.35 -64.59 66.42
N LEU R 1175 22.58 -63.96 65.27
CA LEU R 1175 21.51 -63.31 64.51
C LEU R 1175 20.44 -64.29 64.02
N ASP R 1176 20.83 -65.50 63.68
CA ASP R 1176 19.86 -66.49 63.25
C ASP R 1176 19.14 -67.12 64.45
N SER R 1177 19.85 -67.28 65.56
CA SER R 1177 19.26 -67.91 66.76
C SER R 1177 18.08 -67.12 67.31
N GLN R 1178 18.15 -65.80 67.25
CA GLN R 1178 17.08 -64.97 67.80
C GLN R 1178 16.90 -63.67 67.03
N LEU R 1179 15.71 -63.11 67.11
CA LEU R 1179 15.44 -61.86 66.43
C LEU R 1179 15.94 -60.72 67.29
N MET R 1180 16.75 -59.83 66.70
CA MET R 1180 17.35 -58.75 67.48
C MET R 1180 16.61 -57.43 67.33
N ASP R 1181 16.85 -56.53 68.29
CA ASP R 1181 16.25 -55.20 68.22
C ASP R 1181 17.18 -54.23 67.50
N ILE R 1182 16.56 -53.21 66.90
CA ILE R 1182 17.32 -52.24 66.13
C ILE R 1182 18.55 -51.73 66.86
N THR R 1183 18.39 -51.19 68.06
CA THR R 1183 19.53 -50.61 68.76
C THR R 1183 20.68 -51.60 68.87
N LYS R 1184 20.42 -52.77 69.42
CA LYS R 1184 21.48 -53.76 69.61
C LYS R 1184 22.16 -54.02 68.29
N MET R 1185 21.38 -54.40 67.28
CA MET R 1185 22.00 -54.74 66.01
C MET R 1185 22.93 -53.63 65.59
N PHE R 1186 22.38 -52.43 65.47
CA PHE R 1186 23.16 -51.29 65.02
C PHE R 1186 24.45 -51.23 65.77
N GLY R 1187 24.40 -51.03 67.08
CA GLY R 1187 25.64 -50.86 67.83
C GLY R 1187 26.63 -51.95 67.56
N GLN R 1188 26.27 -53.17 67.93
CA GLN R 1188 27.19 -54.31 67.80
C GLN R 1188 27.77 -54.50 66.42
N TYR R 1189 26.92 -54.69 65.42
CA TYR R 1189 27.45 -55.00 64.09
C TYR R 1189 28.06 -53.78 63.41
N ALA R 1190 28.12 -52.66 64.11
CA ALA R 1190 28.78 -51.48 63.57
C ALA R 1190 30.22 -51.47 63.96
N ASP R 1191 30.51 -51.63 65.25
CA ASP R 1191 31.90 -51.51 65.71
C ASP R 1191 32.83 -52.54 65.07
N PRO R 1192 32.50 -53.85 65.18
CA PRO R 1192 33.40 -54.77 64.47
C PRO R 1192 33.33 -54.76 62.95
N PHE R 1193 32.16 -54.55 62.35
CA PHE R 1193 32.07 -54.69 60.88
C PHE R 1193 31.59 -53.50 60.04
N ARG R 1194 30.82 -52.57 60.60
CA ARG R 1194 30.28 -51.42 59.86
C ARG R 1194 29.43 -51.82 58.65
N LEU R 1195 28.24 -52.35 58.91
CA LEU R 1195 27.36 -52.78 57.83
C LEU R 1195 26.48 -51.63 57.39
N SER R 1196 27.05 -50.67 56.67
CA SER R 1196 26.29 -49.48 56.31
C SER R 1196 25.05 -49.75 55.46
N GLU R 1197 25.15 -50.61 54.47
CA GLU R 1197 23.99 -50.95 53.64
C GLU R 1197 22.89 -51.50 54.51
N CYS R 1198 23.24 -52.43 55.39
CA CYS R 1198 22.25 -53.02 56.27
C CYS R 1198 21.60 -51.98 57.18
N LYS R 1199 22.41 -51.08 57.75
CA LYS R 1199 21.85 -50.03 58.59
C LYS R 1199 20.87 -49.17 57.82
N LEU R 1200 21.22 -48.84 56.59
CA LEU R 1200 20.35 -48.03 55.75
C LEU R 1200 19.03 -48.76 55.53
N ALA R 1201 19.10 -50.04 55.17
CA ALA R 1201 17.87 -50.80 54.99
C ALA R 1201 17.03 -50.75 56.25
N ILE R 1202 17.66 -51.00 57.41
CA ILE R 1202 16.93 -50.99 58.68
C ILE R 1202 16.21 -49.67 58.90
N ILE R 1203 16.92 -48.55 58.73
CA ILE R 1203 16.27 -47.26 59.02
C ILE R 1203 15.15 -47.00 58.01
N HIS R 1204 15.37 -47.36 56.75
CA HIS R 1204 14.35 -47.17 55.73
C HIS R 1204 13.06 -47.85 56.15
N CYS R 1205 13.14 -49.10 56.57
CA CYS R 1205 11.95 -49.85 56.97
C CYS R 1205 11.23 -49.22 58.15
N ALA R 1206 11.97 -48.86 59.20
CA ALA R 1206 11.35 -48.25 60.38
C ALA R 1206 10.75 -46.89 60.07
N GLY R 1207 11.41 -46.13 59.20
CA GLY R 1207 10.92 -44.79 58.86
C GLY R 1207 11.75 -43.68 59.47
N HIS R 1208 12.83 -44.04 60.18
CA HIS R 1208 13.70 -43.05 60.78
C HIS R 1208 14.38 -42.21 59.72
N SER R 1209 14.25 -40.90 59.81
CA SER R 1209 14.82 -40.02 58.81
C SER R 1209 15.95 -39.17 59.37
N ASP R 1210 17.18 -39.52 59.02
CA ASP R 1210 18.33 -38.72 59.43
C ASP R 1210 19.19 -38.54 58.19
N PRO R 1211 19.12 -37.37 57.55
CA PRO R 1211 19.88 -37.14 56.31
C PRO R 1211 21.36 -37.33 56.51
N ILE R 1212 21.92 -36.79 57.58
CA ILE R 1212 23.34 -36.92 57.85
C ILE R 1212 23.71 -38.39 57.95
N LEU R 1213 22.95 -39.15 58.73
CA LEU R 1213 23.22 -40.58 58.88
C LEU R 1213 23.19 -41.27 57.53
N VAL R 1214 22.16 -41.00 56.72
CA VAL R 1214 22.05 -41.63 55.40
C VAL R 1214 23.30 -41.33 54.56
N GLN R 1215 23.71 -40.07 54.52
CA GLN R 1215 24.89 -39.69 53.75
C GLN R 1215 26.12 -40.43 54.24
N THR R 1216 26.33 -40.45 55.55
CA THR R 1216 27.49 -41.14 56.12
C THR R 1216 27.49 -42.60 55.71
N LEU R 1217 26.33 -43.25 55.80
CA LEU R 1217 26.22 -44.65 55.41
C LEU R 1217 26.61 -44.84 53.95
N TRP R 1218 26.05 -44.03 53.06
CA TRP R 1218 26.43 -44.13 51.65
C TRP R 1218 27.93 -43.99 51.46
N GLN R 1219 28.53 -42.98 52.07
CA GLN R 1219 29.96 -42.75 51.95
C GLN R 1219 30.73 -43.99 52.37
N ASP R 1220 30.39 -44.54 53.53
CA ASP R 1220 31.10 -45.70 54.04
C ASP R 1220 31.01 -46.90 53.10
N ILE R 1221 29.83 -47.15 52.52
CA ILE R 1221 29.69 -48.24 51.56
C ILE R 1221 30.71 -48.07 50.45
N ILE R 1222 30.70 -46.89 49.82
CA ILE R 1222 31.61 -46.63 48.73
C ILE R 1222 33.04 -46.86 49.18
N ASP R 1223 33.42 -46.32 50.33
CA ASP R 1223 34.81 -46.44 50.78
C ASP R 1223 35.21 -47.89 51.01
N LYS R 1224 34.35 -48.70 51.61
CA LYS R 1224 34.64 -50.11 51.84
C LYS R 1224 34.81 -50.83 50.52
N GLU R 1225 33.92 -50.55 49.58
CA GLU R 1225 34.03 -51.17 48.26
C GLU R 1225 35.37 -50.82 47.66
N LEU R 1226 35.77 -49.54 47.77
CA LEU R 1226 37.04 -49.11 47.21
C LEU R 1226 38.22 -49.80 47.87
N SER R 1227 38.18 -49.96 49.19
CA SER R 1227 39.25 -50.68 49.87
C SER R 1227 39.36 -52.10 49.36
N ASP R 1228 38.22 -52.76 49.19
CA ASP R 1228 38.22 -54.13 48.65
C ASP R 1228 38.61 -54.17 47.18
N SER R 1229 38.36 -53.08 46.46
CA SER R 1229 38.65 -53.05 45.02
C SER R 1229 40.06 -52.55 44.67
N MET R 1230 40.80 -52.06 45.65
CA MET R 1230 42.17 -51.63 45.40
C MET R 1230 42.98 -52.72 44.71
N GLY R 1231 42.80 -53.97 45.15
CA GLY R 1231 43.50 -55.09 44.52
C GLY R 1231 43.16 -55.28 43.06
N ASN R 1232 41.90 -55.07 42.69
CA ASN R 1232 41.46 -55.26 41.31
C ASN R 1232 41.93 -54.17 40.35
N SER R 1233 41.84 -54.43 39.05
CA SER R 1233 42.23 -53.43 38.06
C SER R 1233 41.25 -52.27 38.07
N SER R 1234 41.72 -51.07 37.74
CA SER R 1234 40.87 -49.89 37.77
C SER R 1234 39.51 -50.17 37.15
N VAL R 1235 39.50 -50.73 35.94
CA VAL R 1235 38.25 -51.02 35.25
C VAL R 1235 37.32 -51.91 36.08
N ASP R 1236 37.86 -53.01 36.62
CA ASP R 1236 37.06 -53.90 37.44
C ASP R 1236 36.49 -53.20 38.67
N ARG R 1237 37.31 -52.42 39.37
CA ARG R 1237 36.82 -51.68 40.52
C ARG R 1237 35.66 -50.84 40.09
N MET R 1238 35.86 -50.07 39.03
CA MET R 1238 34.82 -49.18 38.56
C MET R 1238 33.54 -49.94 38.31
N GLN R 1239 33.61 -51.03 37.57
CA GLN R 1239 32.41 -51.79 37.22
C GLN R 1239 31.70 -52.31 38.47
N SER R 1240 32.45 -52.89 39.40
CA SER R 1240 31.85 -53.41 40.62
C SER R 1240 31.13 -52.30 41.36
N LEU R 1241 31.80 -51.16 41.51
CA LEU R 1241 31.20 -50.05 42.23
C LEU R 1241 29.92 -49.67 41.54
N HIS R 1242 29.95 -49.51 40.22
CA HIS R 1242 28.78 -49.14 39.46
C HIS R 1242 27.65 -50.08 39.77
N LEU R 1243 27.88 -51.38 39.62
CA LEU R 1243 26.82 -52.36 39.84
C LEU R 1243 26.23 -52.22 41.23
N LYS R 1244 27.09 -52.18 42.25
CA LYS R 1244 26.60 -52.11 43.62
C LYS R 1244 25.72 -50.87 43.79
N ILE R 1245 26.23 -49.72 43.35
CA ILE R 1245 25.49 -48.48 43.53
C ILE R 1245 24.14 -48.61 42.85
N THR R 1246 24.12 -49.07 41.61
CA THR R 1246 22.88 -49.16 40.86
C THR R 1246 21.88 -50.03 41.60
N SER R 1247 22.31 -51.22 42.05
CA SER R 1247 21.40 -52.11 42.76
C SER R 1247 20.84 -51.43 44.01
N LEU R 1248 21.71 -50.83 44.82
CA LEU R 1248 21.22 -50.22 46.07
C LEU R 1248 20.26 -49.08 45.77
N GLY R 1249 20.53 -48.33 44.71
CA GLY R 1249 19.67 -47.21 44.33
C GLY R 1249 18.33 -47.70 43.92
N LYS R 1250 18.28 -48.75 43.11
CA LYS R 1250 17.00 -49.32 42.68
C LYS R 1250 16.13 -49.72 43.87
N ILE R 1251 16.74 -50.07 44.99
CA ILE R 1251 15.97 -50.40 46.20
C ILE R 1251 15.34 -49.16 46.81
N TYR R 1252 16.09 -48.07 46.90
CA TYR R 1252 15.57 -46.83 47.50
C TYR R 1252 15.31 -45.74 46.47
N ALA R 1253 14.95 -46.13 45.25
CA ALA R 1253 14.71 -45.15 44.19
C ALA R 1253 13.53 -44.27 44.49
N SER R 1254 12.43 -44.86 44.95
CA SER R 1254 11.23 -44.11 45.26
C SER R 1254 11.43 -43.12 46.40
N THR R 1255 12.29 -43.46 47.35
CA THR R 1255 12.50 -42.60 48.52
C THR R 1255 13.69 -41.67 48.35
N PRO R 1256 13.43 -40.36 48.23
CA PRO R 1256 14.51 -39.39 48.11
C PRO R 1256 15.24 -39.18 49.44
N ARG R 1257 14.59 -39.49 50.56
CA ARG R 1257 15.22 -39.37 51.87
C ARG R 1257 16.42 -40.27 51.99
N TYR R 1258 16.31 -41.48 51.45
CA TYR R 1258 17.41 -42.44 51.57
C TYR R 1258 18.25 -42.48 50.32
N PHE R 1259 18.18 -41.41 49.52
CA PHE R 1259 19.01 -41.32 48.32
C PHE R 1259 19.40 -39.85 48.17
N PRO R 1260 20.49 -39.42 48.84
CA PRO R 1260 20.90 -38.01 48.80
C PRO R 1260 21.64 -37.69 47.51
N LEU R 1261 20.89 -37.32 46.48
CA LEU R 1261 21.49 -37.07 45.16
C LEU R 1261 22.66 -36.12 45.15
N GLU R 1262 22.47 -34.88 45.59
CA GLU R 1262 23.54 -33.90 45.49
C GLU R 1262 24.82 -34.41 46.14
N PHE R 1263 24.75 -34.78 47.41
CA PHE R 1263 25.93 -35.26 48.12
C PHE R 1263 26.57 -36.40 47.37
N LEU R 1264 25.79 -37.40 46.99
CA LEU R 1264 26.36 -38.56 46.31
C LEU R 1264 27.11 -38.13 45.07
N VAL R 1265 26.46 -37.35 44.21
CA VAL R 1265 27.10 -36.94 42.96
C VAL R 1265 28.41 -36.23 43.27
N LYS R 1266 28.37 -35.26 44.18
CA LYS R 1266 29.58 -34.51 44.50
C LYS R 1266 30.71 -35.44 44.95
N TYR R 1267 30.43 -36.30 45.92
CA TYR R 1267 31.46 -37.18 46.45
C TYR R 1267 32.02 -38.08 45.36
N LEU R 1268 31.15 -38.62 44.51
CA LEU R 1268 31.60 -39.53 43.46
C LEU R 1268 32.47 -38.81 42.44
N GLU R 1269 32.11 -37.58 42.08
CA GLU R 1269 32.93 -36.79 41.15
C GLU R 1269 34.27 -36.47 41.78
N GLN R 1270 34.28 -36.21 43.08
CA GLN R 1270 35.53 -35.96 43.77
C GLN R 1270 36.40 -37.20 43.67
N GLN R 1271 35.81 -38.36 43.93
CA GLN R 1271 36.56 -39.60 43.84
C GLN R 1271 37.10 -39.79 42.45
N VAL R 1272 36.32 -39.44 41.42
CA VAL R 1272 36.77 -39.55 40.03
C VAL R 1272 37.97 -38.65 39.77
N CYS R 1273 37.91 -37.40 40.20
CA CYS R 1273 39.07 -36.51 40.03
C CYS R 1273 40.29 -37.04 40.78
N ASN R 1274 40.08 -37.69 41.92
CA ASN R 1274 41.19 -38.26 42.70
C ASN R 1274 41.80 -39.49 42.04
N PHE R 1275 40.97 -40.36 41.48
CA PHE R 1275 41.44 -41.60 40.86
C PHE R 1275 41.63 -41.49 39.35
N SER R 1276 41.40 -40.30 38.78
CA SER R 1276 41.55 -40.08 37.34
C SER R 1276 40.77 -41.07 36.47
N TRP R 1277 39.45 -41.07 36.61
CA TRP R 1277 38.61 -41.95 35.78
C TRP R 1277 37.96 -41.20 34.61
N ASP R 1278 37.00 -41.83 33.94
CA ASP R 1278 36.33 -41.21 32.79
C ASP R 1278 35.37 -40.10 33.19
N ALA R 1279 35.28 -39.07 32.37
CA ALA R 1279 34.38 -37.94 32.67
C ALA R 1279 32.92 -38.33 32.63
N GLY R 1280 32.51 -39.13 31.65
CA GLY R 1280 31.10 -39.48 31.50
C GLY R 1280 30.53 -40.56 32.39
N PHE R 1281 31.36 -41.17 33.24
CA PHE R 1281 30.91 -42.28 34.08
C PHE R 1281 29.67 -41.92 34.89
N VAL R 1282 29.75 -40.85 35.67
CA VAL R 1282 28.63 -40.46 36.52
C VAL R 1282 27.38 -40.24 35.68
N THR R 1283 27.51 -39.51 34.58
CA THR R 1283 26.36 -39.21 33.73
C THR R 1283 25.70 -40.51 33.27
N TYR R 1284 26.49 -41.43 32.72
CA TYR R 1284 25.95 -42.70 32.25
C TYR R 1284 25.24 -43.44 33.37
N THR R 1285 25.88 -43.55 34.54
CA THR R 1285 25.28 -44.26 35.66
C THR R 1285 23.92 -43.66 36.02
N MET R 1286 23.85 -42.34 36.10
CA MET R 1286 22.60 -41.70 36.48
C MET R 1286 21.53 -41.89 35.41
N GLN R 1287 21.89 -41.84 34.14
CA GLN R 1287 20.90 -42.11 33.10
C GLN R 1287 20.38 -43.55 33.22
N GLU R 1288 21.24 -44.47 33.63
CA GLU R 1288 20.85 -45.88 33.75
C GLU R 1288 19.85 -46.13 34.89
N ILE R 1289 19.98 -45.42 36.01
CA ILE R 1289 19.04 -45.55 37.12
C ILE R 1289 17.82 -44.66 36.87
N ASN R 1290 17.48 -44.44 35.60
CA ASN R 1290 16.30 -43.65 35.25
C ASN R 1290 16.22 -42.27 35.89
N VAL R 1291 17.35 -41.58 36.02
CA VAL R 1291 17.33 -40.22 36.54
C VAL R 1291 17.09 -39.33 35.33
N PRO R 1292 16.01 -38.54 35.36
CA PRO R 1292 15.68 -37.74 34.19
C PRO R 1292 16.82 -36.85 33.74
N VAL R 1293 17.03 -36.75 32.43
CA VAL R 1293 18.08 -35.86 31.90
C VAL R 1293 17.88 -34.40 32.35
N PRO R 1294 16.63 -33.86 32.30
CA PRO R 1294 16.54 -32.49 32.84
C PRO R 1294 17.08 -32.40 34.26
N LYS R 1295 16.69 -33.31 35.15
CA LYS R 1295 17.13 -33.26 36.54
C LYS R 1295 18.63 -33.36 36.70
N LEU R 1296 19.25 -34.29 35.98
CA LEU R 1296 20.69 -34.45 36.05
C LEU R 1296 21.37 -33.16 35.59
N LEU R 1297 20.87 -32.57 34.51
CA LEU R 1297 21.46 -31.34 33.99
C LEU R 1297 21.35 -30.28 35.05
N GLU R 1298 20.18 -30.14 35.67
CA GLU R 1298 20.00 -29.17 36.73
C GLU R 1298 21.03 -29.37 37.83
N VAL R 1299 21.19 -30.59 38.32
CA VAL R 1299 22.16 -30.87 39.38
C VAL R 1299 23.56 -30.44 38.95
N TYR R 1300 23.99 -30.84 37.75
CA TYR R 1300 25.32 -30.47 37.28
C TYR R 1300 25.50 -28.96 37.23
N ASP R 1301 24.52 -28.25 36.68
CA ASP R 1301 24.60 -26.80 36.57
C ASP R 1301 24.73 -26.18 37.94
N HIS R 1302 23.94 -26.66 38.89
CA HIS R 1302 24.00 -26.14 40.24
C HIS R 1302 25.38 -26.34 40.83
N LEU R 1303 25.93 -27.55 40.71
CA LEU R 1303 27.27 -27.81 41.22
C LEU R 1303 28.27 -26.84 40.60
N PHE R 1304 28.17 -26.64 39.30
CA PHE R 1304 29.08 -25.75 38.59
C PHE R 1304 28.99 -24.31 39.10
N LYS R 1305 27.76 -23.80 39.24
CA LYS R 1305 27.57 -22.42 39.67
C LYS R 1305 27.90 -22.19 41.13
N ALA R 1306 28.05 -23.26 41.89
CA ALA R 1306 28.43 -23.13 43.30
C ALA R 1306 29.87 -22.66 43.44
N ARG R 1307 30.63 -22.71 42.34
CA ARG R 1307 32.03 -22.26 42.36
C ARG R 1307 32.82 -22.90 43.49
N ASP R 1308 32.72 -24.22 43.61
CA ASP R 1308 33.45 -24.92 44.64
C ASP R 1308 34.93 -24.83 44.32
N PRO R 1309 35.75 -24.31 45.29
CA PRO R 1309 37.16 -24.21 44.89
C PRO R 1309 37.87 -25.55 44.84
N TRP R 1310 37.18 -26.63 45.21
CA TRP R 1310 37.77 -27.96 45.18
C TRP R 1310 38.25 -28.28 43.77
N TRP R 1311 37.41 -28.00 42.78
CA TRP R 1311 37.76 -28.27 41.39
C TRP R 1311 38.97 -27.47 40.96
N SER R 1312 39.00 -26.19 41.30
CA SER R 1312 40.14 -25.34 40.95
C SER R 1312 41.41 -25.89 41.58
N ARG R 1313 41.31 -26.39 42.81
CA ARG R 1313 42.47 -26.92 43.53
C ARG R 1313 42.99 -28.20 42.90
N MET R 1314 42.10 -29.03 42.37
CA MET R 1314 42.49 -30.28 41.74
C MET R 1314 42.93 -30.07 40.30
N LYS R 1315 43.07 -28.81 39.88
CA LYS R 1315 43.49 -28.49 38.52
C LYS R 1315 42.58 -29.10 37.46
N LYS R 1316 41.29 -29.24 37.76
CA LYS R 1316 40.34 -29.80 36.80
C LYS R 1316 38.99 -29.06 36.71
N PRO R 1317 38.95 -27.72 36.51
CA PRO R 1317 37.58 -27.18 36.31
C PRO R 1317 37.09 -27.54 34.90
N LEU R 1318 38.04 -27.57 33.98
CA LEU R 1318 37.71 -27.93 32.62
C LEU R 1318 37.22 -29.35 32.54
N HIS R 1319 37.70 -30.25 33.40
CA HIS R 1319 37.18 -31.63 33.43
C HIS R 1319 35.69 -31.67 33.72
N LEU R 1320 35.25 -30.93 34.73
CA LEU R 1320 33.83 -30.86 35.02
C LEU R 1320 33.07 -30.25 33.85
N LEU R 1321 33.65 -29.21 33.24
CA LEU R 1321 32.98 -28.65 32.06
C LEU R 1321 32.81 -29.70 30.96
N GLU R 1322 33.84 -30.51 30.71
CA GLU R 1322 33.78 -31.54 29.68
C GLU R 1322 32.80 -32.63 30.04
N SER R 1323 32.67 -32.97 31.32
CA SER R 1323 31.65 -33.93 31.73
C SER R 1323 30.26 -33.40 31.42
N ILE R 1324 30.03 -32.12 31.74
CA ILE R 1324 28.74 -31.53 31.37
C ILE R 1324 28.54 -31.65 29.85
N TYR R 1325 29.59 -31.33 29.10
CA TYR R 1325 29.49 -31.39 27.64
C TYR R 1325 29.13 -32.79 27.18
N ILE R 1326 29.75 -33.82 27.74
CA ILE R 1326 29.48 -35.21 27.38
C ILE R 1326 28.04 -35.54 27.67
N LEU R 1327 27.55 -35.19 28.85
CA LEU R 1327 26.12 -35.40 29.12
C LEU R 1327 25.26 -34.78 28.03
N LEU R 1328 25.51 -33.51 27.73
CA LEU R 1328 24.69 -32.82 26.73
C LEU R 1328 24.75 -33.50 25.36
N SER R 1329 25.95 -33.91 24.93
CA SER R 1329 26.13 -34.54 23.64
C SER R 1329 25.38 -35.85 23.60
N GLY R 1330 25.44 -36.62 24.67
CA GLY R 1330 24.69 -37.86 24.73
C GLY R 1330 23.21 -37.58 24.55
N TYR R 1331 22.66 -36.59 25.26
CA TYR R 1331 21.27 -36.24 25.02
C TYR R 1331 20.99 -35.94 23.54
N VAL R 1332 21.78 -35.08 22.92
CA VAL R 1332 21.52 -34.68 21.53
C VAL R 1332 21.51 -35.88 20.58
N GLN R 1333 22.48 -36.77 20.72
CA GLN R 1333 22.56 -37.95 19.84
C GLN R 1333 21.31 -38.82 19.92
N GLU R 1334 20.77 -39.02 21.12
CA GLU R 1334 19.55 -39.80 21.27
C GLU R 1334 18.50 -38.96 22.00
N PRO R 1335 17.70 -38.18 21.27
CA PRO R 1335 16.75 -37.28 21.92
C PRO R 1335 15.59 -38.00 22.64
N SER R 1336 15.44 -39.30 22.43
CA SER R 1336 14.35 -40.06 23.03
C SER R 1336 14.45 -40.12 24.55
N LYS R 1337 15.64 -39.89 25.10
CA LYS R 1337 15.82 -39.91 26.55
C LYS R 1337 14.87 -38.94 27.23
N VAL R 1338 14.79 -37.72 26.72
CA VAL R 1338 13.83 -36.75 27.26
C VAL R 1338 12.45 -37.07 26.71
N PRO R 1339 11.41 -36.93 27.55
CA PRO R 1339 10.05 -37.15 27.04
C PRO R 1339 9.71 -36.22 25.88
N SER R 1340 8.89 -36.67 24.95
CA SER R 1340 8.55 -35.89 23.77
C SER R 1340 7.92 -34.53 24.06
N TYR R 1341 7.04 -34.47 25.05
CA TYR R 1341 6.31 -33.22 25.33
C TYR R 1341 7.17 -32.13 26.00
N GLU R 1342 8.35 -32.49 26.49
CA GLU R 1342 9.23 -31.52 27.14
C GLU R 1342 10.41 -31.13 26.27
N ARG R 1343 10.53 -31.75 25.09
CA ARG R 1343 11.68 -31.51 24.24
C ARG R 1343 11.95 -30.05 23.88
N ARG R 1344 10.97 -29.29 23.44
CA ARG R 1344 11.23 -27.90 23.01
C ARG R 1344 11.82 -27.00 24.12
N ARG R 1345 11.18 -27.02 25.29
CA ARG R 1345 11.66 -26.20 26.40
C ARG R 1345 13.05 -26.63 26.84
N PHE R 1346 13.29 -27.94 26.88
CA PHE R 1346 14.60 -28.43 27.24
C PHE R 1346 15.64 -27.93 26.26
N THR R 1347 15.33 -27.97 24.97
CA THR R 1347 16.25 -27.44 23.95
C THR R 1347 16.53 -25.96 24.19
N THR R 1348 15.49 -25.16 24.46
CA THR R 1348 15.71 -23.73 24.78
C THR R 1348 16.66 -23.57 25.98
N LEU R 1349 16.44 -24.36 27.03
CA LEU R 1349 17.29 -24.29 28.22
C LEU R 1349 18.73 -24.63 27.89
N CYS R 1350 18.93 -25.67 27.08
CA CYS R 1350 20.28 -26.03 26.67
C CYS R 1350 20.93 -24.89 25.91
N LEU R 1351 20.18 -24.27 24.99
CA LEU R 1351 20.70 -23.12 24.26
C LEU R 1351 21.13 -21.99 25.19
N ASP R 1352 20.35 -21.69 26.23
CA ASP R 1352 20.81 -20.68 27.20
C ASP R 1352 22.08 -21.08 27.94
N ALA R 1353 22.15 -22.27 28.49
CA ALA R 1353 23.28 -22.83 29.21
C ALA R 1353 24.50 -22.73 28.34
N ILE R 1354 24.37 -23.13 27.07
CA ILE R 1354 25.51 -23.09 26.16
C ILE R 1354 26.01 -21.65 26.06
N SER R 1355 25.11 -20.70 25.88
CA SER R 1355 25.52 -19.29 25.81
C SER R 1355 26.36 -18.88 27.01
N CYS R 1356 25.86 -19.14 28.23
CA CYS R 1356 26.60 -18.74 29.43
C CYS R 1356 27.97 -19.44 29.52
N TYR R 1357 27.99 -20.73 29.20
CA TYR R 1357 29.24 -21.47 29.26
C TYR R 1357 30.23 -20.81 28.31
N LEU R 1358 29.79 -20.49 27.09
CA LEU R 1358 30.65 -19.85 26.11
C LEU R 1358 31.16 -18.52 26.61
N VAL R 1359 30.28 -17.71 27.18
CA VAL R 1359 30.72 -16.44 27.75
C VAL R 1359 31.85 -16.66 28.78
N GLU R 1360 31.67 -17.56 29.75
CA GLU R 1360 32.77 -17.83 30.71
C GLU R 1360 34.07 -18.34 30.06
N LEU R 1361 33.93 -19.25 29.10
CA LEU R 1361 35.10 -19.77 28.40
C LEU R 1361 35.85 -18.62 27.74
N GLN R 1362 35.13 -17.60 27.31
CA GLN R 1362 35.75 -16.45 26.65
C GLN R 1362 36.31 -15.42 27.62
N SER R 1363 35.94 -15.49 28.90
CA SER R 1363 36.51 -14.60 29.90
C SER R 1363 37.81 -15.17 30.44
N MET R 1364 38.09 -16.43 30.11
CA MET R 1364 39.31 -17.07 30.56
C MET R 1364 40.42 -16.94 29.53
N ASP R 1365 41.67 -17.01 29.98
CA ASP R 1365 42.80 -16.95 29.07
C ASP R 1365 42.74 -18.09 28.05
N PRO R 1366 42.97 -17.79 26.78
CA PRO R 1366 42.84 -18.81 25.72
C PRO R 1366 43.88 -19.93 25.72
N ALA R 1367 43.47 -21.12 25.29
CA ALA R 1367 44.37 -22.26 25.19
C ALA R 1367 43.84 -23.14 24.05
N PRO R 1368 44.69 -24.02 23.47
CA PRO R 1368 44.19 -24.79 22.33
C PRO R 1368 42.99 -25.68 22.67
N ALA R 1369 43.07 -26.40 23.78
CA ALA R 1369 41.94 -27.24 24.21
C ALA R 1369 40.72 -26.38 24.46
N LEU R 1370 40.91 -25.22 25.09
CA LEU R 1370 39.79 -24.31 25.34
C LEU R 1370 39.11 -23.94 24.03
N LEU R 1371 39.89 -23.56 23.02
CA LEU R 1371 39.33 -23.20 21.72
C LEU R 1371 38.59 -24.37 21.08
N ASN R 1372 39.16 -25.57 21.17
CA ASN R 1372 38.46 -26.75 20.63
C ASN R 1372 37.11 -26.90 21.32
N THR R 1373 37.09 -26.79 22.64
CA THR R 1373 35.84 -26.93 23.39
C THR R 1373 34.84 -25.85 22.97
N VAL R 1374 35.31 -24.63 22.77
CA VAL R 1374 34.44 -23.54 22.33
C VAL R 1374 33.81 -23.88 20.99
N SER R 1375 34.63 -24.35 20.04
CA SER R 1375 34.09 -24.74 18.74
C SER R 1375 33.06 -25.85 18.88
N ASN R 1376 33.34 -26.86 19.69
CA ASN R 1376 32.40 -27.96 19.90
C ASN R 1376 31.07 -27.43 20.43
N PHE R 1377 31.13 -26.54 21.41
CA PHE R 1377 29.91 -25.98 21.98
C PHE R 1377 29.10 -25.20 20.95
N LYS R 1378 29.76 -24.43 20.09
CA LYS R 1378 29.05 -23.70 19.05
C LYS R 1378 28.36 -24.65 18.08
N SER R 1379 29.02 -25.75 17.73
CA SER R 1379 28.42 -26.74 16.86
C SER R 1379 27.19 -27.34 17.54
N LEU R 1380 27.31 -27.63 18.83
CA LEU R 1380 26.17 -28.18 19.56
C LEU R 1380 25.03 -27.19 19.51
N GLN R 1381 25.32 -25.90 19.70
CA GLN R 1381 24.30 -24.87 19.66
C GLN R 1381 23.60 -24.86 18.32
N ALA R 1382 24.37 -24.89 17.23
CA ALA R 1382 23.77 -24.93 15.90
C ALA R 1382 22.86 -26.13 15.74
N LYS R 1383 23.31 -27.30 16.15
CA LYS R 1383 22.50 -28.51 16.04
C LYS R 1383 21.20 -28.37 16.81
N LEU R 1384 21.26 -27.85 18.03
CA LEU R 1384 20.07 -27.67 18.84
C LEU R 1384 19.10 -26.69 18.21
N GLU R 1385 19.63 -25.62 17.63
CA GLU R 1385 18.77 -24.67 16.93
C GLU R 1385 18.06 -25.35 15.79
N ARG R 1386 18.80 -26.14 15.00
CA ARG R 1386 18.18 -26.87 13.90
C ARG R 1386 17.09 -27.80 14.42
N LEU R 1387 17.33 -28.45 15.54
CA LEU R 1387 16.34 -29.35 16.14
C LEU R 1387 15.08 -28.61 16.57
N SER R 1388 15.23 -27.45 17.21
CA SER R 1388 14.06 -26.72 17.70
C SER R 1388 13.26 -26.04 16.60
N UNK S 1 -113.70 -32.09 69.81
CA UNK S 1 -112.95 -32.68 68.70
C UNK S 1 -111.43 -32.56 68.93
N UNK S 2 -110.67 -33.52 68.40
CA UNK S 2 -109.20 -33.70 68.54
C UNK S 2 -108.67 -34.16 69.89
N UNK S 3 -109.51 -34.23 70.95
CA UNK S 3 -109.11 -34.83 72.22
C UNK S 3 -109.30 -36.34 72.21
N UNK S 4 -108.33 -37.06 72.79
CA UNK S 4 -108.41 -38.52 72.83
C UNK S 4 -107.75 -39.04 74.10
N UNK S 5 -108.36 -40.04 74.71
CA UNK S 5 -107.82 -40.57 75.96
C UNK S 5 -107.32 -42.01 75.80
N UNK S 6 -106.48 -42.46 76.74
CA UNK S 6 -105.99 -43.84 76.71
C UNK S 6 -107.17 -44.78 76.85
N UNK S 7 -108.05 -44.51 77.82
CA UNK S 7 -109.25 -45.32 77.98
C UNK S 7 -110.33 -44.84 77.03
N UNK S 8 -110.14 -43.66 76.43
CA UNK S 8 -111.11 -43.11 75.47
C UNK S 8 -112.53 -43.18 76.01
N UNK S 9 -113.43 -43.77 75.22
CA UNK S 9 -114.81 -43.92 75.67
C UNK S 9 -115.10 -45.37 75.98
N UNK S 10 -114.84 -46.27 75.03
CA UNK S 10 -115.18 -47.69 75.21
C UNK S 10 -114.56 -48.32 76.46
N UNK S 11 -113.25 -48.16 76.64
CA UNK S 11 -112.58 -48.79 77.77
C UNK S 11 -113.01 -48.19 79.12
N UNK S 12 -113.16 -46.87 79.18
CA UNK S 12 -113.62 -46.22 80.40
C UNK S 12 -115.03 -46.66 80.72
N UNK S 13 -115.90 -46.64 79.73
CA UNK S 13 -117.29 -47.08 79.91
C UNK S 13 -117.38 -48.54 80.38
N UNK S 14 -116.38 -49.38 80.02
CA UNK S 14 -116.28 -50.78 80.43
C UNK S 14 -115.62 -50.99 81.79
N UNK S 15 -114.85 -50.02 82.27
CA UNK S 15 -114.18 -50.06 83.58
C UNK S 15 -115.02 -49.46 84.73
N UNK S 16 -116.29 -49.16 84.50
CA UNK S 16 -117.21 -48.68 85.53
C UNK S 16 -117.64 -49.84 86.43
N UNK S 17 -117.50 -49.68 87.75
CA UNK S 17 -117.92 -50.68 88.73
C UNK S 17 -119.44 -50.67 88.97
N UNK S 18 -119.91 -51.59 89.83
CA UNK S 18 -121.33 -51.68 90.20
C UNK S 18 -121.87 -50.43 90.93
N UNK S 19 -120.98 -49.61 91.51
CA UNK S 19 -121.34 -48.37 92.20
C UNK S 19 -121.41 -47.16 91.24
N UNK S 20 -121.05 -47.33 89.97
CA UNK S 20 -120.93 -46.24 89.00
C UNK S 20 -119.57 -45.52 89.07
N UNK S 21 -118.60 -46.07 89.80
CA UNK S 21 -117.26 -45.52 89.91
C UNK S 21 -116.34 -45.99 88.78
N UNK S 22 -115.66 -45.05 88.11
CA UNK S 22 -114.66 -45.34 87.08
C UNK S 22 -113.26 -45.08 87.64
N UNK S 23 -112.61 -46.14 88.10
CA UNK S 23 -111.27 -46.12 88.67
C UNK S 23 -110.32 -46.84 87.72
N UNK S 24 -109.28 -46.14 87.27
CA UNK S 24 -108.33 -46.64 86.26
C UNK S 24 -106.90 -46.49 86.77
N UNK S 25 -106.04 -47.47 86.48
CA UNK S 25 -104.60 -47.41 86.74
C UNK S 25 -103.86 -46.96 85.47
N UNK S 26 -103.25 -45.77 85.51
CA UNK S 26 -102.63 -45.13 84.35
C UNK S 26 -103.67 -44.52 83.40
N UNK S 27 -103.82 -43.19 83.45
CA UNK S 27 -104.76 -42.46 82.61
C UNK S 27 -104.04 -41.42 81.76
N UNK S 28 -104.29 -41.42 80.45
CA UNK S 28 -103.77 -40.40 79.53
C UNK S 28 -104.91 -39.60 78.94
N UNK S 29 -104.78 -38.28 78.91
CA UNK S 29 -105.62 -37.39 78.11
C UNK S 29 -104.72 -36.58 77.18
N UNK S 30 -105.04 -36.55 75.90
CA UNK S 30 -104.25 -35.86 74.90
C UNK S 30 -105.08 -35.16 73.86
N UNK S 31 -104.41 -34.34 73.06
CA UNK S 31 -104.95 -33.65 71.91
C UNK S 31 -103.99 -33.83 70.74
N UNK S 32 -104.48 -34.36 69.63
CA UNK S 32 -103.67 -34.70 68.47
C UNK S 32 -102.92 -33.47 67.92
N UNK S 33 -101.59 -33.57 67.78
CA UNK S 33 -100.73 -32.48 67.30
C UNK S 33 -100.38 -31.40 68.33
N UNK S 34 -100.90 -31.48 69.57
CA UNK S 34 -100.60 -30.49 70.62
C UNK S 34 -99.86 -31.09 71.81
N UNK S 35 -100.23 -32.30 72.22
CA UNK S 35 -99.60 -32.96 73.36
C UNK S 35 -100.54 -33.88 74.15
N UNK S 36 -100.01 -34.46 75.23
CA UNK S 36 -100.73 -35.36 76.13
C UNK S 36 -100.25 -35.26 77.57
N UNK S 37 -101.11 -35.69 78.49
CA UNK S 37 -100.87 -35.73 79.92
C UNK S 37 -101.09 -37.17 80.39
N UNK S 38 -100.05 -37.79 80.93
CA UNK S 38 -100.08 -39.12 81.53
C UNK S 38 -100.08 -39.02 83.06
N UNK S 39 -101.16 -39.49 83.68
CA UNK S 39 -101.31 -39.61 85.12
C UNK S 39 -100.91 -41.01 85.56
N UNK S 40 -99.89 -41.09 86.41
CA UNK S 40 -99.36 -42.34 86.92
C UNK S 40 -100.13 -42.82 88.16
N UNK S 41 -100.35 -44.13 88.23
CA UNK S 41 -101.09 -44.81 89.28
C UNK S 41 -102.62 -44.70 89.16
N UNK S 42 -103.29 -45.13 90.23
CA UNK S 42 -104.76 -45.24 90.29
C UNK S 42 -105.40 -43.85 90.38
N UNK S 43 -106.39 -43.59 89.52
CA UNK S 43 -107.16 -42.35 89.46
C UNK S 43 -108.66 -42.63 89.38
N UNK S 44 -109.46 -41.81 90.07
CA UNK S 44 -110.93 -41.84 89.98
C UNK S 44 -111.39 -40.74 89.02
N UNK S 45 -112.10 -41.13 87.96
CA UNK S 45 -112.58 -40.24 86.90
C UNK S 45 -114.08 -39.93 86.99
N UNK S 46 -114.78 -40.39 88.02
CA UNK S 46 -116.24 -40.21 88.15
C UNK S 46 -116.67 -38.76 88.08
N UNK S 47 -117.71 -38.48 87.27
CA UNK S 47 -118.35 -37.17 87.14
C UNK S 47 -117.38 -36.02 86.82
N UNK S 48 -116.25 -36.32 86.15
CA UNK S 48 -115.32 -35.30 85.70
C UNK S 48 -115.68 -34.78 84.31
N UNK S 49 -115.80 -33.45 84.21
CA UNK S 49 -115.94 -32.77 82.92
C UNK S 49 -114.58 -32.43 82.33
N UNK S 50 -114.03 -33.35 81.54
CA UNK S 50 -112.69 -33.23 80.97
C UNK S 50 -112.58 -32.06 79.98
N UNK S 51 -113.68 -31.70 79.30
CA UNK S 51 -113.70 -30.57 78.36
C UNK S 51 -113.42 -29.23 79.06
N UNK S 52 -113.99 -29.04 80.25
CA UNK S 52 -113.82 -27.84 81.07
C UNK S 52 -112.54 -27.87 81.90
N UNK S 53 -112.11 -29.06 82.33
CA UNK S 53 -110.94 -29.20 83.21
C UNK S 53 -109.63 -29.14 82.42
N UNK S 54 -109.50 -29.84 81.29
CA UNK S 54 -108.23 -30.00 80.59
C UNK S 54 -108.19 -29.18 79.30
N UNK S 55 -107.19 -28.31 79.21
CA UNK S 55 -106.99 -27.42 78.06
C UNK S 55 -105.56 -27.55 77.54
N UNK S 56 -105.40 -28.25 76.42
CA UNK S 56 -104.14 -28.38 75.70
C UNK S 56 -104.15 -27.41 74.50
N UNK S 57 -103.21 -26.47 74.53
CA UNK S 57 -102.97 -25.43 73.53
C UNK S 57 -101.56 -25.59 72.96
N UNK S 58 -101.24 -24.82 71.93
CA UNK S 58 -99.93 -24.91 71.28
C UNK S 58 -98.86 -24.43 72.26
N UNK S 59 -97.88 -25.30 72.56
CA UNK S 59 -96.82 -25.06 73.55
C UNK S 59 -97.30 -24.80 74.98
N UNK S 60 -98.57 -25.10 75.32
CA UNK S 60 -99.16 -24.79 76.63
C UNK S 60 -100.20 -25.84 77.06
N UNK S 61 -100.19 -26.20 78.34
CA UNK S 61 -101.21 -27.04 78.99
C UNK S 61 -101.72 -26.39 80.28
N UNK S 62 -103.03 -26.44 80.46
CA UNK S 62 -103.73 -25.93 81.64
C UNK S 62 -104.69 -27.03 82.10
N UNK S 63 -104.62 -27.38 83.38
CA UNK S 63 -105.59 -28.29 84.01
C UNK S 63 -106.18 -27.54 85.20
N UNK S 64 -107.51 -27.42 85.21
CA UNK S 64 -108.29 -26.47 86.01
C UNK S 64 -108.02 -25.01 85.60
N UNK S 65 -108.79 -24.51 84.64
CA UNK S 65 -108.67 -23.11 84.16
C UNK S 65 -109.03 -22.10 85.27
N UNK S 66 -109.99 -22.45 86.11
CA UNK S 66 -110.40 -21.66 87.27
C UNK S 66 -109.84 -22.30 88.55
N UNK S 67 -108.97 -21.56 89.25
CA UNK S 67 -108.37 -21.99 90.51
C UNK S 67 -109.44 -22.25 91.61
N UNK S 68 -110.65 -21.71 91.48
CA UNK S 68 -111.75 -21.99 92.42
C UNK S 68 -112.28 -23.43 92.31
N UNK S 69 -112.19 -24.04 91.12
CA UNK S 69 -112.63 -25.42 90.87
C UNK S 69 -111.51 -26.44 91.11
N UNK S 70 -110.33 -25.97 91.52
CA UNK S 70 -109.14 -26.80 91.67
C UNK S 70 -109.19 -27.57 92.99
N UNK S 71 -109.23 -28.92 92.95
CA UNK S 71 -109.23 -29.74 94.15
C UNK S 71 -107.87 -29.69 94.87
N UNK S 72 -107.79 -30.09 96.15
CA UNK S 72 -106.53 -30.16 96.88
C UNK S 72 -105.53 -31.15 96.23
N UNK S 73 -104.24 -30.98 96.55
CA UNK S 73 -103.15 -31.79 95.99
C UNK S 73 -103.38 -33.29 96.27
N UNK S 74 -103.50 -34.08 95.20
CA UNK S 74 -103.74 -35.53 95.24
C UNK S 74 -105.17 -35.93 94.90
N UNK S 75 -106.12 -35.01 94.88
CA UNK S 75 -107.51 -35.26 94.49
C UNK S 75 -107.77 -34.92 93.01
N UNK S 76 -108.61 -35.74 92.36
CA UNK S 76 -108.93 -35.59 90.94
C UNK S 76 -107.69 -35.56 90.04
N UNK S 77 -107.66 -34.60 89.12
CA UNK S 77 -106.53 -34.40 88.19
C UNK S 77 -105.44 -33.48 88.77
N UNK S 78 -105.59 -32.94 89.99
CA UNK S 78 -104.57 -32.09 90.61
C UNK S 78 -103.52 -32.92 91.37
N UNK S 79 -102.74 -33.69 90.63
CA UNK S 79 -101.72 -34.61 91.15
C UNK S 79 -100.49 -34.65 90.23
N UNK S 80 -99.50 -35.45 90.61
CA UNK S 80 -98.30 -35.62 89.79
C UNK S 80 -98.62 -36.31 88.47
N UNK S 81 -98.10 -35.76 87.37
CA UNK S 81 -98.25 -36.35 86.04
C UNK S 81 -97.06 -36.02 85.14
N UNK S 82 -96.96 -36.74 84.05
CA UNK S 82 -96.01 -36.50 82.97
C UNK S 82 -96.73 -35.80 81.82
N UNK S 83 -96.26 -34.62 81.47
CA UNK S 83 -96.76 -33.82 80.36
C UNK S 83 -95.83 -34.01 79.17
N UNK S 84 -96.42 -34.18 78.00
CA UNK S 84 -95.76 -34.16 76.70
C UNK S 84 -96.42 -33.06 75.87
N UNK S 85 -95.67 -32.06 75.44
CA UNK S 85 -96.13 -31.04 74.50
C UNK S 85 -95.46 -31.29 73.15
N UNK S 86 -96.26 -31.44 72.09
CA UNK S 86 -95.77 -31.71 70.75
C UNK S 86 -95.63 -30.40 69.94
N UNK S 87 -94.90 -30.48 68.81
CA UNK S 87 -94.62 -29.35 67.93
C UNK S 87 -93.92 -28.15 68.61
N UNK S 88 -93.12 -28.42 69.64
CA UNK S 88 -92.34 -27.39 70.35
C UNK S 88 -91.00 -27.18 69.64
N UNK S 89 -91.05 -26.34 68.60
CA UNK S 89 -89.86 -25.87 67.87
C UNK S 89 -89.63 -24.35 68.05
N UNK S 90 -88.36 -23.92 68.04
CA UNK S 90 -88.01 -22.50 68.03
C UNK S 90 -88.36 -21.88 66.67
N UNK S 91 -88.79 -20.63 66.69
CA UNK S 91 -89.05 -19.84 65.48
C UNK S 91 -87.83 -18.99 65.16
N UNK S 92 -87.32 -19.07 63.94
CA UNK S 92 -86.24 -18.20 63.49
C UNK S 92 -86.76 -16.76 63.37
N UNK S 93 -86.25 -15.84 64.18
CA UNK S 93 -86.70 -14.43 64.21
C UNK S 93 -86.53 -13.72 62.87
N UNK S 94 -85.61 -14.18 62.02
CA UNK S 94 -85.36 -13.57 60.71
C UNK S 94 -86.32 -14.06 59.63
N UNK S 95 -86.62 -15.37 59.60
CA UNK S 95 -87.46 -15.98 58.55
C UNK S 95 -88.91 -16.23 58.99
N UNK S 96 -89.20 -16.14 60.29
CA UNK S 96 -90.46 -16.56 60.94
C UNK S 96 -90.85 -18.02 60.70
N UNK S 97 -89.93 -18.85 60.21
CA UNK S 97 -90.13 -20.29 60.05
C UNK S 97 -89.72 -21.04 61.32
N UNK S 98 -90.43 -22.13 61.62
CA UNK S 98 -90.02 -23.06 62.69
C UNK S 98 -88.78 -23.83 62.28
N UNK S 99 -87.81 -23.92 63.19
CA UNK S 99 -86.58 -24.68 62.97
C UNK S 99 -86.84 -26.12 63.41
N UNK S 100 -87.13 -26.98 62.43
CA UNK S 100 -87.43 -28.41 62.66
C UNK S 100 -86.21 -29.31 62.47
N UNK S 101 -85.08 -28.79 61.99
CA UNK S 101 -83.90 -29.62 61.72
C UNK S 101 -83.18 -30.04 63.03
N UNK S 102 -83.00 -31.34 63.28
CA UNK S 102 -82.39 -31.84 64.51
C UNK S 102 -80.94 -31.37 64.70
N UNK S 103 -80.19 -31.22 63.61
CA UNK S 103 -78.82 -30.70 63.63
C UNK S 103 -78.78 -29.25 64.15
N UNK S 104 -79.62 -28.36 63.61
CA UNK S 104 -79.66 -26.94 64.00
C UNK S 104 -80.18 -26.76 65.44
N UNK S 105 -81.11 -27.61 65.87
CA UNK S 105 -81.60 -27.65 67.27
C UNK S 105 -80.50 -28.03 68.27
N UNK S 106 -79.64 -28.97 67.88
CA UNK S 106 -78.49 -29.36 68.69
C UNK S 106 -77.41 -28.27 68.70
N UNK S 107 -77.13 -27.64 67.56
CA UNK S 107 -76.16 -26.53 67.46
C UNK S 107 -76.54 -25.34 68.33
N UNK S 108 -77.83 -24.97 68.38
CA UNK S 108 -78.32 -23.89 69.25
C UNK S 108 -78.57 -24.34 70.71
N UNK S 109 -78.34 -25.62 71.02
CA UNK S 109 -78.54 -26.21 72.33
C UNK S 109 -79.96 -26.05 72.89
N UNK S 110 -80.99 -26.17 72.03
CA UNK S 110 -82.39 -25.88 72.38
C UNK S 110 -82.93 -26.77 73.51
N UNK S 111 -82.45 -28.02 73.61
CA UNK S 111 -82.77 -28.94 74.71
C UNK S 111 -82.46 -28.32 76.08
N UNK S 112 -81.33 -27.63 76.22
CA UNK S 112 -80.95 -26.96 77.47
C UNK S 112 -81.88 -25.77 77.80
N UNK S 113 -82.42 -25.08 76.78
CA UNK S 113 -83.43 -24.02 76.96
C UNK S 113 -84.72 -24.58 77.55
N UNK S 114 -85.20 -25.71 77.02
CA UNK S 114 -86.39 -26.41 77.53
C UNK S 114 -86.19 -26.98 78.94
N UNK S 115 -84.98 -27.47 79.25
CA UNK S 115 -84.61 -27.91 80.60
C UNK S 115 -84.67 -26.73 81.59
N UNK S 116 -84.13 -25.56 81.20
CA UNK S 116 -84.21 -24.35 82.02
C UNK S 116 -85.64 -23.83 82.17
N UNK S 117 -86.44 -23.86 81.11
CA UNK S 117 -87.86 -23.47 81.13
C UNK S 117 -88.67 -24.37 82.09
N UNK S 118 -88.46 -25.69 82.02
CA UNK S 118 -89.07 -26.66 82.94
C UNK S 118 -88.71 -26.32 84.39
N UNK S 119 -87.42 -26.08 84.66
CA UNK S 119 -86.94 -25.73 86.00
C UNK S 119 -87.53 -24.42 86.52
N UNK S 120 -87.65 -23.38 85.68
CA UNK S 120 -88.28 -22.10 86.03
C UNK S 120 -89.75 -22.27 86.46
N UNK S 121 -90.46 -23.21 85.84
CA UNK S 121 -91.86 -23.53 86.15
C UNK S 121 -92.02 -24.53 87.31
N UNK S 122 -90.92 -24.97 87.93
CA UNK S 122 -90.95 -25.97 89.00
C UNK S 122 -91.29 -27.39 88.50
N UNK S 123 -91.10 -27.65 87.21
CA UNK S 123 -91.25 -28.96 86.59
C UNK S 123 -89.90 -29.68 86.45
N UNK S 124 -89.92 -31.01 86.50
CA UNK S 124 -88.76 -31.84 86.26
C UNK S 124 -88.69 -32.19 84.76
N UNK S 125 -87.69 -31.65 84.06
CA UNK S 125 -87.43 -32.03 82.67
C UNK S 125 -87.13 -33.54 82.56
N UNK S 126 -87.74 -34.21 81.58
CA UNK S 126 -87.52 -35.64 81.32
C UNK S 126 -86.74 -35.82 80.02
N UNK S 127 -87.27 -35.31 78.90
CA UNK S 127 -86.63 -35.44 77.60
C UNK S 127 -87.16 -34.44 76.57
N UNK S 128 -86.45 -34.30 75.45
CA UNK S 128 -86.88 -33.58 74.26
C UNK S 128 -86.53 -34.38 73.02
N UNK S 129 -87.54 -34.65 72.17
CA UNK S 129 -87.39 -35.41 70.91
C UNK S 129 -87.45 -34.43 69.73
N UNK S 130 -86.33 -34.12 69.06
CA UNK S 130 -86.27 -33.13 68.00
C UNK S 130 -87.17 -33.46 66.80
N UNK S 131 -87.36 -34.75 66.50
CA UNK S 131 -88.07 -35.22 65.30
C UNK S 131 -89.56 -34.87 65.32
N UNK S 132 -90.19 -34.94 66.50
CA UNK S 132 -91.60 -34.59 66.72
C UNK S 132 -91.77 -33.23 67.42
N UNK S 133 -90.68 -32.61 67.88
CA UNK S 133 -90.73 -31.44 68.73
C UNK S 133 -91.35 -31.73 70.10
N UNK S 134 -91.32 -32.99 70.56
CA UNK S 134 -91.98 -33.40 71.81
C UNK S 134 -91.15 -33.00 73.02
N UNK S 135 -91.64 -32.06 73.82
CA UNK S 135 -91.08 -31.64 75.09
C UNK S 135 -91.78 -32.37 76.24
N UNK S 136 -91.03 -33.19 76.97
CA UNK S 136 -91.54 -34.08 78.02
C UNK S 136 -91.01 -33.65 79.39
N UNK S 137 -91.91 -33.41 80.33
CA UNK S 137 -91.58 -33.02 81.70
C UNK S 137 -92.59 -33.56 82.72
N UNK S 138 -92.15 -33.74 83.97
CA UNK S 138 -93.00 -34.16 85.09
C UNK S 138 -93.35 -32.97 85.97
N UNK S 139 -94.62 -32.89 86.36
CA UNK S 139 -95.15 -31.88 87.27
C UNK S 139 -95.65 -32.55 88.55
N UNK S 140 -95.46 -31.89 89.70
CA UNK S 140 -95.94 -32.41 91.00
C UNK S 140 -97.42 -32.11 91.24
N UNK S 141 -97.93 -31.06 90.60
CA UNK S 141 -99.31 -30.60 90.66
C UNK S 141 -99.62 -29.85 89.37
N UNK S 142 -100.91 -29.64 89.07
CA UNK S 142 -101.27 -28.87 87.88
C UNK S 142 -101.64 -27.45 88.22
N UNK S 143 -101.10 -26.52 87.45
CA UNK S 143 -101.59 -25.16 87.31
C UNK S 143 -101.60 -24.88 85.81
N UNK S 144 -100.77 -23.95 85.36
CA UNK S 144 -100.49 -23.69 83.95
C UNK S 144 -99.02 -23.95 83.66
N UNK S 145 -98.73 -24.72 82.62
CA UNK S 145 -97.38 -25.07 82.17
C UNK S 145 -97.25 -24.88 80.67
N UNK S 146 -96.14 -24.32 80.20
CA UNK S 146 -95.96 -24.05 78.77
C UNK S 146 -94.93 -22.97 78.49
N UNK S 147 -94.47 -22.87 77.24
CA UNK S 147 -93.61 -21.78 76.79
C UNK S 147 -94.50 -20.57 76.48
N UNK S 148 -94.25 -19.45 77.15
CA UNK S 148 -94.91 -18.20 76.80
C UNK S 148 -94.15 -17.53 75.66
N UNK S 149 -94.84 -16.74 74.83
CA UNK S 149 -94.19 -16.00 73.72
C UNK S 149 -93.05 -15.09 74.23
N UNK S 150 -93.09 -14.65 75.50
CA UNK S 150 -92.00 -13.90 76.13
C UNK S 150 -90.71 -14.70 76.34
N UNK S 151 -90.78 -16.03 76.49
CA UNK S 151 -89.58 -16.88 76.68
C UNK S 151 -88.77 -17.03 75.36
N UNK S 152 -89.39 -16.74 74.21
CA UNK S 152 -88.69 -16.64 72.92
C UNK S 152 -87.98 -15.28 72.75
N UNK S 153 -88.42 -14.22 73.44
CA UNK S 153 -87.78 -12.89 73.39
C UNK S 153 -86.39 -12.87 74.06
N UNK S 154 -86.16 -13.72 75.07
CA UNK S 154 -84.92 -13.81 75.88
C UNK S 154 -83.63 -14.16 75.10
N UNK S 155 -83.71 -14.52 73.81
CA UNK S 155 -82.53 -14.91 72.99
C UNK S 155 -81.45 -13.81 72.85
N UNK S 156 -81.75 -12.55 73.16
CA UNK S 156 -80.74 -11.48 73.11
C UNK S 156 -79.89 -11.34 74.38
N UNK S 157 -80.32 -11.86 75.53
CA UNK S 157 -79.60 -11.61 76.79
C UNK S 157 -78.48 -12.63 77.05
N UNK S 158 -78.56 -13.84 76.51
CA UNK S 158 -77.53 -14.87 76.77
C UNK S 158 -76.46 -15.04 75.69
N UNK S 159 -76.67 -14.55 74.46
CA UNK S 159 -75.61 -14.54 73.43
C UNK S 159 -74.66 -13.33 73.56
N UNK S 160 -74.82 -12.52 74.61
CA UNK S 160 -73.94 -11.40 74.94
C UNK S 160 -72.99 -11.70 76.12
N UNK S 161 -73.06 -12.90 76.72
CA UNK S 161 -72.01 -13.46 77.59
C UNK S 161 -71.10 -14.38 76.77
N GLN T 43 -118.42 19.50 75.02
CA GLN T 43 -118.20 18.11 74.60
C GLN T 43 -118.82 17.14 75.60
N LEU T 44 -119.23 15.96 75.13
CA LEU T 44 -119.63 14.84 75.98
C LEU T 44 -118.44 14.41 76.85
N ARG T 45 -118.66 14.27 78.17
CA ARG T 45 -117.64 13.80 79.11
C ARG T 45 -118.24 12.79 80.10
N ASN T 46 -117.38 12.09 80.83
CA ASN T 46 -117.81 11.27 81.95
C ASN T 46 -116.95 11.54 83.20
N LEU T 47 -117.30 12.57 83.95
CA LEU T 47 -116.52 13.13 85.05
C LEU T 47 -116.96 12.65 86.44
N LEU T 48 -117.76 11.59 86.51
CA LEU T 48 -118.22 11.05 87.77
C LEU T 48 -118.01 9.54 87.84
N CYS T 49 -117.86 9.03 89.05
CA CYS T 49 -117.91 7.60 89.33
C CYS T 49 -118.48 7.37 90.73
N VAL T 50 -118.90 6.15 91.04
CA VAL T 50 -119.41 5.80 92.37
C VAL T 50 -118.56 4.68 92.96
N LEU T 51 -118.07 4.90 94.18
CA LEU T 51 -117.23 3.98 94.93
C LEU T 51 -117.87 3.69 96.28
N ASP T 52 -118.26 2.43 96.53
CA ASP T 52 -118.85 1.97 97.80
C ASP T 52 -120.07 2.77 98.30
N GLY T 53 -120.81 3.39 97.39
CA GLY T 53 -121.96 4.25 97.71
C GLY T 53 -121.61 5.73 97.94
N ASP T 54 -120.35 6.13 97.73
CA ASP T 54 -119.97 7.53 97.60
C ASP T 54 -119.93 7.93 96.13
N LEU T 55 -120.59 9.03 95.80
CA LEU T 55 -120.47 9.67 94.49
C LEU T 55 -119.23 10.55 94.49
N LEU T 56 -118.33 10.33 93.53
CA LEU T 56 -117.18 11.18 93.26
C LEU T 56 -117.45 11.99 92.00
N VAL T 57 -117.39 13.31 92.09
CA VAL T 57 -117.56 14.23 90.95
C VAL T 57 -116.26 15.01 90.77
N TRP T 58 -115.66 14.90 89.59
CA TRP T 58 -114.44 15.63 89.25
C TRP T 58 -114.73 17.11 88.99
N ASP T 59 -114.01 17.97 89.68
CA ASP T 59 -113.99 19.42 89.48
C ASP T 59 -112.66 19.81 88.85
N ALA T 60 -112.73 20.24 87.58
CA ALA T 60 -111.57 20.60 86.79
C ALA T 60 -110.89 21.89 87.27
N GLU T 61 -111.64 22.82 87.89
CA GLU T 61 -111.11 24.11 88.34
C GLU T 61 -110.25 23.93 89.59
N GLU T 62 -110.76 23.15 90.54
CA GLU T 62 -110.08 22.84 91.80
C GLU T 62 -109.11 21.66 91.68
N CYS T 63 -109.08 20.98 90.53
CA CYS T 63 -108.32 19.75 90.31
C CYS T 63 -108.55 18.73 91.44
N ALA T 64 -109.81 18.50 91.78
CA ALA T 64 -110.21 17.70 92.93
C ALA T 64 -111.50 16.91 92.66
N PHE T 65 -111.70 15.80 93.38
CA PHE T 65 -113.00 15.17 93.46
C PHE T 65 -113.78 15.68 94.65
N HIS T 66 -115.05 16.04 94.43
CA HIS T 66 -116.02 16.23 95.51
C HIS T 66 -116.72 14.90 95.76
N THR T 67 -116.75 14.46 97.02
CA THR T 67 -117.35 13.18 97.41
C THR T 67 -118.64 13.43 98.15
N VAL T 68 -119.69 12.68 97.84
CA VAL T 68 -120.96 12.70 98.58
C VAL T 68 -121.36 11.28 98.93
N THR T 69 -121.46 10.99 100.21
CA THR T 69 -121.95 9.69 100.69
C THR T 69 -123.46 9.57 100.49
N LEU T 70 -123.88 8.77 99.51
CA LEU T 70 -125.29 8.65 99.15
C LEU T 70 -126.12 7.98 100.24
N ARG T 71 -125.48 7.08 101.01
CA ARG T 71 -126.13 6.38 102.13
C ARG T 71 -126.52 7.34 103.26
N GLY T 84 -120.67 14.75 105.42
CA GLY T 84 -120.33 13.67 104.48
C GLY T 84 -119.72 14.16 103.17
N GLU T 85 -119.66 15.48 102.96
CA GLU T 85 -118.92 16.04 101.83
C GLU T 85 -117.44 16.13 102.17
N GLN T 86 -116.60 15.50 101.36
CA GLN T 86 -115.14 15.61 101.43
C GLN T 86 -114.61 16.01 100.06
N LYS T 87 -113.48 16.70 100.04
CA LYS T 87 -112.78 17.09 98.82
C LYS T 87 -111.46 16.32 98.72
N LEU T 88 -111.31 15.50 97.70
CA LEU T 88 -110.10 14.76 97.40
C LEU T 88 -109.24 15.58 96.44
N LEU T 89 -108.24 16.30 96.97
CA LEU T 89 -107.39 17.19 96.21
C LEU T 89 -106.24 16.43 95.55
N CYS T 90 -105.98 16.67 94.27
CA CYS T 90 -104.81 16.13 93.60
C CYS T 90 -103.54 16.83 94.10
N THR T 91 -102.59 16.06 94.63
CA THR T 91 -101.26 16.59 95.02
C THR T 91 -100.49 17.14 93.82
N ASN T 92 -100.53 16.44 92.68
CA ASN T 92 -100.07 16.94 91.38
C ASN T 92 -101.28 17.05 90.44
N PRO T 93 -101.74 18.26 90.09
CA PRO T 93 -102.91 18.44 89.24
C PRO T 93 -102.62 18.02 87.79
N PRO T 94 -103.64 17.51 87.05
CA PRO T 94 -103.48 17.16 85.64
C PRO T 94 -103.19 18.39 84.78
N LEU T 95 -102.21 18.27 83.89
CA LEU T 95 -101.82 19.33 82.93
C LEU T 95 -102.65 19.31 81.64
N PHE T 96 -103.77 18.59 81.64
CA PHE T 96 -104.65 18.36 80.50
C PHE T 96 -106.11 18.39 80.95
N ASP T 97 -107.01 18.65 80.00
CA ASP T 97 -108.44 18.63 80.26
C ASP T 97 -108.92 17.19 80.42
N VAL T 98 -109.43 16.87 81.62
CA VAL T 98 -110.03 15.56 81.92
C VAL T 98 -111.38 15.48 81.19
N ASN T 99 -111.55 14.41 80.42
CA ASN T 99 -112.77 14.08 79.68
C ASN T 99 -113.48 12.86 80.26
N GLU T 100 -112.75 11.99 80.97
CA GLU T 100 -113.29 10.75 81.49
C GLU T 100 -112.58 10.33 82.79
N VAL T 101 -113.36 9.73 83.68
CA VAL T 101 -112.93 9.21 84.97
C VAL T 101 -113.24 7.72 85.00
N LEU T 102 -112.21 6.89 85.17
CA LEU T 102 -112.35 5.43 85.17
C LEU T 102 -111.93 4.86 86.53
N LEU T 103 -112.89 4.29 87.25
CA LEU T 103 -112.60 3.56 88.48
C LEU T 103 -111.92 2.22 88.14
N SER T 104 -110.80 1.92 88.82
CA SER T 104 -110.12 0.64 88.67
C SER T 104 -110.98 -0.53 89.16
N PRO T 105 -110.85 -1.74 88.60
CA PRO T 105 -111.54 -2.93 89.09
C PRO T 105 -111.25 -3.23 90.56
N THR T 106 -110.01 -2.96 91.00
CA THR T 106 -109.58 -3.08 92.41
C THR T 106 -110.17 -2.01 93.35
N GLN T 107 -110.83 -0.98 92.81
CA GLN T 107 -111.45 0.12 93.56
C GLN T 107 -110.49 0.94 94.46
N HIS T 108 -109.18 0.85 94.21
CA HIS T 108 -108.16 1.63 94.93
C HIS T 108 -107.59 2.79 94.12
N HIS T 109 -107.89 2.83 92.83
CA HIS T 109 -107.36 3.83 91.90
C HIS T 109 -108.44 4.38 91.00
N VAL T 110 -108.30 5.65 90.62
CA VAL T 110 -109.15 6.34 89.65
C VAL T 110 -108.25 6.94 88.56
N ALA T 111 -108.46 6.55 87.31
CA ALA T 111 -107.78 7.17 86.18
C ALA T 111 -108.55 8.40 85.70
N LEU T 112 -107.86 9.54 85.68
CA LEU T 112 -108.25 10.78 85.02
C LEU T 112 -107.70 10.76 83.59
N VAL T 113 -108.60 10.73 82.62
CA VAL T 113 -108.28 10.50 81.21
C VAL T 113 -108.63 11.75 80.41
N GLY T 114 -107.69 12.25 79.63
CA GLY T 114 -107.87 13.33 78.67
C GLY T 114 -107.23 13.01 77.34
N SER T 115 -107.57 13.78 76.31
CA SER T 115 -107.05 13.55 74.94
C SER T 115 -105.54 13.73 74.81
N LYS T 116 -104.90 14.42 75.76
CA LYS T 116 -103.46 14.72 75.78
C LYS T 116 -102.72 14.15 77.00
N GLY T 117 -103.34 13.27 77.76
CA GLY T 117 -102.67 12.70 78.92
C GLY T 117 -103.59 11.86 79.80
N VAL T 118 -102.95 11.06 80.66
CA VAL T 118 -103.64 10.24 81.66
C VAL T 118 -102.92 10.40 82.99
N MET T 119 -103.68 10.44 84.07
CA MET T 119 -103.18 10.51 85.43
C MET T 119 -103.98 9.56 86.30
N VAL T 120 -103.32 8.85 87.21
CA VAL T 120 -104.00 7.97 88.16
C VAL T 120 -103.94 8.60 89.55
N LEU T 121 -105.10 8.72 90.17
CA LEU T 121 -105.27 9.12 91.56
C LEU T 121 -105.39 7.86 92.43
N GLU T 122 -104.56 7.79 93.47
CA GLU T 122 -104.65 6.77 94.51
C GLU T 122 -105.74 7.17 95.50
N ILE T 123 -106.76 6.32 95.65
CA ILE T 123 -107.90 6.59 96.52
C ILE T 123 -107.44 6.45 97.98
N PRO T 124 -107.70 7.45 98.83
CA PRO T 124 -107.28 7.42 100.22
C PRO T 124 -107.99 6.31 101.00
N LYS T 125 -107.34 5.84 102.07
CA LYS T 125 -107.92 4.80 102.92
C LYS T 125 -109.08 5.35 103.75
N ARG T 126 -110.11 4.52 103.91
CA ARG T 126 -111.27 4.79 104.74
C ARG T 126 -111.05 4.28 106.15
N TRP T 127 -111.39 5.07 107.17
CA TRP T 127 -111.38 4.62 108.56
C TRP T 127 -112.32 5.47 109.43
N GLY T 128 -112.44 5.13 110.72
CA GLY T 128 -113.35 5.81 111.65
C GLY T 128 -114.79 5.26 111.62
N LYS T 129 -115.67 5.85 112.46
CA LYS T 129 -117.02 5.30 112.71
C LYS T 129 -117.95 5.32 111.51
N LYS T 130 -117.74 6.26 110.58
CA LYS T 130 -118.53 6.44 109.37
C LYS T 130 -117.87 5.87 108.10
N SER T 131 -116.67 5.28 108.22
CA SER T 131 -115.89 4.79 107.07
C SER T 131 -115.58 5.88 106.02
N GLU T 132 -115.29 7.09 106.50
CA GLU T 132 -114.95 8.26 105.69
C GLU T 132 -113.46 8.23 105.31
N PHE T 133 -113.10 8.94 104.24
CA PHE T 133 -111.72 9.05 103.77
C PHE T 133 -110.85 9.76 104.81
N GLU T 134 -109.70 9.18 105.09
CA GLU T 134 -108.75 9.66 106.11
C GLU T 134 -109.40 10.00 107.48
N GLY T 135 -110.49 9.31 107.84
CA GLY T 135 -111.15 9.49 109.13
C GLY T 135 -112.12 10.68 109.18
N GLY T 136 -112.48 11.26 108.03
CA GLY T 136 -113.50 12.32 107.93
C GLY T 136 -112.94 13.74 107.76
N GLU T 137 -111.70 13.89 107.28
CA GLU T 137 -111.16 15.22 106.97
C GLU T 137 -111.93 15.86 105.80
N LYS T 138 -112.19 17.17 105.89
CA LYS T 138 -112.94 17.89 104.84
C LYS T 138 -112.20 17.94 103.50
N THR T 139 -110.87 17.99 103.55
CA THR T 139 -109.99 18.06 102.38
C THR T 139 -108.89 17.04 102.56
N VAL T 140 -108.82 16.06 101.67
CA VAL T 140 -107.87 14.95 101.71
C VAL T 140 -106.93 15.07 100.52
N ASN T 141 -105.63 15.10 100.79
CA ASN T 141 -104.63 15.19 99.73
C ASN T 141 -104.35 13.80 99.16
N CYS T 142 -104.74 13.60 97.90
CA CYS T 142 -104.58 12.31 97.23
C CYS T 142 -103.31 12.31 96.37
N ARG T 143 -102.57 11.22 96.45
CA ARG T 143 -101.40 11.01 95.59
C ARG T 143 -101.88 10.84 94.15
N THR T 144 -101.32 11.63 93.25
CA THR T 144 -101.58 11.51 91.81
C THR T 144 -100.30 11.24 91.05
N ILE T 145 -100.39 10.35 90.07
CA ILE T 145 -99.24 9.87 89.30
C ILE T 145 -99.56 9.99 87.80
N PRO T 146 -98.80 10.80 87.04
CA PRO T 146 -99.01 10.94 85.60
C PRO T 146 -98.53 9.67 84.88
N ILE T 147 -99.27 9.24 83.87
CA ILE T 147 -98.96 8.06 83.04
C ILE T 147 -98.58 8.52 81.64
N ALA T 148 -97.52 7.94 81.09
CA ALA T 148 -97.07 8.20 79.72
C ALA T 148 -96.77 9.68 79.40
N GLU T 149 -96.47 10.51 80.42
CA GLU T 149 -96.32 11.96 80.29
C GLU T 149 -95.33 12.36 79.19
N ARG T 150 -94.19 11.65 79.11
CA ARG T 150 -93.16 11.90 78.09
C ARG T 150 -93.67 11.74 76.66
N ILE T 151 -94.62 10.84 76.42
CA ILE T 151 -95.10 10.53 75.07
C ILE T 151 -95.99 11.68 74.57
N PHE T 152 -96.93 12.12 75.40
CA PHE T 152 -97.85 13.21 75.05
C PHE T 152 -97.17 14.58 75.03
N THR T 153 -96.15 14.79 75.88
CA THR T 153 -95.35 16.02 75.86
C THR T 153 -94.39 16.09 74.67
N SER T 154 -93.85 14.95 74.23
CA SER T 154 -92.92 14.89 73.08
C SER T 154 -93.63 14.97 71.73
N SER T 155 -94.86 14.45 71.64
CA SER T 155 -95.61 14.34 70.38
C SER T 155 -96.85 15.23 70.38
N THR T 156 -96.74 16.43 69.81
CA THR T 156 -97.84 17.42 69.79
C THR T 156 -99.08 16.97 69.03
N SER T 157 -98.92 16.05 68.06
CA SER T 157 -100.01 15.52 67.24
C SER T 157 -100.64 14.24 67.80
N LEU T 158 -100.04 13.62 68.82
CA LEU T 158 -100.52 12.35 69.35
C LEU T 158 -101.70 12.60 70.27
N LEU T 159 -102.81 11.91 70.03
CA LEU T 159 -104.00 11.98 70.86
C LEU T 159 -104.27 10.61 71.47
N LEU T 160 -104.69 10.61 72.74
CA LEU T 160 -105.30 9.44 73.35
C LEU T 160 -106.73 9.31 72.82
N LYS T 161 -107.06 8.14 72.27
CA LYS T 161 -108.40 7.81 71.76
C LYS T 161 -109.26 7.20 72.87
N GLN T 162 -108.70 6.24 73.62
CA GLN T 162 -109.38 5.61 74.74
C GLN T 162 -108.38 5.10 75.77
N ALA T 163 -108.80 5.05 77.04
CA ALA T 163 -108.12 4.29 78.08
C ALA T 163 -109.09 3.28 78.68
N ILE T 164 -108.62 2.08 79.01
CA ILE T 164 -109.41 1.04 79.68
C ILE T 164 -108.55 0.33 80.73
N TRP T 165 -109.18 -0.07 81.83
CA TRP T 165 -108.54 -0.93 82.82
C TRP T 165 -108.55 -2.38 82.35
N TYR T 166 -107.47 -3.12 82.60
CA TYR T 166 -107.49 -4.56 82.46
C TYR T 166 -108.45 -5.16 83.50
N PRO T 167 -109.38 -6.04 83.10
CA PRO T 167 -110.52 -6.45 83.92
C PRO T 167 -110.21 -7.34 85.15
N SER T 168 -108.94 -7.63 85.45
CA SER T 168 -108.57 -8.49 86.58
C SER T 168 -108.64 -7.74 87.92
N GLU T 169 -109.38 -8.30 88.87
CA GLU T 169 -109.51 -7.77 90.25
C GLU T 169 -108.40 -8.25 91.20
N THR T 170 -107.76 -9.39 90.88
CA THR T 170 -106.79 -10.05 91.79
C THR T 170 -105.35 -9.59 91.56
N GLN T 171 -105.10 -8.99 90.40
CA GLN T 171 -103.80 -8.53 89.98
C GLN T 171 -103.64 -7.05 90.23
N GLU T 172 -102.41 -6.57 90.14
CA GLU T 172 -102.15 -5.14 90.10
C GLU T 172 -102.95 -4.53 88.93
N PRO T 173 -103.59 -3.38 89.13
CA PRO T 173 -104.43 -2.79 88.10
C PRO T 173 -103.54 -2.31 86.95
N HIS T 174 -103.72 -2.92 85.78
CA HIS T 174 -103.02 -2.51 84.57
C HIS T 174 -103.91 -1.58 83.73
N LEU T 175 -103.32 -0.54 83.17
CA LEU T 175 -104.02 0.43 82.33
C LEU T 175 -103.57 0.31 80.89
N ILE T 176 -104.53 0.25 79.97
CA ILE T 176 -104.29 0.15 78.52
C ILE T 176 -104.66 1.48 77.88
N LEU T 177 -103.73 2.02 77.11
CA LEU T 177 -103.89 3.27 76.37
C LEU T 177 -103.91 3.00 74.87
N LEU T 178 -105.01 3.37 74.21
CA LEU T 178 -105.13 3.40 72.76
C LEU T 178 -104.88 4.82 72.26
N THR T 179 -103.87 4.98 71.42
CA THR T 179 -103.48 6.28 70.88
C THR T 179 -103.67 6.37 69.36
N SER T 180 -103.75 7.60 68.84
CA SER T 180 -104.04 7.92 67.44
C SER T 180 -102.97 7.48 66.42
N ASP T 181 -101.87 6.88 66.87
CA ASP T 181 -100.84 6.23 66.06
C ASP T 181 -101.09 4.72 65.87
N ASN T 182 -102.26 4.22 66.30
CA ASN T 182 -102.67 2.82 66.32
C ASN T 182 -101.73 1.93 67.15
N ILE T 183 -101.37 2.41 68.34
CA ILE T 183 -100.54 1.66 69.28
C ILE T 183 -101.31 1.48 70.59
N LEU T 184 -101.41 0.24 71.04
CA LEU T 184 -101.88 -0.11 72.38
C LEU T 184 -100.66 -0.19 73.32
N ARG T 185 -100.70 0.58 74.41
CA ARG T 185 -99.66 0.58 75.44
C ARG T 185 -100.25 0.13 76.76
N LEU T 186 -99.65 -0.91 77.33
CA LEU T 186 -100.06 -1.51 78.60
C LEU T 186 -99.11 -1.04 79.70
N TYR T 187 -99.64 -0.37 80.71
CA TYR T 187 -98.90 0.18 81.85
C TYR T 187 -99.25 -0.58 83.13
N ASN T 188 -98.24 -0.86 83.95
CA ASN T 188 -98.40 -1.29 85.34
C ASN T 188 -98.18 -0.07 86.25
N LEU T 189 -98.98 0.10 87.30
CA LEU T 189 -98.82 1.19 88.27
C LEU T 189 -97.47 1.20 89.02
N GLN T 190 -96.70 0.10 89.03
CA GLN T 190 -95.35 0.09 89.59
C GLN T 190 -94.33 0.85 88.74
N ASP T 191 -94.40 0.70 87.41
CA ASP T 191 -93.54 1.37 86.45
C ASP T 191 -94.37 2.12 85.41
N LEU T 192 -94.56 3.41 85.68
CA LEU T 192 -95.47 4.27 84.93
C LEU T 192 -94.78 5.07 83.82
N PHE T 193 -93.44 5.04 83.78
CA PHE T 193 -92.67 5.73 82.75
C PHE T 193 -92.48 4.86 81.52
N THR T 194 -92.32 3.55 81.73
CA THR T 194 -92.10 2.57 80.67
C THR T 194 -93.29 1.61 80.56
N PRO T 195 -93.98 1.57 79.40
CA PRO T 195 -95.06 0.60 79.22
C PRO T 195 -94.49 -0.83 79.29
N VAL T 196 -95.19 -1.72 79.97
CA VAL T 196 -94.80 -3.14 80.09
C VAL T 196 -94.86 -3.82 78.73
N LYS T 197 -95.86 -3.46 77.90
CA LYS T 197 -95.96 -3.93 76.52
C LYS T 197 -96.46 -2.82 75.61
N VAL T 198 -95.88 -2.77 74.41
CA VAL T 198 -96.30 -1.90 73.31
C VAL T 198 -96.68 -2.79 72.15
N ILE T 199 -97.91 -2.61 71.65
CA ILE T 199 -98.50 -3.43 70.59
C ILE T 199 -98.86 -2.48 69.45
N SER T 200 -98.24 -2.68 68.29
CA SER T 200 -98.59 -1.93 67.08
C SER T 200 -99.72 -2.65 66.35
N LEU T 201 -100.78 -1.91 66.00
CA LEU T 201 -101.94 -2.47 65.31
C LEU T 201 -101.81 -2.36 63.77
N SER T 202 -100.61 -2.56 63.22
CA SER T 202 -100.41 -2.73 61.77
C SER T 202 -100.50 -4.21 61.39
N SER T 203 -100.95 -4.50 60.17
CA SER T 203 -100.91 -5.86 59.62
C SER T 203 -99.47 -6.36 59.63
N ALA T 204 -99.24 -7.54 60.21
CA ALA T 204 -97.93 -8.10 60.49
C ALA T 204 -97.13 -8.55 59.24
N GLU T 205 -97.61 -8.28 58.02
CA GLU T 205 -96.91 -8.73 56.81
C GLU T 205 -95.60 -7.97 56.51
N ARG T 215 -95.26 6.25 63.08
CA ARG T 215 -96.68 5.87 63.09
C ARG T 215 -96.95 4.56 62.33
N SER T 216 -97.95 3.80 62.79
CA SER T 216 -98.48 2.65 62.06
C SER T 216 -98.79 3.03 60.60
N TYR T 217 -98.50 2.13 59.65
CA TYR T 217 -98.82 2.32 58.23
C TYR T 217 -100.30 2.65 58.04
N LYS T 218 -101.20 1.91 58.71
CA LYS T 218 -102.65 2.19 58.71
C LYS T 218 -102.99 3.59 59.22
N ALA T 219 -102.40 4.01 60.34
CA ALA T 219 -102.59 5.36 60.87
C ALA T 219 -102.10 6.44 59.88
N SER T 220 -101.09 6.12 59.06
CA SER T 220 -100.58 7.00 58.00
C SER T 220 -101.49 7.05 56.78
N LEU T 221 -102.25 5.98 56.53
CA LEU T 221 -103.35 5.93 55.55
C LEU T 221 -104.64 6.62 56.04
N GLY T 222 -104.70 7.03 57.31
CA GLY T 222 -105.87 7.65 57.91
C GLY T 222 -106.84 6.67 58.58
N GLU T 223 -106.55 5.36 58.55
CA GLU T 223 -107.32 4.36 59.27
C GLU T 223 -106.90 4.37 60.74
N THR T 224 -107.71 4.93 61.63
CA THR T 224 -107.40 4.99 63.06
C THR T 224 -108.28 4.06 63.89
N ALA T 225 -107.67 3.38 64.87
CA ALA T 225 -108.41 2.64 65.88
C ALA T 225 -109.06 3.64 66.85
N VAL T 226 -110.37 3.51 67.07
CA VAL T 226 -111.18 4.48 67.82
C VAL T 226 -111.58 3.96 69.19
N ALA T 227 -111.97 2.69 69.28
CA ALA T 227 -112.44 2.10 70.53
C ALA T 227 -111.96 0.64 70.69
N CYS T 228 -111.94 0.17 71.92
CA CYS T 228 -111.62 -1.20 72.29
C CYS T 228 -112.32 -1.57 73.60
N ASP T 229 -112.66 -2.85 73.74
CA ASP T 229 -113.32 -3.36 74.94
C ASP T 229 -113.03 -4.85 75.14
N PHE T 230 -113.00 -5.27 76.39
CA PHE T 230 -112.74 -6.65 76.78
C PHE T 230 -114.02 -7.48 76.83
N GLY T 231 -113.98 -8.67 76.23
CA GLY T 231 -114.94 -9.72 76.50
C GLY T 231 -114.63 -10.52 77.77
N PRO T 232 -115.51 -11.44 78.15
CA PRO T 232 -115.29 -12.35 79.28
C PRO T 232 -114.10 -13.28 79.04
N LEU T 233 -113.52 -13.81 80.12
CA LEU T 233 -112.46 -14.83 80.07
C LEU T 233 -112.87 -15.99 79.16
N ALA T 234 -112.04 -16.29 78.17
CA ALA T 234 -112.26 -17.38 77.22
C ALA T 234 -111.04 -18.30 77.17
N VAL T 235 -111.28 -19.59 76.92
CA VAL T 235 -110.19 -20.54 76.66
C VAL T 235 -109.57 -20.19 75.31
N LEU T 236 -108.25 -20.06 75.26
CA LEU T 236 -107.53 -19.80 74.01
C LEU T 236 -107.81 -20.92 73.00
N VAL T 249 -106.30 -19.60 79.68
CA VAL T 249 -107.45 -18.70 79.62
C VAL T 249 -106.93 -17.28 79.42
N ALA T 250 -107.49 -16.55 78.47
CA ALA T 250 -107.11 -15.18 78.17
C ALA T 250 -108.35 -14.30 77.99
N TYR T 251 -108.17 -12.98 78.14
CA TYR T 251 -109.23 -12.03 77.83
C TYR T 251 -109.18 -11.66 76.35
N PRO T 252 -110.29 -11.86 75.60
CA PRO T 252 -110.42 -11.33 74.26
C PRO T 252 -110.60 -9.80 74.31
N LEU T 253 -109.72 -9.07 73.64
CA LEU T 253 -109.80 -7.64 73.40
C LEU T 253 -110.26 -7.40 71.97
N TYR T 254 -111.43 -6.80 71.82
CA TYR T 254 -111.94 -6.36 70.53
C TYR T 254 -111.53 -4.91 70.27
N ILE T 255 -111.11 -4.61 69.05
CA ILE T 255 -110.56 -3.31 68.66
C ILE T 255 -111.29 -2.84 67.41
N LEU T 256 -111.92 -1.68 67.49
CA LEU T 256 -112.70 -1.04 66.44
C LEU T 256 -111.91 0.06 65.76
N TYR T 257 -111.87 0.03 64.44
CA TYR T 257 -111.37 1.11 63.59
C TYR T 257 -112.51 2.03 63.15
N GLU T 258 -112.15 3.27 62.81
CA GLU T 258 -113.05 4.30 62.29
C GLU T 258 -113.82 3.85 61.04
N THR T 259 -113.25 2.91 60.28
CA THR T 259 -113.84 2.26 59.11
C THR T 259 -114.91 1.21 59.44
N GLY T 260 -115.16 0.96 60.73
CA GLY T 260 -116.00 -0.15 61.20
C GLY T 260 -115.29 -1.51 61.26
N GLU T 261 -114.07 -1.62 60.73
CA GLU T 261 -113.28 -2.87 60.84
C GLU T 261 -113.02 -3.21 62.30
N THR T 262 -113.38 -4.42 62.70
CA THR T 262 -113.16 -4.93 64.06
C THR T 262 -112.08 -6.00 64.04
N TYR T 263 -111.15 -5.93 64.98
CA TYR T 263 -110.07 -6.88 65.18
C TYR T 263 -110.18 -7.51 66.56
N LEU T 264 -109.59 -8.68 66.73
CA LEU T 264 -109.55 -9.44 67.97
C LEU T 264 -108.11 -9.75 68.36
N MET T 265 -107.80 -9.66 69.64
CA MET T 265 -106.52 -10.06 70.21
C MET T 265 -106.75 -10.67 71.58
N TYR T 266 -105.99 -11.71 71.95
CA TYR T 266 -106.07 -12.30 73.28
C TYR T 266 -104.95 -11.77 74.16
N ILE T 267 -105.29 -11.36 75.37
CA ILE T 267 -104.32 -10.86 76.37
C ILE T 267 -104.46 -11.71 77.62
N ASP T 268 -103.36 -12.34 78.03
CA ASP T 268 -103.21 -12.96 79.33
C ASP T 268 -102.08 -12.28 80.10
N LEU T 269 -102.39 -11.91 81.33
CA LEU T 269 -101.50 -11.30 82.29
C LEU T 269 -101.30 -12.34 83.39
N GLN T 270 -100.16 -13.04 83.40
CA GLN T 270 -99.81 -13.94 84.50
C GLN T 270 -98.68 -13.34 85.31
N LYS T 271 -99.02 -12.72 86.46
CA LYS T 271 -98.17 -12.16 87.55
C LYS T 271 -96.95 -11.30 87.17
N SER T 272 -96.10 -11.73 86.24
CA SER T 272 -94.94 -11.01 85.71
C SER T 272 -94.79 -11.09 84.19
N ASN T 273 -95.37 -12.10 83.52
CA ASN T 273 -95.27 -12.26 82.07
C ASN T 273 -96.62 -11.93 81.40
N ILE T 274 -96.55 -11.04 80.41
CA ILE T 274 -97.68 -10.63 79.60
C ILE T 274 -97.62 -11.38 78.28
N THR T 275 -98.51 -12.35 78.09
CA THR T 275 -98.67 -13.05 76.83
C THR T 275 -99.77 -12.36 76.03
N VAL T 276 -99.36 -11.73 74.93
CA VAL T 276 -100.25 -11.05 73.99
C VAL T 276 -100.27 -11.88 72.72
N GLY T 277 -101.46 -12.32 72.32
CA GLY T 277 -101.69 -13.02 71.06
C GLY T 277 -101.47 -12.13 69.85
N LYS T 278 -101.36 -12.75 68.67
CA LYS T 278 -101.33 -12.01 67.40
C LYS T 278 -102.64 -11.25 67.20
N LEU T 279 -102.59 -10.07 66.57
CA LEU T 279 -103.78 -9.35 66.14
C LEU T 279 -104.48 -10.13 65.03
N LEU T 280 -105.73 -10.51 65.25
CA LEU T 280 -106.47 -11.27 64.24
C LEU T 280 -107.87 -10.70 64.08
N GLY T 281 -108.02 -9.73 63.17
CA GLY T 281 -109.31 -9.10 62.97
C GLY T 281 -109.86 -9.29 61.58
N PRO T 282 -110.15 -10.55 61.20
CA PRO T 282 -110.74 -10.81 59.89
C PRO T 282 -112.20 -11.19 60.03
N LEU T 283 -112.91 -10.52 60.94
CA LEU T 283 -114.33 -10.82 61.17
C LEU T 283 -115.14 -10.64 59.90
N PRO T 284 -115.87 -11.70 59.50
CA PRO T 284 -116.68 -11.63 58.29
C PRO T 284 -118.07 -11.09 58.61
N MET T 285 -118.37 -9.89 58.14
CA MET T 285 -119.67 -9.28 58.40
C MET T 285 -120.79 -10.11 57.80
N TYR T 286 -121.82 -10.40 58.60
CA TYR T 286 -122.96 -11.16 58.10
C TYR T 286 -124.24 -10.40 58.35
N PRO T 287 -124.50 -9.37 57.53
CA PRO T 287 -124.27 -9.41 56.09
C PRO T 287 -123.18 -8.45 55.63
N ALA T 288 -122.49 -8.77 54.53
CA ALA T 288 -121.45 -7.89 54.00
C ALA T 288 -122.00 -6.50 53.73
N ALA T 289 -121.22 -5.47 54.05
CA ALA T 289 -121.71 -4.10 53.90
C ALA T 289 -121.85 -3.71 52.42
N GLU T 290 -123.01 -3.19 52.01
CA GLU T 290 -123.22 -2.69 50.64
C GLU T 290 -122.39 -1.42 50.38
N ASP T 291 -122.31 -0.56 51.39
CA ASP T 291 -121.43 0.59 51.50
C ASP T 291 -120.70 0.42 52.83
N ASN T 292 -119.36 0.40 52.83
CA ASN T 292 -118.51 0.28 54.03
C ASN T 292 -119.22 0.94 55.24
N TYR T 293 -119.45 0.21 56.33
CA TYR T 293 -119.91 0.77 57.61
C TYR T 293 -119.19 2.12 57.76
N GLY T 294 -119.95 3.21 57.79
CA GLY T 294 -119.41 4.54 57.48
C GLY T 294 -118.07 4.81 58.17
N TYR T 295 -117.26 5.70 57.61
CA TYR T 295 -116.07 6.24 58.29
C TYR T 295 -116.47 7.12 59.49
N ASP T 296 -117.32 6.59 60.38
CA ASP T 296 -118.01 7.23 61.49
C ASP T 296 -118.18 6.27 62.69
N ALA T 297 -117.53 5.10 62.70
CA ALA T 297 -117.55 4.21 63.84
C ALA T 297 -116.83 4.83 65.05
N CYS T 298 -117.51 4.97 66.18
CA CYS T 298 -117.05 5.79 67.31
C CYS T 298 -116.93 5.05 68.65
N ALA T 299 -117.69 4.00 68.90
CA ALA T 299 -117.62 3.24 70.14
C ALA T 299 -117.90 1.76 69.96
N LEU T 300 -117.29 0.95 70.82
CA LEU T 300 -117.46 -0.50 70.88
C LEU T 300 -117.77 -0.91 72.31
N LEU T 301 -118.71 -1.84 72.49
CA LEU T 301 -119.04 -2.46 73.77
C LEU T 301 -119.19 -3.97 73.60
N CYS T 302 -118.44 -4.75 74.35
CA CYS T 302 -118.67 -6.20 74.46
C CYS T 302 -119.60 -6.46 75.64
N LEU T 303 -120.74 -7.11 75.40
CA LEU T 303 -121.63 -7.60 76.45
C LEU T 303 -121.11 -8.94 76.98
N PRO T 304 -121.02 -9.15 78.30
CA PRO T 304 -120.41 -10.34 78.90
C PRO T 304 -121.36 -11.54 78.85
N CYS T 305 -121.52 -12.12 77.67
CA CYS T 305 -122.39 -13.27 77.40
C CYS T 305 -121.67 -14.27 76.50
N VAL T 306 -122.20 -15.49 76.40
CA VAL T 306 -121.66 -16.54 75.55
C VAL T 306 -122.75 -16.97 74.56
N PRO T 307 -122.53 -16.81 73.24
CA PRO T 307 -121.40 -16.16 72.59
C PRO T 307 -121.33 -14.67 72.91
N ASN T 308 -120.16 -14.09 72.68
CA ASN T 308 -119.95 -12.66 72.89
C ASN T 308 -120.85 -11.86 71.94
N ILE T 309 -121.53 -10.85 72.48
CA ILE T 309 -122.28 -9.87 71.68
C ILE T 309 -121.50 -8.57 71.70
N ILE T 310 -121.15 -8.06 70.53
CA ILE T 310 -120.48 -6.78 70.34
C ILE T 310 -121.50 -5.76 69.85
N VAL T 311 -121.51 -4.60 70.48
CA VAL T 311 -122.27 -3.44 70.04
C VAL T 311 -121.30 -2.44 69.42
N ILE T 312 -121.48 -2.14 68.14
CA ILE T 312 -120.71 -1.11 67.42
C ILE T 312 -121.61 0.10 67.24
N ALA T 313 -121.17 1.26 67.70
CA ALA T 313 -121.89 2.52 67.58
C ALA T 313 -121.19 3.47 66.62
N THR T 314 -121.98 4.18 65.83
CA THR T 314 -121.55 5.19 64.85
C THR T 314 -121.89 6.61 65.33
N GLU T 315 -121.21 7.63 64.80
CA GLU T 315 -121.51 9.03 65.11
C GLU T 315 -122.87 9.48 64.58
N SER T 316 -123.41 8.78 63.57
CA SER T 316 -124.75 8.99 63.02
C SER T 316 -125.88 8.47 63.91
N GLY T 317 -125.57 7.60 64.88
CA GLY T 317 -126.56 7.04 65.81
C GLY T 317 -126.98 5.61 65.52
N LEU T 318 -126.37 4.95 64.52
CA LEU T 318 -126.60 3.52 64.26
C LEU T 318 -125.82 2.65 65.26
N LEU T 319 -126.51 1.65 65.80
CA LEU T 319 -126.00 0.63 66.71
C LEU T 319 -126.12 -0.74 66.04
N TYR T 320 -124.99 -1.39 65.79
CA TYR T 320 -124.96 -2.75 65.24
C TYR T 320 -124.78 -3.76 66.36
N HIS T 321 -125.74 -4.69 66.49
CA HIS T 321 -125.68 -5.80 67.43
C HIS T 321 -125.10 -7.02 66.73
N CYS T 322 -123.82 -7.27 66.96
CA CYS T 322 -123.06 -8.34 66.32
C CYS T 322 -122.89 -9.52 67.27
N VAL T 323 -123.30 -10.72 66.85
CA VAL T 323 -123.02 -11.98 67.55
C VAL T 323 -121.70 -12.53 67.01
N VAL T 324 -120.75 -12.78 67.91
CA VAL T 324 -119.44 -13.35 67.55
C VAL T 324 -119.56 -14.86 67.48
N LEU T 325 -119.41 -15.44 66.30
CA LEU T 325 -119.45 -16.89 66.09
C LEU T 325 -118.12 -17.36 65.48
N GLU T 326 -117.78 -18.64 65.69
CA GLU T 326 -116.61 -19.24 65.05
C GLU T 326 -116.80 -19.26 63.51
N GLY T 327 -115.73 -19.00 62.76
CA GLY T 327 -115.79 -19.01 61.30
C GLY T 327 -116.01 -20.42 60.74
N LEU T 345 -108.73 -20.23 62.78
CA LEU T 345 -110.13 -19.93 62.49
C LEU T 345 -110.47 -18.56 63.12
N ILE T 346 -110.48 -17.52 62.29
CA ILE T 346 -110.84 -16.16 62.72
C ILE T 346 -112.37 -16.13 62.91
N PRO T 347 -112.88 -15.65 64.06
CA PRO T 347 -114.31 -15.57 64.28
C PRO T 347 -114.97 -14.52 63.38
N SER T 348 -116.25 -14.73 63.08
CA SER T 348 -117.07 -13.87 62.25
C SER T 348 -118.07 -13.07 63.09
N LEU T 349 -118.38 -11.86 62.64
CA LEU T 349 -119.38 -10.98 63.24
C LEU T 349 -120.70 -11.09 62.47
N TYR T 350 -121.71 -11.71 63.08
CA TYR T 350 -123.05 -11.78 62.49
C TYR T 350 -123.91 -10.65 63.05
N VAL T 351 -124.25 -9.67 62.22
CA VAL T 351 -125.13 -8.57 62.60
C VAL T 351 -126.55 -9.12 62.73
N PHE T 352 -127.01 -9.25 63.97
CA PHE T 352 -128.36 -9.71 64.28
C PHE T 352 -129.39 -8.61 64.01
N GLU T 353 -129.09 -7.39 64.43
CA GLU T 353 -129.94 -6.22 64.24
C GLU T 353 -129.09 -4.94 64.10
N CYS T 354 -129.63 -3.96 63.39
CA CYS T 354 -129.12 -2.60 63.35
C CYS T 354 -130.22 -1.64 63.84
N VAL T 355 -129.88 -0.81 64.82
CA VAL T 355 -130.81 0.07 65.51
C VAL T 355 -130.33 1.51 65.38
N GLU T 356 -131.16 2.38 64.80
CA GLU T 356 -130.89 3.82 64.72
C GLU T 356 -131.46 4.54 65.94
N LEU T 357 -130.61 5.27 66.66
CA LEU T 357 -131.05 6.22 67.67
C LEU T 357 -131.59 7.46 66.95
N GLU T 358 -132.85 7.84 67.20
CA GLU T 358 -133.42 9.10 66.72
C GLU T 358 -132.80 10.29 67.49
N LEU T 359 -131.52 10.59 67.25
CA LEU T 359 -130.70 11.55 68.02
C LEU T 359 -131.26 12.99 68.00
N ALA T 360 -132.01 13.34 66.95
CA ALA T 360 -132.71 14.60 66.83
C ALA T 360 -134.23 14.37 66.74
N CYS T 377 -122.31 13.07 66.25
CA CYS T 377 -122.78 13.00 67.62
C CYS T 377 -122.17 11.75 68.27
N PRO T 378 -120.89 11.82 68.69
CA PRO T 378 -120.19 10.66 69.22
C PRO T 378 -120.94 10.08 70.41
N ILE T 379 -121.09 8.76 70.41
CA ILE T 379 -121.81 7.99 71.41
C ILE T 379 -120.81 7.33 72.35
N LYS T 380 -121.11 7.35 73.65
CA LYS T 380 -120.45 6.50 74.63
C LYS T 380 -121.42 5.42 75.10
N LEU T 381 -120.94 4.18 75.15
CA LEU T 381 -121.69 3.00 75.55
C LEU T 381 -121.35 2.61 76.99
N HIS T 382 -122.37 2.31 77.79
CA HIS T 382 -122.23 1.93 79.19
C HIS T 382 -122.97 0.62 79.44
N ARG T 383 -122.27 -0.37 79.99
CA ARG T 383 -122.87 -1.66 80.39
C ARG T 383 -123.83 -1.45 81.55
N ASP T 384 -124.93 -2.19 81.56
CA ASP T 384 -125.75 -2.30 82.76
C ASP T 384 -125.24 -3.46 83.64
N PRO T 385 -124.80 -3.19 84.88
CA PRO T 385 -124.27 -4.22 85.77
C PRO T 385 -125.32 -5.24 86.26
N ILE T 386 -126.62 -4.95 86.10
CA ILE T 386 -127.71 -5.79 86.61
C ILE T 386 -128.43 -6.54 85.50
N CYS T 387 -128.57 -5.91 84.33
CA CYS T 387 -129.31 -6.46 83.21
C CYS T 387 -128.35 -6.63 82.03
N PRO T 388 -127.74 -7.83 81.83
CA PRO T 388 -126.76 -8.05 80.77
C PRO T 388 -127.32 -7.85 79.35
N SER T 389 -128.64 -7.98 79.20
CA SER T 389 -129.37 -7.70 77.96
C SER T 389 -129.65 -6.21 77.75
N ARG T 390 -129.20 -5.31 78.64
CA ARG T 390 -129.43 -3.86 78.55
C ARG T 390 -128.12 -3.11 78.62
N TYR T 391 -128.04 -2.03 77.86
CA TYR T 391 -126.95 -1.07 77.94
C TYR T 391 -127.48 0.34 77.68
N HIS T 392 -126.67 1.33 78.00
CA HIS T 392 -127.03 2.74 77.90
C HIS T 392 -126.10 3.47 76.95
N CYS T 393 -126.66 4.38 76.16
CA CYS T 393 -125.95 5.22 75.22
C CYS T 393 -126.03 6.67 75.71
N THR T 394 -124.89 7.28 76.00
CA THR T 394 -124.81 8.71 76.34
C THR T 394 -124.23 9.47 75.16
N HIS T 395 -124.85 10.59 74.81
CA HIS T 395 -124.43 11.44 73.70
C HIS T 395 -124.80 12.90 73.99
N VAL T 396 -124.41 13.82 73.10
CA VAL T 396 -124.56 15.28 73.28
C VAL T 396 -126.02 15.68 73.53
N ALA T 397 -126.98 14.94 72.96
CA ALA T 397 -128.41 15.26 73.02
C ALA T 397 -129.18 14.50 74.13
N GLY T 398 -128.55 13.56 74.85
CA GLY T 398 -129.29 12.75 75.81
C GLY T 398 -128.73 11.39 76.20
N VAL T 399 -129.57 10.63 76.90
CA VAL T 399 -129.36 9.22 77.24
C VAL T 399 -130.44 8.37 76.60
N HIS T 400 -130.02 7.35 75.88
CA HIS T 400 -130.87 6.24 75.46
C HIS T 400 -130.56 4.99 76.28
N SER T 401 -131.58 4.18 76.54
CA SER T 401 -131.45 2.82 77.05
C SER T 401 -131.88 1.86 75.97
N VAL T 402 -131.05 0.85 75.72
CA VAL T 402 -131.31 -0.17 74.69
C VAL T 402 -131.40 -1.51 75.38
N GLY T 403 -132.56 -2.16 75.22
CA GLY T 403 -132.82 -3.51 75.72
C GLY T 403 -132.93 -4.52 74.58
N LEU T 404 -132.08 -5.54 74.64
CA LEU T 404 -132.07 -6.67 73.70
C LEU T 404 -133.15 -7.68 74.11
N THR T 405 -134.31 -7.60 73.47
CA THR T 405 -135.47 -8.48 73.71
C THR T 405 -135.17 -9.94 73.37
N LYS T 432 -138.06 -6.34 67.51
CA LYS T 432 -136.91 -5.43 67.49
C LYS T 432 -136.50 -4.97 68.90
N CYS T 433 -135.22 -4.66 69.07
CA CYS T 433 -134.70 -4.08 70.31
C CYS T 433 -135.57 -2.92 70.82
N LEU T 434 -135.70 -2.83 72.13
CA LEU T 434 -136.44 -1.76 72.77
C LEU T 434 -135.50 -0.60 73.05
N VAL T 435 -135.73 0.52 72.37
CA VAL T 435 -135.00 1.77 72.56
C VAL T 435 -135.88 2.74 73.29
N GLU T 436 -135.43 3.19 74.46
CA GLU T 436 -136.09 4.22 75.24
C GLU T 436 -135.20 5.46 75.33
N HIS T 437 -135.71 6.61 74.89
CA HIS T 437 -135.07 7.89 75.11
C HIS T 437 -135.37 8.36 76.54
N ILE T 438 -134.46 8.08 77.47
CA ILE T 438 -134.69 8.35 78.90
C ILE T 438 -134.56 9.84 79.22
N LEU T 439 -133.54 10.49 78.66
CA LEU T 439 -133.23 11.89 78.92
C LEU T 439 -132.94 12.61 77.61
N CYS T 440 -133.77 13.59 77.27
CA CYS T 440 -133.53 14.49 76.14
C CYS T 440 -133.04 15.84 76.63
N THR T 441 -131.79 16.18 76.33
CA THR T 441 -131.19 17.48 76.70
C THR T 441 -131.32 18.53 75.59
N SER T 450 -127.66 20.51 76.16
CA SER T 450 -126.84 20.43 77.37
C SER T 450 -126.19 19.04 77.43
N PRO T 451 -124.94 18.86 76.98
CA PRO T 451 -124.33 17.54 76.90
C PRO T 451 -124.19 16.90 78.27
N ILE T 452 -124.13 15.58 78.27
CA ILE T 452 -123.90 14.83 79.50
C ILE T 452 -122.43 14.95 79.88
N GLN T 453 -122.21 15.40 81.12
CA GLN T 453 -120.90 15.58 81.72
C GLN T 453 -120.50 14.40 82.59
N GLY T 454 -121.49 13.64 83.08
CA GLY T 454 -121.24 12.42 83.82
C GLY T 454 -122.45 11.50 83.84
N PHE T 455 -122.17 10.20 83.79
CA PHE T 455 -123.17 9.16 83.77
C PHE T 455 -122.69 7.94 84.56
N TRP T 456 -123.55 7.42 85.43
CA TRP T 456 -123.25 6.18 86.15
C TRP T 456 -124.53 5.44 86.56
N ILE T 457 -124.42 4.12 86.68
CA ILE T 457 -125.48 3.25 87.16
C ILE T 457 -125.07 2.74 88.53
N ILE T 458 -125.84 3.11 89.55
CA ILE T 458 -125.66 2.59 90.90
C ILE T 458 -126.49 1.33 91.03
N SER T 459 -125.84 0.28 91.51
CA SER T 459 -126.46 -0.98 91.89
C SER T 459 -126.06 -1.30 93.33
N ASP T 460 -126.78 -0.74 94.30
CA ASP T 460 -126.52 -0.98 95.73
C ASP T 460 -127.78 -1.53 96.42
N LEU T 461 -127.56 -2.44 97.37
CA LEU T 461 -128.59 -3.08 98.19
C LEU T 461 -129.52 -2.10 98.91
N PHE T 462 -128.94 -1.01 99.42
CA PHE T 462 -129.62 -0.02 100.25
C PHE T 462 -130.17 1.14 99.41
N LEU T 463 -129.41 1.59 98.41
CA LEU T 463 -129.81 2.71 97.55
C LEU T 463 -130.80 2.31 96.46
N GLY T 464 -130.85 1.02 96.13
CA GLY T 464 -131.57 0.50 94.97
C GLY T 464 -130.77 0.68 93.68
N THR T 465 -131.41 0.36 92.56
CA THR T 465 -130.84 0.57 91.23
C THR T 465 -131.30 1.91 90.69
N SER T 466 -130.36 2.81 90.46
CA SER T 466 -130.65 4.13 89.89
C SER T 466 -129.56 4.57 88.94
N MET T 467 -129.94 5.24 87.86
CA MET T 467 -129.02 5.98 87.01
C MET T 467 -128.85 7.40 87.55
N ILE T 468 -127.62 7.91 87.50
CA ILE T 468 -127.27 9.30 87.79
C ILE T 468 -126.73 9.90 86.50
N CYS T 469 -127.28 11.05 86.11
CA CYS T 469 -126.82 11.85 84.98
C CYS T 469 -126.53 13.26 85.47
N ILE T 470 -125.38 13.81 85.08
CA ILE T 470 -125.04 15.22 85.31
C ILE T 470 -124.90 15.88 83.94
N THR T 471 -125.61 16.98 83.71
CA THR T 471 -125.48 17.78 82.47
C THR T 471 -124.33 18.77 82.56
N CYS T 472 -123.93 19.38 81.45
CA CYS T 472 -122.89 20.42 81.42
C CYS T 472 -123.21 21.65 82.30
N ASP T 473 -124.50 21.88 82.61
CA ASP T 473 -124.95 22.98 83.46
C ASP T 473 -125.02 22.55 84.95
N PHE T 474 -124.43 21.39 85.28
CA PHE T 474 -124.43 20.72 86.58
C PHE T 474 -125.83 20.40 87.14
N GLU T 475 -126.80 20.13 86.26
CA GLU T 475 -128.09 19.58 86.67
C GLU T 475 -127.94 18.08 86.94
N CYS T 476 -128.16 17.66 88.19
CA CYS T 476 -128.11 16.25 88.58
C CYS T 476 -129.49 15.61 88.47
N ILE T 477 -129.63 14.67 87.55
CA ILE T 477 -130.85 13.93 87.28
C ILE T 477 -130.65 12.49 87.73
N VAL T 478 -131.41 12.07 88.73
CA VAL T 478 -131.41 10.70 89.25
C VAL T 478 -132.71 10.02 88.85
N ARG T 479 -132.63 8.83 88.25
CA ARG T 479 -133.81 8.04 87.89
C ARG T 479 -133.67 6.61 88.41
N PRO T 480 -134.70 6.04 89.06
CA PRO T 480 -134.70 4.63 89.39
C PRO T 480 -134.74 3.80 88.11
N LEU T 481 -133.90 2.77 88.04
CA LEU T 481 -133.89 1.81 86.94
C LEU T 481 -134.55 0.50 87.39
N THR U 143 -19.60 -85.76 -147.66
CA THR U 143 -19.88 -86.54 -146.45
C THR U 143 -18.90 -87.71 -146.33
N MET U 144 -18.76 -88.47 -147.41
CA MET U 144 -17.80 -89.57 -147.44
C MET U 144 -16.38 -89.10 -147.15
N SER U 145 -16.09 -87.81 -147.36
CA SER U 145 -14.76 -87.25 -147.15
C SER U 145 -14.50 -86.85 -145.71
N MET U 146 -15.23 -87.42 -144.75
CA MET U 146 -14.97 -87.11 -143.34
C MET U 146 -13.53 -87.48 -142.96
N TYR U 147 -13.01 -88.58 -143.52
CA TYR U 147 -11.61 -88.92 -143.28
C TYR U 147 -10.66 -87.84 -143.79
N PRO U 148 -10.93 -87.13 -144.89
CA PRO U 148 -10.04 -86.05 -145.32
C PRO U 148 -9.90 -84.96 -144.26
N ASP U 149 -10.95 -84.75 -143.45
CA ASP U 149 -10.83 -83.80 -142.36
C ASP U 149 -9.70 -84.18 -141.41
N PHE U 150 -9.74 -85.40 -140.88
CA PHE U 150 -8.69 -85.86 -139.98
C PHE U 150 -7.34 -85.88 -140.67
N LEU U 151 -7.31 -86.27 -141.95
CA LEU U 151 -6.05 -86.36 -142.67
C LEU U 151 -5.41 -85.00 -142.89
N LYS U 152 -6.18 -83.97 -143.23
CA LYS U 152 -5.62 -82.63 -143.38
C LYS U 152 -5.27 -82.02 -142.03
N SER U 153 -6.06 -82.32 -141.00
CA SER U 153 -5.69 -81.92 -139.65
C SER U 153 -4.31 -82.46 -139.28
N PHE U 154 -4.08 -83.76 -139.51
CA PHE U 154 -2.78 -84.34 -139.21
C PHE U 154 -1.69 -83.76 -140.09
N LEU U 155 -1.96 -83.62 -141.39
CA LEU U 155 -0.97 -83.10 -142.33
C LEU U 155 -0.49 -81.71 -141.91
N GLU U 156 -1.41 -80.85 -141.48
CA GLU U 156 -0.99 -79.56 -140.93
C GLU U 156 -0.29 -79.75 -139.59
N HIS U 157 -0.77 -80.68 -138.77
CA HIS U 157 -0.23 -80.84 -137.42
C HIS U 157 1.23 -81.23 -137.39
N PRO U 158 1.77 -81.98 -138.37
CA PRO U 158 3.21 -82.28 -138.33
C PRO U 158 4.08 -81.03 -138.28
N SER U 159 3.69 -79.97 -138.99
CA SER U 159 4.37 -78.69 -138.88
C SER U 159 3.59 -77.68 -138.05
N SER U 160 2.66 -78.14 -137.21
CA SER U 160 1.82 -77.21 -136.44
C SER U 160 1.67 -77.67 -135.00
N ALA U 161 0.74 -77.08 -134.27
CA ALA U 161 0.64 -77.23 -132.83
C ALA U 161 -0.19 -78.44 -132.47
N VAL U 162 -0.02 -78.91 -131.23
CA VAL U 162 -0.75 -80.07 -130.74
C VAL U 162 -2.23 -79.74 -130.54
N PHE U 163 -2.51 -78.76 -129.68
CA PHE U 163 -3.89 -78.50 -129.25
C PHE U 163 -4.78 -78.09 -130.42
N GLU U 164 -4.19 -77.44 -131.43
CA GLU U 164 -4.97 -77.07 -132.61
C GLU U 164 -5.54 -78.29 -133.30
N LEU U 165 -4.88 -79.44 -133.22
CA LEU U 165 -5.39 -80.65 -133.86
C LEU U 165 -6.67 -81.12 -133.20
N ILE U 166 -6.72 -81.17 -131.87
CA ILE U 166 -7.93 -81.59 -131.19
C ILE U 166 -9.03 -80.53 -131.35
N GLU U 167 -8.64 -79.25 -131.39
CA GLU U 167 -9.61 -78.21 -131.67
C GLU U 167 -10.25 -78.40 -133.04
N GLN U 168 -9.43 -78.71 -134.04
CA GLN U 168 -9.95 -78.96 -135.38
C GLN U 168 -10.81 -80.21 -135.40
N TYR U 169 -10.44 -81.23 -134.62
CA TYR U 169 -11.29 -82.41 -134.53
C TYR U 169 -12.68 -82.05 -134.02
N GLU U 170 -12.76 -81.32 -132.91
CA GLU U 170 -14.06 -80.92 -132.35
C GLU U 170 -14.83 -80.06 -133.34
N ALA U 171 -14.15 -79.09 -133.97
CA ALA U 171 -14.85 -78.16 -134.86
C ALA U 171 -15.34 -78.86 -136.12
N THR U 172 -14.52 -79.73 -136.71
CA THR U 172 -14.93 -80.46 -137.91
C THR U 172 -16.05 -81.44 -137.59
N CYS U 173 -16.02 -82.05 -136.40
CA CYS U 173 -17.11 -82.93 -135.99
C CYS U 173 -18.42 -82.14 -135.85
N ASN U 174 -18.34 -80.94 -135.27
CA ASN U 174 -19.53 -80.10 -135.16
C ASN U 174 -20.03 -79.69 -136.55
N THR U 175 -19.11 -79.37 -137.45
CA THR U 175 -19.51 -78.99 -138.80
C THR U 175 -20.18 -80.16 -139.53
N GLN U 176 -19.64 -81.37 -139.38
CA GLN U 176 -20.26 -82.53 -140.00
C GLN U 176 -21.61 -82.84 -139.37
N ILE U 177 -21.76 -82.56 -138.08
CA ILE U 177 -23.06 -82.69 -137.43
C ILE U 177 -24.06 -81.75 -138.08
N THR U 178 -23.67 -80.48 -138.24
CA THR U 178 -24.54 -79.50 -138.89
C THR U 178 -24.86 -79.92 -140.34
N LEU U 179 -23.90 -80.56 -141.02
CA LEU U 179 -24.15 -81.06 -142.35
C LEU U 179 -25.18 -82.19 -142.34
N LEU U 180 -25.08 -83.08 -141.34
CA LEU U 180 -26.07 -84.13 -141.15
C LEU U 180 -27.45 -83.54 -140.86
N LYS U 181 -27.47 -82.37 -140.22
CA LYS U 181 -28.73 -81.67 -139.95
C LYS U 181 -28.96 -80.54 -140.96
N ILE U 200 -27.33 -90.20 -137.21
CA ILE U 200 -26.06 -89.71 -137.75
C ILE U 200 -25.66 -88.39 -137.09
N LEU U 201 -26.58 -87.42 -137.13
CA LEU U 201 -26.31 -86.11 -136.53
C LEU U 201 -26.04 -86.23 -135.04
N TRP U 202 -26.79 -87.11 -134.36
CA TRP U 202 -26.57 -87.32 -132.93
C TRP U 202 -25.17 -87.88 -132.66
N LEU U 203 -24.74 -88.87 -133.45
CA LEU U 203 -23.40 -89.42 -133.28
C LEU U 203 -22.34 -88.35 -133.53
N LEU U 204 -22.55 -87.51 -134.53
CA LEU U 204 -21.55 -86.47 -134.83
C LEU U 204 -21.49 -85.42 -133.72
N GLN U 205 -22.66 -85.04 -133.18
CA GLN U 205 -22.67 -84.07 -132.09
C GLN U 205 -22.01 -84.65 -130.83
N GLN U 206 -22.28 -85.92 -130.54
CA GLN U 206 -21.62 -86.57 -129.42
C GLN U 206 -20.11 -86.63 -129.63
N GLU U 207 -19.67 -86.90 -130.86
CA GLU U 207 -18.25 -86.89 -131.16
C GLU U 207 -17.64 -85.52 -130.91
N MET U 208 -18.32 -84.46 -131.35
CA MET U 208 -17.83 -83.10 -131.14
C MET U 208 -17.70 -82.79 -129.65
N VAL U 209 -18.73 -83.14 -128.87
CA VAL U 209 -18.71 -82.86 -127.44
C VAL U 209 -17.59 -83.64 -126.76
N THR U 210 -17.40 -84.91 -127.13
CA THR U 210 -16.36 -85.72 -126.53
C THR U 210 -14.97 -85.18 -126.89
N TRP U 211 -14.79 -84.74 -128.13
CA TRP U 211 -13.51 -84.16 -128.53
C TRP U 211 -13.22 -82.88 -127.74
N ARG U 212 -14.23 -82.02 -127.60
CA ARG U 212 -14.06 -80.81 -126.81
C ARG U 212 -13.67 -81.14 -125.37
N LEU U 213 -14.32 -82.16 -124.79
CA LEU U 213 -14.02 -82.54 -123.41
C LEU U 213 -12.60 -83.07 -123.28
N ILE U 214 -12.17 -83.91 -124.22
CA ILE U 214 -10.80 -84.43 -124.20
C ILE U 214 -9.79 -83.30 -124.33
N ALA U 215 -10.08 -82.34 -125.21
CA ALA U 215 -9.20 -81.19 -125.38
C ALA U 215 -9.10 -80.39 -124.08
N ALA U 216 -10.24 -80.13 -123.43
CA ALA U 216 -10.24 -79.37 -122.18
C ALA U 216 -9.45 -80.11 -121.10
N LEU U 217 -9.63 -81.43 -121.01
CA LEU U 217 -8.91 -82.21 -120.02
C LEU U 217 -7.40 -82.16 -120.27
N TYR U 218 -6.99 -82.25 -121.53
CA TYR U 218 -5.57 -82.17 -121.85
C TYR U 218 -5.00 -80.80 -121.51
N ARG U 219 -5.73 -79.73 -121.83
CA ARG U 219 -5.27 -78.39 -121.50
C ARG U 219 -5.13 -78.23 -119.99
N ASP U 220 -6.07 -78.77 -119.22
CA ASP U 220 -6.00 -78.65 -117.77
C ASP U 220 -4.81 -79.41 -117.21
N ARG U 221 -4.67 -80.69 -117.59
CA ARG U 221 -3.69 -81.54 -116.92
C ARG U 221 -2.26 -81.27 -117.38
N ILE U 222 -2.08 -80.95 -118.67
CA ILE U 222 -0.76 -80.94 -119.28
C ILE U 222 -0.12 -79.55 -119.25
N GLN U 223 -0.92 -78.49 -119.36
CA GLN U 223 -0.37 -77.15 -119.52
C GLN U 223 0.32 -76.66 -118.25
N SER U 224 0.96 -75.50 -118.36
CA SER U 224 1.66 -74.87 -117.25
C SER U 224 0.70 -74.24 -116.25
N ALA U 225 -0.61 -74.40 -116.46
CA ALA U 225 -1.60 -73.82 -115.57
C ALA U 225 -1.73 -74.59 -114.26
N LEU U 226 -0.92 -75.63 -114.06
CA LEU U 226 -1.00 -76.46 -112.86
C LEU U 226 0.04 -76.11 -111.81
N GLU U 227 1.01 -75.26 -112.14
CA GLU U 227 2.10 -74.91 -111.24
C GLU U 227 2.10 -73.40 -111.04
N GLU U 228 1.80 -72.98 -109.82
CA GLU U 228 1.63 -71.57 -109.52
C GLU U 228 2.24 -71.26 -108.16
N GLU U 229 2.45 -69.97 -107.91
CA GLU U 229 3.04 -69.52 -106.65
C GLU U 229 2.07 -69.76 -105.50
N ASN U 230 2.56 -69.53 -104.27
CA ASN U 230 1.73 -69.73 -103.08
C ASN U 230 0.80 -68.56 -102.81
N MET U 231 0.67 -67.61 -103.74
CA MET U 231 -0.32 -66.56 -103.59
C MET U 231 -1.74 -67.09 -103.77
N PHE U 232 -1.87 -68.28 -104.37
CA PHE U 232 -3.18 -68.87 -104.55
C PHE U 232 -3.85 -69.20 -103.23
N GLU U 233 -3.09 -69.71 -102.26
CA GLU U 233 -3.60 -70.00 -100.92
C GLU U 233 -3.07 -69.05 -99.85
N ILE U 234 -2.26 -68.06 -100.24
CA ILE U 234 -1.66 -67.11 -99.29
C ILE U 234 -2.76 -66.17 -98.79
N ALA U 235 -3.05 -66.24 -97.49
CA ALA U 235 -4.10 -65.43 -96.89
C ALA U 235 -3.82 -65.24 -95.41
N ALA U 236 -4.70 -64.50 -94.75
CA ALA U 236 -4.75 -64.37 -93.31
C ALA U 236 -6.16 -64.71 -92.86
N PRO U 237 -6.41 -64.71 -91.54
CA PRO U 237 -7.80 -64.90 -91.08
C PRO U 237 -8.75 -63.85 -91.62
N ASN U 238 -8.25 -62.65 -91.92
CA ASN U 238 -9.08 -61.58 -92.46
C ASN U 238 -9.52 -61.84 -93.89
N ALA U 239 -8.91 -62.79 -94.59
CA ALA U 239 -9.37 -63.13 -95.93
C ALA U 239 -10.75 -63.77 -95.88
N SER U 240 -11.62 -63.33 -96.79
CA SER U 240 -13.01 -63.73 -96.79
C SER U 240 -13.20 -65.19 -97.22
N GLU U 241 -14.43 -65.67 -97.03
CA GLU U 241 -14.80 -67.01 -97.52
C GLU U 241 -14.76 -67.07 -99.04
N LYS U 242 -14.93 -65.93 -99.72
CA LYS U 242 -14.76 -65.89 -101.17
C LYS U 242 -13.34 -66.30 -101.54
N THR U 243 -12.35 -65.61 -100.98
CA THR U 243 -10.96 -65.97 -101.23
C THR U 243 -10.68 -67.39 -100.74
N ILE U 244 -11.41 -67.84 -99.72
CA ILE U 244 -11.24 -69.22 -99.25
C ILE U 244 -11.63 -70.20 -100.35
N VAL U 245 -12.79 -69.99 -100.97
CA VAL U 245 -13.24 -70.85 -102.05
C VAL U 245 -12.30 -70.76 -103.24
N ASP U 246 -11.81 -69.56 -103.55
CA ASP U 246 -10.85 -69.40 -104.65
C ASP U 246 -9.58 -70.20 -104.40
N LYS U 247 -9.01 -70.07 -103.19
CA LYS U 247 -7.80 -70.82 -102.86
C LYS U 247 -8.07 -72.32 -102.91
N LEU U 248 -9.24 -72.76 -102.46
CA LEU U 248 -9.54 -74.19 -102.46
C LEU U 248 -9.65 -74.73 -103.88
N PHE U 249 -10.28 -73.97 -104.79
CA PHE U 249 -10.37 -74.42 -106.17
C PHE U 249 -9.02 -74.32 -106.87
N GLN U 250 -8.15 -73.42 -106.41
CA GLN U 250 -6.83 -73.27 -107.00
C GLN U 250 -5.91 -74.43 -106.61
N ARG U 251 -5.81 -74.69 -105.30
CA ARG U 251 -4.91 -75.75 -104.84
C ARG U 251 -5.49 -77.13 -105.13
N ASP U 252 -6.76 -77.36 -104.78
CA ASP U 252 -7.41 -78.64 -104.99
C ASP U 252 -7.63 -78.82 -106.49
N THR U 253 -6.70 -79.55 -107.13
CA THR U 253 -6.80 -79.74 -108.57
C THR U 253 -7.99 -80.61 -108.94
N LEU U 254 -8.36 -81.55 -108.08
CA LEU U 254 -9.45 -82.47 -108.39
C LEU U 254 -10.80 -81.75 -108.36
N VAL U 255 -10.99 -80.88 -107.37
CA VAL U 255 -12.22 -80.09 -107.32
C VAL U 255 -12.31 -79.18 -108.54
N ARG U 256 -11.18 -78.60 -108.96
CA ARG U 256 -11.19 -77.74 -110.13
C ARG U 256 -11.46 -78.53 -111.41
N GLN U 257 -10.99 -79.77 -111.47
CA GLN U 257 -11.28 -80.61 -112.63
C GLN U 257 -12.75 -80.98 -112.70
N SER U 258 -13.33 -81.36 -111.56
CA SER U 258 -14.77 -81.59 -111.51
C SER U 258 -15.53 -80.32 -111.88
N GLN U 259 -15.00 -79.15 -111.50
CA GLN U 259 -15.66 -77.89 -111.82
C GLN U 259 -15.59 -77.61 -113.31
N LEU U 260 -14.47 -77.93 -113.96
CA LEU U 260 -14.36 -77.74 -115.40
C LEU U 260 -15.27 -78.72 -116.15
N VAL U 261 -15.40 -79.94 -115.64
CA VAL U 261 -16.34 -80.89 -116.26
C VAL U 261 -17.77 -80.39 -116.09
N VAL U 262 -18.10 -79.85 -114.92
CA VAL U 262 -19.44 -79.30 -114.70
C VAL U 262 -19.66 -78.07 -115.59
N ASP U 263 -18.60 -77.29 -115.82
CA ASP U 263 -18.70 -76.14 -116.71
C ASP U 263 -18.95 -76.58 -118.15
N TRP U 264 -18.30 -77.66 -118.59
CA TRP U 264 -18.58 -78.21 -119.90
C TRP U 264 -20.02 -78.71 -119.98
N LEU U 265 -20.50 -79.35 -118.91
CA LEU U 265 -21.88 -79.80 -118.88
C LEU U 265 -22.86 -78.62 -118.99
N GLU U 266 -22.55 -77.52 -118.30
CA GLU U 266 -23.40 -76.34 -118.35
C GLU U 266 -23.37 -75.71 -119.73
N SER U 267 -22.19 -75.63 -120.34
CA SER U 267 -22.09 -75.09 -121.70
C SER U 267 -22.90 -75.93 -122.68
N ILE U 268 -22.65 -77.24 -122.72
CA ILE U 268 -23.40 -78.14 -123.59
C ILE U 268 -24.65 -78.62 -122.88
N ALA U 269 -25.73 -77.85 -122.98
CA ALA U 269 -26.99 -78.17 -122.36
C ALA U 269 -28.15 -77.77 -123.27
N LYS U 270 -29.35 -78.21 -122.92
CA LYS U 270 -30.56 -77.86 -123.66
C LYS U 270 -31.19 -76.64 -123.04
N ASP U 271 -31.32 -75.57 -123.83
CA ASP U 271 -31.91 -74.32 -123.38
C ASP U 271 -33.17 -74.02 -124.19
N GLU U 272 -34.21 -73.53 -123.49
CA GLU U 272 -35.46 -73.19 -124.13
C GLU U 272 -35.36 -71.88 -124.90
N VAL U 273 -36.18 -71.75 -125.93
CA VAL U 273 -36.18 -70.54 -126.74
C VAL U 273 -36.87 -69.42 -125.99
N GLY U 274 -36.27 -68.23 -126.05
CA GLY U 274 -36.80 -67.07 -125.36
C GLY U 274 -38.07 -66.51 -125.98
N ASP U 275 -37.95 -65.96 -127.19
CA ASP U 275 -39.06 -65.28 -127.84
C ASP U 275 -39.72 -66.10 -128.94
N PHE U 276 -39.37 -67.37 -129.10
CA PHE U 276 -39.91 -68.19 -130.17
C PHE U 276 -40.67 -69.41 -129.62
N SER U 277 -40.96 -69.44 -128.33
CA SER U 277 -41.67 -70.54 -127.71
C SER U 277 -42.52 -70.02 -126.56
N ASP U 278 -43.29 -70.92 -125.95
CA ASP U 278 -44.14 -70.56 -124.83
C ASP U 278 -43.36 -70.20 -123.57
N ASN U 279 -42.03 -70.24 -123.64
CA ASN U 279 -41.20 -69.94 -122.46
C ASN U 279 -41.37 -68.50 -121.99
N ILE U 280 -41.01 -67.54 -122.84
CA ILE U 280 -41.09 -66.13 -122.45
C ILE U 280 -41.92 -65.34 -123.46
N GLU U 281 -41.99 -65.84 -124.70
CA GLU U 281 -42.76 -65.15 -125.72
C GLU U 281 -44.23 -65.04 -125.32
N TYR U 282 -44.76 -66.08 -124.69
CA TYR U 282 -46.06 -66.01 -124.06
C TYR U 282 -45.99 -65.57 -122.60
N TYR U 283 -44.85 -65.74 -121.95
CA TYR U 283 -44.63 -65.21 -120.61
C TYR U 283 -43.87 -63.89 -120.64
N ALA U 284 -44.39 -62.91 -121.38
CA ALA U 284 -43.89 -61.54 -121.39
C ALA U 284 -44.74 -60.63 -120.50
N LYS U 285 -45.15 -61.14 -119.34
CA LYS U 285 -46.06 -60.46 -118.42
C LYS U 285 -45.57 -59.06 -118.06
N SER U 286 -46.50 -58.10 -118.12
CA SER U 286 -46.16 -56.72 -117.76
C SER U 286 -45.95 -56.59 -116.26
N VAL U 287 -46.73 -57.30 -115.45
CA VAL U 287 -46.68 -57.16 -114.01
C VAL U 287 -46.81 -58.53 -113.36
N TYR U 288 -46.10 -58.71 -112.24
CA TYR U 288 -46.16 -59.97 -111.50
C TYR U 288 -47.41 -60.01 -110.63
N TRP U 289 -48.03 -61.20 -110.58
CA TRP U 289 -49.27 -61.41 -109.85
C TRP U 289 -50.33 -60.39 -110.26
N GLU U 290 -50.33 -60.03 -111.56
CA GLU U 290 -51.33 -59.12 -112.08
C GLU U 290 -52.73 -59.73 -111.98
N ASN U 291 -52.85 -61.03 -112.25
CA ASN U 291 -54.12 -61.71 -112.11
C ASN U 291 -54.57 -61.74 -110.65
N THR U 292 -53.63 -62.02 -109.73
CA THR U 292 -53.97 -62.04 -108.32
C THR U 292 -54.37 -60.66 -107.82
N LEU U 293 -53.83 -59.59 -108.42
CA LEU U 293 -54.23 -58.24 -108.04
C LEU U 293 -55.59 -57.87 -108.60
N HIS U 294 -55.82 -58.17 -109.89
CA HIS U 294 -57.07 -57.77 -110.53
C HIS U 294 -58.23 -58.59 -109.99
N THR U 295 -58.13 -59.91 -110.06
CA THR U 295 -59.15 -60.80 -109.51
C THR U 295 -58.81 -61.13 -108.05
N LEU U 296 -59.76 -61.77 -107.37
CA LEU U 296 -59.58 -62.23 -105.99
C LEU U 296 -60.11 -63.64 -105.80
N LYS U 297 -59.68 -64.57 -106.65
CA LYS U 297 -60.31 -65.88 -106.87
C LYS U 297 -61.61 -65.67 -107.65
N GLN U 298 -61.71 -64.53 -108.34
CA GLN U 298 -62.85 -64.29 -109.21
C GLN U 298 -63.05 -65.42 -110.21
N ARG U 299 -61.95 -66.01 -110.69
CA ARG U 299 -62.08 -67.18 -111.55
C ARG U 299 -62.60 -68.38 -110.77
N SER U 300 -62.10 -68.57 -109.54
CA SER U 300 -62.61 -69.62 -108.66
C SER U 300 -63.71 -69.08 -107.74
N MET U 301 -64.66 -68.37 -108.32
CA MET U 301 -65.85 -67.91 -107.61
C MET U 301 -67.06 -68.11 -108.51
N LEU U 302 -68.23 -68.27 -107.88
CA LEU U 302 -69.45 -68.54 -108.63
C LEU U 302 -70.27 -67.26 -108.78
N SER U 303 -69.60 -66.12 -108.67
CA SER U 303 -70.19 -64.80 -108.83
C SER U 303 -69.08 -63.78 -109.10
N LEU U 304 -69.38 -62.50 -108.94
CA LEU U 304 -68.35 -61.48 -108.96
C LEU U 304 -67.49 -61.51 -107.70
N GLY U 305 -68.11 -61.51 -106.52
CA GLY U 305 -67.40 -61.79 -105.30
C GLY U 305 -66.64 -60.60 -104.73
N SER U 306 -65.62 -60.93 -103.95
CA SER U 306 -64.76 -59.94 -103.34
C SER U 306 -63.63 -59.56 -104.28
N PRO U 316 -42.65 -63.89 -102.40
CA PRO U 316 -42.98 -65.30 -102.22
C PRO U 316 -43.37 -65.64 -100.79
N ASP U 317 -43.66 -64.62 -99.97
CA ASP U 317 -44.09 -64.85 -98.60
C ASP U 317 -45.60 -64.99 -98.47
N ALA U 318 -46.37 -64.19 -99.21
CA ALA U 318 -47.83 -64.28 -99.11
C ALA U 318 -48.38 -65.61 -99.61
N PRO U 319 -48.01 -66.11 -100.79
CA PRO U 319 -48.54 -67.42 -101.23
C PRO U 319 -47.96 -68.59 -100.48
N ILE U 320 -46.87 -68.40 -99.73
CA ILE U 320 -46.40 -69.44 -98.83
C ILE U 320 -47.24 -69.47 -97.57
N ARG U 321 -47.44 -68.30 -96.94
CA ARG U 321 -48.22 -68.24 -95.72
C ARG U 321 -49.67 -68.66 -95.96
N GLN U 322 -50.25 -68.26 -97.09
CA GLN U 322 -51.64 -68.57 -97.36
C GLN U 322 -51.77 -69.13 -98.77
N LYS U 323 -52.02 -70.43 -98.87
CA LYS U 323 -52.19 -71.12 -100.15
C LYS U 323 -53.25 -70.47 -101.02
N LEU U 324 -54.35 -70.03 -100.40
CA LEU U 324 -55.55 -69.52 -101.07
C LEU U 324 -55.26 -68.33 -101.97
N PRO U 325 -54.14 -67.62 -101.76
CA PRO U 325 -53.85 -66.43 -102.57
C PRO U 325 -53.73 -66.67 -104.08
N LEU U 326 -52.87 -67.60 -104.49
CA LEU U 326 -52.41 -67.65 -105.88
C LEU U 326 -53.53 -67.99 -106.86
N ASP U 327 -53.52 -67.31 -108.01
CA ASP U 327 -54.46 -67.59 -109.09
C ASP U 327 -53.84 -68.51 -110.14
N ASP U 328 -54.71 -69.06 -111.00
CA ASP U 328 -54.26 -70.04 -112.00
C ASP U 328 -53.37 -69.41 -113.06
N LEU U 329 -53.74 -68.22 -113.54
CA LEU U 329 -52.95 -67.57 -114.59
C LEU U 329 -51.54 -67.28 -114.11
N ASP U 330 -51.42 -66.64 -112.94
CA ASP U 330 -50.10 -66.36 -112.38
C ASP U 330 -49.36 -67.64 -112.04
N ARG U 331 -50.09 -68.68 -111.61
CA ARG U 331 -49.44 -69.96 -111.33
C ARG U 331 -48.78 -70.54 -112.58
N GLU U 332 -49.51 -70.57 -113.69
CA GLU U 332 -48.96 -71.13 -114.92
C GLU U 332 -47.82 -70.27 -115.47
N ASP U 333 -48.00 -68.95 -115.44
CA ASP U 333 -46.96 -68.06 -115.94
C ASP U 333 -45.69 -68.18 -115.10
N ASP U 334 -45.84 -68.27 -113.77
CA ASP U 334 -44.69 -68.47 -112.89
C ASP U 334 -44.06 -69.84 -113.12
N ILE U 335 -44.87 -70.85 -113.44
CA ILE U 335 -44.32 -72.16 -113.78
C ILE U 335 -43.43 -72.06 -115.01
N ARG U 336 -43.89 -71.34 -116.03
CA ARG U 336 -43.11 -71.17 -117.25
C ARG U 336 -41.83 -70.39 -116.98
N LEU U 337 -41.94 -69.25 -116.28
CA LEU U 337 -40.76 -68.46 -115.95
C LEU U 337 -39.80 -69.23 -115.06
N LEU U 338 -40.34 -70.10 -114.19
CA LEU U 338 -39.49 -70.89 -113.31
C LEU U 338 -38.74 -71.95 -114.09
N LYS U 339 -39.41 -72.62 -115.04
CA LYS U 339 -38.71 -73.56 -115.91
C LYS U 339 -37.62 -72.85 -116.69
N TYR U 340 -37.90 -71.64 -117.19
CA TYR U 340 -36.90 -70.87 -117.91
C TYR U 340 -35.69 -70.55 -117.02
N LEU U 341 -35.94 -70.02 -115.82
CA LEU U 341 -34.85 -69.64 -114.93
C LEU U 341 -34.05 -70.85 -114.48
N PHE U 342 -34.72 -71.97 -114.22
CA PHE U 342 -34.02 -73.17 -113.79
C PHE U 342 -33.17 -73.75 -114.92
N THR U 343 -33.68 -73.71 -116.15
CA THR U 343 -32.86 -74.14 -117.29
C THR U 343 -31.65 -73.23 -117.45
N LEU U 344 -31.85 -71.92 -117.29
CA LEU U 344 -30.73 -71.00 -117.37
C LEU U 344 -29.69 -71.29 -116.29
N ILE U 345 -30.13 -71.53 -115.06
CA ILE U 345 -29.21 -71.82 -113.97
C ILE U 345 -28.44 -73.11 -114.23
N ARG U 346 -29.14 -74.15 -114.71
CA ARG U 346 -28.48 -75.42 -114.98
C ARG U 346 -27.48 -75.31 -116.13
N ALA U 347 -27.77 -74.44 -117.11
CA ALA U 347 -26.83 -74.20 -118.19
C ALA U 347 -25.73 -73.21 -117.80
N GLY U 348 -25.86 -72.54 -116.67
CA GLY U 348 -24.82 -71.66 -116.18
C GLY U 348 -24.98 -70.19 -116.52
N MET U 349 -26.08 -69.81 -117.18
CA MET U 349 -26.32 -68.41 -117.52
C MET U 349 -26.99 -67.69 -116.34
N THR U 350 -26.32 -67.67 -115.20
CA THR U 350 -26.92 -67.12 -113.99
C THR U 350 -27.08 -65.60 -114.09
N ASP U 351 -26.15 -64.92 -114.75
CA ASP U 351 -26.29 -63.48 -114.96
C ASP U 351 -27.50 -63.17 -115.82
N GLU U 352 -27.73 -63.95 -116.87
CA GLU U 352 -28.91 -63.75 -117.72
C GLU U 352 -30.18 -64.11 -116.97
N ALA U 353 -30.13 -65.12 -116.10
CA ALA U 353 -31.28 -65.43 -115.26
C ALA U 353 -31.61 -64.29 -114.31
N GLN U 354 -30.58 -63.65 -113.75
CA GLN U 354 -30.81 -62.50 -112.88
C GLN U 354 -31.40 -61.32 -113.67
N ARG U 355 -30.87 -61.07 -114.87
CA ARG U 355 -31.43 -60.01 -115.71
C ARG U 355 -32.87 -60.31 -116.09
N LEU U 356 -33.21 -61.59 -116.29
CA LEU U 356 -34.57 -61.97 -116.61
C LEU U 356 -35.49 -61.78 -115.41
N CYS U 357 -35.01 -62.12 -114.21
CA CYS U 357 -35.76 -61.85 -112.99
C CYS U 357 -36.00 -60.35 -112.82
N LYS U 358 -35.01 -59.53 -113.18
CA LYS U 358 -35.18 -58.09 -113.12
C LYS U 358 -36.23 -57.62 -114.13
N ARG U 359 -36.18 -58.17 -115.35
CA ARG U 359 -37.11 -57.75 -116.39
C ARG U 359 -38.55 -58.13 -116.05
N CYS U 360 -38.76 -59.36 -115.56
CA CYS U 360 -40.11 -59.83 -115.25
C CYS U 360 -40.72 -59.17 -114.03
N GLY U 361 -39.94 -58.40 -113.28
CA GLY U 361 -40.40 -57.81 -112.05
C GLY U 361 -40.19 -58.65 -110.81
N GLN U 362 -39.43 -59.74 -110.93
CA GLN U 362 -39.23 -60.68 -109.82
C GLN U 362 -38.01 -60.27 -109.00
N ALA U 363 -38.21 -59.20 -108.21
CA ALA U 363 -37.14 -58.74 -107.33
C ALA U 363 -36.76 -59.80 -106.32
N TRP U 364 -37.72 -60.63 -105.90
CA TRP U 364 -37.42 -61.69 -104.96
C TRP U 364 -36.42 -62.69 -105.55
N ARG U 365 -36.75 -63.28 -106.70
CA ARG U 365 -35.86 -64.23 -107.32
C ARG U 365 -34.54 -63.58 -107.73
N ALA U 366 -34.58 -62.30 -108.12
CA ALA U 366 -33.35 -61.61 -108.50
C ALA U 366 -32.41 -61.46 -107.30
N ALA U 367 -32.93 -60.91 -106.18
CA ALA U 367 -32.13 -60.81 -104.98
C ALA U 367 -31.63 -62.17 -104.51
N THR U 368 -32.46 -63.21 -104.67
CA THR U 368 -32.05 -64.55 -104.28
C THR U 368 -30.88 -65.04 -105.12
N LEU U 369 -30.96 -64.84 -106.45
CA LEU U 369 -29.86 -65.24 -107.32
C LEU U 369 -28.61 -64.41 -107.05
N GLU U 370 -28.80 -63.19 -106.53
CA GLU U 370 -27.65 -62.34 -106.23
C GLU U 370 -26.81 -62.88 -105.08
N GLY U 371 -27.35 -63.82 -104.30
CA GLY U 371 -26.70 -64.34 -103.11
C GLY U 371 -25.84 -65.58 -103.27
N LYS U 413 -42.50 -75.75 -108.87
CA LYS U 413 -41.63 -76.93 -108.88
C LYS U 413 -40.25 -76.60 -109.44
N TYR U 414 -40.21 -75.87 -110.55
CA TYR U 414 -38.91 -75.51 -111.14
C TYR U 414 -38.16 -74.54 -110.24
N GLU U 415 -38.90 -73.69 -109.51
CA GLU U 415 -38.25 -72.82 -108.54
C GLU U 415 -37.56 -73.63 -107.45
N ARG U 416 -38.27 -74.62 -106.89
CA ARG U 416 -37.67 -75.48 -105.88
C ARG U 416 -36.48 -76.24 -106.44
N ALA U 417 -36.58 -76.69 -107.69
CA ALA U 417 -35.48 -77.45 -108.30
C ALA U 417 -34.25 -76.58 -108.48
N ILE U 418 -34.41 -75.35 -108.97
CA ILE U 418 -33.27 -74.46 -109.17
C ILE U 418 -32.67 -74.07 -107.82
N TYR U 419 -33.53 -73.88 -106.80
CA TYR U 419 -33.02 -73.60 -105.46
C TYR U 419 -32.20 -74.77 -104.93
N ALA U 420 -32.67 -76.00 -105.16
CA ALA U 420 -31.93 -77.18 -104.74
C ALA U 420 -30.60 -77.29 -105.50
N THR U 421 -30.62 -76.92 -106.78
CA THR U 421 -29.38 -76.93 -107.56
C THR U 421 -28.38 -75.93 -107.00
N LEU U 422 -28.85 -74.75 -106.61
CA LEU U 422 -27.97 -73.77 -106.00
C LEU U 422 -27.45 -74.25 -104.65
N SER U 423 -28.30 -74.91 -103.86
CA SER U 423 -27.93 -75.33 -102.52
C SER U 423 -27.14 -76.63 -102.50
N GLY U 424 -27.06 -77.34 -103.62
CA GLY U 424 -26.36 -78.61 -103.65
C GLY U 424 -27.19 -79.79 -103.17
N ASN U 425 -28.49 -79.80 -103.47
CA ASN U 425 -29.37 -80.89 -103.11
C ASN U 425 -30.11 -81.36 -104.35
N LEU U 426 -30.69 -82.56 -104.26
CA LEU U 426 -31.31 -83.18 -105.42
C LEU U 426 -32.72 -82.66 -105.64
N LYS U 427 -33.30 -83.06 -106.78
CA LYS U 427 -34.68 -82.75 -107.15
C LYS U 427 -35.43 -84.04 -107.43
N GLN U 428 -36.76 -83.96 -107.42
CA GLN U 428 -37.60 -85.13 -107.59
C GLN U 428 -38.45 -85.05 -108.87
N LEU U 429 -39.19 -83.95 -109.03
CA LEU U 429 -40.01 -83.77 -110.23
C LEU U 429 -39.15 -83.47 -111.44
N LEU U 430 -38.12 -82.63 -111.26
CA LEU U 430 -37.25 -82.29 -112.38
C LEU U 430 -36.38 -83.45 -112.83
N PRO U 431 -35.82 -84.28 -111.95
CA PRO U 431 -34.84 -85.28 -112.40
C PRO U 431 -35.42 -86.39 -113.26
N VAL U 432 -36.75 -86.46 -113.42
CA VAL U 432 -37.33 -87.51 -114.25
C VAL U 432 -36.99 -87.29 -115.72
N CYS U 433 -37.06 -86.03 -116.18
CA CYS U 433 -36.68 -85.68 -117.54
C CYS U 433 -35.27 -85.11 -117.61
N GLU U 434 -34.42 -85.45 -116.65
CA GLU U 434 -33.03 -85.03 -116.65
C GLU U 434 -32.17 -86.15 -117.23
N SER U 435 -31.44 -85.84 -118.29
CA SER U 435 -30.58 -86.82 -118.93
C SER U 435 -29.33 -87.04 -118.09
N TRP U 436 -28.42 -87.90 -118.60
CA TRP U 436 -27.14 -88.12 -117.94
C TRP U 436 -26.36 -86.82 -117.81
N GLU U 437 -26.50 -85.92 -118.79
CA GLU U 437 -25.74 -84.68 -118.78
C GLU U 437 -26.13 -83.80 -117.59
N ASP U 438 -27.42 -83.44 -117.50
CA ASP U 438 -27.86 -82.59 -116.39
C ASP U 438 -27.73 -83.31 -115.06
N THR U 439 -27.91 -84.63 -115.05
CA THR U 439 -27.74 -85.39 -113.81
C THR U 439 -26.30 -85.30 -113.32
N VAL U 440 -25.33 -85.48 -114.22
CA VAL U 440 -23.92 -85.38 -113.83
C VAL U 440 -23.57 -83.96 -113.42
N TRP U 441 -24.14 -82.97 -114.12
CA TRP U 441 -23.88 -81.57 -113.77
C TRP U 441 -24.40 -81.24 -112.38
N ALA U 442 -25.63 -81.65 -112.06
CA ALA U 442 -26.20 -81.40 -110.74
C ALA U 442 -25.46 -82.18 -109.66
N HIS U 443 -25.06 -83.42 -109.97
CA HIS U 443 -24.29 -84.21 -109.01
C HIS U 443 -22.96 -83.55 -108.70
N PHE U 444 -22.23 -83.12 -109.73
CA PHE U 444 -20.94 -82.47 -109.52
C PHE U 444 -21.10 -81.13 -108.83
N LYS U 445 -22.18 -80.40 -109.11
CA LYS U 445 -22.40 -79.11 -108.44
C LYS U 445 -22.74 -79.30 -106.97
N VAL U 446 -23.54 -80.32 -106.65
CA VAL U 446 -23.82 -80.63 -105.26
C VAL U 446 -22.57 -81.09 -104.54
N MET U 447 -21.75 -81.89 -105.23
CA MET U 447 -20.46 -82.30 -104.66
C MET U 447 -19.57 -81.09 -104.43
N VAL U 448 -19.60 -80.12 -105.34
CA VAL U 448 -18.83 -78.89 -105.17
C VAL U 448 -19.31 -78.12 -103.96
N ASP U 449 -20.64 -78.02 -103.81
CA ASP U 449 -21.19 -77.31 -102.65
C ASP U 449 -20.81 -78.00 -101.35
N SER U 450 -20.93 -79.33 -101.30
CA SER U 450 -20.58 -80.06 -100.08
C SER U 450 -19.10 -79.95 -99.77
N LEU U 451 -18.24 -80.16 -100.77
CA LEU U 451 -16.79 -80.11 -100.53
C LEU U 451 -16.34 -78.70 -100.16
N VAL U 452 -16.95 -77.68 -100.75
CA VAL U 452 -16.53 -76.31 -100.48
C VAL U 452 -17.03 -75.85 -99.12
N GLU U 453 -18.27 -76.25 -98.75
CA GLU U 453 -18.72 -76.01 -97.39
C GLU U 453 -17.86 -76.75 -96.39
N GLN U 454 -17.38 -77.95 -96.77
CA GLN U 454 -16.46 -78.68 -95.91
C GLN U 454 -15.12 -77.97 -95.80
N GLU U 455 -14.67 -77.34 -96.88
CA GLU U 455 -13.43 -76.57 -96.85
C GLU U 455 -13.57 -75.36 -95.95
N ILE U 456 -14.71 -74.68 -96.03
CA ILE U 456 -14.98 -73.56 -95.11
C ILE U 456 -15.07 -74.06 -93.67
N ARG U 457 -15.65 -75.25 -93.48
CA ARG U 457 -15.74 -75.85 -92.15
C ARG U 457 -14.35 -76.11 -91.58
N ALA U 458 -13.48 -76.72 -92.37
CA ALA U 458 -12.08 -76.86 -91.96
C ALA U 458 -11.47 -75.49 -91.68
N ARG U 471 -28.19 -81.08 -89.61
CA ARG U 471 -28.44 -82.47 -89.92
C ARG U 471 -29.15 -82.67 -91.25
N GLU U 472 -29.85 -81.65 -91.76
CA GLU U 472 -30.67 -81.79 -92.96
C GLU U 472 -29.87 -81.61 -94.26
N TYR U 473 -28.57 -81.90 -94.25
CA TYR U 473 -27.72 -81.68 -95.41
C TYR U 473 -26.87 -82.91 -95.68
N LEU U 474 -26.45 -83.05 -96.93
CA LEU U 474 -25.53 -84.12 -97.35
C LEU U 474 -24.09 -83.67 -97.12
N GLU U 475 -23.51 -84.07 -95.98
CA GLU U 475 -22.15 -83.66 -95.66
C GLU U 475 -21.12 -84.52 -96.37
N ALA U 476 -21.26 -85.85 -96.28
CA ALA U 476 -20.29 -86.74 -96.91
C ALA U 476 -20.47 -86.76 -98.42
N ASN U 477 -19.36 -86.77 -99.14
CA ASN U 477 -19.35 -86.69 -100.59
C ASN U 477 -18.51 -87.81 -101.17
N TRP U 478 -18.90 -88.27 -102.35
CA TRP U 478 -18.18 -89.35 -103.04
C TRP U 478 -17.16 -88.78 -104.02
N THR U 479 -16.60 -89.68 -104.84
CA THR U 479 -15.65 -89.29 -105.87
C THR U 479 -16.32 -89.18 -107.24
N LEU U 480 -15.52 -88.77 -108.23
CA LEU U 480 -16.04 -88.61 -109.59
C LEU U 480 -16.38 -89.95 -110.23
N ASP U 481 -15.54 -90.96 -110.03
CA ASP U 481 -15.80 -92.27 -110.61
C ASP U 481 -17.01 -92.92 -109.93
N SER U 482 -17.18 -92.72 -108.62
CA SER U 482 -18.38 -93.15 -107.95
C SER U 482 -19.60 -92.44 -108.50
N VAL U 483 -19.48 -91.15 -108.79
CA VAL U 483 -20.57 -90.39 -109.41
C VAL U 483 -20.94 -90.99 -110.75
N PHE U 484 -19.93 -91.33 -111.56
CA PHE U 484 -20.19 -91.88 -112.89
C PHE U 484 -20.84 -93.26 -112.81
N GLU U 485 -20.40 -94.09 -111.86
CA GLU U 485 -21.04 -95.39 -111.67
C GLU U 485 -22.48 -95.24 -111.21
N GLU U 486 -22.74 -94.31 -110.29
CA GLU U 486 -24.11 -94.05 -109.87
C GLU U 486 -24.98 -93.60 -111.04
N LEU U 487 -24.47 -92.66 -111.85
CA LEU U 487 -25.23 -92.18 -112.99
C LEU U 487 -25.49 -93.29 -114.00
N GLN U 488 -24.50 -94.18 -114.19
CA GLN U 488 -24.71 -95.33 -115.06
C GLN U 488 -25.75 -96.29 -114.47
N ALA U 489 -25.89 -96.31 -113.15
CA ALA U 489 -26.97 -97.08 -112.54
C ALA U 489 -28.29 -96.33 -112.67
N THR U 490 -29.25 -96.94 -113.37
CA THR U 490 -30.52 -96.30 -113.66
C THR U 490 -31.57 -96.71 -112.63
N ASP U 491 -32.78 -96.18 -112.82
CA ASP U 491 -33.90 -96.56 -111.96
C ASP U 491 -34.27 -98.03 -112.09
N LYS U 492 -34.09 -98.62 -113.28
CA LYS U 492 -34.57 -99.96 -113.58
C LYS U 492 -33.51 -101.03 -113.35
N LYS U 493 -32.47 -100.71 -112.57
CA LYS U 493 -31.41 -101.66 -112.24
C LYS U 493 -30.73 -102.23 -113.49
N ARG U 494 -30.71 -101.43 -114.56
CA ARG U 494 -30.06 -101.80 -115.80
C ARG U 494 -29.13 -100.69 -116.25
N VAL U 495 -28.23 -101.03 -117.17
CA VAL U 495 -27.26 -100.06 -117.68
C VAL U 495 -27.98 -99.06 -118.56
N LEU U 496 -27.84 -97.78 -118.22
CA LEU U 496 -28.36 -96.71 -119.07
C LEU U 496 -27.69 -96.74 -120.43
N GLU U 497 -28.49 -96.66 -121.50
CA GLU U 497 -27.94 -96.65 -122.84
C GLU U 497 -27.03 -95.44 -123.05
N GLU U 498 -27.26 -94.37 -122.28
CA GLU U 498 -26.38 -93.20 -122.36
C GLU U 498 -24.95 -93.57 -122.01
N ASN U 499 -24.75 -94.16 -120.82
CA ASN U 499 -23.40 -94.58 -120.43
C ASN U 499 -22.93 -95.75 -121.29
N ARG U 500 -23.85 -96.57 -121.78
CA ARG U 500 -23.48 -97.68 -122.65
C ARG U 500 -23.06 -97.21 -124.04
N GLU U 501 -23.31 -95.95 -124.37
CA GLU U 501 -22.91 -95.43 -125.67
C GLU U 501 -21.39 -95.41 -125.81
N HIS U 502 -20.92 -95.62 -127.05
CA HIS U 502 -19.49 -95.65 -127.31
C HIS U 502 -18.83 -94.30 -127.02
N TYR U 503 -19.51 -93.20 -127.33
CA TYR U 503 -18.94 -91.88 -127.16
C TYR U 503 -19.11 -91.33 -125.76
N HIS U 504 -20.24 -91.61 -125.11
CA HIS U 504 -20.43 -91.11 -123.75
C HIS U 504 -19.56 -91.88 -122.76
N ILE U 505 -19.39 -93.18 -122.98
CA ILE U 505 -18.43 -93.94 -122.16
C ILE U 505 -17.02 -93.43 -122.41
N ILE U 506 -16.73 -92.99 -123.64
CA ILE U 506 -15.43 -92.42 -123.95
C ILE U 506 -15.22 -91.12 -123.17
N GLN U 507 -16.23 -90.25 -123.16
CA GLN U 507 -16.14 -89.01 -122.39
C GLN U 507 -15.99 -89.30 -120.89
N LYS U 508 -16.72 -90.30 -120.40
CA LYS U 508 -16.61 -90.67 -118.99
C LYS U 508 -15.22 -91.19 -118.67
N PHE U 509 -14.63 -91.97 -119.57
CA PHE U 509 -13.25 -92.41 -119.40
C PHE U 509 -12.29 -91.23 -119.45
N VAL U 510 -12.60 -90.24 -120.28
CA VAL U 510 -11.79 -89.02 -120.33
C VAL U 510 -11.79 -88.33 -118.98
N ILE U 511 -12.96 -88.22 -118.36
CA ILE U 511 -13.04 -87.59 -117.05
C ILE U 511 -12.36 -88.47 -116.00
N LEU U 512 -12.44 -89.79 -116.16
CA LEU U 512 -11.76 -90.69 -115.25
C LEU U 512 -10.25 -90.60 -115.38
N ALA U 513 -9.76 -90.08 -116.53
CA ALA U 513 -8.35 -89.96 -116.85
C ALA U 513 -7.75 -91.32 -117.19
N ASP U 514 -8.59 -92.36 -117.18
CA ASP U 514 -8.20 -93.68 -117.65
C ASP U 514 -8.74 -93.84 -119.08
N VAL U 515 -8.11 -93.11 -120.00
CA VAL U 515 -8.54 -93.15 -121.40
C VAL U 515 -7.62 -94.07 -122.21
N ASP U 516 -6.34 -94.11 -121.88
CA ASP U 516 -5.47 -95.09 -122.52
C ASP U 516 -5.90 -96.51 -122.18
N GLY U 517 -6.44 -96.71 -120.97
CA GLY U 517 -7.03 -97.99 -120.62
C GLY U 517 -8.18 -98.36 -121.53
N LEU U 518 -9.05 -97.39 -121.81
CA LEU U 518 -10.17 -97.64 -122.72
C LEU U 518 -9.67 -97.94 -124.13
N MET U 519 -8.65 -97.22 -124.58
CA MET U 519 -8.09 -97.48 -125.92
C MET U 519 -7.47 -98.87 -126.00
N ASP U 520 -6.82 -99.31 -124.92
CA ASP U 520 -6.21 -100.64 -124.91
C ASP U 520 -7.28 -101.74 -124.87
N GLU U 521 -8.31 -101.55 -124.05
CA GLU U 521 -9.42 -102.50 -124.01
C GLU U 521 -10.12 -102.57 -125.36
N PHE U 522 -10.28 -101.43 -126.03
CA PHE U 522 -10.90 -101.42 -127.35
C PHE U 522 -10.00 -102.07 -128.40
N SER U 523 -8.68 -101.96 -128.23
CA SER U 523 -7.78 -102.64 -129.16
C SER U 523 -7.85 -104.15 -128.98
N GLU U 524 -7.91 -104.61 -127.72
CA GLU U 524 -8.14 -106.04 -127.49
C GLU U 524 -9.52 -106.46 -128.01
N TRP U 525 -10.49 -105.55 -127.93
CA TRP U 525 -11.81 -105.83 -128.50
C TRP U 525 -11.77 -105.92 -130.01
N LEU U 526 -10.86 -105.20 -130.65
CA LEU U 526 -10.68 -105.35 -132.09
C LEU U 526 -10.28 -106.78 -132.44
N SER U 527 -9.45 -107.40 -131.61
CA SER U 527 -9.12 -108.81 -131.80
C SER U 527 -10.28 -109.71 -131.39
N ASN U 528 -11.06 -109.29 -130.40
CA ASN U 528 -12.22 -110.05 -129.93
C ASN U 528 -13.45 -109.83 -130.81
N GLY U 529 -13.33 -109.09 -131.90
CA GLY U 529 -14.46 -108.85 -132.77
C GLY U 529 -15.54 -107.96 -132.19
N LYS U 530 -15.17 -106.84 -131.58
CA LYS U 530 -16.12 -105.94 -130.95
C LYS U 530 -16.02 -104.54 -131.57
N ASN U 531 -17.12 -103.79 -131.43
CA ASN U 531 -17.21 -102.38 -131.80
C ASN U 531 -17.18 -102.17 -133.31
N LEU U 532 -17.10 -103.26 -134.08
CA LEU U 532 -17.01 -103.14 -135.53
C LEU U 532 -18.24 -102.46 -136.13
N LEU U 533 -19.42 -102.65 -135.51
CA LEU U 533 -20.64 -102.10 -136.08
C LEU U 533 -20.61 -100.57 -136.09
N LEU U 534 -19.97 -99.97 -135.09
CA LEU U 534 -19.86 -98.51 -135.00
C LEU U 534 -18.56 -98.08 -135.67
N GLY U 535 -18.68 -97.46 -136.85
CA GLY U 535 -17.50 -96.95 -137.53
C GLY U 535 -16.95 -95.69 -136.92
N HIS U 536 -17.76 -95.01 -136.10
CA HIS U 536 -17.30 -93.79 -135.45
C HIS U 536 -16.26 -94.09 -134.38
N LEU U 537 -16.44 -95.18 -133.63
CA LEU U 537 -15.54 -95.49 -132.51
C LEU U 537 -14.12 -95.81 -133.00
N LEU U 538 -14.00 -96.40 -134.19
CA LEU U 538 -12.67 -96.74 -134.71
C LEU U 538 -11.85 -95.47 -134.98
N ARG U 539 -12.41 -94.55 -135.77
CA ARG U 539 -11.73 -93.28 -136.01
C ARG U 539 -11.55 -92.50 -134.71
N PHE U 540 -12.49 -92.66 -133.77
CA PHE U 540 -12.38 -92.00 -132.48
C PHE U 540 -11.14 -92.48 -131.73
N MET U 541 -10.95 -93.79 -131.65
CA MET U 541 -9.78 -94.35 -130.99
C MET U 541 -8.51 -93.96 -131.74
N THR U 542 -8.56 -93.96 -133.07
CA THR U 542 -7.40 -93.53 -133.86
C THR U 542 -6.96 -92.13 -133.48
N HIS U 543 -7.86 -91.16 -133.60
CA HIS U 543 -7.53 -89.77 -133.31
C HIS U 543 -7.18 -89.58 -131.83
N LEU U 544 -7.87 -90.29 -130.94
CA LEU U 544 -7.62 -90.14 -129.51
C LEU U 544 -6.23 -90.63 -129.14
N LEU U 545 -5.85 -91.83 -129.61
CA LEU U 545 -4.52 -92.34 -129.29
C LEU U 545 -3.43 -91.52 -129.96
N LEU U 546 -3.66 -91.09 -131.21
CA LEU U 546 -2.65 -90.28 -131.89
C LEU U 546 -2.44 -88.95 -131.18
N PHE U 547 -3.53 -88.25 -130.85
CA PHE U 547 -3.40 -86.97 -130.15
C PHE U 547 -2.86 -87.17 -128.73
N PHE U 548 -3.16 -88.31 -128.11
CA PHE U 548 -2.60 -88.60 -126.80
C PHE U 548 -1.09 -88.73 -126.88
N ARG U 549 -0.59 -89.48 -127.86
CA ARG U 549 0.85 -89.59 -128.05
C ARG U 549 1.47 -88.25 -128.44
N THR U 550 0.72 -87.42 -129.18
CA THR U 550 1.24 -86.11 -129.57
C THR U 550 1.32 -85.17 -128.38
N LEU U 551 0.42 -85.34 -127.40
CA LEU U 551 0.50 -84.54 -126.18
C LEU U 551 1.62 -85.03 -125.28
N GLY U 552 1.61 -86.33 -124.96
CA GLY U 552 2.62 -86.94 -124.12
C GLY U 552 2.78 -88.40 -124.45
N LEU U 553 3.91 -89.01 -124.09
CA LEU U 553 4.10 -90.40 -124.47
C LEU U 553 3.16 -91.28 -123.65
N GLN U 554 1.96 -91.53 -124.20
CA GLN U 554 0.89 -92.15 -123.44
C GLN U 554 0.47 -93.51 -124.01
N ALA U 555 0.12 -93.55 -125.29
CA ALA U 555 -0.41 -94.77 -125.88
C ALA U 555 0.69 -95.82 -126.04
N LYS U 556 0.35 -97.06 -125.69
CA LYS U 556 1.29 -98.16 -125.89
C LYS U 556 1.56 -98.37 -127.37
N GLU U 557 2.80 -98.76 -127.68
CA GLU U 557 3.21 -98.90 -129.07
C GLU U 557 2.39 -99.97 -129.79
N GLU U 558 2.12 -101.09 -129.13
CA GLU U 558 1.35 -102.17 -129.74
C GLU U 558 -0.06 -101.69 -130.11
N VAL U 559 -0.75 -101.06 -129.14
CA VAL U 559 -2.10 -100.57 -129.38
C VAL U 559 -2.11 -99.53 -130.50
N SER U 560 -1.13 -98.62 -130.48
CA SER U 560 -1.06 -97.60 -131.52
C SER U 560 -0.88 -98.23 -132.89
N VAL U 561 -0.02 -99.24 -132.99
CA VAL U 561 0.27 -99.87 -134.28
C VAL U 561 -0.97 -100.61 -134.79
N GLU U 562 -1.65 -101.33 -133.90
CA GLU U 562 -2.85 -102.05 -134.31
C GLU U 562 -3.93 -101.07 -134.77
N VAL U 563 -4.10 -99.96 -134.05
CA VAL U 563 -5.11 -98.97 -134.42
C VAL U 563 -4.77 -98.34 -135.76
N LEU U 564 -3.49 -98.03 -135.97
CA LEU U 564 -3.07 -97.43 -137.24
C LEU U 564 -3.29 -98.40 -138.40
N LYS U 565 -2.97 -99.69 -138.20
CA LYS U 565 -3.17 -100.67 -139.26
C LYS U 565 -4.65 -100.85 -139.58
N THR U 566 -5.49 -100.93 -138.55
CA THR U 566 -6.92 -101.07 -138.79
C THR U 566 -7.48 -99.85 -139.52
N TYR U 567 -7.10 -98.65 -139.10
CA TYR U 567 -7.58 -97.44 -139.76
C TYR U 567 -7.06 -97.36 -141.19
N ILE U 568 -5.84 -97.85 -141.44
CA ILE U 568 -5.30 -97.86 -142.80
C ILE U 568 -6.09 -98.81 -143.68
N GLN U 569 -6.44 -99.99 -143.17
CA GLN U 569 -7.26 -100.92 -143.94
C GLN U 569 -8.64 -100.31 -144.22
N ARG U 570 -9.23 -99.66 -143.22
CA ARG U 570 -10.53 -99.02 -143.42
C ARG U 570 -10.44 -97.92 -144.46
N LEU U 571 -9.39 -97.11 -144.42
CA LEU U 571 -9.25 -96.02 -145.39
C LEU U 571 -8.98 -96.56 -146.79
N ILE U 572 -8.24 -97.67 -146.90
CA ILE U 572 -7.99 -98.27 -148.20
C ILE U 572 -9.26 -98.87 -148.77
N ASN U 573 -10.15 -99.33 -147.88
CA ASN U 573 -11.47 -99.77 -148.34
C ASN U 573 -12.33 -98.58 -148.75
N GLU U 574 -12.15 -97.44 -148.09
CA GLU U 574 -12.89 -96.22 -148.39
C GLU U 574 -12.25 -95.42 -149.52
N LYS U 575 -11.16 -95.91 -150.10
CA LYS U 575 -10.54 -95.34 -151.30
C LYS U 575 -9.87 -93.98 -151.02
N GLN U 576 -9.41 -93.78 -149.79
CA GLN U 576 -8.55 -92.63 -149.48
C GLN U 576 -7.09 -93.07 -149.51
N ILE U 577 -6.64 -93.39 -150.72
CA ILE U 577 -5.36 -94.09 -150.89
C ILE U 577 -4.19 -93.18 -150.51
N GLU U 578 -4.32 -91.87 -150.75
CA GLU U 578 -3.26 -90.94 -150.39
C GLU U 578 -2.94 -91.01 -148.89
N LEU U 579 -3.98 -91.03 -148.06
CA LEU U 579 -3.78 -91.20 -146.62
C LEU U 579 -3.59 -92.66 -146.25
N ILE U 580 -4.15 -93.57 -147.04
CA ILE U 580 -4.07 -94.99 -146.72
C ILE U 580 -2.62 -95.46 -146.75
N ALA U 581 -1.87 -95.09 -147.80
CA ALA U 581 -0.48 -95.51 -147.91
C ALA U 581 0.35 -94.94 -146.76
N PHE U 582 0.10 -93.68 -146.39
CA PHE U 582 0.88 -93.06 -145.32
C PHE U 582 0.59 -93.71 -143.97
N TYR U 583 -0.68 -93.94 -143.65
CA TYR U 583 -1.02 -94.60 -142.39
C TYR U 583 -0.49 -96.02 -142.35
N VAL U 584 -0.64 -96.76 -143.45
CA VAL U 584 -0.19 -98.15 -143.47
C VAL U 584 1.32 -98.22 -143.38
N SER U 585 2.02 -97.23 -143.94
CA SER U 585 3.49 -97.21 -143.83
C SER U 585 3.93 -96.77 -142.43
N HIS U 586 3.13 -95.92 -141.77
CA HIS U 586 3.37 -95.67 -140.35
C HIS U 586 3.18 -96.95 -139.54
N LEU U 587 2.35 -97.86 -140.04
CA LEU U 587 2.24 -99.21 -139.49
C LEU U 587 3.42 -100.04 -139.95
N PRO U 588 4.19 -100.64 -139.04
CA PRO U 588 5.47 -101.24 -139.47
C PRO U 588 5.32 -102.46 -140.36
N GLN U 589 4.39 -103.37 -140.05
CA GLN U 589 4.37 -104.67 -140.70
C GLN U 589 3.91 -104.60 -142.15
N GLU U 590 2.90 -103.77 -142.44
CA GLU U 590 2.26 -103.75 -143.74
C GLU U 590 2.99 -102.84 -144.74
N LEU U 591 4.23 -102.47 -144.44
CA LEU U 591 5.00 -101.60 -145.33
C LEU U 591 5.04 -102.17 -146.75
N ALA U 592 5.01 -103.50 -146.88
CA ALA U 592 5.02 -104.15 -148.18
C ALA U 592 3.61 -104.31 -148.73
N ILE U 593 2.69 -104.84 -147.92
CA ILE U 593 1.36 -105.19 -148.40
C ILE U 593 0.60 -103.97 -148.88
N SER U 594 0.77 -102.83 -148.17
CA SER U 594 0.05 -101.62 -148.55
C SER U 594 0.48 -101.11 -149.91
N GLN U 595 1.80 -100.95 -150.11
CA GLN U 595 2.29 -100.47 -151.39
C GLN U 595 1.96 -101.46 -152.50
N TYR U 596 2.01 -102.77 -152.20
CA TYR U 596 1.63 -103.76 -153.19
C TYR U 596 0.18 -103.59 -153.60
N ALA U 597 -0.73 -103.48 -152.63
CA ALA U 597 -2.15 -103.34 -152.94
C ALA U 597 -2.41 -102.07 -153.75
N VAL U 598 -1.82 -100.95 -153.32
CA VAL U 598 -2.07 -99.69 -154.01
C VAL U 598 -1.54 -99.74 -155.44
N PHE U 599 -0.28 -100.16 -155.61
CA PHE U 599 0.31 -100.18 -156.94
C PHE U 599 -0.38 -101.19 -157.86
N LEU U 600 -0.78 -102.35 -157.32
CA LEU U 600 -1.40 -103.37 -158.16
C LEU U 600 -2.83 -102.98 -158.54
N GLU U 601 -3.56 -102.33 -157.61
CA GLU U 601 -4.90 -101.85 -157.93
C GLU U 601 -4.83 -100.73 -158.97
N ASN U 602 -3.83 -99.84 -158.86
CA ASN U 602 -3.69 -98.77 -159.84
C ASN U 602 -3.15 -99.30 -161.17
N ILE U 603 -2.42 -100.41 -161.14
CA ILE U 603 -1.75 -100.91 -162.33
C ILE U 603 -2.76 -101.50 -163.32
N THR U 604 -3.81 -102.14 -162.81
CA THR U 604 -4.77 -102.80 -163.68
C THR U 604 -5.54 -101.79 -164.53
N ASP U 605 -5.96 -100.68 -163.92
CA ASP U 605 -6.73 -99.64 -164.61
C ASP U 605 -6.25 -98.28 -164.10
N PRO U 606 -5.11 -97.81 -164.61
CA PRO U 606 -4.61 -96.51 -164.13
C PRO U 606 -5.43 -95.34 -164.63
N ASP U 607 -5.98 -95.43 -165.85
CA ASP U 607 -6.67 -94.31 -166.49
C ASP U 607 -5.79 -93.07 -166.47
N GLN U 608 -4.55 -93.25 -166.91
CA GLN U 608 -3.50 -92.26 -166.66
C GLN U 608 -3.70 -90.99 -167.48
N ARG U 609 -3.41 -89.86 -166.84
CA ARG U 609 -3.31 -88.57 -167.51
C ARG U 609 -2.26 -87.75 -166.78
N GLN U 610 -2.02 -86.53 -167.28
CA GLN U 610 -1.04 -85.64 -166.66
C GLN U 610 -1.76 -84.69 -165.70
N ARG U 611 -2.11 -85.20 -164.53
CA ARG U 611 -2.79 -84.40 -163.52
C ARG U 611 -2.61 -85.02 -162.15
N CYS U 612 -1.86 -84.35 -161.28
CA CYS U 612 -1.77 -84.68 -159.86
C CYS U 612 -1.28 -86.12 -159.64
N LEU U 613 -0.25 -86.50 -160.38
CA LEU U 613 0.38 -87.81 -160.19
C LEU U 613 1.86 -87.71 -159.83
N GLU U 614 2.33 -86.51 -159.47
CA GLU U 614 3.70 -86.31 -158.98
C GLU U 614 3.76 -86.25 -157.45
N LEU U 615 2.90 -85.43 -156.84
CA LEU U 615 2.95 -85.23 -155.39
C LEU U 615 2.55 -86.50 -154.65
N ALA U 616 1.55 -87.22 -155.16
CA ALA U 616 1.13 -88.46 -154.52
C ALA U 616 2.25 -89.49 -154.54
N LYS U 617 2.88 -89.69 -155.70
CA LYS U 617 4.00 -90.61 -155.79
C LYS U 617 5.15 -90.18 -154.88
N GLU U 618 5.41 -88.87 -154.80
CA GLU U 618 6.49 -88.39 -153.94
C GLU U 618 6.21 -88.69 -152.47
N ALA U 619 4.99 -88.39 -152.01
CA ALA U 619 4.65 -88.69 -150.62
C ALA U 619 4.68 -90.18 -150.36
N GLY U 620 4.32 -90.99 -151.36
CA GLY U 620 4.41 -92.43 -151.19
C GLY U 620 5.84 -92.92 -151.02
N LEU U 621 6.73 -92.45 -151.89
CA LEU U 621 8.14 -92.86 -151.81
C LEU U 621 8.81 -92.30 -150.56
N ASP U 622 8.28 -91.20 -150.02
CA ASP U 622 8.80 -90.66 -148.76
C ASP U 622 8.43 -91.51 -147.54
N VAL U 623 7.69 -92.60 -147.73
CA VAL U 623 7.31 -93.50 -146.64
C VAL U 623 7.76 -94.91 -146.94
N ALA U 624 7.62 -95.32 -148.21
CA ALA U 624 7.71 -96.70 -148.66
C ALA U 624 8.83 -97.53 -148.03
N SER U 625 10.07 -97.04 -148.09
CA SER U 625 11.24 -97.84 -147.74
C SER U 625 11.26 -99.12 -148.57
N ILE U 626 11.46 -98.98 -149.88
CA ILE U 626 11.35 -100.07 -150.85
C ILE U 626 12.11 -101.31 -150.41
N THR U 627 11.42 -102.46 -150.42
CA THR U 627 11.95 -103.71 -149.88
C THR U 627 12.53 -104.64 -150.95
N LYS U 628 11.90 -104.67 -152.14
CA LYS U 628 12.08 -105.72 -153.14
C LYS U 628 13.51 -106.23 -153.27
N THR U 629 13.70 -107.54 -153.11
CA THR U 629 15.04 -108.12 -153.03
C THR U 629 15.01 -109.65 -152.91
N VAL U 630 16.15 -110.22 -152.52
CA VAL U 630 16.23 -111.66 -152.27
C VAL U 630 15.24 -112.08 -151.20
N VAL U 631 14.84 -111.16 -150.33
CA VAL U 631 13.81 -111.45 -149.34
C VAL U 631 12.48 -111.76 -150.03
N GLU U 632 12.13 -110.96 -151.04
CA GLU U 632 10.94 -111.25 -151.82
C GLU U 632 11.12 -112.53 -152.62
N ASN U 633 12.33 -112.78 -153.12
CA ASN U 633 12.58 -114.04 -153.81
C ASN U 633 12.38 -115.23 -152.88
N THR U 634 12.75 -115.09 -151.61
CA THR U 634 12.60 -116.18 -150.65
C THR U 634 11.15 -116.34 -150.22
N ARG U 635 10.39 -115.23 -150.17
CA ARG U 635 8.95 -115.33 -150.00
C ARG U 635 8.34 -116.13 -151.15
N LYS U 636 8.78 -115.86 -152.38
CA LYS U 636 8.30 -116.62 -153.52
C LYS U 636 8.69 -118.08 -153.42
N LYS U 637 9.89 -118.36 -152.90
CA LYS U 637 10.31 -119.75 -152.71
C LYS U 637 9.47 -120.45 -151.67
N ASP U 638 9.07 -119.73 -150.61
CA ASP U 638 8.22 -120.31 -149.58
C ASP U 638 6.81 -120.53 -150.09
N ALA U 639 6.38 -119.74 -151.08
CA ALA U 639 5.04 -119.91 -151.63
C ALA U 639 5.00 -121.02 -152.66
N GLY U 640 6.00 -121.09 -153.55
CA GLY U 640 5.86 -121.88 -154.77
C GLY U 640 5.93 -123.38 -154.56
N GLU U 641 6.82 -123.84 -153.68
CA GLU U 641 7.19 -125.25 -153.67
C GLU U 641 6.74 -125.98 -152.41
N PHE U 642 6.74 -125.28 -151.27
CA PHE U 642 6.39 -125.93 -150.01
C PHE U 642 4.99 -126.53 -150.06
N ALA U 643 3.96 -125.67 -150.19
CA ALA U 643 2.56 -126.11 -150.23
C ALA U 643 2.27 -127.14 -149.15
N HIS U 644 2.28 -126.68 -147.89
CA HIS U 644 2.30 -127.52 -146.68
C HIS U 644 1.30 -128.67 -146.82
N HIS U 645 0.01 -128.41 -147.05
CA HIS U 645 -0.98 -129.49 -146.98
C HIS U 645 -0.91 -130.40 -148.19
N ASP U 646 -1.14 -129.86 -149.39
CA ASP U 646 -1.34 -130.66 -150.58
C ASP U 646 -0.28 -130.36 -151.61
N PHE U 647 0.17 -131.39 -152.33
CA PHE U 647 1.14 -131.25 -153.40
C PHE U 647 0.49 -131.62 -154.72
N ALA U 648 0.34 -130.63 -155.60
CA ALA U 648 -0.10 -130.92 -156.95
C ALA U 648 0.99 -131.70 -157.69
N PRO U 649 0.66 -132.88 -158.25
CA PRO U 649 1.73 -133.74 -158.79
C PRO U 649 2.52 -133.10 -159.92
N ALA U 650 1.87 -132.29 -160.76
CA ALA U 650 2.56 -131.50 -161.76
C ALA U 650 2.85 -130.07 -161.30
N LEU U 651 2.42 -129.70 -160.09
CA LEU U 651 2.54 -128.32 -159.62
C LEU U 651 1.87 -127.36 -160.60
N ASP U 652 0.58 -127.59 -160.85
CA ASP U 652 -0.15 -126.86 -161.87
C ASP U 652 -0.09 -125.36 -161.63
N SER U 653 0.09 -124.62 -162.72
CA SER U 653 0.08 -123.15 -162.72
C SER U 653 1.28 -122.57 -161.97
N GLY U 654 2.09 -123.42 -161.34
CA GLY U 654 3.28 -122.91 -160.67
C GLY U 654 4.30 -122.34 -161.63
N THR U 655 4.56 -123.06 -162.73
CA THR U 655 5.49 -122.55 -163.74
C THR U 655 4.96 -121.28 -164.38
N SER U 656 3.66 -121.22 -164.67
CA SER U 656 3.09 -120.02 -165.29
C SER U 656 3.06 -118.86 -164.30
N GLU U 657 2.93 -119.14 -162.99
CA GLU U 657 2.98 -118.07 -162.00
C GLU U 657 4.39 -117.52 -161.85
N GLU U 658 5.38 -118.40 -161.84
CA GLU U 658 6.77 -117.93 -161.88
C GLU U 658 7.03 -117.15 -163.17
N ASP U 659 6.41 -117.57 -164.26
CA ASP U 659 6.52 -116.84 -165.52
C ASP U 659 5.98 -115.42 -165.39
N ARG U 660 4.76 -115.29 -164.88
CA ARG U 660 4.14 -113.97 -164.72
C ARG U 660 4.95 -113.10 -163.77
N ALA U 661 5.47 -113.68 -162.68
CA ALA U 661 6.30 -112.92 -161.75
C ALA U 661 7.58 -112.45 -162.41
N LYS U 662 8.25 -113.32 -163.17
CA LYS U 662 9.41 -112.91 -163.94
C LYS U 662 9.06 -111.77 -164.89
N ILE U 663 7.95 -111.91 -165.62
CA ILE U 663 7.52 -110.87 -166.56
C ILE U 663 7.40 -109.53 -165.85
N ASP U 664 6.55 -109.47 -164.82
CA ASP U 664 6.31 -108.21 -164.14
C ASP U 664 7.60 -107.63 -163.56
N VAL U 665 8.36 -108.45 -162.83
CA VAL U 665 9.53 -107.95 -162.14
C VAL U 665 10.57 -107.43 -163.13
N ILE U 666 10.90 -108.24 -164.14
CA ILE U 666 11.95 -107.89 -165.09
C ILE U 666 11.54 -106.67 -165.91
N ASP U 667 10.31 -106.67 -166.44
CA ASP U 667 9.88 -105.53 -167.25
C ASP U 667 9.85 -104.24 -166.43
N TRP U 668 9.33 -104.29 -165.19
CA TRP U 668 9.26 -103.09 -164.38
C TRP U 668 10.64 -102.60 -163.97
N LEU U 669 11.54 -103.52 -163.61
CA LEU U 669 12.89 -103.12 -163.22
C LEU U 669 13.65 -102.52 -164.40
N VAL U 670 13.58 -103.15 -165.58
CA VAL U 670 14.33 -102.66 -166.73
C VAL U 670 13.75 -101.35 -167.23
N PHE U 671 12.42 -101.21 -167.20
CA PHE U 671 11.79 -99.98 -167.66
C PHE U 671 11.99 -98.84 -166.66
N GLN U 675 15.16 -105.54 -158.74
CA GLN U 675 14.94 -106.97 -158.53
C GLN U 675 15.04 -107.73 -159.85
N ARG U 676 15.78 -107.19 -160.81
CA ARG U 676 15.96 -107.86 -162.09
C ARG U 676 16.71 -109.18 -161.92
N ALA U 677 17.77 -109.18 -161.10
CA ALA U 677 18.46 -110.42 -160.80
C ALA U 677 17.53 -111.42 -160.11
N GLU U 678 16.62 -110.92 -159.29
CA GLU U 678 15.67 -111.80 -158.61
C GLU U 678 14.70 -112.42 -159.60
N ALA U 679 14.21 -111.62 -160.56
CA ALA U 679 13.37 -112.15 -161.62
C ALA U 679 14.12 -113.20 -162.42
N LEU U 680 15.39 -112.94 -162.72
CA LEU U 680 16.20 -113.91 -163.45
C LEU U 680 16.35 -115.20 -162.68
N LYS U 681 16.57 -115.10 -161.36
CA LYS U 681 16.74 -116.31 -160.54
C LYS U 681 15.46 -117.10 -160.43
N GLN U 682 14.32 -116.42 -160.28
CA GLN U 682 13.05 -117.14 -160.18
C GLN U 682 12.66 -117.77 -161.51
N SER U 683 12.82 -117.03 -162.61
CA SER U 683 12.62 -117.61 -163.93
C SER U 683 13.58 -118.77 -164.17
N ASN U 684 14.79 -118.68 -163.60
CA ASN U 684 15.75 -119.76 -163.73
C ASN U 684 15.28 -121.01 -162.99
N ALA U 685 14.77 -120.85 -161.77
CA ALA U 685 14.21 -121.98 -161.05
C ALA U 685 13.06 -122.61 -161.82
N ILE U 686 12.16 -121.77 -162.35
CA ILE U 686 11.02 -122.28 -163.11
C ILE U 686 11.50 -123.03 -164.35
N MET U 687 12.46 -122.46 -165.07
CA MET U 687 12.93 -123.06 -166.32
C MET U 687 13.69 -124.35 -166.05
N ARG U 688 14.43 -124.43 -164.95
CA ARG U 688 15.10 -125.67 -164.59
C ARG U 688 14.08 -126.76 -164.29
N LYS U 689 13.07 -126.43 -163.47
CA LYS U 689 12.02 -127.40 -163.17
C LYS U 689 11.30 -127.86 -164.44
N PHE U 690 11.11 -126.94 -165.40
CA PHE U 690 10.41 -127.31 -166.63
C PHE U 690 11.29 -128.15 -167.55
N LEU U 691 12.56 -127.77 -167.69
CA LEU U 691 13.47 -128.51 -168.56
C LEU U 691 13.76 -129.91 -168.01
N ALA U 692 13.63 -130.08 -166.69
CA ALA U 692 13.74 -131.42 -166.12
C ALA U 692 12.65 -132.36 -166.64
N SER U 693 11.48 -131.81 -167.01
CA SER U 693 10.40 -132.60 -167.59
C SER U 693 10.22 -132.36 -169.08
N LYS U 694 11.10 -131.56 -169.69
CA LYS U 694 11.05 -131.27 -171.12
C LYS U 694 9.78 -130.51 -171.51
N LYS U 695 9.38 -129.56 -170.68
CA LYS U 695 8.25 -128.68 -170.97
C LYS U 695 8.75 -127.43 -171.68
N HIS U 696 9.11 -127.62 -172.95
CA HIS U 696 9.73 -126.56 -173.74
C HIS U 696 8.81 -125.34 -173.86
N GLU U 697 7.51 -125.57 -174.04
CA GLU U 697 6.58 -124.46 -174.20
C GLU U 697 6.52 -123.60 -172.93
N ALA U 698 6.33 -124.24 -171.77
CA ALA U 698 6.24 -123.50 -170.52
C ALA U 698 7.57 -122.80 -170.20
N ALA U 699 8.68 -123.48 -170.47
CA ALA U 699 9.99 -122.86 -170.23
C ALA U 699 10.19 -121.63 -171.11
N LYS U 700 9.87 -121.74 -172.40
CA LYS U 700 10.00 -120.60 -173.30
C LYS U 700 9.05 -119.47 -172.90
N GLU U 701 7.90 -119.82 -172.31
CA GLU U 701 6.98 -118.78 -171.85
C GLU U 701 7.55 -118.03 -170.66
N VAL U 702 8.05 -118.76 -169.66
CA VAL U 702 8.66 -118.10 -168.49
C VAL U 702 9.87 -117.29 -168.91
N PHE U 703 10.54 -117.71 -169.98
CA PHE U 703 11.68 -116.94 -170.50
C PHE U 703 11.21 -115.67 -171.19
N ALA U 704 10.35 -115.79 -172.20
CA ALA U 704 9.84 -114.62 -172.92
C ALA U 704 9.14 -113.64 -171.99
N LYS U 705 8.75 -114.11 -170.81
CA LYS U 705 8.35 -113.19 -169.76
C LYS U 705 9.46 -112.23 -169.37
N ILE U 706 10.72 -112.68 -169.36
CA ILE U 706 11.86 -111.86 -168.96
C ILE U 706 12.01 -110.66 -169.89
N PRO U 707 12.27 -109.46 -169.35
CA PRO U 707 12.47 -108.30 -170.22
C PRO U 707 13.68 -108.45 -171.12
N GLN U 708 13.59 -107.86 -172.32
CA GLN U 708 14.63 -108.01 -173.33
C GLN U 708 15.94 -107.33 -172.94
N ASP U 709 15.87 -106.21 -172.23
CA ASP U 709 17.06 -105.50 -171.79
C ASP U 709 17.50 -105.90 -170.39
N SER U 710 16.86 -106.91 -169.80
CA SER U 710 17.17 -107.31 -168.43
C SER U 710 18.65 -107.67 -168.28
N ILE U 711 19.22 -108.32 -169.30
CA ILE U 711 20.62 -108.70 -169.24
C ILE U 711 21.52 -107.47 -169.14
N ALA U 712 21.18 -106.41 -169.89
CA ALA U 712 21.98 -105.19 -169.86
C ALA U 712 21.77 -104.43 -168.55
N GLU U 713 20.54 -104.45 -168.03
CA GLU U 713 20.23 -103.68 -166.82
C GLU U 713 20.83 -104.32 -165.58
N ILE U 714 20.83 -105.65 -165.49
CA ILE U 714 21.32 -106.33 -164.29
C ILE U 714 22.84 -106.21 -164.17
N TYR U 715 23.53 -106.16 -165.31
CA TYR U 715 24.98 -106.00 -165.28
C TYR U 715 25.33 -104.64 -164.71
N SER U 716 26.40 -104.60 -163.91
CA SER U 716 26.71 -103.41 -163.12
C SER U 716 27.51 -102.37 -163.88
N GLN U 717 28.12 -102.71 -165.01
CA GLN U 717 28.97 -101.76 -165.71
C GLN U 717 29.22 -102.24 -167.14
N TRP U 718 29.63 -101.30 -167.99
CA TRP U 718 29.95 -101.58 -169.39
C TRP U 718 31.14 -102.51 -169.52
N GLU U 719 32.32 -102.07 -169.07
CA GLU U 719 33.53 -102.88 -169.12
C GLU U 719 33.39 -104.10 -168.20
N GLU U 720 33.93 -105.23 -168.66
CA GLU U 720 33.73 -106.48 -167.94
C GLU U 720 34.53 -106.52 -166.65
N GLN U 721 35.65 -105.78 -166.59
CA GLN U 721 36.45 -105.74 -165.37
C GLN U 721 35.66 -105.17 -164.20
N ALA U 722 34.93 -104.08 -164.42
CA ALA U 722 34.05 -103.54 -163.39
C ALA U 722 32.72 -104.29 -163.31
N MET U 723 32.31 -104.92 -164.41
CA MET U 723 31.03 -105.64 -164.42
C MET U 723 31.08 -106.86 -163.52
N ASP U 724 32.08 -107.73 -163.73
CA ASP U 724 32.16 -108.97 -162.96
C ASP U 724 32.54 -108.69 -161.51
N SER U 725 33.24 -107.58 -161.26
CA SER U 725 33.65 -107.25 -159.90
C SER U 725 32.45 -106.99 -159.00
N ALA U 726 31.58 -106.07 -159.38
CA ALA U 726 30.37 -105.76 -158.60
C ALA U 726 29.26 -106.76 -158.84
N LEU U 727 29.35 -107.55 -159.91
CA LEU U 727 28.37 -108.59 -160.19
C LEU U 727 28.66 -109.84 -159.36
N ASP U 731 29.21 -116.90 -150.14
CA ASP U 731 28.66 -116.40 -151.39
C ASP U 731 29.37 -117.00 -152.60
N ASP U 732 30.61 -117.44 -152.39
CA ASP U 732 31.38 -118.03 -153.48
C ASP U 732 30.70 -119.29 -154.01
N ASN U 733 30.34 -120.21 -153.10
CA ASN U 733 29.71 -121.46 -153.52
C ASN U 733 28.38 -121.22 -154.20
N ALA U 734 27.58 -120.28 -153.68
CA ALA U 734 26.27 -120.03 -154.27
C ALA U 734 26.38 -119.34 -155.62
N ILE U 735 27.36 -118.45 -155.78
CA ILE U 735 27.58 -117.79 -157.07
C ILE U 735 28.06 -118.80 -158.10
N ARG U 736 28.98 -119.67 -157.71
CA ARG U 736 29.41 -120.75 -158.59
C ARG U 736 28.24 -121.66 -158.94
N GLU U 737 27.34 -121.90 -157.99
CA GLU U 737 26.17 -122.73 -158.23
C GLU U 737 25.26 -122.09 -159.28
N HIS U 738 24.98 -120.80 -159.12
CA HIS U 738 24.16 -120.10 -160.11
C HIS U 738 24.81 -120.12 -161.49
N LEU U 739 26.15 -119.96 -161.54
CA LEU U 739 26.85 -120.00 -162.82
C LEU U 739 26.72 -121.36 -163.49
N CYS U 740 26.92 -122.43 -162.73
CA CYS U 740 26.79 -123.77 -163.30
C CYS U 740 25.36 -124.04 -163.76
N ILE U 741 24.38 -123.56 -162.99
CA ILE U 741 22.98 -123.74 -163.38
C ILE U 741 22.69 -123.03 -164.69
N ARG U 742 23.17 -121.79 -164.82
CA ARG U 742 22.96 -121.06 -166.06
C ARG U 742 23.65 -121.74 -167.24
N ALA U 743 24.86 -122.26 -167.02
CA ALA U 743 25.56 -122.96 -168.09
C ALA U 743 24.79 -124.19 -168.55
N TYR U 744 24.31 -125.01 -167.61
CA TYR U 744 23.54 -126.19 -167.98
C TYR U 744 22.24 -125.81 -168.68
N LEU U 745 21.58 -124.75 -168.21
CA LEU U 745 20.34 -124.31 -168.84
C LEU U 745 20.58 -123.87 -170.28
N GLU U 746 21.67 -123.13 -170.52
CA GLU U 746 21.98 -122.72 -171.90
C GLU U 746 22.33 -123.91 -172.77
N SER U 747 23.10 -124.86 -172.23
CA SER U 747 23.47 -126.06 -172.97
C SER U 747 22.30 -126.97 -173.27
N HIS U 748 21.22 -126.86 -172.50
CA HIS U 748 19.99 -127.59 -172.82
C HIS U 748 19.07 -126.81 -173.77
N GLU U 749 19.01 -125.49 -173.64
CA GLU U 749 18.17 -124.69 -174.53
C GLU U 749 18.68 -124.73 -175.96
N ALA U 750 19.99 -124.52 -176.14
CA ALA U 750 20.56 -124.60 -177.48
C ALA U 750 20.40 -125.99 -178.06
N PHE U 751 20.51 -127.02 -177.22
CA PHE U 751 20.31 -128.39 -177.68
C PHE U 751 18.88 -128.61 -178.16
N ASN U 752 17.90 -128.09 -177.40
CA ASN U 752 16.50 -128.23 -177.81
C ASN U 752 16.23 -127.49 -179.12
N GLU U 753 16.83 -126.31 -179.28
CA GLU U 753 16.66 -125.56 -180.52
C GLU U 753 17.25 -126.33 -181.71
N TRP U 754 18.46 -126.87 -181.54
CA TRP U 754 19.08 -127.64 -182.61
C TRP U 754 18.27 -128.89 -182.95
N PHE U 755 17.73 -129.56 -181.93
CA PHE U 755 16.93 -130.76 -182.17
C PHE U 755 15.63 -130.43 -182.87
N LYS U 756 15.02 -129.30 -182.53
CA LYS U 756 13.81 -128.88 -183.24
C LYS U 756 14.12 -128.55 -184.70
N HIS U 757 15.26 -127.90 -184.95
CA HIS U 757 15.64 -127.57 -186.31
C HIS U 757 16.00 -128.82 -187.11
N ILE U 758 16.47 -129.87 -186.44
CA ILE U 758 16.99 -131.04 -187.14
C ILE U 758 15.91 -131.83 -187.88
N ASN U 759 14.64 -131.72 -187.46
CA ASN U 759 13.58 -132.50 -188.10
C ASN U 759 13.25 -132.02 -189.51
N SER U 760 13.58 -130.78 -189.83
CA SER U 760 13.36 -130.18 -191.15
C SER U 760 14.41 -130.66 -192.15
N PRO U 761 15.61 -130.98 -191.69
CA PRO U 761 16.77 -131.17 -192.58
C PRO U 761 16.45 -131.96 -193.84
N PRO U 762 15.70 -133.06 -193.73
CA PRO U 762 15.44 -133.89 -194.92
C PRO U 762 14.76 -133.12 -196.05
N GLN U 763 13.54 -132.66 -195.82
CA GLN U 763 12.79 -131.81 -196.75
C GLN U 763 12.92 -132.29 -198.20
N LYS U 764 12.47 -133.52 -198.43
CA LYS U 764 12.59 -134.10 -199.76
C LYS U 764 11.63 -133.43 -200.74
N PRO U 765 12.11 -133.09 -201.95
CA PRO U 765 11.22 -132.47 -202.94
C PRO U 765 10.60 -133.49 -203.87
N THR U 766 9.35 -133.29 -204.26
CA THR U 766 8.62 -134.21 -205.12
C THR U 766 7.96 -133.45 -206.27
N LEU U 767 7.60 -134.20 -207.31
CA LEU U 767 6.89 -133.64 -208.45
C LEU U 767 5.39 -133.53 -208.14
N VAL U 768 4.72 -132.64 -208.88
CA VAL U 768 3.33 -132.33 -208.62
C VAL U 768 2.42 -133.11 -209.56
N GLY U 769 2.62 -132.96 -210.87
CA GLY U 769 1.67 -133.41 -211.86
C GLY U 769 1.92 -134.81 -212.38
N GLN U 770 1.28 -135.09 -213.51
CA GLN U 770 1.28 -136.42 -214.13
C GLN U 770 1.16 -136.28 -215.64
N ALA U 771 0.67 -137.32 -216.31
CA ALA U 771 0.41 -137.25 -217.74
C ALA U 771 -0.44 -136.03 -218.08
N SER U 772 0.03 -135.24 -219.04
CA SER U 772 -0.65 -134.03 -219.52
C SER U 772 -0.83 -133.02 -218.38
N PHE U 773 0.28 -132.71 -217.73
CA PHE U 773 0.29 -131.77 -216.62
C PHE U 773 1.45 -130.78 -216.74
N THR U 774 1.59 -130.15 -217.92
CA THR U 774 2.66 -129.18 -218.13
C THR U 774 2.65 -128.07 -217.08
N GLU U 775 1.47 -127.46 -216.86
CA GLU U 775 1.38 -126.39 -215.88
C GLU U 775 1.59 -126.92 -214.46
N LYS U 776 1.17 -128.16 -214.20
CA LYS U 776 1.42 -128.76 -212.89
C LYS U 776 2.91 -128.94 -212.65
N VAL U 777 3.66 -129.34 -213.68
CA VAL U 777 5.10 -129.48 -213.54
C VAL U 777 5.77 -128.12 -213.41
N ALA U 778 5.21 -127.11 -214.09
CA ALA U 778 5.71 -125.75 -213.91
C ALA U 778 5.54 -125.30 -212.47
N HIS U 779 4.37 -125.55 -211.88
CA HIS U 779 4.16 -125.25 -210.47
C HIS U 779 5.05 -126.12 -209.59
N GLU U 780 5.36 -127.34 -210.04
CA GLU U 780 6.26 -128.21 -209.30
C GLU U 780 7.68 -127.63 -209.26
N HIS U 781 8.07 -126.94 -210.33
CA HIS U 781 9.34 -126.22 -210.33
C HIS U 781 9.39 -125.18 -209.21
N LYS U 782 8.33 -124.37 -209.10
CA LYS U 782 8.19 -123.42 -208.01
C LYS U 782 8.19 -124.11 -206.66
N GLU U 783 7.54 -125.27 -206.59
CA GLU U 783 7.50 -126.03 -205.34
C GLU U 783 8.88 -126.55 -204.96
N LYS U 784 9.68 -126.93 -205.95
CA LYS U 784 11.06 -127.35 -205.68
C LYS U 784 11.92 -126.15 -205.26
N LYS U 785 11.67 -124.99 -205.85
CA LYS U 785 12.35 -123.78 -205.39
C LYS U 785 11.97 -123.44 -203.95
N TYR U 786 10.71 -123.66 -203.59
CA TYR U 786 10.26 -123.41 -202.22
C TYR U 786 10.82 -124.44 -201.26
N GLU U 787 10.96 -125.70 -201.71
CA GLU U 787 11.63 -126.71 -200.91
C GLU U 787 13.10 -126.40 -200.74
N MET U 788 13.74 -125.82 -201.77
CA MET U 788 15.13 -125.39 -201.64
C MET U 788 15.25 -124.20 -200.71
N ASP U 789 14.26 -123.31 -200.69
CA ASP U 789 14.26 -122.21 -199.74
C ASP U 789 14.02 -122.68 -198.32
N PHE U 790 13.13 -123.65 -198.12
CA PHE U 790 12.91 -124.23 -196.81
C PHE U 790 14.14 -125.01 -196.35
N GLY U 791 14.84 -125.66 -197.27
CA GLY U 791 16.09 -126.32 -196.93
C GLY U 791 17.23 -125.37 -196.65
N ILE U 792 17.27 -124.22 -197.33
CA ILE U 792 18.28 -123.21 -197.02
C ILE U 792 17.99 -122.59 -195.66
N TRP U 793 16.70 -122.36 -195.36
CA TRP U 793 16.33 -121.90 -194.03
C TRP U 793 16.69 -122.92 -192.96
N LYS U 794 16.41 -124.20 -193.21
CA LYS U 794 16.84 -125.25 -192.30
C LYS U 794 18.34 -125.22 -192.10
N GLY U 795 19.10 -125.19 -193.20
CA GLY U 795 20.55 -125.18 -193.14
C GLY U 795 21.13 -124.02 -192.38
N HIS U 796 20.62 -122.80 -192.60
CA HIS U 796 21.16 -121.61 -191.94
C HIS U 796 20.68 -121.44 -190.51
N LEU U 797 19.38 -121.60 -190.26
CA LEU U 797 18.88 -121.57 -188.89
C LEU U 797 19.53 -122.66 -188.05
N ASP U 798 19.73 -123.85 -188.62
CA ASP U 798 20.40 -124.94 -187.92
C ASP U 798 21.91 -124.74 -187.85
N ALA U 799 22.51 -123.99 -188.77
CA ALA U 799 23.92 -123.63 -188.61
C ALA U 799 24.10 -122.72 -187.41
N LEU U 800 23.23 -121.71 -187.28
CA LEU U 800 23.25 -120.87 -186.08
C LEU U 800 22.95 -121.68 -184.83
N THR U 801 21.91 -122.53 -184.88
CA THR U 801 21.53 -123.33 -183.72
C THR U 801 22.62 -124.33 -183.36
N SER U 802 23.40 -124.80 -184.34
CA SER U 802 24.46 -125.75 -184.06
C SER U 802 25.74 -125.08 -183.58
N ASP U 803 26.02 -123.87 -184.07
CA ASP U 803 27.10 -123.08 -183.50
C ASP U 803 26.79 -122.72 -182.06
N VAL U 804 25.51 -122.55 -181.73
CA VAL U 804 25.11 -122.34 -180.34
C VAL U 804 25.01 -123.66 -179.57
N LYS U 805 24.78 -124.78 -180.24
CA LYS U 805 24.61 -126.05 -179.57
C LYS U 805 25.93 -126.76 -179.29
N GLU U 806 26.65 -127.16 -180.33
CA GLU U 806 27.81 -128.03 -180.16
C GLU U 806 28.85 -127.47 -179.18
N LYS U 807 29.46 -126.34 -179.56
CA LYS U 807 30.57 -125.79 -178.78
C LYS U 807 30.08 -125.27 -177.43
N ILE U 808 29.01 -124.49 -177.43
CA ILE U 808 28.52 -123.87 -176.21
C ILE U 808 28.06 -124.94 -175.23
N TYR U 809 27.32 -125.94 -175.72
CA TYR U 809 26.90 -127.08 -174.91
C TYR U 809 28.09 -127.82 -174.32
N ASN U 810 29.09 -128.15 -175.15
CA ASN U 810 30.30 -128.80 -174.65
C ASN U 810 30.92 -128.02 -173.50
N VAL U 811 31.23 -126.74 -173.74
CA VAL U 811 31.94 -125.94 -172.75
C VAL U 811 31.10 -125.74 -171.50
N LEU U 812 29.81 -125.44 -171.68
CA LEU U 812 28.94 -125.18 -170.54
C LEU U 812 28.65 -126.45 -169.76
N LEU U 813 28.61 -127.61 -170.42
CA LEU U 813 28.43 -128.87 -169.70
C LEU U 813 29.68 -129.19 -168.89
N PHE U 814 30.86 -128.96 -169.46
CA PHE U 814 32.09 -129.10 -168.69
C PHE U 814 32.06 -128.22 -167.45
N VAL U 815 31.77 -126.93 -167.65
CA VAL U 815 31.74 -125.98 -166.53
C VAL U 815 30.70 -126.39 -165.50
N ASP U 816 29.50 -126.75 -165.95
CA ASP U 816 28.41 -127.20 -165.11
C ASP U 816 28.81 -128.39 -164.27
N GLY U 817 29.29 -129.45 -164.90
CA GLY U 817 29.79 -130.63 -164.21
C GLY U 817 30.81 -130.29 -163.15
N GLY U 818 31.87 -129.56 -163.54
CA GLY U 818 32.90 -129.16 -162.61
C GLY U 818 32.39 -128.40 -161.40
N TRP U 819 31.65 -127.32 -161.66
CA TRP U 819 31.16 -126.47 -160.57
C TRP U 819 30.12 -127.19 -159.73
N MET U 820 29.35 -128.11 -160.32
CA MET U 820 28.37 -128.86 -159.54
C MET U 820 29.05 -129.89 -158.64
N VAL U 821 30.12 -130.51 -159.13
CA VAL U 821 30.91 -131.38 -158.27
C VAL U 821 31.52 -130.59 -157.13
N ASP U 822 32.02 -129.39 -157.43
CA ASP U 822 32.59 -128.54 -156.38
C ASP U 822 31.54 -128.12 -155.37
N VAL U 823 30.31 -127.85 -155.84
CA VAL U 823 29.23 -127.46 -154.96
C VAL U 823 28.80 -128.63 -154.08
N ARG U 824 28.72 -129.83 -154.66
CA ARG U 824 28.41 -131.01 -153.86
C ARG U 824 29.50 -131.28 -152.83
N GLU U 825 30.75 -130.94 -153.17
CA GLU U 825 31.85 -131.11 -152.22
C GLU U 825 31.73 -130.11 -151.07
N ASP U 826 31.45 -128.84 -151.39
CA ASP U 826 31.34 -127.82 -150.35
C ASP U 826 30.13 -128.06 -149.46
N THR U 827 28.97 -128.28 -150.06
CA THR U 827 27.73 -128.54 -149.35
C THR U 827 27.81 -129.82 -148.54
N ASP U 830 22.38 -123.23 -152.26
CA ASP U 830 22.12 -123.40 -153.68
C ASP U 830 22.45 -124.82 -154.14
N PRO U 831 22.45 -125.77 -153.19
CA PRO U 831 22.67 -127.17 -153.56
C PRO U 831 21.54 -127.70 -154.41
N GLU U 832 20.33 -127.20 -154.18
CA GLU U 832 19.21 -127.50 -155.09
C GLU U 832 19.54 -127.06 -156.51
N ARG U 833 20.08 -125.85 -156.65
CA ARG U 833 20.48 -125.34 -157.96
C ARG U 833 21.54 -126.24 -158.59
N SER U 834 22.55 -126.65 -157.81
CA SER U 834 23.64 -127.45 -158.36
C SER U 834 23.14 -128.82 -158.80
N HIS U 835 22.30 -129.46 -157.98
CA HIS U 835 21.73 -130.74 -158.36
C HIS U 835 20.87 -130.64 -159.61
N GLN U 836 20.05 -129.59 -159.71
CA GLN U 836 19.26 -129.38 -160.92
C GLN U 836 20.16 -129.21 -162.14
N MET U 837 21.26 -128.48 -161.99
CA MET U 837 22.17 -128.27 -163.11
C MET U 837 22.80 -129.59 -163.56
N VAL U 838 23.26 -130.40 -162.59
CA VAL U 838 23.85 -131.69 -162.93
C VAL U 838 22.85 -132.59 -163.63
N LEU U 839 21.62 -132.64 -163.11
CA LEU U 839 20.60 -133.49 -163.72
C LEU U 839 20.26 -133.01 -165.13
N LEU U 840 20.14 -131.70 -165.32
CA LEU U 840 19.82 -131.17 -166.65
C LEU U 840 20.93 -131.48 -167.65
N ARG U 841 22.19 -131.31 -167.23
CA ARG U 841 23.30 -131.66 -168.11
C ARG U 841 23.27 -133.13 -168.50
N ARG U 842 23.12 -134.01 -167.49
CA ARG U 842 23.14 -135.44 -167.74
C ARG U 842 21.93 -135.93 -168.52
N LEU U 843 20.82 -135.19 -168.51
CA LEU U 843 19.64 -135.56 -169.28
C LEU U 843 19.56 -134.87 -170.63
N CYS U 844 20.38 -133.85 -170.88
CA CYS U 844 20.30 -133.09 -172.12
C CYS U 844 21.48 -133.31 -173.06
N LEU U 845 22.67 -133.64 -172.55
CA LEU U 845 23.82 -133.81 -173.43
C LEU U 845 23.62 -135.00 -174.37
N PRO U 846 23.22 -136.16 -173.84
CA PRO U 846 23.07 -137.33 -174.72
C PRO U 846 21.99 -137.18 -175.77
N MET U 847 20.85 -136.58 -175.41
CA MET U 847 19.80 -136.35 -176.39
C MET U 847 20.26 -135.40 -177.48
N MET U 848 21.03 -134.38 -177.10
CA MET U 848 21.58 -133.46 -178.09
C MET U 848 22.53 -134.17 -179.05
N CYS U 849 23.41 -135.02 -178.51
CA CYS U 849 24.33 -135.77 -179.36
C CYS U 849 23.56 -136.70 -180.31
N PHE U 850 22.51 -137.35 -179.80
CA PHE U 850 21.72 -138.25 -180.63
C PHE U 850 21.00 -137.49 -181.74
N LEU U 851 20.44 -136.31 -181.42
CA LEU U 851 19.77 -135.52 -182.43
C LEU U 851 20.75 -135.03 -183.49
N LEU U 852 21.95 -134.62 -183.07
CA LEU U 852 22.96 -134.18 -184.03
C LEU U 852 23.38 -135.33 -184.93
N HIS U 853 23.56 -136.53 -184.36
CA HIS U 853 23.94 -137.69 -185.16
C HIS U 853 22.84 -138.04 -186.16
N THR U 854 21.58 -137.98 -185.72
CA THR U 854 20.46 -138.27 -186.63
C THR U 854 20.39 -137.24 -187.76
N VAL U 855 20.62 -135.96 -187.45
CA VAL U 855 20.60 -134.93 -188.48
C VAL U 855 21.73 -135.15 -189.47
N LEU U 856 22.92 -135.51 -188.97
CA LEU U 856 24.04 -135.78 -189.87
C LEU U 856 23.76 -136.98 -190.75
N HIS U 857 23.16 -138.04 -190.18
CA HIS U 857 22.82 -139.22 -190.98
C HIS U 857 21.80 -138.87 -192.05
N ASN U 858 20.79 -138.07 -191.70
CA ASN U 858 19.77 -137.69 -192.69
C ASN U 858 20.35 -136.78 -193.76
N THR U 859 21.37 -135.99 -193.43
CA THR U 859 22.02 -135.10 -194.39
C THR U 859 23.21 -135.73 -195.07
N LYS U 860 23.50 -137.01 -194.79
CA LYS U 860 24.57 -137.79 -195.42
C LYS U 860 25.95 -137.33 -195.00
N GLN U 861 26.06 -136.62 -193.89
CA GLN U 861 27.35 -136.17 -193.35
C GLN U 861 27.98 -137.27 -192.49
N TYR U 862 28.37 -138.37 -193.12
CA TYR U 862 28.94 -139.50 -192.39
C TYR U 862 30.23 -139.11 -191.67
N LYS U 863 31.06 -138.28 -192.32
CA LYS U 863 32.31 -137.86 -191.70
C LYS U 863 32.04 -137.02 -190.45
N ASP U 864 31.12 -136.06 -190.55
CA ASP U 864 30.78 -135.24 -189.39
C ASP U 864 30.13 -136.06 -188.30
N CYS U 865 29.35 -137.08 -188.67
CA CYS U 865 28.75 -137.95 -187.66
C CYS U 865 29.81 -138.78 -186.94
N LEU U 866 30.81 -139.26 -187.68
CA LEU U 866 31.90 -140.00 -187.06
C LEU U 866 32.81 -139.10 -186.23
N ARG U 867 32.88 -137.82 -186.56
CA ARG U 867 33.62 -136.87 -185.73
C ARG U 867 32.96 -136.61 -184.38
N LEU U 868 31.71 -137.05 -184.19
CA LEU U 868 31.06 -136.90 -182.91
C LEU U 868 31.74 -137.72 -181.83
N ALA U 869 32.36 -138.84 -182.20
CA ALA U 869 33.13 -139.61 -181.24
C ALA U 869 34.27 -138.80 -180.66
N ASP U 870 35.04 -138.12 -181.51
CA ASP U 870 36.13 -137.28 -181.03
C ASP U 870 35.58 -136.07 -180.28
N ILE U 871 34.45 -135.53 -180.73
CA ILE U 871 33.84 -134.39 -180.06
C ILE U 871 33.46 -134.76 -178.62
N VAL U 872 32.94 -135.97 -178.43
CA VAL U 872 32.53 -136.40 -177.10
C VAL U 872 33.74 -136.76 -176.26
N SER U 873 34.73 -137.43 -176.86
CA SER U 873 35.89 -137.90 -176.09
C SER U 873 36.85 -136.77 -175.76
N SER U 874 36.72 -135.62 -176.44
CA SER U 874 37.57 -134.46 -176.21
C SER U 874 37.69 -134.12 -174.72
N GLU U 875 38.91 -134.06 -174.22
CA GLU U 875 39.13 -133.75 -172.80
C GLU U 875 38.87 -132.29 -172.48
N ASN U 876 38.82 -131.42 -173.49
CA ASN U 876 38.53 -130.01 -173.25
C ASN U 876 37.11 -129.83 -172.71
N GLN U 877 36.19 -130.69 -173.13
CA GLN U 877 34.81 -130.64 -172.67
C GLN U 877 34.43 -131.79 -171.76
N LYS U 878 35.07 -132.95 -171.90
CA LYS U 878 34.78 -134.13 -171.08
C LYS U 878 33.30 -134.49 -171.15
N LEU U 879 32.75 -134.52 -172.37
CA LEU U 879 31.35 -134.84 -172.56
C LEU U 879 31.04 -136.32 -172.28
N TYR U 880 32.05 -137.18 -172.29
CA TYR U 880 31.83 -138.60 -172.01
C TYR U 880 31.39 -138.85 -170.58
N THR U 881 31.67 -137.93 -169.67
CA THR U 881 31.30 -138.10 -168.26
C THR U 881 29.82 -137.88 -168.00
N VAL U 882 29.08 -137.34 -168.97
CA VAL U 882 27.65 -137.06 -168.80
C VAL U 882 26.78 -138.12 -169.43
N PHE U 883 27.35 -139.09 -170.15
CA PHE U 883 26.59 -140.13 -170.82
C PHE U 883 26.77 -141.46 -170.09
N SER U 884 25.71 -142.27 -170.10
CA SER U 884 25.74 -143.58 -169.48
C SER U 884 26.42 -144.59 -170.39
N LYS U 885 26.55 -145.83 -169.89
CA LYS U 885 27.19 -146.88 -170.65
C LYS U 885 26.33 -147.31 -171.84
N THR U 886 25.06 -147.62 -171.59
CA THR U 886 24.19 -148.10 -172.65
C THR U 886 23.93 -147.00 -173.69
N GLU U 887 23.74 -145.76 -173.23
CA GLU U 887 23.51 -144.67 -174.17
C GLU U 887 24.73 -144.41 -175.04
N MET U 888 25.93 -144.45 -174.45
CA MET U 888 27.14 -144.27 -175.24
C MET U 888 27.34 -145.44 -176.20
N ARG U 889 26.95 -146.65 -175.80
CA ARG U 889 27.04 -147.79 -176.69
C ARG U 889 26.08 -147.64 -177.87
N ASN U 890 24.88 -147.12 -177.61
CA ASN U 890 23.93 -146.89 -178.70
C ASN U 890 24.43 -145.79 -179.63
N LEU U 891 25.07 -144.76 -179.08
CA LEU U 891 25.66 -143.72 -179.92
C LEU U 891 26.79 -144.28 -180.78
N LEU U 892 27.61 -145.17 -180.21
CA LEU U 892 28.67 -145.80 -180.98
C LEU U 892 28.08 -146.70 -182.07
N GLN U 893 26.95 -147.36 -181.78
CA GLN U 893 26.29 -148.16 -182.79
C GLN U 893 25.76 -147.29 -183.93
N LYS U 894 25.23 -146.11 -183.59
CA LYS U 894 24.80 -145.17 -184.62
C LYS U 894 25.98 -144.71 -185.47
N LEU U 895 27.12 -144.44 -184.81
CA LEU U 895 28.32 -144.07 -185.54
C LEU U 895 28.77 -145.18 -186.47
N ARG U 896 28.68 -146.43 -186.03
CA ARG U 896 29.03 -147.56 -186.88
C ARG U 896 28.06 -147.71 -188.04
N GLU U 897 26.77 -147.42 -187.82
CA GLU U 897 25.81 -147.43 -188.92
C GLU U 897 26.14 -146.36 -189.94
N SER U 898 26.56 -145.18 -189.46
CA SER U 898 26.99 -144.12 -190.37
C SER U 898 28.24 -144.54 -191.15
N SER U 899 29.18 -145.20 -190.48
CA SER U 899 30.37 -145.69 -191.18
C SER U 899 30.02 -146.74 -192.21
N LEU U 900 28.95 -147.52 -191.96
CA LEU U 900 28.49 -148.50 -192.94
C LEU U 900 28.06 -147.81 -194.23
N MET U 901 27.29 -146.72 -194.11
CA MET U 901 26.91 -145.96 -195.29
C MET U 901 28.13 -145.28 -195.93
N LEU U 902 29.09 -144.88 -195.11
CA LEU U 902 30.32 -144.29 -195.65
C LEU U 902 31.10 -145.31 -196.48
N LEU U 903 31.05 -146.57 -196.09
CA LEU U 903 31.73 -147.63 -196.82
C LEU U 903 31.05 -147.92 -198.16
N PHE V 101 -50.56 -26.43 77.56
CA PHE V 101 -51.97 -26.21 77.26
C PHE V 101 -52.35 -24.76 77.45
N LEU V 102 -52.95 -24.17 76.43
CA LEU V 102 -53.37 -22.78 76.52
C LEU V 102 -54.32 -22.60 77.68
N LYS V 103 -55.26 -23.51 77.84
CA LYS V 103 -56.22 -23.43 78.95
C LYS V 103 -55.44 -23.30 80.26
N ASN V 104 -54.58 -24.27 80.54
CA ASN V 104 -53.80 -24.25 81.78
C ASN V 104 -53.08 -22.92 81.95
N GLU V 105 -52.36 -22.49 80.92
CA GLU V 105 -51.61 -21.24 81.04
C GLU V 105 -52.49 -20.07 81.44
N LYS V 106 -53.57 -19.87 80.69
CA LYS V 106 -54.44 -18.74 80.96
C LYS V 106 -55.03 -18.83 82.35
N ASP V 107 -55.45 -20.03 82.75
CA ASP V 107 -56.04 -20.22 84.06
C ASP V 107 -55.05 -19.82 85.15
N ASN V 108 -53.80 -20.26 85.03
CA ASN V 108 -52.79 -19.90 86.02
C ASN V 108 -52.54 -18.38 86.06
N ALA V 109 -52.48 -17.74 84.89
CA ALA V 109 -52.32 -16.30 84.87
C ALA V 109 -53.48 -15.62 85.60
N LEU V 110 -54.70 -16.07 85.34
CA LEU V 110 -55.87 -15.51 86.00
C LEU V 110 -55.79 -15.69 87.49
N LEU V 111 -55.34 -16.86 87.94
CA LEU V 111 -55.20 -17.11 89.37
C LEU V 111 -54.21 -16.13 89.98
N SER V 112 -53.06 -15.94 89.34
CA SER V 112 -52.11 -14.95 89.85
C SER V 112 -52.72 -13.55 89.93
N ALA V 113 -53.46 -13.16 88.91
CA ALA V 113 -54.13 -11.86 88.95
C ALA V 113 -55.11 -11.74 90.12
N ILE V 114 -55.93 -12.78 90.34
CA ILE V 114 -56.87 -12.77 91.44
C ILE V 114 -56.11 -12.65 92.76
N GLU V 115 -54.95 -13.29 92.88
CA GLU V 115 -54.14 -13.17 94.10
C GLU V 115 -53.70 -11.74 94.42
N GLU V 116 -53.06 -11.06 93.48
CA GLU V 116 -52.62 -9.69 93.73
C GLU V 116 -53.81 -8.80 94.04
N SER V 117 -54.94 -9.04 93.38
CA SER V 117 -56.14 -8.27 93.65
C SER V 117 -56.63 -8.42 95.09
N ARG V 118 -56.78 -9.64 95.57
CA ARG V 118 -57.29 -9.79 96.93
C ARG V 118 -56.28 -9.23 97.92
N LYS V 119 -54.99 -9.44 97.66
CA LYS V 119 -53.96 -8.98 98.59
C LYS V 119 -54.10 -7.48 98.89
N ARG V 120 -53.98 -6.65 97.87
CA ARG V 120 -54.06 -5.22 98.11
C ARG V 120 -55.39 -4.84 98.76
N THR V 121 -56.50 -5.38 98.29
CA THR V 121 -57.81 -5.06 98.85
C THR V 121 -57.74 -5.26 100.35
N PHE V 122 -57.50 -6.50 100.76
CA PHE V 122 -57.46 -6.83 102.17
C PHE V 122 -56.54 -5.86 102.88
N VAL V 123 -55.30 -5.72 102.42
CA VAL V 123 -54.34 -4.86 103.12
C VAL V 123 -54.95 -3.49 103.35
N MET V 124 -55.33 -2.81 102.28
CA MET V 124 -55.83 -1.44 102.45
C MET V 124 -57.02 -1.37 103.40
N ALA V 125 -58.01 -2.24 103.21
CA ALA V 125 -59.20 -2.14 104.04
C ALA V 125 -58.81 -2.30 105.49
N GLU V 126 -58.14 -3.39 105.81
CA GLU V 126 -57.74 -3.64 107.20
C GLU V 126 -57.07 -2.43 107.79
N GLU V 127 -55.91 -2.06 107.23
CA GLU V 127 -55.15 -0.94 107.75
C GLU V 127 -56.02 0.25 108.05
N TYR V 128 -56.73 0.77 107.06
CA TYR V 128 -57.55 1.96 107.24
C TYR V 128 -58.49 1.91 108.44
N HIS V 129 -59.33 0.88 108.50
CA HIS V 129 -60.32 0.80 109.58
C HIS V 129 -59.65 0.58 110.93
N ARG V 130 -58.59 -0.23 110.95
CA ARG V 130 -57.88 -0.42 112.21
C ARG V 130 -57.40 0.93 112.70
N GLU V 131 -56.75 1.68 111.81
CA GLU V 131 -56.27 3.00 112.16
C GLU V 131 -57.38 3.82 112.77
N SER V 132 -58.47 4.03 112.02
CA SER V 132 -59.55 4.90 112.51
C SER V 132 -60.01 4.53 113.91
N MET V 133 -60.41 3.28 114.11
CA MET V 133 -60.92 2.85 115.42
C MET V 133 -59.92 3.10 116.54
N LEU V 134 -58.67 2.69 116.33
CA LEU V 134 -57.65 2.87 117.37
C LEU V 134 -57.45 4.35 117.69
N VAL V 135 -57.36 5.17 116.65
CA VAL V 135 -57.21 6.60 116.86
C VAL V 135 -58.34 7.09 117.74
N GLU V 136 -59.57 6.75 117.36
CA GLU V 136 -60.73 7.17 118.13
C GLU V 136 -60.53 6.78 119.58
N TRP V 137 -60.32 5.50 119.85
CA TRP V 137 -60.23 5.05 121.25
C TRP V 137 -59.15 5.82 122.01
N GLU V 138 -57.96 5.95 121.45
CA GLU V 138 -56.87 6.61 122.15
C GLU V 138 -57.26 8.03 122.50
N GLN V 139 -57.73 8.76 121.49
CA GLN V 139 -58.13 10.14 121.73
C GLN V 139 -59.13 10.20 122.85
N VAL V 140 -60.20 9.43 122.74
CA VAL V 140 -61.25 9.45 123.75
C VAL V 140 -60.62 9.28 125.11
N LYS V 141 -59.90 8.17 125.30
CA LYS V 141 -59.30 7.90 126.60
C LYS V 141 -58.54 9.11 127.13
N GLN V 142 -57.53 9.54 126.38
CA GLN V 142 -56.70 10.64 126.89
C GLN V 142 -57.53 11.85 127.26
N ARG V 143 -58.38 12.30 126.34
CA ARG V 143 -59.16 13.50 126.59
C ARG V 143 -59.99 13.36 127.85
N VAL V 144 -60.77 12.29 127.94
CA VAL V 144 -61.62 12.08 129.10
C VAL V 144 -60.79 12.17 130.36
N LEU V 145 -59.72 11.38 130.42
CA LEU V 145 -58.92 11.37 131.65
C LEU V 145 -58.47 12.77 132.02
N HIS V 146 -57.84 13.47 131.08
CA HIS V 146 -57.30 14.78 131.42
C HIS V 146 -58.40 15.73 131.88
N THR V 147 -59.53 15.73 131.19
CA THR V 147 -60.62 16.62 131.54
C THR V 147 -61.10 16.34 132.95
N LEU V 148 -61.35 15.07 133.26
CA LEU V 148 -61.81 14.71 134.59
C LEU V 148 -60.82 15.20 135.62
N LEU V 149 -59.54 14.95 135.39
CA LEU V 149 -58.52 15.35 136.36
C LEU V 149 -58.55 16.86 136.60
N ALA V 150 -58.56 17.64 135.52
CA ALA V 150 -58.58 19.10 135.65
C ALA V 150 -59.82 19.60 136.38
N SER V 151 -60.97 18.99 136.11
CA SER V 151 -62.21 19.39 136.75
C SER V 151 -62.21 19.09 138.24
N GLY V 152 -61.62 17.95 138.61
CA GLY V 152 -61.56 17.57 140.01
C GLY V 152 -61.20 18.74 140.92
N MET W 1 -14.96 -84.58 72.83
CA MET W 1 -15.67 -83.61 73.65
C MET W 1 -14.69 -82.77 74.42
N ALA W 2 -13.72 -83.43 75.05
CA ALA W 2 -12.55 -82.75 75.61
C ALA W 2 -11.59 -82.33 74.52
N ALA W 3 -12.02 -82.37 73.27
CA ALA W 3 -11.20 -82.23 72.08
C ALA W 3 -11.38 -80.90 71.39
N GLN W 4 -12.60 -80.36 71.39
CA GLN W 4 -12.92 -79.08 70.77
C GLN W 4 -13.04 -77.96 71.79
N LEU W 5 -12.68 -78.21 73.05
CA LEU W 5 -12.62 -77.18 74.06
C LEU W 5 -11.23 -76.59 74.19
N ALA W 6 -10.18 -77.34 73.84
CA ALA W 6 -8.82 -76.82 73.83
C ALA W 6 -8.56 -75.86 72.69
N LEU W 7 -9.44 -75.79 71.70
CA LEU W 7 -9.31 -74.79 70.65
C LEU W 7 -9.63 -73.44 71.24
N ASN W 8 -8.59 -72.70 71.62
CA ASN W 8 -8.78 -71.58 72.53
C ASN W 8 -9.73 -70.53 71.95
N SER W 9 -9.52 -70.11 70.71
CA SER W 9 -10.35 -69.04 70.17
C SER W 9 -10.25 -68.95 68.66
N GLU W 10 -11.33 -68.43 68.05
CA GLU W 10 -11.38 -68.05 66.64
C GLU W 10 -12.51 -67.02 66.45
N ALA W 11 -12.37 -66.12 65.47
CA ALA W 11 -13.11 -64.85 65.42
C ALA W 11 -14.62 -65.06 65.55
N SER W 12 -15.28 -65.68 64.58
CA SER W 12 -16.74 -65.81 64.58
C SER W 12 -17.13 -66.73 63.43
N LEU W 13 -18.42 -67.05 63.32
CA LEU W 13 -18.86 -68.08 62.39
C LEU W 13 -19.71 -67.49 61.29
N TRP W 14 -20.86 -66.92 61.60
CA TRP W 14 -21.79 -66.39 60.61
C TRP W 14 -22.16 -64.95 60.89
N GLY W 15 -21.87 -64.46 62.11
CA GLY W 15 -21.80 -63.04 62.34
C GLY W 15 -20.98 -62.25 61.35
N PRO W 16 -19.85 -62.80 60.84
CA PRO W 16 -19.13 -62.11 59.77
C PRO W 16 -20.02 -61.62 58.65
N TYR W 17 -20.78 -62.55 58.04
CA TYR W 17 -21.61 -62.22 56.89
C TYR W 17 -22.46 -60.99 57.14
N ARG W 18 -22.82 -60.74 58.39
CA ARG W 18 -23.54 -59.52 58.73
C ARG W 18 -22.60 -58.42 59.18
N GLU W 19 -21.51 -58.77 59.88
CA GLU W 19 -20.60 -57.74 60.36
C GLU W 19 -19.78 -57.16 59.23
N ILE W 20 -19.44 -57.97 58.23
CA ILE W 20 -18.78 -57.45 57.04
C ILE W 20 -19.66 -56.41 56.37
N TRP W 21 -20.92 -56.75 56.13
CA TRP W 21 -21.82 -55.87 55.40
C TRP W 21 -21.94 -54.52 56.08
N GLN W 22 -22.10 -54.51 57.40
CA GLN W 22 -22.19 -53.24 58.12
C GLN W 22 -20.86 -52.52 58.12
N THR W 23 -19.75 -53.27 58.12
CA THR W 23 -18.44 -52.63 58.01
C THR W 23 -18.17 -52.18 56.59
N VAL W 24 -18.64 -52.95 55.60
CA VAL W 24 -18.51 -52.53 54.21
C VAL W 24 -19.48 -51.39 53.92
N LEU W 25 -20.71 -51.50 54.41
CA LEU W 25 -21.67 -50.42 54.22
C LEU W 25 -21.17 -49.13 54.87
N SER W 26 -20.48 -49.25 55.99
CA SER W 26 -19.98 -48.05 56.68
C SER W 26 -18.76 -47.50 55.98
N ALA W 27 -17.87 -48.37 55.51
CA ALA W 27 -16.64 -47.90 54.89
C ALA W 27 -16.89 -47.28 53.52
N LEU W 28 -17.81 -47.84 52.75
CA LEU W 28 -18.06 -47.43 51.38
C LEU W 28 -19.24 -46.49 51.23
N ILE W 29 -20.43 -46.90 51.65
CA ILE W 29 -21.62 -46.10 51.47
C ILE W 29 -21.67 -44.94 52.44
N LYS W 30 -21.20 -45.14 53.67
CA LYS W 30 -21.20 -44.10 54.68
C LYS W 30 -19.95 -43.23 54.66
N ARG W 31 -18.87 -43.70 54.03
CA ARG W 31 -17.66 -42.90 53.83
C ARG W 31 -17.06 -42.46 55.16
N GLN W 32 -16.56 -43.45 55.92
CA GLN W 32 -15.89 -43.17 57.19
C GLN W 32 -14.44 -43.61 57.12
N PRO W 33 -13.48 -42.69 57.31
CA PRO W 33 -12.07 -43.09 57.18
C PRO W 33 -11.56 -43.94 58.32
N GLU W 34 -12.15 -43.84 59.51
CA GLU W 34 -11.79 -44.77 60.57
C GLU W 34 -12.39 -46.14 60.35
N ALA W 35 -13.38 -46.23 59.46
CA ALA W 35 -13.92 -47.54 59.10
C ALA W 35 -13.01 -48.25 58.12
N VAL W 36 -12.41 -47.51 57.19
CA VAL W 36 -11.52 -48.12 56.21
C VAL W 36 -10.24 -48.55 56.89
N HIS W 37 -9.92 -47.98 58.05
CA HIS W 37 -8.80 -48.47 58.84
C HIS W 37 -9.12 -49.84 59.42
N SER W 38 -10.33 -50.03 59.92
CA SER W 38 -10.74 -51.36 60.34
C SER W 38 -10.95 -52.25 59.13
N LEU W 39 -11.32 -51.66 57.99
CA LEU W 39 -11.46 -52.45 56.77
C LEU W 39 -10.13 -53.07 56.36
N ASP W 40 -9.03 -52.54 56.87
CA ASP W 40 -7.73 -53.12 56.60
C ASP W 40 -7.58 -54.42 57.38
N ILE W 41 -8.65 -54.85 58.04
CA ILE W 41 -8.64 -56.08 58.84
C ILE W 41 -9.81 -56.95 58.39
N VAL W 42 -10.84 -56.32 57.84
CA VAL W 42 -12.04 -57.06 57.47
C VAL W 42 -11.94 -57.59 56.05
N LEU W 43 -11.44 -56.76 55.13
CA LEU W 43 -11.46 -57.10 53.70
C LEU W 43 -10.97 -58.49 53.43
N LYS W 44 -10.02 -58.97 54.22
CA LYS W 44 -9.31 -60.16 53.79
C LYS W 44 -9.27 -61.21 54.89
N LYS W 45 -9.65 -60.86 56.12
CA LYS W 45 -10.01 -61.89 57.08
C LYS W 45 -11.16 -62.72 56.53
N TYR W 46 -12.06 -62.10 55.78
CA TYR W 46 -13.16 -62.76 55.09
C TYR W 46 -12.97 -62.80 53.58
N LYS W 47 -11.75 -63.07 53.13
CA LYS W 47 -11.54 -63.33 51.71
C LYS W 47 -12.11 -64.67 51.24
N PRO W 48 -12.13 -65.74 52.04
CA PRO W 48 -12.76 -66.98 51.55
C PRO W 48 -14.26 -66.87 51.29
N ASP W 49 -14.90 -65.78 51.73
CA ASP W 49 -16.30 -65.58 51.41
C ASP W 49 -16.47 -64.82 50.10
N PHE W 50 -15.70 -63.75 49.90
CA PHE W 50 -15.78 -63.03 48.63
C PHE W 50 -15.30 -63.89 47.47
N ILE W 51 -14.40 -64.83 47.72
CA ILE W 51 -13.99 -65.76 46.67
C ILE W 51 -15.12 -66.71 46.33
N SER W 52 -15.64 -67.38 47.34
CA SER W 52 -16.70 -68.36 47.11
C SER W 52 -17.88 -68.10 48.01
N LEU W 53 -18.85 -67.36 47.52
CA LEU W 53 -20.07 -67.12 48.30
C LEU W 53 -20.77 -68.45 48.49
N PHE W 54 -21.24 -68.74 49.71
CA PHE W 54 -21.85 -70.03 50.02
C PHE W 54 -20.90 -71.17 49.65
N LYS W 55 -19.68 -71.14 50.19
CA LYS W 55 -18.68 -72.15 49.86
C LYS W 55 -18.90 -73.50 50.51
N ASN W 56 -18.12 -74.48 50.10
CA ASN W 56 -18.22 -75.81 50.68
C ASN W 56 -16.83 -76.36 50.96
N PRO W 57 -16.74 -77.38 51.83
CA PRO W 57 -15.44 -77.99 52.12
C PRO W 57 -15.50 -79.51 52.00
N PRO W 58 -15.14 -80.24 53.06
CA PRO W 58 -15.19 -81.71 53.04
C PRO W 58 -15.68 -82.29 54.35
N LYS W 59 -16.64 -83.20 54.28
CA LYS W 59 -17.20 -83.81 55.48
C LYS W 59 -17.20 -85.31 55.39
N SER W 60 -16.81 -86.00 56.46
CA SER W 60 -16.73 -87.47 56.43
C SER W 60 -17.30 -88.22 57.62
N ALA W 61 -17.15 -89.53 57.62
CA ALA W 61 -17.71 -90.36 58.69
C ALA W 61 -16.93 -90.31 60.00
N GLN W 62 -15.75 -89.69 59.99
CA GLN W 62 -15.04 -89.56 61.25
C GLN W 62 -15.61 -88.38 62.03
N GLN W 63 -16.04 -87.33 61.33
CA GLN W 63 -16.68 -86.19 61.99
C GLN W 63 -17.97 -86.64 62.65
N HIS W 64 -18.51 -87.76 62.18
CA HIS W 64 -19.70 -88.29 62.82
C HIS W 64 -19.37 -88.82 64.21
N GLU W 65 -18.11 -89.20 64.43
CA GLU W 65 -17.73 -89.71 65.74
C GLU W 65 -17.33 -88.59 66.69
N ARG W 66 -16.95 -87.42 66.15
CA ARG W 66 -16.84 -86.25 67.01
C ARG W 66 -18.19 -85.89 67.60
N VAL W 67 -19.14 -85.55 66.74
CA VAL W 67 -20.46 -85.14 67.22
C VAL W 67 -21.25 -86.27 67.86
N GLN W 68 -20.72 -87.51 67.78
CA GLN W 68 -21.44 -88.67 68.30
C GLN W 68 -22.86 -88.69 67.75
N LYS W 69 -23.86 -88.46 68.60
CA LYS W 69 -25.23 -88.38 68.13
C LYS W 69 -25.77 -87.00 68.42
N ALA W 70 -26.27 -86.32 67.40
CA ALA W 70 -26.76 -84.95 67.59
C ALA W 70 -27.86 -84.88 68.63
N SER W 71 -28.81 -85.81 68.56
CA SER W 71 -29.90 -85.84 69.53
C SER W 71 -29.37 -86.05 70.95
N THR W 72 -28.59 -87.11 71.16
CA THR W 72 -28.07 -87.41 72.49
C THR W 72 -27.12 -86.32 72.99
N GLU W 73 -26.13 -85.97 72.18
CA GLU W 73 -25.19 -84.90 72.55
C GLU W 73 -25.40 -83.73 71.62
N GLY W 74 -26.05 -82.68 72.11
CA GLY W 74 -26.36 -81.54 71.26
C GLY W 74 -25.21 -80.98 70.46
N ILE W 75 -25.44 -80.76 69.16
CA ILE W 75 -24.41 -80.19 68.30
C ILE W 75 -23.98 -78.82 68.80
N PRO W 76 -22.67 -78.54 68.74
CA PRO W 76 -22.20 -77.27 69.31
C PRO W 76 -22.28 -76.09 68.35
N ILE W 77 -23.44 -75.43 68.27
CA ILE W 77 -23.55 -74.23 67.45
C ILE W 77 -22.83 -73.15 68.22
N LYS W 78 -21.70 -72.68 67.71
CA LYS W 78 -20.91 -71.73 68.48
C LYS W 78 -21.53 -70.34 68.49
N GLY W 79 -22.77 -70.19 68.04
CA GLY W 79 -23.41 -68.89 68.09
C GLY W 79 -24.89 -68.93 67.76
N THR W 80 -25.70 -68.21 68.53
CA THR W 80 -27.15 -68.20 68.31
C THR W 80 -27.71 -66.97 69.01
N GLN W 81 -28.93 -66.57 68.63
CA GLN W 81 -29.64 -65.46 69.23
C GLN W 81 -30.94 -65.89 69.90
N ARG W 82 -31.60 -66.91 69.36
CA ARG W 82 -32.80 -67.49 69.97
C ARG W 82 -32.57 -68.98 70.16
N THR W 83 -32.63 -69.45 71.40
CA THR W 83 -32.34 -70.84 71.68
C THR W 83 -33.40 -71.75 71.08
N ARG W 84 -32.95 -72.85 70.48
CA ARG W 84 -33.84 -73.83 69.92
C ARG W 84 -33.17 -75.19 69.81
N ILE W 85 -33.50 -76.11 70.72
CA ILE W 85 -33.02 -77.48 70.61
C ILE W 85 -33.49 -78.03 69.28
N LEU W 86 -32.62 -78.70 68.56
CA LEU W 86 -32.90 -79.07 67.18
C LEU W 86 -33.34 -80.52 67.06
N GLU W 87 -34.14 -80.79 66.04
CA GLU W 87 -34.86 -82.05 65.92
C GLU W 87 -34.10 -83.07 65.09
N GLU W 88 -34.79 -84.14 64.71
CA GLU W 88 -34.29 -85.13 63.77
C GLU W 88 -34.48 -84.71 62.32
N GLN W 89 -35.36 -83.76 62.08
CA GLN W 89 -35.56 -83.27 60.72
C GLN W 89 -34.40 -82.40 60.26
N LEU W 90 -33.59 -81.91 61.21
CA LEU W 90 -32.47 -81.07 60.86
C LEU W 90 -31.24 -81.90 60.50
N ILE W 91 -31.10 -83.07 61.12
CA ILE W 91 -30.00 -83.96 60.76
C ILE W 91 -30.19 -84.51 59.36
N LYS W 92 -31.44 -84.80 58.98
CA LYS W 92 -31.69 -85.27 57.62
C LYS W 92 -31.49 -84.14 56.62
N GLU W 93 -31.54 -82.90 57.07
CA GLU W 93 -31.19 -81.77 56.20
C GLU W 93 -29.69 -81.52 56.20
N ALA W 94 -28.99 -82.05 57.21
CA ALA W 94 -27.55 -81.90 57.25
C ALA W 94 -26.86 -82.88 56.32
N PHE W 95 -27.36 -84.11 56.28
CA PHE W 95 -26.69 -85.14 55.50
C PHE W 95 -27.02 -85.00 54.03
N ILE W 96 -28.21 -84.54 53.71
CA ILE W 96 -28.67 -84.53 52.32
C ILE W 96 -28.43 -83.16 51.71
N LEU W 97 -29.10 -82.13 52.23
CA LEU W 97 -29.10 -80.85 51.55
C LEU W 97 -27.75 -80.17 51.63
N SER W 98 -26.84 -80.70 52.42
CA SER W 98 -25.50 -80.13 52.45
C SER W 98 -24.66 -80.74 51.34
N ASP W 99 -25.21 -81.69 50.60
CA ASP W 99 -24.57 -82.25 49.42
C ASP W 99 -25.01 -81.54 48.15
N LEU W 100 -25.30 -80.26 48.25
CA LEU W 100 -26.01 -79.42 47.29
C LEU W 100 -25.40 -78.05 47.44
N TYR W 101 -26.18 -76.99 47.25
CA TYR W 101 -25.69 -75.65 47.53
C TYR W 101 -24.96 -75.55 48.87
N ASN W 102 -25.11 -76.57 49.74
CA ASN W 102 -24.21 -76.80 50.86
C ASN W 102 -24.18 -75.70 51.91
N ILE W 103 -25.26 -75.56 52.68
CA ILE W 103 -25.29 -74.60 53.78
C ILE W 103 -24.70 -75.21 55.04
N GLY W 104 -25.23 -76.37 55.45
CA GLY W 104 -24.80 -77.03 56.67
C GLY W 104 -25.81 -76.94 57.78
N GLU W 105 -25.92 -77.97 58.62
CA GLU W 105 -26.94 -78.02 59.66
C GLU W 105 -26.87 -76.80 60.56
N ILE W 106 -25.71 -76.59 61.19
CA ILE W 106 -25.53 -75.44 62.06
C ILE W 106 -25.83 -74.15 61.31
N ALA W 107 -25.56 -74.14 60.01
CA ALA W 107 -25.88 -72.96 59.21
C ALA W 107 -27.29 -73.04 58.64
N ALA W 108 -27.94 -74.20 58.76
CA ALA W 108 -29.34 -74.29 58.36
C ALA W 108 -30.24 -73.68 59.42
N VAL W 109 -29.81 -73.72 60.68
CA VAL W 109 -30.60 -73.12 61.75
C VAL W 109 -30.41 -71.61 61.78
N GLU W 110 -29.15 -71.17 61.71
CA GLU W 110 -28.90 -69.72 61.64
C GLU W 110 -29.61 -69.10 60.46
N LEU W 111 -29.91 -69.90 59.44
CA LEU W 111 -30.71 -69.40 58.33
C LEU W 111 -32.19 -69.41 58.66
N LEU W 112 -32.67 -70.45 59.35
CA LEU W 112 -34.07 -70.48 59.76
C LEU W 112 -34.35 -69.42 60.81
N LEU W 113 -33.45 -69.27 61.80
CA LEU W 113 -33.67 -68.29 62.85
C LEU W 113 -33.58 -66.87 62.30
N ILE W 114 -32.81 -66.66 61.23
CA ILE W 114 -32.89 -65.39 60.52
C ILE W 114 -34.21 -65.30 59.75
N GLY W 115 -34.66 -66.41 59.19
CA GLY W 115 -35.95 -66.42 58.53
C GLY W 115 -37.10 -66.32 59.52
N GLU W 116 -36.92 -66.87 60.71
CA GLU W 116 -37.95 -66.75 61.75
C GLU W 116 -38.11 -65.30 62.20
N GLN W 117 -37.03 -64.52 62.17
CA GLN W 117 -37.14 -63.10 62.48
C GLN W 117 -38.10 -62.41 61.52
N GLN W 118 -37.82 -62.50 60.22
CA GLN W 118 -38.69 -61.93 59.20
C GLN W 118 -39.64 -62.99 58.64
N GLN W 119 -40.35 -63.67 59.54
CA GLN W 119 -41.38 -64.57 59.06
C GLN W 119 -42.65 -63.78 58.74
N PRO W 120 -43.16 -62.92 59.64
CA PRO W 120 -44.25 -62.03 59.24
C PRO W 120 -43.78 -60.61 58.96
N THR W 121 -42.52 -60.31 59.25
CA THR W 121 -42.01 -58.96 59.02
C THR W 121 -41.88 -58.68 57.53
N PHE W 122 -41.49 -59.67 56.75
CA PHE W 122 -41.45 -59.58 55.30
C PHE W 122 -42.72 -60.19 54.72
N HIS W 123 -43.28 -59.53 53.71
CA HIS W 123 -44.68 -59.68 53.35
C HIS W 123 -44.91 -60.98 52.58
N GLY W 124 -45.78 -61.83 53.13
CA GLY W 124 -46.26 -63.00 52.41
C GLY W 124 -45.24 -64.10 52.21
N LEU W 125 -44.35 -64.31 53.17
CA LEU W 125 -43.25 -65.27 53.03
C LEU W 125 -43.13 -66.09 54.31
N THR W 126 -43.18 -67.41 54.17
CA THR W 126 -43.12 -68.31 55.32
C THR W 126 -41.68 -68.71 55.62
N ARG W 127 -41.47 -69.21 56.84
CA ARG W 127 -40.14 -69.40 57.41
C ARG W 127 -39.14 -70.01 56.43
N GLY W 128 -39.41 -71.22 55.98
CA GLY W 128 -38.50 -71.91 55.08
C GLY W 128 -38.22 -71.14 53.82
N LEU W 129 -39.20 -70.38 53.34
CA LEU W 129 -39.04 -69.65 52.09
C LEU W 129 -38.45 -68.26 52.31
N VAL W 130 -38.48 -67.75 53.53
CA VAL W 130 -37.74 -66.53 53.83
C VAL W 130 -36.26 -66.84 53.92
N ALA W 131 -35.92 -68.02 54.45
CA ALA W 131 -34.52 -68.40 54.56
C ALA W 131 -33.88 -68.56 53.20
N ILE W 132 -34.66 -69.00 52.22
CA ILE W 132 -34.15 -69.14 50.86
C ILE W 132 -33.92 -67.76 50.24
N LEU W 133 -34.68 -66.77 50.68
CA LEU W 133 -34.56 -65.43 50.11
C LEU W 133 -33.42 -64.66 50.74
N LEU W 134 -33.30 -64.73 52.07
CA LEU W 134 -32.21 -64.04 52.75
C LEU W 134 -30.87 -64.73 52.53
N TYR W 135 -30.89 -65.95 51.97
CA TYR W 135 -29.64 -66.60 51.58
C TYR W 135 -29.12 -66.04 50.26
N TRP W 136 -30.04 -65.81 49.31
CA TRP W 136 -29.64 -65.17 48.06
C TRP W 136 -29.47 -63.67 48.24
N ASP W 137 -30.13 -63.09 49.24
CA ASP W 137 -30.01 -61.65 49.47
C ASP W 137 -28.72 -61.31 50.20
N GLY W 138 -28.20 -62.26 50.99
CA GLY W 138 -26.93 -62.03 51.65
C GLY W 138 -25.75 -62.07 50.69
N LYS W 139 -25.87 -62.87 49.62
CA LYS W 139 -24.82 -62.94 48.64
C LYS W 139 -24.88 -61.76 47.67
N SER W 140 -26.07 -61.31 47.33
CA SER W 140 -26.22 -60.11 46.52
C SER W 140 -25.57 -58.93 47.19
N CYS W 141 -25.74 -58.81 48.51
CA CYS W 141 -25.01 -57.79 49.25
C CYS W 141 -23.54 -58.18 49.40
N MET W 142 -23.23 -59.47 49.34
CA MET W 142 -21.83 -59.88 49.41
C MET W 142 -21.12 -59.56 48.11
N ALA W 143 -21.85 -59.55 47.00
CA ALA W 143 -21.25 -59.19 45.71
C ALA W 143 -21.38 -57.70 45.44
N GLU W 144 -22.49 -57.08 45.86
CA GLU W 144 -22.60 -55.63 45.75
C GLU W 144 -21.55 -54.95 46.60
N SER W 145 -21.17 -55.58 47.71
CA SER W 145 -20.06 -55.08 48.50
C SER W 145 -18.77 -55.11 47.68
N LEU W 146 -18.50 -56.23 47.03
CA LEU W 146 -17.26 -56.39 46.29
C LEU W 146 -17.20 -55.42 45.12
N LEU W 147 -18.34 -55.13 44.49
CA LEU W 147 -18.35 -54.16 43.42
C LEU W 147 -17.97 -52.78 43.93
N HIS W 148 -18.74 -52.26 44.90
CA HIS W 148 -18.49 -50.91 45.39
C HIS W 148 -17.07 -50.78 45.94
N LEU W 149 -16.48 -51.90 46.36
CA LEU W 149 -15.08 -51.88 46.76
C LEU W 149 -14.18 -51.60 45.57
N ILE W 150 -14.46 -52.25 44.45
CA ILE W 150 -13.61 -52.12 43.27
C ILE W 150 -13.89 -50.86 42.47
N GLN W 151 -15.11 -50.34 42.54
CA GLN W 151 -15.43 -49.09 41.86
C GLN W 151 -14.58 -47.97 42.43
N ALA W 152 -14.39 -47.97 43.75
CA ALA W 152 -13.55 -46.96 44.38
C ALA W 152 -12.09 -47.10 43.96
N ARG W 153 -11.62 -48.34 43.79
CA ARG W 153 -10.25 -48.57 43.36
C ARG W 153 -10.02 -47.95 42.00
N LYS W 154 -9.09 -47.00 41.92
CA LYS W 154 -8.83 -46.32 40.65
C LYS W 154 -7.56 -46.85 39.99
N PRO W 164 -8.19 -39.55 48.69
CA PRO W 164 -7.34 -40.08 47.61
C PRO W 164 -6.01 -40.68 48.03
N GLU W 165 -5.70 -40.75 49.32
CA GLU W 165 -4.42 -41.32 49.73
C GLU W 165 -4.37 -42.81 49.45
N VAL W 166 -5.28 -43.57 50.06
CA VAL W 166 -5.23 -45.02 49.99
C VAL W 166 -5.48 -45.54 48.59
N VAL W 167 -5.86 -44.68 47.66
CA VAL W 167 -6.09 -45.11 46.27
C VAL W 167 -4.85 -45.78 45.72
N SER W 168 -3.66 -45.33 46.14
CA SER W 168 -2.43 -45.97 45.68
C SER W 168 -2.19 -47.29 46.39
N MET W 169 -2.77 -47.47 47.57
CA MET W 169 -2.70 -48.77 48.22
C MET W 169 -3.75 -49.71 47.67
N VAL W 170 -4.94 -49.19 47.38
CA VAL W 170 -6.01 -50.03 46.85
C VAL W 170 -5.68 -50.48 45.44
N THR W 171 -5.13 -49.58 44.62
CA THR W 171 -4.81 -49.95 43.24
C THR W 171 -3.72 -50.99 43.18
N ARG W 172 -2.68 -50.84 44.02
CA ARG W 172 -1.57 -51.79 43.98
C ARG W 172 -2.00 -53.18 44.45
N PHE W 173 -2.98 -53.25 45.34
CA PHE W 173 -3.41 -54.55 45.82
C PHE W 173 -4.39 -55.19 44.85
N THR W 174 -5.13 -54.37 44.10
CA THR W 174 -6.06 -54.93 43.11
C THR W 174 -5.32 -55.33 41.83
N ASP W 175 -4.17 -54.72 41.57
CA ASP W 175 -3.35 -55.18 40.45
C ASP W 175 -2.76 -56.55 40.72
N ASP W 176 -2.20 -56.75 41.92
CA ASP W 176 -1.65 -58.06 42.27
C ASP W 176 -2.74 -59.12 42.25
N LEU W 177 -3.93 -58.79 42.71
CA LEU W 177 -5.04 -59.73 42.64
C LEU W 177 -5.43 -60.00 41.20
N MET W 178 -5.47 -58.95 40.37
CA MET W 178 -5.70 -59.16 38.95
C MET W 178 -4.55 -59.92 38.32
N GLU W 179 -3.32 -59.68 38.78
CA GLU W 179 -2.13 -60.32 38.21
C GLU W 179 -2.17 -61.84 38.35
N LEU W 182 -6.30 -67.18 39.81
CA LEU W 182 -7.36 -66.33 40.31
C LEU W 182 -8.45 -66.18 39.27
N THR W 183 -8.06 -65.74 38.07
CA THR W 183 -9.04 -65.53 37.02
C THR W 183 -9.78 -66.81 36.69
N ASN W 184 -9.09 -67.95 36.74
CA ASN W 184 -9.73 -69.23 36.45
C ASN W 184 -10.90 -69.42 37.38
N LYS W 185 -10.66 -69.35 38.68
CA LYS W 185 -11.73 -69.51 39.65
C LYS W 185 -12.82 -68.49 39.41
N ILE W 186 -12.43 -67.24 39.21
CA ILE W 186 -13.42 -66.18 39.03
C ILE W 186 -14.39 -66.51 37.90
N LEU W 187 -13.87 -66.99 36.77
CA LEU W 187 -14.73 -67.32 35.64
C LEU W 187 -15.54 -68.59 35.89
N THR W 188 -14.90 -69.61 36.44
CA THR W 188 -15.59 -70.88 36.66
C THR W 188 -16.78 -70.70 37.59
N LEU W 189 -16.57 -70.04 38.71
CA LEU W 189 -17.65 -69.88 39.66
C LEU W 189 -18.80 -69.10 39.05
N ILE W 190 -18.51 -67.92 38.51
CA ILE W 190 -19.54 -67.02 38.00
C ILE W 190 -20.47 -67.72 37.02
N SER W 191 -19.90 -68.28 35.95
CA SER W 191 -20.71 -68.82 34.88
C SER W 191 -21.43 -70.10 35.30
N GLN W 192 -20.68 -71.08 35.79
CA GLN W 192 -21.25 -72.41 36.00
C GLN W 192 -22.29 -72.38 37.12
N ILE W 193 -22.16 -71.46 38.07
CA ILE W 193 -23.10 -71.39 39.18
C ILE W 193 -24.40 -70.76 38.73
N ASP W 194 -24.32 -69.59 38.09
CA ASP W 194 -25.49 -68.78 37.80
C ASP W 194 -26.40 -69.39 36.75
N VAL W 195 -25.82 -69.88 35.66
CA VAL W 195 -26.64 -70.43 34.57
C VAL W 195 -27.23 -71.77 34.97
N ASN W 196 -26.38 -72.69 35.41
CA ASN W 196 -26.79 -74.08 35.58
C ASN W 196 -27.80 -74.24 36.71
N ASN W 197 -27.58 -73.53 37.82
CA ASN W 197 -28.47 -73.67 38.97
C ASN W 197 -29.86 -73.15 38.66
N GLU W 198 -29.95 -71.87 38.28
CA GLU W 198 -31.23 -71.24 37.96
C GLU W 198 -32.00 -72.02 36.89
N PHE W 199 -31.30 -72.47 35.85
CA PHE W 199 -31.97 -73.13 34.73
C PHE W 199 -32.47 -74.52 35.11
N ASP W 200 -31.70 -75.26 35.91
CA ASP W 200 -32.04 -76.64 36.20
C ASP W 200 -32.72 -76.84 37.55
N LYS W 201 -32.62 -75.89 38.47
CA LYS W 201 -33.24 -76.01 39.78
C LYS W 201 -34.30 -74.95 40.05
N LEU W 202 -34.00 -73.68 39.79
CA LEU W 202 -34.99 -72.64 40.05
C LEU W 202 -36.03 -72.54 38.96
N LYS W 203 -35.75 -73.08 37.77
CA LYS W 203 -36.74 -73.05 36.70
C LYS W 203 -37.51 -74.35 36.57
N LYS W 204 -37.04 -75.43 37.19
CA LYS W 204 -37.77 -76.69 37.18
C LYS W 204 -38.60 -76.87 38.43
N GLU W 205 -37.97 -76.73 39.60
CA GLU W 205 -38.71 -76.81 40.85
C GLU W 205 -39.54 -75.57 41.12
N ARG W 206 -39.27 -74.47 40.43
CA ARG W 206 -39.89 -73.19 40.72
C ARG W 206 -39.79 -72.88 42.21
N GLY W 207 -38.60 -73.10 42.77
CA GLY W 207 -38.36 -72.73 44.14
C GLY W 207 -38.65 -71.27 44.41
N LEU W 208 -38.58 -70.44 43.38
CA LEU W 208 -38.99 -69.06 43.50
C LEU W 208 -40.52 -68.98 43.37
N GLY W 209 -41.18 -68.47 44.41
CA GLY W 209 -42.58 -68.80 44.61
C GLY W 209 -43.51 -68.18 43.58
N ASN W 210 -43.68 -66.86 43.63
CA ASN W 210 -44.63 -66.17 42.78
C ASN W 210 -43.98 -65.80 41.46
N LYS W 211 -44.76 -65.15 40.60
CA LYS W 211 -44.18 -64.53 39.43
C LYS W 211 -43.33 -63.32 39.77
N LYS W 212 -43.38 -62.86 41.01
CA LYS W 212 -42.60 -61.73 41.48
C LYS W 212 -41.26 -62.16 42.06
N HIS W 213 -41.24 -63.29 42.79
CA HIS W 213 -39.99 -63.79 43.32
C HIS W 213 -39.08 -64.32 42.22
N ARG W 214 -39.66 -65.06 41.26
CA ARG W 214 -38.87 -65.62 40.17
C ARG W 214 -38.13 -64.53 39.41
N LYS W 215 -38.74 -63.36 39.28
CA LYS W 215 -38.04 -62.26 38.64
C LYS W 215 -37.06 -61.59 39.59
N GLU W 216 -37.45 -61.45 40.86
CA GLU W 216 -36.55 -60.80 41.81
C GLU W 216 -35.27 -61.58 41.99
N VAL W 217 -35.35 -62.91 42.02
CA VAL W 217 -34.14 -63.72 42.14
C VAL W 217 -33.37 -63.73 40.84
N SER W 218 -34.07 -63.81 39.70
CA SER W 218 -33.39 -63.76 38.42
C SER W 218 -32.69 -62.43 38.21
N ASP W 219 -33.32 -61.33 38.64
CA ASP W 219 -32.67 -60.04 38.50
C ASP W 219 -31.46 -59.95 39.42
N LEU W 220 -31.54 -60.54 40.61
CA LEU W 220 -30.40 -60.51 41.52
C LEU W 220 -29.21 -61.29 40.95
N ILE W 221 -29.46 -62.48 40.43
CA ILE W 221 -28.40 -63.25 39.81
C ILE W 221 -27.88 -62.51 38.58
N LYS W 222 -28.79 -61.95 37.78
CA LYS W 222 -28.37 -61.24 36.58
C LYS W 222 -27.70 -59.91 36.92
N GLU W 223 -27.97 -59.36 38.10
CA GLU W 223 -27.20 -58.22 38.56
C GLU W 223 -25.88 -58.66 39.17
N CYS W 224 -25.86 -59.82 39.82
CA CYS W 224 -24.63 -60.34 40.38
C CYS W 224 -23.60 -60.62 39.29
N GLN W 225 -23.99 -61.36 38.25
CA GLN W 225 -23.07 -61.61 37.15
C GLN W 225 -22.63 -60.31 36.51
N GLN W 226 -23.58 -59.43 36.19
CA GLN W 226 -23.25 -58.18 35.53
C GLN W 226 -22.33 -57.33 36.40
N SER W 227 -22.42 -57.50 37.72
CA SER W 227 -21.52 -56.78 38.62
C SER W 227 -20.09 -57.30 38.51
N LEU W 228 -19.92 -58.61 38.49
CA LEU W 228 -18.58 -59.16 38.44
C LEU W 228 -17.94 -58.91 37.08
N ALA W 229 -18.77 -58.77 36.04
CA ALA W 229 -18.24 -58.40 34.73
C ALA W 229 -17.87 -56.92 34.69
N HIS W 230 -18.66 -56.07 35.33
CA HIS W 230 -18.28 -54.67 35.44
C HIS W 230 -16.99 -54.52 36.24
N SER W 231 -16.77 -55.43 37.19
CA SER W 231 -15.55 -55.36 38.00
C SER W 231 -14.31 -55.60 37.16
N LEU W 232 -14.28 -56.68 36.39
CA LEU W 232 -13.16 -56.90 35.49
C LEU W 232 -13.12 -55.83 34.41
N TYR W 233 -14.26 -55.23 34.10
CA TYR W 233 -14.28 -54.13 33.13
C TYR W 233 -13.71 -52.86 33.75
N SER W 234 -14.18 -52.51 34.94
CA SER W 234 -13.63 -51.34 35.61
C SER W 234 -12.13 -51.49 35.86
N TRP W 235 -11.70 -52.68 36.28
CA TRP W 235 -10.27 -52.91 36.51
C TRP W 235 -9.50 -52.83 35.20
N SER W 236 -10.09 -53.33 34.13
CA SER W 236 -9.40 -53.33 32.84
C SER W 236 -9.06 -51.92 32.37
N CYS W 237 -10.03 -51.01 32.44
CA CYS W 237 -9.78 -49.67 31.92
C CYS W 237 -8.83 -48.87 32.78
N GLN W 238 -8.48 -49.37 33.97
CA GLN W 238 -7.48 -48.72 34.79
C GLN W 238 -6.17 -49.48 34.71
N THR W 239 -6.20 -50.76 35.04
CA THR W 239 -4.99 -51.55 35.16
C THR W 239 -4.85 -52.48 33.95
N PRO W 240 -3.71 -52.46 33.26
CA PRO W 240 -3.47 -53.47 32.25
C PRO W 240 -3.19 -54.82 32.89
N LEU W 241 -3.50 -55.88 32.16
CA LEU W 241 -3.43 -57.23 32.72
C LEU W 241 -2.02 -57.79 32.62
N ASN W 242 -1.68 -58.62 33.59
CA ASN W 242 -0.40 -59.31 33.58
C ASN W 242 -0.47 -60.53 32.67
N ARG W 243 0.66 -61.21 32.52
CA ARG W 243 0.77 -62.30 31.56
C ARG W 243 -0.18 -63.44 31.90
N GLU W 244 -0.21 -63.86 33.16
CA GLU W 244 -1.00 -65.02 33.52
C GLU W 244 -2.49 -64.73 33.42
N ASP W 245 -2.90 -63.48 33.57
CA ASP W 245 -4.32 -63.16 33.54
C ASP W 245 -4.82 -62.96 32.11
N THR W 246 -4.04 -62.28 31.28
CA THR W 246 -4.44 -62.12 29.88
C THR W 246 -4.62 -63.49 29.22
N LEU W 247 -3.74 -64.43 29.51
CA LEU W 247 -3.91 -65.79 28.99
C LEU W 247 -5.12 -66.47 29.60
N LEU W 248 -5.50 -66.08 30.81
CA LEU W 248 -6.67 -66.69 31.44
C LEU W 248 -7.95 -66.03 30.99
N LEU W 249 -7.89 -64.77 30.55
CA LEU W 249 -9.07 -64.13 29.98
C LEU W 249 -9.22 -64.52 28.51
N ILE W 250 -8.11 -64.77 27.82
CA ILE W 250 -8.21 -65.38 26.49
C ILE W 250 -8.67 -66.82 26.61
N GLY W 251 -8.23 -67.52 27.65
CA GLY W 251 -8.65 -68.90 27.83
C GLY W 251 -10.14 -69.03 28.09
N TYR W 252 -10.81 -67.91 28.34
CA TYR W 252 -12.26 -67.93 28.48
C TYR W 252 -12.96 -67.55 27.19
N LEU W 253 -12.51 -66.48 26.54
CA LEU W 253 -13.14 -66.05 25.29
C LEU W 253 -12.99 -67.08 24.18
N GLU W 254 -12.32 -68.20 24.44
CA GLU W 254 -12.28 -69.28 23.47
C GLU W 254 -13.52 -70.16 23.52
N LYS W 255 -14.41 -69.92 24.48
CA LYS W 255 -15.60 -70.73 24.65
C LYS W 255 -16.88 -69.94 24.58
N VAL W 256 -16.80 -68.60 24.51
CA VAL W 256 -17.97 -67.75 24.64
C VAL W 256 -18.97 -68.06 23.54
N THR W 257 -20.25 -68.06 23.90
CA THR W 257 -21.36 -68.25 22.99
C THR W 257 -22.24 -67.00 22.97
N VAL W 258 -23.18 -66.96 22.03
CA VAL W 258 -24.13 -65.86 21.88
C VAL W 258 -25.54 -66.42 21.95
N GLU W 259 -26.46 -65.67 22.57
CA GLU W 259 -27.84 -66.10 22.65
C GLU W 259 -28.38 -66.40 21.25
N GLY W 260 -29.30 -67.36 21.18
CA GLY W 260 -29.94 -67.63 19.91
C GLY W 260 -30.70 -66.44 19.37
N ASP W 261 -31.19 -65.57 20.25
CA ASP W 261 -31.97 -64.42 19.82
C ASP W 261 -31.08 -63.33 19.21
N GLY W 262 -29.83 -63.64 18.93
CA GLY W 262 -28.99 -62.68 18.25
C GLY W 262 -28.70 -61.43 19.02
N SER W 263 -28.38 -61.55 20.31
CA SER W 263 -28.01 -60.40 21.12
C SER W 263 -27.25 -60.89 22.34
N LEU W 264 -25.97 -60.54 22.42
CA LEU W 264 -25.13 -60.97 23.52
C LEU W 264 -25.75 -60.59 24.84
N ASP W 265 -25.75 -61.56 25.76
CA ASP W 265 -26.18 -61.27 27.12
C ASP W 265 -25.28 -60.19 27.69
N LYS W 266 -25.91 -59.21 28.32
CA LYS W 266 -25.24 -58.00 28.78
C LYS W 266 -23.96 -58.35 29.55
N VAL W 267 -23.90 -59.54 30.13
CA VAL W 267 -22.74 -59.93 30.92
C VAL W 267 -21.59 -60.34 30.02
N ASN W 268 -21.76 -61.39 29.22
CA ASN W 268 -20.67 -61.93 28.43
C ASN W 268 -20.14 -60.91 27.45
N LEU W 269 -20.97 -59.95 27.06
CA LEU W 269 -20.53 -58.91 26.14
C LEU W 269 -19.53 -57.98 26.79
N THR W 270 -19.83 -57.49 27.99
CA THR W 270 -18.92 -56.57 28.66
C THR W 270 -17.62 -57.27 29.03
N LEU W 271 -17.69 -58.54 29.41
CA LEU W 271 -16.47 -59.28 29.70
C LEU W 271 -15.58 -59.32 28.47
N LEU W 272 -16.17 -59.36 27.29
CA LEU W 272 -15.39 -59.40 26.06
C LEU W 272 -14.83 -58.01 25.72
N MET W 273 -15.65 -56.98 25.83
CA MET W 273 -15.14 -55.62 25.62
C MET W 273 -14.17 -55.24 26.72
N SER W 274 -14.12 -56.01 27.80
CA SER W 274 -13.10 -55.78 28.83
C SER W 274 -11.74 -56.23 28.36
N LEU W 275 -11.61 -57.51 27.97
CA LEU W 275 -10.33 -57.99 27.46
C LEU W 275 -9.87 -57.14 26.28
N LEU W 276 -10.80 -56.64 25.48
CA LEU W 276 -10.43 -55.78 24.37
C LEU W 276 -9.67 -54.55 24.86
N TYR W 277 -10.15 -53.92 25.94
CA TYR W 277 -9.46 -52.75 26.44
C TYR W 277 -8.14 -53.12 27.11
N CYS W 278 -8.03 -54.34 27.65
CA CYS W 278 -6.76 -54.80 28.18
C CYS W 278 -5.76 -54.98 27.05
N LEU W 279 -6.13 -55.76 26.03
CA LEU W 279 -5.26 -55.94 24.88
C LEU W 279 -5.09 -54.65 24.09
N ASP W 280 -6.04 -53.73 24.20
CA ASP W 280 -6.01 -52.50 23.42
C ASP W 280 -4.68 -51.80 23.57
N VAL W 281 -3.98 -51.64 22.46
CA VAL W 281 -2.72 -50.92 22.46
C VAL W 281 -3.01 -49.48 22.07
N GLY W 282 -4.28 -49.10 22.21
CA GLY W 282 -4.63 -47.69 22.14
C GLY W 282 -3.91 -46.85 23.17
N PHE W 283 -3.45 -47.46 24.26
CA PHE W 283 -2.56 -46.79 25.20
C PHE W 283 -1.14 -46.69 24.65
N LEU W 284 -0.77 -47.51 23.67
CA LEU W 284 0.49 -47.36 22.98
C LEU W 284 0.45 -46.27 21.93
N GLU W 285 -0.76 -45.83 21.56
CA GLU W 285 -0.93 -44.80 20.54
C GLU W 285 -1.07 -43.39 21.12
N GLN W 286 -1.30 -43.28 22.42
CA GLN W 286 -1.42 -41.96 23.07
C GLN W 286 -0.01 -41.47 23.35
N GLY W 287 0.20 -40.17 23.13
CA GLY W 287 1.53 -39.59 23.25
C GLY W 287 1.99 -39.30 24.66
N THR W 288 1.29 -39.83 25.66
CA THR W 288 1.69 -39.71 27.05
C THR W 288 3.03 -40.40 27.23
N ASP W 289 3.98 -39.71 27.87
CA ASP W 289 5.36 -40.18 27.92
C ASP W 289 5.61 -41.26 28.97
N ASP W 290 4.54 -41.77 29.57
CA ASP W 290 4.62 -42.99 30.35
C ASP W 290 4.58 -44.22 29.44
N ARG W 291 4.82 -44.03 28.14
CA ARG W 291 4.69 -45.12 27.19
C ARG W 291 5.72 -46.22 27.45
N GLU W 292 6.88 -45.87 27.97
CA GLU W 292 7.87 -46.90 28.32
C GLU W 292 7.51 -47.55 29.64
N GLU W 293 6.92 -46.81 30.57
CA GLU W 293 6.44 -47.41 31.81
C GLU W 293 5.24 -48.30 31.55
N LEU W 294 4.33 -47.88 30.65
CA LEU W 294 3.14 -48.66 30.37
C LEU W 294 3.44 -49.89 29.52
N MET W 295 4.47 -49.83 28.67
CA MET W 295 4.87 -51.02 27.93
C MET W 295 5.50 -52.05 28.86
N LYS W 296 6.06 -51.61 29.98
CA LYS W 296 6.60 -52.54 30.97
C LYS W 296 5.52 -53.07 31.91
N GLN W 297 4.41 -52.34 32.07
CA GLN W 297 3.28 -52.80 32.87
C GLN W 297 2.25 -53.58 32.07
N ALA W 298 2.09 -53.28 30.78
CA ALA W 298 1.24 -54.08 29.90
C ALA W 298 2.01 -55.36 29.58
N SER W 299 1.44 -56.50 29.93
CA SER W 299 2.09 -57.78 29.75
C SER W 299 1.97 -58.30 28.32
N MET W 300 1.10 -57.68 27.52
CA MET W 300 1.03 -58.04 26.11
C MET W 300 2.38 -57.87 25.43
N PHE W 301 3.08 -56.79 25.71
CA PHE W 301 4.45 -56.57 25.29
C PHE W 301 5.39 -57.27 26.27
N MET W 302 6.69 -57.06 26.08
CA MET W 302 7.78 -57.63 26.87
C MET W 302 7.81 -59.13 26.70
N ASP W 303 6.83 -59.71 26.04
CA ASP W 303 6.75 -61.14 25.81
C ASP W 303 6.39 -61.28 24.34
N ARG W 304 7.41 -61.32 23.50
CA ARG W 304 7.23 -61.63 22.10
C ARG W 304 6.44 -62.94 21.97
N GLN W 305 6.53 -63.79 22.99
CA GLN W 305 5.75 -65.02 23.02
C GLN W 305 4.27 -64.73 23.25
N TYR W 306 3.92 -63.52 23.66
CA TYR W 306 2.51 -63.21 23.87
C TYR W 306 1.83 -62.86 22.56
N ILE W 307 2.37 -61.88 21.83
CA ILE W 307 1.79 -61.48 20.57
C ILE W 307 1.72 -62.66 19.61
N ALA W 308 2.74 -63.51 19.60
CA ALA W 308 2.76 -64.64 18.68
C ALA W 308 1.76 -65.71 19.11
N ALA W 309 1.60 -65.92 20.42
CA ALA W 309 0.68 -66.98 20.87
C ALA W 309 -0.76 -66.61 20.58
N ILE W 310 -1.11 -65.33 20.73
CA ILE W 310 -2.46 -64.89 20.41
C ILE W 310 -2.71 -64.94 18.91
N HIS W 311 -1.76 -64.41 18.13
CA HIS W 311 -1.90 -64.45 16.67
C HIS W 311 -1.95 -65.88 16.15
N ASN W 312 -1.11 -66.76 16.70
CA ASN W 312 -1.10 -68.14 16.24
C ASN W 312 -2.39 -68.85 16.58
N ARG W 313 -3.05 -68.47 17.68
CA ARG W 313 -4.28 -69.15 18.06
C ARG W 313 -5.46 -68.63 17.25
N LEU W 314 -5.49 -67.33 16.96
CA LEU W 314 -6.61 -66.77 16.20
C LEU W 314 -6.47 -67.02 14.71
N GLN W 315 -5.28 -67.36 14.24
CA GLN W 315 -5.10 -67.76 12.85
C GLN W 315 -5.51 -69.19 12.60
N ASN W 316 -5.86 -69.95 13.65
CA ASN W 316 -6.22 -71.36 13.53
C ASN W 316 -7.58 -71.52 12.86
N THR W 317 -7.92 -72.77 12.48
CA THR W 317 -9.19 -73.04 11.82
C THR W 317 -10.15 -73.81 12.73
N GLN W 318 -9.86 -73.91 14.01
CA GLN W 318 -10.84 -74.42 14.96
C GLN W 318 -11.62 -73.23 15.49
N PRO W 319 -12.78 -72.93 14.93
CA PRO W 319 -13.51 -71.73 15.33
C PRO W 319 -14.19 -71.97 16.67
N TRP W 320 -14.64 -70.89 17.27
CA TRP W 320 -15.22 -70.94 18.60
C TRP W 320 -16.61 -71.55 18.51
N LYS W 321 -17.38 -71.49 19.59
CA LYS W 321 -18.78 -71.95 19.57
C LYS W 321 -19.64 -70.96 18.78
N SER W 322 -18.96 -70.04 18.13
CA SER W 322 -19.48 -69.07 17.19
C SER W 322 -18.35 -68.71 16.26
N PRO W 323 -18.18 -69.42 15.12
CA PRO W 323 -17.01 -69.19 14.25
C PRO W 323 -16.73 -67.73 13.96
N GLY W 324 -17.76 -66.89 14.06
CA GLY W 324 -17.54 -65.47 13.98
C GLY W 324 -16.73 -64.94 15.13
N MET W 325 -16.50 -65.74 16.17
CA MET W 325 -15.70 -65.29 17.29
C MET W 325 -14.21 -65.46 17.00
N GLN W 326 -13.80 -66.61 16.47
CA GLN W 326 -12.40 -66.77 16.12
C GLN W 326 -11.98 -65.75 15.08
N ALA W 327 -12.88 -65.39 14.18
CA ALA W 327 -12.55 -64.40 13.16
C ALA W 327 -12.57 -62.99 13.74
N THR W 328 -13.53 -62.69 14.60
CA THR W 328 -13.64 -61.34 15.15
C THR W 328 -12.47 -61.00 16.05
N VAL W 329 -12.11 -61.91 16.97
CA VAL W 329 -10.99 -61.65 17.84
C VAL W 329 -9.69 -61.59 17.05
N ARG W 330 -9.59 -62.40 15.99
CA ARG W 330 -8.43 -62.38 15.13
C ARG W 330 -8.22 -61.02 14.51
N LEU W 331 -9.30 -60.26 14.32
CA LEU W 331 -9.18 -58.96 13.71
C LEU W 331 -8.67 -57.93 14.70
N ALA W 332 -9.30 -57.87 15.88
CA ALA W 332 -8.93 -56.86 16.86
C ALA W 332 -7.48 -57.01 17.28
N TRP W 333 -6.98 -58.24 17.37
CA TRP W 333 -5.56 -58.43 17.64
C TRP W 333 -4.74 -57.91 16.48
N ALA W 334 -5.21 -58.10 15.24
CA ALA W 334 -4.45 -57.66 14.07
C ALA W 334 -4.38 -56.13 14.00
N LEU W 335 -5.45 -55.45 14.42
CA LEU W 335 -5.36 -54.00 14.53
C LEU W 335 -4.34 -53.60 15.59
N ALA W 336 -4.07 -54.50 16.54
CA ALA W 336 -3.04 -54.23 17.54
C ALA W 336 -1.66 -54.62 17.01
N LEU W 337 -1.58 -55.63 16.16
CA LEU W 337 -0.29 -56.00 15.60
C LEU W 337 0.20 -54.97 14.59
N ARG W 338 -0.72 -54.19 14.02
CA ARG W 338 -0.35 -53.17 13.04
C ARG W 338 0.07 -51.88 13.73
N GLY W 339 -0.62 -51.52 14.82
CA GLY W 339 -0.30 -50.28 15.50
C GLY W 339 1.07 -50.30 16.15
N ILE W 340 1.48 -51.44 16.70
CA ILE W 340 2.75 -51.55 17.41
C ILE W 340 3.92 -51.33 16.46
N SER W 341 3.66 -51.39 15.16
CA SER W 341 4.72 -51.21 14.18
C SER W 341 5.42 -49.87 14.36
N GLN W 342 4.65 -48.84 14.68
CA GLN W 342 5.22 -47.52 14.91
C GLN W 342 6.15 -47.52 16.11
N PHE W 343 5.73 -48.18 17.20
CA PHE W 343 6.55 -48.24 18.41
C PHE W 343 7.82 -49.06 18.17
N SER W 344 8.97 -48.47 18.41
CA SER W 344 10.24 -49.16 18.21
C SER W 344 10.39 -49.69 16.78
N GLU W 345 10.78 -50.94 16.64
CA GLU W 345 10.96 -51.53 15.32
C GLU W 345 10.28 -52.89 15.18
N VAL W 346 9.18 -53.09 15.92
CA VAL W 346 8.45 -54.35 15.83
C VAL W 346 7.63 -54.37 14.54
N LEU W 347 8.27 -54.74 13.44
CA LEU W 347 7.60 -54.71 12.15
C LEU W 347 7.76 -56.04 11.42
N GLU W 348 7.76 -57.15 12.16
CA GLU W 348 7.81 -58.47 11.55
C GLU W 348 6.42 -59.02 11.33
N PHE W 349 5.48 -58.72 12.23
CA PHE W 349 4.11 -59.18 12.13
C PHE W 349 3.22 -58.20 11.40
N SER W 350 3.77 -57.10 10.89
CA SER W 350 2.97 -56.17 10.09
C SER W 350 2.52 -56.79 8.78
N GLU W 351 3.26 -57.78 8.28
CA GLU W 351 2.84 -58.48 7.08
C GLU W 351 1.58 -59.29 7.33
N ALA W 352 1.54 -60.00 8.46
CA ALA W 352 0.40 -60.85 8.78
C ALA W 352 -0.84 -60.05 9.17
N ASP W 353 -0.83 -58.73 8.98
CA ASP W 353 -2.04 -57.94 9.19
C ASP W 353 -2.83 -57.75 7.92
N GLU W 354 -2.25 -58.11 6.77
CA GLU W 354 -2.98 -58.05 5.52
C GLU W 354 -3.92 -59.26 5.41
N PRO W 355 -3.42 -60.50 5.51
CA PRO W 355 -4.35 -61.63 5.43
C PRO W 355 -5.25 -61.77 6.64
N MET W 356 -4.86 -61.19 7.78
CA MET W 356 -5.72 -61.28 8.95
C MET W 356 -6.94 -60.39 8.78
N ALA W 357 -6.76 -59.19 8.22
CA ALA W 357 -7.90 -58.31 7.99
C ALA W 357 -8.79 -58.82 6.87
N GLU W 358 -8.21 -59.48 5.87
CA GLU W 358 -9.01 -60.06 4.81
C GLU W 358 -9.84 -61.23 5.32
N ILE W 359 -9.27 -62.04 6.21
CA ILE W 359 -10.00 -63.16 6.78
C ILE W 359 -11.16 -62.67 7.63
N ALA W 360 -10.93 -61.64 8.43
CA ALA W 360 -12.01 -61.09 9.25
C ALA W 360 -13.07 -60.41 8.39
N ILE W 361 -12.64 -59.68 7.37
CA ILE W 361 -13.61 -59.04 6.48
C ILE W 361 -14.38 -60.09 5.70
N GLY W 362 -13.72 -61.16 5.26
CA GLY W 362 -14.40 -62.27 4.63
C GLY W 362 -15.35 -63.01 5.55
N GLY W 363 -15.19 -62.87 6.85
CA GLY W 363 -16.15 -63.34 7.81
C GLY W 363 -17.23 -62.34 8.12
N ASN W 364 -17.32 -61.28 7.32
CA ASN W 364 -18.31 -60.21 7.49
C ASN W 364 -18.36 -59.73 8.93
N VAL W 365 -17.18 -59.51 9.51
CA VAL W 365 -17.12 -59.01 10.88
C VAL W 365 -17.84 -57.67 10.99
N PHE W 366 -17.96 -56.95 9.88
CA PHE W 366 -18.78 -55.74 9.90
C PHE W 366 -20.26 -56.07 10.08
N LEU W 367 -20.64 -57.32 9.87
CA LEU W 367 -22.02 -57.73 10.09
C LEU W 367 -22.23 -58.28 11.50
N PHE W 368 -21.23 -58.98 12.03
CA PHE W 368 -21.36 -59.56 13.37
C PHE W 368 -21.39 -58.47 14.44
N LEU W 369 -20.72 -57.34 14.18
CA LEU W 369 -20.71 -56.27 15.17
C LEU W 369 -21.92 -55.37 15.02
N THR W 370 -22.63 -55.46 13.91
CA THR W 370 -23.84 -54.65 13.76
C THR W 370 -25.06 -55.37 14.32
N GLU W 371 -25.12 -56.69 14.14
CA GLU W 371 -26.29 -57.44 14.56
C GLU W 371 -26.18 -57.98 15.98
N ALA W 372 -25.03 -58.54 16.35
CA ALA W 372 -24.91 -59.19 17.65
C ALA W 372 -24.52 -58.22 18.76
N VAL W 373 -23.55 -57.34 18.52
CA VAL W 373 -23.06 -56.48 19.58
C VAL W 373 -24.00 -55.30 19.79
N VAL W 374 -24.14 -54.44 18.79
CA VAL W 374 -24.97 -53.26 18.96
C VAL W 374 -26.45 -53.62 19.03
N GLY W 375 -26.83 -54.82 18.58
CA GLY W 375 -28.21 -55.23 18.65
C GLY W 375 -28.70 -55.42 20.08
N SER W 376 -27.79 -55.73 20.99
CA SER W 376 -28.16 -55.84 22.39
C SER W 376 -28.44 -54.45 22.95
N GLU W 377 -29.69 -54.23 23.35
CA GLU W 377 -30.09 -52.93 23.90
C GLU W 377 -29.34 -52.54 25.14
N SER W 378 -28.57 -53.46 25.74
CA SER W 378 -27.74 -53.13 26.88
C SER W 378 -26.45 -52.44 26.48
N PHE W 379 -26.02 -52.60 25.24
CA PHE W 379 -24.86 -51.85 24.77
C PHE W 379 -25.13 -50.35 24.80
N CYS W 380 -26.39 -49.95 24.80
CA CYS W 380 -26.72 -48.54 24.87
C CYS W 380 -26.35 -47.93 26.22
N THR W 381 -26.09 -48.78 27.23
CA THR W 381 -25.84 -48.29 28.58
C THR W 381 -24.39 -47.88 28.78
N ASP W 382 -23.47 -48.83 28.66
CA ASP W 382 -22.08 -48.60 29.04
C ASP W 382 -21.43 -47.65 28.04
N GLU W 383 -20.93 -46.52 28.54
CA GLU W 383 -20.21 -45.60 27.66
C GLU W 383 -18.91 -46.21 27.16
N PHE W 384 -18.20 -46.93 28.05
CA PHE W 384 -16.90 -47.49 27.67
C PHE W 384 -17.02 -48.67 26.71
N PHE W 385 -18.23 -49.16 26.48
CA PHE W 385 -18.45 -50.06 25.36
C PHE W 385 -18.48 -49.29 24.05
N ILE W 386 -18.79 -48.00 24.11
CA ILE W 386 -18.82 -47.18 22.90
C ILE W 386 -17.44 -46.63 22.59
N ARG W 387 -16.70 -46.20 23.60
CA ARG W 387 -15.40 -45.61 23.36
C ARG W 387 -14.41 -46.64 22.82
N ARG W 388 -14.49 -47.88 23.29
CA ARG W 388 -13.55 -48.89 22.83
C ARG W 388 -13.83 -49.28 21.38
N ILE W 389 -15.11 -49.36 21.01
CA ILE W 389 -15.43 -49.69 19.63
C ILE W 389 -15.14 -48.50 18.73
N HIS W 390 -15.43 -47.28 19.20
CA HIS W 390 -15.09 -46.10 18.42
C HIS W 390 -13.58 -45.97 18.25
N LYS W 391 -12.82 -46.47 19.22
CA LYS W 391 -11.37 -46.52 19.06
C LYS W 391 -10.99 -47.58 18.04
N LEU W 392 -11.65 -48.73 18.07
CA LEU W 392 -11.32 -49.79 17.13
C LEU W 392 -11.73 -49.43 15.71
N VAL W 393 -12.80 -48.66 15.56
CA VAL W 393 -13.25 -48.25 14.24
C VAL W 393 -12.40 -47.12 13.70
N THR W 394 -11.88 -46.28 14.59
CA THR W 394 -11.03 -45.18 14.15
C THR W 394 -9.57 -45.58 14.01
N ASP W 395 -9.12 -46.59 14.74
CA ASP W 395 -7.75 -47.06 14.59
C ASP W 395 -7.58 -47.89 13.33
N PHE W 396 -8.67 -48.37 12.77
CA PHE W 396 -8.58 -49.18 11.58
C PHE W 396 -8.06 -48.39 10.39
N PRO W 397 -8.64 -47.23 10.04
CA PRO W 397 -8.22 -46.56 8.81
C PRO W 397 -6.91 -45.78 8.92
N THR W 398 -6.34 -45.59 10.11
CA THR W 398 -5.10 -44.84 10.24
C THR W 398 -3.93 -45.63 10.78
N LEU W 399 -4.16 -46.74 11.51
CA LEU W 399 -3.05 -47.60 11.91
C LEU W 399 -2.58 -48.45 10.74
N MET W 400 -3.52 -49.00 9.98
CA MET W 400 -3.20 -49.67 8.74
C MET W 400 -3.85 -48.92 7.59
N PRO W 401 -3.43 -47.69 7.31
CA PRO W 401 -4.04 -46.96 6.19
C PRO W 401 -3.59 -47.53 4.86
N MET W 402 -2.64 -48.45 4.91
CA MET W 402 -2.20 -49.19 3.74
C MET W 402 -3.06 -50.44 3.53
N LYS W 403 -3.29 -51.20 4.60
CA LYS W 403 -4.15 -52.37 4.49
C LYS W 403 -5.60 -51.96 4.23
N VAL W 404 -6.02 -50.82 4.77
CA VAL W 404 -7.38 -50.38 4.55
C VAL W 404 -7.57 -49.91 3.12
N LYS W 405 -6.68 -49.01 2.66
CA LYS W 405 -6.79 -48.49 1.30
C LYS W 405 -6.73 -49.62 0.27
N GLN W 406 -5.97 -50.66 0.55
CA GLN W 406 -5.96 -51.85 -0.31
C GLN W 406 -7.30 -52.55 -0.27
N LEU W 407 -7.83 -52.78 0.93
CA LEU W 407 -9.11 -53.48 1.07
C LEU W 407 -10.27 -52.58 0.66
N ARG W 408 -10.06 -51.27 0.62
CA ARG W 408 -11.08 -50.39 0.07
C ARG W 408 -11.04 -50.39 -1.45
N ASN W 409 -9.86 -50.23 -2.02
CA ASN W 409 -9.74 -50.17 -3.47
C ASN W 409 -10.10 -51.52 -4.10
N ARG W 410 -9.80 -52.61 -3.41
CA ARG W 410 -10.05 -53.93 -3.99
C ARG W 410 -11.55 -54.18 -4.16
N ALA W 411 -12.34 -53.79 -3.17
CA ALA W 411 -13.77 -54.10 -3.24
C ALA W 411 -14.51 -53.15 -4.17
N GLU W 412 -14.13 -51.87 -4.17
CA GLU W 412 -14.68 -50.93 -5.13
C GLU W 412 -14.53 -51.46 -6.55
N GLU W 413 -13.38 -52.06 -6.84
CA GLU W 413 -13.14 -52.61 -8.16
C GLU W 413 -13.83 -53.96 -8.35
N ASP W 414 -13.88 -54.77 -7.30
CA ASP W 414 -14.54 -56.07 -7.40
C ASP W 414 -16.05 -55.91 -7.51
N ALA W 415 -16.58 -54.81 -7.01
CA ALA W 415 -18.03 -54.59 -7.09
C ALA W 415 -18.44 -54.12 -8.48
N ARG W 416 -17.69 -53.16 -9.04
CA ARG W 416 -18.02 -52.64 -10.36
C ARG W 416 -17.91 -53.71 -11.42
N LEU W 417 -16.82 -54.48 -11.40
CA LEU W 417 -16.57 -55.46 -12.44
C LEU W 417 -17.72 -56.45 -12.57
N ILE W 418 -18.21 -56.95 -11.44
CA ILE W 418 -19.23 -57.99 -11.48
C ILE W 418 -20.61 -57.39 -11.71
N GLN W 419 -20.90 -56.26 -11.06
CA GLN W 419 -22.19 -55.61 -11.24
C GLN W 419 -22.41 -55.25 -12.71
N MET W 420 -21.40 -54.67 -13.35
CA MET W 420 -21.54 -54.31 -14.76
C MET W 420 -21.64 -55.55 -15.63
N SER W 421 -20.95 -56.63 -15.25
CA SER W 421 -21.02 -57.85 -16.05
C SER W 421 -22.32 -58.61 -15.79
N MET W 422 -22.92 -58.39 -14.63
CA MET W 422 -24.21 -59.01 -14.35
C MET W 422 -25.34 -58.27 -15.07
N GLN W 423 -25.15 -56.97 -15.33
CA GLN W 423 -26.17 -56.20 -16.02
C GLN W 423 -26.37 -56.67 -17.45
N MET W 424 -25.32 -57.20 -18.08
CA MET W 424 -25.44 -57.65 -19.46
C MET W 424 -26.40 -58.83 -19.61
N GLY W 425 -26.01 -60.01 -19.11
CA GLY W 425 -26.83 -61.19 -19.31
C GLY W 425 -27.01 -62.21 -18.20
N ASN W 426 -26.23 -62.14 -17.13
CA ASN W 426 -26.18 -63.25 -16.18
C ASN W 426 -26.71 -62.84 -14.81
N GLU W 427 -26.52 -63.75 -13.83
CA GLU W 427 -26.86 -63.60 -12.43
C GLU W 427 -25.59 -63.54 -11.57
N PRO W 428 -25.60 -62.75 -10.50
CA PRO W 428 -24.37 -62.52 -9.74
C PRO W 428 -23.91 -63.78 -9.02
N PRO W 429 -22.62 -63.95 -8.80
CA PRO W 429 -22.13 -65.12 -8.06
C PRO W 429 -22.65 -65.11 -6.63
N ALA W 430 -22.93 -66.30 -6.11
CA ALA W 430 -23.38 -66.42 -4.73
C ALA W 430 -22.28 -66.17 -3.73
N SER W 431 -21.02 -66.20 -4.14
CA SER W 431 -19.87 -66.02 -3.25
C SER W 431 -19.49 -64.57 -3.06
N LEU W 432 -20.44 -63.64 -3.23
CA LEU W 432 -20.12 -62.22 -3.08
C LEU W 432 -20.17 -61.81 -1.62
N ARG W 433 -19.18 -61.03 -1.21
CA ARG W 433 -19.05 -60.57 0.17
C ARG W 433 -18.90 -59.05 0.14
N ARG W 434 -20.02 -58.35 0.31
CA ARG W 434 -20.03 -56.88 0.29
C ARG W 434 -19.80 -56.35 1.70
N ASP W 435 -18.60 -56.62 2.21
CA ASP W 435 -18.28 -56.21 3.58
C ASP W 435 -18.10 -54.70 3.68
N LEU W 436 -17.82 -54.02 2.57
CA LEU W 436 -17.81 -52.56 2.59
C LEU W 436 -19.20 -51.99 2.74
N GLU W 437 -20.21 -52.70 2.24
CA GLU W 437 -21.58 -52.30 2.55
C GLU W 437 -21.87 -52.52 4.03
N HIS W 438 -21.52 -53.69 4.54
CA HIS W 438 -21.76 -53.98 5.95
C HIS W 438 -20.96 -53.05 6.85
N LEU W 439 -19.79 -52.61 6.40
CA LEU W 439 -19.01 -51.65 7.17
C LEU W 439 -19.65 -50.28 7.14
N LEU W 440 -20.23 -49.90 6.00
CA LEU W 440 -20.92 -48.61 5.93
C LEU W 440 -22.19 -48.64 6.75
N LEU W 441 -22.80 -49.81 6.91
CA LEU W 441 -23.89 -49.93 7.86
C LEU W 441 -23.37 -49.81 9.30
N LEU W 442 -22.26 -50.48 9.60
CA LEU W 442 -21.72 -50.50 10.95
C LEU W 442 -21.38 -49.09 11.42
N ILE W 443 -20.80 -48.28 10.55
CA ILE W 443 -20.57 -46.87 10.89
C ILE W 443 -21.89 -46.12 10.92
N GLY W 444 -22.94 -46.68 10.31
CA GLY W 444 -24.21 -46.00 10.30
C GLY W 444 -25.07 -46.35 11.49
N GLU W 445 -24.91 -47.56 12.02
CA GLU W 445 -25.67 -47.98 13.18
C GLU W 445 -25.01 -47.55 14.48
N LEU W 446 -23.68 -47.49 14.50
CA LEU W 446 -22.97 -47.18 15.73
C LEU W 446 -23.25 -45.75 16.18
N TYR W 447 -23.01 -44.76 15.33
CA TYR W 447 -23.21 -43.37 15.68
C TYR W 447 -24.65 -42.91 15.49
N ARG W 448 -25.60 -43.84 15.32
CA ARG W 448 -26.97 -43.46 15.02
C ARG W 448 -27.69 -42.95 16.26
N LYS W 449 -27.47 -43.60 17.40
CA LYS W 449 -28.15 -43.27 18.63
C LYS W 449 -27.28 -42.33 19.45
N ASP W 450 -27.90 -41.29 20.00
CA ASP W 450 -27.18 -40.25 20.74
C ASP W 450 -27.76 -40.11 22.14
N PRO W 451 -27.37 -40.93 23.10
CA PRO W 451 -27.84 -40.73 24.48
C PRO W 451 -26.86 -39.99 25.36
N PHE W 452 -25.61 -39.87 24.93
CA PHE W 452 -24.56 -39.28 25.74
C PHE W 452 -24.22 -37.86 25.33
N HIS W 453 -24.86 -37.35 24.27
CA HIS W 453 -24.64 -35.98 23.78
C HIS W 453 -23.17 -35.72 23.46
N LEU W 454 -22.43 -36.78 23.10
CA LEU W 454 -21.01 -36.62 22.83
C LEU W 454 -20.73 -35.95 21.50
N GLU W 455 -21.64 -36.08 20.54
CA GLU W 455 -21.39 -35.67 19.16
C GLU W 455 -20.13 -36.34 18.64
N LEU W 456 -19.97 -37.64 18.96
CA LEU W 456 -18.80 -38.42 18.56
C LEU W 456 -18.56 -38.35 17.06
N ALA W 457 -19.58 -37.95 16.33
CA ALA W 457 -19.41 -37.70 14.90
C ALA W 457 -18.49 -36.54 14.63
N LEU W 458 -18.02 -35.83 15.67
CA LEU W 458 -17.04 -34.78 15.46
C LEU W 458 -15.74 -35.31 14.88
N GLU W 459 -15.47 -36.61 15.03
CA GLU W 459 -14.27 -37.19 14.44
C GLU W 459 -14.34 -37.26 12.93
N TYR W 460 -15.54 -37.41 12.37
CA TYR W 460 -15.68 -37.50 10.92
C TYR W 460 -15.58 -36.16 10.24
N TRP W 461 -15.82 -35.08 10.96
CA TRP W 461 -15.81 -33.74 10.39
C TRP W 461 -14.48 -33.07 10.68
N CYS W 462 -13.76 -32.72 9.63
CA CYS W 462 -12.51 -31.98 9.74
C CYS W 462 -12.78 -30.54 9.39
N PRO W 463 -12.49 -29.59 10.30
CA PRO W 463 -12.69 -28.14 10.10
C PRO W 463 -12.09 -27.61 8.80
N PRO W 484 -2.29 -30.40 10.58
CA PRO W 484 -3.20 -31.51 10.83
C PRO W 484 -2.48 -32.78 11.29
N PRO W 485 -2.89 -33.32 12.44
CA PRO W 485 -2.33 -34.59 12.88
C PRO W 485 -2.58 -35.69 11.86
N GLN W 486 -1.54 -36.48 11.59
CA GLN W 486 -1.56 -37.55 10.60
C GLN W 486 -2.80 -38.41 10.73
N ARG W 487 -3.34 -38.53 11.94
CA ARG W 487 -4.58 -39.29 12.13
C ARG W 487 -5.76 -38.55 11.49
N GLN W 488 -5.82 -37.23 11.66
CA GLN W 488 -6.96 -36.49 11.12
C GLN W 488 -6.94 -36.50 9.60
N VAL W 489 -5.76 -36.50 9.00
CA VAL W 489 -5.67 -36.54 7.55
C VAL W 489 -6.10 -37.90 7.03
N LEU W 490 -5.77 -38.97 7.76
CA LEU W 490 -6.16 -40.30 7.31
C LEU W 490 -7.64 -40.55 7.54
N LEU W 491 -8.28 -39.76 8.38
CA LEU W 491 -9.72 -39.88 8.55
C LEU W 491 -10.47 -39.06 7.50
N SER W 492 -10.15 -37.76 7.41
CA SER W 492 -10.81 -36.92 6.41
C SER W 492 -10.61 -37.47 5.01
N LYS W 493 -9.48 -38.12 4.77
CA LYS W 493 -9.32 -38.87 3.53
C LYS W 493 -10.34 -39.99 3.45
N PHE W 494 -10.50 -40.75 4.54
CA PHE W 494 -11.42 -41.89 4.53
C PHE W 494 -12.86 -41.46 4.25
N VAL W 495 -13.21 -40.23 4.63
CA VAL W 495 -14.51 -39.71 4.26
C VAL W 495 -14.55 -39.38 2.77
N ARG W 496 -13.45 -38.89 2.24
CA ARG W 496 -13.41 -38.51 0.83
C ARG W 496 -12.97 -39.69 -0.04
N GLN W 497 -12.09 -40.54 0.46
CA GLN W 497 -11.66 -41.71 -0.31
C GLN W 497 -12.80 -42.70 -0.50
N MET W 498 -13.77 -42.72 0.43
CA MET W 498 -14.90 -43.62 0.29
C MET W 498 -16.00 -43.04 -0.58
N SER W 499 -15.98 -41.73 -0.77
CA SER W 499 -16.99 -41.08 -1.61
C SER W 499 -16.80 -41.41 -3.08
N ASP W 500 -15.63 -41.95 -3.43
CA ASP W 500 -15.34 -42.28 -4.82
C ASP W 500 -16.25 -43.37 -5.38
N LEU W 501 -16.55 -44.38 -4.56
CA LEU W 501 -17.38 -45.50 -5.01
C LEU W 501 -18.77 -45.03 -5.45
N LEU W 502 -19.20 -45.47 -6.64
CA LEU W 502 -20.51 -45.07 -7.15
C LEU W 502 -21.40 -46.28 -7.49
N PRO W 503 -20.90 -47.50 -7.23
CA PRO W 503 -21.67 -48.72 -7.51
C PRO W 503 -22.99 -48.76 -6.74
N ALA W 504 -24.06 -49.21 -7.39
CA ALA W 504 -25.35 -49.27 -6.72
C ALA W 504 -25.35 -50.18 -5.50
N THR W 505 -24.39 -51.07 -5.37
CA THR W 505 -24.40 -51.99 -4.23
C THR W 505 -23.99 -51.32 -2.94
N LEU W 506 -23.21 -50.24 -2.99
CA LEU W 506 -22.81 -49.52 -1.79
C LEU W 506 -23.56 -48.20 -1.62
N TYR W 507 -24.65 -47.99 -2.35
CA TYR W 507 -25.39 -46.74 -2.21
C TYR W 507 -26.26 -46.76 -0.96
N LEU W 508 -26.91 -47.90 -0.70
CA LEU W 508 -27.75 -47.99 0.49
C LEU W 508 -26.95 -47.88 1.77
N PRO W 509 -25.86 -48.61 1.97
CA PRO W 509 -25.11 -48.48 3.22
C PRO W 509 -24.45 -47.13 3.40
N TYR W 510 -23.79 -46.59 2.36
CA TYR W 510 -23.17 -45.27 2.49
C TYR W 510 -24.19 -44.21 2.85
N LEU W 511 -25.45 -44.39 2.45
CA LEU W 511 -26.50 -43.50 2.92
C LEU W 511 -26.82 -43.77 4.38
N LYS W 512 -26.72 -45.03 4.81
CA LYS W 512 -26.91 -45.33 6.22
C LYS W 512 -25.73 -44.83 7.05
N MET W 513 -24.52 -44.89 6.49
CA MET W 513 -23.37 -44.38 7.21
C MET W 513 -23.53 -42.89 7.52
N LEU W 514 -23.95 -42.11 6.51
CA LEU W 514 -24.17 -40.70 6.75
C LEU W 514 -25.31 -40.46 7.72
N ARG W 515 -26.25 -41.41 7.81
CA ARG W 515 -27.30 -41.29 8.81
C ARG W 515 -26.71 -41.40 10.21
N GLY W 516 -25.68 -42.22 10.36
CA GLY W 516 -25.00 -42.30 11.64
C GLY W 516 -24.10 -41.11 11.90
N LEU W 517 -23.41 -40.64 10.87
CA LEU W 517 -22.49 -39.51 11.01
C LEU W 517 -23.22 -38.20 11.25
N ALA W 518 -24.49 -38.10 10.91
CA ALA W 518 -25.22 -36.86 11.11
C ALA W 518 -25.96 -36.86 12.45
N SER W 519 -25.24 -37.14 13.53
CA SER W 519 -25.78 -37.05 14.87
C SER W 519 -25.02 -36.00 15.67
N GLY W 520 -25.78 -35.09 16.27
CA GLY W 520 -25.19 -33.95 16.93
C GLY W 520 -25.25 -32.73 16.03
N PRO W 521 -25.84 -31.65 16.53
CA PRO W 521 -26.15 -30.48 15.68
C PRO W 521 -25.02 -30.04 14.76
N GLN W 522 -23.82 -29.86 15.29
CA GLN W 522 -22.69 -29.48 14.44
C GLN W 522 -22.47 -30.49 13.35
N CYS W 523 -22.57 -31.77 13.69
CA CYS W 523 -22.36 -32.81 12.69
C CYS W 523 -23.48 -32.84 11.67
N ALA W 524 -24.59 -32.16 11.98
CA ALA W 524 -25.68 -32.09 11.02
C ALA W 524 -25.44 -30.99 9.99
N HIS W 525 -25.08 -29.79 10.45
CA HIS W 525 -24.85 -28.70 9.51
C HIS W 525 -23.72 -29.03 8.55
N TYR W 526 -22.58 -29.49 9.09
CA TYR W 526 -21.46 -29.85 8.23
C TYR W 526 -21.87 -30.90 7.21
N CYS W 527 -22.56 -31.94 7.65
CA CYS W 527 -23.01 -32.95 6.70
C CYS W 527 -24.12 -32.40 5.81
N PHE W 528 -24.81 -31.36 6.26
CA PHE W 528 -25.75 -30.70 5.37
C PHE W 528 -25.02 -29.89 4.31
N SER W 529 -23.83 -29.37 4.66
CA SER W 529 -23.06 -28.60 3.69
C SER W 529 -22.28 -29.51 2.76
N LEU W 530 -21.94 -30.72 3.21
CA LEU W 530 -21.25 -31.65 2.34
C LEU W 530 -22.17 -32.12 1.23
N LEU W 531 -23.42 -32.40 1.54
CA LEU W 531 -24.37 -32.79 0.51
C LEU W 531 -24.69 -31.62 -0.41
N LYS W 532 -24.66 -30.41 0.12
CA LYS W 532 -24.95 -29.23 -0.70
C LYS W 532 -23.93 -29.06 -1.80
N ALA W 533 -22.65 -29.18 -1.46
CA ALA W 533 -21.59 -28.90 -2.44
C ALA W 533 -21.39 -30.07 -3.39
N ASN W 534 -21.62 -31.30 -2.93
CA ASN W 534 -21.42 -32.47 -3.78
C ASN W 534 -22.30 -32.47 -5.01
N GLY W 535 -23.24 -31.52 -5.13
CA GLY W 535 -24.09 -31.44 -6.30
C GLY W 535 -24.14 -30.06 -6.92
N GLY W 536 -23.22 -29.19 -6.51
CA GLY W 536 -23.16 -27.85 -7.05
C GLY W 536 -22.73 -27.81 -8.50
N GLY W 547 -22.07 -35.44 -11.94
CA GLY W 547 -22.52 -35.04 -10.62
C GLY W 547 -22.60 -36.20 -9.65
N SER W 548 -22.15 -35.96 -8.41
CA SER W 548 -22.11 -37.00 -7.39
C SER W 548 -23.53 -37.49 -7.13
N PRO W 549 -23.72 -38.78 -6.89
CA PRO W 549 -25.08 -39.32 -6.77
C PRO W 549 -25.76 -38.96 -5.46
N VAL W 550 -25.03 -38.37 -4.52
CA VAL W 550 -25.64 -37.93 -3.27
C VAL W 550 -25.42 -36.43 -3.11
N SER W 551 -26.50 -35.67 -3.16
CA SER W 551 -26.43 -34.22 -3.12
C SER W 551 -27.83 -33.63 -2.95
N TRP W 552 -27.87 -32.37 -2.50
CA TRP W 552 -29.16 -31.72 -2.28
C TRP W 552 -29.87 -31.45 -3.60
N ASP W 553 -29.12 -31.19 -4.67
CA ASP W 553 -29.77 -30.98 -5.96
C ASP W 553 -30.38 -32.26 -6.48
N HIS W 554 -29.72 -33.40 -6.25
CA HIS W 554 -30.25 -34.67 -6.74
C HIS W 554 -31.43 -35.13 -5.89
N PHE W 555 -31.37 -34.91 -4.57
CA PHE W 555 -32.46 -35.34 -3.71
C PHE W 555 -33.75 -34.60 -4.04
N PHE W 556 -33.68 -33.27 -4.11
CA PHE W 556 -34.89 -32.49 -4.35
C PHE W 556 -35.31 -32.51 -5.81
N HIS W 557 -34.40 -32.79 -6.73
CA HIS W 557 -34.81 -32.96 -8.12
C HIS W 557 -35.45 -34.32 -8.33
N SER W 558 -34.94 -35.36 -7.67
CA SER W 558 -35.50 -36.70 -7.82
C SER W 558 -36.93 -36.75 -7.29
N LEU W 559 -37.22 -35.94 -6.28
CA LEU W 559 -38.59 -35.90 -5.77
C LEU W 559 -39.49 -35.07 -6.66
N MET W 560 -38.95 -34.01 -7.26
CA MET W 560 -39.75 -33.21 -8.18
C MET W 560 -40.06 -34.00 -9.44
N LEU W 561 -39.11 -34.78 -9.94
CA LEU W 561 -39.36 -35.61 -11.11
C LEU W 561 -40.46 -36.63 -10.82
N TYR W 562 -40.50 -37.15 -9.59
CA TYR W 562 -41.55 -38.10 -9.25
C TYR W 562 -42.87 -37.40 -9.00
N HIS W 563 -42.84 -36.10 -8.74
CA HIS W 563 -44.08 -35.34 -8.65
C HIS W 563 -44.73 -35.20 -10.03
N GLU W 564 -43.98 -34.72 -11.01
CA GLU W 564 -44.52 -34.58 -12.35
C GLU W 564 -44.91 -35.93 -12.93
N HIS W 565 -44.06 -36.95 -12.75
CA HIS W 565 -44.30 -38.23 -13.41
C HIS W 565 -45.47 -38.97 -12.78
N LEU W 566 -45.69 -38.79 -11.47
CA LEU W 566 -46.82 -39.44 -10.82
C LEU W 566 -48.09 -38.60 -10.90
N ARG W 567 -47.97 -37.33 -11.31
CA ARG W 567 -49.14 -36.48 -11.48
C ARG W 567 -49.68 -36.55 -12.90
N ARG W 568 -48.78 -36.56 -13.89
CA ARG W 568 -49.20 -36.69 -15.29
C ARG W 568 -49.99 -37.96 -15.53
N ASP W 569 -49.97 -38.91 -14.60
CA ASP W 569 -50.70 -40.15 -14.73
C ASP W 569 -51.97 -40.18 -13.89
N LEU W 570 -52.47 -39.02 -13.44
CA LEU W 570 -53.78 -38.95 -12.81
C LEU W 570 -54.90 -38.95 -13.84
N PRO W 571 -56.03 -39.53 -13.51
CA PRO W 571 -57.15 -39.56 -14.45
C PRO W 571 -57.93 -38.25 -14.46
N LEU W 583 -47.95 -47.22 -14.85
CA LEU W 583 -47.46 -46.38 -13.76
C LEU W 583 -46.11 -46.87 -13.26
N ARG W 584 -45.07 -46.06 -13.44
CA ARG W 584 -43.74 -46.41 -12.97
C ARG W 584 -43.76 -46.27 -11.45
N GLY W 585 -44.45 -47.22 -10.81
CA GLY W 585 -44.37 -47.34 -9.38
C GLY W 585 -42.91 -47.34 -9.02
N ILE W 586 -42.52 -46.42 -8.13
CA ILE W 586 -41.11 -46.19 -7.82
C ILE W 586 -40.48 -47.54 -7.51
N THR W 587 -39.49 -47.93 -8.30
CA THR W 587 -38.93 -49.26 -8.19
C THR W 587 -38.46 -49.53 -6.77
N GLN W 588 -38.46 -50.82 -6.40
CA GLN W 588 -38.08 -51.20 -5.04
C GLN W 588 -36.72 -50.63 -4.67
N ARG W 589 -35.83 -50.49 -5.65
CA ARG W 589 -34.53 -49.86 -5.38
C ARG W 589 -34.66 -48.35 -5.28
N GLU W 590 -35.52 -47.75 -6.11
CA GLU W 590 -35.73 -46.31 -6.01
C GLU W 590 -36.58 -45.96 -4.80
N LEU W 591 -37.32 -46.93 -4.26
CA LEU W 591 -38.05 -46.70 -3.03
C LEU W 591 -37.11 -46.76 -1.83
N ASP W 592 -36.33 -47.83 -1.72
CA ASP W 592 -35.34 -47.92 -0.65
C ASP W 592 -34.29 -46.82 -0.78
N GLY W 593 -34.07 -46.34 -2.00
CA GLY W 593 -33.21 -45.19 -2.16
C GLY W 593 -33.82 -43.92 -1.64
N LEU W 594 -35.15 -43.79 -1.76
CA LEU W 594 -35.81 -42.55 -1.34
C LEU W 594 -36.08 -42.54 0.15
N ILE W 595 -36.40 -43.70 0.73
CA ILE W 595 -36.64 -43.75 2.16
C ILE W 595 -35.37 -43.43 2.93
N ALA W 596 -34.24 -43.99 2.49
CA ALA W 596 -32.98 -43.70 3.16
C ALA W 596 -32.61 -42.23 3.02
N CYS W 597 -32.93 -41.63 1.87
CA CYS W 597 -32.65 -40.21 1.68
C CYS W 597 -33.58 -39.34 2.51
N LEU W 598 -34.74 -39.87 2.89
CA LEU W 598 -35.63 -39.14 3.79
C LEU W 598 -35.32 -39.46 5.24
N GLN W 599 -34.85 -40.67 5.51
CA GLN W 599 -34.45 -41.00 6.88
C GLN W 599 -33.18 -40.25 7.27
N LEU W 600 -32.28 -40.04 6.32
CA LEU W 600 -31.08 -39.26 6.62
C LEU W 600 -31.42 -37.79 6.81
N THR W 601 -32.37 -37.27 6.05
CA THR W 601 -32.75 -35.86 6.17
C THR W 601 -33.42 -35.60 7.50
N CYS W 602 -34.18 -36.56 8.00
CA CYS W 602 -34.86 -36.40 9.28
C CYS W 602 -33.85 -36.35 10.42
N THR W 603 -32.74 -37.10 10.30
CA THR W 603 -31.76 -37.15 11.37
C THR W 603 -30.88 -35.90 11.37
N ILE W 604 -30.79 -35.21 10.24
CA ILE W 604 -29.99 -33.99 10.19
C ILE W 604 -30.77 -32.83 10.78
N ILE W 605 -32.06 -32.72 10.45
CA ILE W 605 -32.82 -31.54 10.85
C ILE W 605 -33.35 -31.67 12.27
N ASP W 606 -33.39 -32.87 12.83
CA ASP W 606 -33.82 -33.01 14.22
C ASP W 606 -32.73 -32.56 15.18
N TRP W 607 -31.51 -33.04 14.96
CA TRP W 607 -30.42 -32.68 15.86
C TRP W 607 -30.08 -31.20 15.75
N SER W 608 -30.02 -30.66 14.53
CA SER W 608 -29.69 -29.27 14.31
C SER W 608 -30.91 -28.50 13.85
N GLU W 609 -31.11 -27.33 14.44
CA GLU W 609 -32.20 -26.46 14.04
C GLU W 609 -31.77 -25.42 13.02
N SER W 610 -30.50 -25.02 13.02
CA SER W 610 -30.04 -24.10 11.99
C SER W 610 -30.32 -24.64 10.61
N ALA W 611 -30.00 -25.90 10.37
CA ALA W 611 -30.41 -26.54 9.13
C ALA W 611 -31.92 -26.57 9.03
N ARG W 612 -32.60 -26.83 10.15
CA ARG W 612 -34.05 -26.90 10.13
C ARG W 612 -34.66 -25.57 9.72
N LEU W 613 -34.00 -24.47 10.10
CA LEU W 613 -34.44 -23.16 9.64
C LEU W 613 -34.06 -22.93 8.19
N ALA W 614 -32.87 -23.41 7.80
CA ALA W 614 -32.38 -23.11 6.47
C ALA W 614 -33.05 -23.99 5.42
N LEU W 615 -33.41 -25.22 5.77
CA LEU W 615 -33.92 -26.14 4.77
C LEU W 615 -35.38 -25.87 4.46
N CYS W 616 -36.11 -25.22 5.36
CA CYS W 616 -37.53 -25.02 5.14
C CYS W 616 -37.77 -23.77 4.29
N GLU W 617 -37.28 -22.62 4.73
CA GLU W 617 -37.50 -21.37 4.00
C GLU W 617 -36.88 -21.36 2.62
N HIS W 618 -36.16 -22.42 2.25
CA HIS W 618 -35.47 -22.47 0.96
C HIS W 618 -36.44 -22.21 -0.18
N ALA W 619 -35.98 -21.44 -1.17
CA ALA W 619 -36.78 -21.09 -2.32
C ALA W 619 -36.30 -21.74 -3.62
N GLN W 620 -35.02 -22.07 -3.72
CA GLN W 620 -34.50 -22.69 -4.93
C GLN W 620 -35.16 -24.04 -5.16
N TRP W 621 -35.08 -24.93 -4.18
CA TRP W 621 -35.74 -26.22 -4.27
C TRP W 621 -37.20 -26.15 -3.83
N MET W 622 -37.54 -25.22 -2.94
CA MET W 622 -38.89 -24.96 -2.48
C MET W 622 -39.58 -26.23 -2.00
N PRO W 623 -39.09 -26.87 -0.93
CA PRO W 623 -39.67 -28.16 -0.55
C PRO W 623 -41.03 -28.07 0.13
N VAL W 624 -41.41 -26.89 0.61
CA VAL W 624 -42.59 -26.78 1.47
C VAL W 624 -43.87 -27.11 0.73
N VAL W 625 -44.23 -26.31 -0.28
CA VAL W 625 -45.52 -26.50 -0.92
C VAL W 625 -45.39 -27.54 -2.03
N VAL W 626 -44.16 -27.78 -2.48
CA VAL W 626 -43.90 -28.91 -3.37
C VAL W 626 -44.26 -30.21 -2.67
N ILE W 627 -44.02 -30.28 -1.36
CA ILE W 627 -44.51 -31.41 -0.57
C ILE W 627 -46.04 -31.33 -0.45
N LEU W 628 -46.56 -30.12 -0.27
CA LEU W 628 -48.01 -29.94 -0.19
C LEU W 628 -48.70 -30.26 -1.50
N GLY W 629 -48.07 -29.92 -2.63
CA GLY W 629 -48.62 -30.31 -3.91
C GLY W 629 -48.46 -31.79 -4.18
N LEU W 630 -47.56 -32.45 -3.46
CA LEU W 630 -47.35 -33.89 -3.64
C LEU W 630 -48.41 -34.70 -2.92
N LEU W 631 -49.01 -34.16 -1.86
CA LEU W 631 -50.03 -34.89 -1.13
C LEU W 631 -51.39 -34.80 -1.80
N GLN W 632 -51.63 -33.78 -2.62
CA GLN W 632 -52.88 -33.65 -3.35
C GLN W 632 -52.95 -34.56 -4.57
N CYS W 633 -51.82 -35.12 -4.99
CA CYS W 633 -51.78 -36.19 -5.98
C CYS W 633 -51.73 -37.49 -5.19
N SER W 634 -52.83 -38.25 -5.22
CA SER W 634 -52.93 -39.46 -4.42
C SER W 634 -51.82 -40.45 -4.76
N ILE W 635 -51.09 -40.87 -3.73
CA ILE W 635 -49.90 -41.71 -3.87
C ILE W 635 -50.03 -42.91 -2.95
N PRO W 636 -49.12 -43.88 -3.02
CA PRO W 636 -49.13 -44.96 -2.04
C PRO W 636 -49.01 -44.39 -0.63
N PRO W 637 -49.53 -45.10 0.37
CA PRO W 637 -49.57 -44.51 1.72
C PRO W 637 -48.19 -44.29 2.34
N LEU W 638 -47.20 -45.10 1.98
CA LEU W 638 -45.88 -44.95 2.60
C LEU W 638 -45.24 -43.61 2.25
N LEU W 639 -45.49 -43.12 1.03
CA LEU W 639 -44.89 -41.86 0.63
C LEU W 639 -45.67 -40.69 1.23
N LYS W 640 -46.97 -40.88 1.41
CA LYS W 640 -47.77 -39.85 2.08
C LYS W 640 -47.30 -39.65 3.52
N ALA W 641 -46.97 -40.74 4.20
CA ALA W 641 -46.60 -40.65 5.61
C ALA W 641 -45.24 -39.99 5.80
N GLU W 642 -44.24 -40.40 5.01
CA GLU W 642 -42.93 -39.79 5.11
C GLU W 642 -42.98 -38.32 4.71
N LEU W 643 -43.82 -37.98 3.73
CA LEU W 643 -44.04 -36.58 3.41
C LEU W 643 -44.60 -35.85 4.62
N LEU W 644 -45.62 -36.42 5.25
CA LEU W 644 -46.22 -35.78 6.42
C LEU W 644 -45.24 -35.73 7.59
N LYS W 645 -44.38 -36.74 7.72
CA LYS W 645 -43.44 -36.75 8.83
C LYS W 645 -42.42 -35.64 8.68
N THR W 646 -41.81 -35.52 7.51
CA THR W 646 -40.86 -34.45 7.29
C THR W 646 -41.54 -33.10 7.51
N LEU W 647 -42.84 -33.02 7.27
CA LEU W 647 -43.55 -31.78 7.57
C LEU W 647 -43.49 -31.46 9.05
N ALA W 648 -43.46 -32.49 9.90
CA ALA W 648 -43.41 -32.26 11.34
C ALA W 648 -42.04 -31.73 11.76
N ALA W 649 -40.98 -32.44 11.40
CA ALA W 649 -39.64 -31.98 11.76
C ALA W 649 -39.33 -30.63 11.15
N PHE W 650 -39.97 -30.30 10.02
CA PHE W 650 -39.87 -28.95 9.50
C PHE W 650 -40.68 -27.99 10.36
N GLY W 651 -41.83 -28.45 10.87
CA GLY W 651 -42.67 -27.60 11.69
C GLY W 651 -42.19 -27.39 13.10
N LYS W 652 -41.15 -28.11 13.54
CA LYS W 652 -40.65 -27.92 14.89
C LYS W 652 -40.27 -26.47 15.13
N SER W 653 -39.67 -25.82 14.14
CA SER W 653 -39.44 -24.40 14.23
C SER W 653 -40.77 -23.71 14.43
N PRO W 654 -40.87 -22.73 15.32
CA PRO W 654 -42.20 -22.15 15.60
C PRO W 654 -42.82 -21.45 14.41
N GLU W 655 -42.06 -20.59 13.72
CA GLU W 655 -42.65 -19.81 12.64
C GLU W 655 -43.14 -20.71 11.51
N ILE W 656 -42.44 -21.80 11.26
CA ILE W 656 -42.94 -22.78 10.28
C ILE W 656 -44.13 -23.52 10.83
N ALA W 657 -44.17 -23.71 12.15
CA ALA W 657 -45.34 -24.36 12.74
C ALA W 657 -46.60 -23.53 12.54
N ALA W 658 -46.51 -22.22 12.76
CA ALA W 658 -47.65 -21.36 12.51
C ALA W 658 -48.02 -21.34 11.04
N SER W 659 -47.01 -21.39 10.16
CA SER W 659 -47.30 -21.47 8.74
C SER W 659 -47.84 -22.85 8.36
N LEU W 660 -47.52 -23.87 9.15
CA LEU W 660 -47.99 -25.21 8.82
C LEU W 660 -49.43 -25.41 9.25
N TRP W 661 -49.84 -24.78 10.35
CA TRP W 661 -51.19 -24.97 10.84
C TRP W 661 -52.21 -24.26 9.96
N GLN W 662 -51.79 -23.22 9.26
CA GLN W 662 -52.69 -22.55 8.32
C GLN W 662 -52.72 -23.28 6.98
N SER W 663 -51.73 -24.13 6.73
CA SER W 663 -51.70 -24.87 5.47
C SER W 663 -52.49 -26.17 5.58
N LEU W 664 -52.31 -26.90 6.68
CA LEU W 664 -53.09 -28.12 6.88
C LEU W 664 -54.58 -27.81 6.92
N GLU W 665 -54.93 -26.55 7.17
CA GLU W 665 -56.33 -26.16 7.14
C GLU W 665 -56.82 -25.90 5.73
N TYR W 666 -55.99 -25.31 4.88
CA TYR W 666 -56.41 -25.01 3.52
C TYR W 666 -56.38 -26.25 2.65
N THR W 667 -55.47 -27.19 2.93
CA THR W 667 -55.35 -28.40 2.14
C THR W 667 -56.45 -29.40 2.44
N GLN W 668 -57.03 -29.37 3.64
CA GLN W 668 -58.07 -30.32 4.04
C GLN W 668 -57.62 -31.74 3.79
N ILE W 669 -56.42 -32.08 4.28
CA ILE W 669 -55.91 -33.44 4.24
C ILE W 669 -56.88 -34.34 4.98
N LEU W 670 -57.25 -33.95 6.19
CA LEU W 670 -58.36 -34.54 6.89
C LEU W 670 -59.62 -33.82 6.46
N GLN W 671 -60.61 -34.56 5.97
CA GLN W 671 -61.83 -33.93 5.50
C GLN W 671 -62.62 -33.34 6.66
N THR W 672 -62.54 -32.03 6.86
CA THR W 672 -63.24 -31.38 7.94
C THR W 672 -64.48 -30.65 7.43
N VAL W 682 -61.91 -40.26 1.65
CA VAL W 682 -60.93 -39.57 0.83
C VAL W 682 -59.86 -38.95 1.71
N GLY W 683 -58.98 -39.80 2.24
CA GLY W 683 -57.93 -39.31 3.11
C GLY W 683 -57.54 -40.38 4.11
N ILE W 684 -57.16 -39.90 5.30
CA ILE W 684 -56.61 -40.80 6.31
C ILE W 684 -57.70 -41.67 6.93
N GLU W 685 -58.95 -41.25 6.84
CA GLU W 685 -60.02 -42.06 7.43
C GLU W 685 -60.22 -43.35 6.65
N VAL W 686 -60.05 -43.32 5.35
CA VAL W 686 -60.26 -44.52 4.54
C VAL W 686 -59.05 -45.42 4.59
N GLU W 687 -57.85 -44.83 4.65
CA GLU W 687 -56.64 -45.64 4.73
C GLU W 687 -56.58 -46.40 6.04
N LEU W 688 -57.07 -45.81 7.12
CA LEU W 688 -57.08 -46.51 8.40
C LEU W 688 -58.07 -47.66 8.40
N ASN W 689 -59.21 -47.48 7.72
CA ASN W 689 -60.25 -48.49 7.78
C ASN W 689 -60.02 -49.63 6.79
N GLU W 690 -59.42 -49.34 5.64
CA GLU W 690 -59.31 -50.33 4.58
C GLU W 690 -57.92 -50.95 4.46
N ILE W 691 -56.87 -50.19 4.73
CA ILE W 691 -55.52 -50.68 4.52
C ILE W 691 -54.87 -51.07 5.83
N GLU W 692 -54.77 -50.13 6.78
CA GLU W 692 -54.14 -50.44 8.06
C GLU W 692 -54.94 -51.46 8.84
N SER W 693 -56.27 -51.39 8.77
CA SER W 693 -57.09 -52.35 9.51
C SER W 693 -57.02 -53.75 8.90
N ARG W 694 -56.65 -53.84 7.63
CA ARG W 694 -56.51 -55.17 7.01
C ARG W 694 -55.13 -55.75 7.28
N CYS W 695 -54.10 -54.92 7.22
CA CYS W 695 -52.74 -55.35 7.54
C CYS W 695 -52.55 -55.60 9.02
N GLU W 696 -53.48 -55.18 9.85
CA GLU W 696 -53.38 -55.27 11.31
C GLU W 696 -52.19 -54.49 11.85
N GLU W 697 -51.62 -53.60 11.05
CA GLU W 697 -50.55 -52.73 11.47
C GLU W 697 -50.96 -51.28 11.30
N TYR W 698 -50.63 -50.45 12.27
CA TYR W 698 -51.01 -49.03 12.27
C TYR W 698 -49.78 -48.15 12.39
N PRO W 699 -48.94 -48.09 11.35
CA PRO W 699 -47.83 -47.15 11.39
C PRO W 699 -48.22 -45.76 10.93
N LEU W 700 -49.24 -45.65 10.10
CA LEU W 700 -49.66 -44.34 9.62
C LEU W 700 -50.40 -43.56 10.69
N THR W 701 -51.21 -44.25 11.48
CA THR W 701 -52.00 -43.57 12.50
C THR W 701 -51.11 -43.02 13.61
N ARG W 702 -50.14 -43.80 14.06
CA ARG W 702 -49.22 -43.33 15.09
C ARG W 702 -48.47 -42.09 14.62
N ALA W 703 -48.17 -42.02 13.32
CA ALA W 703 -47.39 -40.90 12.83
C ALA W 703 -48.24 -39.65 12.64
N PHE W 704 -49.51 -39.81 12.29
CA PHE W 704 -50.38 -38.65 12.12
C PHE W 704 -50.69 -38.00 13.44
N CYS W 705 -50.76 -38.79 14.51
CA CYS W 705 -50.94 -38.22 15.84
C CYS W 705 -49.67 -37.50 16.29
N GLN W 706 -48.52 -38.03 15.92
CA GLN W 706 -47.26 -37.41 16.32
C GLN W 706 -47.05 -36.09 15.60
N LEU W 707 -47.65 -35.92 14.42
CA LEU W 707 -47.57 -34.64 13.73
C LEU W 707 -48.50 -33.62 14.39
N ILE W 708 -49.70 -34.04 14.75
CA ILE W 708 -50.63 -33.12 15.40
C ILE W 708 -50.07 -32.68 16.75
N SER W 709 -49.49 -33.61 17.49
CA SER W 709 -48.99 -33.31 18.83
C SER W 709 -47.88 -32.28 18.78
N THR W 710 -47.11 -32.25 17.70
CA THR W 710 -46.05 -31.25 17.59
C THR W 710 -46.62 -29.89 17.22
N LEU W 711 -47.57 -29.87 16.29
CA LEU W 711 -48.12 -28.58 15.85
C LEU W 711 -48.98 -27.96 16.94
N VAL W 712 -49.67 -28.79 17.74
CA VAL W 712 -50.38 -28.27 18.89
C VAL W 712 -49.42 -27.76 19.95
N GLU W 713 -48.28 -28.44 20.13
CA GLU W 713 -47.32 -28.03 21.13
C GLU W 713 -46.78 -26.64 20.83
N SER W 714 -46.47 -26.36 19.57
CA SER W 714 -46.05 -25.02 19.19
C SER W 714 -47.16 -24.01 19.44
N SER W 715 -48.40 -24.40 19.18
CA SER W 715 -49.55 -23.54 19.46
C SER W 715 -50.82 -24.34 19.26
N PHE W 716 -51.80 -24.08 20.09
CA PHE W 716 -53.16 -24.49 19.75
C PHE W 716 -53.75 -23.35 18.94
N PRO W 717 -53.76 -23.47 17.62
CA PRO W 717 -53.93 -22.28 16.76
C PRO W 717 -55.29 -21.65 16.93
N THR W 718 -55.35 -20.39 16.52
CA THR W 718 -56.61 -19.68 16.44
C THR W 718 -57.52 -20.36 15.42
N ASN W 719 -58.74 -19.85 15.31
CA ASN W 719 -59.79 -20.56 14.57
C ASN W 719 -59.31 -21.08 13.22
N LEU W 720 -59.29 -22.41 13.07
CA LEU W 720 -58.71 -23.04 11.88
C LEU W 720 -59.72 -23.07 10.73
N GLY W 721 -59.79 -21.95 10.02
CA GLY W 721 -60.61 -21.91 8.82
C GLY W 721 -61.95 -21.26 9.04
N ALA W 722 -62.06 -19.98 8.67
CA ALA W 722 -63.34 -19.31 8.68
C ALA W 722 -63.94 -19.31 7.28
N GLY W 723 -65.25 -19.17 7.21
CA GLY W 723 -65.93 -19.19 5.93
C GLY W 723 -66.20 -20.60 5.43
N LEU W 724 -65.15 -21.41 5.31
CA LEU W 724 -65.31 -22.80 4.90
C LEU W 724 -66.17 -23.54 5.90
N ARG W 725 -65.72 -23.60 7.15
CA ARG W 725 -66.43 -24.28 8.22
C ARG W 725 -66.90 -23.29 9.26
N ALA W 726 -67.46 -23.78 10.37
CA ALA W 726 -67.60 -22.98 11.58
C ALA W 726 -66.26 -23.02 12.28
N PRO W 727 -65.75 -21.89 12.70
CA PRO W 727 -64.35 -21.80 13.13
C PRO W 727 -63.95 -22.78 14.22
N GLY W 728 -62.67 -23.07 14.32
CA GLY W 728 -62.19 -23.87 15.43
C GLY W 728 -61.36 -25.04 14.97
N PHE W 729 -60.73 -25.71 15.94
CA PHE W 729 -59.98 -26.94 15.73
C PHE W 729 -60.81 -28.18 16.02
N GLU W 730 -62.09 -28.00 16.32
CA GLU W 730 -62.94 -29.09 16.81
C GLU W 730 -63.00 -30.29 15.88
N PRO W 731 -63.22 -30.16 14.57
CA PRO W 731 -63.37 -31.35 13.74
C PRO W 731 -62.17 -32.28 13.79
N TYR W 732 -60.96 -31.76 13.90
CA TYR W 732 -59.81 -32.63 14.13
C TYR W 732 -59.97 -33.37 15.44
N LEU W 733 -60.37 -32.67 16.49
CA LEU W 733 -60.52 -33.29 17.80
C LEU W 733 -61.56 -34.39 17.77
N GLN W 734 -62.72 -34.12 17.18
CA GLN W 734 -63.81 -35.08 17.21
C GLN W 734 -63.43 -36.36 16.47
N PHE W 735 -62.58 -36.25 15.46
CA PHE W 735 -62.18 -37.44 14.72
C PHE W 735 -61.21 -38.28 15.52
N LEU W 736 -60.12 -37.67 15.96
CA LEU W 736 -59.09 -38.40 16.69
C LEU W 736 -59.73 -39.09 17.88
N ARG W 737 -60.37 -38.30 18.74
CA ARG W 737 -60.92 -38.81 19.98
C ARG W 737 -61.88 -39.98 19.73
N ASP W 738 -62.92 -39.74 18.93
CA ASP W 738 -63.92 -40.78 18.73
C ASP W 738 -63.29 -42.03 18.14
N THR W 739 -62.71 -41.90 16.95
CA THR W 739 -62.24 -43.09 16.23
C THR W 739 -61.23 -43.87 17.05
N VAL W 740 -60.06 -43.27 17.28
CA VAL W 740 -58.93 -44.04 17.81
C VAL W 740 -59.26 -44.64 19.17
N PHE W 741 -59.93 -43.88 20.03
CA PHE W 741 -60.26 -44.42 21.35
C PHE W 741 -61.23 -45.59 21.24
N LEU W 742 -61.98 -45.68 20.15
CA LEU W 742 -62.81 -46.85 19.94
C LEU W 742 -61.97 -48.03 19.49
N ARG W 743 -61.07 -47.80 18.53
CA ARG W 743 -60.20 -48.88 18.06
C ARG W 743 -59.32 -49.39 19.18
N TYR W 744 -58.73 -48.46 19.94
CA TYR W 744 -57.97 -48.76 21.14
C TYR W 744 -58.61 -49.94 21.84
N ARG W 745 -59.93 -49.90 21.99
CA ARG W 745 -60.64 -51.03 22.55
C ARG W 745 -60.69 -52.17 21.55
N THR W 746 -61.22 -51.93 20.35
CA THR W 746 -61.58 -53.02 19.45
C THR W 746 -61.07 -52.76 18.03
N ARG W 747 -59.86 -53.24 17.73
CA ARG W 747 -59.38 -53.43 16.37
C ARG W 747 -58.25 -54.46 16.45
N ALA W 748 -57.83 -54.94 15.28
CA ALA W 748 -56.88 -56.05 15.19
C ALA W 748 -55.45 -55.56 15.04
N TYR W 749 -54.53 -56.28 15.69
CA TYR W 749 -53.11 -55.96 15.65
C TYR W 749 -52.34 -57.25 15.46
N ARG W 750 -51.42 -57.25 14.50
CA ARG W 750 -50.61 -58.43 14.23
C ARG W 750 -49.67 -58.72 15.38
N ARG W 751 -48.89 -57.73 15.78
CA ARG W 751 -48.02 -57.83 16.94
C ARG W 751 -48.79 -57.36 18.17
N ALA W 752 -48.87 -58.21 19.19
CA ALA W 752 -49.65 -57.85 20.37
C ALA W 752 -49.12 -56.58 21.04
N ALA W 753 -47.88 -56.21 20.75
CA ALA W 753 -47.31 -55.01 21.34
C ALA W 753 -47.78 -53.74 20.63
N GLU W 754 -48.39 -53.89 19.46
CA GLU W 754 -48.80 -52.70 18.71
C GLU W 754 -50.04 -52.06 19.31
N LYS W 755 -50.91 -52.85 19.92
CA LYS W 755 -52.11 -52.31 20.52
C LYS W 755 -51.77 -51.33 21.63
N TRP W 756 -50.73 -51.62 22.41
CA TRP W 756 -50.36 -50.73 23.49
C TRP W 756 -49.62 -49.51 23.00
N GLU W 757 -48.87 -49.63 21.90
CA GLU W 757 -48.16 -48.47 21.38
C GLU W 757 -49.14 -47.43 20.85
N VAL W 758 -50.14 -47.86 20.09
CA VAL W 758 -51.12 -46.92 19.57
C VAL W 758 -51.83 -46.22 20.71
N ALA W 759 -52.04 -46.92 21.82
CA ALA W 759 -52.65 -46.29 22.99
C ALA W 759 -51.71 -45.27 23.62
N GLU W 760 -50.40 -45.52 23.56
CA GLU W 760 -49.45 -44.60 24.16
C GLU W 760 -49.35 -43.32 23.35
N ALA W 761 -49.41 -43.42 22.03
CA ALA W 761 -49.20 -42.26 21.19
C ALA W 761 -50.38 -41.29 21.27
N VAL W 762 -51.56 -41.78 21.62
CA VAL W 762 -52.73 -40.92 21.66
C VAL W 762 -52.90 -40.30 23.04
N LEU W 763 -52.70 -41.09 24.08
CA LEU W 763 -52.87 -40.56 25.43
C LEU W 763 -51.81 -39.52 25.77
N ASP W 764 -50.70 -39.52 25.03
CA ASP W 764 -49.70 -38.48 25.24
C ASP W 764 -50.17 -37.15 24.68
N VAL W 765 -51.08 -37.18 23.71
CA VAL W 765 -51.57 -35.94 23.12
C VAL W 765 -52.69 -35.35 23.96
N PHE W 766 -53.57 -36.20 24.49
CA PHE W 766 -54.60 -35.71 25.39
C PHE W 766 -54.00 -35.19 26.68
N TYR W 767 -52.79 -35.64 27.02
CA TYR W 767 -52.18 -35.24 28.28
C TYR W 767 -51.56 -33.86 28.19
N LYS W 768 -50.91 -33.56 27.06
CA LYS W 768 -50.32 -32.24 26.91
C LYS W 768 -51.37 -31.21 26.53
N LEU W 769 -52.51 -31.67 26.00
CA LEU W 769 -53.60 -30.76 25.72
C LEU W 769 -54.27 -30.29 27.00
N LEU W 770 -54.37 -31.18 27.98
CA LEU W 770 -54.97 -30.84 29.26
C LEU W 770 -53.98 -30.12 30.18
N LYS W 771 -52.71 -30.54 30.14
CA LYS W 771 -51.72 -30.00 31.06
C LYS W 771 -51.59 -28.49 30.92
N ASP W 772 -51.70 -27.97 29.70
CA ASP W 772 -51.61 -26.54 29.49
C ASP W 772 -52.97 -25.85 29.49
N TYR W 773 -54.04 -26.56 29.85
CA TYR W 773 -55.38 -26.01 29.77
C TYR W 773 -55.80 -25.41 31.11
N GLU W 774 -56.36 -24.21 31.04
CA GLU W 774 -56.92 -23.52 32.19
C GLU W 774 -58.37 -23.13 31.91
N PRO W 775 -59.30 -23.48 32.79
CA PRO W 775 -60.71 -23.16 32.52
C PRO W 775 -60.96 -21.68 32.69
N GLN W 776 -61.72 -21.12 31.75
CA GLN W 776 -62.06 -19.71 31.82
C GLN W 776 -63.58 -19.56 31.97
N PRO W 777 -64.05 -18.51 32.65
CA PRO W 777 -65.49 -18.32 32.78
C PRO W 777 -66.17 -18.08 31.45
N GLU W 778 -65.44 -17.56 30.46
CA GLU W 778 -66.00 -17.38 29.13
C GLU W 778 -66.16 -18.72 28.41
N ASP W 779 -65.52 -19.77 28.90
CA ASP W 779 -65.67 -21.08 28.29
C ASP W 779 -67.05 -21.68 28.52
N PHE W 780 -67.84 -21.10 29.42
CA PHE W 780 -69.13 -21.64 29.79
C PHE W 780 -70.29 -20.90 29.13
N VAL W 781 -70.07 -19.71 28.59
CA VAL W 781 -71.08 -19.06 27.76
C VAL W 781 -70.96 -19.64 26.36
N ASP W 782 -72.09 -20.04 25.79
CA ASP W 782 -72.10 -20.73 24.50
C ASP W 782 -72.82 -19.89 23.46
N GLN W 783 -72.27 -19.88 22.25
CA GLN W 783 -72.81 -19.17 21.11
C GLN W 783 -73.32 -20.16 20.09
N TYR W 784 -74.32 -19.73 19.33
CA TYR W 784 -74.94 -20.55 18.29
C TYR W 784 -74.60 -19.95 16.93
N VAL W 785 -73.63 -20.55 16.25
CA VAL W 785 -73.23 -20.11 14.92
C VAL W 785 -74.18 -20.74 13.91
N GLU W 786 -74.72 -19.93 13.01
CA GLU W 786 -75.72 -20.38 12.04
C GLU W 786 -75.02 -21.03 10.86
N LEU W 787 -75.13 -22.35 10.77
CA LEU W 787 -74.47 -23.13 9.72
C LEU W 787 -75.52 -23.64 8.75
N GLN W 788 -75.49 -23.10 7.53
CA GLN W 788 -76.36 -23.57 6.43
C GLN W 788 -77.84 -23.46 6.81
N GLY W 789 -78.15 -22.51 7.67
CA GLY W 789 -79.50 -22.34 8.16
C GLY W 789 -79.82 -23.11 9.42
N GLU W 790 -78.91 -23.94 9.90
CA GLU W 790 -79.12 -24.73 11.12
C GLU W 790 -78.23 -24.18 12.22
N GLU W 791 -78.86 -23.66 13.28
CA GLU W 791 -78.11 -23.11 14.39
C GLU W 791 -77.42 -24.23 15.16
N ARG W 792 -76.13 -24.42 14.91
CA ARG W 792 -75.32 -25.39 15.62
C ARG W 792 -74.48 -24.67 16.66
N VAL W 793 -74.48 -25.19 17.88
CA VAL W 793 -73.70 -24.57 18.95
C VAL W 793 -72.24 -24.51 18.51
N ALA W 794 -71.56 -23.45 18.89
CA ALA W 794 -70.19 -23.24 18.45
C ALA W 794 -69.27 -24.28 19.05
N PHE W 795 -67.98 -24.20 18.72
CA PHE W 795 -67.00 -25.18 19.16
C PHE W 795 -66.30 -24.63 20.40
N LYS W 796 -66.76 -25.09 21.57
CA LYS W 796 -66.31 -24.64 22.89
C LYS W 796 -64.81 -24.84 23.03
N PRO W 797 -64.16 -24.22 24.01
CA PRO W 797 -62.73 -24.44 24.21
C PRO W 797 -62.41 -25.92 24.28
N PRO W 798 -61.25 -26.33 23.79
CA PRO W 798 -60.93 -27.75 23.77
C PRO W 798 -61.16 -28.41 25.11
N GLY W 799 -60.84 -27.69 26.19
CA GLY W 799 -60.99 -28.25 27.51
C GLY W 799 -62.42 -28.53 27.92
N PHE W 800 -63.33 -27.58 27.70
CA PHE W 800 -64.69 -27.76 28.19
C PHE W 800 -65.40 -28.89 27.47
N SER W 801 -65.15 -29.02 26.17
CA SER W 801 -65.76 -30.12 25.45
C SER W 801 -65.08 -31.44 25.78
N LEU W 802 -63.83 -31.38 26.21
CA LEU W 802 -63.11 -32.60 26.55
C LEU W 802 -63.49 -33.09 27.94
N MET W 803 -63.41 -32.21 28.93
CA MET W 803 -63.66 -32.64 30.31
C MET W 803 -65.10 -33.07 30.51
N HIS W 804 -66.02 -32.48 29.76
CA HIS W 804 -67.44 -32.85 29.91
C HIS W 804 -67.67 -34.29 29.49
N HIS W 805 -66.78 -34.83 28.67
CA HIS W 805 -66.90 -36.24 28.30
C HIS W 805 -66.21 -37.13 29.32
N LEU W 806 -65.27 -36.58 30.11
CA LEU W 806 -64.55 -37.35 31.10
C LEU W 806 -65.19 -37.26 32.48
N LEU W 807 -65.77 -36.10 32.81
CA LEU W 807 -66.31 -35.87 34.15
C LEU W 807 -67.52 -36.75 34.43
N ASN W 808 -68.06 -37.38 33.40
CA ASN W 808 -69.07 -38.40 33.56
C ASN W 808 -68.42 -39.75 33.35
N GLU W 809 -69.21 -40.82 33.30
CA GLU W 809 -68.67 -42.16 33.18
C GLU W 809 -68.56 -42.62 31.74
N SER W 810 -68.40 -41.69 30.79
CA SER W 810 -68.29 -42.03 29.38
C SER W 810 -67.12 -42.96 29.17
N PRO W 811 -67.10 -43.76 28.11
CA PRO W 811 -66.05 -44.78 27.97
C PRO W 811 -64.64 -44.23 27.98
N MET W 812 -64.49 -42.92 27.75
CA MET W 812 -63.17 -42.31 27.91
C MET W 812 -62.61 -42.60 29.29
N LEU W 813 -63.46 -42.54 30.32
CA LEU W 813 -63.01 -42.87 31.66
C LEU W 813 -62.86 -44.38 31.83
N GLU W 814 -63.88 -45.15 31.41
CA GLU W 814 -63.82 -46.60 31.57
C GLU W 814 -62.63 -47.18 30.84
N LEU W 815 -62.28 -46.61 29.70
CA LEU W 815 -61.12 -47.12 28.97
C LEU W 815 -59.82 -46.75 29.67
N CYS W 816 -59.75 -45.53 30.22
CA CYS W 816 -58.57 -45.15 30.99
C CYS W 816 -58.42 -46.04 32.21
N LEU W 817 -59.52 -46.33 32.90
CA LEU W 817 -59.45 -47.19 34.07
C LEU W 817 -59.20 -48.64 33.65
N SER W 818 -59.71 -49.05 32.49
CA SER W 818 -59.48 -50.41 32.04
C SER W 818 -58.06 -50.60 31.54
N LEU W 819 -57.41 -49.51 31.14
CA LEU W 819 -56.03 -49.62 30.68
C LEU W 819 -55.07 -49.74 31.84
N MET W 820 -55.29 -48.96 32.90
CA MET W 820 -54.45 -49.08 34.08
C MET W 820 -54.56 -50.47 34.69
N GLU W 821 -55.78 -50.98 34.83
CA GLU W 821 -55.95 -52.34 35.32
C GLU W 821 -55.27 -53.33 34.40
N GLU W 822 -55.26 -53.05 33.10
CA GLU W 822 -54.56 -53.94 32.19
C GLU W 822 -53.05 -53.75 32.31
N GLY W 823 -52.62 -52.54 32.65
CA GLY W 823 -51.19 -52.32 32.83
C GLY W 823 -50.64 -53.06 34.02
N VAL W 824 -51.36 -53.01 35.15
CA VAL W 824 -50.91 -53.72 36.34
C VAL W 824 -50.96 -55.22 36.12
N THR W 825 -52.05 -55.71 35.54
CA THR W 825 -52.19 -57.16 35.40
C THR W 825 -51.12 -57.74 34.51
N GLN W 826 -50.49 -56.91 33.68
CA GLN W 826 -49.41 -57.41 32.83
C GLN W 826 -48.08 -57.33 33.53
N LEU W 827 -47.86 -56.30 34.34
CA LEU W 827 -46.60 -56.18 35.05
C LEU W 827 -46.50 -57.19 36.19
N ASP W 828 -47.64 -57.55 36.78
CA ASP W 828 -47.65 -58.51 37.87
C ASP W 828 -46.98 -59.80 37.45
N THR W 829 -47.09 -60.14 36.16
CA THR W 829 -46.45 -61.35 35.65
C THR W 829 -44.94 -61.20 35.69
N TYR W 830 -44.44 -59.97 35.70
CA TYR W 830 -43.00 -59.71 35.74
C TYR W 830 -42.28 -60.46 34.64
N ALA W 831 -42.82 -60.40 33.43
CA ALA W 831 -42.21 -61.08 32.30
C ALA W 831 -41.80 -60.07 31.26
N PRO W 832 -41.09 -60.52 30.23
CA PRO W 832 -40.76 -59.58 29.15
C PRO W 832 -41.95 -59.42 28.24
N PHE W 833 -42.92 -58.63 28.69
CA PHE W 833 -44.13 -58.34 27.92
C PHE W 833 -43.75 -57.59 26.65
N PRO W 834 -44.23 -58.06 25.50
CA PRO W 834 -43.93 -57.28 24.31
C PRO W 834 -44.47 -55.87 24.48
N GLY W 835 -43.62 -54.86 24.31
CA GLY W 835 -44.04 -53.49 24.50
C GLY W 835 -44.31 -53.13 25.94
N LYS W 836 -43.53 -53.70 26.86
CA LYS W 836 -43.68 -53.36 28.28
C LYS W 836 -43.28 -51.93 28.56
N LYS W 837 -42.18 -51.48 27.98
CA LYS W 837 -41.74 -50.10 28.16
C LYS W 837 -42.75 -49.14 27.54
N HIS W 838 -43.28 -49.50 26.37
CA HIS W 838 -44.29 -48.67 25.71
C HIS W 838 -45.54 -48.58 26.56
N LEU W 839 -45.84 -49.60 27.34
CA LEU W 839 -47.02 -49.55 28.19
C LEU W 839 -46.78 -48.72 29.43
N GLU W 840 -45.53 -48.67 29.91
CA GLU W 840 -45.24 -47.82 31.06
C GLU W 840 -45.47 -46.36 30.70
N LYS W 841 -45.04 -45.93 29.52
CA LYS W 841 -45.23 -44.55 29.12
C LYS W 841 -46.71 -44.24 28.94
N ALA W 842 -47.50 -45.20 28.48
CA ALA W 842 -48.93 -44.94 28.31
C ALA W 842 -49.60 -44.77 29.65
N VAL W 843 -49.35 -45.67 30.59
CA VAL W 843 -50.01 -45.59 31.89
C VAL W 843 -49.51 -44.40 32.68
N ALA W 844 -48.23 -44.08 32.56
CA ALA W 844 -47.75 -42.83 33.16
C ALA W 844 -48.44 -41.64 32.52
N TYR W 845 -48.71 -41.71 31.22
CA TYR W 845 -49.46 -40.64 30.58
C TYR W 845 -50.90 -40.63 31.06
N CYS W 846 -51.44 -41.79 31.42
CA CYS W 846 -52.81 -41.86 31.89
C CYS W 846 -52.96 -41.25 33.27
N PHE W 847 -52.03 -41.57 34.17
CA PHE W 847 -52.11 -41.04 35.52
C PHE W 847 -51.92 -39.53 35.55
N MET W 848 -50.98 -39.01 34.74
CA MET W 848 -50.81 -37.57 34.70
C MET W 848 -52.05 -36.88 34.15
N LEU W 849 -52.84 -37.59 33.35
CA LEU W 849 -54.14 -37.06 32.96
C LEU W 849 -55.04 -36.94 34.17
N LEU W 850 -55.02 -37.94 35.04
CA LEU W 850 -55.89 -37.94 36.20
C LEU W 850 -55.42 -36.93 37.24
N ASN W 851 -54.10 -36.85 37.44
CA ASN W 851 -53.57 -35.95 38.47
C ASN W 851 -53.92 -34.51 38.16
N LEU W 852 -53.80 -34.12 36.89
CA LEU W 852 -54.06 -32.73 36.53
C LEU W 852 -55.54 -32.41 36.51
N THR W 853 -56.38 -33.44 36.35
CA THR W 853 -57.81 -33.18 36.23
C THR W 853 -58.37 -32.60 37.52
N LEU W 854 -58.02 -33.19 38.67
CA LEU W 854 -58.62 -32.76 39.93
C LEU W 854 -58.34 -31.29 40.20
N GLN W 855 -57.14 -30.82 39.88
CA GLN W 855 -56.83 -29.42 40.13
C GLN W 855 -57.69 -28.51 39.27
N LYS W 856 -57.90 -28.88 38.00
CA LYS W 856 -58.78 -28.11 37.14
C LYS W 856 -60.24 -28.48 37.33
N GLU W 857 -60.52 -29.53 38.11
CA GLU W 857 -61.91 -29.92 38.36
C GLU W 857 -62.57 -28.99 39.37
N ASN W 858 -61.86 -28.67 40.46
CA ASN W 858 -62.41 -27.74 41.43
C ASN W 858 -62.64 -26.38 40.81
N ARG W 859 -61.77 -25.99 39.86
CA ARG W 859 -61.95 -24.72 39.20
C ARG W 859 -63.17 -24.74 38.29
N PHE W 860 -63.25 -25.75 37.40
CA PHE W 860 -64.33 -25.79 36.42
C PHE W 860 -65.68 -25.97 37.08
N MET W 861 -65.80 -26.88 38.05
CA MET W 861 -67.05 -27.06 38.76
C MET W 861 -67.52 -25.74 39.36
N ASP W 862 -66.58 -24.93 39.83
CA ASP W 862 -66.93 -23.62 40.37
C ASP W 862 -67.47 -22.72 39.28
N LEU W 863 -66.73 -22.59 38.18
CA LEU W 863 -67.19 -21.76 37.07
C LEU W 863 -68.47 -22.32 36.47
N LEU W 864 -68.65 -23.64 36.57
CA LEU W 864 -69.88 -24.26 36.07
C LEU W 864 -71.07 -23.85 36.90
N ARG W 865 -70.88 -23.80 38.23
CA ARG W 865 -71.98 -23.47 39.12
C ARG W 865 -72.38 -22.00 38.98
N GLU W 866 -71.45 -21.15 38.54
CA GLU W 866 -71.74 -19.73 38.36
C GLU W 866 -72.46 -19.46 37.05
N SER W 867 -72.12 -20.21 35.99
CA SER W 867 -72.61 -19.88 34.66
C SER W 867 -73.98 -20.48 34.37
N HIS W 868 -74.51 -21.30 35.25
CA HIS W 868 -75.82 -21.92 35.10
C HIS W 868 -75.91 -22.77 33.84
N LEU W 869 -74.80 -23.33 33.38
CA LEU W 869 -74.83 -24.29 32.28
C LEU W 869 -75.56 -25.54 32.73
N SER W 870 -76.39 -26.10 31.85
CA SER W 870 -77.17 -27.28 32.21
C SER W 870 -76.31 -28.54 32.14
N MET W 871 -75.01 -28.37 31.95
CA MET W 871 -74.09 -29.50 31.93
C MET W 871 -73.95 -30.08 33.33
N ILE W 872 -74.20 -31.37 33.46
CA ILE W 872 -74.13 -32.05 34.75
C ILE W 872 -72.77 -32.70 34.90
N VAL W 873 -72.08 -32.39 35.99
CA VAL W 873 -70.76 -32.95 36.28
C VAL W 873 -70.79 -33.61 37.65
N THR W 874 -69.96 -34.62 37.82
CA THR W 874 -69.75 -35.34 39.05
C THR W 874 -68.30 -35.19 39.48
N PRO W 875 -68.02 -34.89 40.74
CA PRO W 875 -66.63 -34.74 41.16
C PRO W 875 -65.86 -36.03 40.94
N LEU W 876 -64.57 -35.90 40.68
CA LEU W 876 -63.78 -37.07 40.32
C LEU W 876 -63.59 -38.01 41.50
N GLU W 877 -63.80 -37.52 42.72
CA GLU W 877 -63.64 -38.35 43.90
C GLU W 877 -64.75 -39.37 44.04
N GLN W 878 -65.99 -38.97 43.73
CA GLN W 878 -67.10 -39.90 43.77
C GLN W 878 -67.13 -40.78 42.53
N LEU W 879 -66.43 -40.38 41.48
CA LEU W 879 -66.36 -41.22 40.29
C LEU W 879 -65.38 -42.36 40.50
N LEU W 880 -64.23 -42.08 41.10
CA LEU W 880 -63.27 -43.13 41.37
C LEU W 880 -63.86 -44.26 42.19
N GLN W 881 -64.92 -43.99 42.94
CA GLN W 881 -65.68 -45.04 43.60
C GLN W 881 -66.81 -45.58 42.73
N GLY W 882 -66.92 -45.13 41.49
CA GLY W 882 -67.96 -45.60 40.59
C GLY W 882 -67.82 -47.07 40.29
N ILE W 883 -68.92 -47.74 40.00
CA ILE W 883 -68.92 -49.20 39.88
C ILE W 883 -68.15 -49.61 38.63
N ASN W 884 -67.08 -50.36 38.83
CA ASN W 884 -66.29 -50.88 37.72
C ASN W 884 -67.10 -51.93 36.98
N PRO W 885 -67.30 -51.80 35.66
CA PRO W 885 -68.14 -52.78 34.95
C PRO W 885 -67.53 -54.16 34.83
N ARG W 886 -66.20 -54.28 34.79
CA ARG W 886 -65.56 -55.58 34.64
C ARG W 886 -65.61 -56.38 35.93
N SER W 887 -65.17 -55.77 37.04
CA SER W 887 -65.13 -56.44 38.32
C SER W 887 -66.42 -56.31 39.10
N LYS W 888 -67.34 -55.44 38.67
CA LYS W 888 -68.62 -55.19 39.32
C LYS W 888 -68.47 -54.67 40.75
N LYS W 889 -67.25 -54.31 41.15
CA LYS W 889 -67.00 -53.81 42.49
C LYS W 889 -66.45 -52.40 42.43
N ALA W 890 -66.06 -51.86 43.59
CA ALA W 890 -65.44 -50.55 43.67
C ALA W 890 -63.92 -50.64 43.73
N ASP W 891 -63.34 -51.60 43.02
CA ASP W 891 -61.94 -51.98 43.13
C ASP W 891 -61.00 -50.96 42.55
N ASN W 892 -61.45 -49.74 42.26
CA ASN W 892 -60.53 -48.72 41.77
C ASN W 892 -59.39 -48.50 42.74
N VAL W 893 -59.72 -48.35 44.02
CA VAL W 893 -58.68 -48.23 45.04
C VAL W 893 -57.76 -49.44 45.00
N VAL W 894 -58.28 -50.62 44.67
CA VAL W 894 -57.46 -51.81 44.59
C VAL W 894 -56.45 -51.66 43.46
N ASN W 895 -56.91 -51.19 42.30
CA ASN W 895 -56.01 -51.08 41.15
C ASN W 895 -55.03 -49.95 41.34
N ILE W 896 -55.42 -48.90 42.05
CA ILE W 896 -54.53 -47.75 42.25
C ILE W 896 -53.43 -48.16 43.22
N ALA W 897 -53.80 -48.86 44.28
CA ALA W 897 -52.82 -49.26 45.28
C ALA W 897 -51.79 -50.20 44.70
N ARG W 898 -52.19 -51.04 43.76
CA ARG W 898 -51.26 -51.97 43.14
C ARG W 898 -50.15 -51.23 42.42
N TYR W 899 -50.29 -49.92 42.23
CA TYR W 899 -49.21 -49.14 41.68
C TYR W 899 -48.06 -48.99 42.66
N LEU W 900 -48.27 -49.31 43.93
CA LEU W 900 -47.19 -49.21 44.92
C LEU W 900 -46.21 -50.35 44.81
N CYS W 901 -46.69 -51.59 44.70
CA CYS W 901 -45.79 -52.72 44.51
C CYS W 901 -44.80 -52.48 43.37
N HIS W 902 -45.15 -51.60 42.43
CA HIS W 902 -44.26 -51.17 41.37
C HIS W 902 -43.45 -49.95 41.75
N GLY W 903 -43.35 -49.63 43.03
CA GLY W 903 -42.52 -48.53 43.46
C GLY W 903 -41.04 -48.79 43.31
N ASN W 904 -40.66 -50.05 43.06
CA ASN W 904 -39.27 -50.42 42.78
C ASN W 904 -39.00 -50.57 41.31
N SER W 905 -39.88 -51.26 40.59
CA SER W 905 -39.76 -51.50 39.16
C SER W 905 -40.05 -50.27 38.35
N ASN W 906 -40.45 -49.19 38.99
CA ASN W 906 -40.86 -47.98 38.28
C ASN W 906 -40.86 -46.80 39.23
N ALA W 907 -39.97 -45.85 39.02
CA ALA W 907 -39.98 -44.69 39.91
C ALA W 907 -41.05 -43.69 39.51
N GLU W 908 -41.30 -43.51 38.21
CA GLU W 908 -42.28 -42.53 37.78
C GLU W 908 -43.69 -42.96 38.14
N LEU W 909 -43.97 -44.25 38.11
CA LEU W 909 -45.30 -44.72 38.48
C LEU W 909 -45.55 -44.51 39.96
N ALA W 910 -44.50 -44.53 40.78
CA ALA W 910 -44.69 -44.33 42.21
C ALA W 910 -45.05 -42.88 42.51
N PHE W 911 -44.39 -41.94 41.86
CA PHE W 911 -44.72 -40.53 42.09
C PHE W 911 -46.09 -40.20 41.54
N GLU W 912 -46.44 -40.77 40.39
CA GLU W 912 -47.75 -40.47 39.81
C GLU W 912 -48.86 -41.07 40.65
N SER W 913 -48.62 -42.24 41.24
CA SER W 913 -49.65 -42.88 42.05
C SER W 913 -49.94 -42.09 43.31
N ALA W 914 -48.88 -41.61 43.97
CA ALA W 914 -49.10 -40.86 45.20
C ALA W 914 -49.80 -39.54 44.93
N LYS W 915 -49.45 -38.88 43.82
CA LYS W 915 -50.05 -37.58 43.51
C LYS W 915 -51.55 -37.71 43.30
N ILE W 916 -52.02 -38.89 42.95
CA ILE W 916 -53.46 -39.09 42.85
C ILE W 916 -54.04 -39.45 44.21
N LEU W 917 -53.30 -40.24 45.00
CA LEU W 917 -53.78 -40.60 46.32
C LEU W 917 -53.95 -39.38 47.21
N CYS W 918 -52.99 -38.44 47.13
CA CYS W 918 -53.08 -37.22 47.91
C CYS W 918 -54.21 -36.33 47.43
N SER W 919 -54.52 -36.37 46.14
CA SER W 919 -55.59 -35.53 45.62
C SER W 919 -56.96 -36.07 46.01
N ILE W 920 -57.07 -37.39 46.15
CA ILE W 920 -58.33 -37.99 46.61
C ILE W 920 -58.63 -37.58 48.04
N SER W 921 -57.60 -37.58 48.88
CA SER W 921 -57.73 -37.26 50.30
C SER W 921 -58.28 -35.86 50.53
N CYS W 922 -58.29 -35.03 49.50
CA CYS W 922 -58.74 -33.65 49.60
C CYS W 922 -60.12 -33.52 50.23
N ASN W 923 -61.03 -34.44 49.93
CA ASN W 923 -62.38 -34.39 50.48
C ASN W 923 -62.49 -35.38 51.63
N SER W 924 -63.61 -35.31 52.34
CA SER W 924 -63.61 -35.74 53.73
C SER W 924 -64.17 -37.13 54.00
N LYS W 925 -65.45 -37.37 53.73
CA LYS W 925 -66.07 -38.57 54.23
C LYS W 925 -65.62 -39.82 53.50
N ILE W 926 -64.83 -39.66 52.45
CA ILE W 926 -64.44 -40.79 51.62
C ILE W 926 -63.52 -41.72 52.38
N GLN W 927 -62.87 -41.21 53.44
CA GLN W 927 -61.97 -42.04 54.22
C GLN W 927 -62.64 -43.32 54.69
N GLU W 928 -63.89 -43.22 55.12
CA GLU W 928 -64.59 -44.40 55.60
C GLU W 928 -64.76 -45.43 54.48
N LYS W 929 -65.10 -44.98 53.28
CA LYS W 929 -65.28 -45.92 52.19
C LYS W 929 -63.95 -46.50 51.73
N ILE W 930 -62.88 -45.74 51.83
CA ILE W 930 -61.58 -46.22 51.38
C ILE W 930 -61.09 -47.34 52.28
N VAL W 931 -61.25 -47.19 53.58
CA VAL W 931 -60.81 -48.23 54.51
C VAL W 931 -61.61 -49.51 54.28
N GLY W 932 -62.92 -49.38 54.12
CA GLY W 932 -63.74 -50.56 53.89
C GLY W 932 -63.25 -51.35 52.69
N ASP W 933 -62.74 -50.66 51.68
CA ASP W 933 -62.23 -51.36 50.50
C ASP W 933 -60.94 -52.09 50.82
N PHE W 934 -60.00 -51.39 51.46
CA PHE W 934 -58.70 -51.99 51.74
C PHE W 934 -58.82 -53.23 52.61
N THR W 935 -59.66 -53.18 53.62
CA THR W 935 -59.70 -54.24 54.62
C THR W 935 -60.76 -55.30 54.33
N GLN W 936 -61.32 -55.33 53.12
CA GLN W 936 -62.35 -56.32 52.83
C GLN W 936 -61.76 -57.72 52.85
N ASP W 937 -60.64 -57.92 52.20
CA ASP W 937 -60.02 -59.22 52.08
C ASP W 937 -58.66 -59.21 52.79
N GLN W 938 -58.37 -60.28 53.53
CA GLN W 938 -57.16 -60.33 54.32
C GLN W 938 -55.91 -60.18 53.46
N ASN W 939 -55.90 -60.81 52.31
CA ASN W 939 -54.74 -60.68 51.43
C ASN W 939 -54.62 -59.27 50.90
N VAL W 940 -55.75 -58.58 50.73
CA VAL W 940 -55.71 -57.23 50.16
C VAL W 940 -55.23 -56.22 51.19
N SER W 941 -55.68 -56.36 52.44
CA SER W 941 -55.27 -55.40 53.45
C SER W 941 -53.78 -55.49 53.72
N GLN W 942 -53.23 -56.70 53.75
CA GLN W 942 -51.82 -56.88 54.07
C GLN W 942 -50.95 -56.35 52.95
N LYS W 943 -51.12 -56.89 51.74
CA LYS W 943 -50.22 -56.56 50.64
C LYS W 943 -50.17 -55.06 50.40
N LEU W 944 -51.33 -54.41 50.41
CA LEU W 944 -51.37 -52.98 50.08
C LEU W 944 -50.70 -52.15 51.17
N MET W 945 -50.99 -52.47 52.44
CA MET W 945 -50.40 -51.70 53.53
C MET W 945 -48.89 -51.91 53.59
N VAL W 946 -48.44 -53.16 53.57
CA VAL W 946 -47.01 -53.43 53.62
C VAL W 946 -46.32 -53.07 52.31
N GLY W 947 -47.07 -53.00 51.21
CA GLY W 947 -46.49 -52.43 50.00
C GLY W 947 -46.13 -50.98 50.19
N PHE W 948 -46.96 -50.24 50.93
CA PHE W 948 -46.69 -48.85 51.26
C PHE W 948 -45.43 -48.72 52.09
N VAL W 949 -45.27 -49.62 53.05
CA VAL W 949 -44.15 -49.55 53.99
C VAL W 949 -42.83 -49.73 53.25
N SER W 950 -42.70 -50.84 52.53
CA SER W 950 -41.44 -51.14 51.85
C SER W 950 -41.06 -50.03 50.87
N CYS W 951 -42.05 -49.33 50.33
CA CYS W 951 -41.75 -48.26 49.37
C CYS W 951 -41.09 -47.08 50.06
N LEU W 952 -41.39 -46.88 51.34
CA LEU W 952 -40.76 -45.80 52.08
C LEU W 952 -39.37 -46.18 52.55
N ASP W 953 -39.04 -47.48 52.60
CA ASP W 953 -37.70 -47.92 52.94
C ASP W 953 -36.82 -47.73 51.71
N SER W 954 -36.57 -46.46 51.40
CA SER W 954 -35.77 -46.08 50.25
C SER W 954 -34.38 -46.68 50.28
N ASP W 969 -29.55 -40.54 36.45
CA ASP W 969 -30.20 -41.82 36.72
C ASP W 969 -30.51 -41.96 38.20
N GLN W 970 -29.51 -42.38 38.97
CA GLN W 970 -29.69 -42.54 40.41
C GLN W 970 -29.87 -41.20 41.12
N VAL W 971 -29.46 -40.10 40.49
CA VAL W 971 -29.72 -38.79 41.06
C VAL W 971 -31.21 -38.50 41.05
N LYS W 972 -31.89 -38.90 39.97
CA LYS W 972 -33.34 -38.75 39.90
C LYS W 972 -34.06 -39.93 40.54
N GLN W 973 -33.35 -41.02 40.87
CA GLN W 973 -33.98 -42.10 41.61
C GLN W 973 -34.18 -41.71 43.07
N THR W 974 -33.12 -41.18 43.71
CA THR W 974 -33.28 -40.72 45.08
C THR W 974 -34.22 -39.54 45.16
N ASN W 975 -34.17 -38.63 44.16
CA ASN W 975 -35.09 -37.50 44.14
C ASN W 975 -36.53 -37.99 44.11
N ILE W 976 -36.83 -38.95 43.23
CA ILE W 976 -38.18 -39.48 43.19
C ILE W 976 -38.47 -40.28 44.44
N ARG W 977 -37.47 -40.99 44.98
CA ARG W 977 -37.65 -41.62 46.27
C ARG W 977 -37.90 -40.59 47.35
N TYR W 978 -37.38 -39.38 47.17
CA TYR W 978 -37.64 -38.32 48.14
C TYR W 978 -39.09 -37.84 48.03
N MET W 979 -39.48 -37.37 46.85
CA MET W 979 -40.84 -36.85 46.69
C MET W 979 -41.89 -37.89 47.00
N THR W 980 -41.57 -39.17 46.80
CA THR W 980 -42.49 -40.22 47.20
C THR W 980 -42.72 -40.20 48.70
N LYS W 981 -41.66 -40.07 49.47
CA LYS W 981 -41.80 -39.99 50.91
C LYS W 981 -42.66 -38.82 51.30
N ILE W 982 -42.50 -37.68 50.63
CA ILE W 982 -43.25 -36.48 51.00
C ILE W 982 -44.73 -36.70 50.74
N HIS W 983 -45.09 -37.15 49.55
CA HIS W 983 -46.49 -37.33 49.22
C HIS W 983 -47.13 -38.39 50.11
N ILE W 984 -46.34 -39.27 50.69
CA ILE W 984 -46.90 -40.30 51.56
C ILE W 984 -47.06 -39.77 52.97
N LEU W 985 -46.17 -38.91 53.41
CA LEU W 985 -46.29 -38.37 54.75
C LEU W 985 -47.36 -37.30 54.83
N ASN W 986 -47.48 -36.47 53.81
CA ASN W 986 -48.56 -35.47 53.78
C ASN W 986 -49.92 -36.15 53.76
N LEU W 987 -50.01 -37.30 53.09
CA LEU W 987 -51.26 -38.05 53.08
C LEU W 987 -51.64 -38.53 54.47
N LEU W 988 -50.66 -38.96 55.25
CA LEU W 988 -50.95 -39.51 56.58
C LEU W 988 -51.39 -38.41 57.54
N ILE W 989 -50.85 -37.21 57.37
CA ILE W 989 -51.26 -36.09 58.23
C ILE W 989 -52.72 -35.75 57.99
N THR W 990 -53.03 -35.30 56.78
CA THR W 990 -54.36 -34.76 56.52
C THR W 990 -55.44 -35.77 56.86
N SER W 991 -55.22 -37.04 56.53
CA SER W 991 -56.23 -38.06 56.82
C SER W 991 -56.40 -38.26 58.31
N LEU W 992 -55.42 -37.84 59.10
CA LEU W 992 -55.45 -38.11 60.53
C LEU W 992 -56.30 -37.08 61.29
N GLU W 993 -56.13 -35.80 60.96
CA GLU W 993 -56.84 -34.75 61.67
C GLU W 993 -58.35 -34.88 61.51
N MET W 994 -58.79 -35.33 60.33
CA MET W 994 -60.22 -35.29 60.00
C MET W 994 -61.01 -36.28 60.85
N LYS W 995 -60.69 -37.57 60.74
CA LYS W 995 -61.59 -38.60 61.23
C LYS W 995 -60.78 -39.67 61.96
N ALA W 996 -61.49 -40.42 62.81
CA ALA W 996 -61.01 -41.60 63.49
C ALA W 996 -62.18 -42.48 63.91
N PRO W 997 -62.21 -43.74 63.49
CA PRO W 997 -61.24 -44.44 62.65
C PRO W 997 -61.36 -44.17 61.15
N ASN W 998 -60.23 -43.74 60.58
CA ASN W 998 -60.11 -43.43 59.17
C ASN W 998 -58.95 -44.22 58.60
N LEU W 999 -58.52 -43.84 57.40
CA LEU W 999 -57.41 -44.51 56.74
C LEU W 999 -56.17 -44.60 57.60
N ALA W 1000 -55.90 -43.56 58.39
CA ALA W 1000 -54.72 -43.58 59.26
C ALA W 1000 -54.81 -44.76 60.22
N MET W 1001 -56.02 -45.12 60.65
CA MET W 1001 -56.14 -46.20 61.62
C MET W 1001 -55.78 -47.55 61.02
N PHE W 1002 -56.04 -47.75 59.73
CA PHE W 1002 -55.69 -49.03 59.12
C PHE W 1002 -54.20 -49.12 58.88
N LEU W 1003 -53.57 -48.02 58.46
CA LEU W 1003 -52.17 -48.08 58.09
C LEU W 1003 -51.28 -48.20 59.31
N LEU W 1004 -51.58 -47.48 60.39
CA LEU W 1004 -50.71 -47.48 61.55
C LEU W 1004 -50.94 -48.69 62.44
N GLY W 1005 -50.95 -49.89 61.87
CA GLY W 1005 -51.10 -51.11 62.64
C GLY W 1005 -52.28 -51.18 63.61
N TYR W 1006 -53.17 -50.20 63.59
CA TYR W 1006 -54.31 -50.22 64.50
C TYR W 1006 -55.35 -51.24 64.06
N GLU W 1007 -56.05 -51.82 65.02
CA GLU W 1007 -57.14 -52.75 64.73
C GLU W 1007 -58.41 -51.93 64.54
N LEU W 1008 -59.20 -52.29 63.53
CA LEU W 1008 -60.45 -51.59 63.29
C LEU W 1008 -61.66 -52.38 63.76
N LYS W 1009 -61.54 -53.69 63.96
CA LYS W 1009 -62.66 -54.47 64.44
C LYS W 1009 -62.96 -54.20 65.90
N LYS W 1010 -61.98 -53.70 66.64
CA LYS W 1010 -62.14 -53.24 68.01
C LYS W 1010 -61.89 -51.74 68.06
N PRO W 1011 -62.42 -51.03 69.05
CA PRO W 1011 -62.16 -49.60 69.15
C PRO W 1011 -60.67 -49.32 69.20
N VAL W 1012 -60.26 -48.20 68.59
CA VAL W 1012 -58.84 -47.87 68.49
C VAL W 1012 -58.21 -47.71 69.86
N SER W 1013 -59.02 -47.45 70.90
CA SER W 1013 -58.46 -47.20 72.21
C SER W 1013 -57.89 -48.44 72.87
N THR W 1014 -58.19 -49.64 72.35
CA THR W 1014 -57.78 -50.87 73.00
C THR W 1014 -56.79 -51.69 72.18
N THR W 1015 -55.98 -51.04 71.36
CA THR W 1015 -55.00 -51.77 70.56
C THR W 1015 -53.74 -52.04 71.38
N ASN W 1016 -53.16 -53.22 71.18
CA ASN W 1016 -51.92 -53.62 71.83
C ASN W 1016 -50.82 -53.60 70.80
N LEU W 1017 -50.10 -52.49 70.72
CA LEU W 1017 -49.04 -52.33 69.73
C LEU W 1017 -47.80 -53.11 70.17
N GLN W 1018 -47.21 -53.87 69.24
CA GLN W 1018 -46.07 -54.71 69.53
C GLN W 1018 -44.96 -54.46 68.52
N ASP W 1019 -43.77 -54.98 68.84
CA ASP W 1019 -42.59 -54.78 68.02
C ASP W 1019 -42.69 -55.57 66.72
N SER W 1020 -42.01 -55.08 65.69
CA SER W 1020 -42.11 -55.66 64.35
C SER W 1020 -41.66 -57.11 64.35
N GLY W 1021 -42.60 -58.01 64.12
CA GLY W 1021 -42.26 -59.43 64.05
C GLY W 1021 -42.72 -60.21 65.26
N VAL W 1022 -42.72 -59.56 66.44
CA VAL W 1022 -43.09 -60.23 67.68
C VAL W 1022 -44.55 -60.66 67.62
N LEU W 1023 -44.80 -61.95 67.85
CA LEU W 1023 -46.15 -62.50 67.85
C LEU W 1023 -46.84 -62.27 66.51
N GLY W 1024 -46.12 -62.55 65.43
CA GLY W 1024 -46.69 -62.44 64.10
C GLY W 1024 -47.08 -61.02 63.72
N CYS W 1025 -46.52 -60.03 64.37
CA CYS W 1025 -46.90 -58.65 64.06
C CYS W 1025 -46.08 -58.14 62.89
N PRO W 1026 -46.71 -57.71 61.83
CA PRO W 1026 -45.94 -57.22 60.67
C PRO W 1026 -45.25 -55.91 60.99
N ARG W 1027 -44.09 -55.65 60.38
CA ARG W 1027 -43.41 -54.38 60.56
C ARG W 1027 -44.29 -53.27 60.01
N THR W 1028 -44.86 -52.46 60.89
CA THR W 1028 -45.91 -51.53 60.52
C THR W 1028 -45.33 -50.16 60.25
N CYS W 1029 -46.22 -49.22 59.88
CA CYS W 1029 -45.81 -47.84 59.68
C CYS W 1029 -45.42 -47.19 61.00
N LEU W 1030 -45.74 -47.84 62.11
CA LEU W 1030 -45.15 -47.45 63.39
C LEU W 1030 -43.68 -47.85 63.43
N HIS W 1031 -43.40 -49.14 63.21
CA HIS W 1031 -42.03 -49.62 63.30
C HIS W 1031 -41.16 -49.02 62.22
N SER W 1032 -41.76 -48.58 61.12
CA SER W 1032 -40.98 -47.99 60.04
C SER W 1032 -40.46 -46.62 60.43
N ILE W 1033 -41.34 -45.74 60.92
CA ILE W 1033 -40.91 -44.40 61.27
C ILE W 1033 -39.98 -44.44 62.48
N LEU W 1034 -40.20 -45.40 63.39
CA LEU W 1034 -39.28 -45.57 64.50
C LEU W 1034 -37.87 -45.86 64.02
N ASP W 1035 -37.74 -46.69 62.98
CA ASP W 1035 -36.43 -46.94 62.40
C ASP W 1035 -35.88 -45.68 61.73
N ILE W 1036 -36.76 -44.86 61.15
CA ILE W 1036 -36.33 -43.66 60.44
C ILE W 1036 -35.55 -42.76 61.37
N LEU W 1037 -36.19 -42.38 62.48
CA LEU W 1037 -35.56 -41.43 63.40
C LEU W 1037 -34.41 -42.06 64.15
N ARG W 1038 -34.41 -43.38 64.31
CA ARG W 1038 -33.47 -44.03 65.22
C ARG W 1038 -32.03 -43.88 64.74
N LYS W 1039 -31.82 -43.70 63.44
CA LYS W 1039 -30.47 -43.76 62.93
C LYS W 1039 -29.72 -42.44 63.05
N GLY W 1040 -29.75 -41.83 64.24
CA GLY W 1040 -28.89 -40.70 64.55
C GLY W 1040 -28.76 -39.71 63.41
N THR W 1041 -29.82 -38.98 63.09
CA THR W 1041 -29.95 -38.36 61.77
C THR W 1041 -28.94 -37.23 61.57
N ASP W 1042 -27.68 -37.63 61.54
CA ASP W 1042 -26.60 -36.81 60.99
C ASP W 1042 -26.48 -36.98 59.49
N VAL W 1043 -27.39 -37.75 58.87
CA VAL W 1043 -27.32 -37.99 57.45
C VAL W 1043 -27.53 -36.67 56.71
N ARG W 1044 -27.00 -36.60 55.48
CA ARG W 1044 -27.14 -35.38 54.69
C ARG W 1044 -28.60 -35.03 54.45
N ALA W 1045 -29.46 -36.04 54.30
CA ALA W 1045 -30.87 -35.79 54.04
C ALA W 1045 -31.50 -35.01 55.19
N GLY W 1046 -31.19 -35.41 56.42
CA GLY W 1046 -31.78 -34.79 57.58
C GLY W 1046 -33.28 -34.98 57.57
N PRO W 1047 -34.01 -34.06 58.19
CA PRO W 1047 -35.46 -34.11 58.14
C PRO W 1047 -35.97 -33.59 56.81
N VAL W 1048 -36.93 -34.28 56.20
CA VAL W 1048 -37.35 -33.88 54.86
C VAL W 1048 -38.06 -32.54 54.86
N ALA W 1049 -38.31 -31.97 56.03
CA ALA W 1049 -38.97 -30.68 56.12
C ALA W 1049 -38.10 -29.53 55.65
N VAL W 1050 -36.97 -29.80 55.01
CA VAL W 1050 -36.01 -28.76 54.65
C VAL W 1050 -36.71 -27.65 53.86
N TRP W 1051 -37.65 -28.01 52.99
CA TRP W 1051 -38.41 -27.03 52.24
C TRP W 1051 -39.90 -27.07 52.57
N ASP W 1052 -40.30 -27.93 53.52
CA ASP W 1052 -41.70 -28.24 53.73
C ASP W 1052 -41.98 -28.60 55.19
N THR W 1053 -43.04 -29.33 55.42
CA THR W 1053 -43.61 -29.69 56.71
C THR W 1053 -43.03 -31.04 57.15
N PRO W 1054 -43.59 -31.68 58.18
CA PRO W 1054 -42.82 -32.05 59.37
C PRO W 1054 -41.42 -32.60 59.14
N HIS W 1055 -40.60 -32.38 60.16
CA HIS W 1055 -39.33 -33.03 60.35
C HIS W 1055 -39.57 -34.50 60.69
N LEU W 1056 -40.80 -34.96 60.45
CA LEU W 1056 -41.27 -36.33 60.66
C LEU W 1056 -41.15 -36.71 62.12
N ALA W 1057 -40.72 -35.77 62.94
CA ALA W 1057 -40.85 -35.89 64.38
C ALA W 1057 -42.20 -35.30 64.76
N GLU W 1058 -42.60 -34.24 64.06
CA GLU W 1058 -43.89 -33.61 64.33
C GLU W 1058 -45.04 -34.57 64.05
N LEU W 1059 -44.87 -35.46 63.07
CA LEU W 1059 -45.89 -36.47 62.82
C LEU W 1059 -45.98 -37.45 63.98
N CYS W 1060 -44.86 -38.09 64.31
CA CYS W 1060 -44.83 -38.97 65.47
C CYS W 1060 -45.36 -38.26 66.70
N TYR W 1061 -44.83 -37.06 66.96
CA TYR W 1061 -45.23 -36.33 68.15
C TYR W 1061 -46.70 -35.92 68.08
N GLN W 1062 -47.32 -36.03 66.90
CA GLN W 1062 -48.75 -35.75 66.83
C GLN W 1062 -49.55 -37.03 66.96
N VAL W 1063 -49.06 -38.13 66.40
CA VAL W 1063 -49.73 -39.41 66.59
C VAL W 1063 -49.67 -39.80 68.06
N ILE W 1064 -48.51 -39.66 68.68
CA ILE W 1064 -48.41 -39.80 70.13
C ILE W 1064 -49.35 -38.81 70.80
N TYR W 1065 -49.52 -37.62 70.23
CA TYR W 1065 -50.36 -36.61 70.90
C TYR W 1065 -51.84 -36.93 70.77
N GLN W 1066 -52.28 -37.26 69.56
CA GLN W 1066 -53.68 -37.60 69.33
C GLN W 1066 -54.09 -38.84 70.11
N LEU W 1067 -53.15 -39.76 70.30
CA LEU W 1067 -53.43 -40.95 71.08
C LEU W 1067 -53.92 -40.55 72.46
N CYS W 1068 -53.21 -39.63 73.10
CA CYS W 1068 -53.61 -39.15 74.42
C CYS W 1068 -54.89 -38.31 74.36
N ALA W 1069 -54.98 -37.41 73.38
CA ALA W 1069 -56.14 -36.52 73.27
C ALA W 1069 -57.44 -37.27 73.04
N CYS W 1070 -57.44 -38.23 72.13
CA CYS W 1070 -58.64 -39.01 71.84
C CYS W 1070 -58.73 -40.26 72.71
N ALA W 1071 -57.77 -40.44 73.61
CA ALA W 1071 -57.74 -41.61 74.51
C ALA W 1071 -57.64 -42.94 73.76
N ASP W 1072 -57.23 -42.90 72.49
CA ASP W 1072 -57.08 -44.11 71.70
C ASP W 1072 -55.66 -44.61 71.84
N THR W 1073 -55.46 -45.70 72.58
CA THR W 1073 -54.12 -46.22 72.84
C THR W 1073 -53.24 -45.12 73.42
N SER W 1074 -53.81 -44.33 74.33
CA SER W 1074 -53.06 -43.22 74.93
C SER W 1074 -51.86 -43.73 75.69
N GLY W 1075 -52.09 -44.71 76.55
CA GLY W 1075 -51.00 -45.28 77.33
C GLY W 1075 -50.00 -45.99 76.45
N PRO W 1076 -50.48 -46.80 75.50
CA PRO W 1076 -49.55 -47.59 74.67
C PRO W 1076 -48.49 -46.78 73.95
N THR W 1077 -48.87 -45.69 73.28
CA THR W 1077 -47.91 -44.90 72.52
C THR W 1077 -46.79 -44.38 73.39
N MET W 1078 -47.14 -43.73 74.50
CA MET W 1078 -46.15 -43.17 75.41
C MET W 1078 -45.37 -44.28 76.08
N ARG W 1079 -46.07 -45.30 76.57
CA ARG W 1079 -45.41 -46.41 77.25
C ARG W 1079 -44.35 -47.00 76.33
N TYR W 1080 -44.73 -47.32 75.10
CA TYR W 1080 -43.78 -47.92 74.18
C TYR W 1080 -42.57 -47.01 73.98
N LEU W 1081 -42.81 -45.75 73.64
CA LEU W 1081 -41.71 -44.84 73.38
C LEU W 1081 -40.75 -44.77 74.55
N ARG W 1082 -41.30 -44.76 75.77
CA ARG W 1082 -40.46 -44.67 76.96
C ARG W 1082 -39.67 -45.93 77.28
N THR W 1083 -40.30 -47.10 77.13
CA THR W 1083 -39.61 -48.33 77.55
C THR W 1083 -38.82 -49.02 76.46
N SER W 1084 -39.34 -49.04 75.25
CA SER W 1084 -38.70 -49.78 74.18
C SER W 1084 -37.60 -49.00 73.48
N GLN W 1085 -37.73 -47.68 73.35
CA GLN W 1085 -36.78 -46.91 72.57
C GLN W 1085 -36.03 -45.85 73.36
N ASP W 1086 -36.57 -45.38 74.47
CA ASP W 1086 -36.02 -44.23 75.17
C ASP W 1086 -35.82 -43.07 74.21
N PHE W 1087 -36.91 -42.69 73.55
CA PHE W 1087 -36.80 -41.83 72.38
C PHE W 1087 -36.52 -40.39 72.76
N LEU W 1088 -37.19 -39.87 73.79
CA LEU W 1088 -37.02 -38.46 74.13
C LEU W 1088 -35.67 -38.20 74.77
N PHE W 1089 -35.25 -39.06 75.70
CA PHE W 1089 -33.96 -38.85 76.36
C PHE W 1089 -32.82 -38.86 75.36
N SER W 1090 -32.91 -39.72 74.34
CA SER W 1090 -31.87 -39.75 73.31
C SER W 1090 -32.02 -38.59 72.34
N GLN W 1091 -33.25 -38.09 72.15
CA GLN W 1091 -33.47 -37.01 71.20
C GLN W 1091 -33.20 -35.65 71.82
N LEU W 1092 -33.55 -35.49 73.09
CA LEU W 1092 -33.39 -34.19 73.73
C LEU W 1092 -31.94 -33.90 74.12
N GLN W 1093 -31.10 -34.93 74.11
CA GLN W 1093 -29.69 -34.76 74.46
C GLN W 1093 -28.95 -34.01 73.36
N HIS W 1094 -29.45 -34.08 72.13
CA HIS W 1094 -28.83 -33.37 71.02
C HIS W 1094 -29.00 -31.87 71.15
N LEU W 1095 -29.92 -31.43 72.00
CA LEU W 1095 -30.13 -29.99 72.24
C LEU W 1095 -30.31 -29.21 70.95
N PRO W 1096 -29.46 -28.19 70.75
CA PRO W 1096 -29.64 -27.35 69.56
C PRO W 1096 -29.20 -28.05 68.28
N PHE W 1097 -30.13 -28.25 67.35
CA PHE W 1097 -29.78 -28.86 66.07
C PHE W 1097 -29.14 -27.77 65.21
N SER W 1098 -27.93 -28.02 64.71
CA SER W 1098 -27.22 -26.99 63.96
C SER W 1098 -27.48 -26.99 62.45
N VAL W 1099 -28.71 -26.72 62.04
CA VAL W 1099 -29.00 -26.61 60.61
C VAL W 1099 -28.97 -25.14 60.23
N GLU W 1100 -27.80 -24.65 59.82
CA GLU W 1100 -27.71 -23.27 59.34
C GLU W 1100 -28.26 -23.15 57.93
N GLU W 1101 -28.40 -24.28 57.23
CA GLU W 1101 -28.99 -24.29 55.90
C GLU W 1101 -30.34 -23.60 55.91
N SER W 1102 -31.11 -23.86 56.96
CA SER W 1102 -32.38 -23.18 57.15
C SER W 1102 -32.65 -23.00 58.64
N GLU W 1103 -32.19 -21.89 59.20
CA GLU W 1103 -32.52 -21.60 60.59
C GLU W 1103 -34.01 -21.61 60.83
N ILE W 1104 -34.79 -21.50 59.75
CA ILE W 1104 -36.23 -21.73 59.84
C ILE W 1104 -36.50 -23.19 60.16
N SER W 1105 -35.66 -24.09 59.66
CA SER W 1105 -35.87 -25.51 59.90
C SER W 1105 -35.41 -25.90 61.30
N ALA W 1106 -34.26 -25.38 61.72
CA ALA W 1106 -33.76 -25.72 63.04
C ALA W 1106 -34.69 -25.20 64.12
N MET W 1107 -35.22 -23.99 63.95
CA MET W 1107 -36.14 -23.44 64.93
C MET W 1107 -37.43 -24.23 64.96
N ASN W 1108 -37.90 -24.68 63.80
CA ASN W 1108 -39.12 -25.47 63.76
C ASN W 1108 -38.92 -26.84 64.41
N GLN W 1109 -37.75 -27.45 64.19
CA GLN W 1109 -37.48 -28.76 64.78
C GLN W 1109 -37.53 -28.69 66.30
N MET W 1110 -37.01 -27.61 66.87
CA MET W 1110 -37.09 -27.44 68.31
C MET W 1110 -38.49 -27.07 68.75
N SER W 1111 -39.22 -26.34 67.90
CA SER W 1111 -40.59 -25.96 68.23
C SER W 1111 -41.45 -27.20 68.41
N TRP W 1112 -41.45 -28.08 67.40
CA TRP W 1112 -42.31 -29.26 67.45
C TRP W 1112 -41.80 -30.27 68.45
N LEU W 1113 -40.55 -30.13 68.90
CA LEU W 1113 -40.03 -31.04 69.91
C LEU W 1113 -40.31 -30.53 71.31
N MET W 1114 -40.46 -29.22 71.48
CA MET W 1114 -40.74 -28.67 72.79
C MET W 1114 -42.18 -28.95 73.20
N LYS W 1115 -43.11 -28.77 72.27
CA LYS W 1115 -44.51 -29.00 72.58
C LYS W 1115 -44.77 -30.45 72.97
N THR W 1116 -43.82 -31.33 72.69
CA THR W 1116 -44.02 -32.76 72.95
C THR W 1116 -43.39 -33.17 74.28
N ALA W 1117 -42.14 -32.78 74.51
CA ALA W 1117 -41.56 -33.03 75.81
C ALA W 1117 -42.37 -32.38 76.91
N THR W 1118 -43.08 -31.30 76.59
CA THR W 1118 -43.93 -30.64 77.58
C THR W 1118 -45.07 -31.55 78.01
N ILE W 1119 -45.85 -32.04 77.05
CA ILE W 1119 -47.00 -32.85 77.41
C ILE W 1119 -46.56 -34.21 77.92
N GLU W 1120 -45.35 -34.64 77.59
CA GLU W 1120 -44.88 -35.93 78.06
C GLU W 1120 -44.62 -35.89 79.55
N LEU W 1121 -43.89 -34.89 80.02
CA LEU W 1121 -43.55 -34.83 81.43
C LEU W 1121 -44.74 -34.43 82.28
N ARG W 1122 -45.69 -33.71 81.69
CA ARG W 1122 -46.90 -33.37 82.42
C ARG W 1122 -47.67 -34.62 82.80
N ILE W 1123 -47.80 -35.55 81.86
CA ILE W 1123 -48.66 -36.71 82.09
C ILE W 1123 -47.93 -37.79 82.87
N THR W 1124 -46.62 -37.94 82.64
CA THR W 1124 -45.88 -38.87 83.46
C THR W 1124 -45.90 -38.45 84.93
N SER W 1125 -45.89 -37.14 85.18
CA SER W 1125 -45.90 -36.68 86.55
C SER W 1125 -47.31 -36.78 87.15
N LEU W 1126 -48.33 -36.74 86.30
CA LEU W 1126 -49.68 -36.95 86.81
C LEU W 1126 -49.86 -38.36 87.33
N ASN W 1127 -49.14 -39.31 86.76
CA ASN W 1127 -49.01 -40.65 87.33
C ASN W 1127 -47.97 -40.58 88.44
N ARG W 1128 -47.47 -41.74 88.89
CA ARG W 1128 -46.53 -41.73 90.00
C ARG W 1128 -45.13 -42.20 89.64
N GLN W 1129 -44.68 -42.07 88.39
CA GLN W 1129 -43.37 -42.59 87.98
C GLN W 1129 -42.28 -41.62 88.42
N ARG W 1130 -41.58 -42.01 89.50
CA ARG W 1130 -40.50 -41.18 90.02
C ARG W 1130 -39.19 -41.49 89.33
N SER W 1131 -38.87 -42.77 89.17
CA SER W 1131 -37.59 -43.16 88.56
C SER W 1131 -37.47 -42.60 87.15
N HIS W 1132 -38.54 -42.68 86.38
CA HIS W 1132 -38.51 -42.10 85.04
C HIS W 1132 -38.45 -40.58 85.10
N THR W 1133 -39.26 -39.97 85.96
CA THR W 1133 -39.28 -38.51 86.02
C THR W 1133 -37.96 -37.96 86.53
N GLN W 1134 -37.37 -38.64 87.51
CA GLN W 1134 -36.10 -38.21 88.08
C GLN W 1134 -35.05 -38.10 86.98
N ARG W 1135 -34.77 -39.23 86.30
CA ARG W 1135 -33.73 -39.26 85.29
C ARG W 1135 -33.94 -38.17 84.24
N LEU W 1136 -35.18 -37.94 83.84
CA LEU W 1136 -35.46 -36.97 82.79
C LEU W 1136 -35.15 -35.56 83.25
N LEU W 1137 -35.81 -35.11 84.31
CA LEU W 1137 -35.58 -33.75 84.77
C LEU W 1137 -34.19 -33.55 85.34
N HIS W 1138 -33.57 -34.61 85.87
CA HIS W 1138 -32.20 -34.49 86.35
C HIS W 1138 -31.28 -34.10 85.23
N LEU W 1139 -31.50 -34.66 84.04
CA LEU W 1139 -30.63 -34.38 82.91
C LEU W 1139 -30.82 -32.96 82.40
N LEU W 1140 -32.06 -32.55 82.23
CA LEU W 1140 -32.36 -31.28 81.59
C LEU W 1140 -31.81 -30.10 82.39
N LEU W 1141 -31.75 -30.25 83.71
CA LEU W 1141 -31.44 -29.14 84.59
C LEU W 1141 -30.04 -29.20 85.18
N ASP W 1142 -29.52 -30.39 85.47
CA ASP W 1142 -28.21 -30.46 86.12
C ASP W 1142 -27.11 -30.12 85.15
N ASP W 1143 -26.97 -28.83 84.84
CA ASP W 1143 -25.87 -28.37 84.01
C ASP W 1143 -24.51 -28.60 84.68
N MET W 1144 -24.49 -28.75 85.99
CA MET W 1144 -23.24 -28.95 86.71
C MET W 1144 -22.43 -30.08 86.07
N PRO W 1145 -21.19 -29.82 85.69
CA PRO W 1145 -20.40 -30.85 85.00
C PRO W 1145 -20.23 -32.10 85.85
N THR W 1146 -20.78 -33.21 85.37
CA THR W 1146 -20.68 -34.49 86.05
C THR W 1146 -20.14 -35.52 85.06
N ARG W 1147 -20.18 -36.78 85.45
CA ARG W 1147 -19.69 -37.86 84.61
C ARG W 1147 -20.81 -38.78 84.19
N LYS W 1175 -17.47 -22.18 83.05
CA LYS W 1175 -18.78 -22.64 83.49
C LYS W 1175 -19.59 -23.17 82.31
N VAL W 1176 -19.88 -24.47 82.34
CA VAL W 1176 -20.75 -25.08 81.34
C VAL W 1176 -22.13 -24.48 81.48
N ARG W 1177 -22.69 -24.03 80.37
CA ARG W 1177 -24.01 -23.40 80.39
C ARG W 1177 -25.09 -24.47 80.33
N ARG W 1178 -26.23 -24.20 80.96
CA ARG W 1178 -27.32 -25.16 81.02
C ARG W 1178 -27.79 -25.52 79.61
N LYS W 1179 -28.23 -26.77 79.44
CA LYS W 1179 -28.76 -27.19 78.16
C LYS W 1179 -29.96 -26.34 77.76
N ILE W 1180 -30.72 -25.88 78.74
CA ILE W 1180 -31.89 -25.04 78.46
C ILE W 1180 -31.44 -23.64 78.06
N LEU W 1181 -30.27 -23.22 78.51
CA LEU W 1181 -29.79 -21.90 78.15
C LEU W 1181 -29.05 -21.91 76.81
N ARG W 1182 -28.38 -23.00 76.49
CA ARG W 1182 -27.71 -23.08 75.19
C ARG W 1182 -28.72 -23.00 74.07
N ILE W 1183 -29.91 -23.53 74.27
CA ILE W 1183 -30.97 -23.39 73.28
C ILE W 1183 -31.30 -21.92 73.08
N LEU W 1184 -31.46 -21.19 74.18
CA LEU W 1184 -31.83 -19.79 74.08
C LEU W 1184 -30.75 -18.97 73.38
N ASP W 1185 -29.48 -19.34 73.55
CA ASP W 1185 -28.42 -18.58 72.90
C ASP W 1185 -28.32 -18.90 71.42
N SER W 1186 -28.90 -20.02 70.99
CA SER W 1186 -28.96 -20.34 69.57
C SER W 1186 -30.07 -19.59 68.84
N ILE W 1187 -30.87 -18.82 69.56
CA ILE W 1187 -31.97 -18.07 68.97
C ILE W 1187 -31.55 -16.61 68.90
N GLN W 1188 -30.99 -16.21 67.77
CA GLN W 1188 -30.58 -14.83 67.55
C GLN W 1188 -31.82 -13.98 67.34
N PHE W 1189 -31.79 -12.76 67.85
CA PHE W 1189 -32.88 -11.82 67.68
C PHE W 1189 -32.38 -10.61 66.91
N SER W 1190 -32.49 -10.68 65.59
CA SER W 1190 -31.96 -9.66 64.71
C SER W 1190 -32.74 -9.64 63.40
N ASN W 1191 -32.70 -8.49 62.72
CA ASN W 1191 -33.36 -8.32 61.44
C ASN W 1191 -32.56 -7.34 60.58
N GLU W 1192 -32.48 -7.63 59.29
CA GLU W 1192 -31.45 -7.05 58.43
C GLU W 1192 -32.03 -6.60 57.09
N ILE W 1193 -33.12 -5.84 57.12
CA ILE W 1193 -33.77 -5.41 55.87
C ILE W 1193 -32.94 -4.34 55.16
N PRO W 1194 -32.66 -4.53 53.87
CA PRO W 1194 -31.81 -3.60 53.13
C PRO W 1194 -32.54 -2.47 52.42
N GLU W 1195 -31.78 -1.78 51.56
CA GLU W 1195 -32.19 -0.57 50.86
C GLU W 1195 -33.55 -0.69 50.18
N PRO W 1196 -34.18 0.45 49.89
CA PRO W 1196 -35.47 0.44 49.19
C PRO W 1196 -35.32 0.33 47.67
N LEU W 1197 -36.43 0.48 46.96
CA LEU W 1197 -36.46 0.37 45.51
C LEU W 1197 -35.96 1.65 44.88
N GLN W 1198 -34.99 1.55 43.98
CA GLN W 1198 -34.54 2.68 43.17
C GLN W 1198 -35.07 2.46 41.76
N LEU W 1199 -36.20 3.09 41.44
CA LEU W 1199 -36.90 2.84 40.19
C LEU W 1199 -36.55 3.93 39.18
N ASP W 1200 -36.16 3.51 37.97
CA ASP W 1200 -35.76 4.47 36.96
C ASP W 1200 -36.96 5.16 36.33
N PHE W 1201 -37.82 4.39 35.66
CA PHE W 1201 -39.00 4.92 34.98
C PHE W 1201 -40.26 4.39 35.64
N PHE W 1202 -40.24 4.32 36.96
CA PHE W 1202 -41.39 3.82 37.71
C PHE W 1202 -41.52 4.64 38.99
N ASP W 1203 -42.52 4.32 39.79
CA ASP W 1203 -42.77 5.02 41.04
C ASP W 1203 -42.47 4.07 42.19
N ARG W 1204 -41.58 4.48 43.08
CA ARG W 1204 -41.21 3.66 44.22
C ARG W 1204 -42.42 3.35 45.10
N SER W 1205 -43.32 4.32 45.24
CA SER W 1205 -44.49 4.10 46.08
C SER W 1205 -45.43 3.06 45.47
N GLN W 1206 -45.54 3.04 44.15
CA GLN W 1206 -46.51 2.16 43.51
C GLN W 1206 -46.09 0.70 43.61
N ILE W 1207 -44.79 0.43 43.57
CA ILE W 1207 -44.30 -0.94 43.73
C ILE W 1207 -44.78 -1.63 45.01
N GLU W 1208 -45.22 -0.86 46.01
CA GLU W 1208 -45.73 -1.45 47.26
C GLU W 1208 -47.02 -2.24 47.07
N GLN W 1209 -47.85 -1.82 46.12
CA GLN W 1209 -49.06 -2.58 45.82
C GLN W 1209 -48.67 -3.94 45.29
N VAL W 1210 -47.66 -3.98 44.43
CA VAL W 1210 -47.17 -5.26 43.90
C VAL W 1210 -46.57 -6.07 45.02
N ILE W 1211 -45.92 -5.39 45.97
CA ILE W 1211 -45.36 -6.08 47.12
C ILE W 1211 -46.47 -6.76 47.91
N ALA W 1212 -47.61 -6.09 48.14
CA ALA W 1212 -48.76 -6.73 48.81
C ALA W 1212 -49.40 -7.85 47.99
N ASN W 1213 -49.38 -7.70 46.67
CA ASN W 1213 -49.86 -8.77 45.81
C ASN W 1213 -49.01 -9.99 46.07
N CYS W 1214 -47.70 -9.81 46.15
CA CYS W 1214 -46.82 -10.91 46.47
C CYS W 1214 -47.10 -11.40 47.88
N GLU W 1215 -47.47 -10.50 48.78
CA GLU W 1215 -47.68 -10.90 50.18
C GLU W 1215 -48.99 -11.66 50.41
N HIS W 1216 -49.72 -11.98 49.35
CA HIS W 1216 -50.92 -12.81 49.53
C HIS W 1216 -50.47 -14.19 49.96
N LYS W 1217 -51.21 -14.80 50.87
CA LYS W 1217 -50.81 -16.11 51.39
C LYS W 1217 -51.20 -17.22 50.45
N ASN W 1218 -50.22 -17.85 49.78
CA ASN W 1218 -50.51 -19.00 48.93
C ASN W 1218 -51.49 -19.93 49.62
N ARG W 1219 -51.13 -20.40 50.80
CA ARG W 1219 -52.00 -21.27 51.58
C ARG W 1219 -52.15 -20.68 52.97
N ARG W 1220 -51.24 -21.04 53.87
CA ARG W 1220 -51.27 -20.51 55.22
C ARG W 1220 -49.89 -20.02 55.62
N GLY W 1221 -49.76 -18.72 55.86
CA GLY W 1221 -48.47 -18.13 56.22
C GLY W 1221 -47.49 -18.08 55.08
N GLN W 1222 -47.98 -18.25 53.84
CA GLN W 1222 -47.09 -18.25 52.68
C GLN W 1222 -47.17 -16.95 51.92
N THR W 1223 -46.65 -15.87 52.51
CA THR W 1223 -46.68 -14.57 51.86
C THR W 1223 -45.61 -14.47 50.78
N VAL W 1224 -45.48 -15.51 49.97
CA VAL W 1224 -44.41 -15.54 48.97
C VAL W 1224 -44.85 -15.66 47.52
N CYS W 1225 -46.15 -15.57 47.25
CA CYS W 1225 -46.67 -15.78 45.88
C CYS W 1225 -45.93 -16.97 45.25
N ASN W 1226 -45.39 -16.80 44.06
CA ASN W 1226 -44.60 -17.86 43.46
C ASN W 1226 -43.59 -17.18 42.58
N VAL W 1227 -42.33 -17.60 42.68
CA VAL W 1227 -41.28 -17.01 41.86
C VAL W 1227 -41.63 -17.10 40.38
N LYS W 1228 -42.26 -18.19 39.96
CA LYS W 1228 -42.67 -18.34 38.57
C LYS W 1228 -43.58 -17.20 38.14
N LEU W 1229 -44.70 -17.04 38.84
CA LEU W 1229 -45.62 -15.95 38.52
C LEU W 1229 -44.99 -14.59 38.64
N LEU W 1230 -44.31 -14.31 39.75
CA LEU W 1230 -43.80 -12.97 39.97
C LEU W 1230 -42.81 -12.63 38.85
N HIS W 1231 -41.92 -13.57 38.52
CA HIS W 1231 -40.94 -13.36 37.46
C HIS W 1231 -41.64 -13.05 36.14
N ARG W 1232 -42.52 -13.93 35.68
CA ARG W 1232 -43.28 -13.66 34.47
C ARG W 1232 -43.90 -12.27 34.47
N VAL W 1233 -44.60 -11.92 35.55
CA VAL W 1233 -45.27 -10.62 35.57
C VAL W 1233 -44.26 -9.49 35.43
N LEU W 1234 -43.14 -9.58 36.15
CA LEU W 1234 -42.13 -8.53 36.09
C LEU W 1234 -41.55 -8.38 34.70
N VAL W 1235 -41.26 -9.49 34.04
CA VAL W 1235 -40.74 -9.44 32.68
C VAL W 1235 -41.76 -8.77 31.75
N ALA W 1236 -43.04 -9.14 31.89
CA ALA W 1236 -44.06 -8.58 31.02
C ALA W 1236 -44.33 -7.09 31.28
N GLU W 1237 -44.10 -6.63 32.49
CA GLU W 1237 -44.33 -5.22 32.81
C GLU W 1237 -43.49 -4.30 31.95
N VAL W 1238 -42.19 -4.55 31.87
CA VAL W 1238 -41.31 -3.66 31.10
C VAL W 1238 -41.53 -3.78 29.61
N ASN W 1239 -42.01 -4.93 29.15
CA ASN W 1239 -42.33 -5.07 27.74
C ASN W 1239 -43.48 -4.15 27.42
N ALA W 1240 -44.46 -4.08 28.33
CA ALA W 1240 -45.59 -3.19 28.14
C ALA W 1240 -45.11 -1.76 28.07
N LEU W 1241 -44.15 -1.40 28.91
CA LEU W 1241 -43.58 -0.07 28.82
C LEU W 1241 -42.94 0.01 27.46
N GLN W 1242 -43.44 0.87 26.60
CA GLN W 1242 -42.93 0.92 25.24
C GLN W 1242 -41.53 1.48 25.13
N GLY W 1243 -40.57 0.65 24.74
CA GLY W 1243 -39.22 1.13 24.51
C GLY W 1243 -39.28 1.66 23.10
N MET W 1244 -39.33 2.97 22.94
CA MET W 1244 -39.49 3.53 21.61
C MET W 1244 -38.23 4.15 21.02
N ALA W 1245 -38.09 5.46 21.10
CA ALA W 1245 -36.94 6.14 20.50
C ALA W 1245 -35.63 5.84 21.22
N ALA W 1246 -35.62 6.03 22.54
CA ALA W 1246 -34.43 5.74 23.32
C ALA W 1246 -34.44 4.30 23.78
N ILE W 1247 -34.06 3.39 22.90
CA ILE W 1247 -34.07 1.96 23.24
C ILE W 1247 -32.73 1.46 23.71
N GLY W 1248 -31.91 2.35 24.26
CA GLY W 1248 -30.59 1.95 24.71
C GLY W 1248 -30.49 1.68 26.19
N GLN W 1249 -31.62 1.63 26.88
CA GLN W 1249 -31.60 1.46 28.32
C GLN W 1249 -32.06 0.07 28.76
N ARG W 1250 -32.30 -0.83 27.82
CA ARG W 1250 -32.82 -2.16 28.16
C ARG W 1250 -31.96 -3.03 29.13
N PRO W 1251 -30.62 -3.06 28.94
CA PRO W 1251 -29.85 -3.83 29.92
C PRO W 1251 -30.06 -3.32 31.34
N LEU W 1252 -30.06 -2.01 31.50
CA LEU W 1252 -30.25 -1.42 32.81
C LEU W 1252 -31.61 -1.83 33.35
N LEU W 1253 -32.64 -1.70 32.51
CA LEU W 1253 -33.97 -2.14 32.95
C LEU W 1253 -33.97 -3.59 33.46
N MET W 1254 -33.35 -4.50 32.72
CA MET W 1254 -33.29 -5.91 33.14
C MET W 1254 -32.52 -6.12 34.46
N GLU W 1255 -31.41 -5.44 34.68
CA GLU W 1255 -30.73 -5.56 35.97
C GLU W 1255 -31.67 -5.18 37.12
N GLU W 1256 -32.48 -4.15 36.90
CA GLU W 1256 -33.41 -3.69 37.93
C GLU W 1256 -34.42 -4.78 38.29
N ILE W 1257 -34.95 -5.47 37.29
CA ILE W 1257 -35.89 -6.56 37.55
C ILE W 1257 -35.24 -7.57 38.47
N ASN W 1258 -34.02 -7.97 38.14
CA ASN W 1258 -33.30 -8.94 38.96
C ASN W 1258 -33.12 -8.46 40.39
N THR W 1259 -32.69 -7.21 40.56
CA THR W 1259 -32.53 -6.68 41.92
C THR W 1259 -33.85 -6.70 42.70
N ILE W 1260 -34.95 -6.29 42.09
CA ILE W 1260 -36.25 -6.33 42.77
C ILE W 1260 -36.58 -7.75 43.23
N LEU W 1261 -36.39 -8.73 42.36
CA LEU W 1261 -36.68 -10.12 42.71
C LEU W 1261 -35.90 -10.55 43.94
N GLN W 1262 -34.60 -10.26 43.94
CA GLN W 1262 -33.76 -10.65 45.05
C GLN W 1262 -34.28 -10.04 46.34
N TYR W 1263 -34.61 -8.75 46.32
CA TYR W 1263 -35.12 -8.08 47.50
C TYR W 1263 -36.41 -8.71 48.00
N VAL W 1264 -37.34 -9.01 47.10
CA VAL W 1264 -38.58 -9.68 47.50
C VAL W 1264 -38.28 -11.01 48.16
N VAL W 1265 -37.40 -11.80 47.56
CA VAL W 1265 -37.04 -13.09 48.14
C VAL W 1265 -36.46 -12.91 49.55
N GLU W 1266 -35.55 -11.95 49.70
CA GLU W 1266 -34.96 -11.69 51.00
C GLU W 1266 -36.03 -11.37 52.03
N ARG W 1267 -36.95 -10.48 51.69
CA ARG W 1267 -38.01 -10.11 52.61
C ARG W 1267 -38.77 -11.33 53.08
N ASN W 1268 -39.20 -12.15 52.14
CA ASN W 1268 -39.96 -13.34 52.48
C ASN W 1268 -39.17 -14.25 53.41
N LYS W 1269 -37.90 -14.50 53.07
CA LYS W 1269 -37.07 -15.35 53.91
C LYS W 1269 -36.98 -14.81 55.32
N LEU W 1270 -36.74 -13.51 55.46
CA LEU W 1270 -36.63 -12.88 56.78
C LEU W 1270 -37.92 -13.03 57.56
N LEU W 1271 -39.06 -12.80 56.91
CA LEU W 1271 -40.34 -12.95 57.58
C LEU W 1271 -40.50 -14.39 58.08
N GLN W 1272 -40.18 -15.35 57.24
CA GLN W 1272 -40.31 -16.75 57.63
C GLN W 1272 -39.41 -17.06 58.81
N CYS W 1273 -38.20 -16.53 58.80
CA CYS W 1273 -37.27 -16.77 59.89
C CYS W 1273 -37.80 -16.18 61.18
N LEU W 1274 -38.35 -14.98 61.10
CA LEU W 1274 -38.90 -14.33 62.28
C LEU W 1274 -40.03 -15.18 62.82
N HIS W 1275 -40.88 -15.71 61.94
CA HIS W 1275 -41.98 -16.55 62.36
C HIS W 1275 -41.47 -17.80 63.08
N ALA W 1276 -40.45 -18.44 62.51
CA ALA W 1276 -39.87 -19.62 63.15
C ALA W 1276 -39.28 -19.27 64.50
N LYS W 1277 -38.60 -18.13 64.57
CA LYS W 1277 -38.00 -17.71 65.84
C LYS W 1277 -39.10 -17.54 66.86
N ARG W 1278 -40.20 -16.92 66.47
CA ARG W 1278 -41.31 -16.69 67.36
C ARG W 1278 -41.85 -18.00 67.85
N HIS W 1279 -42.06 -18.95 66.95
CA HIS W 1279 -42.54 -20.27 67.34
C HIS W 1279 -41.61 -20.86 68.39
N ALA W 1280 -40.30 -20.85 68.12
CA ALA W 1280 -39.35 -21.44 69.04
C ALA W 1280 -39.44 -20.79 70.40
N LEU W 1281 -39.49 -19.46 70.43
CA LEU W 1281 -39.52 -18.74 71.70
C LEU W 1281 -40.78 -19.06 72.47
N GLU W 1282 -41.91 -19.03 71.77
CA GLU W 1282 -43.19 -19.34 72.38
C GLU W 1282 -43.11 -20.73 72.92
N SER W 1283 -42.71 -21.68 72.09
CA SER W 1283 -42.59 -23.07 72.53
C SER W 1283 -41.69 -23.12 73.73
N TRP W 1284 -40.47 -22.62 73.61
CA TRP W 1284 -39.53 -22.61 74.72
C TRP W 1284 -40.17 -22.03 75.94
N ARG W 1285 -40.72 -20.83 75.82
CA ARG W 1285 -41.30 -20.15 76.97
C ARG W 1285 -42.29 -21.04 77.66
N GLN W 1286 -43.30 -21.50 76.92
CA GLN W 1286 -44.36 -22.28 77.55
C GLN W 1286 -43.77 -23.51 78.20
N LEU W 1287 -42.92 -24.25 77.50
CA LEU W 1287 -42.31 -25.44 78.06
C LEU W 1287 -41.73 -25.09 79.41
N VAL W 1288 -40.75 -24.18 79.42
CA VAL W 1288 -40.08 -23.87 80.67
C VAL W 1288 -41.08 -23.52 81.74
N GLU W 1289 -41.93 -22.54 81.49
CA GLU W 1289 -42.85 -22.09 82.53
C GLU W 1289 -43.60 -23.26 83.08
N ILE W 1290 -44.33 -23.96 82.24
CA ILE W 1290 -45.18 -25.03 82.72
C ILE W 1290 -44.36 -25.98 83.54
N ILE W 1291 -43.37 -26.63 82.96
CA ILE W 1291 -42.63 -27.66 83.69
C ILE W 1291 -42.09 -27.17 85.03
N LEU W 1292 -41.35 -26.07 85.02
CA LEU W 1292 -40.73 -25.57 86.25
C LEU W 1292 -41.75 -25.34 87.36
N THR W 1293 -42.84 -24.65 87.04
CA THR W 1293 -43.88 -24.42 88.04
C THR W 1293 -44.63 -25.70 88.41
N ALA W 1294 -44.80 -26.62 87.46
CA ALA W 1294 -45.52 -27.87 87.72
C ALA W 1294 -44.77 -28.84 88.62
N CYS W 1295 -43.44 -28.71 88.70
CA CYS W 1295 -42.66 -29.57 89.59
C CYS W 1295 -43.22 -29.50 91.00
N PRO W 1296 -43.42 -30.67 91.63
CA PRO W 1296 -44.02 -30.69 92.97
C PRO W 1296 -43.00 -30.46 94.07
N GLN W 1297 -42.09 -29.49 93.88
CA GLN W 1297 -41.06 -29.18 94.87
C GLN W 1297 -40.29 -30.42 95.31
N ASP W 1298 -39.82 -31.22 94.35
CA ASP W 1298 -39.02 -32.40 94.68
C ASP W 1298 -37.54 -32.06 94.83
N LEU W 1299 -37.14 -30.87 94.38
CA LEU W 1299 -35.74 -30.47 94.45
C LEU W 1299 -35.38 -30.16 95.90
N ILE W 1300 -34.49 -30.96 96.47
CA ILE W 1300 -34.10 -30.77 97.87
C ILE W 1300 -33.38 -29.42 98.14
N PRO W 1301 -32.35 -29.07 97.33
CA PRO W 1301 -31.74 -27.77 97.64
C PRO W 1301 -32.55 -26.61 97.10
N THR W 1302 -33.16 -25.84 97.98
CA THR W 1302 -33.90 -24.66 97.55
C THR W 1302 -32.93 -23.58 97.09
N GLU W 1303 -31.71 -23.60 97.62
CA GLU W 1303 -30.69 -22.66 97.18
C GLU W 1303 -30.45 -22.84 95.70
N HIS W 1304 -30.41 -24.09 95.24
CA HIS W 1304 -30.24 -24.39 93.83
C HIS W 1304 -31.47 -23.95 93.04
N ARG W 1305 -32.66 -24.09 93.62
CA ARG W 1305 -33.84 -23.59 92.96
C ARG W 1305 -33.74 -22.08 92.74
N GLN W 1306 -33.35 -21.35 93.78
CA GLN W 1306 -33.19 -19.92 93.62
C GLN W 1306 -31.99 -19.59 92.74
N LEU W 1307 -30.95 -20.42 92.75
CA LEU W 1307 -29.84 -20.18 91.85
C LEU W 1307 -30.28 -20.36 90.40
N ILE W 1308 -31.12 -21.36 90.15
CA ILE W 1308 -31.64 -21.57 88.79
C ILE W 1308 -32.49 -20.39 88.38
N ILE W 1309 -33.39 -19.94 89.26
CA ILE W 1309 -34.21 -18.78 88.95
C ILE W 1309 -33.34 -17.56 88.74
N ARG W 1310 -32.19 -17.51 89.42
CA ARG W 1310 -31.31 -16.37 89.28
C ARG W 1310 -30.69 -16.32 87.88
N ASP W 1311 -30.04 -17.41 87.46
CA ASP W 1311 -29.40 -17.43 86.16
C ASP W 1311 -30.41 -17.25 85.04
N LEU W 1312 -31.60 -17.83 85.19
CA LEU W 1312 -32.61 -17.69 84.15
C LEU W 1312 -33.04 -16.24 83.99
N LEU W 1313 -33.20 -15.53 85.10
CA LEU W 1313 -33.60 -14.13 85.00
C LEU W 1313 -32.50 -13.28 84.44
N GLN W 1314 -31.24 -13.62 84.71
CA GLN W 1314 -30.12 -12.85 84.20
C GLN W 1314 -30.02 -12.99 82.69
N ASP W 1315 -29.97 -14.23 82.20
CA ASP W 1315 -29.86 -14.44 80.76
C ASP W 1315 -31.04 -13.83 80.03
N LEU W 1316 -32.24 -13.97 80.60
CA LEU W 1316 -33.42 -13.39 79.98
C LEU W 1316 -33.28 -11.88 79.84
N HIS W 1317 -32.93 -11.22 80.94
CA HIS W 1317 -32.82 -9.76 80.92
C HIS W 1317 -31.77 -9.32 79.90
N VAL W 1318 -30.69 -10.07 79.79
CA VAL W 1318 -29.59 -9.67 78.91
C VAL W 1318 -30.06 -9.64 77.45
N LYS W 1319 -30.84 -10.64 77.05
CA LYS W 1319 -31.23 -10.75 75.66
C LYS W 1319 -32.26 -9.69 75.31
N ILE W 1320 -33.20 -9.42 76.21
CA ILE W 1320 -34.31 -8.54 75.87
C ILE W 1320 -33.86 -7.08 75.84
N LEU W 1321 -32.85 -6.73 76.61
CA LEU W 1321 -32.46 -5.31 76.58
C LEU W 1321 -31.70 -4.94 75.34
N ASP W 1322 -31.61 -5.76 74.31
CA ASP W 1322 -30.85 -5.42 73.11
C ASP W 1322 -31.68 -4.52 72.22
N ASP W 1323 -30.99 -3.71 71.41
CA ASP W 1323 -31.66 -2.77 70.52
C ASP W 1323 -32.00 -3.37 69.17
N ASP W 1324 -31.57 -4.61 68.91
CA ASP W 1324 -31.85 -5.28 67.64
C ASP W 1324 -32.95 -6.32 67.77
N ALA W 1325 -33.69 -6.31 68.87
CA ALA W 1325 -34.81 -7.22 69.05
C ALA W 1325 -36.15 -6.49 69.06
N ALA W 1326 -36.83 -6.40 67.93
CA ALA W 1326 -38.07 -5.64 67.83
C ALA W 1326 -39.18 -6.28 68.64
N GLN W 1327 -40.38 -5.71 68.55
CA GLN W 1327 -41.51 -6.14 69.38
C GLN W 1327 -41.75 -7.64 69.37
N GLU W 1328 -41.13 -8.39 68.46
CA GLU W 1328 -41.29 -9.85 68.49
C GLU W 1328 -40.95 -10.42 69.85
N LEU W 1329 -39.85 -9.98 70.45
CA LEU W 1329 -39.49 -10.47 71.77
C LEU W 1329 -40.15 -9.65 72.87
N MET W 1330 -40.98 -8.68 72.49
CA MET W 1330 -41.59 -7.87 73.53
C MET W 1330 -42.53 -8.74 74.36
N PRO W 1331 -43.58 -9.34 73.81
CA PRO W 1331 -44.53 -10.04 74.67
C PRO W 1331 -44.05 -11.41 75.12
N ILE W 1332 -43.26 -12.11 74.32
CA ILE W 1332 -42.92 -13.48 74.69
C ILE W 1332 -41.93 -13.49 75.85
N VAL W 1333 -41.07 -12.49 75.93
CA VAL W 1333 -40.23 -12.38 77.11
C VAL W 1333 -41.04 -11.80 78.27
N ALA W 1334 -42.05 -10.97 77.96
CA ALA W 1334 -42.91 -10.45 79.00
C ALA W 1334 -43.68 -11.56 79.68
N GLY W 1335 -44.20 -12.49 78.89
CA GLY W 1335 -44.92 -13.63 79.47
C GLY W 1335 -44.03 -14.47 80.36
N ALA W 1336 -42.77 -14.65 79.96
CA ALA W 1336 -41.86 -15.44 80.77
C ALA W 1336 -41.50 -14.71 82.06
N VAL W 1337 -41.37 -13.39 82.00
CA VAL W 1337 -41.02 -12.64 83.19
C VAL W 1337 -42.12 -12.73 84.23
N PHE W 1338 -43.36 -12.49 83.80
CA PHE W 1338 -44.49 -12.47 84.73
C PHE W 1338 -44.63 -13.80 85.47
N THR W 1339 -44.15 -14.88 84.86
CA THR W 1339 -44.27 -16.19 85.50
C THR W 1339 -43.13 -16.42 86.47
N LEU W 1340 -41.91 -16.09 86.07
CA LEU W 1340 -40.75 -16.44 86.89
C LEU W 1340 -40.68 -15.60 88.15
N THR W 1341 -41.16 -14.36 88.11
CA THR W 1341 -41.14 -13.55 89.32
C THR W 1341 -42.25 -13.97 90.27
N ALA W 1342 -43.37 -14.47 89.72
CA ALA W 1342 -44.42 -14.98 90.58
C ALA W 1342 -43.95 -16.20 91.36
N HIS W 1343 -43.12 -17.03 90.73
CA HIS W 1343 -42.57 -18.17 91.45
C HIS W 1343 -41.49 -17.73 92.42
N LEU W 1344 -40.84 -16.62 92.12
CA LEU W 1344 -39.79 -16.11 93.01
C LEU W 1344 -40.38 -15.50 94.27
N SER W 1345 -41.51 -14.80 94.13
CA SER W 1345 -42.21 -14.28 95.31
C SER W 1345 -42.63 -15.41 96.24
N GLN W 1346 -43.07 -16.53 95.68
CA GLN W 1346 -43.40 -17.68 96.51
C GLN W 1346 -42.14 -18.35 97.04
N SER W 1347 -41.04 -18.22 96.29
CA SER W 1347 -39.78 -18.81 96.75
C SER W 1347 -39.24 -18.07 97.95
N VAL W 1348 -39.34 -16.74 97.97
CA VAL W 1348 -38.84 -15.98 99.11
C VAL W 1348 -39.86 -15.93 100.24
N ARG W 1349 -41.15 -15.95 99.92
CA ARG W 1349 -42.14 -16.15 100.98
C ARG W 1349 -41.93 -17.49 101.67
N THR W 1350 -41.29 -18.44 100.98
CA THR W 1350 -40.87 -19.67 101.62
C THR W 1350 -39.58 -19.47 102.41
N GLU W 1351 -38.70 -18.60 101.93
CA GLU W 1351 -37.44 -18.33 102.63
C GLU W 1351 -37.69 -17.70 103.99
N LEU W 1352 -38.75 -16.90 104.10
CA LEU W 1352 -39.09 -16.31 105.39
C LEU W 1352 -39.74 -17.33 106.31
N LYS W 1353 -39.72 -18.61 105.93
CA LYS W 1353 -40.40 -19.63 106.73
C LYS W 1353 -39.45 -20.72 107.22
N GLN W 1354 -38.40 -21.02 106.44
CA GLN W 1354 -37.66 -22.27 106.60
C GLN W 1354 -36.36 -22.06 107.37
N PRO W 1355 -36.32 -22.33 108.68
CA PRO W 1355 -35.05 -22.23 109.42
C PRO W 1355 -34.17 -23.47 109.42
N MET W 1356 -33.11 -23.48 108.59
CA MET W 1356 -31.79 -24.01 108.90
C MET W 1356 -31.69 -25.24 109.82
N THR W 1357 -32.23 -26.39 109.43
CA THR W 1357 -31.96 -27.64 110.14
C THR W 1357 -31.52 -28.70 109.13
N ALA W 1358 -30.20 -28.78 108.90
CA ALA W 1358 -29.63 -29.71 107.95
C ALA W 1358 -28.12 -29.79 108.12
N ASN W 1382 -23.53 -19.61 111.75
CA ASN W 1382 -24.45 -20.73 111.57
C ASN W 1382 -25.84 -20.24 111.21
N ILE W 1383 -26.01 -18.92 111.16
CA ILE W 1383 -27.31 -18.32 110.88
C ILE W 1383 -27.19 -17.55 109.57
N SER W 1384 -26.35 -18.05 108.66
CA SER W 1384 -26.14 -17.44 107.36
C SER W 1384 -26.46 -18.40 106.22
N ALA W 1385 -27.58 -19.11 106.31
CA ALA W 1385 -27.97 -20.08 105.30
C ALA W 1385 -29.33 -19.78 104.68
N GLY W 1386 -29.96 -18.67 105.07
CA GLY W 1386 -31.25 -18.31 104.51
C GLY W 1386 -31.16 -17.27 103.42
N PHE W 1387 -30.41 -16.21 103.67
CA PHE W 1387 -30.21 -15.14 102.69
C PHE W 1387 -28.93 -15.33 101.88
N ALA W 1388 -28.28 -16.48 102.00
CA ALA W 1388 -27.01 -16.69 101.31
C ALA W 1388 -27.18 -16.65 99.80
N SER W 1389 -28.10 -17.47 99.28
CA SER W 1389 -28.32 -17.59 97.85
C SER W 1389 -29.23 -16.50 97.30
N ILE W 1390 -29.83 -15.68 98.15
CA ILE W 1390 -30.76 -14.67 97.66
C ILE W 1390 -30.00 -13.57 96.93
N GLY W 1391 -29.24 -12.78 97.66
CA GLY W 1391 -28.44 -11.77 97.03
C GLY W 1391 -29.21 -10.48 96.91
N ASP W 1392 -28.86 -9.48 97.71
CA ASP W 1392 -29.51 -8.18 97.56
C ASP W 1392 -29.03 -7.48 96.29
N SER W 1393 -27.77 -7.67 95.93
CA SER W 1393 -27.28 -7.13 94.67
C SER W 1393 -28.01 -7.76 93.49
N SER W 1394 -28.31 -9.05 93.57
CA SER W 1394 -29.12 -9.68 92.52
C SER W 1394 -30.55 -9.18 92.57
N LEU W 1395 -31.03 -8.81 93.76
CA LEU W 1395 -32.36 -8.23 93.84
C LEU W 1395 -32.41 -6.86 93.19
N HIS W 1396 -31.27 -6.16 93.17
CA HIS W 1396 -31.23 -4.87 92.49
C HIS W 1396 -30.93 -5.04 91.01
N MET W 1397 -30.01 -5.95 90.67
CA MET W 1397 -29.72 -6.20 89.27
C MET W 1397 -30.96 -6.64 88.52
N ILE W 1398 -31.76 -7.52 89.14
CA ILE W 1398 -33.06 -7.85 88.57
C ILE W 1398 -33.93 -6.61 88.46
N LEU W 1399 -33.86 -5.74 89.47
CA LEU W 1399 -34.68 -4.54 89.46
C LEU W 1399 -34.21 -3.56 88.38
N ARG W 1400 -32.90 -3.44 88.21
CA ARG W 1400 -32.38 -2.54 87.18
C ARG W 1400 -32.75 -3.04 85.79
N ASN W 1401 -32.72 -4.36 85.59
CA ASN W 1401 -33.12 -4.90 84.30
C ASN W 1401 -34.62 -4.74 84.09
N LEU W 1402 -35.40 -4.85 85.16
CA LEU W 1402 -36.84 -4.71 85.04
C LEU W 1402 -37.22 -3.29 84.70
N LEU W 1403 -36.59 -2.31 85.33
CA LEU W 1403 -36.88 -0.92 85.01
C LEU W 1403 -36.44 -0.61 83.59
N GLU W 1404 -35.41 -1.29 83.10
CA GLU W 1404 -34.96 -1.09 81.73
C GLU W 1404 -36.01 -1.55 80.74
N PHE W 1405 -36.63 -2.69 81.00
CA PHE W 1405 -37.61 -3.23 80.06
C PHE W 1405 -38.92 -2.43 80.10
N ILE W 1406 -39.18 -1.75 81.21
CA ILE W 1406 -40.38 -0.90 81.28
C ILE W 1406 -40.15 0.38 80.49
N LEU W 1407 -38.93 0.89 80.53
CA LEU W 1407 -38.60 2.06 79.71
C LEU W 1407 -38.74 1.72 78.23
N LYS W 1408 -38.14 0.62 77.80
CA LYS W 1408 -38.16 0.27 76.38
C LYS W 1408 -39.57 0.04 75.89
N THR W 1409 -40.41 -0.57 76.72
CA THR W 1409 -41.76 -0.93 76.30
C THR W 1409 -42.61 0.30 76.05
N GLY W 1410 -43.02 0.49 74.81
CA GLY W 1410 -43.90 1.59 74.49
C GLY W 1410 -45.33 1.33 74.92
N GLY W 1411 -46.15 2.37 74.83
CA GLY W 1411 -47.54 2.25 75.26
C GLY W 1411 -48.32 1.22 74.47
N GLY W 1412 -47.86 0.90 73.27
CA GLY W 1412 -48.53 -0.10 72.47
C GLY W 1412 -48.51 -1.47 73.11
N PHE W 1413 -47.34 -1.88 73.59
CA PHE W 1413 -47.21 -3.19 74.23
C PHE W 1413 -47.78 -3.16 75.63
N GLN W 1414 -49.10 -3.02 75.74
CA GLN W 1414 -49.71 -3.04 77.07
C GLN W 1414 -49.51 -4.38 77.74
N ARG W 1415 -49.62 -5.47 76.98
CA ARG W 1415 -49.45 -6.80 77.55
C ARG W 1415 -48.10 -6.94 78.22
N VAL W 1416 -47.06 -6.38 77.61
CA VAL W 1416 -45.74 -6.41 78.22
C VAL W 1416 -45.75 -5.61 79.51
N ARG W 1417 -46.20 -4.35 79.45
CA ARG W 1417 -46.32 -3.56 80.66
C ARG W 1417 -47.19 -4.25 81.69
N ALA W 1418 -48.18 -5.02 81.23
CA ALA W 1418 -49.07 -5.70 82.16
C ALA W 1418 -48.37 -6.87 82.83
N HIS W 1419 -47.47 -7.54 82.11
CA HIS W 1419 -46.80 -8.71 82.69
C HIS W 1419 -45.65 -8.29 83.60
N LEU W 1420 -45.13 -7.08 83.42
CA LEU W 1420 -44.05 -6.61 84.29
C LEU W 1420 -44.61 -5.94 85.53
N TYR W 1421 -45.70 -5.18 85.39
CA TYR W 1421 -46.30 -4.55 86.55
C TYR W 1421 -46.72 -5.59 87.58
N GLY W 1422 -47.28 -6.71 87.11
CA GLY W 1422 -47.57 -7.81 88.01
C GLY W 1422 -46.32 -8.51 88.49
N SER W 1423 -45.29 -8.53 87.64
CA SER W 1423 -43.99 -9.04 88.07
C SER W 1423 -43.33 -8.07 89.04
N LEU W 1424 -43.63 -6.78 88.91
CA LEU W 1424 -43.08 -5.79 89.83
C LEU W 1424 -43.57 -6.02 91.25
N LEU W 1425 -44.88 -6.14 91.42
CA LEU W 1425 -45.42 -6.27 92.78
C LEU W 1425 -45.00 -7.58 93.42
N TYR W 1426 -44.99 -8.67 92.66
CA TYR W 1426 -44.55 -9.94 93.25
C TYR W 1426 -43.14 -9.83 93.78
N TYR W 1427 -42.33 -8.95 93.18
CA TYR W 1427 -41.02 -8.67 93.77
C TYR W 1427 -41.16 -7.85 95.05
N LEU W 1428 -42.27 -7.13 95.21
CA LEU W 1428 -42.42 -6.26 96.37
C LEU W 1428 -43.22 -6.91 97.49
N GLN W 1429 -44.01 -7.94 97.20
CA GLN W 1429 -44.52 -8.76 98.29
C GLN W 1429 -43.40 -9.50 98.98
N ILE W 1430 -42.20 -9.50 98.39
CA ILE W 1430 -41.02 -10.02 99.05
C ILE W 1430 -40.52 -9.02 100.08
N ALA W 1431 -40.71 -7.73 99.83
CA ALA W 1431 -40.17 -6.67 100.68
C ALA W 1431 -41.07 -6.29 101.85
N GLN W 1432 -42.34 -6.68 101.83
CA GLN W 1432 -43.24 -6.42 102.94
C GLN W 1432 -42.92 -7.38 104.08
N ARG W 1433 -43.06 -6.91 105.32
CA ARG W 1433 -42.60 -7.67 106.47
C ARG W 1433 -43.71 -8.51 107.10
N PRO W 1434 -43.75 -9.82 106.84
CA PRO W 1434 -44.74 -10.66 107.52
C PRO W 1434 -44.36 -10.90 108.97
N ASP W 1435 -43.11 -11.27 109.17
CA ASP W 1435 -42.49 -11.34 110.48
C ASP W 1435 -41.70 -10.04 110.68
N GLU W 1436 -40.88 -9.98 111.72
CA GLU W 1436 -40.07 -8.80 111.99
C GLU W 1436 -39.09 -8.49 110.85
N PRO W 1454 -31.92 -9.72 107.04
CA PRO W 1454 -32.99 -9.02 106.34
C PRO W 1454 -33.43 -7.74 107.04
N GLU W 1455 -33.58 -7.78 108.35
CA GLU W 1455 -34.27 -6.75 109.12
C GLU W 1455 -34.04 -5.33 108.64
N ASP W 1456 -32.79 -4.86 108.69
CA ASP W 1456 -32.54 -3.47 108.34
C ASP W 1456 -32.13 -3.28 106.89
N VAL W 1457 -31.47 -4.28 106.30
CA VAL W 1457 -31.16 -4.19 104.87
C VAL W 1457 -32.44 -4.28 104.05
N PHE W 1458 -33.48 -4.92 104.60
CA PHE W 1458 -34.77 -4.90 103.93
C PHE W 1458 -35.40 -3.52 104.00
N SER W 1459 -35.20 -2.82 105.12
CA SER W 1459 -35.76 -1.48 105.25
C SER W 1459 -35.08 -0.52 104.28
N LYS W 1460 -33.76 -0.57 104.18
CA LYS W 1460 -33.07 0.30 103.23
C LYS W 1460 -33.36 -0.11 101.80
N LEU W 1461 -33.83 -1.34 101.57
CA LEU W 1461 -34.16 -1.76 100.22
C LEU W 1461 -35.29 -0.92 99.64
N GLN W 1462 -36.31 -0.64 100.46
CA GLN W 1462 -37.36 0.26 100.03
C GLN W 1462 -36.81 1.67 99.82
N ARG W 1463 -35.75 2.02 100.53
CA ARG W 1463 -35.14 3.33 100.36
C ARG W 1463 -34.28 3.38 99.10
N ASP W 1464 -33.50 2.33 98.86
CA ASP W 1464 -32.70 2.31 97.64
C ASP W 1464 -33.56 2.09 96.41
N ASN W 1465 -34.60 1.26 96.53
CA ASN W 1465 -35.49 1.04 95.40
C ASN W 1465 -36.16 2.33 94.96
N LEU W 1466 -36.56 3.16 95.93
CA LEU W 1466 -37.14 4.44 95.58
C LEU W 1466 -36.10 5.38 94.97
N SER W 1467 -34.85 5.25 95.38
CA SER W 1467 -33.79 6.03 94.76
C SER W 1467 -33.60 5.64 93.31
N ILE W 1468 -33.70 4.35 92.98
CA ILE W 1468 -33.62 3.93 91.60
C ILE W 1468 -34.85 4.40 90.83
N PHE W 1469 -36.00 4.44 91.51
CA PHE W 1469 -37.21 4.88 90.84
C PHE W 1469 -37.12 6.34 90.43
N GLU W 1470 -36.56 7.19 91.31
CA GLU W 1470 -36.38 8.57 90.93
C GLU W 1470 -35.31 8.75 89.86
N SER W 1471 -34.49 7.72 89.63
CA SER W 1471 -33.51 7.80 88.55
C SER W 1471 -34.19 7.85 87.19
N TYR W 1472 -35.26 7.07 87.02
CA TYR W 1472 -36.06 7.15 85.81
C TYR W 1472 -37.00 8.34 85.81
N GLY W 1473 -36.95 9.18 86.84
CA GLY W 1473 -37.83 10.33 86.93
C GLY W 1473 -39.24 9.92 87.24
N THR W 1474 -39.95 10.82 87.91
CA THR W 1474 -41.36 10.63 88.19
C THR W 1474 -42.24 10.89 86.97
N ALA W 1475 -41.67 11.48 85.92
CA ALA W 1475 -42.40 11.58 84.66
C ALA W 1475 -42.70 10.21 84.10
N LEU W 1476 -41.90 9.20 84.47
CA LEU W 1476 -42.26 7.82 84.19
C LEU W 1476 -43.56 7.45 84.90
N MET W 1477 -43.80 8.04 86.07
CA MET W 1477 -45.03 7.76 86.78
C MET W 1477 -46.20 8.53 86.19
N GLU W 1478 -45.91 9.62 85.46
CA GLU W 1478 -46.98 10.37 84.81
C GLU W 1478 -47.53 9.62 83.61
N VAL W 1479 -46.65 9.06 82.78
CA VAL W 1479 -47.10 8.34 81.59
C VAL W 1479 -47.73 7.02 81.97
N VAL W 1480 -47.20 6.35 83.00
CA VAL W 1480 -47.70 5.03 83.35
C VAL W 1480 -49.08 5.11 83.99
N CYS W 1481 -49.28 6.07 84.88
CA CYS W 1481 -50.62 6.23 85.47
C CYS W 1481 -51.59 6.85 84.46
N ARG W 1482 -51.13 7.75 83.61
CA ARG W 1482 -52.02 8.33 82.60
C ARG W 1482 -52.53 7.26 81.65
N ASP W 1483 -51.61 6.47 81.09
CA ASP W 1483 -52.01 5.42 80.16
C ASP W 1483 -52.99 4.45 80.82
N ALA W 1484 -52.76 4.14 82.09
CA ALA W 1484 -53.63 3.22 82.81
C ALA W 1484 -55.00 3.80 83.10
N CYS W 1485 -55.07 5.10 83.37
CA CYS W 1485 -56.34 5.75 83.66
C CYS W 1485 -57.30 5.70 82.48
N ASP W 1486 -56.81 6.03 81.29
CA ASP W 1486 -57.64 5.99 80.10
C ASP W 1486 -56.82 5.55 78.89
N ASP W 1489 -55.96 0.36 84.61
CA ASP W 1489 -56.81 -0.34 85.56
C ASP W 1489 -56.00 -1.10 86.60
N ILE W 1490 -55.49 -2.27 86.23
CA ILE W 1490 -54.70 -3.09 87.13
C ILE W 1490 -53.40 -2.38 87.45
N GLY W 1491 -52.57 -2.13 86.44
CA GLY W 1491 -51.25 -1.56 86.68
C GLY W 1491 -51.30 -0.23 87.41
N ARG W 1492 -52.39 0.51 87.26
CA ARG W 1492 -52.52 1.76 88.01
C ARG W 1492 -52.69 1.49 89.49
N MET W 1493 -53.63 0.63 89.86
CA MET W 1493 -53.86 0.33 91.26
C MET W 1493 -52.67 -0.38 91.89
N LEU W 1494 -51.84 -1.02 91.06
CA LEU W 1494 -50.69 -1.72 91.61
C LEU W 1494 -49.54 -0.76 91.88
N ALA W 1495 -49.31 0.19 90.99
CA ALA W 1495 -48.32 1.22 91.23
C ALA W 1495 -48.71 2.08 92.43
N LEU W 1496 -50.02 2.26 92.65
CA LEU W 1496 -50.45 3.10 93.75
C LEU W 1496 -50.43 2.36 95.07
N ALA W 1497 -50.80 1.08 95.07
CA ALA W 1497 -50.70 0.28 96.29
C ALA W 1497 -49.25 0.06 96.67
N LEU W 1498 -48.35 0.10 95.69
CA LEU W 1498 -46.93 0.04 96.00
C LEU W 1498 -46.43 1.36 96.57
N LEU W 1499 -46.79 2.48 95.93
CA LEU W 1499 -46.32 3.79 96.38
C LEU W 1499 -46.68 4.04 97.83
N ASP W 1500 -47.66 3.32 98.36
CA ASP W 1500 -47.92 3.39 99.78
C ASP W 1500 -46.88 2.62 100.57
N ARG W 1501 -46.58 1.39 100.15
CA ARG W 1501 -45.60 0.59 100.88
C ARG W 1501 -44.24 1.27 100.92
N ILE W 1502 -43.85 1.92 99.82
CA ILE W 1502 -42.59 2.66 99.81
C ILE W 1502 -42.69 3.90 100.69
N VAL W 1503 -43.74 4.71 100.48
CA VAL W 1503 -43.91 5.91 101.28
C VAL W 1503 -44.10 5.59 102.75
N SER W 1504 -44.73 4.46 103.09
CA SER W 1504 -44.91 4.10 104.49
C SER W 1504 -43.58 3.91 105.21
N VAL W 1505 -42.48 3.73 104.48
CA VAL W 1505 -41.16 3.60 105.07
C VAL W 1505 -40.33 4.86 104.85
N ASP W 1506 -40.41 5.47 103.67
CA ASP W 1506 -39.56 6.59 103.30
C ASP W 1506 -40.29 7.92 103.36
N ARG W 1507 -41.54 7.97 102.92
CA ARG W 1507 -42.35 9.19 102.92
C ARG W 1507 -41.70 10.31 102.13
N GLN W 1508 -41.57 10.13 100.81
CA GLN W 1508 -41.00 11.16 99.97
C GLN W 1508 -42.01 12.09 99.32
N GLN W 1509 -43.24 11.63 99.03
CA GLN W 1509 -44.29 12.45 98.44
C GLN W 1509 -43.90 13.04 97.10
N GLN W 1510 -42.80 12.56 96.51
CA GLN W 1510 -42.46 12.98 95.16
C GLN W 1510 -43.47 12.47 94.15
N TRP W 1511 -44.08 11.32 94.45
CA TRP W 1511 -45.06 10.75 93.53
C TRP W 1511 -46.38 11.48 93.61
N LEU W 1512 -46.75 11.97 94.80
CA LEU W 1512 -47.99 12.74 94.92
C LEU W 1512 -47.87 14.08 94.23
N LEU W 1513 -46.72 14.75 94.39
CA LEU W 1513 -46.54 16.04 93.72
C LEU W 1513 -46.64 15.91 92.22
N TYR W 1514 -46.32 14.73 91.68
CA TYR W 1514 -46.39 14.54 90.24
C TYR W 1514 -47.81 14.23 89.79
N LEU W 1515 -48.57 13.52 90.62
CA LEU W 1515 -49.94 13.16 90.21
C LEU W 1515 -50.83 14.38 90.14
N SER W 1516 -50.56 15.40 90.94
CA SER W 1516 -51.36 16.62 90.88
C SER W 1516 -50.84 17.57 89.81
N ASN W 1517 -49.53 17.81 89.76
CA ASN W 1517 -48.96 18.73 88.78
C ASN W 1517 -49.22 18.24 87.36
N SER W 1518 -49.19 16.93 87.14
CA SER W 1518 -49.54 16.39 85.83
C SER W 1518 -51.03 16.07 85.72
N GLY W 1519 -51.77 16.19 86.81
CA GLY W 1519 -53.21 16.02 86.78
C GLY W 1519 -53.70 14.60 86.89
N TYR W 1520 -52.82 13.64 87.19
CA TYR W 1520 -53.24 12.25 87.25
C TYR W 1520 -54.20 11.99 88.41
N LEU W 1521 -53.90 12.54 89.58
CA LEU W 1521 -54.79 12.34 90.72
C LEU W 1521 -56.14 13.00 90.47
N LYS W 1522 -56.15 14.17 89.83
CA LYS W 1522 -57.42 14.77 89.45
C LYS W 1522 -58.17 13.87 88.46
N VAL W 1523 -57.45 13.29 87.52
CA VAL W 1523 -58.06 12.30 86.63
C VAL W 1523 -58.50 11.08 87.41
N LEU W 1524 -57.76 10.71 88.45
CA LEU W 1524 -58.17 9.59 89.29
C LEU W 1524 -59.44 9.91 90.07
N VAL W 1525 -59.62 11.17 90.46
CA VAL W 1525 -60.91 11.58 91.03
C VAL W 1525 -62.01 11.40 89.99
N ASP W 1526 -61.70 11.65 88.72
CA ASP W 1526 -62.67 11.39 87.67
C ASP W 1526 -62.87 9.89 87.47
N SER W 1527 -61.81 9.10 87.70
CA SER W 1527 -61.95 7.65 87.55
C SER W 1527 -62.75 7.04 88.68
N LEU W 1528 -62.73 7.65 89.87
CA LEU W 1528 -63.65 7.23 90.92
C LEU W 1528 -65.09 7.48 90.51
N ALA W 1529 -65.36 8.65 89.92
CA ALA W 1529 -66.70 8.94 89.44
C ALA W 1529 -67.08 8.02 88.28
N GLU W 1530 -66.08 7.49 87.57
CA GLU W 1530 -66.36 6.59 86.45
C GLU W 1530 -66.71 5.20 86.95
N ASP W 1531 -66.03 4.72 88.00
CA ASP W 1531 -66.33 3.40 88.52
C ASP W 1531 -67.62 3.40 89.31
N ASP W 1532 -67.99 4.53 89.90
CA ASP W 1532 -69.26 4.60 90.61
C ASP W 1532 -70.43 4.71 89.64
N VAL W 1533 -70.22 5.36 88.49
CA VAL W 1533 -71.26 5.41 87.46
C VAL W 1533 -71.51 4.02 86.89
N VAL W 1534 -70.44 3.30 86.55
CA VAL W 1534 -70.59 1.96 86.01
C VAL W 1534 -71.30 1.07 87.00
N LEU W 1535 -71.04 1.26 88.30
CA LEU W 1535 -71.74 0.48 89.31
C LEU W 1535 -73.24 0.78 89.30
N ARG W 1536 -73.59 1.99 88.88
CA ARG W 1536 -75.01 2.35 88.77
C ARG W 1536 -75.63 1.69 87.55
N ASN W 1537 -74.87 1.56 86.47
CA ASN W 1537 -75.39 0.94 85.26
C ASN W 1537 -75.61 -0.55 85.43
N LEU W 1538 -74.85 -1.18 86.33
CA LEU W 1538 -74.93 -2.63 86.48
C LEU W 1538 -75.96 -3.03 87.51
N LEU W 1539 -76.29 -2.14 88.44
CA LEU W 1539 -77.22 -2.44 89.52
C LEU W 1539 -78.48 -3.12 89.00
N THR W 1540 -78.91 -2.73 87.80
CA THR W 1540 -80.09 -3.28 87.17
C THR W 1540 -79.95 -4.78 87.00
N PRO W 1541 -81.04 -5.53 87.02
CA PRO W 1541 -80.96 -6.96 86.73
C PRO W 1541 -80.47 -7.21 85.31
N GLN W 1542 -79.93 -8.40 85.10
CA GLN W 1542 -79.27 -8.76 83.85
C GLN W 1542 -78.19 -7.76 83.45
N PRO W 1543 -77.15 -7.58 84.27
CA PRO W 1543 -76.08 -6.66 83.92
C PRO W 1543 -74.96 -7.39 83.19
N PRO W 1544 -74.14 -6.67 82.43
CA PRO W 1544 -73.03 -7.33 81.74
C PRO W 1544 -71.93 -7.87 82.64
N LEU W 1545 -71.29 -7.00 83.42
CA LEU W 1545 -69.95 -7.32 83.93
C LEU W 1545 -69.99 -7.81 85.37
N LEU W 1546 -69.02 -8.67 85.69
CA LEU W 1546 -68.77 -9.12 87.06
C LEU W 1546 -67.49 -8.52 87.61
N LYS W 1547 -66.47 -8.39 86.75
CA LYS W 1547 -65.19 -7.86 87.17
C LYS W 1547 -65.24 -6.39 87.54
N ALA W 1548 -66.38 -5.72 87.29
CA ALA W 1548 -66.53 -4.35 87.75
C ALA W 1548 -66.47 -4.29 89.27
N LEU W 1549 -66.81 -5.39 89.93
CA LEU W 1549 -66.59 -5.49 91.37
C LEU W 1549 -65.11 -5.48 91.69
N TYR W 1550 -64.30 -6.17 90.89
CA TYR W 1550 -62.86 -6.17 91.09
C TYR W 1550 -62.24 -4.83 90.69
N ILE W 1551 -62.90 -4.10 89.79
CA ILE W 1551 -62.43 -2.76 89.44
C ILE W 1551 -62.81 -1.76 90.54
N TYR W 1552 -63.92 -2.01 91.22
CA TYR W 1552 -64.26 -1.18 92.37
C TYR W 1552 -63.34 -1.45 93.54
N GLU W 1553 -63.02 -2.73 93.79
CA GLU W 1553 -62.14 -3.06 94.91
C GLU W 1553 -60.74 -2.49 94.70
N SER W 1554 -60.23 -2.58 93.48
CA SER W 1554 -58.95 -1.94 93.18
C SER W 1554 -59.02 -0.45 93.43
N LYS W 1555 -60.15 0.18 93.11
CA LYS W 1555 -60.25 1.63 93.18
C LYS W 1555 -60.58 2.09 94.59
N MET W 1556 -61.41 1.33 95.30
CA MET W 1556 -61.64 1.64 96.70
C MET W 1556 -60.39 1.43 97.54
N ALA W 1557 -59.68 0.32 97.33
CA ALA W 1557 -58.44 0.09 98.04
C ALA W 1557 -57.45 1.23 97.79
N PHE W 1558 -57.28 1.61 96.53
CA PHE W 1558 -56.37 2.72 96.23
C PHE W 1558 -56.82 4.00 96.93
N LEU W 1559 -58.10 4.36 96.83
CA LEU W 1559 -58.56 5.58 97.48
C LEU W 1559 -58.56 5.42 99.00
N THR W 1560 -58.81 4.21 99.50
CA THR W 1560 -58.62 3.93 100.91
C THR W 1560 -57.17 4.16 101.31
N ARG W 1561 -56.26 4.13 100.34
CA ARG W 1561 -54.85 4.30 100.64
C ARG W 1561 -54.43 5.76 100.62
N VAL W 1562 -54.82 6.49 99.58
CA VAL W 1562 -54.33 7.87 99.44
C VAL W 1562 -54.71 8.69 100.65
N ALA W 1563 -55.87 8.41 101.24
CA ALA W 1563 -56.34 9.16 102.40
C ALA W 1563 -55.67 8.71 103.70
N LYS W 1564 -55.03 7.53 103.70
CA LYS W 1564 -54.30 7.10 104.89
C LYS W 1564 -53.11 7.99 105.19
N SER W 1565 -52.68 8.79 104.22
CA SER W 1565 -51.50 9.62 104.36
C SER W 1565 -51.81 10.82 105.25
N SER W 1566 -50.88 11.76 105.33
CA SER W 1566 -51.05 12.94 106.17
C SER W 1566 -51.25 14.19 105.32
N GLN W 1567 -50.31 14.48 104.43
CA GLN W 1567 -50.48 15.60 103.51
C GLN W 1567 -51.24 15.16 102.27
N GLY W 1568 -50.99 13.93 101.82
CA GLY W 1568 -51.77 13.40 100.71
C GLY W 1568 -53.26 13.39 101.00
N ALA W 1569 -53.63 13.22 102.27
CA ALA W 1569 -55.03 13.37 102.65
C ALA W 1569 -55.46 14.82 102.54
N ILE W 1570 -54.61 15.74 102.99
CA ILE W 1570 -54.98 17.15 102.97
C ILE W 1570 -55.12 17.65 101.53
N GLU W 1571 -54.25 17.20 100.64
CA GLU W 1571 -54.41 17.55 99.24
C GLU W 1571 -55.65 16.89 98.65
N LEU W 1572 -56.11 15.79 99.25
CA LEU W 1572 -57.33 15.16 98.79
C LEU W 1572 -58.55 15.97 99.18
N LEU W 1573 -58.46 16.73 100.28
CA LEU W 1573 -59.54 17.67 100.60
C LEU W 1573 -59.66 18.75 99.54
N ARG W 1574 -58.58 19.49 99.31
CA ARG W 1574 -58.64 20.67 98.45
C ARG W 1574 -59.10 20.32 97.05
N SER W 1575 -58.95 19.06 96.64
CA SER W 1575 -59.55 18.61 95.40
C SER W 1575 -61.05 18.35 95.56
N GLY W 1576 -61.53 18.15 96.78
CA GLY W 1576 -62.94 17.95 97.02
C GLY W 1576 -63.43 16.58 96.64
N VAL W 1577 -62.85 15.53 97.23
CA VAL W 1577 -63.31 14.17 96.95
C VAL W 1577 -64.48 13.80 97.86
N ILE W 1578 -65.01 14.77 98.60
CA ILE W 1578 -66.17 14.51 99.44
C ILE W 1578 -67.44 14.92 98.74
N VAL W 1579 -67.43 16.13 98.15
CA VAL W 1579 -68.53 16.53 97.29
C VAL W 1579 -68.68 15.55 96.14
N ARG W 1580 -67.59 14.85 95.79
CA ARG W 1580 -67.69 13.82 94.75
C ARG W 1580 -68.42 12.60 95.27
N LEU W 1581 -68.43 12.39 96.59
CA LEU W 1581 -69.09 11.21 97.13
C LEU W 1581 -70.47 11.52 97.67
N ALA W 1582 -70.73 12.78 98.02
CA ALA W 1582 -72.09 13.17 98.38
C ALA W 1582 -72.97 13.35 97.15
N GLN W 1583 -72.38 13.69 96.00
CA GLN W 1583 -73.11 13.80 94.75
C GLN W 1583 -73.51 12.45 94.18
N CYS W 1584 -73.00 11.36 94.73
CA CYS W 1584 -73.26 10.03 94.20
C CYS W 1584 -74.67 9.59 94.60
N GLN W 1585 -75.55 9.46 93.62
CA GLN W 1585 -76.92 9.04 93.86
C GLN W 1585 -77.04 7.54 94.11
N VAL W 1586 -76.00 6.77 93.79
CA VAL W 1586 -76.08 5.32 93.94
C VAL W 1586 -75.97 4.92 95.41
N TYR W 1587 -75.83 5.90 96.31
CA TYR W 1587 -75.91 5.61 97.73
C TYR W 1587 -77.35 5.49 98.22
N ASP W 1588 -78.32 5.93 97.43
CA ASP W 1588 -79.71 5.95 97.87
C ASP W 1588 -80.51 4.74 97.40
N MET W 1589 -79.92 3.88 96.59
CA MET W 1589 -80.61 2.71 96.04
C MET W 1589 -80.39 1.48 96.90
N ARG W 1590 -80.94 1.47 98.11
CA ARG W 1590 -80.83 0.31 98.99
C ARG W 1590 -81.95 -0.68 98.67
N PRO W 1591 -81.64 -1.82 98.05
CA PRO W 1591 -82.70 -2.72 97.59
C PRO W 1591 -83.53 -3.28 98.73
N GLU W 1592 -84.77 -3.63 98.42
CA GLU W 1592 -85.70 -4.16 99.40
C GLU W 1592 -85.37 -5.60 99.73
N THR W 1593 -85.14 -5.89 101.01
CA THR W 1593 -84.88 -7.25 101.48
C THR W 1593 -86.23 -7.93 101.70
N ASP W 1594 -86.68 -8.64 100.67
CA ASP W 1594 -87.99 -9.28 100.69
C ASP W 1594 -88.00 -10.42 101.69
N PRO W 1595 -88.80 -10.33 102.76
CA PRO W 1595 -88.82 -11.39 103.75
C PRO W 1595 -89.77 -12.54 103.43
N HIS W 1596 -90.20 -12.66 102.17
CA HIS W 1596 -91.12 -13.73 101.80
C HIS W 1596 -90.64 -14.53 100.59
N GLY W 1597 -89.42 -14.31 100.14
CA GLY W 1597 -88.92 -15.03 99.00
C GLY W 1597 -87.78 -15.97 99.35
N VAL W 1598 -87.86 -16.56 100.55
CA VAL W 1598 -86.78 -17.40 101.05
C VAL W 1598 -87.15 -18.87 100.88
N PHE W 1599 -88.13 -19.15 100.02
CA PHE W 1599 -88.55 -20.53 99.79
C PHE W 1599 -88.60 -20.85 98.30
N GLY W 1600 -88.50 -19.84 97.45
CA GLY W 1600 -88.59 -20.06 96.02
C GLY W 1600 -87.48 -20.91 95.43
N MET W 1601 -86.23 -20.57 95.74
CA MET W 1601 -85.09 -21.30 95.18
C MET W 1601 -83.85 -21.24 96.06
N ARG W 1602 -82.97 -22.23 95.92
CA ARG W 1602 -81.72 -22.24 96.69
C ARG W 1602 -80.73 -21.23 96.11
N GLU W 1603 -80.00 -20.54 96.98
CA GLU W 1603 -79.08 -19.51 96.53
C GLU W 1603 -77.63 -19.98 96.55
N THR W 1604 -77.12 -20.39 95.38
CA THR W 1604 -75.72 -20.81 95.30
C THR W 1604 -74.81 -19.58 95.37
N PRO W 1605 -73.62 -19.75 95.97
CA PRO W 1605 -72.70 -18.63 96.12
C PRO W 1605 -72.36 -18.01 94.76
N VAL W 1606 -72.60 -16.71 94.62
CA VAL W 1606 -72.34 -16.02 93.36
C VAL W 1606 -71.27 -14.96 93.52
N PHE W 1607 -70.38 -14.84 92.54
CA PHE W 1607 -69.32 -13.85 92.60
C PHE W 1607 -69.88 -12.43 92.63
N ILE W 1608 -71.17 -12.27 92.31
CA ILE W 1608 -71.82 -10.98 92.22
C ILE W 1608 -72.49 -10.69 93.56
N PRO W 1609 -72.02 -9.72 94.34
CA PRO W 1609 -72.58 -9.50 95.68
C PRO W 1609 -74.05 -9.11 95.61
N ALA W 1610 -74.73 -9.26 96.74
CA ALA W 1610 -76.14 -8.94 96.82
C ALA W 1610 -76.36 -7.46 96.50
N PRO W 1611 -77.52 -7.13 95.93
CA PRO W 1611 -77.77 -5.71 95.60
C PRO W 1611 -77.88 -4.82 96.83
N VAL W 1612 -78.37 -5.34 97.96
CA VAL W 1612 -78.40 -4.55 99.17
C VAL W 1612 -76.98 -4.28 99.67
N GLU W 1613 -76.11 -5.29 99.59
CA GLU W 1613 -74.71 -5.06 99.91
C GLU W 1613 -74.05 -4.19 98.86
N ARG W 1614 -74.41 -4.38 97.59
CA ARG W 1614 -73.85 -3.54 96.53
C ARG W 1614 -74.14 -2.07 96.80
N TYR W 1615 -75.29 -1.76 97.40
CA TYR W 1615 -75.57 -0.38 97.76
C TYR W 1615 -74.75 0.06 98.95
N ARG W 1616 -74.74 -0.73 100.02
CA ARG W 1616 -73.94 -0.38 101.19
C ARG W 1616 -72.46 -0.33 100.85
N GLN W 1617 -72.02 -1.20 99.94
CA GLN W 1617 -70.63 -1.19 99.52
C GLN W 1617 -70.27 0.13 98.85
N ILE W 1618 -71.25 0.81 98.26
CA ILE W 1618 -70.96 2.11 97.67
C ILE W 1618 -71.13 3.21 98.72
N LEU W 1619 -71.97 2.97 99.73
CA LEU W 1619 -72.02 3.89 100.87
C LEU W 1619 -70.67 3.98 101.56
N LEU W 1620 -69.98 2.84 101.71
CA LEU W 1620 -68.81 2.88 102.58
C LEU W 1620 -67.75 3.80 101.98
N PRO W 1621 -67.12 3.50 100.81
CA PRO W 1621 -66.15 4.45 100.25
C PRO W 1621 -66.69 5.87 100.17
N ALA W 1622 -67.97 6.01 99.84
CA ALA W 1622 -68.57 7.34 99.83
C ALA W 1622 -68.49 7.99 101.20
N LEU W 1623 -69.17 7.39 102.18
CA LEU W 1623 -69.18 7.97 103.52
C LEU W 1623 -67.79 7.91 104.16
N GLN W 1624 -67.02 6.86 103.86
CA GLN W 1624 -65.70 6.67 104.47
C GLN W 1624 -64.81 7.88 104.21
N ILE W 1625 -64.66 8.26 102.94
CA ILE W 1625 -63.76 9.36 102.63
C ILE W 1625 -64.36 10.68 103.12
N CYS W 1626 -65.68 10.79 103.06
CA CYS W 1626 -66.36 11.99 103.58
C CYS W 1626 -65.95 12.26 105.02
N GLN W 1627 -65.78 11.19 105.80
CA GLN W 1627 -65.40 11.34 107.20
C GLN W 1627 -63.91 11.59 107.36
N LEU W 1628 -63.09 10.88 106.58
CA LEU W 1628 -61.65 11.02 106.66
C LEU W 1628 -61.25 12.50 106.59
N ILE W 1629 -61.09 13.00 105.36
CA ILE W 1629 -60.72 14.40 105.13
C ILE W 1629 -61.14 15.32 106.27
N LEU W 1630 -62.44 15.60 106.36
CA LEU W 1630 -62.96 16.47 107.40
C LEU W 1630 -62.71 15.85 108.77
N THR W 1631 -62.92 14.54 108.87
CA THR W 1631 -62.70 13.83 110.12
C THR W 1631 -61.24 13.91 110.50
N SER W 1632 -60.37 13.77 109.50
CA SER W 1632 -58.92 13.83 109.71
C SER W 1632 -58.52 15.20 110.23
N SER W 1633 -59.15 16.25 109.70
CA SER W 1633 -58.86 17.62 110.11
C SER W 1633 -60.10 18.31 110.67
N LEU W 1638 -63.27 22.01 112.14
CA LEU W 1638 -64.61 22.36 111.69
C LEU W 1638 -65.15 21.39 110.64
N GLN W 1639 -64.32 21.06 109.66
CA GLN W 1639 -64.77 20.18 108.58
C GLN W 1639 -65.24 18.82 109.07
N ALA W 1640 -64.62 18.30 110.12
CA ALA W 1640 -64.96 16.98 110.63
C ALA W 1640 -66.45 16.83 110.90
N ALA W 1641 -67.03 17.83 111.57
CA ALA W 1641 -68.45 17.78 111.90
C ALA W 1641 -69.35 18.18 110.73
N GLY W 1642 -69.09 19.34 110.13
CA GLY W 1642 -69.95 19.83 109.07
C GLY W 1642 -70.04 19.03 107.79
N GLN W 1643 -68.91 18.74 107.16
CA GLN W 1643 -68.91 18.03 105.88
C GLN W 1643 -69.54 16.66 105.96
N VAL W 1644 -69.21 15.91 107.01
CA VAL W 1644 -69.74 14.56 107.16
C VAL W 1644 -71.23 14.53 107.51
N LEU W 1645 -71.73 15.52 108.24
CA LEU W 1645 -73.16 15.60 108.54
C LEU W 1645 -73.93 15.89 107.27
N GLN W 1646 -73.46 16.86 106.49
CA GLN W 1646 -74.05 17.19 105.20
C GLN W 1646 -74.15 15.95 104.32
N PHE W 1647 -73.27 14.98 104.54
CA PHE W 1647 -73.35 13.72 103.80
C PHE W 1647 -74.24 12.72 104.51
N LEU W 1648 -74.21 12.69 105.85
CA LEU W 1648 -75.11 11.79 106.57
C LEU W 1648 -76.56 12.20 106.39
N VAL W 1649 -76.81 13.50 106.25
CA VAL W 1649 -78.18 13.99 106.09
C VAL W 1649 -78.64 13.82 104.64
N ALA W 1650 -77.74 13.99 103.67
CA ALA W 1650 -78.12 13.87 102.27
C ALA W 1650 -78.62 12.47 101.95
N HIS W 1651 -78.29 11.48 102.78
CA HIS W 1651 -78.76 10.12 102.63
C HIS W 1651 -79.62 9.72 103.82
N SER W 1652 -80.46 10.64 104.29
CA SER W 1652 -81.21 10.40 105.52
C SER W 1652 -82.21 9.27 105.36
N ASP W 1653 -82.57 8.93 104.13
CA ASP W 1653 -83.48 7.80 103.92
C ASP W 1653 -82.76 6.48 104.14
N THR W 1654 -81.50 6.39 103.73
CA THR W 1654 -80.76 5.15 103.87
C THR W 1654 -80.18 5.00 105.27
N ILE W 1655 -79.72 6.10 105.85
CA ILE W 1655 -79.14 6.03 107.20
C ILE W 1655 -80.17 5.56 108.20
N GLN W 1656 -81.43 5.99 108.04
CA GLN W 1656 -82.46 5.60 108.98
C GLN W 1656 -83.01 4.22 108.65
N ALA W 1657 -82.69 3.69 107.47
CA ALA W 1657 -83.10 2.32 107.15
C ALA W 1657 -82.06 1.31 107.62
N ILE W 1658 -80.80 1.74 107.75
CA ILE W 1658 -79.78 0.87 108.31
C ILE W 1658 -79.94 0.76 109.82
N LEU W 1659 -80.17 1.87 110.50
CA LEU W 1659 -80.28 1.86 111.95
C LEU W 1659 -81.50 1.10 112.44
N ARG W 1660 -82.57 1.09 111.65
CA ARG W 1660 -83.79 0.38 112.03
C ARG W 1660 -83.82 -1.07 111.55
N SER W 1661 -82.78 -1.51 110.84
CA SER W 1661 -82.78 -2.83 110.22
C SER W 1661 -83.02 -3.91 111.27
N SER W 1665 -75.32 -10.68 111.27
CA SER W 1665 -74.41 -10.83 110.13
C SER W 1665 -73.17 -9.97 110.32
N LEU W 1666 -72.01 -10.54 110.00
CA LEU W 1666 -70.76 -9.79 110.17
C LEU W 1666 -70.76 -8.52 109.35
N GLY W 1667 -71.19 -8.59 108.09
CA GLY W 1667 -71.25 -7.41 107.25
C GLY W 1667 -72.14 -6.34 107.85
N SER W 1668 -73.33 -6.73 108.30
CA SER W 1668 -74.25 -5.79 108.91
C SER W 1668 -73.61 -5.13 110.13
N LEU W 1669 -72.93 -5.91 110.95
CA LEU W 1669 -72.28 -5.37 112.14
C LEU W 1669 -71.16 -4.40 111.79
N GLN W 1670 -70.41 -4.69 110.74
CA GLN W 1670 -69.34 -3.80 110.30
C GLN W 1670 -69.91 -2.52 109.73
N GLU W 1671 -71.09 -2.60 109.11
CA GLU W 1671 -71.74 -1.38 108.62
C GLU W 1671 -72.13 -0.52 109.81
N LEU W 1672 -72.70 -1.12 110.85
CA LEU W 1672 -73.07 -0.39 112.05
C LEU W 1672 -71.85 0.22 112.71
N ALA W 1673 -70.67 -0.37 112.48
CA ALA W 1673 -69.45 0.16 113.07
C ALA W 1673 -69.05 1.47 112.43
N LEU W 1674 -68.77 1.45 111.12
CA LEU W 1674 -68.33 2.65 110.45
C LEU W 1674 -69.38 3.75 110.53
N LEU W 1675 -70.65 3.39 110.39
CA LEU W 1675 -71.71 4.38 110.51
C LEU W 1675 -71.61 5.12 111.83
N THR W 1676 -71.54 4.38 112.94
CA THR W 1676 -71.42 5.03 114.24
C THR W 1676 -70.03 5.61 114.46
N GLY W 1677 -69.01 5.00 113.87
CA GLY W 1677 -67.70 5.62 113.90
C GLY W 1677 -67.66 6.91 113.09
N ILE W 1678 -68.52 7.00 112.08
CA ILE W 1678 -68.63 8.23 111.30
C ILE W 1678 -69.58 9.20 111.98
N ILE W 1679 -70.65 8.67 112.59
CA ILE W 1679 -71.64 9.52 113.24
C ILE W 1679 -71.02 10.36 114.35
N SER W 1680 -70.23 9.74 115.23
CA SER W 1680 -69.79 10.42 116.45
C SER W 1680 -68.70 11.46 116.17
N LYS W 1681 -67.86 11.23 115.17
CA LYS W 1681 -66.97 12.27 114.70
C LYS W 1681 -67.70 13.31 113.84
N ALA W 1682 -68.94 13.03 113.45
CA ALA W 1682 -69.72 13.97 112.65
C ALA W 1682 -70.86 14.62 113.41
N ALA W 1683 -71.65 13.84 114.15
CA ALA W 1683 -72.87 14.37 114.77
C ALA W 1683 -72.49 15.29 115.94
N LEU W 1684 -71.96 16.45 115.56
CA LEU W 1684 -71.56 17.48 116.50
C LEU W 1684 -72.47 18.70 116.34
N PRO W 1685 -73.25 19.06 117.35
CA PRO W 1685 -74.11 20.24 117.23
C PRO W 1685 -73.38 21.55 116.98
N GLY W 1686 -72.05 21.56 117.09
CA GLY W 1686 -71.31 22.73 116.65
C GLY W 1686 -71.44 22.99 115.16
N VAL W 1687 -71.73 21.95 114.39
CA VAL W 1687 -71.97 22.11 112.96
C VAL W 1687 -73.34 22.69 112.67
N LEU W 1688 -74.32 22.42 113.53
CA LEU W 1688 -75.68 22.95 113.40
C LEU W 1688 -75.73 24.45 113.21
N ASN W 1689 -75.06 25.22 114.07
CA ASN W 1689 -75.21 26.66 114.07
C ASN W 1689 -74.47 27.35 112.94
N GLU W 1690 -73.51 26.68 112.29
CA GLU W 1690 -72.81 27.27 111.17
C GLU W 1690 -73.26 26.74 109.82
N ASP W 1697 -83.01 27.71 110.50
CA ASP W 1697 -83.46 26.70 111.44
C ASP W 1697 -84.00 25.47 110.72
N GLY W 1698 -84.16 25.57 109.40
CA GLY W 1698 -84.57 24.42 108.61
C GLY W 1698 -83.53 23.32 108.65
N SER W 1699 -82.26 23.69 108.60
CA SER W 1699 -81.19 22.72 108.70
C SER W 1699 -80.81 22.42 110.14
N MET W 1700 -81.17 23.30 111.08
CA MET W 1700 -80.89 23.03 112.49
C MET W 1700 -81.91 22.08 113.09
N MET W 1701 -83.08 21.94 112.44
CA MET W 1701 -84.07 20.98 112.91
C MET W 1701 -83.95 19.66 112.14
N GLU W 1702 -83.53 19.72 110.88
CA GLU W 1702 -83.26 18.50 110.13
C GLU W 1702 -82.16 17.69 110.81
N LEU W 1703 -81.13 18.36 111.32
CA LEU W 1703 -80.02 17.65 111.93
C LEU W 1703 -80.30 17.31 113.38
N GLN W 1704 -81.08 18.13 114.07
CA GLN W 1704 -81.50 17.76 115.43
C GLN W 1704 -82.45 16.58 115.41
N GLY W 1705 -83.06 16.30 114.25
CA GLY W 1705 -83.88 15.11 114.13
C GLY W 1705 -83.08 13.88 113.76
N HIS W 1706 -81.97 14.09 113.04
CA HIS W 1706 -81.09 12.97 112.72
C HIS W 1706 -80.28 12.55 113.94
N ILE W 1707 -79.86 13.51 114.75
CA ILE W 1707 -79.11 13.17 115.97
C ILE W 1707 -80.00 12.40 116.93
N GLY W 1708 -81.24 12.86 117.11
CA GLY W 1708 -82.14 12.17 118.01
C GLY W 1708 -82.54 10.79 117.51
N ARG W 1709 -82.40 10.55 116.20
CA ARG W 1709 -82.62 9.22 115.68
C ARG W 1709 -81.43 8.32 115.95
N PHE W 1710 -80.22 8.85 115.80
CA PHE W 1710 -79.04 8.07 116.14
C PHE W 1710 -79.06 7.68 117.61
N GLN W 1711 -79.39 8.62 118.50
CA GLN W 1711 -79.42 8.32 119.92
C GLN W 1711 -80.47 7.28 120.25
N ARG W 1712 -81.63 7.35 119.60
CA ARG W 1712 -82.67 6.36 119.84
C ARG W 1712 -82.28 5.00 119.29
N GLN W 1713 -81.50 4.98 118.21
CA GLN W 1713 -81.14 3.71 117.60
C GLN W 1713 -79.88 3.12 118.20
N CYS W 1714 -79.05 3.95 118.86
CA CYS W 1714 -77.87 3.44 119.54
C CYS W 1714 -78.21 2.94 120.94
N LEU W 1715 -79.37 3.33 121.47
CA LEU W 1715 -79.85 2.73 122.71
C LEU W 1715 -80.60 1.44 122.43
N ALA W 1716 -81.18 1.30 121.24
CA ALA W 1716 -81.86 0.07 120.89
C ALA W 1716 -80.90 -1.08 120.69
N LEU W 1717 -79.60 -0.81 120.59
CA LEU W 1717 -78.61 -1.87 120.45
C LEU W 1717 -78.06 -2.34 121.78
N LEU W 1718 -78.47 -1.71 122.89
CA LEU W 1718 -78.09 -2.23 124.19
C LEU W 1718 -78.96 -3.41 124.60
N ASN W 1719 -80.15 -3.51 124.04
CA ASN W 1719 -81.03 -4.63 124.38
C ASN W 1719 -80.87 -5.79 123.40
N ARG W 1720 -80.24 -5.56 122.25
CA ARG W 1720 -80.01 -6.65 121.31
C ARG W 1720 -78.67 -7.32 121.58
N PHE W 1721 -77.67 -6.56 122.01
CA PHE W 1721 -76.36 -7.12 122.31
C PHE W 1721 -76.08 -7.23 123.81
N GLY W 1722 -76.68 -6.40 124.64
CA GLY W 1722 -76.51 -6.48 126.06
C GLY W 1722 -77.64 -7.19 126.80
N GLY W 1723 -78.37 -8.07 126.12
CA GLY W 1723 -79.48 -8.78 126.71
C GLY W 1723 -79.36 -10.28 126.48
N SER W 1724 -80.49 -10.96 126.71
CA SER W 1724 -80.55 -12.41 126.54
C SER W 1724 -80.49 -12.81 125.07
N ASP W 1725 -80.68 -11.85 124.17
CA ASP W 1725 -80.56 -12.11 122.74
C ASP W 1725 -79.12 -12.14 122.26
N ARG W 1726 -78.16 -11.89 123.14
CA ARG W 1726 -76.76 -12.07 122.77
C ARG W 1726 -76.42 -13.54 122.62
N LEU W 1727 -77.14 -14.40 123.35
CA LEU W 1727 -76.89 -15.84 123.26
C LEU W 1727 -77.48 -16.45 122.01
N ARG W 1728 -78.60 -15.93 121.52
CA ARG W 1728 -79.22 -16.47 120.31
C ARG W 1728 -78.50 -16.03 119.05
N GLN W 1729 -77.82 -14.89 119.08
CA GLN W 1729 -77.04 -14.45 117.93
C GLN W 1729 -75.71 -15.20 117.82
N LEU W 1730 -75.26 -15.83 118.90
CA LEU W 1730 -74.02 -16.60 118.87
C LEU W 1730 -74.27 -18.08 118.64
N SER W 1731 -75.46 -18.58 119.02
CA SER W 1731 -75.81 -19.98 118.82
C SER W 1731 -76.34 -20.25 117.42
N LEU W 1732 -76.99 -19.26 116.79
CA LEU W 1732 -77.51 -19.42 115.44
C LEU W 1732 -76.41 -19.54 114.40
N GLN W 1733 -75.18 -19.13 114.72
CA GLN W 1733 -74.03 -19.36 113.88
C GLN W 1733 -73.28 -20.64 114.23
N ASP W 1734 -73.60 -21.25 115.37
CA ASP W 1734 -72.91 -22.48 115.76
C ASP W 1734 -73.42 -23.70 114.99
N ASP W 1735 -74.42 -23.54 114.13
CA ASP W 1735 -74.75 -24.61 113.20
C ASP W 1735 -73.55 -24.96 112.35
N SER W 1736 -72.84 -23.96 111.85
CA SER W 1736 -71.52 -24.11 111.29
C SER W 1736 -70.71 -22.86 111.60
N SER W 1737 -70.00 -22.87 112.73
CA SER W 1737 -69.35 -21.67 113.25
C SER W 1737 -67.92 -21.63 112.75
N ARG W 1738 -67.76 -21.25 111.48
CA ARG W 1738 -66.44 -21.11 110.91
C ARG W 1738 -65.72 -19.92 111.52
N LEU W 1739 -64.53 -19.63 111.00
CA LEU W 1739 -63.83 -18.42 111.42
C LEU W 1739 -64.60 -17.16 111.03
N ASP W 1740 -65.66 -17.30 110.23
CA ASP W 1740 -66.58 -16.17 110.02
C ASP W 1740 -67.37 -15.88 111.28
N GLY W 1741 -68.03 -16.91 111.83
CA GLY W 1741 -68.89 -16.70 112.98
C GLY W 1741 -68.17 -16.07 114.16
N VAL W 1742 -66.92 -16.47 114.39
CA VAL W 1742 -66.13 -15.84 115.44
C VAL W 1742 -65.86 -14.38 115.09
N SER W 1743 -65.67 -14.10 113.80
CA SER W 1743 -65.45 -12.71 113.40
C SER W 1743 -66.73 -11.91 113.43
N LYS W 1744 -67.89 -12.55 113.25
CA LYS W 1744 -69.15 -11.84 113.41
C LYS W 1744 -69.31 -11.36 114.84
N LYS W 1745 -69.02 -12.22 115.80
CA LYS W 1745 -69.15 -11.87 117.21
C LYS W 1745 -68.21 -10.72 117.58
N ASP W 1746 -66.99 -10.72 117.07
CA ASP W 1746 -66.08 -9.62 117.32
C ASP W 1746 -66.64 -8.31 116.78
N ASP W 1747 -67.33 -8.38 115.65
CA ASP W 1747 -68.01 -7.21 115.13
C ASP W 1747 -69.36 -6.97 115.78
N MET W 1748 -70.01 -8.03 116.29
CA MET W 1748 -71.13 -7.80 117.19
C MET W 1748 -70.69 -6.96 118.38
N GLU W 1749 -69.56 -7.30 118.99
CA GLU W 1749 -69.09 -6.53 120.12
C GLU W 1749 -68.57 -5.17 119.67
N LEU W 1750 -67.88 -5.14 118.54
CA LEU W 1750 -67.35 -3.86 118.06
C LEU W 1750 -68.48 -2.95 117.62
N ALA W 1751 -69.68 -3.50 117.44
CA ALA W 1751 -70.86 -2.65 117.50
C ALA W 1751 -71.04 -2.10 118.91
N MET W 1752 -71.35 -2.98 119.87
CA MET W 1752 -71.72 -2.53 121.22
C MET W 1752 -70.69 -1.61 121.84
N GLN W 1753 -69.41 -1.88 121.61
CA GLN W 1753 -68.37 -1.11 122.26
C GLN W 1753 -68.11 0.19 121.51
N GLN W 1754 -67.94 0.10 120.18
CA GLN W 1754 -67.51 1.26 119.42
C GLN W 1754 -68.68 2.19 119.08
N ILE W 1755 -69.88 1.65 118.90
CA ILE W 1755 -71.02 2.52 118.59
C ILE W 1755 -71.37 3.36 119.80
N CYS W 1756 -71.32 2.77 120.99
CA CYS W 1756 -71.76 3.46 122.20
C CYS W 1756 -70.70 4.39 122.74
N SER W 1757 -69.46 3.91 122.90
CA SER W 1757 -68.34 4.78 123.24
C SER W 1757 -68.28 6.01 122.36
N ASN W 1758 -68.40 5.79 121.06
CA ASN W 1758 -68.41 6.90 120.14
C ASN W 1758 -69.54 7.83 120.53
N VAL W 1759 -70.77 7.33 120.55
CA VAL W 1759 -71.94 8.17 120.86
C VAL W 1759 -71.86 8.77 122.26
N MET W 1760 -71.43 7.99 123.24
CA MET W 1760 -71.29 8.49 124.61
C MET W 1760 -70.14 9.47 124.72
N GLU W 1761 -69.08 9.31 123.94
CA GLU W 1761 -68.00 10.28 123.94
C GLU W 1761 -68.56 11.56 123.37
N TYR W 1762 -69.40 11.45 122.35
CA TYR W 1762 -70.03 12.63 121.78
C TYR W 1762 -70.85 13.31 122.86
N CYS W 1763 -71.62 12.54 123.62
CA CYS W 1763 -72.43 13.11 124.69
C CYS W 1763 -71.54 13.85 125.67
N GLN W 1764 -70.44 13.24 126.08
CA GLN W 1764 -69.51 13.86 127.03
C GLN W 1764 -68.91 15.14 126.49
N ALA W 1765 -68.55 15.18 125.21
CA ALA W 1765 -67.98 16.37 124.59
C ALA W 1765 -69.02 17.45 124.59
N LEU W 1766 -70.25 17.08 124.26
CA LEU W 1766 -71.33 18.04 124.27
C LEU W 1766 -71.43 18.64 125.65
N MET W 1767 -71.42 17.79 126.68
CA MET W 1767 -71.51 18.27 128.05
C MET W 1767 -70.38 19.24 128.34
N ILE W 1768 -69.14 18.88 128.01
CA ILE W 1768 -68.00 19.75 128.28
C ILE W 1768 -68.20 21.11 127.62
N GLN W 1769 -68.64 21.13 126.37
CA GLN W 1769 -68.86 22.39 125.66
C GLN W 1769 -69.87 23.29 126.36
N ASN W 1770 -70.92 22.73 126.95
CA ASN W 1770 -71.96 23.55 127.56
C ASN W 1770 -72.07 23.47 129.09
N SER W 1771 -71.03 23.01 129.77
CA SER W 1771 -71.06 22.84 131.23
C SER W 1771 -72.32 22.09 131.62
N PRO W 1772 -72.38 20.78 131.33
CA PRO W 1772 -73.60 20.00 131.54
C PRO W 1772 -74.88 20.83 131.63
N SER W 1773 -75.24 21.56 130.56
CA SER W 1773 -76.41 22.44 130.57
C SER W 1773 -76.45 23.28 131.86
N PHE W 1774 -75.57 24.27 131.96
CA PHE W 1774 -75.46 25.07 133.19
C PHE W 1774 -76.76 25.65 133.73
N GLN W 1775 -77.63 26.14 132.85
CA GLN W 1775 -78.86 26.79 133.30
C GLN W 1775 -80.01 25.81 133.52
N GLN W 1776 -79.70 24.52 133.66
CA GLN W 1776 -80.77 23.52 133.84
C GLN W 1776 -81.30 23.55 135.26
N THR W 1777 -81.23 24.72 135.90
CA THR W 1777 -81.86 24.93 137.18
C THR W 1777 -83.37 24.74 137.10
N VAL W 1778 -83.93 24.77 135.89
CA VAL W 1778 -85.29 24.32 135.63
C VAL W 1778 -85.33 22.83 135.93
N CYS W 1779 -86.36 22.39 136.65
CA CYS W 1779 -86.39 21.03 137.16
C CYS W 1779 -86.09 20.01 136.07
N LEU W 1780 -84.93 19.35 136.19
CA LEU W 1780 -84.58 18.32 135.22
C LEU W 1780 -85.48 17.10 135.34
N PHE W 1781 -85.87 16.76 136.55
CA PHE W 1781 -86.74 15.62 136.81
C PHE W 1781 -88.08 16.13 137.31
N THR W 1782 -89.13 15.43 136.96
CA THR W 1782 -90.44 15.77 137.46
C THR W 1782 -90.53 15.42 138.94
N PRO W 1783 -91.28 16.20 139.73
CA PRO W 1783 -91.31 15.96 141.18
C PRO W 1783 -92.10 14.72 141.58
N SER W 1784 -91.81 13.59 140.96
CA SER W 1784 -92.50 12.35 141.27
C SER W 1784 -91.52 11.25 141.67
N SER W 1801 -93.15 4.84 113.73
CA SER W 1801 -93.13 6.29 113.57
C SER W 1801 -92.08 6.72 112.58
N ILE W 1802 -92.50 7.42 111.54
CA ILE W 1802 -91.61 8.01 110.55
C ILE W 1802 -91.33 9.44 111.00
N LEU W 1803 -90.19 9.99 110.58
CA LEU W 1803 -89.78 11.34 110.97
C LEU W 1803 -90.88 12.35 110.62
N PRO W 1804 -91.54 12.91 111.61
CA PRO W 1804 -92.57 13.93 111.33
C PRO W 1804 -91.95 15.30 111.16
N SER W 1805 -92.78 16.33 111.05
CA SER W 1805 -92.28 17.69 110.98
C SER W 1805 -91.52 18.06 112.25
N TRP W 1806 -92.02 17.63 113.40
CA TRP W 1806 -91.36 17.88 114.68
C TRP W 1806 -91.66 16.74 115.65
N ARG W 1807 -90.69 16.42 116.49
CA ARG W 1807 -90.88 15.43 117.54
C ARG W 1807 -90.03 15.81 118.75
N LEU W 1808 -90.61 15.74 119.91
CA LEU W 1808 -89.93 16.14 121.13
C LEU W 1808 -89.25 14.94 121.77
N PRO W 1809 -88.06 15.13 122.33
CA PRO W 1809 -87.35 14.00 122.94
C PRO W 1809 -87.73 13.82 124.40
N SER W 1810 -87.11 12.86 125.07
CA SER W 1810 -87.33 12.63 126.48
C SER W 1810 -85.99 12.73 127.21
N LEU W 1811 -86.05 12.99 128.51
CA LEU W 1811 -84.86 13.11 129.33
C LEU W 1811 -84.65 11.94 130.27
N GLY W 1812 -85.69 11.17 130.59
CA GLY W 1812 -85.49 9.93 131.30
C GLY W 1812 -84.70 8.92 130.48
N VAL W 1813 -84.45 9.23 129.22
CA VAL W 1813 -83.60 8.42 128.34
C VAL W 1813 -82.17 8.40 128.87
N VAL W 1814 -81.74 9.46 129.55
CA VAL W 1814 -80.40 9.50 130.10
C VAL W 1814 -80.24 8.50 131.24
N ILE W 1815 -81.27 8.35 132.08
CA ILE W 1815 -81.21 7.39 133.17
C ILE W 1815 -81.25 5.96 132.63
N HIS W 1816 -82.04 5.72 131.58
CA HIS W 1816 -82.04 4.41 130.95
C HIS W 1816 -80.70 4.12 130.31
N LEU W 1817 -80.07 5.13 129.72
CA LEU W 1817 -78.72 4.95 129.18
C LEU W 1817 -77.71 4.66 130.29
N LEU W 1818 -77.89 5.30 131.45
CA LEU W 1818 -76.99 5.04 132.57
C LEU W 1818 -77.19 3.63 133.13
N LYS W 1819 -78.44 3.25 133.37
CA LYS W 1819 -78.69 1.91 133.89
C LYS W 1819 -78.28 0.84 132.89
N GLN W 1820 -78.33 1.15 131.60
CA GLN W 1820 -77.93 0.17 130.61
C GLN W 1820 -76.42 0.11 130.47
N SER W 1821 -75.75 1.27 130.49
CA SER W 1821 -74.30 1.26 130.36
C SER W 1821 -73.64 0.70 131.61
N ALA W 1822 -74.24 0.91 132.77
CA ALA W 1822 -73.69 0.32 134.00
C ALA W 1822 -73.90 -1.19 134.02
N ASN W 1823 -74.91 -1.67 133.31
CA ASN W 1823 -75.13 -3.11 133.23
C ASN W 1823 -74.35 -3.73 132.07
N ASN W 1824 -74.06 -2.95 131.03
CA ASN W 1824 -73.25 -3.46 129.94
C ASN W 1824 -71.77 -3.41 130.27
N PHE W 1825 -71.38 -2.58 131.24
CA PHE W 1825 -69.97 -2.55 131.65
C PHE W 1825 -69.56 -3.88 132.26
N PHE W 1826 -70.37 -4.42 133.16
CA PHE W 1826 -70.02 -5.67 133.81
C PHE W 1826 -70.06 -6.84 132.83
N THR W 1827 -70.91 -6.76 131.81
CA THR W 1827 -70.92 -7.82 130.81
C THR W 1827 -69.79 -7.63 129.82
N TYR W 1828 -69.38 -6.39 129.58
CA TYR W 1828 -68.23 -6.14 128.71
C TYR W 1828 -66.92 -6.40 129.44
N TYR W 1829 -66.95 -6.39 130.78
CA TYR W 1829 -65.75 -6.67 131.55
C TYR W 1829 -65.55 -8.16 131.75
N ASP W 1830 -66.63 -8.89 132.06
CA ASP W 1830 -66.54 -10.33 132.24
C ASP W 1830 -66.21 -11.04 130.94
N ILE W 1831 -66.51 -10.40 129.82
CA ILE W 1831 -66.14 -10.98 128.54
C ILE W 1831 -64.66 -10.72 128.28
N HIS W 1832 -64.21 -9.50 128.58
CA HIS W 1832 -62.81 -9.13 128.35
C HIS W 1832 -61.85 -10.00 129.13
N ARG W 1833 -62.16 -10.26 130.40
CA ARG W 1833 -61.31 -11.12 131.21
C ARG W 1833 -61.18 -12.50 130.57
N GLN W 1834 -62.31 -13.07 130.14
CA GLN W 1834 -62.28 -14.39 129.52
C GLN W 1834 -61.49 -14.37 128.21
N SER W 1835 -61.62 -13.30 127.43
CA SER W 1835 -60.86 -13.18 126.18
C SER W 1835 -59.37 -13.12 126.47
N VAL W 1836 -58.97 -12.39 127.51
CA VAL W 1836 -57.57 -12.33 127.90
C VAL W 1836 -57.08 -13.69 128.36
N GLY W 1837 -57.92 -14.43 129.07
CA GLY W 1837 -57.56 -15.77 129.49
C GLY W 1837 -57.35 -16.67 128.28
N LYS W 1838 -58.17 -16.50 127.25
CA LYS W 1838 -58.02 -17.28 126.03
C LYS W 1838 -56.75 -16.89 125.28
N LEU W 1839 -56.40 -15.61 125.30
CA LEU W 1839 -55.16 -15.17 124.66
C LEU W 1839 -53.96 -15.74 125.40
N GLN W 1840 -54.06 -15.88 126.72
CA GLN W 1840 -52.97 -16.50 127.47
C GLN W 1840 -52.82 -17.98 127.14
N ASN W 1841 -53.95 -18.67 126.97
CA ASN W 1841 -53.94 -20.06 126.53
C ASN W 1841 -53.27 -20.20 125.18
N VAL W 1842 -53.62 -19.30 124.26
CA VAL W 1842 -53.00 -19.33 122.93
C VAL W 1842 -51.51 -19.11 123.03
N GLU W 1843 -51.08 -18.22 123.94
CA GLU W 1843 -49.66 -17.98 124.14
C GLU W 1843 -48.92 -19.21 124.73
N GLN W 1844 -49.57 -19.93 125.64
CA GLN W 1844 -48.94 -21.11 126.27
C GLN W 1844 -48.54 -22.21 125.29
N LEU W 1845 -48.80 -22.02 124.01
CA LEU W 1845 -48.42 -22.96 122.97
C LEU W 1845 -47.07 -22.58 122.36
N PRO W 1846 -45.99 -23.27 122.70
CA PRO W 1846 -44.66 -22.87 122.24
C PRO W 1846 -44.32 -23.54 120.91
N ILE W 1865 -51.79 -31.55 106.42
CA ILE W 1865 -51.00 -30.33 106.54
C ILE W 1865 -49.59 -30.69 106.99
N SER W 1866 -48.60 -30.06 106.36
CA SER W 1866 -47.21 -30.34 106.70
C SER W 1866 -46.94 -29.98 108.15
N THR W 1867 -45.91 -30.62 108.71
CA THR W 1867 -45.64 -30.45 110.14
C THR W 1867 -45.20 -29.03 110.48
N THR W 1868 -44.34 -28.43 109.65
CA THR W 1868 -43.95 -27.05 109.88
C THR W 1868 -45.09 -26.10 109.52
N GLN W 1869 -45.80 -26.39 108.44
CA GLN W 1869 -46.93 -25.56 108.02
C GLN W 1869 -48.18 -25.80 108.86
N LYS W 1870 -48.22 -26.87 109.66
CA LYS W 1870 -49.28 -27.00 110.65
C LYS W 1870 -49.23 -25.86 111.65
N TYR W 1871 -48.03 -25.37 111.93
CA TYR W 1871 -47.87 -24.21 112.80
C TYR W 1871 -47.48 -22.97 112.03
N GLY W 1872 -47.46 -23.04 110.69
CA GLY W 1872 -47.62 -21.83 109.91
C GLY W 1872 -49.06 -21.40 109.86
N LEU W 1873 -49.99 -22.36 110.02
CA LEU W 1873 -51.40 -22.04 110.10
C LEU W 1873 -51.86 -21.92 111.55
N ALA W 1874 -51.34 -22.76 112.45
CA ALA W 1874 -51.69 -22.62 113.86
C ALA W 1874 -51.27 -21.25 114.38
N ARG W 1875 -50.10 -20.78 113.97
CA ARG W 1875 -49.71 -19.41 114.31
C ARG W 1875 -50.67 -18.40 113.68
N ARG W 1876 -51.23 -18.72 112.51
CA ARG W 1876 -52.20 -17.84 111.90
C ARG W 1876 -53.49 -17.80 112.71
N ARG W 1877 -53.92 -18.96 113.21
CA ARG W 1877 -55.07 -18.98 114.11
C ARG W 1877 -54.73 -18.35 115.46
N LEU W 1878 -53.52 -18.59 115.97
CA LEU W 1878 -53.11 -18.01 117.24
C LEU W 1878 -52.88 -16.51 117.14
N VAL W 1879 -52.49 -16.02 115.96
CA VAL W 1879 -52.34 -14.57 115.80
C VAL W 1879 -53.68 -13.91 115.54
N LYS W 1880 -54.57 -14.54 114.77
CA LYS W 1880 -55.92 -14.00 114.61
C LYS W 1880 -56.64 -13.94 115.95
N LEU W 1881 -56.26 -14.81 116.88
CA LEU W 1881 -56.76 -14.69 118.25
C LEU W 1881 -56.11 -13.51 118.96
N ILE W 1882 -54.84 -13.24 118.66
CA ILE W 1882 -54.17 -12.08 119.24
C ILE W 1882 -54.79 -10.80 118.69
N ASN W 1883 -55.20 -10.80 117.43
CA ASN W 1883 -55.93 -9.66 116.88
C ASN W 1883 -57.24 -9.45 117.62
N SER W 1884 -57.98 -10.53 117.85
CA SER W 1884 -59.29 -10.40 118.46
C SER W 1884 -59.20 -9.97 119.91
N ARG W 1885 -58.27 -10.54 120.67
CA ARG W 1885 -58.21 -10.22 122.09
C ARG W 1885 -57.59 -8.86 122.34
N ALA W 1886 -56.67 -8.43 121.48
CA ALA W 1886 -56.14 -7.08 121.59
C ALA W 1886 -57.18 -6.04 121.20
N LYS W 1887 -58.12 -6.40 120.34
CA LYS W 1887 -59.27 -5.53 120.09
C LYS W 1887 -60.17 -5.47 121.31
N LEU W 1888 -60.36 -6.61 121.97
CA LEU W 1888 -61.21 -6.63 123.17
C LEU W 1888 -60.53 -5.94 124.34
N LEU W 1889 -59.20 -5.92 124.37
CA LEU W 1889 -58.50 -5.13 125.37
C LEU W 1889 -58.78 -3.65 125.18
N SER W 1890 -58.73 -3.18 123.93
CA SER W 1890 -58.88 -1.75 123.67
C SER W 1890 -60.33 -1.31 123.84
N LEU W 1891 -61.28 -2.21 123.61
CA LEU W 1891 -62.68 -1.84 123.78
C LEU W 1891 -63.05 -1.76 125.25
N CYS W 1892 -62.74 -2.79 126.03
CA CYS W 1892 -63.20 -2.85 127.41
C CYS W 1892 -62.34 -1.98 128.33
N SER W 1893 -61.18 -1.53 127.86
CA SER W 1893 -60.45 -0.50 128.60
C SER W 1893 -61.08 0.87 128.34
N TYR W 1894 -61.78 1.00 127.22
CA TYR W 1894 -62.41 2.27 126.90
C TYR W 1894 -63.88 2.27 127.32
N ILE W 1895 -64.49 1.09 127.41
CA ILE W 1895 -65.84 0.99 128.00
C ILE W 1895 -65.80 1.47 129.44
N ILE W 1896 -64.79 1.04 130.18
CA ILE W 1896 -64.61 1.50 131.56
C ILE W 1896 -64.42 3.01 131.59
N GLU W 1897 -63.65 3.56 130.66
CA GLU W 1897 -63.39 5.01 130.63
C GLU W 1897 -64.65 5.80 130.39
N THR W 1898 -65.32 5.49 129.28
CA THR W 1898 -66.54 6.19 128.93
C THR W 1898 -67.54 6.06 130.07
N CYS W 1899 -67.80 4.83 130.50
CA CYS W 1899 -68.77 4.61 131.57
C CYS W 1899 -68.35 5.39 132.80
N LEU W 1900 -67.08 5.33 133.16
CA LEU W 1900 -66.58 6.09 134.30
C LEU W 1900 -66.98 7.55 134.20
N TYR W 1901 -66.50 8.28 133.18
CA TYR W 1901 -66.91 9.67 132.99
C TYR W 1901 -68.40 9.83 133.19
N ILE W 1902 -69.20 9.13 132.40
CA ILE W 1902 -70.64 9.30 132.46
C ILE W 1902 -71.15 9.20 133.88
N LEU W 1903 -70.94 8.05 134.54
CA LEU W 1903 -71.49 7.87 135.89
C LEU W 1903 -70.98 8.95 136.85
N TRP W 1904 -69.69 9.26 136.80
CA TRP W 1904 -69.12 10.27 137.69
C TRP W 1904 -69.86 11.58 137.53
N ARG W 1905 -69.95 12.08 136.30
CA ARG W 1905 -70.60 13.38 136.09
C ARG W 1905 -72.09 13.35 136.42
N HIS W 1906 -72.74 12.22 136.17
CA HIS W 1906 -74.15 12.11 136.50
C HIS W 1906 -74.30 12.29 137.99
N LEU W 1907 -73.49 11.57 138.77
CA LEU W 1907 -73.56 11.69 140.23
C LEU W 1907 -73.26 13.12 140.64
N GLU W 1908 -72.28 13.75 139.99
CA GLU W 1908 -71.95 15.14 140.27
C GLU W 1908 -73.13 16.08 140.09
N TYR W 1909 -73.87 15.98 138.99
CA TYR W 1909 -75.06 16.84 138.88
C TYR W 1909 -76.11 16.35 139.84
N TYR W 1910 -76.25 15.03 139.95
CA TYR W 1910 -77.31 14.46 140.77
C TYR W 1910 -77.06 14.72 142.26
N LEU W 1911 -75.88 15.23 142.60
CA LEU W 1911 -75.61 15.57 143.99
C LEU W 1911 -76.58 16.62 144.49
N LEU W 1912 -76.58 17.78 143.84
CA LEU W 1912 -77.36 18.92 144.25
C LEU W 1912 -78.85 18.60 144.19
N HIS W 1913 -79.35 18.23 143.01
CA HIS W 1913 -80.74 17.85 142.86
C HIS W 1913 -81.05 16.72 143.82
N CYS W 1914 -81.84 17.00 144.87
CA CYS W 1914 -82.07 16.07 145.96
C CYS W 1914 -82.47 14.69 145.43
N THR W 1915 -81.65 13.67 145.72
CA THR W 1915 -81.92 12.33 145.23
C THR W 1915 -83.21 11.77 145.78
N THR W 1916 -83.70 12.30 146.90
CA THR W 1916 -84.99 11.89 147.42
C THR W 1916 -85.99 13.03 147.26
N GLN X 18 -77.85 38.50 3.91
CA GLN X 18 -78.89 39.21 3.18
C GLN X 18 -78.70 39.06 1.69
N GLN X 19 -79.71 39.42 0.91
CA GLN X 19 -79.61 39.37 -0.55
C GLN X 19 -79.20 37.98 -1.05
N ASN X 20 -79.70 36.91 -0.41
CA ASN X 20 -79.39 35.51 -0.79
C ASN X 20 -77.95 35.04 -0.53
N ARG X 21 -77.19 35.76 0.28
CA ARG X 21 -75.84 35.33 0.61
C ARG X 21 -75.90 34.25 1.66
N HIS X 22 -75.19 33.15 1.41
CA HIS X 22 -75.16 32.06 2.38
C HIS X 22 -74.35 32.47 3.58
N ILE X 23 -74.79 32.04 4.77
CA ILE X 23 -74.08 32.43 5.98
C ILE X 23 -73.29 31.25 6.53
N GLY X 24 -71.97 31.32 6.41
CA GLY X 24 -71.11 30.28 6.95
C GLY X 24 -70.89 30.42 8.43
N PHE X 25 -70.36 29.38 9.06
CA PHE X 25 -70.13 29.41 10.50
C PHE X 25 -68.82 28.76 10.88
N SER X 26 -68.21 29.24 11.96
CA SER X 26 -66.95 28.68 12.41
C SER X 26 -67.00 28.53 13.91
N TRP X 27 -67.26 27.32 14.36
CA TRP X 27 -67.37 27.08 15.79
C TRP X 27 -66.02 27.20 16.47
N GLY X 28 -65.90 28.17 17.37
CA GLY X 28 -64.66 28.32 18.12
C GLY X 28 -64.80 27.65 19.47
N PRO X 29 -63.96 28.04 20.43
CA PRO X 29 -64.05 27.47 21.78
C PRO X 29 -65.12 28.17 22.62
N GLY X 30 -66.38 27.91 22.30
CA GLY X 30 -67.48 28.52 23.03
C GLY X 30 -68.12 29.70 22.32
N ASP X 31 -67.65 30.03 21.11
CA ASP X 31 -68.17 31.17 20.38
C ASP X 31 -68.39 30.88 18.91
N LEU X 32 -69.57 31.19 18.40
CA LEU X 32 -69.87 30.94 16.99
C LEU X 32 -69.58 32.17 16.16
N LEU X 33 -68.81 31.99 15.09
CA LEU X 33 -68.51 33.10 14.21
C LEU X 33 -69.38 33.03 12.99
N LEU X 34 -70.06 34.12 12.69
CA LEU X 34 -70.92 34.15 11.51
C LEU X 34 -70.35 35.06 10.44
N TYR X 35 -70.18 34.52 9.24
CA TYR X 35 -69.66 35.31 8.12
C TYR X 35 -70.52 35.09 6.88
N GLU X 36 -70.69 36.14 6.09
CA GLU X 36 -71.49 36.02 4.87
C GLU X 36 -70.61 35.62 3.70
N THR X 37 -70.70 34.36 3.28
CA THR X 37 -69.85 33.88 2.19
C THR X 37 -70.40 34.34 0.84
N LEU X 38 -69.82 33.84 -0.25
CA LEU X 38 -70.26 34.24 -1.58
C LEU X 38 -71.67 33.74 -1.90
N TYR X 39 -72.17 34.12 -3.07
CA TYR X 39 -73.52 33.73 -3.47
C TYR X 39 -73.62 32.28 -3.95
N GLN X 40 -72.61 31.46 -3.66
CA GLN X 40 -72.57 30.03 -4.10
C GLN X 40 -72.37 29.94 -5.61
N LYS X 41 -73.21 30.63 -6.38
CA LYS X 41 -73.06 30.65 -7.83
C LYS X 41 -71.83 31.45 -8.22
N GLN X 42 -71.22 31.11 -9.35
CA GLN X 42 -70.00 31.78 -9.77
C GLN X 42 -70.17 33.29 -9.80
N GLY X 43 -69.26 34.01 -9.16
CA GLY X 43 -69.35 35.46 -9.10
C GLY X 43 -69.30 36.11 -10.46
N THR X 47 -77.38 43.43 -6.46
CA THR X 47 -77.15 44.03 -5.15
C THR X 47 -75.67 44.11 -4.83
N ALA X 48 -75.10 45.31 -4.94
CA ALA X 48 -73.69 45.49 -4.68
C ALA X 48 -73.44 46.14 -3.32
N ALA X 49 -72.69 45.46 -2.46
CA ALA X 49 -72.36 46.02 -1.14
C ALA X 49 -70.89 45.83 -0.82
N ARG X 50 -70.57 45.83 0.46
CA ARG X 50 -69.22 45.50 0.89
C ARG X 50 -69.41 44.30 1.82
N CYS X 51 -68.34 43.83 2.44
CA CYS X 51 -68.49 42.74 3.40
C CYS X 51 -67.78 43.11 4.69
N PRO X 52 -68.40 43.99 5.48
CA PRO X 52 -67.71 44.44 6.69
C PRO X 52 -68.27 43.82 7.97
N PHE X 53 -68.81 42.62 7.93
CA PHE X 53 -69.45 42.06 9.13
C PHE X 53 -68.85 40.75 9.63
N MET X 54 -68.82 40.56 10.94
CA MET X 54 -68.30 39.33 11.53
C MET X 54 -68.84 39.21 12.94
N TYR X 55 -70.07 38.76 13.10
CA TYR X 55 -70.69 38.71 14.42
C TYR X 55 -70.24 37.56 15.32
N LEU X 56 -70.38 37.73 16.62
CA LEU X 56 -70.03 36.68 17.57
C LEU X 56 -71.23 36.30 18.43
N VAL X 57 -71.63 35.04 18.40
CA VAL X 57 -72.83 34.61 19.13
C VAL X 57 -72.48 33.82 20.39
N ARG X 58 -73.13 34.15 21.51
CA ARG X 58 -72.86 33.46 22.79
C ARG X 58 -74.02 33.47 23.78
N GLU X 61 -76.89 37.66 29.73
CA GLU X 61 -75.55 37.81 30.28
C GLU X 61 -75.47 37.27 31.69
N ASP X 62 -76.23 36.22 32.01
CA ASP X 62 -76.24 35.74 33.39
C ASP X 62 -74.86 35.59 34.00
N ILE X 63 -73.93 34.99 33.29
CA ILE X 63 -72.60 34.75 33.84
C ILE X 63 -71.70 35.97 33.86
N TYR X 64 -72.13 37.06 33.22
CA TYR X 64 -71.28 38.25 33.14
C TYR X 64 -71.59 39.30 34.22
N SER X 65 -72.75 39.22 34.85
CA SER X 65 -73.10 40.15 35.92
C SER X 65 -72.16 39.96 37.08
N PRO X 66 -71.52 41.03 37.61
CA PRO X 66 -70.58 40.73 38.71
C PRO X 66 -71.21 40.12 39.98
N VAL X 67 -72.35 40.64 40.41
CA VAL X 67 -72.94 40.15 41.65
C VAL X 67 -73.29 38.68 41.53
N LEU X 68 -73.72 38.28 40.33
CA LEU X 68 -74.07 36.90 40.10
C LEU X 68 -72.83 36.02 40.21
N ARG X 69 -71.65 36.52 39.84
CA ARG X 69 -70.43 35.75 40.01
C ARG X 69 -70.14 35.45 41.47
N LYS X 70 -70.32 36.45 42.32
CA LYS X 70 -70.14 36.24 43.76
C LYS X 70 -71.17 35.24 44.25
N LEU X 71 -72.40 35.35 43.74
CA LEU X 71 -73.42 34.39 44.11
C LEU X 71 -72.92 33.00 43.81
N PHE X 72 -72.42 32.80 42.58
CA PHE X 72 -71.92 31.50 42.19
C PHE X 72 -70.82 31.01 43.10
N ASN X 73 -69.84 31.86 43.39
CA ASN X 73 -68.76 31.47 44.29
C ASN X 73 -69.29 30.96 45.62
N GLU X 74 -70.09 31.76 46.31
CA GLU X 74 -70.55 31.35 47.64
C GLU X 74 -71.35 30.06 47.58
N SER X 75 -72.17 29.94 46.54
CA SER X 75 -72.99 28.75 46.41
C SER X 75 -72.12 27.53 46.24
N HIS X 76 -71.01 27.66 45.52
CA HIS X 76 -70.10 26.54 45.34
C HIS X 76 -69.55 26.06 46.68
N SER X 77 -69.13 27.00 47.53
CA SER X 77 -68.65 26.63 48.85
C SER X 77 -69.74 25.94 49.65
N ILE X 78 -70.96 26.48 49.61
CA ILE X 78 -72.06 25.83 50.32
C ILE X 78 -72.23 24.40 49.84
N PHE X 79 -72.19 24.19 48.53
CA PHE X 79 -72.32 22.85 47.96
C PHE X 79 -71.24 21.91 48.45
N VAL X 80 -69.99 22.37 48.44
CA VAL X 80 -68.90 21.53 48.91
C VAL X 80 -69.13 21.14 50.37
N GLY X 81 -69.52 22.11 51.19
CA GLY X 81 -69.79 21.82 52.59
C GLY X 81 -70.88 20.76 52.74
N LEU X 82 -71.97 20.91 51.99
CA LEU X 82 -73.07 19.95 52.05
C LEU X 82 -72.63 18.55 51.68
N GLN X 83 -71.90 18.42 50.58
CA GLN X 83 -71.49 17.10 50.10
C GLN X 83 -70.63 16.37 51.11
N LYS X 84 -69.70 17.06 51.73
CA LYS X 84 -68.83 16.45 52.73
C LYS X 84 -69.60 16.03 53.97
N SER X 85 -70.61 16.80 54.36
CA SER X 85 -71.36 16.49 55.57
C SER X 85 -72.50 15.50 55.35
N ALA X 86 -72.66 15.02 54.12
CA ALA X 86 -73.73 14.08 53.81
C ALA X 86 -73.58 12.79 54.59
N GLU X 87 -72.36 12.27 54.70
CA GLU X 87 -72.13 11.01 55.40
C GLU X 87 -72.33 11.09 56.90
N GLU X 88 -71.71 12.07 57.54
CA GLU X 88 -71.79 12.17 59.01
C GLU X 88 -73.17 12.51 59.59
N ALA X 89 -73.85 13.50 59.02
CA ALA X 89 -75.14 13.92 59.57
C ALA X 89 -76.27 12.98 59.17
N SER X 90 -77.13 12.64 60.12
CA SER X 90 -78.24 11.74 59.85
C SER X 90 -79.60 12.18 60.39
N GLY X 91 -80.68 11.56 59.92
CA GLY X 91 -82.01 11.85 60.43
C GLY X 91 -82.49 13.28 60.60
N LYS X 92 -83.03 13.56 61.77
CA LYS X 92 -83.56 14.90 62.04
C LYS X 92 -82.48 15.95 61.98
N SER X 93 -81.28 15.60 62.43
CA SER X 93 -80.16 16.54 62.34
C SER X 93 -79.94 16.92 60.87
N ARG X 94 -79.93 15.92 60.00
CA ARG X 94 -79.73 16.16 58.57
C ARG X 94 -80.82 17.06 58.00
N LYS X 95 -82.07 16.84 58.39
CA LYS X 95 -83.17 17.66 57.91
C LYS X 95 -82.95 19.12 58.30
N ALA X 96 -82.57 19.34 59.55
CA ALA X 96 -82.33 20.69 60.02
C ALA X 96 -81.19 21.32 59.26
N GLN X 97 -80.14 20.54 59.00
CA GLN X 97 -78.99 21.05 58.26
C GLN X 97 -79.42 21.48 56.88
N LEU X 98 -80.28 20.70 56.25
CA LEU X 98 -80.79 21.05 54.91
C LEU X 98 -81.60 22.34 54.93
N VAL X 99 -82.47 22.50 55.93
CA VAL X 99 -83.26 23.73 56.04
C VAL X 99 -82.31 24.90 56.19
N GLN X 100 -81.30 24.74 57.02
CA GLN X 100 -80.32 25.81 57.23
C GLN X 100 -79.58 26.14 55.95
N VAL X 101 -79.20 25.14 55.18
CA VAL X 101 -78.51 25.37 53.90
C VAL X 101 -79.42 26.14 52.96
N SER X 102 -80.71 25.78 52.91
CA SER X 102 -81.66 26.51 52.08
C SER X 102 -81.75 27.95 52.52
N ARG X 103 -81.79 28.17 53.83
CA ARG X 103 -81.87 29.52 54.36
C ARG X 103 -80.65 30.29 53.93
N ASN X 104 -79.48 29.67 53.94
CA ASN X 104 -78.25 30.33 53.51
C ASN X 104 -78.30 30.75 52.04
N TYR X 105 -78.78 29.86 51.18
CA TYR X 105 -78.89 30.17 49.75
C TYR X 105 -79.80 31.36 49.55
N ARG X 106 -80.95 31.35 50.21
CA ARG X 106 -81.88 32.46 50.07
C ARG X 106 -81.28 33.75 50.60
N SER X 107 -80.48 33.67 51.66
CA SER X 107 -79.85 34.86 52.21
C SER X 107 -78.92 35.48 51.20
N VAL X 108 -78.13 34.65 50.54
CA VAL X 108 -77.22 35.15 49.51
C VAL X 108 -78.02 35.80 48.38
N LEU X 109 -79.13 35.18 47.99
CA LEU X 109 -79.97 35.75 46.94
C LEU X 109 -80.42 37.11 47.36
N ARG X 110 -80.92 37.25 48.58
CA ARG X 110 -81.41 38.52 49.07
C ARG X 110 -80.31 39.56 49.06
N ALA X 111 -79.11 39.19 49.51
CA ALA X 111 -78.00 40.14 49.52
C ALA X 111 -77.70 40.62 48.12
N CYS X 112 -77.64 39.70 47.17
CA CYS X 112 -77.35 40.08 45.78
C CYS X 112 -78.42 41.01 45.27
N MET X 113 -79.68 40.71 45.56
CA MET X 113 -80.78 41.54 45.14
C MET X 113 -80.63 42.95 45.69
N GLU X 114 -80.30 43.06 46.97
CA GLU X 114 -80.13 44.36 47.60
C GLU X 114 -78.98 45.14 47.00
N GLU X 115 -77.90 44.46 46.64
CA GLU X 115 -76.77 45.14 46.02
C GLU X 115 -77.16 45.72 44.66
N MET X 116 -77.92 44.96 43.89
CA MET X 116 -78.37 45.42 42.59
C MET X 116 -79.26 46.64 42.71
N HIS X 117 -80.00 46.73 43.82
CA HIS X 117 -80.90 47.85 44.01
C HIS X 117 -80.16 49.17 44.13
N THR X 118 -79.06 49.18 44.88
CA THR X 118 -78.28 50.40 45.00
C THR X 118 -77.62 50.75 43.67
N LEU X 119 -77.32 49.76 42.84
CA LEU X 119 -76.79 50.03 41.51
C LEU X 119 -77.84 50.73 40.66
N SER X 120 -79.07 50.25 40.70
CA SER X 120 -80.15 50.87 39.94
C SER X 120 -80.39 52.29 40.44
N GLU X 121 -80.25 52.50 41.75
CA GLU X 121 -80.40 53.84 42.30
C GLU X 121 -79.31 54.77 41.79
N SER X 122 -78.07 54.28 41.76
CA SER X 122 -76.95 55.10 41.31
C SER X 122 -77.09 55.52 39.85
N THR X 123 -77.39 54.58 38.97
CA THR X 123 -77.58 54.90 37.56
C THR X 123 -79.02 54.59 37.13
N ARG X 124 -79.85 55.63 37.05
CA ARG X 124 -81.24 55.45 36.65
C ARG X 124 -81.37 55.20 35.15
N GLU X 125 -80.32 55.48 34.39
CA GLU X 125 -80.35 55.22 32.96
C GLU X 125 -80.43 53.72 32.68
N THR X 126 -79.80 52.87 33.50
CA THR X 126 -79.92 51.40 33.37
C THR X 126 -80.87 50.78 34.41
N ALA X 127 -81.53 51.66 35.14
CA ALA X 127 -82.43 51.20 36.20
C ALA X 127 -83.48 50.24 35.69
N GLN X 128 -84.04 50.42 34.49
CA GLN X 128 -85.11 49.51 34.06
C GLN X 128 -84.60 48.08 34.02
N LYS X 129 -83.52 47.84 33.28
CA LYS X 129 -82.96 46.49 33.20
C LYS X 129 -82.73 45.92 34.59
N TYR X 130 -82.10 46.72 35.44
CA TYR X 130 -81.80 46.27 36.79
C TYR X 130 -83.06 45.93 37.54
N ILE X 131 -84.09 46.76 37.45
CA ILE X 131 -85.35 46.48 38.13
C ILE X 131 -85.96 45.17 37.66
N SER X 132 -85.96 44.92 36.36
CA SER X 132 -86.46 43.66 35.83
C SER X 132 -85.69 42.47 36.40
N GLN X 133 -84.37 42.54 36.38
CA GLN X 133 -83.56 41.47 36.95
C GLN X 133 -83.89 41.26 38.41
N ILE X 134 -84.02 42.35 39.15
CA ILE X 134 -84.36 42.27 40.57
C ILE X 134 -85.68 41.54 40.76
N SER X 135 -86.69 41.86 39.94
CA SER X 135 -87.99 41.22 40.05
C SER X 135 -87.88 39.71 39.80
N ILE X 136 -87.13 39.32 38.79
CA ILE X 136 -86.93 37.90 38.51
C ILE X 136 -86.27 37.21 39.70
N LEU X 137 -85.24 37.85 40.26
CA LEU X 137 -84.59 37.28 41.43
C LEU X 137 -85.57 37.11 42.58
N SER X 138 -86.42 38.10 42.81
CA SER X 138 -87.40 38.03 43.88
C SER X 138 -88.35 36.88 43.65
N ALA X 139 -88.80 36.73 42.42
CA ALA X 139 -89.68 35.62 42.10
C ALA X 139 -88.99 34.32 42.46
N MET X 140 -87.75 34.15 42.01
CA MET X 140 -87.04 32.92 42.29
C MET X 140 -86.95 32.68 43.79
N GLU X 141 -86.59 33.72 44.53
CA GLU X 141 -86.45 33.60 45.97
C GLU X 141 -87.76 33.26 46.67
N LEU X 142 -88.86 33.90 46.31
CA LEU X 142 -90.13 33.65 47.00
C LEU X 142 -90.60 32.24 46.64
N SER X 143 -90.44 31.86 45.38
CA SER X 143 -90.80 30.52 44.97
C SER X 143 -89.92 29.56 45.72
N TRP X 144 -88.64 29.90 45.83
CA TRP X 144 -87.70 29.01 46.52
C TRP X 144 -88.31 28.81 47.86
N ASN X 145 -88.59 29.86 48.61
CA ASN X 145 -89.08 29.73 49.96
C ASN X 145 -90.31 28.85 50.02
N LEU X 146 -91.32 29.12 49.19
CA LEU X 146 -92.54 28.33 49.29
C LEU X 146 -92.22 26.86 49.11
N CYS X 147 -91.54 26.53 48.02
CA CYS X 147 -91.27 25.12 47.74
C CYS X 147 -90.49 24.50 48.86
N GLU X 148 -89.46 25.20 49.33
CA GLU X 148 -88.61 24.67 50.35
C GLU X 148 -89.46 24.37 51.54
N ILE X 149 -90.23 25.32 52.08
CA ILE X 149 -91.00 25.08 53.29
C ILE X 149 -91.90 23.85 53.17
N LEU X 150 -92.69 23.79 52.11
CA LEU X 150 -93.64 22.68 51.95
C LEU X 150 -92.96 21.32 51.95
N PHE X 151 -91.85 21.18 51.23
CA PHE X 151 -91.22 19.87 51.12
C PHE X 151 -90.17 19.60 52.20
N ILE X 152 -89.19 20.48 52.33
CA ILE X 152 -88.10 20.24 53.29
C ILE X 152 -88.54 20.32 54.75
N GLU X 153 -89.22 21.41 55.12
CA GLU X 153 -89.73 21.53 56.48
C GLU X 153 -90.81 20.51 56.74
N SER X 154 -91.64 20.24 55.74
CA SER X 154 -92.73 19.26 55.87
C SER X 154 -93.41 19.33 57.23
N ALA X 155 -93.85 20.53 57.62
CA ALA X 155 -94.51 20.70 58.90
C ALA X 155 -95.89 20.05 58.92
N PRO X 156 -96.38 19.67 60.11
CA PRO X 156 -97.72 19.07 60.23
C PRO X 156 -98.87 20.06 59.96
N ALA X 157 -100.12 19.64 60.17
CA ALA X 157 -101.28 20.48 59.85
C ALA X 157 -101.21 21.93 60.33
N GLY X 158 -100.93 22.15 61.62
CA GLY X 158 -100.87 23.50 62.16
C GLY X 158 -99.65 24.34 61.81
N PRO X 159 -98.44 23.90 62.21
CA PRO X 159 -97.20 24.63 61.94
C PRO X 159 -97.09 25.03 60.47
N LEU X 160 -97.65 24.24 59.56
CA LEU X 160 -97.63 24.60 58.14
C LEU X 160 -98.32 25.94 57.91
N LEU X 161 -99.53 26.11 58.41
CA LEU X 161 -100.22 27.39 58.31
C LEU X 161 -99.44 28.50 59.02
N ILE X 162 -98.84 28.21 60.18
CA ILE X 162 -98.02 29.26 60.80
C ILE X 162 -96.91 29.74 59.86
N LEU X 163 -96.20 28.81 59.25
CA LEU X 163 -95.13 29.18 58.32
C LEU X 163 -95.67 29.90 57.09
N LEU X 164 -96.84 29.50 56.60
CA LEU X 164 -97.46 30.20 55.46
C LEU X 164 -97.75 31.64 55.82
N LEU X 165 -98.26 31.87 57.03
CA LEU X 165 -98.49 33.24 57.49
C LEU X 165 -97.18 34.01 57.54
N GLU X 166 -96.13 33.38 58.07
CA GLU X 166 -94.82 34.05 58.08
C GLU X 166 -94.36 34.40 56.68
N TRP X 167 -94.37 33.44 55.76
CA TRP X 167 -93.99 33.63 54.37
C TRP X 167 -94.66 34.87 53.82
N VAL X 168 -95.98 34.93 53.92
CA VAL X 168 -96.70 36.08 53.35
C VAL X 168 -96.18 37.38 53.98
N ARG X 169 -96.08 37.43 55.30
CA ARG X 169 -95.65 38.65 55.97
C ARG X 169 -94.28 39.10 55.49
N LEU X 170 -93.34 38.16 55.33
CA LEU X 170 -91.99 38.51 54.91
C LEU X 170 -91.90 39.01 53.48
N HIS X 171 -92.62 38.35 52.58
CA HIS X 171 -92.56 38.73 51.16
C HIS X 171 -93.50 39.89 50.81
N VAL X 172 -94.70 39.89 51.37
CA VAL X 172 -95.63 40.98 51.13
C VAL X 172 -95.59 41.94 52.29
N CYS X 173 -94.79 42.99 52.17
CA CYS X 173 -94.70 44.00 53.21
C CYS X 173 -95.55 45.22 52.86
N GLU X 174 -96.55 45.04 52.00
CA GLU X 174 -97.41 46.16 51.59
C GLU X 174 -98.20 46.75 52.74
N VAL X 175 -98.70 45.91 53.63
CA VAL X 175 -99.48 46.38 54.78
C VAL X 175 -98.63 47.28 55.67
N ASP X 176 -97.35 46.95 55.80
CA ASP X 176 -96.44 47.77 56.60
C ASP X 176 -96.32 49.18 56.03
N ASN X 177 -96.17 49.30 54.71
CA ASN X 177 -96.05 50.61 54.08
C ASN X 177 -97.26 51.47 54.34
N ILE X 178 -98.45 50.89 54.23
CA ILE X 178 -99.68 51.62 54.53
C ILE X 178 -99.65 52.16 55.96
N VAL X 179 -99.37 51.28 56.93
CA VAL X 179 -99.40 51.67 58.34
C VAL X 179 -98.28 52.67 58.63
N GLN X 180 -97.18 52.58 57.91
CA GLN X 180 -96.10 53.54 58.05
C GLN X 180 -96.59 54.93 57.68
N ASP X 181 -97.20 55.06 56.50
CA ASP X 181 -97.78 56.33 56.07
C ASP X 181 -98.83 56.81 57.06
N VAL X 182 -99.59 55.88 57.64
CA VAL X 182 -100.58 56.26 58.65
C VAL X 182 -99.90 56.94 59.82
N LEU X 183 -99.02 56.23 60.51
CA LEU X 183 -98.41 56.76 61.72
C LEU X 183 -97.56 57.99 61.44
N ARG X 184 -97.13 58.20 60.18
CA ARG X 184 -96.46 59.45 59.86
C ARG X 184 -97.42 60.59 59.50
N SER X 185 -98.73 60.38 59.66
CA SER X 185 -99.66 61.47 59.46
C SER X 185 -99.68 62.38 60.69
N GLU X 186 -100.47 63.44 60.61
CA GLU X 186 -100.49 64.43 61.67
C GLU X 186 -101.26 63.94 62.89
N LYS X 187 -102.44 63.36 62.66
CA LYS X 187 -103.27 62.72 63.67
C LYS X 187 -103.76 61.44 63.03
N PRO X 188 -103.15 60.29 63.37
CA PRO X 188 -103.37 59.08 62.57
C PRO X 188 -104.82 58.63 62.53
N THR X 189 -105.59 58.87 63.60
CA THR X 189 -106.94 58.31 63.68
C THR X 189 -107.86 58.84 62.59
N GLU X 190 -107.60 60.04 62.07
CA GLU X 190 -108.44 60.67 61.06
C GLU X 190 -107.98 60.41 59.64
N HIS X 191 -106.98 59.55 59.46
CA HIS X 191 -106.44 59.26 58.14
C HIS X 191 -107.36 58.32 57.39
N GLU X 192 -107.27 58.35 56.06
CA GLU X 192 -108.06 57.46 55.22
C GLU X 192 -107.49 56.05 55.23
N LYS X 193 -106.18 55.94 55.43
CA LYS X 193 -105.45 54.67 55.44
C LYS X 193 -105.65 53.89 56.74
N PHE X 194 -106.17 54.55 57.79
CA PHE X 194 -106.04 54.00 59.14
C PHE X 194 -106.74 52.65 59.27
N TRP X 195 -108.05 52.64 59.06
CA TRP X 195 -108.81 51.40 59.13
C TRP X 195 -108.26 50.35 58.18
N ASP X 196 -107.76 50.77 57.03
CA ASP X 196 -107.17 49.84 56.08
C ASP X 196 -105.98 49.11 56.70
N GLY X 197 -105.07 49.86 57.32
CA GLY X 197 -103.90 49.23 57.93
C GLY X 197 -104.25 48.37 59.13
N VAL X 198 -105.22 48.81 59.93
CA VAL X 198 -105.68 47.99 61.04
C VAL X 198 -106.22 46.67 60.52
N THR X 199 -107.11 46.73 59.52
CA THR X 199 -107.71 45.53 58.98
C THR X 199 -106.65 44.63 58.35
N GLY X 200 -105.61 45.22 57.76
CA GLY X 200 -104.55 44.41 57.19
C GLY X 200 -103.74 43.69 58.24
N TYR X 201 -103.37 44.40 59.32
CA TYR X 201 -102.72 43.75 60.45
C TYR X 201 -103.54 42.57 60.93
N VAL X 202 -104.86 42.76 61.03
CA VAL X 202 -105.71 41.66 61.47
C VAL X 202 -105.70 40.53 60.45
N LEU X 203 -105.63 40.88 59.16
CA LEU X 203 -105.58 39.86 58.13
C LEU X 203 -104.30 39.03 58.23
N GLN X 204 -103.18 39.68 58.52
CA GLN X 204 -101.90 38.98 58.59
C GLN X 204 -101.70 38.23 59.89
N GLY X 205 -102.73 38.16 60.74
CA GLY X 205 -102.60 37.39 61.96
C GLY X 205 -101.74 38.04 63.02
N ARG X 206 -101.51 39.34 62.95
CA ARG X 206 -100.71 40.05 63.93
C ARG X 206 -101.60 40.94 64.81
N MET X 207 -102.10 40.35 65.90
CA MET X 207 -103.03 41.09 66.74
C MET X 207 -102.36 42.29 67.37
N ASN X 208 -101.15 42.12 67.91
CA ASN X 208 -100.54 43.11 68.78
C ASN X 208 -100.47 44.48 68.10
N GLU X 209 -100.11 44.50 66.82
CA GLU X 209 -99.95 45.78 66.15
C GLU X 209 -101.28 46.44 65.85
N ALA X 210 -102.27 45.66 65.43
CA ALA X 210 -103.60 46.23 65.25
C ALA X 210 -104.14 46.77 66.57
N ARG X 211 -103.83 46.09 67.67
CA ARG X 211 -104.30 46.54 68.97
C ARG X 211 -103.59 47.81 69.41
N GLN X 212 -102.29 47.91 69.15
CA GLN X 212 -101.59 49.15 69.39
C GLN X 212 -102.15 50.28 68.54
N LEU X 213 -102.63 49.95 67.34
CA LEU X 213 -103.25 50.96 66.49
C LEU X 213 -104.57 51.45 67.10
N LEU X 214 -105.52 50.54 67.32
CA LEU X 214 -106.79 50.97 67.90
C LEU X 214 -106.65 51.39 69.35
N ALA X 215 -105.44 51.32 69.91
CA ALA X 215 -105.18 52.01 71.16
C ALA X 215 -105.11 53.52 70.96
N LYS X 216 -104.95 53.97 69.71
CA LYS X 216 -104.85 55.40 69.43
C LYS X 216 -106.22 56.04 69.32
N GLU X 217 -107.13 55.40 68.57
CA GLU X 217 -108.45 56.00 68.41
C GLU X 217 -109.32 55.85 69.66
N ALA X 218 -109.02 54.87 70.51
CA ALA X 218 -109.86 54.63 71.69
C ALA X 218 -110.11 55.89 72.53
N SER X 219 -109.17 56.82 72.53
CA SER X 219 -109.30 58.02 73.35
C SER X 219 -109.99 59.18 72.65
N THR X 220 -110.15 59.11 71.33
CA THR X 220 -110.82 60.17 70.58
C THR X 220 -112.23 60.46 71.12
N SER X 221 -113.01 59.42 71.36
CA SER X 221 -114.38 59.61 71.85
C SER X 221 -114.81 58.56 72.87
N ALA X 222 -115.87 58.82 73.63
CA ALA X 222 -116.37 57.85 74.65
C ALA X 222 -117.01 56.52 74.13
N SER X 223 -117.95 56.62 73.20
CA SER X 223 -118.56 55.41 72.63
C SER X 223 -117.52 54.67 71.83
N ALA X 224 -116.71 55.43 71.09
CA ALA X 224 -115.63 54.83 70.35
C ALA X 224 -114.78 54.10 71.35
N ARG X 225 -114.42 54.74 72.46
CA ARG X 225 -113.65 54.09 73.53
C ARG X 225 -114.22 52.76 73.91
N SER X 226 -115.49 52.74 74.31
CA SER X 226 -116.13 51.48 74.70
C SER X 226 -116.00 50.39 73.63
N MET X 227 -116.37 50.71 72.40
CA MET X 227 -116.33 49.69 71.34
C MET X 227 -114.91 49.18 71.12
N CYS X 228 -113.94 50.10 71.13
CA CYS X 228 -112.55 49.73 70.91
C CYS X 228 -112.08 48.83 72.02
N ARG X 229 -112.44 49.12 73.26
CA ARG X 229 -112.08 48.26 74.38
C ARG X 229 -112.66 46.86 74.19
N VAL X 230 -113.94 46.79 73.82
CA VAL X 230 -114.50 45.46 73.53
C VAL X 230 -113.67 44.72 72.47
N LEU X 231 -113.44 45.35 71.33
CA LEU X 231 -112.69 44.71 70.25
C LEU X 231 -111.31 44.32 70.72
N ASP X 232 -110.66 45.19 71.48
CA ASP X 232 -109.32 44.91 71.99
C ASP X 232 -109.32 43.67 72.85
N ASP X 233 -110.31 43.53 73.73
CA ASP X 233 -110.39 42.36 74.58
C ASP X 233 -110.47 41.11 73.74
N LEU X 234 -111.32 41.09 72.71
CA LEU X 234 -111.44 39.93 71.84
C LEU X 234 -110.13 39.63 71.13
N LEU X 235 -109.46 40.66 70.62
CA LEU X 235 -108.18 40.45 69.94
C LEU X 235 -107.16 39.84 70.88
N LYS X 236 -107.15 40.26 72.14
CA LYS X 236 -106.24 39.69 73.13
C LYS X 236 -106.59 38.25 73.43
N LYS X 237 -107.88 37.96 73.65
CA LYS X 237 -108.29 36.62 74.03
C LYS X 237 -108.52 35.74 72.82
N MET X 238 -107.85 36.03 71.72
CA MET X 238 -108.00 35.21 70.52
C MET X 238 -107.11 33.98 70.60
N PRO X 239 -107.72 32.79 70.51
CA PRO X 239 -106.93 31.55 70.53
C PRO X 239 -105.95 31.54 69.37
N MET X 240 -104.67 31.32 69.66
CA MET X 240 -103.66 31.26 68.61
C MET X 240 -102.63 30.16 68.89
N LEU X 241 -102.12 29.54 67.82
CA LEU X 241 -101.15 28.48 67.97
C LEU X 241 -99.75 29.02 68.17
N HIS X 242 -99.02 28.46 69.12
CA HIS X 242 -97.66 28.91 69.37
C HIS X 242 -96.65 27.80 69.06
N THR X 248 -103.56 19.00 72.44
CA THR X 248 -102.99 20.31 72.10
C THR X 248 -103.68 20.90 70.88
N LEU X 249 -104.12 20.06 69.95
CA LEU X 249 -104.78 20.54 68.75
C LEU X 249 -106.27 20.69 69.00
N THR X 250 -106.90 19.64 69.52
CA THR X 250 -108.34 19.69 69.79
C THR X 250 -108.68 20.75 70.82
N GLU X 251 -107.82 20.93 71.81
CA GLU X 251 -108.04 21.96 72.82
C GLU X 251 -108.04 23.32 72.16
N PHE X 252 -107.02 23.61 71.37
CA PHE X 252 -106.99 24.87 70.64
C PHE X 252 -108.28 25.03 69.89
N GLU X 253 -108.71 23.98 69.19
CA GLU X 253 -109.89 24.08 68.36
C GLU X 253 -111.12 24.51 69.15
N LEU X 254 -111.35 23.91 70.31
CA LEU X 254 -112.55 24.24 71.08
C LEU X 254 -112.50 25.67 71.61
N LYS X 255 -111.32 26.13 72.02
CA LYS X 255 -111.18 27.50 72.47
C LYS X 255 -111.49 28.44 71.33
N TRP X 256 -110.99 28.11 70.13
CA TRP X 256 -111.23 28.92 68.96
C TRP X 256 -112.72 28.99 68.69
N GLN X 257 -113.39 27.85 68.77
CA GLN X 257 -114.82 27.81 68.53
C GLN X 257 -115.52 28.72 69.51
N HIS X 258 -115.15 28.65 70.79
CA HIS X 258 -115.77 29.50 71.80
C HIS X 258 -115.56 30.98 71.51
N TRP X 259 -114.35 31.35 71.12
CA TRP X 259 -114.07 32.74 70.80
C TRP X 259 -114.90 33.21 69.61
N ARG X 260 -115.04 32.35 68.60
CA ARG X 260 -115.83 32.71 67.44
C ARG X 260 -117.28 32.88 67.84
N GLU X 261 -117.77 32.03 68.75
CA GLU X 261 -119.13 32.18 69.24
C GLU X 261 -119.29 33.54 69.91
N GLU X 262 -118.33 33.91 70.75
CA GLU X 262 -118.39 35.20 71.44
C GLU X 262 -118.40 36.35 70.46
N CYS X 263 -117.53 36.31 69.46
CA CYS X 263 -117.49 37.36 68.45
C CYS X 263 -118.81 37.45 67.72
N GLU X 264 -119.40 36.30 67.36
CA GLU X 264 -120.67 36.29 66.66
C GLU X 264 -121.74 36.93 67.53
N ARG X 265 -121.76 36.60 68.81
CA ARG X 265 -122.73 37.19 69.73
C ARG X 265 -122.56 38.69 69.79
N HIS X 266 -121.33 39.17 69.89
CA HIS X 266 -121.08 40.61 69.91
C HIS X 266 -121.62 41.25 68.65
N LEU X 267 -121.35 40.64 67.49
CA LEU X 267 -121.84 41.18 66.23
C LEU X 267 -123.36 41.27 66.25
N GLN X 268 -124.03 40.21 66.68
CA GLN X 268 -125.48 40.21 66.75
C GLN X 268 -125.99 41.35 67.63
N ASN X 269 -125.39 41.51 68.81
CA ASN X 269 -125.82 42.56 69.73
C ASN X 269 -125.64 43.93 69.10
N GLY X 270 -124.52 44.15 68.43
CA GLY X 270 -124.27 45.43 67.78
C GLY X 270 -125.27 45.71 66.69
N THR X 271 -125.61 44.69 65.91
CA THR X 271 -126.55 44.85 64.81
C THR X 271 -127.97 45.13 65.30
N VAL X 276 -119.12 51.20 61.11
CA VAL X 276 -119.09 50.16 60.10
C VAL X 276 -117.72 49.48 60.07
N HIS X 277 -116.70 50.15 60.59
CA HIS X 277 -115.35 49.64 60.44
C HIS X 277 -115.08 48.49 61.40
N MET X 278 -115.35 48.68 62.69
CA MET X 278 -115.24 47.56 63.62
C MET X 278 -116.26 46.48 63.29
N GLU X 279 -117.44 46.89 62.78
CA GLU X 279 -118.33 45.92 62.19
C GLU X 279 -117.55 45.01 61.25
N ALA X 280 -116.87 45.59 60.26
CA ALA X 280 -116.13 44.81 59.27
C ALA X 280 -115.00 43.99 59.90
N VAL X 281 -114.33 44.56 60.89
CA VAL X 281 -113.23 43.84 61.53
C VAL X 281 -113.73 42.57 62.20
N CYS X 282 -114.89 42.63 62.86
CA CYS X 282 -115.41 41.42 63.49
C CYS X 282 -116.11 40.52 62.49
N ARG X 283 -116.61 41.10 61.40
CA ARG X 283 -116.93 40.32 60.20
C ARG X 283 -115.76 39.41 59.87
N VAL X 284 -114.56 39.98 59.89
CA VAL X 284 -113.34 39.26 59.55
C VAL X 284 -112.97 38.25 60.62
N LEU X 285 -113.01 38.64 61.90
CA LEU X 285 -112.56 37.76 62.96
C LEU X 285 -113.30 36.44 62.97
N LEU X 286 -114.43 36.37 62.27
CA LEU X 286 -115.16 35.14 62.06
C LEU X 286 -114.78 34.44 60.76
N GLY X 287 -114.26 35.19 59.78
CA GLY X 287 -113.92 34.61 58.49
C GLY X 287 -114.97 34.80 57.43
N ASP X 288 -115.64 35.94 57.41
CA ASP X 288 -116.72 36.13 56.45
C ASP X 288 -116.21 36.33 55.03
N GLU X 289 -116.72 35.51 54.13
CA GLU X 289 -116.20 35.41 52.78
C GLU X 289 -116.33 36.71 52.01
N GLU X 290 -117.48 37.39 52.12
CA GLU X 290 -117.64 38.66 51.42
C GLU X 290 -116.58 39.66 51.86
N VAL X 291 -116.55 40.01 53.14
CA VAL X 291 -115.64 41.07 53.59
C VAL X 291 -114.19 40.68 53.33
N LEU X 292 -113.89 39.39 53.31
CA LEU X 292 -112.57 38.96 52.87
C LEU X 292 -112.41 39.17 51.37
N LEU X 293 -113.51 39.34 50.64
CA LEU X 293 -113.39 39.60 49.21
C LEU X 293 -113.38 41.10 48.88
N GLU X 294 -114.19 41.91 49.57
CA GLU X 294 -114.36 43.28 49.14
C GLU X 294 -113.09 44.11 49.36
N LYS X 295 -112.23 43.70 50.28
CA LYS X 295 -110.93 44.32 50.47
C LYS X 295 -109.78 43.37 50.14
N ARG X 296 -109.94 42.63 49.05
CA ARG X 296 -108.84 41.79 48.60
C ARG X 296 -107.76 42.73 48.07
N ASP X 297 -108.07 44.02 47.96
CA ASP X 297 -107.08 45.00 47.54
C ASP X 297 -106.06 45.15 48.65
N THR X 300 -104.11 41.51 49.19
CA THR X 300 -103.16 42.17 48.29
C THR X 300 -102.99 41.38 47.02
N THR X 301 -102.42 40.19 47.10
CA THR X 301 -102.21 39.35 45.93
C THR X 301 -103.10 38.12 46.05
N TRP X 302 -103.07 37.26 45.04
CA TRP X 302 -103.92 36.08 45.07
C TRP X 302 -103.53 35.20 46.26
N TYR X 303 -102.23 35.03 46.50
CA TYR X 303 -101.78 34.20 47.59
C TYR X 303 -102.05 34.87 48.93
N HIS X 304 -102.00 36.20 48.98
CA HIS X 304 -102.33 36.91 50.21
C HIS X 304 -103.79 36.61 50.52
N PHE X 305 -104.62 36.67 49.50
CA PHE X 305 -106.04 36.39 49.66
C PHE X 305 -106.19 35.00 50.21
N LEU X 306 -105.49 34.04 49.61
CA LEU X 306 -105.58 32.66 50.06
C LEU X 306 -105.25 32.56 51.53
N VAL X 307 -104.12 33.13 51.93
CA VAL X 307 -103.70 33.05 53.33
C VAL X 307 -104.74 33.64 54.27
N SER X 308 -105.25 34.84 53.95
CA SER X 308 -106.23 35.46 54.83
C SER X 308 -107.44 34.54 54.95
N ARG X 309 -107.93 34.06 53.82
CA ARG X 309 -109.09 33.19 53.81
C ARG X 309 -108.85 32.03 54.72
N LEU X 310 -107.73 31.33 54.57
CA LEU X 310 -107.47 30.15 55.37
C LEU X 310 -107.45 30.50 56.85
N LEU X 311 -106.60 31.44 57.24
CA LEU X 311 -106.48 31.82 58.63
C LEU X 311 -107.83 31.98 59.30
N PHE X 312 -108.75 32.66 58.62
CA PHE X 312 -110.05 32.94 59.21
C PHE X 312 -111.06 31.80 59.05
N LYS X 313 -111.26 31.33 57.84
CA LYS X 313 -112.24 30.26 57.60
C LYS X 313 -111.77 28.89 58.08
N HIS X 314 -110.54 28.51 57.76
CA HIS X 314 -110.03 27.18 58.13
C HIS X 314 -108.73 27.25 58.93
N PRO X 315 -108.83 27.47 60.24
CA PRO X 315 -107.62 27.59 61.07
C PRO X 315 -106.79 26.32 61.01
N THR X 316 -107.43 25.15 60.92
CA THR X 316 -106.70 23.91 60.73
C THR X 316 -106.53 23.67 59.25
N VAL X 317 -105.30 23.54 58.76
CA VAL X 317 -105.06 23.41 57.32
C VAL X 317 -104.57 22.04 56.89
N LYS X 318 -105.16 21.48 55.83
CA LYS X 318 -104.73 20.19 55.31
C LYS X 318 -103.86 20.34 54.07
N PRO X 319 -102.62 19.86 54.14
CA PRO X 319 -101.68 20.00 53.01
C PRO X 319 -102.19 19.40 51.72
N THR X 320 -102.88 18.26 51.79
CA THR X 320 -103.34 17.58 50.60
C THR X 320 -104.36 18.40 49.80
N GLU X 321 -105.30 19.10 50.46
CA GLU X 321 -106.33 19.93 49.75
C GLU X 321 -105.95 21.40 49.51
N LEU X 322 -104.73 21.73 49.86
CA LEU X 322 -104.27 23.10 49.67
C LEU X 322 -104.36 23.50 48.21
N HIS X 323 -104.12 22.56 47.30
CA HIS X 323 -104.15 22.88 45.88
C HIS X 323 -105.53 23.35 45.47
N PHE X 324 -106.56 22.58 45.84
CA PHE X 324 -107.93 23.01 45.56
C PHE X 324 -108.18 24.38 46.17
N TYR X 325 -107.78 24.56 47.44
CA TYR X 325 -108.08 25.85 48.04
C TYR X 325 -107.47 26.97 47.22
N ALA X 326 -106.21 26.81 46.80
CA ALA X 326 -105.52 27.82 46.03
C ALA X 326 -106.15 28.08 44.68
N GLN X 327 -106.55 27.03 43.98
CA GLN X 327 -107.23 27.20 42.71
C GLN X 327 -108.47 28.06 42.93
N SER X 328 -109.26 27.72 43.94
CA SER X 328 -110.48 28.48 44.17
C SER X 328 -110.13 29.94 44.43
N SER X 329 -109.12 30.18 45.27
CA SER X 329 -108.74 31.55 45.61
C SER X 329 -108.33 32.32 44.37
N LEU X 330 -107.53 31.71 43.50
CA LEU X 330 -107.09 32.35 42.27
C LEU X 330 -108.27 32.71 41.40
N ASP X 331 -109.18 31.75 41.22
CA ASP X 331 -110.35 32.01 40.40
C ASP X 331 -111.17 33.18 40.96
N MET X 332 -111.27 33.26 42.29
CA MET X 332 -112.02 34.35 42.90
C MET X 332 -111.32 35.71 42.77
N PHE X 333 -110.00 35.71 42.91
CA PHE X 333 -109.24 36.95 42.86
C PHE X 333 -109.18 37.48 41.45
N LEU X 334 -108.76 36.65 40.50
CA LEU X 334 -108.69 37.05 39.11
C LEU X 334 -110.05 36.82 38.47
N ALA X 335 -111.09 37.48 38.99
CA ALA X 335 -112.44 37.28 38.49
C ALA X 335 -112.65 37.86 37.10
N GLY X 336 -111.81 38.80 36.70
CA GLY X 336 -111.94 39.42 35.38
C GLY X 336 -111.26 38.61 34.30
N ASP X 337 -110.56 39.28 33.39
CA ASP X 337 -109.90 38.61 32.29
C ASP X 337 -108.42 38.39 32.57
N SER X 338 -108.02 38.42 33.84
CA SER X 338 -106.63 38.22 34.21
C SER X 338 -106.22 36.79 34.00
N CYS X 339 -105.30 36.55 33.06
CA CYS X 339 -104.85 35.20 32.78
C CYS X 339 -103.79 34.77 33.78
N PRO X 340 -103.87 33.51 34.24
CA PRO X 340 -102.85 33.00 35.18
C PRO X 340 -101.44 33.31 34.71
N GLU X 341 -100.68 34.04 35.51
CA GLU X 341 -99.29 34.30 35.17
C GLU X 341 -98.50 33.00 35.18
N PRO X 342 -97.34 32.97 34.50
CA PRO X 342 -96.52 31.77 34.62
C PRO X 342 -96.12 31.52 36.07
N LEU X 343 -95.85 32.57 36.84
CA LEU X 343 -95.53 32.42 38.26
C LEU X 343 -96.70 31.81 39.01
N ASP X 344 -97.90 32.27 38.73
CA ASP X 344 -99.08 31.68 39.35
C ASP X 344 -99.16 30.21 39.02
N ASN X 345 -98.93 29.84 37.76
CA ASN X 345 -98.92 28.42 37.38
C ASN X 345 -97.89 27.65 38.18
N ILE X 346 -96.68 28.18 38.32
CA ILE X 346 -95.63 27.53 39.11
C ILE X 346 -96.11 27.29 40.53
N LEU X 347 -96.68 28.33 41.14
CA LEU X 347 -97.15 28.20 42.51
C LEU X 347 -98.24 27.15 42.64
N LEU X 348 -99.16 27.10 41.68
CA LEU X 348 -100.22 26.08 41.70
C LEU X 348 -99.64 24.69 41.60
N ALA X 349 -98.64 24.52 40.73
CA ALA X 349 -97.99 23.22 40.62
C ALA X 349 -97.31 22.83 41.92
N ALA X 350 -96.73 23.80 42.63
CA ALA X 350 -96.12 23.52 43.91
C ALA X 350 -97.16 23.12 44.94
N PHE X 351 -98.34 23.72 44.87
CA PHE X 351 -99.43 23.37 45.77
C PHE X 351 -99.96 21.98 45.46
N GLU X 352 -99.78 21.54 44.22
CA GLU X 352 -100.21 20.21 43.82
C GLU X 352 -99.13 19.18 44.14
N PHE X 353 -98.05 19.62 44.79
CA PHE X 353 -96.94 18.72 45.15
C PHE X 353 -96.37 18.03 43.92
N ASP X 354 -96.31 18.75 42.81
CA ASP X 354 -95.75 18.19 41.57
C ASP X 354 -94.46 18.90 41.27
N ILE X 355 -93.35 18.31 41.69
CA ILE X 355 -92.04 18.94 41.48
C ILE X 355 -91.69 19.00 40.01
N HIS X 356 -91.95 17.94 39.27
CA HIS X 356 -91.54 17.91 37.86
C HIS X 356 -92.14 19.07 37.06
N GLN X 357 -93.43 19.31 37.23
CA GLN X 357 -94.08 20.40 36.50
C GLN X 357 -93.46 21.74 36.84
N VAL X 358 -93.17 21.97 38.11
CA VAL X 358 -92.53 23.21 38.52
C VAL X 358 -91.24 23.40 37.75
N ILE X 359 -90.39 22.37 37.75
CA ILE X 359 -89.12 22.44 37.06
C ILE X 359 -89.33 22.76 35.59
N LYS X 360 -90.27 22.06 34.95
CA LYS X 360 -90.55 22.30 33.53
C LYS X 360 -90.92 23.75 33.27
N GLU X 361 -91.88 24.28 34.02
CA GLU X 361 -92.28 25.68 33.84
C GLU X 361 -91.11 26.62 33.98
N PHE X 362 -90.32 26.44 35.04
CA PHE X 362 -89.17 27.31 35.27
C PHE X 362 -88.15 27.23 34.15
N SER X 363 -87.95 26.05 33.58
CA SER X 363 -86.97 25.89 32.51
C SER X 363 -87.28 26.75 31.31
N ILE X 364 -88.57 26.85 30.96
CA ILE X 364 -88.99 27.69 29.84
C ILE X 364 -88.66 29.14 30.13
N VAL X 365 -89.02 29.61 31.32
CA VAL X 365 -88.77 31.01 31.68
C VAL X 365 -87.30 31.34 31.90
N SER X 366 -86.57 30.47 32.61
CA SER X 366 -85.19 30.78 32.96
C SER X 366 -84.12 30.01 32.20
N SER X 367 -83.18 30.73 31.60
CA SER X 367 -82.06 30.07 30.92
C SER X 367 -81.01 29.71 31.96
N ASN X 368 -80.85 30.54 32.98
CA ASN X 368 -79.90 30.24 34.04
C ASN X 368 -80.40 29.02 34.78
N TRP X 369 -79.54 28.02 34.86
CA TRP X 369 -79.95 26.78 35.48
C TRP X 369 -79.56 26.71 36.94
N TRP X 370 -78.95 27.76 37.47
CA TRP X 370 -78.50 27.73 38.86
C TRP X 370 -79.62 27.28 39.75
N PHE X 371 -80.71 28.03 39.73
CA PHE X 371 -81.84 27.72 40.57
C PHE X 371 -82.23 26.28 40.41
N VAL X 372 -82.53 25.87 39.19
CA VAL X 372 -83.02 24.51 38.97
C VAL X 372 -82.07 23.49 39.57
N ALA X 373 -80.80 23.55 39.23
CA ALA X 373 -79.84 22.56 39.71
C ALA X 373 -79.78 22.52 41.21
N HIS X 374 -79.67 23.67 41.85
CA HIS X 374 -79.52 23.66 43.30
C HIS X 374 -80.79 23.11 43.96
N LEU X 375 -81.95 23.49 43.44
CA LEU X 375 -83.19 22.99 44.00
C LEU X 375 -83.25 21.48 43.87
N THR X 376 -82.86 20.95 42.71
CA THR X 376 -82.91 19.51 42.49
C THR X 376 -81.96 18.82 43.45
N ASP X 377 -80.77 19.39 43.64
CA ASP X 377 -79.79 18.83 44.57
C ASP X 377 -80.37 18.72 45.96
N LEU X 378 -80.98 19.80 46.43
CA LEU X 378 -81.53 19.79 47.79
C LEU X 378 -82.64 18.77 47.93
N LEU X 379 -83.55 18.72 46.96
CA LEU X 379 -84.64 17.77 46.99
C LEU X 379 -84.13 16.35 46.81
N ASP X 380 -82.99 16.17 46.15
CA ASP X 380 -82.40 14.84 46.00
C ASP X 380 -81.92 14.36 47.36
N HIS X 381 -81.30 15.26 48.12
CA HIS X 381 -80.88 14.90 49.47
C HIS X 381 -82.10 14.60 50.34
N CYS X 382 -83.24 15.19 49.99
CA CYS X 382 -84.47 14.93 50.74
C CYS X 382 -85.14 13.62 50.32
N GLN X 383 -84.52 12.89 49.40
CA GLN X 383 -85.05 11.59 48.95
C GLN X 383 -86.49 11.69 48.47
N LEU X 384 -86.72 12.44 47.41
CA LEU X 384 -88.07 12.58 46.87
C LEU X 384 -88.21 11.86 45.54
N PHE X 385 -87.30 12.12 44.61
CA PHE X 385 -87.40 11.52 43.28
C PHE X 385 -86.92 10.09 43.23
N MET X 396 -81.83 13.44 36.07
CA MET X 396 -82.03 14.81 35.64
C MET X 396 -81.01 15.71 36.30
N ARG X 397 -80.76 15.48 37.59
CA ARG X 397 -79.81 16.29 38.33
C ARG X 397 -78.48 16.32 37.61
N GLU X 398 -77.94 15.15 37.27
CA GLU X 398 -76.64 15.08 36.63
C GLU X 398 -76.63 15.89 35.34
N PHE X 399 -77.63 15.73 34.47
CA PHE X 399 -77.71 16.54 33.23
C PHE X 399 -77.61 18.06 33.43
N LEU X 400 -78.47 18.61 34.28
CA LEU X 400 -78.48 20.06 34.50
C LEU X 400 -77.16 20.55 35.07
N LEU X 401 -76.63 19.84 36.07
CA LEU X 401 -75.35 20.22 36.65
C LEU X 401 -74.30 20.23 35.57
N LEU X 402 -74.25 19.20 34.74
CA LEU X 402 -73.31 19.15 33.64
C LEU X 402 -73.43 20.38 32.76
N ASP X 403 -74.63 20.71 32.28
CA ASP X 403 -74.79 21.94 31.48
C ASP X 403 -74.25 23.21 32.17
N TYR X 404 -74.63 23.39 33.43
CA TYR X 404 -74.17 24.55 34.18
C TYR X 404 -72.64 24.63 34.25
N ALA X 405 -72.00 23.52 34.59
CA ALA X 405 -70.55 23.55 34.74
C ALA X 405 -69.87 23.70 33.39
N SER X 406 -70.50 23.23 32.33
CA SER X 406 -69.98 23.43 30.97
C SER X 406 -69.99 24.91 30.64
N GLY X 407 -71.07 25.63 30.95
CA GLY X 407 -71.04 27.09 30.76
C GLY X 407 -69.95 27.75 31.61
N LEU X 408 -69.77 27.24 32.83
CA LEU X 408 -68.70 27.79 33.67
C LEU X 408 -67.34 27.67 32.97
N PHE X 409 -67.16 26.66 32.13
CA PHE X 409 -65.89 26.47 31.41
C PHE X 409 -65.78 27.30 30.14
N SER X 410 -66.84 28.03 29.79
CA SER X 410 -66.78 28.92 28.64
C SER X 410 -66.47 30.33 29.06
N HIS X 411 -66.24 30.54 30.36
CA HIS X 411 -65.90 31.87 30.88
C HIS X 411 -64.40 31.95 31.11
N HIS X 412 -63.81 33.09 30.79
CA HIS X 412 -62.37 33.25 30.93
C HIS X 412 -61.86 33.03 32.35
N SER X 413 -62.66 33.42 33.34
CA SER X 413 -62.24 33.31 34.73
C SER X 413 -63.03 32.27 35.53
N LEU X 414 -64.26 31.93 35.17
CA LEU X 414 -65.05 30.99 36.01
C LEU X 414 -64.77 29.47 35.83
N TRP X 415 -63.72 29.15 35.09
CA TRP X 415 -63.42 27.73 34.81
C TRP X 415 -63.05 26.90 36.06
N GLN X 416 -62.58 27.50 37.13
CA GLN X 416 -62.29 26.68 38.32
C GLN X 416 -63.57 26.07 38.96
N LEU X 417 -64.63 26.87 39.03
CA LEU X 417 -65.89 26.36 39.56
C LEU X 417 -66.42 25.26 38.68
N GLY X 418 -66.20 25.36 37.38
CA GLY X 418 -66.63 24.31 36.48
C GLY X 418 -65.95 23.01 36.85
N VAL X 419 -64.64 23.01 37.03
CA VAL X 419 -63.92 21.82 37.45
C VAL X 419 -64.59 21.29 38.67
N ASP X 420 -64.75 22.15 39.67
CA ASP X 420 -65.33 21.67 40.92
C ASP X 420 -66.65 20.93 40.70
N TYR X 421 -67.57 21.52 39.95
CA TYR X 421 -68.89 20.89 39.73
C TYR X 421 -68.88 19.64 38.84
N PHE X 422 -68.00 19.60 37.83
CA PHE X 422 -67.90 18.42 36.97
C PHE X 422 -67.45 17.19 37.73
N ASP X 423 -66.55 17.37 38.69
CA ASP X 423 -66.05 16.24 39.47
C ASP X 423 -67.15 15.48 40.16
N TYR X 424 -68.13 16.20 40.71
CA TYR X 424 -69.21 15.55 41.46
C TYR X 424 -70.16 14.69 40.63
N CYS X 425 -70.33 15.00 39.35
CA CYS X 425 -71.16 14.18 38.48
C CYS X 425 -70.56 12.78 38.34
N PRO X 426 -71.34 11.70 38.64
CA PRO X 426 -70.66 10.40 38.56
C PRO X 426 -70.18 9.88 37.18
N ASN X 427 -71.07 9.35 36.34
CA ASN X 427 -70.65 8.71 35.08
C ASN X 427 -70.00 9.57 33.97
N LEU X 428 -70.58 10.72 33.65
CA LEU X 428 -70.05 11.51 32.52
C LEU X 428 -69.21 12.72 32.92
N GLY X 429 -68.68 12.76 34.13
CA GLY X 429 -67.90 13.94 34.49
C GLY X 429 -66.50 13.95 33.91
N ARG X 430 -65.78 12.86 34.12
CA ARG X 430 -64.38 12.82 33.69
C ARG X 430 -64.17 13.19 32.23
N GLU X 431 -64.97 12.68 31.31
CA GLU X 431 -64.74 12.95 29.90
C GLU X 431 -64.80 14.45 29.62
N TYR X 432 -65.89 15.07 30.05
CA TYR X 432 -66.05 16.49 29.85
C TYR X 432 -64.86 17.23 30.46
N LEU X 433 -64.52 16.88 31.69
CA LEU X 433 -63.42 17.58 32.35
C LEU X 433 -62.17 17.50 31.49
N LYS X 434 -61.77 16.29 31.11
CA LYS X 434 -60.58 16.10 30.30
C LYS X 434 -60.62 16.98 29.07
N LEU X 435 -61.66 16.90 28.25
CA LEU X 435 -61.76 17.75 27.07
C LEU X 435 -61.49 19.24 27.31
N HIS X 436 -62.32 19.87 28.13
CA HIS X 436 -62.18 21.31 28.37
C HIS X 436 -60.82 21.69 28.94
N MET X 437 -60.29 20.85 29.81
CA MET X 437 -58.98 21.12 30.41
C MET X 437 -57.94 21.19 29.32
N GLU X 438 -57.88 20.18 28.48
CA GLU X 438 -56.92 20.16 27.38
C GLU X 438 -57.12 21.35 26.46
N ARG X 439 -58.33 21.85 26.32
CA ARG X 439 -58.56 22.96 25.37
C ARG X 439 -58.54 24.37 25.96
N ILE X 440 -57.99 24.57 27.16
CA ILE X 440 -57.88 25.93 27.74
C ILE X 440 -56.66 26.69 27.23
N PRO X 441 -56.80 28.01 27.02
CA PRO X 441 -55.64 28.81 26.60
C PRO X 441 -54.56 28.85 27.69
N LEU X 442 -53.30 28.67 27.29
CA LEU X 442 -52.20 28.75 28.24
C LEU X 442 -51.27 29.87 27.82
N SER X 443 -51.01 30.80 28.72
CA SER X 443 -50.15 31.94 28.40
C SER X 443 -48.95 32.00 29.33
N THR X 444 -49.14 32.57 30.51
CA THR X 444 -48.07 32.62 31.48
C THR X 444 -47.78 31.29 32.16
N GLU X 445 -46.59 31.20 32.70
CA GLU X 445 -46.21 29.98 33.39
C GLU X 445 -47.13 29.72 34.57
N LYS X 446 -47.66 30.76 35.20
CA LYS X 446 -48.62 30.56 36.29
C LYS X 446 -49.86 29.77 35.84
N LYS X 447 -50.51 30.21 34.77
CA LYS X 447 -51.74 29.54 34.33
C LYS X 447 -51.46 28.09 34.00
N ALA X 448 -50.40 27.86 33.25
CA ALA X 448 -50.03 26.49 32.88
C ALA X 448 -49.80 25.65 34.11
N LEU X 449 -49.04 26.17 35.08
CA LEU X 449 -48.78 25.43 36.30
C LEU X 449 -50.07 25.06 37.02
N LYS X 450 -50.98 26.02 37.15
CA LYS X 450 -52.27 25.73 37.79
C LYS X 450 -53.04 24.63 37.05
N ALA X 451 -53.10 24.73 35.73
CA ALA X 451 -53.79 23.70 34.94
C ALA X 451 -53.18 22.34 35.22
N LEU X 452 -51.86 22.27 35.20
CA LEU X 452 -51.19 21.00 35.41
C LEU X 452 -51.50 20.43 36.79
N ARG X 453 -51.47 21.28 37.81
CA ARG X 453 -51.78 20.84 39.16
C ARG X 453 -53.19 20.26 39.21
N ILE X 454 -54.15 20.98 38.62
CA ILE X 454 -55.53 20.47 38.59
C ILE X 454 -55.58 19.10 37.93
N CYS X 455 -54.97 18.96 36.75
CA CYS X 455 -54.98 17.67 36.06
C CYS X 455 -54.41 16.57 36.94
N GLU X 456 -53.21 16.79 37.45
CA GLU X 456 -52.53 15.74 38.21
C GLU X 456 -53.33 15.14 39.35
N GLN X 457 -54.12 15.96 40.03
CA GLN X 457 -54.92 15.48 41.14
C GLN X 457 -55.91 14.42 40.71
N ARG X 458 -56.45 14.55 39.49
CA ARG X 458 -57.44 13.61 38.99
C ARG X 458 -56.83 12.55 38.08
N GLN X 459 -55.52 12.33 38.17
CA GLN X 459 -54.83 11.30 37.39
C GLN X 459 -55.16 11.33 35.90
N MET X 460 -55.02 12.51 35.28
CA MET X 460 -55.24 12.68 33.82
C MET X 460 -53.91 12.77 33.02
N THR X 461 -53.22 11.64 32.93
CA THR X 461 -51.89 11.62 32.29
C THR X 461 -51.82 12.20 30.88
N GLU X 462 -52.74 11.83 30.00
CA GLU X 462 -52.66 12.30 28.62
C GLU X 462 -52.76 13.81 28.57
N GLN X 463 -53.70 14.35 29.33
CA GLN X 463 -53.87 15.80 29.36
C GLN X 463 -52.57 16.43 29.84
N VAL X 464 -51.99 15.95 30.92
CA VAL X 464 -50.69 16.50 31.35
C VAL X 464 -49.68 16.56 30.20
N ARG X 465 -49.45 15.43 29.55
CA ARG X 465 -48.46 15.36 28.47
C ARG X 465 -48.67 16.41 27.39
N SER X 466 -49.89 16.54 26.87
CA SER X 466 -50.16 17.51 25.83
C SER X 466 -49.77 18.91 26.25
N ILE X 467 -50.24 19.33 27.43
CA ILE X 467 -49.92 20.65 27.94
C ILE X 467 -48.41 20.83 28.01
N CYS X 468 -47.72 19.88 28.63
CA CYS X 468 -46.27 20.02 28.78
C CYS X 468 -45.62 20.19 27.43
N LYS X 469 -45.99 19.37 26.46
CA LYS X 469 -45.37 19.44 25.13
C LYS X 469 -45.63 20.78 24.46
N THR X 470 -46.87 21.26 24.50
CA THR X 470 -47.16 22.54 23.91
C THR X 470 -46.26 23.58 24.52
N MET X 471 -46.23 23.70 25.85
CA MET X 471 -45.42 24.74 26.47
C MET X 471 -43.98 24.67 25.99
N ALA X 472 -43.38 23.49 26.11
CA ALA X 472 -41.98 23.32 25.71
C ALA X 472 -41.72 23.78 24.29
N MET X 473 -42.57 23.41 23.34
CA MET X 473 -42.34 23.77 21.94
C MET X 473 -42.25 25.28 21.78
N GLN X 474 -43.23 26.00 22.32
CA GLN X 474 -43.23 27.45 22.23
C GLN X 474 -41.97 28.01 22.85
N SER X 475 -41.66 27.51 24.05
CA SER X 475 -40.50 28.03 24.74
C SER X 475 -39.30 27.88 23.84
N LEU X 476 -39.07 26.70 23.29
CA LEU X 476 -37.90 26.43 22.44
C LEU X 476 -37.85 27.30 21.20
N CYS X 477 -38.97 27.50 20.51
CA CYS X 477 -38.99 28.39 19.35
C CYS X 477 -38.43 29.76 19.69
N ASN X 478 -38.60 30.21 20.94
CA ASN X 478 -38.07 31.50 21.36
C ASN X 478 -36.82 31.29 22.20
N ARG X 479 -35.83 30.60 21.65
CA ARG X 479 -34.60 30.28 22.39
C ARG X 479 -34.95 29.55 23.67
N ARG X 480 -34.62 30.13 24.82
CA ARG X 480 -34.95 29.53 26.11
C ARG X 480 -34.76 28.02 26.16
N LEU X 481 -33.53 27.57 25.95
CA LEU X 481 -33.24 26.14 25.99
C LEU X 481 -33.48 25.55 27.38
N GLY X 482 -33.12 26.28 28.42
CA GLY X 482 -33.30 25.77 29.77
C GLY X 482 -34.74 25.46 30.12
N SER X 483 -35.66 26.37 29.81
CA SER X 483 -37.07 26.16 30.10
C SER X 483 -37.62 24.97 29.35
N ALA X 484 -37.27 24.82 28.08
CA ALA X 484 -37.78 23.71 27.31
C ALA X 484 -37.43 22.39 27.98
N LEU X 485 -36.17 22.26 28.38
CA LEU X 485 -35.72 21.01 28.99
C LEU X 485 -36.58 20.63 30.19
N SER X 486 -36.87 21.57 31.08
CA SER X 486 -37.66 21.25 32.27
C SER X 486 -39.05 20.70 31.93
N TRP X 487 -39.75 21.37 31.02
CA TRP X 487 -41.06 20.90 30.61
C TRP X 487 -40.96 19.50 30.01
N SER X 488 -39.96 19.27 29.17
CA SER X 488 -39.78 17.94 28.62
C SER X 488 -39.60 16.91 29.74
N ILE X 489 -38.69 17.19 30.67
CA ILE X 489 -38.50 16.29 31.81
C ILE X 489 -39.82 15.93 32.50
N ARG X 490 -40.70 16.91 32.70
CA ARG X 490 -41.97 16.67 33.40
C ARG X 490 -42.89 15.71 32.66
N ALA X 491 -43.05 15.87 31.36
CA ALA X 491 -43.87 14.97 30.57
C ALA X 491 -43.20 13.62 30.34
N LYS X 492 -41.95 13.49 30.79
CA LYS X 492 -41.19 12.26 30.60
C LYS X 492 -41.23 11.81 29.15
N ASP X 493 -40.87 12.71 28.24
CA ASP X 493 -40.85 12.38 26.82
C ASP X 493 -39.42 12.20 26.33
N ALA X 494 -39.10 11.01 25.85
CA ALA X 494 -37.77 10.74 25.34
C ALA X 494 -37.51 11.49 24.05
N ALA X 495 -38.48 11.63 23.15
CA ALA X 495 -38.19 12.30 21.87
C ALA X 495 -37.79 13.78 21.98
N PHE X 496 -38.57 14.57 22.71
CA PHE X 496 -38.28 15.99 22.85
C PHE X 496 -36.97 16.21 23.58
N ALA X 497 -36.70 15.39 24.60
CA ALA X 497 -35.42 15.48 25.31
C ALA X 497 -34.29 15.27 24.33
N THR X 498 -34.38 14.23 23.50
CA THR X 498 -33.37 13.97 22.50
C THR X 498 -33.17 15.20 21.63
N LEU X 499 -34.26 15.76 21.11
CA LEU X 499 -34.16 16.96 20.29
C LEU X 499 -33.40 18.09 20.99
N ILE X 500 -33.78 18.41 22.22
CA ILE X 500 -33.13 19.48 22.96
C ILE X 500 -31.63 19.20 23.14
N SER X 501 -31.30 17.98 23.52
CA SER X 501 -29.89 17.61 23.71
C SER X 501 -29.11 17.78 22.43
N ASP X 502 -29.71 17.43 21.30
CA ASP X 502 -29.04 17.59 20.02
C ASP X 502 -28.70 19.05 19.73
N ARG X 503 -29.63 19.96 20.00
CA ARG X 503 -29.40 21.38 19.76
C ARG X 503 -28.26 21.91 20.63
N PHE X 504 -28.18 21.45 21.87
CA PHE X 504 -27.09 21.85 22.76
C PHE X 504 -25.74 21.48 22.17
N LEU X 505 -25.62 20.26 21.66
CA LEU X 505 -24.36 19.80 21.09
C LEU X 505 -23.98 20.65 19.89
N LYS X 506 -24.95 21.01 19.05
CA LYS X 506 -24.68 21.85 17.90
C LYS X 506 -24.10 23.19 18.33
N GLU X 507 -24.71 23.80 19.33
CA GLU X 507 -24.23 25.09 19.82
C GLU X 507 -22.81 24.97 20.36
N TYR X 508 -22.53 23.91 21.12
CA TYR X 508 -21.20 23.71 21.66
C TYR X 508 -20.16 23.63 20.57
N CYS X 509 -20.42 22.86 19.52
CA CYS X 509 -19.47 22.72 18.43
C CYS X 509 -19.10 24.07 17.85
N GLU X 510 -20.09 24.92 17.61
CA GLU X 510 -19.85 26.23 17.03
C GLU X 510 -19.10 27.19 17.95
N ARG X 511 -19.61 27.38 19.18
CA ARG X 511 -18.98 28.30 20.11
C ARG X 511 -17.65 27.80 20.64
N GLY X 512 -17.58 26.52 20.96
CA GLY X 512 -16.37 25.97 21.56
C GLY X 512 -16.57 25.77 23.05
N ASN X 513 -17.56 26.45 23.61
CA ASN X 513 -17.84 26.35 25.04
C ASN X 513 -19.28 25.96 25.30
N PHE X 514 -19.51 25.14 26.32
CA PHE X 514 -20.88 24.75 26.67
C PHE X 514 -21.61 25.89 27.35
N THR X 515 -22.89 26.04 27.05
CA THR X 515 -23.69 27.08 27.67
C THR X 515 -24.50 26.52 28.83
N ASP X 516 -24.77 27.35 29.85
CA ASP X 516 -25.52 26.90 31.03
C ASP X 516 -24.89 25.63 31.60
N LEU X 517 -23.62 25.70 31.95
CA LEU X 517 -22.91 24.54 32.48
C LEU X 517 -23.56 23.96 33.70
N ASP X 518 -24.03 24.81 34.61
CA ASP X 518 -24.64 24.33 35.85
C ASP X 518 -25.87 23.48 35.61
N LEU X 519 -26.74 23.93 34.70
CA LEU X 519 -27.93 23.15 34.38
C LEU X 519 -27.53 21.78 33.88
N ILE X 520 -26.38 21.67 33.22
CA ILE X 520 -26.05 20.37 32.65
C ILE X 520 -25.46 19.43 33.72
N ASP X 521 -24.78 20.00 34.71
CA ASP X 521 -24.13 19.19 35.75
C ASP X 521 -25.08 18.45 36.69
N ASN X 522 -26.22 19.06 37.04
CA ASN X 522 -27.11 18.43 38.03
C ASN X 522 -28.37 17.77 37.46
N LEU X 523 -28.29 17.24 36.25
CA LEU X 523 -29.43 16.53 35.67
C LEU X 523 -29.78 15.32 36.53
N GLY X 524 -28.77 14.56 36.94
CA GLY X 524 -29.01 13.41 37.80
C GLY X 524 -29.70 12.26 37.11
N SER X 525 -30.91 11.92 37.55
CA SER X 525 -31.64 10.79 36.96
C SER X 525 -32.48 11.22 35.76
N ALA X 526 -32.69 12.52 35.59
CA ALA X 526 -33.42 13.00 34.42
C ALA X 526 -32.62 12.72 33.16
N MET X 527 -31.31 12.54 33.31
CA MET X 527 -30.44 12.26 32.18
C MET X 527 -30.81 10.97 31.45
N LEU X 528 -31.33 9.99 32.18
CA LEU X 528 -31.64 8.70 31.58
C LEU X 528 -32.92 8.69 30.73
N LEU X 529 -33.57 9.84 30.60
CA LEU X 529 -34.77 9.93 29.78
C LEU X 529 -34.47 9.64 28.33
N SER X 530 -33.43 10.28 27.80
CA SER X 530 -33.05 10.08 26.40
C SER X 530 -31.60 9.65 26.27
N ASP X 531 -31.26 8.95 25.20
CA ASP X 531 -29.86 8.56 25.00
C ASP X 531 -28.98 9.78 24.69
N ARG X 532 -29.47 10.71 23.89
CA ARG X 532 -28.69 11.90 23.55
C ARG X 532 -28.45 12.76 24.78
N LEU X 533 -29.46 12.89 25.64
CA LEU X 533 -29.29 13.65 26.87
C LEU X 533 -28.22 12.98 27.71
N THR X 534 -28.25 11.65 27.80
CA THR X 534 -27.24 10.92 28.55
C THR X 534 -25.87 11.27 28.01
N PHE X 535 -25.66 11.22 26.70
CA PHE X 535 -24.37 11.62 26.16
C PHE X 535 -23.90 13.00 26.62
N LEU X 536 -24.75 14.02 26.51
CA LEU X 536 -24.38 15.39 26.87
C LEU X 536 -23.81 15.48 28.27
N GLY X 537 -24.52 14.91 29.24
CA GLY X 537 -24.09 14.97 30.62
C GLY X 537 -22.72 14.36 30.81
N LYS X 538 -22.50 13.17 30.27
CA LYS X 538 -21.21 12.51 30.42
C LYS X 538 -20.09 13.32 29.75
N TYR X 539 -20.37 13.92 28.61
CA TYR X 539 -19.36 14.77 27.96
C TYR X 539 -19.00 15.97 28.84
N ARG X 540 -20.00 16.63 29.41
CA ARG X 540 -19.71 17.75 30.32
C ARG X 540 -18.92 17.29 31.55
N GLU X 541 -19.23 16.09 32.04
CA GLU X 541 -18.50 15.55 33.18
C GLU X 541 -17.04 15.36 32.81
N PHE X 542 -16.77 14.79 31.64
CA PHE X 542 -15.39 14.62 31.15
C PHE X 542 -14.70 15.99 31.10
N HIS X 543 -15.42 16.97 30.56
CA HIS X 543 -14.85 18.32 30.50
C HIS X 543 -14.43 18.78 31.88
N ARG X 544 -15.32 18.74 32.85
CA ARG X 544 -14.97 19.10 34.20
C ARG X 544 -13.79 18.28 34.69
N MET X 545 -13.87 16.96 34.58
CA MET X 545 -12.81 16.09 35.10
C MET X 545 -11.41 16.45 34.64
N TYR X 546 -11.16 16.42 33.33
CA TYR X 546 -9.79 16.65 32.86
C TYR X 546 -9.29 18.06 33.17
N SER X 547 -10.20 19.03 33.23
CA SER X 547 -9.80 20.39 33.55
C SER X 547 -9.21 20.48 34.95
N GLN X 548 -9.90 19.94 35.95
CA GLN X 548 -9.37 19.95 37.31
C GLN X 548 -8.51 18.73 37.61
N GLU X 549 -7.51 18.46 36.75
CA GLU X 549 -6.56 17.35 36.99
C GLU X 549 -7.15 15.99 37.32
N GLN X 550 -8.16 15.55 36.58
CA GLN X 550 -8.69 14.18 36.75
C GLN X 550 -8.61 13.51 35.39
N PHE X 551 -7.46 13.67 34.74
CA PHE X 551 -7.28 13.15 33.39
C PHE X 551 -7.61 11.67 33.24
N SER X 552 -7.18 10.82 34.18
CA SER X 552 -7.41 9.38 34.07
C SER X 552 -8.90 9.08 34.01
N GLU X 553 -9.65 9.57 34.98
CA GLU X 553 -11.09 9.31 35.01
C GLU X 553 -11.74 9.82 33.75
N ALA X 554 -11.35 11.01 33.30
CA ALA X 554 -11.93 11.60 32.10
C ALA X 554 -11.73 10.71 30.90
N ALA X 555 -10.50 10.23 30.71
CA ALA X 555 -10.19 9.36 29.58
C ALA X 555 -11.04 8.09 29.64
N SER X 556 -11.16 7.51 30.82
CA SER X 556 -11.96 6.31 30.98
C SER X 556 -13.38 6.59 30.54
N LEU X 557 -13.95 7.69 31.02
CA LEU X 557 -15.31 8.05 30.66
C LEU X 557 -15.45 8.21 29.15
N LEU X 558 -14.50 8.88 28.52
CA LEU X 558 -14.55 9.07 27.08
C LEU X 558 -14.56 7.73 26.34
N LEU X 559 -13.66 6.83 26.73
CA LEU X 559 -13.58 5.55 26.03
C LEU X 559 -14.88 4.80 26.24
N SER X 560 -15.43 4.89 27.45
CA SER X 560 -16.70 4.23 27.74
C SER X 560 -17.76 4.74 26.79
N LEU X 561 -17.91 6.05 26.70
CA LEU X 561 -18.89 6.64 25.80
C LEU X 561 -18.70 6.14 24.37
N MET X 562 -17.48 6.17 23.87
CA MET X 562 -17.25 5.77 22.48
C MET X 562 -17.65 4.32 22.21
N THR X 563 -17.30 3.42 23.13
CA THR X 563 -17.60 2.00 22.94
C THR X 563 -19.09 1.69 22.97
N ALA X 564 -19.87 2.47 23.72
CA ALA X 564 -21.31 2.24 23.84
C ALA X 564 -22.08 2.73 22.62
N ARG X 565 -21.41 3.45 21.71
CA ARG X 565 -22.05 3.95 20.49
C ARG X 565 -23.21 4.93 20.73
N ILE X 566 -23.25 5.52 21.92
CA ILE X 566 -24.28 6.51 22.21
C ILE X 566 -24.00 7.75 21.40
N ALA X 567 -22.73 8.10 21.28
CA ALA X 567 -22.33 9.29 20.56
C ALA X 567 -22.71 9.28 19.09
N PRO X 568 -23.11 10.44 18.51
CA PRO X 568 -23.30 10.40 17.06
C PRO X 568 -21.92 10.36 16.36
N CYS X 569 -21.80 10.04 15.07
CA CYS X 569 -20.47 9.88 14.42
C CYS X 569 -19.51 11.09 14.39
N SER X 570 -20.07 12.29 14.25
CA SER X 570 -19.24 13.49 14.27
C SER X 570 -18.61 13.63 15.65
N PHE X 571 -19.32 13.32 16.72
CA PHE X 571 -18.63 13.44 18.01
C PHE X 571 -17.50 12.40 18.20
N TRP X 572 -17.57 11.30 17.46
CA TRP X 572 -16.53 10.27 17.56
C TRP X 572 -15.14 10.86 17.33
N LEU X 573 -14.98 11.63 16.26
CA LEU X 573 -13.67 12.19 15.93
C LEU X 573 -13.15 13.13 17.02
N THR X 574 -14.02 13.96 17.58
CA THR X 574 -13.62 14.86 18.65
C THR X 574 -13.15 14.05 19.87
N LEU X 575 -13.87 12.99 20.18
CA LEU X 575 -13.48 12.20 21.34
C LEU X 575 -12.09 11.63 21.07
N LEU X 576 -11.83 11.15 19.86
CA LEU X 576 -10.50 10.64 19.50
C LEU X 576 -9.40 11.70 19.59
N LEU X 577 -9.70 12.91 19.16
CA LEU X 577 -8.72 13.99 19.26
C LEU X 577 -8.38 14.25 20.72
N ASP X 578 -9.39 14.23 21.59
CA ASP X 578 -9.15 14.44 23.01
C ASP X 578 -8.30 13.31 23.54
N ALA X 579 -8.59 12.08 23.15
CA ALA X 579 -7.79 10.92 23.57
C ALA X 579 -6.33 11.06 23.15
N LEU X 580 -6.09 11.65 21.98
CA LEU X 580 -4.71 11.88 21.51
C LEU X 580 -3.78 12.55 22.57
N PRO X 581 -3.96 13.85 22.96
CA PRO X 581 -3.07 14.38 24.00
C PRO X 581 -3.07 13.57 25.27
N LEU X 582 -4.15 12.85 25.59
CA LEU X 582 -4.13 11.99 26.77
C LEU X 582 -3.03 10.95 26.62
N LEU X 583 -2.93 10.33 25.44
CA LEU X 583 -1.81 9.39 25.20
C LEU X 583 -0.49 10.12 25.21
N GLU X 584 -0.43 11.27 24.55
CA GLU X 584 0.81 12.05 24.46
C GLU X 584 1.43 12.40 25.81
N GLN X 585 0.60 12.66 26.82
CA GLN X 585 1.18 13.09 28.10
C GLN X 585 2.25 12.13 28.57
N LYS X 586 3.32 12.66 29.16
CA LYS X 586 4.43 11.81 29.60
C LYS X 586 3.96 10.67 30.47
N GLN X 587 3.09 10.95 31.43
CA GLN X 587 2.53 9.88 32.24
C GLN X 587 1.45 9.22 31.41
N VAL X 588 1.64 7.94 31.10
CA VAL X 588 0.69 7.24 30.24
C VAL X 588 -0.67 7.07 30.93
N ILE X 589 -1.73 7.46 30.24
CA ILE X 589 -3.07 7.37 30.83
C ILE X 589 -3.77 6.11 30.36
N PHE X 590 -4.03 6.00 29.06
CA PHE X 590 -4.70 4.82 28.51
C PHE X 590 -3.83 3.60 28.65
N SER X 591 -4.41 2.47 29.04
CA SER X 591 -3.64 1.23 29.08
C SER X 591 -3.48 0.67 27.68
N ALA X 592 -2.69 -0.38 27.50
CA ALA X 592 -2.59 -1.01 26.17
C ALA X 592 -3.95 -1.47 25.61
N GLU X 593 -4.72 -2.20 26.40
CA GLU X 593 -6.01 -2.71 25.92
C GLU X 593 -6.98 -1.60 25.54
N GLN X 594 -6.98 -0.52 26.30
CA GLN X 594 -7.86 0.60 26.00
C GLN X 594 -7.51 1.23 24.67
N THR X 595 -6.22 1.38 24.41
CA THR X 595 -5.78 1.92 23.13
C THR X 595 -6.13 0.96 22.02
N TYR X 596 -6.06 -0.35 22.25
CA TYR X 596 -6.48 -1.32 21.23
C TYR X 596 -7.95 -1.18 20.92
N GLU X 597 -8.77 -0.95 21.95
CA GLU X 597 -10.19 -0.71 21.72
C GLU X 597 -10.40 0.56 20.91
N LEU X 598 -9.61 1.59 21.21
CA LEU X 598 -9.70 2.82 20.42
C LEU X 598 -9.34 2.55 18.98
N MET X 599 -8.33 1.72 18.74
CA MET X 599 -7.92 1.35 17.40
C MET X 599 -9.05 0.68 16.69
N ARG X 600 -9.71 -0.27 17.37
CA ARG X 600 -10.84 -0.95 16.77
C ARG X 600 -11.92 0.05 16.40
N CYS X 601 -12.22 1.00 17.29
CA CYS X 601 -13.24 2.01 16.99
C CYS X 601 -12.85 2.84 15.77
N LEU X 602 -11.59 3.23 15.68
CA LEU X 602 -11.11 4.01 14.56
C LEU X 602 -11.25 3.24 13.27
N GLU X 603 -10.95 1.94 13.29
CA GLU X 603 -11.06 1.12 12.09
C GLU X 603 -12.53 0.91 11.72
N ASP X 604 -13.37 0.69 12.72
CA ASP X 604 -14.80 0.54 12.47
C ASP X 604 -15.37 1.84 11.92
N ARG X 605 -14.91 2.97 12.45
CA ARG X 605 -15.36 4.26 11.95
C ARG X 605 -14.96 4.42 10.50
N MET X 606 -13.74 4.01 10.17
CA MET X 606 -13.25 4.12 8.80
C MET X 606 -14.14 3.35 7.84
N ALA X 607 -14.55 2.14 8.23
CA ALA X 607 -15.42 1.34 7.39
C ALA X 607 -16.77 2.00 7.19
N ALA X 608 -17.39 2.45 8.28
CA ALA X 608 -18.68 3.12 8.19
C ALA X 608 -18.59 4.42 7.42
N LYS X 609 -17.50 5.17 7.57
CA LYS X 609 -17.30 6.41 6.84
C LYS X 609 -17.42 6.17 5.35
N LEU X 610 -16.76 5.11 4.89
CA LEU X 610 -16.82 4.77 3.47
C LEU X 610 -18.22 4.41 3.02
N GLU X 611 -18.97 3.72 3.87
CA GLU X 611 -20.31 3.26 3.49
C GLU X 611 -21.47 4.22 3.79
N GLN X 621 -6.41 18.54 4.73
CA GLN X 621 -6.83 19.32 5.88
C GLN X 621 -7.28 18.41 7.03
N ASP X 622 -8.58 18.22 7.16
CA ASP X 622 -9.11 17.36 8.22
C ASP X 622 -8.51 15.98 8.12
N SER X 623 -8.56 15.37 6.95
CA SER X 623 -7.99 14.03 6.74
C SER X 623 -6.53 13.99 7.13
N SER X 624 -5.75 14.97 6.69
CA SER X 624 -4.33 15.01 7.01
C SER X 624 -4.10 15.06 8.51
N ILE X 625 -4.83 15.92 9.22
CA ILE X 625 -4.69 16.03 10.67
C ILE X 625 -5.07 14.72 11.35
N ASP X 626 -6.11 14.06 10.84
CA ASP X 626 -6.56 12.82 11.43
C ASP X 626 -5.59 11.69 11.19
N ASN X 627 -4.94 11.69 10.03
CA ASN X 627 -3.93 10.65 9.82
C ASN X 627 -2.71 10.86 10.72
N THR X 628 -2.32 12.11 10.91
CA THR X 628 -1.21 12.41 11.81
C THR X 628 -1.63 11.99 13.20
N LYS X 629 -2.87 12.28 13.55
CA LYS X 629 -3.39 11.88 14.84
C LYS X 629 -3.24 10.38 14.96
N VAL X 630 -3.71 9.64 13.97
CA VAL X 630 -3.62 8.18 13.98
C VAL X 630 -2.20 7.72 14.23
N GLU X 631 -1.25 8.27 13.48
CA GLU X 631 0.14 7.85 13.62
C GLU X 631 0.69 8.11 15.03
N MET X 632 0.45 9.30 15.57
CA MET X 632 0.94 9.60 16.91
C MET X 632 0.30 8.66 17.90
N LEU X 633 -0.99 8.39 17.72
CA LEU X 633 -1.72 7.52 18.60
C LEU X 633 -0.99 6.22 18.60
N ARG X 634 -0.79 5.64 17.44
CA ARG X 634 -0.13 4.37 17.34
C ARG X 634 1.22 4.36 18.02
N LEU X 635 2.05 5.38 17.78
CA LEU X 635 3.37 5.42 18.40
C LEU X 635 3.25 5.37 19.92
N ALA X 636 2.44 6.25 20.49
CA ALA X 636 2.23 6.24 21.94
C ALA X 636 1.71 4.89 22.45
N LEU X 637 0.74 4.30 21.76
CA LEU X 637 0.16 3.03 22.21
C LEU X 637 1.24 2.01 22.24
N ALA X 638 2.06 1.96 21.21
CA ALA X 638 3.11 0.97 21.12
C ALA X 638 4.14 1.16 22.21
N ARG X 639 4.49 2.41 22.50
CA ARG X 639 5.43 2.66 23.60
C ARG X 639 4.85 2.18 24.92
N ASN X 640 3.56 2.42 25.14
CA ASN X 640 2.92 1.99 26.37
C ASN X 640 2.86 0.50 26.44
N LEU X 641 2.67 -0.15 25.29
CA LEU X 641 2.57 -1.58 25.23
C LEU X 641 3.91 -2.13 25.58
N ALA X 642 4.96 -1.49 25.12
CA ALA X 642 6.31 -1.92 25.44
C ALA X 642 6.49 -1.81 26.94
N ARG X 643 6.11 -0.68 27.51
CA ARG X 643 6.27 -0.47 28.94
C ARG X 643 5.48 -1.49 29.76
N ALA X 644 4.35 -1.96 29.23
CA ALA X 644 3.55 -2.97 29.91
C ALA X 644 4.24 -4.30 29.80
N ILE X 645 4.63 -4.70 28.60
CA ILE X 645 5.37 -5.92 28.41
C ILE X 645 6.57 -5.80 29.30
N VAL X 646 7.12 -4.58 29.37
CA VAL X 646 8.23 -4.42 30.31
C VAL X 646 7.78 -4.72 31.73
N THR X 647 6.80 -3.96 32.20
CA THR X 647 6.38 -4.08 33.59
C THR X 647 5.77 -5.45 33.87
N ASP Y 3 -64.29 34.13 62.49
CA ASP Y 3 -64.80 35.31 63.18
C ASP Y 3 -63.91 36.52 62.93
N LYS Y 4 -62.60 36.35 63.05
CA LYS Y 4 -61.67 37.45 62.84
C LYS Y 4 -61.74 37.98 61.43
N PHE Y 5 -61.79 37.09 60.45
CA PHE Y 5 -61.76 37.53 59.05
C PHE Y 5 -63.11 37.99 58.51
N ALA Y 6 -63.11 39.16 57.87
CA ALA Y 6 -64.33 39.66 57.25
C ALA Y 6 -64.16 39.52 55.75
N ALA Y 7 -64.98 38.71 55.12
CA ALA Y 7 -64.82 38.46 53.69
C ALA Y 7 -65.71 39.29 52.79
N LYS Y 8 -65.11 40.16 52.00
CA LYS Y 8 -65.89 40.96 51.06
C LYS Y 8 -65.63 40.39 49.68
N PHE Y 9 -66.68 39.99 49.00
CA PHE Y 9 -66.53 39.39 47.68
C PHE Y 9 -66.49 40.43 46.57
N VAL Y 10 -65.42 40.44 45.79
CA VAL Y 10 -65.32 41.35 44.65
C VAL Y 10 -65.53 40.48 43.40
N SER Y 11 -65.38 41.01 42.19
CA SER Y 11 -65.64 40.24 40.99
C SER Y 11 -64.37 39.89 40.21
N HIS Y 12 -63.22 40.28 40.73
CA HIS Y 12 -61.96 40.04 40.03
C HIS Y 12 -61.03 39.20 40.88
N LYS Y 13 -60.45 38.14 40.31
CA LYS Y 13 -59.52 37.31 41.07
C LYS Y 13 -58.39 38.18 41.59
N ILE Y 14 -58.10 38.10 42.88
CA ILE Y 14 -57.08 38.97 43.48
C ILE Y 14 -55.70 38.31 43.49
N SER Y 15 -54.76 38.85 42.71
CA SER Y 15 -53.41 38.30 42.65
C SER Y 15 -52.43 38.88 43.67
N ARG Y 16 -52.51 40.18 43.94
CA ARG Y 16 -51.57 40.81 44.85
C ARG Y 16 -52.26 41.64 45.92
N THR Y 17 -51.76 41.62 47.16
CA THR Y 17 -52.30 42.45 48.24
C THR Y 17 -51.17 43.07 49.03
N ARG Y 18 -51.10 44.41 49.09
CA ARG Y 18 -50.01 45.09 49.79
C ARG Y 18 -50.47 46.35 50.53
N TRP Y 19 -50.09 46.50 51.80
CA TRP Y 19 -50.45 47.67 52.60
C TRP Y 19 -49.64 48.89 52.25
N ARG Y 20 -50.14 50.08 52.56
CA ARG Y 20 -49.38 51.29 52.34
C ARG Y 20 -48.43 51.46 53.52
N PRO Y 21 -47.13 51.63 53.23
CA PRO Y 21 -46.14 51.76 54.30
C PRO Y 21 -46.51 52.88 55.26
N VAL Y 22 -46.50 52.61 56.56
CA VAL Y 22 -46.88 53.61 57.55
C VAL Y 22 -45.66 54.21 58.24
N SER Y 23 -45.74 55.48 58.60
CA SER Y 23 -44.62 56.14 59.28
C SER Y 23 -44.36 55.53 60.64
N ALA Y 24 -43.11 55.17 60.91
CA ALA Y 24 -42.75 54.54 62.18
C ALA Y 24 -42.85 55.49 63.35
N SER Y 25 -42.44 56.74 63.16
CA SER Y 25 -42.45 57.71 64.25
C SER Y 25 -43.85 57.95 64.79
N SER Y 26 -44.82 58.12 63.91
CA SER Y 26 -46.20 58.28 64.34
C SER Y 26 -46.76 56.95 64.77
N LEU Y 27 -47.63 56.93 65.77
CA LEU Y 27 -48.16 55.67 66.28
C LEU Y 27 -49.43 55.24 65.54
N GLN Y 28 -49.50 55.56 64.25
CA GLN Y 28 -50.69 55.21 63.45
C GLN Y 28 -50.77 53.73 63.12
N GLN Y 29 -51.97 53.26 62.85
CA GLN Y 29 -52.16 51.86 62.48
C GLN Y 29 -52.45 51.73 61.00
N PRO Y 30 -51.76 50.79 60.28
CA PRO Y 30 -52.04 50.79 58.84
C PRO Y 30 -53.50 50.56 58.51
N ASP Y 31 -54.02 51.35 57.60
CA ASP Y 31 -55.43 51.24 57.25
C ASP Y 31 -55.69 51.07 55.76
N VAL Y 32 -54.76 51.54 54.92
CA VAL Y 32 -54.97 51.48 53.49
C VAL Y 32 -54.13 50.40 52.84
N PHE Y 33 -54.76 49.53 52.04
CA PHE Y 33 -54.00 48.49 51.33
C PHE Y 33 -54.38 48.47 49.85
N ALA Y 34 -53.54 47.88 49.02
CA ALA Y 34 -53.80 47.85 47.59
C ALA Y 34 -53.87 46.45 47.02
N THR Y 35 -54.77 46.23 46.06
CA THR Y 35 -54.91 44.91 45.43
C THR Y 35 -54.80 44.97 43.91
N GLY Y 36 -54.28 43.91 43.31
CA GLY Y 36 -54.19 43.84 41.86
C GLY Y 36 -54.88 42.60 41.35
N SER Y 37 -55.52 42.67 40.18
CA SER Y 37 -56.30 41.53 39.68
C SER Y 37 -55.80 40.87 38.40
N TRP Y 38 -56.03 39.56 38.28
CA TRP Y 38 -55.55 38.82 37.09
C TRP Y 38 -56.62 37.95 36.47
N ASP Y 39 -56.28 37.26 35.38
CA ASP Y 39 -57.21 36.34 34.70
C ASP Y 39 -58.54 36.97 34.30
N ASN Y 40 -58.51 38.21 33.83
CA ASN Y 40 -59.72 38.87 33.38
C ASN Y 40 -59.45 39.63 32.10
N GLU Y 41 -60.51 39.95 31.35
CA GLU Y 41 -60.34 40.70 30.11
C GLU Y 41 -59.82 42.09 30.40
N GLU Y 42 -60.41 42.78 31.37
CA GLU Y 42 -59.92 44.10 31.76
C GLU Y 42 -59.48 44.05 33.21
N ASN Y 43 -58.19 43.90 33.45
CA ASN Y 43 -57.68 43.80 34.82
C ASN Y 43 -57.50 45.17 35.45
N LYS Y 44 -57.36 45.22 36.77
CA LYS Y 44 -57.27 46.52 37.44
C LYS Y 44 -56.49 46.54 38.74
N VAL Y 45 -56.14 47.74 39.20
CA VAL Y 45 -55.42 47.91 40.45
C VAL Y 45 -56.28 48.70 41.39
N CYS Y 46 -56.67 48.11 42.52
CA CYS Y 46 -57.57 48.78 43.45
C CYS Y 46 -56.92 49.17 44.77
N VAL Y 47 -57.47 50.16 45.46
CA VAL Y 47 -56.95 50.58 46.76
C VAL Y 47 -58.10 50.53 47.76
N TRP Y 48 -57.95 49.81 48.86
CA TRP Y 48 -59.03 49.65 49.82
C TRP Y 48 -58.70 50.22 51.19
N ALA Y 49 -59.71 50.54 51.99
CA ALA Y 49 -59.49 51.04 53.34
C ALA Y 49 -60.23 50.21 54.36
N THR Y 50 -59.56 49.82 55.43
CA THR Y 50 -60.18 48.96 56.43
C THR Y 50 -61.13 49.70 57.35
N ASP Y 65 -66.41 45.70 56.82
CA ASP Y 65 -66.01 45.35 55.47
C ASP Y 65 -65.17 46.45 54.84
N PRO Y 66 -64.06 46.06 54.19
CA PRO Y 66 -63.23 47.05 53.51
C PRO Y 66 -64.01 47.81 52.44
N LYS Y 67 -63.79 49.13 52.35
CA LYS Y 67 -64.46 49.93 51.33
C LYS Y 67 -63.45 50.42 50.31
N GLN Y 68 -63.69 50.14 49.04
CA GLN Y 68 -62.75 50.54 48.00
C GLN Y 68 -62.71 52.04 47.83
N LEU Y 69 -61.51 52.61 47.80
CA LEU Y 69 -61.36 54.04 47.65
C LEU Y 69 -61.19 54.43 46.19
N CYS Y 70 -60.13 53.92 45.55
CA CYS Y 70 -59.88 54.27 44.16
C CYS Y 70 -59.31 53.10 43.36
N ASP Y 71 -59.57 53.09 42.06
CA ASP Y 71 -59.07 52.02 41.20
C ASP Y 71 -58.73 52.54 39.80
N ILE Y 72 -57.83 51.85 39.10
CA ILE Y 72 -57.45 52.27 37.76
C ILE Y 72 -57.37 51.09 36.78
N LYS Y 73 -57.87 51.28 35.56
CA LYS Y 73 -57.81 50.23 34.55
C LYS Y 73 -56.37 49.96 34.15
N HIS Y 74 -55.84 48.81 34.57
CA HIS Y 74 -54.44 48.48 34.31
C HIS Y 74 -54.31 47.66 33.03
N PRO Y 75 -53.55 48.16 32.05
CA PRO Y 75 -53.35 47.44 30.79
C PRO Y 75 -52.61 46.13 31.02
N GLY Y 76 -53.14 45.03 30.51
CA GLY Y 76 -52.52 43.74 30.73
C GLY Y 76 -52.88 43.20 32.10
N ASP Y 77 -52.07 42.28 32.61
CA ASP Y 77 -52.33 41.68 33.91
C ASP Y 77 -51.33 42.14 34.94
N VAL Y 78 -51.79 42.48 36.15
CA VAL Y 78 -50.89 42.92 37.20
C VAL Y 78 -50.21 41.72 37.85
N MET Y 79 -48.97 41.45 37.45
CA MET Y 79 -48.23 40.32 38.01
C MET Y 79 -47.70 40.64 39.40
N ASP Y 80 -46.93 41.73 39.52
CA ASP Y 80 -46.33 42.07 40.82
C ASP Y 80 -46.53 43.53 41.18
N MET Y 81 -46.84 43.79 42.45
CA MET Y 81 -47.07 45.16 42.89
C MET Y 81 -46.28 45.49 44.14
N GLN Y 82 -45.53 46.60 44.09
CA GLN Y 82 -44.76 47.04 45.25
C GLN Y 82 -45.04 48.50 45.54
N PHE Y 83 -45.10 48.86 46.82
CA PHE Y 83 -45.33 50.25 47.21
C PHE Y 83 -44.01 50.97 47.35
N LEU Y 84 -43.69 51.86 46.41
CA LEU Y 84 -42.42 52.57 46.46
C LEU Y 84 -42.43 53.47 47.68
N ASP Y 85 -43.40 54.37 47.74
CA ASP Y 85 -43.55 55.24 48.90
C ASP Y 85 -45.04 55.40 49.15
N LYS Y 86 -45.39 56.26 50.09
CA LYS Y 86 -46.79 56.46 50.42
C LYS Y 86 -47.60 56.89 49.21
N GLU Y 87 -47.01 57.65 48.30
CA GLU Y 87 -47.76 58.17 47.16
C GLU Y 87 -47.45 57.53 45.80
N ARG Y 88 -46.57 56.52 45.77
CA ARG Y 88 -46.24 55.87 44.50
C ARG Y 88 -46.35 54.36 44.53
N ILE Y 89 -47.03 53.79 43.53
CA ILE Y 89 -47.20 52.34 43.45
C ILE Y 89 -46.60 51.81 42.17
N VAL Y 90 -45.62 50.92 42.27
CA VAL Y 90 -44.96 50.38 41.09
C VAL Y 90 -45.56 49.05 40.72
N THR Y 91 -46.11 48.93 39.51
CA THR Y 91 -46.74 47.68 39.09
C THR Y 91 -46.10 47.09 37.85
N GLY Y 92 -45.91 45.76 37.84
CA GLY Y 92 -45.32 45.10 36.69
C GLY Y 92 -46.35 44.39 35.86
N SER Y 93 -46.54 44.82 34.62
CA SER Y 93 -47.55 44.22 33.75
C SER Y 93 -47.12 42.89 33.19
N SER Y 94 -48.05 42.17 32.56
CA SER Y 94 -47.72 40.90 31.94
C SER Y 94 -47.16 41.10 30.55
N THR Y 95 -47.14 42.34 30.08
CA THR Y 95 -46.54 42.63 28.78
C THR Y 95 -45.10 43.09 28.99
N GLY Y 96 -44.63 43.07 30.23
CA GLY Y 96 -43.27 43.47 30.53
C GLY Y 96 -43.14 44.92 30.94
N THR Y 97 -44.09 45.75 30.53
CA THR Y 97 -44.04 47.17 30.85
C THR Y 97 -44.06 47.42 32.35
N VAL Y 98 -43.06 48.15 32.86
CA VAL Y 98 -43.05 48.50 34.28
C VAL Y 98 -43.58 49.92 34.44
N THR Y 99 -44.66 50.10 35.18
CA THR Y 99 -45.28 51.42 35.32
C THR Y 99 -45.33 51.92 36.76
N ILE Y 100 -45.35 53.24 36.93
CA ILE Y 100 -45.45 53.83 38.25
C ILE Y 100 -46.72 54.65 38.33
N PHE Y 101 -47.51 54.45 39.38
CA PHE Y 101 -48.73 55.23 39.55
C PHE Y 101 -48.64 56.20 40.71
N ARG Y 102 -49.09 57.42 40.51
CA ARG Y 102 -49.06 58.44 41.57
C ARG Y 102 -50.43 58.60 42.20
N HIS Y 103 -50.52 58.34 43.49
CA HIS Y 103 -51.81 58.47 44.18
C HIS Y 103 -52.02 59.86 44.69
N HIS Y 104 -53.06 60.52 44.19
CA HIS Y 104 -53.38 61.86 44.69
C HIS Y 104 -54.44 61.68 45.75
N GLU Y 105 -54.02 61.75 47.02
CA GLU Y 105 -54.95 61.52 48.12
C GLU Y 105 -56.08 62.55 48.19
N ASN Y 106 -55.77 63.80 47.90
CA ASN Y 106 -56.77 64.87 47.95
C ASN Y 106 -57.96 64.62 47.04
N ASN Y 107 -57.71 64.08 45.85
CA ASN Y 107 -58.79 63.84 44.90
C ASN Y 107 -59.09 62.36 44.76
N GLN Y 108 -58.39 61.52 45.51
CA GLN Y 108 -58.55 60.06 45.41
C GLN Y 108 -58.48 59.61 43.95
N THR Y 109 -57.42 59.98 43.25
CA THR Y 109 -57.27 59.62 41.85
C THR Y 109 -55.90 59.04 41.57
N LEU Y 110 -55.86 57.86 40.96
CA LEU Y 110 -54.58 57.27 40.58
C LEU Y 110 -54.22 57.76 39.19
N SER Y 111 -53.00 58.28 39.02
CA SER Y 111 -52.57 58.80 37.73
C SER Y 111 -51.28 58.16 37.26
N VAL Y 112 -51.09 58.04 35.95
CA VAL Y 112 -49.88 57.45 35.41
C VAL Y 112 -48.70 58.40 35.52
N ASN Y 113 -47.58 57.91 36.06
CA ASN Y 113 -46.40 58.75 36.21
C ASN Y 113 -45.38 58.45 35.13
N GLN Y 114 -44.64 57.36 35.27
CA GLN Y 114 -43.60 57.01 34.30
C GLN Y 114 -43.66 55.54 33.91
N ARG Y 115 -43.37 55.23 32.65
CA ARG Y 115 -43.45 53.87 32.18
C ARG Y 115 -42.33 53.49 31.23
N TRP Y 116 -41.90 52.23 31.29
CA TRP Y 116 -40.88 51.76 30.37
C TRP Y 116 -41.56 50.67 29.57
N GLU Y 117 -42.09 51.02 28.41
CA GLU Y 117 -42.88 50.06 27.62
C GLU Y 117 -42.19 48.73 27.30
N GLN Y 118 -40.94 48.79 26.85
CA GLN Y 118 -40.26 47.56 26.47
C GLN Y 118 -39.17 47.25 27.47
N ALA Y 119 -39.54 47.15 28.74
CA ALA Y 119 -38.59 46.77 29.75
C ALA Y 119 -38.20 45.33 29.57
N HIS Y 120 -39.18 44.47 29.30
CA HIS Y 120 -38.90 43.06 29.06
C HIS Y 120 -39.48 42.54 27.75
N TYR Y 121 -38.61 42.08 26.85
CA TYR Y 121 -39.07 41.50 25.59
C TYR Y 121 -38.15 40.35 25.17
N HIS Y 122 -38.72 39.27 24.66
CA HIS Y 122 -37.91 38.08 24.31
C HIS Y 122 -36.91 38.36 23.19
N VAL Y 123 -35.77 37.68 23.24
CA VAL Y 123 -34.70 37.95 22.28
C VAL Y 123 -35.07 37.70 20.81
N GLY Y 124 -34.91 38.73 19.97
CA GLY Y 124 -35.17 38.56 18.55
C GLY Y 124 -36.60 38.43 18.09
N SER Y 125 -37.35 37.49 18.66
CA SER Y 125 -38.72 37.23 18.21
C SER Y 125 -39.66 38.41 18.44
N ASN Y 126 -40.73 38.47 17.65
CA ASN Y 126 -41.74 39.52 17.86
C ASN Y 126 -42.72 39.10 18.95
N MET Y 127 -43.57 40.01 19.44
CA MET Y 127 -44.52 39.77 20.57
C MET Y 127 -43.90 40.15 21.92
N ARG Y 128 -44.59 39.87 23.03
CA ARG Y 128 -44.08 40.32 24.35
C ARG Y 128 -43.72 39.25 25.38
N ALA Y 129 -42.92 39.62 26.37
CA ALA Y 129 -42.54 38.69 27.44
C ALA Y 129 -42.96 39.21 28.80
N PRO Y 130 -43.56 38.36 29.63
CA PRO Y 130 -44.07 38.80 30.93
C PRO Y 130 -43.03 39.22 31.96
N CYS Y 131 -43.35 40.20 32.80
CA CYS Y 131 -42.46 40.61 33.87
C CYS Y 131 -42.92 39.91 35.13
N THR Y 132 -42.13 38.97 35.60
CA THR Y 132 -42.54 38.18 36.76
C THR Y 132 -42.50 38.93 38.09
N ALA Y 133 -41.35 39.50 38.46
CA ALA Y 133 -41.25 40.15 39.79
C ALA Y 133 -40.47 41.45 39.84
N ILE Y 134 -40.81 42.32 40.78
CA ILE Y 134 -40.09 43.57 40.97
C ILE Y 134 -39.73 43.77 42.44
N VAL Y 135 -38.68 44.55 42.71
CA VAL Y 135 -38.28 44.83 44.09
C VAL Y 135 -37.83 46.30 44.13
N CYS Y 136 -38.10 47.00 45.23
CA CYS Y 136 -37.81 48.44 45.25
C CYS Y 136 -37.03 48.98 46.43
N SER Y 137 -35.99 49.76 46.15
CA SER Y 137 -35.22 50.42 47.20
C SER Y 137 -35.05 51.84 46.71
N SER Y 138 -36.02 52.70 46.98
CA SER Y 138 -36.01 54.07 46.45
C SER Y 138 -34.63 54.72 46.35
N PRO Y 139 -34.25 55.16 45.14
CA PRO Y 139 -35.10 55.18 43.95
C PRO Y 139 -34.73 54.13 42.91
N GLU Y 140 -34.38 52.92 43.36
CA GLU Y 140 -33.95 51.87 42.44
C GLU Y 140 -35.01 50.81 42.22
N ILE Y 141 -35.39 50.58 40.98
CA ILE Y 141 -36.37 49.54 40.67
C ILE Y 141 -35.72 48.45 39.84
N VAL Y 142 -35.51 47.28 40.44
CA VAL Y 142 -34.93 46.15 39.71
C VAL Y 142 -36.02 45.18 39.31
N SER Y 143 -36.16 44.92 38.03
CA SER Y 143 -37.21 44.02 37.55
C SER Y 143 -36.66 42.82 36.78
N VAL Y 144 -36.99 41.62 37.25
CA VAL Y 144 -36.59 40.42 36.51
C VAL Y 144 -37.67 40.04 35.52
N GLY Y 145 -37.42 39.06 34.68
CA GLY Y 145 -38.43 38.62 33.75
C GLY Y 145 -38.36 37.19 33.27
N GLU Y 146 -39.26 36.82 32.36
CA GLU Y 146 -39.25 35.46 31.80
C GLU Y 146 -38.01 35.33 30.94
N ASP Y 147 -37.66 36.39 30.21
CA ASP Y 147 -36.43 36.37 29.45
C ASP Y 147 -35.26 36.57 30.41
N GLY Y 148 -34.06 36.21 29.99
CA GLY Y 148 -32.91 36.45 30.83
C GLY Y 148 -32.58 37.92 30.84
N ARG Y 149 -33.10 38.65 31.81
CA ARG Y 149 -32.89 40.09 31.84
C ARG Y 149 -33.10 40.61 33.23
N ILE Y 150 -32.15 41.38 33.74
CA ILE Y 150 -32.32 41.99 35.04
C ILE Y 150 -32.22 43.49 34.83
N ASN Y 151 -33.24 44.08 34.22
CA ASN Y 151 -33.22 45.51 33.95
C ASN Y 151 -33.32 46.35 35.21
N CYS Y 152 -32.48 47.38 35.30
CA CYS Y 152 -32.51 48.26 36.47
C CYS Y 152 -32.80 49.70 36.04
N PHE Y 153 -33.77 50.34 36.70
CA PHE Y 153 -34.13 51.70 36.33
C PHE Y 153 -33.96 52.68 37.48
N ARG Y 154 -34.43 53.90 37.28
CA ARG Y 154 -34.39 54.90 38.36
C ARG Y 154 -35.72 55.65 38.32
N ALA Y 155 -36.16 56.12 39.48
CA ALA Y 155 -37.47 56.79 39.56
C ALA Y 155 -37.69 57.93 38.56
N GLU Y 156 -36.64 58.66 38.21
CA GLU Y 156 -36.79 59.81 37.31
C GLU Y 156 -36.12 59.62 35.95
N SER Y 157 -35.45 58.48 35.74
CA SER Y 157 -34.74 58.26 34.48
C SER Y 157 -35.65 57.69 33.41
N ARG Y 158 -35.66 58.32 32.24
CA ARG Y 158 -36.47 57.80 31.13
C ARG Y 158 -35.76 56.64 30.44
N ASP Y 159 -34.52 56.38 30.81
CA ASP Y 159 -33.76 55.29 30.20
C ASP Y 159 -33.40 54.20 31.20
N VAL Y 160 -33.04 53.03 30.68
CA VAL Y 160 -32.64 51.93 31.54
C VAL Y 160 -31.17 52.09 31.90
N LEU Y 161 -30.88 52.13 33.19
CA LEU Y 161 -29.50 52.32 33.63
C LEU Y 161 -28.60 51.16 33.25
N ARG Y 162 -28.98 49.95 33.63
CA ARG Y 162 -28.17 48.77 33.30
C ARG Y 162 -29.04 47.57 32.93
N THR Y 163 -28.61 46.81 31.94
CA THR Y 163 -29.35 45.62 31.53
C THR Y 163 -28.43 44.43 31.47
N ILE Y 164 -28.61 43.48 32.37
CA ILE Y 164 -27.82 42.26 32.31
C ILE Y 164 -28.52 41.30 31.37
N ASP Y 165 -28.18 41.35 30.09
CA ASP Y 165 -28.81 40.47 29.10
C ASP Y 165 -28.38 39.02 29.22
N ASP Y 166 -29.26 38.10 28.83
CA ASP Y 166 -28.95 36.66 28.90
C ASP Y 166 -28.43 36.26 30.27
N ALA Y 167 -29.04 36.78 31.32
CA ALA Y 167 -28.63 36.43 32.67
C ALA Y 167 -29.08 35.02 32.98
N ASP Y 168 -30.29 34.67 32.53
CA ASP Y 168 -30.83 33.35 32.83
C ASP Y 168 -31.65 32.82 31.67
N SER Y 169 -31.19 31.74 31.05
CA SER Y 169 -31.93 31.14 29.94
C SER Y 169 -33.32 30.76 30.41
N SER Y 170 -33.44 30.23 31.62
CA SER Y 170 -34.75 29.87 32.16
C SER Y 170 -35.47 31.05 32.76
N THR Y 171 -36.79 30.97 32.85
CA THR Y 171 -37.59 32.06 33.40
C THR Y 171 -37.25 32.36 34.85
N MET Y 172 -36.94 33.61 35.16
CA MET Y 172 -36.69 33.97 36.55
C MET Y 172 -38.02 34.35 37.19
N HIS Y 173 -38.26 33.87 38.40
CA HIS Y 173 -39.55 34.11 39.06
C HIS Y 173 -39.57 35.25 40.06
N GLY Y 174 -38.51 35.41 40.86
CA GLY Y 174 -38.52 36.43 41.90
C GLY Y 174 -37.21 37.19 42.08
N VAL Y 175 -37.27 38.33 42.77
CA VAL Y 175 -36.06 39.14 43.01
C VAL Y 175 -36.10 39.88 44.35
N THR Y 176 -34.97 40.01 45.02
CA THR Y 176 -34.90 40.75 46.30
C THR Y 176 -33.49 41.32 46.55
N PHE Y 177 -33.42 42.52 47.13
CA PHE Y 177 -32.14 43.18 47.39
C PHE Y 177 -31.39 42.62 48.57
N LEU Y 178 -30.50 41.67 48.35
CA LEU Y 178 -29.67 41.18 49.43
C LEU Y 178 -28.66 42.27 49.66
N ARG Y 179 -28.45 42.69 50.91
CA ARG Y 179 -27.55 43.80 51.20
C ARG Y 179 -27.90 45.00 50.32
N THR Y 180 -26.92 45.56 49.62
CA THR Y 180 -27.18 46.67 48.71
C THR Y 180 -26.44 46.39 47.41
N THR Y 181 -26.95 46.87 46.28
CA THR Y 181 -26.35 46.62 44.96
C THR Y 181 -26.11 45.13 44.73
N GLU Y 182 -26.91 44.28 45.37
CA GLU Y 182 -26.80 42.84 45.18
C GLU Y 182 -28.21 42.28 45.17
N ILE Y 183 -28.49 41.34 44.28
CA ILE Y 183 -29.84 40.79 44.18
C ILE Y 183 -29.85 39.28 44.10
N LEU Y 184 -30.78 38.64 44.80
CA LEU Y 184 -30.91 37.19 44.75
C LEU Y 184 -32.08 36.83 43.85
N THR Y 185 -31.84 36.00 42.85
CA THR Y 185 -32.89 35.64 41.90
C THR Y 185 -33.14 34.15 41.81
N VAL Y 186 -34.40 33.74 41.85
CA VAL Y 186 -34.74 32.33 41.68
C VAL Y 186 -35.21 32.08 40.25
N ASN Y 187 -34.94 30.90 39.72
CA ASN Y 187 -35.33 30.60 38.34
C ASN Y 187 -36.16 29.33 38.23
N SER Y 188 -36.57 28.98 37.01
CA SER Y 188 -37.43 27.82 36.82
C SER Y 188 -36.77 26.46 37.03
N VAL Y 189 -35.44 26.42 37.03
CA VAL Y 189 -34.74 25.14 37.18
C VAL Y 189 -34.27 24.90 38.61
N GLY Y 190 -34.71 25.73 39.55
CA GLY Y 190 -34.36 25.54 40.95
C GLY Y 190 -33.03 26.10 41.40
N GLN Y 191 -32.62 27.23 40.85
CA GLN Y 191 -31.33 27.82 41.19
C GLN Y 191 -31.43 29.20 41.80
N LEU Y 192 -30.82 29.39 42.96
CA LEU Y 192 -30.81 30.70 43.60
C LEU Y 192 -29.50 31.38 43.25
N LYS Y 193 -29.54 32.42 42.44
CA LYS Y 193 -28.31 33.06 41.99
C LYS Y 193 -28.03 34.39 42.66
N LEU Y 194 -26.82 34.56 43.17
CA LEU Y 194 -26.44 35.83 43.77
C LEU Y 194 -25.83 36.72 42.70
N TRP Y 195 -26.41 37.89 42.49
CA TRP Y 195 -25.91 38.79 41.46
C TRP Y 195 -25.32 40.04 42.08
N ASP Y 196 -24.43 40.71 41.34
CA ASP Y 196 -23.85 41.96 41.81
C ASP Y 196 -24.06 43.05 40.77
N LEU Y 197 -24.54 44.21 41.19
CA LEU Y 197 -24.83 45.29 40.24
C LEU Y 197 -23.64 46.20 39.96
N ARG Y 198 -22.54 46.03 40.67
CA ARG Y 198 -21.35 46.84 40.44
C ARG Y 198 -20.44 46.20 39.39
N LYS Y 199 -20.24 44.89 39.50
CA LYS Y 199 -19.40 44.17 38.53
C LYS Y 199 -20.00 44.31 37.14
N GLN Y 200 -19.21 44.74 36.17
CA GLN Y 200 -19.73 44.97 34.83
C GLN Y 200 -20.00 43.70 34.02
N GLY Y 201 -19.53 42.55 34.52
CA GLY Y 201 -19.76 41.28 33.82
C GLY Y 201 -21.18 40.77 33.94
N ASN Y 202 -21.58 39.91 33.01
CA ASN Y 202 -22.94 39.37 33.02
C ASN Y 202 -23.02 37.98 33.65
N ASP Y 203 -22.10 37.68 34.58
CA ASP Y 203 -22.09 36.37 35.23
C ASP Y 203 -22.43 36.46 36.71
N PRO Y 204 -23.20 35.48 37.22
CA PRO Y 204 -23.56 35.48 38.64
C PRO Y 204 -22.38 35.20 39.53
N THR Y 205 -22.35 35.82 40.71
CA THR Y 205 -21.27 35.59 41.64
C THR Y 205 -21.32 34.17 42.16
N GLN Y 206 -22.45 33.75 42.70
CA GLN Y 206 -22.61 32.39 43.21
C GLN Y 206 -23.96 31.80 42.82
N ILE Y 207 -24.05 30.48 42.69
CA ILE Y 207 -25.31 29.84 42.37
C ILE Y 207 -25.63 28.74 43.37
N PHE Y 208 -26.66 28.93 44.18
CA PHE Y 208 -27.02 27.94 45.20
C PHE Y 208 -28.13 27.05 44.70
N SER Y 209 -27.91 25.74 44.71
CA SER Y 209 -28.92 24.79 44.23
C SER Y 209 -28.96 23.51 45.05
N VAL Y 210 -30.11 22.88 45.09
CA VAL Y 210 -30.23 21.60 45.79
C VAL Y 210 -29.61 20.51 44.93
N THR Y 211 -28.76 19.68 45.52
CA THR Y 211 -28.07 18.65 44.74
C THR Y 211 -29.01 17.56 44.22
N GLY Y 212 -29.11 17.43 42.91
CA GLY Y 212 -29.93 16.37 42.33
C GLY Y 212 -31.35 16.73 41.94
N GLU Y 213 -31.90 17.81 42.48
CA GLU Y 213 -33.29 18.15 42.21
C GLU Y 213 -33.42 19.44 41.41
N ARG Y 214 -34.46 19.51 40.59
CA ARG Y 214 -34.71 20.72 39.82
C ARG Y 214 -36.13 21.22 40.04
N VAL Y 215 -36.63 21.10 41.27
CA VAL Y 215 -37.98 21.55 41.59
C VAL Y 215 -38.07 23.06 41.47
N PRO Y 216 -38.98 23.58 40.60
CA PRO Y 216 -38.96 25.04 40.45
C PRO Y 216 -39.22 25.82 41.73
N LEU Y 217 -38.57 26.96 41.88
CA LEU Y 217 -38.79 27.79 43.06
C LEU Y 217 -39.70 28.96 42.71
N HIS Y 218 -40.82 29.09 43.42
CA HIS Y 218 -41.77 30.16 43.13
C HIS Y 218 -41.55 31.44 43.93
N CYS Y 219 -41.20 31.32 45.21
CA CYS Y 219 -41.07 32.52 46.04
C CYS Y 219 -39.79 32.61 46.85
N VAL Y 220 -39.42 33.83 47.23
CA VAL Y 220 -38.19 34.05 48.00
C VAL Y 220 -38.36 35.25 48.94
N ASP Y 221 -37.89 35.12 50.19
CA ASP Y 221 -37.98 36.24 51.13
C ASP Y 221 -36.76 36.31 52.04
N ARG Y 222 -36.39 37.51 52.49
CA ARG Y 222 -35.23 37.70 53.35
C ARG Y 222 -35.64 38.16 54.75
N HIS Y 223 -35.00 37.61 55.78
CA HIS Y 223 -35.32 38.00 57.16
C HIS Y 223 -35.13 39.49 57.34
N PRO Y 224 -36.09 40.16 57.98
CA PRO Y 224 -36.02 41.62 58.13
C PRO Y 224 -34.77 42.10 58.84
N ASN Y 225 -34.34 41.43 59.90
CA ASN Y 225 -33.17 41.87 60.66
C ASN Y 225 -31.89 41.32 60.04
N GLN Y 226 -31.59 40.06 60.32
CA GLN Y 226 -30.38 39.44 59.77
C GLN Y 226 -30.50 39.28 58.27
N GLN Y 227 -29.51 39.72 57.52
CA GLN Y 227 -29.56 39.66 56.06
C GLN Y 227 -29.12 38.32 55.48
N HIS Y 228 -28.56 37.46 56.31
CA HIS Y 228 -28.08 36.16 55.83
C HIS Y 228 -29.13 35.06 55.85
N VAL Y 229 -30.33 35.35 56.36
CA VAL Y 229 -31.39 34.36 56.39
C VAL Y 229 -32.35 34.57 55.23
N VAL Y 230 -32.44 33.59 54.34
CA VAL Y 230 -33.35 33.68 53.20
C VAL Y 230 -34.27 32.48 53.16
N ALA Y 231 -35.58 32.72 53.10
CA ALA Y 231 -36.55 31.63 53.05
C ALA Y 231 -37.17 31.52 51.67
N THR Y 232 -37.16 30.33 51.10
CA THR Y 232 -37.71 30.14 49.75
C THR Y 232 -38.77 29.05 49.70
N GLY Y 233 -39.61 29.12 48.67
CA GLY Y 233 -40.65 28.11 48.52
C GLY Y 233 -40.69 27.44 47.15
N GLY Y 234 -40.83 26.12 47.14
CA GLY Y 234 -40.85 25.40 45.88
C GLY Y 234 -42.20 24.86 45.45
N GLN Y 235 -42.21 24.05 44.39
CA GLN Y 235 -43.45 23.46 43.92
C GLN Y 235 -43.86 22.27 44.78
N ASP Y 236 -42.95 21.79 45.61
CA ASP Y 236 -43.25 20.69 46.50
C ASP Y 236 -43.88 21.16 47.81
N GLY Y 237 -44.12 22.47 47.92
CA GLY Y 237 -44.70 23.02 49.13
C GLY Y 237 -43.79 22.87 50.33
N MET Y 238 -42.49 23.08 50.13
CA MET Y 238 -41.53 22.93 51.21
C MET Y 238 -40.83 24.24 51.51
N LEU Y 239 -40.71 24.56 52.79
CA LEU Y 239 -40.02 25.78 53.19
C LEU Y 239 -38.56 25.47 53.43
N CYS Y 240 -37.69 26.03 52.61
CA CYS Y 240 -36.27 25.81 52.77
C CYS Y 240 -35.60 27.05 53.32
N ILE Y 241 -34.99 26.93 54.49
CA ILE Y 241 -34.32 28.07 55.10
C ILE Y 241 -32.85 28.07 54.68
N TRP Y 242 -32.42 29.13 54.00
CA TRP Y 242 -31.06 29.17 53.50
C TRP Y 242 -30.16 30.16 54.23
N ASP Y 243 -28.86 29.87 54.26
CA ASP Y 243 -27.91 30.81 54.85
C ASP Y 243 -26.97 31.19 53.72
N VAL Y 244 -27.07 32.42 53.22
CA VAL Y 244 -26.25 32.81 52.07
C VAL Y 244 -24.76 32.77 52.34
N ARG Y 245 -24.35 32.87 53.60
CA ARG Y 245 -22.93 32.81 53.94
C ARG Y 245 -22.42 31.39 54.01
N HIS Y 246 -23.25 30.45 54.43
CA HIS Y 246 -22.76 29.08 54.64
C HIS Y 246 -23.22 28.04 53.64
N PRO Y 250 -28.84 24.48 51.97
CA PRO Y 250 -30.01 24.85 52.77
C PRO Y 250 -29.90 24.34 54.20
N MET Y 251 -29.93 25.24 55.17
CA MET Y 251 -29.80 24.86 56.58
C MET Y 251 -30.94 23.97 57.02
N SER Y 252 -32.18 24.35 56.69
CA SER Y 252 -33.33 23.58 57.14
C SER Y 252 -34.37 23.36 56.05
N LEU Y 253 -34.82 22.13 55.89
CA LEU Y 253 -35.87 21.83 54.93
C LEU Y 253 -37.12 21.46 55.71
N LEU Y 254 -38.17 22.27 55.61
CA LEU Y 254 -39.38 22.01 56.40
C LEU Y 254 -40.55 21.50 55.59
N ASN Y 255 -41.11 20.36 55.97
CA ASN Y 255 -42.29 19.83 55.29
C ASN Y 255 -43.51 20.58 55.74
N ALA Y 256 -44.28 21.08 54.78
CA ALA Y 256 -45.45 21.89 55.13
C ALA Y 256 -46.69 21.53 54.31
N HIS Y 257 -46.84 22.18 53.16
CA HIS Y 257 -48.04 21.96 52.35
C HIS Y 257 -47.91 20.78 51.42
N GLU Y 258 -49.04 20.33 50.88
CA GLU Y 258 -49.03 19.21 49.94
C GLU Y 258 -49.18 19.72 48.53
N ALA Y 259 -48.88 21.00 48.31
CA ALA Y 259 -49.05 21.61 47.01
C ALA Y 259 -48.14 22.83 46.86
N GLU Y 260 -48.05 23.42 45.67
CA GLU Y 260 -47.10 24.53 45.45
C GLU Y 260 -47.27 25.76 46.37
N MET Y 261 -46.19 26.24 46.95
CA MET Y 261 -46.24 27.41 47.82
C MET Y 261 -46.02 28.67 47.02
N TRP Y 262 -47.08 29.41 46.75
CA TRP Y 262 -46.94 30.60 45.92
C TRP Y 262 -46.19 31.78 46.54
N GLU Y 263 -46.42 32.07 47.82
CA GLU Y 263 -45.77 33.22 48.47
C GLU Y 263 -45.38 33.01 49.93
N VAL Y 264 -44.20 33.50 50.32
CA VAL Y 264 -43.80 33.42 51.73
C VAL Y 264 -43.44 34.82 52.20
N HIS Y 265 -43.95 35.23 53.37
CA HIS Y 265 -43.69 36.57 53.87
C HIS Y 265 -43.36 36.59 55.35
N PHE Y 266 -42.27 37.27 55.68
CA PHE Y 266 -41.90 37.42 57.09
C PHE Y 266 -42.68 38.59 57.64
N HIS Y 267 -43.04 38.50 58.91
CA HIS Y 267 -43.75 39.61 59.55
C HIS Y 267 -42.75 40.73 59.76
N PRO Y 268 -43.04 41.93 59.22
CA PRO Y 268 -42.07 43.02 59.31
C PRO Y 268 -41.69 43.41 60.73
N SER Y 269 -42.66 43.74 61.57
CA SER Y 269 -42.36 44.20 62.93
C SER Y 269 -41.78 43.11 63.81
N ASN Y 270 -42.44 41.96 63.88
CA ASN Y 270 -41.93 40.85 64.66
C ASN Y 270 -41.63 39.69 63.73
N PRO Y 271 -40.36 39.55 63.32
CA PRO Y 271 -40.01 38.51 62.34
C PRO Y 271 -40.29 37.07 62.76
N ASP Y 272 -40.47 36.81 64.04
CA ASP Y 272 -40.70 35.44 64.52
C ASP Y 272 -41.96 34.82 63.93
N HIS Y 273 -42.77 35.62 63.25
CA HIS Y 273 -43.99 35.10 62.63
C HIS Y 273 -43.83 35.01 61.12
N LEU Y 274 -44.34 33.93 60.54
CA LEU Y 274 -44.23 33.72 59.09
C LEU Y 274 -45.55 33.27 58.51
N PHE Y 275 -45.86 33.70 57.30
CA PHE Y 275 -47.12 33.35 56.68
C PHE Y 275 -46.93 32.77 55.29
N THR Y 276 -47.40 31.54 55.06
CA THR Y 276 -47.23 30.88 53.78
C THR Y 276 -48.56 30.56 53.13
N CYS Y 277 -48.76 30.99 51.90
CA CYS Y 277 -50.02 30.73 51.20
C CYS Y 277 -49.85 29.74 50.05
N SER Y 278 -50.76 28.77 49.97
CA SER Y 278 -50.69 27.76 48.93
C SER Y 278 -51.98 27.70 48.14
N GLU Y 279 -51.95 27.05 46.97
CA GLU Y 279 -53.14 26.99 46.13
C GLU Y 279 -54.19 26.02 46.65
N ASP Y 280 -53.81 25.11 47.55
CA ASP Y 280 -54.79 24.22 48.17
C ASP Y 280 -55.79 25.02 49.00
N GLY Y 281 -55.44 26.26 49.34
CA GLY Y 281 -56.33 27.11 50.11
C GLY Y 281 -56.03 27.15 51.59
N SER Y 282 -54.76 27.26 51.95
CA SER Y 282 -54.39 27.26 53.36
C SER Y 282 -53.39 28.35 53.72
N LEU Y 283 -53.84 29.36 54.46
CA LEU Y 283 -52.96 30.44 54.87
C LEU Y 283 -52.33 30.08 56.20
N TRP Y 284 -51.40 29.15 56.18
CA TRP Y 284 -50.77 28.70 57.42
C TRP Y 284 -49.98 29.78 58.11
N HIS Y 285 -49.87 29.70 59.43
CA HIS Y 285 -49.06 30.67 60.17
C HIS Y 285 -48.02 29.96 61.00
N TRP Y 286 -46.76 30.36 60.87
CA TRP Y 286 -45.69 29.75 61.62
C TRP Y 286 -45.25 30.67 62.73
N ASP Y 287 -45.25 30.19 63.96
CA ASP Y 287 -44.80 31.00 65.08
C ASP Y 287 -43.55 30.43 65.72
N ALA Y 288 -42.46 31.17 65.66
CA ALA Y 288 -41.21 30.71 66.27
C ALA Y 288 -41.18 31.02 67.75
N SER Y 289 -41.70 32.17 68.13
CA SER Y 289 -41.71 32.57 69.54
C SER Y 289 -42.68 31.72 70.36
N GLN Y 334 -40.19 25.33 69.05
CA GLN Y 334 -41.35 24.64 68.50
C GLN Y 334 -42.18 25.56 67.62
N LEU Y 335 -42.20 25.28 66.32
CA LEU Y 335 -42.97 26.08 65.40
C LEU Y 335 -44.45 25.78 65.57
N GLU Y 336 -45.24 26.80 65.86
CA GLU Y 336 -46.67 26.61 66.03
C GLU Y 336 -47.36 26.90 64.72
N ILE Y 337 -47.93 25.87 64.10
CA ILE Y 337 -48.56 26.04 62.81
C ILE Y 337 -50.08 25.98 62.92
N THR Y 338 -50.75 27.02 62.43
CA THR Y 338 -52.22 27.06 62.49
C THR Y 338 -52.82 27.50 61.17
N ASN Y 339 -54.02 27.03 60.86
CA ASN Y 339 -54.68 27.41 59.62
C ASN Y 339 -55.61 28.58 59.85
N LEU Y 340 -55.24 29.74 59.33
CA LEU Y 340 -56.06 30.94 59.52
C LEU Y 340 -57.36 30.91 58.73
N LEU Y 341 -57.32 30.38 57.51
CA LEU Y 341 -58.53 30.31 56.69
C LEU Y 341 -59.16 28.93 56.78
N PRO Y 342 -60.50 28.86 56.66
CA PRO Y 342 -61.20 27.56 56.70
C PRO Y 342 -60.78 26.62 55.57
N LEU Y 346 -60.80 28.92 46.67
CA LEU Y 346 -60.12 28.28 45.55
C LEU Y 346 -58.60 28.26 45.78
N SER Y 347 -57.91 29.35 45.44
CA SER Y 347 -56.46 29.42 45.68
C SER Y 347 -56.01 30.76 46.22
N VAL Y 348 -55.30 30.75 47.34
CA VAL Y 348 -54.79 32.00 47.92
C VAL Y 348 -53.55 32.47 47.18
N ASN Y 349 -53.60 33.65 46.58
CA ASN Y 349 -52.47 34.12 45.79
C ASN Y 349 -51.47 34.98 46.55
N SER Y 350 -51.94 36.01 47.25
CA SER Y 350 -51.02 36.91 47.93
C SER Y 350 -51.41 37.25 49.36
N LEU Y 351 -50.45 37.73 50.13
CA LEU Y 351 -50.72 38.11 51.51
C LEU Y 351 -49.83 39.25 51.92
N ASP Y 352 -50.28 40.06 52.87
CA ASP Y 352 -49.43 41.11 53.40
C ASP Y 352 -49.74 41.38 54.85
N VAL Y 353 -48.73 41.40 55.69
CA VAL Y 353 -48.96 41.62 57.10
C VAL Y 353 -48.18 42.84 57.58
N LEU Y 354 -48.76 43.62 58.49
CA LEU Y 354 -48.07 44.78 59.05
C LEU Y 354 -48.59 45.00 60.45
N GLY Y 355 -47.93 44.42 61.44
CA GLY Y 355 -48.40 44.52 62.80
C GLY Y 355 -49.58 43.60 63.06
N GLN Y 356 -50.68 44.16 63.53
CA GLN Y 356 -51.86 43.36 63.85
C GLN Y 356 -52.82 43.22 62.69
N ASN Y 357 -52.48 43.79 61.54
CA ASN Y 357 -53.40 43.76 60.40
C ASN Y 357 -52.90 42.91 59.23
N LEU Y 358 -53.70 41.94 58.79
CA LEU Y 358 -53.32 41.09 57.66
C LEU Y 358 -54.41 41.02 56.60
N VAL Y 359 -54.03 41.04 55.32
CA VAL Y 359 -55.00 40.93 54.25
C VAL Y 359 -54.53 39.91 53.21
N CYS Y 360 -55.41 38.99 52.79
CA CYS Y 360 -55.06 38.02 51.75
C CYS Y 360 -56.10 37.97 50.65
N GLY Y 361 -55.66 37.74 49.42
CA GLY Y 361 -56.58 37.71 48.29
C GLY Y 361 -56.62 36.36 47.62
N THR Y 362 -57.83 35.84 47.38
CA THR Y 362 -57.96 34.51 46.80
C THR Y 362 -58.41 34.52 45.35
N ASP Y 363 -58.45 33.36 44.72
CA ASP Y 363 -58.94 33.25 43.35
C ASP Y 363 -60.44 33.14 43.33
N ALA Y 364 -61.07 33.12 44.50
CA ALA Y 364 -62.52 33.07 44.58
C ALA Y 364 -63.08 34.48 44.56
N GLU Y 365 -62.32 35.43 44.01
CA GLU Y 365 -62.76 36.82 43.93
C GLU Y 365 -63.16 37.34 45.30
N ALA Y 366 -62.26 37.24 46.28
CA ALA Y 366 -62.60 37.67 47.65
C ALA Y 366 -61.42 38.25 48.42
N ILE Y 367 -61.70 39.23 49.28
CA ILE Y 367 -60.64 39.85 50.08
C ILE Y 367 -60.90 39.59 51.56
N TYR Y 368 -59.99 38.89 52.23
CA TYR Y 368 -60.16 38.56 53.64
C TYR Y 368 -59.32 39.45 54.53
N VAL Y 369 -59.95 40.30 55.33
CA VAL Y 369 -59.18 41.24 56.16
C VAL Y 369 -59.37 41.04 57.65
N THR Y 370 -58.27 41.02 58.40
CA THR Y 370 -58.36 40.91 59.86
C THR Y 370 -57.61 42.06 60.51
N ARG Y 371 -58.14 42.57 61.62
CA ARG Y 371 -57.46 43.65 62.35
C ARG Y 371 -56.99 43.16 63.71
N ARG Y 372 -57.31 41.93 64.05
CA ARG Y 372 -56.91 41.37 65.33
C ARG Y 372 -56.24 40.04 65.06
N LEU Y 373 -55.13 40.06 64.33
CA LEU Y 373 -54.47 38.83 63.96
C LEU Y 373 -53.98 38.02 65.14
N PHE Y 374 -53.44 38.67 66.17
CA PHE Y 374 -52.88 37.93 67.30
C PHE Y 374 -53.80 37.87 68.52
N SER Y 375 -55.10 38.03 68.31
CA SER Y 375 -56.05 37.95 69.43
C SER Y 375 -56.53 36.52 69.66
N MET Z 1 -76.25 36.44 25.83
CA MET Z 1 -76.28 37.73 25.14
C MET Z 1 -75.60 37.62 23.78
N PHE Z 2 -76.40 37.47 22.74
CA PHE Z 2 -75.86 37.37 21.40
C PHE Z 2 -75.48 38.76 20.92
N VAL Z 3 -74.20 38.97 20.64
CA VAL Z 3 -73.74 40.31 20.25
C VAL Z 3 -73.49 40.40 18.74
N ALA Z 4 -73.50 41.62 18.21
CA ALA Z 4 -73.23 41.82 16.79
C ALA Z 4 -72.01 42.71 16.62
N ARG Z 5 -70.94 42.16 16.05
CA ARG Z 5 -69.72 42.93 15.84
C ARG Z 5 -69.48 43.16 14.36
N SER Z 6 -69.12 44.39 14.00
CA SER Z 6 -68.87 44.70 12.60
C SER Z 6 -67.39 45.02 12.42
N ILE Z 7 -66.62 44.00 12.07
CA ILE Z 7 -65.19 44.20 11.85
C ILE Z 7 -64.97 44.45 10.37
N ALA Z 8 -64.47 45.62 10.02
CA ALA Z 8 -64.17 45.91 8.62
C ALA Z 8 -63.20 44.87 8.12
N ALA Z 9 -63.61 44.09 7.13
CA ALA Z 9 -62.77 43.00 6.65
C ALA Z 9 -61.51 43.44 5.90
N ASP Z 10 -61.53 44.65 5.35
CA ASP Z 10 -60.40 45.15 4.56
C ASP Z 10 -60.10 44.22 3.40
N HIS Z 11 -61.13 43.59 2.84
CA HIS Z 11 -60.95 42.65 1.74
C HIS Z 11 -61.49 43.24 0.46
N LYS Z 12 -60.65 43.25 -0.58
CA LYS Z 12 -61.08 43.80 -1.86
C LYS Z 12 -62.06 42.89 -2.59
N ASP Z 13 -62.11 41.61 -2.22
CA ASP Z 13 -62.99 40.66 -2.90
C ASP Z 13 -63.76 39.75 -1.93
N LEU Z 14 -64.74 39.03 -2.45
CA LEU Z 14 -65.56 38.17 -1.61
C LEU Z 14 -64.79 37.18 -0.77
N ILE Z 15 -65.12 37.08 0.52
CA ILE Z 15 -64.46 36.13 1.40
C ILE Z 15 -65.11 34.77 1.22
N HIS Z 16 -64.31 33.72 1.24
CA HIS Z 16 -64.83 32.38 1.03
C HIS Z 16 -64.94 31.57 2.32
N ASP Z 17 -63.81 31.32 2.98
CA ASP Z 17 -63.82 30.47 4.18
C ASP Z 17 -62.92 30.97 5.29
N VAL Z 18 -63.41 30.98 6.52
CA VAL Z 18 -62.58 31.37 7.66
C VAL Z 18 -62.47 30.19 8.62
N SER Z 19 -61.35 30.11 9.32
CA SER Z 19 -61.13 28.98 10.23
C SER Z 19 -60.34 29.38 11.45
N PHE Z 20 -60.86 29.04 12.63
CA PHE Z 20 -60.16 29.37 13.87
C PHE Z 20 -59.05 28.38 14.17
N ASP Z 21 -58.15 28.74 15.08
CA ASP Z 21 -57.11 27.80 15.47
C ASP Z 21 -57.59 26.89 16.60
N PHE Z 22 -56.69 26.09 17.15
CA PHE Z 22 -57.05 25.17 18.22
C PHE Z 22 -57.43 25.89 19.52
N HIS Z 23 -56.67 26.91 19.91
CA HIS Z 23 -56.92 27.62 21.17
C HIS Z 23 -57.82 28.84 21.01
N GLY Z 24 -58.39 29.03 19.82
CA GLY Z 24 -59.33 30.13 19.60
C GLY Z 24 -58.86 31.57 19.67
N ARG Z 25 -57.70 31.89 19.09
CA ARG Z 25 -57.22 33.27 19.04
C ARG Z 25 -56.70 33.69 17.68
N ARG Z 26 -56.37 32.71 16.83
CA ARG Z 26 -55.83 33.02 15.50
C ARG Z 26 -56.72 32.43 14.42
N MET Z 27 -57.04 33.24 13.41
CA MET Z 27 -57.93 32.77 12.37
C MET Z 27 -57.45 33.20 10.99
N ALA Z 28 -57.66 32.35 9.99
CA ALA Z 28 -57.22 32.66 8.65
C ALA Z 28 -58.40 32.93 7.75
N THR Z 29 -58.33 34.03 7.00
CA THR Z 29 -59.41 34.37 6.07
C THR Z 29 -58.96 34.33 4.63
N CYS Z 30 -59.35 33.29 3.89
CA CYS Z 30 -59.02 33.23 2.47
C CYS Z 30 -60.08 33.97 1.65
N SER Z 31 -59.67 34.63 0.57
CA SER Z 31 -60.61 35.42 -0.21
C SER Z 31 -60.48 35.22 -1.72
N SER Z 32 -61.40 35.79 -2.49
CA SER Z 32 -61.39 35.63 -3.95
C SER Z 32 -60.30 36.43 -4.66
N ASP Z 33 -59.67 37.36 -3.95
CA ASP Z 33 -58.58 38.13 -4.54
C ASP Z 33 -57.25 37.41 -4.41
N GLN Z 34 -57.31 36.09 -4.27
CA GLN Z 34 -56.10 35.27 -4.12
C GLN Z 34 -55.21 35.78 -2.99
N SER Z 35 -55.79 36.01 -1.82
CA SER Z 35 -55.01 36.45 -0.67
C SER Z 35 -55.45 35.80 0.62
N VAL Z 36 -54.50 35.40 1.45
CA VAL Z 36 -54.84 34.80 2.74
C VAL Z 36 -54.36 35.72 3.84
N LYS Z 37 -55.29 36.24 4.64
CA LYS Z 37 -54.93 37.13 5.74
C LYS Z 37 -55.08 36.44 7.07
N VAL Z 38 -54.10 36.62 7.95
CA VAL Z 38 -54.17 36.02 9.28
C VAL Z 38 -54.51 37.09 10.30
N TRP Z 39 -55.66 36.93 10.96
CA TRP Z 39 -56.09 37.90 11.96
C TRP Z 39 -55.86 37.35 13.35
N ASP Z 40 -55.16 38.11 14.19
CA ASP Z 40 -54.89 37.66 15.55
C ASP Z 40 -55.66 38.47 16.59
N LYS Z 41 -55.93 37.86 17.73
CA LYS Z 41 -56.71 38.53 18.77
C LYS Z 41 -55.84 39.02 19.90
N SER Z 42 -55.99 40.28 20.26
CA SER Z 42 -55.21 40.84 21.37
C SER Z 42 -55.89 40.58 22.70
N GLU Z 43 -55.41 41.21 23.77
CA GLU Z 43 -56.06 41.07 25.07
C GLU Z 43 -57.46 41.61 24.95
N ASN Z 44 -57.62 42.73 24.27
CA ASN Z 44 -58.96 43.25 24.02
C ASN Z 44 -59.52 42.45 22.86
N VAL Z 45 -60.84 42.33 22.79
CA VAL Z 45 -61.46 41.50 21.76
C VAL Z 45 -61.04 41.93 20.34
N ASN Z 46 -60.70 43.20 20.15
CA ASN Z 46 -60.34 43.71 18.83
C ASN Z 46 -59.40 42.82 18.04
N TRP Z 47 -59.73 42.57 16.77
CA TRP Z 47 -58.89 41.72 15.93
C TRP Z 47 -58.00 42.57 15.04
N HIS Z 48 -56.76 42.12 14.85
CA HIS Z 48 -55.81 42.89 14.05
C HIS Z 48 -55.15 42.03 12.98
N CYS Z 49 -55.05 42.54 11.76
CA CYS Z 49 -54.41 41.80 10.68
C CYS Z 49 -52.90 41.80 10.87
N THR Z 50 -52.30 40.62 10.91
CA THR Z 50 -50.86 40.52 11.11
C THR Z 50 -50.09 40.22 9.83
N ALA Z 51 -50.58 39.28 9.03
CA ALA Z 51 -49.88 38.92 7.80
C ALA Z 51 -50.81 38.74 6.61
N SER Z 52 -50.46 39.32 5.47
CA SER Z 52 -51.27 39.16 4.26
C SER Z 52 -50.40 38.78 3.08
N TRP Z 53 -50.74 37.67 2.42
CA TRP Z 53 -49.93 37.20 1.30
C TRP Z 53 -50.75 36.55 0.20
N LYS Z 54 -50.20 36.51 -1.02
CA LYS Z 54 -50.88 35.83 -2.11
C LYS Z 54 -50.43 34.39 -2.19
N THR Z 55 -51.34 33.47 -2.47
CA THR Z 55 -50.98 32.05 -2.45
C THR Z 55 -51.09 31.30 -3.78
N HIS Z 56 -52.29 31.16 -4.33
CA HIS Z 56 -52.47 30.38 -5.56
C HIS Z 56 -53.34 31.05 -6.60
N SER Z 57 -53.09 30.77 -7.87
CA SER Z 57 -53.92 31.30 -8.94
C SER Z 57 -55.29 30.64 -8.91
N GLY Z 58 -55.33 29.35 -8.60
CA GLY Z 58 -56.60 28.63 -8.53
C GLY Z 58 -57.45 29.02 -7.35
N SER Z 59 -58.75 28.76 -7.44
CA SER Z 59 -59.65 29.15 -6.37
C SER Z 59 -59.42 28.36 -5.10
N VAL Z 60 -59.02 29.03 -4.02
CA VAL Z 60 -58.77 28.35 -2.75
C VAL Z 60 -60.07 27.91 -2.10
N TRP Z 61 -60.14 26.62 -1.76
CA TRP Z 61 -61.36 26.10 -1.13
C TRP Z 61 -61.28 26.12 0.38
N ARG Z 62 -60.44 25.27 0.96
CA ARG Z 62 -60.39 25.17 2.41
C ARG Z 62 -59.07 25.56 3.06
N VAL Z 63 -59.12 25.93 4.34
CA VAL Z 63 -57.90 26.26 5.08
C VAL Z 63 -57.95 25.51 6.41
N THR Z 64 -56.91 24.73 6.69
CA THR Z 64 -56.90 23.93 7.92
C THR Z 64 -55.69 24.17 8.81
N TRP Z 65 -55.93 24.50 10.07
CA TRP Z 65 -54.85 24.73 11.01
C TRP Z 65 -54.47 23.43 11.68
N ALA Z 66 -53.18 23.21 11.86
CA ALA Z 66 -52.72 22.00 12.53
C ALA Z 66 -52.70 22.18 14.03
N HIS Z 67 -52.50 21.07 14.75
CA HIS Z 67 -52.40 21.16 16.20
C HIS Z 67 -51.18 21.97 16.58
N PRO Z 68 -51.31 22.85 17.58
CA PRO Z 68 -50.20 23.73 17.98
C PRO Z 68 -48.97 22.97 18.45
N GLU Z 69 -49.10 21.71 18.82
CA GLU Z 69 -47.95 20.90 19.23
C GLU Z 69 -46.91 20.82 18.12
N PHE Z 70 -47.35 20.80 16.86
CA PHE Z 70 -46.43 20.73 15.72
C PHE Z 70 -45.99 22.09 15.21
N GLY Z 71 -46.55 23.17 15.76
CA GLY Z 71 -46.18 24.52 15.35
C GLY Z 71 -47.31 25.22 14.62
N GLN Z 72 -47.04 26.39 14.07
CA GLN Z 72 -48.05 27.16 13.35
C GLN Z 72 -48.12 26.69 11.90
N VAL Z 73 -48.70 25.52 11.67
CA VAL Z 73 -48.75 24.97 10.32
C VAL Z 73 -50.10 25.14 9.67
N LEU Z 74 -50.13 25.74 8.48
CA LEU Z 74 -51.38 25.90 7.75
C LEU Z 74 -51.45 24.97 6.55
N ALA Z 75 -52.61 24.90 5.90
CA ALA Z 75 -52.74 24.10 4.69
C ALA Z 75 -53.82 24.69 3.80
N SER Z 76 -53.57 24.75 2.50
CA SER Z 76 -54.52 25.36 1.58
C SER Z 76 -54.68 24.59 0.28
N CYS Z 77 -55.87 24.07 0.03
CA CYS Z 77 -56.13 23.34 -1.21
C CYS Z 77 -56.73 24.28 -2.24
N SER Z 78 -56.48 24.01 -3.51
CA SER Z 78 -56.97 24.92 -4.55
C SER Z 78 -57.44 24.22 -5.80
N PHE Z 79 -57.99 25.00 -6.73
CA PHE Z 79 -58.46 24.45 -8.01
C PHE Z 79 -57.32 23.90 -8.84
N ASP Z 80 -56.13 24.50 -8.72
CA ASP Z 80 -54.99 24.08 -9.55
C ASP Z 80 -54.27 22.83 -9.06
N ARG Z 81 -55.00 21.87 -8.47
CA ARG Z 81 -54.41 20.60 -8.02
C ARG Z 81 -53.20 20.72 -7.09
N THR Z 82 -53.22 21.69 -6.18
CA THR Z 82 -52.11 21.89 -5.25
C THR Z 82 -52.54 21.94 -3.79
N ALA Z 83 -51.66 21.51 -2.90
CA ALA Z 83 -51.95 21.58 -1.46
C ALA Z 83 -50.71 22.13 -0.77
N ALA Z 84 -50.68 23.44 -0.53
CA ALA Z 84 -49.48 24.06 0.05
C ALA Z 84 -49.43 24.06 1.57
N VAL Z 85 -48.24 23.84 2.12
CA VAL Z 85 -48.07 23.88 3.58
C VAL Z 85 -47.33 25.16 3.96
N TRP Z 86 -47.88 25.93 4.89
CA TRP Z 86 -47.27 27.22 5.25
C TRP Z 86 -46.69 27.25 6.66
N GLU Z 87 -45.63 28.02 6.87
CA GLU Z 87 -45.00 28.13 8.17
C GLU Z 87 -44.28 29.47 8.33
N GLU Z 88 -44.42 30.11 9.49
CA GLU Z 88 -43.71 31.37 9.74
C GLU Z 88 -42.22 31.20 9.90
N ILE Z 89 -41.46 32.29 9.74
CA ILE Z 89 -40.03 32.24 10.03
C ILE Z 89 -39.70 33.42 10.94
N VAL Z 90 -39.22 33.14 12.14
CA VAL Z 90 -38.87 34.20 13.08
C VAL Z 90 -37.73 33.76 14.00
N HIS Z 102 -43.80 36.40 8.64
CA HIS Z 102 -44.05 36.07 7.24
C HIS Z 102 -44.23 34.57 7.04
N TRP Z 103 -45.29 34.18 6.35
CA TRP Z 103 -45.55 32.77 6.11
C TRP Z 103 -44.77 32.27 4.91
N VAL Z 104 -44.16 31.09 5.03
CA VAL Z 104 -43.34 30.56 3.94
C VAL Z 104 -43.83 29.20 3.45
N LYS Z 105 -44.01 29.06 2.14
CA LYS Z 105 -44.43 27.78 1.58
C LYS Z 105 -43.33 26.77 1.70
N ARG Z 106 -43.66 25.60 2.23
CA ARG Z 106 -42.66 24.56 2.41
C ARG Z 106 -42.76 23.54 1.30
N THR Z 107 -43.96 23.05 1.03
CA THR Z 107 -44.16 22.07 -0.04
C THR Z 107 -45.37 22.41 -0.90
N THR Z 108 -45.50 21.76 -2.04
CA THR Z 108 -46.67 21.96 -2.89
C THR Z 108 -47.12 20.60 -3.37
N LEU Z 109 -47.95 19.92 -2.59
CA LEU Z 109 -48.37 18.57 -2.94
C LEU Z 109 -49.17 18.57 -4.23
N VAL Z 110 -48.64 17.94 -5.27
CA VAL Z 110 -49.31 17.98 -6.58
C VAL Z 110 -49.47 16.62 -7.24
N ASP Z 111 -49.48 15.55 -6.46
CA ASP Z 111 -49.68 14.21 -7.02
C ASP Z 111 -51.07 14.07 -7.64
N SER Z 112 -52.05 14.81 -7.12
CA SER Z 112 -53.41 14.74 -7.64
C SER Z 112 -53.52 15.20 -9.08
N ARG Z 113 -54.30 14.49 -9.88
CA ARG Z 113 -54.49 14.85 -11.27
C ARG Z 113 -55.73 15.71 -11.45
N THR Z 114 -56.50 15.88 -10.39
CA THR Z 114 -57.73 16.67 -10.47
C THR Z 114 -57.83 17.65 -9.32
N SER Z 115 -58.75 18.60 -9.42
CA SER Z 115 -58.90 19.63 -8.38
C SER Z 115 -59.03 19.08 -6.99
N VAL Z 116 -58.06 19.37 -6.13
CA VAL Z 116 -58.15 18.95 -4.75
C VAL Z 116 -59.27 19.74 -4.11
N THR Z 117 -60.30 19.06 -3.63
CA THR Z 117 -61.46 19.77 -3.08
C THR Z 117 -61.42 19.99 -1.57
N ASP Z 118 -60.95 19.00 -0.81
CA ASP Z 118 -60.93 19.12 0.65
C ASP Z 118 -59.63 18.66 1.28
N VAL Z 119 -59.18 19.36 2.32
CA VAL Z 119 -57.95 19.00 3.01
C VAL Z 119 -58.19 18.92 4.52
N LYS Z 120 -57.80 17.83 5.15
CA LYS Z 120 -58.02 17.66 6.58
C LYS Z 120 -56.80 17.09 7.29
N PHE Z 121 -56.38 17.73 8.37
CA PHE Z 121 -55.26 17.23 9.13
C PHE Z 121 -55.67 16.05 9.99
N ALA Z 122 -54.79 15.07 10.13
CA ALA Z 122 -55.08 13.88 10.93
C ALA Z 122 -55.06 14.20 12.41
N PRO Z 123 -55.81 13.40 13.23
CA PRO Z 123 -55.66 13.69 14.66
C PRO Z 123 -54.21 13.57 15.11
N LYS Z 124 -53.80 14.33 16.11
CA LYS Z 124 -52.40 14.34 16.52
C LYS Z 124 -51.80 13.00 16.91
N HIS Z 125 -52.59 12.10 17.49
CA HIS Z 125 -52.01 10.83 17.96
C HIS Z 125 -51.40 10.02 16.82
N MET Z 126 -51.95 10.11 15.62
CA MET Z 126 -51.37 9.42 14.47
C MET Z 126 -50.11 10.10 14.00
N GLY Z 127 -50.10 11.43 13.98
CA GLY Z 127 -48.95 12.18 13.50
C GLY Z 127 -49.37 13.31 12.60
N LEU Z 128 -48.43 13.85 11.83
CA LEU Z 128 -48.75 14.92 10.90
C LEU Z 128 -49.09 14.31 9.56
N MET Z 129 -50.33 13.88 9.39
CA MET Z 129 -50.70 13.19 8.16
C MET Z 129 -51.79 13.89 7.39
N LEU Z 130 -51.40 14.85 6.56
CA LEU Z 130 -52.36 15.59 5.77
C LEU Z 130 -53.09 14.68 4.81
N ALA Z 131 -54.39 14.90 4.64
CA ALA Z 131 -55.17 14.07 3.73
C ALA Z 131 -55.88 14.93 2.70
N THR Z 132 -55.75 14.57 1.43
CA THR Z 132 -56.35 15.37 0.37
C THR Z 132 -57.20 14.52 -0.55
N CYS Z 133 -58.46 14.91 -0.72
CA CYS Z 133 -59.32 14.19 -1.65
C CYS Z 133 -59.47 14.98 -2.93
N SER Z 134 -59.46 14.28 -4.05
CA SER Z 134 -59.54 14.97 -5.34
C SER Z 134 -60.73 14.52 -6.16
N ALA Z 135 -61.08 15.31 -7.18
CA ALA Z 135 -62.26 15.00 -8.00
C ALA Z 135 -62.13 13.68 -8.79
N ASP Z 136 -60.91 13.20 -8.98
CA ASP Z 136 -60.72 11.93 -9.70
C ASP Z 136 -61.27 10.76 -8.90
N GLY Z 137 -61.32 10.89 -7.58
CA GLY Z 137 -61.83 9.82 -6.74
C GLY Z 137 -60.76 9.14 -5.93
N VAL Z 138 -59.66 9.85 -5.68
CA VAL Z 138 -58.56 9.27 -4.94
C VAL Z 138 -58.21 10.09 -3.70
N VAL Z 139 -58.24 9.47 -2.54
CA VAL Z 139 -57.87 10.16 -1.32
C VAL Z 139 -56.41 9.86 -1.04
N ARG Z 140 -55.60 10.90 -0.92
CA ARG Z 140 -54.17 10.71 -0.72
C ARG Z 140 -53.76 11.11 0.68
N ILE Z 141 -53.17 10.19 1.42
CA ILE Z 141 -52.74 10.48 2.78
C ILE Z 141 -51.22 10.60 2.84
N TYR Z 142 -50.72 11.83 2.89
CA TYR Z 142 -49.28 12.07 2.98
C TYR Z 142 -48.82 12.00 4.41
N GLU Z 143 -47.52 12.15 4.64
CA GLU Z 143 -46.98 12.13 5.99
C GLU Z 143 -45.62 12.79 6.05
N ALA Z 144 -45.42 13.71 6.99
CA ALA Z 144 -44.12 14.36 7.15
C ALA Z 144 -43.31 13.62 8.19
N PRO Z 145 -42.14 13.09 7.79
CA PRO Z 145 -41.32 12.32 8.73
C PRO Z 145 -40.79 13.15 9.90
N ASP Z 146 -40.22 14.33 9.64
CA ASP Z 146 -39.71 15.19 10.69
C ASP Z 146 -40.43 16.53 10.70
N VAL Z 147 -40.86 16.99 11.87
CA VAL Z 147 -41.58 18.25 11.97
C VAL Z 147 -40.71 19.48 11.73
N MET Z 148 -39.41 19.37 11.98
CA MET Z 148 -38.49 20.48 11.73
C MET Z 148 -38.36 20.77 10.23
N ASN Z 149 -38.32 19.73 9.41
CA ASN Z 149 -38.25 19.93 7.97
C ASN Z 149 -39.61 19.67 7.37
N LEU Z 150 -40.34 20.72 7.06
CA LEU Z 150 -41.70 20.57 6.54
C LEU Z 150 -41.75 20.56 5.02
N SER Z 151 -40.61 20.63 4.35
CA SER Z 151 -40.60 20.55 2.90
C SER Z 151 -40.71 19.10 2.43
N GLN Z 152 -40.47 18.16 3.33
CA GLN Z 152 -40.49 16.75 2.97
C GLN Z 152 -41.81 16.08 3.30
N TRP Z 153 -42.55 15.68 2.28
CA TRP Z 153 -43.81 14.99 2.49
C TRP Z 153 -43.89 13.76 1.61
N SER Z 154 -44.01 12.59 2.22
CA SER Z 154 -44.05 11.34 1.46
C SER Z 154 -45.44 10.75 1.41
N LEU Z 155 -45.95 10.52 0.21
CA LEU Z 155 -47.25 9.86 0.07
C LEU Z 155 -47.15 8.47 0.63
N GLN Z 156 -48.15 8.04 1.40
CA GLN Z 156 -48.12 6.73 2.01
C GLN Z 156 -49.30 5.87 1.60
N HIS Z 157 -50.48 6.45 1.55
CA HIS Z 157 -51.68 5.69 1.20
C HIS Z 157 -52.56 6.39 0.19
N GLU Z 158 -52.95 5.68 -0.87
CA GLU Z 158 -53.87 6.23 -1.86
C GLU Z 158 -55.11 5.37 -1.88
N ILE Z 159 -56.25 5.96 -1.56
CA ILE Z 159 -57.49 5.19 -1.49
C ILE Z 159 -58.44 5.53 -2.62
N SER Z 160 -58.68 4.57 -3.51
CA SER Z 160 -59.62 4.79 -4.62
C SER Z 160 -61.04 4.59 -4.15
N CYS Z 161 -61.91 5.54 -4.46
CA CYS Z 161 -63.30 5.45 -4.01
C CYS Z 161 -64.28 5.21 -5.15
N LYS Z 162 -63.81 5.26 -6.40
CA LYS Z 162 -64.66 5.04 -7.59
C LYS Z 162 -65.75 6.09 -7.76
N LEU Z 163 -65.67 7.19 -7.02
CA LEU Z 163 -66.66 8.27 -7.12
C LEU Z 163 -66.01 9.61 -6.84
N SER Z 164 -66.55 10.67 -7.44
CA SER Z 164 -65.96 12.00 -7.27
C SER Z 164 -66.06 12.46 -5.81
N CYS Z 165 -64.92 12.56 -5.13
CA CYS Z 165 -64.92 12.94 -3.73
C CYS Z 165 -65.22 14.42 -3.51
N SER Z 166 -65.99 14.73 -2.48
CA SER Z 166 -66.34 16.11 -2.20
C SER Z 166 -65.82 16.55 -0.84
N CYS Z 167 -65.90 15.65 0.14
CA CYS Z 167 -65.50 16.00 1.49
C CYS Z 167 -64.87 14.84 2.24
N ILE Z 168 -63.97 15.16 3.15
CA ILE Z 168 -63.37 14.12 3.98
C ILE Z 168 -63.45 14.51 5.45
N SER Z 169 -63.53 13.52 6.33
CA SER Z 169 -63.59 13.78 7.77
C SER Z 169 -62.99 12.63 8.54
N TRP Z 170 -62.07 12.93 9.44
CA TRP Z 170 -61.43 11.89 10.21
C TRP Z 170 -62.25 11.51 11.42
N ASN Z 171 -61.86 10.45 12.10
CA ASN Z 171 -62.55 10.05 13.32
C ASN Z 171 -61.75 10.62 14.47
N PRO Z 172 -62.33 11.57 15.23
CA PRO Z 172 -61.58 12.23 16.31
C PRO Z 172 -61.29 11.30 17.49
N SER Z 173 -61.86 10.11 17.50
CA SER Z 173 -61.64 9.16 18.59
C SER Z 173 -60.17 8.84 18.76
N SER Z 174 -59.70 8.86 20.00
CA SER Z 174 -58.32 8.52 20.28
C SER Z 174 -58.19 7.16 20.95
N SER Z 175 -59.30 6.44 21.04
CA SER Z 175 -59.28 5.11 21.64
C SER Z 175 -58.46 4.17 20.78
N ARG Z 176 -57.59 3.40 21.41
CA ARG Z 176 -56.76 2.45 20.67
C ARG Z 176 -57.61 1.36 20.03
N ALA Z 177 -58.73 1.01 20.66
CA ALA Z 177 -59.62 0.00 20.10
C ALA Z 177 -60.18 0.45 18.76
N HIS Z 178 -60.48 1.74 18.64
CA HIS Z 178 -61.00 2.27 17.38
C HIS Z 178 -59.88 2.53 16.39
N SER Z 179 -59.78 1.70 15.35
CA SER Z 179 -58.75 1.90 14.34
C SER Z 179 -59.01 3.14 13.52
N PRO Z 180 -57.94 3.78 12.96
CA PRO Z 180 -58.26 5.03 12.25
C PRO Z 180 -59.30 4.89 11.17
N MET Z 181 -60.25 5.81 11.14
CA MET Z 181 -61.31 5.76 10.15
C MET Z 181 -61.43 7.09 9.43
N ILE Z 182 -61.69 7.04 8.13
CA ILE Z 182 -61.89 8.28 7.37
C ILE Z 182 -63.17 8.15 6.57
N ALA Z 183 -63.95 9.23 6.51
CA ALA Z 183 -65.20 9.21 5.77
C ALA Z 183 -65.09 9.98 4.48
N VAL Z 184 -65.61 9.42 3.40
CA VAL Z 184 -65.50 10.07 2.11
C VAL Z 184 -66.85 10.24 1.44
N GLY Z 185 -67.18 11.45 1.05
CA GLY Z 185 -68.46 11.70 0.40
C GLY Z 185 -68.38 11.77 -1.10
N SER Z 186 -69.53 11.82 -1.77
CA SER Z 186 -69.57 11.90 -3.22
C SER Z 186 -70.58 12.93 -3.67
N ASP Z 187 -70.10 14.00 -4.30
CA ASP Z 187 -71.00 15.06 -4.77
C ASP Z 187 -71.58 14.75 -6.13
N ASP Z 188 -71.11 13.69 -6.77
CA ASP Z 188 -71.59 13.33 -8.09
C ASP Z 188 -73.09 13.19 -8.06
N SER Z 189 -73.76 13.90 -8.97
CA SER Z 189 -75.22 13.84 -9.03
C SER Z 189 -75.63 12.60 -9.79
N SER Z 190 -75.41 11.44 -9.21
CA SER Z 190 -75.73 10.19 -9.87
C SER Z 190 -77.22 9.93 -9.84
N PRO Z 191 -77.81 9.67 -11.01
CA PRO Z 191 -79.25 9.44 -11.09
C PRO Z 191 -79.68 8.19 -10.33
N ASN Z 192 -78.94 7.10 -10.46
CA ASN Z 192 -79.33 5.85 -9.82
C ASN Z 192 -78.36 5.40 -8.73
N ILE Z 193 -77.06 5.61 -8.95
CA ILE Z 193 -76.06 5.14 -7.99
C ILE Z 193 -76.29 5.74 -6.62
N MET Z 194 -76.44 4.87 -5.62
CA MET Z 194 -76.65 5.33 -4.25
C MET Z 194 -75.36 5.22 -3.45
N GLY Z 195 -75.47 5.08 -2.13
CA GLY Z 195 -74.29 4.90 -1.30
C GLY Z 195 -73.20 5.89 -1.55
N LYS Z 196 -73.49 7.17 -1.37
CA LYS Z 196 -72.50 8.19 -1.66
C LYS Z 196 -71.61 8.51 -0.47
N VAL Z 197 -71.85 7.89 0.69
CA VAL Z 197 -70.97 8.08 1.83
C VAL Z 197 -70.28 6.77 2.14
N GLN Z 198 -68.95 6.75 2.04
CA GLN Z 198 -68.20 5.52 2.27
C GLN Z 198 -67.23 5.68 3.41
N ILE Z 199 -67.17 4.69 4.30
CA ILE Z 199 -66.29 4.76 5.45
C ILE Z 199 -65.11 3.82 5.26
N TYR Z 200 -63.89 4.33 5.42
CA TYR Z 200 -62.70 3.51 5.21
C TYR Z 200 -61.95 3.26 6.51
N GLU Z 201 -61.68 1.99 6.81
CA GLU Z 201 -60.99 1.63 8.04
C GLU Z 201 -59.60 1.13 7.76
N TYR Z 202 -58.68 1.31 8.69
CA TYR Z 202 -57.29 0.91 8.49
C TYR Z 202 -57.00 -0.44 9.10
N ASN Z 203 -56.80 -1.45 8.25
CA ASN Z 203 -56.48 -2.78 8.74
C ASN Z 203 -54.98 -2.86 8.94
N GLU Z 204 -54.55 -3.06 10.18
CA GLU Z 204 -53.13 -3.12 10.50
C GLU Z 204 -52.43 -4.30 9.86
N ASN Z 205 -53.11 -5.44 9.77
CA ASN Z 205 -52.51 -6.64 9.20
C ASN Z 205 -52.08 -6.42 7.77
N THR Z 206 -52.93 -5.79 6.96
CA THR Z 206 -52.60 -5.51 5.56
C THR Z 206 -51.92 -4.17 5.40
N ARG Z 207 -51.83 -3.41 6.50
CA ARG Z 207 -51.18 -2.11 6.46
C ARG Z 207 -51.75 -1.25 5.33
N LYS Z 208 -53.06 -1.32 5.14
CA LYS Z 208 -53.70 -0.54 4.10
C LYS Z 208 -55.14 -0.21 4.42
N TYR Z 209 -55.68 0.80 3.77
CA TYR Z 209 -57.06 1.21 4.02
C TYR Z 209 -58.06 0.39 3.23
N ALA Z 210 -59.10 -0.11 3.90
CA ALA Z 210 -60.12 -0.91 3.23
C ALA Z 210 -61.52 -0.41 3.56
N LYS Z 211 -62.45 -0.54 2.62
CA LYS Z 211 -63.82 -0.05 2.84
C LYS Z 211 -64.54 -0.85 3.91
N ALA Z 212 -65.21 -0.17 4.83
CA ALA Z 212 -65.90 -0.85 5.92
C ALA Z 212 -67.41 -0.78 5.77
N GLU Z 213 -67.93 0.41 5.54
CA GLU Z 213 -69.37 0.58 5.44
C GLU Z 213 -69.75 1.60 4.39
N THR Z 214 -70.83 1.36 3.67
CA THR Z 214 -71.31 2.33 2.69
C THR Z 214 -72.74 2.69 3.04
N LEU Z 215 -72.99 3.97 3.28
CA LEU Z 215 -74.33 4.41 3.67
C LEU Z 215 -75.23 4.49 2.45
N MET Z 216 -75.86 3.38 2.10
CA MET Z 216 -76.71 3.33 0.91
C MET Z 216 -77.91 4.26 1.02
N SER Z 217 -78.32 4.58 2.24
CA SER Z 217 -79.45 5.47 2.44
C SER Z 217 -79.24 6.81 1.77
N VAL Z 218 -78.01 7.30 1.78
CA VAL Z 218 -77.71 8.57 1.16
C VAL Z 218 -77.61 8.40 -0.34
N SER Z 219 -78.71 8.65 -1.04
CA SER Z 219 -78.73 8.51 -2.49
C SER Z 219 -78.69 9.87 -3.18
N ASP Z 220 -78.49 10.93 -2.40
CA ASP Z 220 -78.47 12.28 -2.96
C ASP Z 220 -77.08 12.90 -2.77
N PRO Z 221 -76.72 13.88 -3.62
CA PRO Z 221 -75.37 14.46 -3.54
C PRO Z 221 -74.97 14.90 -2.14
N VAL Z 222 -73.81 14.42 -1.67
CA VAL Z 222 -73.34 14.78 -0.34
C VAL Z 222 -72.45 16.00 -0.40
N HIS Z 223 -72.83 17.05 0.30
CA HIS Z 223 -72.05 18.29 0.27
C HIS Z 223 -71.00 18.34 1.37
N ASP Z 224 -71.31 17.84 2.56
CA ASP Z 224 -70.37 17.91 3.68
C ASP Z 224 -70.62 16.85 4.75
N ILE Z 225 -69.57 16.16 5.19
CA ILE Z 225 -69.72 15.18 6.28
C ILE Z 225 -68.86 15.58 7.47
N ALA Z 226 -69.29 15.20 8.68
CA ALA Z 226 -68.56 15.56 9.88
C ALA Z 226 -68.77 14.57 11.03
N PHE Z 227 -67.68 13.99 11.53
CA PHE Z 227 -67.78 13.09 12.68
C PHE Z 227 -67.95 13.88 13.96
N ALA Z 228 -68.69 13.32 14.92
CA ALA Z 228 -68.85 13.98 16.21
C ALA Z 228 -67.90 13.38 17.23
N PRO Z 229 -67.37 14.21 18.17
CA PRO Z 229 -66.50 13.54 19.15
C PRO Z 229 -67.17 12.37 19.85
N ASN Z 230 -66.43 11.28 20.03
CA ASN Z 230 -67.00 10.08 20.64
C ASN Z 230 -67.44 10.24 22.09
N LEU Z 231 -66.76 11.08 22.86
CA LEU Z 231 -67.11 11.30 24.28
C LEU Z 231 -67.22 10.02 25.10
N GLY Z 232 -66.29 9.09 24.90
CA GLY Z 232 -66.30 7.84 25.63
C GLY Z 232 -67.54 7.01 25.43
N ARG Z 233 -67.99 6.89 24.18
CA ARG Z 233 -69.19 6.10 23.88
C ARG Z 233 -68.88 4.94 22.95
N SER Z 234 -69.72 3.90 22.99
CA SER Z 234 -69.51 2.74 22.13
C SER Z 234 -69.72 3.04 20.66
N PHE Z 235 -70.69 3.89 20.36
CA PHE Z 235 -71.01 4.19 18.95
C PHE Z 235 -70.43 5.50 18.46
N HIS Z 236 -70.58 5.77 17.18
CA HIS Z 236 -70.07 7.01 16.60
C HIS Z 236 -71.21 7.78 15.94
N ILE Z 237 -71.01 9.07 15.73
CA ILE Z 237 -72.04 9.90 15.10
C ILE Z 237 -71.49 10.57 13.85
N LEU Z 238 -72.21 10.45 12.75
CA LEU Z 238 -71.81 11.12 11.52
C LEU Z 238 -72.91 12.00 10.99
N ALA Z 239 -72.60 13.26 10.73
CA ALA Z 239 -73.59 14.17 10.19
C ALA Z 239 -73.41 14.28 8.69
N VAL Z 240 -74.48 14.09 7.94
CA VAL Z 240 -74.40 14.15 6.49
C VAL Z 240 -75.26 15.28 5.94
N ALA Z 241 -74.65 16.19 5.20
CA ALA Z 241 -75.37 17.31 4.63
C ALA Z 241 -75.75 17.06 3.19
N THR Z 242 -77.01 16.75 2.92
CA THR Z 242 -77.47 16.57 1.56
C THR Z 242 -78.58 17.55 1.29
N LYS Z 243 -79.71 17.08 0.77
CA LYS Z 243 -80.86 17.95 0.62
C LYS Z 243 -81.48 18.14 1.99
N ASP Z 244 -81.13 17.28 2.93
CA ASP Z 244 -81.65 17.38 4.30
C ASP Z 244 -80.62 16.89 5.32
N VAL Z 245 -80.59 17.52 6.49
CA VAL Z 245 -79.63 17.15 7.53
C VAL Z 245 -79.96 15.77 8.06
N ARG Z 246 -79.00 14.86 8.04
CA ARG Z 246 -79.21 13.52 8.54
C ARG Z 246 -78.14 13.15 9.55
N ILE Z 247 -78.54 12.56 10.67
CA ILE Z 247 -77.58 12.14 11.68
C ILE Z 247 -77.62 10.63 11.83
N PHE Z 248 -76.46 9.99 11.77
CA PHE Z 248 -76.42 8.54 11.82
C PHE Z 248 -75.68 8.01 13.03
N THR Z 249 -75.92 6.77 13.39
CA THR Z 249 -75.22 6.16 14.52
C THR Z 249 -74.63 4.83 14.09
N MET Z 250 -73.31 4.76 14.00
CA MET Z 250 -72.66 3.51 13.60
C MET Z 250 -72.12 2.75 14.79
N LYS Z 251 -72.87 1.75 15.24
CA LYS Z 251 -72.44 0.94 16.36
C LYS Z 251 -71.64 -0.24 15.84
N PRO Z 252 -70.39 -0.38 16.29
CA PRO Z 252 -69.59 -1.54 15.88
C PRO Z 252 -70.14 -2.84 16.43
N LEU Z 253 -70.01 -3.93 15.68
CA LEU Z 253 -70.56 -5.22 16.10
C LEU Z 253 -69.64 -6.00 17.04
N ARG Z 254 -70.02 -7.23 17.38
CA ARG Z 254 -69.23 -8.03 18.34
C ARG Z 254 -67.93 -8.61 17.79
N LYS Z 255 -67.05 -9.05 18.70
CA LYS Z 255 -65.75 -9.57 18.28
C LYS Z 255 -65.13 -10.57 19.27
N SER Z 260 -59.11 -10.23 15.18
CA SER Z 260 -59.80 -10.56 13.95
C SER Z 260 -58.91 -10.41 12.72
N GLY Z 261 -59.44 -10.69 11.54
CA GLY Z 261 -58.67 -10.57 10.32
C GLY Z 261 -59.18 -9.52 9.35
N GLY Z 262 -60.35 -8.94 9.63
CA GLY Z 262 -60.92 -7.96 8.71
C GLY Z 262 -61.69 -6.85 9.37
N VAL Z 263 -62.24 -5.94 8.56
CA VAL Z 263 -63.02 -4.83 9.09
C VAL Z 263 -64.20 -5.34 9.94
N THR Z 264 -64.42 -4.71 11.08
CA THR Z 264 -65.56 -5.09 11.91
C THR Z 264 -66.78 -4.39 11.33
N LYS Z 265 -67.76 -5.15 10.88
CA LYS Z 265 -68.94 -4.56 10.24
C LYS Z 265 -69.75 -3.67 11.18
N PHE Z 266 -70.49 -2.73 10.61
CA PHE Z 266 -71.24 -1.80 11.43
C PHE Z 266 -72.75 -1.95 11.32
N GLU Z 267 -73.48 -1.42 12.28
CA GLU Z 267 -74.93 -1.45 12.22
C GLU Z 267 -75.40 -0.01 12.19
N ASN Z 268 -76.05 0.40 11.11
CA ASN Z 268 -76.43 1.81 10.96
C ASN Z 268 -77.90 2.12 11.24
N HIS Z 269 -78.16 3.23 11.92
CA HIS Z 269 -79.52 3.65 12.18
C HIS Z 269 -79.62 5.15 11.97
N THR Z 270 -80.62 5.60 11.21
CA THR Z 270 -80.80 7.04 11.04
C THR Z 270 -81.63 7.56 12.19
N VAL Z 271 -81.02 8.36 13.07
CA VAL Z 271 -81.74 8.82 14.26
C VAL Z 271 -82.40 10.19 14.11
N ALA Z 272 -82.01 10.95 13.09
CA ALA Z 272 -82.61 12.27 12.88
C ALA Z 272 -82.55 12.69 11.43
N GLN Z 273 -83.63 13.26 10.92
CA GLN Z 273 -83.65 13.77 9.56
C GLN Z 273 -84.42 15.07 9.50
N PHE Z 274 -83.72 16.19 9.32
CA PHE Z 274 -84.38 17.49 9.32
C PHE Z 274 -84.40 18.14 7.95
N ASP Z 275 -85.58 18.33 7.40
CA ASP Z 275 -85.70 19.03 6.12
C ASP Z 275 -86.24 20.43 6.38
N ASN Z 276 -86.11 20.92 7.60
CA ASN Z 276 -86.64 22.23 7.97
C ASN Z 276 -86.02 23.36 7.16
N HIS Z 277 -84.80 23.16 6.67
CA HIS Z 277 -84.17 24.16 5.83
C HIS Z 277 -84.97 24.38 4.55
N ASN Z 278 -85.71 23.35 4.12
CA ASN Z 278 -86.49 23.44 2.87
C ASN Z 278 -85.57 23.74 1.69
N SER Z 279 -84.26 23.62 1.90
CA SER Z 279 -83.30 23.86 0.83
C SER Z 279 -82.12 22.92 0.96
N GLN Z 280 -81.09 23.13 0.14
CA GLN Z 280 -79.90 22.30 0.22
C GLN Z 280 -79.05 22.67 1.42
N VAL Z 281 -78.66 21.68 2.21
CA VAL Z 281 -77.80 21.93 3.35
C VAL Z 281 -76.37 21.86 2.85
N TRP Z 282 -75.63 22.95 2.99
CA TRP Z 282 -74.28 22.98 2.47
C TRP Z 282 -73.22 22.64 3.50
N ARG Z 283 -73.31 23.20 4.71
CA ARG Z 283 -72.26 22.98 5.71
C ARG Z 283 -72.78 22.44 7.03
N VAL Z 284 -72.03 21.52 7.65
CA VAL Z 284 -72.40 21.00 8.98
C VAL Z 284 -71.19 20.98 9.91
N SER Z 285 -71.30 21.59 11.09
CA SER Z 285 -70.19 21.60 12.04
C SER Z 285 -70.64 21.49 13.49
N TRP Z 286 -69.93 20.69 14.27
CA TRP Z 286 -70.28 20.50 15.66
C TRP Z 286 -69.55 21.48 16.56
N ASN Z 287 -70.06 21.70 17.78
CA ASN Z 287 -69.36 22.56 18.73
C ASN Z 287 -68.25 21.76 19.40
N ILE Z 288 -67.52 22.38 20.32
CA ILE Z 288 -66.38 21.70 20.94
C ILE Z 288 -66.71 20.38 21.65
N THR Z 289 -67.93 20.24 22.13
CA THR Z 289 -68.30 19.04 22.88
C THR Z 289 -69.29 18.17 22.13
N GLY Z 290 -69.58 18.50 20.87
CA GLY Z 290 -70.47 17.69 20.06
C GLY Z 290 -71.89 17.57 20.54
N THR Z 291 -72.44 18.64 21.10
CA THR Z 291 -73.83 18.63 21.53
C THR Z 291 -74.68 19.44 20.58
N VAL Z 292 -74.17 20.58 20.14
CA VAL Z 292 -74.94 21.44 19.25
C VAL Z 292 -74.39 21.43 17.83
N LEU Z 293 -75.19 20.99 16.88
CA LEU Z 293 -74.78 20.98 15.48
C LEU Z 293 -75.38 22.15 14.75
N ALA Z 294 -74.60 22.79 13.89
CA ALA Z 294 -75.12 23.90 13.11
C ALA Z 294 -75.22 23.53 11.65
N SER Z 295 -76.12 24.18 10.93
CA SER Z 295 -76.30 23.89 9.51
C SER Z 295 -76.60 25.15 8.71
N SER Z 296 -76.14 25.21 7.47
CA SER Z 296 -76.43 26.36 6.62
C SER Z 296 -77.35 25.97 5.48
N GLY Z 297 -77.79 26.96 4.69
CA GLY Z 297 -78.70 26.67 3.60
C GLY Z 297 -78.87 27.79 2.60
N ASP Z 298 -79.63 27.53 1.54
CA ASP Z 298 -79.89 28.56 0.53
C ASP Z 298 -80.77 29.67 1.08
N ASP Z 299 -81.53 29.37 2.12
CA ASP Z 299 -82.38 30.38 2.76
C ASP Z 299 -81.59 31.49 3.45
N GLY Z 300 -80.29 31.28 3.66
CA GLY Z 300 -79.46 32.27 4.33
C GLY Z 300 -79.55 32.20 5.85
N THR Z 301 -79.99 31.07 6.37
CA THR Z 301 -80.17 30.94 7.82
C THR Z 301 -79.28 29.87 8.41
N VAL Z 302 -78.85 30.07 9.66
CA VAL Z 302 -78.06 29.04 10.34
C VAL Z 302 -78.89 28.47 11.45
N ARG Z 303 -79.33 27.22 11.31
CA ARG Z 303 -80.17 26.61 12.32
C ARG Z 303 -79.36 25.72 13.23
N LEU Z 304 -79.50 25.92 14.53
CA LEU Z 304 -78.75 25.13 15.50
C LEU Z 304 -79.62 24.01 16.05
N TRP Z 305 -79.09 22.80 16.09
CA TRP Z 305 -79.86 21.66 16.54
C TRP Z 305 -79.28 21.07 17.80
N LYS Z 306 -80.10 20.92 18.84
CA LYS Z 306 -79.63 20.38 20.10
C LYS Z 306 -80.55 19.30 20.65
N ALA Z 307 -79.98 18.22 21.18
CA ALA Z 307 -80.78 17.15 21.73
C ALA Z 307 -81.13 17.38 23.19
N ASN Z 308 -82.33 16.99 23.60
CA ASN Z 308 -82.73 17.12 25.00
C ASN Z 308 -82.39 15.87 25.81
N TYR Z 309 -83.00 15.72 26.98
CA TYR Z 309 -82.75 14.55 27.83
C TYR Z 309 -83.40 13.28 27.29
N MET Z 310 -84.36 13.42 26.40
CA MET Z 310 -85.02 12.25 25.81
C MET Z 310 -84.47 11.95 24.42
N ASP Z 311 -83.28 12.44 24.12
CA ASP Z 311 -82.66 12.22 22.80
C ASP Z 311 -83.54 12.69 21.65
N ASN Z 312 -84.20 13.83 21.82
CA ASN Z 312 -85.03 14.39 20.76
C ASN Z 312 -84.42 15.67 20.26
N TRP Z 313 -83.95 15.66 19.01
CA TRP Z 313 -83.30 16.82 18.45
C TRP Z 313 -84.30 17.91 18.06
N LYS Z 314 -84.02 19.15 18.47
CA LYS Z 314 -84.91 20.26 18.17
C LYS Z 314 -84.12 21.49 17.79
N CYS Z 315 -84.68 22.31 16.92
CA CYS Z 315 -84.02 23.55 16.52
C CYS Z 315 -84.06 24.56 17.65
N ILE Z 316 -82.94 25.20 17.95
CA ILE Z 316 -82.90 26.15 19.06
C ILE Z 316 -82.62 27.60 18.63
N GLY Z 317 -82.24 27.82 17.37
CA GLY Z 317 -81.98 29.16 16.90
C GLY Z 317 -81.98 29.37 15.39
N VAL Z 318 -82.59 30.47 14.94
CA VAL Z 318 -82.61 30.79 13.51
C VAL Z 318 -82.14 32.23 13.30
N LEU Z 319 -81.48 32.51 12.19
CA LEU Z 319 -80.91 33.85 11.97
C LEU Z 319 -81.35 34.49 10.67
N LYS Z 320 -81.59 35.80 10.69
CA LYS Z 320 -81.98 36.53 9.48
C LYS Z 320 -80.77 36.95 8.68
N GLY Z 321 -81.00 37.35 7.43
CA GLY Z 321 -79.89 37.76 6.57
C GLY Z 321 -79.20 39.04 7.00
N ASP Z 322 -79.96 40.03 7.47
CA ASP Z 322 -79.37 41.31 7.87
C ASP Z 322 -78.53 41.22 9.15
N GLY Z 323 -78.43 40.03 9.73
CA GLY Z 323 -77.64 39.84 10.93
C GLY Z 323 -78.47 39.72 12.19
N ASN Z 324 -79.72 40.17 12.14
CA ASN Z 324 -80.60 40.08 13.29
C ASN Z 324 -81.05 38.63 13.54
N PRO Z 325 -81.27 38.27 14.80
CA PRO Z 325 -81.78 36.92 15.08
C PRO Z 325 -83.28 36.81 14.89
N VAL Z 326 -83.77 35.67 14.43
CA VAL Z 326 -85.21 35.47 14.27
C VAL Z 326 -85.84 35.28 15.63
N GLY Z 327 -86.85 36.07 15.94
CA GLY Z 327 -87.55 35.94 17.22
C GLY Z 327 -88.78 35.06 17.10
N ASN AA 41 92.91 -21.62 61.28
CA ASN AA 41 91.97 -20.71 61.92
C ASN AA 41 91.86 -21.02 63.39
N LEU AA 42 92.57 -20.26 64.22
CA LEU AA 42 92.55 -20.49 65.66
C LEU AA 42 91.31 -19.86 66.26
N GLU AA 43 90.30 -20.67 66.56
CA GLU AA 43 89.07 -20.16 67.16
C GLU AA 43 89.26 -20.08 68.66
N ARG AA 44 89.77 -18.95 69.13
CA ARG AA 44 90.05 -18.78 70.55
C ARG AA 44 88.81 -18.70 71.42
N SER AA 45 87.82 -17.93 71.01
CA SER AA 45 86.66 -17.74 71.88
C SER AA 45 85.42 -18.50 71.44
N TYR AA 46 84.62 -18.92 72.41
CA TYR AA 46 83.38 -19.62 72.11
C TYR AA 46 82.23 -18.92 72.82
N MET AA 47 81.02 -19.08 72.31
CA MET AA 47 79.86 -18.43 72.90
C MET AA 47 78.88 -19.45 73.46
N GLU AA 48 78.34 -19.18 74.64
CA GLU AA 48 77.38 -20.09 75.25
C GLU AA 48 76.00 -19.88 74.65
N LEU AA 49 75.43 -20.92 74.07
CA LEU AA 49 74.10 -20.82 73.48
C LEU AA 49 73.19 -21.85 74.12
N ILE AA 50 72.14 -21.38 74.79
CA ILE AA 50 71.23 -22.28 75.48
C ILE AA 50 70.32 -23.01 74.53
N GLY AA 51 70.32 -24.35 74.58
CA GLY AA 51 69.40 -25.11 73.76
C GLY AA 51 68.11 -25.14 74.55
N ALA AA 52 67.29 -24.10 74.40
CA ALA AA 52 66.06 -23.99 75.20
C ALA AA 52 65.06 -25.11 75.00
N GLU AA 53 64.68 -25.78 76.08
CA GLU AA 53 63.66 -26.82 75.99
C GLU AA 53 62.33 -26.13 76.20
N ARG AA 54 61.83 -25.44 75.19
CA ARG AA 54 60.59 -24.68 75.32
C ARG AA 54 59.35 -25.55 75.18
N GLU AA 55 59.53 -26.85 75.02
CA GLU AA 55 58.40 -27.76 74.93
C GLU AA 55 57.53 -27.59 76.16
N THR AA 56 56.27 -27.23 75.95
CA THR AA 56 55.35 -27.05 77.05
C THR AA 56 55.19 -28.37 77.78
N SER AA 57 55.05 -29.46 77.04
CA SER AA 57 54.98 -30.77 77.65
C SER AA 57 56.39 -31.25 77.87
N ARG AA 58 56.80 -31.34 79.13
CA ARG AA 58 58.16 -31.78 79.46
C ARG AA 58 58.45 -33.17 78.96
N ARG AA 59 59.72 -33.47 78.67
CA ARG AA 59 60.10 -34.83 78.27
C ARG AA 59 59.35 -35.76 79.17
N ASN AA 60 58.57 -36.67 78.60
CA ASN AA 60 57.71 -37.48 79.45
C ASN AA 60 58.55 -38.58 80.07
N PHE AA 61 59.09 -38.28 81.25
CA PHE AA 61 60.08 -39.13 81.89
C PHE AA 61 59.45 -40.45 82.30
N ARG AA 62 59.86 -41.53 81.67
CA ARG AA 62 59.32 -42.85 82.01
C ARG AA 62 59.85 -43.22 83.39
N ASP AA 63 59.09 -42.87 84.42
CA ASP AA 63 59.51 -43.09 85.80
C ASP AA 63 59.66 -44.58 86.06
N LEU AA 64 60.89 -45.03 86.31
CA LEU AA 64 61.17 -46.41 86.66
C LEU AA 64 61.81 -46.43 88.03
N SER AA 65 61.25 -47.20 88.95
CA SER AA 65 61.76 -47.32 90.31
C SER AA 65 62.37 -48.69 90.49
N LEU AA 66 63.66 -48.73 90.80
CA LEU AA 66 64.38 -49.98 91.05
C LEU AA 66 64.49 -50.18 92.56
N ARG AA 67 64.10 -51.35 93.04
CA ARG AA 67 64.02 -51.62 94.47
C ARG AA 67 64.98 -52.76 94.83
N PRO AA 68 66.26 -52.50 94.98
CA PRO AA 68 67.19 -53.56 95.38
C PRO AA 68 66.94 -53.98 96.82
N ASP AA 69 67.44 -55.17 97.16
CA ASP AA 69 67.26 -55.72 98.50
C ASP AA 69 68.27 -55.13 99.48
N VAL AA 70 68.23 -53.80 99.67
CA VAL AA 70 69.18 -53.10 100.51
C VAL AA 70 68.43 -52.18 101.47
N ASN AA 71 68.85 -52.17 102.72
CA ASN AA 71 68.21 -51.35 103.75
C ASN AA 71 68.60 -49.89 103.60
N LEU AA 72 67.69 -49.00 104.01
CA LEU AA 72 67.96 -47.58 103.96
C LEU AA 72 68.89 -47.20 105.10
N VAL AA 73 70.08 -46.68 104.75
CA VAL AA 73 71.05 -46.25 105.75
C VAL AA 73 70.67 -44.84 106.18
N ILE AA 74 70.29 -44.67 107.44
CA ILE AA 74 69.89 -43.37 107.95
C ILE AA 74 71.15 -42.56 108.26
N GLY AA 75 71.29 -41.42 107.57
CA GLY AA 75 72.46 -40.58 107.76
C GLY AA 75 73.58 -40.83 106.78
N GLY AA 76 73.29 -41.44 105.64
CA GLY AA 76 74.30 -41.72 104.65
C GLY AA 76 74.92 -40.46 104.09
N PRO AA 77 76.08 -40.59 103.45
CA PRO AA 77 76.73 -39.41 102.88
C PRO AA 77 75.88 -38.81 101.78
N LYS AA 78 75.88 -37.47 101.71
CA LYS AA 78 75.12 -36.75 100.70
C LYS AA 78 76.06 -36.38 99.56
N TYR AA 79 75.79 -36.90 98.38
CA TYR AA 79 76.63 -36.65 97.22
C TYR AA 79 76.14 -35.43 96.44
N ALA AA 80 77.08 -34.70 95.85
CA ALA AA 80 76.74 -33.54 95.05
C ALA AA 80 76.14 -33.98 93.72
N ASP AA 81 75.30 -33.12 93.15
CA ASP AA 81 74.70 -33.41 91.86
C ASP AA 81 75.78 -33.42 90.78
N CYS AA 82 75.76 -34.47 89.97
CA CYS AA 82 76.77 -34.66 88.93
C CYS AA 82 76.08 -34.92 87.60
N ALA AA 83 76.85 -34.79 86.53
CA ALA AA 83 76.36 -35.05 85.18
C ALA AA 83 77.51 -35.55 84.32
N GLY AA 84 77.18 -35.89 83.08
CA GLY AA 84 78.14 -36.41 82.13
C GLY AA 84 77.47 -36.61 80.80
N GLY AA 85 78.23 -37.08 79.82
CA GLY AA 85 77.69 -37.29 78.50
C GLY AA 85 78.42 -38.36 77.73
N TYR AA 86 77.73 -38.92 76.74
CA TYR AA 86 78.32 -39.90 75.84
C TYR AA 86 77.93 -39.57 74.42
N CYS AA 87 78.90 -39.66 73.50
CA CYS AA 87 78.70 -39.39 72.09
C CYS AA 87 78.95 -40.66 71.30
N TYR AA 88 78.07 -40.97 70.36
CA TYR AA 88 78.12 -42.24 69.66
C TYR AA 88 79.32 -42.32 68.74
N SER AA 89 79.67 -43.55 68.35
CA SER AA 89 80.68 -43.74 67.32
C SER AA 89 80.04 -43.55 65.95
N GLU AA 90 80.87 -43.12 65.00
CA GLU AA 90 80.43 -42.73 63.66
C GLU AA 90 79.39 -41.63 63.69
N SER AA 91 79.39 -40.79 64.74
CA SER AA 91 78.48 -39.67 64.81
C SER AA 91 78.85 -38.56 63.85
N SER AA 92 80.09 -38.52 63.39
CA SER AA 92 80.49 -37.55 62.38
C SER AA 92 80.10 -37.97 60.98
N SER AA 93 80.03 -39.27 60.71
CA SER AA 93 79.75 -39.78 59.37
C SER AA 93 78.39 -39.26 58.91
N LEU AA 94 78.28 -38.96 57.62
CA LEU AA 94 77.08 -38.32 57.10
C LEU AA 94 75.96 -39.32 56.82
N LEU AA 95 76.29 -40.59 56.61
CA LEU AA 95 75.29 -41.61 56.30
C LEU AA 95 74.92 -42.46 57.51
N SER AA 96 75.55 -42.25 58.65
CA SER AA 96 75.31 -43.08 59.81
C SER AA 96 73.99 -42.72 60.48
N ALA AA 97 73.36 -43.73 61.10
CA ALA AA 97 72.11 -43.49 61.80
C ALA AA 97 72.32 -42.81 63.14
N THR AA 98 73.54 -42.82 63.66
CA THR AA 98 73.89 -42.09 64.87
C THR AA 98 74.46 -40.71 64.58
N ARG AA 99 74.03 -40.09 63.47
CA ARG AA 99 74.55 -38.78 63.10
C ARG AA 99 74.00 -37.69 63.99
N ASN AA 100 74.91 -36.93 64.62
CA ASN AA 100 74.56 -35.81 65.50
C ASN AA 100 73.62 -36.26 66.62
N ARG AA 101 73.87 -37.44 67.16
CA ARG AA 101 73.17 -37.94 68.33
C ARG AA 101 74.16 -38.09 69.49
N PHE AA 102 73.67 -37.84 70.70
CA PHE AA 102 74.52 -37.92 71.88
C PHE AA 102 73.64 -38.13 73.11
N LEU AA 103 74.19 -38.84 74.08
CA LEU AA 103 73.50 -39.14 75.33
C LEU AA 103 74.11 -38.33 76.47
N HIS AA 104 73.24 -37.76 77.29
CA HIS AA 104 73.65 -37.01 78.46
C HIS AA 104 72.72 -37.37 79.62
N TRP AA 105 73.21 -37.17 80.84
CA TRP AA 105 72.46 -37.60 82.01
C TRP AA 105 72.77 -36.69 83.19
N THR AA 106 71.81 -36.62 84.11
CA THR AA 106 71.95 -35.92 85.38
C THR AA 106 71.62 -36.90 86.50
N SER AA 107 72.35 -36.83 87.60
CA SER AA 107 72.17 -37.76 88.70
C SER AA 107 72.23 -37.03 90.03
N TYR AA 108 71.12 -37.00 90.75
CA TYR AA 108 71.10 -36.45 92.10
C TYR AA 108 70.76 -37.57 93.06
N ALA AA 109 70.38 -37.23 94.29
CA ALA AA 109 70.52 -38.09 95.46
C ALA AA 109 70.27 -39.58 95.20
N ASP AA 110 69.09 -39.94 94.70
CA ASP AA 110 68.80 -41.32 94.37
C ASP AA 110 68.13 -41.46 93.01
N THR AA 111 68.31 -40.49 92.12
CA THR AA 111 67.59 -40.43 90.85
C THR AA 111 68.56 -40.17 89.71
N LEU AA 112 68.41 -40.91 88.62
CA LEU AA 112 69.20 -40.75 87.42
C LEU AA 112 68.27 -40.40 86.27
N GLU AA 113 68.54 -39.31 85.59
CA GLU AA 113 67.74 -38.87 84.47
C GLU AA 113 68.56 -39.01 83.18
N LEU AA 114 68.20 -39.98 82.36
CA LEU AA 114 68.88 -40.22 81.09
C LEU AA 114 68.08 -39.58 79.96
N VAL AA 115 68.79 -38.96 79.01
CA VAL AA 115 68.17 -38.20 77.94
C VAL AA 115 68.97 -38.40 76.66
N GLU AA 116 68.28 -38.62 75.55
CA GLU AA 116 68.92 -38.76 74.24
C GLU AA 116 68.49 -37.60 73.36
N ILE AA 117 69.46 -36.91 72.76
CA ILE AA 117 69.21 -35.76 71.91
C ILE AA 117 69.78 -36.03 70.54
N SER AA 118 69.08 -35.59 69.51
CA SER AA 118 69.55 -35.63 68.14
C SER AA 118 69.38 -34.25 67.52
N LEU AA 119 70.47 -33.68 67.04
CA LEU AA 119 70.41 -32.35 66.42
C LEU AA 119 69.67 -32.36 65.10
N ASP AA 120 69.43 -33.53 64.52
CA ASP AA 120 68.76 -33.63 63.22
C ASP AA 120 67.25 -33.84 63.34
N ILE AA 121 66.81 -34.83 64.11
CA ILE AA 121 65.41 -35.22 64.16
C ILE AA 121 64.97 -35.35 65.62
N ASN AA 122 63.75 -34.95 65.91
CA ASN AA 122 63.20 -35.06 67.27
C ASN AA 122 62.92 -36.53 67.58
N LEU AA 123 63.46 -37.02 68.70
CA LEU AA 123 63.34 -38.43 69.07
C LEU AA 123 62.20 -38.63 70.05
N VAL AA 124 61.36 -39.63 69.78
CA VAL AA 124 60.24 -39.97 70.66
C VAL AA 124 60.74 -40.87 71.77
N ASN AA 125 60.21 -40.68 72.98
CA ASN AA 125 60.60 -41.45 74.16
C ASN AA 125 62.09 -41.36 74.43
N ASN AA 126 62.61 -40.14 74.44
CA ASN AA 126 64.03 -39.89 74.62
C ASN AA 126 64.39 -39.39 76.01
N ALA AA 127 63.65 -39.81 77.03
CA ALA AA 127 63.95 -39.39 78.40
C ALA AA 127 63.47 -40.46 79.37
N VAL AA 128 64.34 -40.83 80.30
CA VAL AA 128 64.04 -41.83 81.32
C VAL AA 128 64.61 -41.38 82.65
N ARG AA 129 63.81 -41.50 83.71
CA ARG AA 129 64.22 -41.14 85.07
C ARG AA 129 64.26 -42.42 85.89
N LEU AA 130 65.46 -42.90 86.21
CA LEU AA 130 65.65 -44.14 86.95
C LEU AA 130 65.91 -43.82 88.42
N ARG AA 131 64.99 -44.23 89.28
CA ARG AA 131 65.10 -43.98 90.71
C ARG AA 131 65.53 -45.27 91.39
N ILE AA 132 66.76 -45.30 91.89
CA ILE AA 132 67.29 -46.48 92.58
C ILE AA 132 67.05 -46.23 94.08
N LEU AA 133 65.97 -46.81 94.59
CA LEU AA 133 65.57 -46.56 95.97
C LEU AA 133 66.61 -47.07 96.95
N ASN AA 134 66.77 -46.35 98.06
CA ASN AA 134 67.68 -46.65 99.18
C ASN AA 134 69.14 -46.53 98.80
N CYS AA 135 69.48 -46.21 97.56
CA CYS AA 135 70.86 -46.15 97.09
C CYS AA 135 71.12 -44.79 96.46
N SER AA 136 72.27 -44.19 96.80
CA SER AA 136 72.66 -42.90 96.29
C SER AA 136 73.68 -43.05 95.17
N ILE AA 137 73.37 -42.50 94.01
CA ILE AA 137 74.23 -42.68 92.84
C ILE AA 137 75.50 -41.86 92.99
N LEU AA 138 76.62 -42.45 92.62
CA LEU AA 138 77.93 -41.83 92.81
C LEU AA 138 78.14 -40.68 91.83
N PRO AA 139 78.89 -39.65 92.22
CA PRO AA 139 79.33 -38.66 91.24
C PRO AA 139 80.38 -39.24 90.31
N GLY AA 140 80.01 -39.36 89.04
CA GLY AA 140 80.90 -40.02 88.10
C GLY AA 140 80.85 -41.53 88.18
N GLY AA 141 79.77 -42.09 88.68
CA GLY AA 141 79.57 -43.52 88.72
C GLY AA 141 78.71 -44.09 87.62
N VAL AA 142 78.33 -43.28 86.64
CA VAL AA 142 77.55 -43.73 85.49
C VAL AA 142 78.48 -43.73 84.28
N HIS AA 143 78.58 -44.87 83.60
CA HIS AA 143 79.40 -44.99 82.40
C HIS AA 143 78.58 -45.64 81.30
N ILE AA 144 78.80 -45.22 80.07
CA ILE AA 144 78.13 -45.78 78.90
C ILE AA 144 79.17 -46.39 77.99
N CYS AA 145 78.99 -47.67 77.67
CA CYS AA 145 79.87 -48.41 76.77
C CYS AA 145 79.08 -48.86 75.56
N GLU AA 146 79.71 -48.86 74.40
CA GLU AA 146 79.02 -49.19 73.15
C GLU AA 146 79.57 -50.47 72.54
N THR AA 147 78.67 -51.27 71.98
CA THR AA 147 78.96 -52.49 71.25
C THR AA 147 78.27 -52.39 69.90
N PRO AA 148 78.73 -53.16 68.90
CA PRO AA 148 78.10 -53.08 67.57
C PRO AA 148 76.64 -53.46 67.54
N ASN AA 149 76.07 -53.97 68.64
CA ASN AA 149 74.67 -54.35 68.69
C ASN AA 149 73.87 -53.66 69.77
N ASN AA 150 74.50 -53.28 70.89
CA ASN AA 150 73.78 -52.75 72.04
C ASN AA 150 74.51 -51.55 72.61
N ILE AA 151 73.77 -50.74 73.36
CA ILE AA 151 74.33 -49.66 74.17
C ILE AA 151 74.19 -50.07 75.63
N VAL AA 152 75.31 -50.19 76.34
CA VAL AA 152 75.33 -50.72 77.70
C VAL AA 152 75.61 -49.58 78.65
N VAL AA 153 74.68 -49.33 79.57
CA VAL AA 153 74.80 -48.25 80.56
C VAL AA 153 75.09 -48.88 81.90
N LEU AA 154 76.30 -48.66 82.42
CA LEU AA 154 76.70 -49.18 83.72
C LEU AA 154 76.49 -48.10 84.78
N ILE AA 155 75.87 -48.46 85.89
CA ILE AA 155 75.50 -47.51 86.94
C ILE AA 155 76.05 -48.02 88.27
N LEU AA 156 76.75 -47.15 88.99
CA LEU AA 156 77.24 -47.47 90.33
C LEU AA 156 76.47 -46.65 91.35
N THR AA 157 76.12 -47.27 92.48
CA THR AA 157 75.54 -46.61 93.64
C THR AA 157 76.37 -46.93 94.87
N ASN AA 158 75.95 -46.41 96.02
CA ASN AA 158 76.74 -46.59 97.22
C ASN AA 158 76.61 -47.99 97.80
N GLN AA 159 75.60 -48.76 97.39
CA GLN AA 159 75.45 -50.14 97.83
C GLN AA 159 75.18 -51.13 96.71
N THR AA 160 75.01 -50.70 95.45
CA THR AA 160 74.62 -51.57 94.37
C THR AA 160 75.40 -51.20 93.12
N VAL AA 161 75.42 -52.12 92.17
CA VAL AA 161 75.90 -51.86 90.81
C VAL AA 161 74.83 -52.34 89.85
N HIS AA 162 74.63 -51.61 88.75
CA HIS AA 162 73.57 -51.92 87.81
C HIS AA 162 74.11 -51.96 86.39
N ARG AA 163 73.34 -52.56 85.50
CA ARG AA 163 73.67 -52.64 84.09
C ARG AA 163 72.40 -52.64 83.27
N LEU AA 164 72.30 -51.73 82.30
CA LEU AA 164 71.20 -51.69 81.37
C LEU AA 164 71.71 -52.05 79.99
N ILE AA 165 70.83 -52.59 79.15
CA ILE AA 165 71.16 -52.96 77.78
C ILE AA 165 70.07 -52.43 76.87
N LEU AA 166 70.45 -51.50 75.99
CA LEU AA 166 69.52 -50.86 75.08
C LEU AA 166 69.94 -51.12 73.64
N PRO AA 167 69.00 -51.13 72.70
CA PRO AA 167 69.36 -51.43 71.31
C PRO AA 167 70.16 -50.31 70.68
N HIS AA 168 71.09 -50.69 69.81
CA HIS AA 168 71.89 -49.71 69.09
C HIS AA 168 71.05 -49.06 67.98
N PRO AA 169 71.14 -47.74 67.80
CA PRO AA 169 70.26 -47.07 66.82
C PRO AA 169 70.40 -47.60 65.40
N SER AA 170 71.51 -48.25 65.06
CA SER AA 170 71.63 -48.87 63.74
C SER AA 170 70.87 -50.18 63.64
N ARG AA 171 70.49 -50.77 64.78
CA ARG AA 171 69.73 -52.01 64.79
C ARG AA 171 68.23 -51.81 65.01
N MET AA 172 67.81 -50.61 65.43
CA MET AA 172 66.39 -50.37 65.63
C MET AA 172 65.67 -50.18 64.32
N TYR AA 173 66.33 -49.62 63.31
CA TYR AA 173 65.72 -49.29 62.03
C TYR AA 173 66.33 -50.18 60.96
N ARG AA 174 65.51 -51.06 60.39
CA ARG AA 174 65.95 -51.95 59.32
C ARG AA 174 65.52 -51.47 57.94
N SER AA 175 64.65 -50.46 57.86
CA SER AA 175 64.13 -49.94 56.60
C SER AA 175 64.55 -48.49 56.46
N GLU AA 176 64.99 -48.11 55.25
CA GLU AA 176 65.39 -46.74 55.01
C GLU AA 176 64.20 -45.79 54.92
N ILE AA 177 62.98 -46.32 54.77
CA ILE AA 177 61.79 -45.48 54.66
C ILE AA 177 61.06 -45.38 56.00
N ILE AA 178 61.44 -44.38 56.79
CA ILE AA 178 60.78 -44.06 58.05
C ILE AA 178 60.58 -42.55 58.10
N SER AA 179 59.33 -42.13 58.21
CA SER AA 179 59.03 -40.72 58.35
C SER AA 179 59.70 -40.16 59.60
N ASP AA 180 60.21 -38.93 59.50
CA ASP AA 180 60.99 -38.31 60.57
C ASP AA 180 60.17 -38.13 61.85
N SER AA 181 58.84 -38.15 61.73
CA SER AA 181 57.99 -37.87 62.87
C SER AA 181 57.88 -39.03 63.86
N HIS AA 182 58.27 -40.24 63.45
CA HIS AA 182 58.10 -41.42 64.31
C HIS AA 182 59.42 -42.08 64.68
N ILE AA 183 60.54 -41.37 64.56
CA ILE AA 183 61.84 -41.95 64.89
C ILE AA 183 61.97 -42.07 66.40
N GLN AA 184 62.18 -43.30 66.88
CA GLN AA 184 62.18 -43.56 68.31
C GLN AA 184 63.59 -43.57 68.88
N SER AA 185 63.69 -43.26 70.16
CA SER AA 185 64.96 -43.30 70.87
C SER AA 185 65.24 -44.71 71.37
N ILE AA 186 66.46 -44.94 71.84
CA ILE AA 186 66.81 -46.24 72.38
C ILE AA 186 66.16 -46.47 73.73
N PHE AA 187 65.62 -45.41 74.34
CA PHE AA 187 64.95 -45.51 75.63
C PHE AA 187 63.48 -45.91 75.50
N THR AA 188 62.98 -46.09 74.28
CA THR AA 188 61.56 -46.38 74.09
C THR AA 188 61.19 -47.74 74.67
N ASP AA 189 62.09 -48.71 74.58
CA ASP AA 189 61.85 -50.05 75.10
C ASP AA 189 62.64 -50.32 76.37
N ILE AA 190 62.91 -49.30 77.19
CA ILE AA 190 63.59 -49.53 78.46
C ILE AA 190 62.65 -50.16 79.47
N GLY AA 191 61.33 -50.04 79.25
CA GLY AA 191 60.35 -50.62 80.14
C GLY AA 191 60.21 -52.12 80.02
N LYS AA 192 60.84 -52.73 79.00
CA LYS AA 192 60.76 -54.17 78.80
C LYS AA 192 61.97 -54.91 79.33
N THR AA 193 62.96 -54.21 79.89
CA THR AA 193 64.13 -54.88 80.45
C THR AA 193 63.80 -55.36 81.85
N ASN AA 194 64.33 -56.52 82.22
CA ASN AA 194 64.12 -57.09 83.55
C ASN AA 194 65.20 -56.52 84.47
N PHE AA 195 64.85 -55.50 85.26
CA PHE AA 195 65.83 -54.86 86.13
C PHE AA 195 66.14 -55.69 87.36
N HIS AA 196 65.22 -56.55 87.78
CA HIS AA 196 65.44 -57.42 88.94
C HIS AA 196 66.19 -58.69 88.58
N ASP AA 197 66.60 -58.84 87.34
CA ASP AA 197 67.40 -59.97 86.89
C ASP AA 197 68.75 -59.95 87.60
N PRO AA 198 69.18 -61.04 88.24
CA PRO AA 198 70.49 -61.04 88.92
C PRO AA 198 71.66 -60.79 87.99
N SER AA 199 71.49 -60.89 86.67
CA SER AA 199 72.57 -60.58 85.76
C SER AA 199 72.67 -59.08 85.50
N ASN AA 200 71.68 -58.30 85.95
CA ASN AA 200 71.68 -56.86 85.75
C ASN AA 200 71.66 -56.07 87.05
N THR AA 201 71.82 -56.72 88.19
CA THR AA 201 71.82 -56.04 89.48
C THR AA 201 72.55 -56.89 90.51
N TYR AA 202 73.52 -56.30 91.18
CA TYR AA 202 74.31 -57.00 92.19
C TYR AA 202 74.57 -56.06 93.36
N VAL AA 203 74.48 -56.59 94.58
CA VAL AA 203 74.65 -55.80 95.79
C VAL AA 203 76.08 -55.94 96.29
N ILE AA 204 76.78 -54.81 96.37
CA ILE AA 204 78.16 -54.75 96.83
C ILE AA 204 78.27 -55.34 98.23
N PRO AA 205 79.22 -56.23 98.49
CA PRO AA 205 79.37 -56.76 99.84
C PRO AA 205 79.92 -55.71 100.80
N ALA AA 206 79.66 -55.92 102.08
CA ALA AA 206 80.16 -55.00 103.11
C ALA AA 206 81.61 -55.27 103.46
N ILE AA 207 82.15 -56.44 103.13
CA ILE AA 207 83.56 -56.76 103.37
C ILE AA 207 84.09 -57.56 102.19
N PRO AA 208 85.22 -57.15 101.57
CA PRO AA 208 86.08 -56.00 101.87
C PRO AA 208 85.41 -54.66 101.60
N GLY AA 209 84.35 -54.67 100.81
CA GLY AA 209 83.48 -53.52 100.63
C GLY AA 209 84.12 -52.31 100.00
N ARG AA 210 83.40 -51.21 99.98
CA ARG AA 210 83.94 -49.95 99.47
C ARG AA 210 84.25 -49.02 100.62
N ALA AA 211 85.23 -48.14 100.42
CA ALA AA 211 85.58 -47.19 101.45
C ALA AA 211 84.45 -46.18 101.62
N PRO AA 212 84.13 -45.79 102.85
CA PRO AA 212 83.02 -44.84 103.04
C PRO AA 212 83.42 -43.44 102.60
N ASN AA 213 82.43 -42.69 102.13
CA ASN AA 213 82.55 -41.29 101.75
C ASN AA 213 83.45 -41.05 100.55
N THR AA 214 83.73 -42.08 99.75
CA THR AA 214 84.50 -41.87 98.52
C THR AA 214 83.57 -41.63 97.35
N THR AA 215 84.10 -40.98 96.32
CA THR AA 215 83.38 -40.74 95.08
C THR AA 215 84.07 -41.32 93.85
N ALA AA 216 85.25 -41.91 94.02
CA ALA AA 216 85.97 -42.49 92.90
C ALA AA 216 85.30 -43.77 92.42
N SER AA 217 85.17 -43.90 91.10
CA SER AA 217 84.54 -45.08 90.51
C SER AA 217 84.83 -45.09 89.02
N THR AA 218 84.89 -46.30 88.46
CA THR AA 218 85.02 -46.47 87.03
C THR AA 218 84.48 -47.83 86.62
N ALA AA 219 83.77 -47.85 85.50
CA ALA AA 219 83.14 -49.06 84.99
C ALA AA 219 83.39 -49.16 83.49
N TRP AA 220 83.48 -50.39 82.99
CA TRP AA 220 83.77 -50.59 81.57
C TRP AA 220 83.30 -51.98 81.16
N LEU AA 221 83.50 -52.28 79.88
CA LEU AA 221 83.19 -53.58 79.31
C LEU AA 221 84.46 -54.24 78.78
N SER AA 222 84.74 -55.45 79.27
CA SER AA 222 85.87 -56.19 78.76
C SER AA 222 85.62 -56.60 77.31
N SER AA 223 86.65 -57.18 76.69
CA SER AA 223 86.52 -57.58 75.29
C SER AA 223 85.56 -58.76 75.14
N ASP AA 224 85.32 -59.51 76.21
CA ASP AA 224 84.40 -60.64 76.20
C ASP AA 224 82.97 -60.25 76.58
N GLY AA 225 82.68 -58.96 76.69
CA GLY AA 225 81.34 -58.51 77.02
C GLY AA 225 81.03 -58.41 78.50
N GLU AA 226 81.97 -58.77 79.36
CA GLU AA 226 81.74 -58.74 80.80
C GLU AA 226 81.71 -57.30 81.31
N ALA AA 227 80.80 -57.02 82.23
CA ALA AA 227 80.68 -55.71 82.85
C ALA AA 227 81.45 -55.71 84.15
N LEU AA 228 82.39 -54.77 84.27
CA LEU AA 228 83.25 -54.68 85.44
C LEU AA 228 83.14 -53.30 86.06
N PHE AA 229 83.15 -53.25 87.40
CA PHE AA 229 83.03 -52.00 88.13
C PHE AA 229 84.19 -51.92 89.10
N ALA AA 230 84.89 -50.80 89.11
CA ALA AA 230 86.04 -50.59 89.99
C ALA AA 230 85.73 -49.47 90.97
N LEU AA 231 86.05 -49.70 92.24
CA LEU AA 231 85.71 -48.76 93.30
C LEU AA 231 86.70 -48.93 94.44
N PRO AA 232 87.01 -47.87 95.18
CA PRO AA 232 88.05 -47.96 96.20
C PRO AA 232 87.59 -48.84 97.35
N SER AA 233 88.52 -49.59 97.90
CA SER AA 233 88.23 -50.50 99.00
C SER AA 233 88.46 -49.81 100.33
N ILE AA 234 87.98 -50.44 101.41
CA ILE AA 234 88.23 -49.92 102.75
C ILE AA 234 89.70 -50.07 103.12
N SER AA 235 90.34 -51.14 102.67
CA SER AA 235 91.74 -51.39 102.97
C SER AA 235 92.70 -50.53 102.16
N GLY AA 236 92.19 -49.71 101.25
CA GLY AA 236 93.02 -48.85 100.43
C GLY AA 236 93.18 -49.28 98.99
N GLY AA 237 93.06 -50.56 98.68
CA GLY AA 237 93.25 -51.05 97.34
C GLY AA 237 92.13 -50.64 96.40
N ILE AA 238 91.96 -51.44 95.35
CA ILE AA 238 90.90 -51.23 94.36
C ILE AA 238 90.04 -52.49 94.31
N LEU AA 239 88.73 -52.31 94.50
CA LEU AA 239 87.80 -53.43 94.45
C LEU AA 239 87.17 -53.48 93.06
N VAL AA 240 87.20 -54.65 92.44
CA VAL AA 240 86.69 -54.83 91.08
C VAL AA 240 85.60 -55.90 91.13
N ILE AA 241 84.35 -55.47 90.90
CA ILE AA 241 83.22 -56.38 90.79
C ILE AA 241 83.05 -56.76 89.32
N LYS AA 242 83.01 -58.06 89.06
CA LYS AA 242 82.98 -58.59 87.70
C LYS AA 242 81.63 -59.25 87.45
N MET AA 243 80.87 -58.72 86.51
CA MET AA 243 79.61 -59.33 86.13
C MET AA 243 79.80 -60.24 84.92
N PRO AA 244 79.01 -61.30 84.79
CA PRO AA 244 79.11 -62.17 83.61
C PRO AA 244 78.49 -61.51 82.40
N PRO AA 245 78.78 -62.01 81.19
CA PRO AA 245 78.11 -61.49 80.01
C PRO AA 245 76.61 -61.66 80.10
N HIS AA 246 75.88 -60.79 79.39
CA HIS AA 246 74.43 -60.75 79.50
C HIS AA 246 73.76 -62.01 78.98
N ASP AA 247 74.27 -62.61 77.90
CA ASP AA 247 73.64 -63.77 77.28
C ASP AA 247 74.16 -65.09 77.79
N MET AA 248 75.02 -65.08 78.82
CA MET AA 248 75.57 -66.29 79.40
C MET AA 248 75.31 -66.31 80.91
N GLU AA 249 74.98 -67.49 81.41
CA GLU AA 249 74.73 -67.65 82.83
C GLU AA 249 76.06 -67.75 83.58
N GLY AA 250 76.20 -66.98 84.66
CA GLY AA 250 77.43 -67.00 85.43
C GLY AA 250 77.27 -66.34 86.77
N LEU AA 251 78.28 -66.53 87.62
CA LEU AA 251 78.30 -65.95 88.96
C LEU AA 251 79.15 -64.68 88.97
N VAL AA 252 78.76 -63.73 89.81
CA VAL AA 252 79.47 -62.46 89.90
C VAL AA 252 80.73 -62.65 90.75
N THR AA 253 81.88 -62.39 90.15
CA THR AA 253 83.17 -62.60 90.80
C THR AA 253 83.75 -61.25 91.23
N ILE AA 254 84.36 -61.23 92.42
CA ILE AA 254 84.90 -60.02 93.01
C ILE AA 254 86.40 -60.20 93.18
N ALA AA 255 87.18 -59.17 92.84
CA ALA AA 255 88.62 -59.19 92.98
C ALA AA 255 89.08 -57.87 93.60
N GLU AA 256 90.04 -57.95 94.51
CA GLU AA 256 90.59 -56.77 95.19
C GLU AA 256 92.05 -56.62 94.80
N LEU AA 257 92.37 -55.52 94.11
CA LEU AA 257 93.73 -55.22 93.69
C LEU AA 257 94.46 -54.51 94.82
N LYS AA 258 95.54 -55.13 95.31
CA LYS AA 258 96.31 -54.60 96.43
C LYS AA 258 97.79 -54.55 96.07
N GLN AA 259 98.42 -53.42 96.40
CA GLN AA 259 99.85 -53.23 96.17
C GLN AA 259 100.65 -54.00 97.22
N ARG AA 276 103.16 -55.31 109.19
CA ARG AA 276 103.08 -55.33 107.74
C ARG AA 276 102.87 -53.95 107.12
N GLY AA 277 102.48 -52.96 107.92
CA GLY AA 277 102.23 -51.64 107.36
C GLY AA 277 100.99 -51.64 106.51
N ASP AA 278 99.84 -51.83 107.13
CA ASP AA 278 98.57 -51.85 106.41
C ASP AA 278 98.40 -50.56 105.62
N GLN AA 279 97.81 -50.68 104.43
CA GLN AA 279 97.64 -49.53 103.54
C GLN AA 279 96.70 -48.50 104.17
N GLY AA 280 97.25 -47.40 104.65
CA GLY AA 280 96.48 -46.39 105.34
C GLY AA 280 95.44 -45.74 104.47
N PRO AA 281 94.70 -44.79 105.03
CA PRO AA 281 93.68 -44.09 104.24
C PRO AA 281 94.30 -43.15 103.20
N ALA AA 282 95.62 -43.02 103.23
CA ALA AA 282 96.32 -42.17 102.26
C ALA AA 282 96.38 -42.82 100.89
N HIS AA 283 96.40 -44.15 100.80
CA HIS AA 283 96.46 -44.85 99.53
C HIS AA 283 95.11 -44.92 98.83
N LEU AA 284 94.13 -44.11 99.23
CA LEU AA 284 92.79 -44.21 98.69
C LEU AA 284 92.69 -43.49 97.36
N PRO AA 285 92.14 -44.12 96.32
CA PRO AA 285 92.02 -43.43 95.03
C PRO AA 285 91.01 -42.29 95.09
N VAL AA 286 91.41 -41.15 94.54
CA VAL AA 286 90.54 -39.98 94.48
C VAL AA 286 89.82 -39.96 93.14
N SER AA 287 90.50 -40.41 92.09
CA SER AA 287 89.90 -40.54 90.78
C SER AA 287 90.49 -41.76 90.08
N LEU AA 288 89.61 -42.57 89.51
CA LEU AA 288 89.99 -43.79 88.81
C LEU AA 288 89.59 -43.68 87.35
N ALA AA 289 90.44 -44.20 86.47
CA ALA AA 289 90.14 -44.25 85.05
C ALA AA 289 90.71 -45.54 84.48
N VAL AA 290 90.14 -45.99 83.37
CA VAL AA 290 90.46 -47.29 82.80
C VAL AA 290 90.77 -47.15 81.31
N HIS AA 291 91.57 -48.08 80.80
CA HIS AA 291 91.91 -48.18 79.39
C HIS AA 291 92.12 -49.65 79.05
N THR AA 292 91.44 -50.13 78.01
CA THR AA 292 91.45 -51.54 77.66
C THR AA 292 92.35 -51.77 76.46
N LEU AA 293 93.29 -52.72 76.59
CA LEU AA 293 94.27 -52.97 75.55
C LEU AA 293 94.28 -54.44 75.16
N ASP AA 294 93.32 -54.82 74.31
CA ASP AA 294 93.27 -56.03 73.49
C ASP AA 294 92.99 -57.33 74.24
N HIS AA 295 93.23 -57.39 75.54
CA HIS AA 295 92.65 -58.44 76.38
C HIS AA 295 92.51 -57.99 77.83
N ASP AA 296 92.95 -56.77 78.13
CA ASP AA 296 93.24 -56.35 79.49
C ASP AA 296 92.61 -55.00 79.76
N SER AA 297 92.50 -54.67 81.04
CA SER AA 297 91.97 -53.39 81.47
C SER AA 297 92.97 -52.74 82.40
N TYR AA 298 93.50 -51.58 81.99
CA TYR AA 298 94.51 -50.87 82.76
C TYR AA 298 93.82 -49.83 83.63
N LEU AA 299 93.91 -50.00 84.95
CA LEU AA 299 93.28 -49.10 85.89
C LEU AA 299 94.29 -48.06 86.36
N PHE AA 300 93.95 -46.79 86.19
CA PHE AA 300 94.77 -45.69 86.67
C PHE AA 300 94.14 -45.13 87.94
N ALA AA 301 94.89 -45.13 89.03
CA ALA AA 301 94.38 -44.71 90.33
C ALA AA 301 95.16 -43.50 90.81
N LEU AA 302 94.51 -42.33 90.79
CA LEU AA 302 95.09 -41.10 91.32
C LEU AA 302 94.72 -41.00 92.79
N CYS AA 303 95.66 -41.28 93.68
CA CYS AA 303 95.37 -41.51 95.08
C CYS AA 303 95.48 -40.23 95.91
N GLN AA 304 95.25 -40.38 97.21
CA GLN AA 304 95.27 -39.26 98.13
C GLN AA 304 96.67 -38.82 98.51
N ASP AA 305 97.66 -39.69 98.32
CA ASP AA 305 99.06 -39.33 98.56
C ASP AA 305 99.73 -38.70 97.34
N HIS AA 306 98.93 -38.14 96.42
CA HIS AA 306 99.39 -37.39 95.26
C HIS AA 306 100.13 -38.25 94.25
N LYS AA 307 99.98 -39.57 94.30
CA LYS AA 307 100.67 -40.46 93.39
C LYS AA 307 99.69 -41.06 92.39
N LEU AA 308 100.17 -41.32 91.18
CA LEU AA 308 99.38 -41.95 90.14
C LEU AA 308 99.85 -43.40 89.98
N ARG AA 309 98.91 -44.34 90.05
CA ARG AA 309 99.23 -45.76 89.95
C ARG AA 309 98.47 -46.38 88.79
N MET AA 310 99.17 -47.19 88.01
CA MET AA 310 98.56 -47.94 86.92
C MET AA 310 98.51 -49.41 87.28
N TRP AA 311 97.34 -50.02 87.12
CA TRP AA 311 97.08 -51.38 87.54
C TRP AA 311 96.79 -52.28 86.33
N SER AA 312 97.29 -53.51 86.39
CA SER AA 312 96.95 -54.52 85.40
C SER AA 312 95.88 -55.44 85.95
N TYR AA 313 94.67 -55.34 85.40
CA TYR AA 313 93.55 -56.13 85.94
C TYR AA 313 93.78 -57.62 85.75
N LYS AA 314 94.38 -58.01 84.62
CA LYS AA 314 94.52 -59.43 84.30
C LYS AA 314 95.60 -60.09 85.15
N ASP AA 315 96.69 -59.37 85.42
CA ASP AA 315 97.80 -59.89 86.22
C ASP AA 315 97.69 -59.54 87.70
N GLN AA 316 96.84 -58.58 88.05
CA GLN AA 316 96.58 -58.20 89.45
C GLN AA 316 97.83 -57.68 90.14
N MET AA 317 98.62 -56.88 89.43
CA MET AA 317 99.81 -56.27 90.00
C MET AA 317 99.95 -54.84 89.51
N CYS AA 318 100.67 -54.04 90.29
CA CYS AA 318 100.88 -52.63 89.96
C CYS AA 318 102.07 -52.50 89.02
N LEU AA 319 101.87 -51.83 87.88
CA LEU AA 319 102.90 -51.74 86.86
C LEU AA 319 103.67 -50.42 86.88
N MET AA 320 103.04 -49.33 87.31
CA MET AA 320 103.72 -48.03 87.32
C MET AA 320 103.25 -47.20 88.50
N VAL AA 321 104.21 -46.71 89.27
CA VAL AA 321 103.96 -45.78 90.37
C VAL AA 321 104.72 -44.51 90.08
N ALA AA 322 104.00 -43.40 89.95
CA ALA AA 322 104.60 -42.11 89.61
C ALA AA 322 104.11 -41.05 90.58
N ASP AA 323 105.04 -40.28 91.15
CA ASP AA 323 104.73 -39.22 92.08
C ASP AA 323 104.37 -37.96 91.29
N MET AA 324 103.16 -37.45 91.50
CA MET AA 324 102.74 -36.25 90.78
C MET AA 324 103.30 -34.97 91.37
N LEU AA 325 103.93 -35.05 92.55
CA LEU AA 325 104.54 -33.86 93.14
C LEU AA 325 105.90 -33.55 92.53
N GLU AA 326 106.44 -34.42 91.67
CA GLU AA 326 107.69 -34.10 90.98
C GLU AA 326 107.50 -33.08 89.86
N TYR AA 327 106.26 -32.81 89.47
CA TYR AA 327 105.95 -31.86 88.41
C TYR AA 327 105.31 -30.58 88.93
N VAL AA 328 105.26 -30.38 90.24
CA VAL AA 328 104.63 -29.22 90.85
C VAL AA 328 105.72 -28.36 91.50
N PRO AA 329 105.57 -27.04 91.54
CA PRO AA 329 106.48 -26.23 92.36
C PRO AA 329 106.23 -26.46 93.85
N VAL AA 330 106.82 -27.54 94.38
CA VAL AA 330 106.44 -28.06 95.68
C VAL AA 330 106.70 -27.02 96.77
N SER AA 331 105.65 -26.74 97.55
CA SER AA 331 105.81 -26.18 98.88
C SER AA 331 105.79 -27.33 99.88
N LYS AA 332 106.56 -27.19 100.96
CA LYS AA 332 106.73 -28.31 101.87
C LYS AA 332 105.45 -28.67 102.62
N ASP AA 333 104.37 -27.91 102.43
CA ASP AA 333 103.13 -28.17 103.16
C ASP AA 333 102.17 -29.05 102.37
N ILE AA 334 102.38 -29.22 101.06
CA ILE AA 334 101.46 -30.02 100.25
C ILE AA 334 101.71 -31.51 100.49
N ARG AA 335 102.94 -31.89 100.83
CA ARG AA 335 103.26 -33.29 101.03
C ARG AA 335 102.57 -33.88 102.26
N GLN AA 336 102.00 -33.05 103.13
CA GLN AA 336 101.35 -33.52 104.34
C GLN AA 336 99.84 -33.42 104.30
N THR AA 337 99.28 -32.78 103.27
CA THR AA 337 97.84 -32.60 103.13
C THR AA 337 97.29 -33.67 102.21
N ALA AA 338 96.17 -34.28 102.61
CA ALA AA 338 95.53 -35.27 101.78
C ALA AA 338 94.92 -34.61 100.55
N GLY AA 339 95.25 -35.12 99.37
CA GLY AA 339 94.78 -34.55 98.13
C GLY AA 339 93.39 -35.03 97.73
N THR AA 340 92.35 -34.48 98.35
CA THR AA 340 91.00 -34.96 98.09
C THR AA 340 90.38 -34.38 96.82
N GLY AA 341 91.03 -33.42 96.17
CA GLY AA 341 90.44 -32.71 95.05
C GLY AA 341 90.97 -33.03 93.66
N HIS AA 342 91.90 -33.97 93.53
CA HIS AA 342 92.48 -34.28 92.23
C HIS AA 342 91.43 -34.90 91.31
N LYS AA 343 91.74 -34.90 90.01
CA LYS AA 343 90.89 -35.52 88.99
C LYS AA 343 91.76 -36.03 87.86
N LEU AA 344 91.33 -37.11 87.22
CA LEU AA 344 92.10 -37.78 86.19
C LEU AA 344 91.19 -38.10 85.00
N ARG AA 345 91.72 -37.91 83.79
CA ARG AA 345 91.01 -38.23 82.56
C ARG AA 345 91.97 -38.89 81.60
N LEU AA 346 91.44 -39.77 80.75
CA LEU AA 346 92.22 -40.48 79.76
C LEU AA 346 91.69 -40.18 78.36
N ALA AA 347 92.58 -40.23 77.38
CA ALA AA 347 92.22 -40.10 75.98
C ALA AA 347 93.20 -40.91 75.16
N PHE AA 348 92.68 -41.69 74.22
CA PHE AA 348 93.47 -42.62 73.42
C PHE AA 348 93.27 -42.32 71.95
N SER AA 349 94.38 -42.12 71.23
CA SER AA 349 94.36 -41.81 69.80
C SER AA 349 94.67 -43.08 69.03
N GLU AA 350 93.63 -43.68 68.43
CA GLU AA 350 93.81 -44.94 67.72
C GLU AA 350 94.69 -44.76 66.48
N THR AA 351 94.64 -43.59 65.86
CA THR AA 351 95.43 -43.35 64.65
C THR AA 351 96.93 -43.37 64.94
N LEU AA 352 97.34 -42.79 66.07
CA LEU AA 352 98.75 -42.79 66.47
C LEU AA 352 99.09 -43.83 67.52
N GLY AA 353 98.09 -44.43 68.17
CA GLY AA 353 98.35 -45.40 69.21
C GLY AA 353 98.94 -44.82 70.48
N ILE AA 354 98.56 -43.60 70.84
CA ILE AA 354 99.13 -42.89 71.98
C ILE AA 354 98.03 -42.68 73.02
N LEU AA 355 98.35 -42.95 74.28
CA LEU AA 355 97.45 -42.74 75.39
C LEU AA 355 97.88 -41.51 76.16
N TYR AA 356 97.00 -40.52 76.25
CA TYR AA 356 97.28 -39.28 76.96
C TYR AA 356 96.56 -39.26 78.29
N LEU AA 357 97.26 -38.83 79.34
CA LEU AA 357 96.74 -38.77 80.69
C LEU AA 357 96.65 -37.32 81.12
N GLY AA 358 95.44 -36.86 81.44
CA GLY AA 358 95.23 -35.52 81.94
C GLY AA 358 95.03 -35.56 83.45
N VAL AA 359 95.90 -34.86 84.17
CA VAL AA 359 95.90 -34.87 85.63
C VAL AA 359 95.72 -33.45 86.12
N TYR AA 360 94.76 -33.23 87.00
CA TYR AA 360 94.56 -31.93 87.66
C TYR AA 360 94.92 -32.07 89.12
N LEU AA 361 95.88 -31.27 89.58
CA LEU AA 361 96.40 -31.37 90.95
C LEU AA 361 95.91 -30.17 91.74
N HIS AA 362 94.82 -30.35 92.47
CA HIS AA 362 94.23 -29.27 93.26
C HIS AA 362 95.08 -28.98 94.48
N THR AA 363 95.59 -27.76 94.56
CA THR AA 363 96.36 -27.28 95.70
C THR AA 363 95.63 -26.12 96.36
N PRO AA 364 95.85 -25.89 97.66
CA PRO AA 364 95.12 -24.80 98.33
C PRO AA 364 95.44 -23.42 97.79
N LYS AA 365 96.51 -23.27 97.01
CA LYS AA 365 96.94 -21.97 96.50
C LYS AA 365 96.75 -21.81 95.00
N GLN AA 366 96.98 -22.85 94.22
CA GLN AA 366 96.97 -22.75 92.77
C GLN AA 366 96.78 -24.13 92.16
N GLY AA 367 95.71 -24.31 91.40
CA GLY AA 367 95.53 -25.55 90.68
C GLY AA 367 96.46 -25.64 89.48
N GLN AA 368 96.69 -26.86 89.02
CA GLN AA 368 97.67 -27.09 87.95
C GLN AA 368 97.23 -28.26 87.09
N PHE AA 369 97.27 -28.07 85.78
CA PHE AA 369 96.99 -29.14 84.84
C PHE AA 369 98.30 -29.79 84.40
N CYS AA 370 98.25 -31.08 84.12
CA CYS AA 370 99.41 -31.82 83.65
C CYS AA 370 98.95 -32.85 82.63
N VAL AA 371 99.53 -32.80 81.43
CA VAL AA 371 99.21 -33.77 80.38
C VAL AA 371 100.41 -34.67 80.18
N PHE AA 372 100.21 -35.97 80.34
CA PHE AA 372 101.27 -36.96 80.23
C PHE AA 372 100.97 -37.91 79.08
N GLN AA 373 102.03 -38.45 78.49
CA GLN AA 373 101.93 -39.46 77.47
C GLN AA 373 102.50 -40.77 78.02
N LEU AA 374 101.70 -41.83 77.96
CA LEU AA 374 102.14 -43.12 78.48
C LEU AA 374 103.09 -43.78 77.50
N MET AA 375 104.31 -44.06 77.96
CA MET AA 375 105.33 -44.70 77.16
C MET AA 375 105.61 -46.09 77.71
N CYS AA 376 105.65 -47.08 76.82
CA CYS AA 376 105.83 -48.48 77.19
C CYS AA 376 107.15 -48.98 76.59
N ALA AA 377 108.14 -49.20 77.44
CA ALA AA 377 109.43 -49.69 76.99
C ALA AA 377 109.34 -51.14 76.56
N GLU AA 378 110.45 -51.67 76.07
CA GLU AA 378 110.49 -53.05 75.60
C GLU AA 378 110.25 -54.05 76.71
N SER AA 379 110.66 -53.73 77.94
CA SER AA 379 110.61 -54.66 79.06
C SER AA 379 109.34 -54.53 79.89
N ASN AA 380 108.22 -54.14 79.26
CA ASN AA 380 106.93 -54.01 79.95
C ASN AA 380 107.00 -52.97 81.07
N ARG AA 381 107.96 -52.06 80.99
CA ARG AA 381 108.13 -51.03 82.02
C ARG AA 381 107.47 -49.74 81.54
N TYR AA 382 106.51 -49.25 82.32
CA TYR AA 382 105.72 -48.09 81.94
C TYR AA 382 106.22 -46.84 82.65
N SER AA 383 106.32 -45.75 81.90
CA SER AA 383 106.77 -44.48 82.44
C SER AA 383 105.97 -43.36 81.79
N LEU AA 384 105.87 -42.24 82.50
CA LEU AA 384 105.10 -41.09 82.07
C LEU AA 384 106.04 -40.07 81.43
N ASP AA 385 105.68 -39.61 80.23
CA ASP AA 385 106.39 -38.53 79.56
C ASP AA 385 105.62 -37.24 79.74
N HIS AA 386 106.33 -36.19 80.18
CA HIS AA 386 105.70 -34.92 80.51
C HIS AA 386 105.57 -34.07 79.25
N ILE AA 387 104.34 -33.75 78.88
CA ILE AA 387 104.09 -32.93 77.70
C ILE AA 387 103.99 -31.45 78.05
N SER AA 388 103.14 -31.09 79.02
CA SER AA 388 102.93 -29.70 79.35
C SER AA 388 102.48 -29.58 80.80
N SER AA 389 102.63 -28.38 81.35
CA SER AA 389 102.15 -28.03 82.68
C SER AA 389 101.53 -26.64 82.63
N ILE AA 390 100.23 -26.56 82.89
CA ILE AA 390 99.47 -25.32 82.78
C ILE AA 390 98.89 -24.99 84.14
N PHE AA 391 99.17 -23.80 84.64
CA PHE AA 391 98.65 -23.38 85.93
C PHE AA 391 97.25 -22.80 85.79
N THR AA 392 96.54 -22.70 86.91
CA THR AA 392 95.17 -22.24 86.95
C THR AA 392 95.01 -21.22 88.07
N ASN AA 393 94.05 -20.32 87.92
CA ASN AA 393 93.79 -19.30 88.93
C ASN AA 393 93.13 -19.95 90.14
N GLN AA 394 92.66 -19.13 91.09
CA GLN AA 394 92.11 -19.62 92.35
C GLN AA 394 90.68 -20.13 92.21
N GLU AA 395 90.23 -20.44 90.99
CA GLU AA 395 88.86 -20.90 90.81
C GLU AA 395 88.75 -22.38 91.13
N THR AA 396 87.59 -22.77 91.65
CA THR AA 396 87.31 -24.15 92.05
C THR AA 396 86.84 -24.93 90.83
N LEU AA 397 87.50 -26.04 90.53
CA LEU AA 397 87.25 -26.79 89.31
C LEU AA 397 86.04 -27.71 89.47
N ILE AA 398 85.15 -27.71 88.48
CA ILE AA 398 83.99 -28.59 88.49
C ILE AA 398 84.25 -29.85 87.67
N ASP AA 399 84.51 -29.69 86.37
CA ASP AA 399 84.83 -30.82 85.49
C ASP AA 399 85.72 -30.33 84.36
N PHE AA 400 86.43 -31.26 83.75
CA PHE AA 400 87.32 -30.93 82.64
C PHE AA 400 87.55 -32.17 81.80
N THR AA 401 87.65 -31.96 80.49
CA THR AA 401 87.98 -33.02 79.57
C THR AA 401 88.80 -32.44 78.42
N PHE AA 402 89.68 -33.26 77.86
CA PHE AA 402 90.58 -32.80 76.82
C PHE AA 402 90.49 -33.72 75.62
N THR AA 403 90.52 -33.12 74.43
CA THR AA 403 90.44 -33.85 73.17
C THR AA 403 91.82 -34.03 72.59
N LEU AA 404 91.95 -34.99 71.67
CA LEU AA 404 93.19 -35.21 70.95
C LEU AA 404 93.14 -34.73 69.51
N THR AA 405 91.95 -34.41 69.00
CA THR AA 405 91.86 -33.87 67.64
C THR AA 405 92.35 -32.43 67.60
N SER AA 406 91.81 -31.57 68.46
CA SER AA 406 92.22 -30.18 68.54
C SER AA 406 93.35 -29.94 69.54
N MET AA 407 93.65 -30.94 70.38
CA MET AA 407 94.66 -30.80 71.43
C MET AA 407 94.33 -29.62 72.35
N ASP AA 408 93.07 -29.56 72.79
CA ASP AA 408 92.61 -28.53 73.70
C ASP AA 408 92.28 -29.13 75.05
N ILE AA 409 92.54 -28.38 76.12
CA ILE AA 409 92.12 -28.76 77.46
C ILE AA 409 90.90 -27.91 77.83
N TRP AA 410 89.73 -28.52 77.80
CA TRP AA 410 88.50 -27.84 78.16
C TRP AA 410 88.24 -28.04 79.64
N ALA AA 411 88.05 -26.95 80.37
CA ALA AA 411 87.86 -27.02 81.81
C ALA AA 411 86.77 -26.04 82.23
N LEU AA 412 86.06 -26.38 83.29
CA LEU AA 412 84.92 -25.62 83.77
C LEU AA 412 85.11 -25.34 85.25
N TRP AA 413 85.10 -24.06 85.63
CA TRP AA 413 85.34 -23.63 87.00
C TRP AA 413 84.15 -22.84 87.52
N LEU AA 414 84.23 -22.50 88.81
CA LEU AA 414 83.39 -21.49 89.43
C LEU AA 414 84.31 -20.47 90.10
N ASP AA 415 84.07 -19.20 89.83
CA ASP AA 415 84.92 -18.18 90.45
C ASP AA 415 84.52 -18.01 91.92
N ASP AA 416 85.06 -16.98 92.56
CA ASP AA 416 84.78 -16.75 93.97
C ASP AA 416 83.36 -16.26 94.20
N ASP AA 417 82.70 -15.69 93.20
CA ASP AA 417 81.33 -15.26 93.30
C ASP AA 417 80.33 -16.32 92.85
N ASN AA 418 80.79 -17.56 92.68
CA ASN AA 418 79.99 -18.71 92.25
C ASN AA 418 79.36 -18.49 90.87
N GLN AA 419 80.02 -17.72 90.01
CA GLN AA 419 79.61 -17.63 88.61
C GLN AA 419 80.28 -18.74 87.81
N THR AA 420 79.74 -19.00 86.63
CA THR AA 420 80.27 -20.06 85.78
C THR AA 420 81.37 -19.50 84.88
N VAL AA 421 82.53 -20.15 84.90
CA VAL AA 421 83.69 -19.73 84.11
C VAL AA 421 84.22 -20.94 83.34
N VAL AA 422 84.18 -20.87 82.02
CA VAL AA 422 84.66 -21.93 81.14
C VAL AA 422 85.79 -21.35 80.30
N LYS AA 423 86.86 -22.13 80.14
CA LYS AA 423 88.00 -21.73 79.34
C LYS AA 423 88.55 -22.95 78.62
N HIS AA 424 89.41 -22.71 77.63
CA HIS AA 424 90.06 -23.79 76.90
C HIS AA 424 91.42 -23.34 76.40
N ILE AA 425 92.37 -24.27 76.38
CA ILE AA 425 93.75 -23.96 76.05
C ILE AA 425 94.36 -25.12 75.27
N ASN AA 426 95.15 -24.80 74.25
CA ASN AA 426 95.88 -25.83 73.53
C ASN AA 426 97.14 -26.17 74.30
N PHE AA 427 97.30 -27.45 74.64
CA PHE AA 427 98.40 -27.85 75.50
C PHE AA 427 99.68 -28.14 74.74
N GLU AA 428 99.70 -28.00 73.42
CA GLU AA 428 100.89 -28.22 72.63
C GLU AA 428 101.46 -26.93 72.05
N GLU AA 429 100.60 -25.99 71.68
CA GLU AA 429 101.00 -24.67 71.19
C GLU AA 429 100.80 -23.59 72.25
N ASN AA 430 101.13 -23.89 73.49
CA ASN AA 430 100.94 -22.97 74.61
C ASN AA 430 102.24 -22.24 74.96
N GLN AA 431 102.57 -21.24 74.14
CA GLN AA 431 103.80 -20.50 74.38
C GLN AA 431 103.66 -19.52 75.54
N ALA AA 432 102.46 -19.03 75.79
CA ALA AA 432 102.23 -17.99 76.79
C ALA AA 432 101.52 -18.48 78.04
N GLY AA 433 100.89 -19.65 78.01
CA GLY AA 433 100.13 -20.12 79.15
C GLY AA 433 98.79 -19.45 79.33
N GLN AA 434 98.16 -19.02 78.24
CA GLN AA 434 96.95 -18.21 78.31
C GLN AA 434 95.73 -19.08 78.05
N TRP AA 435 94.69 -18.91 78.87
CA TRP AA 435 93.43 -19.61 78.69
C TRP AA 435 92.49 -18.76 77.82
N ASN AA 436 92.05 -19.34 76.72
CA ASN AA 436 91.14 -18.63 75.83
C ASN AA 436 89.73 -18.60 76.44
N PRO AA 437 89.14 -17.43 76.61
CA PRO AA 437 87.87 -17.35 77.33
C PRO AA 437 86.70 -17.91 76.53
N VAL AA 438 85.65 -18.27 77.26
CA VAL AA 438 84.36 -18.65 76.70
C VAL AA 438 83.31 -17.73 77.30
N PHE AA 439 82.54 -17.06 76.45
CA PHE AA 439 81.65 -15.99 76.89
C PHE AA 439 80.36 -16.61 77.41
N VAL AA 440 80.38 -16.98 78.69
CA VAL AA 440 79.23 -17.63 79.32
C VAL AA 440 78.09 -16.62 79.47
N ASN AA 441 76.86 -17.10 79.29
CA ASN AA 441 75.70 -16.22 79.41
C ASN AA 441 75.47 -15.85 80.87
N PRO AA 442 75.32 -14.57 81.19
CA PRO AA 442 75.12 -14.17 82.58
C PRO AA 442 73.66 -14.33 83.00
N LEU AA 443 73.45 -14.44 84.31
CA LEU AA 443 72.12 -14.61 84.85
C LEU AA 443 71.31 -13.32 84.67
N PRO AA 444 69.99 -13.43 84.62
CA PRO AA 444 69.15 -12.23 84.47
C PRO AA 444 69.45 -11.21 85.56
N GLU AA 445 69.18 -9.94 85.26
CA GLU AA 445 69.53 -8.87 86.17
C GLU AA 445 68.64 -8.89 87.40
N ASP AA 446 69.19 -8.41 88.52
CA ASP AA 446 68.45 -8.44 89.79
C ASP AA 446 67.28 -7.48 89.77
N ASP AA 447 67.48 -6.30 89.21
CA ASP AA 447 66.44 -5.28 89.09
C ASP AA 447 66.11 -5.04 87.62
N LEU AA 448 64.83 -4.87 87.33
CA LEU AA 448 64.36 -4.52 85.99
C LEU AA 448 64.02 -3.04 85.99
N ALA AA 449 64.65 -2.28 85.09
CA ALA AA 449 64.45 -0.84 85.03
C ALA AA 449 63.22 -0.52 84.18
N ILE AA 450 62.23 0.12 84.78
CA ILE AA 450 60.96 0.42 84.14
C ILE AA 450 60.82 1.93 83.99
N SER AA 451 60.54 2.38 82.77
CA SER AA 451 60.25 3.78 82.53
C SER AA 451 58.85 4.12 83.03
N ASP AA 452 58.59 5.41 83.18
CA ASP AA 452 57.30 5.85 83.70
C ASP AA 452 56.19 5.77 82.66
N GLU AA 453 56.49 5.28 81.45
CA GLU AA 453 55.49 5.14 80.41
C GLU AA 453 55.06 3.69 80.19
N GLN AA 454 55.91 2.73 80.53
CA GLN AA 454 55.57 1.32 80.38
C GLN AA 454 54.83 0.84 81.62
N GLU AA 455 54.05 -0.21 81.47
CA GLU AA 455 53.37 -0.77 82.61
C GLU AA 455 54.22 -1.86 83.24
N PRO AA 456 54.33 -1.91 84.57
CA PRO AA 456 55.19 -2.94 85.18
C PRO AA 456 54.73 -4.33 84.83
N GLN AA 457 53.43 -4.50 84.64
CA GLN AA 457 52.88 -5.78 84.23
C GLN AA 457 53.51 -6.27 82.93
N GLU AA 458 53.43 -5.47 81.88
CA GLU AA 458 53.90 -5.92 80.58
C GLU AA 458 55.42 -6.00 80.52
N ALA AA 459 56.11 -5.08 81.18
CA ALA AA 459 57.56 -5.12 81.20
C ALA AA 459 58.06 -6.38 81.89
N TYR AA 460 57.46 -6.71 83.05
CA TYR AA 460 57.88 -7.92 83.74
C TYR AA 460 57.50 -9.16 82.97
N LEU AA 461 56.33 -9.18 82.33
CA LEU AA 461 55.96 -10.34 81.54
C LEU AA 461 56.89 -10.53 80.35
N GLU AA 462 57.27 -9.45 79.69
CA GLU AA 462 58.20 -9.54 78.58
C GLU AA 462 59.56 -10.02 79.04
N CYS AA 463 60.02 -9.55 80.20
CA CYS AA 463 61.33 -9.95 80.68
C CYS AA 463 61.33 -11.40 81.12
N LEU AA 464 60.20 -11.89 81.65
CA LEU AA 464 60.15 -13.26 82.14
C LEU AA 464 59.95 -14.26 81.01
N PHE AA 465 59.13 -13.89 80.02
CA PHE AA 465 58.76 -14.79 78.93
C PHE AA 465 59.57 -14.55 77.66
N ALA AA 466 60.71 -13.86 77.77
CA ALA AA 466 61.57 -13.66 76.62
C ALA AA 466 62.38 -14.92 76.35
N PRO AA 467 62.68 -15.26 75.10
CA PRO AA 467 63.44 -16.48 74.81
C PRO AA 467 64.82 -16.49 75.44
N GLY AA 468 65.11 -17.53 76.22
CA GLY AA 468 66.44 -17.75 76.77
C GLY AA 468 66.66 -17.22 78.16
N ARG AA 469 65.75 -16.41 78.71
CA ARG AA 469 65.98 -15.84 80.03
C ARG AA 469 65.65 -16.84 81.13
N PHE AA 470 64.39 -17.25 81.21
CA PHE AA 470 63.92 -18.09 82.30
C PHE AA 470 63.44 -19.44 81.78
N THR AA 471 63.77 -20.49 82.52
CA THR AA 471 63.33 -21.83 82.19
C THR AA 471 61.89 -22.03 82.67
N ILE AA 472 61.17 -22.93 82.01
CA ILE AA 472 59.79 -23.21 82.40
C ILE AA 472 59.73 -23.73 83.83
N ALA AA 473 60.74 -24.52 84.22
CA ALA AA 473 60.73 -25.11 85.56
C ALA AA 473 60.84 -24.05 86.65
N ALA AA 474 61.62 -22.99 86.41
CA ALA AA 474 61.77 -21.94 87.41
C ALA AA 474 60.46 -21.20 87.63
N VAL AA 475 59.79 -20.80 86.54
CA VAL AA 475 58.53 -20.09 86.65
C VAL AA 475 57.46 -20.99 87.27
N GLN AA 476 57.49 -22.28 86.93
CA GLN AA 476 56.53 -23.22 87.52
C GLN AA 476 56.76 -23.37 89.03
N LYS AA 477 58.03 -23.45 89.45
CA LYS AA 477 58.31 -23.54 90.89
C LYS AA 477 57.89 -22.27 91.61
N ALA AA 478 58.13 -21.11 91.00
CA ALA AA 478 57.73 -19.85 91.61
C ALA AA 478 56.23 -19.76 91.77
N ILE AA 479 55.48 -20.21 90.76
CA ILE AA 479 54.02 -20.25 90.89
C ILE AA 479 53.61 -21.19 92.00
N GLN AA 480 54.15 -22.41 92.00
CA GLN AA 480 53.77 -23.41 93.00
C GLN AA 480 54.02 -22.90 94.42
N ILE AA 481 55.08 -22.12 94.61
CA ILE AA 481 55.36 -21.60 95.95
C ILE AA 481 54.47 -20.41 96.27
N LEU AA 482 54.21 -19.53 95.29
CA LEU AA 482 53.42 -18.33 95.57
C LEU AA 482 51.99 -18.69 95.94
N ARG AA 483 51.51 -19.85 95.51
CA ARG AA 483 50.13 -20.26 95.79
C ARG AA 483 50.02 -21.08 97.07
N LYS AA 484 51.13 -21.55 97.64
CA LYS AA 484 51.14 -22.27 98.92
C LYS AA 484 50.29 -23.53 98.88
N LEU AA 490 49.89 -29.51 86.47
CA LEU AA 490 49.70 -30.02 85.14
C LEU AA 490 50.75 -29.41 84.20
N ASP AA 491 50.96 -30.05 83.06
CA ASP AA 491 51.90 -29.54 82.09
C ASP AA 491 51.27 -28.38 81.33
N LEU AA 492 51.33 -27.18 81.90
CA LEU AA 492 50.64 -26.03 81.34
C LEU AA 492 51.38 -25.46 80.14
N SER AA 493 50.62 -25.05 79.14
CA SER AA 493 51.20 -24.40 77.97
C SER AA 493 51.78 -23.05 78.34
N TRP AA 494 52.61 -22.51 77.45
CA TRP AA 494 53.29 -21.26 77.73
C TRP AA 494 52.30 -20.10 77.80
N GLU AA 495 51.28 -20.09 76.93
CA GLU AA 495 50.26 -19.06 77.01
C GLU AA 495 49.44 -19.22 78.28
N GLU AA 496 49.07 -20.47 78.61
CA GLU AA 496 48.35 -20.70 79.85
C GLU AA 496 49.24 -20.44 81.05
N LEU AA 497 50.54 -20.66 80.92
CA LEU AA 497 51.45 -20.27 82.00
C LEU AA 497 51.51 -18.76 82.16
N ARG AA 498 51.46 -18.03 81.05
CA ARG AA 498 51.42 -16.58 81.12
C ARG AA 498 50.16 -16.10 81.82
N LYS AA 499 49.01 -16.63 81.42
CA LYS AA 499 47.76 -16.24 82.06
C LYS AA 499 47.75 -16.64 83.53
N ASP AA 500 48.39 -17.77 83.87
CA ASP AA 500 48.41 -18.21 85.25
C ASP AA 500 49.31 -17.35 86.11
N VAL AA 501 50.48 -16.96 85.61
CA VAL AA 501 51.34 -16.03 86.34
C VAL AA 501 50.61 -14.72 86.56
N THR AA 502 49.99 -14.20 85.50
CA THR AA 502 49.27 -12.94 85.62
C THR AA 502 48.16 -13.06 86.64
N LEU AA 503 47.49 -14.21 86.69
CA LEU AA 503 46.39 -14.40 87.64
C LEU AA 503 46.90 -14.47 89.07
N THR AA 504 47.96 -15.23 89.31
CA THR AA 504 48.49 -15.34 90.67
C THR AA 504 48.97 -14.00 91.19
N VAL AA 505 49.70 -13.25 90.36
CA VAL AA 505 50.23 -11.98 90.84
C VAL AA 505 49.12 -10.93 90.93
N GLU AA 506 48.12 -10.97 90.04
CA GLU AA 506 46.97 -10.09 90.19
C GLU AA 506 46.24 -10.36 91.49
N ASN AA 507 46.13 -11.64 91.88
CA ASN AA 507 45.49 -11.98 93.15
C ASN AA 507 46.29 -11.47 94.33
N GLU AA 508 47.61 -11.67 94.30
CA GLU AA 508 48.45 -11.15 95.38
C GLU AA 508 48.32 -9.64 95.49
N ILE AA 509 48.19 -8.95 94.35
CA ILE AA 509 48.07 -7.49 94.36
C ILE AA 509 46.73 -7.06 94.94
N GLN AA 510 45.65 -7.71 94.51
CA GLN AA 510 44.33 -7.37 95.05
C GLN AA 510 44.24 -7.71 96.54
N ASN AA 511 45.03 -8.68 96.99
CA ASN AA 511 45.10 -8.95 98.43
C ASN AA 511 45.91 -7.90 99.15
N ALA AA 512 46.93 -7.34 98.50
CA ALA AA 512 47.76 -6.33 99.15
C ALA AA 512 47.13 -4.94 99.13
N VAL AA 513 46.20 -4.68 98.21
CA VAL AA 513 45.50 -3.41 98.15
C VAL AA 513 44.37 -3.41 99.17
N ILE AA 514 44.62 -2.82 100.34
CA ILE AA 514 43.68 -2.95 101.45
C ILE AA 514 42.60 -1.89 101.38
N ASP AA 515 42.95 -0.67 101.00
CA ASP AA 515 42.00 0.43 100.95
C ASP AA 515 41.36 0.53 99.57
N TYR AA 516 40.13 1.03 99.55
CA TYR AA 516 39.46 1.30 98.28
C TYR AA 516 40.00 2.57 97.63
N ASP AA 517 40.50 3.51 98.41
CA ASP AA 517 41.03 4.77 97.90
C ASP AA 517 42.55 4.78 97.83
N VAL AA 518 43.12 3.92 96.99
CA VAL AA 518 44.57 3.90 96.76
C VAL AA 518 44.86 4.67 95.49
N SER AA 519 45.80 5.61 95.58
CA SER AA 519 46.10 6.49 94.46
C SER AA 519 46.82 5.74 93.35
N GLN AA 520 46.91 6.40 92.19
CA GLN AA 520 47.50 5.75 91.02
C GLN AA 520 48.99 5.48 91.23
N GLU AA 521 49.69 6.40 91.88
CA GLU AA 521 51.11 6.20 92.14
C GLU AA 521 51.33 5.06 93.13
N GLU AA 522 50.53 5.02 94.20
CA GLU AA 522 50.65 3.93 95.16
C GLU AA 522 50.26 2.61 94.54
N PHE AA 523 49.25 2.59 93.68
CA PHE AA 523 48.87 1.36 93.01
C PHE AA 523 49.97 0.88 92.09
N ARG AA 524 50.62 1.81 91.37
CA ARG AA 524 51.73 1.44 90.50
C ARG AA 524 52.92 0.91 91.30
N GLN AA 525 53.19 1.51 92.45
CA GLN AA 525 54.28 1.05 93.29
C GLN AA 525 53.98 -0.34 93.85
N ILE AA 526 52.72 -0.61 94.19
CA ILE AA 526 52.35 -1.94 94.66
C ILE AA 526 52.48 -2.96 93.53
N ASN AA 527 52.04 -2.59 92.33
CA ASN AA 527 52.26 -3.40 91.14
C ASN AA 527 53.72 -3.80 91.02
N ILE AA 528 54.60 -2.80 91.04
CA ILE AA 528 56.03 -3.07 90.89
C ILE AA 528 56.53 -3.97 92.00
N GLU AA 529 56.12 -3.71 93.23
CA GLU AA 529 56.66 -4.47 94.36
C GLU AA 529 56.29 -5.93 94.26
N ASN AA 530 55.03 -6.23 93.94
CA ASN AA 530 54.62 -7.62 93.87
C ASN AA 530 55.24 -8.33 92.66
N TRP AA 531 55.30 -7.65 91.51
CA TRP AA 531 55.94 -8.26 90.36
C TRP AA 531 57.43 -8.49 90.62
N CYS AA 532 58.09 -7.58 91.34
CA CYS AA 532 59.50 -7.75 91.62
C CYS AA 532 59.71 -8.87 92.62
N LYS AA 533 58.78 -9.04 93.54
CA LYS AA 533 58.81 -10.20 94.43
C LYS AA 533 58.79 -11.50 93.63
N PHE AA 534 57.82 -11.62 92.71
CA PHE AA 534 57.74 -12.82 91.87
C PHE AA 534 58.98 -12.99 91.02
N TYR AA 535 59.50 -11.90 90.46
CA TYR AA 535 60.67 -11.98 89.59
C TYR AA 535 61.91 -12.39 90.38
N THR AA 536 62.04 -11.90 91.61
CA THR AA 536 63.18 -12.32 92.42
C THR AA 536 63.09 -13.80 92.74
N CYS AA 537 61.88 -14.32 92.97
CA CYS AA 537 61.75 -15.76 93.20
C CYS AA 537 62.12 -16.56 91.95
N CYS AA 538 61.60 -16.14 90.79
CA CYS AA 538 61.93 -16.80 89.53
C CYS AA 538 63.44 -16.76 89.26
N LEU AA 539 64.08 -15.65 89.60
CA LEU AA 539 65.53 -15.53 89.39
C LEU AA 539 66.30 -16.42 90.33
N GLN AA 540 65.85 -16.55 91.59
CA GLN AA 540 66.50 -17.47 92.51
C GLN AA 540 66.45 -18.89 91.98
N TYR AA 541 65.29 -19.29 91.45
CA TYR AA 541 65.18 -20.66 90.97
C TYR AA 541 65.93 -20.89 89.67
N GLN AA 542 66.02 -19.85 88.83
CA GLN AA 542 66.84 -19.97 87.61
C GLN AA 542 68.32 -20.02 87.96
N GLU AA 543 68.73 -19.34 89.03
CA GLU AA 543 70.11 -19.44 89.49
C GLU AA 543 70.40 -20.85 90.03
N THR AA 544 69.41 -21.45 90.70
CA THR AA 544 69.59 -22.82 91.17
C THR AA 544 69.66 -23.80 90.01
N LEU AA 545 68.82 -23.62 88.98
CA LEU AA 545 68.81 -24.52 87.84
C LEU AA 545 69.95 -24.25 86.87
N SER AA 546 70.63 -23.11 87.01
CA SER AA 546 71.74 -22.77 86.13
C SER AA 546 73.09 -23.26 86.66
N ARG AA 547 73.11 -24.02 87.74
CA ARG AA 547 74.35 -24.50 88.28
C ARG AA 547 75.06 -25.41 87.26
N PRO AA 548 76.32 -25.16 86.94
CA PRO AA 548 77.04 -26.07 86.04
C PRO AA 548 77.41 -27.36 86.75
N LEU AA 549 77.39 -28.46 86.00
CA LEU AA 549 77.63 -29.79 86.55
C LEU AA 549 78.81 -30.50 85.92
N ALA AA 550 78.91 -30.52 84.59
CA ALA AA 550 79.99 -31.24 83.90
C ALA AA 550 79.99 -30.82 82.44
N LEU AA 551 81.05 -31.22 81.74
CA LEU AA 551 81.26 -30.88 80.34
C LEU AA 551 81.17 -32.11 79.46
N LEU AA 552 80.65 -31.93 78.25
CA LEU AA 552 80.57 -32.98 77.24
C LEU AA 552 81.20 -32.45 75.96
N VAL AA 553 82.32 -33.05 75.55
CA VAL AA 553 83.05 -32.62 74.37
C VAL AA 553 83.13 -33.79 73.40
N HIS AA 554 82.54 -33.63 72.22
CA HIS AA 554 82.55 -34.66 71.20
C HIS AA 554 83.95 -34.75 70.57
N PRO AA 555 84.59 -35.92 70.56
CA PRO AA 555 85.96 -35.97 70.02
C PRO AA 555 86.03 -35.84 68.51
N ASP AA 556 85.10 -36.42 67.76
CA ASP AA 556 85.16 -36.42 66.30
C ASP AA 556 84.61 -35.14 65.68
N THR AA 557 83.50 -34.61 66.19
CA THR AA 557 82.88 -33.42 65.63
C THR AA 557 83.20 -32.15 66.40
N ASN AA 558 84.03 -32.23 67.44
CA ASN AA 558 84.42 -31.07 68.25
C ASN AA 558 83.22 -30.33 68.83
N MET AA 559 82.09 -31.02 68.98
CA MET AA 559 80.92 -30.42 69.61
C MET AA 559 81.11 -30.35 71.12
N VAL AA 560 81.10 -29.14 71.66
CA VAL AA 560 81.28 -28.90 73.08
C VAL AA 560 79.94 -28.50 73.68
N CYS AA 561 79.60 -29.08 74.81
CA CYS AA 561 78.37 -28.76 75.52
C CYS AA 561 78.64 -28.59 77.01
N LEU AA 562 77.99 -27.60 77.60
CA LEU AA 562 78.08 -27.34 79.03
C LEU AA 562 76.79 -27.83 79.69
N LEU AA 563 76.87 -28.93 80.42
CA LEU AA 563 75.69 -29.55 81.04
C LEU AA 563 75.38 -28.79 82.32
N ARG AA 564 74.19 -28.23 82.39
CA ARG AA 564 73.72 -27.58 83.61
C ARG AA 564 72.62 -28.42 84.26
N LYS AA 565 72.38 -28.14 85.54
CA LYS AA 565 71.43 -28.94 86.31
C LYS AA 565 70.01 -28.83 85.77
N GLY AA 566 69.69 -27.71 85.13
CA GLY AA 566 68.34 -27.50 84.66
C GLY AA 566 68.16 -27.72 83.16
N PHE AA 567 69.20 -27.44 82.38
CA PHE AA 567 69.11 -27.56 80.94
C PHE AA 567 70.47 -27.92 80.36
N LEU AA 568 70.55 -27.91 79.04
CA LEU AA 568 71.76 -28.20 78.29
C LEU AA 568 72.10 -27.01 77.42
N SER AA 569 73.39 -26.66 77.36
CA SER AA 569 73.86 -25.52 76.60
C SER AA 569 75.02 -25.91 75.70
N PHE AA 570 75.00 -25.40 74.48
CA PHE AA 570 76.02 -25.69 73.48
C PHE AA 570 76.96 -24.51 73.34
N LEU AA 571 78.22 -24.79 73.02
CA LEU AA 571 79.24 -23.77 72.84
C LEU AA 571 79.59 -23.66 71.36
N ALA AA 572 79.28 -22.52 70.75
CA ALA AA 572 79.55 -22.29 69.34
C ALA AA 572 80.72 -21.31 69.17
N PRO AA 573 81.45 -21.38 68.06
CA PRO AA 573 82.60 -20.50 67.88
C PRO AA 573 82.18 -19.06 67.61
N CYS AA 574 83.08 -18.13 67.94
CA CYS AA 574 82.79 -16.72 67.89
C CYS AA 574 83.57 -16.03 66.78
N SER AA 575 82.90 -15.11 66.08
CA SER AA 575 83.52 -14.34 65.01
C SER AA 575 84.62 -13.44 65.56
N LEU AA 576 85.32 -12.75 64.67
CA LEU AA 576 86.46 -11.96 65.10
C LEU AA 576 86.03 -10.65 65.73
N VAL AA 577 85.01 -10.01 65.18
CA VAL AA 577 84.57 -8.71 65.68
C VAL AA 577 84.09 -8.84 67.12
N GLU AA 578 83.20 -9.80 67.38
CA GLU AA 578 82.66 -10.00 68.73
C GLU AA 578 83.74 -10.48 69.69
N HIS AA 579 84.68 -11.28 69.20
CA HIS AA 579 85.79 -11.72 70.05
C HIS AA 579 86.64 -10.54 70.50
N LEU AA 580 86.93 -9.62 69.57
CA LEU AA 580 87.69 -8.43 69.95
C LEU AA 580 86.89 -7.55 70.88
N TYR AA 581 85.58 -7.47 70.68
CA TYR AA 581 84.78 -6.53 71.45
C TYR AA 581 84.51 -7.01 72.86
N LEU AA 582 84.39 -8.33 73.06
CA LEU AA 582 83.92 -8.87 74.33
C LEU AA 582 85.04 -9.34 75.25
N VAL AA 583 86.24 -9.59 74.72
CA VAL AA 583 87.35 -10.09 75.53
C VAL AA 583 87.72 -9.06 76.59
N PRO AA 584 88.05 -9.46 77.82
CA PRO AA 584 88.49 -8.48 78.83
C PRO AA 584 89.72 -7.71 78.38
N ALA AA 585 89.88 -6.51 78.94
CA ALA AA 585 90.91 -5.59 78.48
C ALA AA 585 92.31 -6.13 78.74
N GLU AA 586 92.47 -6.92 79.78
CA GLU AA 586 93.81 -7.43 80.11
C GLU AA 586 94.26 -8.48 79.11
N HIS AA 587 93.31 -9.18 78.48
CA HIS AA 587 93.62 -10.18 77.48
C HIS AA 587 93.64 -9.61 76.07
N LEU AA 588 93.34 -8.32 75.91
CA LEU AA 588 93.29 -7.74 74.57
C LEU AA 588 94.67 -7.24 74.13
N LEU AA 589 95.58 -7.05 75.08
CA LEU AA 589 96.95 -6.66 74.75
C LEU AA 589 97.81 -7.84 74.31
N THR AA 590 97.28 -9.05 74.30
CA THR AA 590 98.04 -10.22 73.92
C THR AA 590 97.47 -10.88 72.66
N VAL AA 591 96.42 -10.30 72.08
CA VAL AA 591 95.83 -10.85 70.87
C VAL AA 591 96.87 -10.80 69.75
N ASP AA 592 96.98 -11.90 69.01
CA ASP AA 592 97.91 -11.98 67.89
C ASP AA 592 97.43 -11.04 66.79
N GLU AA 593 98.29 -10.11 66.37
CA GLU AA 593 97.89 -9.15 65.37
C GLU AA 593 97.93 -9.74 63.96
N SER AA 594 98.53 -10.91 63.81
CA SER AA 594 98.55 -11.58 62.51
C SER AA 594 97.25 -12.32 62.23
N VAL AA 595 96.35 -12.42 63.20
CA VAL AA 595 95.05 -13.05 62.97
C VAL AA 595 94.03 -12.02 62.48
N ILE AA 596 94.14 -10.77 62.95
CA ILE AA 596 93.19 -9.74 62.58
C ILE AA 596 93.39 -9.32 61.13
N SER AA 597 94.64 -9.19 60.70
CA SER AA 597 94.97 -8.80 59.34
C SER AA 597 96.44 -9.09 59.11
N ASP AA 598 96.80 -9.35 57.85
CA ASP AA 598 98.19 -9.51 57.51
C ASP AA 598 98.96 -8.21 57.69
N ASP AA 599 98.27 -7.07 57.68
CA ASP AA 599 98.88 -5.77 57.91
C ASP AA 599 98.90 -5.53 59.41
N ILE AA 600 100.11 -5.44 59.98
CA ILE AA 600 100.24 -5.29 61.43
C ILE AA 600 99.71 -3.94 61.87
N ASP AA 601 99.87 -2.91 61.04
CA ASP AA 601 99.37 -1.60 61.39
C ASP AA 601 97.84 -1.57 61.40
N ALA AA 602 97.20 -2.21 60.43
CA ALA AA 602 95.74 -2.31 60.43
C ALA AA 602 95.25 -3.06 61.66
N ALA AA 603 96.00 -4.09 62.08
CA ALA AA 603 95.63 -4.85 63.26
C ALA AA 603 95.72 -3.99 64.51
N SER AA 604 96.81 -3.25 64.67
CA SER AA 604 96.96 -2.39 65.84
C SER AA 604 95.89 -1.31 65.86
N ASP AA 605 95.54 -0.77 64.69
CA ASP AA 605 94.49 0.24 64.64
C ASP AA 605 93.13 -0.34 65.01
N ILE AA 606 92.84 -1.56 64.56
CA ILE AA 606 91.58 -2.20 64.92
C ILE AA 606 91.52 -2.48 66.42
N VAL AA 607 92.63 -2.92 67.00
CA VAL AA 607 92.66 -3.20 68.43
C VAL AA 607 92.44 -1.93 69.23
N ASN AA 608 93.11 -0.83 68.84
CA ASN AA 608 92.93 0.42 69.57
C ASN AA 608 91.51 0.94 69.40
N LEU AA 609 90.93 0.76 68.21
CA LEU AA 609 89.55 1.18 67.99
C LEU AA 609 88.59 0.39 68.86
N ILE AA 610 88.85 -0.91 69.03
CA ILE AA 610 87.98 -1.75 69.86
C ILE AA 610 88.12 -1.38 71.34
N GLN AA 611 89.34 -1.08 71.78
CA GLN AA 611 89.52 -0.60 73.14
C GLN AA 611 88.72 0.68 73.38
N CYS AA 612 88.72 1.59 72.40
CA CYS AA 612 87.95 2.82 72.55
C CYS AA 612 86.44 2.55 72.54
N LEU AA 613 85.99 1.64 71.66
CA LEU AA 613 84.58 1.23 71.67
C LEU AA 613 84.16 0.69 73.02
N ARG AA 614 85.01 -0.14 73.63
CA ARG AA 614 84.67 -0.72 74.92
C ARG AA 614 84.68 0.33 76.02
N MET AA 615 85.68 1.22 76.02
CA MET AA 615 85.71 2.29 77.00
C MET AA 615 84.52 3.22 76.86
N ILE AA 616 83.88 3.25 75.70
CA ILE AA 616 82.61 3.96 75.58
C ILE AA 616 81.47 3.10 76.12
N ALA AA 617 81.58 1.78 75.97
CA ALA AA 617 80.51 0.90 76.40
C ALA AA 617 80.45 0.80 77.92
N ASP AA 618 81.60 0.87 78.59
CA ASP AA 618 81.63 0.79 80.04
C ASP AA 618 80.95 1.97 80.71
N TYR AA 619 80.83 3.10 80.01
CA TYR AA 619 80.29 4.32 80.59
C TYR AA 619 78.92 4.71 80.04
N ILE AA 620 78.27 3.85 79.28
CA ILE AA 620 76.92 4.10 78.82
C ILE AA 620 75.93 3.54 79.84
N THR AA 668 96.18 5.76 67.12
CA THR AA 668 95.67 5.10 65.92
C THR AA 668 96.13 5.86 64.69
N ARG AA 669 96.75 5.15 63.74
CA ARG AA 669 97.25 5.81 62.54
C ARG AA 669 96.13 6.13 61.56
N ASN AA 670 95.31 5.13 61.22
CA ASN AA 670 94.23 5.30 60.24
C ASN AA 670 92.96 4.72 60.82
N PRO AA 671 92.26 5.48 61.67
CA PRO AA 671 91.06 4.93 62.31
C PRO AA 671 89.93 4.67 61.33
N ILE AA 672 89.93 5.33 60.18
CA ILE AA 672 88.84 5.15 59.23
C ILE AA 672 88.98 3.83 58.48
N ARG AA 673 90.21 3.38 58.25
CA ARG AA 673 90.40 2.04 57.72
C ARG AA 673 89.89 0.98 58.68
N ALA AA 674 90.17 1.14 59.98
CA ALA AA 674 89.68 0.18 60.97
C ALA AA 674 88.16 0.22 61.07
N ILE AA 675 87.57 1.42 60.98
CA ILE AA 675 86.11 1.54 61.01
C ILE AA 675 85.50 0.85 59.79
N GLY AA 676 86.11 1.02 58.62
CA GLY AA 676 85.61 0.35 57.43
C GLY AA 676 85.82 -1.16 57.48
N PHE AA 677 86.85 -1.61 58.19
CA PHE AA 677 87.04 -3.03 58.40
C PHE AA 677 85.95 -3.60 59.31
N LEU AA 678 85.61 -2.86 60.37
CA LEU AA 678 84.57 -3.31 61.29
C LEU AA 678 83.20 -3.30 60.62
N LEU AA 679 82.96 -2.34 59.72
CA LEU AA 679 81.66 -2.25 59.05
C LEU AA 679 81.55 -3.28 57.93
N GLN AA 680 82.69 -3.77 57.44
CA GLN AA 680 82.67 -4.79 56.39
C GLN AA 680 82.43 -6.18 56.98
N ASN AA 681 83.13 -6.52 58.06
CA ASN AA 681 82.96 -7.84 58.68
C ASN AA 681 81.58 -8.02 59.29
N MET AA 682 80.93 -6.93 59.68
CA MET AA 682 79.59 -6.98 60.22
C MET AA 682 78.53 -6.70 59.16
N ASP AA 683 78.88 -6.88 57.88
CA ASP AA 683 77.97 -6.59 56.78
C ASP AA 683 77.66 -7.87 56.02
N TYR AA 684 76.39 -8.27 56.02
CA TYR AA 684 75.93 -9.47 55.34
C TYR AA 684 75.08 -9.15 54.12
N GLU AA 685 75.09 -7.90 53.64
CA GLU AA 685 74.29 -7.55 52.47
C GLU AA 685 74.75 -8.35 51.27
N THR AA 686 73.86 -9.19 50.74
CA THR AA 686 74.21 -10.14 49.69
C THR AA 686 73.85 -9.60 48.32
N ASN AA 687 74.67 -9.97 47.34
CA ASN AA 687 74.29 -9.78 45.95
C ASN AA 687 73.30 -10.88 45.56
N ALA AA 688 72.39 -10.54 44.65
CA ALA AA 688 71.21 -11.37 44.42
C ALA AA 688 71.54 -12.67 43.71
N ASP AA 689 72.81 -13.06 43.69
CA ASP AA 689 73.24 -14.24 42.94
C ASP AA 689 73.16 -15.51 43.77
N THR AA 703 67.11 -33.65 56.38
CA THR AA 703 66.87 -33.64 57.81
C THR AA 703 68.02 -33.06 58.61
N LEU AA 704 69.04 -32.54 57.95
CA LEU AA 704 70.22 -32.05 58.66
C LEU AA 704 69.85 -30.82 59.47
N TYR AA 705 70.06 -30.89 60.79
CA TYR AA 705 69.75 -29.81 61.73
C TYR AA 705 68.28 -29.41 61.67
N GLY AA 706 67.39 -30.36 61.88
CA GLY AA 706 65.97 -30.10 61.85
C GLY AA 706 65.23 -30.22 63.16
N SER AA 707 65.90 -30.63 64.24
CA SER AA 707 65.22 -30.80 65.51
C SER AA 707 64.94 -29.45 66.16
N ILE AA 708 64.10 -29.47 67.19
CA ILE AA 708 63.79 -28.24 67.91
C ILE AA 708 65.04 -27.68 68.58
N THR AA 709 65.90 -28.56 69.08
CA THR AA 709 67.12 -28.12 69.73
C THR AA 709 68.04 -27.39 68.75
N ALA AA 710 68.14 -27.89 67.51
CA ALA AA 710 69.02 -27.26 66.54
C ALA AA 710 68.48 -25.91 66.11
N SER AA 711 67.17 -25.81 65.88
CA SER AA 711 66.57 -24.53 65.56
C SER AA 711 66.79 -23.53 66.69
N SER AA 712 66.62 -23.98 67.94
CA SER AA 712 66.81 -23.09 69.07
C SER AA 712 68.27 -22.65 69.19
N VAL AA 713 69.22 -23.55 68.96
CA VAL AA 713 70.63 -23.19 69.07
C VAL AA 713 71.02 -22.19 67.98
N VAL AA 714 70.65 -22.49 66.73
CA VAL AA 714 71.02 -21.60 65.64
C VAL AA 714 70.39 -20.22 65.81
N CYS AA 715 69.12 -20.19 66.16
CA CYS AA 715 68.43 -18.93 66.36
C CYS AA 715 68.94 -18.17 67.58
N GLN AA 716 69.33 -18.87 68.64
CA GLN AA 716 69.93 -18.19 69.80
C GLN AA 716 71.25 -17.58 69.36
N ALA AA 717 72.01 -18.29 68.54
CA ALA AA 717 73.26 -17.74 68.00
C ALA AA 717 72.94 -16.47 67.27
N ILE AA 718 71.93 -16.52 66.39
CA ILE AA 718 71.55 -15.33 65.64
C ILE AA 718 71.28 -14.19 66.60
N CYS AA 719 70.45 -14.42 67.62
CA CYS AA 719 70.10 -13.38 68.57
C CYS AA 719 71.34 -12.78 69.22
N LYS AA 720 72.22 -13.62 69.73
CA LYS AA 720 73.40 -13.12 70.42
C LYS AA 720 74.22 -12.27 69.48
N ILE AA 721 74.48 -12.78 68.27
CA ILE AA 721 75.27 -12.03 67.30
C ILE AA 721 74.64 -10.68 67.07
N SER AA 722 73.35 -10.66 66.77
CA SER AA 722 72.69 -9.41 66.48
C SER AA 722 72.85 -8.44 67.63
N ALA AA 723 72.56 -8.85 68.86
CA ALA AA 723 72.63 -7.93 69.99
C ALA AA 723 74.04 -7.38 70.16
N THR AA 724 75.05 -8.27 70.10
CA THR AA 724 76.42 -7.83 70.30
C THR AA 724 76.82 -6.82 69.24
N ARG AA 725 76.45 -7.08 68.00
CA ARG AA 725 76.86 -6.19 66.92
C ARG AA 725 76.07 -4.89 66.97
N PHE AA 726 74.85 -4.89 67.48
CA PHE AA 726 74.07 -3.68 67.67
C PHE AA 726 74.84 -2.85 68.68
N LEU AA 727 75.27 -3.49 69.77
CA LEU AA 727 76.06 -2.77 70.76
C LEU AA 727 77.32 -2.17 70.13
N ILE AA 728 77.98 -2.92 69.25
CA ILE AA 728 79.21 -2.43 68.62
C ILE AA 728 78.93 -1.24 67.71
N CYS AA 729 77.85 -1.31 66.93
CA CYS AA 729 77.52 -0.25 65.98
C CYS AA 729 77.06 1.00 66.71
N ARG AA 730 76.32 0.82 67.79
CA ARG AA 730 75.97 2.02 68.56
C ARG AA 730 77.23 2.73 69.05
N ASP AA 731 78.14 1.93 69.62
CA ASP AA 731 79.36 2.53 70.12
C ASP AA 731 80.13 3.16 68.97
N LEU AA 732 80.12 2.53 67.80
CA LEU AA 732 80.87 3.03 66.65
C LEU AA 732 80.27 4.35 66.20
N LEU AA 733 78.94 4.45 66.14
CA LEU AA 733 78.30 5.72 65.82
C LEU AA 733 78.78 6.80 66.79
N ILE AA 734 78.74 6.48 68.09
CA ILE AA 734 79.18 7.47 69.08
C ILE AA 734 80.62 7.92 68.82
N LEU AA 735 81.53 6.97 68.57
CA LEU AA 735 82.93 7.29 68.34
C LEU AA 735 83.13 8.11 67.07
N GLN AA 736 82.36 7.84 66.03
CA GLN AA 736 82.43 8.60 64.79
C GLN AA 736 81.99 10.03 65.03
N HIS AA 737 80.92 10.20 65.80
CA HIS AA 737 80.50 11.56 66.14
C HIS AA 737 81.61 12.26 66.93
N LEU AA 738 82.26 11.52 67.83
CA LEU AA 738 83.35 12.11 68.60
C LEU AA 738 84.47 12.56 67.67
N LEU AA 739 84.82 11.74 66.68
CA LEU AA 739 85.85 12.10 65.72
C LEU AA 739 85.46 13.33 64.93
N LEU AA 740 84.19 13.43 64.52
CA LEU AA 740 83.74 14.62 63.83
C LEU AA 740 83.92 15.84 64.70
N ARG AA 741 83.55 15.74 65.97
CA ARG AA 741 83.71 16.85 66.91
C ARG AA 741 85.18 17.24 67.10
N LEU AA 742 86.07 16.25 67.14
CA LEU AA 742 87.50 16.52 67.33
C LEU AA 742 88.12 17.13 66.09
N GLU AA 759 79.93 8.48 54.27
CA GLU AA 759 79.77 7.06 54.00
C GLU AA 759 79.70 6.21 55.25
N LEU AA 760 80.56 6.44 56.24
CA LEU AA 760 80.67 5.50 57.34
C LEU AA 760 79.57 5.69 58.38
N ILE AA 761 79.08 6.91 58.58
CA ILE AA 761 78.05 7.14 59.60
C ILE AA 761 76.68 6.66 59.13
N PRO AA 762 76.27 6.98 57.87
CA PRO AA 762 74.98 6.40 57.48
C PRO AA 762 75.06 4.87 57.45
N ARG AA 763 76.16 4.31 56.98
CA ARG AA 763 76.31 2.86 56.94
C ARG AA 763 76.25 2.25 58.33
N ALA AA 764 76.94 2.87 59.29
CA ALA AA 764 76.90 2.38 60.66
C ALA AA 764 75.48 2.40 61.19
N ALA AA 765 74.74 3.48 60.93
CA ALA AA 765 73.37 3.58 61.38
C ALA AA 765 72.54 2.48 60.78
N GLN AA 766 72.72 2.23 59.49
CA GLN AA 766 71.99 1.17 58.81
C GLN AA 766 72.28 -0.16 59.47
N LEU AA 767 73.54 -0.46 59.73
CA LEU AA 767 73.91 -1.73 60.35
C LEU AA 767 73.26 -1.85 61.72
N LEU AA 768 73.27 -0.76 62.48
CA LEU AA 768 72.65 -0.76 63.80
C LEU AA 768 71.19 -1.12 63.69
N LEU AA 769 70.48 -0.44 62.79
CA LEU AA 769 69.06 -0.70 62.60
C LEU AA 769 68.86 -2.15 62.24
N SER AA 770 69.67 -2.68 61.32
CA SER AA 770 69.55 -4.07 60.87
C SER AA 770 69.69 -5.05 62.02
N TYR AA 771 70.70 -4.83 62.85
CA TYR AA 771 70.93 -5.76 63.94
C TYR AA 771 69.81 -5.64 64.98
N TYR AA 772 69.30 -4.43 65.20
CA TYR AA 772 68.18 -4.27 66.12
C TYR AA 772 66.99 -5.03 65.57
N MET AA 773 66.78 -4.98 64.27
CA MET AA 773 65.70 -5.69 63.63
C MET AA 773 65.83 -7.18 63.81
N ILE AA 774 67.04 -7.69 63.61
CA ILE AA 774 67.26 -9.12 63.76
C ILE AA 774 67.00 -9.51 65.20
N ARG AA 775 67.38 -8.66 66.15
CA ARG AA 775 67.14 -8.93 67.56
C ARG AA 775 65.65 -8.99 67.85
N TRP AA 776 64.90 -8.05 67.31
CA TRP AA 776 63.45 -8.04 67.50
C TRP AA 776 62.87 -9.33 66.93
N GLY AA 777 63.36 -9.77 65.78
CA GLY AA 777 62.88 -11.00 65.18
C GLY AA 777 63.15 -12.19 66.06
N SER AA 778 64.37 -12.30 66.59
CA SER AA 778 64.73 -13.42 67.45
C SER AA 778 64.06 -13.36 68.81
N GLN AA 779 63.47 -12.21 69.15
CA GLN AA 779 62.73 -12.11 70.41
C GLN AA 779 61.20 -12.21 70.22
N CYS AA 780 60.67 -11.57 69.16
CA CYS AA 780 59.23 -11.60 68.95
C CYS AA 780 58.75 -13.01 68.73
N LEU AA 781 57.80 -13.46 69.55
CA LEU AA 781 57.28 -14.81 69.44
C LEU AA 781 56.16 -14.89 68.41
N ALA AA 782 56.10 -16.00 67.68
CA ALA AA 782 55.05 -16.18 66.68
C ALA AA 782 53.75 -16.60 67.34
N CYS AA 783 52.67 -15.91 67.01
CA CYS AA 783 51.37 -16.22 67.59
C CYS AA 783 50.76 -17.46 66.95
N ALA AA 784 49.96 -18.20 67.71
CA ALA AA 784 49.37 -19.44 67.19
C ALA AA 784 48.21 -19.20 66.23
N VAL AA 785 48.23 -19.89 65.10
CA VAL AA 785 47.14 -19.76 64.13
C VAL AA 785 46.31 -21.03 64.13
N PRO AA 786 45.01 -20.93 64.46
CA PRO AA 786 44.13 -22.09 64.44
C PRO AA 786 44.15 -22.78 63.09
N VAL AA 787 44.19 -24.11 63.08
CA VAL AA 787 44.24 -24.87 61.84
C VAL AA 787 43.25 -24.37 60.79
N ASP AA 788 42.02 -24.10 61.20
CA ASP AA 788 41.01 -23.65 60.24
C ASP AA 788 41.38 -22.35 59.54
N ILE AA 789 41.77 -21.35 60.34
CA ILE AA 789 42.17 -20.08 59.76
C ILE AA 789 43.38 -20.30 58.87
N LEU AA 790 44.34 -21.08 59.36
CA LEU AA 790 45.53 -21.35 58.58
C LEU AA 790 45.11 -21.85 57.22
N GLU AA 791 44.25 -22.86 57.16
CA GLU AA 791 43.81 -23.46 55.90
C GLU AA 791 43.04 -22.52 55.00
N SER AA 792 42.13 -21.71 55.53
CA SER AA 792 41.44 -20.73 54.69
C SER AA 792 42.44 -19.77 54.03
N ASN AA 793 43.41 -19.32 54.82
CA ASN AA 793 44.34 -18.38 54.23
C ASN AA 793 45.26 -19.08 53.23
N LEU AA 794 45.57 -20.35 53.48
CA LEU AA 794 46.38 -21.11 52.55
C LEU AA 794 45.63 -21.29 51.26
N GLN AA 795 44.32 -21.45 51.31
CA GLN AA 795 43.50 -21.53 50.11
C GLN AA 795 43.55 -20.21 49.35
N HIS AA 796 43.44 -19.09 50.08
CA HIS AA 796 43.61 -17.80 49.39
C HIS AA 796 44.97 -17.70 48.70
N LEU AA 797 45.99 -18.24 49.35
CA LEU AA 797 47.34 -18.13 48.80
C LEU AA 797 47.54 -19.09 47.64
N SER AA 798 46.82 -20.19 47.62
CA SER AA 798 46.86 -21.12 46.52
C SER AA 798 46.23 -20.40 45.36
N VAL AA 799 45.14 -19.67 45.62
CA VAL AA 799 44.58 -18.87 44.52
C VAL AA 799 45.58 -17.82 44.02
N LEU AA 800 46.38 -17.19 44.89
CA LEU AA 800 47.42 -16.27 44.35
C LEU AA 800 48.61 -17.01 43.74
N GLU AA 801 48.54 -18.34 43.67
CA GLU AA 801 49.62 -19.24 43.28
C GLU AA 801 50.93 -18.91 43.99
N LEU AA 802 50.82 -18.38 45.20
CA LEU AA 802 51.94 -18.30 46.14
C LEU AA 802 52.18 -19.61 46.87
N SER AA 803 51.21 -20.51 46.90
CA SER AA 803 51.30 -21.78 47.60
C SER AA 803 51.64 -22.88 46.59
N ASP AA 804 52.92 -23.01 46.24
CA ASP AA 804 53.38 -24.22 45.59
C ASP AA 804 53.61 -25.35 46.58
N SER AA 805 53.88 -25.03 47.84
CA SER AA 805 54.21 -26.03 48.85
C SER AA 805 52.96 -26.83 49.18
N GLN AA 806 52.99 -28.12 48.90
CA GLN AA 806 51.89 -28.98 49.27
C GLN AA 806 51.72 -28.97 50.79
N VAL AA 807 50.47 -29.03 51.23
CA VAL AA 807 50.19 -28.99 52.67
C VAL AA 807 50.56 -30.35 53.22
N GLU AA 808 51.82 -30.52 53.62
CA GLU AA 808 52.29 -31.80 54.10
C GLU AA 808 52.12 -31.90 55.60
N LYS AA 809 50.88 -31.81 56.07
CA LYS AA 809 50.56 -31.97 57.49
C LYS AA 809 51.46 -31.09 58.35
N ARG AA 810 51.31 -29.78 58.24
CA ARG AA 810 52.12 -28.86 59.02
C ARG AA 810 52.03 -29.21 60.49
N ARG AA 811 53.18 -29.56 61.07
CA ARG AA 811 53.21 -30.11 62.42
C ARG AA 811 52.64 -29.12 63.43
N TYR AA 812 52.02 -29.65 64.48
CA TYR AA 812 51.54 -28.82 65.56
C TYR AA 812 52.73 -28.26 66.33
N THR AA 813 53.08 -27.00 66.07
CA THR AA 813 54.18 -26.35 66.76
C THR AA 813 53.72 -26.03 68.17
N SER AA 814 53.62 -27.07 69.00
CA SER AA 814 53.15 -26.92 70.37
C SER AA 814 54.12 -26.16 71.26
N GLY AA 815 55.34 -25.92 70.80
CA GLY AA 815 56.33 -25.18 71.55
C GLY AA 815 56.38 -23.72 71.12
N ILE AA 816 56.97 -22.89 71.95
CA ILE AA 816 57.09 -21.47 71.66
C ILE AA 816 58.22 -21.26 70.67
N GLN AA 817 57.94 -20.53 69.59
CA GLN AA 817 58.95 -20.28 68.57
C GLN AA 817 58.89 -18.83 68.12
N THR AA 818 60.06 -18.21 68.08
CA THR AA 818 60.23 -16.87 67.55
C THR AA 818 59.98 -16.88 66.04
N ILE AA 819 59.69 -15.70 65.49
CA ILE AA 819 59.46 -15.63 64.05
C ILE AA 819 60.73 -16.00 63.30
N VAL AA 820 61.89 -15.85 63.93
CA VAL AA 820 63.14 -16.33 63.33
C VAL AA 820 63.18 -17.85 63.37
N GLU AA 821 62.66 -18.48 64.42
CA GLU AA 821 62.57 -19.93 64.46
C GLU AA 821 61.56 -20.45 63.44
N LEU AA 822 60.43 -19.77 63.31
CA LEU AA 822 59.44 -20.15 62.30
C LEU AA 822 60.02 -20.04 60.91
N PHE AA 823 60.73 -18.94 60.63
CA PHE AA 823 61.38 -18.80 59.33
C PHE AA 823 62.45 -19.87 59.13
N PHE AA 824 63.29 -20.10 60.13
CA PHE AA 824 64.37 -21.07 60.00
C PHE AA 824 63.83 -22.46 59.70
N GLU AA 825 62.71 -22.82 60.32
CA GLU AA 825 62.17 -24.16 60.11
C GLU AA 825 61.41 -24.26 58.80
N ASP AA 826 60.61 -23.24 58.47
CA ASP AA 826 59.77 -23.33 57.29
C ASP AA 826 60.55 -23.11 56.00
N VAL AA 827 61.59 -22.27 56.02
CA VAL AA 827 62.21 -21.82 54.78
C VAL AA 827 63.71 -22.05 54.77
N ALA AA 828 64.43 -21.53 55.76
CA ALA AA 828 65.87 -21.48 55.68
C ALA AA 828 66.49 -22.86 55.83
N ARG AA 829 65.73 -23.82 56.34
CA ARG AA 829 66.30 -25.15 56.59
C ARG AA 829 66.31 -26.00 55.33
N LYS AA 830 65.40 -25.73 54.41
CA LYS AA 830 65.33 -26.52 53.19
C LYS AA 830 66.51 -26.25 52.25
N HIS AA 831 67.23 -25.14 52.45
CA HIS AA 831 68.35 -24.77 51.59
C HIS AA 831 69.70 -25.22 52.13
N PHE AA 832 69.76 -25.73 53.36
CA PHE AA 832 71.04 -26.08 53.96
C PHE AA 832 71.80 -27.18 53.23
N PRO AA 833 71.16 -28.20 52.64
CA PRO AA 833 71.94 -29.14 51.81
C PRO AA 833 72.65 -28.46 50.66
N HIS AA 834 72.09 -27.38 50.11
CA HIS AA 834 72.76 -26.69 49.02
C HIS AA 834 73.97 -25.92 49.51
N VAL AA 835 73.86 -25.29 50.68
CA VAL AA 835 75.03 -24.63 51.28
C VAL AA 835 76.09 -25.66 51.64
N PHE AA 836 75.67 -26.90 51.92
CA PHE AA 836 76.63 -27.95 52.23
C PHE AA 836 77.31 -28.46 50.97
N ILE AA 837 76.59 -28.52 49.85
CA ILE AA 837 77.17 -29.00 48.60
C ILE AA 837 78.08 -27.95 47.97
N ASN AA 849 81.82 -31.16 61.19
CA ASN AA 849 82.50 -30.38 62.21
C ASN AA 849 81.48 -29.41 62.78
N TRP AA 850 81.41 -29.33 64.11
CA TRP AA 850 80.39 -28.50 64.74
C TRP AA 850 80.69 -27.02 64.54
N SER AA 851 81.95 -26.62 64.72
CA SER AA 851 82.31 -25.20 64.62
C SER AA 851 82.01 -24.66 63.23
N ASP AA 852 82.58 -25.30 62.20
CA ASP AA 852 82.38 -24.85 60.83
C ASP AA 852 80.89 -24.88 60.45
N LEU AA 853 80.19 -25.94 60.83
CA LEU AA 853 78.81 -26.08 60.38
C LEU AA 853 77.90 -25.05 61.02
N ILE AA 854 78.06 -24.80 62.32
CA ILE AA 854 77.25 -23.76 62.96
C ILE AA 854 77.63 -22.38 62.45
N LYS AA 855 78.92 -22.17 62.13
CA LYS AA 855 79.35 -20.87 61.62
C LYS AA 855 78.72 -20.59 60.25
N ARG AA 856 78.77 -21.57 59.35
CA ARG AA 856 78.19 -21.37 58.02
C ARG AA 856 76.68 -21.26 58.10
N ILE AA 857 76.04 -22.04 58.97
CA ILE AA 857 74.59 -21.97 59.09
C ILE AA 857 74.16 -20.61 59.63
N THR AA 858 74.92 -20.07 60.59
CA THR AA 858 74.59 -18.77 61.14
C THR AA 858 74.83 -17.66 60.11
N ASN AA 859 75.93 -17.72 59.37
CA ASN AA 859 76.17 -16.72 58.34
C ASN AA 859 75.09 -16.76 57.27
N TYR AA 860 74.72 -17.96 56.82
CA TYR AA 860 73.71 -18.08 55.77
C TYR AA 860 72.35 -17.63 56.26
N LEU AA 861 71.98 -18.00 57.49
CA LEU AA 861 70.69 -17.58 58.02
C LEU AA 861 70.70 -16.08 58.32
N LEU AA 862 71.87 -15.50 58.59
CA LEU AA 862 71.93 -14.06 58.79
C LEU AA 862 71.77 -13.34 57.47
N GLN AA 863 72.30 -13.91 56.39
CA GLN AA 863 72.10 -13.31 55.07
C GLN AA 863 70.65 -13.46 54.59
N LEU AA 864 69.87 -14.29 55.25
CA LEU AA 864 68.45 -14.44 54.89
C LEU AA 864 67.59 -13.57 55.78
N LEU AA 865 67.91 -13.49 57.07
CA LEU AA 865 67.18 -12.57 57.96
C LEU AA 865 67.47 -11.17 57.49
N TRP AA 866 68.70 -10.91 57.04
CA TRP AA 866 69.01 -9.64 56.43
C TRP AA 866 68.21 -9.81 55.17
N PRO AA 867 67.23 -8.91 54.90
CA PRO AA 867 66.41 -9.21 53.70
C PRO AA 867 67.09 -8.98 52.35
N SER AA 868 68.34 -9.39 52.19
CA SER AA 868 69.01 -9.29 50.91
C SER AA 868 68.80 -10.57 50.12
N ASN AA 869 67.95 -11.46 50.64
CA ASN AA 869 67.66 -12.73 49.98
C ASN AA 869 66.86 -12.41 48.73
N PRO AA 870 67.32 -12.87 47.56
CA PRO AA 870 66.51 -12.68 46.35
C PRO AA 870 65.19 -13.45 46.41
N ASN AA 871 65.21 -14.69 46.86
CA ASN AA 871 63.98 -15.48 47.03
C ASN AA 871 63.56 -15.49 48.49
N PHE AA 872 63.16 -14.33 49.00
CA PHE AA 872 62.81 -14.21 50.42
C PHE AA 872 61.35 -14.57 50.62
N GLN AA 873 61.13 -15.66 51.35
CA GLN AA 873 59.77 -16.13 51.56
C GLN AA 873 59.25 -15.93 52.98
N PHE AA 874 59.98 -15.27 53.87
CA PHE AA 874 59.47 -14.98 55.20
C PHE AA 874 58.15 -14.24 55.13
N ALA AA 875 58.16 -13.14 54.40
CA ALA AA 875 56.96 -12.35 54.26
C ALA AA 875 55.85 -13.20 53.67
N GLU AA 876 56.17 -13.98 52.64
CA GLU AA 876 55.17 -14.79 51.98
C GLU AA 876 54.52 -15.74 52.97
N CYS AA 877 55.33 -16.43 53.78
CA CYS AA 877 54.83 -17.38 54.76
C CYS AA 877 53.98 -16.70 55.84
N LEU AA 878 54.40 -15.54 56.31
CA LEU AA 878 53.58 -14.85 57.28
C LEU AA 878 52.22 -14.49 56.67
N MET AA 879 52.22 -14.05 55.42
CA MET AA 879 50.96 -13.64 54.79
C MET AA 879 50.09 -14.87 54.46
N ARG AA 880 50.68 -16.06 54.38
CA ARG AA 880 49.90 -17.28 54.20
C ARG AA 880 49.38 -17.71 55.55
N ASN AA 881 50.23 -17.67 56.56
CA ASN AA 881 49.91 -18.11 57.91
C ASN AA 881 49.29 -17.02 58.77
N CYS AA 882 48.61 -16.06 58.16
CA CYS AA 882 47.91 -15.03 58.94
C CYS AA 882 48.76 -14.40 60.04
N GLN AA 883 49.99 -13.98 59.74
CA GLN AA 883 50.81 -13.26 60.72
C GLN AA 883 50.94 -11.84 60.22
N TYR AA 884 49.82 -11.29 59.76
CA TYR AA 884 49.84 -9.95 59.14
C TYR AA 884 50.37 -8.78 59.94
N THR AA 885 50.04 -8.64 61.22
CA THR AA 885 50.62 -7.54 61.99
C THR AA 885 52.15 -7.63 61.99
N GLN AA 886 52.73 -8.76 62.35
CA GLN AA 886 54.19 -8.81 62.40
C GLN AA 886 54.75 -8.47 61.03
N LEU AA 887 54.09 -8.99 60.00
CA LEU AA 887 54.58 -8.78 58.65
C LEU AA 887 54.73 -7.31 58.30
N GLN AA 888 53.72 -6.49 58.56
CA GLN AA 888 53.80 -5.09 58.19
C GLN AA 888 55.03 -4.44 58.81
N GLU AA 889 55.23 -4.66 60.11
CA GLU AA 889 56.38 -4.12 60.81
C GLU AA 889 57.68 -4.56 60.14
N TYR AA 890 57.81 -5.87 59.94
CA TYR AA 890 59.01 -6.39 59.30
C TYR AA 890 59.26 -5.64 58.00
N VAL AA 891 58.26 -5.61 57.13
CA VAL AA 891 58.41 -4.96 55.85
C VAL AA 891 58.88 -3.53 56.00
N ARG AA 892 58.12 -2.71 56.73
CA ARG AA 892 58.45 -1.29 56.85
C ARG AA 892 59.84 -1.04 57.44
N LEU AA 893 60.22 -1.82 58.46
CA LEU AA 893 61.51 -1.60 59.09
C LEU AA 893 62.66 -1.91 58.15
N LEU AA 894 62.53 -2.98 57.36
CA LEU AA 894 63.58 -3.34 56.40
C LEU AA 894 63.56 -2.46 55.17
N LEU AA 895 62.41 -1.88 54.82
CA LEU AA 895 62.29 -1.12 53.57
C LEU AA 895 63.29 0.04 53.35
N PRO AA 896 63.48 0.92 54.34
CA PRO AA 896 64.40 2.03 54.03
C PRO AA 896 65.84 1.61 53.76
N TRP AA 897 66.36 0.62 54.47
CA TRP AA 897 67.78 0.27 54.33
C TRP AA 897 68.12 -0.91 53.40
N CYS AA 898 67.20 -1.85 53.23
CA CYS AA 898 67.51 -3.03 52.40
C CYS AA 898 67.01 -2.85 51.00
N GLN AA 899 67.92 -2.86 50.04
CA GLN AA 899 67.54 -2.61 48.64
C GLN AA 899 67.40 -3.89 47.83
N VAL AA 900 67.18 -5.02 48.49
CA VAL AA 900 66.94 -6.26 47.76
C VAL AA 900 65.54 -6.75 48.11
N ASN AA 901 64.84 -7.35 47.14
CA ASN AA 901 63.47 -7.82 47.34
C ASN AA 901 62.53 -6.69 47.74
N VAL AA 902 62.80 -5.49 47.27
CA VAL AA 902 61.91 -4.39 47.56
C VAL AA 902 60.56 -4.71 46.94
N GLY AA 903 60.57 -5.29 45.74
CA GLY AA 903 59.34 -5.64 45.06
C GLY AA 903 58.51 -6.63 45.85
N SER AA 904 59.14 -7.67 46.35
CA SER AA 904 58.42 -8.65 47.18
C SER AA 904 57.89 -8.02 48.45
N CYS AA 905 58.66 -7.14 49.08
CA CYS AA 905 58.16 -6.43 50.26
C CYS AA 905 56.89 -5.71 49.89
N HIS AA 906 56.91 -4.96 48.79
CA HIS AA 906 55.73 -4.21 48.37
C HIS AA 906 54.58 -5.16 48.16
N PHE AA 907 54.80 -6.26 47.46
CA PHE AA 907 53.79 -7.27 47.22
C PHE AA 907 53.13 -7.68 48.51
N MET AA 908 53.93 -8.10 49.49
CA MET AA 908 53.36 -8.60 50.74
C MET AA 908 52.68 -7.53 51.57
N LEU AA 909 53.17 -6.30 51.55
CA LEU AA 909 52.53 -5.21 52.27
C LEU AA 909 51.17 -4.93 51.64
N ALA AA 910 51.11 -5.02 50.32
CA ALA AA 910 49.85 -4.82 49.63
C ALA AA 910 48.89 -5.91 50.00
N GLN AA 911 49.42 -7.13 50.14
CA GLN AA 911 48.59 -8.24 50.54
C GLN AA 911 48.07 -8.06 51.95
N CYS AA 912 48.89 -7.50 52.83
CA CYS AA 912 48.46 -7.21 54.19
C CYS AA 912 47.40 -6.14 54.20
N TYR AA 913 47.49 -5.17 53.29
CA TYR AA 913 46.47 -4.13 53.21
C TYR AA 913 45.21 -4.72 52.63
N LEU AA 914 45.34 -5.71 51.77
CA LEU AA 914 44.17 -6.39 51.22
C LEU AA 914 43.61 -7.32 52.29
N VAL AA 915 44.33 -7.51 53.40
CA VAL AA 915 43.85 -8.34 54.52
C VAL AA 915 43.56 -7.44 55.74
N ALA AA 916 43.93 -6.16 55.66
CA ALA AA 916 43.60 -5.23 56.75
C ALA AA 916 42.36 -4.42 56.37
N GLY AA 917 42.09 -4.28 55.08
CA GLY AA 917 40.89 -3.57 54.63
C GLY AA 917 41.08 -2.53 53.56
N GLU AA 918 42.33 -2.25 53.15
CA GLU AA 918 42.65 -1.16 52.18
C GLU AA 918 43.08 -1.50 50.73
N GLY AA 919 42.11 -1.79 49.88
CA GLY AA 919 42.41 -2.15 48.50
C GLY AA 919 43.21 -1.18 47.63
N HIS AA 920 43.04 0.12 47.80
CA HIS AA 920 43.81 1.10 47.02
C HIS AA 920 45.31 0.99 47.32
N LYS AA 921 45.62 0.90 48.61
CA LYS AA 921 47.02 0.77 49.00
C LYS AA 921 47.50 -0.56 48.49
N ALA AA 922 46.63 -1.57 48.57
CA ALA AA 922 47.00 -2.86 48.03
C ALA AA 922 47.45 -2.70 46.58
N LEU AA 923 46.63 -2.10 45.73
CA LEU AA 923 46.96 -1.89 44.32
C LEU AA 923 48.25 -1.09 44.09
N ASP AA 924 48.46 -0.03 44.86
CA ASP AA 924 49.71 0.72 44.73
C ASP AA 924 50.93 -0.19 44.97
N CYS AA 925 50.91 -0.91 46.09
CA CYS AA 925 52.09 -1.73 46.38
C CYS AA 925 52.19 -2.88 45.36
N PHE AA 926 51.06 -3.33 44.82
CA PHE AA 926 51.06 -4.37 43.80
C PHE AA 926 51.78 -3.88 42.57
N SER AA 927 51.55 -2.63 42.19
CA SER AA 927 52.21 -2.04 41.02
C SER AA 927 53.69 -1.82 41.25
N GLN AA 928 54.08 -1.50 42.48
CA GLN AA 928 55.49 -1.33 42.81
C GLN AA 928 56.18 -2.68 42.71
N ALA AA 929 55.49 -3.74 43.10
CA ALA AA 929 56.04 -5.09 42.96
C ALA AA 929 56.17 -5.43 41.49
N ALA AA 930 55.22 -4.96 40.69
CA ALA AA 930 55.25 -5.24 39.24
C ALA AA 930 56.52 -4.70 38.60
N SER AA 931 57.00 -3.54 39.04
CA SER AA 931 58.23 -2.98 38.50
C SER AA 931 59.38 -3.99 38.57
N GLU AA 932 59.43 -4.77 39.65
CA GLU AA 932 60.50 -5.76 39.83
C GLU AA 932 60.15 -7.13 39.27
N VAL AA 933 59.02 -7.24 38.57
CA VAL AA 933 58.60 -8.52 37.97
C VAL AA 933 59.63 -9.04 36.97
N GLU AA 934 60.30 -8.15 36.24
CA GLU AA 934 61.35 -8.57 35.34
C GLU AA 934 62.32 -9.46 36.09
N ARG AA 935 62.59 -10.64 35.56
CA ARG AA 935 63.49 -11.60 36.21
C ARG AA 935 63.00 -12.05 37.59
N GLU AA 936 61.68 -12.11 37.78
CA GLU AA 936 61.16 -12.63 39.05
C GLU AA 936 60.55 -13.98 38.77
N ASP AA 937 61.24 -15.05 39.16
CA ASP AA 937 60.78 -16.41 38.87
C ASP AA 937 59.41 -16.71 39.46
N PHE AA 938 59.14 -16.20 40.67
CA PHE AA 938 57.87 -16.46 41.31
C PHE AA 938 56.70 -16.03 40.43
N LEU AA 939 56.74 -14.82 39.92
CA LEU AA 939 55.65 -14.32 39.07
C LEU AA 939 55.56 -15.04 37.74
N GLU AA 940 56.68 -15.58 37.25
CA GLU AA 940 56.70 -16.31 35.98
C GLU AA 940 55.91 -17.60 36.05
N LYS AA 941 55.63 -18.09 37.25
CA LYS AA 941 54.92 -19.36 37.40
C LYS AA 941 53.40 -19.24 37.45
N SER AA 952 52.75 -12.21 30.22
CA SER AA 952 53.80 -11.79 31.15
C SER AA 952 53.59 -12.37 32.55
N PRO AA 953 54.67 -12.48 33.34
CA PRO AA 953 54.56 -12.98 34.72
C PRO AA 953 53.58 -12.18 35.56
N ARG AA 954 53.70 -10.86 35.50
CA ARG AA 954 52.81 -10.00 36.26
C ARG AA 954 51.39 -10.24 35.83
N LEU AA 955 51.17 -10.41 34.53
CA LEU AA 955 49.83 -10.72 34.05
C LEU AA 955 49.30 -12.02 34.65
N GLN AA 956 50.12 -13.05 34.70
CA GLN AA 956 49.67 -14.35 35.22
C GLN AA 956 49.21 -14.25 36.67
N TYR AA 957 50.01 -13.62 37.51
CA TYR AA 957 49.64 -13.46 38.91
C TYR AA 957 48.47 -12.51 39.06
N TYR AA 958 48.36 -11.53 38.18
CA TYR AA 958 47.20 -10.65 38.24
C TYR AA 958 45.96 -11.48 37.97
N ASN AA 959 46.01 -12.37 37.00
CA ASN AA 959 44.88 -13.26 36.70
C ASN AA 959 44.58 -14.19 37.86
N ARG AA 960 45.63 -14.66 38.54
CA ARG AA 960 45.42 -15.47 39.73
C ARG AA 960 44.64 -14.68 40.79
N VAL AA 961 45.06 -13.44 41.05
CA VAL AA 961 44.36 -12.61 42.03
C VAL AA 961 42.93 -12.34 41.57
N LEU AA 962 42.73 -12.22 40.26
CA LEU AA 962 41.41 -12.00 39.70
C LEU AA 962 40.51 -13.19 39.98
N ARG AA 963 41.00 -14.40 39.77
CA ARG AA 963 40.20 -15.59 40.09
C ARG AA 963 39.93 -15.63 41.57
N LEU AA 964 40.90 -15.22 42.39
CA LEU AA 964 40.65 -15.15 43.82
C LEU AA 964 39.49 -14.24 44.08
N LEU AA 965 39.58 -12.99 43.63
CA LEU AA 965 38.53 -12.00 43.88
C LEU AA 965 37.18 -12.38 43.29
N GLU AA 966 37.15 -13.26 42.28
CA GLU AA 966 35.87 -13.73 41.74
C GLU AA 966 35.16 -14.64 42.72
N ASP AA 967 35.85 -15.65 43.24
CA ASP AA 967 35.26 -16.52 44.26
C ASP AA 967 35.07 -15.68 45.50
N VAL AA 968 35.99 -14.75 45.76
CA VAL AA 968 35.88 -13.84 46.89
C VAL AA 968 34.59 -13.01 46.77
N GLY AA 969 34.07 -12.84 45.56
CA GLY AA 969 32.83 -12.11 45.40
C GLY AA 969 32.98 -10.63 45.63
N LEU AA 970 34.15 -10.08 45.33
CA LEU AA 970 34.35 -8.64 45.43
C LEU AA 970 34.37 -8.16 44.01
N PRO AA 971 33.20 -7.78 43.42
CA PRO AA 971 33.30 -7.43 41.99
C PRO AA 971 34.14 -6.18 41.62
N GLU AA 972 34.08 -5.11 42.40
CA GLU AA 972 34.81 -3.88 42.07
C GLU AA 972 36.32 -4.10 42.04
N LEU AA 973 36.82 -4.83 43.03
CA LEU AA 973 38.25 -5.13 43.06
C LEU AA 973 38.61 -5.92 41.82
N VAL AA 974 37.79 -6.92 41.48
CA VAL AA 974 38.02 -7.69 40.26
C VAL AA 974 38.18 -6.71 39.11
N ILE AA 975 37.25 -5.80 38.91
CA ILE AA 975 37.32 -4.86 37.77
C ILE AA 975 38.61 -4.01 37.68
N GLN AA 976 39.00 -3.34 38.77
CA GLN AA 976 40.22 -2.51 38.76
C GLN AA 976 41.48 -3.31 38.50
N LEU AA 977 41.57 -4.47 39.15
CA LEU AA 977 42.72 -5.33 38.93
C LEU AA 977 42.74 -5.81 37.49
N ALA AA 978 41.57 -6.11 36.94
CA ALA AA 978 41.49 -6.53 35.55
C ALA AA 978 41.98 -5.42 34.65
N THR AA 979 41.62 -4.17 34.93
CA THR AA 979 42.14 -3.04 34.17
C THR AA 979 43.67 -2.96 34.25
N ILE AA 980 44.22 -3.12 35.45
CA ILE AA 980 45.69 -3.13 35.57
C ILE AA 980 46.33 -4.25 34.74
N ALA AA 981 45.68 -5.43 34.73
CA ALA AA 981 46.21 -6.55 33.97
C ALA AA 981 46.11 -6.29 32.46
N ILE AA 982 45.10 -5.55 32.01
CA ILE AA 982 45.02 -5.19 30.59
C ILE AA 982 46.27 -4.40 30.21
N GLY AA 983 46.70 -3.50 31.09
CA GLY AA 983 47.89 -2.71 30.83
C GLY AA 983 49.15 -3.55 30.66
N GLU AA 984 49.32 -4.56 31.50
CA GLU AA 984 50.48 -5.43 31.40
C GLU AA 984 50.48 -6.22 30.10
N ALA AA 985 49.31 -6.69 29.68
CA ALA AA 985 49.18 -7.40 28.41
C ALA AA 985 49.06 -6.39 27.30
N SER AA 986 50.11 -5.60 27.06
CA SER AA 986 50.04 -4.55 26.05
C SER AA 986 49.86 -5.09 24.64
N ASP AA 987 50.62 -6.11 24.27
CA ASP AA 987 50.56 -6.63 22.90
C ASP AA 987 49.68 -7.85 22.72
N ASP AA 988 49.31 -8.50 23.82
CA ASP AA 988 48.51 -9.74 23.75
C ASP AA 988 47.01 -9.49 23.62
N TRP AA 989 46.56 -9.45 22.37
CA TRP AA 989 45.14 -9.22 22.12
C TRP AA 989 44.29 -10.25 22.83
N ARG AA 990 44.71 -11.52 22.86
CA ARG AA 990 43.94 -12.57 23.49
C ARG AA 990 43.66 -12.26 24.95
N SER AA 991 44.72 -11.98 25.70
CA SER AA 991 44.56 -11.68 27.10
C SER AA 991 43.73 -10.42 27.29
N GLN AA 992 43.96 -9.40 26.46
CA GLN AA 992 43.14 -8.20 26.56
C GLN AA 992 41.67 -8.56 26.45
N ALA AA 993 41.31 -9.31 25.43
CA ALA AA 993 39.92 -9.70 25.22
C ALA AA 993 39.37 -10.46 26.41
N ALA AA 994 40.08 -11.46 26.92
CA ALA AA 994 39.63 -12.17 28.12
C ALA AA 994 39.27 -11.26 29.31
N LEU AA 995 40.20 -10.39 29.69
CA LEU AA 995 39.98 -9.50 30.83
C LEU AA 995 38.83 -8.52 30.60
N ARG AA 996 38.74 -7.96 29.40
CA ARG AA 996 37.64 -7.06 29.09
C ARG AA 996 36.32 -7.82 29.16
N THR AA 997 36.30 -9.05 28.67
CA THR AA 997 35.09 -9.87 28.77
C THR AA 997 34.71 -10.07 30.23
N ARG AA 998 35.68 -10.39 31.08
CA ARG AA 998 35.40 -10.53 32.51
C ARG AA 998 34.80 -9.25 33.09
N ILE AA 999 35.38 -8.11 32.74
CA ILE AA 999 34.87 -6.82 33.22
C ILE AA 999 33.42 -6.65 32.80
N PHE AA 1000 33.12 -6.85 31.52
CA PHE AA 1000 31.76 -6.73 31.03
C PHE AA 1000 30.85 -7.60 31.84
N LYS AA 1001 31.23 -8.87 32.03
CA LYS AA 1001 30.41 -9.81 32.76
C LYS AA 1001 30.08 -9.30 34.16
N HIS AA 1002 31.09 -8.89 34.91
CA HIS AA 1002 30.84 -8.38 36.26
C HIS AA 1002 29.94 -7.13 36.26
N HIS AA 1003 30.16 -6.22 35.32
CA HIS AA 1003 29.31 -5.02 35.25
C HIS AA 1003 27.87 -5.39 34.96
N LEU AA 1004 27.65 -6.33 34.06
CA LEU AA 1004 26.31 -6.78 33.73
C LEU AA 1004 25.67 -7.38 34.96
N ASP AA 1005 26.41 -8.19 35.70
CA ASP AA 1005 25.89 -8.82 36.91
C ASP AA 1005 25.46 -7.80 37.96
N MET AA 1006 26.16 -6.66 38.04
CA MET AA 1006 25.85 -5.66 39.06
C MET AA 1006 24.77 -4.66 38.64
N GLY AA 1007 24.40 -4.66 37.37
CA GLY AA 1007 23.39 -3.72 36.90
C GLY AA 1007 23.97 -2.48 36.26
N HIS AA 1008 25.28 -2.46 36.00
CA HIS AA 1008 25.94 -1.30 35.40
C HIS AA 1008 25.87 -1.35 33.89
N ASN AA 1009 24.67 -1.19 33.33
CA ASN AA 1009 24.47 -1.31 31.88
C ASN AA 1009 25.43 -0.53 30.99
N ASN AA 1010 25.59 0.77 31.25
CA ASN AA 1010 26.44 1.60 30.40
C ASN AA 1010 27.89 1.15 30.41
N GLN AA 1011 28.39 0.85 31.61
CA GLN AA 1011 29.78 0.38 31.72
C GLN AA 1011 29.92 -0.95 31.00
N ALA AA 1012 28.92 -1.81 31.14
CA ALA AA 1012 28.95 -3.09 30.45
C ALA AA 1012 29.05 -2.85 28.95
N TYR AA 1013 28.24 -1.96 28.41
CA TYR AA 1013 28.26 -1.67 26.99
C TYR AA 1013 29.62 -1.12 26.54
N ASP AA 1014 30.22 -0.25 27.35
CA ASP AA 1014 31.55 0.27 27.01
C ASP AA 1014 32.58 -0.85 26.96
N ALA AA 1015 32.56 -1.74 27.96
CA ALA AA 1015 33.48 -2.86 27.97
C ALA AA 1015 33.25 -3.71 26.74
N LEU AA 1016 31.99 -3.90 26.34
CA LEU AA 1016 31.65 -4.70 25.16
C LEU AA 1016 32.23 -4.09 23.91
N THR AA 1017 32.11 -2.77 23.75
CA THR AA 1017 32.63 -2.09 22.56
C THR AA 1017 34.15 -2.02 22.53
N GLN AA 1018 34.81 -2.52 23.58
CA GLN AA 1018 36.28 -2.45 23.64
C GLN AA 1018 36.96 -3.80 23.43
N ILE AA 1019 36.20 -4.89 23.42
CA ILE AA 1019 36.77 -6.23 23.24
C ILE AA 1019 37.31 -6.41 21.83
N PRO AA 1020 38.62 -6.70 21.71
CA PRO AA 1020 39.23 -6.88 20.38
C PRO AA 1020 38.67 -8.07 19.60
N ASP AA 1021 38.40 -9.19 20.27
CA ASP AA 1021 37.87 -10.37 19.60
C ASP AA 1021 36.44 -10.14 19.14
N PRO AA 1022 36.15 -10.34 17.83
CA PRO AA 1022 34.73 -10.13 17.48
C PRO AA 1022 33.76 -11.19 18.02
N SER AA 1023 34.13 -12.47 18.03
CA SER AA 1023 33.23 -13.53 18.47
C SER AA 1023 32.85 -13.33 19.94
N ARG AA 1024 33.85 -13.05 20.76
CA ARG AA 1024 33.60 -12.82 22.17
C ARG AA 1024 32.66 -11.64 22.32
N GLN AA 1025 32.91 -10.57 21.57
CA GLN AA 1025 32.05 -9.40 21.63
C GLN AA 1025 30.62 -9.76 21.30
N LEU AA 1026 30.40 -10.53 20.24
CA LEU AA 1026 29.07 -10.94 19.85
C LEU AA 1026 28.37 -11.79 20.92
N ASP AA 1027 29.07 -12.76 21.51
CA ASP AA 1027 28.45 -13.58 22.55
C ASP AA 1027 28.09 -12.71 23.75
N CYS AA 1028 28.98 -11.79 24.10
CA CYS AA 1028 28.68 -10.87 25.19
C CYS AA 1028 27.46 -10.04 24.84
N LEU AA 1029 27.33 -9.62 23.57
CA LEU AA 1029 26.16 -8.85 23.15
C LEU AA 1029 24.90 -9.67 23.38
N ARG AA 1030 24.90 -10.93 22.96
CA ARG AA 1030 23.76 -11.79 23.17
C ARG AA 1030 23.42 -11.84 24.65
N GLN AA 1031 24.43 -12.07 25.49
CA GLN AA 1031 24.17 -12.18 26.92
C GLN AA 1031 23.54 -10.90 27.44
N LEU AA 1032 24.09 -9.75 27.08
CA LEU AA 1032 23.55 -8.47 27.51
C LEU AA 1032 22.09 -8.34 27.12
N VAL AA 1033 21.78 -8.61 25.85
CA VAL AA 1033 20.41 -8.53 25.38
C VAL AA 1033 19.53 -9.41 26.27
N VAL AA 1034 19.89 -10.67 26.45
CA VAL AA 1034 19.07 -11.58 27.26
C VAL AA 1034 18.84 -11.02 28.66
N VAL AA 1035 19.91 -10.58 29.32
CA VAL AA 1035 19.78 -10.08 30.69
C VAL AA 1035 18.88 -8.84 30.77
N LEU AA 1036 19.03 -7.90 29.85
CA LEU AA 1036 18.24 -6.68 29.91
C LEU AA 1036 16.76 -6.99 29.71
N CYS AA 1037 16.46 -7.98 28.88
CA CYS AA 1037 15.08 -8.39 28.69
C CYS AA 1037 14.48 -8.89 29.98
N GLU AA 1038 15.22 -9.74 30.70
CA GLU AA 1038 14.73 -10.29 31.96
C GLU AA 1038 14.50 -9.22 33.01
N ARG AA 1039 15.39 -8.23 33.08
CA ARG AA 1039 15.25 -7.15 34.04
C ARG AA 1039 14.32 -6.06 33.53
N SER AA 1040 13.76 -6.23 32.34
CA SER AA 1040 12.85 -5.24 31.75
C SER AA 1040 13.50 -3.88 31.53
N GLN AA 1041 14.82 -3.84 31.38
CA GLN AA 1041 15.52 -2.59 31.09
C GLN AA 1041 15.64 -2.47 29.60
N LEU AA 1042 14.51 -2.36 28.91
CA LEU AA 1042 14.52 -2.31 27.46
C LEU AA 1042 14.85 -0.91 26.93
N GLN AA 1043 14.64 0.10 27.75
CA GLN AA 1043 14.95 1.47 27.34
C GLN AA 1043 16.43 1.62 27.03
N ASP AA 1044 17.28 1.12 27.93
CA ASP AA 1044 18.72 1.19 27.70
C ASP AA 1044 19.11 0.36 26.49
N LEU AA 1045 18.47 -0.79 26.32
CA LEU AA 1045 18.73 -1.62 25.15
C LEU AA 1045 18.43 -0.84 23.89
N VAL AA 1046 17.32 -0.11 23.89
CA VAL AA 1046 16.97 0.71 22.73
C VAL AA 1046 18.04 1.78 22.50
N GLU AA 1047 18.48 2.44 23.57
CA GLU AA 1047 19.50 3.48 23.44
C GLU AA 1047 20.80 2.94 22.88
N PHE AA 1048 21.24 1.78 23.36
CA PHE AA 1048 22.49 1.19 22.90
C PHE AA 1048 22.43 0.94 21.40
N PRO AA 1049 23.36 1.56 20.65
CA PRO AA 1049 23.40 1.35 19.21
C PRO AA 1049 23.88 -0.04 18.84
N TYR AA 1050 23.60 -0.46 17.62
CA TYR AA 1050 23.97 -1.81 17.20
C TYR AA 1050 25.05 -1.74 16.14
N VAL AA 1051 26.13 -2.48 16.33
CA VAL AA 1051 27.24 -2.45 15.39
C VAL AA 1051 26.90 -3.32 14.20
N ASN AA 1052 26.00 -2.86 13.33
CA ASN AA 1052 25.55 -3.66 12.18
C ASN AA 1052 24.96 -4.99 12.66
N LEU AA 1053 24.53 -5.03 13.91
CA LEU AA 1053 23.97 -6.25 14.48
C LEU AA 1053 22.53 -6.01 14.93
N HIS AA 1054 21.87 -5.01 14.35
CA HIS AA 1054 20.47 -4.77 14.65
C HIS AA 1054 19.75 -5.99 14.16
N ASN AA 1055 20.06 -6.39 12.94
CA ASN AA 1055 19.45 -7.59 12.38
C ASN AA 1055 19.82 -8.82 13.20
N GLU AA 1056 21.05 -8.90 13.71
CA GLU AA 1056 21.44 -10.02 14.57
C GLU AA 1056 20.54 -10.10 15.79
N VAL AA 1057 20.32 -8.99 16.48
CA VAL AA 1057 19.43 -8.98 17.63
C VAL AA 1057 18.02 -9.42 17.22
N VAL AA 1058 17.54 -8.88 16.10
CA VAL AA 1058 16.21 -9.25 15.63
C VAL AA 1058 16.15 -10.75 15.48
N GLY AA 1059 17.14 -11.34 14.81
CA GLY AA 1059 17.18 -12.76 14.61
C GLY AA 1059 17.23 -13.59 15.87
N ILE AA 1060 18.01 -13.17 16.87
CA ILE AA 1060 18.09 -13.88 18.15
C ILE AA 1060 16.70 -13.99 18.77
N ILE AA 1061 16.03 -12.86 18.90
CA ILE AA 1061 14.70 -12.85 19.50
C ILE AA 1061 13.73 -13.67 18.64
N GLU AA 1062 13.87 -13.59 17.32
CA GLU AA 1062 12.99 -14.34 16.43
C GLU AA 1062 13.12 -15.81 16.70
N SER AA 1063 14.36 -16.29 16.80
CA SER AA 1063 14.60 -17.69 17.04
C SER AA 1063 14.06 -18.08 18.40
N ARG AA 1064 14.27 -17.24 19.42
CA ARG AA 1064 13.71 -17.54 20.74
C ARG AA 1064 12.21 -17.75 20.64
N ALA AA 1065 11.53 -16.85 19.94
CA ALA AA 1065 10.09 -16.98 19.76
C ALA AA 1065 9.73 -18.28 19.08
N ARG AA 1066 10.27 -18.52 17.88
CA ARG AA 1066 9.97 -19.75 17.16
C ARG AA 1066 10.47 -21.00 17.90
N ALA AA 1067 10.87 -20.85 19.15
CA ALA AA 1067 11.34 -21.99 19.94
C ALA AA 1067 10.74 -22.08 21.36
N VAL AA 1068 9.93 -21.11 21.75
CA VAL AA 1068 9.32 -21.12 23.09
C VAL AA 1068 7.80 -21.20 23.07
N ASP AA 1069 7.21 -21.67 24.16
CA ASP AA 1069 5.74 -21.77 24.24
C ASP AA 1069 5.10 -20.39 24.19
N LEU AA 1070 4.01 -20.27 23.44
CA LEU AA 1070 3.31 -18.99 23.30
C LEU AA 1070 2.71 -18.45 24.58
N MET AA 1071 2.19 -19.33 25.43
CA MET AA 1071 1.51 -18.87 26.64
C MET AA 1071 2.40 -18.55 27.84
N THR AA 1072 3.71 -18.66 27.67
CA THR AA 1072 4.61 -18.43 28.80
C THR AA 1072 5.55 -17.25 28.65
N HIS AA 1073 6.24 -17.16 27.53
CA HIS AA 1073 7.26 -16.10 27.37
C HIS AA 1073 6.83 -14.78 26.76
N ASN AA 1074 7.59 -13.73 27.04
CA ASN AA 1074 7.30 -12.41 26.49
C ASN AA 1074 8.30 -12.00 25.43
N TYR AA 1075 9.02 -12.95 24.82
CA TYR AA 1075 9.93 -12.61 23.74
C TYR AA 1075 9.19 -11.96 22.57
N TYR AA 1076 8.06 -12.55 22.19
CA TYR AA 1076 7.29 -12.02 21.08
C TYR AA 1076 6.92 -10.57 21.30
N GLU AA 1077 6.44 -10.27 22.49
CA GLU AA 1077 6.03 -8.92 22.80
C GLU AA 1077 7.17 -7.94 22.64
N LEU AA 1078 8.33 -8.28 23.19
CA LEU AA 1078 9.51 -7.43 23.07
C LEU AA 1078 9.88 -7.21 21.62
N LEU AA 1079 9.88 -8.29 20.83
CA LEU AA 1079 10.19 -8.16 19.42
C LEU AA 1079 9.26 -7.15 18.78
N TYR AA 1080 7.96 -7.33 19.00
CA TYR AA 1080 6.99 -6.42 18.40
C TYR AA 1080 7.29 -5.00 18.78
N ALA AA 1081 7.47 -4.74 20.06
CA ALA AA 1081 7.73 -3.38 20.53
C ALA AA 1081 8.99 -2.79 19.91
N PHE AA 1082 10.05 -3.58 19.82
CA PHE AA 1082 11.31 -3.10 19.26
C PHE AA 1082 11.13 -2.67 17.82
N HIS AA 1083 10.51 -3.51 17.02
CA HIS AA 1083 10.30 -3.20 15.61
C HIS AA 1083 9.50 -1.93 15.41
N ILE AA 1084 8.41 -1.79 16.16
CA ILE AA 1084 7.54 -0.62 15.98
C ILE AA 1084 8.23 0.65 16.48
N TYR AA 1085 9.12 0.54 17.46
CA TYR AA 1085 9.88 1.72 17.88
C TYR AA 1085 10.79 2.12 16.74
N ARG AA 1086 11.36 1.13 16.05
CA ARG AA 1086 12.27 1.42 14.94
C ARG AA 1086 11.55 1.86 13.69
N HIS AA 1087 10.23 2.08 13.78
CA HIS AA 1087 9.43 2.55 12.66
C HIS AA 1087 9.47 1.58 11.49
N ASN AA 1088 9.82 0.34 11.78
CA ASN AA 1088 9.86 -0.66 10.74
C ASN AA 1088 8.45 -1.17 10.70
N TYR AA 1089 7.55 -0.38 10.12
CA TYR AA 1089 6.15 -0.75 10.07
C TYR AA 1089 6.00 -2.07 9.37
N ARG AA 1090 6.65 -2.22 8.22
CA ARG AA 1090 6.60 -3.47 7.47
C ARG AA 1090 6.99 -4.64 8.36
N LYS AA 1091 8.14 -4.54 9.00
CA LYS AA 1091 8.62 -5.64 9.84
C LYS AA 1091 7.67 -5.95 10.98
N ALA AA 1092 7.12 -4.92 11.61
CA ALA AA 1092 6.21 -5.12 12.74
C ALA AA 1092 4.98 -5.88 12.25
N GLY AA 1093 4.44 -5.45 11.11
CA GLY AA 1093 3.29 -6.12 10.56
C GLY AA 1093 3.61 -7.57 10.31
N SER AA 1094 4.76 -7.84 9.69
CA SER AA 1094 5.14 -9.22 9.39
C SER AA 1094 5.23 -10.05 10.68
N VAL AA 1095 5.86 -9.51 11.70
CA VAL AA 1095 6.00 -10.23 12.97
C VAL AA 1095 4.64 -10.53 13.58
N MET AA 1096 3.73 -9.57 13.55
CA MET AA 1096 2.39 -9.81 14.07
C MET AA 1096 1.64 -10.87 13.26
N PHE AA 1097 1.78 -10.86 11.95
CA PHE AA 1097 1.15 -11.89 11.14
C PHE AA 1097 1.70 -13.24 11.57
N GLU AA 1098 3.02 -13.38 11.64
CA GLU AA 1098 3.62 -14.63 12.07
C GLU AA 1098 3.06 -14.99 13.41
N TYR AA 1099 3.05 -14.01 14.32
CA TYR AA 1099 2.52 -14.23 15.66
C TYR AA 1099 1.19 -14.88 15.52
N GLY AA 1100 0.23 -14.23 14.88
CA GLY AA 1100 -1.11 -14.77 14.79
C GLY AA 1100 -1.18 -16.20 14.30
N MET AA 1101 -0.52 -16.47 13.18
CA MET AA 1101 -0.50 -17.82 12.63
C MET AA 1101 -0.05 -18.84 13.66
N ARG AA 1102 1.16 -18.65 14.18
CA ARG AA 1102 1.69 -19.64 15.13
C ARG AA 1102 0.73 -19.77 16.30
N LEU AA 1103 0.25 -18.63 16.78
CA LEU AA 1103 -0.66 -18.59 17.91
C LEU AA 1103 -1.74 -19.55 17.63
N GLY AA 1104 -2.56 -19.30 16.62
CA GLY AA 1104 -3.70 -20.16 16.35
C GLY AA 1104 -3.25 -21.59 16.28
N ARG AA 1105 -2.37 -21.92 15.33
CA ARG AA 1105 -1.90 -23.29 15.16
C ARG AA 1105 -1.77 -24.08 16.47
N GLU AA 1106 -1.09 -23.49 17.45
CA GLU AA 1106 -0.86 -24.21 18.71
C GLU AA 1106 -2.00 -24.04 19.71
N VAL AA 1107 -2.25 -22.82 20.16
CA VAL AA 1107 -3.27 -22.62 21.18
C VAL AA 1107 -4.64 -22.32 20.59
N ARG AA 1108 -5.58 -23.24 20.80
CA ARG AA 1108 -6.92 -23.07 20.25
C ARG AA 1108 -7.95 -22.83 21.34
N THR AA 1109 -7.51 -22.33 22.50
CA THR AA 1109 -8.44 -22.00 23.57
C THR AA 1109 -9.00 -20.60 23.36
N LEU AA 1110 -10.11 -20.27 23.99
CA LEU AA 1110 -10.74 -18.97 23.77
C LEU AA 1110 -9.75 -17.84 23.96
N ARG AA 1111 -8.98 -17.88 25.04
CA ARG AA 1111 -8.00 -16.83 25.30
C ARG AA 1111 -6.99 -16.73 24.17
N GLY AA 1112 -6.45 -17.87 23.74
CA GLY AA 1112 -5.49 -17.88 22.64
C GLY AA 1112 -6.08 -17.32 21.36
N LEU AA 1113 -7.33 -17.65 21.07
CA LEU AA 1113 -7.99 -17.13 19.88
C LEU AA 1113 -8.16 -15.62 19.96
N GLN AA 1114 -8.52 -15.09 21.12
CA GLN AA 1114 -8.62 -13.65 21.25
C GLN AA 1114 -7.26 -12.99 21.01
N LYS AA 1115 -6.20 -13.62 21.51
CA LYS AA 1115 -4.85 -13.09 21.31
C LYS AA 1115 -4.52 -13.03 19.82
N GLN AA 1116 -4.89 -14.06 19.05
CA GLN AA 1116 -4.65 -14.06 17.62
C GLN AA 1116 -5.36 -12.89 16.94
N VAL AA 1117 -6.61 -12.65 17.32
CA VAL AA 1117 -7.37 -11.54 16.78
C VAL AA 1117 -6.62 -10.25 17.08
N ASN AA 1118 -6.20 -10.08 18.32
CA ASN AA 1118 -5.51 -8.85 18.71
C ASN AA 1118 -4.26 -8.66 17.86
N SER AA 1119 -3.52 -9.74 17.66
CA SER AA 1119 -2.30 -9.69 16.86
C SER AA 1119 -2.57 -9.25 15.43
N TYR AA 1120 -3.57 -9.85 14.80
CA TYR AA 1120 -3.91 -9.43 13.45
C TYR AA 1120 -4.33 -7.97 13.40
N LEU AA 1121 -5.11 -7.52 14.38
CA LEU AA 1121 -5.50 -6.11 14.43
C LEU AA 1121 -4.25 -5.26 14.44
N ALA AA 1122 -3.32 -5.58 15.33
CA ALA AA 1122 -2.10 -4.79 15.43
C ALA AA 1122 -1.34 -4.78 14.12
N CYS AA 1123 -1.20 -5.94 13.47
CA CYS AA 1123 -0.52 -6.00 12.17
C CYS AA 1123 -1.15 -5.08 11.16
N LEU AA 1124 -2.47 -5.18 11.01
CA LEU AA 1124 -3.17 -4.33 10.07
C LEU AA 1124 -2.87 -2.88 10.36
N ASN AA 1125 -3.03 -2.49 11.61
CA ASN AA 1125 -2.83 -1.08 11.94
C ASN AA 1125 -1.43 -0.61 11.62
N CYS AA 1126 -0.43 -1.42 11.95
CA CYS AA 1126 0.97 -1.06 11.66
C CYS AA 1126 1.22 -0.92 10.18
N LEU AA 1127 0.76 -1.87 9.37
CA LEU AA 1127 0.95 -1.76 7.93
C LEU AA 1127 0.31 -0.48 7.39
N ARG AA 1128 -0.81 -0.07 7.97
CA ARG AA 1128 -1.52 1.13 7.51
C ARG AA 1128 -0.83 2.43 7.90
N LEU AA 1129 0.15 2.36 8.79
CA LEU AA 1129 0.88 3.55 9.22
C LEU AA 1129 1.91 3.98 8.19
N ILE AA 1130 1.98 3.29 7.07
CA ILE AA 1130 3.01 3.60 6.07
C ILE AA 1130 2.98 5.07 5.67
N ARG AA 1131 4.16 5.64 5.44
CA ARG AA 1131 4.26 7.04 5.10
C ARG AA 1131 3.46 7.38 3.83
N PRO AA 1132 2.79 8.53 3.84
CA PRO AA 1132 2.09 8.95 2.61
C PRO AA 1132 3.08 9.10 1.47
N GLU AA 1133 4.26 9.66 1.74
CA GLU AA 1133 5.27 9.80 0.70
C GLU AA 1133 5.65 8.43 0.18
N TYR AA 1134 5.98 7.52 1.09
CA TYR AA 1134 6.33 6.16 0.69
C TYR AA 1134 5.10 5.28 0.73
N ALA AA 1135 4.18 5.49 -0.21
CA ALA AA 1135 2.94 4.73 -0.24
C ALA AA 1135 3.14 3.33 -0.81
N TRP AA 1136 4.27 2.70 -0.50
CA TRP AA 1136 4.52 1.35 -0.97
C TRP AA 1136 4.90 0.42 0.18
N ILE AA 1137 4.18 -0.69 0.33
CA ILE AA 1137 4.51 -1.66 1.37
C ILE AA 1137 4.89 -2.96 0.71
N VAL AA 1138 6.18 -3.27 0.70
CA VAL AA 1138 6.63 -4.53 0.13
C VAL AA 1138 6.48 -5.62 1.18
N GLN AA 1139 5.45 -6.44 1.04
CA GLN AA 1139 5.21 -7.48 2.02
C GLN AA 1139 5.43 -8.85 1.43
N PRO AA 1140 6.22 -9.70 2.10
CA PRO AA 1140 6.39 -11.06 1.62
C PRO AA 1140 5.53 -12.06 2.37
N VAL AA 1141 5.17 -13.18 1.74
CA VAL AA 1141 4.42 -14.20 2.43
C VAL AA 1141 5.26 -14.72 3.56
N SER AA 1142 4.69 -14.82 4.76
CA SER AA 1142 5.42 -15.39 5.87
C SER AA 1142 5.34 -16.91 5.77
N GLY AA 1143 6.08 -17.48 4.81
CA GLY AA 1143 6.08 -18.93 4.63
C GLY AA 1143 6.59 -19.62 5.87
N ALA AA 1144 7.66 -19.09 6.46
CA ALA AA 1144 8.17 -19.65 7.69
C ALA AA 1144 7.35 -19.11 8.82
N VAL AA 1145 6.37 -19.89 9.28
CA VAL AA 1145 5.51 -19.45 10.36
C VAL AA 1145 6.29 -19.24 11.66
N SER AA 1167 9.57 -22.63 -1.77
CA SER AA 1167 8.97 -21.52 -2.49
C SER AA 1167 8.55 -20.43 -1.53
N SER AA 1168 9.40 -19.42 -1.34
CA SER AA 1168 9.05 -18.30 -0.48
C SER AA 1168 8.20 -17.33 -1.27
N GLN AA 1169 6.88 -17.45 -1.13
CA GLN AA 1169 5.97 -16.61 -1.89
C GLN AA 1169 6.04 -15.16 -1.45
N ILE AA 1170 5.56 -14.25 -2.29
CA ILE AA 1170 5.56 -12.84 -1.95
C ILE AA 1170 4.17 -12.29 -2.17
N GLU AA 1171 3.35 -12.32 -1.14
CA GLU AA 1171 1.98 -11.84 -1.27
C GLU AA 1171 1.93 -10.34 -1.18
N ILE AA 1172 1.94 -9.67 -2.32
CA ILE AA 1172 1.82 -8.22 -2.33
C ILE AA 1172 0.36 -7.92 -2.10
N LEU AA 1173 -0.03 -7.85 -0.83
CA LEU AA 1173 -1.43 -7.66 -0.50
C LEU AA 1173 -1.83 -6.21 -0.34
N GLU AA 1174 -0.87 -5.30 -0.42
CA GLU AA 1174 -1.17 -3.88 -0.16
C GLU AA 1174 -1.95 -3.83 1.14
N LEU AA 1175 -3.21 -3.46 1.09
CA LEU AA 1175 -4.04 -3.49 2.29
C LEU AA 1175 -5.20 -4.45 2.05
N ARG AA 1176 -5.65 -4.55 0.81
CA ARG AA 1176 -6.82 -5.38 0.47
C ARG AA 1176 -6.93 -6.74 1.14
N ASP AA 1177 -5.93 -7.61 0.97
CA ASP AA 1177 -6.05 -8.98 1.49
C ASP AA 1177 -6.07 -9.11 3.01
N LEU AA 1178 -5.18 -8.39 3.68
CA LEU AA 1178 -5.19 -8.40 5.13
C LEU AA 1178 -6.46 -7.74 5.65
N GLU AA 1179 -6.98 -6.74 4.93
CA GLU AA 1179 -8.24 -6.15 5.32
C GLU AA 1179 -9.25 -7.27 5.35
N LYS AA 1180 -9.31 -8.07 4.29
CA LYS AA 1180 -10.30 -9.14 4.22
C LYS AA 1180 -10.17 -10.11 5.38
N GLU AA 1181 -8.94 -10.52 5.69
CA GLU AA 1181 -8.73 -11.46 6.79
C GLU AA 1181 -9.26 -10.91 8.10
N TYR AA 1182 -8.95 -9.65 8.39
CA TYR AA 1182 -9.40 -9.09 9.64
C TYR AA 1182 -10.91 -8.88 9.65
N VAL AA 1183 -11.52 -8.54 8.52
CA VAL AA 1183 -12.97 -8.43 8.49
C VAL AA 1183 -13.54 -9.78 8.85
N LEU AA 1184 -13.00 -10.83 8.27
CA LEU AA 1184 -13.46 -12.18 8.58
C LEU AA 1184 -13.34 -12.45 10.08
N ALA AA 1185 -12.18 -12.16 10.66
CA ALA AA 1185 -11.98 -12.42 12.08
C ALA AA 1185 -12.97 -11.67 12.93
N GLN AA 1186 -13.24 -10.41 12.58
CA GLN AA 1186 -14.16 -9.58 13.35
C GLN AA 1186 -15.59 -10.07 13.25
N THR AA 1187 -15.99 -10.54 12.07
CA THR AA 1187 -17.32 -11.11 11.96
C THR AA 1187 -17.40 -12.37 12.80
N ARG AA 1188 -16.34 -13.18 12.80
CA ARG AA 1188 -16.34 -14.36 13.66
C ARG AA 1188 -16.57 -13.91 15.08
N LEU AA 1189 -15.84 -12.89 15.52
CA LEU AA 1189 -15.95 -12.39 16.88
C LEU AA 1189 -17.37 -11.93 17.21
N THR AA 1190 -18.00 -11.16 16.33
CA THR AA 1190 -19.34 -10.63 16.61
C THR AA 1190 -20.36 -11.75 16.75
N LEU AA 1191 -20.29 -12.73 15.86
CA LEU AA 1191 -21.19 -13.87 15.94
C LEU AA 1191 -20.98 -14.64 17.22
N ALA AA 1192 -19.72 -14.74 17.66
CA ALA AA 1192 -19.42 -15.44 18.88
C ALA AA 1192 -20.17 -14.86 20.05
N LYS AA 1193 -20.25 -13.54 20.11
CA LYS AA 1193 -20.94 -12.87 21.21
C LYS AA 1193 -22.44 -13.18 21.23
N HIS AA 1194 -23.08 -13.10 20.08
CA HIS AA 1194 -24.53 -13.33 20.02
C HIS AA 1194 -24.93 -14.75 20.39
N ASN AA 1195 -24.28 -15.74 19.79
CA ASN AA 1195 -24.65 -17.13 20.04
C ASN AA 1195 -23.45 -17.97 20.41
N PRO AA 1196 -23.49 -18.92 21.39
CA PRO AA 1196 -22.23 -19.73 21.60
C PRO AA 1196 -21.80 -20.87 20.58
N SER AA 1197 -22.78 -21.64 20.11
CA SER AA 1197 -22.47 -22.74 19.17
C SER AA 1197 -22.01 -22.19 17.83
N THR AA 1198 -22.75 -21.20 17.31
CA THR AA 1198 -22.33 -20.57 16.08
C THR AA 1198 -21.02 -19.88 16.33
N ALA AA 1199 -20.75 -19.45 17.55
CA ALA AA 1199 -19.43 -18.89 17.90
C ALA AA 1199 -18.35 -19.87 17.57
N ALA AA 1200 -18.42 -21.06 18.17
CA ALA AA 1200 -17.42 -22.10 17.78
C ALA AA 1200 -17.36 -22.38 16.26
N ILE AA 1201 -18.54 -22.38 15.65
CA ILE AA 1201 -18.58 -22.66 14.21
C ILE AA 1201 -17.83 -21.59 13.43
N ALA AA 1202 -18.01 -20.31 13.73
CA ALA AA 1202 -17.26 -19.24 13.08
C ALA AA 1202 -15.81 -19.48 13.36
N GLY AA 1203 -15.48 -19.83 14.60
CA GLY AA 1203 -14.09 -20.13 14.95
C GLY AA 1203 -13.33 -20.89 13.87
N SER AA 1204 -13.96 -21.86 13.23
CA SER AA 1204 -13.31 -22.61 12.16
C SER AA 1204 -14.19 -22.73 10.90
N SER AA 1205 -14.34 -21.63 10.17
CA SER AA 1205 -15.17 -21.63 8.96
C SER AA 1205 -14.70 -20.64 7.90
N ALA AA 1206 -15.60 -20.28 6.97
CA ALA AA 1206 -15.27 -19.32 5.91
C ALA AA 1206 -16.28 -18.17 5.78
N ALA AA 1207 -16.06 -17.28 4.81
CA ALA AA 1207 -16.93 -16.09 4.66
C ALA AA 1207 -18.40 -16.36 4.41
N GLU AA 1208 -18.70 -17.26 3.48
CA GLU AA 1208 -20.09 -17.60 3.20
C GLU AA 1208 -20.75 -18.15 4.45
N GLU AA 1209 -20.03 -19.00 5.17
CA GLU AA 1209 -20.56 -19.57 6.41
C GLU AA 1209 -20.86 -18.47 7.41
N MET AA 1210 -19.92 -17.54 7.59
CA MET AA 1210 -20.18 -16.41 8.48
C MET AA 1210 -21.45 -15.70 8.08
N VAL AA 1211 -21.58 -15.35 6.81
CA VAL AA 1211 -22.76 -14.62 6.36
C VAL AA 1211 -24.00 -15.40 6.74
N ALA AA 1212 -24.04 -16.68 6.41
CA ALA AA 1212 -25.21 -17.51 6.73
C ALA AA 1212 -25.62 -17.40 8.19
N LEU AA 1213 -24.71 -17.68 9.10
CA LEU AA 1213 -25.05 -17.67 10.52
C LEU AA 1213 -25.50 -16.29 11.03
N LEU AA 1214 -24.88 -15.22 10.54
CA LEU AA 1214 -25.26 -13.87 10.94
C LEU AA 1214 -26.69 -13.56 10.55
N VAL AA 1215 -27.06 -13.91 9.33
CA VAL AA 1215 -28.42 -13.67 8.86
C VAL AA 1215 -29.41 -14.43 9.72
N GLN AA 1216 -29.11 -15.69 10.01
CA GLN AA 1216 -29.99 -16.49 10.85
C GLN AA 1216 -30.20 -15.86 12.21
N ALA AA 1217 -29.12 -15.42 12.83
CA ALA AA 1217 -29.21 -14.81 14.16
C ALA AA 1217 -29.95 -13.47 14.14
N GLY AA 1218 -29.88 -12.76 13.02
CA GLY AA 1218 -30.56 -11.48 12.91
C GLY AA 1218 -29.65 -10.26 12.92
N LEU AA 1219 -28.34 -10.48 12.92
CA LEU AA 1219 -27.41 -9.36 12.86
C LEU AA 1219 -27.21 -9.00 11.41
N PHE AA 1220 -28.11 -8.20 10.85
CA PHE AA 1220 -28.05 -7.89 9.41
C PHE AA 1220 -26.99 -6.89 8.94
N ASP AA 1221 -26.80 -5.77 9.65
CA ASP AA 1221 -25.82 -4.78 9.23
C ASP AA 1221 -24.40 -5.36 9.08
N THR AA 1222 -24.03 -6.30 9.93
CA THR AA 1222 -22.71 -6.91 9.89
C THR AA 1222 -22.61 -7.78 8.65
N ALA AA 1223 -23.68 -8.52 8.38
CA ALA AA 1223 -23.71 -9.34 7.18
C ALA AA 1223 -23.54 -8.44 5.96
N ILE AA 1224 -24.26 -7.33 5.92
CA ILE AA 1224 -24.10 -6.38 4.81
C ILE AA 1224 -22.64 -6.02 4.62
N SER AA 1225 -21.99 -5.57 5.69
CA SER AA 1225 -20.58 -5.16 5.56
C SER AA 1225 -19.67 -6.29 5.04
N LEU AA 1226 -19.84 -7.50 5.59
CA LEU AA 1226 -19.01 -8.62 5.16
C LEU AA 1226 -19.23 -8.90 3.68
N CYS AA 1227 -20.47 -8.88 3.22
CA CYS AA 1227 -20.73 -9.10 1.81
C CYS AA 1227 -19.95 -8.11 0.94
N GLN AA 1228 -19.95 -6.84 1.32
CA GLN AA 1228 -19.26 -5.82 0.53
C GLN AA 1228 -17.75 -6.07 0.43
N THR AA 1229 -17.12 -6.49 1.53
CA THR AA 1229 -15.67 -6.70 1.55
C THR AA 1229 -15.23 -7.78 0.58
N PHE AA 1230 -15.89 -8.93 0.63
CA PHE AA 1230 -15.53 -10.04 -0.25
C PHE AA 1230 -16.27 -9.96 -1.57
N LYS AA 1231 -16.82 -8.78 -1.87
CA LYS AA 1231 -17.57 -8.57 -3.12
C LYS AA 1231 -18.74 -9.52 -3.30
N LEU AA 1232 -19.18 -10.18 -2.24
CA LEU AA 1232 -20.36 -11.03 -2.33
C LEU AA 1232 -21.56 -10.12 -2.49
N ALA AA 1233 -22.58 -10.57 -3.22
CA ALA AA 1233 -23.75 -9.73 -3.47
C ALA AA 1233 -24.56 -9.49 -2.20
N LEU AA 1234 -25.41 -8.46 -2.15
CA LEU AA 1234 -26.22 -8.16 -0.94
C LEU AA 1234 -27.60 -8.84 -0.89
N THR AA 1235 -27.84 -9.72 -1.85
CA THR AA 1235 -29.13 -10.40 -1.94
C THR AA 1235 -29.53 -11.05 -0.64
N SER AA 1236 -28.61 -11.82 -0.05
CA SER AA 1236 -28.93 -12.55 1.18
C SER AA 1236 -29.47 -11.62 2.25
N VAL AA 1237 -28.73 -10.57 2.54
CA VAL AA 1237 -29.15 -9.65 3.58
C VAL AA 1237 -30.48 -8.99 3.25
N PHE AA 1238 -30.65 -8.51 2.01
CA PHE AA 1238 -31.96 -7.93 1.72
C PHE AA 1238 -33.11 -8.93 1.94
N GLU AA 1239 -32.93 -10.17 1.50
CA GLU AA 1239 -33.97 -11.18 1.69
C GLU AA 1239 -34.24 -11.45 3.16
N GLY AA 1240 -33.21 -11.53 3.98
CA GLY AA 1240 -33.40 -11.72 5.41
C GLY AA 1240 -34.19 -10.57 6.02
N LEU AA 1241 -33.85 -9.35 5.65
CA LEU AA 1241 -34.60 -8.21 6.15
C LEU AA 1241 -36.07 -8.31 5.75
N ALA AA 1242 -36.34 -8.68 4.50
CA ALA AA 1242 -37.73 -8.79 4.06
C ALA AA 1242 -38.46 -9.83 4.88
N CYS AA 1243 -37.79 -10.93 5.21
CA CYS AA 1243 -38.42 -11.98 5.99
C CYS AA 1243 -38.88 -11.45 7.33
N LYS AA 1244 -38.01 -10.74 8.03
CA LYS AA 1244 -38.37 -10.18 9.33
C LYS AA 1244 -39.57 -9.25 9.21
N CYS AA 1245 -39.58 -8.42 8.19
CA CYS AA 1245 -40.69 -7.49 7.99
C CYS AA 1245 -42.00 -8.24 7.78
N ILE AA 1246 -42.01 -9.26 6.93
CA ILE AA 1246 -43.22 -10.07 6.74
C ILE AA 1246 -43.65 -10.72 8.05
N ARG AA 1247 -42.68 -11.22 8.82
CA ARG AA 1247 -43.00 -11.85 10.09
C ARG AA 1247 -43.70 -10.85 10.99
N LEU AA 1248 -43.19 -9.63 11.07
CA LEU AA 1248 -43.77 -8.65 11.97
C LEU AA 1248 -45.15 -8.22 11.47
N GLN AA 1249 -45.33 -8.13 10.16
CA GLN AA 1249 -46.60 -7.71 9.60
C GLN AA 1249 -47.74 -8.47 10.26
N GLN AA 1250 -47.55 -9.77 10.45
CA GLN AA 1250 -48.57 -10.59 11.11
C GLN AA 1250 -47.90 -11.42 12.20
N GLY AA 1251 -47.58 -10.81 13.33
CA GLY AA 1251 -46.89 -11.51 14.39
C GLY AA 1251 -47.29 -11.19 15.81
N GLY AA 1252 -46.79 -11.97 16.77
CA GLY AA 1252 -47.12 -11.76 18.18
C GLY AA 1252 -46.37 -10.62 18.85
N GLU AA 1253 -46.77 -10.29 20.07
CA GLU AA 1253 -46.16 -9.16 20.78
C GLU AA 1253 -44.68 -9.35 21.13
N ALA AA 1254 -44.29 -10.54 21.58
CA ALA AA 1254 -42.89 -10.79 21.93
C ALA AA 1254 -41.97 -10.58 20.75
N ALA AA 1255 -42.41 -11.01 19.57
CA ALA AA 1255 -41.64 -10.86 18.35
C ALA AA 1255 -41.45 -9.37 18.15
N GLN AA 1256 -42.53 -8.59 18.25
CA GLN AA 1256 -42.40 -7.13 18.13
C GLN AA 1256 -41.32 -6.50 19.04
N ALA AA 1257 -41.30 -6.85 20.33
CA ALA AA 1257 -40.26 -6.32 21.23
C ALA AA 1257 -38.82 -6.73 20.86
N GLU AA 1258 -38.63 -8.01 20.51
CA GLU AA 1258 -37.30 -8.45 20.12
C GLU AA 1258 -36.89 -7.65 18.88
N ALA AA 1259 -37.86 -7.39 18.02
CA ALA AA 1259 -37.61 -6.62 16.82
C ALA AA 1259 -37.13 -5.25 17.20
N TRP AA 1260 -37.87 -4.52 18.03
CA TRP AA 1260 -37.36 -3.22 18.50
C TRP AA 1260 -35.89 -3.34 18.91
N GLU AA 1261 -35.61 -4.31 19.79
CA GLU AA 1261 -34.21 -4.50 20.23
C GLU AA 1261 -33.17 -4.59 19.08
N TRP AA 1262 -33.32 -5.57 18.19
CA TRP AA 1262 -32.29 -5.70 17.16
C TRP AA 1262 -32.18 -4.45 16.27
N LEU AA 1263 -33.18 -3.56 16.30
CA LEU AA 1263 -33.08 -2.31 15.55
C LEU AA 1263 -32.03 -1.40 16.17
N ALA AA 1264 -31.94 -1.41 17.50
CA ALA AA 1264 -30.91 -0.63 18.19
C ALA AA 1264 -29.53 -1.20 17.91
N ALA AA 1265 -29.43 -2.51 17.71
CA ALA AA 1265 -28.16 -3.11 17.33
C ALA AA 1265 -27.77 -2.55 15.98
N ASN AA 1266 -28.75 -2.36 15.11
CA ASN AA 1266 -28.48 -1.73 13.83
C ASN AA 1266 -28.52 -0.21 14.00
N GLN AA 1267 -28.70 0.52 12.92
CA GLN AA 1267 -28.67 1.98 13.03
C GLN AA 1267 -29.89 2.64 12.40
N LEU AA 1268 -30.81 3.10 13.23
CA LEU AA 1268 -31.95 3.85 12.70
C LEU AA 1268 -31.48 5.26 12.47
N ALA AA 1269 -31.65 5.78 11.27
CA ALA AA 1269 -31.13 7.10 10.95
C ALA AA 1269 -31.69 8.22 11.83
N THR AA 1270 -33.01 8.31 11.93
CA THR AA 1270 -33.62 9.41 12.70
C THR AA 1270 -34.67 8.95 13.69
N VAL AA 1271 -35.06 9.83 14.61
CA VAL AA 1271 -36.11 9.51 15.57
C VAL AA 1271 -37.43 10.14 15.13
N ILE AA 1272 -38.47 9.33 14.99
CA ILE AA 1272 -39.78 9.85 14.59
C ILE AA 1272 -40.76 9.66 15.75
N THR AA 1273 -41.51 10.70 16.09
CA THR AA 1273 -42.42 10.64 17.25
C THR AA 1273 -43.72 9.87 17.04
N THR AA 1274 -44.00 9.40 15.83
CA THR AA 1274 -45.28 8.72 15.56
C THR AA 1274 -45.60 7.60 16.51
N LYS AA 1275 -46.76 7.68 17.15
CA LYS AA 1275 -47.18 6.64 18.07
C LYS AA 1275 -47.58 5.38 17.32
N GLU AA 1276 -48.25 5.55 16.19
CA GLU AA 1276 -48.75 4.40 15.42
C GLU AA 1276 -47.68 3.50 14.82
N SER AA 1277 -46.45 3.98 14.70
CA SER AA 1277 -45.39 3.20 14.04
C SER AA 1277 -45.09 1.86 14.70
N SER AA 1278 -44.77 1.86 16.00
CA SER AA 1278 -44.41 0.63 16.72
C SER AA 1278 -43.09 0.03 16.19
N ALA AA 1279 -42.71 -1.14 16.70
CA ALA AA 1279 -41.45 -1.75 16.29
C ALA AA 1279 -41.41 -2.14 14.83
N THR AA 1280 -42.50 -2.73 14.33
CA THR AA 1280 -42.53 -3.19 12.96
C THR AA 1280 -42.17 -2.08 11.98
N ASP AA 1281 -42.84 -0.94 12.07
CA ASP AA 1281 -42.59 0.16 11.15
C ASP AA 1281 -41.18 0.66 11.30
N GLU AA 1282 -40.64 0.67 12.52
CA GLU AA 1282 -39.23 1.06 12.66
C GLU AA 1282 -38.30 0.14 11.85
N ALA AA 1283 -38.52 -1.18 11.92
CA ALA AA 1283 -37.72 -2.13 11.13
C ALA AA 1283 -37.90 -1.91 9.66
N TRP AA 1284 -39.09 -1.58 9.20
CA TRP AA 1284 -39.27 -1.26 7.78
C TRP AA 1284 -38.35 -0.11 7.33
N ARG AA 1285 -38.38 0.98 8.08
CA ARG AA 1285 -37.56 2.14 7.72
C ARG AA 1285 -36.08 1.81 7.71
N LEU AA 1286 -35.63 1.00 8.67
CA LEU AA 1286 -34.23 0.59 8.71
C LEU AA 1286 -33.86 -0.08 7.41
N MET AA 1287 -34.64 -1.08 7.01
CA MET AA 1287 -34.38 -1.78 5.76
C MET AA 1287 -34.33 -0.78 4.61
N ILE AA 1288 -35.34 0.09 4.53
CA ILE AA 1288 -35.37 1.05 3.42
C ILE AA 1288 -34.08 1.88 3.35
N SER AA 1289 -33.64 2.40 4.49
CA SER AA 1289 -32.42 3.21 4.52
C SER AA 1289 -31.20 2.41 4.11
N TYR AA 1290 -31.06 1.22 4.66
CA TYR AA 1290 -29.91 0.39 4.31
C TYR AA 1290 -29.88 0.20 2.82
N LEU AA 1291 -31.05 -0.06 2.21
CA LEU AA 1291 -31.14 -0.21 0.76
C LEU AA 1291 -30.64 1.00 0.00
N ASP AA 1292 -31.11 2.19 0.36
CA ASP AA 1292 -30.73 3.39 -0.36
C ASP AA 1292 -29.23 3.61 -0.35
N LYS AA 1293 -28.62 3.49 0.82
CA LYS AA 1293 -27.17 3.67 0.94
C LYS AA 1293 -26.40 2.59 0.19
N TYR AA 1294 -26.59 1.34 0.58
CA TYR AA 1294 -25.84 0.25 -0.04
C TYR AA 1294 -26.61 -0.32 -1.21
N GLU AA 1295 -26.66 0.42 -2.31
CA GLU AA 1295 -27.40 -0.01 -3.48
C GLU AA 1295 -26.47 -0.40 -4.62
N ALA AA 1296 -26.87 -1.37 -5.44
CA ALA AA 1296 -26.08 -1.79 -6.58
C ALA AA 1296 -26.99 -1.91 -7.80
N LYS AA 1297 -27.08 -3.11 -8.37
CA LYS AA 1297 -27.99 -3.32 -9.49
C LYS AA 1297 -29.41 -3.25 -8.96
N ASN AA 1298 -30.23 -2.39 -9.54
CA ASN AA 1298 -31.59 -2.21 -9.07
C ASN AA 1298 -32.43 -3.47 -9.18
N THR AA 1299 -32.38 -4.12 -10.34
CA THR AA 1299 -33.17 -5.32 -10.56
C THR AA 1299 -33.01 -6.29 -9.40
N LEU AA 1300 -31.77 -6.55 -9.01
CA LEU AA 1300 -31.50 -7.50 -7.94
C LEU AA 1300 -32.19 -7.13 -6.65
N TYR AA 1301 -31.94 -5.97 -6.08
CA TYR AA 1301 -32.52 -5.67 -4.75
C TYR AA 1301 -34.04 -5.60 -4.71
N HIS AA 1302 -34.63 -4.78 -5.57
CA HIS AA 1302 -36.08 -4.71 -5.62
C HIS AA 1302 -36.67 -6.10 -5.82
N HIS AA 1303 -36.12 -6.86 -6.77
CA HIS AA 1303 -36.63 -8.20 -7.03
C HIS AA 1303 -36.69 -8.99 -5.78
N CYS AA 1304 -35.57 -9.14 -5.09
CA CYS AA 1304 -35.56 -10.00 -3.92
C CYS AA 1304 -36.53 -9.49 -2.86
N ILE AA 1305 -36.54 -8.19 -2.59
CA ILE AA 1305 -37.53 -7.69 -1.62
C ILE AA 1305 -38.96 -8.10 -2.00
N ILE AA 1306 -39.38 -7.81 -3.23
CA ILE AA 1306 -40.75 -8.12 -3.66
C ILE AA 1306 -41.02 -9.62 -3.54
N ASN AA 1307 -40.06 -10.44 -3.94
CA ASN AA 1307 -40.23 -11.89 -3.89
C ASN AA 1307 -40.49 -12.32 -2.46
N LYS AA 1308 -39.64 -11.89 -1.54
CA LYS AA 1308 -39.79 -12.33 -0.16
C LYS AA 1308 -41.08 -11.79 0.44
N LEU AA 1309 -41.52 -10.61 0.01
CA LEU AA 1309 -42.74 -10.03 0.54
C LEU AA 1309 -43.91 -10.89 0.18
N LEU AA 1310 -43.86 -11.49 -1.00
CA LEU AA 1310 -44.95 -12.34 -1.44
C LEU AA 1310 -44.75 -13.77 -0.97
N SER AA 1311 -44.21 -13.94 0.24
CA SER AA 1311 -44.05 -15.29 0.79
C SER AA 1311 -45.43 -15.86 0.98
N HIS AA 1312 -46.32 -15.10 1.60
CA HIS AA 1312 -47.70 -15.55 1.78
C HIS AA 1312 -48.68 -14.44 1.39
N GLY AA 1313 -48.26 -13.51 0.53
CA GLY AA 1313 -49.16 -12.47 0.07
C GLY AA 1313 -49.09 -11.19 0.86
N VAL AA 1314 -49.13 -10.05 0.15
CA VAL AA 1314 -49.09 -8.75 0.81
C VAL AA 1314 -49.53 -7.66 -0.15
N PRO AA 1315 -50.33 -6.70 0.35
CA PRO AA 1315 -50.68 -5.57 -0.50
C PRO AA 1315 -49.56 -4.54 -0.47
N LEU AA 1316 -48.88 -4.33 -1.58
CA LEU AA 1316 -47.75 -3.41 -1.61
C LEU AA 1316 -48.16 -1.96 -1.39
N PRO AA 1317 -47.31 -1.14 -0.70
CA PRO AA 1317 -47.76 0.24 -0.58
C PRO AA 1317 -47.59 1.11 -1.82
N ASN AA 1318 -48.41 2.16 -1.89
CA ASN AA 1318 -48.41 3.02 -3.07
C ASN AA 1318 -47.09 3.72 -3.42
N TRP AA 1319 -46.33 4.20 -2.44
CA TRP AA 1319 -45.02 4.79 -2.77
C TRP AA 1319 -44.12 3.80 -3.50
N LEU AA 1320 -44.02 2.57 -2.96
CA LEU AA 1320 -43.19 1.57 -3.59
C LEU AA 1320 -43.71 1.30 -4.98
N ILE AA 1321 -45.03 1.16 -5.09
CA ILE AA 1321 -45.61 0.87 -6.39
C ILE AA 1321 -45.18 1.94 -7.39
N ASN AA 1322 -45.32 3.21 -7.04
CA ASN AA 1322 -44.95 4.30 -7.94
C ASN AA 1322 -43.47 4.30 -8.32
N ARG AA 1323 -42.58 4.10 -7.34
CA ARG AA 1323 -41.15 4.00 -7.66
C ARG AA 1323 -40.87 2.88 -8.67
N TYR AA 1324 -41.47 1.73 -8.43
CA TYR AA 1324 -41.26 0.61 -9.33
C TYR AA 1324 -41.78 0.90 -10.72
N LYS AA 1325 -42.92 1.55 -10.80
CA LYS AA 1325 -43.50 1.86 -12.11
C LYS AA 1325 -42.59 2.80 -12.86
N ALA AA 1326 -41.96 3.73 -12.14
CA ALA AA 1326 -41.05 4.69 -12.78
C ALA AA 1326 -39.73 4.07 -13.22
N MET AA 1327 -39.37 2.92 -12.67
CA MET AA 1327 -38.11 2.28 -13.01
C MET AA 1327 -38.30 1.04 -13.90
N ASP AA 1328 -38.94 -0.02 -13.34
CA ASP AA 1328 -39.17 -1.30 -14.07
C ASP AA 1328 -40.62 -1.87 -14.07
N ALA AA 1329 -41.49 -1.24 -14.86
CA ALA AA 1329 -42.89 -1.68 -14.93
C ALA AA 1329 -43.06 -3.12 -15.42
N ALA AA 1330 -42.20 -3.57 -16.32
CA ALA AA 1330 -42.28 -4.93 -16.81
C ALA AA 1330 -42.08 -5.94 -15.70
N GLU AA 1331 -41.06 -5.73 -14.87
CA GLU AA 1331 -40.83 -6.62 -13.74
C GLU AA 1331 -42.00 -6.52 -12.77
N LEU AA 1332 -42.51 -5.31 -12.59
CA LEU AA 1332 -43.70 -5.20 -11.73
C LEU AA 1332 -44.82 -6.10 -12.25
N LEU AA 1333 -45.08 -6.13 -13.55
CA LEU AA 1333 -46.12 -7.00 -14.12
C LEU AA 1333 -45.87 -8.51 -13.95
N ARG AA 1334 -44.62 -8.92 -14.10
CA ARG AA 1334 -44.28 -10.34 -14.00
C ARG AA 1334 -44.56 -10.90 -12.63
N LEU AA 1335 -44.22 -10.15 -11.59
CA LEU AA 1335 -44.48 -10.60 -10.23
C LEU AA 1335 -45.98 -10.71 -9.98
N TYR AA 1336 -46.79 -9.85 -10.59
CA TYR AA 1336 -48.24 -10.00 -10.45
C TYR AA 1336 -48.70 -11.36 -10.96
N LEU AA 1337 -48.29 -11.73 -12.16
CA LEU AA 1337 -48.70 -13.00 -12.76
C LEU AA 1337 -48.19 -14.19 -11.96
N LYS AA 1338 -47.08 -14.02 -11.26
CA LYS AA 1338 -46.52 -15.09 -10.43
C LYS AA 1338 -47.48 -15.52 -9.33
N TYR AA 1339 -48.20 -14.56 -8.75
CA TYR AA 1339 -49.18 -14.90 -7.71
C TYR AA 1339 -50.62 -14.61 -8.17
N ASP AA 1340 -50.85 -14.57 -9.47
CA ASP AA 1340 -52.20 -14.39 -10.02
C ASP AA 1340 -52.99 -13.16 -9.55
N LEU AA 1341 -52.42 -11.97 -9.68
CA LEU AA 1341 -53.14 -10.70 -9.34
C LEU AA 1341 -53.62 -9.98 -10.60
N LEU AA 1342 -54.49 -10.65 -11.36
CA LEU AA 1342 -54.94 -10.10 -12.65
C LEU AA 1342 -55.53 -8.69 -12.63
N GLU AA 1343 -56.37 -8.37 -11.65
CA GLU AA 1343 -57.01 -7.05 -11.63
C GLU AA 1343 -55.98 -5.96 -11.44
N GLU AA 1344 -55.04 -6.18 -10.53
CA GLU AA 1344 -53.99 -5.20 -10.31
C GLU AA 1344 -53.15 -5.09 -11.56
N ALA AA 1345 -52.89 -6.23 -12.21
CA ALA AA 1345 -52.14 -6.18 -13.46
C ALA AA 1345 -52.83 -5.29 -14.48
N ALA AA 1346 -54.14 -5.46 -14.63
CA ALA AA 1346 -54.91 -4.64 -15.58
C ALA AA 1346 -54.87 -3.18 -15.24
N GLU AA 1347 -55.00 -2.86 -13.96
CA GLU AA 1347 -54.89 -1.46 -13.55
C GLU AA 1347 -53.54 -0.91 -13.96
N LEU AA 1348 -52.46 -1.65 -13.69
CA LEU AA 1348 -51.13 -1.21 -14.07
C LEU AA 1348 -51.05 -0.98 -15.57
N VAL AA 1349 -51.58 -1.90 -16.37
CA VAL AA 1349 -51.57 -1.76 -17.82
C VAL AA 1349 -52.28 -0.48 -18.26
N LEU AA 1350 -53.45 -0.23 -17.71
CA LEU AA 1350 -54.19 0.99 -18.05
C LEU AA 1350 -53.38 2.23 -17.69
N GLU AA 1351 -52.77 2.24 -16.51
CA GLU AA 1351 -51.96 3.38 -16.10
C GLU AA 1351 -50.77 3.58 -17.04
N TYR AA 1352 -50.14 2.51 -17.47
CA TYR AA 1352 -49.01 2.60 -18.39
C TYR AA 1352 -49.46 3.16 -19.72
N VAL AA 1353 -50.62 2.73 -20.19
CA VAL AA 1353 -51.16 3.26 -21.42
C VAL AA 1353 -51.35 4.76 -21.27
N ASP AA 1354 -51.93 5.18 -20.15
CA ASP AA 1354 -52.14 6.60 -19.92
C ASP AA 1354 -50.82 7.37 -19.90
N ALA AA 1355 -49.79 6.80 -19.31
CA ALA AA 1355 -48.48 7.45 -19.26
C ALA AA 1355 -47.88 7.58 -20.65
N LEU AA 1356 -48.01 6.54 -21.47
CA LEU AA 1356 -47.52 6.58 -22.84
C LEU AA 1356 -48.26 7.64 -23.65
N LEU AA 1357 -49.46 8.00 -23.20
CA LEU AA 1357 -50.25 9.02 -23.88
C LEU AA 1357 -49.99 10.42 -23.33
N GLY AA 1358 -49.04 10.54 -22.39
CA GLY AA 1358 -48.69 11.84 -21.84
C GLY AA 1358 -49.31 12.19 -20.50
N LYS AA 1359 -50.23 11.37 -20.03
CA LYS AA 1359 -50.89 11.65 -18.75
C LYS AA 1359 -50.14 10.98 -17.61
N GLY AA 1360 -49.41 11.79 -16.83
CA GLY AA 1360 -48.63 11.25 -15.74
C GLY AA 1360 -47.49 10.36 -16.18
N HIS AA 1361 -46.80 10.75 -17.25
CA HIS AA 1361 -45.68 9.97 -17.76
C HIS AA 1361 -44.50 9.96 -16.80
N GLN AA 1362 -44.41 10.98 -15.96
CA GLN AA 1362 -43.31 11.07 -15.00
C GLN AA 1362 -43.33 9.91 -14.02
N TYR AA 1363 -44.53 9.47 -13.64
CA TYR AA 1363 -44.66 8.38 -12.67
C TYR AA 1363 -44.30 7.01 -13.26
N PHE AA 1364 -44.09 6.95 -14.57
CA PHE AA 1364 -43.73 5.69 -15.21
C PHE AA 1364 -42.38 5.74 -15.91
N GLY AA 1365 -41.66 6.85 -15.74
CA GLY AA 1365 -40.35 6.98 -16.36
C GLY AA 1365 -40.41 7.06 -17.87
N ILE AA 1366 -41.55 7.46 -18.42
CA ILE AA 1366 -41.69 7.61 -19.86
C ILE AA 1366 -41.26 9.02 -20.23
N GLN AA 1367 -40.23 9.14 -21.06
CA GLN AA 1367 -39.72 10.45 -21.44
C GLN AA 1367 -40.76 11.26 -22.22
N ALA AA 1368 -41.45 10.61 -23.14
CA ALA AA 1368 -42.46 11.30 -23.94
C ALA AA 1368 -43.87 11.05 -23.42
N THR AA 1373 -41.74 14.54 -32.39
CA THR AA 1373 -40.51 14.00 -31.84
C THR AA 1373 -40.75 12.68 -31.11
N SER AA 1374 -41.81 11.98 -31.48
CA SER AA 1374 -42.14 10.71 -30.84
C SER AA 1374 -41.08 9.66 -31.09
N GLN AA 1375 -40.67 8.96 -30.04
CA GLN AA 1375 -39.64 7.94 -30.17
C GLN AA 1375 -39.97 6.69 -29.38
N LEU AA 1376 -39.97 6.80 -28.05
CA LEU AA 1376 -40.18 5.61 -27.21
C LEU AA 1376 -41.62 5.15 -27.08
N VAL AA 1377 -41.89 3.91 -27.48
CA VAL AA 1377 -43.24 3.36 -27.36
C VAL AA 1377 -43.19 1.87 -27.04
N TRP AA 1378 -42.30 1.45 -26.14
CA TRP AA 1378 -42.18 0.02 -25.86
C TRP AA 1378 -43.34 -0.51 -25.04
N PHE AA 1379 -44.15 -1.35 -25.65
CA PHE AA 1379 -45.30 -1.91 -24.96
C PHE AA 1379 -45.03 -3.39 -24.74
N PRO AA 1380 -45.24 -3.86 -23.51
CA PRO AA 1380 -44.98 -5.28 -23.20
C PRO AA 1380 -46.10 -6.16 -23.74
N TYR AA 1381 -46.06 -6.56 -25.01
CA TYR AA 1381 -47.20 -7.32 -25.55
C TYR AA 1381 -47.34 -8.75 -25.00
N SER AA 1382 -46.22 -9.40 -24.70
CA SER AA 1382 -46.26 -10.77 -24.20
C SER AA 1382 -47.02 -10.87 -22.88
N ALA AA 1383 -46.81 -9.90 -22.00
CA ALA AA 1383 -47.51 -9.90 -20.73
C ALA AA 1383 -49.00 -9.77 -20.93
N ILE AA 1384 -49.43 -8.88 -21.83
CA ILE AA 1384 -50.85 -8.75 -22.13
C ILE AA 1384 -51.39 -10.10 -22.61
N ASP AA 1385 -50.63 -10.75 -23.50
CA ASP AA 1385 -51.05 -12.06 -23.98
C ASP AA 1385 -51.26 -13.06 -22.85
N HIS AA 1386 -50.29 -13.16 -21.95
CA HIS AA 1386 -50.40 -14.09 -20.83
C HIS AA 1386 -51.61 -13.75 -19.97
N LEU AA 1387 -51.84 -12.46 -19.73
CA LEU AA 1387 -53.00 -12.03 -18.96
C LEU AA 1387 -54.30 -12.49 -19.60
N ARG AA 1388 -54.43 -12.27 -20.90
CA ARG AA 1388 -55.63 -12.71 -21.61
C ARG AA 1388 -55.80 -14.22 -21.49
N GLN AA 1389 -54.71 -14.97 -21.63
CA GLN AA 1389 -54.80 -16.42 -21.48
C GLN AA 1389 -55.29 -16.84 -20.08
N ALA AA 1390 -54.74 -16.21 -19.05
CA ALA AA 1390 -55.18 -16.51 -17.69
C ALA AA 1390 -56.66 -16.19 -17.50
N LEU AA 1391 -57.11 -15.08 -18.07
CA LEU AA 1391 -58.52 -14.69 -17.98
C LEU AA 1391 -59.42 -15.70 -18.68
N GLY AA 1392 -58.98 -16.21 -19.82
CA GLY AA 1392 -59.79 -17.13 -20.60
C GLY AA 1392 -59.60 -18.60 -20.28
N GLU AA 1393 -59.53 -18.96 -19.00
CA GLU AA 1393 -59.40 -20.36 -18.61
C GLU AA 1393 -60.62 -20.78 -17.83
N ASN AA 1394 -60.80 -20.19 -16.65
CA ASN AA 1394 -61.97 -20.50 -15.83
C ASN AA 1394 -63.24 -19.95 -16.48
N GLU AA 1395 -63.20 -18.71 -16.97
CA GLU AA 1395 -64.35 -18.10 -17.64
C GLU AA 1395 -65.63 -18.18 -16.83
N SER AA 1396 -65.56 -17.86 -15.54
CA SER AA 1396 -66.73 -17.96 -14.68
C SER AA 1396 -67.22 -16.61 -14.20
N ASN AA 1397 -66.31 -15.76 -13.74
CA ASN AA 1397 -66.70 -14.46 -13.20
C ASN AA 1397 -67.12 -13.52 -14.31
N GLN AA 1398 -68.35 -13.02 -14.24
CA GLN AA 1398 -68.83 -12.08 -15.25
C GLN AA 1398 -68.08 -10.76 -15.13
N HIS AA 1399 -67.78 -10.34 -13.91
CA HIS AA 1399 -67.04 -9.11 -13.69
C HIS AA 1399 -65.68 -9.13 -14.38
N ASN AA 1400 -64.97 -10.25 -14.29
CA ASN AA 1400 -63.68 -10.38 -14.95
C ASN AA 1400 -63.84 -10.19 -16.44
N GLN AA 1401 -64.81 -10.87 -17.04
CA GLN AA 1401 -65.05 -10.74 -18.47
C GLN AA 1401 -65.33 -9.28 -18.84
N ALA AA 1402 -66.15 -8.61 -18.04
CA ALA AA 1402 -66.47 -7.21 -18.30
C ALA AA 1402 -65.24 -6.33 -18.27
N ILE AA 1403 -64.39 -6.53 -17.26
CA ILE AA 1403 -63.20 -5.68 -17.15
C ILE AA 1403 -62.30 -5.98 -18.34
N LEU AA 1404 -62.21 -7.24 -18.75
CA LEU AA 1404 -61.38 -7.60 -19.90
C LEU AA 1404 -61.88 -6.86 -21.12
N SER AA 1405 -63.19 -6.88 -21.35
CA SER AA 1405 -63.75 -6.20 -22.51
C SER AA 1405 -63.46 -4.71 -22.47
N LYS AA 1406 -63.62 -4.08 -21.30
CA LYS AA 1406 -63.33 -2.66 -21.19
C LYS AA 1406 -61.88 -2.39 -21.56
N LEU AA 1407 -60.97 -3.17 -21.00
CA LEU AA 1407 -59.56 -2.99 -21.27
C LEU AA 1407 -59.31 -3.10 -22.75
N GLN AA 1408 -59.87 -4.12 -23.40
CA GLN AA 1408 -59.64 -4.32 -24.82
C GLN AA 1408 -60.15 -3.15 -25.64
N ARG AA 1409 -61.34 -2.66 -25.34
CA ARG AA 1409 -61.86 -1.50 -26.05
C ARG AA 1409 -60.92 -0.31 -25.91
N LYS AA 1410 -60.49 -0.05 -24.67
CA LYS AA 1410 -59.60 1.07 -24.45
C LYS AA 1410 -58.30 0.90 -25.24
N MET AA 1411 -57.76 -0.30 -25.27
CA MET AA 1411 -56.52 -0.57 -25.99
C MET AA 1411 -56.68 -0.36 -27.47
N ASP AA 1412 -57.82 -0.78 -28.02
CA ASP AA 1412 -58.08 -0.56 -29.44
C ASP AA 1412 -58.14 0.92 -29.72
N GLU AA 1413 -58.83 1.68 -28.87
CA GLU AA 1413 -58.86 3.13 -29.05
C GLU AA 1413 -57.45 3.69 -29.06
N TYR AA 1414 -56.66 3.28 -28.06
CA TYR AA 1414 -55.28 3.72 -27.98
C TYR AA 1414 -54.55 3.47 -29.27
N PHE AA 1415 -54.65 2.26 -29.82
CA PHE AA 1415 -53.92 1.92 -31.03
C PHE AA 1415 -54.30 2.74 -32.26
N GLN AA 1416 -55.58 3.06 -32.43
CA GLN AA 1416 -56.00 3.90 -33.55
C GLN AA 1416 -55.40 5.29 -33.42
N LYS AA 1417 -55.41 5.83 -32.21
CA LYS AA 1417 -54.81 7.13 -31.99
C LYS AA 1417 -53.34 7.05 -32.31
N LEU AA 1418 -52.71 5.94 -31.91
CA LEU AA 1418 -51.28 5.76 -32.17
C LEU AA 1418 -51.05 5.79 -33.66
N LYS AA 1419 -51.86 5.08 -34.44
CA LYS AA 1419 -51.75 5.09 -35.90
C LYS AA 1419 -51.91 6.47 -36.52
N LYS AA 1420 -52.88 7.23 -36.02
CA LYS AA 1420 -53.04 8.58 -36.52
C LYS AA 1420 -51.78 9.40 -36.24
N ALA AA 1421 -51.28 9.32 -35.02
CA ALA AA 1421 -50.08 10.10 -34.67
C ALA AA 1421 -48.96 9.66 -35.55
N THR AA 1422 -48.89 8.37 -35.84
CA THR AA 1422 -47.87 7.81 -36.69
C THR AA 1422 -47.86 8.44 -38.04
N ASP AA 1423 -49.02 8.40 -38.70
CA ASP AA 1423 -49.10 8.98 -40.01
C ASP AA 1423 -48.64 10.41 -39.91
N ASP AA 1424 -49.15 11.14 -38.92
CA ASP AA 1424 -48.80 12.55 -38.82
C ASP AA 1424 -47.29 12.77 -38.75
N TYR AA 1425 -46.61 12.06 -37.84
CA TYR AA 1425 -45.17 12.23 -37.65
C TYR AA 1425 -44.36 11.79 -38.86
N LYS AA 1426 -44.79 10.72 -39.55
CA LYS AA 1426 -44.11 10.31 -40.76
C LYS AA 1426 -44.19 11.45 -41.77
N LYS AA 1427 -45.40 11.99 -41.96
CA LYS AA 1427 -45.54 13.09 -42.89
C LYS AA 1427 -44.59 14.20 -42.48
N LEU AA 1428 -44.58 14.54 -41.20
CA LEU AA 1428 -43.73 15.62 -40.71
C LEU AA 1428 -42.27 15.39 -41.08
N VAL AA 1429 -41.72 14.23 -40.74
CA VAL AA 1429 -40.31 14.05 -41.00
C VAL AA 1429 -40.14 14.21 -42.51
N GLN AA 1430 -40.89 13.47 -43.31
CA GLN AA 1430 -40.71 13.53 -44.77
C GLN AA 1430 -40.65 14.97 -45.26
N SER BA 5 20.46 -17.52 58.16
CA SER BA 5 19.57 -16.84 57.24
C SER BA 5 19.95 -15.38 57.07
N ALA BA 6 20.27 -14.99 55.83
CA ALA BA 6 20.65 -13.61 55.57
C ALA BA 6 19.46 -12.68 55.76
N SER BA 7 19.68 -11.60 56.51
CA SER BA 7 18.60 -10.63 56.74
C SER BA 7 18.68 -9.51 55.74
N ASN BA 8 17.58 -9.26 55.04
CA ASN BA 8 17.55 -8.16 54.08
C ASN BA 8 17.58 -6.82 54.82
N ALA BA 9 18.32 -5.87 54.28
CA ALA BA 9 18.43 -4.56 54.92
C ALA BA 9 17.07 -3.90 55.00
N THR BA 10 16.74 -3.38 56.18
CA THR BA 10 15.47 -2.68 56.34
C THR BA 10 15.40 -1.54 55.37
N TYR BA 11 16.46 -0.74 55.31
CA TYR BA 11 16.51 0.38 54.38
C TYR BA 11 17.76 0.31 53.51
N THR BA 12 17.63 0.61 52.22
CA THR BA 12 18.78 0.63 51.34
C THR BA 12 18.82 1.93 50.55
N VAL BA 13 19.90 2.69 50.70
CA VAL BA 13 20.01 3.99 50.03
C VAL BA 13 21.10 3.97 48.96
N ASP BA 14 20.74 4.31 47.74
CA ASP BA 14 21.71 4.33 46.64
C ASP BA 14 22.69 5.49 46.72
N CYS BA 15 23.97 5.22 46.44
CA CYS BA 15 24.99 6.26 46.48
C CYS BA 15 25.67 6.43 45.13
N GLU BA 16 26.59 7.38 45.03
CA GLU BA 16 27.27 7.64 43.77
C GLU BA 16 28.55 6.81 43.57
N ASP BA 17 29.08 6.25 44.65
CA ASP BA 17 30.29 5.43 44.55
C ASP BA 17 30.41 4.51 45.76
N TYR BA 18 31.36 3.58 45.72
CA TYR BA 18 31.56 2.66 46.85
C TYR BA 18 31.82 3.41 48.14
N VAL BA 19 31.12 3.02 49.21
CA VAL BA 19 31.31 3.66 50.50
C VAL BA 19 32.43 3.00 51.28
N HIS BA 20 33.51 3.73 51.53
CA HIS BA 20 34.64 3.18 52.27
C HIS BA 20 34.51 3.33 53.79
N VAL BA 21 33.73 4.31 54.26
CA VAL BA 21 33.51 4.49 55.69
C VAL BA 21 32.24 5.29 55.96
N VAL BA 22 31.33 4.74 56.77
CA VAL BA 22 30.09 5.44 57.09
C VAL BA 22 30.01 5.75 58.60
N GLU BA 23 29.72 7.00 58.95
CA GLU BA 23 29.66 7.39 60.36
C GLU BA 23 28.49 8.31 60.70
N PHE BA 24 27.62 7.88 61.61
CA PHE BA 24 26.51 8.72 62.06
C PHE BA 24 27.05 9.81 62.96
N ASN BA 25 26.29 10.89 63.16
CA ASN BA 25 26.70 11.93 64.08
C ASN BA 25 26.25 11.55 65.48
N PRO BA 26 27.21 11.34 66.39
CA PRO BA 26 26.86 10.95 67.76
C PRO BA 26 26.55 12.15 68.65
N PHE BA 27 26.56 13.36 68.09
CA PHE BA 27 26.28 14.56 68.86
C PHE BA 27 25.00 15.21 68.37
N ASP BA 28 24.31 15.92 69.25
CA ASP BA 28 23.07 16.58 68.85
C ASP BA 28 23.37 17.83 68.03
N SER BA 29 22.82 17.90 66.83
CA SER BA 29 23.05 19.06 65.96
C SER BA 29 21.97 20.12 66.09
N GLY BA 30 20.84 19.76 66.68
CA GLY BA 30 19.74 20.69 66.81
C GLY BA 30 18.67 20.49 65.75
N GLU BA 31 18.90 19.53 64.86
CA GLU BA 31 17.94 19.24 63.79
C GLU BA 31 17.23 17.92 64.01
N ALA BA 32 16.08 17.74 63.36
CA ALA BA 32 15.31 16.50 63.52
C ALA BA 32 16.04 15.26 63.02
N GLY BA 33 16.76 15.41 61.91
CA GLY BA 33 17.46 14.27 61.34
C GLY BA 33 18.85 14.01 61.88
N SER BA 34 19.30 12.76 61.81
CA SER BA 34 20.63 12.41 62.29
C SER BA 34 21.62 12.46 61.13
N LEU BA 35 22.69 13.22 61.31
CA LEU BA 35 23.67 13.40 60.22
C LEU BA 35 24.45 12.14 59.91
N LEU BA 36 24.78 11.96 58.64
CA LEU BA 36 25.51 10.78 58.21
C LEU BA 36 26.63 11.17 57.26
N ALA BA 37 27.87 10.84 57.61
CA ALA BA 37 28.99 11.13 56.72
C ALA BA 37 29.53 9.86 56.12
N TYR BA 38 29.30 9.65 54.83
CA TYR BA 38 29.89 8.49 54.19
C TYR BA 38 31.01 8.92 53.25
N GLY BA 39 32.20 8.36 53.44
CA GLY BA 39 33.33 8.74 52.62
C GLY BA 39 33.60 7.72 51.56
N GLY BA 40 33.59 8.15 50.30
CA GLY BA 40 33.81 7.25 49.19
C GLY BA 40 35.21 7.27 48.63
N ILE BA 41 35.35 6.91 47.36
CA ILE BA 41 36.66 6.86 46.73
C ILE BA 41 37.37 8.23 46.70
N SER BA 42 36.64 9.29 46.37
CA SER BA 42 37.25 10.62 46.29
C SER BA 42 36.35 11.72 46.84
N TYR BA 43 35.52 11.39 47.82
CA TYR BA 43 34.57 12.39 48.34
C TYR BA 43 34.06 12.11 49.73
N VAL BA 44 33.48 13.11 50.38
CA VAL BA 44 32.86 12.91 51.68
C VAL BA 44 31.50 13.57 51.61
N VAL BA 45 30.43 12.79 51.65
CA VAL BA 45 29.09 13.37 51.54
C VAL BA 45 28.41 13.47 52.89
N ILE BA 46 27.96 14.67 53.24
CA ILE BA 46 27.23 14.86 54.49
C ILE BA 46 25.76 14.79 54.17
N ALA BA 47 25.02 13.98 54.92
CA ALA BA 47 23.61 13.80 54.64
C ALA BA 47 22.76 13.83 55.89
N SER BA 48 21.44 13.84 55.73
CA SER BA 48 20.54 13.85 56.87
C SER BA 48 19.60 12.66 56.77
N CYS BA 49 19.47 11.91 57.85
CA CYS BA 49 18.66 10.70 57.80
C CYS BA 49 17.47 10.76 58.73
N ARG BA 50 16.27 10.79 58.16
CA ARG BA 50 15.06 10.77 58.97
C ARG BA 50 14.41 9.43 58.77
N PHE BA 51 14.06 8.75 59.85
CA PHE BA 51 13.51 7.40 59.74
C PHE BA 51 12.04 7.30 60.13
N GLN BA 52 11.38 6.23 59.72
CA GLN BA 52 9.97 6.05 60.02
C GLN BA 52 9.74 5.94 61.52
N GLU BA 53 10.63 5.25 62.21
CA GLU BA 53 10.52 5.11 63.65
C GLU BA 53 10.65 6.47 64.35
N GLU BA 54 11.58 7.30 63.87
CA GLU BA 54 11.75 8.64 64.44
C GLU BA 54 10.50 9.49 64.24
N ASP BA 55 10.00 9.53 63.02
CA ASP BA 55 8.80 10.31 62.73
C ASP BA 55 7.86 9.54 61.82
N SER BA 56 6.60 9.43 62.23
CA SER BA 56 5.60 8.73 61.43
C SER BA 56 5.42 9.34 60.04
N THR BA 57 5.55 10.65 59.95
CA THR BA 57 5.42 11.34 58.66
C THR BA 57 6.39 10.78 57.64
N VAL BA 58 7.61 10.48 58.06
CA VAL BA 58 8.61 9.90 57.17
C VAL BA 58 8.22 8.49 56.79
N GLU BA 59 8.10 8.22 55.50
CA GLU BA 59 7.82 6.87 55.05
C GLU BA 59 9.13 6.23 54.65
N GLY BA 60 9.51 5.15 55.34
CA GLY BA 60 10.79 4.54 55.08
C GLY BA 60 11.89 5.44 55.58
N ILE BA 61 12.80 5.85 54.69
CA ILE BA 61 13.88 6.73 55.09
C ILE BA 61 13.93 7.99 54.21
N GLU BA 62 14.03 9.15 54.84
CA GLU BA 62 14.15 10.39 54.09
C GLU BA 62 15.63 10.75 54.05
N PHE BA 63 16.30 10.37 52.97
CA PHE BA 63 17.73 10.63 52.83
C PHE BA 63 17.97 11.88 52.01
N LYS BA 64 18.59 12.88 52.62
CA LYS BA 64 18.85 14.13 51.92
C LYS BA 64 20.30 14.54 52.00
N THR BA 65 21.01 14.52 50.87
CA THR BA 65 22.40 14.96 50.86
C THR BA 65 22.44 16.46 51.09
N LEU BA 66 23.15 16.89 52.14
CA LEU BA 66 23.24 18.30 52.46
C LEU BA 66 24.43 18.96 51.78
N LYS BA 67 25.60 18.35 51.88
CA LYS BA 67 26.81 18.95 51.31
C LYS BA 67 27.83 17.91 50.86
N THR BA 68 28.36 18.06 49.65
CA THR BA 68 29.36 17.13 49.14
C THR BA 68 30.75 17.76 49.17
N PHE BA 69 31.71 17.08 49.79
CA PHE BA 69 33.06 17.61 49.88
C PHE BA 69 34.04 16.80 49.04
N HIS BA 70 34.69 17.46 48.09
CA HIS BA 70 35.68 16.76 47.28
C HIS BA 70 36.91 16.49 48.10
N HIS BA 71 37.21 15.21 48.31
CA HIS BA 71 38.35 14.85 49.12
C HIS BA 71 39.59 14.66 48.27
N GLY BA 72 39.46 13.90 47.19
CA GLY BA 72 40.60 13.64 46.31
C GLY BA 72 41.31 12.35 46.64
N GLU BA 73 41.13 11.86 47.86
CA GLU BA 73 41.78 10.63 48.29
C GLU BA 73 40.77 9.69 48.94
N ARG BA 74 41.11 8.40 48.99
CA ARG BA 74 40.23 7.43 49.62
C ARG BA 74 40.08 7.70 51.10
N VAL BA 75 38.88 8.03 51.54
CA VAL BA 75 38.63 8.28 52.96
C VAL BA 75 38.58 6.97 53.70
N VAL BA 76 39.46 6.79 54.68
CA VAL BA 76 39.52 5.52 55.42
C VAL BA 76 38.87 5.62 56.80
N ALA BA 77 38.71 6.82 57.33
CA ALA BA 77 38.10 7.01 58.65
C ALA BA 77 37.53 8.41 58.82
N ILE BA 78 36.36 8.53 59.43
CA ILE BA 78 35.73 9.84 59.65
C ILE BA 78 35.39 10.09 61.12
N ALA BA 79 35.75 11.25 61.64
CA ALA BA 79 35.48 11.58 63.03
C ALA BA 79 34.64 12.85 63.13
N TRP BA 80 33.44 12.74 63.69
CA TRP BA 80 32.59 13.91 63.87
C TRP BA 80 33.07 14.82 64.98
N SER BA 81 32.84 16.13 64.84
CA SER BA 81 33.25 17.09 65.86
C SER BA 81 32.09 17.44 66.77
N PRO BA 82 32.36 17.58 68.08
CA PRO BA 82 31.32 17.97 69.05
C PRO BA 82 30.67 19.31 68.72
N GLU BA 83 31.37 20.21 68.02
CA GLU BA 83 30.83 21.52 67.69
C GLU BA 83 29.88 21.50 66.50
N THR BA 84 29.70 20.34 65.87
CA THR BA 84 28.82 20.25 64.71
C THR BA 84 27.39 20.57 65.08
N ARG BA 85 26.81 21.57 64.42
CA ARG BA 85 25.44 21.95 64.68
C ARG BA 85 24.73 22.42 63.42
N CYS BA 86 23.42 22.22 63.37
CA CYS BA 86 22.65 22.68 62.21
C CYS BA 86 21.67 23.75 62.65
N ASP BA 87 22.04 24.51 63.68
CA ASP BA 87 21.18 25.58 64.17
C ASP BA 87 20.96 26.62 63.10
N ALA BA 88 19.72 27.09 62.96
CA ALA BA 88 19.41 28.09 61.94
C ALA BA 88 20.23 29.35 62.15
N LEU BA 89 20.34 29.80 63.40
CA LEU BA 89 21.07 31.02 63.70
C LEU BA 89 22.55 30.89 63.34
N LEU BA 90 23.20 29.84 63.84
CA LEU BA 90 24.61 29.61 63.56
C LEU BA 90 24.88 28.16 63.19
N PRO BA 91 25.00 27.87 61.88
CA PRO BA 91 25.29 26.50 61.45
C PRO BA 91 26.77 26.22 61.38
N LEU BA 92 27.21 25.07 61.89
CA LEU BA 92 28.62 24.69 61.81
C LEU BA 92 28.77 23.23 61.46
N LEU BA 93 29.53 22.93 60.42
CA LEU BA 93 29.78 21.55 60.04
C LEU BA 93 31.26 21.27 60.11
N ARG BA 94 31.69 20.67 61.22
CA ARG BA 94 33.10 20.36 61.38
C ARG BA 94 33.33 18.86 61.52
N PHE BA 95 34.31 18.33 60.79
CA PHE BA 95 34.63 16.90 60.88
C PHE BA 95 36.05 16.62 60.38
N ALA BA 96 36.66 15.56 60.90
CA ALA BA 96 38.03 15.24 60.51
C ALA BA 96 38.10 13.93 59.77
N THR BA 97 38.72 13.93 58.60
CA THR BA 97 38.81 12.71 57.80
C THR BA 97 40.24 12.33 57.48
N ALA BA 98 40.61 11.10 57.81
CA ALA BA 98 41.94 10.62 57.45
C ALA BA 98 41.85 9.92 56.11
N ALA BA 99 42.96 9.87 55.39
CA ALA BA 99 42.93 9.27 54.06
C ALA BA 99 44.05 8.29 53.82
N GLY BA 100 44.22 7.86 52.57
CA GLY BA 100 45.27 6.92 52.22
C GLY BA 100 46.58 7.61 51.91
N ASP BA 101 46.71 8.87 52.31
CA ASP BA 101 47.96 9.60 52.09
C ASP BA 101 48.58 10.03 53.43
N LYS BA 102 48.19 9.36 54.52
CA LYS BA 102 48.72 9.68 55.86
C LYS BA 102 48.43 11.13 56.31
N LYS BA 103 47.33 11.71 55.84
CA LYS BA 103 47.01 13.11 56.17
C LYS BA 103 45.60 13.30 56.70
N ILE BA 104 45.42 14.28 57.58
CA ILE BA 104 44.10 14.55 58.16
C ILE BA 104 43.51 15.81 57.58
N ARG BA 105 42.28 15.72 57.09
CA ARG BA 105 41.62 16.88 56.52
C ARG BA 105 40.43 17.33 57.37
N ILE BA 106 40.56 18.49 58.01
CA ILE BA 106 39.47 19.02 58.82
C ILE BA 106 38.60 19.92 57.99
N PHE BA 107 37.40 19.45 57.66
CA PHE BA 107 36.49 20.25 56.86
C PHE BA 107 35.58 21.07 57.75
N THR BA 108 35.74 22.40 57.71
CA THR BA 108 34.89 23.27 58.50
C THR BA 108 33.98 24.04 57.56
N SER BA 109 32.67 23.93 57.75
CA SER BA 109 31.73 24.60 56.86
C SER BA 109 30.58 25.24 57.62
N ASP BA 110 29.79 26.05 56.92
CA ASP BA 110 28.62 26.66 57.54
C ASP BA 110 27.35 26.26 56.80
N PHE BA 111 27.43 25.24 55.95
CA PHE BA 111 26.28 24.76 55.15
C PHE BA 111 25.86 25.73 54.03
N GLN BA 112 26.59 26.82 53.85
CA GLN BA 112 26.27 27.79 52.81
C GLN BA 112 27.52 28.47 52.26
N ASP BA 113 27.99 28.02 51.09
CA ASP BA 113 29.17 28.61 50.42
C ASP BA 113 30.52 28.34 51.12
N LYS BA 114 30.71 28.86 52.33
CA LYS BA 114 32.00 28.72 53.01
C LYS BA 114 32.40 27.26 53.19
N ASN BA 115 33.52 26.87 52.59
CA ASN BA 115 34.02 25.50 52.74
C ASN BA 115 35.53 25.57 52.94
N GLU BA 116 36.00 25.15 54.11
CA GLU BA 116 37.42 25.23 54.42
C GLU BA 116 37.99 23.89 54.82
N TYR BA 117 39.20 23.58 54.37
CA TYR BA 117 39.84 22.32 54.74
C TYR BA 117 41.29 22.54 55.16
N LYS BA 118 41.79 21.73 56.08
CA LYS BA 118 43.16 21.88 56.55
C LYS BA 118 43.89 20.55 56.55
N VAL BA 119 44.93 20.43 55.72
CA VAL BA 119 45.72 19.20 55.69
C VAL BA 119 46.72 19.17 56.83
N ILE BA 120 46.64 18.14 57.66
CA ILE BA 120 47.57 17.99 58.77
C ILE BA 120 48.52 16.85 58.48
N GLU BA 121 49.80 17.17 58.35
CA GLU BA 121 50.79 16.15 58.03
C GLU BA 121 51.66 15.80 59.22
N GLY BA 122 52.35 14.67 59.16
CA GLY BA 122 53.19 14.24 60.27
C GLY BA 122 53.30 12.73 60.37
N HIS BA 123 52.21 12.03 60.06
CA HIS BA 123 52.21 10.58 60.11
C HIS BA 123 53.06 9.98 59.00
N SER BA 124 53.93 9.05 59.35
CA SER BA 124 54.75 8.37 58.34
C SER BA 124 54.15 7.01 58.00
N GLY BA 125 52.99 6.72 58.58
CA GLY BA 125 52.32 5.46 58.31
C GLY BA 125 50.84 5.70 58.13
N TYR BA 126 50.15 4.78 57.47
CA TYR BA 126 48.74 4.98 57.18
C TYR BA 126 47.89 5.07 58.44
N ILE BA 127 47.10 6.14 58.53
CA ILE BA 127 46.21 6.32 59.68
C ILE BA 127 45.04 5.37 59.57
N ASN BA 128 44.87 4.53 60.58
CA ASN BA 128 43.77 3.56 60.56
C ASN BA 128 42.49 4.16 61.13
N ASP BA 129 42.59 4.82 62.29
CA ASP BA 129 41.41 5.42 62.92
C ASP BA 129 41.72 6.75 63.56
N LEU BA 130 40.76 7.68 63.52
CA LEU BA 130 40.96 8.98 64.18
C LEU BA 130 39.69 9.42 64.90
N VAL BA 131 39.84 10.12 66.03
CA VAL BA 131 38.68 10.65 66.77
C VAL BA 131 38.97 12.02 67.35
N PHE BA 132 37.93 12.74 67.73
CA PHE BA 132 38.13 14.02 68.40
C PHE BA 132 38.33 13.77 69.87
N CYS BA 133 39.56 13.90 70.35
CA CYS BA 133 39.87 13.64 71.75
C CYS BA 133 39.67 14.85 72.66
N SER BA 134 38.56 15.55 72.50
CA SER BA 134 38.26 16.70 73.34
C SER BA 134 36.77 16.91 73.45
N PRO BA 135 36.27 17.19 74.66
CA PRO BA 135 34.85 17.48 74.82
C PRO BA 135 34.46 18.74 74.06
N GLU BA 136 35.37 19.71 73.96
CA GLU BA 136 35.10 20.93 73.22
C GLU BA 136 35.38 20.80 71.72
N GLY BA 137 35.95 19.66 71.31
CA GLY BA 137 36.25 19.44 69.90
C GLY BA 137 37.48 20.18 69.43
N THR BA 138 38.42 20.42 70.32
CA THR BA 138 39.63 21.15 69.97
C THR BA 138 40.77 20.24 69.56
N ASP BA 139 40.80 19.02 70.09
CA ASP BA 139 41.89 18.11 69.79
C ASP BA 139 41.45 16.89 68.99
N ILE BA 140 42.33 16.36 68.15
CA ILE BA 140 42.02 15.20 67.33
C ILE BA 140 43.11 14.16 67.49
N ALA BA 141 42.74 12.95 67.93
CA ALA BA 141 43.72 11.88 68.08
C ALA BA 141 43.70 10.95 66.88
N SER BA 142 44.87 10.56 66.42
CA SER BA 142 44.96 9.68 65.26
C SER BA 142 45.97 8.57 65.46
N VAL BA 143 45.55 7.32 65.24
CA VAL BA 143 46.46 6.19 65.36
C VAL BA 143 46.77 5.59 64.00
N GLY BA 144 47.99 5.10 63.82
CA GLY BA 144 48.37 4.59 62.51
C GLY BA 144 49.36 3.46 62.48
N ASP BA 145 49.84 3.11 61.28
CA ASP BA 145 50.78 2.00 61.12
C ASP BA 145 52.22 2.41 61.39
N ASP BA 146 52.45 3.64 61.81
CA ASP BA 146 53.80 4.08 62.16
C ASP BA 146 54.08 3.86 63.63
N HIS BA 147 53.24 3.05 64.29
CA HIS BA 147 53.42 2.75 65.72
C HIS BA 147 53.33 3.98 66.62
N THR BA 148 52.57 4.98 66.20
CA THR BA 148 52.43 6.20 67.00
C THR BA 148 51.00 6.70 67.14
N CYS BA 149 50.70 7.31 68.29
CA CYS BA 149 49.39 7.91 68.48
C CYS BA 149 49.66 9.37 68.65
N ARG BA 150 49.13 10.21 67.76
CA ARG BA 150 49.44 11.63 67.82
C ARG BA 150 48.23 12.50 68.10
N ILE BA 151 48.38 13.45 69.02
CA ILE BA 151 47.30 14.38 69.33
C ILE BA 151 47.49 15.66 68.56
N TRP BA 152 46.50 16.04 67.75
CA TRP BA 152 46.62 17.24 66.94
C TRP BA 152 45.56 18.23 67.31
N ASP BA 153 45.90 19.52 67.36
CA ASP BA 153 44.87 20.53 67.61
C ASP BA 153 44.19 20.95 66.30
N LEU BA 154 43.32 21.94 66.37
CA LEU BA 154 42.62 22.40 65.17
C LEU BA 154 43.54 23.12 64.18
N ASP BA 155 44.66 23.64 64.65
CA ASP BA 155 45.59 24.35 63.79
C ASP BA 155 46.67 23.46 63.18
N GLY BA 156 46.56 22.15 63.40
CA GLY BA 156 47.51 21.21 62.79
C GLY BA 156 48.82 21.01 63.53
N LYS BA 157 48.85 21.36 64.81
CA LYS BA 157 50.06 21.22 65.60
C LYS BA 157 49.98 20.03 66.54
N GLN BA 158 51.00 19.18 66.52
CA GLN BA 158 51.02 18.02 67.41
C GLN BA 158 51.25 18.45 68.85
N ILE BA 159 50.34 18.05 69.73
CA ILE BA 159 50.49 18.38 71.14
C ILE BA 159 51.28 17.29 71.84
N ALA BA 160 50.90 16.04 71.62
CA ALA BA 160 51.59 14.92 72.23
C ALA BA 160 51.70 13.72 71.30
N MET BA 161 52.76 12.94 71.46
CA MET BA 161 52.91 11.73 70.65
C MET BA 161 53.19 10.55 71.56
N PHE BA 162 52.35 9.52 71.49
CA PHE BA 162 52.54 8.32 72.31
C PHE BA 162 53.10 7.21 71.45
N ILE BA 163 54.30 6.76 71.78
CA ILE BA 163 54.95 5.69 71.01
C ILE BA 163 54.35 4.34 71.35
N LEU BA 164 53.69 3.72 70.38
CA LEU BA 164 53.10 2.41 70.61
C LEU BA 164 54.07 1.31 70.21
N ARG BA 165 53.83 0.10 70.68
CA ARG BA 165 54.68 -1.03 70.30
C ARG BA 165 54.11 -1.75 69.09
N SER BA 166 52.88 -1.40 68.71
CA SER BA 166 52.22 -2.06 67.57
C SER BA 166 51.44 -1.04 66.76
N PRO BA 167 51.15 -1.36 65.49
CA PRO BA 167 50.32 -0.44 64.71
C PRO BA 167 48.99 -0.17 65.40
N GLY BA 168 48.72 1.09 65.72
CA GLY BA 168 47.47 1.44 66.36
C GLY BA 168 46.31 1.29 65.39
N MET BA 169 45.35 0.44 65.73
CA MET BA 169 44.22 0.19 64.84
C MET BA 169 43.00 1.04 65.14
N SER BA 170 42.67 1.19 66.41
CA SER BA 170 41.45 1.94 66.76
C SER BA 170 41.65 2.84 67.97
N VAL BA 171 41.25 4.10 67.83
CA VAL BA 171 41.37 5.05 68.95
C VAL BA 171 39.97 5.51 69.36
N ALA BA 172 39.70 5.54 70.66
CA ALA BA 172 38.38 5.94 71.14
C ALA BA 172 38.43 6.81 72.38
N TRP BA 173 37.61 7.86 72.41
CA TRP BA 173 37.58 8.76 73.55
C TRP BA 173 36.61 8.27 74.62
N HIS BA 174 37.01 8.36 75.89
CA HIS BA 174 36.15 7.91 76.98
C HIS BA 174 34.85 8.68 77.00
N PRO BA 175 33.71 7.96 77.07
CA PRO BA 175 32.40 8.62 77.01
C PRO BA 175 32.17 9.69 78.07
N GLU BA 176 32.42 9.40 79.34
CA GLU BA 176 32.17 10.37 80.42
C GLU BA 176 33.44 10.91 81.05
N GLY BA 177 34.28 10.03 81.56
CA GLY BA 177 35.53 10.45 82.18
C GLY BA 177 36.41 11.22 81.24
N ALA BA 178 36.89 12.39 81.68
CA ALA BA 178 37.71 13.23 80.82
C ALA BA 178 39.17 12.83 80.80
N PHE BA 179 39.91 13.30 79.79
CA PHE BA 179 41.35 13.02 79.68
C PHE BA 179 41.71 11.53 79.67
N LYS BA 180 40.84 10.68 79.12
CA LYS BA 180 41.16 9.26 79.01
C LYS BA 180 40.98 8.81 77.58
N LEU BA 181 42.05 8.33 76.96
CA LEU BA 181 41.99 7.93 75.56
C LEU BA 181 42.36 6.48 75.38
N MET BA 182 41.53 5.72 74.68
CA MET BA 182 41.79 4.31 74.47
C MET BA 182 42.44 4.03 73.12
N VAL BA 183 43.63 3.47 73.13
CA VAL BA 183 44.31 3.12 71.89
C VAL BA 183 44.42 1.60 71.78
N ALA BA 184 43.87 1.03 70.71
CA ALA BA 184 43.90 -0.41 70.52
C ALA BA 184 45.00 -0.84 69.57
N GLU BA 185 46.12 -1.30 70.10
CA GLU BA 185 47.23 -1.77 69.27
C GLU BA 185 46.89 -3.07 68.56
N LYS BA 186 47.55 -3.35 67.44
CA LYS BA 186 47.22 -4.55 66.66
C LYS BA 186 47.59 -5.87 67.33
N THR BA 187 48.55 -5.87 68.25
CA THR BA 187 48.91 -7.10 68.96
C THR BA 187 47.98 -7.38 70.14
N GLY BA 188 46.84 -6.71 70.19
CA GLY BA 188 45.88 -6.97 71.24
C GLY BA 188 46.02 -6.13 72.48
N THR BA 189 47.11 -5.39 72.61
CA THR BA 189 47.34 -4.59 73.80
C THR BA 189 46.61 -3.27 73.69
N ILE BA 190 45.42 -3.19 74.28
CA ILE BA 190 44.67 -1.94 74.28
C ILE BA 190 45.12 -1.12 75.49
N ARG BA 191 45.50 0.13 75.25
CA ARG BA 191 46.03 0.96 76.34
C ARG BA 191 45.21 2.21 76.57
N PHE BA 192 45.21 2.71 77.80
CA PHE BA 192 44.49 3.94 78.11
C PHE BA 192 45.49 5.03 78.41
N TYR BA 193 45.41 6.16 77.73
CA TYR BA 193 46.40 7.21 77.92
C TYR BA 193 45.80 8.46 78.52
N ASP BA 194 46.47 9.03 79.51
CA ASP BA 194 46.01 10.30 80.08
C ASP BA 194 46.45 11.40 79.13
N LEU BA 195 45.56 12.36 78.87
CA LEU BA 195 45.90 13.47 77.99
C LEU BA 195 46.36 14.70 78.77
N THR BA 196 46.55 14.56 80.08
CA THR BA 196 47.04 15.67 80.88
C THR BA 196 48.45 15.36 81.34
N THR BA 197 48.64 14.20 81.97
CA THR BA 197 49.97 13.78 82.40
C THR BA 197 50.69 13.03 81.30
N HIS BA 198 49.99 12.73 80.20
CA HIS BA 198 50.60 12.01 79.07
C HIS BA 198 51.26 10.71 79.49
N GLN BA 199 50.57 9.93 80.32
CA GLN BA 199 51.12 8.65 80.78
C GLN BA 199 50.11 7.53 80.58
N ALA BA 200 50.60 6.30 80.44
CA ALA BA 200 49.72 5.16 80.24
C ALA BA 200 49.07 4.74 81.54
N ILE BA 201 47.77 4.96 81.66
CA ILE BA 201 47.05 4.59 82.88
C ILE BA 201 46.96 3.08 83.04
N LEU BA 202 46.56 2.38 81.99
CA LEU BA 202 46.37 0.94 82.08
C LEU BA 202 46.57 0.24 80.74
N SER BA 203 46.80 -1.07 80.78
CA SER BA 203 46.97 -1.84 79.53
C SER BA 203 46.17 -3.14 79.56
N LEU BA 204 45.11 -3.22 78.77
CA LEU BA 204 44.32 -4.46 78.69
C LEU BA 204 44.87 -5.41 77.64
N GLU BA 205 44.63 -6.70 77.81
CA GLU BA 205 45.17 -7.68 76.88
C GLU BA 205 44.11 -8.57 76.26
N SER BA 206 44.19 -8.79 74.95
CA SER BA 206 43.25 -9.67 74.28
C SER BA 206 43.87 -11.04 74.07
N VAL BA 207 43.08 -12.09 74.27
CA VAL BA 207 43.59 -13.46 74.12
C VAL BA 207 43.98 -13.77 72.67
N GLN BA 208 43.22 -13.25 71.71
CA GLN BA 208 43.50 -13.52 70.30
C GLN BA 208 44.12 -12.34 69.56
N VAL BA 209 44.79 -12.64 68.46
CA VAL BA 209 45.40 -11.58 67.64
C VAL BA 209 44.98 -11.79 66.18
N PRO BA 210 44.82 -10.69 65.42
CA PRO BA 210 45.14 -9.30 65.74
C PRO BA 210 43.93 -8.46 66.17
N LEU BA 211 44.15 -7.51 67.08
CA LEU BA 211 43.07 -6.65 67.51
C LEU BA 211 42.79 -5.65 66.41
N MET BA 212 41.66 -5.78 65.74
CA MET BA 212 41.37 -4.92 64.61
C MET BA 212 40.59 -3.66 64.98
N SER BA 213 39.73 -3.75 65.98
CA SER BA 213 38.90 -2.60 66.36
C SER BA 213 38.51 -2.63 67.83
N ALA BA 214 38.20 -1.46 68.38
CA ALA BA 214 37.76 -1.37 69.77
C ALA BA 214 36.83 -0.18 69.97
N ASP BA 215 35.81 -0.35 70.81
CA ASP BA 215 34.86 0.73 71.05
C ASP BA 215 34.36 0.76 72.48
N TRP BA 216 34.15 1.96 73.02
CA TRP BA 216 33.59 2.09 74.36
C TRP BA 216 32.10 1.93 74.32
N CYS BA 217 31.49 1.64 75.47
CA CYS BA 217 30.04 1.57 75.51
C CYS BA 217 29.55 2.87 76.13
N VAL BA 218 28.79 3.66 75.38
CA VAL BA 218 28.32 4.95 75.86
C VAL BA 218 27.40 4.79 77.06
N ARG BA 219 26.47 3.84 76.98
CA ARG BA 219 25.54 3.60 78.09
C ARG BA 219 26.26 3.13 79.36
N ASN BA 220 27.18 2.17 79.24
CA ASN BA 220 27.96 1.73 80.39
C ASN BA 220 29.43 1.93 80.10
N THR BA 221 30.04 2.97 80.67
CA THR BA 221 31.44 3.27 80.39
C THR BA 221 32.39 2.13 80.70
N LEU BA 222 32.07 1.32 81.71
CA LEU BA 222 32.94 0.21 82.10
C LEU BA 222 33.10 -0.86 81.03
N ARG BA 223 32.04 -1.14 80.29
CA ARG BA 223 32.09 -2.18 79.26
C ARG BA 223 32.87 -1.75 78.03
N ILE BA 224 33.91 -2.48 77.71
CA ILE BA 224 34.70 -2.19 76.53
C ILE BA 224 34.63 -3.37 75.59
N GLY BA 225 34.37 -3.12 74.32
CA GLY BA 225 34.26 -4.19 73.36
C GLY BA 225 35.26 -4.11 72.24
N ALA BA 226 35.70 -5.26 71.74
CA ALA BA 226 36.69 -5.29 70.69
C ALA BA 226 36.59 -6.54 69.82
N VAL BA 227 37.26 -6.54 68.68
CA VAL BA 227 37.25 -7.71 67.80
C VAL BA 227 38.67 -8.16 67.46
N ALA BA 228 39.09 -9.27 68.06
CA ALA BA 228 40.43 -9.78 67.79
C ALA BA 228 40.34 -11.08 67.03
N GLY BA 229 40.96 -11.13 65.87
CA GLY BA 229 40.88 -12.33 65.03
C GLY BA 229 39.45 -12.57 64.58
N ASN BA 230 38.94 -13.77 64.83
CA ASN BA 230 37.58 -14.11 64.42
C ASN BA 230 36.58 -13.92 65.55
N ASP BA 231 37.04 -13.81 66.79
CA ASP BA 231 36.13 -13.73 67.93
C ASP BA 231 35.96 -12.33 68.52
N TRP BA 232 34.75 -12.02 68.97
CA TRP BA 232 34.53 -10.73 69.63
C TRP BA 232 34.87 -10.86 71.10
N ILE BA 233 35.38 -9.79 71.70
CA ILE BA 233 35.81 -9.84 73.10
C ILE BA 233 35.26 -8.67 73.92
N ILE BA 234 34.70 -8.94 75.09
CA ILE BA 234 34.18 -7.87 75.97
C ILE BA 234 34.96 -7.83 77.28
N TRP BA 235 35.37 -6.65 77.71
CA TRP BA 235 36.03 -6.49 78.99
C TRP BA 235 35.17 -5.63 79.87
N GLU BA 236 35.26 -5.80 81.18
CA GLU BA 236 34.52 -4.92 82.09
C GLU BA 236 35.44 -4.43 83.19
N MET BA 237 35.51 -3.12 83.36
CA MET BA 237 36.39 -2.54 84.38
C MET BA 237 35.62 -2.12 85.63
N PRO BA 238 36.31 -1.53 86.62
CA PRO BA 238 37.64 -1.88 87.15
C PRO BA 238 37.68 -3.26 87.80
N ARG BA 239 37.70 -4.32 86.97
CA ARG BA 239 37.71 -5.67 87.50
C ARG BA 239 38.97 -6.41 87.10
N SER BA 240 39.11 -6.71 85.81
CA SER BA 240 40.28 -7.44 85.33
C SER BA 240 40.66 -7.12 83.90
N SER BA 241 41.88 -7.47 83.50
CA SER BA 241 42.32 -7.27 82.13
C SER BA 241 41.93 -8.44 81.25
N TYR BA 242 41.38 -9.48 81.86
CA TYR BA 242 40.97 -10.67 81.11
C TYR BA 242 39.64 -10.50 80.41
N PRO BA 243 39.48 -11.11 79.20
CA PRO BA 243 38.15 -11.02 78.59
C PRO BA 243 37.03 -11.60 79.42
N GLN BA 244 35.99 -10.82 79.68
CA GLN BA 244 34.82 -11.34 80.39
C GLN BA 244 34.06 -12.29 79.48
N ASP BA 245 33.75 -11.84 78.28
CA ASP BA 245 33.03 -12.67 77.30
C ASP BA 245 33.82 -12.81 76.02
N ASN BA 246 33.95 -14.03 75.52
CA ASN BA 246 34.70 -14.27 74.30
C ASN BA 246 34.01 -15.33 73.45
N LYS BA 247 33.22 -14.91 72.48
CA LYS BA 247 32.54 -15.85 71.61
C LYS BA 247 32.83 -15.55 70.15
N PRO BA 248 32.81 -16.59 69.29
CA PRO BA 248 33.06 -16.38 67.86
C PRO BA 248 32.09 -15.40 67.22
N ALA BA 249 32.60 -14.47 66.43
CA ALA BA 249 31.74 -13.49 65.76
C ALA BA 249 31.60 -13.83 64.30
N HIS BA 250 32.72 -14.04 63.61
CA HIS BA 250 32.70 -14.37 62.19
C HIS BA 250 33.62 -15.51 61.81
N ALA BA 251 33.28 -16.22 60.73
CA ALA BA 251 34.08 -17.36 60.28
C ALA BA 251 35.42 -16.98 59.67
N ASP BA 252 35.45 -15.91 58.87
CA ASP BA 252 36.68 -15.51 58.21
C ASP BA 252 37.52 -14.62 59.10
N ARG BA 253 37.04 -13.40 59.36
CA ARG BA 253 37.75 -12.48 60.22
C ARG BA 253 36.81 -11.36 60.65
N ALA BA 254 36.85 -10.97 61.92
CA ALA BA 254 36.03 -9.86 62.38
C ALA BA 254 36.84 -8.58 62.25
N ARG BA 255 36.24 -7.53 61.70
CA ARG BA 255 36.98 -6.29 61.44
C ARG BA 255 36.56 -5.09 62.28
N MET BA 256 35.28 -4.73 62.26
CA MET BA 256 34.84 -3.53 62.97
C MET BA 256 33.90 -3.80 64.13
N PHE BA 257 34.21 -3.24 65.30
CA PHE BA 257 33.35 -3.42 66.46
C PHE BA 257 32.69 -2.10 66.83
N ARG BA 258 31.37 -2.08 66.90
CA ARG BA 258 30.67 -0.87 67.32
C ARG BA 258 29.57 -1.15 68.32
N TRP BA 259 29.60 -0.45 69.44
CA TRP BA 259 28.56 -0.62 70.46
C TRP BA 259 27.29 0.14 70.11
N SER BA 260 26.15 -0.35 70.58
CA SER BA 260 24.90 0.37 70.35
C SER BA 260 24.86 1.61 71.23
N LYS BA 261 24.31 2.69 70.71
CA LYS BA 261 24.25 3.94 71.48
C LYS BA 261 22.98 4.02 72.32
N CYS BA 262 22.02 3.14 72.05
CA CYS BA 262 20.77 3.13 72.81
C CYS BA 262 20.70 1.98 73.82
N ASN BA 263 21.50 0.94 73.62
CA ASN BA 263 21.48 -0.22 74.52
C ASN BA 263 22.90 -0.63 74.91
N GLU BA 264 23.06 -1.10 76.14
CA GLU BA 264 24.37 -1.51 76.61
C GLU BA 264 24.65 -3.00 76.36
N ASN BA 265 23.71 -3.70 75.73
CA ASN BA 265 23.87 -5.14 75.51
C ASN BA 265 24.04 -5.50 74.05
N VAL BA 266 23.65 -4.60 73.15
CA VAL BA 266 23.71 -4.90 71.72
C VAL BA 266 24.95 -4.31 71.08
N PHE BA 267 25.64 -5.11 70.25
CA PHE BA 267 26.81 -4.62 69.52
C PHE BA 267 26.88 -5.29 68.17
N ALA BA 268 27.46 -4.61 67.19
CA ALA BA 268 27.55 -5.16 65.85
C ALA BA 268 28.98 -5.41 65.41
N THR BA 269 29.23 -6.55 64.78
CA THR BA 269 30.56 -6.87 64.29
C THR BA 269 30.46 -7.14 62.79
N THR BA 270 31.33 -6.52 62.01
CA THR BA 270 31.33 -6.74 60.57
C THR BA 270 32.42 -7.69 60.14
N GLY BA 271 32.10 -8.60 59.22
CA GLY BA 271 33.07 -9.55 58.71
C GLY BA 271 34.02 -8.87 57.76
N TYR BA 272 35.14 -9.51 57.48
CA TYR BA 272 36.13 -8.89 56.63
C TYR BA 272 35.83 -9.01 55.13
N PRO BA 273 35.94 -7.90 54.37
CA PRO BA 273 35.76 -7.96 52.92
C PRO BA 273 36.70 -8.95 52.25
N GLY BA 274 36.21 -10.15 51.99
CA GLY BA 274 37.05 -11.19 51.42
C GLY BA 274 36.26 -12.22 50.65
N LYS BA 275 36.64 -13.49 50.76
CA LYS BA 275 36.03 -14.52 49.94
C LYS BA 275 34.51 -14.57 50.09
N MET BA 276 34.01 -14.28 51.28
CA MET BA 276 32.57 -14.25 51.51
C MET BA 276 32.06 -12.82 51.42
N LYS BA 277 30.76 -12.63 51.24
CA LYS BA 277 30.21 -11.29 51.29
C LYS BA 277 30.48 -10.76 52.69
N SER BA 278 30.80 -9.47 52.82
CA SER BA 278 31.12 -8.89 54.11
C SER BA 278 29.89 -8.95 55.03
N GLN BA 279 29.74 -10.04 55.77
CA GLN BA 279 28.56 -10.22 56.62
C GLN BA 279 28.56 -9.36 57.87
N ILE BA 280 27.39 -9.00 58.36
CA ILE BA 280 27.31 -8.27 59.62
C ILE BA 280 26.60 -9.16 60.62
N ALA BA 281 27.17 -9.30 61.81
CA ALA BA 281 26.55 -10.12 62.82
C ALA BA 281 26.25 -9.27 64.03
N ILE BA 282 25.02 -8.80 64.14
CA ILE BA 282 24.62 -8.00 65.28
C ILE BA 282 24.38 -8.94 66.44
N HIS BA 283 25.29 -8.95 67.41
CA HIS BA 283 25.16 -9.85 68.54
C HIS BA 283 24.40 -9.26 69.69
N HIS BA 284 24.15 -10.08 70.71
CA HIS BA 284 23.49 -9.60 71.91
C HIS BA 284 24.19 -10.30 73.06
N LEU BA 285 24.44 -9.60 74.15
CA LEU BA 285 25.19 -10.20 75.26
C LEU BA 285 24.49 -11.42 75.84
N ALA BA 286 23.17 -11.35 76.00
CA ALA BA 286 22.41 -12.48 76.54
C ALA BA 286 22.33 -13.68 75.60
N HIS BA 287 22.09 -13.43 74.32
CA HIS BA 287 21.95 -14.52 73.34
C HIS BA 287 23.29 -14.99 72.79
N PRO BA 288 23.54 -16.31 72.85
CA PRO BA 288 24.81 -16.87 72.32
C PRO BA 288 25.00 -16.62 70.82
N GLN BA 289 23.92 -16.54 70.07
CA GLN BA 289 24.00 -16.33 68.63
C GLN BA 289 23.57 -14.93 68.23
N PRO BA 290 24.05 -14.41 67.06
CA PRO BA 290 23.61 -13.04 66.78
C PRO BA 290 22.11 -12.91 66.52
N ILE BA 291 21.51 -11.85 67.03
CA ILE BA 291 20.09 -11.63 66.79
C ILE BA 291 19.77 -11.37 65.32
N LEU BA 292 20.69 -10.72 64.61
CA LEU BA 292 20.48 -10.41 63.20
C LEU BA 292 21.74 -10.65 62.38
N ILE BA 293 21.67 -11.54 61.39
CA ILE BA 293 22.82 -11.78 60.53
C ILE BA 293 22.50 -11.36 59.11
N GLY BA 294 23.05 -10.23 58.68
CA GLY BA 294 22.82 -9.73 57.34
C GLY BA 294 24.05 -9.86 56.46
N THR BA 295 23.86 -9.85 55.14
CA THR BA 295 24.99 -9.95 54.22
C THR BA 295 25.10 -8.74 53.30
N ALA BA 296 26.27 -8.11 53.28
CA ALA BA 296 26.49 -6.99 52.37
C ALA BA 296 27.54 -7.41 51.37
N PRO BA 297 27.31 -7.17 50.07
CA PRO BA 297 28.26 -7.64 49.05
C PRO BA 297 29.69 -7.23 49.37
N VAL BA 298 29.96 -5.93 49.49
CA VAL BA 298 31.28 -5.46 49.89
C VAL BA 298 31.01 -4.34 50.86
N GLY BA 299 31.23 -4.58 52.15
CA GLY BA 299 30.90 -3.57 53.15
C GLY BA 299 32.01 -3.07 54.03
N SER BA 300 32.22 -1.76 54.05
CA SER BA 300 33.23 -1.18 54.92
C SER BA 300 32.68 0.05 55.64
N GLY BA 301 32.85 0.09 56.96
CA GLY BA 301 32.32 1.20 57.74
C GLY BA 301 31.10 0.76 58.53
N LEU BA 302 31.11 1.04 59.83
CA LEU BA 302 29.98 0.65 60.68
C LEU BA 302 29.70 1.72 61.72
N SER BA 303 28.44 2.11 61.85
CA SER BA 303 28.07 3.11 62.85
C SER BA 303 26.68 2.88 63.39
N TRP BA 304 26.45 3.26 64.65
CA TRP BA 304 25.16 3.07 65.27
C TRP BA 304 24.39 4.37 65.41
N HIS BA 305 23.07 4.33 65.19
CA HIS BA 305 22.24 5.52 65.33
C HIS BA 305 22.23 5.96 66.78
N ARG BA 306 22.30 7.26 67.02
CA ARG BA 306 22.35 7.79 68.39
C ARG BA 306 21.15 7.39 69.25
N ARG BA 307 19.94 7.50 68.71
CA ARG BA 307 18.75 7.20 69.50
C ARG BA 307 18.03 5.91 69.10
N LEU BA 308 17.97 5.62 67.80
CA LEU BA 308 17.29 4.42 67.32
C LEU BA 308 18.14 3.17 67.42
N PRO BA 309 17.50 2.00 67.48
CA PRO BA 309 18.27 0.74 67.46
C PRO BA 309 18.59 0.34 66.02
N LEU BA 310 19.37 1.16 65.33
CA LEU BA 310 19.67 0.90 63.92
C LEU BA 310 21.14 1.09 63.58
N CYS BA 311 21.71 0.22 62.77
CA CYS BA 311 23.11 0.33 62.38
C CYS BA 311 23.23 0.50 60.87
N VAL BA 312 24.40 0.98 60.41
CA VAL BA 312 24.61 1.18 58.99
C VAL BA 312 25.94 0.61 58.48
N VAL BA 313 25.90 -0.14 57.39
CA VAL BA 313 27.13 -0.65 56.80
C VAL BA 313 27.19 -0.15 55.36
N GLY BA 314 28.26 0.54 55.00
CA GLY BA 314 28.37 1.09 53.66
C GLY BA 314 28.78 0.06 52.64
N GLY BA 315 27.85 -0.35 51.78
CA GLY BA 315 28.14 -1.33 50.75
C GLY BA 315 28.59 -0.72 49.44
N TYR BA 316 28.56 -1.52 48.38
CA TYR BA 316 28.94 -1.03 47.06
C TYR BA 316 27.87 -0.10 46.52
N ARG BA 317 28.16 1.19 46.44
CA ARG BA 317 27.21 2.18 45.93
C ARG BA 317 25.87 2.13 46.65
N LYS BA 318 25.85 1.61 47.87
CA LYS BA 318 24.61 1.49 48.62
C LYS BA 318 24.84 1.64 50.11
N LEU BA 319 23.80 1.99 50.85
CA LEU BA 319 23.91 2.09 52.31
C LEU BA 319 22.89 1.14 52.91
N PHE BA 320 23.35 0.15 53.66
CA PHE BA 320 22.45 -0.84 54.21
C PHE BA 320 22.12 -0.57 55.66
N PHE BA 321 20.85 -0.32 55.95
CA PHE BA 321 20.44 -0.03 57.32
C PHE BA 321 19.69 -1.23 57.90
N TRP BA 322 20.12 -1.69 59.07
CA TRP BA 322 19.48 -2.83 59.71
C TRP BA 322 18.88 -2.44 61.05
N LEU BA 323 17.59 -2.70 61.23
CA LEU BA 323 16.93 -2.36 62.49
C LEU BA 323 16.93 -3.55 63.44
N THR BA 324 17.50 -3.36 64.63
CA THR BA 324 17.50 -4.41 65.63
C THR BA 324 16.30 -4.26 66.54
N GLU BA 325 15.39 -5.22 66.50
CA GLU BA 325 14.21 -5.16 67.34
C GLU BA 325 14.59 -5.41 68.79
N MET BA 326 14.34 -4.42 69.65
CA MET BA 326 14.69 -4.56 71.06
C MET BA 326 13.62 -5.33 71.83
N GLU CA 1043 -45.26 -19.21 -23.49
CA GLU CA 1043 -45.01 -19.39 -24.92
C GLU CA 1043 -45.38 -18.18 -25.74
N LEU CA 1044 -44.69 -17.98 -26.86
CA LEU CA 1044 -45.01 -16.87 -27.75
C LEU CA 1044 -46.43 -17.04 -28.26
N VAL CA 1045 -47.21 -15.96 -28.31
CA VAL CA 1045 -48.62 -16.07 -28.70
C VAL CA 1045 -48.75 -16.80 -30.04
N PRO CA 1046 -49.69 -17.75 -30.14
CA PRO CA 1046 -49.79 -18.55 -31.36
C PRO CA 1046 -50.00 -17.74 -32.63
N LEU CA 1047 -51.09 -16.99 -32.73
CA LEU CA 1047 -51.37 -16.26 -33.98
C LEU CA 1047 -52.21 -15.00 -33.83
N GLU CA 1048 -51.64 -13.93 -33.31
CA GLU CA 1048 -52.35 -12.66 -33.24
C GLU CA 1048 -51.78 -11.85 -34.39
N LYS CA 1049 -52.53 -11.71 -35.47
CA LYS CA 1049 -51.99 -11.05 -36.66
C LYS CA 1049 -52.91 -10.03 -37.33
N SER CA 1050 -53.56 -9.17 -36.55
CA SER CA 1050 -54.49 -8.18 -37.12
C SER CA 1050 -54.29 -6.77 -36.58
N VAL CA 1051 -54.61 -6.57 -35.30
CA VAL CA 1051 -54.43 -5.26 -34.69
C VAL CA 1051 -52.96 -4.95 -34.72
N THR CA 1052 -52.17 -5.86 -34.18
CA THR CA 1052 -50.74 -5.66 -34.17
C THR CA 1052 -50.21 -5.62 -35.60
N HIS CA 1053 -50.90 -6.17 -36.59
CA HIS CA 1053 -50.43 -6.03 -37.98
C HIS CA 1053 -50.73 -4.65 -38.57
N GLY CA 1054 -51.89 -4.09 -38.22
CA GLY CA 1054 -52.22 -2.75 -38.68
C GLY CA 1054 -51.27 -1.77 -38.04
N ARG CA 1055 -51.02 -1.92 -36.75
CA ARG CA 1055 -50.04 -1.05 -36.10
C ARG CA 1055 -48.64 -1.52 -36.45
N GLY CA 1056 -48.52 -2.64 -37.17
CA GLY CA 1056 -47.22 -3.12 -37.62
C GLY CA 1056 -46.86 -2.45 -38.93
N SER CA 1057 -47.86 -1.95 -39.65
CA SER CA 1057 -47.61 -1.22 -40.88
C SER CA 1057 -47.38 0.25 -40.59
N LEU CA 1058 -47.53 0.63 -39.32
CA LEU CA 1058 -47.32 2.02 -38.92
C LEU CA 1058 -45.86 2.43 -39.15
N LEU CA 1059 -45.62 3.70 -39.45
CA LEU CA 1059 -44.25 4.16 -39.72
C LEU CA 1059 -43.65 5.05 -38.63
N ILE CA 1060 -44.37 5.26 -37.53
CA ILE CA 1060 -43.83 6.04 -36.41
C ILE CA 1060 -42.71 5.24 -35.75
N ASP CA 1061 -42.89 3.93 -35.65
CA ASP CA 1061 -41.89 3.07 -35.05
C ASP CA 1061 -42.11 1.66 -35.59
N MET CA 1062 -42.00 1.52 -36.90
CA MET CA 1062 -42.16 0.21 -37.52
C MET CA 1062 -41.09 -0.70 -36.94
N GLY CA 1063 -39.90 -0.15 -36.70
CA GLY CA 1063 -38.83 -0.92 -36.10
C GLY CA 1063 -39.19 -1.49 -34.73
N LEU CA 1064 -39.71 -0.66 -33.82
CA LEU CA 1064 -40.14 -1.16 -32.51
C LEU CA 1064 -41.29 -2.16 -32.64
N PHE CA 1065 -42.16 -1.97 -33.61
CA PHE CA 1065 -43.24 -2.92 -33.84
C PHE CA 1065 -42.74 -4.16 -34.56
N MET CA 1066 -41.53 -4.10 -35.10
CA MET CA 1066 -40.96 -5.27 -35.76
C MET CA 1066 -39.81 -5.84 -34.94
N GLY CA 1067 -39.86 -5.66 -33.63
CA GLY CA 1067 -38.86 -6.24 -32.77
C GLY CA 1067 -39.01 -7.75 -32.71
N ARG CA 1068 -40.23 -8.26 -32.64
CA ARG CA 1068 -40.48 -9.72 -32.52
C ARG CA 1068 -39.61 -10.57 -33.43
N SER CA 1069 -39.06 -9.98 -34.48
CA SER CA 1069 -38.21 -10.69 -35.43
C SER CA 1069 -36.93 -11.31 -34.93
N PHE CA 1070 -36.33 -12.17 -35.75
CA PHE CA 1070 -35.05 -12.74 -35.39
C PHE CA 1070 -34.37 -13.37 -36.58
N ARG CA 1071 -33.05 -13.23 -36.66
CA ARG CA 1071 -32.29 -13.95 -37.68
C ARG CA 1071 -30.85 -14.02 -37.26
N VAL CA 1072 -30.49 -15.13 -36.66
CA VAL CA 1072 -29.10 -15.32 -36.34
C VAL CA 1072 -28.74 -16.48 -37.22
N GLY CA 1073 -27.80 -16.28 -38.13
CA GLY CA 1073 -27.49 -17.32 -39.07
C GLY CA 1073 -26.44 -18.34 -38.73
N TRP CA 1074 -25.23 -18.15 -39.25
CA TRP CA 1074 -24.21 -19.18 -39.09
C TRP CA 1074 -23.03 -18.90 -38.20
N GLY CA 1075 -22.06 -19.79 -38.27
CA GLY CA 1075 -20.84 -19.65 -37.48
C GLY CA 1075 -19.83 -20.58 -38.13
N PRO CA 1076 -18.73 -20.86 -37.43
CA PRO CA 1076 -17.69 -21.74 -38.00
C PRO CA 1076 -18.18 -23.16 -38.25
N ASN CA 1077 -17.64 -23.84 -39.25
CA ASN CA 1077 -18.01 -25.22 -39.57
C ASN CA 1077 -19.51 -25.40 -39.76
N TRP CA 1078 -20.13 -24.50 -40.52
CA TRP CA 1078 -21.56 -24.61 -40.85
C TRP CA 1078 -22.55 -24.65 -39.66
N THR CA 1079 -22.07 -24.39 -38.45
CA THR CA 1079 -22.95 -24.43 -37.28
C THR CA 1079 -24.08 -23.43 -37.42
N LEU CA 1080 -25.31 -23.87 -37.17
CA LEU CA 1080 -26.46 -22.99 -37.30
C LEU CA 1080 -27.04 -22.61 -35.96
N VAL CA 1081 -27.17 -21.31 -35.72
CA VAL CA 1081 -27.78 -20.84 -34.49
C VAL CA 1081 -29.21 -20.48 -34.85
N HIS CA 1082 -30.15 -20.76 -33.97
CA HIS CA 1082 -31.56 -20.49 -34.27
C HIS CA 1082 -32.36 -20.28 -33.01
N ASN CA 1083 -33.66 -20.01 -33.16
CA ASN CA 1083 -34.53 -19.84 -32.01
C ASN CA 1083 -35.62 -20.88 -32.09
N GLY CA 1084 -35.94 -21.51 -30.96
CA GLY CA 1084 -36.99 -22.51 -30.94
C GLY CA 1084 -36.69 -23.71 -31.80
N SER CA 1119 -42.11 -27.24 -18.17
CA SER CA 1119 -41.33 -27.24 -19.40
C SER CA 1119 -41.18 -25.83 -19.95
N PRO CA 1120 -39.95 -25.30 -19.91
CA PRO CA 1120 -39.72 -23.92 -20.36
C PRO CA 1120 -39.85 -23.73 -21.87
N PHE CA 1121 -40.40 -22.60 -22.29
CA PHE CA 1121 -40.49 -22.31 -23.72
C PHE CA 1121 -39.57 -21.16 -24.06
N LYS CA 1122 -38.47 -21.45 -24.74
CA LYS CA 1122 -37.51 -20.41 -25.11
C LYS CA 1122 -36.85 -20.67 -26.44
N VAL CA 1123 -35.53 -20.89 -26.44
CA VAL CA 1123 -34.78 -21.04 -27.68
C VAL CA 1123 -33.96 -22.33 -27.71
N HIS CA 1124 -33.77 -22.92 -28.89
CA HIS CA 1124 -32.97 -24.14 -29.01
C HIS CA 1124 -31.89 -23.99 -30.08
N MET CA 1125 -30.90 -24.87 -30.08
CA MET CA 1125 -29.81 -24.78 -31.03
C MET CA 1125 -29.36 -26.16 -31.48
N GLU CA 1126 -29.38 -26.39 -32.79
CA GLU CA 1126 -28.93 -27.67 -33.34
C GLU CA 1126 -27.88 -27.45 -34.42
N LYS CA 1127 -27.10 -28.47 -34.71
CA LYS CA 1127 -26.06 -28.36 -35.73
C LYS CA 1127 -26.62 -28.45 -37.14
N LEU CA 1128 -25.78 -28.25 -38.14
CA LEU CA 1128 -26.19 -28.39 -39.52
C LEU CA 1128 -25.02 -28.90 -40.32
N SER CA 1129 -25.25 -29.93 -41.12
CA SER CA 1129 -24.17 -30.51 -41.90
C SER CA 1129 -24.68 -31.35 -43.04
N LEU CA 1130 -23.76 -31.94 -43.81
CA LEU CA 1130 -24.15 -32.81 -44.90
C LEU CA 1130 -24.36 -34.19 -44.33
N GLU CA 1131 -25.60 -34.59 -44.14
CA GLU CA 1131 -25.88 -35.89 -43.54
C GLU CA 1131 -26.19 -36.98 -44.54
N GLN CA 1132 -26.30 -36.64 -45.82
CA GLN CA 1132 -26.65 -37.64 -46.83
C GLN CA 1132 -25.53 -38.66 -46.92
N LYS CA 1133 -25.84 -39.92 -46.63
CA LYS CA 1133 -24.83 -40.99 -46.65
C LYS CA 1133 -23.50 -40.48 -46.07
N SER CA 1134 -23.54 -39.99 -44.83
CA SER CA 1134 -22.33 -39.42 -44.22
C SER CA 1134 -21.40 -40.46 -43.59
N ARG CA 1135 -20.87 -41.38 -44.39
CA ARG CA 1135 -19.94 -42.38 -43.88
C ARG CA 1135 -19.17 -43.04 -45.02
N GLU CA 1136 -18.19 -42.33 -45.59
CA GLU CA 1136 -17.41 -42.86 -46.72
C GLU CA 1136 -15.92 -42.58 -46.60
N LEU CA 1137 -15.34 -42.47 -45.42
CA LEU CA 1137 -13.91 -42.05 -45.33
C LEU CA 1137 -12.90 -42.66 -46.34
N GLN CA 1138 -12.98 -43.97 -46.55
CA GLN CA 1138 -12.01 -44.65 -47.43
C GLN CA 1138 -11.87 -44.06 -48.84
N SER CA 1139 -12.99 -43.79 -49.50
CA SER CA 1139 -12.94 -43.24 -50.86
C SER CA 1139 -12.22 -41.90 -50.86
N TYR CA 1140 -12.63 -41.02 -49.95
CA TYR CA 1140 -11.94 -39.74 -49.84
C TYR CA 1140 -10.46 -40.04 -49.79
N LEU CA 1141 -10.04 -40.81 -48.79
CA LEU CA 1141 -8.63 -41.19 -48.69
C LEU CA 1141 -7.99 -41.63 -50.02
N MET CA 1142 -8.50 -42.67 -50.67
CA MET CA 1142 -7.83 -43.19 -51.88
C MET CA 1142 -7.64 -42.16 -53.05
N PRO CA 1143 -8.72 -41.63 -53.67
CA PRO CA 1143 -8.49 -40.58 -54.68
C PRO CA 1143 -7.70 -39.36 -54.21
N LEU CA 1144 -7.91 -38.87 -53.00
CA LEU CA 1144 -7.10 -37.74 -52.54
C LEU CA 1144 -5.62 -38.11 -52.54
N GLU CA 1145 -5.29 -39.29 -52.02
CA GLU CA 1145 -3.90 -39.75 -52.03
C GLU CA 1145 -3.37 -39.85 -53.45
N ILE CA 1146 -4.17 -40.39 -54.37
CA ILE CA 1146 -3.75 -40.47 -55.77
C ILE CA 1146 -3.44 -39.09 -56.34
N GLU CA 1147 -4.30 -38.11 -56.08
CA GLU CA 1147 -4.09 -36.75 -56.58
C GLU CA 1147 -2.77 -36.17 -56.11
N LEU CA 1148 -2.45 -36.28 -54.82
CA LEU CA 1148 -1.17 -35.80 -54.30
C LEU CA 1148 -0.01 -36.53 -54.96
N LYS CA 1149 -0.16 -37.83 -55.19
CA LYS CA 1149 0.89 -38.60 -55.87
C LYS CA 1149 1.13 -38.11 -57.29
N ASN CA 1150 0.14 -37.44 -57.89
CA ASN CA 1150 0.26 -36.98 -59.26
C ASN CA 1150 0.44 -35.47 -59.41
N SER CA 1151 0.68 -34.74 -58.33
CA SER CA 1151 0.76 -33.28 -58.42
C SER CA 1151 2.16 -32.72 -58.21
N SER CA 1152 2.39 -31.48 -58.67
CA SER CA 1152 3.73 -30.87 -58.57
C SER CA 1152 3.76 -29.61 -57.72
N VAL CA 1153 4.83 -29.42 -56.96
CA VAL CA 1153 4.94 -28.25 -56.08
C VAL CA 1153 5.83 -27.16 -56.64
N ASP CA 1154 5.34 -25.93 -56.68
CA ASP CA 1154 6.16 -24.81 -57.15
C ASP CA 1154 6.26 -23.79 -56.03
N ARG CA 1155 7.37 -23.80 -55.30
CA ARG CA 1155 7.52 -22.89 -54.16
C ARG CA 1155 8.22 -21.60 -54.54
N SER CA 1156 7.86 -21.04 -55.69
CA SER CA 1156 8.46 -19.78 -56.15
C SER CA 1156 8.14 -18.62 -55.21
N ALA CA 1157 6.89 -18.54 -54.78
CA ALA CA 1157 6.47 -17.46 -53.89
C ALA CA 1157 6.39 -17.90 -52.44
N GLN CA 1158 5.99 -16.99 -51.55
CA GLN CA 1158 5.84 -17.33 -50.14
C GLN CA 1158 4.81 -18.44 -50.01
N CYS CA 1159 3.72 -18.32 -50.77
CA CYS CA 1159 2.71 -19.37 -50.78
C CYS CA 1159 2.94 -20.29 -51.96
N PRO CA 1160 3.17 -21.58 -51.70
CA PRO CA 1160 3.42 -22.54 -52.79
C PRO CA 1160 2.27 -22.63 -53.78
N HIS CA 1161 2.53 -23.09 -54.99
CA HIS CA 1161 1.46 -23.23 -55.98
C HIS CA 1161 1.45 -24.64 -56.53
N PHE CA 1162 0.48 -25.43 -56.10
CA PHE CA 1162 0.35 -26.78 -56.62
C PHE CA 1162 -0.35 -26.76 -57.96
N LYS CA 1163 0.17 -27.51 -58.92
CA LYS CA 1163 -0.45 -27.60 -60.23
C LYS CA 1163 -0.55 -29.02 -60.70
N PRO CA 1164 -1.68 -29.40 -61.38
CA PRO CA 1164 -1.70 -30.82 -61.75
C PRO CA 1164 -0.73 -31.14 -62.88
N ASN CA 1165 -0.19 -32.35 -62.89
CA ASN CA 1165 0.68 -32.76 -63.98
C ASN CA 1165 -0.16 -32.91 -65.24
N ALA CA 1166 0.33 -32.41 -66.36
CA ALA CA 1166 -0.45 -32.42 -67.60
C ALA CA 1166 -0.71 -33.81 -68.18
N GLY CA 1167 -1.96 -34.28 -68.11
CA GLY CA 1167 -2.31 -35.57 -68.69
C GLY CA 1167 -1.41 -36.74 -68.38
N VAL CA 1168 -1.24 -37.05 -67.10
CA VAL CA 1168 -0.40 -38.17 -66.70
C VAL CA 1168 -1.21 -39.45 -66.51
N ALA CA 1169 -1.96 -39.85 -67.54
CA ALA CA 1169 -2.80 -41.05 -67.45
C ALA CA 1169 -3.62 -41.05 -66.17
N ALA CA 1170 -4.20 -39.91 -65.84
CA ALA CA 1170 -5.04 -39.82 -64.65
C ALA CA 1170 -6.29 -40.65 -64.84
N ILE CA 1171 -6.80 -40.67 -66.06
CA ILE CA 1171 -8.02 -41.42 -66.35
C ILE CA 1171 -7.81 -42.90 -66.05
N HIS CA 1172 -6.61 -43.42 -66.28
CA HIS CA 1172 -6.30 -44.81 -65.97
C HIS CA 1172 -6.23 -44.98 -64.47
N ASP CA 1173 -5.59 -44.03 -63.78
CA ASP CA 1173 -5.58 -44.12 -62.32
C ASP CA 1173 -6.99 -44.23 -61.76
N TYR CA 1174 -7.92 -43.39 -62.24
CA TYR CA 1174 -9.31 -43.43 -61.75
C TYR CA 1174 -10.03 -44.76 -62.01
N ALA CA 1175 -9.85 -45.33 -63.19
CA ALA CA 1175 -10.46 -46.63 -63.50
C ALA CA 1175 -9.97 -47.72 -62.56
N GLY CA 1176 -8.67 -47.72 -62.25
CA GLY CA 1176 -8.12 -48.69 -61.31
C GLY CA 1176 -8.79 -48.55 -59.96
N TRP CA 1177 -8.95 -47.31 -59.51
CA TRP CA 1177 -9.62 -47.07 -58.24
C TRP CA 1177 -11.06 -47.58 -58.27
N VAL CA 1178 -11.77 -47.32 -59.36
CA VAL CA 1178 -13.13 -47.82 -59.49
C VAL CA 1178 -13.17 -49.35 -59.41
N ARG CA 1179 -12.24 -50.05 -60.06
CA ARG CA 1179 -12.17 -51.53 -59.97
C ARG CA 1179 -11.85 -52.03 -58.56
N ASN CA 1180 -10.98 -51.32 -57.86
CA ASN CA 1180 -10.67 -51.70 -56.48
C ASN CA 1180 -11.93 -51.57 -55.66
N LEU CA 1181 -12.69 -50.50 -55.91
CA LEU CA 1181 -13.94 -50.29 -55.19
C LEU CA 1181 -14.85 -51.46 -55.51
N SER CA 1182 -14.98 -51.79 -56.79
CA SER CA 1182 -15.89 -52.86 -57.22
C SER CA 1182 -15.76 -54.16 -56.45
N ASN CA 1183 -14.59 -54.40 -55.86
CA ASN CA 1183 -14.39 -55.60 -55.06
C ASN CA 1183 -15.36 -55.63 -53.88
N GLU CA 1184 -15.54 -54.49 -53.23
CA GLU CA 1184 -16.46 -54.41 -52.09
C GLU CA 1184 -17.61 -53.44 -52.34
N ALA CA 1185 -17.88 -53.10 -53.60
CA ALA CA 1185 -18.94 -52.14 -53.93
C ALA CA 1185 -20.26 -52.82 -54.29
N GLY CA 1186 -20.36 -54.12 -54.06
CA GLY CA 1186 -21.62 -54.80 -54.30
C GLY CA 1186 -22.69 -54.24 -53.37
N GLU CA 1187 -22.33 -53.96 -52.13
CA GLU CA 1187 -23.30 -53.48 -51.15
C GLU CA 1187 -23.22 -51.96 -50.86
N LEU CA 1188 -22.87 -51.16 -51.86
CA LEU CA 1188 -22.81 -49.71 -51.66
C LEU CA 1188 -24.04 -48.96 -52.21
N GLU CA 1189 -23.94 -47.64 -52.33
CA GLU CA 1189 -25.07 -46.83 -52.79
C GLU CA 1189 -25.28 -46.83 -54.31
N ALA CA 1190 -26.11 -45.94 -54.89
CA ALA CA 1190 -26.20 -45.87 -56.40
C ALA CA 1190 -25.19 -44.87 -57.06
N VAL CA 1191 -24.74 -43.93 -56.24
CA VAL CA 1191 -23.78 -42.94 -56.74
C VAL CA 1191 -22.52 -43.63 -57.25
N VAL CA 1192 -22.13 -44.74 -56.62
CA VAL CA 1192 -20.95 -45.47 -57.06
C VAL CA 1192 -21.06 -45.85 -58.53
N LYS CA 1193 -22.14 -46.55 -58.88
CA LYS CA 1193 -22.35 -46.93 -60.28
C LYS CA 1193 -22.46 -45.71 -61.18
N GLN CA 1194 -23.15 -44.64 -60.75
CA GLN CA 1194 -23.15 -43.45 -61.60
C GLN CA 1194 -21.73 -43.00 -61.95
N TRP CA 1195 -20.90 -42.82 -60.92
CA TRP CA 1195 -19.52 -42.37 -61.12
C TRP CA 1195 -18.75 -43.31 -62.01
N GLY CA 1196 -18.90 -44.61 -61.79
CA GLY CA 1196 -18.20 -45.60 -62.60
C GLY CA 1196 -18.53 -45.37 -64.05
N LEU CA 1197 -19.82 -45.34 -64.37
CA LEU CA 1197 -20.22 -45.11 -65.76
C LEU CA 1197 -19.55 -43.85 -66.29
N THR CA 1198 -19.69 -42.74 -65.58
CA THR CA 1198 -19.09 -41.49 -66.05
C THR CA 1198 -17.60 -41.64 -66.39
N TRP CA 1199 -16.81 -42.14 -65.44
CA TRP CA 1199 -15.37 -42.26 -65.65
C TRP CA 1199 -15.02 -43.19 -66.80
N THR CA 1200 -15.73 -44.30 -66.93
CA THR CA 1200 -15.37 -45.25 -67.98
C THR CA 1200 -15.72 -44.65 -69.35
N LEU CA 1201 -16.79 -43.86 -69.42
CA LEU CA 1201 -17.08 -43.19 -70.69
C LEU CA 1201 -15.98 -42.17 -70.99
N CYS CA 1202 -15.56 -41.43 -69.97
CA CYS CA 1202 -14.45 -40.50 -70.18
C CYS CA 1202 -13.23 -41.24 -70.73
N GLU CA 1203 -12.98 -42.45 -70.23
CA GLU CA 1203 -11.86 -43.26 -70.72
C GLU CA 1203 -12.02 -43.72 -72.17
N SER CA 1204 -13.20 -44.20 -72.54
CA SER CA 1204 -13.42 -44.71 -73.91
C SER CA 1204 -13.35 -43.66 -75.02
N LEU CA 1205 -13.11 -42.40 -74.67
CA LEU CA 1205 -13.05 -41.33 -75.65
C LEU CA 1205 -11.80 -40.51 -75.46
N TRP CA 1206 -11.75 -39.78 -74.35
CA TRP CA 1206 -10.62 -38.91 -74.10
C TRP CA 1206 -9.50 -39.56 -73.31
N GLY CA 1207 -9.59 -40.87 -73.11
CA GLY CA 1207 -8.58 -41.56 -72.32
C GLY CA 1207 -7.23 -41.42 -72.97
N GLN CA 1208 -7.16 -41.63 -74.28
CA GLN CA 1208 -5.90 -41.52 -75.00
C GLN CA 1208 -4.79 -42.25 -74.27
N ASN CA 1220 -2.08 -44.18 -87.88
CA ASN CA 1220 -3.16 -44.20 -88.85
C ASN CA 1220 -4.45 -43.69 -88.22
N GLU CA 1221 -4.94 -42.55 -88.71
CA GLU CA 1221 -6.13 -41.95 -88.13
C GLU CA 1221 -7.32 -42.88 -88.20
N TYR CA 1222 -7.55 -43.51 -89.35
CA TYR CA 1222 -8.67 -44.42 -89.49
C TYR CA 1222 -8.59 -45.54 -88.45
N VAL CA 1223 -7.42 -46.15 -88.32
CA VAL CA 1223 -7.24 -47.24 -87.36
C VAL CA 1223 -7.52 -46.75 -85.94
N ARG CA 1224 -7.01 -45.58 -85.59
CA ARG CA 1224 -7.27 -45.02 -84.26
C ARG CA 1224 -8.77 -44.85 -84.02
N ASN CA 1225 -9.47 -44.29 -84.99
CA ASN CA 1225 -10.90 -44.08 -84.84
C ASN CA 1225 -11.61 -45.40 -84.67
N LEU CA 1226 -11.20 -46.40 -85.45
CA LEU CA 1226 -11.81 -47.73 -85.34
C LEU CA 1226 -11.57 -48.34 -83.98
N GLU CA 1227 -10.38 -48.19 -83.42
CA GLU CA 1227 -10.09 -48.72 -82.09
C GLU CA 1227 -10.94 -48.03 -81.04
N ARG CA 1228 -11.09 -46.71 -81.14
CA ARG CA 1228 -11.95 -45.99 -80.21
C ARG CA 1228 -13.36 -46.52 -80.35
N ARG CA 1229 -13.81 -46.74 -81.58
CA ARG CA 1229 -15.15 -47.26 -81.80
C ARG CA 1229 -15.31 -48.60 -81.11
N LYS CA 1230 -14.35 -49.50 -81.28
CA LYS CA 1230 -14.39 -50.81 -80.64
C LYS CA 1230 -14.47 -50.69 -79.12
N ALA CA 1231 -13.66 -49.83 -78.53
CA ALA CA 1231 -13.69 -49.63 -77.09
C ALA CA 1231 -15.05 -49.12 -76.61
N PHE CA 1232 -15.63 -48.17 -77.35
CA PHE CA 1232 -16.93 -47.63 -76.98
C PHE CA 1232 -17.97 -48.71 -77.07
N SER CA 1233 -17.89 -49.56 -78.09
CA SER CA 1233 -18.83 -50.65 -78.26
C SER CA 1233 -18.71 -51.60 -77.09
N HIS CA 1234 -17.49 -51.89 -76.67
CA HIS CA 1234 -17.29 -52.76 -75.51
C HIS CA 1234 -17.93 -52.15 -74.28
N TRP CA 1235 -17.70 -50.87 -74.06
CA TRP CA 1235 -18.31 -50.19 -72.92
C TRP CA 1235 -19.83 -50.27 -72.98
N LEU CA 1236 -20.40 -49.95 -74.13
CA LEU CA 1236 -21.85 -50.00 -74.29
C LEU CA 1236 -22.39 -51.38 -73.98
N ALA CA 1237 -21.75 -52.40 -74.54
CA ALA CA 1237 -22.19 -53.77 -74.30
C ALA CA 1237 -22.06 -54.13 -72.83
N HIS CA 1238 -20.94 -53.76 -72.21
CA HIS CA 1238 -20.70 -54.11 -70.81
C HIS CA 1238 -21.69 -53.42 -69.86
N THR CA 1239 -21.98 -52.15 -70.11
CA THR CA 1239 -22.87 -51.39 -69.23
C THR CA 1239 -24.32 -51.88 -69.32
N ALA CA 1240 -24.69 -52.47 -70.46
CA ALA CA 1240 -26.04 -52.97 -70.64
C ALA CA 1240 -26.13 -54.46 -70.33
N GLU CA 1241 -24.99 -55.14 -70.28
CA GLU CA 1241 -24.98 -56.60 -70.05
C GLU CA 1241 -25.89 -57.10 -68.93
N GLU CA 1242 -25.71 -56.56 -67.72
CA GLU CA 1242 -26.50 -57.00 -66.58
C GLU CA 1242 -28.00 -56.82 -66.84
N ARG CA 1243 -28.38 -55.64 -67.31
CA ARG CA 1243 -29.78 -55.37 -67.59
C ARG CA 1243 -30.33 -56.35 -68.61
N ILE CA 1244 -29.57 -56.59 -69.68
CA ILE CA 1244 -30.01 -57.51 -70.73
C ILE CA 1244 -30.21 -58.91 -70.16
N GLU CA 1245 -29.28 -59.36 -69.32
CA GLU CA 1245 -29.41 -60.68 -68.71
C GLU CA 1245 -30.64 -60.77 -67.83
N GLU CA 1246 -30.92 -59.73 -67.04
CA GLU CA 1246 -32.13 -59.72 -66.22
C GLU CA 1246 -33.35 -59.84 -67.11
N GLU CA 1247 -33.41 -59.03 -68.16
CA GLU CA 1247 -34.57 -59.03 -69.04
C GLU CA 1247 -34.85 -60.40 -69.63
N VAL CA 1248 -33.81 -61.07 -70.11
CA VAL CA 1248 -33.98 -62.37 -70.75
C VAL CA 1248 -34.58 -63.40 -69.81
N SER CA 1249 -34.14 -63.41 -68.56
CA SER CA 1249 -34.68 -64.35 -67.57
C SER CA 1249 -36.18 -64.15 -67.42
N LEU CA 1250 -36.64 -62.90 -67.48
CA LEU CA 1250 -38.07 -62.60 -67.35
C LEU CA 1250 -38.89 -63.11 -68.53
N TYR CA 1251 -38.29 -63.15 -69.72
CA TYR CA 1251 -39.02 -63.55 -70.94
C TYR CA 1251 -39.67 -64.93 -70.86
N GLY CA 1252 -39.05 -65.86 -70.14
CA GLY CA 1252 -39.56 -67.22 -70.07
C GLY CA 1252 -39.48 -67.86 -71.44
N PRO CA 1253 -40.62 -68.40 -71.97
CA PRO CA 1253 -40.47 -68.92 -73.34
C PRO CA 1253 -40.13 -67.80 -74.30
N GLU CA 1254 -38.95 -67.83 -74.90
CA GLU CA 1254 -38.51 -66.73 -75.75
C GLU CA 1254 -39.39 -66.46 -76.96
N ARG CA 1255 -39.53 -65.18 -77.33
CA ARG CA 1255 -40.32 -64.81 -78.50
C ARG CA 1255 -39.46 -63.99 -79.42
N HIS CA 1256 -39.39 -64.37 -80.70
CA HIS CA 1256 -38.50 -63.68 -81.64
C HIS CA 1256 -38.82 -62.19 -81.79
N VAL CA 1257 -40.02 -61.79 -81.42
CA VAL CA 1257 -40.40 -60.38 -81.47
C VAL CA 1257 -39.64 -59.55 -80.41
N GLU CA 1258 -39.55 -60.06 -79.19
CA GLU CA 1258 -38.91 -59.30 -78.10
C GLU CA 1258 -37.53 -59.82 -77.73
N ALA CA 1259 -37.42 -61.12 -77.50
CA ALA CA 1259 -36.14 -61.73 -77.16
C ALA CA 1259 -35.07 -61.34 -78.15
N VAL CA 1260 -35.36 -61.49 -79.44
CA VAL CA 1260 -34.34 -61.21 -80.43
C VAL CA 1260 -34.01 -59.73 -80.40
N PHE CA 1261 -35.02 -58.87 -80.28
CA PHE CA 1261 -34.73 -57.44 -80.19
C PHE CA 1261 -33.74 -57.15 -79.05
N SER CA 1262 -34.02 -57.68 -77.87
CA SER CA 1262 -33.16 -57.43 -76.71
C SER CA 1262 -31.74 -57.96 -76.95
N PHE CA 1263 -31.61 -59.15 -77.48
CA PHE CA 1263 -30.29 -59.67 -77.77
C PHE CA 1263 -29.56 -58.79 -78.77
N LEU CA 1264 -30.24 -58.39 -79.85
CA LEU CA 1264 -29.59 -57.59 -80.89
C LEU CA 1264 -29.06 -56.25 -80.38
N THR CA 1265 -29.85 -55.54 -79.58
CA THR CA 1265 -29.42 -54.25 -79.04
C THR CA 1265 -28.35 -54.41 -77.96
N GLY CA 1266 -28.27 -55.57 -77.32
CA GLY CA 1266 -27.28 -55.82 -76.30
C GLY CA 1266 -26.14 -56.72 -76.75
N GLY CA 1267 -26.02 -56.94 -78.06
CA GLY CA 1267 -24.94 -57.76 -78.59
C GLY CA 1267 -25.00 -59.23 -78.26
N ARG CA 1268 -23.87 -59.78 -77.81
CA ARG CA 1268 -23.79 -61.22 -77.47
C ARG CA 1268 -24.38 -62.06 -78.60
N ILE CA 1269 -23.95 -61.80 -79.83
CA ILE CA 1269 -24.49 -62.53 -80.99
C ILE CA 1269 -24.08 -64.00 -80.97
N SER CA 1270 -22.98 -64.31 -80.30
CA SER CA 1270 -22.56 -65.71 -80.18
C SER CA 1270 -23.60 -66.52 -79.42
N ASP CA 1271 -24.21 -65.94 -78.39
CA ASP CA 1271 -25.28 -66.64 -77.67
C ASP CA 1271 -26.64 -66.49 -78.36
N ALA CA 1272 -26.81 -65.42 -79.13
CA ALA CA 1272 -28.06 -65.21 -79.86
C ALA CA 1272 -28.27 -66.31 -80.89
N CYS CA 1273 -27.18 -66.78 -81.50
CA CYS CA 1273 -27.29 -67.87 -82.46
C CYS CA 1273 -27.71 -69.15 -81.77
N ARG CA 1274 -27.18 -69.40 -80.58
CA ARG CA 1274 -27.59 -70.58 -79.82
C ARG CA 1274 -29.06 -70.46 -79.48
N LEU CA 1275 -29.54 -69.25 -79.24
CA LEU CA 1275 -30.97 -69.04 -78.96
C LEU CA 1275 -31.82 -69.23 -80.20
N ALA CA 1276 -31.24 -69.06 -81.39
CA ALA CA 1276 -32.01 -69.18 -82.63
C ALA CA 1276 -31.95 -70.57 -83.24
N GLN CA 1277 -31.46 -71.54 -82.47
CA GLN CA 1277 -31.39 -72.92 -82.96
C GLN CA 1277 -32.76 -73.56 -83.08
N LYS CA 1278 -33.78 -72.94 -82.47
CA LYS CA 1278 -35.15 -73.45 -82.61
C LYS CA 1278 -35.50 -73.52 -84.09
N SER CA 1279 -35.06 -72.55 -84.88
CA SER CA 1279 -35.29 -72.63 -86.32
C SER CA 1279 -34.07 -73.15 -87.07
N GLY CA 1280 -32.89 -73.10 -86.46
CA GLY CA 1280 -31.69 -73.61 -87.08
C GLY CA 1280 -30.93 -72.55 -87.85
N ASP CA 1281 -29.79 -72.08 -87.31
CA ASP CA 1281 -29.05 -70.97 -87.91
C ASP CA 1281 -27.55 -71.11 -87.61
N HIS CA 1282 -26.78 -71.48 -88.62
CA HIS CA 1282 -25.33 -71.58 -88.47
C HIS CA 1282 -24.57 -70.84 -89.56
N ARG CA 1283 -25.26 -70.07 -90.41
CA ARG CA 1283 -24.58 -69.09 -91.24
C ARG CA 1283 -23.81 -68.10 -90.38
N LEU CA 1284 -24.19 -67.99 -89.11
CA LEU CA 1284 -23.52 -67.07 -88.20
C LEU CA 1284 -22.18 -67.61 -87.74
N SER CA 1285 -22.12 -68.90 -87.43
CA SER CA 1285 -20.83 -69.55 -87.24
C SER CA 1285 -19.95 -69.31 -88.45
N LEU CA 1286 -20.52 -69.41 -89.64
CA LEU CA 1286 -19.79 -69.11 -90.86
C LEU CA 1286 -19.33 -67.66 -90.89
N LEU CA 1287 -19.98 -66.78 -90.12
CA LEU CA 1287 -19.60 -65.36 -90.08
C LEU CA 1287 -18.48 -65.13 -89.10
N LEU CA 1288 -18.55 -65.79 -87.95
CA LEU CA 1288 -17.50 -65.66 -86.97
C LEU CA 1288 -16.18 -66.14 -87.56
N SER CA 1289 -16.24 -67.16 -88.43
CA SER CA 1289 -15.04 -67.67 -89.08
C SER CA 1289 -14.38 -66.58 -89.93
N GLN CA 1290 -15.16 -65.97 -90.82
CA GLN CA 1290 -14.63 -64.90 -91.64
C GLN CA 1290 -15.47 -63.65 -91.46
N MET CA 1291 -15.08 -62.79 -90.53
CA MET CA 1291 -15.79 -61.54 -90.31
C MET CA 1291 -15.54 -60.71 -91.53
N VAL CA 1292 -16.48 -60.72 -92.46
CA VAL CA 1292 -16.24 -60.05 -93.74
C VAL CA 1292 -17.53 -59.71 -94.49
N GLY CA 1293 -17.56 -58.69 -95.37
CA GLY CA 1293 -18.76 -58.37 -96.19
C GLY CA 1293 -20.15 -58.30 -95.55
N SER CA 1294 -20.15 -58.16 -94.22
CA SER CA 1294 -21.42 -58.11 -93.49
C SER CA 1294 -22.27 -56.98 -94.00
N GLN CA 1295 -21.65 -55.84 -94.29
CA GLN CA 1295 -22.39 -54.70 -94.79
C GLN CA 1295 -23.27 -55.10 -95.96
N GLU CA 1296 -22.66 -55.61 -97.02
CA GLU CA 1296 -23.41 -55.97 -98.21
C GLU CA 1296 -24.42 -57.07 -97.93
N MET CA 1297 -24.06 -58.07 -97.12
CA MET CA 1297 -25.08 -59.07 -96.78
C MET CA 1297 -26.35 -58.44 -96.20
N ARG CA 1298 -26.17 -57.62 -95.16
CA ARG CA 1298 -27.33 -56.98 -94.53
C ARG CA 1298 -28.06 -56.05 -95.50
N GLU CA 1299 -27.32 -55.38 -96.38
CA GLU CA 1299 -27.94 -54.49 -97.37
C GLU CA 1299 -28.83 -55.26 -98.31
N LEU CA 1300 -28.38 -56.43 -98.77
CA LEU CA 1300 -29.23 -57.26 -99.62
C LEU CA 1300 -30.46 -57.74 -98.83
N ILE CA 1301 -30.25 -58.09 -97.55
CA ILE CA 1301 -31.43 -58.46 -96.75
C ILE CA 1301 -32.42 -57.31 -96.74
N SER CA 1302 -31.94 -56.09 -96.55
CA SER CA 1302 -32.78 -54.90 -96.51
C SER CA 1302 -33.50 -54.69 -97.82
N LEU CA 1303 -32.81 -54.88 -98.92
CA LEU CA 1303 -33.43 -54.75 -100.23
C LEU CA 1303 -34.58 -55.73 -100.34
N GLN CA 1304 -34.34 -57.00 -100.02
CA GLN CA 1304 -35.43 -57.96 -100.05
C GLN CA 1304 -36.61 -57.50 -99.19
N LEU CA 1305 -36.32 -57.03 -97.98
CA LEU CA 1305 -37.39 -56.59 -97.08
C LEU CA 1305 -38.20 -55.43 -97.65
N VAL CA 1306 -37.54 -54.43 -98.21
CA VAL CA 1306 -38.25 -53.27 -98.76
C VAL CA 1306 -39.04 -53.70 -99.98
N ASP CA 1307 -38.53 -54.65 -100.76
CA ASP CA 1307 -39.29 -55.15 -101.89
C ASP CA 1307 -40.58 -55.75 -101.37
N TRP CA 1308 -40.47 -56.60 -100.34
CA TRP CA 1308 -41.67 -57.20 -99.74
C TRP CA 1308 -42.64 -56.13 -99.25
N ASN CA 1309 -42.12 -55.08 -98.62
CA ASN CA 1309 -42.97 -54.01 -98.11
C ASN CA 1309 -43.72 -53.31 -99.22
N LYS CA 1310 -43.04 -52.97 -100.32
CA LYS CA 1310 -43.68 -52.29 -101.45
C LYS CA 1310 -44.60 -53.20 -102.23
N LEU CA 1311 -44.47 -54.51 -102.04
CA LEU CA 1311 -45.30 -55.47 -102.77
C LEU CA 1311 -46.59 -55.79 -102.04
N GLN CA 1312 -46.87 -55.09 -100.94
CA GLN CA 1312 -48.10 -55.30 -100.15
C GLN CA 1312 -48.16 -56.67 -99.47
N VAL CA 1313 -47.05 -57.40 -99.48
CA VAL CA 1313 -46.99 -58.69 -98.78
C VAL CA 1313 -46.31 -58.46 -97.44
N ASP CA 1314 -45.85 -59.51 -96.79
CA ASP CA 1314 -45.15 -59.37 -95.51
C ASP CA 1314 -46.03 -58.58 -94.55
N HIS CA 1315 -47.33 -58.87 -94.54
CA HIS CA 1315 -48.26 -58.15 -93.68
C HIS CA 1315 -48.93 -59.08 -92.71
N TYR CA 1316 -49.34 -60.25 -93.19
CA TYR CA 1316 -50.04 -61.21 -92.34
C TYR CA 1316 -49.05 -62.01 -91.49
N ILE CA 1317 -47.80 -61.58 -91.45
CA ILE CA 1317 -46.81 -62.26 -90.60
C ILE CA 1317 -46.81 -61.58 -89.23
N GLN CA 1318 -46.10 -62.13 -88.26
CA GLN CA 1318 -46.13 -61.59 -86.89
C GLN CA 1318 -45.86 -60.10 -86.84
N GLU CA 1319 -46.61 -59.37 -86.01
CA GLU CA 1319 -46.50 -57.91 -85.96
C GLU CA 1319 -45.10 -57.33 -85.77
N GLU CA 1320 -44.43 -57.68 -84.68
CA GLU CA 1320 -43.11 -57.06 -84.42
C GLU CA 1320 -41.98 -57.88 -85.02
N ARG CA 1321 -42.30 -58.99 -85.66
CA ARG CA 1321 -41.28 -59.76 -86.39
C ARG CA 1321 -40.96 -58.79 -87.49
N LEU CA 1322 -41.99 -58.20 -88.08
CA LEU CA 1322 -41.79 -57.16 -89.07
C LEU CA 1322 -41.07 -56.01 -88.41
N ARG CA 1323 -41.46 -55.67 -87.18
CA ARG CA 1323 -40.63 -54.59 -86.54
C ARG CA 1323 -39.13 -54.90 -86.58
N VAL CA 1324 -38.71 -56.09 -86.14
CA VAL CA 1324 -37.29 -56.49 -86.11
C VAL CA 1324 -36.66 -56.58 -87.49
N PHE CA 1325 -37.44 -57.00 -88.49
CA PHE CA 1325 -36.93 -57.00 -89.85
C PHE CA 1325 -36.60 -55.57 -90.27
N CYS CA 1326 -37.46 -54.61 -89.98
CA CYS CA 1326 -37.12 -53.21 -90.30
C CYS CA 1326 -35.83 -52.74 -89.64
N LEU CA 1327 -35.48 -53.32 -88.49
CA LEU CA 1327 -34.25 -52.95 -87.78
C LEU CA 1327 -33.00 -53.32 -88.58
N LEU CA 1328 -32.95 -54.56 -89.06
CA LEU CA 1328 -31.82 -55.00 -89.88
C LEU CA 1328 -31.81 -54.25 -91.19
N SER CA 1329 -32.99 -53.85 -91.67
CA SER CA 1329 -33.09 -53.11 -92.92
C SER CA 1329 -32.42 -51.75 -92.85
N GLY CA 1330 -32.63 -51.04 -91.75
CA GLY CA 1330 -32.05 -49.72 -91.61
C GLY CA 1330 -33.04 -48.58 -91.56
N THR CA 1331 -34.32 -48.91 -91.35
CA THR CA 1331 -35.34 -47.86 -91.21
C THR CA 1331 -35.80 -47.78 -89.76
N PRO CA 1332 -35.49 -46.66 -89.08
CA PRO CA 1332 -35.84 -46.52 -87.66
C PRO CA 1332 -37.32 -46.24 -87.40
N VAL CA 1333 -38.05 -45.78 -88.41
CA VAL CA 1333 -39.48 -45.51 -88.27
C VAL CA 1333 -40.14 -45.81 -89.60
N TRP CA 1334 -41.09 -46.75 -89.59
CA TRP CA 1334 -41.72 -47.15 -90.84
C TRP CA 1334 -43.20 -46.82 -90.88
N ARG CA 1335 -43.60 -45.96 -91.82
CA ARG CA 1335 -45.02 -45.66 -91.99
C ARG CA 1335 -45.56 -46.61 -93.03
N SER CA 1336 -46.32 -47.61 -92.62
CA SER CA 1336 -46.81 -48.62 -93.55
C SER CA 1336 -48.08 -48.22 -94.30
N SER CA 1337 -48.58 -49.12 -95.15
CA SER CA 1337 -49.81 -48.85 -95.91
C SER CA 1337 -51.02 -48.68 -95.02
N ASP CA 1338 -51.00 -49.32 -93.85
CA ASP CA 1338 -52.10 -49.18 -92.89
C ASP CA 1338 -51.90 -47.96 -92.01
N ASN CA 1339 -51.02 -47.05 -92.44
CA ASN CA 1339 -50.73 -45.83 -91.68
C ASN CA 1339 -50.25 -46.14 -90.27
N ARG CA 1340 -49.62 -47.30 -90.09
CA ARG CA 1340 -49.09 -47.67 -88.78
C ARG CA 1340 -47.71 -47.07 -88.61
N SER CA 1341 -47.48 -46.40 -87.49
CA SER CA 1341 -46.16 -45.86 -87.21
C SER CA 1341 -45.33 -46.93 -86.53
N ILE CA 1342 -44.54 -47.66 -87.31
CA ILE CA 1342 -43.73 -48.73 -86.75
C ILE CA 1342 -42.42 -48.17 -86.21
N ASN CA 1343 -42.40 -47.87 -84.93
CA ASN CA 1343 -41.20 -47.28 -84.32
C ASN CA 1343 -40.32 -48.37 -83.75
N VAL CA 1344 -39.19 -48.63 -84.41
CA VAL CA 1344 -38.25 -49.63 -83.92
C VAL CA 1344 -37.51 -49.09 -82.71
N CYS CA 1345 -37.23 -47.79 -82.69
CA CYS CA 1345 -36.47 -47.19 -81.59
C CYS CA 1345 -37.21 -47.09 -80.25
N SER CA 1346 -38.49 -47.41 -80.23
CA SER CA 1346 -39.29 -47.33 -79.01
C SER CA 1346 -38.83 -48.33 -77.95
N GLN CA 1347 -39.20 -48.09 -76.69
CA GLN CA 1347 -38.82 -48.98 -75.58
C GLN CA 1347 -37.30 -49.08 -75.39
N LEU CA 1348 -36.57 -48.04 -75.77
CA LEU CA 1348 -35.12 -48.03 -75.59
C LEU CA 1348 -34.70 -46.75 -74.91
N ASP CA 1349 -33.79 -46.84 -73.95
CA ASP CA 1349 -33.30 -45.64 -73.24
C ASP CA 1349 -32.36 -44.89 -74.16
N TRP CA 1350 -32.14 -43.60 -73.94
CA TRP CA 1350 -31.34 -42.81 -74.87
C TRP CA 1350 -30.00 -43.43 -75.33
N LYS CA 1351 -29.28 -44.07 -74.43
CA LYS CA 1351 -27.98 -44.65 -74.79
C LYS CA 1351 -28.11 -45.69 -75.88
N ARG CA 1352 -29.01 -46.65 -75.69
CA ARG CA 1352 -29.19 -47.71 -76.68
C ARG CA 1352 -29.69 -47.18 -78.01
N THR CA 1353 -30.50 -46.12 -77.98
CA THR CA 1353 -31.00 -45.53 -79.21
C THR CA 1353 -29.84 -45.02 -80.07
N LEU CA 1354 -28.92 -44.28 -79.46
CA LEU CA 1354 -27.74 -43.81 -80.19
C LEU CA 1354 -26.91 -44.98 -80.71
N ALA CA 1355 -26.75 -46.01 -79.88
CA ALA CA 1355 -25.97 -47.18 -80.29
C ALA CA 1355 -26.56 -47.84 -81.51
N VAL CA 1356 -27.88 -48.00 -81.54
CA VAL CA 1356 -28.53 -48.61 -82.69
C VAL CA 1356 -28.27 -47.79 -83.95
N HIS CA 1357 -28.34 -46.46 -83.84
CA HIS CA 1357 -28.05 -45.59 -84.98
C HIS CA 1357 -26.64 -45.82 -85.50
N LEU CA 1358 -25.68 -46.00 -84.60
CA LEU CA 1358 -24.29 -46.21 -85.01
C LEU CA 1358 -24.03 -47.46 -85.81
N TRP CA 1359 -24.61 -48.59 -85.41
CA TRP CA 1359 -24.33 -49.85 -86.11
C TRP CA 1359 -25.30 -50.18 -87.23
N TYR CA 1360 -26.59 -50.24 -86.93
CA TYR CA 1360 -27.57 -50.64 -87.94
C TYR CA 1360 -27.89 -49.58 -88.97
N MET CA 1361 -28.30 -48.39 -88.52
CA MET CA 1361 -28.72 -47.34 -89.46
C MET CA 1361 -27.55 -46.77 -90.27
N LEU CA 1362 -26.40 -46.58 -89.63
CA LEU CA 1362 -25.25 -46.01 -90.32
C LEU CA 1362 -24.30 -47.09 -90.83
N PRO CA 1363 -23.51 -46.77 -91.86
CA PRO CA 1363 -22.53 -47.73 -92.39
C PRO CA 1363 -21.46 -48.14 -91.38
N PRO CA 1364 -20.81 -49.30 -91.60
CA PRO CA 1364 -19.76 -49.78 -90.70
C PRO CA 1364 -18.59 -48.82 -90.58
N THR CA 1365 -18.42 -47.92 -91.54
CA THR CA 1365 -17.37 -46.90 -91.47
C THR CA 1365 -18.00 -45.54 -91.25
N ALA CA 1366 -18.00 -45.06 -90.01
CA ALA CA 1366 -18.62 -43.77 -89.69
C ALA CA 1366 -17.91 -43.06 -88.53
N THR CA 1367 -18.14 -41.76 -88.41
CA THR CA 1367 -17.52 -41.00 -87.31
C THR CA 1367 -18.51 -40.77 -86.17
N ILE CA 1368 -18.04 -40.77 -84.93
CA ILE CA 1368 -18.95 -40.62 -83.78
C ILE CA 1368 -19.78 -39.35 -83.81
N ALA CA 1369 -19.16 -38.23 -84.17
CA ALA CA 1369 -19.87 -36.94 -84.18
C ALA CA 1369 -21.14 -36.95 -85.01
N GLN CA 1370 -21.04 -37.46 -86.24
CA GLN CA 1370 -22.20 -37.50 -87.12
C GLN CA 1370 -23.33 -38.25 -86.48
N ALA CA 1371 -23.05 -39.44 -85.94
CA ALA CA 1371 -24.07 -40.25 -85.29
C ALA CA 1371 -24.71 -39.49 -84.14
N LEU CA 1372 -23.89 -38.89 -83.30
CA LEU CA 1372 -24.41 -38.12 -82.19
C LEU CA 1372 -25.38 -37.06 -82.69
N ARG CA 1373 -24.97 -36.27 -83.68
CA ARG CA 1373 -25.82 -35.20 -84.20
C ARG CA 1373 -27.13 -35.74 -84.78
N LEU CA 1374 -27.06 -36.84 -85.51
CA LEU CA 1374 -28.26 -37.43 -86.06
C LEU CA 1374 -29.23 -37.81 -84.93
N TYR CA 1375 -28.74 -38.52 -83.92
CA TYR CA 1375 -29.59 -38.89 -82.79
C TYR CA 1375 -30.22 -37.64 -82.16
N GLU CA 1376 -29.41 -36.60 -81.99
CA GLU CA 1376 -29.90 -35.38 -81.39
C GLU CA 1376 -31.06 -34.82 -82.20
N ARG CA 1377 -30.88 -34.68 -83.50
CA ARG CA 1377 -31.98 -34.23 -84.35
C ARG CA 1377 -33.18 -35.17 -84.26
N ALA CA 1378 -32.95 -36.44 -84.00
CA ALA CA 1378 -34.03 -37.43 -83.92
C ALA CA 1378 -35.04 -37.13 -82.82
N PHE CA 1379 -34.57 -36.82 -81.62
CA PHE CA 1379 -35.50 -36.44 -80.54
C PHE CA 1379 -35.93 -34.98 -80.67
N GLN CA 1380 -35.26 -34.21 -81.52
CA GLN CA 1380 -35.63 -32.82 -81.75
C GLN CA 1380 -36.66 -32.74 -82.86
N GLU CA 1381 -37.22 -33.88 -83.27
CA GLU CA 1381 -38.28 -33.91 -84.30
C GLU CA 1381 -37.80 -33.59 -85.71
N HIS CA 1382 -38.69 -33.71 -86.70
CA HIS CA 1382 -38.34 -33.41 -88.08
C HIS CA 1382 -39.50 -32.73 -88.79
N GLY CA 1385 -42.79 -36.76 -89.69
CA GLY CA 1385 -41.66 -36.44 -88.82
C GLY CA 1385 -42.02 -36.57 -87.35
N GLU CA 1386 -41.54 -37.62 -86.71
CA GLU CA 1386 -41.84 -37.86 -85.31
C GLU CA 1386 -40.57 -37.87 -84.46
N PRO CA 1387 -40.68 -37.48 -83.19
CA PRO CA 1387 -39.52 -37.59 -82.30
C PRO CA 1387 -39.35 -39.03 -81.83
N TYR CA 1388 -38.72 -39.87 -82.65
CA TYR CA 1388 -38.61 -41.30 -82.32
C TYR CA 1388 -37.53 -41.65 -81.30
N ALA CA 1389 -36.52 -40.81 -81.14
CA ALA CA 1389 -35.47 -41.07 -80.15
C ALA CA 1389 -35.88 -40.57 -78.77
N CYS CA 1390 -35.12 -40.97 -77.74
CA CYS CA 1390 -35.46 -40.56 -76.39
C CYS CA 1390 -34.53 -39.48 -75.86
N TYR CA 1391 -35.08 -38.53 -75.11
CA TYR CA 1391 -34.28 -37.41 -74.60
C TYR CA 1391 -33.20 -37.89 -73.62
N PRO CA 1392 -31.98 -37.33 -73.73
CA PRO CA 1392 -30.92 -37.70 -72.79
C PRO CA 1392 -31.27 -37.24 -71.40
N LEU CA 1393 -31.65 -38.16 -70.53
CA LEU CA 1393 -32.07 -37.80 -69.19
C LEU CA 1393 -31.13 -38.30 -68.12
N PRO CA 1394 -30.92 -37.51 -67.06
CA PRO CA 1394 -30.09 -37.98 -65.96
C PRO CA 1394 -30.67 -39.27 -65.39
N PRO CA 1395 -29.81 -40.18 -64.91
CA PRO CA 1395 -30.29 -41.49 -64.42
C PRO CA 1395 -31.30 -41.44 -63.27
N TYR CA 1396 -31.41 -40.32 -62.57
CA TYR CA 1396 -32.36 -40.20 -61.47
C TYR CA 1396 -33.68 -39.56 -61.89
N LEU CA 1397 -33.67 -38.76 -62.95
CA LEU CA 1397 -34.88 -38.08 -63.41
C LEU CA 1397 -35.73 -38.91 -64.35
N GLU CA 1398 -35.24 -40.08 -64.74
CA GLU CA 1398 -35.95 -40.90 -65.70
C GLU CA 1398 -37.35 -41.33 -65.23
N ASP CA 1399 -37.50 -41.84 -64.00
CA ASP CA 1399 -38.76 -42.33 -63.45
C ASP CA 1399 -39.94 -41.50 -63.95
N CYS CA 1400 -39.96 -40.20 -63.67
CA CYS CA 1400 -41.03 -39.30 -64.09
C CYS CA 1400 -40.54 -38.36 -65.20
N SER CA 1401 -40.46 -38.89 -66.42
CA SER CA 1401 -40.32 -38.03 -67.59
C SER CA 1401 -41.45 -37.01 -67.61
N ILE CA 1402 -41.08 -35.73 -67.60
CA ILE CA 1402 -42.06 -34.65 -67.51
C ILE CA 1402 -43.18 -34.84 -68.53
N SER CA 1403 -44.41 -34.66 -68.08
CA SER CA 1403 -45.57 -34.89 -68.94
C SER CA 1403 -45.58 -33.84 -70.04
N LEU CA 1404 -45.16 -34.24 -71.24
CA LEU CA 1404 -45.12 -33.31 -72.37
C LEU CA 1404 -46.53 -33.20 -72.94
N GLY CA 1405 -47.38 -32.49 -72.21
CA GLY CA 1405 -48.70 -32.26 -72.72
C GLY CA 1405 -48.67 -31.08 -73.66
N ASP CA 1406 -48.57 -31.36 -74.96
CA ASP CA 1406 -48.72 -30.37 -76.02
C ASP CA 1406 -47.59 -29.36 -76.05
N GLU CA 1407 -46.62 -29.46 -75.14
CA GLU CA 1407 -45.51 -28.52 -75.14
C GLU CA 1407 -44.23 -29.15 -74.58
N PRO CA 1408 -43.52 -29.93 -75.39
CA PRO CA 1408 -42.31 -30.60 -74.89
C PRO CA 1408 -41.09 -29.70 -74.86
N SER CA 1409 -40.97 -28.81 -75.84
CA SER CA 1409 -39.73 -28.06 -76.02
C SER CA 1409 -39.53 -27.04 -74.91
N ALA CA 1410 -40.61 -26.39 -74.47
CA ALA CA 1410 -40.49 -25.35 -73.46
C ALA CA 1410 -39.95 -25.90 -72.14
N LYS CA 1411 -40.02 -27.22 -71.94
CA LYS CA 1411 -39.47 -27.83 -70.75
C LYS CA 1411 -38.06 -28.36 -70.96
N PHE CA 1412 -37.79 -28.93 -72.14
CA PHE CA 1412 -36.46 -29.47 -72.44
C PHE CA 1412 -35.38 -28.41 -72.29
N SER CA 1413 -35.75 -27.13 -72.38
CA SER CA 1413 -34.77 -26.05 -72.34
C SER CA 1413 -34.43 -25.65 -70.91
N SER CA 1414 -34.76 -26.52 -69.96
CA SER CA 1414 -34.46 -26.27 -68.56
C SER CA 1414 -34.00 -27.56 -67.92
N LEU CA 1415 -34.23 -28.68 -68.61
CA LEU CA 1415 -33.83 -29.98 -68.08
C LEU CA 1415 -32.37 -30.26 -68.37
N GLN CA 1416 -31.66 -30.81 -67.39
CA GLN CA 1416 -30.24 -31.12 -67.56
C GLN CA 1416 -30.01 -32.42 -68.31
N ARG CA 1417 -28.78 -32.62 -68.76
CA ARG CA 1417 -28.43 -33.86 -69.46
C ARG CA 1417 -27.23 -34.49 -68.78
N ASP CA 1418 -27.14 -35.82 -68.81
CA ASP CA 1418 -26.06 -36.51 -68.12
C ASP CA 1418 -24.69 -36.09 -68.65
N VAL CA 1419 -23.71 -36.02 -67.76
CA VAL CA 1419 -22.36 -35.59 -68.14
C VAL CA 1419 -21.81 -36.23 -69.42
N CYS CA 1420 -22.16 -37.48 -69.70
CA CYS CA 1420 -21.62 -38.20 -70.86
C CYS CA 1420 -21.83 -37.49 -72.20
N VAL CA 1421 -23.02 -36.95 -72.42
CA VAL CA 1421 -23.33 -36.27 -73.68
C VAL CA 1421 -22.38 -35.10 -73.89
N HIS CA 1422 -22.25 -34.26 -72.87
CA HIS CA 1422 -21.38 -33.11 -72.97
C HIS CA 1422 -19.93 -33.54 -73.12
N LEU CA 1423 -19.52 -34.62 -72.47
CA LEU CA 1423 -18.16 -35.13 -72.64
C LEU CA 1423 -17.93 -35.48 -74.10
N LEU CA 1424 -18.86 -36.21 -74.72
CA LEU CA 1424 -18.74 -36.52 -76.15
C LEU CA 1424 -18.67 -35.26 -77.01
N LYS CA 1425 -19.49 -34.27 -76.68
CA LYS CA 1425 -19.50 -33.02 -77.44
C LYS CA 1425 -18.17 -32.29 -77.33
N LEU CA 1426 -17.62 -32.19 -76.13
CA LEU CA 1426 -16.32 -31.57 -75.95
C LEU CA 1426 -15.24 -32.39 -76.66
N TYR CA 1427 -15.35 -33.71 -76.63
CA TYR CA 1427 -14.40 -34.58 -77.31
C TYR CA 1427 -14.40 -34.27 -78.81
N SER CA 1428 -15.55 -33.88 -79.35
CA SER CA 1428 -15.64 -33.53 -80.77
C SER CA 1428 -15.26 -32.07 -81.07
N GLU CA 1429 -15.78 -31.12 -80.30
CA GLU CA 1429 -15.52 -29.69 -80.57
C GLU CA 1429 -15.26 -28.86 -79.32
N ARG CA 1430 -14.80 -27.63 -79.49
CA ARG CA 1430 -14.49 -26.76 -78.33
C ARG CA 1430 -15.50 -25.63 -78.12
N GLN CA 1431 -16.77 -25.88 -78.43
CA GLN CA 1431 -17.81 -24.87 -78.23
C GLN CA 1431 -18.92 -25.42 -77.36
N TYR CA 1432 -18.72 -25.40 -76.05
CA TYR CA 1432 -19.77 -25.82 -75.15
C TYR CA 1432 -19.57 -25.25 -73.76
N ASP CA 1433 -20.65 -25.11 -73.00
CA ASP CA 1433 -20.55 -24.55 -71.67
C ASP CA 1433 -19.97 -25.56 -70.72
N LEU CA 1434 -18.73 -25.35 -70.27
CA LEU CA 1434 -18.15 -26.26 -69.29
C LEU CA 1434 -18.96 -26.25 -67.99
N CYS CA 1435 -19.58 -25.12 -67.66
CA CYS CA 1435 -20.34 -25.00 -66.42
C CYS CA 1435 -21.50 -25.97 -66.30
N GLN CA 1436 -22.29 -26.09 -67.36
CA GLN CA 1436 -23.39 -27.03 -67.36
C GLN CA 1436 -22.84 -28.41 -67.14
N LEU CA 1437 -21.79 -28.76 -67.88
CA LEU CA 1437 -21.17 -30.08 -67.76
C LEU CA 1437 -20.78 -30.36 -66.32
N LEU CA 1438 -20.22 -29.37 -65.63
CA LEU CA 1438 -19.77 -29.55 -64.25
C LEU CA 1438 -20.79 -29.12 -63.20
N ASP CA 1439 -21.97 -29.70 -63.22
CA ASP CA 1439 -23.01 -29.37 -62.25
C ASP CA 1439 -23.26 -30.57 -61.35
N PRO CA 1440 -23.22 -30.38 -60.02
CA PRO CA 1440 -23.39 -31.50 -59.09
C PRO CA 1440 -24.69 -32.28 -59.27
N SER CA 1441 -25.76 -31.60 -59.67
CA SER CA 1441 -27.06 -32.26 -59.82
C SER CA 1441 -27.05 -33.35 -60.87
N SER CA 1442 -26.30 -33.17 -61.95
CA SER CA 1442 -26.29 -34.15 -63.05
C SER CA 1442 -26.12 -35.59 -62.59
N VAL CA 1443 -25.13 -35.84 -61.72
CA VAL CA 1443 -24.89 -37.20 -61.24
C VAL CA 1443 -25.68 -37.52 -59.99
N THR CA 1444 -25.66 -36.63 -59.00
CA THR CA 1444 -26.35 -36.88 -57.75
C THR CA 1444 -27.33 -35.76 -57.47
N PRO CA 1445 -28.61 -36.10 -57.19
CA PRO CA 1445 -29.63 -35.07 -56.98
C PRO CA 1445 -29.22 -33.93 -56.03
N ASP CA 1446 -28.62 -34.23 -54.89
CA ASP CA 1446 -28.28 -33.18 -53.92
C ASP CA 1446 -27.26 -32.16 -54.45
N PRO CA 1447 -27.37 -30.87 -54.05
CA PRO CA 1447 -26.35 -29.99 -54.60
C PRO CA 1447 -25.18 -29.76 -53.64
N LEU CA 1448 -24.85 -30.75 -52.83
CA LEU CA 1448 -23.77 -30.59 -51.84
C LEU CA 1448 -22.59 -31.52 -52.08
N ASP CA 1449 -22.79 -32.58 -52.85
CA ASP CA 1449 -21.69 -33.50 -53.18
C ASP CA 1449 -20.91 -32.98 -54.38
N TYR CA 1450 -19.61 -32.75 -54.20
CA TYR CA 1450 -18.81 -32.19 -55.27
C TYR CA 1450 -17.55 -32.99 -55.62
N ARG CA 1451 -17.35 -34.17 -55.06
CA ARG CA 1451 -16.10 -34.91 -55.33
C ARG CA 1451 -15.86 -35.15 -56.82
N LEU CA 1452 -16.83 -35.80 -57.45
CA LEU CA 1452 -16.71 -36.10 -58.87
C LEU CA 1452 -16.46 -34.84 -59.64
N SER CA 1453 -17.25 -33.79 -59.41
CA SER CA 1453 -17.10 -32.55 -60.17
C SER CA 1453 -15.66 -32.06 -60.11
N TRP CA 1454 -15.11 -31.96 -58.91
CA TRP CA 1454 -13.73 -31.48 -58.75
C TRP CA 1454 -12.69 -32.36 -59.44
N HIS CA 1455 -12.77 -33.68 -59.27
CA HIS CA 1455 -11.80 -34.49 -60.00
C HIS CA 1455 -11.93 -34.34 -61.51
N LEU CA 1456 -13.15 -34.19 -62.00
CA LEU CA 1456 -13.37 -34.01 -63.44
C LEU CA 1456 -12.78 -32.70 -63.91
N TRP CA 1457 -12.93 -31.64 -63.11
CA TRP CA 1457 -12.30 -30.38 -63.48
C TRP CA 1457 -10.81 -30.53 -63.52
N MET CA 1458 -10.22 -31.23 -62.55
CA MET CA 1458 -8.77 -31.47 -62.64
C MET CA 1458 -8.41 -32.18 -63.95
N VAL CA 1459 -9.14 -33.23 -64.32
CA VAL CA 1459 -8.86 -33.93 -65.59
C VAL CA 1459 -9.00 -33.00 -66.81
N LEU CA 1460 -9.99 -32.12 -66.80
CA LEU CA 1460 -10.20 -31.19 -67.91
C LEU CA 1460 -9.09 -30.17 -67.98
N GLN CA 1461 -8.59 -29.71 -66.84
CA GLN CA 1461 -7.48 -28.77 -66.82
C GLN CA 1461 -6.29 -29.49 -67.42
N ALA CA 1462 -6.13 -30.77 -67.10
CA ALA CA 1462 -5.00 -31.55 -67.60
C ALA CA 1462 -5.12 -31.93 -69.07
N LEU CA 1463 -6.29 -31.72 -69.66
CA LEU CA 1463 -6.49 -32.02 -71.08
C LEU CA 1463 -6.43 -30.76 -71.93
N ASN CA 1464 -5.85 -29.69 -71.38
CA ASN CA 1464 -5.75 -28.42 -72.10
C ASN CA 1464 -7.13 -27.88 -72.50
N TYR CA 1465 -8.08 -27.93 -71.57
CA TYR CA 1465 -9.41 -27.41 -71.84
C TYR CA 1465 -9.81 -26.53 -70.67
N THR CA 1466 -9.48 -25.25 -70.73
CA THR CA 1466 -9.73 -24.38 -69.58
C THR CA 1466 -10.62 -23.18 -69.88
N HIS CA 1467 -11.79 -23.41 -70.50
CA HIS CA 1467 -12.73 -22.31 -70.81
C HIS CA 1467 -13.43 -21.78 -69.56
N LEU CA 1468 -13.34 -22.48 -68.43
CA LEU CA 1468 -14.02 -22.08 -67.20
C LEU CA 1468 -13.55 -20.74 -66.65
N SER CA 1469 -14.48 -19.92 -66.21
CA SER CA 1469 -14.12 -18.60 -65.67
C SER CA 1469 -13.52 -18.70 -64.29
N GLU CA 1470 -12.66 -17.75 -63.94
CA GLU CA 1470 -12.01 -17.78 -62.63
C GLU CA 1470 -13.02 -17.88 -61.50
N HIS CA 1471 -14.10 -17.12 -61.60
CA HIS CA 1471 -15.11 -17.10 -60.54
C HIS CA 1471 -15.60 -18.50 -60.23
N ARG CA 1472 -16.05 -19.24 -61.25
CA ARG CA 1472 -16.59 -20.57 -61.02
C ARG CA 1472 -15.53 -21.53 -60.49
N GLN CA 1473 -14.30 -21.44 -60.98
CA GLN CA 1473 -13.23 -22.28 -60.47
C GLN CA 1473 -13.11 -22.07 -58.98
N GLY CA 1474 -13.01 -20.79 -58.59
CA GLY CA 1474 -12.86 -20.48 -57.19
C GLY CA 1474 -14.03 -21.01 -56.40
N THR CA 1475 -15.25 -20.85 -56.91
CA THR CA 1475 -16.44 -21.30 -56.20
C THR CA 1475 -16.35 -22.79 -55.96
N LEU CA 1476 -16.03 -23.55 -57.00
CA LEU CA 1476 -15.88 -24.99 -56.86
C LEU CA 1476 -14.88 -25.33 -55.79
N HIS CA 1477 -13.70 -24.73 -55.87
CA HIS CA 1477 -12.65 -25.07 -54.90
C HIS CA 1477 -13.17 -24.81 -53.50
N ALA CA 1478 -13.77 -23.65 -53.28
CA ALA CA 1478 -14.24 -23.28 -51.95
C ALA CA 1478 -15.29 -24.25 -51.45
N SER CA 1479 -16.25 -24.61 -52.29
CA SER CA 1479 -17.31 -25.51 -51.89
C SER CA 1479 -16.75 -26.87 -51.52
N TYR CA 1480 -15.79 -27.35 -52.31
CA TYR CA 1480 -15.19 -28.63 -52.01
C TYR CA 1480 -14.49 -28.57 -50.65
N ALA CA 1481 -13.75 -27.49 -50.42
CA ALA CA 1481 -13.05 -27.35 -49.15
C ALA CA 1481 -14.04 -27.31 -48.00
N ALA CA 1482 -15.18 -26.65 -48.21
CA ALA CA 1482 -16.19 -26.53 -47.17
C ALA CA 1482 -16.80 -27.87 -46.86
N GLN CA 1483 -17.07 -28.67 -47.89
CA GLN CA 1483 -17.57 -30.02 -47.67
C GLN CA 1483 -16.56 -30.80 -46.85
N LEU CA 1484 -15.28 -30.66 -47.22
CA LEU CA 1484 -14.24 -31.35 -46.48
C LEU CA 1484 -14.30 -30.96 -45.02
N GLU CA 1485 -14.36 -29.67 -44.73
CA GLU CA 1485 -14.35 -29.21 -43.35
C GLU CA 1485 -15.60 -29.68 -42.61
N ASN CA 1486 -16.73 -29.77 -43.31
CA ASN CA 1486 -17.98 -30.20 -42.68
C ASN CA 1486 -17.81 -31.59 -42.11
N VAL CA 1487 -17.23 -32.49 -42.90
CA VAL CA 1487 -16.95 -33.83 -42.39
C VAL CA 1487 -15.87 -33.74 -41.33
N GLY CA 1488 -14.78 -33.06 -41.66
CA GLY CA 1488 -13.68 -32.91 -40.71
C GLY CA 1488 -12.32 -33.26 -41.28
N LEU CA 1489 -12.04 -32.84 -42.50
CA LEU CA 1489 -10.75 -33.13 -43.12
C LEU CA 1489 -9.74 -31.98 -42.95
N TRP CA 1490 -8.50 -32.19 -43.38
CA TRP CA 1490 -7.46 -31.18 -43.14
C TRP CA 1490 -6.59 -30.76 -44.33
N GLU CA 1491 -5.45 -31.39 -44.49
CA GLU CA 1491 -4.48 -30.98 -45.54
C GLU CA 1491 -4.93 -31.09 -47.00
N TRP CA 1492 -5.94 -31.89 -47.28
CA TRP CA 1492 -6.42 -32.04 -48.64
C TRP CA 1492 -7.20 -30.79 -48.99
N ALA CA 1493 -7.96 -30.27 -48.04
CA ALA CA 1493 -8.64 -29.01 -48.24
C ALA CA 1493 -7.57 -27.96 -48.41
N ILE CA 1494 -6.50 -28.03 -47.61
CA ILE CA 1494 -5.41 -27.07 -47.86
C ILE CA 1494 -4.91 -27.12 -49.31
N PHE CA 1495 -4.68 -28.30 -49.88
CA PHE CA 1495 -4.23 -28.48 -51.27
C PHE CA 1495 -5.24 -27.96 -52.31
N VAL CA 1496 -6.52 -28.18 -52.04
CA VAL CA 1496 -7.55 -27.65 -52.93
C VAL CA 1496 -7.49 -26.13 -52.91
N LEU CA 1497 -7.32 -25.53 -51.74
CA LEU CA 1497 -7.17 -24.08 -51.65
C LEU CA 1497 -5.93 -23.62 -52.41
N LEU CA 1498 -4.86 -24.41 -52.34
CA LEU CA 1498 -3.59 -24.05 -52.97
C LEU CA 1498 -3.55 -24.18 -54.48
N HIS CA 1499 -4.60 -24.69 -55.09
CA HIS CA 1499 -4.63 -24.77 -56.56
C HIS CA 1499 -5.15 -23.48 -57.17
N ILE CA 1500 -5.64 -22.57 -56.33
CA ILE CA 1500 -6.11 -21.28 -56.81
C ILE CA 1500 -4.90 -20.48 -57.27
N PRO CA 1501 -4.92 -20.00 -58.52
CA PRO CA 1501 -3.75 -19.30 -59.07
C PRO CA 1501 -3.69 -17.82 -58.70
N HIS CA 1502 -3.95 -17.47 -57.44
CA HIS CA 1502 -3.85 -16.09 -57.01
C HIS CA 1502 -3.03 -16.09 -55.75
N PRO CA 1503 -1.80 -15.55 -55.77
CA PRO CA 1503 -1.01 -15.69 -54.54
C PRO CA 1503 -1.65 -15.19 -53.24
N HIS CA 1504 -1.85 -13.89 -53.12
CA HIS CA 1504 -2.37 -13.31 -51.87
C HIS CA 1504 -3.65 -13.98 -51.39
N ILE CA 1505 -4.63 -14.12 -52.27
CA ILE CA 1505 -5.91 -14.70 -51.87
C ILE CA 1505 -5.68 -16.07 -51.29
N ARG CA 1506 -4.97 -16.92 -52.02
CA ARG CA 1506 -4.69 -18.27 -51.57
C ARG CA 1506 -4.03 -18.26 -50.18
N GLU CA 1507 -2.98 -17.47 -50.04
CA GLU CA 1507 -2.26 -17.44 -48.77
C GLU CA 1507 -3.21 -17.04 -47.64
N ALA CA 1508 -3.98 -15.98 -47.82
CA ALA CA 1508 -4.87 -15.52 -46.76
C ALA CA 1508 -5.87 -16.59 -46.40
N GLY CA 1509 -6.45 -17.23 -47.40
CA GLY CA 1509 -7.39 -18.30 -47.15
C GLY CA 1509 -6.76 -19.38 -46.29
N VAL CA 1510 -5.60 -19.87 -46.70
CA VAL CA 1510 -5.00 -20.97 -45.94
C VAL CA 1510 -4.67 -20.50 -44.50
N ARG CA 1511 -4.20 -19.27 -44.35
CA ARG CA 1511 -3.87 -18.76 -43.01
C ARG CA 1511 -5.10 -18.74 -42.13
N GLU CA 1512 -6.22 -18.24 -42.64
CA GLU CA 1512 -7.45 -18.18 -41.87
C GLU CA 1512 -7.88 -19.58 -41.49
N LEU CA 1513 -7.80 -20.51 -42.45
CA LEU CA 1513 -8.18 -21.88 -42.16
C LEU CA 1513 -7.35 -22.40 -41.01
N LEU CA 1514 -6.04 -22.23 -41.07
CA LEU CA 1514 -5.16 -22.71 -40.01
C LEU CA 1514 -5.57 -22.18 -38.65
N ASN CA 1515 -5.77 -20.87 -38.54
CA ASN CA 1515 -6.09 -20.27 -37.24
C ASN CA 1515 -7.32 -20.87 -36.61
N ARG CA 1516 -8.36 -21.07 -37.39
CA ARG CA 1516 -9.62 -21.58 -36.86
C ARG CA 1516 -9.55 -23.03 -36.40
N GLN CA 1517 -8.85 -23.88 -37.14
CA GLN CA 1517 -8.80 -25.32 -36.80
C GLN CA 1517 -7.66 -25.75 -35.88
N CYS CA 1518 -6.59 -24.96 -35.79
CA CYS CA 1518 -5.42 -25.36 -34.98
C CYS CA 1518 -5.74 -25.54 -33.51
N VAL CA 1519 -5.15 -26.57 -32.91
CA VAL CA 1519 -5.38 -26.85 -31.48
C VAL CA 1519 -4.09 -26.67 -30.67
N VAL CA 1520 -4.16 -25.93 -29.57
CA VAL CA 1520 -2.99 -25.70 -28.73
C VAL CA 1520 -2.51 -26.98 -28.04
N ARG CA 1521 -3.43 -27.86 -27.68
CA ARG CA 1521 -3.06 -29.12 -27.06
C ARG CA 1521 -2.50 -30.06 -28.09
N GLU CA 1522 -1.18 -30.25 -28.08
CA GLU CA 1522 -0.54 -31.11 -29.07
C GLU CA 1522 -0.94 -32.57 -28.93
N SER CA 1523 -1.40 -33.20 -29.99
CA SER CA 1523 -1.87 -34.57 -29.92
C SER CA 1523 -1.16 -35.37 -30.97
N PRO CA 1524 -1.14 -36.71 -30.87
CA PRO CA 1524 -0.51 -37.45 -31.97
C PRO CA 1524 -1.08 -37.05 -33.32
N GLU CA 1525 -2.40 -37.01 -33.45
CA GLU CA 1525 -3.04 -36.66 -34.73
C GLU CA 1525 -2.64 -35.27 -35.20
N SER CA 1526 -2.68 -34.30 -34.30
CA SER CA 1526 -2.31 -32.94 -34.67
C SER CA 1526 -0.88 -32.91 -35.17
N LEU CA 1527 0.02 -33.60 -34.47
CA LEU CA 1527 1.43 -33.62 -34.86
C LEU CA 1527 1.58 -34.23 -36.23
N ALA CA 1528 0.88 -35.33 -36.47
CA ALA CA 1528 0.93 -35.97 -37.78
C ALA CA 1528 0.49 -35.00 -38.86
N LYS CA 1529 -0.62 -34.30 -38.66
CA LYS CA 1529 -1.10 -33.34 -39.65
C LYS CA 1529 -0.08 -32.23 -39.89
N GLU CA 1530 0.51 -31.71 -38.81
CA GLU CA 1530 1.51 -30.66 -38.96
C GLU CA 1530 2.66 -31.16 -39.79
N ASN CA 1531 3.14 -32.37 -39.50
CA ASN CA 1531 4.27 -32.93 -40.23
C ASN CA 1531 3.91 -33.03 -41.69
N PHE CA 1532 2.72 -33.55 -41.99
CA PHE CA 1532 2.27 -33.64 -43.36
C PHE CA 1532 2.40 -32.29 -44.02
N LEU CA 1533 1.72 -31.29 -43.46
CA LEU CA 1533 1.74 -29.95 -44.06
C LEU CA 1533 3.15 -29.45 -44.32
N ILE CA 1534 4.03 -29.60 -43.34
CA ILE CA 1534 5.39 -29.11 -43.47
C ILE CA 1534 6.21 -29.93 -44.46
N HIS CA 1535 6.02 -31.25 -44.48
CA HIS CA 1535 6.87 -32.09 -45.33
C HIS CA 1535 6.26 -32.51 -46.67
N ARG CA 1536 5.02 -32.12 -46.94
CA ARG CA 1536 4.41 -32.42 -48.25
C ARG CA 1536 3.91 -31.15 -48.92
N LEU CA 1537 3.21 -30.31 -48.18
CA LEU CA 1537 2.67 -29.07 -48.74
C LEU CA 1537 3.56 -27.88 -48.43
N CYS CA 1538 4.70 -28.12 -47.79
CA CYS CA 1538 5.66 -27.05 -47.48
C CYS CA 1538 5.11 -25.80 -46.78
N VAL CA 1539 4.63 -25.95 -45.55
CA VAL CA 1539 4.18 -24.77 -44.80
C VAL CA 1539 5.11 -24.55 -43.60
N PRO CA 1540 5.18 -23.29 -43.06
CA PRO CA 1540 6.00 -23.13 -41.83
C PRO CA 1540 5.47 -23.39 -40.39
N ALA CA 1541 6.39 -23.92 -39.59
CA ALA CA 1541 6.05 -24.16 -38.19
C ALA CA 1541 5.94 -22.86 -37.45
N GLN CA 1542 6.61 -21.82 -37.92
CA GLN CA 1542 6.46 -20.50 -37.31
C GLN CA 1542 5.02 -20.04 -37.47
N TRP CA 1543 4.43 -20.21 -38.65
CA TRP CA 1543 3.02 -19.88 -38.85
C TRP CA 1543 2.14 -20.74 -37.95
N VAL CA 1544 2.49 -22.03 -37.84
CA VAL CA 1544 1.72 -22.86 -36.87
C VAL CA 1544 1.73 -22.26 -35.46
N HIS CA 1545 2.91 -21.85 -34.99
CA HIS CA 1545 3.03 -21.29 -33.65
C HIS CA 1545 2.32 -19.96 -33.55
N GLU CA 1546 2.29 -19.16 -34.62
CA GLU CA 1546 1.55 -17.90 -34.63
C GLU CA 1546 0.07 -18.18 -34.44
N ALA CA 1547 -0.45 -19.19 -35.14
CA ALA CA 1547 -1.84 -19.58 -34.91
C ALA CA 1547 -2.06 -19.95 -33.44
N LYS CA 1548 -1.14 -20.76 -32.91
CA LYS CA 1548 -1.30 -21.16 -31.50
C LYS CA 1548 -1.31 -19.94 -30.58
N ALA CA 1549 -0.46 -18.95 -30.86
CA ALA CA 1549 -0.38 -17.74 -30.06
C ALA CA 1549 -1.64 -16.91 -30.16
N ILE CA 1550 -2.29 -16.83 -31.31
CA ILE CA 1550 -3.57 -16.11 -31.37
C ILE CA 1550 -4.59 -16.75 -30.42
N ARG CA 1551 -4.71 -18.07 -30.47
CA ARG CA 1551 -5.64 -18.79 -29.59
C ARG CA 1551 -5.30 -18.61 -28.12
N SER CA 1552 -4.04 -18.78 -27.77
CA SER CA 1552 -3.61 -18.66 -26.37
C SER CA 1552 -3.52 -17.23 -25.89
N ARG CA 1553 -3.98 -16.27 -26.70
CA ARG CA 1553 -4.01 -14.88 -26.28
C ARG CA 1553 -5.44 -14.49 -25.98
N ARG CA 1554 -6.37 -14.98 -26.79
CA ARG CA 1554 -7.79 -14.70 -26.55
C ARG CA 1554 -8.20 -15.19 -25.19
N ASP CA 1555 -7.97 -16.48 -24.92
CA ASP CA 1555 -8.37 -17.06 -23.65
C ASP CA 1555 -7.29 -17.94 -23.05
N GLY CA 1556 -6.18 -18.10 -23.76
CA GLY CA 1556 -5.12 -18.98 -23.31
C GLY CA 1556 -4.23 -18.44 -22.21
N ASP CA 1557 -3.32 -19.30 -21.76
CA ASP CA 1557 -2.40 -18.93 -20.69
C ASP CA 1557 -1.03 -18.36 -21.10
N ARG CA 1558 -0.53 -17.48 -20.25
CA ARG CA 1558 0.75 -16.85 -20.52
C ARG CA 1558 1.84 -17.82 -20.91
N HIS CA 1559 2.00 -18.91 -20.19
CA HIS CA 1559 3.10 -19.83 -20.48
C HIS CA 1559 3.10 -20.27 -21.93
N LYS CA 1560 2.00 -20.85 -22.36
CA LYS CA 1560 1.95 -21.35 -23.72
C LYS CA 1560 2.07 -20.20 -24.73
N GLU CA 1561 1.40 -19.09 -24.45
CA GLU CA 1561 1.54 -17.95 -25.36
C GLU CA 1561 3.01 -17.62 -25.58
N ALA CA 1562 3.76 -17.46 -24.49
CA ALA CA 1562 5.17 -17.10 -24.59
C ALA CA 1562 6.00 -18.14 -25.30
N LEU CA 1563 5.79 -19.42 -24.99
CA LEU CA 1563 6.51 -20.47 -25.70
C LEU CA 1563 6.30 -20.34 -27.21
N TYR CA 1564 5.05 -20.18 -27.61
CA TYR CA 1564 4.77 -20.11 -29.05
C TYR CA 1564 5.38 -18.86 -29.68
N LEU CA 1565 5.34 -17.74 -28.96
CA LEU CA 1565 5.94 -16.51 -29.48
C LEU CA 1565 7.44 -16.68 -29.65
N LEU CA 1566 8.08 -17.43 -28.77
CA LEU CA 1566 9.52 -17.68 -28.90
C LEU CA 1566 9.91 -18.09 -30.32
N LYS CA 1567 9.26 -19.10 -30.88
CA LYS CA 1567 9.59 -19.57 -32.22
C LYS CA 1567 8.89 -18.76 -33.30
N GLY CA 1568 7.99 -17.86 -32.90
CA GLY CA 1568 7.24 -17.06 -33.86
C GLY CA 1568 7.91 -15.77 -34.26
N HIS CA 1569 9.16 -15.57 -33.85
CA HIS CA 1569 9.93 -14.38 -34.23
C HIS CA 1569 9.21 -13.06 -33.95
N GLN CA 1570 8.71 -12.89 -32.74
CA GLN CA 1570 8.10 -11.62 -32.37
C GLN CA 1570 8.99 -10.96 -31.35
N TRP CA 1571 9.29 -9.67 -31.53
CA TRP CA 1571 10.25 -9.01 -30.65
C TRP CA 1571 9.58 -8.11 -29.63
N ASN CA 1572 8.96 -7.02 -30.08
CA ASN CA 1572 8.26 -6.12 -29.17
C ASN CA 1572 7.27 -6.83 -28.24
N PRO CA 1573 6.28 -7.57 -28.80
CA PRO CA 1573 5.31 -8.18 -27.89
C PRO CA 1573 5.96 -9.12 -26.87
N CYS CA 1574 6.86 -10.00 -27.31
CA CYS CA 1574 7.53 -10.93 -26.42
C CYS CA 1574 8.28 -10.19 -25.34
N HIS CA 1575 9.03 -9.16 -25.74
CA HIS CA 1575 9.78 -8.37 -24.79
C HIS CA 1575 8.84 -7.86 -23.72
N LYS CA 1576 7.76 -7.19 -24.14
CA LYS CA 1576 6.83 -6.63 -23.17
C LYS CA 1576 6.36 -7.71 -22.23
N LEU CA 1577 5.86 -8.81 -22.78
CA LEU CA 1577 5.34 -9.89 -21.96
C LEU CA 1577 6.33 -10.29 -20.90
N VAL CA 1578 7.55 -10.67 -21.30
CA VAL CA 1578 8.50 -11.17 -20.31
C VAL CA 1578 8.84 -10.10 -19.27
N THR CA 1579 9.09 -8.86 -19.68
CA THR CA 1579 9.50 -7.85 -18.70
C THR CA 1579 8.47 -7.70 -17.59
N ARG CA 1580 7.19 -7.70 -17.94
CA ARG CA 1580 6.13 -7.48 -16.95
C ARG CA 1580 5.86 -8.63 -15.98
N HIS CA 1581 5.85 -9.87 -16.46
CA HIS CA 1581 5.48 -10.99 -15.58
C HIS CA 1581 6.59 -11.98 -15.28
N LEU CA 1582 7.12 -12.63 -16.31
CA LEU CA 1582 8.13 -13.65 -16.11
C LEU CA 1582 9.35 -13.13 -15.36
N ALA CA 1583 9.84 -11.95 -15.69
CA ALA CA 1583 11.07 -11.44 -15.08
C ALA CA 1583 11.12 -11.48 -13.55
N ALA CA 1584 10.18 -10.81 -12.89
CA ALA CA 1584 10.19 -10.76 -11.43
C ALA CA 1584 9.98 -12.14 -10.83
N ASP CA 1585 9.13 -12.93 -11.46
CA ASP CA 1585 8.86 -14.27 -10.96
C ASP CA 1585 10.15 -15.04 -10.96
N ALA CA 1586 10.93 -14.97 -12.03
CA ALA CA 1586 12.21 -15.65 -12.10
C ALA CA 1586 13.19 -15.08 -11.09
N VAL CA 1587 13.27 -13.77 -10.94
CA VAL CA 1587 14.15 -13.19 -9.94
C VAL CA 1587 13.91 -13.80 -8.55
N ILE CA 1588 12.65 -13.90 -8.13
CA ILE CA 1588 12.34 -14.44 -6.81
C ILE CA 1588 12.35 -15.97 -6.76
N ASN CA 1589 12.35 -16.63 -7.92
CA ASN CA 1589 12.42 -18.09 -7.96
C ASN CA 1589 13.78 -18.59 -8.42
N GLU CA 1590 14.78 -17.69 -8.49
CA GLU CA 1590 16.13 -18.05 -8.93
C GLU CA 1590 16.17 -18.97 -10.16
N ASN CA 1591 15.48 -18.58 -11.23
CA ASN CA 1591 15.52 -19.35 -12.47
C ASN CA 1591 16.00 -18.37 -13.52
N TYR CA 1592 17.31 -18.26 -13.70
CA TYR CA 1592 17.83 -17.25 -14.63
C TYR CA 1592 18.32 -17.84 -15.93
N ARG CA 1593 18.61 -19.15 -15.96
CA ARG CA 1593 19.05 -19.80 -17.18
C ARG CA 1593 18.04 -19.59 -18.29
N TYR CA 1594 16.76 -19.74 -17.96
CA TYR CA 1594 15.69 -19.55 -18.93
C TYR CA 1594 15.61 -18.07 -19.28
N LEU CA 1595 15.59 -17.25 -18.20
CA LEU CA 1595 15.43 -15.83 -18.55
C LEU CA 1595 16.54 -15.42 -19.53
N GLN CA 1596 17.77 -15.84 -19.27
CA GLN CA 1596 18.92 -15.49 -20.10
C GLN CA 1596 18.85 -16.00 -21.51
N SER CA 1597 18.50 -17.25 -21.71
CA SER CA 1597 18.32 -17.73 -23.08
C SER CA 1597 17.41 -16.74 -23.81
N PHE CA 1598 16.21 -16.52 -23.23
CA PHE CA 1598 15.30 -15.65 -23.99
C PHE CA 1598 15.95 -14.31 -24.31
N LEU CA 1599 16.49 -13.69 -23.27
CA LEU CA 1599 17.04 -12.36 -23.48
C LEU CA 1599 18.23 -12.26 -24.45
N GLY CA 1600 19.14 -13.24 -24.51
CA GLY CA 1600 20.27 -13.26 -25.44
C GLY CA 1600 19.85 -13.49 -26.87
N GLU CA 1601 18.82 -14.32 -27.05
CA GLU CA 1601 18.32 -14.55 -28.40
C GLU CA 1601 17.72 -13.27 -28.96
N LEU CA 1602 17.38 -12.33 -28.08
CA LEU CA 1602 16.84 -11.06 -28.50
C LEU CA 1602 17.90 -9.97 -28.46
N SER CA 1603 19.13 -10.34 -28.11
CA SER CA 1603 20.21 -9.37 -27.99
C SER CA 1603 21.10 -9.33 -29.22
N ASN CA 1604 20.83 -10.18 -30.19
CA ASN CA 1604 21.62 -10.22 -31.41
C ASN CA 1604 21.58 -8.87 -32.13
N PRO CA 1605 22.69 -8.45 -32.75
CA PRO CA 1605 22.78 -7.15 -33.42
C PRO CA 1605 21.48 -6.61 -34.05
N GLU CA 1606 20.85 -7.33 -34.95
CA GLU CA 1606 19.67 -6.82 -35.64
C GLU CA 1606 18.43 -6.81 -34.75
N HIS CA 1607 18.28 -7.88 -33.99
CA HIS CA 1607 17.16 -7.96 -33.08
C HIS CA 1607 17.21 -6.77 -32.16
N CYS CA 1608 18.33 -6.56 -31.47
CA CYS CA 1608 18.44 -5.46 -30.51
C CYS CA 1608 18.20 -4.11 -31.20
N LYS CA 1609 18.62 -3.97 -32.45
CA LYS CA 1609 18.38 -2.74 -33.19
C LYS CA 1609 16.90 -2.44 -33.34
N HIS CA 1610 16.11 -3.44 -33.72
CA HIS CA 1610 14.68 -3.25 -33.96
C HIS CA 1610 13.83 -3.21 -32.69
N ILE CA 1611 14.16 -4.04 -31.70
CA ILE CA 1611 13.38 -4.10 -30.47
C ILE CA 1611 13.38 -2.77 -29.74
N GLN CA 1612 12.18 -2.26 -29.45
CA GLN CA 1612 12.08 -1.01 -28.72
C GLN CA 1612 12.29 -1.25 -27.23
N ASP CA 1613 12.71 -0.20 -26.53
CA ASP CA 1613 12.99 -0.31 -25.09
C ASP CA 1613 13.98 -1.42 -24.87
N TRP CA 1614 14.48 -1.97 -25.98
CA TRP CA 1614 15.40 -3.07 -25.86
C TRP CA 1614 16.47 -2.59 -24.97
N GLU CA 1615 17.20 -1.56 -25.31
CA GLU CA 1615 18.32 -1.17 -24.48
C GLU CA 1615 17.89 -1.18 -23.02
N THR CA 1616 16.98 -0.32 -22.59
CA THR CA 1616 16.64 -0.28 -21.15
C THR CA 1616 16.44 -1.63 -20.40
N ALA CA 1617 15.22 -2.15 -20.38
CA ALA CA 1617 14.93 -3.37 -19.61
C ALA CA 1617 15.81 -4.57 -19.96
N GLY CA 1618 15.95 -4.82 -21.26
CA GLY CA 1618 16.74 -5.96 -21.69
C GLY CA 1618 18.13 -5.85 -21.11
N LYS CA 1619 18.77 -4.69 -21.30
CA LYS CA 1619 20.14 -4.56 -20.83
C LYS CA 1619 20.14 -4.76 -19.35
N VAL CA 1620 19.27 -4.09 -18.61
CA VAL CA 1620 19.18 -4.29 -17.17
C VAL CA 1620 19.21 -5.78 -16.78
N TYR CA 1621 18.25 -6.57 -17.26
CA TYR CA 1621 18.19 -7.98 -16.83
C TYR CA 1621 19.44 -8.76 -17.22
N LEU CA 1622 19.86 -8.57 -18.47
CA LEU CA 1622 21.02 -9.31 -18.93
C LEU CA 1622 22.18 -9.00 -18.00
N ASP CA 1623 22.40 -7.73 -17.72
CA ASP CA 1623 23.50 -7.32 -16.88
C ASP CA 1623 23.38 -7.97 -15.54
N TYR CA 1624 22.26 -7.84 -14.86
CA TYR CA 1624 22.07 -8.57 -13.60
C TYR CA 1624 22.58 -10.02 -13.68
N ILE CA 1625 21.97 -10.83 -14.55
CA ILE CA 1625 22.36 -12.25 -14.58
C ILE CA 1625 23.85 -12.46 -14.86
N ARG CA 1626 24.36 -11.76 -15.87
CA ARG CA 1626 25.75 -11.92 -16.25
C ARG CA 1626 26.65 -11.57 -15.09
N VAL CA 1627 26.39 -10.47 -14.42
CA VAL CA 1627 27.18 -10.03 -13.30
C VAL CA 1627 27.18 -11.12 -12.25
N ILE CA 1628 26.02 -11.59 -11.80
CA ILE CA 1628 26.07 -12.70 -10.84
C ILE CA 1628 27.03 -13.80 -11.30
N ASP CA 1629 26.74 -14.35 -12.49
CA ASP CA 1629 27.56 -15.49 -12.94
C ASP CA 1629 29.05 -15.19 -12.96
N MET CA 1630 29.44 -14.06 -13.54
CA MET CA 1630 30.84 -13.72 -13.68
C MET CA 1630 31.47 -13.52 -12.34
N LEU CA 1631 30.83 -12.79 -11.44
CA LEU CA 1631 31.36 -12.64 -10.10
C LEU CA 1631 31.71 -14.01 -9.60
N ASN CA 1632 30.71 -14.90 -9.55
CA ASN CA 1632 31.01 -16.21 -8.96
C ASN CA 1632 32.22 -16.86 -9.63
N LEU CA 1633 32.16 -17.00 -10.95
CA LEU CA 1633 33.24 -17.70 -11.67
C LEU CA 1633 34.61 -17.10 -11.43
N ILE CA 1634 34.73 -15.79 -11.60
CA ILE CA 1634 36.03 -15.13 -11.51
C ILE CA 1634 36.64 -15.25 -10.12
N GLN CA 1635 35.83 -15.07 -9.08
CA GLN CA 1635 36.33 -15.24 -7.72
C GLN CA 1635 37.01 -16.59 -7.60
N GLN CA 1636 36.37 -17.63 -8.11
CA GLN CA 1636 36.95 -18.97 -8.05
C GLN CA 1636 38.13 -19.14 -9.02
N ASP CA 1637 38.05 -18.53 -10.20
CA ASP CA 1637 39.11 -18.69 -11.20
C ASP CA 1637 40.24 -17.67 -11.07
N GLU CA 1638 40.95 -17.70 -9.94
CA GLU CA 1638 42.10 -16.81 -9.73
C GLU CA 1638 41.86 -15.31 -9.99
N SER CA 1639 40.63 -14.84 -9.84
CA SER CA 1639 40.30 -13.41 -10.00
C SER CA 1639 41.09 -12.69 -11.12
N SER CA 1640 40.78 -12.99 -12.38
CA SER CA 1640 41.44 -12.30 -13.50
C SER CA 1640 41.15 -10.79 -13.55
N GLY CA 1641 42.20 -9.96 -13.48
CA GLY CA 1641 42.03 -8.51 -13.44
C GLY CA 1641 41.26 -7.80 -14.55
N CYS CA 1642 41.47 -8.19 -15.81
CA CYS CA 1642 40.73 -7.59 -16.91
C CYS CA 1642 39.24 -7.87 -16.76
N GLU CA 1643 38.92 -9.11 -16.42
CA GLU CA 1643 37.52 -9.46 -16.22
C GLU CA 1643 36.97 -8.68 -15.05
N LEU CA 1644 37.76 -8.50 -13.99
CA LEU CA 1644 37.32 -7.70 -12.86
C LEU CA 1644 36.99 -6.27 -13.28
N GLU CA 1645 37.84 -5.65 -14.11
CA GLU CA 1645 37.58 -4.31 -14.62
C GLU CA 1645 36.28 -4.27 -15.42
N LYS CA 1646 36.10 -5.28 -16.27
CA LYS CA 1646 34.86 -5.33 -17.05
C LYS CA 1646 33.67 -5.39 -16.12
N LEU CA 1647 33.74 -6.23 -15.09
CA LEU CA 1647 32.66 -6.38 -14.14
C LEU CA 1647 32.38 -5.05 -13.48
N HIS CA 1648 33.42 -4.34 -13.05
CA HIS CA 1648 33.25 -3.02 -12.45
C HIS CA 1648 32.49 -2.06 -13.37
N THR CA 1649 32.94 -1.96 -14.61
CA THR CA 1649 32.25 -1.09 -15.56
C THR CA 1649 30.77 -1.47 -15.66
N LYS CA 1650 30.52 -2.77 -15.83
CA LYS CA 1650 29.15 -3.23 -15.99
C LYS CA 1650 28.30 -2.89 -14.78
N VAL CA 1651 28.81 -3.08 -13.56
CA VAL CA 1651 28.05 -2.84 -12.34
C VAL CA 1651 27.78 -1.35 -12.19
N MET CA 1652 28.73 -0.50 -12.59
CA MET CA 1652 28.45 0.93 -12.55
C MET CA 1652 27.29 1.26 -13.52
N SER CA 1653 27.36 0.71 -14.73
CA SER CA 1653 26.28 0.95 -15.67
C SER CA 1653 24.94 0.45 -15.11
N LEU CA 1654 24.97 -0.68 -14.41
CA LEU CA 1654 23.74 -1.27 -13.88
C LEU CA 1654 23.17 -0.41 -12.78
N CYS CA 1655 24.02 0.16 -11.93
CA CYS CA 1655 23.50 1.08 -10.93
C CYS CA 1655 22.82 2.21 -11.66
N LYS CA 1656 23.52 2.82 -12.62
CA LYS CA 1656 22.93 3.92 -13.40
C LYS CA 1656 21.53 3.60 -13.96
N TRP CA 1657 21.24 2.33 -14.24
CA TRP CA 1657 19.94 1.99 -14.83
C TRP CA 1657 18.87 1.59 -13.83
N VAL CA 1658 19.26 1.00 -12.70
CA VAL CA 1658 18.28 0.55 -11.70
C VAL CA 1658 17.43 1.73 -11.22
N GLU CA 1659 18.06 2.88 -11.02
CA GLU CA 1659 17.33 4.06 -10.56
C GLU CA 1659 16.29 4.52 -11.58
N LEU CA 1660 16.50 4.22 -12.85
CA LEU CA 1660 15.57 4.69 -13.89
C LEU CA 1660 14.42 3.72 -14.18
N ILE CA 1661 14.35 2.60 -13.47
CA ILE CA 1661 13.30 1.62 -13.70
C ILE CA 1661 11.93 2.25 -13.43
N HIS CA 1662 11.04 2.19 -14.41
CA HIS CA 1662 9.72 2.81 -14.27
C HIS CA 1662 8.73 1.86 -13.60
N CYS CA 1663 7.89 2.40 -12.74
CA CYS CA 1663 6.93 1.56 -12.01
C CYS CA 1663 5.50 1.75 -12.44
N TYR CA 1664 4.88 0.68 -12.93
CA TYR CA 1664 3.48 0.74 -13.32
C TYR CA 1664 2.67 -0.15 -12.40
N THR CA 1665 3.30 -1.21 -11.89
CA THR CA 1665 2.62 -2.16 -11.01
C THR CA 1665 3.34 -2.32 -9.68
N ALA CA 1666 2.80 -3.07 -8.72
CA ALA CA 1666 3.56 -3.33 -7.46
C ALA CA 1666 4.77 -4.27 -7.61
N LYS CA 1667 4.65 -5.23 -8.52
CA LYS CA 1667 5.74 -6.16 -8.76
C LYS CA 1667 6.99 -5.42 -9.22
N ASP CA 1668 6.79 -4.34 -9.99
CA ASP CA 1668 7.93 -3.54 -10.45
C ASP CA 1668 8.70 -3.01 -9.27
N ARG CA 1669 8.03 -2.43 -8.27
CA ARG CA 1669 8.71 -1.95 -7.08
C ARG CA 1669 9.53 -3.02 -6.36
N LEU CA 1670 8.91 -4.16 -6.06
CA LEU CA 1670 9.60 -5.23 -5.34
C LEU CA 1670 10.83 -5.68 -6.08
N ALA CA 1671 10.66 -6.00 -7.36
CA ALA CA 1671 11.79 -6.44 -8.16
C ALA CA 1671 12.89 -5.40 -8.15
N GLN CA 1672 12.52 -4.14 -8.33
CA GLN CA 1672 13.51 -3.06 -8.34
C GLN CA 1672 14.31 -3.06 -7.06
N SER CA 1673 13.63 -3.07 -5.92
CA SER CA 1673 14.32 -3.05 -4.64
C SER CA 1673 15.26 -4.25 -4.50
N GLU CA 1674 14.78 -5.44 -4.85
CA GLU CA 1674 15.62 -6.62 -4.77
C GLU CA 1674 16.89 -6.44 -5.59
N MET CA 1675 16.73 -6.04 -6.84
CA MET CA 1675 17.87 -5.86 -7.71
C MET CA 1675 18.84 -4.86 -7.11
N ALA CA 1676 18.34 -3.73 -6.63
CA ALA CA 1676 19.19 -2.71 -6.05
C ALA CA 1676 20.02 -3.30 -4.92
N LYS CA 1677 19.36 -3.95 -3.97
CA LYS CA 1677 20.08 -4.57 -2.86
C LYS CA 1677 21.18 -5.51 -3.35
N ARG CA 1678 20.82 -6.42 -4.26
CA ARG CA 1678 21.81 -7.39 -4.72
C ARG CA 1678 23.00 -6.70 -5.37
N VAL CA 1679 22.73 -5.71 -6.21
CA VAL CA 1679 23.80 -5.03 -6.93
C VAL CA 1679 24.69 -4.26 -5.96
N ALA CA 1680 24.11 -3.66 -4.93
CA ALA CA 1680 24.90 -2.96 -3.92
C ALA CA 1680 25.81 -3.94 -3.21
N ASN CA 1681 25.30 -5.09 -2.79
CA ASN CA 1681 26.16 -6.10 -2.17
C ASN CA 1681 27.30 -6.50 -3.10
N ILE CA 1682 26.96 -6.82 -4.34
CA ILE CA 1682 27.98 -7.19 -5.32
C ILE CA 1682 28.98 -6.06 -5.51
N LEU CA 1683 28.52 -4.82 -5.60
CA LEU CA 1683 29.42 -3.67 -5.76
C LEU CA 1683 30.39 -3.59 -4.59
N ARG CA 1684 29.88 -3.74 -3.37
CA ARG CA 1684 30.75 -3.74 -2.19
C ARG CA 1684 31.81 -4.83 -2.28
N VAL CA 1685 31.38 -6.05 -2.61
CA VAL CA 1685 32.34 -7.16 -2.75
C VAL CA 1685 33.42 -6.81 -3.78
N VAL CA 1686 33.01 -6.26 -4.92
CA VAL CA 1686 33.96 -5.88 -5.96
C VAL CA 1686 34.96 -4.84 -5.47
N LEU CA 1687 34.48 -3.80 -4.80
CA LEU CA 1687 35.41 -2.81 -4.24
C LEU CA 1687 36.39 -3.48 -3.29
N SER CA 1688 35.89 -4.33 -2.40
CA SER CA 1688 36.76 -5.02 -1.45
C SER CA 1688 37.85 -5.81 -2.17
N LEU CA 1689 37.48 -6.56 -3.22
CA LEU CA 1689 38.46 -7.40 -3.90
C LEU CA 1689 39.43 -6.60 -4.81
N GLN CA 1690 39.04 -5.39 -5.21
CA GLN CA 1690 39.95 -4.56 -6.01
C GLN CA 1690 40.87 -3.63 -5.22
N GLN CA 1691 40.35 -2.51 -4.71
CA GLN CA 1691 41.22 -1.54 -4.02
C GLN CA 1691 42.03 -2.11 -2.84
N PRO CA 1692 41.37 -2.76 -1.86
CA PRO CA 1692 42.19 -3.38 -0.81
C PRO CA 1692 42.80 -4.69 -1.29
N VAL DA 2 -29.14 -30.32 -39.42
CA VAL DA 2 -30.04 -31.46 -39.54
C VAL DA 2 -30.06 -32.27 -38.23
N SER DA 3 -28.89 -32.62 -37.71
CA SER DA 3 -28.81 -33.35 -36.46
C SER DA 3 -29.07 -32.42 -35.29
N VAL DA 4 -29.63 -32.96 -34.20
CA VAL DA 4 -29.96 -32.12 -33.06
C VAL DA 4 -28.93 -32.25 -31.94
N ILE DA 5 -28.21 -31.16 -31.66
CA ILE DA 5 -27.27 -31.18 -30.53
C ILE DA 5 -27.92 -30.59 -29.28
N ASN DA 6 -27.11 -30.18 -28.30
CA ASN DA 6 -27.68 -29.71 -27.03
C ASN DA 6 -28.64 -28.53 -27.19
N THR DA 7 -29.79 -28.63 -26.55
CA THR DA 7 -30.76 -27.54 -26.60
C THR DA 7 -30.58 -26.70 -25.36
N VAL DA 8 -30.32 -25.41 -25.54
CA VAL DA 8 -30.03 -24.55 -24.39
C VAL DA 8 -31.26 -24.01 -23.67
N ASP DA 9 -31.12 -23.77 -22.37
CA ASP DA 9 -32.22 -23.16 -21.61
C ASP DA 9 -31.73 -21.77 -21.28
N THR DA 10 -32.34 -20.76 -21.87
CA THR DA 10 -31.83 -19.40 -21.68
C THR DA 10 -32.25 -18.70 -20.39
N SER DA 11 -33.24 -19.26 -19.69
CA SER DA 11 -33.77 -18.60 -18.47
C SER DA 11 -34.13 -17.15 -18.74
N HIS DA 12 -34.73 -16.88 -19.89
CA HIS DA 12 -35.09 -15.51 -20.25
C HIS DA 12 -36.51 -15.18 -19.91
N GLU DA 13 -36.93 -13.95 -20.19
CA GLU DA 13 -38.28 -13.51 -19.88
C GLU DA 13 -39.02 -12.96 -21.08
N ASP DA 14 -38.32 -12.81 -22.20
CA ASP DA 14 -38.95 -12.25 -23.40
C ASP DA 14 -38.36 -12.83 -24.68
N MET DA 15 -38.83 -12.32 -25.83
CA MET DA 15 -38.35 -12.82 -27.11
C MET DA 15 -36.90 -12.46 -27.37
N ILE DA 16 -36.06 -13.46 -27.61
CA ILE DA 16 -34.67 -13.19 -27.93
C ILE DA 16 -34.62 -12.65 -29.34
N HIS DA 17 -34.28 -11.37 -29.48
CA HIS DA 17 -34.30 -10.75 -30.80
C HIS DA 17 -33.14 -11.15 -31.70
N ASP DA 18 -31.96 -11.36 -31.13
CA ASP DA 18 -30.82 -11.81 -31.93
C ASP DA 18 -29.78 -12.54 -31.11
N ALA DA 19 -28.99 -13.38 -31.78
CA ALA DA 19 -27.92 -14.09 -31.10
C ALA DA 19 -26.68 -14.08 -31.98
N GLN DA 20 -25.55 -14.50 -31.45
CA GLN DA 20 -24.31 -14.59 -32.24
C GLN DA 20 -23.24 -15.35 -31.50
N MET DA 21 -22.68 -16.37 -32.15
CA MET DA 21 -21.61 -17.16 -31.54
C MET DA 21 -20.26 -16.50 -31.72
N ASP DA 22 -19.25 -17.01 -31.02
CA ASP DA 22 -17.91 -16.43 -31.12
C ASP DA 22 -17.08 -17.03 -32.24
N TYR DA 23 -15.83 -16.58 -32.37
CA TYR DA 23 -14.95 -17.06 -33.43
C TYR DA 23 -14.72 -18.56 -33.38
N TYR DA 24 -14.44 -19.09 -32.19
CA TYR DA 24 -14.13 -20.52 -32.07
C TYR DA 24 -15.33 -21.40 -31.73
N GLY DA 25 -16.52 -20.80 -31.62
CA GLY DA 25 -17.72 -21.57 -31.35
C GLY DA 25 -17.83 -22.16 -29.96
N ILE DA 26 -17.28 -21.47 -28.97
CA ILE DA 26 -17.35 -21.96 -27.58
C ILE DA 26 -18.34 -21.17 -26.74
N ARG DA 27 -18.81 -20.03 -27.25
CA ARG DA 27 -19.74 -19.19 -26.49
C ARG DA 27 -20.87 -18.62 -27.35
N LEU DA 28 -21.99 -18.27 -26.71
CA LEU DA 28 -23.11 -17.71 -27.45
C LEU DA 28 -23.70 -16.53 -26.72
N ALA DA 29 -23.62 -15.36 -27.33
CA ALA DA 29 -24.25 -14.19 -26.73
C ALA DA 29 -25.70 -14.16 -27.13
N THR DA 30 -26.54 -13.60 -26.28
CA THR DA 30 -27.96 -13.56 -26.58
C THR DA 30 -28.55 -12.26 -26.04
N CYS DA 31 -29.46 -11.65 -26.80
CA CYS DA 31 -30.05 -10.38 -26.38
C CYS DA 31 -31.56 -10.42 -26.45
N SER DA 32 -32.22 -9.93 -25.41
CA SER DA 32 -33.68 -9.98 -25.38
C SER DA 32 -34.28 -8.61 -25.08
N SER DA 33 -35.61 -8.53 -25.06
CA SER DA 33 -36.27 -7.27 -24.78
C SER DA 33 -36.39 -7.01 -23.29
N ASP DA 34 -35.71 -7.82 -22.47
CA ASP DA 34 -35.72 -7.60 -21.02
C ASP DA 34 -34.51 -6.80 -20.57
N ARG DA 35 -33.95 -5.98 -21.47
CA ARG DA 35 -32.80 -5.13 -21.13
C ARG DA 35 -31.65 -5.95 -20.56
N SER DA 36 -31.33 -7.09 -21.17
CA SER DA 36 -30.28 -7.95 -20.62
C SER DA 36 -29.54 -8.72 -21.69
N VAL DA 37 -28.22 -8.65 -21.68
CA VAL DA 37 -27.41 -9.40 -22.63
C VAL DA 37 -26.77 -10.54 -21.85
N LYS DA 38 -27.12 -11.77 -22.19
CA LYS DA 38 -26.60 -12.91 -21.46
C LYS DA 38 -25.56 -13.68 -22.24
N ILE DA 39 -24.52 -14.13 -21.54
CA ILE DA 39 -23.45 -14.88 -22.20
C ILE DA 39 -23.56 -16.34 -21.82
N PHE DA 40 -23.50 -17.22 -22.81
CA PHE DA 40 -23.63 -18.65 -22.55
C PHE DA 40 -22.40 -19.42 -22.99
N ASP DA 41 -21.87 -20.26 -22.11
CA ASP DA 41 -20.72 -21.07 -22.46
C ASP DA 41 -21.16 -22.47 -22.83
N VAL DA 42 -21.33 -22.71 -24.12
CA VAL DA 42 -21.77 -24.01 -24.60
C VAL DA 42 -20.55 -24.80 -25.06
N LYS DA 43 -20.03 -25.66 -24.18
CA LYS DA 43 -18.88 -26.48 -24.53
C LYS DA 43 -19.20 -27.93 -24.29
N ASN DA 44 -18.93 -28.77 -25.29
CA ASN DA 44 -19.21 -30.21 -25.18
C ASN DA 44 -20.64 -30.48 -24.72
N GLY DA 45 -21.60 -29.81 -25.34
CA GLY DA 45 -23.01 -30.03 -25.01
C GLY DA 45 -23.42 -29.75 -23.58
N GLY DA 46 -23.05 -28.59 -23.06
CA GLY DA 46 -23.46 -28.22 -21.71
C GLY DA 46 -23.80 -26.75 -21.63
N GLN DA 47 -25.07 -26.42 -21.38
CA GLN DA 47 -25.48 -25.02 -21.33
C GLN DA 47 -25.14 -24.40 -20.00
N ILE DA 48 -24.23 -23.43 -20.01
CA ILE DA 48 -23.78 -22.79 -18.77
C ILE DA 48 -23.85 -21.29 -18.89
N LEU DA 49 -24.74 -20.65 -18.13
CA LEU DA 49 -24.80 -19.20 -18.14
C LEU DA 49 -23.62 -18.67 -17.36
N ILE DA 50 -22.70 -17.98 -18.04
CA ILE DA 50 -21.51 -17.48 -17.38
C ILE DA 50 -21.64 -16.03 -16.92
N ALA DA 51 -22.43 -15.23 -17.63
CA ALA DA 51 -22.57 -13.82 -17.27
C ALA DA 51 -23.90 -13.20 -17.67
N ASP DA 52 -24.36 -12.23 -16.89
CA ASP DA 52 -25.60 -11.53 -17.20
C ASP DA 52 -25.28 -10.05 -17.13
N LEU DA 53 -25.36 -9.37 -18.26
CA LEU DA 53 -24.99 -7.97 -18.31
C LEU DA 53 -26.19 -7.05 -18.49
N ARG DA 54 -26.53 -6.31 -17.43
CA ARG DA 54 -27.67 -5.42 -17.50
C ARG DA 54 -27.22 -3.98 -17.37
N GLY DA 55 -27.23 -3.25 -18.47
CA GLY DA 55 -26.85 -1.85 -18.43
C GLY DA 55 -27.70 -0.98 -19.32
N HIS DA 56 -28.73 -1.55 -19.93
CA HIS DA 56 -29.56 -0.79 -20.84
C HIS DA 56 -30.86 -0.34 -20.21
N GLU DA 57 -31.48 0.70 -20.77
CA GLU DA 57 -32.75 1.17 -20.27
C GLU DA 57 -33.88 0.65 -21.14
N GLY DA 58 -33.56 0.27 -22.37
CA GLY DA 58 -34.56 -0.26 -23.28
C GLY DA 58 -34.17 -1.59 -23.87
N PRO DA 59 -34.94 -2.09 -24.84
CA PRO DA 59 -34.66 -3.38 -25.47
C PRO DA 59 -33.30 -3.44 -26.17
N VAL DA 60 -32.69 -4.61 -26.18
CA VAL DA 60 -31.41 -4.79 -26.84
C VAL DA 60 -31.67 -5.41 -28.20
N TRP DA 61 -31.15 -4.82 -29.26
CA TRP DA 61 -31.46 -5.31 -30.60
C TRP DA 61 -30.39 -6.20 -31.23
N GLN DA 62 -29.11 -5.90 -31.03
CA GLN DA 62 -28.05 -6.69 -31.68
C GLN DA 62 -26.82 -6.90 -30.80
N VAL DA 63 -26.14 -8.03 -30.99
CA VAL DA 63 -24.93 -8.33 -30.24
C VAL DA 63 -23.82 -8.83 -31.18
N ALA DA 64 -22.60 -8.31 -31.06
CA ALA DA 64 -21.51 -8.70 -31.97
C ALA DA 64 -20.20 -9.01 -31.28
N TRP DA 65 -19.65 -10.20 -31.51
CA TRP DA 65 -18.36 -10.58 -30.91
C TRP DA 65 -17.19 -10.04 -31.72
N ALA DA 66 -16.10 -9.68 -31.06
CA ALA DA 66 -14.90 -9.19 -31.75
C ALA DA 66 -13.84 -10.26 -31.95
N HIS DA 67 -12.80 -9.95 -32.74
CA HIS DA 67 -11.76 -10.93 -33.03
C HIS DA 67 -10.98 -11.31 -31.77
N PRO DA 68 -10.55 -12.58 -31.69
CA PRO DA 68 -9.82 -13.06 -30.51
C PRO DA 68 -8.58 -12.27 -30.11
N MET DA 69 -7.80 -11.76 -31.05
CA MET DA 69 -6.53 -11.09 -30.72
C MET DA 69 -6.68 -9.86 -29.83
N TYR DA 70 -7.83 -9.21 -29.88
CA TYR DA 70 -8.04 -8.01 -29.08
C TYR DA 70 -8.66 -8.36 -27.75
N GLY DA 71 -8.87 -9.65 -27.50
CA GLY DA 71 -9.50 -10.08 -26.26
C GLY DA 71 -10.96 -10.45 -26.46
N ASN DA 72 -11.67 -10.66 -25.35
CA ASN DA 72 -13.08 -11.01 -25.43
C ASN DA 72 -13.92 -9.75 -25.44
N ILE DA 73 -13.95 -9.06 -26.57
CA ILE DA 73 -14.71 -7.82 -26.66
C ILE DA 73 -16.10 -8.07 -27.22
N LEU DA 74 -17.13 -7.61 -26.52
CA LEU DA 74 -18.50 -7.82 -26.96
C LEU DA 74 -19.25 -6.52 -27.04
N ALA DA 75 -19.80 -6.20 -28.21
CA ALA DA 75 -20.57 -4.98 -28.38
C ALA DA 75 -22.06 -5.26 -28.31
N SER DA 76 -22.82 -4.33 -27.73
CA SER DA 76 -24.26 -4.50 -27.65
C SER DA 76 -24.98 -3.18 -27.85
N CYS DA 77 -25.72 -3.05 -28.95
CA CYS DA 77 -26.46 -1.82 -29.22
C CYS DA 77 -27.80 -1.86 -28.52
N SER DA 78 -28.52 -0.74 -28.52
CA SER DA 78 -29.79 -0.71 -27.79
C SER DA 78 -30.72 0.44 -28.13
N TYR DA 79 -31.93 0.39 -27.58
CA TYR DA 79 -32.92 1.44 -27.81
C TYR DA 79 -32.59 2.73 -27.08
N ASP DA 80 -31.86 2.64 -25.97
CA ASP DA 80 -31.55 3.82 -25.16
C ASP DA 80 -30.41 4.67 -25.70
N ARG DA 81 -30.20 4.64 -27.03
CA ARG DA 81 -29.14 5.44 -27.66
C ARG DA 81 -27.73 5.16 -27.13
N LYS DA 82 -27.55 4.05 -26.42
CA LYS DA 82 -26.26 3.77 -25.81
C LYS DA 82 -25.60 2.53 -26.38
N VAL DA 83 -24.38 2.68 -26.89
CA VAL DA 83 -23.64 1.53 -27.39
C VAL DA 83 -22.68 1.10 -26.31
N ILE DA 84 -22.93 -0.03 -25.70
CA ILE DA 84 -22.10 -0.45 -24.58
C ILE DA 84 -21.11 -1.52 -24.96
N ILE DA 85 -19.83 -1.25 -24.74
CA ILE DA 85 -18.79 -2.22 -25.06
C ILE DA 85 -18.32 -2.93 -23.81
N TRP DA 86 -18.60 -4.21 -23.71
CA TRP DA 86 -18.19 -4.98 -22.55
C TRP DA 86 -16.85 -5.62 -22.82
N LYS DA 87 -16.14 -5.98 -21.76
CA LYS DA 87 -14.85 -6.64 -21.91
C LYS DA 87 -14.62 -7.61 -20.77
N GLU DA 88 -14.11 -8.79 -21.07
CA GLU DA 88 -13.90 -9.78 -20.03
C GLU DA 88 -12.48 -9.77 -19.53
N GLU DA 89 -12.33 -9.47 -18.24
CA GLU DA 89 -11.01 -9.47 -17.65
C GLU DA 89 -10.95 -10.49 -16.53
N ASN DA 90 -10.13 -11.52 -16.69
CA ASN DA 90 -10.00 -12.57 -15.67
C ASN DA 90 -11.35 -13.21 -15.29
N GLY DA 91 -12.20 -13.45 -16.28
CA GLY DA 91 -13.49 -14.07 -16.02
C GLY DA 91 -14.60 -13.13 -15.56
N THR DA 92 -14.33 -11.82 -15.54
CA THR DA 92 -15.31 -10.86 -15.08
C THR DA 92 -15.67 -9.88 -16.18
N TRP DA 93 -16.96 -9.72 -16.46
CA TRP DA 93 -17.39 -8.82 -17.52
C TRP DA 93 -17.72 -7.44 -16.98
N GLU DA 94 -17.04 -6.42 -17.47
CA GLU DA 94 -17.26 -5.06 -17.01
C GLU DA 94 -17.44 -4.11 -18.18
N LYS DA 95 -18.19 -3.02 -17.97
CA LYS DA 95 -18.35 -2.02 -19.03
C LYS DA 95 -17.10 -1.17 -19.12
N THR DA 96 -16.48 -1.11 -20.29
CA THR DA 96 -15.28 -0.32 -20.46
C THR DA 96 -15.57 1.00 -21.14
N TYR DA 97 -16.58 1.03 -22.00
CA TYR DA 97 -16.89 2.24 -22.75
C TYR DA 97 -18.37 2.34 -23.03
N GLU DA 98 -18.91 3.55 -22.95
CA GLU DA 98 -20.32 3.76 -23.23
C GLU DA 98 -20.50 4.95 -24.13
N TYR DA 99 -20.69 4.71 -25.42
CA TYR DA 99 -20.88 5.80 -26.36
C TYR DA 99 -22.34 6.20 -26.37
N THR DA 100 -22.62 7.44 -25.98
CA THR DA 100 -24.00 7.89 -25.91
C THR DA 100 -24.34 8.94 -26.95
N GLY DA 101 -23.54 9.04 -28.01
CA GLY DA 101 -23.75 10.08 -28.99
C GLY DA 101 -24.73 9.80 -30.12
N HIS DA 102 -25.97 9.46 -29.79
CA HIS DA 102 -26.99 9.27 -30.82
C HIS DA 102 -28.32 9.85 -30.37
N ASP DA 103 -29.19 10.20 -31.32
CA ASP DA 103 -30.47 10.82 -30.97
C ASP DA 103 -31.64 9.83 -30.93
N SER DA 104 -31.44 8.65 -31.47
CA SER DA 104 -32.49 7.63 -31.48
C SER DA 104 -31.92 6.23 -31.24
N SER DA 105 -32.75 5.21 -31.38
CA SER DA 105 -32.30 3.84 -31.10
C SER DA 105 -31.17 3.37 -31.99
N VAL DA 106 -30.13 2.81 -31.39
CA VAL DA 106 -29.05 2.24 -32.17
C VAL DA 106 -29.50 0.84 -32.53
N ASN DA 107 -29.58 0.53 -33.81
CA ASN DA 107 -30.13 -0.76 -34.23
C ASN DA 107 -29.10 -1.84 -34.52
N SER DA 108 -27.90 -1.48 -34.97
CA SER DA 108 -26.94 -2.50 -35.36
C SER DA 108 -25.47 -2.23 -35.05
N VAL DA 109 -24.74 -3.26 -34.66
CA VAL DA 109 -23.31 -3.12 -34.39
C VAL DA 109 -22.54 -4.21 -35.14
N CYS DA 110 -21.53 -3.82 -35.90
CA CYS DA 110 -20.72 -4.80 -36.63
C CYS DA 110 -19.24 -4.43 -36.61
N TRP DA 111 -18.41 -5.34 -36.09
CA TRP DA 111 -16.97 -5.07 -36.00
C TRP DA 111 -16.27 -5.18 -37.34
N ALA DA 112 -15.17 -4.45 -37.50
CA ALA DA 112 -14.40 -4.52 -38.73
C ALA DA 112 -13.46 -5.71 -38.73
N PRO DA 113 -13.02 -6.15 -39.91
CA PRO DA 113 -12.03 -7.24 -39.95
C PRO DA 113 -10.80 -6.89 -39.14
N HIS DA 114 -10.20 -7.89 -38.49
CA HIS DA 114 -9.04 -7.64 -37.62
C HIS DA 114 -7.89 -6.90 -38.30
N ASP DA 115 -7.74 -7.05 -39.61
CA ASP DA 115 -6.68 -6.36 -40.34
C ASP DA 115 -6.77 -4.86 -40.19
N PHE DA 116 -7.98 -4.31 -40.32
CA PHE DA 116 -8.15 -2.86 -40.24
C PHE DA 116 -7.83 -2.33 -38.85
N GLY DA 117 -8.23 -3.06 -37.81
CA GLY DA 117 -8.00 -2.60 -36.45
C GLY DA 117 -9.14 -3.04 -35.53
N LEU DA 118 -9.48 -2.21 -34.56
CA LEU DA 118 -10.61 -2.52 -33.68
C LEU DA 118 -11.70 -1.52 -33.96
N LEU DA 119 -12.19 -1.49 -35.19
CA LEU DA 119 -13.22 -0.52 -35.55
C LEU DA 119 -14.63 -1.08 -35.37
N LEU DA 120 -15.55 -0.27 -34.86
CA LEU DA 120 -16.94 -0.70 -34.70
C LEU DA 120 -17.88 0.30 -35.31
N ALA DA 121 -18.82 -0.18 -36.12
CA ALA DA 121 -19.78 0.71 -36.78
C ALA DA 121 -21.14 0.63 -36.13
N CYS DA 122 -21.73 1.78 -35.82
CA CYS DA 122 -23.04 1.80 -35.18
C CYS DA 122 -24.09 2.49 -36.03
N GLY DA 123 -25.10 1.76 -36.47
CA GLY DA 123 -26.16 2.35 -37.27
C GLY DA 123 -27.37 2.66 -36.41
N SER DA 124 -27.84 3.90 -36.46
CA SER DA 124 -28.94 4.30 -35.60
C SER DA 124 -30.14 4.81 -36.39
N SER DA 125 -31.29 4.93 -35.74
CA SER DA 125 -32.51 5.37 -36.41
C SER DA 125 -32.55 6.87 -36.68
N ASP DA 126 -31.53 7.59 -36.26
CA ASP DA 126 -31.45 9.03 -36.55
C ASP DA 126 -30.81 9.28 -37.91
N GLY DA 127 -30.49 8.23 -38.64
CA GLY DA 127 -29.85 8.37 -39.93
C GLY DA 127 -28.37 8.69 -39.83
N ALA DA 128 -27.69 8.10 -38.87
CA ALA DA 128 -26.27 8.38 -38.68
C ALA DA 128 -25.46 7.13 -38.33
N ILE DA 129 -24.24 7.06 -38.85
CA ILE DA 129 -23.37 5.92 -38.55
C ILE DA 129 -22.13 6.40 -37.83
N SER DA 130 -21.86 5.85 -36.66
CA SER DA 130 -20.69 6.26 -35.90
C SER DA 130 -19.61 5.21 -35.94
N ILE DA 131 -18.38 5.62 -36.23
CA ILE DA 131 -17.27 4.69 -36.28
C ILE DA 131 -16.37 4.89 -35.07
N LEU DA 132 -16.35 3.92 -34.16
CA LEU DA 132 -15.52 4.01 -32.97
C LEU DA 132 -14.19 3.33 -33.23
N THR DA 133 -13.10 3.93 -32.78
CA THR DA 133 -11.78 3.37 -33.05
C THR DA 133 -10.88 3.35 -31.82
N TYR DA 134 -10.50 2.15 -31.38
CA TYR DA 134 -9.58 2.05 -30.26
C TYR DA 134 -8.17 1.97 -30.79
N THR DA 135 -7.35 2.96 -30.45
CA THR DA 135 -5.98 3.01 -30.96
C THR DA 135 -4.98 2.26 -30.08
N GLY DA 136 -5.46 1.58 -29.05
CA GLY DA 136 -4.58 0.86 -28.14
C GLY DA 136 -4.32 1.68 -26.90
N ASP DA 137 -3.91 2.94 -27.10
CA ASP DA 137 -3.67 3.82 -25.97
C ASP DA 137 -4.64 4.98 -26.01
N GLY DA 138 -5.31 5.24 -24.89
CA GLY DA 138 -6.22 6.37 -24.83
C GLY DA 138 -7.68 6.00 -24.99
N PRO DA 139 -8.51 6.96 -25.48
CA PRO DA 139 -9.93 6.56 -25.54
C PRO DA 139 -10.37 6.12 -26.93
N TRP DA 140 -11.62 6.40 -27.28
CA TRP DA 140 -12.14 5.97 -28.56
C TRP DA 140 -12.40 7.16 -29.47
N GLU DA 141 -11.77 7.16 -30.63
CA GLU DA 141 -12.00 8.23 -31.59
C GLU DA 141 -13.31 7.99 -32.29
N VAL DA 142 -14.17 9.00 -32.33
CA VAL DA 142 -15.48 8.83 -32.93
C VAL DA 142 -15.65 9.61 -34.24
N LYS DA 143 -15.99 8.91 -35.31
CA LYS DA 143 -16.23 9.57 -36.58
C LYS DA 143 -17.68 9.35 -36.96
N LYS DA 144 -18.51 10.39 -36.86
CA LYS DA 144 -19.93 10.22 -37.12
C LYS DA 144 -20.36 10.68 -38.50
N ILE DA 145 -20.93 9.78 -39.29
CA ILE DA 145 -21.41 10.12 -40.62
C ILE DA 145 -22.85 10.58 -40.52
N SER DA 146 -23.07 11.89 -40.57
CA SER DA 146 -24.42 12.43 -40.41
C SER DA 146 -25.26 12.33 -41.68
N ASN DA 147 -26.58 12.27 -41.52
CA ASN DA 147 -27.50 12.23 -42.67
C ASN DA 147 -27.17 11.12 -43.67
N ALA DA 148 -26.76 9.96 -43.18
CA ALA DA 148 -26.47 8.83 -44.05
C ALA DA 148 -27.75 8.38 -44.74
N HIS DA 149 -28.81 8.21 -43.96
CA HIS DA 149 -30.10 7.82 -44.53
C HIS DA 149 -31.17 8.82 -44.12
N THR DA 150 -32.11 9.09 -45.02
CA THR DA 150 -33.12 10.10 -44.74
C THR DA 150 -33.97 9.78 -43.51
N ILE DA 151 -34.47 8.54 -43.43
CA ILE DA 151 -35.34 8.18 -42.32
C ILE DA 151 -34.55 7.56 -41.17
N GLY DA 152 -33.82 6.49 -41.44
CA GLY DA 152 -33.02 5.84 -40.41
C GLY DA 152 -32.14 4.75 -40.99
N CYS DA 153 -31.16 4.29 -40.21
CA CYS DA 153 -30.30 3.20 -40.66
C CYS DA 153 -30.61 1.94 -39.89
N ASN DA 154 -30.84 0.84 -40.61
CA ASN DA 154 -31.24 -0.40 -39.94
C ASN DA 154 -30.09 -1.37 -39.70
N ALA DA 155 -29.18 -1.51 -40.66
CA ALA DA 155 -28.10 -2.48 -40.51
C ALA DA 155 -26.78 -2.07 -41.14
N VAL DA 156 -25.67 -2.50 -40.55
CA VAL DA 156 -24.35 -2.21 -41.11
C VAL DA 156 -23.54 -3.50 -41.20
N SER DA 157 -22.67 -3.62 -42.20
CA SER DA 157 -21.81 -4.79 -42.33
C SER DA 157 -20.55 -4.48 -43.11
N TRP DA 158 -19.40 -4.89 -42.58
CA TRP DA 158 -18.13 -4.55 -43.24
C TRP DA 158 -17.74 -5.51 -44.34
N ALA DA 159 -16.93 -5.02 -45.27
CA ALA DA 159 -16.46 -5.85 -46.37
C ALA DA 159 -15.28 -6.69 -45.94
N PRO DA 160 -15.14 -7.88 -46.53
CA PRO DA 160 -13.96 -8.70 -46.21
C PRO DA 160 -12.69 -7.96 -46.61
N SER DA 161 -11.65 -8.06 -45.80
CA SER DA 161 -10.42 -7.32 -46.09
C SER DA 161 -9.82 -7.73 -47.42
N VAL DA 162 -9.74 -6.80 -48.37
CA VAL DA 162 -9.20 -7.10 -49.68
C VAL DA 162 -8.38 -5.94 -50.22
N TYR DA 178 -5.07 -2.21 -47.97
CA TYR DA 178 -6.38 -2.51 -47.44
C TYR DA 178 -7.32 -1.33 -47.56
N ILE DA 179 -8.36 -1.47 -48.37
CA ILE DA 179 -9.34 -0.40 -48.50
C ILE DA 179 -10.50 -0.69 -47.55
N LYS DA 180 -10.69 0.15 -46.54
CA LYS DA 180 -11.76 -0.08 -45.58
C LYS DA 180 -13.09 0.32 -46.16
N ARG DA 181 -13.98 -0.65 -46.35
CA ARG DA 181 -15.30 -0.39 -46.91
C ARG DA 181 -16.38 -1.09 -46.11
N PHE DA 182 -17.58 -0.50 -46.02
CA PHE DA 182 -18.69 -1.17 -45.34
C PHE DA 182 -20.02 -0.80 -45.97
N VAL DA 183 -20.97 -1.72 -45.93
CA VAL DA 183 -22.27 -1.48 -46.57
C VAL DA 183 -23.38 -1.25 -45.55
N SER DA 184 -24.24 -0.28 -45.80
CA SER DA 184 -25.32 0.05 -44.87
C SER DA 184 -26.66 0.16 -45.56
N GLY DA 185 -27.71 -0.35 -44.94
CA GLY DA 185 -29.03 -0.31 -45.52
C GLY DA 185 -29.98 0.47 -44.64
N GLY DA 186 -30.81 1.31 -45.23
CA GLY DA 186 -31.70 2.14 -44.45
C GLY DA 186 -33.16 2.12 -44.84
N CYS DA 187 -33.97 2.89 -44.13
CA CYS DA 187 -35.41 2.93 -44.38
C CYS DA 187 -35.76 3.85 -45.55
N ASP DA 188 -34.75 4.43 -46.19
CA ASP DA 188 -34.99 5.27 -47.36
C ASP DA 188 -35.04 4.44 -48.64
N ASN DA 189 -35.14 3.11 -48.52
CA ASN DA 189 -35.22 2.18 -49.67
C ASN DA 189 -33.91 2.04 -50.45
N LEU DA 190 -32.81 2.57 -49.93
CA LEU DA 190 -31.54 2.53 -50.67
C LEU DA 190 -30.45 1.81 -49.91
N VAL DA 191 -29.70 0.96 -50.61
CA VAL DA 191 -28.58 0.27 -49.99
C VAL DA 191 -27.32 1.04 -50.36
N LYS DA 192 -26.61 1.56 -49.37
CA LYS DA 192 -25.44 2.40 -49.66
C LYS DA 192 -24.12 1.80 -49.20
N ILE DA 193 -23.12 1.84 -50.07
CA ILE DA 193 -21.80 1.35 -49.72
C ILE DA 193 -20.91 2.54 -49.39
N TRP DA 194 -20.10 2.41 -48.34
CA TRP DA 194 -19.26 3.52 -47.92
C TRP DA 194 -17.78 3.16 -48.06
N ARG DA 195 -16.95 4.16 -48.28
CA ARG DA 195 -15.52 3.91 -48.45
C ARG DA 195 -14.69 4.99 -47.78
N GLU DA 196 -13.63 4.60 -47.08
CA GLU DA 196 -12.78 5.57 -46.42
C GLU DA 196 -11.74 6.12 -47.38
N GLU DA 197 -11.91 7.37 -47.80
CA GLU DA 197 -10.96 8.00 -48.70
C GLU DA 197 -10.28 9.14 -47.98
N ASP DA 198 -8.96 9.13 -47.94
CA ASP DA 198 -8.19 10.17 -47.25
C ASP DA 198 -8.58 10.33 -45.78
N GLY DA 199 -8.89 9.22 -45.11
CA GLY DA 199 -9.26 9.26 -43.71
C GLY DA 199 -10.68 9.70 -43.46
N GLN DA 200 -11.45 9.94 -44.52
CA GLN DA 200 -12.83 10.40 -44.38
C GLN DA 200 -13.78 9.42 -45.04
N TRP DA 201 -14.83 9.05 -44.33
CA TRP DA 201 -15.81 8.12 -44.88
C TRP DA 201 -16.70 8.82 -45.87
N LYS DA 202 -16.62 8.41 -47.12
CA LYS DA 202 -17.41 9.04 -48.17
C LYS DA 202 -18.33 8.04 -48.84
N GLU DA 203 -19.49 8.50 -49.31
CA GLU DA 203 -20.44 7.62 -49.97
C GLU DA 203 -19.88 7.16 -51.30
N ASP DA 204 -19.89 5.86 -51.52
CA ASP DA 204 -19.32 5.31 -52.73
C ASP DA 204 -20.41 4.96 -53.75
N GLN DA 205 -21.37 4.14 -53.34
CA GLN DA 205 -22.40 3.70 -54.28
C GLN DA 205 -23.82 3.79 -53.76
N LYS DA 206 -24.78 3.89 -54.66
CA LYS DA 206 -26.18 3.92 -54.27
C LYS DA 206 -26.91 2.84 -55.06
N LEU DA 207 -27.26 1.75 -54.41
CA LEU DA 207 -27.91 0.64 -55.09
C LEU DA 207 -29.40 0.70 -54.90
N GLU DA 208 -30.16 0.82 -55.99
CA GLU DA 208 -31.61 0.97 -55.88
C GLU DA 208 -32.39 -0.15 -56.56
N ALA DA 209 -33.18 -0.90 -55.78
CA ALA DA 209 -34.02 -1.96 -56.35
C ALA DA 209 -35.24 -2.20 -55.48
N HIS DA 210 -35.10 -2.01 -54.17
CA HIS DA 210 -36.21 -2.22 -53.26
C HIS DA 210 -37.30 -1.20 -53.40
N SER DA 211 -38.54 -1.61 -53.14
CA SER DA 211 -39.66 -0.66 -53.17
C SER DA 211 -40.05 -0.26 -51.75
N ASP DA 212 -39.36 -0.79 -50.75
CA ASP DA 212 -39.70 -0.48 -49.36
C ASP DA 212 -38.48 -0.47 -48.45
N TRP DA 213 -38.70 -0.49 -47.14
CA TRP DA 213 -37.59 -0.39 -46.19
C TRP DA 213 -36.63 -1.56 -46.19
N VAL DA 214 -35.33 -1.27 -46.26
CA VAL DA 214 -34.33 -2.34 -46.20
C VAL DA 214 -34.16 -2.74 -44.76
N ARG DA 215 -34.30 -4.02 -44.46
CA ARG DA 215 -34.23 -4.47 -43.08
C ARG DA 215 -32.82 -4.86 -42.65
N ASP DA 216 -32.10 -5.60 -43.48
CA ASP DA 216 -30.74 -6.00 -43.14
C ASP DA 216 -29.86 -6.25 -44.34
N VAL DA 217 -28.62 -5.77 -44.29
CA VAL DA 217 -27.67 -6.00 -45.38
C VAL DA 217 -26.43 -6.67 -44.82
N ALA DA 218 -25.97 -7.74 -45.46
CA ALA DA 218 -24.75 -8.42 -45.01
C ALA DA 218 -23.80 -8.71 -46.17
N TRP DA 219 -22.55 -8.26 -46.05
CA TRP DA 219 -21.56 -8.49 -47.10
C TRP DA 219 -20.97 -9.88 -46.99
N ALA DA 220 -21.01 -10.62 -48.09
CA ALA DA 220 -20.50 -11.98 -48.07
C ALA DA 220 -19.02 -12.03 -47.80
N PRO DA 221 -18.60 -12.96 -46.93
CA PRO DA 221 -17.17 -13.13 -46.72
C PRO DA 221 -16.63 -13.93 -47.89
N SER DA 222 -16.43 -13.27 -49.02
CA SER DA 222 -15.96 -13.96 -50.22
C SER DA 222 -14.65 -14.68 -50.00
N ILE DA 223 -14.62 -15.97 -50.32
CA ILE DA 223 -13.39 -16.74 -50.16
C ILE DA 223 -12.91 -17.25 -51.52
N GLY DA 224 -11.69 -16.86 -51.90
CA GLY DA 224 -11.14 -17.27 -53.18
C GLY DA 224 -11.94 -16.84 -54.38
N LEU DA 225 -12.58 -15.68 -54.30
CA LEU DA 225 -13.44 -15.22 -55.38
C LEU DA 225 -13.15 -13.79 -55.77
N PRO DA 226 -13.04 -13.54 -57.08
CA PRO DA 226 -12.83 -12.16 -57.54
C PRO DA 226 -14.09 -11.32 -57.34
N THR DA 227 -15.25 -11.95 -57.32
CA THR DA 227 -16.51 -11.22 -57.21
C THR DA 227 -16.88 -10.87 -55.78
N SER DA 228 -17.58 -9.76 -55.59
CA SER DA 228 -18.04 -9.38 -54.26
C SER DA 228 -19.54 -9.46 -54.20
N THR DA 229 -20.07 -10.15 -53.21
CA THR DA 229 -21.52 -10.36 -53.14
C THR DA 229 -22.13 -9.76 -51.89
N ILE DA 230 -23.26 -9.07 -52.04
CA ILE DA 230 -23.96 -8.52 -50.88
C ILE DA 230 -25.41 -8.93 -50.96
N ALA DA 231 -26.00 -9.31 -49.83
CA ALA DA 231 -27.42 -9.67 -49.80
C ALA DA 231 -28.23 -8.64 -49.07
N SER DA 232 -29.44 -8.38 -49.55
CA SER DA 232 -30.30 -7.41 -48.90
C SER DA 232 -31.75 -7.87 -48.80
N CYS DA 233 -32.24 -8.01 -47.58
CA CYS DA 233 -33.64 -8.37 -47.40
C CYS DA 233 -34.45 -7.12 -47.14
N SER DA 234 -35.73 -7.13 -47.52
CA SER DA 234 -36.54 -5.93 -47.39
C SER DA 234 -37.94 -6.15 -46.82
N GLN DA 235 -38.67 -5.05 -46.60
CA GLN DA 235 -40.03 -5.14 -46.06
C GLN DA 235 -40.98 -5.86 -47.01
N ASP DA 236 -40.90 -5.52 -48.30
CA ASP DA 236 -41.79 -6.15 -49.30
C ASP DA 236 -41.56 -7.66 -49.43
N GLY DA 237 -40.38 -8.14 -49.05
CA GLY DA 237 -40.09 -9.56 -49.12
C GLY DA 237 -39.06 -9.96 -50.15
N ARG DA 238 -38.77 -9.06 -51.08
CA ARG DA 238 -37.82 -9.37 -52.15
C ARG DA 238 -36.40 -9.39 -51.65
N VAL DA 239 -35.74 -10.55 -51.77
CA VAL DA 239 -34.35 -10.66 -51.37
C VAL DA 239 -33.49 -10.51 -52.60
N TYR DA 240 -32.64 -9.50 -52.64
CA TYR DA 240 -31.80 -9.25 -53.80
C TYR DA 240 -30.35 -9.64 -53.61
N ILE DA 241 -29.70 -10.11 -54.66
CA ILE DA 241 -28.29 -10.48 -54.58
C ILE DA 241 -27.47 -9.51 -55.41
N TRP DA 242 -26.65 -8.69 -54.76
CA TRP DA 242 -25.86 -7.69 -55.47
C TRP DA 242 -24.45 -8.20 -55.74
N THR DA 243 -24.04 -8.22 -57.00
CA THR DA 243 -22.72 -8.75 -57.35
C THR DA 243 -21.89 -7.81 -58.21
N SER DA 244 -20.63 -7.62 -57.86
CA SER DA 244 -19.74 -6.82 -58.69
C SER DA 244 -18.53 -7.65 -59.04
N ASP DA 245 -18.34 -7.94 -60.31
CA ASP DA 245 -17.23 -8.79 -60.74
C ASP DA 245 -15.88 -8.14 -60.45
N ASP DA 246 -15.78 -6.85 -60.72
CA ASP DA 246 -14.53 -6.14 -60.44
C ASP DA 246 -14.77 -5.05 -59.40
N ALA DA 247 -13.97 -5.05 -58.35
CA ALA DA 247 -14.12 -4.05 -57.30
C ALA DA 247 -13.89 -2.65 -57.84
N ALA DA 248 -12.93 -2.52 -58.76
CA ALA DA 248 -12.64 -1.22 -59.35
C ALA DA 248 -13.86 -0.69 -60.07
N THR DA 249 -14.47 -1.50 -60.93
CA THR DA 249 -15.63 -1.04 -61.70
C THR DA 249 -16.77 -0.54 -60.84
N ASN DA 250 -16.98 -1.18 -59.69
CA ASN DA 250 -18.07 -0.81 -58.79
C ASN DA 250 -19.41 -0.82 -59.51
N CYS DA 251 -19.60 -1.75 -60.44
CA CYS DA 251 -20.89 -1.89 -61.10
C CYS DA 251 -21.59 -3.05 -60.44
N TRP DA 252 -22.65 -2.77 -59.69
CA TRP DA 252 -23.34 -3.81 -58.96
C TRP DA 252 -24.62 -4.28 -59.65
N THR DA 253 -24.73 -5.59 -59.84
CA THR DA 253 -25.90 -6.14 -60.54
C THR DA 253 -26.82 -6.87 -59.58
N PRO DA 254 -28.13 -6.45 -59.52
CA PRO DA 254 -28.95 -7.21 -58.58
C PRO DA 254 -29.61 -8.46 -59.17
N LYS DA 255 -29.90 -9.44 -58.32
CA LYS DA 255 -30.57 -10.66 -58.78
C LYS DA 255 -31.61 -11.12 -57.77
N LEU DA 256 -32.88 -11.12 -58.17
CA LEU DA 256 -33.94 -11.52 -57.26
C LEU DA 256 -33.80 -12.97 -56.84
N LEU DA 257 -33.85 -13.23 -55.54
CA LEU DA 257 -33.75 -14.58 -55.04
C LEU DA 257 -35.14 -15.16 -54.98
N HIS DA 258 -35.98 -14.62 -54.08
CA HIS DA 258 -37.36 -15.06 -53.98
C HIS DA 258 -38.18 -14.00 -53.28
N LYS DA 259 -39.38 -13.72 -53.79
CA LYS DA 259 -40.24 -12.76 -53.12
C LYS DA 259 -41.06 -13.47 -52.05
N PHE DA 260 -40.64 -13.35 -50.80
CA PHE DA 260 -41.39 -13.95 -49.70
C PHE DA 260 -42.61 -13.09 -49.42
N ASN DA 261 -43.73 -13.74 -49.12
CA ASN DA 261 -44.97 -13.00 -48.84
C ASN DA 261 -44.85 -12.19 -47.54
N ASP DA 262 -44.17 -12.75 -46.55
CA ASP DA 262 -44.01 -12.06 -45.27
C ASP DA 262 -42.68 -11.31 -45.16
N VAL DA 263 -42.65 -10.25 -44.36
CA VAL DA 263 -41.45 -9.44 -44.24
C VAL DA 263 -40.20 -10.22 -43.87
N VAL DA 264 -39.18 -10.15 -44.71
CA VAL DA 264 -37.93 -10.80 -44.40
C VAL DA 264 -37.20 -9.96 -43.38
N TRP DA 265 -36.59 -10.58 -42.39
CA TRP DA 265 -35.96 -9.81 -41.32
C TRP DA 265 -34.46 -9.57 -41.49
N HIS DA 266 -33.65 -10.63 -41.39
CA HIS DA 266 -32.21 -10.48 -41.56
C HIS DA 266 -31.62 -11.54 -42.47
N VAL DA 267 -30.42 -11.30 -43.00
CA VAL DA 267 -29.75 -12.27 -43.87
C VAL DA 267 -28.37 -12.58 -43.31
N SER DA 268 -27.91 -13.82 -43.45
CA SER DA 268 -26.62 -14.20 -42.90
C SER DA 268 -25.87 -15.18 -43.78
N TRP DA 269 -24.62 -14.86 -44.10
CA TRP DA 269 -23.83 -15.72 -44.97
C TRP DA 269 -22.98 -16.69 -44.17
N SER DA 270 -22.78 -17.89 -44.70
CA SER DA 270 -21.94 -18.86 -44.03
C SER DA 270 -20.49 -18.54 -44.33
N ILE DA 271 -19.62 -18.75 -43.34
CA ILE DA 271 -18.21 -18.41 -43.51
C ILE DA 271 -17.52 -19.25 -44.58
N THR DA 272 -17.78 -20.55 -44.62
CA THR DA 272 -17.06 -21.44 -45.54
C THR DA 272 -17.62 -21.63 -46.96
N ALA DA 273 -18.93 -21.79 -47.11
CA ALA DA 273 -19.49 -22.08 -48.43
C ALA DA 273 -20.47 -21.05 -49.00
N ASN DA 274 -20.55 -19.88 -48.38
CA ASN DA 274 -21.46 -18.82 -48.84
C ASN DA 274 -22.91 -19.30 -49.04
N ILE DA 275 -23.54 -19.78 -47.97
CA ILE DA 275 -24.94 -20.20 -48.06
C ILE DA 275 -25.79 -19.20 -47.30
N LEU DA 276 -26.68 -18.52 -48.01
CA LEU DA 276 -27.51 -17.49 -47.39
C LEU DA 276 -28.63 -18.05 -46.55
N ALA DA 277 -28.77 -17.58 -45.31
CA ALA DA 277 -29.87 -18.01 -44.46
C ALA DA 277 -30.88 -16.88 -44.38
N VAL DA 278 -32.08 -17.11 -44.91
CA VAL DA 278 -33.09 -16.06 -44.95
C VAL DA 278 -34.22 -16.33 -43.98
N SER DA 279 -34.57 -15.36 -43.13
CA SER DA 279 -35.70 -15.53 -42.22
C SER DA 279 -36.82 -14.53 -42.50
N GLY DA 280 -38.03 -15.03 -42.71
CA GLY DA 280 -39.15 -14.15 -42.95
C GLY DA 280 -40.07 -14.07 -41.76
N GLY DA 281 -41.20 -13.38 -41.92
CA GLY DA 281 -42.17 -13.26 -40.85
C GLY DA 281 -43.00 -14.51 -40.71
N ASP DA 282 -42.76 -15.49 -41.57
CA ASP DA 282 -43.47 -16.76 -41.50
C ASP DA 282 -42.80 -17.72 -40.52
N ASN DA 283 -41.92 -17.20 -39.66
CA ASN DA 283 -41.23 -18.02 -38.66
C ASN DA 283 -40.53 -19.24 -39.26
N LYS DA 284 -39.85 -19.03 -40.39
CA LYS DA 284 -39.10 -20.12 -40.99
C LYS DA 284 -37.78 -19.64 -41.59
N VAL DA 285 -36.78 -20.51 -41.61
CA VAL DA 285 -35.48 -20.17 -42.17
C VAL DA 285 -35.25 -20.97 -43.44
N THR DA 286 -35.07 -20.27 -44.55
CA THR DA 286 -34.83 -20.94 -45.82
C THR DA 286 -33.39 -20.77 -46.26
N LEU DA 287 -32.71 -21.87 -46.55
CA LEU DA 287 -31.32 -21.81 -46.95
C LEU DA 287 -31.19 -21.80 -48.46
N TRP DA 288 -30.41 -20.86 -48.99
CA TRP DA 288 -30.27 -20.74 -50.44
C TRP DA 288 -28.82 -20.86 -50.87
N LYS DA 289 -28.53 -21.69 -51.86
CA LYS DA 289 -27.17 -21.84 -52.36
C LYS DA 289 -27.13 -21.68 -53.87
N GLU DA 290 -26.19 -20.86 -54.35
CA GLU DA 290 -26.07 -20.65 -55.79
C GLU DA 290 -25.44 -21.84 -56.48
N SER DA 291 -26.03 -22.28 -57.59
CA SER DA 291 -25.49 -23.39 -58.35
C SER DA 291 -24.39 -22.97 -59.32
N VAL DA 292 -23.72 -23.93 -59.93
CA VAL DA 292 -22.64 -23.61 -60.87
C VAL DA 292 -23.13 -22.79 -62.05
N ASP DA 293 -24.29 -23.16 -62.60
CA ASP DA 293 -24.86 -22.40 -63.72
C ASP DA 293 -25.23 -20.96 -63.32
N GLY DA 294 -25.63 -20.75 -62.07
CA GLY DA 294 -25.93 -19.40 -61.61
C GLY DA 294 -27.24 -19.23 -60.89
N GLN DA 295 -28.18 -20.13 -61.14
CA GLN DA 295 -29.50 -20.02 -60.52
C GLN DA 295 -29.48 -20.37 -59.04
N TRP DA 296 -30.10 -19.52 -58.24
CA TRP DA 296 -30.15 -19.78 -56.80
C TRP DA 296 -31.24 -20.78 -56.45
N ALA DA 297 -30.88 -21.80 -55.67
CA ALA DA 297 -31.85 -22.82 -55.31
C ALA DA 297 -31.91 -23.08 -53.81
N CYS DA 298 -33.11 -23.20 -53.28
CA CYS DA 298 -33.28 -23.49 -51.86
C CYS DA 298 -32.91 -24.92 -51.57
N ILE DA 299 -32.11 -25.14 -50.52
CA ILE DA 299 -31.65 -26.50 -50.22
C ILE DA 299 -32.40 -27.13 -49.05
N SER DA 300 -32.87 -26.32 -48.10
CA SER DA 300 -33.61 -26.83 -46.94
C SER DA 300 -34.53 -25.79 -46.31
N ASP DA 301 -35.56 -26.24 -45.61
CA ASP DA 301 -36.48 -25.30 -44.94
C ASP DA 301 -36.56 -25.59 -43.43
N VAL DA 302 -35.81 -24.82 -42.64
CA VAL DA 302 -35.80 -25.03 -41.20
C VAL DA 302 -36.75 -24.08 -40.49
N ASN DA 303 -37.99 -24.51 -40.27
CA ASN DA 303 -38.96 -23.67 -39.56
C ASN DA 303 -38.77 -23.72 -38.05
N LYS DA 304 -39.29 -22.72 -37.35
CA LYS DA 304 -39.17 -22.68 -35.90
C LYS DA 304 -39.70 -23.96 -35.26
N GLU EA 69 34.08 -243.38 -173.98
CA GLU EA 69 33.66 -244.76 -174.23
C GLU EA 69 32.90 -244.85 -175.55
N THR EA 70 32.29 -246.01 -175.79
CA THR EA 70 31.51 -246.22 -177.00
C THR EA 70 30.16 -245.51 -176.91
N VAL EA 71 29.51 -245.38 -178.07
CA VAL EA 71 28.27 -244.62 -178.14
C VAL EA 71 27.08 -245.48 -177.73
N ASN EA 72 26.83 -246.57 -178.45
CA ASN EA 72 25.64 -247.38 -178.26
C ASN EA 72 25.95 -248.77 -177.71
N TYR EA 73 27.22 -249.09 -177.47
CA TYR EA 73 27.59 -250.41 -176.97
C TYR EA 73 28.46 -250.27 -175.74
N ASN EA 74 28.36 -251.26 -174.86
CA ASN EA 74 29.24 -251.38 -173.70
C ASN EA 74 30.15 -252.58 -173.90
N VAL EA 75 31.45 -252.36 -173.77
CA VAL EA 75 32.46 -253.41 -173.90
C VAL EA 75 33.05 -253.61 -172.51
N GLN EA 76 32.66 -254.71 -171.86
CA GLN EA 76 33.04 -254.91 -170.47
C GLN EA 76 33.55 -256.34 -170.29
N LEU EA 77 34.41 -256.52 -169.29
CA LEU EA 77 35.03 -257.80 -168.99
C LEU EA 77 33.98 -258.91 -168.90
N PHE EA 78 34.21 -259.98 -169.66
CA PHE EA 78 33.30 -261.12 -169.73
C PHE EA 78 33.89 -262.29 -168.96
N GLY EA 79 33.09 -262.87 -168.07
CA GLY EA 79 33.54 -263.99 -167.27
C GLY EA 79 34.31 -263.56 -166.04
N SER EA 80 34.80 -264.56 -165.31
CA SER EA 80 35.55 -264.32 -164.10
C SER EA 80 37.00 -263.97 -164.42
N SER EA 81 37.81 -263.85 -163.37
CA SER EA 81 39.23 -263.55 -163.53
C SER EA 81 39.91 -264.63 -164.37
N LEU EA 82 40.80 -264.19 -165.27
CA LEU EA 82 41.51 -265.11 -166.14
C LEU EA 82 42.44 -266.01 -165.32
N PRO EA 83 42.79 -267.18 -165.85
CA PRO EA 83 43.70 -268.08 -165.14
C PRO EA 83 45.05 -267.43 -164.89
N VAL EA 84 45.77 -267.94 -163.89
CA VAL EA 84 47.09 -267.40 -163.55
C VAL EA 84 48.05 -267.54 -164.73
N LYS EA 85 47.99 -268.68 -165.43
CA LYS EA 85 48.89 -268.88 -166.56
C LYS EA 85 48.60 -267.89 -167.68
N VAL EA 86 47.32 -267.68 -167.99
CA VAL EA 86 46.96 -266.73 -169.05
C VAL EA 86 47.35 -265.31 -168.65
N MET EA 87 47.13 -264.96 -167.39
CA MET EA 87 47.51 -263.63 -166.92
C MET EA 87 49.02 -263.41 -167.02
N GLU EA 88 49.80 -264.42 -166.61
CA GLU EA 88 51.25 -264.31 -166.71
C GLU EA 88 51.71 -264.21 -168.16
N ALA EA 89 51.10 -265.00 -169.04
CA ALA EA 89 51.45 -264.93 -170.46
C ALA EA 89 51.13 -263.57 -171.04
N LEU EA 90 49.98 -263.00 -170.68
CA LEU EA 90 49.61 -261.69 -171.21
C LEU EA 90 50.51 -260.59 -170.65
N SER EA 91 50.92 -260.72 -169.38
CA SER EA 91 51.79 -259.72 -168.79
C SER EA 91 53.19 -259.77 -169.37
N ASN EA 92 53.72 -260.99 -169.58
CA ASN EA 92 55.08 -261.12 -170.09
C ASN EA 92 55.16 -260.85 -171.59
N ALA EA 93 54.08 -261.13 -172.32
CA ALA EA 93 54.09 -260.96 -173.76
C ALA EA 93 54.25 -259.49 -174.13
N SER EA 94 55.20 -259.21 -175.01
CA SER EA 94 55.46 -257.87 -175.51
C SER EA 94 54.73 -257.67 -176.84
N ALA EA 95 54.81 -256.44 -177.35
CA ALA EA 95 54.16 -256.12 -178.62
C ALA EA 95 54.79 -256.85 -179.79
N ASP EA 96 56.04 -257.27 -179.68
CA ASP EA 96 56.69 -258.00 -180.78
C ASP EA 96 56.21 -259.44 -180.84
N GLU EA 97 55.91 -260.03 -179.69
CA GLU EA 97 55.49 -261.42 -179.65
C GLU EA 97 54.10 -261.57 -180.28
N PRO EA 98 53.92 -262.45 -181.27
CA PRO EA 98 52.60 -262.63 -181.86
C PRO EA 98 51.73 -263.60 -181.09
N MET EA 99 50.59 -263.12 -180.59
CA MET EA 99 49.68 -263.95 -179.81
C MET EA 99 48.42 -264.25 -180.62
N ALA EA 100 47.83 -265.41 -180.35
CA ALA EA 100 46.61 -265.84 -181.02
C ALA EA 100 45.71 -266.52 -180.00
N ALA EA 101 44.39 -266.47 -180.26
CA ALA EA 101 43.41 -267.04 -179.36
C ALA EA 101 42.26 -267.64 -180.17
N CYS EA 102 41.86 -268.85 -179.79
CA CYS EA 102 40.75 -269.55 -180.40
C CYS EA 102 39.67 -269.76 -179.34
N ILE EA 103 38.54 -269.08 -179.49
CA ILE EA 103 37.41 -269.20 -178.59
C ILE EA 103 36.36 -270.06 -179.28
N HIS EA 104 36.15 -271.26 -178.75
CA HIS EA 104 35.22 -272.21 -179.35
C HIS EA 104 33.80 -271.97 -178.84
N GLU EA 105 32.81 -272.35 -179.65
CA GLU EA 105 31.42 -272.20 -179.26
C GLU EA 105 31.07 -273.00 -178.01
N GLY EA 106 31.85 -274.03 -177.70
CA GLY EA 106 31.62 -274.84 -176.51
C GLY EA 106 31.99 -274.19 -175.20
N GLY EA 107 32.55 -272.98 -175.24
CA GLY EA 107 32.90 -272.28 -174.02
C GLY EA 107 34.32 -272.44 -173.56
N TRP EA 108 35.25 -272.75 -174.45
CA TRP EA 108 36.65 -272.93 -174.10
C TRP EA 108 37.52 -271.99 -174.93
N ALA EA 109 38.55 -271.43 -174.29
CA ALA EA 109 39.48 -270.54 -174.95
C ALA EA 109 40.88 -271.16 -174.92
N TRP EA 110 41.51 -271.22 -176.09
CA TRP EA 110 42.86 -271.75 -176.24
C TRP EA 110 43.75 -270.62 -176.72
N LEU EA 111 44.67 -270.18 -175.86
CA LEU EA 111 45.62 -269.13 -176.20
C LEU EA 111 46.94 -269.78 -176.61
N ALA EA 112 47.47 -269.34 -177.74
CA ALA EA 112 48.72 -269.86 -178.28
C ALA EA 112 49.87 -269.02 -177.76
N CYS EA 113 50.71 -269.64 -176.93
CA CYS EA 113 51.95 -269.02 -176.44
C CYS EA 113 53.07 -269.53 -177.33
N ASN EA 114 54.18 -268.79 -177.34
CA ASN EA 114 55.32 -269.10 -178.21
C ASN EA 114 55.62 -270.60 -178.25
N ASP EA 115 55.73 -271.24 -177.09
CA ASP EA 115 56.12 -272.64 -177.02
C ASP EA 115 55.03 -273.55 -176.43
N ARG EA 116 53.92 -272.99 -175.97
CA ARG EA 116 52.90 -273.76 -175.29
C ARG EA 116 51.50 -273.27 -175.67
N LEU EA 117 50.51 -274.10 -175.37
CA LEU EA 117 49.11 -273.78 -175.60
C LEU EA 117 48.37 -273.85 -174.26
N ILE EA 118 47.66 -272.80 -173.91
CA ILE EA 118 46.93 -272.70 -172.65
C ILE EA 118 45.45 -272.80 -172.95
N ILE EA 119 44.80 -273.87 -172.48
CA ILE EA 119 43.40 -274.12 -172.74
C ILE EA 119 42.63 -274.02 -171.43
N TRP EA 120 41.62 -273.17 -171.41
CA TRP EA 120 40.84 -272.96 -170.19
C TRP EA 120 39.37 -272.75 -170.54
N LYS EA 121 38.50 -273.29 -169.69
CA LYS EA 121 37.07 -273.11 -169.86
C LYS EA 121 36.68 -271.69 -169.48
N ILE EA 122 35.81 -271.07 -170.28
CA ILE EA 122 35.33 -269.73 -170.01
C ILE EA 122 34.61 -269.73 -168.68
N SER EA 123 35.16 -269.02 -167.70
CA SER EA 123 34.65 -269.05 -166.33
C SER EA 123 33.50 -268.06 -166.20
N HIS EA 124 32.30 -268.51 -166.56
CA HIS EA 124 31.12 -267.70 -166.30
C HIS EA 124 30.84 -267.57 -164.81
N SER EA 125 31.16 -268.61 -164.04
CA SER EA 125 31.05 -268.58 -162.59
C SER EA 125 32.44 -268.46 -161.97
N SER EA 126 32.54 -267.67 -160.89
CA SER EA 126 33.81 -267.42 -160.24
C SER EA 126 34.23 -268.54 -159.30
N SER EA 127 33.45 -269.62 -159.20
CA SER EA 127 33.79 -270.71 -158.30
C SER EA 127 35.10 -271.37 -158.70
N ALA EA 128 36.02 -271.48 -157.74
CA ALA EA 128 37.30 -272.10 -158.01
C ALA EA 128 37.20 -273.60 -158.23
N LYS EA 129 36.13 -274.24 -157.75
CA LYS EA 129 35.96 -275.67 -157.95
C LYS EA 129 35.61 -276.04 -159.38
N LEU EA 130 35.17 -275.08 -160.19
CA LEU EA 130 34.86 -275.31 -161.59
C LEU EA 130 35.93 -274.76 -162.53
N MET EA 131 36.97 -274.11 -161.99
CA MET EA 131 38.02 -273.55 -162.83
C MET EA 131 38.88 -274.67 -163.40
N VAL EA 132 39.03 -274.67 -164.73
CA VAL EA 132 39.82 -275.66 -165.43
C VAL EA 132 40.80 -274.93 -166.34
N CYS EA 133 42.10 -275.15 -166.14
CA CYS EA 133 43.13 -274.53 -166.96
C CYS EA 133 44.28 -275.51 -167.12
N LYS EA 134 44.64 -275.82 -168.36
CA LYS EA 134 45.70 -276.77 -168.66
C LYS EA 134 46.68 -276.14 -169.64
N GLU EA 135 47.93 -276.62 -169.57
CA GLU EA 135 49.00 -276.17 -170.45
C GLU EA 135 49.58 -277.38 -171.17
N LEU EA 136 49.63 -277.29 -172.50
CA LEU EA 136 50.11 -278.38 -173.33
C LEU EA 136 51.33 -277.93 -174.13
N PRO EA 137 52.32 -278.82 -174.31
CA PRO EA 137 53.49 -278.47 -175.12
C PRO EA 137 53.24 -278.69 -176.60
N LEU EA 138 53.32 -277.61 -177.38
CA LEU EA 138 53.07 -277.72 -178.81
C LEU EA 138 54.21 -278.46 -179.51
N PRO EA 139 53.91 -279.14 -180.61
CA PRO EA 139 54.96 -279.84 -181.36
C PRO EA 139 55.98 -278.86 -181.92
N LEU EA 140 57.26 -279.21 -181.78
CA LEU EA 140 58.36 -278.38 -182.29
C LEU EA 140 58.16 -278.05 -183.76
N SER EA 141 58.32 -276.77 -184.08
CA SER EA 141 58.17 -276.29 -185.45
C SER EA 141 59.02 -275.03 -185.62
N ASP EA 142 59.39 -274.76 -186.87
CA ASP EA 142 60.19 -273.59 -187.18
C ASP EA 142 59.36 -272.33 -187.37
N SER EA 143 58.07 -272.47 -187.68
CA SER EA 143 57.16 -271.34 -187.83
C SER EA 143 56.35 -271.14 -186.56
N GLU EA 144 55.87 -269.91 -186.37
CA GLU EA 144 55.08 -269.59 -185.20
C GLU EA 144 53.78 -270.38 -185.20
N TRP EA 145 53.43 -270.94 -184.04
CA TRP EA 145 52.18 -271.68 -183.91
C TRP EA 145 51.00 -270.71 -183.94
N SER EA 146 49.89 -271.19 -184.51
CA SER EA 146 48.70 -270.38 -184.68
C SER EA 146 47.50 -271.08 -184.07
N ALA EA 147 46.58 -270.29 -183.51
CA ALA EA 147 45.36 -270.84 -182.94
C ALA EA 147 44.39 -271.32 -184.00
N ASP EA 148 44.53 -270.89 -185.25
CA ASP EA 148 43.68 -271.38 -186.33
C ASP EA 148 43.98 -272.84 -186.64
N LEU EA 149 45.19 -273.31 -186.30
CA LEU EA 149 45.56 -274.71 -186.49
C LEU EA 149 45.40 -275.52 -185.21
N VAL EA 150 44.43 -275.15 -184.37
CA VAL EA 150 44.17 -275.84 -183.12
C VAL EA 150 42.67 -275.81 -182.86
N ASP EA 151 42.09 -276.97 -182.57
CA ASP EA 151 40.66 -277.08 -182.34
C ASP EA 151 40.40 -278.07 -181.21
N ILE EA 152 39.32 -277.83 -180.48
CA ILE EA 152 38.93 -278.67 -179.35
C ILE EA 152 37.73 -279.52 -179.75
N CYS EA 153 37.73 -280.77 -179.33
CA CYS EA 153 36.63 -281.70 -179.60
C CYS EA 153 36.04 -282.17 -178.28
N ALA EA 154 34.72 -282.16 -178.20
CA ALA EA 154 33.99 -282.52 -176.98
C ALA EA 154 33.22 -283.81 -177.20
N GLN EA 155 33.22 -284.67 -176.17
CA GLN EA 155 32.45 -285.91 -176.21
C GLN EA 155 30.97 -285.61 -176.39
N THR EA 156 30.39 -286.07 -177.51
CA THR EA 156 29.00 -285.88 -177.88
C THR EA 156 28.62 -284.41 -178.04
N GLY EA 157 29.61 -283.51 -178.10
CA GLY EA 157 29.35 -282.10 -178.32
C GLY EA 157 28.94 -281.31 -177.11
N ASP EA 158 28.75 -281.94 -175.95
CA ASP EA 158 28.39 -281.22 -174.74
C ASP EA 158 29.56 -281.24 -173.77
N PRO EA 159 30.44 -280.25 -173.80
CA PRO EA 159 31.60 -280.28 -172.89
C PRO EA 159 31.32 -279.68 -171.52
N ALA EA 160 31.28 -280.53 -170.48
CA ALA EA 160 31.44 -280.02 -169.12
C ALA EA 160 32.32 -281.03 -168.37
N ALA EA 161 33.63 -280.88 -168.55
CA ALA EA 161 34.64 -281.75 -167.94
C ALA EA 161 36.03 -281.29 -168.35
N ALA EA 162 37.06 -281.93 -167.79
CA ALA EA 162 38.40 -281.79 -168.36
C ALA EA 162 38.72 -282.97 -169.26
N GLN EA 163 38.15 -284.14 -168.96
CA GLN EA 163 38.40 -285.33 -169.77
C GLN EA 163 37.54 -285.35 -171.03
N SER EA 164 36.35 -284.74 -170.98
CA SER EA 164 35.46 -284.77 -172.14
C SER EA 164 35.97 -283.94 -173.31
N VAL EA 165 37.02 -283.14 -173.10
CA VAL EA 165 37.56 -282.27 -174.14
C VAL EA 165 38.79 -282.94 -174.73
N ALA EA 166 38.75 -283.18 -176.04
CA ALA EA 166 39.89 -283.66 -176.80
C ALA EA 166 40.57 -282.49 -177.50
N LEU EA 167 41.84 -282.65 -177.81
CA LEU EA 167 42.63 -281.56 -178.36
C LEU EA 167 43.39 -282.03 -179.58
N MET EA 168 43.42 -281.20 -180.63
CA MET EA 168 44.22 -281.46 -181.81
C MET EA 168 44.99 -280.19 -182.18
N ALA EA 169 46.25 -280.37 -182.55
CA ALA EA 169 47.11 -279.26 -182.94
C ALA EA 169 47.85 -279.64 -184.21
N ALA EA 170 48.04 -278.65 -185.08
CA ALA EA 170 48.72 -278.84 -186.35
C ALA EA 170 49.73 -277.71 -186.57
N THR EA 171 50.77 -278.03 -187.33
CA THR EA 171 51.81 -277.07 -187.69
C THR EA 171 51.67 -276.65 -189.14
N PRO EA 172 52.39 -275.61 -189.56
CA PRO EA 172 52.32 -275.20 -190.97
C PRO EA 172 52.84 -276.26 -191.93
N GLU EA 173 53.80 -277.09 -191.49
CA GLU EA 173 54.31 -278.14 -192.35
C GLU EA 173 53.44 -279.40 -192.34
N GLY EA 174 52.59 -279.56 -191.32
CA GLY EA 174 51.69 -280.68 -191.25
C GLY EA 174 51.94 -281.68 -190.13
N SER EA 175 52.69 -281.32 -189.10
CA SER EA 175 52.87 -282.20 -187.95
C SER EA 175 51.67 -282.06 -187.02
N SER EA 176 50.95 -283.15 -186.80
CA SER EA 176 49.72 -283.14 -186.02
C SER EA 176 49.94 -283.89 -184.71
N ARG EA 177 49.44 -283.31 -183.63
CA ARG EA 177 49.51 -283.91 -182.30
C ARG EA 177 48.10 -283.90 -181.70
N TYR EA 178 47.64 -285.08 -181.29
CA TYR EA 178 46.29 -285.26 -180.81
C TYR EA 178 46.32 -285.81 -179.40
N TRP EA 179 45.75 -285.07 -178.45
CA TRP EA 179 45.55 -285.55 -177.10
C TRP EA 179 44.10 -285.98 -176.92
N PRO EA 180 43.83 -287.25 -176.61
CA PRO EA 180 42.43 -287.69 -176.52
C PRO EA 180 41.67 -287.05 -175.37
N ASN EA 181 42.36 -286.63 -174.30
CA ASN EA 181 41.72 -286.01 -173.16
C ASN EA 181 42.62 -284.93 -172.61
N ILE EA 182 42.04 -283.75 -172.33
CA ILE EA 182 42.80 -282.64 -171.78
C ILE EA 182 43.26 -282.89 -170.35
N LEU EA 183 42.62 -283.83 -169.65
CA LEU EA 183 43.06 -284.16 -168.28
C LEU EA 183 44.47 -284.74 -168.29
N HIS EA 184 44.80 -285.55 -169.29
CA HIS EA 184 46.13 -286.15 -169.43
C HIS EA 184 46.90 -285.32 -170.44
N GLU EA 185 47.62 -284.31 -169.93
CA GLU EA 185 48.41 -283.44 -170.80
C GLU EA 185 49.65 -284.13 -171.36
N GLY EA 186 50.11 -285.19 -170.72
CA GLY EA 186 51.29 -285.91 -171.16
C GLY EA 186 51.03 -287.10 -172.04
N THR EA 187 49.77 -287.44 -172.32
CA THR EA 187 49.40 -288.58 -173.14
C THR EA 187 48.82 -288.06 -174.45
N TYR EA 188 49.57 -288.24 -175.54
CA TYR EA 188 49.13 -287.80 -176.85
C TYR EA 188 49.74 -288.70 -177.92
N ILE EA 189 49.24 -288.55 -179.15
CA ILE EA 189 49.75 -289.28 -180.30
C ILE EA 189 50.13 -288.27 -181.38
N GLU EA 190 50.95 -288.74 -182.32
CA GLU EA 190 51.50 -287.88 -183.37
C GLU EA 190 51.22 -288.48 -184.74
N SER EA 191 51.18 -287.60 -185.74
CA SER EA 191 50.97 -287.99 -187.13
C SER EA 191 51.51 -286.88 -188.01
N TYR EA 192 51.56 -287.15 -189.32
CA TYR EA 192 52.14 -286.20 -190.25
C TYR EA 192 51.39 -286.20 -191.57
N THR EA 193 50.82 -285.04 -191.91
CA THR EA 193 50.35 -284.76 -193.26
C THR EA 193 51.48 -284.09 -194.03
N GLU EA 194 51.19 -283.51 -195.19
CA GLU EA 194 52.23 -282.86 -195.97
C GLU EA 194 51.69 -281.71 -196.80
N PHE EA 195 52.41 -280.59 -196.82
CA PHE EA 195 52.04 -279.40 -197.57
C PHE EA 195 53.28 -278.59 -197.88
N GLY EA 196 53.10 -277.54 -198.68
CA GLY EA 196 54.20 -276.70 -199.06
C GLY EA 196 54.58 -275.71 -197.97
N SER EA 197 55.71 -275.05 -198.19
CA SER EA 197 56.20 -274.05 -197.25
C SER EA 197 55.32 -272.80 -197.29
N SER EA 198 55.18 -272.15 -196.14
CA SER EA 198 54.45 -270.89 -195.99
C SER EA 198 52.95 -271.08 -196.20
N LEU EA 199 52.52 -272.33 -196.39
CA LEU EA 199 51.10 -272.61 -196.56
C LEU EA 199 50.33 -272.34 -195.27
N CYS EA 200 49.44 -271.35 -195.31
CA CYS EA 200 48.59 -271.05 -194.16
C CYS EA 200 47.47 -272.08 -194.10
N ALA EA 201 47.48 -272.90 -193.05
CA ALA EA 201 46.52 -273.98 -192.89
C ALA EA 201 45.62 -273.70 -191.69
N PHE EA 202 44.45 -274.34 -191.70
CA PHE EA 202 43.48 -274.24 -190.62
C PHE EA 202 43.02 -275.64 -190.22
N VAL EA 203 42.65 -275.78 -188.95
CA VAL EA 203 42.13 -277.03 -188.41
C VAL EA 203 40.76 -276.76 -187.81
N THR EA 204 39.79 -277.61 -188.16
CA THR EA 204 38.42 -277.44 -187.70
C THR EA 204 37.87 -278.78 -187.24
N ALA EA 205 37.45 -278.86 -185.99
CA ALA EA 205 36.83 -280.08 -185.47
C ALA EA 205 35.46 -280.27 -186.09
N VAL EA 206 35.19 -281.49 -186.54
CA VAL EA 206 33.94 -281.83 -187.22
C VAL EA 206 33.25 -282.95 -186.44
N LYS EA 207 32.10 -283.38 -186.95
CA LYS EA 207 31.34 -284.43 -186.30
C LYS EA 207 32.09 -285.76 -186.37
N GLY EA 208 31.82 -286.62 -185.39
CA GLY EA 208 32.48 -287.91 -185.30
C GLY EA 208 33.82 -287.90 -184.62
N ASN EA 209 34.09 -286.88 -183.78
CA ASN EA 209 35.35 -286.77 -183.05
C ASN EA 209 36.56 -286.71 -183.97
N SER EA 210 36.39 -286.11 -185.15
CA SER EA 210 37.46 -286.01 -186.14
C SER EA 210 37.73 -284.54 -186.44
N PHE EA 211 38.74 -284.30 -187.28
CA PHE EA 211 39.15 -282.95 -187.62
C PHE EA 211 39.36 -282.84 -189.13
N ILE EA 212 39.30 -281.62 -189.62
CA ILE EA 212 39.56 -281.32 -191.03
C ILE EA 212 40.67 -280.28 -191.09
N LEU EA 213 41.74 -280.61 -191.83
CA LEU EA 213 42.85 -279.71 -192.06
C LEU EA 213 42.77 -279.17 -193.48
N SER EA 214 42.82 -277.85 -193.63
CA SER EA 214 42.72 -277.18 -194.91
C SER EA 214 43.99 -276.37 -195.14
N SER EA 215 44.74 -276.73 -196.18
CA SER EA 215 45.96 -276.01 -196.50
C SER EA 215 45.64 -274.72 -197.25
N GLU EA 216 46.69 -273.93 -197.48
CA GLU EA 216 46.53 -272.68 -198.22
C GLU EA 216 46.06 -272.92 -199.64
N LYS EA 217 46.39 -274.09 -200.21
CA LYS EA 217 45.97 -274.47 -201.55
C LYS EA 217 44.59 -275.13 -201.57
N ASN EA 218 43.82 -275.00 -200.49
CA ASN EA 218 42.48 -275.58 -200.38
C ASN EA 218 42.51 -277.11 -200.40
N GLN EA 219 43.59 -277.69 -199.90
CA GLN EA 219 43.69 -279.14 -199.76
C GLN EA 219 43.03 -279.56 -198.45
N LEU EA 220 41.97 -280.36 -198.54
CA LEU EA 220 41.18 -280.76 -197.39
C LEU EA 220 41.48 -282.21 -197.03
N VAL EA 221 41.96 -282.43 -195.80
CA VAL EA 221 42.29 -283.75 -195.31
C VAL EA 221 41.51 -283.99 -194.02
N ARG EA 222 40.68 -285.03 -194.02
CA ARG EA 222 39.98 -285.44 -192.81
C ARG EA 222 40.84 -286.41 -192.02
N LEU EA 223 40.97 -286.17 -190.72
CA LEU EA 223 41.80 -286.97 -189.83
C LEU EA 223 40.94 -287.46 -188.67
N THR EA 224 40.93 -288.77 -188.45
CA THR EA 224 40.15 -289.40 -187.39
C THR EA 224 41.07 -290.23 -186.51
N PRO EA 225 41.18 -289.91 -185.22
CA PRO EA 225 41.98 -290.76 -184.32
C PRO EA 225 41.23 -292.03 -183.97
N ASP EA 226 41.93 -293.16 -184.07
CA ASP EA 226 41.39 -294.46 -183.75
C ASP EA 226 41.72 -294.83 -182.29
N ALA EA 227 41.01 -295.83 -181.79
CA ALA EA 227 41.21 -296.27 -180.41
C ALA EA 227 42.59 -296.88 -180.20
N SER EA 228 43.20 -297.44 -181.25
CA SER EA 228 44.53 -298.03 -181.12
C SER EA 228 45.59 -296.96 -180.92
N GLY EA 229 45.30 -295.71 -181.30
CA GLY EA 229 46.23 -294.61 -181.17
C GLY EA 229 46.66 -294.00 -182.49
N LYS EA 230 46.44 -294.67 -183.61
CA LYS EA 230 46.78 -294.12 -184.91
C LYS EA 230 45.80 -293.02 -185.29
N MET EA 231 46.16 -292.25 -186.32
CA MET EA 231 45.31 -291.20 -186.86
C MET EA 231 45.13 -291.46 -188.35
N ASN EA 232 43.95 -291.96 -188.73
CA ASN EA 232 43.67 -292.18 -190.14
C ASN EA 232 43.42 -290.85 -190.85
N GLN EA 233 43.91 -290.76 -192.08
CA GLN EA 233 43.82 -289.53 -192.85
C GLN EA 233 43.35 -289.85 -194.26
N ARG EA 234 42.47 -289.00 -194.78
CA ARG EA 234 41.93 -289.20 -196.12
C ARG EA 234 41.62 -287.86 -196.75
N VAL EA 235 41.96 -287.73 -198.04
CA VAL EA 235 41.67 -286.50 -198.77
C VAL EA 235 40.19 -286.43 -199.09
N LEU EA 236 39.61 -285.23 -198.95
CA LEU EA 236 38.19 -285.06 -199.21
C LEU EA 236 37.90 -285.26 -200.69
N PRO EA 237 36.69 -285.75 -201.03
CA PRO EA 237 36.34 -285.91 -202.44
C PRO EA 237 36.38 -284.60 -203.20
N GLN EA 238 37.13 -284.58 -204.31
CA GLN EA 238 37.34 -283.37 -205.11
C GLN EA 238 37.93 -282.24 -204.28
N GLY EA 239 38.72 -282.59 -203.26
CA GLY EA 239 39.33 -281.60 -202.39
C GLY EA 239 40.82 -281.78 -202.25
N GLN EA 240 41.49 -282.21 -203.33
CA GLN EA 240 42.93 -282.39 -203.30
C GLN EA 240 43.67 -281.06 -203.26
N GLY EA 241 43.01 -279.96 -203.64
CA GLY EA 241 43.64 -278.66 -203.64
C GLY EA 241 44.10 -278.25 -205.02
N MET EA 242 44.73 -279.18 -205.74
CA MET EA 242 45.12 -278.94 -207.12
C MET EA 242 44.00 -279.37 -208.05
N LEU EA 243 44.29 -279.48 -209.34
CA LEU EA 243 43.30 -279.92 -210.33
C LEU EA 243 43.01 -281.40 -210.11
N SER EA 244 41.77 -281.72 -209.78
CA SER EA 244 41.34 -283.08 -209.48
C SER EA 244 40.67 -283.66 -210.73
N GLY EA 245 41.29 -284.69 -211.29
CA GLY EA 245 40.78 -285.29 -212.50
C GLY EA 245 41.03 -284.50 -213.77
N ILE EA 246 41.92 -283.51 -213.71
CA ILE EA 246 42.29 -282.70 -214.86
C ILE EA 246 43.75 -282.96 -215.19
N GLY EA 247 44.15 -282.52 -216.38
CA GLY EA 247 45.51 -282.72 -216.83
C GLY EA 247 46.32 -281.44 -216.93
N ARG EA 248 47.53 -281.53 -217.47
CA ARG EA 248 48.42 -280.37 -217.60
C ARG EA 248 48.33 -279.77 -219.00
N ARG EA 249 47.14 -279.30 -219.33
CA ARG EA 249 46.86 -278.66 -220.62
C ARG EA 249 46.36 -277.23 -220.38
N VAL EA 250 46.03 -276.56 -221.48
CA VAL EA 250 45.47 -275.21 -221.40
C VAL EA 250 43.96 -275.24 -221.35
N SER EA 251 43.32 -275.77 -222.40
CA SER EA 251 41.90 -276.09 -222.34
C SER EA 251 41.68 -277.39 -223.11
N THR EA 252 41.79 -278.51 -222.41
CA THR EA 252 41.48 -279.81 -222.98
C THR EA 252 40.83 -280.69 -221.92
N LEU EA 253 41.13 -280.40 -220.67
CA LEU EA 253 40.62 -281.17 -219.53
C LEU EA 253 39.64 -280.37 -218.69
N PHE EA 254 38.95 -279.39 -219.28
CA PHE EA 254 38.00 -278.57 -218.54
C PHE EA 254 36.86 -279.43 -218.00
N GLY EA 255 36.84 -279.64 -216.69
CA GLY EA 255 35.83 -280.45 -216.04
C GLY EA 255 35.36 -279.81 -214.74
N ILE EA 256 35.45 -280.57 -213.65
CA ILE EA 256 35.12 -280.02 -212.33
C ILE EA 256 36.10 -278.94 -211.89
N LEU EA 257 37.21 -278.77 -212.60
CA LEU EA 257 38.17 -277.72 -212.30
C LEU EA 257 38.74 -277.19 -213.61
N SER EA 258 39.39 -276.03 -213.53
CA SER EA 258 39.95 -275.39 -214.71
C SER EA 258 41.46 -275.27 -214.58
N PRO EA 259 42.18 -275.23 -215.70
CA PRO EA 259 43.65 -275.10 -215.61
C PRO EA 259 44.09 -273.75 -215.06
N ALA EA 260 43.41 -272.67 -215.45
CA ALA EA 260 43.74 -271.33 -214.98
C ALA EA 260 43.03 -270.96 -213.69
N VAL EA 261 42.39 -271.92 -213.02
CA VAL EA 261 41.66 -271.65 -211.79
C VAL EA 261 42.65 -271.45 -210.65
N GLU EA 262 42.36 -270.47 -209.79
CA GLU EA 262 43.16 -270.18 -208.61
C GLU EA 262 42.40 -270.68 -207.39
N SER EA 263 42.97 -271.67 -206.71
CA SER EA 263 42.31 -272.35 -205.59
C SER EA 263 42.91 -271.96 -204.24
N THR EA 264 43.47 -270.75 -204.12
CA THR EA 264 43.96 -270.27 -202.85
C THR EA 264 42.83 -270.23 -201.82
N LEU EA 265 43.05 -270.86 -200.68
CA LEU EA 265 42.02 -271.00 -199.66
C LEU EA 265 41.95 -269.74 -198.82
N CYS EA 266 40.73 -269.25 -198.59
CA CYS EA 266 40.50 -268.04 -197.80
C CYS EA 266 40.00 -268.35 -196.40
N SER EA 267 39.00 -269.23 -196.27
CA SER EA 267 38.44 -269.54 -194.96
C SER EA 267 37.71 -270.87 -195.03
N VAL EA 268 37.37 -271.39 -193.85
CA VAL EA 268 36.61 -272.62 -193.71
C VAL EA 268 35.55 -272.42 -192.65
N LEU EA 269 34.46 -273.19 -192.76
CA LEU EA 269 33.33 -273.07 -191.86
C LEU EA 269 32.70 -274.43 -191.66
N TRP EA 270 32.32 -274.74 -190.41
CA TRP EA 270 31.57 -275.94 -190.08
C TRP EA 270 30.23 -275.51 -189.51
N ASP EA 271 29.16 -275.74 -190.28
CA ASP EA 271 27.84 -275.29 -189.91
C ASP EA 271 27.14 -276.37 -189.09
N LYS EA 272 25.86 -276.16 -188.79
CA LYS EA 272 25.09 -277.13 -188.03
C LYS EA 272 24.86 -278.39 -188.88
N GLY EA 273 24.60 -279.48 -188.19
CA GLY EA 273 24.45 -280.75 -188.88
C GLY EA 273 25.82 -281.28 -189.30
N ASP EA 274 26.00 -281.52 -190.59
CA ASP EA 274 27.24 -282.07 -191.12
C ASP EA 274 27.63 -281.33 -192.40
N CYS EA 275 27.60 -279.99 -192.35
CA CYS EA 275 27.92 -279.16 -193.50
C CYS EA 275 29.30 -278.52 -193.30
N PHE EA 276 30.21 -278.79 -194.21
CA PHE EA 276 31.55 -278.20 -194.18
C PHE EA 276 31.76 -277.39 -195.46
N TYR EA 277 31.97 -276.09 -195.30
CA TYR EA 277 32.13 -275.19 -196.43
C TYR EA 277 33.54 -274.62 -196.44
N THR EA 278 34.08 -274.44 -197.64
CA THR EA 278 35.39 -273.84 -197.84
C THR EA 278 35.26 -272.69 -198.83
N LEU EA 279 35.74 -271.51 -198.43
CA LEU EA 279 35.69 -270.31 -199.26
C LEU EA 279 37.10 -270.01 -199.76
N THR EA 280 37.24 -269.95 -201.08
CA THR EA 280 38.51 -269.70 -201.74
C THR EA 280 38.46 -268.36 -202.46
N ASP EA 281 39.53 -268.07 -203.21
CA ASP EA 281 39.62 -266.82 -203.93
C ASP EA 281 38.70 -266.76 -205.13
N SER EA 282 38.27 -267.92 -205.65
CA SER EA 282 37.46 -267.96 -206.87
C SER EA 282 36.08 -268.57 -206.66
N SER EA 283 35.94 -269.56 -205.79
CA SER EA 283 34.67 -270.26 -205.64
C SER EA 283 34.55 -270.80 -204.23
N ILE EA 284 33.33 -271.16 -203.85
CA ILE EA 284 33.01 -271.74 -202.55
C ILE EA 284 32.56 -273.18 -202.77
N ASN EA 285 33.09 -274.10 -201.98
CA ASN EA 285 32.76 -275.51 -202.07
C ASN EA 285 32.06 -275.96 -200.79
N LYS EA 286 31.19 -276.94 -200.92
CA LYS EA 286 30.40 -277.46 -199.80
C LYS EA 286 30.45 -278.98 -199.80
N TRP EA 287 30.51 -279.56 -198.61
CA TRP EA 287 30.54 -281.01 -198.43
C TRP EA 287 29.57 -281.41 -197.32
N ASP EA 288 28.83 -282.48 -197.56
CA ASP EA 288 28.01 -283.12 -196.54
C ASP EA 288 28.77 -284.31 -195.98
N LEU EA 289 29.01 -284.30 -194.67
CA LEU EA 289 29.92 -285.24 -194.05
C LEU EA 289 29.17 -286.27 -193.23
N ASP EA 290 29.90 -287.32 -192.85
CA ASP EA 290 29.40 -288.34 -191.94
C ASP EA 290 30.40 -288.52 -190.81
N ASP EA 291 30.22 -289.57 -190.00
CA ASP EA 291 31.18 -289.83 -188.93
C ASP EA 291 32.55 -290.24 -189.45
N THR EA 292 32.61 -290.77 -190.68
CA THR EA 292 33.89 -291.20 -191.25
C THR EA 292 34.12 -290.79 -192.69
N SER EA 293 33.15 -290.19 -193.38
CA SER EA 293 33.31 -289.87 -194.79
C SER EA 293 32.62 -288.55 -195.10
N GLU EA 294 32.77 -288.10 -196.34
CA GLU EA 294 32.18 -286.86 -196.81
C GLU EA 294 31.92 -286.95 -198.30
N SER EA 295 30.92 -286.19 -198.77
CA SER EA 295 30.55 -286.14 -200.17
C SER EA 295 30.39 -284.69 -200.59
N GLN EA 296 31.06 -284.32 -201.70
CA GLN EA 296 30.96 -282.96 -202.22
C GLN EA 296 29.56 -282.71 -202.77
N VAL EA 297 28.96 -281.59 -202.39
CA VAL EA 297 27.61 -281.26 -202.84
C VAL EA 297 27.63 -280.41 -204.09
N LEU EA 298 28.33 -279.29 -204.06
CA LEU EA 298 28.38 -278.39 -205.22
C LEU EA 298 29.52 -277.40 -205.02
N ASN EA 299 29.98 -276.85 -206.14
CA ASN EA 299 30.97 -275.78 -206.15
C ASN EA 299 30.40 -274.62 -206.97
N TRP EA 300 30.21 -273.47 -206.33
CA TRP EA 300 29.55 -272.33 -206.93
C TRP EA 300 30.58 -271.25 -207.24
N ASP EA 301 30.57 -270.77 -208.48
CA ASP EA 301 31.49 -269.71 -208.89
C ASP EA 301 31.02 -268.37 -208.35
N MET EA 302 31.41 -268.05 -207.12
CA MET EA 302 31.02 -266.78 -206.51
C MET EA 302 31.63 -265.58 -207.22
N SER EA 303 32.82 -265.73 -207.81
CA SER EA 303 33.42 -264.65 -208.56
C SER EA 303 32.56 -264.28 -209.77
N ARG EA 304 32.01 -265.28 -210.45
CA ARG EA 304 31.10 -265.01 -211.56
C ARG EA 304 29.75 -264.51 -211.06
N VAL EA 305 29.32 -265.02 -209.90
CA VAL EA 305 27.97 -264.74 -209.42
C VAL EA 305 27.86 -263.30 -208.92
N LEU EA 306 28.67 -262.94 -207.93
CA LEU EA 306 28.45 -261.72 -207.15
C LEU EA 306 29.32 -260.54 -207.56
N ARG EA 307 30.18 -260.70 -208.58
CA ARG EA 307 31.05 -259.60 -208.99
C ARG EA 307 30.22 -258.41 -209.48
N GLU EA 308 29.22 -258.67 -210.33
CA GLU EA 308 28.40 -257.60 -210.86
C GLU EA 308 27.59 -256.93 -209.75
N TYR EA 309 27.08 -257.72 -208.81
CA TYR EA 309 26.33 -257.17 -207.69
C TYR EA 309 27.20 -256.27 -206.83
N ILE EA 310 28.43 -256.71 -206.54
CA ILE EA 310 29.34 -255.91 -205.73
C ILE EA 310 29.71 -254.62 -206.46
N SER EA 311 29.98 -254.72 -207.76
CA SER EA 311 30.32 -253.53 -208.55
C SER EA 311 29.17 -252.54 -208.58
N ASP EA 312 27.93 -253.04 -208.74
CA ASP EA 312 26.77 -252.15 -208.74
C ASP EA 312 26.57 -251.50 -207.38
N ALA EA 313 26.74 -252.28 -206.30
CA ALA EA 313 26.57 -251.73 -204.96
C ALA EA 313 27.68 -250.76 -204.57
N ILE EA 314 28.85 -250.84 -205.21
CA ILE EA 314 29.96 -249.97 -204.87
C ILE EA 314 29.96 -248.72 -205.74
N TRP EA 315 30.12 -248.91 -207.06
CA TRP EA 315 30.23 -247.80 -207.99
C TRP EA 315 29.18 -247.84 -209.09
N GLY EA 316 28.07 -248.55 -208.87
CA GLY EA 316 27.05 -248.65 -209.91
C GLY EA 316 26.40 -247.33 -210.27
N SER EA 317 26.45 -246.36 -209.36
CA SER EA 317 25.84 -245.05 -209.59
C SER EA 317 26.79 -244.05 -210.22
N GLU EA 318 28.03 -244.44 -210.49
CA GLU EA 318 28.99 -243.53 -211.11
C GLU EA 318 28.67 -243.32 -212.59
N SER EA 319 29.05 -242.16 -213.10
CA SER EA 319 28.83 -241.86 -214.52
C SER EA 319 29.65 -242.79 -215.41
N ASP EA 320 30.87 -243.12 -214.99
CA ASP EA 320 31.75 -244.01 -215.73
C ASP EA 320 31.77 -245.42 -215.14
N TYR EA 321 30.62 -245.88 -214.62
CA TYR EA 321 30.56 -247.20 -214.00
C TYR EA 321 30.94 -248.30 -214.97
N ASP EA 322 30.55 -248.16 -216.24
CA ASP EA 322 30.85 -249.20 -217.23
C ASP EA 322 32.36 -249.40 -217.40
N ASP EA 323 33.11 -248.29 -217.47
CA ASP EA 323 34.56 -248.41 -217.58
C ASP EA 323 35.19 -248.80 -216.26
N ILE EA 324 34.63 -248.33 -215.15
CA ILE EA 324 35.24 -248.59 -213.84
C ILE EA 324 35.12 -250.05 -213.46
N LYS EA 325 34.00 -250.68 -213.83
CA LYS EA 325 33.74 -252.05 -213.38
C LYS EA 325 34.72 -253.05 -213.98
N ALA EA 326 35.34 -252.73 -215.12
CA ALA EA 326 36.25 -253.65 -215.77
C ALA EA 326 37.57 -253.82 -215.02
N GLY EA 327 37.93 -252.87 -214.16
CA GLY EA 327 39.16 -252.93 -213.39
C GLY EA 327 38.99 -253.18 -211.91
N ILE EA 328 37.77 -253.47 -211.44
CA ILE EA 328 37.53 -253.64 -210.02
C ILE EA 328 38.11 -254.97 -209.55
N ASN EA 329 38.99 -254.91 -208.55
CA ASN EA 329 39.54 -256.10 -207.94
C ASN EA 329 38.78 -256.43 -206.66
N ILE EA 330 38.28 -257.66 -206.58
CA ILE EA 330 37.47 -258.10 -205.45
C ILE EA 330 38.08 -259.39 -204.90
N ASN EA 331 38.20 -259.47 -203.58
CA ASN EA 331 38.76 -260.64 -202.90
C ASN EA 331 37.86 -261.03 -201.74
N TYR EA 332 37.60 -262.34 -201.60
CA TYR EA 332 36.82 -262.87 -200.51
C TYR EA 332 37.74 -263.22 -199.35
N LEU EA 333 37.33 -262.85 -198.13
CA LEU EA 333 38.18 -263.00 -196.96
C LEU EA 333 37.63 -263.95 -195.90
N SER EA 334 36.32 -264.03 -195.72
CA SER EA 334 35.75 -264.86 -194.69
C SER EA 334 34.32 -265.23 -195.04
N LEU EA 335 33.84 -266.30 -194.45
CA LEU EA 335 32.48 -266.79 -194.68
C LEU EA 335 31.88 -267.29 -193.38
N ASN EA 336 30.65 -266.86 -193.09
CA ASN EA 336 29.93 -267.27 -191.90
C ASN EA 336 28.50 -267.60 -192.29
N GLN EA 337 27.70 -267.97 -191.29
CA GLN EA 337 26.32 -268.39 -191.53
C GLN EA 337 25.40 -267.71 -190.54
N ASN EA 338 24.15 -267.51 -190.97
CA ASN EA 338 23.11 -266.92 -190.14
C ASN EA 338 21.76 -267.38 -190.70
N CYS EA 339 20.68 -266.84 -190.12
CA CYS EA 339 19.34 -267.22 -190.56
C CYS EA 339 19.11 -266.87 -192.03
N ASP EA 340 19.72 -265.77 -192.49
CA ASP EA 340 19.59 -265.39 -193.90
C ASP EA 340 20.35 -266.32 -194.83
N GLY EA 341 21.28 -267.13 -194.30
CA GLY EA 341 22.06 -268.04 -195.10
C GLY EA 341 23.55 -267.76 -194.95
N LEU EA 342 24.26 -267.79 -196.08
CA LEU EA 342 25.70 -267.59 -196.09
C LEU EA 342 26.04 -266.11 -196.22
N VAL EA 343 26.98 -265.66 -195.41
CA VAL EA 343 27.43 -264.27 -195.41
C VAL EA 343 28.93 -264.26 -195.68
N ILE EA 344 29.32 -263.65 -196.80
CA ILE EA 344 30.70 -263.62 -197.24
C ILE EA 344 31.22 -262.19 -197.12
N LEU EA 345 32.43 -262.05 -196.59
CA LEU EA 345 33.09 -260.75 -196.50
C LEU EA 345 33.97 -260.56 -197.74
N SER EA 346 33.77 -259.44 -198.43
CA SER EA 346 34.48 -259.15 -199.66
C SER EA 346 35.11 -257.77 -199.59
N ALA EA 347 36.37 -257.67 -200.01
CA ALA EA 347 37.08 -256.41 -200.14
C ALA EA 347 37.17 -256.05 -201.62
N ALA EA 348 36.70 -254.86 -201.98
CA ALA EA 348 36.68 -254.41 -203.36
C ALA EA 348 37.47 -253.11 -203.47
N TRP EA 349 38.22 -252.97 -204.56
CA TRP EA 349 39.05 -251.79 -204.75
C TRP EA 349 39.22 -251.51 -206.23
N HIS EA 350 39.42 -250.24 -206.55
CA HIS EA 350 39.69 -249.79 -207.91
C HIS EA 350 40.98 -249.00 -207.92
N PRO EA 351 42.03 -249.45 -208.63
CA PRO EA 351 43.29 -248.71 -208.59
C PRO EA 351 43.22 -247.34 -209.25
N GLY EA 352 42.35 -247.16 -210.22
CA GLY EA 352 42.26 -245.92 -210.97
C GLY EA 352 41.44 -244.82 -210.35
N ASP EA 353 40.82 -245.07 -209.19
CA ASP EA 353 40.06 -244.04 -208.51
C ASP EA 353 40.97 -242.93 -208.02
N ASN EA 354 40.44 -241.71 -207.97
CA ASN EA 354 41.21 -240.59 -207.43
C ASN EA 354 41.61 -240.84 -205.99
N PRO EA 355 40.71 -240.97 -205.02
CA PRO EA 355 41.10 -241.52 -203.72
C PRO EA 355 40.94 -243.03 -203.72
N CYS EA 356 42.01 -243.75 -203.36
CA CYS EA 356 42.01 -245.20 -203.45
C CYS EA 356 41.59 -245.78 -202.09
N GLN EA 357 40.32 -246.16 -201.99
CA GLN EA 357 39.78 -246.76 -200.78
C GLN EA 357 39.34 -248.19 -201.05
N ILE EA 358 39.42 -249.02 -200.02
CA ILE EA 358 38.99 -250.41 -200.08
C ILE EA 358 37.64 -250.53 -199.38
N TYR EA 359 36.63 -250.96 -200.12
CA TYR EA 359 35.27 -251.08 -199.61
C TYR EA 359 35.05 -252.50 -199.10
N TYR EA 360 34.60 -252.61 -197.86
CA TYR EA 360 34.24 -253.89 -197.27
C TYR EA 360 32.74 -254.11 -197.40
N THR EA 361 32.37 -255.27 -197.93
CA THR EA 361 30.97 -255.60 -198.18
C THR EA 361 30.63 -256.96 -197.60
N LEU EA 362 29.41 -257.08 -197.09
CA LEU EA 362 28.83 -258.33 -196.65
C LEU EA 362 27.83 -258.78 -197.69
N VAL EA 363 28.03 -259.98 -198.23
CA VAL EA 363 27.17 -260.55 -199.26
C VAL EA 363 26.39 -261.69 -198.63
N THR EA 364 25.06 -261.55 -198.59
CA THR EA 364 24.15 -262.54 -198.05
C THR EA 364 23.51 -263.30 -199.20
N VAL EA 365 23.59 -264.64 -199.15
CA VAL EA 365 23.05 -265.49 -200.19
C VAL EA 365 22.35 -266.68 -199.53
N LYS EA 366 21.39 -267.25 -200.25
CA LYS EA 366 20.64 -268.38 -199.75
C LYS EA 366 21.33 -269.69 -200.16
N ASP EA 367 21.47 -270.59 -199.20
CA ASP EA 367 22.06 -271.91 -199.43
C ASP EA 367 20.93 -272.93 -199.44
N GLU EA 368 20.31 -273.13 -200.60
CA GLU EA 368 19.19 -274.04 -200.76
C GLU EA 368 19.48 -274.97 -201.93
N GLY EA 369 19.76 -276.24 -201.63
CA GLY EA 369 20.06 -277.21 -202.66
C GLY EA 369 21.49 -277.16 -203.14
N TYR EA 370 21.70 -277.29 -204.44
CA TYR EA 370 23.03 -277.26 -205.03
C TYR EA 370 23.21 -276.12 -206.01
N ASN EA 371 22.32 -275.13 -205.99
CA ASN EA 371 22.40 -273.99 -206.89
C ASN EA 371 22.17 -272.71 -206.12
N ILE EA 372 22.75 -271.63 -206.62
CA ILE EA 372 22.62 -270.32 -205.98
C ILE EA 372 21.34 -269.65 -206.47
N SER EA 373 20.68 -268.94 -205.57
CA SER EA 373 19.44 -268.23 -205.91
C SER EA 373 19.76 -266.88 -206.54
N ASP EA 374 18.74 -266.28 -207.15
CA ASP EA 374 18.89 -264.98 -207.79
C ASP EA 374 18.91 -263.83 -206.79
N GLU EA 375 18.45 -264.05 -205.57
CA GLU EA 375 18.38 -263.01 -204.55
C GLU EA 375 19.68 -263.01 -203.75
N ILE EA 376 20.55 -262.04 -204.02
CA ILE EA 376 21.80 -261.85 -203.29
C ILE EA 376 21.85 -260.41 -202.79
N THR EA 377 22.10 -260.24 -201.51
CA THR EA 377 22.13 -258.92 -200.89
C THR EA 377 23.57 -258.49 -200.66
N VAL EA 378 23.86 -257.22 -200.91
CA VAL EA 378 25.19 -256.65 -200.72
C VAL EA 378 25.05 -255.42 -199.83
N GLU EA 379 25.75 -255.42 -198.69
CA GLU EA 379 25.73 -254.31 -197.75
C GLU EA 379 27.15 -253.80 -197.56
N VAL EA 380 27.38 -252.53 -197.88
CA VAL EA 380 28.70 -251.92 -197.74
C VAL EA 380 28.84 -251.38 -196.33
N THR EA 381 29.81 -251.93 -195.58
CA THR EA 381 30.00 -251.52 -194.20
C THR EA 381 30.73 -250.18 -194.13
N GLN EA 382 30.76 -249.61 -192.92
CA GLN EA 382 31.43 -248.33 -192.71
C GLN EA 382 32.95 -248.43 -192.83
N PHE EA 383 33.50 -249.64 -192.77
CA PHE EA 383 34.94 -249.83 -192.86
C PHE EA 383 35.39 -249.57 -194.29
N ASN EA 384 36.11 -248.47 -194.51
CA ASN EA 384 36.58 -248.10 -195.84
C ASN EA 384 37.95 -247.45 -195.74
N PRO EA 385 38.97 -248.19 -195.30
CA PRO EA 385 40.31 -247.59 -195.20
C PRO EA 385 40.95 -247.41 -196.57
N VAL EA 386 41.91 -246.48 -196.62
CA VAL EA 386 42.62 -246.21 -197.86
C VAL EA 386 43.45 -247.42 -198.27
N PHE EA 387 43.41 -247.74 -199.56
CA PHE EA 387 44.14 -248.90 -200.06
C PHE EA 387 45.64 -248.64 -200.02
N GLN EA 388 46.38 -249.51 -199.34
CA GLN EA 388 47.83 -249.40 -199.24
C GLN EA 388 48.51 -250.56 -199.96
N ALA EA 389 48.16 -251.80 -199.64
CA ALA EA 389 48.75 -252.96 -200.29
C ALA EA 389 47.77 -254.12 -200.21
N ARG EA 390 47.88 -255.03 -201.18
CA ARG EA 390 47.01 -256.21 -201.20
C ARG EA 390 47.29 -257.11 -200.00
N GLY EA 391 48.56 -257.20 -199.59
CA GLY EA 391 48.91 -258.02 -198.44
C GLY EA 391 48.45 -257.45 -197.11
N MET EA 392 48.06 -256.17 -197.08
CA MET EA 392 47.61 -255.51 -195.86
C MET EA 392 46.10 -255.53 -195.70
N GLN EA 393 45.36 -256.08 -196.67
CA GLN EA 393 43.91 -256.17 -196.60
C GLN EA 393 43.54 -257.35 -195.71
N LEU EA 394 43.58 -257.12 -194.41
CA LEU EA 394 43.30 -258.13 -193.41
C LEU EA 394 42.02 -257.78 -192.66
N CYS EA 395 41.09 -258.74 -192.60
CA CYS EA 395 39.82 -258.54 -191.91
C CYS EA 395 39.11 -259.87 -191.70
N GLN EA 396 38.51 -260.05 -190.53
CA GLN EA 396 37.78 -261.28 -190.20
C GLN EA 396 36.32 -260.93 -189.93
N LEU EA 397 35.47 -261.95 -189.95
CA LEU EA 397 34.04 -261.78 -189.76
C LEU EA 397 33.55 -262.68 -188.63
N VAL EA 398 32.72 -262.13 -187.75
CA VAL EA 398 32.15 -262.87 -186.64
C VAL EA 398 30.64 -262.68 -186.65
N VAL EA 399 29.89 -263.74 -186.38
CA VAL EA 399 28.44 -263.69 -186.31
C VAL EA 399 27.98 -264.39 -185.03
N PRO EA 400 27.76 -263.65 -183.94
CA PRO EA 400 27.36 -264.30 -182.68
C PRO EA 400 25.86 -264.59 -182.63
N ASN EA 401 25.06 -263.78 -183.32
CA ASN EA 401 23.61 -263.91 -183.30
C ASN EA 401 23.15 -264.50 -184.63
N PHE EA 402 22.67 -265.75 -184.57
CA PHE EA 402 22.19 -266.41 -185.78
C PHE EA 402 20.87 -265.83 -186.28
N SER EA 403 20.12 -265.15 -185.41
CA SER EA 403 18.82 -264.60 -185.79
C SER EA 403 18.82 -263.09 -185.98
N SER EA 404 19.78 -262.37 -185.39
CA SER EA 404 19.92 -260.94 -185.61
C SER EA 404 20.85 -260.71 -186.79
N GLN EA 405 20.51 -259.71 -187.61
CA GLN EA 405 21.28 -259.44 -188.82
C GLN EA 405 22.45 -258.51 -188.53
N ALA EA 406 23.23 -258.82 -187.50
CA ALA EA 406 24.38 -258.02 -187.11
C ALA EA 406 25.65 -258.85 -187.23
N CYS EA 407 26.70 -258.25 -187.78
CA CYS EA 407 27.99 -258.90 -187.96
C CYS EA 407 29.08 -258.03 -187.37
N TYR EA 408 30.22 -258.66 -187.05
CA TYR EA 408 31.36 -257.95 -186.48
C TYR EA 408 32.56 -258.16 -187.38
N LEU EA 409 32.99 -257.09 -188.06
CA LEU EA 409 34.25 -257.10 -188.78
C LEU EA 409 35.37 -256.82 -187.78
N TYR EA 410 36.47 -257.56 -187.92
CA TYR EA 410 37.52 -257.54 -186.92
C TYR EA 410 38.87 -257.35 -187.58
N THR EA 411 39.66 -256.45 -187.00
CA THR EA 411 41.06 -256.26 -187.38
C THR EA 411 41.92 -256.33 -186.12
N GLN EA 412 43.20 -256.00 -186.23
CA GLN EA 412 44.09 -256.04 -185.09
C GLN EA 412 44.01 -254.77 -184.24
N GLU EA 413 43.25 -253.76 -184.67
CA GLU EA 413 43.20 -252.48 -183.98
C GLU EA 413 41.80 -252.00 -183.62
N MET EA 414 40.75 -252.52 -184.28
CA MET EA 414 39.41 -252.02 -184.02
C MET EA 414 38.40 -253.05 -184.49
N ILE EA 415 37.16 -252.89 -184.01
CA ILE EA 415 36.04 -253.75 -184.37
C ILE EA 415 34.94 -252.88 -184.97
N PHE EA 416 34.23 -253.42 -185.94
CA PHE EA 416 33.13 -252.72 -186.61
C PHE EA 416 31.88 -253.58 -186.54
N ALA EA 417 30.91 -253.15 -185.73
CA ALA EA 417 29.61 -253.79 -185.72
C ALA EA 417 28.76 -253.19 -186.83
N CYS EA 418 28.37 -254.03 -187.80
CA CYS EA 418 27.66 -253.60 -188.98
C CYS EA 418 26.44 -254.48 -189.21
N SER EA 419 25.65 -254.12 -190.22
CA SER EA 419 24.40 -254.77 -190.53
C SER EA 419 24.54 -255.68 -191.75
N THR EA 420 23.66 -256.67 -191.83
CA THR EA 420 23.59 -257.57 -192.97
C THR EA 420 22.13 -257.74 -193.38
N GLY EA 421 21.93 -258.25 -194.59
CA GLY EA 421 20.58 -258.47 -195.08
C GLY EA 421 19.82 -257.17 -195.26
N THR EA 422 18.54 -257.19 -194.87
CA THR EA 422 17.72 -256.00 -194.99
C THR EA 422 18.06 -254.97 -193.90
N GLY EA 423 18.47 -255.44 -192.72
CA GLY EA 423 18.83 -254.54 -191.64
C GLY EA 423 17.69 -254.15 -190.73
N ARG EA 424 16.55 -254.84 -190.79
CA ARG EA 424 15.41 -254.46 -189.96
C ARG EA 424 15.70 -254.68 -188.47
N SER EA 425 16.30 -255.82 -188.12
CA SER EA 425 16.59 -256.16 -186.74
C SER EA 425 18.07 -256.03 -186.41
N THR EA 426 18.81 -255.23 -187.19
CA THR EA 426 20.24 -255.07 -186.97
C THR EA 426 20.51 -253.99 -185.93
N LEU EA 427 21.63 -254.15 -185.23
CA LEU EA 427 22.05 -253.17 -184.23
C LEU EA 427 22.67 -251.96 -184.91
N PRO EA 428 22.81 -250.85 -184.18
CA PRO EA 428 23.42 -249.65 -184.76
C PRO EA 428 24.84 -249.91 -185.22
N GLN EA 429 25.15 -249.43 -186.43
CA GLN EA 429 26.49 -249.59 -186.99
C GLN EA 429 27.46 -248.70 -186.21
N GLU EA 430 28.53 -249.31 -185.69
CA GLU EA 430 29.44 -248.59 -184.80
C GLU EA 430 30.86 -249.13 -184.95
N LYS EA 431 31.83 -248.27 -184.67
CA LYS EA 431 33.24 -248.65 -184.64
C LYS EA 431 33.76 -248.52 -183.21
N ILE EA 432 34.34 -249.59 -182.69
CA ILE EA 432 34.90 -249.62 -181.34
C ILE EA 432 36.42 -249.76 -181.49
N PRO EA 433 37.20 -248.79 -180.99
CA PRO EA 433 38.66 -248.89 -181.14
C PRO EA 433 39.33 -249.64 -180.00
N PHE EA 434 40.34 -250.43 -180.33
CA PHE EA 434 41.10 -251.18 -179.33
C PHE EA 434 42.60 -251.11 -179.62
N GLU EA 435 43.06 -249.99 -180.15
CA GLU EA 435 44.46 -249.80 -180.48
C GLU EA 435 45.18 -248.82 -179.56
N ALA EA 436 44.49 -248.29 -178.55
CA ALA EA 436 45.05 -247.26 -177.69
C ALA EA 436 45.95 -247.88 -176.62
N GLN EA 437 47.15 -247.30 -176.45
CA GLN EA 437 48.07 -247.66 -175.39
C GLN EA 437 48.58 -249.11 -175.54
N GLY EA 438 48.91 -249.48 -176.76
CA GLY EA 438 49.46 -250.80 -177.03
C GLY EA 438 48.44 -251.92 -177.09
N ASP EA 439 47.17 -251.63 -176.87
CA ASP EA 439 46.14 -252.66 -176.95
C ASP EA 439 45.97 -253.15 -178.38
N ASN EA 440 45.47 -254.37 -178.52
CA ASN EA 440 45.23 -254.96 -179.83
C ASN EA 440 44.24 -256.11 -179.68
N ILE EA 441 43.44 -256.32 -180.72
CA ILE EA 441 42.44 -257.38 -180.72
C ILE EA 441 43.15 -258.69 -181.04
N VAL EA 442 43.36 -259.50 -180.01
CA VAL EA 442 44.05 -260.78 -180.20
C VAL EA 442 43.14 -261.88 -180.72
N GLY EA 443 41.83 -261.70 -180.66
CA GLY EA 443 40.92 -262.69 -181.21
C GLY EA 443 39.48 -262.25 -181.03
N ALA EA 444 38.59 -262.99 -181.68
CA ALA EA 444 37.16 -262.69 -181.61
C ALA EA 444 36.37 -263.98 -181.68
N GLY EA 445 35.17 -263.94 -181.10
CA GLY EA 445 34.27 -265.09 -181.13
C GLY EA 445 32.95 -264.83 -180.43
N SER EA 446 32.27 -265.91 -180.04
CA SER EA 446 30.96 -265.80 -179.44
C SER EA 446 30.83 -266.80 -178.29
N CYS EA 447 30.19 -266.36 -177.21
CA CYS EA 447 29.89 -267.21 -176.07
C CYS EA 447 28.43 -267.01 -175.70
N GLU EA 448 27.62 -268.06 -175.89
CA GLU EA 448 26.17 -268.00 -175.66
C GLU EA 448 25.52 -266.91 -176.51
N GLY EA 449 26.07 -266.65 -177.70
CA GLY EA 449 25.54 -265.66 -178.60
C GLY EA 449 26.00 -264.24 -178.35
N TRP EA 450 26.93 -264.02 -177.41
CA TRP EA 450 27.41 -262.67 -177.11
C TRP EA 450 28.73 -262.43 -177.83
N PRO EA 451 28.86 -261.31 -178.55
CA PRO EA 451 30.14 -261.00 -179.20
C PRO EA 451 31.23 -260.77 -178.15
N VAL EA 452 32.26 -261.61 -178.20
CA VAL EA 452 33.37 -261.55 -177.26
C VAL EA 452 34.65 -261.30 -178.05
N PHE EA 453 35.52 -260.45 -177.51
CA PHE EA 453 36.81 -260.15 -178.10
C PHE EA 453 37.90 -260.35 -177.06
N PHE EA 454 38.99 -260.97 -177.47
CA PHE EA 454 40.17 -261.17 -176.64
C PHE EA 454 41.19 -260.11 -177.05
N ILE EA 455 41.37 -259.12 -176.18
CA ILE EA 455 42.30 -258.01 -176.41
C ILE EA 455 43.47 -258.16 -175.43
N ARG EA 456 44.63 -257.65 -175.85
CA ARG EA 456 45.84 -257.79 -175.02
C ARG EA 456 45.70 -257.02 -173.71
N LYS EA 457 45.03 -255.86 -173.74
CA LYS EA 457 45.01 -255.00 -172.57
C LYS EA 457 43.96 -255.42 -171.55
N SER EA 458 42.84 -256.00 -171.98
CA SER EA 458 41.74 -256.29 -171.07
C SER EA 458 41.29 -257.75 -171.08
N GLY EA 459 42.00 -258.64 -171.76
CA GLY EA 459 41.59 -260.03 -171.78
C GLY EA 459 40.31 -260.22 -172.58
N MET EA 460 39.45 -261.11 -172.08
CA MET EA 460 38.17 -261.34 -172.72
C MET EA 460 37.19 -260.24 -172.32
N LEU EA 461 36.47 -259.69 -173.30
CA LEU EA 461 35.48 -258.66 -173.05
C LEU EA 461 34.32 -258.83 -174.01
N THR EA 462 33.09 -258.74 -173.49
CA THR EA 462 31.89 -258.85 -174.28
C THR EA 462 31.36 -257.47 -174.62
N VAL EA 463 30.79 -257.36 -175.83
CA VAL EA 463 30.24 -256.11 -176.34
C VAL EA 463 28.74 -256.29 -176.47
N VAL EA 464 27.98 -255.56 -175.66
CA VAL EA 464 26.52 -255.68 -175.64
C VAL EA 464 25.92 -254.29 -175.87
N ALA EA 465 24.86 -254.25 -176.67
CA ALA EA 465 24.15 -252.99 -176.92
C ALA EA 465 23.58 -252.43 -175.62
N ARG EA 466 23.52 -251.11 -175.54
CA ARG EA 466 23.01 -250.44 -174.35
C ARG EA 466 21.48 -250.49 -174.30
N LYS EA 505 52.50 -222.25 -211.47
CA LYS EA 505 52.63 -222.04 -212.91
C LYS EA 505 51.37 -222.49 -213.65
N THR EA 506 51.52 -222.78 -214.95
CA THR EA 506 50.39 -223.24 -215.74
C THR EA 506 49.89 -224.60 -215.26
N LYS EA 507 50.80 -225.51 -214.91
CA LYS EA 507 50.39 -226.80 -214.37
C LYS EA 507 49.68 -226.65 -213.05
N HIS EA 508 50.15 -225.74 -212.19
CA HIS EA 508 49.47 -225.51 -210.91
C HIS EA 508 48.09 -224.92 -211.12
N LEU EA 509 47.95 -224.01 -212.09
CA LEU EA 509 46.63 -223.45 -212.40
C LEU EA 509 45.69 -224.52 -212.93
N LYS EA 510 46.17 -225.37 -213.84
CA LYS EA 510 45.35 -226.43 -214.41
C LYS EA 510 45.06 -227.56 -213.42
N ALA EA 511 45.83 -227.67 -212.34
CA ALA EA 511 45.51 -228.60 -211.27
C ALA EA 511 44.54 -228.01 -210.26
N ALA EA 512 44.65 -226.72 -209.97
CA ALA EA 512 43.64 -226.07 -209.14
C ALA EA 512 42.28 -226.06 -209.83
N PHE EA 513 42.28 -225.86 -211.16
CA PHE EA 513 41.03 -225.94 -211.90
C PHE EA 513 40.47 -227.35 -211.91
N LEU EA 514 41.32 -228.36 -212.04
CA LEU EA 514 40.87 -229.75 -212.03
C LEU EA 514 40.39 -230.18 -210.65
N ARG EA 515 40.88 -229.54 -209.59
CA ARG EA 515 40.36 -229.80 -208.25
C ARG EA 515 39.06 -229.06 -207.99
N TYR EA 516 38.92 -227.83 -208.50
CA TYR EA 516 37.65 -227.12 -208.39
C TYR EA 516 36.56 -227.84 -209.17
N CYS EA 517 36.92 -228.47 -210.29
CA CYS EA 517 35.94 -229.25 -211.06
C CYS EA 517 35.38 -230.40 -210.24
N ARG EA 518 36.24 -231.09 -209.49
CA ARG EA 518 35.80 -232.21 -208.66
C ARG EA 518 35.19 -231.76 -207.34
N LYS EA 519 35.45 -230.53 -206.91
CA LYS EA 519 34.88 -230.04 -205.66
C LYS EA 519 33.36 -229.90 -205.74
N ASP EA 520 32.82 -229.78 -206.96
CA ASP EA 520 31.37 -229.73 -207.11
C ASP EA 520 30.72 -231.07 -206.74
N ILE EA 521 31.43 -232.16 -206.96
CA ILE EA 521 30.89 -233.50 -206.67
C ILE EA 521 31.29 -233.96 -205.27
N LEU EA 522 32.57 -233.85 -204.93
CA LEU EA 522 33.06 -234.34 -203.66
C LEU EA 522 34.11 -233.40 -203.11
N GLY EA 523 34.31 -233.46 -201.80
CA GLY EA 523 35.23 -232.57 -201.12
C GLY EA 523 36.50 -233.23 -200.65
N ALA EA 524 36.50 -234.56 -200.54
CA ALA EA 524 37.67 -235.27 -200.05
C ALA EA 524 38.86 -235.12 -200.98
N GLN EA 525 38.64 -235.30 -202.29
CA GLN EA 525 39.73 -235.18 -203.24
C GLN EA 525 40.30 -233.77 -203.26
N SER EA 526 39.43 -232.76 -203.21
CA SER EA 526 39.88 -231.37 -203.19
C SER EA 526 40.63 -231.02 -201.91
N MET EA 527 40.18 -231.55 -200.77
CA MET EA 527 40.90 -231.32 -199.52
C MET EA 527 42.25 -232.03 -199.51
N VAL EA 528 42.36 -233.20 -200.15
CA VAL EA 528 43.66 -233.84 -200.26
C VAL EA 528 44.58 -233.10 -201.22
N ASP EA 529 44.04 -232.53 -202.31
CA ASP EA 529 44.84 -231.73 -203.23
C ASP EA 529 45.20 -230.37 -202.65
N SER EA 530 44.48 -229.91 -201.63
CA SER EA 530 44.86 -228.71 -200.88
C SER EA 530 45.90 -229.01 -199.80
N LEU EA 531 45.79 -230.17 -199.14
CA LEU EA 531 46.88 -230.61 -198.27
C LEU EA 531 48.16 -230.81 -199.07
N PHE EA 532 48.03 -231.27 -200.32
CA PHE EA 532 49.21 -231.39 -201.19
C PHE EA 532 49.66 -230.04 -201.73
N SER EA 533 48.77 -229.06 -201.83
CA SER EA 533 49.14 -227.71 -202.25
C SER EA 533 49.68 -226.87 -201.11
N ASP EA 534 49.55 -227.35 -199.88
CA ASP EA 534 50.20 -226.73 -198.73
C ASP EA 534 51.68 -227.09 -198.65
N SER EA 535 52.21 -227.81 -199.65
CA SER EA 535 53.64 -228.08 -199.76
C SER EA 535 54.34 -227.09 -200.70
N ASP EA 536 53.78 -225.90 -200.87
CA ASP EA 536 54.37 -224.88 -201.73
C ASP EA 536 55.49 -224.15 -201.01
N MET EA 537 55.99 -223.08 -201.61
CA MET EA 537 57.07 -222.30 -201.02
C MET EA 537 56.60 -221.49 -199.82
N GLU EA 538 55.34 -221.05 -199.84
CA GLU EA 538 54.72 -220.23 -198.81
C GLU EA 538 55.53 -218.97 -198.54
N PRO EA 539 56.04 -218.31 -199.58
CA PRO EA 539 56.62 -216.98 -199.40
C PRO EA 539 55.55 -215.91 -199.40
N ASP EA 540 55.31 -215.29 -198.24
CA ASP EA 540 54.28 -214.29 -198.06
C ASP EA 540 54.31 -213.22 -199.16
N ASP EA 541 55.51 -212.78 -199.54
CA ASP EA 541 55.66 -211.67 -200.47
C ASP EA 541 55.33 -212.05 -201.92
N GLU EA 542 55.75 -213.22 -202.38
CA GLU EA 542 55.67 -213.50 -203.82
C GLU EA 542 55.00 -214.84 -204.14
N LEU EA 543 55.05 -215.80 -203.23
CA LEU EA 543 54.38 -217.07 -203.48
C LEU EA 543 52.87 -216.97 -203.30
N ASP EA 544 52.42 -216.23 -202.28
CA ASP EA 544 51.01 -215.90 -202.20
C ASP EA 544 50.57 -215.04 -203.37
N LEU EA 545 51.45 -214.18 -203.88
CA LEU EA 545 51.16 -213.36 -205.04
C LEU EA 545 51.19 -214.15 -206.35
N ALA EA 546 51.79 -215.35 -206.34
CA ALA EA 546 51.76 -216.23 -207.49
C ALA EA 546 50.62 -217.24 -207.44
N VAL EA 547 50.10 -217.53 -206.24
CA VAL EA 547 48.83 -218.24 -206.12
C VAL EA 547 47.64 -217.32 -206.34
N ASN EA 548 47.78 -216.04 -206.05
CA ASN EA 548 46.77 -215.06 -206.45
C ASN EA 548 46.66 -214.97 -207.96
N GLN EA 549 47.78 -215.15 -208.67
CA GLN EA 549 47.78 -215.12 -210.12
C GLN EA 549 47.07 -216.32 -210.73
N ILE EA 550 46.83 -217.37 -209.96
CA ILE EA 550 46.03 -218.52 -210.41
C ILE EA 550 44.58 -218.37 -209.97
N SER EA 551 44.36 -217.88 -208.75
CA SER EA 551 42.99 -217.60 -208.31
C SER EA 551 42.32 -216.57 -209.21
N VAL EA 552 43.04 -215.50 -209.57
CA VAL EA 552 42.48 -214.48 -210.44
C VAL EA 552 42.33 -215.01 -211.86
N ASP EA 553 43.26 -215.87 -212.30
CA ASP EA 553 43.10 -216.50 -213.60
C ASP EA 553 41.84 -217.36 -213.67
N LEU EA 554 41.52 -218.08 -212.60
CA LEU EA 554 40.28 -218.84 -212.57
C LEU EA 554 39.05 -217.92 -212.49
N ILE EA 555 39.15 -216.83 -211.74
CA ILE EA 555 38.02 -215.91 -211.58
C ILE EA 555 37.79 -215.14 -212.87
N ASP EA 556 38.80 -215.10 -213.74
CA ASP EA 556 38.67 -214.45 -215.03
C ASP EA 556 38.31 -215.42 -216.15
N ASP EA 557 38.63 -216.70 -215.99
CA ASP EA 557 38.15 -217.72 -216.93
C ASP EA 557 36.72 -218.14 -216.64
N TYR EA 558 36.23 -217.93 -215.42
CA TYR EA 558 34.83 -218.18 -215.10
C TYR EA 558 33.95 -217.13 -215.76
N PRO EA 559 34.35 -215.85 -215.72
CA PRO EA 559 33.53 -214.81 -216.37
C PRO EA 559 33.56 -214.85 -217.88
N ALA EA 560 34.59 -215.46 -218.48
CA ALA EA 560 34.70 -215.60 -219.92
C ALA EA 560 33.84 -216.76 -220.41
N SER EA 561 34.19 -217.30 -221.59
CA SER EA 561 33.50 -218.46 -222.14
C SER EA 561 33.73 -219.70 -221.26
N ASP EA 562 33.32 -220.87 -221.75
CA ASP EA 562 33.41 -222.14 -221.05
C ASP EA 562 34.74 -222.29 -220.33
N PRO EA 563 34.72 -222.48 -219.01
CA PRO EA 563 35.98 -222.47 -218.26
C PRO EA 563 36.85 -223.68 -218.59
N ARG EA 564 38.16 -223.50 -218.43
CA ARG EA 564 39.12 -224.57 -218.69
C ARG EA 564 39.00 -225.68 -217.66
N TRP EA 565 38.25 -225.43 -216.58
CA TRP EA 565 38.03 -226.47 -215.58
C TRP EA 565 36.96 -227.45 -216.03
N ALA EA 566 36.14 -227.06 -216.99
CA ALA EA 566 35.08 -227.93 -217.49
C ALA EA 566 35.68 -229.10 -218.27
N GLU EA 567 34.78 -229.96 -218.78
CA GLU EA 567 35.10 -231.15 -219.56
C GLU EA 567 35.68 -232.25 -218.68
N SER EA 568 35.94 -231.95 -217.41
CA SER EA 568 36.27 -232.98 -216.44
C SER EA 568 35.01 -233.54 -215.79
N VAL EA 569 34.19 -232.65 -215.24
CA VAL EA 569 32.88 -232.99 -214.68
C VAL EA 569 31.84 -232.13 -215.40
N PRO EA 570 30.73 -232.70 -215.86
CA PRO EA 570 29.78 -231.91 -216.65
C PRO EA 570 28.85 -231.07 -215.78
N GLU EA 571 29.42 -230.09 -215.08
CA GLU EA 571 28.62 -229.17 -214.28
C GLU EA 571 28.04 -228.06 -215.15
N GLU EA 572 27.54 -226.99 -214.53
CA GLU EA 572 27.01 -225.85 -215.26
C GLU EA 572 28.09 -225.09 -216.03
N ALA EA 573 29.36 -225.41 -215.82
CA ALA EA 573 30.43 -224.79 -216.59
C ALA EA 573 30.48 -225.35 -218.02
N ALA EA 574 29.63 -226.32 -218.32
CA ALA EA 574 29.55 -226.96 -219.63
C ALA EA 574 29.57 -225.96 -220.78
N GLY EA 575 30.23 -226.33 -221.87
CA GLY EA 575 30.38 -225.45 -223.02
C GLY EA 575 29.13 -225.30 -223.85
N PHE EA 576 28.14 -224.57 -223.33
CA PHE EA 576 26.92 -224.29 -224.08
C PHE EA 576 27.26 -223.66 -225.43
N SER EA 577 26.49 -224.02 -226.46
CA SER EA 577 26.78 -223.58 -227.82
C SER EA 577 26.76 -222.07 -227.91
N ASN EA 578 27.71 -221.52 -228.66
CA ASN EA 578 27.80 -220.08 -228.89
C ASN EA 578 26.88 -219.61 -230.03
N THR EA 579 26.13 -220.52 -230.63
CA THR EA 579 25.19 -220.18 -231.69
C THR EA 579 23.75 -220.17 -231.21
N SER EA 580 23.50 -220.54 -229.95
CA SER EA 580 22.15 -220.51 -229.41
C SER EA 580 21.75 -219.08 -229.04
N LEU EA 581 20.46 -218.92 -228.72
CA LEU EA 581 19.91 -217.62 -228.36
C LEU EA 581 19.85 -217.40 -226.85
N ILE EA 582 20.24 -218.39 -226.05
CA ILE EA 582 20.17 -218.28 -224.60
C ILE EA 582 21.46 -217.66 -224.08
N LEU EA 583 21.52 -216.32 -224.05
CA LEU EA 583 22.68 -215.61 -223.55
C LEU EA 583 22.50 -215.16 -222.10
N LEU EA 584 21.32 -214.63 -221.77
CA LEU EA 584 21.06 -214.20 -220.40
C LEU EA 584 21.06 -215.39 -219.44
N HIS EA 585 20.44 -216.50 -219.85
CA HIS EA 585 20.45 -217.70 -219.02
C HIS EA 585 21.86 -218.25 -218.88
N GLN EA 586 22.66 -218.21 -219.95
CA GLN EA 586 24.02 -218.72 -219.87
C GLN EA 586 24.89 -217.84 -218.98
N LEU EA 587 24.61 -216.53 -218.93
CA LEU EA 587 25.33 -215.63 -218.03
C LEU EA 587 24.88 -215.76 -216.58
N GLU EA 588 23.60 -216.05 -216.36
CA GLU EA 588 23.16 -216.37 -215.00
C GLU EA 588 23.79 -217.68 -214.52
N ASP EA 589 23.89 -218.66 -215.41
CA ASP EA 589 24.60 -219.89 -215.08
C ASP EA 589 26.07 -219.63 -214.75
N LYS EA 590 26.70 -218.69 -215.46
CA LYS EA 590 28.09 -218.35 -215.17
C LYS EA 590 28.25 -217.58 -213.87
N MET EA 591 27.29 -216.74 -213.52
CA MET EA 591 27.31 -216.08 -212.22
C MET EA 591 27.10 -217.07 -211.08
N LYS EA 592 26.22 -218.06 -211.29
CA LYS EA 592 26.08 -219.13 -210.30
C LYS EA 592 27.34 -219.97 -210.18
N ALA EA 593 28.00 -220.22 -211.32
CA ALA EA 593 29.27 -220.95 -211.29
C ALA EA 593 30.35 -220.15 -210.54
N HIS EA 594 30.37 -218.84 -210.72
CA HIS EA 594 31.30 -217.99 -209.98
C HIS EA 594 30.99 -217.96 -208.49
N SER EA 595 29.71 -217.95 -208.11
CA SER EA 595 29.34 -218.03 -206.70
C SER EA 595 29.73 -219.37 -206.09
N PHE EA 596 29.54 -220.46 -206.83
CA PHE EA 596 29.97 -221.77 -206.36
C PHE EA 596 31.50 -221.86 -206.26
N PHE EA 597 32.22 -221.21 -207.17
CA PHE EA 597 33.68 -221.17 -207.08
C PHE EA 597 34.13 -220.39 -205.85
N VAL EA 598 33.47 -219.27 -205.57
CA VAL EA 598 33.78 -218.51 -204.36
C VAL EA 598 33.48 -219.34 -203.12
N ASP EA 599 32.39 -220.11 -203.14
CA ASP EA 599 32.06 -220.95 -202.00
C ASP EA 599 33.10 -222.05 -201.80
N PHE EA 600 33.51 -222.71 -202.88
CA PHE EA 600 34.49 -223.79 -202.82
C PHE EA 600 35.90 -223.28 -202.58
N LEU EA 601 36.13 -221.98 -202.73
CA LEU EA 601 37.40 -221.38 -202.32
C LEU EA 601 37.38 -221.01 -200.84
N HIS EA 602 36.27 -220.41 -200.38
CA HIS EA 602 36.13 -220.10 -198.96
C HIS EA 602 36.15 -221.37 -198.12
N GLN EA 603 35.66 -222.49 -198.67
CA GLN EA 603 35.69 -223.74 -197.94
C GLN EA 603 37.11 -224.26 -197.77
N VAL EA 604 37.83 -224.45 -198.88
CA VAL EA 604 39.21 -224.93 -198.82
C VAL EA 604 40.12 -224.01 -199.65
N GLY EA 605 40.69 -223.01 -199.00
CA GLY EA 605 41.66 -222.16 -199.68
C GLY EA 605 41.30 -220.69 -199.52
N LEU EA 606 41.90 -219.87 -200.39
CA LEU EA 606 41.59 -218.45 -200.51
C LEU EA 606 41.53 -217.71 -199.18
N PHE EA 607 42.48 -217.99 -198.29
CA PHE EA 607 42.65 -217.22 -197.05
C PHE EA 607 43.88 -216.34 -197.10
N SER EA 608 44.37 -216.08 -198.32
CA SER EA 608 45.62 -215.36 -198.56
C SER EA 608 45.61 -214.81 -199.97
N ARG EA 609 46.80 -214.46 -200.48
CA ARG EA 609 46.96 -214.11 -201.89
C ARG EA 609 46.17 -212.88 -202.32
N LEU EA 610 46.53 -211.70 -201.78
CA LEU EA 610 45.90 -210.43 -202.14
C LEU EA 610 46.99 -209.54 -202.76
N SER EA 611 47.16 -209.63 -204.08
CA SER EA 611 48.26 -208.98 -204.78
C SER EA 611 47.82 -208.23 -206.03
N THR EA 612 46.67 -207.55 -206.04
CA THR EA 612 46.31 -206.77 -207.22
C THR EA 612 47.09 -205.46 -207.27
N CYS EA 613 46.82 -204.56 -206.31
CA CYS EA 613 47.67 -203.42 -205.99
C CYS EA 613 47.81 -202.39 -207.11
N GLN EA 614 47.30 -202.70 -208.30
CA GLN EA 614 47.39 -201.81 -209.46
C GLN EA 614 46.53 -202.35 -210.58
N THR EA 615 45.54 -201.57 -211.02
CA THR EA 615 44.72 -201.96 -212.15
C THR EA 615 44.21 -200.71 -212.87
N LYS EA 616 44.75 -200.45 -214.05
CA LYS EA 616 44.27 -199.39 -214.95
C LYS EA 616 44.15 -198.04 -214.21
N GLY EA 617 45.16 -197.73 -213.41
CA GLY EA 617 45.15 -196.49 -212.64
C GLY EA 617 44.34 -196.54 -211.38
N MET EA 618 43.72 -197.67 -211.06
CA MET EA 618 42.93 -197.84 -209.85
C MET EA 618 43.70 -198.69 -208.85
N LEU EA 619 43.65 -198.30 -207.58
CA LEU EA 619 44.35 -199.00 -206.52
C LEU EA 619 43.38 -199.89 -205.76
N VAL EA 620 43.85 -201.08 -205.38
CA VAL EA 620 43.02 -202.06 -204.69
C VAL EA 620 43.84 -202.66 -203.55
N ALA EA 621 43.23 -202.80 -202.38
CA ALA EA 621 43.94 -203.32 -201.22
C ALA EA 621 44.15 -204.83 -201.31
N THR EA 622 43.15 -205.56 -201.80
CA THR EA 622 43.18 -207.01 -201.76
C THR EA 622 42.69 -207.60 -203.07
N ARG EA 623 43.21 -208.78 -203.41
CA ARG EA 623 42.74 -209.49 -204.60
C ARG EA 623 41.27 -209.90 -204.47
N LEU EA 624 40.77 -210.05 -203.24
CA LEU EA 624 39.35 -210.28 -203.03
C LEU EA 624 38.50 -209.16 -203.61
N LEU EA 625 39.03 -207.93 -203.62
CA LEU EA 625 38.34 -206.85 -204.31
C LEU EA 625 38.24 -207.11 -205.79
N LEU EA 626 39.20 -207.84 -206.38
CA LEU EA 626 39.11 -208.20 -207.78
C LEU EA 626 37.98 -209.20 -208.02
N SER EA 627 37.79 -210.16 -207.12
CA SER EA 627 36.66 -211.07 -207.24
C SER EA 627 35.33 -210.34 -207.07
N GLU EA 628 35.28 -209.39 -206.13
CA GLU EA 628 34.09 -208.58 -205.95
C GLU EA 628 33.80 -207.76 -207.21
N HIS EA 629 34.84 -207.20 -207.83
CA HIS EA 629 34.66 -206.44 -209.06
C HIS EA 629 34.23 -207.35 -210.22
N ALA EA 630 34.72 -208.58 -210.25
CA ALA EA 630 34.26 -209.53 -211.25
C ALA EA 630 32.78 -209.86 -211.07
N GLU EA 631 32.34 -210.03 -209.83
CA GLU EA 631 30.92 -210.24 -209.57
C GLU EA 631 30.10 -209.02 -210.00
N LYS EA 632 30.62 -207.82 -209.71
CA LYS EA 632 29.92 -206.59 -210.10
C LYS EA 632 29.81 -206.47 -211.61
N LEU EA 633 30.88 -206.82 -212.33
CA LEU EA 633 30.91 -206.71 -213.78
C LEU EA 633 30.23 -207.89 -214.48
N SER EA 634 29.90 -208.93 -213.74
CA SER EA 634 29.04 -209.99 -214.26
C SER EA 634 27.57 -209.76 -213.93
N ALA EA 635 27.27 -208.94 -212.92
CA ALA EA 635 25.90 -208.48 -212.71
C ALA EA 635 25.55 -207.33 -213.65
N ALA EA 636 26.50 -206.44 -213.90
CA ALA EA 636 26.29 -205.39 -214.91
C ALA EA 636 26.07 -206.00 -216.29
N ILE EA 637 26.77 -207.10 -216.59
CA ILE EA 637 26.57 -207.77 -217.87
C ILE EA 637 25.17 -208.34 -217.96
N VAL EA 638 24.66 -208.91 -216.86
CA VAL EA 638 23.29 -209.42 -216.86
C VAL EA 638 22.29 -208.29 -217.00
N LEU EA 639 22.57 -207.14 -216.38
CA LEU EA 639 21.68 -205.99 -216.52
C LEU EA 639 21.65 -205.49 -217.96
N LYS EA 640 22.81 -205.40 -218.61
CA LYS EA 640 22.90 -204.95 -219.98
C LYS EA 640 22.42 -205.99 -220.98
N ASN EA 641 22.31 -207.25 -220.58
CA ASN EA 641 21.66 -208.25 -221.42
C ASN EA 641 20.15 -208.22 -221.26
N HIS EA 642 19.66 -207.96 -220.04
CA HIS EA 642 18.22 -207.79 -219.85
C HIS EA 642 17.72 -206.54 -220.55
N HIS EA 643 18.54 -205.49 -220.58
CA HIS EA 643 18.21 -204.25 -221.30
C HIS EA 643 18.79 -204.37 -222.70
N ALA EA 644 17.99 -204.90 -223.62
CA ALA EA 644 18.41 -205.14 -225.00
C ALA EA 644 17.51 -204.34 -225.93
N LYS EA 645 18.12 -203.42 -226.69
CA LYS EA 645 17.39 -202.59 -227.65
C LYS EA 645 18.25 -202.38 -228.88
N LEU EA 646 17.63 -201.86 -229.94
CA LEU EA 646 18.35 -201.62 -231.19
C LEU EA 646 19.47 -200.59 -231.05
N PRO EA 647 19.26 -199.43 -230.42
CA PRO EA 647 20.37 -198.48 -230.29
C PRO EA 647 21.50 -199.00 -229.42
N VAL EA 648 21.18 -199.69 -228.33
CA VAL EA 648 22.22 -200.25 -227.46
C VAL EA 648 22.99 -201.34 -228.21
N LEU EA 649 22.29 -202.14 -229.01
CA LEU EA 649 22.97 -203.17 -229.79
C LEU EA 649 23.86 -202.55 -230.86
N VAL EA 650 23.44 -201.45 -231.48
CA VAL EA 650 24.27 -200.78 -232.47
C VAL EA 650 25.51 -200.19 -231.81
N ASN EA 651 25.33 -199.58 -230.64
CA ASN EA 651 26.48 -199.05 -229.90
C ASN EA 651 27.45 -200.15 -229.51
N SER EA 652 26.93 -201.30 -229.08
CA SER EA 652 27.79 -202.42 -228.71
C SER EA 652 28.53 -202.96 -229.92
N ALA EA 653 27.85 -203.05 -231.07
CA ALA EA 653 28.52 -203.51 -232.28
C ALA EA 653 29.62 -202.55 -232.70
N ILE EA 654 29.37 -201.24 -232.60
CA ILE EA 654 30.40 -200.26 -232.94
C ILE EA 654 31.57 -200.37 -231.99
N GLN EA 655 31.30 -200.57 -230.70
CA GLN EA 655 32.37 -200.73 -229.73
C GLN EA 655 33.22 -201.97 -230.03
N LEU EA 656 32.56 -203.08 -230.35
CA LEU EA 656 33.28 -204.31 -230.64
C LEU EA 656 34.12 -204.17 -231.91
N ALA EA 657 33.57 -203.54 -232.94
CA ALA EA 657 34.31 -203.34 -234.18
C ALA EA 657 35.45 -202.36 -234.02
N LEU EA 658 35.35 -201.40 -233.10
CA LEU EA 658 36.47 -200.51 -232.82
C LEU EA 658 37.53 -201.22 -231.98
N ASP EA 659 37.11 -202.15 -231.12
CA ASP EA 659 38.06 -202.90 -230.31
C ASP EA 659 38.87 -203.87 -231.16
N LYS EA 660 38.20 -204.66 -232.00
CA LYS EA 660 38.87 -205.65 -232.82
C LYS EA 660 37.90 -206.11 -233.90
N ARG EA 661 38.38 -207.00 -234.77
CA ARG EA 661 37.54 -207.59 -235.79
C ARG EA 661 36.73 -208.75 -235.21
N MET EA 662 35.55 -208.96 -235.78
CA MET EA 662 34.63 -209.99 -235.33
C MET EA 662 34.50 -211.08 -236.40
N CYS EA 663 34.41 -212.33 -235.96
CA CYS EA 663 34.23 -213.44 -236.88
C CYS EA 663 32.86 -213.38 -237.52
N THR EA 664 32.80 -213.60 -238.83
CA THR EA 664 31.56 -213.55 -239.59
C THR EA 664 30.98 -214.94 -239.85
N VAL EA 665 31.29 -215.91 -238.99
CA VAL EA 665 30.77 -217.27 -239.15
C VAL EA 665 29.53 -217.46 -238.28
N THR EA 670 27.81 -208.65 -231.14
CA THR EA 670 28.72 -209.56 -231.81
C THR EA 670 29.16 -210.70 -230.89
N ALA EA 671 29.60 -210.35 -229.69
CA ALA EA 671 30.05 -211.33 -228.71
C ALA EA 671 29.90 -210.72 -227.32
N ALA EA 672 29.79 -211.59 -226.32
CA ALA EA 672 29.63 -211.16 -224.93
C ALA EA 672 30.57 -211.83 -223.95
N ASP EA 673 31.15 -212.99 -224.27
CA ASP EA 673 32.04 -213.68 -223.35
C ASP EA 673 33.23 -212.82 -222.93
N VAL EA 674 33.83 -212.10 -223.88
CA VAL EA 674 34.94 -211.21 -223.55
C VAL EA 674 34.46 -209.81 -223.18
N TYR EA 675 33.30 -209.39 -223.67
CA TYR EA 675 32.74 -208.07 -223.35
C TYR EA 675 32.21 -208.02 -221.93
N PHE EA 676 32.03 -209.17 -221.29
CA PHE EA 676 31.69 -209.24 -219.87
C PHE EA 676 32.91 -209.08 -218.97
N ARG EA 677 34.04 -209.69 -219.36
CA ARG EA 677 35.29 -209.45 -218.64
C ARG EA 677 35.81 -208.04 -218.84
N GLU EA 678 35.53 -207.45 -220.01
CA GLU EA 678 36.00 -206.10 -220.32
C GLU EA 678 34.81 -205.20 -220.65
N VAL EA 679 33.76 -205.29 -219.82
CA VAL EA 679 32.56 -204.48 -220.04
C VAL EA 679 32.77 -203.00 -219.72
N SER EA 680 33.90 -202.64 -219.13
CA SER EA 680 34.16 -201.23 -218.84
C SER EA 680 34.24 -200.41 -220.12
N GLN EA 681 34.76 -201.00 -221.20
CA GLN EA 681 34.85 -200.30 -222.47
C GLN EA 681 33.48 -200.10 -223.12
N MET EA 682 32.51 -200.97 -222.83
CA MET EA 682 31.17 -200.88 -223.40
C MET EA 682 30.35 -199.76 -222.76
N GLU EA 683 30.92 -199.03 -221.81
CA GLU EA 683 30.31 -197.83 -221.27
C GLU EA 683 31.03 -196.55 -221.67
N ILE EA 684 32.34 -196.63 -221.95
CA ILE EA 684 33.06 -195.49 -222.50
C ILE EA 684 32.92 -195.38 -224.01
N ILE EA 685 32.49 -196.45 -224.67
CA ILE EA 685 32.17 -196.38 -226.10
C ILE EA 685 30.69 -196.13 -226.35
N PHE EA 686 29.81 -196.56 -225.45
CA PHE EA 686 28.40 -196.21 -225.56
C PHE EA 686 28.14 -194.75 -225.24
N GLU EA 687 29.14 -194.02 -224.76
CA GLU EA 687 29.09 -192.58 -224.60
C GLU EA 687 29.61 -191.88 -225.85
N CYS EA 688 30.67 -192.41 -226.45
CA CYS EA 688 31.12 -191.90 -227.75
C CYS EA 688 30.05 -192.09 -228.82
N LEU EA 689 29.33 -193.21 -228.80
CA LEU EA 689 28.23 -193.43 -229.73
C LEU EA 689 27.04 -192.53 -229.45
N VAL EA 690 26.80 -192.19 -228.18
CA VAL EA 690 25.74 -191.23 -227.87
C VAL EA 690 26.14 -189.82 -228.30
N ASP EA 691 27.43 -189.49 -228.22
CA ASP EA 691 27.89 -188.20 -228.74
C ASP EA 691 27.81 -188.16 -230.25
N LYS EA 692 28.12 -189.27 -230.92
CA LYS EA 692 27.96 -189.34 -232.37
C LYS EA 692 26.51 -189.26 -232.80
N GLU EA 693 25.58 -189.80 -231.99
CA GLU EA 693 24.17 -189.60 -232.25
C GLU EA 693 23.77 -188.14 -232.03
N GLU EA 694 24.24 -187.54 -230.93
CA GLU EA 694 23.95 -186.13 -230.66
C GLU EA 694 24.49 -185.23 -231.77
N ALA EA 695 25.55 -185.65 -232.46
CA ALA EA 695 26.10 -184.86 -233.56
C ALA EA 695 25.06 -184.61 -234.65
N ASP EA 696 24.24 -185.62 -234.96
CA ASP EA 696 23.18 -185.48 -235.95
C ASP EA 696 21.82 -185.26 -235.30
N LEU EA 697 21.77 -185.21 -233.96
CA LEU EA 697 20.52 -184.96 -233.25
C LEU EA 697 19.86 -183.64 -233.64
N GLU EA 698 20.63 -182.68 -234.17
CA GLU EA 698 20.11 -181.37 -234.55
C GLU EA 698 19.41 -180.68 -233.39
N SER EA 699 19.94 -180.85 -232.18
CA SER EA 699 19.37 -180.24 -230.98
C SER EA 699 19.95 -178.85 -230.74
N THR EA 700 19.91 -178.01 -231.78
CA THR EA 700 20.38 -176.63 -231.63
C THR EA 700 19.36 -175.78 -230.90
N SER EA 701 18.12 -176.24 -230.83
CA SER EA 701 17.04 -175.49 -230.21
C SER EA 701 15.99 -176.47 -229.70
N ILE EA 702 14.81 -175.94 -229.35
CA ILE EA 702 13.72 -176.72 -228.77
C ILE EA 702 13.13 -177.72 -229.77
N ASP EA 703 13.67 -177.74 -230.99
CA ASP EA 703 13.10 -178.57 -232.04
C ASP EA 703 13.18 -180.06 -231.70
N SER EA 704 14.37 -180.55 -231.37
CA SER EA 704 14.56 -181.98 -231.17
C SER EA 704 13.95 -182.45 -229.86
N VAL EA 705 13.29 -183.60 -229.89
CA VAL EA 705 12.67 -184.19 -228.71
C VAL EA 705 13.14 -185.64 -228.53
N GLU EA 706 12.92 -186.46 -229.56
CA GLU EA 706 13.36 -187.86 -229.49
C GLU EA 706 14.87 -187.96 -229.41
N TRP EA 707 15.58 -187.02 -230.04
CA TRP EA 707 17.03 -187.01 -230.01
C TRP EA 707 17.59 -186.66 -228.64
N ALA EA 708 16.81 -185.97 -227.81
CA ALA EA 708 17.18 -185.73 -226.42
C ALA EA 708 16.61 -186.78 -225.48
N ASN EA 709 15.62 -187.54 -225.92
CA ASN EA 709 15.10 -188.65 -225.12
C ASN EA 709 15.95 -189.90 -225.26
N ILE EA 710 16.60 -190.09 -226.41
CA ILE EA 710 17.49 -191.25 -226.55
C ILE EA 710 18.70 -191.14 -225.63
N VAL EA 711 19.26 -189.93 -225.49
CA VAL EA 711 20.37 -189.74 -224.56
C VAL EA 711 19.91 -189.99 -223.12
N VAL EA 712 18.66 -189.64 -222.81
CA VAL EA 712 18.13 -189.90 -221.48
C VAL EA 712 17.95 -191.40 -221.25
N ASN EA 713 17.53 -192.12 -222.29
CA ASN EA 713 17.43 -193.58 -222.18
C ASN EA 713 18.80 -194.21 -221.95
N VAL EA 714 19.83 -193.71 -222.64
CA VAL EA 714 21.18 -194.24 -222.44
C VAL EA 714 21.68 -193.93 -221.04
N ASN EA 715 21.42 -192.71 -220.55
CA ASN EA 715 21.81 -192.36 -219.19
C ASN EA 715 21.07 -193.21 -218.16
N THR EA 716 19.80 -193.52 -218.44
CA THR EA 716 19.05 -194.39 -217.54
C THR EA 716 19.63 -195.80 -217.52
N ILE EA 717 20.07 -196.29 -218.69
CA ILE EA 717 20.70 -197.61 -218.73
C ILE EA 717 22.00 -197.61 -217.93
N LEU EA 718 22.81 -196.55 -218.07
CA LEU EA 718 24.04 -196.46 -217.30
C LEU EA 718 23.76 -196.38 -215.80
N LYS EA 719 22.74 -195.61 -215.42
CA LYS EA 719 22.39 -195.50 -214.00
C LYS EA 719 21.88 -196.84 -213.45
N ASP EA 720 21.15 -197.58 -214.27
CA ASP EA 720 20.70 -198.91 -213.85
C ASP EA 720 21.87 -199.86 -213.68
N MET EA 721 22.86 -199.78 -214.57
CA MET EA 721 24.07 -200.60 -214.40
C MET EA 721 24.80 -200.23 -213.11
N LEU EA 722 24.89 -198.93 -212.81
CA LEU EA 722 25.53 -198.50 -211.57
C LEU EA 722 24.76 -198.95 -210.34
N HIS EA 723 23.43 -198.90 -210.39
CA HIS EA 723 22.63 -199.37 -209.27
C HIS EA 723 22.75 -200.88 -209.08
N VAL EA 724 22.87 -201.61 -210.19
CA VAL EA 724 23.08 -203.05 -210.10
C VAL EA 724 24.44 -203.35 -209.46
N ALA EA 725 25.47 -202.59 -209.83
CA ALA EA 725 26.76 -202.75 -209.17
C ALA EA 725 26.68 -202.42 -207.68
N CYS EA 726 25.93 -201.37 -207.32
CA CYS EA 726 25.75 -201.02 -205.92
C CYS EA 726 25.07 -202.15 -205.16
N GLN EA 727 24.04 -202.75 -205.75
CA GLN EA 727 23.36 -203.86 -205.11
C GLN EA 727 24.25 -205.10 -204.99
N TYR EA 728 25.08 -205.36 -206.00
CA TYR EA 728 25.99 -206.50 -205.97
C TYR EA 728 27.16 -206.29 -205.02
N ARG EA 729 27.45 -205.04 -204.65
CA ARG EA 729 28.44 -204.76 -203.62
C ARG EA 729 27.82 -204.59 -202.24
N GLN EA 730 26.51 -204.42 -202.16
CA GLN EA 730 25.82 -204.42 -200.88
C GLN EA 730 25.41 -205.81 -200.43
N SER EA 731 25.22 -206.73 -201.38
CA SER EA 731 24.95 -208.13 -201.05
C SER EA 731 26.25 -208.85 -200.67
N LYS EA 732 26.93 -208.35 -199.65
CA LYS EA 732 28.21 -208.91 -199.23
C LYS EA 732 28.00 -210.22 -198.47
N ASN EA 733 29.12 -210.81 -198.04
CA ASN EA 733 29.09 -212.06 -197.30
C ASN EA 733 29.94 -212.05 -196.04
N SER EA 734 30.90 -211.15 -195.90
CA SER EA 734 31.74 -211.10 -194.70
C SER EA 734 30.92 -210.73 -193.48
N LEU EA 735 31.31 -211.26 -192.33
CA LEU EA 735 30.62 -210.99 -191.07
C LEU EA 735 31.10 -209.72 -190.38
N TYR EA 736 32.13 -209.07 -190.90
CA TYR EA 736 32.63 -207.82 -190.33
C TYR EA 736 32.40 -206.62 -191.23
N LYS EA 737 32.51 -206.79 -192.55
CA LYS EA 737 32.26 -205.73 -193.51
C LYS EA 737 30.81 -205.85 -193.98
N ASN EA 738 30.01 -204.83 -193.74
CA ASN EA 738 28.60 -204.80 -194.14
C ASN EA 738 27.83 -205.95 -193.52
N GLU EA 739 27.67 -205.93 -192.20
CA GLU EA 739 26.90 -206.96 -191.50
C GLU EA 739 25.51 -207.13 -192.11
N SER EA 740 24.93 -206.05 -192.64
CA SER EA 740 23.69 -206.16 -193.39
C SER EA 740 23.91 -207.02 -194.63
N GLY EA 741 22.99 -207.97 -194.85
CA GLY EA 741 23.19 -209.00 -195.86
C GLY EA 741 23.80 -210.27 -195.33
N ILE EA 742 23.96 -210.38 -194.01
CA ILE EA 742 24.56 -211.51 -193.32
C ILE EA 742 23.57 -211.93 -192.24
N GLN EA 743 24.02 -212.78 -191.31
CA GLN EA 743 23.13 -213.31 -190.28
C GLN EA 743 22.68 -212.24 -189.28
N GLU EA 744 22.91 -210.97 -189.58
CA GLU EA 744 22.36 -209.83 -188.86
C GLU EA 744 21.26 -209.18 -189.69
N PRO EA 745 20.44 -208.32 -189.10
CA PRO EA 745 19.30 -207.75 -189.83
C PRO EA 745 19.74 -207.00 -191.08
N GLU EA 746 19.12 -207.36 -192.21
CA GLU EA 746 19.41 -206.72 -193.49
C GLU EA 746 18.40 -205.62 -193.84
N HIS EA 747 17.60 -205.18 -192.88
CA HIS EA 747 16.63 -204.12 -193.12
C HIS EA 747 17.27 -202.74 -193.25
N VAL EA 748 18.53 -202.60 -192.86
CA VAL EA 748 19.25 -201.34 -192.98
C VAL EA 748 20.56 -201.61 -193.71
N PRO EA 749 20.61 -201.38 -195.03
CA PRO EA 749 21.84 -201.69 -195.77
C PRO EA 749 22.95 -200.72 -195.45
N TRP EA 750 24.17 -201.16 -195.70
CA TRP EA 750 25.36 -200.34 -195.48
C TRP EA 750 25.47 -199.26 -196.55
N THR EA 751 26.60 -198.56 -196.54
CA THR EA 751 26.92 -197.55 -197.55
C THR EA 751 26.66 -198.07 -198.96
N ALA EA 752 25.96 -197.29 -199.78
CA ALA EA 752 25.57 -197.70 -201.12
C ALA EA 752 26.73 -197.65 -202.12
N SER EA 753 27.96 -197.47 -201.65
CA SER EA 753 29.11 -197.45 -202.54
C SER EA 753 29.36 -198.84 -203.11
N SER EA 754 29.77 -198.88 -204.38
CA SER EA 754 30.10 -200.13 -205.05
C SER EA 754 31.50 -200.62 -204.75
N GLY EA 755 32.22 -199.96 -203.84
CA GLY EA 755 33.60 -200.33 -203.57
C GLY EA 755 34.53 -200.09 -204.74
N THR EA 756 34.14 -199.24 -205.68
CA THR EA 756 34.98 -198.95 -206.84
C THR EA 756 36.17 -198.09 -206.44
N ALA EA 757 37.27 -198.26 -207.17
CA ALA EA 757 38.50 -197.52 -206.91
C ALA EA 757 38.63 -196.26 -207.77
N GLY EA 758 37.58 -195.89 -208.50
CA GLY EA 758 37.63 -194.69 -209.31
C GLY EA 758 38.46 -194.82 -210.57
N ILE EA 759 38.01 -195.66 -211.51
CA ILE EA 759 38.72 -195.81 -212.77
C ILE EA 759 38.74 -194.49 -213.51
N ARG EA 760 39.91 -194.16 -214.09
CA ARG EA 760 40.11 -192.88 -214.76
C ARG EA 760 39.46 -192.85 -216.14
N SER EA 761 38.73 -193.89 -216.52
CA SER EA 761 37.93 -193.89 -217.74
C SER EA 761 36.44 -193.92 -217.45
N VAL EA 762 36.00 -194.74 -216.50
CA VAL EA 762 34.61 -194.69 -216.06
C VAL EA 762 34.28 -193.34 -215.44
N VAL EA 763 35.21 -192.79 -214.66
CA VAL EA 763 35.01 -191.47 -214.08
C VAL EA 763 34.95 -190.41 -215.18
N THR EA 764 35.78 -190.54 -216.21
CA THR EA 764 35.75 -189.59 -217.32
C THR EA 764 34.43 -189.66 -218.07
N ARG EA 765 33.94 -190.87 -218.33
CA ARG EA 765 32.64 -191.02 -218.98
C ARG EA 765 31.50 -190.49 -218.12
N GLN EA 766 31.59 -190.65 -216.79
CA GLN EA 766 30.56 -190.11 -215.90
C GLN EA 766 30.59 -188.59 -215.89
N HIS EA 767 31.78 -187.99 -215.89
CA HIS EA 767 31.89 -186.54 -215.96
C HIS EA 767 31.50 -185.99 -217.32
N GLY EA 768 31.59 -186.79 -218.37
CA GLY EA 768 31.10 -186.40 -219.67
C GLY EA 768 29.58 -186.44 -219.73
N ILE EA 769 28.99 -187.49 -219.15
CA ILE EA 769 27.54 -187.57 -219.06
C ILE EA 769 26.97 -186.50 -218.13
N ILE EA 770 27.73 -186.07 -217.12
CA ILE EA 770 27.27 -184.99 -216.25
C ILE EA 770 27.41 -183.65 -216.96
N LEU EA 771 28.45 -183.48 -217.76
CA LEU EA 771 28.65 -182.26 -218.52
C LEU EA 771 27.74 -182.17 -219.72
N LYS EA 772 27.11 -183.28 -220.12
CA LYS EA 772 26.09 -183.25 -221.16
C LYS EA 772 24.76 -182.81 -220.57
N VAL EA 773 24.76 -181.67 -219.87
CA VAL EA 773 23.56 -181.10 -219.29
C VAL EA 773 23.01 -179.96 -220.13
N TYR EA 774 23.70 -179.58 -221.20
CA TYR EA 774 23.17 -178.58 -222.11
C TYR EA 774 21.81 -178.96 -222.68
N PRO EA 775 21.44 -180.24 -222.77
CA PRO EA 775 20.06 -180.57 -223.19
C PRO EA 775 19.00 -180.01 -222.26
N GLN EA 776 19.32 -179.85 -220.97
CA GLN EA 776 18.35 -179.29 -220.03
C GLN EA 776 18.08 -177.81 -220.28
N ALA EA 777 18.93 -177.13 -221.04
CA ALA EA 777 18.66 -175.74 -221.38
C ALA EA 777 17.44 -175.62 -222.28
N ASP EA 778 17.26 -176.58 -223.18
CA ASP EA 778 16.09 -176.64 -224.08
C ASP EA 778 15.50 -178.04 -223.99
N SER EA 779 14.55 -178.23 -223.06
CA SER EA 779 13.91 -179.52 -222.86
C SER EA 779 12.67 -179.33 -222.01
N GLY EA 780 11.83 -180.36 -221.99
CA GLY EA 780 10.62 -180.30 -221.17
C GLY EA 780 10.96 -180.23 -219.69
N LEU EA 781 10.01 -179.67 -218.93
CA LEU EA 781 10.22 -179.50 -217.49
C LEU EA 781 10.38 -180.85 -216.79
N ARG EA 782 9.51 -181.81 -217.10
CA ARG EA 782 9.61 -183.12 -216.46
C ARG EA 782 10.83 -183.89 -216.94
N THR EA 783 11.16 -183.78 -218.22
CA THR EA 783 12.32 -184.48 -218.77
C THR EA 783 13.61 -183.95 -218.14
N ILE EA 784 13.73 -182.64 -217.98
CA ILE EA 784 14.90 -182.06 -217.35
C ILE EA 784 15.02 -182.52 -215.90
N LEU EA 785 13.91 -182.63 -215.18
CA LEU EA 785 13.94 -183.09 -213.80
C LEU EA 785 14.34 -184.56 -213.72
N ILE EA 786 13.84 -185.39 -214.65
CA ILE EA 786 14.23 -186.80 -214.65
C ILE EA 786 15.71 -186.95 -214.97
N GLU EA 787 16.22 -186.15 -215.91
CA GLU EA 787 17.64 -186.20 -216.22
C GLU EA 787 18.49 -185.71 -215.05
N GLN EA 788 18.03 -184.68 -214.34
CA GLN EA 788 18.75 -184.22 -213.16
C GLN EA 788 18.76 -185.27 -212.07
N LEU EA 789 17.64 -185.98 -211.90
CA LEU EA 789 17.59 -187.07 -210.92
C LEU EA 789 18.55 -188.19 -211.30
N ALA EA 790 18.61 -188.53 -212.59
CA ALA EA 790 19.54 -189.57 -213.02
C ALA EA 790 20.99 -189.15 -212.79
N ALA EA 791 21.32 -187.89 -213.11
CA ALA EA 791 22.67 -187.41 -212.89
C ALA EA 791 23.02 -187.37 -211.41
N LEU EA 792 22.06 -187.00 -210.56
CA LEU EA 792 22.29 -187.02 -209.12
C LEU EA 792 22.50 -188.44 -208.61
N LEU EA 793 21.73 -189.39 -209.15
CA LEU EA 793 21.93 -190.79 -208.78
C LEU EA 793 23.31 -191.29 -209.16
N ASN EA 794 23.79 -190.89 -210.35
CA ASN EA 794 25.13 -191.29 -210.76
C ASN EA 794 26.20 -190.65 -209.87
N TYR EA 795 26.04 -189.36 -209.57
CA TYR EA 795 26.99 -188.66 -208.70
C TYR EA 795 27.00 -189.21 -207.28
N LEU EA 796 25.86 -189.69 -206.78
CA LEU EA 796 25.78 -190.24 -205.44
C LEU EA 796 26.39 -191.62 -205.32
N LEU EA 797 26.76 -192.23 -206.44
CA LEU EA 797 27.57 -193.44 -206.46
C LEU EA 797 29.04 -193.15 -206.73
N ASP EA 798 29.32 -192.19 -207.61
CA ASP EA 798 30.70 -191.77 -207.82
C ASP EA 798 31.32 -191.24 -206.53
N ASP EA 799 30.64 -190.31 -205.86
CA ASP EA 799 31.13 -189.77 -204.60
C ASP EA 799 31.19 -190.82 -203.50
N TYR EA 800 30.29 -191.80 -203.51
CA TYR EA 800 30.35 -192.86 -202.52
C TYR EA 800 31.55 -193.77 -202.73
N VAL EA 801 31.86 -194.10 -203.98
CA VAL EA 801 33.06 -194.90 -204.26
C VAL EA 801 34.31 -194.10 -203.90
N THR EA 802 34.32 -192.80 -204.16
CA THR EA 802 35.45 -191.97 -203.77
C THR EA 802 35.62 -191.93 -202.25
N GLN EA 803 34.50 -191.83 -201.53
CA GLN EA 803 34.56 -191.82 -200.07
C GLN EA 803 35.06 -193.15 -199.52
N LEU EA 804 34.63 -194.26 -200.13
CA LEU EA 804 35.14 -195.56 -199.72
C LEU EA 804 36.64 -195.68 -199.96
N LYS EA 805 37.09 -195.23 -201.13
CA LYS EA 805 38.52 -195.27 -201.44
C LYS EA 805 39.32 -194.40 -200.47
N SER EA 806 38.76 -193.27 -200.07
CA SER EA 806 39.45 -192.39 -199.12
C SER EA 806 39.48 -193.00 -197.73
N ILE EA 807 38.39 -193.64 -197.31
CA ILE EA 807 38.35 -194.26 -195.99
C ILE EA 807 39.30 -195.44 -195.93
N ASP EA 808 39.52 -196.12 -197.05
CA ASP EA 808 40.44 -197.26 -197.09
C ASP EA 808 41.89 -196.86 -196.87
N LYS EA 809 42.20 -195.56 -196.86
CA LYS EA 809 43.59 -195.11 -196.74
C LYS EA 809 44.12 -195.32 -195.34
N LEU EA 810 45.41 -195.62 -195.23
CA LEU EA 810 46.07 -195.80 -193.95
C LEU EA 810 46.68 -194.48 -193.46
N ALA EA 811 47.26 -194.53 -192.25
CA ALA EA 811 47.86 -193.33 -191.67
C ALA EA 811 49.14 -192.94 -192.41
N ASN EA 812 49.94 -193.92 -192.80
CA ASN EA 812 51.19 -193.63 -193.50
C ASN EA 812 50.90 -193.13 -194.92
N GLU EA 813 51.85 -192.37 -195.47
CA GLU EA 813 51.73 -191.74 -196.78
C GLU EA 813 50.54 -190.77 -196.84
N GLU EA 814 50.30 -190.02 -195.75
CA GLU EA 814 49.13 -189.15 -195.68
C GLU EA 814 49.14 -188.07 -196.74
N ARG EA 815 50.29 -187.80 -197.37
CA ARG EA 815 50.35 -186.79 -198.41
C ARG EA 815 49.44 -187.16 -199.59
N TYR EA 816 49.52 -188.40 -200.06
CA TYR EA 816 48.68 -188.83 -201.17
C TYR EA 816 47.20 -188.89 -200.75
N ASN EA 817 46.93 -189.27 -199.50
CA ASN EA 817 45.54 -189.28 -199.04
C ASN EA 817 44.95 -187.88 -199.00
N ILE EA 818 45.73 -186.90 -198.54
CA ILE EA 818 45.26 -185.51 -198.54
C ILE EA 818 45.12 -184.96 -199.94
N LEU EA 819 46.00 -185.36 -200.87
CA LEU EA 819 45.85 -184.95 -202.26
C LEU EA 819 44.59 -185.53 -202.89
N GLU EA 820 44.29 -186.80 -202.61
CA GLU EA 820 43.05 -187.40 -203.10
C GLU EA 820 41.83 -186.76 -202.46
N MET EA 821 41.91 -186.40 -201.18
CA MET EA 821 40.81 -185.71 -200.53
C MET EA 821 40.56 -184.33 -201.17
N GLU EA 822 41.65 -183.61 -201.45
CA GLU EA 822 41.52 -182.32 -202.12
C GLU EA 822 40.94 -182.48 -203.52
N TYR EA 823 41.35 -183.54 -204.24
CA TYR EA 823 40.80 -183.77 -205.56
C TYR EA 823 39.31 -184.10 -205.51
N ALA EA 824 38.89 -184.87 -204.50
CA ALA EA 824 37.48 -185.19 -204.35
C ALA EA 824 36.67 -183.96 -203.94
N GLN EA 825 37.27 -183.08 -203.14
CA GLN EA 825 36.61 -181.83 -202.79
C GLN EA 825 36.48 -180.92 -204.00
N LYS EA 826 37.48 -180.91 -204.88
CA LYS EA 826 37.44 -180.12 -206.10
C LYS EA 826 36.53 -180.71 -207.17
N ARG EA 827 35.94 -181.88 -206.91
CA ARG EA 827 34.90 -182.46 -207.73
C ARG EA 827 33.52 -182.31 -207.12
N SER EA 828 33.44 -182.37 -205.79
CA SER EA 828 32.19 -182.00 -205.12
C SER EA 828 31.85 -180.54 -205.37
N GLU EA 829 32.84 -179.65 -205.30
CA GLU EA 829 32.62 -178.24 -205.58
C GLU EA 829 32.33 -177.96 -207.05
N LEU EA 830 32.63 -178.90 -207.95
CA LEU EA 830 32.27 -178.76 -209.35
C LEU EA 830 30.93 -179.38 -209.70
N LEU EA 831 30.49 -180.39 -208.94
CA LEU EA 831 29.14 -180.91 -209.07
C LEU EA 831 28.12 -180.02 -208.38
N SER EA 832 28.54 -179.26 -207.37
CA SER EA 832 27.65 -178.31 -206.70
C SER EA 832 27.32 -177.15 -207.63
N PRO EA 833 28.31 -176.61 -208.35
CA PRO EA 833 28.01 -175.55 -209.31
C PRO EA 833 27.05 -175.97 -210.42
N LEU EA 834 27.13 -177.23 -210.85
CA LEU EA 834 26.21 -177.72 -211.88
C LEU EA 834 24.78 -177.78 -211.34
N LEU EA 835 24.63 -178.08 -210.05
CA LEU EA 835 23.31 -178.14 -209.42
C LEU EA 835 22.87 -176.81 -208.84
N ILE EA 836 23.72 -175.78 -208.92
CA ILE EA 836 23.32 -174.46 -208.45
C ILE EA 836 22.20 -173.89 -209.32
N LEU EA 837 22.19 -174.22 -210.61
CA LEU EA 837 21.10 -173.80 -211.47
C LEU EA 837 19.92 -174.77 -211.41
N GLY EA 838 20.18 -176.02 -211.05
CA GLY EA 838 19.14 -177.01 -210.93
C GLY EA 838 18.27 -176.80 -209.70
N GLN EA 839 17.38 -177.76 -209.49
CA GLN EA 839 16.46 -177.69 -208.35
C GLN EA 839 17.21 -177.90 -207.05
N TYR EA 840 16.84 -177.13 -206.02
CA TYR EA 840 17.45 -177.26 -204.70
C TYR EA 840 16.84 -178.38 -203.87
N ALA EA 841 15.78 -179.02 -204.36
CA ALA EA 841 15.21 -180.16 -203.66
C ALA EA 841 16.16 -181.35 -203.62
N TRP EA 842 17.09 -181.43 -204.59
CA TRP EA 842 18.10 -182.47 -204.61
C TRP EA 842 19.41 -182.04 -203.97
N ALA EA 843 19.54 -180.77 -203.59
CA ALA EA 843 20.75 -180.31 -202.92
C ALA EA 843 20.92 -180.99 -201.57
N SER EA 844 19.83 -181.08 -200.80
CA SER EA 844 19.88 -181.78 -199.52
C SER EA 844 20.19 -183.26 -199.72
N ASN EA 845 19.65 -183.85 -200.78
CA ASN EA 845 19.93 -185.25 -201.08
C ASN EA 845 21.41 -185.46 -201.39
N LEU EA 846 21.99 -184.57 -202.21
CA LEU EA 846 23.42 -184.66 -202.51
C LEU EA 846 24.26 -184.46 -201.25
N ALA EA 847 23.85 -183.52 -200.39
CA ALA EA 847 24.60 -183.27 -199.15
C ALA EA 847 24.55 -184.48 -198.22
N GLU EA 848 23.40 -185.15 -198.16
CA GLU EA 848 23.28 -186.35 -197.33
C GLU EA 848 23.95 -187.57 -197.96
N LYS EA 849 24.10 -187.58 -199.28
CA LYS EA 849 24.84 -188.65 -199.94
C LYS EA 849 26.34 -188.51 -199.69
N TYR EA 850 26.86 -187.29 -199.89
CA TYR EA 850 28.23 -186.97 -199.46
C TYR EA 850 28.20 -186.63 -197.97
N CYS EA 851 28.10 -187.68 -197.17
CA CYS EA 851 27.88 -187.55 -195.74
C CYS EA 851 29.07 -186.85 -195.08
N ASP EA 852 28.86 -186.40 -193.85
CA ASP EA 852 29.82 -185.57 -193.12
C ASP EA 852 30.22 -184.35 -193.96
N PHE EA 853 29.25 -183.79 -194.68
CA PHE EA 853 29.50 -182.71 -195.62
C PHE EA 853 29.84 -181.43 -194.86
N ASP EA 854 31.08 -180.96 -195.04
CA ASP EA 854 31.50 -179.67 -194.52
C ASP EA 854 31.63 -178.61 -195.62
N ILE EA 855 32.29 -178.95 -196.72
CA ILE EA 855 32.50 -177.98 -197.80
C ILE EA 855 31.17 -177.53 -198.39
N LEU EA 856 30.20 -178.44 -198.47
CA LEU EA 856 28.89 -178.08 -199.03
C LEU EA 856 28.04 -177.37 -197.98
N VAL EA 857 28.03 -177.87 -196.75
CA VAL EA 857 27.15 -177.33 -195.73
C VAL EA 857 27.57 -175.92 -195.33
N GLN EA 858 28.86 -175.71 -195.05
CA GLN EA 858 29.31 -174.39 -194.64
C GLN EA 858 29.22 -173.38 -195.78
N ILE EA 859 29.29 -173.85 -197.03
CA ILE EA 859 29.14 -172.94 -198.16
C ILE EA 859 27.68 -172.59 -198.42
N CYS EA 860 26.75 -173.52 -198.22
CA CYS EA 860 25.33 -173.18 -198.29
C CYS EA 860 24.95 -172.25 -197.14
N GLU EA 861 25.57 -172.43 -195.97
CA GLU EA 861 25.33 -171.53 -194.84
C GLU EA 861 26.06 -170.20 -194.98
N MET EA 862 27.03 -170.09 -195.90
CA MET EA 862 27.75 -168.85 -196.10
C MET EA 862 27.23 -168.03 -197.28
N THR EA 863 26.68 -168.68 -198.30
CA THR EA 863 26.06 -167.95 -199.40
C THR EA 863 24.71 -167.38 -199.01
N ASP EA 864 24.08 -167.93 -197.98
CA ASP EA 864 22.85 -167.41 -197.43
C ASP EA 864 23.17 -166.69 -196.11
N ASN EA 865 22.11 -166.29 -195.39
CA ASN EA 865 22.25 -165.60 -194.12
C ASN EA 865 21.96 -166.53 -192.93
N GLN EA 866 22.17 -167.83 -193.10
CA GLN EA 866 21.80 -168.82 -192.11
C GLN EA 866 23.01 -169.19 -191.25
N SER EA 867 23.51 -168.21 -190.50
CA SER EA 867 24.52 -168.51 -189.50
C SER EA 867 23.91 -169.09 -188.24
N ARG EA 868 22.59 -168.95 -188.04
CA ARG EA 868 21.93 -169.78 -187.05
C ARG EA 868 22.02 -171.25 -187.42
N LEU EA 869 21.86 -171.55 -188.72
CA LEU EA 869 22.07 -172.91 -189.20
C LEU EA 869 23.53 -173.31 -189.07
N GLN EA 870 24.45 -172.39 -189.33
CA GLN EA 870 25.87 -172.68 -189.13
C GLN EA 870 26.20 -172.99 -187.68
N ARG EA 871 25.61 -172.26 -186.73
CA ARG EA 871 25.84 -172.51 -185.31
C ARG EA 871 25.20 -173.83 -184.89
N TYR EA 872 24.03 -174.14 -185.44
CA TYR EA 872 23.42 -175.44 -185.16
C TYR EA 872 24.30 -176.58 -185.68
N MET EA 873 24.89 -176.41 -186.87
CA MET EA 873 25.78 -177.42 -187.40
C MET EA 873 27.04 -177.56 -186.55
N THR EA 874 27.58 -176.43 -186.08
CA THR EA 874 28.74 -176.47 -185.20
C THR EA 874 28.42 -177.08 -183.84
N LEU EA 875 27.18 -176.93 -183.36
CA LEU EA 875 26.81 -177.54 -182.08
C LEU EA 875 26.59 -179.04 -182.22
N PHE EA 876 25.88 -179.46 -183.26
CA PHE EA 876 25.55 -180.87 -183.47
C PHE EA 876 26.56 -181.48 -184.44
N ALA EA 877 27.81 -181.56 -184.00
CA ALA EA 877 28.88 -182.16 -184.77
C ALA EA 877 30.12 -182.27 -183.91
N GLU EA 878 31.11 -183.02 -184.41
CA GLU EA 878 32.38 -183.23 -183.74
C GLU EA 878 33.48 -182.56 -184.55
N GLN EA 879 34.25 -181.69 -183.92
CA GLN EA 879 35.36 -180.94 -184.51
C GLN EA 879 34.92 -179.98 -185.60
N ASN EA 880 33.62 -179.66 -185.67
CA ASN EA 880 33.12 -178.77 -186.71
C ASN EA 880 33.65 -177.36 -186.56
N PHE EA 881 34.00 -176.93 -185.34
CA PHE EA 881 34.57 -175.60 -185.18
C PHE EA 881 35.95 -175.52 -185.81
N SER EA 882 36.82 -176.49 -185.50
CA SER EA 882 38.15 -176.52 -186.10
C SER EA 882 38.09 -176.80 -187.59
N ASP EA 883 37.03 -177.45 -188.06
CA ASP EA 883 36.86 -177.64 -189.49
C ASP EA 883 36.47 -176.34 -190.17
N PHE EA 884 35.49 -175.63 -189.62
CA PHE EA 884 35.01 -174.40 -190.24
C PHE EA 884 36.07 -173.29 -190.17
N LEU EA 885 36.90 -173.29 -189.12
CA LEU EA 885 37.98 -172.32 -189.05
C LEU EA 885 38.96 -172.49 -190.21
N PHE EA 886 39.43 -173.71 -190.43
CA PHE EA 886 40.35 -173.96 -191.54
C PHE EA 886 39.65 -173.78 -192.88
N ARG EA 887 38.35 -174.05 -192.96
CA ARG EA 887 37.64 -173.84 -194.21
C ARG EA 887 37.54 -172.35 -194.55
N TRP EA 888 37.26 -171.50 -193.56
CA TRP EA 888 37.25 -170.06 -193.78
C TRP EA 888 38.66 -169.56 -194.12
N TYR EA 889 39.68 -170.10 -193.45
CA TYR EA 889 41.05 -169.73 -193.77
C TYR EA 889 41.40 -170.06 -195.22
N LEU EA 890 40.96 -171.22 -195.69
CA LEU EA 890 41.24 -171.61 -197.08
C LEU EA 890 40.42 -170.77 -198.05
N GLU EA 891 39.18 -170.47 -197.71
CA GLU EA 891 38.29 -169.69 -198.58
C GLU EA 891 38.30 -168.21 -198.24
N LYS EA 892 39.40 -167.71 -197.66
CA LYS EA 892 39.58 -166.28 -197.43
C LYS EA 892 39.43 -165.50 -198.73
N GLY EA 893 38.43 -164.62 -198.79
CA GLY EA 893 38.07 -163.93 -200.00
C GLY EA 893 37.07 -164.66 -200.87
N LYS EA 894 36.65 -165.86 -200.48
CA LYS EA 894 35.64 -166.62 -201.20
C LYS EA 894 34.42 -166.92 -200.34
N ARG EA 895 34.62 -167.32 -199.09
CA ARG EA 895 33.53 -167.63 -198.19
C ARG EA 895 33.86 -167.12 -196.80
N GLY EA 896 32.83 -166.65 -196.08
CA GLY EA 896 32.99 -166.14 -194.75
C GLY EA 896 33.11 -164.64 -194.64
N LYS EA 897 33.15 -163.93 -195.77
CA LYS EA 897 33.27 -162.48 -195.74
C LYS EA 897 31.94 -161.84 -195.37
N LEU EA 898 32.01 -160.67 -194.73
CA LEU EA 898 30.83 -159.92 -194.35
C LEU EA 898 30.42 -158.89 -195.40
N LEU EA 899 31.23 -158.71 -196.45
CA LEU EA 899 30.89 -157.78 -197.53
C LEU EA 899 30.13 -158.44 -198.67
N SER EA 900 30.21 -159.77 -198.79
CA SER EA 900 29.44 -160.47 -199.81
C SER EA 900 27.98 -160.63 -199.37
N GLN EA 901 27.75 -160.98 -198.12
CA GLN EA 901 26.40 -161.04 -197.59
C GLN EA 901 25.95 -159.65 -197.14
N PRO EA 902 24.67 -159.34 -197.28
CA PRO EA 902 24.15 -158.01 -196.86
C PRO EA 902 23.92 -157.94 -195.36
N ALA EA 903 25.00 -157.68 -194.62
CA ALA EA 903 24.94 -157.73 -193.16
C ALA EA 903 24.37 -156.45 -192.55
N SER EA 904 23.07 -156.24 -192.70
CA SER EA 904 22.34 -155.21 -191.97
C SER EA 904 20.97 -155.76 -191.59
N GLN EA 905 20.76 -157.03 -191.95
CA GLN EA 905 19.49 -157.74 -191.84
C GLN EA 905 19.74 -159.08 -191.17
N HIS EA 906 18.83 -160.04 -191.38
CA HIS EA 906 19.18 -161.43 -191.10
C HIS EA 906 20.59 -161.77 -191.61
N GLY EA 907 21.06 -161.09 -192.65
CA GLY EA 907 22.48 -161.15 -192.98
C GLY EA 907 23.40 -160.58 -191.92
N GLN EA 908 22.96 -159.60 -191.14
CA GLN EA 908 23.75 -159.14 -189.99
C GLN EA 908 23.65 -160.12 -188.82
N LEU EA 909 22.49 -160.75 -188.64
CA LEU EA 909 22.43 -161.88 -187.71
C LEU EA 909 23.38 -162.99 -188.12
N ALA EA 910 23.59 -163.14 -189.43
CA ALA EA 910 24.56 -164.11 -189.94
C ALA EA 910 25.99 -163.66 -189.64
N ALA EA 911 26.29 -162.38 -189.88
CA ALA EA 911 27.60 -161.85 -189.56
C ALA EA 911 27.91 -161.97 -188.07
N PHE EA 912 26.87 -161.96 -187.24
CA PHE EA 912 27.06 -162.12 -185.80
C PHE EA 912 27.82 -163.40 -185.47
N LEU EA 913 27.53 -164.49 -186.19
CA LEU EA 913 28.23 -165.74 -186.00
C LEU EA 913 29.39 -165.94 -186.96
N GLN EA 914 29.40 -165.24 -188.10
CA GLN EA 914 30.51 -165.34 -189.04
C GLN EA 914 31.70 -164.47 -188.66
N ALA EA 915 31.54 -163.60 -187.66
CA ALA EA 915 32.63 -162.73 -187.23
C ALA EA 915 33.51 -163.36 -186.15
N HIS EA 916 33.31 -164.65 -185.85
CA HIS EA 916 34.05 -165.27 -184.75
C HIS EA 916 35.54 -165.36 -185.08
N ASP EA 917 36.32 -164.48 -184.46
CA ASP EA 917 37.79 -164.50 -184.46
C ASP EA 917 38.29 -164.08 -185.84
N HIS EA 918 37.43 -163.94 -186.85
CA HIS EA 918 37.90 -163.47 -188.15
C HIS EA 918 37.50 -162.01 -188.40
N LEU EA 919 36.24 -161.68 -188.18
CA LEU EA 919 35.72 -160.34 -188.42
C LEU EA 919 35.38 -159.59 -187.13
N SER EA 920 36.23 -159.72 -186.11
CA SER EA 920 35.99 -159.04 -184.83
C SER EA 920 35.78 -157.55 -184.98
N TRP EA 921 36.33 -156.93 -186.03
CA TRP EA 921 36.07 -155.51 -186.28
C TRP EA 921 34.59 -155.27 -186.52
N LEU EA 922 33.99 -156.05 -187.43
CA LEU EA 922 32.56 -155.92 -187.68
C LEU EA 922 31.75 -156.41 -186.49
N HIS EA 923 32.25 -157.41 -185.78
CA HIS EA 923 31.60 -157.88 -184.55
C HIS EA 923 31.49 -156.76 -183.53
N GLU EA 924 32.48 -155.88 -183.49
CA GLU EA 924 32.43 -154.74 -182.58
C GLU EA 924 31.26 -153.82 -182.92
N LEU EA 925 30.99 -153.63 -184.21
CA LEU EA 925 29.90 -152.76 -184.62
C LEU EA 925 28.54 -153.41 -184.43
N ASN EA 926 28.46 -154.73 -184.67
CA ASN EA 926 27.18 -155.41 -184.71
C ASN EA 926 26.82 -156.13 -183.40
N SER EA 927 27.74 -156.18 -182.44
CA SER EA 927 27.47 -156.86 -181.18
C SER EA 927 28.07 -156.11 -180.00
N GLN EA 928 28.63 -154.93 -180.26
CA GLN EA 928 29.23 -154.07 -179.24
C GLN EA 928 30.43 -154.72 -178.56
N GLU EA 929 31.34 -155.30 -179.36
CA GLU EA 929 32.56 -155.90 -178.83
C GLU EA 929 33.60 -154.80 -178.66
N PHE EA 930 33.45 -154.03 -177.58
CA PHE EA 930 34.28 -152.86 -177.37
C PHE EA 930 35.73 -153.25 -177.06
N GLU EA 931 35.93 -154.32 -176.27
CA GLU EA 931 37.28 -154.74 -175.94
C GLU EA 931 38.03 -155.22 -177.17
N LYS EA 932 37.38 -156.04 -178.00
CA LYS EA 932 38.01 -156.49 -179.24
C LYS EA 932 38.25 -155.32 -180.19
N ALA EA 933 37.32 -154.36 -180.23
CA ALA EA 933 37.54 -153.17 -181.04
C ALA EA 933 38.77 -152.41 -180.59
N HIS EA 934 38.93 -152.22 -179.27
CA HIS EA 934 40.09 -151.51 -178.75
C HIS EA 934 41.38 -152.26 -179.07
N ARG EA 935 41.36 -153.59 -178.92
CA ARG EA 935 42.56 -154.37 -179.22
C ARG EA 935 42.94 -154.27 -180.68
N THR EA 936 41.96 -154.40 -181.58
CA THR EA 936 42.24 -154.33 -183.01
C THR EA 936 42.69 -152.94 -183.42
N LEU EA 937 42.09 -151.90 -182.83
CA LEU EA 937 42.49 -150.53 -183.15
C LEU EA 937 43.90 -150.24 -182.64
N GLN EA 938 44.26 -150.79 -181.48
CA GLN EA 938 45.61 -150.62 -180.97
C GLN EA 938 46.62 -151.33 -181.87
N THR EA 939 46.30 -152.55 -182.31
CA THR EA 939 47.18 -153.24 -183.25
C THR EA 939 47.34 -152.47 -184.55
N LEU EA 940 46.24 -151.91 -185.06
CA LEU EA 940 46.30 -151.14 -186.30
C LEU EA 940 47.13 -149.87 -186.12
N ALA EA 941 46.99 -149.20 -184.97
CA ALA EA 941 47.78 -148.00 -184.71
C ALA EA 941 49.25 -148.32 -184.56
N ASN EA 942 49.57 -149.47 -183.96
CA ASN EA 942 50.96 -149.88 -183.84
C ASN EA 942 51.55 -150.23 -185.20
N MET EA 943 50.75 -150.84 -186.07
CA MET EA 943 51.24 -151.17 -187.42
C MET EA 943 51.26 -149.96 -188.33
N GLU EA 944 50.54 -148.89 -187.99
CA GLU EA 944 50.46 -147.72 -188.85
C GLU EA 944 51.77 -146.96 -188.88
N THR EA 945 52.31 -146.78 -190.08
CA THR EA 945 53.56 -146.04 -190.27
C THR EA 945 53.44 -145.07 -191.43
N ARG EA 946 52.43 -145.27 -192.29
CA ARG EA 946 52.30 -144.46 -193.49
C ARG EA 946 51.81 -143.05 -193.17
N TYR EA 947 50.80 -142.93 -192.32
CA TYR EA 947 50.17 -141.65 -192.03
C TYR EA 947 50.14 -141.41 -190.53
N PHE EA 948 50.84 -140.37 -190.08
CA PHE EA 948 50.80 -140.02 -188.66
C PHE EA 948 49.41 -139.59 -188.22
N CYS EA 949 48.69 -138.87 -189.08
CA CYS EA 949 47.32 -138.49 -188.75
C CYS EA 949 46.43 -139.71 -188.60
N LYS EA 950 46.59 -140.70 -189.48
CA LYS EA 950 45.80 -141.92 -189.36
C LYS EA 950 46.17 -142.70 -188.12
N LYS EA 951 47.47 -142.74 -187.77
CA LYS EA 951 47.89 -143.40 -186.55
C LYS EA 951 47.29 -142.73 -185.31
N LYS EA 952 47.28 -141.40 -185.30
CA LYS EA 952 46.70 -140.67 -184.18
C LYS EA 952 45.19 -140.91 -184.09
N THR EA 953 44.52 -140.94 -185.23
CA THR EA 953 43.08 -141.22 -185.25
C THR EA 953 42.79 -142.62 -184.74
N LEU EA 954 43.61 -143.60 -185.14
CA LEU EA 954 43.41 -144.96 -184.67
C LEU EA 954 43.67 -145.07 -183.16
N LEU EA 955 44.68 -144.35 -182.66
CA LEU EA 955 44.94 -144.35 -181.22
C LEU EA 955 43.78 -143.72 -180.46
N GLY EA 956 43.25 -142.60 -180.95
CA GLY EA 956 42.09 -142.00 -180.32
C GLY EA 956 40.88 -142.91 -180.31
N LEU EA 957 40.65 -143.60 -181.43
CA LEU EA 957 39.52 -144.53 -181.51
C LEU EA 957 39.71 -145.69 -180.53
N SER EA 958 40.94 -146.22 -180.44
CA SER EA 958 41.21 -147.29 -179.49
C SER EA 958 40.97 -146.84 -178.06
N LYS EA 959 41.43 -145.62 -177.74
CA LYS EA 959 41.23 -145.09 -176.39
C LYS EA 959 39.75 -144.92 -176.08
N LEU EA 960 38.98 -144.41 -177.06
CA LEU EA 960 37.55 -144.23 -176.84
C LEU EA 960 36.84 -145.57 -176.68
N ALA EA 961 37.22 -146.57 -177.47
CA ALA EA 961 36.63 -147.89 -177.33
C ALA EA 961 36.95 -148.51 -175.98
N ALA EA 962 38.20 -148.35 -175.52
CA ALA EA 962 38.58 -148.88 -174.21
C ALA EA 962 37.83 -148.17 -173.09
N LEU EA 963 37.64 -146.86 -173.22
CA LEU EA 963 36.88 -146.11 -172.20
C LEU EA 963 35.41 -146.51 -172.20
N ALA EA 964 34.85 -146.82 -173.37
CA ALA EA 964 33.46 -147.23 -173.47
C ALA EA 964 33.26 -148.72 -173.25
N SER EA 965 34.34 -149.48 -173.04
CA SER EA 965 34.24 -150.91 -172.78
C SER EA 965 33.84 -151.15 -171.33
N ASP EA 966 33.59 -152.43 -171.00
CA ASP EA 966 33.18 -152.83 -169.67
C ASP EA 966 34.33 -153.45 -168.87
N PHE EA 967 35.57 -153.07 -169.19
CA PHE EA 967 36.72 -153.59 -168.47
C PHE EA 967 36.73 -153.10 -167.03
N GLN EA 968 37.30 -153.92 -166.14
CA GLN EA 968 37.41 -153.55 -164.74
C GLN EA 968 38.28 -152.31 -164.57
N GLU EA 969 38.26 -151.74 -163.37
CA GLU EA 969 39.02 -150.52 -163.09
C GLU EA 969 40.52 -150.74 -163.30
N ASP EA 970 41.05 -151.86 -162.82
CA ASP EA 970 42.49 -152.11 -162.92
C ASP EA 970 42.92 -152.27 -164.38
N VAL EA 971 42.19 -153.09 -165.14
CA VAL EA 971 42.52 -153.30 -166.55
C VAL EA 971 42.36 -152.00 -167.33
N LEU EA 972 41.34 -151.21 -166.99
CA LEU EA 972 41.14 -149.93 -167.67
C LEU EA 972 42.30 -148.98 -167.39
N GLN EA 973 42.76 -148.92 -166.14
CA GLN EA 973 43.89 -148.06 -165.80
C GLN EA 973 45.17 -148.53 -166.50
N GLU EA 974 45.38 -149.85 -166.57
CA GLU EA 974 46.56 -150.37 -167.26
C GLU EA 974 46.53 -150.01 -168.75
N LYS EA 975 45.36 -150.20 -169.38
CA LYS EA 975 45.24 -149.87 -170.79
C LYS EA 975 45.40 -148.37 -171.02
N VAL EA 976 44.88 -147.56 -170.09
CA VAL EA 976 45.03 -146.12 -170.21
C VAL EA 976 46.48 -145.68 -170.07
N GLU EA 977 47.25 -146.32 -169.19
CA GLU EA 977 48.67 -146.00 -169.08
C GLU EA 977 49.44 -146.44 -170.32
N GLU EA 978 49.11 -147.63 -170.84
CA GLU EA 978 49.75 -148.09 -172.07
C GLU EA 978 49.46 -147.15 -173.23
N ILE EA 979 48.23 -146.63 -173.31
CA ILE EA 979 47.88 -145.69 -174.38
C ILE EA 979 48.55 -144.34 -174.13
N ALA EA 980 48.67 -143.93 -172.87
CA ALA EA 980 49.31 -142.66 -172.56
C ALA EA 980 50.78 -142.68 -172.91
N GLU EA 981 51.42 -143.85 -172.81
CA GLU EA 981 52.80 -143.96 -173.26
C GLU EA 981 52.93 -143.61 -174.75
N GLN EA 982 52.10 -144.23 -175.59
CA GLN EA 982 52.12 -143.93 -177.02
C GLN EA 982 51.71 -142.49 -177.28
N GLU EA 983 50.80 -141.95 -176.47
CA GLU EA 983 50.39 -140.56 -176.64
C GLU EA 983 51.55 -139.60 -176.36
N HIS EA 984 52.31 -139.86 -175.30
CA HIS EA 984 53.48 -139.05 -175.00
C HIS EA 984 54.53 -139.19 -176.09
N PHE EA 985 54.67 -140.40 -176.63
CA PHE EA 985 55.60 -140.61 -177.74
C PHE EA 985 55.18 -139.80 -178.97
N LEU EA 986 53.89 -139.77 -179.27
CA LEU EA 986 53.40 -139.07 -180.46
C LEU EA 986 53.42 -137.56 -180.26
N LEU EA 987 53.28 -137.09 -179.01
CA LEU EA 987 53.25 -135.66 -178.74
C LEU EA 987 54.50 -134.95 -179.21
N HIS EA 988 55.65 -135.64 -179.22
CA HIS EA 988 56.89 -135.05 -179.70
C HIS EA 988 56.75 -134.62 -181.16
N GLN EA 989 56.30 -135.54 -182.02
CA GLN EA 989 56.07 -135.19 -183.42
C GLN EA 989 54.90 -134.21 -183.56
N GLU EA 990 53.91 -134.31 -182.67
CA GLU EA 990 52.77 -133.39 -182.73
C GLU EA 990 53.20 -131.95 -182.49
N THR EA 991 54.24 -131.76 -181.67
CA THR EA 991 54.76 -130.43 -181.36
C THR EA 991 55.81 -129.96 -182.36
N LEU EA 992 55.76 -130.45 -183.60
CA LEU EA 992 56.71 -130.02 -184.61
C LEU EA 992 56.55 -128.53 -184.90
N PRO EA 993 57.64 -127.78 -185.09
CA PRO EA 993 57.51 -126.34 -185.32
C PRO EA 993 56.96 -126.04 -186.70
N LYS EA 994 56.02 -125.08 -186.74
CA LYS EA 994 55.40 -124.68 -188.01
C LYS EA 994 56.34 -123.88 -188.89
N LYS EA 995 57.43 -123.33 -188.33
CA LYS EA 995 58.43 -122.66 -189.15
C LYS EA 995 59.34 -123.68 -189.83
N LEU EA 996 59.78 -124.68 -189.08
CA LEU EA 996 60.61 -125.74 -189.67
C LEU EA 996 59.81 -126.58 -190.65
N LEU EA 997 58.53 -126.83 -190.38
CA LEU EA 997 57.70 -127.56 -191.33
C LEU EA 997 57.52 -126.82 -192.64
N GLU EA 998 57.40 -125.50 -192.61
CA GLU EA 998 57.30 -124.70 -193.82
C GLU EA 998 58.64 -124.56 -194.53
N GLU EA 999 59.74 -124.53 -193.77
CA GLU EA 999 61.06 -124.52 -194.38
C GLU EA 999 61.33 -125.82 -195.12
N LYS EA 1000 60.93 -126.95 -194.54
CA LYS EA 1000 61.12 -128.25 -195.15
C LYS EA 1000 60.03 -128.61 -196.15
N GLN EA 1001 58.96 -127.80 -196.23
CA GLN EA 1001 57.87 -128.02 -197.18
C GLN EA 1001 57.23 -129.39 -196.99
N LEU EA 1002 56.98 -129.74 -195.74
CA LEU EA 1002 56.37 -131.01 -195.40
C LEU EA 1002 54.86 -130.85 -195.25
N ASP EA 1003 54.12 -131.88 -195.67
CA ASP EA 1003 52.66 -131.86 -195.54
C ASP EA 1003 52.25 -131.75 -194.07
N LEU EA 1004 51.17 -131.02 -193.83
CA LEU EA 1004 50.70 -130.81 -192.46
C LEU EA 1004 50.28 -132.11 -191.81
N ASN EA 1005 49.47 -132.92 -192.50
CA ASN EA 1005 48.95 -134.16 -191.95
C ASN EA 1005 49.44 -135.41 -192.68
N ALA EA 1006 49.92 -135.29 -193.92
CA ALA EA 1006 50.37 -136.42 -194.70
C ALA EA 1006 51.87 -136.67 -194.59
N MET EA 1007 52.48 -136.34 -193.46
CA MET EA 1007 53.92 -136.47 -193.30
C MET EA 1007 54.20 -137.41 -192.15
N PRO EA 1008 55.42 -137.94 -192.06
CA PRO EA 1008 55.73 -138.90 -190.99
C PRO EA 1008 55.89 -138.21 -189.64
N VAL EA 1009 56.34 -139.01 -188.67
CA VAL EA 1009 56.54 -138.52 -187.30
C VAL EA 1009 58.03 -138.35 -187.04
N LEU EA 1010 58.36 -137.76 -185.89
CA LEU EA 1010 59.75 -137.49 -185.52
C LEU EA 1010 60.02 -138.06 -184.14
N ALA EA 1011 61.28 -137.95 -183.73
CA ALA EA 1011 61.77 -138.48 -182.46
C ALA EA 1011 62.30 -137.35 -181.59
N PRO EA 1012 62.73 -137.65 -180.38
CA PRO EA 1012 63.26 -136.60 -179.50
C PRO EA 1012 64.51 -135.91 -180.04
N PHE EA 1013 65.40 -136.66 -180.68
CA PHE EA 1013 66.60 -136.07 -181.27
C PHE EA 1013 66.23 -135.09 -182.38
N GLN EA 1014 65.33 -135.49 -183.26
CA GLN EA 1014 64.87 -134.61 -184.32
C GLN EA 1014 64.16 -133.39 -183.76
N LEU EA 1015 63.39 -133.58 -182.68
CA LEU EA 1015 62.69 -132.46 -182.05
C LEU EA 1015 63.70 -131.45 -181.48
N ILE EA 1016 64.73 -131.93 -180.79
CA ILE EA 1016 65.76 -131.05 -180.25
C ILE EA 1016 66.48 -130.32 -181.38
N GLN EA 1017 66.81 -131.05 -182.44
CA GLN EA 1017 67.51 -130.43 -183.57
C GLN EA 1017 66.66 -129.35 -184.23
N LEU EA 1018 65.36 -129.59 -184.34
CA LEU EA 1018 64.49 -128.58 -184.94
C LEU EA 1018 64.29 -127.39 -184.01
N TYR EA 1019 64.21 -127.63 -182.70
CA TYR EA 1019 64.06 -126.52 -181.75
C TYR EA 1019 65.32 -125.67 -181.68
N VAL EA 1020 66.49 -126.27 -181.95
CA VAL EA 1020 67.75 -125.53 -181.93
C VAL EA 1020 68.22 -125.13 -183.31
N CYS EA 1021 67.44 -125.44 -184.36
CA CYS EA 1021 67.82 -125.07 -185.71
C CYS EA 1021 67.82 -123.56 -185.90
N GLU EA 1022 68.63 -123.10 -186.85
CA GLU EA 1022 68.69 -121.68 -187.15
C GLU EA 1022 67.37 -121.16 -187.70
N GLU EA 1023 66.60 -122.04 -188.36
CA GLU EA 1023 65.31 -121.65 -188.90
C GLU EA 1023 64.39 -121.07 -187.83
N ASN EA 1024 64.51 -121.57 -186.60
CA ASN EA 1024 63.73 -121.05 -185.47
C ASN EA 1024 64.32 -119.71 -185.05
N LYS EA 1025 63.85 -118.65 -185.71
CA LYS EA 1025 64.36 -117.31 -185.43
C LYS EA 1025 63.94 -116.83 -184.05
N ARG EA 1026 62.74 -117.20 -183.61
CA ARG EA 1026 62.22 -116.79 -182.31
C ARG EA 1026 62.51 -117.82 -181.21
N ALA EA 1027 63.57 -118.62 -181.37
CA ALA EA 1027 63.97 -119.57 -180.33
C ALA EA 1027 64.26 -118.84 -179.03
N ASN EA 1028 63.52 -119.17 -177.97
CA ASN EA 1028 63.60 -118.47 -176.71
C ASN EA 1028 64.03 -119.42 -175.58
N GLU EA 1029 64.00 -118.90 -174.35
CA GLU EA 1029 64.36 -119.71 -173.19
C GLU EA 1029 63.45 -120.92 -173.05
N ASN EA 1030 62.17 -120.77 -173.42
CA ASN EA 1030 61.26 -121.92 -173.36
C ASN EA 1030 61.67 -122.99 -174.35
N ASP EA 1031 62.06 -122.60 -175.57
CA ASP EA 1031 62.52 -123.58 -176.55
C ASP EA 1031 63.81 -124.26 -176.09
N PHE EA 1032 64.71 -123.50 -175.45
CA PHE EA 1032 65.94 -124.09 -174.93
C PHE EA 1032 65.62 -125.07 -173.81
N MET EA 1033 64.70 -124.71 -172.91
CA MET EA 1033 64.31 -125.61 -171.82
C MET EA 1033 63.68 -126.88 -172.37
N LYS EA 1034 62.86 -126.76 -173.42
CA LYS EA 1034 62.28 -127.95 -174.03
C LYS EA 1034 63.33 -128.83 -174.69
N ALA EA 1035 64.28 -128.24 -175.41
CA ALA EA 1035 65.33 -129.01 -176.07
C ALA EA 1035 66.35 -129.57 -175.09
N LEU EA 1036 66.39 -129.07 -173.86
CA LEU EA 1036 67.22 -129.66 -172.83
C LEU EA 1036 66.48 -130.67 -171.96
N ASP EA 1037 65.14 -130.57 -171.87
CA ASP EA 1037 64.36 -131.57 -171.16
C ASP EA 1037 64.03 -132.77 -172.02
N LEU EA 1038 64.10 -132.63 -173.34
CA LEU EA 1038 63.86 -133.75 -174.25
C LEU EA 1038 65.04 -134.72 -174.33
N LEU EA 1039 66.01 -134.60 -173.42
CA LEU EA 1039 67.19 -135.46 -173.43
C LEU EA 1039 66.99 -136.74 -172.63
N GLU EA 1040 65.90 -136.86 -171.87
CA GLU EA 1040 65.67 -138.03 -171.01
C GLU EA 1040 64.91 -139.14 -171.73
N TYR EA 1041 64.59 -138.96 -173.01
CA TYR EA 1041 63.87 -139.95 -173.79
C TYR EA 1041 64.68 -140.45 -174.99
N ILE EA 1042 65.98 -140.16 -175.03
CA ILE EA 1042 66.82 -140.52 -176.17
C ILE EA 1042 66.95 -142.04 -176.27
N GLY EA 1043 67.49 -142.67 -175.23
CA GLY EA 1043 67.77 -144.09 -175.28
C GLY EA 1043 69.17 -144.36 -175.76
N ASP EA 1044 69.93 -145.17 -175.01
CA ASP EA 1044 71.35 -145.43 -175.29
C ASP EA 1044 72.13 -144.12 -175.32
N ASP EA 1045 72.14 -143.44 -174.17
CA ASP EA 1045 72.76 -142.13 -174.06
C ASP EA 1045 74.25 -142.19 -174.37
N SER EA 1046 74.94 -143.26 -173.96
CA SER EA 1046 76.36 -143.38 -174.22
C SER EA 1046 76.68 -143.57 -175.69
N GLU EA 1047 75.74 -144.08 -176.47
CA GLU EA 1047 75.96 -144.25 -177.91
C GLU EA 1047 75.48 -143.03 -178.69
N VAL EA 1048 74.47 -142.33 -178.18
CA VAL EA 1048 73.85 -141.22 -178.90
C VAL EA 1048 74.59 -139.92 -178.63
N ASP EA 1049 75.64 -139.98 -177.80
CA ASP EA 1049 76.46 -138.82 -177.47
C ASP EA 1049 75.61 -137.69 -176.89
N VAL EA 1050 75.06 -137.91 -175.69
CA VAL EA 1050 74.19 -136.91 -175.07
C VAL EA 1050 74.96 -135.62 -174.80
N GLU EA 1051 76.23 -135.74 -174.40
CA GLU EA 1051 77.03 -134.58 -174.04
C GLU EA 1051 77.37 -133.70 -175.25
N GLU EA 1052 77.53 -134.30 -176.44
CA GLU EA 1052 77.78 -133.50 -177.63
C GLU EA 1052 76.58 -132.60 -177.93
N LEU EA 1053 75.37 -133.16 -177.85
CA LEU EA 1053 74.17 -132.36 -178.08
C LEU EA 1053 73.97 -131.33 -176.96
N LYS EA 1054 74.30 -131.71 -175.72
CA LYS EA 1054 74.20 -130.76 -174.62
C LYS EA 1054 75.12 -129.56 -174.82
N LEU EA 1055 76.32 -129.81 -175.36
CA LEU EA 1055 77.24 -128.71 -175.63
C LEU EA 1055 76.79 -127.90 -176.84
N GLU EA 1056 76.28 -128.58 -177.87
CA GLU EA 1056 75.80 -127.88 -179.06
C GLU EA 1056 74.64 -126.95 -178.75
N ILE EA 1057 73.74 -127.38 -177.86
CA ILE EA 1057 72.60 -126.55 -177.50
C ILE EA 1057 73.05 -125.31 -176.74
N LEU EA 1058 74.01 -125.49 -175.82
CA LEU EA 1058 74.54 -124.34 -175.07
C LEU EA 1058 75.34 -123.40 -175.97
N CYS EA 1059 75.97 -123.91 -177.02
CA CYS EA 1059 76.67 -123.05 -177.97
C CYS EA 1059 75.69 -122.29 -178.85
N LYS EA 1060 74.59 -122.94 -179.24
CA LYS EA 1060 73.56 -122.25 -180.02
C LYS EA 1060 72.83 -121.21 -179.19
N ALA EA 1061 72.67 -121.44 -177.89
CA ALA EA 1061 72.06 -120.45 -177.01
C ALA EA 1061 72.87 -119.17 -176.92
N ILE EA 1062 74.16 -119.20 -177.24
CA ILE EA 1062 74.98 -118.01 -177.29
C ILE EA 1062 75.16 -117.50 -178.72
N LYS EA 1063 75.15 -118.38 -179.72
CA LYS EA 1063 75.14 -117.92 -181.10
C LYS EA 1063 73.88 -117.09 -181.38
N ARG EA 1064 72.75 -117.48 -180.80
CA ARG EA 1064 71.54 -116.67 -180.89
C ARG EA 1064 71.62 -115.44 -180.01
N ASP EA 1065 72.45 -115.47 -178.97
CA ASP EA 1065 72.63 -114.29 -178.12
C ASP EA 1065 73.39 -113.19 -178.86
N GLU EA 1066 74.47 -113.57 -179.55
CA GLU EA 1066 75.23 -112.64 -180.39
C GLU EA 1066 75.84 -111.52 -179.57
N TRP EA 1067 76.63 -111.87 -178.56
CA TRP EA 1067 77.21 -110.88 -177.66
C TRP EA 1067 77.98 -109.81 -178.43
N SER EA 1068 77.69 -108.55 -178.13
CA SER EA 1068 78.32 -107.42 -178.79
C SER EA 1068 78.93 -106.47 -177.76
N ALA EA 1069 79.40 -105.31 -178.19
CA ALA EA 1069 80.01 -104.34 -177.29
C ALA EA 1069 79.47 -102.95 -177.62
N THR EA 1070 79.26 -102.15 -176.58
CA THR EA 1070 78.68 -100.82 -176.72
C THR EA 1070 79.59 -99.81 -176.03
N ASP EA 1071 80.09 -98.85 -176.82
CA ASP EA 1071 80.92 -97.75 -176.31
C ASP EA 1071 82.14 -98.28 -175.55
N GLY EA 1072 82.78 -99.31 -176.11
CA GLY EA 1072 83.97 -99.87 -175.52
C GLY EA 1072 83.73 -100.70 -174.28
N LYS EA 1073 82.48 -100.96 -173.92
CA LYS EA 1073 82.13 -101.76 -172.75
C LYS EA 1073 81.40 -103.01 -173.18
N ASP EA 1074 81.67 -104.11 -172.47
CA ASP EA 1074 81.03 -105.38 -172.78
C ASP EA 1074 79.52 -105.28 -172.59
N ASP EA 1075 78.77 -105.71 -173.60
CA ASP EA 1075 77.32 -105.68 -173.56
C ASP EA 1075 76.80 -107.09 -173.32
N PRO EA 1076 76.13 -107.37 -172.21
CA PRO EA 1076 75.68 -108.74 -171.95
C PRO EA 1076 74.45 -109.10 -172.77
N ILE EA 1077 74.65 -109.91 -173.81
CA ILE EA 1077 73.53 -110.41 -174.62
C ILE EA 1077 73.14 -111.83 -174.26
N GLU EA 1078 73.81 -112.43 -173.27
CA GLU EA 1078 73.59 -113.81 -172.88
C GLU EA 1078 72.31 -113.97 -172.06
N ALA EA 1079 71.43 -112.97 -172.11
CA ALA EA 1079 70.15 -112.97 -171.41
C ALA EA 1079 69.42 -114.30 -171.51
N THR EA 1080 69.46 -114.93 -172.69
CA THR EA 1080 68.81 -116.23 -172.86
C THR EA 1080 69.47 -117.30 -172.02
N LYS EA 1081 70.81 -117.33 -172.00
CA LYS EA 1081 71.52 -118.28 -171.16
C LYS EA 1081 71.24 -118.01 -169.68
N ASP EA 1082 71.18 -116.74 -169.29
CA ASP EA 1082 70.85 -116.38 -167.91
C ASP EA 1082 69.47 -116.90 -167.53
N SER EA 1083 68.48 -116.71 -168.42
CA SER EA 1083 67.14 -117.19 -168.16
C SER EA 1083 67.11 -118.71 -168.07
N ILE EA 1084 67.86 -119.40 -168.94
CA ILE EA 1084 67.92 -120.86 -168.90
C ILE EA 1084 68.50 -121.34 -167.58
N PHE EA 1085 69.56 -120.67 -167.11
CA PHE EA 1085 70.19 -121.06 -165.85
C PHE EA 1085 69.34 -120.70 -164.64
N VAL EA 1086 68.51 -119.67 -164.74
CA VAL EA 1086 67.61 -119.34 -163.64
C VAL EA 1086 66.37 -120.23 -163.63
N LYS EA 1087 65.99 -120.78 -164.78
CA LYS EA 1087 64.84 -121.68 -164.83
C LYS EA 1087 65.23 -123.15 -164.62
N VAL EA 1088 66.51 -123.48 -164.77
CA VAL EA 1088 66.94 -124.85 -164.50
C VAL EA 1088 66.76 -125.19 -163.02
N LEU EA 1089 66.94 -124.20 -162.14
CA LEU EA 1089 66.76 -124.39 -160.71
C LEU EA 1089 65.30 -124.18 -160.36
N GLN EA 1090 64.66 -125.24 -159.85
CA GLN EA 1090 63.26 -125.20 -159.45
C GLN EA 1090 63.10 -125.07 -157.94
N ASN EA 1091 64.10 -124.48 -157.27
CA ASN EA 1091 64.09 -124.30 -155.81
C ASN EA 1091 63.99 -125.65 -155.10
N LEU EA 1092 64.92 -126.55 -155.44
CA LEU EA 1092 64.95 -127.89 -154.86
C LEU EA 1092 65.54 -127.91 -153.45
N LEU EA 1093 66.08 -126.78 -152.98
CA LEU EA 1093 66.56 -126.72 -151.61
C LEU EA 1093 65.44 -126.98 -150.61
N ASN EA 1094 64.24 -126.51 -150.93
CA ASN EA 1094 63.06 -126.77 -150.11
C ASN EA 1094 62.34 -128.05 -150.51
N LYS EA 1095 62.75 -128.68 -151.60
CA LYS EA 1095 62.19 -129.95 -152.05
C LYS EA 1095 63.01 -131.14 -151.62
N GLY EA 1096 64.21 -130.91 -151.07
CA GLY EA 1096 65.02 -132.00 -150.56
C GLY EA 1096 65.94 -132.65 -151.56
N ILE EA 1097 66.16 -132.02 -152.71
CA ILE EA 1097 67.10 -132.53 -153.70
C ILE EA 1097 68.43 -131.82 -153.52
N GLU EA 1098 69.51 -132.47 -153.96
CA GLU EA 1098 70.84 -131.90 -153.83
C GLU EA 1098 71.06 -130.79 -154.86
N LEU EA 1099 70.39 -129.66 -154.67
CA LEU EA 1099 70.52 -128.55 -155.61
C LEU EA 1099 71.91 -127.91 -155.52
N LYS EA 1100 72.48 -127.85 -154.32
CA LYS EA 1100 73.82 -127.31 -154.14
C LYS EA 1100 74.83 -128.18 -154.86
N GLY EA 1101 75.44 -127.64 -155.91
CA GLY EA 1101 76.36 -128.41 -156.73
C GLY EA 1101 75.70 -129.35 -157.70
N TYR EA 1102 74.57 -128.95 -158.28
CA TYR EA 1102 73.83 -129.77 -159.23
C TYR EA 1102 73.88 -129.21 -160.65
N LEU EA 1103 74.88 -128.40 -160.95
CA LEU EA 1103 75.03 -127.83 -162.28
C LEU EA 1103 76.39 -128.19 -162.86
N PRO EA 1104 76.80 -129.46 -162.76
CA PRO EA 1104 78.07 -129.87 -163.36
C PRO EA 1104 77.89 -130.42 -164.77
N LYS EA 1105 76.71 -130.21 -165.35
CA LYS EA 1105 76.43 -130.75 -166.68
C LYS EA 1105 77.16 -129.95 -167.76
N ALA EA 1106 77.07 -128.62 -167.70
CA ALA EA 1106 77.71 -127.79 -168.70
C ALA EA 1106 79.22 -127.75 -168.50
N GLU EA 1107 79.97 -127.85 -169.59
CA GLU EA 1107 81.42 -127.82 -169.55
C GLU EA 1107 81.94 -126.41 -169.85
N THR EA 1108 83.22 -126.20 -169.58
CA THR EA 1108 83.83 -124.89 -169.80
C THR EA 1108 84.87 -124.97 -170.92
N LEU EA 1109 85.85 -125.88 -170.79
CA LEU EA 1109 86.87 -126.01 -171.82
C LEU EA 1109 86.28 -126.61 -173.10
N LEU EA 1110 85.42 -127.61 -172.96
CA LEU EA 1110 84.75 -128.19 -174.13
C LEU EA 1110 83.82 -127.18 -174.80
N GLN EA 1111 83.23 -126.27 -174.03
CA GLN EA 1111 82.40 -125.22 -174.61
C GLN EA 1111 83.26 -124.17 -175.31
N SER EA 1112 84.43 -123.87 -174.74
CA SER EA 1112 85.33 -122.92 -175.38
C SER EA 1112 85.92 -123.49 -176.67
N GLU EA 1113 86.09 -124.80 -176.76
CA GLU EA 1113 86.51 -125.41 -178.02
C GLU EA 1113 85.48 -125.18 -179.11
N GLU EA 1114 84.20 -125.39 -178.79
CA GLU EA 1114 83.14 -125.12 -179.75
C GLU EA 1114 83.05 -123.64 -180.08
N LEU EA 1115 83.30 -122.78 -179.09
CA LEU EA 1115 83.30 -121.34 -179.36
C LEU EA 1115 84.42 -120.96 -180.32
N ASN EA 1116 85.60 -121.56 -180.15
CA ASN EA 1116 86.70 -121.32 -181.08
C ASN EA 1116 86.36 -121.84 -182.47
N SER EA 1117 85.68 -122.99 -182.54
CA SER EA 1117 85.25 -123.51 -183.83
C SER EA 1117 84.25 -122.57 -184.50
N LEU EA 1118 83.37 -121.95 -183.72
CA LEU EA 1118 82.38 -121.01 -184.24
C LEU EA 1118 82.94 -119.60 -184.46
N LYS EA 1119 84.16 -119.33 -183.99
CA LYS EA 1119 84.86 -118.06 -184.16
C LYS EA 1119 84.24 -116.93 -183.36
N THR EA 1120 83.50 -117.24 -182.29
CA THR EA 1120 82.92 -116.23 -181.41
C THR EA 1120 83.58 -116.20 -180.04
N ASN EA 1121 84.72 -116.88 -179.87
CA ASN EA 1121 85.39 -116.92 -178.57
C ASN EA 1121 85.86 -115.53 -178.16
N SER EA 1122 86.54 -114.81 -179.06
CA SER EA 1122 87.05 -113.49 -178.74
C SER EA 1122 85.92 -112.55 -178.35
N TYR EA 1123 84.69 -112.82 -178.81
CA TYR EA 1123 83.57 -111.97 -178.47
C TYR EA 1123 82.94 -112.36 -177.14
N PHE EA 1124 82.79 -113.67 -176.89
CA PHE EA 1124 81.96 -114.14 -175.79
C PHE EA 1124 82.72 -114.67 -174.58
N GLU EA 1125 84.05 -114.71 -174.63
CA GLU EA 1125 84.80 -115.38 -173.57
C GLU EA 1125 84.84 -114.59 -172.27
N PHE EA 1126 84.84 -113.26 -172.31
CA PHE EA 1126 84.82 -112.48 -171.09
C PHE EA 1126 83.50 -112.67 -170.34
N SER EA 1127 82.38 -112.55 -171.06
CA SER EA 1127 81.07 -112.73 -170.46
C SER EA 1127 80.80 -114.18 -170.08
N LEU EA 1128 81.42 -115.15 -170.76
CA LEU EA 1128 81.27 -116.54 -170.35
C LEU EA 1128 81.80 -116.75 -168.94
N LYS EA 1129 83.02 -116.26 -168.67
CA LYS EA 1129 83.58 -116.40 -167.32
C LYS EA 1129 82.84 -115.52 -166.32
N ALA EA 1130 82.43 -114.32 -166.74
CA ALA EA 1130 81.67 -113.45 -165.85
C ALA EA 1130 80.38 -114.13 -165.39
N ASN EA 1131 79.72 -114.85 -166.30
CA ASN EA 1131 78.50 -115.56 -165.94
C ASN EA 1131 78.80 -116.83 -165.15
N TYR EA 1132 79.89 -117.51 -165.48
CA TYR EA 1132 80.25 -118.76 -164.81
C TYR EA 1132 80.69 -118.50 -163.38
N GLU EA 1133 81.04 -117.25 -163.07
CA GLU EA 1133 81.34 -116.91 -161.69
C GLU EA 1133 80.09 -116.80 -160.85
N CYS EA 1134 79.08 -116.10 -161.33
CA CYS EA 1134 77.79 -116.00 -160.65
C CYS EA 1134 76.97 -117.27 -160.77
N TYR EA 1135 77.39 -118.21 -161.61
CA TYR EA 1135 76.76 -119.52 -161.69
C TYR EA 1135 77.41 -120.55 -160.79
N MET EA 1136 78.65 -120.31 -160.36
CA MET EA 1136 79.27 -121.08 -159.30
C MET EA 1136 79.01 -120.48 -157.92
N LYS EA 1137 78.69 -119.20 -157.85
CA LYS EA 1137 78.26 -118.58 -156.61
C LYS EA 1137 76.79 -118.83 -156.32
N MET EA 1138 75.98 -119.13 -157.34
CA MET EA 1138 74.57 -119.41 -157.16
C MET EA 1138 74.34 -120.83 -156.67
N ASN FA 180 -18.40 15.16 129.28
CA ASN FA 180 -18.72 13.80 128.86
C ASN FA 180 -17.48 12.92 128.90
N VAL FA 181 -16.74 12.88 127.79
CA VAL FA 181 -15.41 12.28 127.82
C VAL FA 181 -14.53 13.04 128.80
N GLU FA 182 -14.75 14.35 128.89
CA GLU FA 182 -14.20 15.12 130.00
C GLU FA 182 -14.59 14.50 131.33
N MET FA 183 -15.81 13.98 131.43
CA MET FA 183 -16.27 13.45 132.71
C MET FA 183 -15.66 12.08 133.00
N ALA FA 184 -15.47 11.26 131.97
CA ALA FA 184 -14.71 10.02 132.15
C ALA FA 184 -13.31 10.30 132.65
N TYR FA 185 -12.60 11.20 131.96
CA TYR FA 185 -11.28 11.63 132.43
C TYR FA 185 -11.38 12.24 133.83
N ALA FA 186 -12.53 12.84 134.14
CA ALA FA 186 -12.74 13.44 135.46
C ALA FA 186 -12.76 12.37 136.55
N ARG FA 187 -13.68 11.42 136.46
CA ARG FA 187 -13.73 10.31 137.40
C ARG FA 187 -12.36 9.66 137.54
N GLN FA 188 -11.64 9.50 136.42
CA GLN FA 188 -10.26 9.04 136.48
C GLN FA 188 -9.43 9.93 137.39
N MET FA 189 -9.54 11.25 137.21
CA MET FA 189 -8.75 12.19 137.99
C MET FA 189 -9.11 12.13 139.47
N TYR FA 190 -10.40 12.09 139.78
CA TYR FA 190 -10.84 12.06 141.17
C TYR FA 190 -10.35 10.80 141.87
N MET FA 191 -10.47 9.65 141.20
CA MET FA 191 -9.95 8.42 141.80
C MET FA 191 -8.44 8.50 142.02
N TYR FA 192 -7.71 8.99 141.01
CA TYR FA 192 -6.26 9.09 141.14
C TYR FA 192 -5.88 10.01 142.31
N ASN FA 193 -6.58 11.14 142.44
CA ASN FA 193 -6.27 12.11 143.47
C ASN FA 193 -6.58 11.57 144.86
N GLU FA 194 -7.72 10.87 145.00
CA GLU FA 194 -8.05 10.28 146.30
C GLU FA 194 -7.02 9.21 146.69
N LYS FA 195 -6.56 8.41 145.73
CA LYS FA 195 -5.50 7.43 146.03
C LYS FA 195 -4.21 8.12 146.42
N VAL FA 196 -3.82 9.16 145.68
CA VAL FA 196 -2.58 9.87 145.95
C VAL FA 196 -2.63 10.54 147.32
N VAL FA 197 -3.82 11.02 147.70
CA VAL FA 197 -3.97 11.67 149.00
C VAL FA 197 -3.77 10.67 150.12
N SER FA 198 -4.34 9.48 149.97
CA SER FA 198 -4.16 8.43 150.97
C SER FA 198 -2.70 8.05 151.08
N GLY FA 199 -2.02 7.90 149.95
CA GLY FA 199 -0.61 7.53 149.95
C GLY FA 199 -0.35 6.19 150.61
N HIS FA 200 -1.28 5.26 150.49
CA HIS FA 200 -1.13 3.94 151.11
C HIS FA 200 -0.81 2.89 150.06
N LEU FA 201 -1.60 2.84 148.99
CA LEU FA 201 -1.38 1.85 147.94
C LEU FA 201 -0.98 2.52 146.64
N GLN FA 202 0.14 2.08 146.06
CA GLN FA 202 0.58 2.63 144.79
C GLN FA 202 0.02 1.82 143.63
N PRO FA 203 -1.27 2.01 143.33
CA PRO FA 203 -1.91 1.25 142.25
C PRO FA 203 -1.60 1.81 140.86
N SER FA 204 -1.95 1.06 139.82
CA SER FA 204 -1.76 1.53 138.45
C SER FA 204 -2.90 2.44 137.96
N LEU FA 205 -2.82 3.72 138.32
CA LEU FA 205 -3.84 4.68 137.87
C LEU FA 205 -3.82 4.80 136.35
N VAL FA 206 -2.64 4.63 135.74
CA VAL FA 206 -2.54 4.67 134.29
C VAL FA 206 -3.47 3.63 133.69
N ASP FA 207 -3.36 2.40 134.17
CA ASP FA 207 -4.23 1.33 133.68
C ASP FA 207 -5.68 1.62 134.02
N LEU FA 208 -5.95 2.08 135.24
CA LEU FA 208 -7.33 2.35 135.65
C LEU FA 208 -8.06 3.36 134.76
N CYS FA 209 -7.49 4.55 134.57
CA CYS FA 209 -8.11 5.61 133.78
C CYS FA 209 -8.21 5.24 132.36
N THR FA 210 -7.12 4.73 131.81
CA THR FA 210 -7.15 4.46 130.39
C THR FA 210 -8.35 3.55 130.14
N GLU FA 211 -8.40 2.47 130.88
CA GLU FA 211 -9.47 1.52 130.67
C GLU FA 211 -10.80 2.18 130.76
N ALA FA 212 -11.09 2.81 131.90
CA ALA FA 212 -12.43 3.35 132.08
C ALA FA 212 -12.82 4.36 131.00
N ALA FA 213 -11.90 5.22 130.58
CA ALA FA 213 -12.20 6.24 129.59
C ALA FA 213 -12.48 5.64 128.22
N GLU FA 214 -11.64 4.69 127.83
CA GLU FA 214 -11.89 4.03 126.57
C GLU FA 214 -13.25 3.35 126.61
N ARG FA 215 -13.59 2.80 127.78
CA ARG FA 215 -14.88 2.12 127.94
C ARG FA 215 -16.00 3.06 127.59
N LYS FA 219 -13.61 5.01 119.20
CA LYS FA 219 -12.47 4.26 118.66
C LYS FA 219 -11.17 4.97 118.93
N ASN FA 220 -11.19 6.30 118.96
CA ASN FA 220 -10.01 7.04 119.38
C ASN FA 220 -9.61 6.69 120.81
N VAL FA 221 -10.60 6.59 121.71
CA VAL FA 221 -10.31 6.23 123.10
C VAL FA 221 -9.71 4.83 123.17
N SER FA 222 -10.38 3.86 122.52
CA SER FA 222 -9.89 2.49 122.57
C SER FA 222 -8.47 2.38 122.05
N ASP FA 223 -8.24 2.83 120.81
CA ASP FA 223 -6.92 2.69 120.21
C ASP FA 223 -5.86 3.46 120.99
N LEU FA 224 -6.15 4.70 121.39
CA LEU FA 224 -5.15 5.53 122.04
C LEU FA 224 -4.80 5.00 123.42
N TRP FA 225 -5.80 4.54 124.20
CA TRP FA 225 -5.50 4.05 125.53
C TRP FA 225 -4.84 2.68 125.49
N VAL FA 226 -5.24 1.81 124.55
CA VAL FA 226 -4.53 0.56 124.36
C VAL FA 226 -3.09 0.84 123.95
N MET FA 227 -2.87 1.88 123.13
CA MET FA 227 -1.52 2.22 122.71
C MET FA 227 -0.72 2.75 123.89
N VAL FA 228 -1.36 3.55 124.75
CA VAL FA 228 -0.70 4.06 125.94
C VAL FA 228 -0.26 2.91 126.84
N LYS FA 229 -1.20 2.04 127.19
CA LYS FA 229 -0.86 0.91 128.05
C LYS FA 229 0.17 0.00 127.40
N GLN FA 230 0.09 -0.18 126.08
CA GLN FA 230 0.90 -1.20 125.41
C GLN FA 230 2.29 -0.68 125.04
N MET FA 231 2.46 0.65 125.06
CA MET FA 231 3.81 1.18 124.90
C MET FA 231 4.45 1.54 126.23
N THR FA 232 3.64 1.82 127.26
CA THR FA 232 4.17 2.14 128.58
C THR FA 232 4.28 0.94 129.50
N ASP FA 233 3.70 -0.20 129.13
CA ASP FA 233 3.82 -1.42 129.92
C ASP FA 233 5.21 -2.03 129.71
N VAL FA 234 6.22 -1.34 130.24
CA VAL FA 234 7.59 -1.80 130.23
C VAL FA 234 8.08 -1.91 131.67
N PRO FA 235 9.19 -2.61 131.93
CA PRO FA 235 9.71 -2.68 133.30
C PRO FA 235 10.12 -1.32 133.85
N LEU FA 236 9.69 -1.03 135.08
CA LEU FA 236 10.05 0.22 135.73
C LEU FA 236 11.49 0.18 136.23
N THR FA 242 15.01 9.94 137.21
CA THR FA 242 13.87 10.05 136.31
C THR FA 242 14.35 10.43 134.91
N LEU FA 243 14.69 11.69 134.71
CA LEU FA 243 15.22 12.13 133.42
C LEU FA 243 16.53 11.41 133.14
N LYS FA 244 17.36 11.25 134.16
CA LYS FA 244 18.62 10.53 134.00
C LYS FA 244 18.37 9.08 133.59
N SER FA 245 17.38 8.44 134.22
CA SER FA 245 17.03 7.07 133.86
C SER FA 245 16.55 6.99 132.41
N ARG FA 246 15.78 8.00 131.99
CA ARG FA 246 15.31 8.04 130.61
C ARG FA 246 16.49 8.17 129.65
N CYS FA 247 17.45 9.01 130.00
CA CYS FA 247 18.63 9.20 129.16
C CYS FA 247 19.43 7.92 129.02
N SER FA 248 19.33 7.03 130.01
CA SER FA 248 20.04 5.76 129.96
C SER FA 248 19.44 4.79 128.95
N GLY FA 249 20.24 3.84 128.48
CA GLY FA 249 19.77 2.88 127.49
C GLY FA 249 18.65 1.97 127.95
N GLN FA 250 18.45 1.87 129.27
CA GLN FA 250 17.37 1.07 129.81
C GLN FA 250 16.02 1.40 129.16
N MET FA 251 15.81 2.68 128.86
CA MET FA 251 14.54 3.08 128.25
C MET FA 251 14.34 2.47 126.87
N GLN FA 252 15.41 2.41 126.07
CA GLN FA 252 15.31 1.84 124.72
C GLN FA 252 14.94 0.36 124.75
N MET FA 253 15.45 -0.38 125.74
CA MET FA 253 15.15 -1.81 125.85
C MET FA 253 13.67 -2.05 126.12
N ALA FA 254 13.10 -1.34 127.11
CA ALA FA 254 11.68 -1.49 127.41
C ALA FA 254 10.81 -1.00 126.27
N PHE FA 255 11.24 0.08 125.60
CA PHE FA 255 10.54 0.54 124.41
C PHE FA 255 10.45 -0.56 123.37
N VAL FA 256 11.58 -1.18 123.04
CA VAL FA 256 11.60 -2.21 122.01
C VAL FA 256 10.78 -3.40 122.48
N ARG FA 257 10.80 -3.71 123.77
CA ARG FA 257 9.99 -4.81 124.28
C ARG FA 257 8.52 -4.59 123.99
N GLN FA 258 7.95 -3.50 124.52
CA GLN FA 258 6.53 -3.24 124.33
C GLN FA 258 6.17 -3.10 122.86
N ALA FA 259 7.01 -2.38 122.09
CA ALA FA 259 6.72 -2.15 120.68
C ALA FA 259 6.73 -3.44 119.88
N LEU FA 260 7.81 -4.21 119.96
CA LEU FA 260 7.92 -5.43 119.16
C LEU FA 260 6.87 -6.44 119.57
N ASN FA 261 6.58 -6.56 120.87
CA ASN FA 261 5.54 -7.49 121.30
C ASN FA 261 4.18 -7.08 120.76
N TYR FA 262 3.85 -5.79 120.85
CA TYR FA 262 2.57 -5.31 120.32
C TYR FA 262 2.50 -5.55 118.80
N LEU FA 263 3.62 -5.35 118.11
CA LEU FA 263 3.63 -5.56 116.67
C LEU FA 263 3.42 -7.03 116.32
N GLU FA 264 4.11 -7.92 117.04
CA GLU FA 264 3.90 -9.35 116.85
C GLU FA 264 2.46 -9.74 117.12
N GLN FA 265 1.88 -9.17 118.17
CA GLN FA 265 0.52 -9.53 118.55
C GLN FA 265 -0.48 -9.05 117.52
N SER FA 266 -0.31 -7.84 117.00
CA SER FA 266 -1.22 -7.34 115.97
C SER FA 266 -1.06 -8.14 114.68
N TYR FA 267 0.17 -8.53 114.34
CA TYR FA 267 0.37 -9.37 113.16
C TYR FA 267 -0.31 -10.72 113.31
N LYS FA 268 -0.22 -11.34 114.50
CA LYS FA 268 -0.88 -12.63 114.71
C LYS FA 268 -2.40 -12.46 114.80
N ASN FA 269 -2.87 -11.31 115.29
CA ASN FA 269 -4.31 -11.06 115.36
C ASN FA 269 -4.87 -10.77 113.98
N TYR FA 270 -4.02 -10.35 113.05
CA TYR FA 270 -4.41 -10.35 111.64
C TYR FA 270 -4.28 -11.75 111.05
N THR FA 271 -3.29 -12.52 111.53
CA THR FA 271 -3.06 -13.87 111.04
C THR FA 271 -4.25 -14.77 111.31
N LEU FA 272 -4.90 -14.60 112.46
CA LEU FA 272 -6.10 -15.36 112.78
C LEU FA 272 -7.15 -15.24 111.67
N ILE FA 273 -7.00 -14.24 110.79
CA ILE FA 273 -7.91 -14.12 109.65
C ILE FA 273 -7.54 -15.11 108.57
N SER FA 274 -6.24 -15.22 108.26
CA SER FA 274 -5.77 -16.24 107.33
C SER FA 274 -6.08 -17.63 107.86
N VAL FA 275 -6.13 -17.79 109.19
CA VAL FA 275 -6.55 -19.04 109.83
C VAL FA 275 -7.93 -19.47 109.35
N TYR FA 291 1.77 -20.72 110.06
CA TYR FA 291 2.54 -20.89 108.81
C TYR FA 291 1.62 -20.82 107.60
N ASN FA 292 0.39 -21.31 107.73
CA ASN FA 292 -0.59 -21.22 106.64
C ASN FA 292 -0.94 -19.77 106.35
N LEU FA 293 -1.20 -18.98 107.40
CA LEU FA 293 -1.45 -17.56 107.23
C LEU FA 293 -0.23 -16.88 106.60
N VAL FA 294 0.96 -17.30 107.00
CA VAL FA 294 2.18 -16.66 106.49
C VAL FA 294 2.34 -16.92 105.00
N ARG FA 295 2.08 -18.16 104.56
CA ARG FA 295 2.24 -18.48 103.13
C ARG FA 295 1.13 -17.83 102.30
N SER FA 296 -0.13 -18.04 102.71
CA SER FA 296 -1.22 -17.35 102.04
C SER FA 296 -1.04 -15.84 102.06
N PHE FA 297 -0.26 -15.32 103.01
CA PHE FA 297 0.01 -13.89 103.07
C PHE FA 297 1.12 -13.51 102.08
N LEU FA 298 2.10 -14.38 101.93
CA LEU FA 298 3.10 -14.18 100.89
C LEU FA 298 2.39 -14.11 99.55
N ASN FA 299 1.22 -14.73 99.48
CA ASN FA 299 0.39 -14.63 98.28
C ASN FA 299 -0.62 -13.47 98.33
N ILE FA 300 -0.99 -13.02 99.52
CA ILE FA 300 -1.85 -11.84 99.66
C ILE FA 300 -1.15 -10.62 99.14
N ARG FA 301 0.15 -10.53 99.38
CA ARG FA 301 0.98 -9.53 98.73
C ARG FA 301 1.30 -9.90 97.28
N LEU FA 302 1.17 -11.17 96.92
CA LEU FA 302 1.56 -11.64 95.60
C LEU FA 302 0.54 -12.62 95.03
N VAL FA 319 12.81 -20.98 102.18
CA VAL FA 319 12.77 -21.18 103.63
C VAL FA 319 13.00 -19.87 104.35
N TRP FA 320 13.67 -18.94 103.67
CA TRP FA 320 13.82 -17.61 104.22
C TRP FA 320 12.49 -16.93 104.40
N ALA FA 321 11.51 -17.23 103.54
CA ALA FA 321 10.19 -16.66 103.70
C ALA FA 321 9.53 -17.14 104.98
N LEU FA 322 9.66 -18.44 105.30
CA LEU FA 322 9.05 -18.98 106.52
C LEU FA 322 9.79 -18.49 107.77
N ILE FA 323 11.11 -18.39 107.71
CA ILE FA 323 11.88 -17.88 108.85
C ILE FA 323 11.60 -16.40 109.06
N TYR FA 324 11.46 -15.64 107.97
CA TYR FA 324 11.09 -14.23 108.09
C TYR FA 324 9.67 -14.08 108.62
N TYR FA 325 8.77 -14.99 108.21
CA TYR FA 325 7.43 -15.00 108.77
C TYR FA 325 7.47 -15.25 110.27
N CYS FA 326 8.37 -16.14 110.73
CA CYS FA 326 8.51 -16.38 112.16
C CYS FA 326 9.07 -15.15 112.86
N MET FA 327 10.02 -14.46 112.23
CA MET FA 327 10.51 -13.20 112.78
C MET FA 327 9.39 -12.18 112.95
N ARG FA 328 8.51 -12.07 111.94
CA ARG FA 328 7.47 -11.04 111.96
C ARG FA 328 6.23 -11.50 112.73
N CYS FA 329 6.18 -12.77 113.13
CA CYS FA 329 5.16 -13.24 114.05
C CYS FA 329 5.68 -13.46 115.46
N GLY FA 330 6.96 -13.18 115.71
CA GLY FA 330 7.50 -13.25 117.05
C GLY FA 330 7.88 -14.64 117.51
N ASP FA 331 8.04 -15.59 116.59
CA ASP FA 331 8.24 -17.00 116.93
C ASP FA 331 9.67 -17.42 116.61
N LEU FA 332 10.55 -17.35 117.62
CA LEU FA 332 11.84 -18.00 117.51
C LEU FA 332 11.68 -19.50 117.36
N MET FA 333 10.58 -20.06 117.88
CA MET FA 333 10.32 -21.49 117.72
C MET FA 333 10.10 -21.86 116.26
N ALA FA 334 9.18 -21.18 115.58
CA ALA FA 334 8.98 -21.43 114.15
C ALA FA 334 10.23 -21.08 113.36
N ALA FA 335 10.96 -20.05 113.81
CA ALA FA 335 12.22 -19.73 113.15
C ALA FA 335 13.17 -20.90 113.20
N GLN FA 336 13.32 -21.54 114.37
CA GLN FA 336 14.20 -22.68 114.50
C GLN FA 336 13.66 -23.90 113.75
N GLN FA 337 12.33 -24.02 113.67
CA GLN FA 337 11.74 -25.11 112.90
C GLN FA 337 12.15 -25.01 111.43
N VAL FA 338 11.88 -23.87 110.80
CA VAL FA 338 12.29 -23.67 109.41
C VAL FA 338 13.80 -23.68 109.29
N VAL FA 339 14.50 -23.33 110.38
CA VAL FA 339 15.96 -23.39 110.40
C VAL FA 339 16.42 -24.82 110.20
N ASN FA 340 16.09 -25.71 111.16
CA ASN FA 340 16.46 -27.12 111.04
C ASN FA 340 15.91 -27.73 109.77
N ARG FA 341 14.86 -27.14 109.20
CA ARG FA 341 14.37 -27.59 107.91
C ARG FA 341 15.34 -27.30 106.78
N ALA FA 342 15.86 -26.07 106.70
CA ALA FA 342 16.77 -25.69 105.63
C ALA FA 342 18.20 -25.48 106.10
N GLN FA 343 18.65 -26.23 107.10
CA GLN FA 343 20.04 -26.16 107.53
C GLN FA 343 20.95 -26.95 106.61
N HIS FA 344 20.42 -27.45 105.50
CA HIS FA 344 21.23 -28.25 104.58
C HIS FA 344 22.26 -27.40 103.84
N GLN FA 345 21.88 -26.24 103.32
CA GLN FA 345 22.77 -25.45 102.48
C GLN FA 345 23.18 -24.12 103.10
N LEU FA 346 22.58 -23.71 104.21
CA LEU FA 346 22.88 -22.42 104.81
C LEU FA 346 23.93 -22.51 105.91
N GLY FA 347 24.13 -23.69 106.48
CA GLY FA 347 25.20 -23.90 107.45
C GLY FA 347 25.08 -23.17 108.77
N ASP FA 348 26.03 -22.26 109.04
CA ASP FA 348 26.21 -21.67 110.35
C ASP FA 348 25.12 -20.68 110.74
N PHE FA 349 24.18 -20.38 109.84
CA PHE FA 349 23.05 -19.54 110.22
C PHE FA 349 22.20 -20.23 111.28
N LYS FA 350 22.05 -21.55 111.18
CA LYS FA 350 21.31 -22.29 112.21
C LYS FA 350 21.97 -22.14 113.58
N ASN FA 351 23.30 -22.24 113.63
CA ASN FA 351 24.00 -22.13 114.90
C ASN FA 351 23.94 -20.71 115.45
N CYS FA 352 24.10 -19.71 114.58
CA CYS FA 352 24.01 -18.34 115.07
C CYS FA 352 22.60 -18.03 115.56
N PHE FA 353 21.59 -18.58 114.88
CA PHE FA 353 20.22 -18.39 115.34
C PHE FA 353 19.97 -19.11 116.65
N GLN FA 354 20.57 -20.29 116.83
CA GLN FA 354 20.42 -21.01 118.09
C GLN FA 354 21.05 -20.24 119.23
N GLU FA 355 22.21 -19.62 118.99
CA GLU FA 355 22.81 -18.78 120.03
C GLU FA 355 21.97 -17.54 120.29
N TYR FA 356 21.36 -16.98 119.24
CA TYR FA 356 20.44 -15.85 119.42
C TYR FA 356 19.25 -16.24 120.27
N ILE FA 357 18.78 -17.49 120.14
CA ILE FA 357 17.62 -17.95 120.87
C ILE FA 357 18.01 -18.45 122.25
N HIS FA 358 19.30 -18.71 122.47
CA HIS FA 358 19.78 -19.05 123.80
C HIS FA 358 20.07 -17.82 124.65
N ASN FA 359 20.51 -16.73 124.03
CA ASN FA 359 20.60 -15.44 124.71
C ASN FA 359 19.25 -14.74 124.62
N LYS FA 360 18.65 -14.45 125.77
CA LYS FA 360 17.24 -14.07 125.83
C LYS FA 360 16.94 -12.76 125.11
N ASP FA 361 17.86 -11.80 125.17
CA ASP FA 361 17.69 -10.52 124.49
C ASP FA 361 18.11 -10.60 123.02
N ARG FA 362 18.33 -11.81 122.50
CA ARG FA 362 18.77 -12.04 121.12
C ARG FA 362 20.07 -11.32 120.84
N ARG FA 363 21.04 -11.51 121.73
CA ARG FA 363 22.35 -10.86 121.62
C ARG FA 363 23.38 -11.88 121.19
N LEU FA 364 23.93 -11.68 120.00
CA LEU FA 364 24.85 -12.64 119.40
C LEU FA 364 26.23 -12.49 120.01
N SER FA 365 27.07 -13.49 119.76
CA SER FA 365 28.47 -13.39 120.15
C SER FA 365 29.13 -12.29 119.33
N PRO FA 366 30.13 -11.59 119.88
CA PRO FA 366 30.80 -10.54 119.09
C PRO FA 366 31.51 -11.09 117.86
N THR FA 367 32.21 -12.21 118.00
CA THR FA 367 32.84 -12.85 116.84
C THR FA 367 31.79 -13.32 115.84
N THR FA 368 30.67 -13.86 116.34
CA THR FA 368 29.58 -14.27 115.46
C THR FA 368 28.99 -13.08 114.71
N GLU FA 369 28.84 -11.94 115.38
CA GLU FA 369 28.24 -10.78 114.74
C GLU FA 369 29.18 -10.16 113.73
N ASN FA 370 30.48 -10.16 114.02
CA ASN FA 370 31.45 -9.75 113.02
C ASN FA 370 31.41 -10.68 111.82
N LYS FA 371 31.23 -11.98 112.07
CA LYS FA 371 31.11 -12.94 110.98
C LYS FA 371 29.88 -12.66 110.14
N LEU FA 372 28.77 -12.29 110.79
CA LEU FA 372 27.55 -11.97 110.05
C LEU FA 372 27.71 -10.68 109.24
N ARG FA 373 28.39 -9.69 109.82
CA ARG FA 373 28.65 -8.46 109.09
C ARG FA 373 29.46 -8.72 107.83
N LEU FA 374 30.62 -9.37 107.99
CA LEU FA 374 31.45 -9.67 106.83
C LEU FA 374 30.72 -10.61 105.86
N HIS FA 375 29.83 -11.45 106.38
CA HIS FA 375 29.12 -12.40 105.51
C HIS FA 375 28.09 -11.70 104.63
N TYR FA 376 27.30 -10.81 105.22
CA TYR FA 376 26.34 -10.04 104.43
C TYR FA 376 27.05 -9.04 103.52
N ARG FA 377 28.24 -8.59 103.92
CA ARG FA 377 29.05 -7.77 103.03
C ARG FA 377 29.61 -8.58 101.87
N ARG FA 378 29.83 -9.88 102.08
CA ARG FA 378 30.42 -10.72 101.04
C ARG FA 378 29.39 -11.26 100.05
N ALA FA 379 28.29 -11.83 100.55
CA ALA FA 379 27.41 -12.60 99.68
C ALA FA 379 26.00 -12.03 99.57
N VAL FA 380 25.38 -11.73 100.70
CA VAL FA 380 23.99 -11.31 100.71
C VAL FA 380 23.89 -9.86 100.26
N ARG FA 381 25.03 -9.24 99.96
CA ARG FA 381 25.05 -7.86 99.46
C ARG FA 381 24.34 -7.74 98.11
N ALA FA 382 24.23 -8.84 97.38
CA ALA FA 382 23.54 -8.84 96.10
C ALA FA 382 22.70 -10.11 95.92
N ASP FA 385 19.76 -12.88 98.02
CA ASP FA 385 18.57 -13.09 98.83
C ASP FA 385 18.34 -11.93 99.79
N PRO FA 386 17.25 -11.19 99.59
CA PRO FA 386 16.99 -10.05 100.48
C PRO FA 386 16.67 -10.47 101.91
N TYR FA 387 15.97 -11.59 102.10
CA TYR FA 387 15.73 -12.06 103.45
C TYR FA 387 17.02 -12.50 104.14
N LYS FA 388 17.91 -13.16 103.40
CA LYS FA 388 19.21 -13.53 103.96
C LYS FA 388 20.00 -12.29 104.33
N ARG FA 389 19.99 -11.27 103.48
CA ARG FA 389 20.70 -10.03 103.79
C ARG FA 389 20.12 -9.35 105.02
N ALA FA 390 18.79 -9.26 105.10
CA ALA FA 390 18.15 -8.63 106.24
C ALA FA 390 18.47 -9.38 107.53
N VAL FA 391 18.38 -10.72 107.51
CA VAL FA 391 18.66 -11.51 108.70
C VAL FA 391 20.11 -11.35 109.13
N TYR FA 392 21.05 -11.55 108.20
CA TYR FA 392 22.46 -11.47 108.54
C TYR FA 392 22.82 -10.08 109.08
N CYS FA 393 22.25 -9.02 108.49
CA CYS FA 393 22.60 -7.67 108.93
C CYS FA 393 21.99 -7.34 110.28
N ILE FA 394 20.70 -7.60 110.48
CA ILE FA 394 20.07 -7.27 111.75
C ILE FA 394 20.63 -8.13 112.87
N ILE FA 395 21.12 -9.33 112.55
CA ILE FA 395 21.64 -10.21 113.60
C ILE FA 395 23.09 -9.88 113.94
N GLY FA 396 23.92 -9.59 112.93
CA GLY FA 396 25.31 -9.25 113.16
C GLY FA 396 25.59 -7.77 113.30
N ARG FA 397 24.56 -6.94 113.45
CA ARG FA 397 24.73 -5.50 113.55
C ARG FA 397 25.49 -4.98 112.34
N CYS FA 398 25.03 -5.42 111.17
CA CYS FA 398 25.66 -5.09 109.90
C CYS FA 398 24.71 -4.28 109.04
N ASP FA 399 25.27 -3.70 107.97
CA ASP FA 399 24.54 -2.87 107.02
C ASP FA 399 23.63 -1.89 107.76
N VAL FA 400 24.17 -1.33 108.85
CA VAL FA 400 23.40 -0.44 109.70
C VAL FA 400 22.90 0.76 108.93
N SER FA 401 23.72 1.31 108.03
CA SER FA 401 23.25 2.37 107.17
C SER FA 401 22.16 1.91 106.21
N ASP FA 402 22.33 0.74 105.60
CA ASP FA 402 21.37 0.29 104.59
C ASP FA 402 20.09 -0.28 105.18
N ASN FA 403 19.97 -1.60 105.22
CA ASN FA 403 18.76 -2.26 105.75
C ASN FA 403 17.49 -1.72 105.10
N HIS FA 404 17.49 -1.57 103.78
CA HIS FA 404 16.32 -1.07 103.07
C HIS FA 404 15.37 -2.21 102.71
N SER FA 405 14.09 -2.06 103.07
CA SER FA 405 13.13 -3.15 102.96
C SER FA 405 12.38 -3.10 101.63
N GLU FA 406 12.74 -3.97 100.71
CA GLU FA 406 12.08 -4.01 99.40
C GLU FA 406 10.73 -4.68 99.51
N VAL FA 407 10.66 -5.79 100.24
CA VAL FA 407 9.40 -6.52 100.40
C VAL FA 407 8.35 -5.71 101.12
N ALA FA 408 8.73 -5.06 102.22
CA ALA FA 408 7.76 -4.30 103.02
C ALA FA 408 8.08 -2.80 102.98
N ASP FA 409 7.46 -2.09 102.05
CA ASP FA 409 7.72 -0.65 101.93
C ASP FA 409 6.42 0.17 101.80
N LYS FA 410 5.38 -0.24 102.51
CA LYS FA 410 4.09 0.47 102.40
C LYS FA 410 3.46 0.79 103.75
N THR FA 411 3.48 2.07 104.15
CA THR FA 411 2.83 2.49 105.39
C THR FA 411 3.13 1.61 106.61
N GLU FA 412 2.09 0.99 107.17
CA GLU FA 412 2.27 0.14 108.34
C GLU FA 412 3.37 -0.91 108.15
N ASP FA 413 3.40 -1.56 107.00
CA ASP FA 413 4.42 -2.57 106.74
C ASP FA 413 5.80 -1.95 106.76
N TYR FA 414 5.97 -0.82 106.08
CA TYR FA 414 7.26 -0.16 106.04
C TYR FA 414 7.72 0.23 107.43
N LEU FA 415 6.81 0.77 108.24
CA LEU FA 415 7.15 1.19 109.59
C LEU FA 415 7.56 0.00 110.44
N TRP FA 416 6.87 -1.12 110.28
CA TRP FA 416 7.17 -2.32 111.05
C TRP FA 416 8.53 -2.88 110.66
N LEU FA 417 8.87 -2.80 109.37
CA LEU FA 417 10.10 -3.41 108.96
C LEU FA 417 11.18 -2.46 109.37
N LYS FA 418 10.93 -1.16 109.33
CA LYS FA 418 11.92 -0.20 109.69
C LYS FA 418 12.39 -0.49 111.15
N LEU FA 419 11.49 -0.68 112.12
CA LEU FA 419 11.84 -1.01 113.55
C LEU FA 419 12.55 -2.34 113.67
N SER FA 420 12.10 -3.33 112.89
CA SER FA 420 12.70 -4.65 112.95
C SER FA 420 14.11 -4.61 112.48
N GLN FA 421 14.39 -3.93 111.32
CA GLN FA 421 15.72 -3.82 110.80
C GLN FA 421 16.58 -2.99 111.70
N PHE FA 441 19.53 8.14 114.84
CA PHE FA 441 18.33 7.33 114.69
C PHE FA 441 17.10 8.04 115.23
N GLN FA 442 17.15 8.51 116.47
CA GLN FA 442 15.99 9.16 117.06
C GLN FA 442 15.66 10.47 116.35
N LYS FA 443 16.67 11.16 115.82
CA LYS FA 443 16.42 12.42 115.13
C LYS FA 443 15.69 12.21 113.83
N GLN FA 444 16.17 11.27 113.01
CA GLN FA 444 15.45 10.94 111.78
C GLN FA 444 14.07 10.36 112.10
N LEU FA 445 13.95 9.69 113.24
CA LEU FA 445 12.66 9.06 113.58
C LEU FA 445 11.63 10.10 114.02
N PHE FA 446 12.06 11.13 114.73
CA PHE FA 446 11.11 12.11 115.24
C PHE FA 446 10.91 13.27 114.26
N GLU FA 447 12.00 13.92 113.85
CA GLU FA 447 11.90 15.04 112.93
C GLU FA 447 11.68 14.57 111.49
N ASP FA 448 12.62 13.77 110.97
CA ASP FA 448 12.66 13.48 109.54
C ASP FA 448 11.58 12.49 109.11
N TYR FA 449 11.30 11.50 109.96
CA TYR FA 449 10.25 10.54 109.62
C TYR FA 449 8.88 11.20 109.70
N GLY FA 450 8.66 12.02 110.72
CA GLY FA 450 7.39 12.70 110.88
C GLY FA 450 6.23 11.78 111.19
N GLU FA 451 5.16 12.40 111.66
CA GLU FA 451 3.96 11.65 112.02
C GLU FA 451 3.00 11.53 110.84
N SER FA 452 2.91 12.57 110.01
CA SER FA 452 2.06 12.52 108.83
C SER FA 452 2.53 11.45 107.85
N HIS FA 453 3.80 11.03 107.95
CA HIS FA 453 4.24 9.85 107.21
C HIS FA 453 3.92 8.58 107.97
N PHE FA 454 4.07 8.61 109.30
CA PHE FA 454 3.78 7.43 110.10
C PHE FA 454 2.29 7.20 110.28
N ALA FA 455 1.44 7.99 109.59
CA ALA FA 455 0.01 7.73 109.50
C ALA FA 455 -0.68 7.99 110.83
N VAL FA 456 -0.78 9.26 111.22
CA VAL FA 456 -1.36 9.69 112.50
C VAL FA 456 -2.71 9.06 112.78
N ASN FA 457 -3.39 8.57 111.73
CA ASN FA 457 -4.63 7.83 111.91
C ASN FA 457 -4.44 6.63 112.85
N GLN FA 458 -3.56 5.69 112.51
CA GLN FA 458 -3.33 4.50 113.31
C GLN FA 458 -2.32 4.79 114.41
N GLN FA 459 -1.74 5.99 114.37
CA GLN FA 459 -0.75 6.38 115.37
C GLN FA 459 -1.36 6.48 116.76
N PRO FA 460 -2.67 6.67 116.93
CA PRO FA 460 -3.25 6.55 118.28
C PRO FA 460 -2.86 5.26 118.98
N TYR FA 461 -2.34 4.28 118.24
CA TYR FA 461 -1.68 3.12 118.81
C TYR FA 461 -0.28 2.90 118.26
N LEU FA 462 0.13 3.63 117.22
CA LEU FA 462 1.33 3.21 116.49
C LEU FA 462 2.50 4.16 116.63
N TYR FA 463 2.33 5.45 116.32
CA TYR FA 463 3.47 6.36 116.37
C TYR FA 463 3.84 6.68 117.81
N PHE FA 464 2.84 6.86 118.67
CA PHE FA 464 3.12 6.96 120.10
C PHE FA 464 3.90 5.75 120.58
N GLN FA 465 3.55 4.56 120.06
CA GLN FA 465 4.25 3.34 120.45
C GLN FA 465 5.69 3.36 119.95
N VAL FA 466 5.91 3.81 118.72
CA VAL FA 466 7.27 3.86 118.17
C VAL FA 466 8.13 4.82 118.98
N LEU FA 467 7.55 5.95 119.38
CA LEU FA 467 8.30 6.93 120.17
C LEU FA 467 8.57 6.40 121.58
N PHE FA 468 7.59 5.74 122.18
CA PHE FA 468 7.75 5.26 123.56
C PHE FA 468 8.67 4.05 123.61
N GLN FA 472 9.22 9.38 122.52
CA GLN FA 472 9.09 10.84 122.41
C GLN FA 472 7.85 11.27 123.20
N PHE FA 473 7.97 11.16 124.51
CA PHE FA 473 6.78 11.16 125.38
C PHE FA 473 6.02 12.49 125.28
N GLU FA 474 6.67 13.59 125.66
CA GLU FA 474 6.00 14.88 125.64
C GLU FA 474 5.66 15.28 124.21
N ALA FA 475 6.33 14.67 123.23
CA ALA FA 475 6.00 14.97 121.83
C ALA FA 475 4.68 14.36 121.42
N ALA FA 476 4.51 13.06 121.68
CA ALA FA 476 3.22 12.42 121.48
C ALA FA 476 2.13 13.13 122.26
N ILE FA 477 2.45 13.54 123.50
CA ILE FA 477 1.46 14.22 124.32
C ILE FA 477 1.07 15.57 123.72
N ALA FA 478 2.05 16.29 123.16
CA ALA FA 478 1.75 17.56 122.52
C ALA FA 478 0.87 17.37 121.30
N PHE FA 479 1.22 16.41 120.44
CA PHE FA 479 0.43 16.20 119.23
C PHE FA 479 -0.99 15.76 119.55
N LEU FA 480 -1.14 14.78 120.44
CA LEU FA 480 -2.47 14.29 120.80
C LEU FA 480 -3.22 15.29 121.68
N PHE FA 481 -2.52 16.26 122.26
CA PHE FA 481 -3.21 17.38 122.88
C PHE FA 481 -3.72 18.35 121.83
N ARG FA 482 -2.96 18.53 120.74
CA ARG FA 482 -3.44 19.34 119.63
C ARG FA 482 -4.60 18.66 118.92
N LEU FA 483 -4.65 17.34 118.95
CA LEU FA 483 -5.81 16.60 118.45
C LEU FA 483 -7.00 16.95 119.32
N GLU FA 484 -8.06 17.45 118.70
CA GLU FA 484 -9.25 17.84 119.44
C GLU FA 484 -9.82 16.66 120.23
N ARG FA 485 -10.17 15.58 119.54
CA ARG FA 485 -10.83 14.45 120.20
C ARG FA 485 -9.91 13.74 121.17
N THR FA 486 -8.70 14.25 121.39
CA THR FA 486 -7.74 13.62 122.27
C THR FA 486 -7.23 14.57 123.36
N ARG FA 487 -8.00 15.60 123.70
CA ARG FA 487 -7.59 16.51 124.77
C ARG FA 487 -7.54 15.80 126.12
N CYS FA 488 -8.69 15.28 126.57
CA CYS FA 488 -8.74 14.56 127.85
C CYS FA 488 -7.85 13.33 127.81
N HIS FA 489 -7.73 12.68 126.64
CA HIS FA 489 -6.85 11.53 126.51
C HIS FA 489 -5.41 11.90 126.77
N ALA FA 490 -4.92 12.94 126.08
CA ALA FA 490 -3.55 13.39 126.30
C ALA FA 490 -3.34 13.81 127.75
N VAL FA 491 -4.34 14.49 128.32
CA VAL FA 491 -4.26 14.87 129.73
C VAL FA 491 -4.08 13.62 130.61
N HIS FA 492 -4.87 12.57 130.35
CA HIS FA 492 -4.82 11.37 131.18
C HIS FA 492 -3.48 10.65 131.05
N VAL FA 493 -2.99 10.51 129.82
CA VAL FA 493 -1.70 9.83 129.62
C VAL FA 493 -0.57 10.61 130.28
N ALA FA 494 -0.53 11.92 130.05
CA ALA FA 494 0.54 12.73 130.62
C ALA FA 494 0.47 12.75 132.14
N LEU FA 495 -0.75 12.79 132.71
CA LEU FA 495 -0.88 12.78 134.15
C LEU FA 495 -0.45 11.45 134.74
N ALA FA 496 -0.77 10.34 134.07
CA ALA FA 496 -0.26 9.04 134.48
C ALA FA 496 1.27 9.04 134.51
N LEU FA 497 1.89 9.52 133.43
CA LEU FA 497 3.35 9.51 133.37
C LEU FA 497 3.96 10.40 134.45
N PHE FA 498 3.44 11.62 134.61
CA PHE FA 498 4.01 12.54 135.59
C PHE FA 498 3.77 12.05 137.03
N GLU FA 499 2.66 11.36 137.26
CA GLU FA 499 2.49 10.73 138.56
C GLU FA 499 3.50 9.61 138.74
N LEU FA 500 3.88 8.94 137.66
CA LEU FA 500 5.04 8.07 137.68
C LEU FA 500 6.34 8.84 137.68
N LYS FA 501 6.27 10.18 137.65
CA LYS FA 501 7.45 11.07 137.62
C LYS FA 501 8.20 10.95 136.31
N ASN FA 528 5.28 22.36 129.56
CA ASN FA 528 4.66 22.99 130.72
C ASN FA 528 3.41 22.23 131.13
N PHE FA 529 3.54 21.29 132.07
CA PHE FA 529 2.36 20.59 132.58
C PHE FA 529 1.41 21.56 133.26
N ILE FA 530 1.97 22.60 133.88
CA ILE FA 530 1.14 23.64 134.49
C ILE FA 530 0.18 24.22 133.47
N ARG FA 531 0.73 24.82 132.40
CA ARG FA 531 -0.11 25.46 131.40
C ARG FA 531 -0.99 24.43 130.69
N LEU FA 532 -0.46 23.23 130.45
CA LEU FA 532 -1.23 22.20 129.77
C LEU FA 532 -2.49 21.85 130.55
N LEU FA 533 -2.33 21.38 131.79
CA LEU FA 533 -3.49 20.98 132.56
C LEU FA 533 -4.37 22.17 132.93
N MET FA 534 -3.78 23.37 133.01
CA MET FA 534 -4.59 24.55 133.29
C MET FA 534 -5.53 24.87 132.14
N LEU FA 535 -5.01 24.82 130.91
CA LEU FA 535 -5.87 24.98 129.75
C LEU FA 535 -6.87 23.83 129.64
N TYR FA 536 -6.46 22.63 130.01
CA TYR FA 536 -7.36 21.48 129.91
C TYR FA 536 -8.47 21.55 130.94
N THR FA 537 -8.23 22.24 132.06
CA THR FA 537 -9.27 22.44 133.05
C THR FA 537 -10.12 23.67 132.77
N ARG FA 538 -9.57 24.64 132.05
CA ARG FA 538 -10.36 25.78 131.60
C ARG FA 538 -11.44 25.36 130.61
N LYS FA 539 -11.35 24.13 130.09
CA LYS FA 539 -12.40 23.62 129.23
C LYS FA 539 -13.69 23.39 130.01
N PHE FA 540 -13.65 22.51 131.02
CA PHE FA 540 -14.85 22.15 131.76
C PHE FA 540 -14.94 22.87 133.10
N GLU FA 541 -14.16 23.94 133.30
CA GLU FA 541 -14.30 24.77 134.49
C GLU FA 541 -15.69 25.36 134.64
N PRO FA 542 -16.47 25.55 133.58
CA PRO FA 542 -17.73 26.30 133.72
C PRO FA 542 -18.88 25.49 134.31
N THR FA 543 -18.79 24.16 134.30
CA THR FA 543 -19.82 23.34 134.90
C THR FA 543 -19.26 22.42 135.99
N ASP FA 544 -18.06 21.86 135.78
CA ASP FA 544 -17.52 20.79 136.63
C ASP FA 544 -16.28 21.29 137.36
N PRO FA 545 -16.43 22.35 138.18
CA PRO FA 545 -15.34 22.70 139.09
C PRO FA 545 -14.94 21.54 139.98
N ARG FA 546 -15.83 20.58 140.18
CA ARG FA 546 -15.41 19.31 140.78
C ARG FA 546 -14.31 18.68 139.96
N GLU FA 547 -14.45 18.71 138.62
CA GLU FA 547 -13.38 18.21 137.78
C GLU FA 547 -12.16 19.12 137.85
N ALA FA 548 -12.38 20.42 138.05
CA ALA FA 548 -11.25 21.31 138.29
C ALA FA 548 -10.44 20.88 139.51
N LEU FA 549 -11.14 20.46 140.57
CA LEU FA 549 -10.47 20.02 141.79
C LEU FA 549 -9.80 18.67 141.59
N GLN FA 550 -10.51 17.72 140.97
CA GLN FA 550 -9.93 16.42 140.68
C GLN FA 550 -8.71 16.54 139.79
N TYR FA 551 -8.64 17.60 138.98
CA TYR FA 551 -7.43 17.86 138.20
C TYR FA 551 -6.35 18.51 139.06
N PHE FA 552 -6.74 19.46 139.91
CA PHE FA 552 -5.78 20.11 140.81
C PHE FA 552 -5.12 19.11 141.74
N TYR FA 553 -5.73 17.93 141.93
CA TYR FA 553 -5.19 16.92 142.85
C TYR FA 553 -3.72 16.59 142.61
N PHE FA 554 -3.18 16.86 141.43
CA PHE FA 554 -1.77 16.62 141.15
C PHE FA 554 -0.87 17.76 141.58
N LEU FA 555 -1.42 18.91 141.99
CA LEU FA 555 -0.66 20.13 142.17
C LEU FA 555 -0.16 20.36 143.60
N SER FA 565 3.57 27.84 147.63
CA SER FA 565 3.00 26.54 147.30
C SER FA 565 2.29 26.60 145.96
N MET FA 566 2.63 25.65 145.08
CA MET FA 566 2.02 25.63 143.76
C MET FA 566 0.52 25.33 143.84
N PHE FA 567 0.14 24.32 144.62
CA PHE FA 567 -1.28 24.00 144.74
C PHE FA 567 -2.04 25.16 145.36
N LEU FA 568 -1.44 25.86 146.32
CA LEU FA 568 -2.12 27.00 146.92
C LEU FA 568 -2.28 28.14 145.92
N ARG FA 569 -1.25 28.41 145.12
CA ARG FA 569 -1.35 29.45 144.10
C ARG FA 569 -2.43 29.12 143.09
N CYS FA 570 -2.45 27.86 142.63
CA CYS FA 570 -3.49 27.42 141.70
C CYS FA 570 -4.86 27.52 142.33
N VAL FA 571 -4.99 27.13 143.60
CA VAL FA 571 -6.26 27.25 144.29
C VAL FA 571 -6.73 28.69 144.28
N SER FA 572 -5.90 29.60 144.79
CA SER FA 572 -6.25 31.01 144.81
C SER FA 572 -6.71 31.46 143.43
N GLU FA 573 -5.81 31.43 142.44
CA GLU FA 573 -6.13 31.96 141.12
C GLU FA 573 -7.36 31.28 140.53
N LEU FA 574 -7.28 29.96 140.33
CA LEU FA 574 -8.32 29.25 139.60
C LEU FA 574 -9.66 29.31 140.31
N VAL FA 575 -9.68 29.15 141.63
CA VAL FA 575 -10.96 29.30 142.36
C VAL FA 575 -11.78 30.48 141.89
N ILE FA 576 -11.24 31.69 142.05
CA ILE FA 576 -11.95 32.90 141.63
C ILE FA 576 -12.18 32.96 140.13
N GLU FA 577 -11.19 32.55 139.35
CA GLU FA 577 -11.31 32.58 137.89
C GLU FA 577 -12.46 31.72 137.40
N SER FA 578 -12.57 30.51 137.92
CA SER FA 578 -13.63 29.61 137.49
C SER FA 578 -15.00 30.13 137.87
N ARG FA 579 -15.17 30.49 139.14
CA ARG FA 579 -16.46 30.87 139.68
C ARG FA 579 -16.36 31.54 141.05
N GLU FA 580 -17.47 31.58 141.79
CA GLU FA 580 -17.40 32.12 143.14
C GLU FA 580 -16.36 31.35 143.95
N PHE FA 581 -15.52 32.07 144.68
CA PHE FA 581 -14.54 31.41 145.53
C PHE FA 581 -15.23 30.49 146.53
N ASP FA 582 -16.41 30.89 147.00
CA ASP FA 582 -17.17 30.05 147.90
C ASP FA 582 -17.55 28.73 147.25
N MET FA 583 -17.93 28.76 145.98
CA MET FA 583 -18.27 27.54 145.26
C MET FA 583 -17.06 26.65 145.06
N LEU FA 584 -15.89 27.25 144.88
CA LEU FA 584 -14.69 26.45 144.60
C LEU FA 584 -13.78 26.16 145.80
N LEU FA 585 -14.20 26.54 147.01
CA LEU FA 585 -13.37 26.34 148.19
C LEU FA 585 -14.15 26.18 149.49
N GLY FA 586 -15.38 26.67 149.53
CA GLY FA 586 -16.16 26.61 150.75
C GLY FA 586 -16.63 27.98 151.19
N LYS FA 587 -17.52 27.94 152.18
CA LYS FA 587 -18.17 29.12 152.72
C LYS FA 587 -17.94 29.22 154.23
N LEU FA 588 -17.35 30.33 154.64
CA LEU FA 588 -17.29 30.66 156.06
C LEU FA 588 -18.68 31.13 156.47
N GLU FA 589 -19.52 30.19 156.89
CA GLU FA 589 -20.96 30.39 156.98
C GLU FA 589 -21.31 31.40 158.06
N LYS FA 590 -22.62 31.63 158.22
CA LYS FA 590 -23.12 32.49 159.28
C LYS FA 590 -22.58 32.12 160.65
N ASP FA 591 -22.20 30.86 160.83
CA ASP FA 591 -21.53 30.39 162.03
C ASP FA 591 -20.02 30.55 161.95
N GLY FA 592 -19.45 30.59 160.75
CA GLY FA 592 -18.02 30.68 160.58
C GLY FA 592 -17.32 29.36 160.34
N SER FA 593 -18.07 28.25 160.34
CA SER FA 593 -17.50 26.98 159.90
C SER FA 593 -17.31 27.03 158.39
N ARG FA 594 -16.40 26.21 157.89
CA ARG FA 594 -16.14 26.15 156.47
C ARG FA 594 -16.98 25.06 155.85
N LYS FA 595 -18.16 25.43 155.35
CA LYS FA 595 -18.91 24.52 154.50
C LYS FA 595 -18.04 24.21 153.30
N PRO FA 596 -17.38 23.07 153.25
CA PRO FA 596 -16.30 22.88 152.28
C PRO FA 596 -16.83 22.81 150.85
N GLY FA 597 -16.08 23.42 149.94
CA GLY FA 597 -16.40 23.39 148.54
C GLY FA 597 -15.94 22.09 147.89
N ALA FA 598 -16.13 22.03 146.57
CA ALA FA 598 -15.70 20.87 145.81
C ALA FA 598 -14.21 20.59 145.98
N THR FA 606 -3.94 23.39 156.57
CA THR FA 606 -5.14 24.02 156.03
C THR FA 606 -5.44 25.35 156.69
N LYS FA 607 -4.99 25.55 157.93
CA LYS FA 607 -5.16 26.85 158.57
C LYS FA 607 -4.35 27.92 157.86
N THR FA 608 -3.07 27.65 157.61
CA THR FA 608 -2.25 28.59 156.85
C THR FA 608 -2.76 28.75 155.43
N ILE FA 609 -3.32 27.66 154.86
CA ILE FA 609 -3.88 27.76 153.51
C ILE FA 609 -5.06 28.72 153.49
N ILE FA 610 -6.00 28.57 154.43
CA ILE FA 610 -7.14 29.46 154.50
C ILE FA 610 -6.72 30.86 154.89
N ASN FA 611 -5.61 30.98 155.62
CA ASN FA 611 -5.13 32.30 156.02
C ASN FA 611 -4.53 33.05 154.83
N LYS FA 612 -3.71 32.37 154.03
CA LYS FA 612 -3.24 32.95 152.79
C LYS FA 612 -4.40 33.20 151.84
N VAL FA 613 -5.43 32.38 151.93
CA VAL FA 613 -6.66 32.64 151.19
C VAL FA 613 -7.27 33.96 151.65
N ALA FA 614 -7.28 34.21 152.96
CA ALA FA 614 -7.85 35.44 153.48
C ALA FA 614 -7.02 36.64 153.05
N SER FA 615 -5.69 36.51 153.07
CA SER FA 615 -4.83 37.62 152.66
C SER FA 615 -4.99 37.93 151.18
N VAL FA 616 -4.88 36.90 150.33
CA VAL FA 616 -5.04 37.09 148.89
C VAL FA 616 -6.45 37.55 148.56
N ALA FA 617 -7.44 37.16 149.36
CA ALA FA 617 -8.81 37.58 149.11
C ALA FA 617 -9.03 39.02 149.54
N GLU FA 618 -8.33 39.46 150.59
CA GLU FA 618 -8.33 40.87 150.93
C GLU FA 618 -7.74 41.69 149.79
N ASN FA 619 -6.58 41.24 149.31
CA ASN FA 619 -5.89 41.94 148.23
C ASN FA 619 -6.62 41.84 146.89
N LYS FA 620 -7.54 40.89 146.77
CA LYS FA 620 -8.32 40.79 145.55
C LYS FA 620 -9.04 42.10 145.30
N GLY FA 621 -9.25 42.88 146.36
CA GLY FA 621 -9.90 44.17 146.22
C GLY FA 621 -11.41 44.09 146.40
N LEU FA 622 -11.97 42.90 146.22
CA LEU FA 622 -13.41 42.72 146.39
C LEU FA 622 -13.72 42.69 147.87
N PHE FA 623 -14.49 43.68 148.34
CA PHE FA 623 -14.70 43.87 149.77
C PHE FA 623 -15.35 42.66 150.42
N GLU FA 624 -16.45 42.19 149.85
CA GLU FA 624 -17.15 41.03 150.40
C GLU FA 624 -16.25 39.81 150.44
N GLU FA 625 -15.51 39.59 149.35
CA GLU FA 625 -14.61 38.45 149.25
C GLU FA 625 -13.44 38.58 150.24
N ALA FA 626 -12.78 39.74 150.25
CA ALA FA 626 -11.70 39.96 151.21
C ALA FA 626 -12.21 39.80 152.64
N ALA FA 627 -13.43 40.27 152.91
CA ALA FA 627 -14.00 40.14 154.24
C ALA FA 627 -14.25 38.69 154.59
N LYS FA 628 -14.75 37.91 153.62
CA LYS FA 628 -14.94 36.48 153.85
C LYS FA 628 -13.62 35.79 154.18
N LEU FA 629 -12.57 36.09 153.40
CA LEU FA 629 -11.28 35.44 153.62
C LEU FA 629 -10.68 35.82 154.97
N TYR FA 630 -10.68 37.12 155.29
CA TYR FA 630 -10.16 37.57 156.57
C TYR FA 630 -10.96 37.01 157.74
N ASP FA 631 -12.29 36.92 157.60
CA ASP FA 631 -13.10 36.35 158.66
C ASP FA 631 -12.79 34.87 158.85
N LEU FA 632 -12.62 34.12 157.76
CA LEU FA 632 -12.21 32.73 157.88
C LEU FA 632 -10.86 32.62 158.57
N ALA FA 633 -9.94 33.54 158.29
CA ALA FA 633 -8.70 33.62 159.03
C ALA FA 633 -8.89 34.20 160.43
N ASP FA 637 -9.51 39.13 164.03
CA ASP FA 637 -8.88 40.41 163.74
C ASP FA 637 -9.11 40.82 162.29
N LYS FA 638 -8.95 39.87 161.36
CA LYS FA 638 -9.13 40.18 159.95
C LYS FA 638 -10.59 40.51 159.63
N VAL FA 639 -11.53 39.74 160.20
CA VAL FA 639 -12.95 40.01 159.99
C VAL FA 639 -13.30 41.40 160.50
N LEU FA 640 -12.92 41.71 161.74
CA LEU FA 640 -13.28 42.98 162.35
C LEU FA 640 -12.61 44.16 161.65
N GLU FA 641 -11.36 43.99 161.23
CA GLU FA 641 -10.66 45.06 160.54
C GLU FA 641 -11.31 45.35 159.18
N LEU FA 642 -11.63 44.29 158.43
CA LEU FA 642 -12.33 44.51 157.17
C LEU FA 642 -13.69 45.18 157.42
N THR FA 643 -14.37 44.77 158.48
CA THR FA 643 -15.67 45.36 158.81
C THR FA 643 -15.52 46.85 159.11
N ASN FA 644 -14.43 47.22 159.80
CA ASN FA 644 -14.20 48.62 160.14
C ASN FA 644 -13.86 49.44 158.89
N LYS FA 645 -13.02 48.89 158.01
CA LYS FA 645 -12.70 49.58 156.77
C LYS FA 645 -13.94 49.78 155.90
N LEU FA 646 -14.85 48.80 155.91
CA LEU FA 646 -16.08 48.95 155.14
C LEU FA 646 -17.05 49.91 155.81
N LEU FA 647 -17.16 49.86 157.13
CA LEU FA 647 -18.16 50.66 157.83
C LEU FA 647 -17.73 52.10 157.99
N SER FA 648 -16.45 52.40 157.81
CA SER FA 648 -16.03 53.81 157.82
C SER FA 648 -16.67 54.61 156.70
N PRO FA 649 -16.94 54.03 155.51
CA PRO FA 649 -17.62 54.81 154.46
C PRO FA 649 -19.14 54.71 154.46
N VAL FA 650 -19.72 53.64 155.01
CA VAL FA 650 -21.17 53.42 154.95
C VAL FA 650 -21.87 53.83 156.24
N VAL FA 651 -21.17 54.46 157.17
CA VAL FA 651 -21.78 54.92 158.42
C VAL FA 651 -22.70 56.11 158.19
N SER FA 652 -22.12 57.21 157.71
CA SER FA 652 -22.83 58.49 157.72
C SER FA 652 -23.59 58.72 156.42
N ASN FA 660 -27.00 51.86 150.69
CA ASN FA 660 -25.98 50.88 151.07
C ASN FA 660 -25.51 51.18 152.48
N ARG FA 661 -25.99 52.29 153.05
CA ARG FA 661 -25.63 52.71 154.40
C ARG FA 661 -26.21 51.78 155.45
N GLU FA 662 -27.51 51.49 155.34
CA GLU FA 662 -28.15 50.59 156.29
C GLU FA 662 -27.60 49.18 156.17
N ARG FA 663 -27.27 48.75 154.95
CA ARG FA 663 -26.69 47.41 154.78
C ARG FA 663 -25.27 47.37 155.33
N LEU FA 664 -24.50 48.44 155.16
CA LEU FA 664 -23.17 48.50 155.75
C LEU FA 664 -23.24 48.47 157.26
N LYS FA 665 -24.17 49.22 157.84
CA LYS FA 665 -24.36 49.22 159.30
C LYS FA 665 -24.76 47.82 159.78
N ASN FA 666 -25.73 47.20 159.12
CA ASN FA 666 -26.17 45.87 159.53
C ASN FA 666 -25.05 44.85 159.41
N MET FA 667 -24.25 44.92 158.34
CA MET FA 667 -23.20 43.93 158.12
C MET FA 667 -22.05 44.13 159.12
N ALA FA 668 -21.60 45.37 159.29
CA ALA FA 668 -20.59 45.65 160.28
C ALA FA 668 -21.04 45.19 161.67
N LEU FA 669 -22.28 45.51 162.04
CA LEU FA 669 -22.75 45.12 163.36
C LEU FA 669 -22.92 43.62 163.49
N ALA FA 670 -23.24 42.93 162.38
CA ALA FA 670 -23.38 41.47 162.44
C ALA FA 670 -22.03 40.79 162.64
N ILE FA 671 -21.01 41.22 161.89
CA ILE FA 671 -19.67 40.70 162.14
C ILE FA 671 -19.22 41.06 163.55
N ALA FA 672 -19.63 42.23 164.04
CA ALA FA 672 -19.28 42.67 165.38
C ALA FA 672 -19.89 41.75 166.43
N GLU FA 673 -21.18 41.44 166.30
CA GLU FA 673 -21.86 40.55 167.23
C GLU FA 673 -21.28 39.15 167.16
N ARG FA 674 -20.89 38.69 165.97
CA ARG FA 674 -20.23 37.39 165.84
C ARG FA 674 -18.94 37.35 166.63
N TYR FA 675 -18.02 38.28 166.36
CA TYR FA 675 -16.75 38.31 167.09
C TYR FA 675 -16.96 38.47 168.59
N LYS FA 676 -17.79 39.43 169.00
CA LYS FA 676 -17.96 39.69 170.43
C LYS FA 676 -18.60 38.51 171.14
N SER FA 677 -19.60 37.87 170.52
CA SER FA 677 -20.26 36.75 171.16
C SER FA 677 -19.36 35.53 171.23
N GLN FA 678 -18.50 35.32 170.22
CA GLN FA 678 -17.60 34.18 170.25
C GLN FA 678 -16.34 34.43 171.05
N GLY FA 679 -16.09 35.67 171.46
CA GLY FA 679 -14.90 35.95 172.25
C GLY FA 679 -13.71 36.37 171.41
N VAL FA 680 -13.93 37.29 170.47
CA VAL FA 680 -12.87 37.76 169.60
C VAL FA 680 -12.57 39.22 169.90
N GLU FA 683 -11.23 41.83 169.94
CA GLU FA 683 -11.27 41.99 171.39
C GLU FA 683 -12.32 43.01 171.81
N LYS FA 684 -12.27 43.40 173.09
CA LYS FA 684 -13.24 44.35 173.62
C LYS FA 684 -13.10 45.71 172.93
N SER FA 685 -11.88 46.10 172.58
CA SER FA 685 -11.69 47.39 171.91
C SER FA 685 -12.45 47.45 170.59
N ILE FA 686 -12.24 46.46 169.73
CA ILE FA 686 -12.93 46.45 168.44
C ILE FA 686 -14.42 46.24 168.64
N ASN FA 687 -14.81 45.45 169.65
CA ASN FA 687 -16.23 45.22 169.89
C ASN FA 687 -16.93 46.52 170.28
N SER FA 688 -16.38 47.23 171.26
CA SER FA 688 -16.95 48.53 171.63
C SER FA 688 -16.87 49.51 170.48
N THR FA 689 -15.84 49.39 169.62
CA THR FA 689 -15.80 50.25 168.43
C THR FA 689 -17.01 49.99 167.54
N PHE FA 690 -17.38 48.73 167.37
CA PHE FA 690 -18.58 48.39 166.60
C PHE FA 690 -19.82 48.94 167.28
N TYR FA 691 -19.86 48.83 168.62
CA TYR FA 691 -20.96 49.44 169.35
C TYR FA 691 -21.05 50.92 169.08
N LEU FA 692 -19.90 51.59 168.98
CA LEU FA 692 -19.88 53.02 168.69
C LEU FA 692 -20.40 53.29 167.29
N LEU FA 693 -20.02 52.45 166.32
CA LEU FA 693 -20.54 52.61 164.97
C LEU FA 693 -22.07 52.48 164.95
N LEU FA 694 -22.60 51.50 165.68
CA LEU FA 694 -24.05 51.31 165.73
C LEU FA 694 -24.74 52.51 166.39
N ASP FA 695 -24.17 53.01 167.49
CA ASP FA 695 -24.73 54.17 168.16
C ASP FA 695 -24.74 55.40 167.25
N LEU FA 696 -23.59 55.69 166.63
CA LEU FA 696 -23.51 56.83 165.73
C LEU FA 696 -24.48 56.68 164.57
N ILE FA 697 -24.68 55.46 164.08
CA ILE FA 697 -25.60 55.25 162.96
C ILE FA 697 -27.04 55.54 163.39
N THR FA 698 -27.44 55.03 164.56
CA THR FA 698 -28.80 55.30 165.02
C THR FA 698 -29.01 56.79 165.28
N PHE FA 699 -28.02 57.45 165.88
CA PHE FA 699 -28.13 58.88 166.14
C PHE FA 699 -28.20 59.66 164.83
N PHE FA 700 -27.47 59.20 163.81
CA PHE FA 700 -27.54 59.85 162.51
C PHE FA 700 -28.90 59.63 161.86
N ASP FA 701 -29.50 58.46 162.07
CA ASP FA 701 -30.86 58.24 161.58
C ASP FA 701 -31.85 59.20 162.22
N GLU FA 702 -31.71 59.41 163.53
CA GLU FA 702 -32.58 60.38 164.21
C GLU FA 702 -32.32 61.80 163.73
N TYR FA 703 -31.05 62.15 163.49
CA TYR FA 703 -30.72 63.49 163.01
C TYR FA 703 -31.25 63.71 161.59
N HIS FA 704 -31.27 62.64 160.79
CA HIS FA 704 -31.79 62.74 159.42
C HIS FA 704 -33.31 62.75 159.40
N ILE FA 708 -32.97 59.48 167.97
CA ILE FA 708 -32.27 60.57 168.63
C ILE FA 708 -32.31 60.40 170.15
N ASP FA 709 -33.46 59.96 170.68
CA ASP FA 709 -33.58 59.80 172.13
C ASP FA 709 -32.61 58.75 172.65
N LEU FA 710 -32.65 57.55 172.09
CA LEU FA 710 -31.75 56.49 172.54
C LEU FA 710 -30.29 56.82 172.21
N SER FA 711 -30.07 57.55 171.12
CA SER FA 711 -28.71 57.98 170.80
C SER FA 711 -28.16 58.89 171.87
N PHE FA 712 -28.96 59.86 172.33
CA PHE FA 712 -28.53 60.73 173.42
C PHE FA 712 -28.33 59.94 174.71
N ASP FA 713 -29.22 58.97 174.97
CA ASP FA 713 -29.07 58.17 176.18
C ASP FA 713 -27.78 57.37 176.16
N VAL FA 714 -27.43 56.79 175.00
CA VAL FA 714 -26.21 55.99 174.90
C VAL FA 714 -24.97 56.88 174.92
N ILE FA 715 -25.07 58.08 174.34
CA ILE FA 715 -23.94 59.01 174.40
C ILE FA 715 -23.71 59.48 175.82
N GLU FA 716 -24.78 59.61 176.61
CA GLU FA 716 -24.61 59.94 178.02
C GLU FA 716 -24.10 58.75 178.82
N ARG FA 717 -24.48 57.53 178.40
CA ARG FA 717 -24.05 56.33 179.11
C ARG FA 717 -22.56 56.05 178.91
N ASP FA 783 -42.10 85.10 165.99
CA ASP FA 783 -40.64 84.98 165.92
C ASP FA 783 -40.03 85.05 167.30
N SER FA 784 -40.85 85.38 168.27
CA SER FA 784 -40.38 85.43 169.62
C SER FA 784 -40.06 84.05 170.22
N VAL FA 785 -40.91 83.02 169.97
CA VAL FA 785 -40.63 81.66 170.44
C VAL FA 785 -39.41 81.17 169.72
N LEU FA 786 -39.26 81.58 168.44
CA LEU FA 786 -38.08 81.22 167.69
C LEU FA 786 -36.80 81.84 168.26
N ARG FA 787 -36.81 83.11 168.62
CA ARG FA 787 -35.63 83.75 169.21
C ARG FA 787 -35.38 83.14 170.59
N SER FA 788 -36.44 82.76 171.35
CA SER FA 788 -36.27 82.04 172.63
C SER FA 788 -35.61 80.72 172.46
N GLN FA 789 -36.00 80.01 171.43
CA GLN FA 789 -35.37 78.75 171.16
C GLN FA 789 -33.91 79.02 170.74
N ALA FA 790 -33.60 80.12 169.99
CA ALA FA 790 -32.20 80.48 169.62
C ALA FA 790 -31.36 80.76 170.84
N ARG FA 791 -31.91 81.47 171.76
CA ARG FA 791 -31.19 81.76 172.98
C ARG FA 791 -31.03 80.48 173.85
N ALA FA 792 -32.05 79.55 173.89
CA ALA FA 792 -31.94 78.27 174.64
C ALA FA 792 -30.89 77.44 174.03
N LEU FA 793 -30.83 77.43 172.71
CA LEU FA 793 -29.79 76.74 172.04
C LEU FA 793 -28.40 77.38 172.32
N ILE FA 794 -28.29 78.71 172.36
CA ILE FA 794 -27.02 79.39 172.68
C ILE FA 794 -26.59 78.96 174.09
N THR FA 795 -27.53 78.95 175.05
CA THR FA 795 -27.22 78.54 176.41
C THR FA 795 -26.79 77.10 176.54
N PHE FA 796 -27.50 76.19 175.87
CA PHE FA 796 -27.15 74.78 175.94
C PHE FA 796 -25.78 74.62 175.33
N ALA FA 797 -25.56 75.18 174.11
CA ALA FA 797 -24.28 75.05 173.43
C ALA FA 797 -23.12 75.72 174.15
N GLY FA 798 -23.38 76.73 174.92
CA GLY FA 798 -22.29 77.38 175.62
C GLY FA 798 -21.98 76.72 176.96
N MET FA 799 -23.01 76.19 177.71
CA MET FA 799 -22.79 75.50 178.99
C MET FA 799 -22.68 73.99 178.91
N ILE FA 800 -22.69 73.48 177.72
CA ILE FA 800 -22.60 72.04 177.55
C ILE FA 800 -21.17 71.66 177.85
N PRO FA 801 -20.97 70.45 178.44
CA PRO FA 801 -19.61 70.06 178.79
C PRO FA 801 -18.85 69.57 177.61
N TYR FA 802 -19.40 69.74 176.42
CA TYR FA 802 -18.78 69.32 175.21
C TYR FA 802 -18.14 70.55 174.44
N ARG FA 803 -16.80 70.68 174.47
CA ARG FA 803 -16.07 71.82 173.79
C ARG FA 803 -16.08 71.64 172.30
N MET FA 804 -17.15 72.06 171.64
CA MET FA 804 -17.34 71.83 170.24
C MET FA 804 -16.56 72.89 169.37
N SER FA 805 -16.57 72.69 168.07
CA SER FA 805 -15.87 73.62 167.10
C SER FA 805 -16.34 75.03 167.18
N GLY FA 806 -15.39 75.97 167.44
CA GLY FA 806 -15.67 77.39 167.48
C GLY FA 806 -16.34 77.96 166.25
N ASP FA 807 -16.13 77.36 165.12
CA ASP FA 807 -16.76 77.84 163.89
C ASP FA 807 -18.28 77.59 163.96
N THR FA 808 -18.75 76.44 164.57
CA THR FA 808 -20.19 76.16 164.73
C THR FA 808 -20.80 77.15 165.64
N ASN FA 809 -20.10 77.49 166.70
CA ASN FA 809 -20.56 78.50 167.56
C ASN FA 809 -20.59 79.88 166.82
N ALA FA 810 -19.57 80.21 165.98
CA ALA FA 810 -19.54 81.47 165.18
C ALA FA 810 -20.74 81.53 164.24
N ARG FA 811 -21.09 80.43 163.62
CA ARG FA 811 -22.24 80.41 162.71
C ARG FA 811 -23.57 80.44 163.47
N LEU FA 812 -23.66 79.80 164.67
CA LEU FA 812 -24.85 79.89 165.49
C LEU FA 812 -25.01 81.33 165.90
N VAL FA 813 -23.89 82.02 166.20
CA VAL FA 813 -23.93 83.43 166.53
C VAL FA 813 -24.31 84.30 165.32
N GLN FA 814 -23.84 83.97 164.13
CA GLN FA 814 -24.22 84.71 162.92
C GLN FA 814 -25.72 84.53 162.68
N MET FA 815 -26.29 83.30 162.93
CA MET FA 815 -27.74 83.07 162.82
C MET FA 815 -28.49 83.82 163.84
N GLU FA 816 -27.98 83.82 165.06
CA GLU FA 816 -28.59 84.61 166.08
C GLU FA 816 -28.59 86.09 165.63
N VAL FA 817 -27.48 86.62 165.04
CA VAL FA 817 -27.38 88.04 164.58
C VAL FA 817 -28.35 88.32 163.46
N LEU FA 818 -28.37 87.49 162.45
CA LEU FA 818 -29.31 87.67 161.36
C LEU FA 818 -30.77 87.42 161.81
N MET FA 819 -30.99 86.81 163.01
CA MET FA 819 -32.32 86.75 163.62
C MET FA 819 -32.55 87.93 164.48
N ASN FA 820 -31.47 88.66 164.83
CA ASN FA 820 -31.58 89.78 165.69
C ASN FA 820 -31.82 91.09 164.89
#